data_8SES
#
_entry.id   8SES
#
_cell.length_a   1.00
_cell.length_b   1.00
_cell.length_c   1.00
_cell.angle_alpha   90.00
_cell.angle_beta   90.00
_cell.angle_gamma   90.00
#
_symmetry.space_group_name_H-M   'P 1'
#
loop_
_entity.id
_entity.type
_entity.pdbx_description
1 polymer 'Ryanodine receptor 1'
2 polymer 'Glutathione S-transferase class-mu 26 kDa isozyme,Peptidyl-prolyl cis-trans isomerase FKBP1B'
3 non-polymer 'ZINC ION'
4 non-polymer ADENINE
#
loop_
_entity_poly.entity_id
_entity_poly.type
_entity_poly.pdbx_seq_one_letter_code
_entity_poly.pdbx_strand_id
1 'polypeptide(L)'
;MGDGGEGEDEVQFLRTDDEVVLQCSATVLKEQLKLCLAAEGFGNRLCFLEPTSNAQNVPPDLAICCFTLEQSLSVRALQE
MLANTVEAGVESSQGGGHRTLLYGHAILLRHAHSRMYLSCLTTSRSMTDKLAFDVGLQEDATGEACWWTMHPASKQRSEG
EKVRVGDDLILVSVSSERYLHLSTASGELQVDASFMQTLWNMNPICSCCEEGYVTGGHVLRLFHGHMDECLTISAADSDD
QRRLVYYEGGAVCTHARSLWRLEPLRISWSGSHLRWGQPLRIRHVTTGRYLALTEDQGLVVVDACKAHTKATSFCFRVSK
EKLDTAPKRDVEGMGPPEIKYGESLCFVQHVASGLWLTYAAPDPKALRLGVLKKKAILHQEGHMDDALFLTRCQQEESQA
ARMIHSTAGLYNQFIKGLDSFSGKPRGSGPPAGPALPIEAVILSLQDLIGYFEPPSEELQHEEKQSKLRSLRNRQSLFQE
EGMLSLVLNCIDRLNVYTTAAHFAEYAGEEAAESWKEIVNLLYELLASLIRGNRANCALFSTNLDWVVSKLDRLEASSGI
LEVLYCVLIESPEVLNIIQENHIKSIISLLDKHGRNHKVLDVLCSLCVCNGVAVRSNQDLITENLLPGRELLLQTNLINY
VTSIRPNIFVGRAEGSTQYGKWYFEVMVDEVVPFLTAQATHLRVGWALTEGYSPYPGGGEGWGGNGVGDDLYSYGFDGLH
LWTGHVARPVTSPGQHLLAPEDVVSCCLDLSVPSISFRINGCPVQGVFEAFNLDGLFFPVVSFSAGVKVRFLLGGRHGEF
KFLPPPGYAPCHEAVLPRERLRLEPIKEYRREGPRGPHLVGPSRCLSHTDFVPCPVDTVQIVLPPHLERIREKLAENIHE
LWALTRIEQGWTYGPVRDDNKRLHPCLVNFHSLPEPERNYNLQMSGETLKTLLALGCHVGMADEKAEDNLKKTKLPKTYM
MSNGYKPAPLDLSHVRLTPAQTTLVDRLAENGHNVWARDRVAQGWSYSAVQDIPARRNPRLVPYRLLDEATKRSNRDSLC
QAVRTLLGYGYNIEPPDQEPSQVENQSRWDRVRIFRAEKSYTVQSGRWYFEFEAVTTGEMRVGWARPELRPDVELGADEL
AYVFNGHRGQRWHLGSEPFGRPWQSGDVVGCMIDLTENTIIFTLNGEVLMSDSGSETAFREIEIGDGFLPVCSLGPGQVG
HLNLGQDVSSLRFFAICGLQEGFEPFAINMQRPVTTWFSKSLPQFEPVPPEHPHYEVARMDGTVDTPPCLRLAHRTWGSQ
NSLVEMLFLRLSLPVQFHQHFRCTAGATPLAPPGLQPPAEDEARAAEPDPDYENLRRSAGGWGEAEGGKEGTAKEGTPGG
TPQPGVEAQPVRAENEKDATTEKNKKRGFLFKAKKAAMMTQPPATPALPRLPHDVVPADNRDDPEIILNTTTYYYSVRVF
AGQEPSCVWVGWVTPDYHQHDMNFDLSKVRAVTVTMGDEQGNVHSSLKCSNCYMVWGGDFVSPGQQGRISHTDLVIGCLV
DLATGLMTFTANGKESNTFFQVEPNTKLFPAVFVLPTHQNVIQFELGKQKNIMPLSAAMFLSERKNPAPQCPPRLEVQML
MPVSWSRMPNHFLQVETRRAGERLGWAVQCQDPLTMMALHIPEENRCMDILELSERLDLQRFHSHTLRLYRAVCALGNNR
VAHALCSHVDQAQLLHALEDAHLPGPLRAGYYDLLISIHLESACRSRRSMLSEYIVPLTPETRAITLFPPGRKGGNARRH
GLPGVGVTTSLRPPHHFSPPCFVAALPAAGVAEAPARLSPAIPLEALRDKALRMLGEAVRDGGQHARDPVGGSVEFQFVP
VLKLVSTLLVMGIFGDEDVKQILKMIEPEVFTEEEEEEEEEEEEEEEEEEDEEEKEEDEEEEEKEDAEKEEEEAPEGEKE
DLEEGLLQMKLPESVKLQMCNLLEYFCDQELQHRVESLAAFAERYVDKLQANQRSRYALLMRAFTMSAAETARRTREFRS
PPQEQINMLLHFKDEADEEDCPLPEDIRQDLQDFHQDLLAHCGIQLEGEEEEPEEETSLSSRLRSLLETVRLVKKKEEKP
EEELPAEEKKPQSLQELVSHMVVRWAQEDYVQSPELVRAMFSLLHRQYDGLGELLRALPRAYTISPSSVEDTMSLLECLG
QIRSLLIVQMGPQEENLMIQSIGNIMNNKVFYQHPNLMRALGMHETVMEVMVNVLGGGETKEIRFPKMVTSCCRFLCYFC
RISRQNQRSMFDHLSYLLENSGIGLGMQGSTPLDVAAASVIDNNELALALQEQDLEKVVSYLAGCGLQSCPMLLAKGYPD
IGWNPCGGERYLDFLRFAVFVNGESVEENANVVVRLLIRKPECFGPALRGEGGSGLLAAIEEAIRISEDPARDGPGVRRD
RRREHFGEEPPEENRVHLGHAIMSFYAALIDLLGRCAPEMHLIQAGKGEALRIRAILRSLVPLDDLVGIISLPLQIPTLG
KDGALVQPKMSASFVPDHKASMVLFLDRVYGIENQDFLLHVLDVGFLPDMRAAASLDTATFSTTEMALALNRYLCLAVLP
LITKCAPLFAGTEHRAIMVDSMLHTVYRLSRGRSLTKAQRDVIEDCLMALCRYIRPSMLQHLLRRLVFDVPILNEFAKMP
LKLLTNHYERCWKYYCLPTGWANFGVTSEEELHLTRKLFWGIFDSLAHKKYDQELYRMAMPCLCAIAGALPPDYVDASYS
SKAEKKATVDAEGNFDPRPVETLNVIIPEKLDSFINKFAEYTHEKWAFDKIQNNWSYGENVDEELKTHPMLRPYKTFSEK
DKEIYRWPIKESLKAMIAWEWTIEKAREGEEERTEKKKTRKISQTAQTYDPREGYNPQPPDLSGVTLSRELQAMAEQLAE
NYHNTWGRKKKQELEAKGGGTHPLLVPYDTLTAKEKARDREKAQELLKFLQMNGYAVTRGLKDMELDTSSIEKRFAFGFL
QQLLRWMDISQEFIAHLEAVVSSGRVEKSPHEQEIKFFAKILLPLINQYFTNHCLYFLSTPAKVLGSGGHASNKEKEMIT
SLFCKLAALVRHRVSLFGTDAPAVVNCLHILARSLDARTVMKSGPEIVKAGLRSFFESASEDIEKMVENLRLGKVSQART
QVKGVGQNLTYTTVALLPVLTTLFQHIAQHQFGDDVILDDVQVSCYRTLCSIYSLGTTKNTYVEKLRPALGECLARLAAA
MPVAFLEPQLNEYNACSVYTTKSPRERAILGLPNSVEEMCPDIPVLDRLMADIGGLAESGARYTEMPHVIEITLPMLCSY
LPRWWERGPEAPPPALPAGAPPPCTAVTSDHLNSLLGNILRIIVNNLGIDEATWMKRLAVFAQPIVSRARPELLHSHFIP
TIGRLRKRAGKVVAEEEQLRLEAKAEAEEGELLVRDEFSVLCRDLYALYPLLIRYVDNNRAHWLTEPNANAEELFRMVGE
IFIYWSKSHNFKREEQNFVVQNEINNMSFLTADSKSKMAKAGDAQSGGSDQERTKKKRRGDRYSVQTSLIVATLKKMLPI
GLNMCAPTDQDLIMLAKTRYALKDTDEEVREFLQNNLHLQGKVEGSPSLRWQMALYRGLPGREEDADDPEKIVRRVQEVS
AVLYHLEQTEHPYKSKKAVWHKLLSKQRRRAVVACFRMTPLYNLPTHRACNMFLESYKAAWILTEDHSFEDRMIDDLSKA
GEQEEEEEEVEEKKPDPLHQLVLHFSRTALTEKSKLDEDYLYMAYADIMAKSCHLEEGGENGEAEEEEVEVSFEEKEMEK
QRLLYQQSRLHTRGAAEMVLQMISACKGETGAMVSSTLKLGISILNGGNAEVQQKMLDYLKDKKEVGFFQSIQALMQTCS
VLDLNAFERQNKAEGLGMVNEDGTVINRQNGEKVMADDEFTQDLFRFLQLLCEGHNNDFQNYLRTQTGNTTTINIIICTV
DYLLRLQESISDFYWYYSGKDVIEEQGKRNFSKAMSVAKQVFNSLTEYIQGPCTGNQQSLAHSRLWDAVVGFLHVFAHMM
MKLAQDSSQIELLKELLDLQKDMVVMLLSLLEGNVVNGMIARQMVDMLVESSSNVEMILKFFDMFLKLKDIVGSEAFQDY
VTDPRGLISKKDFQKAMDSQKQFTGPEIQFLLSCSEADENEMINFEEFANRFQEPARDIGFNVAVLLTNLSEHVPHDPRL
RNFLELAESILEYFRPYLGRIEIMGASRRIERIYFEISETNRAQWEMPQVKESKRQFIFDVVNEGGEAEKMELFVSFCED
TIFEMQIAAQISEPEGEPEADEDEGMGEAAAEGAEEGAAGAEGAAGTVAAGATARLAAAAARALRGLSYRSLRRRVRRLR
RLTAREAATALAALLWAVVARAGAAGAGAAAGALRLLWGSLFGGGLVEGAKKVTVTELLAGMPDPTSDEVHGEQPAGPGG
DADGAGEGEGEGDAAEGDGDEEVAGHEAGPGGAEGVVAVADGGPFRPEGAGGLGDMGDTTPAEPPTPEGSPILKRKLGVD
GEEEELVPEPEPEPEPEPEKADEENGEKEEVPEAPPEPPKKAPPSPPAKKEEAGGAGMEFWGELEVQRVKFLNYLSRNFY
TLRFLALFLAFAINFILLFYKVSDSPPGEDDMEGSAAGDLAGAGSGGGSGWGSGAGEEAEGDEDENMVYYFLEESTGYME
PALWCLSLLHTLVAFLCIIGYNCLKVPLVIFKREKELARKLEFDGLYITEQPGDDDVKGQWDRLVLNTPSFPSNYWDKFV
KRKVLDKHGDIFGRERIAELLGMDLASLEITAHNERKPDPPPGLLTWLMSIDVKYQIWKFGVIFTDNSFLYLGWYMVMSL
LGHYNNFFFAAHLLDIAMGVKTLRTILSSVTHNGKQLVMTVGLLAVVVYLYTVVAFNFFRKFYNKSEDEDEPDMKCDDMM
TCYLFHMYVGVRAGGGIGDEIEDPAGDEYELYRVVFDITFFFFVIVILLAIIQGLIIDAFGELRDQQEQVKEDMETKCFI
CGIGSDYFDTTPHGFETHTLEEHNLANYMFFLMYLINKDETEHTGQESYVWKMYQERCWDFFPAGDCFRKQYEDQLS
;
A,B,C,D
2 'polypeptide(L)'
;MKSSHHHHHHGSSMSPILGYWKIKGLVQPTRLLLEYLEEKYEEHLYERDEGDKWRNKKFELGLEFPNLPYYIDGDVKLTQ
SMAIIRYIADKHNMLGGCPKERAEISMLEGAVLDIRYGVSRIAYSKDFETLKVDFLSKLPEMLKMFEDRLCHKTYLNGDH
VTHPDFMLYDALDVVLYMDPMCLDAFPKLVCFKKRIEAIPQIDKYLKSSKYIAWPLQGWQATFGGGDHPPKGIEENLYFQ
SNAGVEIETISPGDGRTFPKKGQTCVVHYTGMLQNGKKFDSSRDRNKPFKFRIGKQEVIKGFEEGAAQMSLGQRAKLTCT
PDVAYGATGHPGVIPPNATLIFDVELLNLE
;
E,F,G,H
#
loop_
_chem_comp.id
_chem_comp.type
_chem_comp.name
_chem_comp.formula
ADE non-polymer ADENINE 'C5 H5 N5'
ZN non-polymer 'ZINC ION' 'Zn 2'
#
# COMPACT_ATOMS: atom_id res chain seq x y z
N VAL A 11 -21.90 -20.70 7.58
CA VAL A 11 -22.05 -21.86 8.44
C VAL A 11 -22.96 -21.44 9.59
N GLN A 12 -22.35 -21.14 10.74
CA GLN A 12 -23.03 -20.79 12.00
C GLN A 12 -24.11 -21.81 12.36
N PHE A 13 -23.63 -23.01 12.65
CA PHE A 13 -24.47 -24.10 13.08
C PHE A 13 -25.04 -23.82 14.47
N LEU A 14 -26.22 -24.37 14.73
CA LEU A 14 -26.83 -24.23 16.03
C LEU A 14 -26.49 -25.42 16.92
N ARG A 15 -26.55 -25.18 18.23
CA ARG A 15 -26.04 -26.12 19.20
C ARG A 15 -26.86 -25.98 20.49
N THR A 16 -26.59 -26.84 21.46
CA THR A 16 -27.22 -26.72 22.77
C THR A 16 -26.76 -25.44 23.45
N ASP A 17 -27.65 -24.90 24.30
CA ASP A 17 -27.50 -23.72 25.15
C ASP A 17 -27.43 -22.41 24.37
N ASP A 18 -27.51 -22.44 23.05
CA ASP A 18 -27.56 -21.20 22.28
C ASP A 18 -28.87 -20.47 22.54
N GLU A 19 -28.80 -19.14 22.50
CA GLU A 19 -29.98 -18.30 22.65
C GLU A 19 -30.48 -17.84 21.30
N VAL A 20 -31.76 -18.10 21.02
CA VAL A 20 -32.37 -17.87 19.72
C VAL A 20 -33.72 -17.16 19.91
N VAL A 21 -34.31 -16.77 18.80
CA VAL A 21 -35.71 -16.34 18.77
C VAL A 21 -36.37 -16.98 17.57
N LEU A 22 -37.69 -17.00 17.58
CA LEU A 22 -38.47 -17.57 16.49
C LEU A 22 -39.12 -16.43 15.73
N GLN A 23 -39.43 -16.67 14.46
CA GLN A 23 -39.76 -15.56 13.57
C GLN A 23 -40.53 -16.06 12.35
N CYS A 24 -41.71 -15.49 12.12
CA CYS A 24 -42.48 -15.75 10.92
C CYS A 24 -42.22 -14.66 9.87
N SER A 25 -43.06 -14.63 8.84
CA SER A 25 -43.10 -13.51 7.89
C SER A 25 -44.56 -13.36 7.45
N ALA A 26 -45.29 -12.49 8.13
CA ALA A 26 -46.68 -12.31 7.76
C ALA A 26 -46.81 -11.35 6.58
N THR A 27 -48.03 -11.28 6.03
CA THR A 27 -48.30 -10.34 4.95
C THR A 27 -49.76 -9.89 5.07
N VAL A 28 -49.95 -8.77 5.76
CA VAL A 28 -51.25 -8.10 5.87
C VAL A 28 -51.13 -6.78 5.15
N LEU A 29 -52.24 -6.36 4.53
CA LEU A 29 -52.39 -5.15 3.70
C LEU A 29 -51.38 -5.10 2.56
N LYS A 30 -50.88 -6.28 2.16
CA LYS A 30 -49.90 -6.52 1.12
C LYS A 30 -48.56 -5.91 1.51
N GLU A 31 -48.01 -6.35 2.65
CA GLU A 31 -46.61 -6.02 2.95
C GLU A 31 -46.03 -7.08 3.88
N GLN A 32 -44.75 -7.39 3.66
CA GLN A 32 -44.01 -8.40 4.41
C GLN A 32 -43.65 -7.86 5.77
N LEU A 33 -44.57 -8.00 6.72
CA LEU A 33 -44.30 -7.56 8.09
C LEU A 33 -43.76 -8.72 8.90
N LYS A 34 -42.65 -8.46 9.59
CA LYS A 34 -41.96 -9.49 10.33
C LYS A 34 -42.66 -9.68 11.67
N LEU A 35 -42.58 -10.89 12.22
CA LEU A 35 -43.14 -11.15 13.54
C LEU A 35 -42.26 -12.12 14.32
N CYS A 36 -42.39 -12.06 15.65
CA CYS A 36 -41.65 -12.95 16.53
C CYS A 36 -42.52 -13.35 17.72
N LEU A 37 -42.23 -14.53 18.28
CA LEU A 37 -42.98 -15.00 19.45
C LEU A 37 -42.73 -14.12 20.66
N ALA A 38 -43.76 -13.98 21.50
CA ALA A 38 -43.62 -13.19 22.71
C ALA A 38 -44.67 -13.66 23.70
N ALA A 39 -44.29 -13.67 24.99
CA ALA A 39 -45.18 -14.11 26.05
C ALA A 39 -44.62 -13.64 27.39
N GLU A 40 -45.44 -12.92 28.15
CA GLU A 40 -45.03 -12.45 29.47
C GLU A 40 -44.81 -13.62 30.41
N GLY A 41 -45.65 -14.64 30.34
CA GLY A 41 -45.51 -15.81 31.17
C GLY A 41 -46.24 -15.68 32.49
N PHE A 42 -45.65 -14.91 33.42
CA PHE A 42 -46.23 -14.71 34.74
C PHE A 42 -47.55 -13.95 34.62
N GLY A 43 -48.65 -14.61 34.97
CA GLY A 43 -49.96 -14.02 34.89
C GLY A 43 -50.68 -14.27 33.59
N ASN A 44 -49.96 -14.69 32.55
CA ASN A 44 -50.58 -15.06 31.28
C ASN A 44 -49.66 -16.06 30.60
N ARG A 45 -49.99 -17.35 30.73
CA ARG A 45 -49.17 -18.38 30.13
C ARG A 45 -49.30 -18.44 28.61
N LEU A 46 -50.41 -17.93 28.07
CA LEU A 46 -50.63 -17.95 26.63
C LEU A 46 -49.64 -17.03 25.92
N CYS A 47 -49.36 -17.36 24.66
CA CYS A 47 -48.39 -16.63 23.86
C CYS A 47 -49.10 -15.64 22.95
N PHE A 48 -48.30 -14.87 22.22
CA PHE A 48 -48.78 -13.94 21.19
C PHE A 48 -47.60 -13.57 20.31
N LEU A 49 -47.85 -12.67 19.36
CA LEU A 49 -46.86 -12.28 18.37
C LEU A 49 -46.54 -10.81 18.47
N GLU A 50 -45.25 -10.49 18.52
CA GLU A 50 -44.76 -9.14 18.61
C GLU A 50 -44.26 -8.70 17.25
N PRO A 51 -44.89 -7.70 16.64
CA PRO A 51 -44.42 -7.20 15.34
C PRO A 51 -43.00 -6.66 15.45
N THR A 52 -42.19 -6.93 14.43
CA THR A 52 -40.81 -6.47 14.47
C THR A 52 -40.30 -5.93 13.14
N SER A 53 -41.18 -5.73 12.15
CA SER A 53 -40.74 -5.13 10.89
C SER A 53 -40.44 -3.65 11.06
N ASN A 54 -41.32 -2.93 11.74
CA ASN A 54 -41.15 -1.49 11.99
C ASN A 54 -40.15 -1.25 13.13
N ALA A 55 -38.92 -1.75 12.92
CA ALA A 55 -37.87 -1.84 13.93
C ALA A 55 -37.21 -0.51 14.25
N GLN A 56 -37.65 0.60 13.67
CA GLN A 56 -37.04 1.89 13.92
C GLN A 56 -38.02 2.91 14.49
N ASN A 57 -39.22 3.02 13.92
CA ASN A 57 -40.21 3.96 14.43
C ASN A 57 -40.64 3.59 15.84
N VAL A 58 -40.84 2.30 16.11
CA VAL A 58 -41.08 1.79 17.45
C VAL A 58 -40.16 0.59 17.72
N PRO A 59 -39.26 0.66 18.69
CA PRO A 59 -38.37 -0.48 18.94
C PRO A 59 -39.15 -1.65 19.48
N PRO A 60 -38.66 -2.89 19.26
CA PRO A 60 -39.41 -4.07 19.73
C PRO A 60 -39.30 -4.29 21.23
N ASP A 61 -39.74 -5.45 21.71
CA ASP A 61 -39.63 -5.83 23.12
C ASP A 61 -38.91 -7.18 23.20
N LEU A 62 -37.59 -7.15 23.38
CA LEU A 62 -36.81 -8.37 23.49
C LEU A 62 -36.80 -8.95 24.90
N ALA A 63 -37.55 -8.37 25.84
CA ALA A 63 -37.59 -8.90 27.19
C ALA A 63 -38.32 -10.23 27.25
N ILE A 64 -39.25 -10.47 26.33
CA ILE A 64 -40.14 -11.62 26.40
C ILE A 64 -40.03 -12.53 25.17
N CYS A 65 -39.22 -12.15 24.19
CA CYS A 65 -39.10 -12.95 22.97
C CYS A 65 -37.99 -13.98 23.04
N CYS A 66 -37.16 -13.93 24.09
CA CYS A 66 -35.98 -14.78 24.19
C CYS A 66 -36.36 -16.25 24.35
N PHE A 67 -35.48 -17.13 23.88
CA PHE A 67 -35.69 -18.58 23.92
C PHE A 67 -34.36 -19.31 23.80
N THR A 68 -34.17 -20.33 24.63
CA THR A 68 -32.90 -21.04 24.70
C THR A 68 -33.12 -22.51 24.31
N LEU A 69 -32.06 -23.14 23.81
CA LEU A 69 -32.08 -24.49 23.26
C LEU A 69 -31.19 -25.33 24.15
N GLU A 70 -31.75 -25.89 25.21
CA GLU A 70 -30.93 -26.56 26.22
C GLU A 70 -30.80 -28.07 26.01
N GLN A 71 -31.83 -28.76 25.53
CA GLN A 71 -31.73 -30.19 25.25
C GLN A 71 -32.26 -30.52 23.87
N SER A 72 -31.47 -31.28 23.11
CA SER A 72 -31.89 -31.82 21.83
C SER A 72 -31.71 -33.33 21.88
N LEU A 73 -32.78 -34.07 21.61
CA LEU A 73 -32.76 -35.52 21.77
C LEU A 73 -33.41 -36.21 20.59
N SER A 74 -32.98 -37.45 20.34
CA SER A 74 -33.60 -38.31 19.35
C SER A 74 -34.92 -38.86 19.87
N VAL A 75 -35.71 -39.44 18.94
CA VAL A 75 -37.08 -39.86 19.24
C VAL A 75 -37.10 -40.98 20.29
N ARG A 76 -36.08 -41.86 20.26
CA ARG A 76 -35.92 -42.89 21.29
C ARG A 76 -35.76 -42.21 22.62
N ALA A 77 -34.62 -41.52 22.79
CA ALA A 77 -34.26 -40.93 24.08
C ALA A 77 -35.36 -40.04 24.64
N LEU A 78 -36.18 -39.43 23.75
CA LEU A 78 -37.44 -38.81 24.11
C LEU A 78 -38.37 -39.79 24.82
N GLN A 79 -38.58 -40.97 24.21
CA GLN A 79 -39.51 -41.96 24.78
C GLN A 79 -38.95 -42.47 26.10
N GLU A 80 -37.66 -42.80 26.09
CA GLU A 80 -37.04 -43.50 27.21
C GLU A 80 -36.96 -42.61 28.45
N MET A 81 -36.56 -41.33 28.30
CA MET A 81 -36.62 -40.43 29.45
C MET A 81 -38.05 -40.22 29.93
N LEU A 82 -39.02 -40.15 29.00
CA LEU A 82 -40.43 -40.14 29.41
C LEU A 82 -40.84 -41.40 30.15
N ALA A 83 -40.36 -42.57 29.72
CA ALA A 83 -40.60 -43.81 30.42
C ALA A 83 -39.95 -43.82 31.81
N ASN A 84 -38.74 -43.30 31.90
CA ASN A 84 -38.00 -43.27 33.16
C ASN A 84 -38.09 -41.88 33.79
N HIS A 98 -21.62 -29.71 24.68
CA HIS A 98 -22.35 -29.08 23.60
C HIS A 98 -22.54 -29.98 22.38
N ARG A 99 -23.79 -30.32 22.11
CA ARG A 99 -24.18 -31.11 20.96
C ARG A 99 -25.00 -30.27 20.01
N THR A 100 -24.72 -30.39 18.72
CA THR A 100 -25.38 -29.54 17.75
C THR A 100 -26.81 -30.01 17.49
N LEU A 101 -27.60 -29.11 16.92
CA LEU A 101 -28.98 -29.43 16.58
C LEU A 101 -29.01 -30.37 15.39
N LEU A 102 -30.10 -31.15 15.29
CA LEU A 102 -30.27 -32.07 14.18
C LEU A 102 -31.74 -32.15 13.79
N TYR A 103 -32.00 -32.14 12.48
CA TYR A 103 -33.34 -32.35 11.94
C TYR A 103 -33.91 -33.69 12.39
N GLY A 104 -35.20 -33.69 12.67
CA GLY A 104 -35.89 -34.87 13.13
C GLY A 104 -35.72 -35.17 14.61
N HIS A 105 -34.80 -34.49 15.29
CA HIS A 105 -34.64 -34.65 16.72
C HIS A 105 -35.74 -33.90 17.46
N ALA A 106 -35.80 -34.14 18.76
CA ALA A 106 -36.73 -33.43 19.63
C ALA A 106 -35.97 -32.39 20.43
N ILE A 107 -36.52 -31.18 20.51
CA ILE A 107 -35.90 -30.09 21.23
C ILE A 107 -36.85 -29.64 22.34
N LEU A 108 -36.29 -29.36 23.50
CA LEU A 108 -37.04 -28.80 24.61
C LEU A 108 -36.76 -27.30 24.61
N LEU A 109 -37.82 -26.51 24.45
CA LEU A 109 -37.69 -25.09 24.17
C LEU A 109 -38.12 -24.31 25.42
N ARG A 110 -37.20 -23.53 25.98
CA ARG A 110 -37.40 -22.84 27.24
C ARG A 110 -37.39 -21.32 27.05
N HIS A 111 -38.42 -20.66 27.57
CA HIS A 111 -38.37 -19.21 27.71
C HIS A 111 -37.29 -18.87 28.72
N ALA A 112 -36.30 -18.07 28.29
CA ALA A 112 -35.16 -17.80 29.17
C ALA A 112 -35.50 -16.83 30.28
N HIS A 113 -36.50 -15.98 30.10
CA HIS A 113 -36.88 -15.07 31.18
C HIS A 113 -37.76 -15.76 32.23
N SER A 114 -38.98 -16.11 31.85
CA SER A 114 -39.95 -16.62 32.81
C SER A 114 -39.64 -18.02 33.31
N ARG A 115 -38.64 -18.70 32.71
CA ARG A 115 -38.06 -19.97 33.13
C ARG A 115 -38.99 -21.17 33.03
N MET A 116 -40.27 -20.97 32.70
CA MET A 116 -41.15 -22.09 32.47
C MET A 116 -41.03 -22.47 31.00
N TYR A 117 -41.06 -23.77 30.73
CA TYR A 117 -40.83 -24.26 29.39
C TYR A 117 -42.05 -24.00 28.50
N LEU A 118 -41.78 -23.89 27.19
CA LEU A 118 -42.86 -23.77 26.21
C LEU A 118 -43.46 -25.13 25.90
N SER A 119 -44.78 -25.19 25.78
CA SER A 119 -45.46 -26.47 25.64
C SER A 119 -46.75 -26.31 24.87
N CYS A 120 -47.23 -27.43 24.33
CA CYS A 120 -48.55 -27.49 23.71
C CYS A 120 -49.57 -27.79 24.81
N LEU A 121 -50.39 -26.80 25.14
CA LEU A 121 -51.39 -26.97 26.19
C LEU A 121 -52.53 -27.87 25.73
N THR A 122 -53.13 -28.57 26.70
CA THR A 122 -54.25 -29.45 26.41
C THR A 122 -55.45 -28.66 25.92
N THR A 123 -55.67 -27.48 26.48
CA THR A 123 -56.84 -26.65 26.15
C THR A 123 -56.71 -26.06 24.74
N SER A 124 -57.68 -25.24 24.38
CA SER A 124 -57.69 -24.53 23.10
C SER A 124 -58.63 -23.35 23.22
N ARG A 125 -58.13 -22.16 22.88
CA ARG A 125 -58.89 -20.94 23.10
C ARG A 125 -59.43 -20.32 21.82
N SER A 126 -58.84 -20.61 20.66
CA SER A 126 -59.26 -20.04 19.38
C SER A 126 -60.68 -20.46 19.03
N MET A 127 -61.64 -19.53 19.16
CA MET A 127 -63.04 -19.80 18.88
C MET A 127 -63.28 -20.18 17.42
N THR A 128 -62.41 -19.72 16.51
CA THR A 128 -62.62 -19.88 15.07
C THR A 128 -62.55 -21.33 14.61
N ASP A 129 -61.98 -22.23 15.41
CA ASP A 129 -61.80 -23.61 14.97
C ASP A 129 -61.60 -24.53 16.16
N LYS A 130 -61.63 -25.82 15.89
CA LYS A 130 -61.23 -26.83 16.84
C LYS A 130 -59.81 -27.23 16.47
N LEU A 131 -59.29 -28.29 17.12
CA LEU A 131 -58.00 -28.96 16.84
C LEU A 131 -56.80 -28.01 16.77
N ALA A 132 -56.93 -26.79 17.30
CA ALA A 132 -55.83 -25.83 17.40
C ALA A 132 -55.58 -25.56 18.88
N PHE A 133 -54.81 -26.44 19.49
CA PHE A 133 -54.50 -26.34 20.92
C PHE A 133 -53.55 -25.17 21.13
N ASP A 134 -54.04 -24.14 21.82
CA ASP A 134 -53.27 -22.92 22.04
C ASP A 134 -51.98 -23.20 22.79
N VAL A 135 -50.89 -22.66 22.30
CA VAL A 135 -49.58 -22.91 22.91
C VAL A 135 -49.46 -22.04 24.15
N GLY A 136 -48.71 -22.54 25.12
CA GLY A 136 -48.52 -21.79 26.35
C GLY A 136 -47.28 -22.26 27.07
N LEU A 137 -47.10 -21.76 28.28
CA LEU A 137 -45.89 -22.03 29.03
C LEU A 137 -46.18 -23.03 30.15
N GLN A 138 -45.41 -24.10 30.19
CA GLN A 138 -45.57 -25.13 31.20
C GLN A 138 -44.50 -24.95 32.27
N GLU A 139 -44.92 -25.06 33.54
CA GLU A 139 -44.05 -24.80 34.69
C GLU A 139 -42.84 -25.74 34.71
N ASP A 140 -43.05 -27.00 34.37
CA ASP A 140 -42.00 -28.00 34.45
C ASP A 140 -41.75 -28.63 33.09
N ALA A 141 -40.71 -29.47 33.04
CA ALA A 141 -40.34 -30.16 31.81
C ALA A 141 -40.96 -31.54 31.70
N THR A 142 -41.74 -31.95 32.69
CA THR A 142 -42.37 -33.27 32.70
C THR A 142 -43.41 -33.38 31.59
N GLY A 143 -43.61 -34.60 31.12
CA GLY A 143 -44.53 -34.84 30.03
C GLY A 143 -43.88 -34.63 28.68
N GLU A 144 -44.66 -34.93 27.63
CA GLU A 144 -44.21 -34.76 26.26
C GLU A 144 -44.71 -33.47 25.62
N ALA A 145 -45.62 -32.74 26.29
CA ALA A 145 -46.14 -31.50 25.72
C ALA A 145 -45.07 -30.44 25.57
N CYS A 146 -44.05 -30.47 26.43
CA CYS A 146 -42.98 -29.47 26.37
C CYS A 146 -42.12 -29.62 25.12
N TRP A 147 -42.00 -30.83 24.60
CA TRP A 147 -41.02 -31.09 23.56
C TRP A 147 -41.56 -30.74 22.19
N TRP A 148 -40.65 -30.42 21.28
CA TRP A 148 -40.97 -30.14 19.89
C TRP A 148 -39.93 -30.78 19.00
N THR A 149 -40.34 -31.20 17.81
CA THR A 149 -39.44 -31.74 16.81
C THR A 149 -39.47 -30.83 15.59
N MET A 150 -38.35 -30.77 14.86
CA MET A 150 -38.22 -29.79 13.80
C MET A 150 -37.79 -30.47 12.51
N HIS A 151 -38.30 -29.96 11.39
CA HIS A 151 -38.11 -30.63 10.11
C HIS A 151 -37.77 -29.60 9.05
N PRO A 152 -37.10 -30.03 7.96
CA PRO A 152 -36.92 -29.18 6.78
C PRO A 152 -38.26 -28.76 6.17
N ALA A 153 -38.30 -27.51 5.71
CA ALA A 153 -39.49 -27.03 5.01
C ALA A 153 -39.62 -27.70 3.65
N SER A 154 -38.52 -27.74 2.91
CA SER A 154 -38.50 -28.34 1.59
C SER A 154 -37.28 -29.24 1.48
N LYS A 155 -37.24 -30.02 0.41
CA LYS A 155 -36.27 -31.11 0.23
C LYS A 155 -34.84 -30.63 -0.01
N GLN A 156 -34.59 -29.32 -0.11
CA GLN A 156 -33.23 -28.79 -0.21
C GLN A 156 -32.34 -29.26 0.93
N ARG A 157 -32.91 -29.51 2.10
CA ARG A 157 -32.24 -30.18 3.21
C ARG A 157 -32.84 -31.56 3.37
N SER A 158 -32.25 -32.35 4.27
CA SER A 158 -32.74 -33.68 4.56
C SER A 158 -32.77 -33.88 6.06
N GLU A 159 -33.59 -34.84 6.49
CA GLU A 159 -33.71 -35.16 7.91
C GLU A 159 -32.38 -35.67 8.47
N GLY A 160 -32.16 -35.38 9.74
CA GLY A 160 -31.01 -35.89 10.44
C GLY A 160 -29.75 -35.06 10.27
N GLU A 161 -29.85 -33.88 9.66
CA GLU A 161 -28.69 -33.04 9.44
C GLU A 161 -28.81 -31.69 10.15
N LYS A 162 -27.66 -31.18 10.55
CA LYS A 162 -27.57 -29.99 11.39
C LYS A 162 -28.10 -28.75 10.68
N VAL A 163 -28.87 -27.96 11.42
CA VAL A 163 -29.46 -26.74 10.89
C VAL A 163 -28.43 -25.63 10.78
N ARG A 164 -28.32 -25.05 9.60
CA ARG A 164 -27.45 -23.90 9.41
C ARG A 164 -28.18 -22.65 9.90
N VAL A 165 -27.45 -21.53 9.96
CA VAL A 165 -28.06 -20.27 10.37
C VAL A 165 -29.12 -19.86 9.34
N GLY A 166 -30.17 -19.19 9.82
CA GLY A 166 -31.19 -18.61 8.96
C GLY A 166 -32.03 -19.60 8.17
N ASP A 167 -31.93 -20.89 8.44
CA ASP A 167 -32.72 -21.88 7.72
C ASP A 167 -34.21 -21.72 8.04
N ASP A 168 -35.03 -22.18 7.10
CA ASP A 168 -36.47 -22.15 7.24
C ASP A 168 -36.97 -23.52 7.69
N LEU A 169 -37.73 -23.55 8.77
CA LEU A 169 -38.03 -24.79 9.48
C LEU A 169 -39.52 -24.95 9.70
N ILE A 170 -39.94 -26.20 9.94
CA ILE A 170 -41.33 -26.49 10.28
C ILE A 170 -41.34 -27.25 11.62
N LEU A 171 -42.21 -26.82 12.53
CA LEU A 171 -42.23 -27.31 13.91
C LEU A 171 -43.39 -28.26 14.14
N VAL A 172 -43.07 -29.44 14.67
CA VAL A 172 -43.99 -30.54 14.87
C VAL A 172 -44.16 -30.76 16.37
N SER A 173 -45.39 -30.66 16.84
CA SER A 173 -45.68 -31.01 18.23
C SER A 173 -45.48 -32.50 18.46
N VAL A 174 -45.14 -32.84 19.69
CA VAL A 174 -44.90 -34.23 20.05
C VAL A 174 -46.16 -34.80 20.68
N SER A 175 -46.65 -34.17 21.74
CA SER A 175 -47.83 -34.69 22.42
C SER A 175 -49.08 -34.62 21.55
N SER A 176 -49.35 -33.44 20.98
CA SER A 176 -50.54 -33.30 20.16
C SER A 176 -50.32 -33.61 18.68
N GLU A 177 -49.07 -33.79 18.25
CA GLU A 177 -48.69 -34.12 16.87
C GLU A 177 -49.32 -33.15 15.88
N ARG A 178 -48.95 -31.87 16.03
CA ARG A 178 -49.51 -30.80 15.23
C ARG A 178 -48.44 -29.81 14.83
N TYR A 179 -48.58 -29.27 13.62
CA TYR A 179 -47.70 -28.20 13.15
C TYR A 179 -47.94 -26.93 13.97
N LEU A 180 -46.88 -26.15 14.14
CA LEU A 180 -46.98 -24.93 14.96
C LEU A 180 -47.51 -23.83 14.04
N HIS A 181 -48.83 -23.78 13.93
CA HIS A 181 -49.55 -22.88 13.04
C HIS A 181 -49.49 -21.44 13.58
N LEU A 182 -50.03 -20.49 12.80
CA LEU A 182 -50.40 -19.19 13.32
C LEU A 182 -51.78 -18.88 12.76
N SER A 183 -52.67 -18.40 13.63
CA SER A 183 -54.07 -18.20 13.26
C SER A 183 -54.22 -16.82 12.64
N THR A 184 -53.82 -16.72 11.37
CA THR A 184 -53.91 -15.46 10.65
C THR A 184 -55.36 -15.11 10.35
N ALA A 185 -56.21 -16.14 10.16
CA ALA A 185 -57.60 -15.92 9.76
C ALA A 185 -58.43 -15.18 10.79
N SER A 186 -57.97 -15.10 12.04
CA SER A 186 -58.65 -14.37 13.09
C SER A 186 -58.58 -12.86 12.81
N GLY A 187 -59.36 -12.08 13.56
CA GLY A 187 -59.29 -10.63 13.46
C GLY A 187 -57.90 -10.08 13.72
N GLU A 188 -57.21 -10.64 14.71
CA GLU A 188 -55.82 -10.34 14.98
C GLU A 188 -54.99 -11.62 14.83
N LEU A 189 -53.69 -11.54 15.10
CA LEU A 189 -52.76 -12.60 14.75
C LEU A 189 -52.32 -13.37 15.99
N GLN A 190 -52.50 -14.68 15.98
CA GLN A 190 -52.14 -15.53 17.11
C GLN A 190 -51.24 -16.66 16.63
N VAL A 191 -50.88 -17.53 17.57
CA VAL A 191 -50.11 -18.74 17.29
C VAL A 191 -50.88 -19.92 17.88
N ASP A 192 -51.08 -20.96 17.06
CA ASP A 192 -51.83 -22.14 17.50
C ASP A 192 -51.12 -23.38 16.99
N ALA A 193 -51.57 -24.55 17.45
CA ALA A 193 -50.96 -25.80 17.04
C ALA A 193 -52.03 -26.64 16.36
N SER A 194 -51.96 -26.75 15.03
CA SER A 194 -52.93 -27.52 14.26
C SER A 194 -52.17 -28.31 13.19
N PHE A 195 -52.92 -28.87 12.25
CA PHE A 195 -52.31 -29.60 11.14
C PHE A 195 -51.89 -28.69 9.98
N MET A 196 -52.34 -27.44 9.98
CA MET A 196 -52.00 -26.49 8.92
C MET A 196 -50.65 -25.87 9.23
N GLN A 197 -49.66 -26.13 8.37
CA GLN A 197 -48.28 -25.78 8.64
C GLN A 197 -48.06 -24.27 8.66
N THR A 198 -46.91 -23.90 9.22
CA THR A 198 -46.42 -22.52 9.22
C THR A 198 -44.91 -22.54 9.16
N LEU A 199 -44.35 -21.81 8.19
CA LEU A 199 -42.92 -21.71 8.06
C LEU A 199 -42.34 -20.81 9.13
N TRP A 200 -41.37 -21.32 9.88
CA TRP A 200 -40.76 -20.60 10.99
C TRP A 200 -39.28 -20.44 10.75
N ASN A 201 -38.79 -19.21 10.94
CA ASN A 201 -37.38 -18.90 10.85
C ASN A 201 -36.85 -18.67 12.25
N MET A 202 -35.71 -19.27 12.57
CA MET A 202 -35.17 -19.16 13.92
C MET A 202 -33.87 -18.34 13.89
N ASN A 203 -33.99 -17.08 14.29
CA ASN A 203 -32.82 -16.19 14.32
C ASN A 203 -32.02 -16.42 15.59
N PRO A 204 -30.74 -16.73 15.50
CA PRO A 204 -29.92 -16.80 16.72
C PRO A 204 -29.67 -15.41 17.28
N ILE A 205 -29.82 -15.29 18.58
CA ILE A 205 -29.50 -14.04 19.27
C ILE A 205 -28.06 -14.05 19.76
N CYS A 206 -27.67 -15.14 20.41
CA CYS A 206 -26.31 -15.29 20.90
C CYS A 206 -25.96 -16.76 20.99
N SER A 207 -24.67 -17.02 21.08
CA SER A 207 -24.16 -18.36 21.32
C SER A 207 -23.46 -18.46 22.68
N CYS A 208 -22.43 -17.65 22.91
CA CYS A 208 -21.60 -17.77 24.10
C CYS A 208 -21.01 -16.40 24.40
N CYS A 209 -21.48 -15.77 25.49
CA CYS A 209 -20.81 -14.59 26.01
C CYS A 209 -19.77 -15.07 27.01
N GLU A 210 -18.51 -15.06 26.59
CA GLU A 210 -17.44 -15.64 27.42
C GLU A 210 -17.13 -14.70 28.59
N GLU A 211 -16.03 -14.99 29.30
CA GLU A 211 -15.76 -14.52 30.65
C GLU A 211 -15.84 -13.01 30.84
N GLY A 212 -16.89 -12.54 31.52
CA GLY A 212 -17.06 -11.19 32.03
C GLY A 212 -16.94 -10.10 30.99
N TYR A 213 -17.70 -10.20 29.90
CA TYR A 213 -17.66 -9.26 28.79
C TYR A 213 -19.05 -8.70 28.56
N VAL A 214 -19.10 -7.47 28.05
CA VAL A 214 -20.36 -6.75 27.93
C VAL A 214 -20.92 -6.97 26.54
N THR A 215 -22.17 -7.42 26.48
CA THR A 215 -22.86 -7.69 25.22
C THR A 215 -24.21 -6.99 25.23
N GLY A 216 -24.70 -6.69 24.03
CA GLY A 216 -26.04 -6.12 23.90
C GLY A 216 -27.09 -7.07 24.44
N GLY A 217 -28.12 -6.50 25.06
CA GLY A 217 -29.23 -7.25 25.60
C GLY A 217 -29.17 -7.45 27.10
N HIS A 218 -28.00 -7.31 27.71
CA HIS A 218 -27.91 -7.44 29.16
C HIS A 218 -28.60 -6.30 29.90
N VAL A 219 -29.07 -6.66 31.10
CA VAL A 219 -29.51 -5.75 32.14
C VAL A 219 -28.33 -5.58 33.08
N LEU A 220 -27.90 -4.34 33.28
CA LEU A 220 -26.67 -4.05 34.02
C LEU A 220 -26.70 -2.60 34.48
N ARG A 221 -26.00 -2.33 35.57
CA ARG A 221 -26.04 -0.97 36.10
C ARG A 221 -24.86 -0.16 35.57
N LEU A 222 -25.00 1.16 35.66
CA LEU A 222 -24.03 2.14 35.17
C LEU A 222 -23.44 2.92 36.33
N PHE A 223 -22.25 2.53 36.77
CA PHE A 223 -21.58 3.29 37.81
C PHE A 223 -20.94 4.54 37.22
N HIS A 224 -20.40 5.38 38.10
CA HIS A 224 -19.59 6.50 37.72
C HIS A 224 -18.16 6.15 38.17
N GLY A 225 -17.18 6.96 37.77
CA GLY A 225 -15.78 6.72 38.12
C GLY A 225 -15.48 6.77 39.61
N HIS A 226 -16.39 7.33 40.41
CA HIS A 226 -16.23 7.43 41.85
C HIS A 226 -16.82 6.22 42.59
N MET A 227 -17.42 5.26 41.85
CA MET A 227 -17.95 3.96 42.29
C MET A 227 -19.23 4.15 43.14
N ASP A 228 -19.65 5.40 43.39
CA ASP A 228 -20.86 5.69 44.15
C ASP A 228 -21.97 6.28 43.30
N GLU A 229 -21.69 7.38 42.59
CA GLU A 229 -22.69 7.95 41.68
C GLU A 229 -23.07 6.95 40.60
N CYS A 230 -24.34 6.98 40.23
CA CYS A 230 -24.99 5.81 39.69
C CYS A 230 -26.24 6.25 38.95
N LEU A 231 -26.34 5.85 37.68
CA LEU A 231 -27.39 6.35 36.80
C LEU A 231 -28.74 5.77 37.23
N THR A 232 -29.68 6.63 37.62
CA THR A 232 -31.03 6.19 37.97
C THR A 232 -32.04 7.19 37.43
N ILE A 233 -33.26 6.72 37.24
CA ILE A 233 -34.41 7.61 37.07
C ILE A 233 -34.90 8.02 38.46
N SER A 234 -35.83 8.98 38.50
CA SER A 234 -36.45 9.43 39.73
C SER A 234 -37.16 8.28 40.46
N ALA A 235 -37.32 8.45 41.77
CA ALA A 235 -37.96 7.43 42.59
C ALA A 235 -39.44 7.30 42.25
N ALA A 236 -40.03 6.19 42.72
CA ALA A 236 -41.43 5.89 42.44
C ALA A 236 -42.34 6.96 43.02
N ASP A 237 -43.36 7.33 42.24
CA ASP A 237 -44.34 8.38 42.55
C ASP A 237 -43.62 9.73 42.80
N SER A 238 -42.98 10.22 41.74
CA SER A 238 -42.27 11.49 41.79
C SER A 238 -42.94 12.49 40.86
N ASP A 239 -42.86 13.77 41.25
CA ASP A 239 -43.41 14.87 40.44
C ASP A 239 -42.74 15.01 39.08
N ASP A 240 -41.52 14.50 38.93
CA ASP A 240 -40.84 14.42 37.63
C ASP A 240 -41.51 13.41 36.69
N GLN A 241 -42.41 12.57 37.22
CA GLN A 241 -42.97 11.38 36.54
C GLN A 241 -41.87 10.43 36.09
N ARG A 242 -40.76 10.41 36.85
CA ARG A 242 -39.60 9.55 36.63
C ARG A 242 -39.01 9.73 35.23
N ARG A 243 -38.97 10.99 34.77
CA ARG A 243 -38.60 11.30 33.40
C ARG A 243 -37.32 12.13 33.32
N LEU A 244 -36.44 12.02 34.31
CA LEU A 244 -35.16 12.73 34.27
C LEU A 244 -34.10 11.87 34.94
N VAL A 245 -33.04 11.56 34.18
CA VAL A 245 -31.93 10.77 34.72
C VAL A 245 -31.17 11.60 35.75
N TYR A 246 -30.77 10.96 36.84
CA TYR A 246 -29.94 11.55 37.87
C TYR A 246 -28.82 10.61 38.22
N TYR A 247 -27.61 11.16 38.38
CA TYR A 247 -26.60 10.47 39.15
C TYR A 247 -27.07 10.35 40.59
N GLU A 248 -26.64 9.30 41.28
CA GLU A 248 -27.03 9.18 42.69
C GLU A 248 -26.03 8.25 43.36
N GLY A 249 -25.80 8.45 44.65
CA GLY A 249 -24.87 7.63 45.39
C GLY A 249 -25.44 7.05 46.67
N GLY A 250 -25.01 5.84 46.99
CA GLY A 250 -25.43 5.17 48.20
C GLY A 250 -26.27 3.92 47.98
N ALA A 251 -27.28 3.72 48.83
CA ALA A 251 -28.12 2.54 48.77
C ALA A 251 -29.27 2.65 47.80
N VAL A 252 -29.45 3.81 47.16
CA VAL A 252 -30.57 4.00 46.23
C VAL A 252 -30.43 3.11 45.00
N CYS A 253 -29.23 2.99 44.45
CA CYS A 253 -29.10 2.33 43.16
C CYS A 253 -28.72 0.86 43.28
N THR A 254 -28.80 0.29 44.48
CA THR A 254 -28.87 -1.16 44.60
C THR A 254 -30.29 -1.66 44.48
N HIS A 255 -31.25 -0.76 44.29
CA HIS A 255 -32.65 -1.08 44.15
C HIS A 255 -32.95 -1.37 42.68
N ALA A 256 -34.23 -1.46 42.32
CA ALA A 256 -34.63 -1.79 40.97
C ALA A 256 -34.59 -0.60 40.01
N ARG A 257 -34.55 0.62 40.51
CA ARG A 257 -34.62 1.80 39.64
C ARG A 257 -33.29 2.17 38.98
N SER A 258 -32.33 1.24 38.89
CA SER A 258 -30.99 1.56 38.38
C SER A 258 -30.51 0.57 37.33
N LEU A 259 -31.42 -0.09 36.63
CA LEU A 259 -31.06 -1.23 35.81
C LEU A 259 -31.25 -0.87 34.35
N TRP A 260 -30.17 -0.89 33.57
CA TRP A 260 -30.22 -0.49 32.18
C TRP A 260 -30.09 -1.73 31.30
N ARG A 261 -30.89 -1.79 30.25
CA ARG A 261 -30.79 -2.85 29.26
C ARG A 261 -30.28 -2.26 27.97
N LEU A 262 -29.25 -2.90 27.43
CA LEU A 262 -28.56 -2.42 26.22
C LEU A 262 -29.20 -3.06 25.00
N GLU A 263 -30.06 -2.33 24.29
CA GLU A 263 -30.81 -2.92 23.19
C GLU A 263 -30.30 -2.43 21.83
N PRO A 264 -29.55 -3.22 21.06
CA PRO A 264 -29.11 -2.74 19.74
C PRO A 264 -30.23 -2.66 18.72
N LEU A 265 -29.88 -2.30 17.49
CA LEU A 265 -30.84 -2.06 16.43
C LEU A 265 -31.05 -3.26 15.52
N ARG A 266 -30.24 -4.30 15.67
CA ARG A 266 -30.30 -5.48 14.82
C ARG A 266 -31.09 -6.58 15.53
N ILE A 267 -32.17 -7.04 14.89
CA ILE A 267 -32.98 -8.11 15.47
C ILE A 267 -32.16 -9.39 15.57
N SER A 268 -31.54 -9.78 14.46
CA SER A 268 -30.64 -10.93 14.47
C SER A 268 -29.35 -10.57 15.17
N TRP A 269 -28.80 -11.54 15.92
CA TRP A 269 -27.49 -11.42 16.57
C TRP A 269 -27.37 -10.23 17.51
N SER A 270 -28.49 -9.81 18.10
CA SER A 270 -28.49 -8.74 19.10
C SER A 270 -27.64 -9.08 20.32
N GLY A 271 -27.40 -10.36 20.59
CA GLY A 271 -26.60 -10.77 21.72
C GLY A 271 -25.13 -10.88 21.39
N SER A 272 -24.72 -10.29 20.27
CA SER A 272 -23.30 -10.22 19.94
C SER A 272 -22.58 -9.29 20.91
N HIS A 273 -21.25 -9.34 20.88
CA HIS A 273 -20.45 -8.43 21.68
C HIS A 273 -20.66 -6.98 21.25
N LEU A 274 -20.10 -6.07 22.04
CA LEU A 274 -20.31 -4.66 21.82
C LEU A 274 -19.11 -4.01 21.14
N ARG A 275 -19.40 -3.12 20.21
CA ARG A 275 -18.42 -2.30 19.51
C ARG A 275 -18.56 -0.86 19.98
N TRP A 276 -17.44 -0.23 20.31
CA TRP A 276 -17.48 1.20 20.59
C TRP A 276 -17.93 1.91 19.32
N GLY A 277 -18.73 2.95 19.50
CA GLY A 277 -19.25 3.69 18.35
C GLY A 277 -20.23 2.95 17.47
N GLN A 278 -21.13 2.17 18.06
CA GLN A 278 -22.15 1.50 17.26
C GLN A 278 -23.51 1.78 17.87
N PRO A 279 -24.55 1.97 17.05
CA PRO A 279 -25.84 2.43 17.56
C PRO A 279 -26.52 1.37 18.41
N LEU A 280 -27.01 1.77 19.58
CA LEU A 280 -27.72 0.87 20.48
C LEU A 280 -28.51 1.68 21.51
N ARG A 281 -29.77 1.31 21.69
CA ARG A 281 -30.66 2.05 22.56
C ARG A 281 -30.38 1.70 24.01
N ILE A 282 -30.94 2.51 24.90
CA ILE A 282 -30.84 2.35 26.35
C ILE A 282 -32.24 2.26 26.92
N ARG A 283 -32.53 1.23 27.69
CA ARG A 283 -33.88 1.08 28.21
C ARG A 283 -33.88 0.78 29.70
N HIS A 284 -34.67 1.53 30.46
CA HIS A 284 -34.87 1.20 31.86
C HIS A 284 -35.95 0.13 31.97
N VAL A 285 -35.63 -0.95 32.68
CA VAL A 285 -36.47 -2.14 32.68
C VAL A 285 -37.83 -1.87 33.35
N THR A 286 -37.84 -1.16 34.48
CA THR A 286 -39.07 -0.98 35.25
C THR A 286 -40.05 -0.09 34.52
N THR A 287 -39.56 0.97 33.87
CA THR A 287 -40.46 1.83 33.11
C THR A 287 -40.71 1.31 31.71
N GLY A 288 -39.74 0.62 31.11
CA GLY A 288 -39.85 0.29 29.71
C GLY A 288 -39.84 1.53 28.84
N ARG A 289 -39.00 2.50 29.20
CA ARG A 289 -38.84 3.73 28.44
C ARG A 289 -37.39 3.84 27.96
N TYR A 290 -37.16 4.77 27.04
CA TYR A 290 -35.87 4.89 26.36
C TYR A 290 -35.27 6.28 26.54
N LEU A 291 -33.95 6.36 26.68
CA LEU A 291 -33.25 7.63 26.73
C LEU A 291 -33.44 8.40 25.41
N ALA A 292 -33.74 9.69 25.52
CA ALA A 292 -33.98 10.51 24.34
C ALA A 292 -33.66 11.98 24.56
N LEU A 293 -33.14 12.62 23.51
CA LEU A 293 -32.96 14.07 23.48
C LEU A 293 -34.31 14.67 23.09
N THR A 294 -35.06 15.14 24.08
CA THR A 294 -36.33 15.78 23.79
C THR A 294 -36.08 17.23 23.41
N GLU A 295 -37.15 17.99 23.19
CA GLU A 295 -37.02 19.36 22.73
C GLU A 295 -37.20 20.38 23.85
N ASP A 296 -38.06 20.12 24.83
CA ASP A 296 -38.32 21.11 25.87
C ASP A 296 -37.62 20.82 27.19
N GLN A 297 -37.30 19.56 27.48
CA GLN A 297 -36.65 19.19 28.74
C GLN A 297 -35.30 18.51 28.54
N GLY A 298 -34.65 18.71 27.39
CA GLY A 298 -33.30 18.23 27.18
C GLY A 298 -33.17 16.71 27.07
N LEU A 299 -32.55 16.08 28.07
CA LEU A 299 -32.34 14.63 28.09
C LEU A 299 -33.34 13.98 29.04
N VAL A 300 -34.30 13.22 28.49
CA VAL A 300 -35.35 12.58 29.27
C VAL A 300 -35.52 11.14 28.84
N VAL A 301 -36.52 10.44 29.39
CA VAL A 301 -36.94 9.14 28.89
C VAL A 301 -38.26 9.33 28.16
N VAL A 302 -38.38 8.68 27.01
CA VAL A 302 -39.56 8.77 26.17
C VAL A 302 -40.17 7.37 26.10
N ASP A 303 -41.47 7.33 25.86
CA ASP A 303 -42.16 6.08 25.62
C ASP A 303 -41.66 5.43 24.33
N ALA A 304 -41.71 4.09 24.30
CA ALA A 304 -41.29 3.33 23.12
C ALA A 304 -42.10 3.65 21.88
N CYS A 305 -43.31 4.20 22.04
CA CYS A 305 -44.12 4.62 20.90
C CYS A 305 -43.46 5.73 20.09
N LYS A 306 -42.58 6.52 20.72
CA LYS A 306 -41.96 7.66 20.07
C LYS A 306 -40.44 7.58 20.10
N ALA A 307 -39.88 6.39 20.24
CA ALA A 307 -38.43 6.19 20.17
C ALA A 307 -38.06 6.07 18.70
N HIS A 308 -37.93 7.23 18.07
CA HIS A 308 -37.78 7.39 16.62
C HIS A 308 -36.36 7.17 16.11
N THR A 309 -35.48 6.52 16.89
CA THR A 309 -34.14 6.05 16.53
C THR A 309 -33.14 7.21 16.36
N LYS A 310 -33.64 8.44 16.35
CA LYS A 310 -32.77 9.60 16.18
C LYS A 310 -32.32 10.12 17.55
N ALA A 311 -33.27 10.54 18.38
CA ALA A 311 -32.92 10.93 19.73
C ALA A 311 -32.61 9.73 20.63
N THR A 312 -32.96 8.52 20.21
CA THR A 312 -32.89 7.35 21.07
C THR A 312 -31.73 6.43 20.73
N SER A 313 -30.68 6.93 20.07
CA SER A 313 -29.52 6.12 19.75
C SER A 313 -28.30 6.65 20.47
N PHE A 314 -27.39 5.74 20.82
CA PHE A 314 -26.16 6.09 21.53
C PHE A 314 -25.03 5.19 21.06
N CYS A 315 -23.80 5.61 21.38
CA CYS A 315 -22.60 4.92 20.92
C CYS A 315 -21.52 4.98 22.00
N PHE A 316 -20.86 3.86 22.23
CA PHE A 316 -19.79 3.84 23.20
C PHE A 316 -18.48 4.34 22.60
N ARG A 317 -17.55 4.74 23.47
CA ARG A 317 -16.23 5.19 23.02
C ARG A 317 -15.28 5.14 24.20
N VAL A 318 -13.97 5.14 23.88
CA VAL A 318 -12.92 5.17 24.89
C VAL A 318 -12.33 6.58 25.05
N SER A 319 -12.66 7.51 24.15
CA SER A 319 -12.14 8.87 24.24
C SER A 319 -13.25 9.83 23.80
N LYS A 320 -12.86 11.08 23.56
CA LYS A 320 -13.79 12.13 23.14
C LYS A 320 -13.45 12.70 21.78
N GLU A 321 -12.54 12.07 21.04
CA GLU A 321 -12.07 12.60 19.76
C GLU A 321 -13.01 12.17 18.63
N LYS A 322 -13.18 13.06 17.66
CA LYS A 322 -14.04 12.79 16.51
C LYS A 322 -13.43 11.74 15.59
N LEU A 323 -14.22 10.75 15.21
CA LEU A 323 -13.75 9.71 14.30
C LEU A 323 -13.89 10.17 12.85
N PRO A 327 -18.88 3.77 11.24
CA PRO A 327 -18.68 2.58 12.07
C PRO A 327 -18.41 1.34 11.23
N LYS A 328 -18.20 0.20 11.89
CA LYS A 328 -18.00 -1.05 11.18
C LYS A 328 -19.34 -1.73 10.93
N ARG A 329 -19.39 -2.54 9.88
CA ARG A 329 -20.61 -3.21 9.49
C ARG A 329 -20.95 -4.35 10.44
N ASP A 330 -22.24 -4.58 10.63
CA ASP A 330 -22.70 -5.63 11.53
C ASP A 330 -22.31 -7.00 11.00
N VAL A 331 -21.82 -7.84 11.89
CA VAL A 331 -21.48 -9.23 11.58
C VAL A 331 -22.55 -10.16 12.15
N GLU A 332 -22.96 -11.14 11.36
CA GLU A 332 -23.90 -12.14 11.82
C GLU A 332 -23.20 -13.24 12.63
N GLY A 333 -22.42 -12.84 13.63
CA GLY A 333 -21.70 -13.75 14.50
C GLY A 333 -21.48 -13.13 15.85
N MET A 334 -20.74 -13.87 16.69
CA MET A 334 -20.49 -13.47 18.08
C MET A 334 -19.74 -12.15 18.16
N GLY A 335 -18.70 -11.98 17.35
CA GLY A 335 -17.95 -10.75 17.29
C GLY A 335 -16.72 -10.79 18.16
N PRO A 336 -15.93 -9.71 18.17
CA PRO A 336 -14.69 -9.71 18.93
C PRO A 336 -14.87 -9.12 20.31
N PRO A 337 -14.17 -9.64 21.32
CA PRO A 337 -14.37 -9.18 22.70
C PRO A 337 -13.71 -7.83 22.93
N GLU A 338 -14.50 -6.82 23.31
CA GLU A 338 -13.97 -5.50 23.58
C GLU A 338 -14.10 -5.05 25.03
N ILE A 339 -15.31 -4.94 25.56
CA ILE A 339 -15.55 -4.20 26.79
C ILE A 339 -15.40 -5.14 27.98
N LYS A 340 -14.88 -4.62 29.09
CA LYS A 340 -14.69 -5.33 30.34
C LYS A 340 -15.85 -5.06 31.28
N TYR A 341 -15.95 -5.88 32.32
CA TYR A 341 -16.85 -5.65 33.45
C TYR A 341 -16.01 -5.28 34.66
N GLY A 342 -16.29 -4.13 35.24
CA GLY A 342 -15.51 -3.62 36.36
C GLY A 342 -14.25 -2.88 35.96
N GLU A 343 -13.98 -2.75 34.67
CA GLU A 343 -12.86 -1.96 34.17
C GLU A 343 -13.36 -1.25 32.91
N SER A 344 -12.41 -0.74 32.11
CA SER A 344 -12.62 -0.27 30.74
C SER A 344 -13.68 0.84 30.69
N LEU A 345 -13.32 1.98 31.30
CA LEU A 345 -14.19 3.13 31.43
C LEU A 345 -14.70 3.59 30.06
N CYS A 346 -16.02 3.78 29.96
CA CYS A 346 -16.68 4.09 28.71
C CYS A 346 -17.17 5.52 28.67
N PHE A 347 -17.45 5.98 27.45
CA PHE A 347 -17.92 7.35 27.21
C PHE A 347 -19.04 7.27 26.18
N VAL A 348 -20.27 7.37 26.66
CA VAL A 348 -21.45 7.25 25.81
C VAL A 348 -21.61 8.57 25.05
N GLN A 349 -21.91 8.48 23.76
CA GLN A 349 -22.19 9.67 22.95
C GLN A 349 -23.49 9.49 22.20
N HIS A 350 -24.38 10.46 22.33
CA HIS A 350 -25.57 10.56 21.49
C HIS A 350 -25.10 10.90 20.09
N VAL A 351 -24.92 9.87 19.25
CA VAL A 351 -24.21 10.02 17.98
C VAL A 351 -24.97 10.93 17.01
N ALA A 352 -26.31 10.89 17.03
CA ALA A 352 -27.09 11.73 16.14
C ALA A 352 -26.91 13.21 16.44
N SER A 353 -26.88 13.57 17.72
CA SER A 353 -26.66 14.96 18.11
C SER A 353 -25.21 15.27 18.40
N GLY A 354 -24.36 14.25 18.58
CA GLY A 354 -22.95 14.44 18.84
C GLY A 354 -22.60 14.93 20.23
N LEU A 355 -23.58 15.19 21.09
CA LEU A 355 -23.32 15.74 22.41
C LEU A 355 -22.75 14.66 23.34
N TRP A 356 -22.58 15.01 24.62
CA TRP A 356 -22.09 14.06 25.61
C TRP A 356 -22.87 14.20 26.93
N LEU A 357 -23.21 13.08 27.54
CA LEU A 357 -23.94 13.12 28.81
C LEU A 357 -22.97 13.54 29.91
N THR A 358 -23.40 14.48 30.74
CA THR A 358 -22.56 15.03 31.82
C THR A 358 -23.47 15.67 32.86
N TYR A 359 -23.08 15.58 34.12
CA TYR A 359 -23.85 16.16 35.20
C TYR A 359 -23.86 17.68 35.12
N ALA A 360 -25.00 18.28 35.45
CA ALA A 360 -25.11 19.73 35.49
C ALA A 360 -24.42 20.25 36.74
N ALA A 361 -23.43 21.12 36.54
CA ALA A 361 -22.62 21.63 37.65
C ALA A 361 -23.39 22.41 38.73
N PRO A 362 -24.29 23.39 38.42
CA PRO A 362 -24.88 24.21 39.51
C PRO A 362 -25.66 23.41 40.53
N ASP A 363 -25.63 23.90 41.78
CA ASP A 363 -26.32 23.25 42.88
C ASP A 363 -27.16 24.28 43.65
N PRO A 364 -28.49 24.26 43.49
CA PRO A 364 -29.36 25.13 44.29
C PRO A 364 -29.35 24.91 45.80
N LYS A 365 -30.24 25.65 46.49
CA LYS A 365 -30.36 25.52 47.93
C LYS A 365 -30.86 24.13 48.33
N ALA A 366 -31.71 23.52 47.49
CA ALA A 366 -32.21 22.18 47.78
C ALA A 366 -31.06 21.17 47.87
N LEU A 367 -30.03 21.35 47.05
CA LEU A 367 -28.83 20.50 47.07
C LEU A 367 -27.67 21.14 47.83
N ARG A 368 -27.92 22.24 48.56
CA ARG A 368 -26.89 22.84 49.40
C ARG A 368 -26.45 21.88 50.52
N LEU A 369 -27.40 21.19 51.14
CA LEU A 369 -27.12 20.25 52.22
C LEU A 369 -27.77 18.89 52.04
N GLY A 370 -28.85 18.78 51.27
CA GLY A 370 -29.60 17.55 51.10
C GLY A 370 -28.91 16.45 50.32
N VAL A 371 -29.70 15.52 49.77
CA VAL A 371 -29.15 14.41 49.00
C VAL A 371 -28.41 14.95 47.78
N LEU A 372 -27.31 14.31 47.43
CA LEU A 372 -26.48 14.75 46.31
C LEU A 372 -26.83 13.92 45.08
N LYS A 373 -27.83 14.38 44.35
CA LYS A 373 -28.21 13.81 43.06
C LYS A 373 -27.89 14.82 41.96
N LYS A 374 -27.13 14.38 40.97
CA LYS A 374 -26.63 15.26 39.92
C LYS A 374 -27.49 15.06 38.67
N LYS A 375 -28.17 16.12 38.26
CA LYS A 375 -29.03 16.06 37.08
C LYS A 375 -28.15 16.03 35.85
N ALA A 376 -27.89 14.83 35.33
CA ALA A 376 -27.08 14.69 34.14
C ALA A 376 -27.80 15.30 32.95
N ILE A 377 -27.06 16.01 32.11
CA ILE A 377 -27.61 16.68 30.95
C ILE A 377 -26.72 16.39 29.76
N LEU A 378 -27.33 16.24 28.59
CA LEU A 378 -26.57 15.93 27.40
C LEU A 378 -25.79 17.17 26.97
N HIS A 379 -24.54 17.28 27.41
CA HIS A 379 -23.74 18.49 27.20
C HIS A 379 -23.03 18.45 25.85
N GLN A 380 -22.80 19.65 25.31
CA GLN A 380 -22.17 19.77 24.00
C GLN A 380 -20.72 19.30 23.99
N GLU A 381 -20.02 19.43 25.11
CA GLU A 381 -18.64 18.96 25.17
C GLU A 381 -18.39 18.16 26.44
N GLY A 382 -19.11 18.47 27.51
CA GLY A 382 -19.02 17.72 28.75
C GLY A 382 -17.74 17.93 29.55
N HIS A 383 -17.69 17.34 30.74
CA HIS A 383 -16.53 17.46 31.62
C HIS A 383 -15.59 16.28 31.37
N MET A 384 -14.65 16.07 32.28
CA MET A 384 -13.61 15.06 32.11
C MET A 384 -13.88 13.79 32.90
N ASP A 385 -14.40 13.90 34.12
CA ASP A 385 -14.52 12.76 35.01
C ASP A 385 -15.86 12.03 34.89
N ASP A 386 -16.56 12.15 33.76
CA ASP A 386 -17.82 11.45 33.56
C ASP A 386 -17.64 10.13 32.82
N ALA A 387 -16.49 9.48 32.98
CA ALA A 387 -16.33 8.09 32.59
C ALA A 387 -17.16 7.18 33.49
N LEU A 388 -17.65 6.08 32.94
CA LEU A 388 -18.62 5.23 33.62
C LEU A 388 -18.13 3.79 33.72
N PHE A 389 -18.42 3.15 34.84
CA PHE A 389 -18.22 1.71 34.97
C PHE A 389 -19.46 0.97 34.51
N LEU A 390 -19.29 -0.34 34.28
CA LEU A 390 -20.38 -1.24 33.95
C LEU A 390 -20.36 -2.40 34.94
N THR A 391 -21.47 -2.60 35.64
CA THR A 391 -21.52 -3.65 36.66
C THR A 391 -22.68 -4.58 36.38
N ARG A 392 -22.46 -5.87 36.59
CA ARG A 392 -23.47 -6.90 36.36
C ARG A 392 -24.33 -7.10 37.59
N CYS A 393 -25.64 -6.97 37.40
CA CYS A 393 -26.59 -7.41 38.39
C CYS A 393 -26.82 -8.91 38.19
N GLN A 394 -27.15 -9.58 39.29
CA GLN A 394 -27.41 -11.01 39.21
C GLN A 394 -28.69 -11.26 38.41
N GLN A 395 -28.71 -12.43 37.76
CA GLN A 395 -29.83 -12.88 36.94
C GLN A 395 -31.16 -12.79 37.68
N GLU A 396 -31.16 -13.12 38.98
CA GLU A 396 -32.40 -13.27 39.72
C GLU A 396 -33.16 -11.94 39.79
N GLU A 397 -32.49 -10.88 40.25
CA GLU A 397 -33.13 -9.57 40.31
C GLU A 397 -33.39 -9.00 38.92
N SER A 398 -32.49 -9.26 37.96
CA SER A 398 -32.78 -8.87 36.57
C SER A 398 -34.09 -9.48 36.05
N GLN A 399 -34.26 -10.78 36.27
CA GLN A 399 -35.53 -11.46 36.06
C GLN A 399 -36.67 -10.84 36.86
N ALA A 400 -36.41 -10.54 38.14
CA ALA A 400 -37.41 -9.97 39.04
C ALA A 400 -37.97 -8.66 38.51
N ALA A 401 -37.08 -7.77 38.03
CA ALA A 401 -37.43 -6.40 37.64
C ALA A 401 -38.55 -6.36 36.62
N ARG A 402 -38.50 -7.26 35.62
CA ARG A 402 -39.44 -7.24 34.50
C ARG A 402 -40.87 -7.47 34.98
N MET A 403 -41.04 -8.32 36.01
CA MET A 403 -42.38 -8.54 36.55
C MET A 403 -43.00 -7.26 37.07
N ILE A 404 -42.22 -6.40 37.74
CA ILE A 404 -42.77 -5.14 38.26
C ILE A 404 -43.42 -4.33 37.14
N HIS A 405 -42.68 -4.18 36.03
CA HIS A 405 -43.21 -3.49 34.85
C HIS A 405 -44.42 -4.18 34.24
N SER A 406 -44.40 -5.51 34.14
CA SER A 406 -45.56 -6.21 33.61
C SER A 406 -46.76 -6.13 34.55
N THR A 407 -46.53 -6.39 35.83
CA THR A 407 -47.56 -6.53 36.84
C THR A 407 -48.25 -5.20 37.10
N ALA A 408 -47.46 -4.12 37.25
CA ALA A 408 -47.99 -2.82 37.65
C ALA A 408 -48.99 -2.31 36.62
N GLY A 409 -48.66 -2.44 35.33
CA GLY A 409 -49.58 -1.99 34.30
C GLY A 409 -50.89 -2.74 34.35
N LEU A 410 -50.82 -4.04 34.71
CA LEU A 410 -52.01 -4.88 34.87
C LEU A 410 -52.93 -4.30 35.93
N TYR A 411 -52.37 -3.98 37.11
CA TYR A 411 -53.22 -3.37 38.13
C TYR A 411 -53.63 -1.95 37.77
N ASN A 412 -52.76 -1.20 37.08
CA ASN A 412 -53.14 0.13 36.57
C ASN A 412 -54.42 0.06 35.73
N GLN A 413 -54.49 -0.93 34.84
CA GLN A 413 -55.71 -1.25 34.11
C GLN A 413 -56.81 -1.69 35.06
N PHE A 414 -56.47 -2.50 36.08
CA PHE A 414 -57.50 -3.02 36.98
C PHE A 414 -58.15 -1.89 37.76
N ILE A 415 -57.34 -1.02 38.36
CA ILE A 415 -57.81 0.12 39.15
C ILE A 415 -58.65 1.04 38.28
N LYS A 416 -58.16 1.34 37.06
CA LYS A 416 -58.94 2.14 36.11
C LYS A 416 -60.30 1.51 35.85
N GLY A 417 -60.35 0.17 35.79
CA GLY A 417 -61.64 -0.48 35.67
C GLY A 417 -62.48 -0.29 36.93
N LEU A 418 -61.85 -0.40 38.10
CA LEU A 418 -62.57 -0.38 39.37
C LEU A 418 -63.25 0.98 39.57
N ASP A 419 -62.47 2.06 39.46
CA ASP A 419 -63.07 3.36 39.68
C ASP A 419 -64.00 3.74 38.53
N SER A 420 -63.85 3.10 37.34
CA SER A 420 -64.77 3.37 36.24
C SER A 420 -66.20 2.99 36.63
N PHE A 421 -66.38 1.83 37.28
CA PHE A 421 -67.68 1.42 37.76
C PHE A 421 -67.86 1.63 39.27
N SER A 422 -67.04 2.49 39.88
CA SER A 422 -67.15 2.77 41.32
C SER A 422 -68.56 3.23 41.70
N GLY A 423 -69.10 4.19 40.96
CA GLY A 423 -70.51 4.50 41.02
C GLY A 423 -71.24 3.77 39.92
N LYS A 424 -72.32 4.41 39.41
CA LYS A 424 -73.09 3.97 38.24
C LYS A 424 -73.56 2.52 38.37
N PRO A 425 -74.57 2.24 39.21
CA PRO A 425 -75.09 0.86 39.29
C PRO A 425 -75.57 0.33 37.95
N ARG A 426 -75.10 -0.88 37.61
CA ARG A 426 -75.50 -1.54 36.38
C ARG A 426 -76.99 -1.88 36.40
N GLY A 427 -77.50 -2.30 37.55
CA GLY A 427 -78.89 -2.70 37.65
C GLY A 427 -79.07 -4.07 37.02
N SER A 428 -79.73 -4.12 35.87
CA SER A 428 -79.88 -5.35 35.10
C SER A 428 -79.28 -5.24 33.71
N GLY A 429 -78.60 -4.14 33.39
CA GLY A 429 -78.13 -3.90 32.05
C GLY A 429 -76.68 -4.31 31.82
N PRO A 430 -75.99 -3.57 30.96
CA PRO A 430 -74.62 -3.96 30.59
C PRO A 430 -73.60 -3.32 31.53
N PRO A 431 -72.37 -3.84 31.57
CA PRO A 431 -71.31 -3.22 32.39
C PRO A 431 -70.96 -1.80 31.97
N ALA A 432 -70.09 -1.20 32.78
CA ALA A 432 -69.64 0.18 32.55
C ALA A 432 -68.91 0.32 31.22
N GLY A 433 -67.77 -0.34 31.08
CA GLY A 433 -66.99 -0.24 29.87
C GLY A 433 -66.28 -1.52 29.50
N PRO A 434 -64.98 -1.42 29.19
CA PRO A 434 -64.21 -2.62 28.82
C PRO A 434 -64.07 -3.58 29.98
N ALA A 435 -64.01 -4.87 29.65
CA ALA A 435 -63.90 -5.90 30.68
C ALA A 435 -62.53 -5.86 31.34
N LEU A 436 -62.49 -6.25 32.59
CA LEU A 436 -61.27 -6.24 33.38
C LEU A 436 -60.53 -7.57 33.26
N PRO A 437 -59.19 -7.54 33.12
CA PRO A 437 -58.43 -8.80 33.01
C PRO A 437 -58.40 -9.58 34.33
N ILE A 438 -59.57 -10.07 34.76
CA ILE A 438 -59.72 -10.74 36.04
C ILE A 438 -58.90 -12.02 36.07
N GLU A 439 -59.03 -12.85 35.04
CA GLU A 439 -58.39 -14.17 35.03
C GLU A 439 -56.88 -14.03 35.00
N ALA A 440 -56.38 -13.09 34.18
CA ALA A 440 -54.95 -12.78 34.15
C ALA A 440 -54.46 -12.27 35.51
N VAL A 441 -55.25 -11.41 36.17
CA VAL A 441 -54.92 -10.96 37.52
C VAL A 441 -54.87 -12.13 38.50
N ILE A 442 -55.87 -13.01 38.44
CA ILE A 442 -55.94 -14.21 39.28
C ILE A 442 -54.69 -15.08 39.09
N LEU A 443 -54.29 -15.28 37.84
CA LEU A 443 -53.07 -16.03 37.53
C LEU A 443 -51.85 -15.30 38.08
N SER A 444 -51.83 -13.96 37.96
CA SER A 444 -50.69 -13.16 38.38
C SER A 444 -50.47 -13.31 39.88
N LEU A 445 -51.54 -13.10 40.65
CA LEU A 445 -51.48 -13.22 42.11
C LEU A 445 -51.03 -14.61 42.52
N GLN A 446 -51.63 -15.66 41.92
CA GLN A 446 -51.21 -17.03 42.21
C GLN A 446 -49.73 -17.26 41.88
N ASP A 447 -49.21 -16.61 40.84
CA ASP A 447 -47.78 -16.68 40.56
C ASP A 447 -46.95 -15.97 41.61
N LEU A 448 -47.33 -14.75 42.00
CA LEU A 448 -46.55 -13.98 42.98
C LEU A 448 -46.53 -14.65 44.35
N ILE A 449 -47.67 -15.18 44.81
CA ILE A 449 -47.74 -15.80 46.13
C ILE A 449 -46.72 -16.94 46.24
N GLY A 450 -46.70 -17.80 45.21
CA GLY A 450 -45.66 -18.82 45.14
C GLY A 450 -44.28 -18.22 45.01
N TYR A 451 -44.18 -17.10 44.28
CA TYR A 451 -42.89 -16.44 44.10
C TYR A 451 -42.37 -15.86 45.42
N PHE A 452 -43.26 -15.68 46.40
CA PHE A 452 -42.89 -15.14 47.69
C PHE A 452 -43.04 -16.14 48.83
N GLU A 453 -43.18 -17.43 48.53
CA GLU A 453 -43.39 -18.43 49.59
C GLU A 453 -42.13 -18.58 50.43
N PRO A 454 -42.23 -18.45 51.75
CA PRO A 454 -41.04 -18.63 52.60
C PRO A 454 -40.52 -20.05 52.51
N PRO A 455 -39.21 -20.24 52.66
CA PRO A 455 -38.64 -21.58 52.54
C PRO A 455 -39.09 -22.52 53.66
N SER A 456 -39.13 -23.80 53.32
CA SER A 456 -39.60 -24.82 54.26
C SER A 456 -38.52 -25.16 55.27
N GLU A 457 -38.97 -25.47 56.49
CA GLU A 457 -38.05 -25.66 57.61
C GLU A 457 -37.23 -26.94 57.49
N GLU A 458 -37.69 -27.92 56.70
CA GLU A 458 -36.96 -29.18 56.54
C GLU A 458 -35.61 -29.01 55.85
N LEU A 459 -35.41 -27.90 55.15
CA LEU A 459 -34.18 -27.62 54.42
C LEU A 459 -33.00 -27.47 55.39
N GLN A 460 -31.80 -27.63 54.84
CA GLN A 460 -30.58 -27.36 55.60
C GLN A 460 -30.55 -25.88 55.99
N HIS A 461 -29.86 -25.60 57.11
CA HIS A 461 -29.80 -24.25 57.69
C HIS A 461 -29.33 -23.19 56.70
N GLU A 462 -28.07 -23.30 56.26
CA GLU A 462 -27.44 -22.36 55.32
C GLU A 462 -28.28 -22.16 54.05
N GLU A 463 -28.88 -23.24 53.55
CA GLU A 463 -29.77 -23.16 52.41
C GLU A 463 -30.99 -22.28 52.71
N LYS A 464 -31.61 -22.49 53.88
CA LYS A 464 -32.70 -21.62 54.31
C LYS A 464 -32.24 -20.17 54.41
N GLN A 465 -31.05 -19.94 54.98
CA GLN A 465 -30.54 -18.58 55.14
C GLN A 465 -30.39 -17.92 53.78
N SER A 466 -29.88 -18.67 52.79
CA SER A 466 -29.69 -18.14 51.45
C SER A 466 -31.02 -17.74 50.85
N LYS A 467 -32.05 -18.59 51.06
CA LYS A 467 -33.34 -18.27 50.48
C LYS A 467 -33.92 -17.04 51.15
N LEU A 468 -33.62 -16.85 52.45
CA LEU A 468 -34.00 -15.59 53.09
C LEU A 468 -33.28 -14.41 52.44
N ARG A 469 -31.99 -14.56 52.11
CA ARG A 469 -31.21 -13.48 51.48
C ARG A 469 -31.89 -12.97 50.22
N SER A 470 -32.30 -13.93 49.37
CA SER A 470 -33.07 -13.59 48.17
C SER A 470 -34.43 -12.99 48.53
N LEU A 471 -35.17 -13.63 49.44
CA LEU A 471 -36.53 -13.20 49.77
C LEU A 471 -36.57 -11.78 50.33
N ARG A 472 -35.63 -11.48 51.23
CA ARG A 472 -35.45 -10.12 51.77
C ARG A 472 -35.15 -9.15 50.65
N ASN A 473 -34.26 -9.51 49.71
CA ASN A 473 -33.93 -8.60 48.63
C ASN A 473 -35.17 -8.33 47.77
N ARG A 474 -35.94 -9.39 47.48
CA ARG A 474 -37.11 -9.29 46.60
C ARG A 474 -38.14 -8.34 47.16
N GLN A 475 -38.47 -8.52 48.45
CA GLN A 475 -39.58 -7.78 49.05
C GLN A 475 -39.26 -6.30 49.05
N SER A 476 -38.02 -5.95 49.44
CA SER A 476 -37.60 -4.56 49.48
C SER A 476 -37.65 -3.96 48.08
N LEU A 477 -37.25 -4.74 47.07
CA LEU A 477 -37.31 -4.24 45.69
C LEU A 477 -38.73 -3.89 45.27
N PHE A 478 -39.68 -4.77 45.59
CA PHE A 478 -41.08 -4.52 45.24
C PHE A 478 -41.65 -3.31 45.97
N GLN A 479 -41.31 -3.16 47.26
CA GLN A 479 -41.71 -1.96 47.98
C GLN A 479 -41.08 -0.71 47.38
N GLU A 480 -39.79 -0.77 47.08
CA GLU A 480 -39.09 0.38 46.51
C GLU A 480 -39.62 0.72 45.12
N GLU A 481 -40.26 -0.24 44.45
CA GLU A 481 -40.99 0.04 43.24
C GLU A 481 -42.45 0.37 43.50
N GLY A 482 -42.85 0.47 44.76
CA GLY A 482 -44.21 0.87 45.07
C GLY A 482 -45.30 -0.16 44.91
N MET A 483 -44.95 -1.45 44.82
CA MET A 483 -45.95 -2.50 44.67
C MET A 483 -46.88 -2.57 45.89
N LEU A 484 -46.34 -2.35 47.08
CA LEU A 484 -47.17 -2.22 48.27
C LEU A 484 -48.17 -1.09 48.16
N SER A 485 -47.75 0.08 47.65
CA SER A 485 -48.69 1.16 47.39
C SER A 485 -49.77 0.75 46.39
N LEU A 486 -49.39 -0.05 45.40
CA LEU A 486 -50.34 -0.54 44.41
C LEU A 486 -51.37 -1.46 45.07
N VAL A 487 -50.88 -2.45 45.83
CA VAL A 487 -51.79 -3.45 46.35
C VAL A 487 -52.72 -2.81 47.38
N LEU A 488 -52.19 -1.90 48.22
CA LEU A 488 -53.05 -1.16 49.14
C LEU A 488 -54.14 -0.40 48.40
N ASN A 489 -53.83 0.14 47.19
CA ASN A 489 -54.89 0.75 46.40
C ASN A 489 -55.88 -0.31 45.94
N CYS A 490 -55.39 -1.53 45.66
CA CYS A 490 -56.27 -2.59 45.19
C CYS A 490 -57.30 -2.95 46.26
N ILE A 491 -56.82 -3.18 47.50
CA ILE A 491 -57.75 -3.54 48.58
C ILE A 491 -58.71 -2.37 48.83
N ASP A 492 -58.20 -1.13 48.75
CA ASP A 492 -59.03 0.05 49.00
C ASP A 492 -60.21 0.10 48.04
N ARG A 493 -59.93 -0.03 46.73
CA ARG A 493 -60.99 -0.04 45.72
C ARG A 493 -61.91 -1.25 45.83
N LEU A 494 -61.36 -2.42 46.15
CA LEU A 494 -62.19 -3.61 46.35
C LEU A 494 -63.09 -3.52 47.58
N ASN A 495 -62.68 -2.80 48.61
CA ASN A 495 -63.40 -2.83 49.88
C ASN A 495 -64.72 -2.09 49.88
N VAL A 496 -65.02 -1.29 48.86
CA VAL A 496 -66.21 -0.45 48.86
C VAL A 496 -67.49 -1.27 48.67
N TYR A 497 -67.36 -2.57 48.50
CA TYR A 497 -68.48 -3.48 48.37
C TYR A 497 -68.51 -4.39 49.59
N THR A 498 -69.63 -4.39 50.30
CA THR A 498 -69.78 -5.25 51.47
C THR A 498 -70.00 -6.71 51.10
N THR A 499 -70.83 -6.98 50.11
CA THR A 499 -71.15 -8.34 49.72
C THR A 499 -71.03 -8.46 48.20
N ALA A 500 -70.90 -9.72 47.75
CA ALA A 500 -70.64 -10.00 46.35
C ALA A 500 -71.77 -9.51 45.44
N ALA A 501 -73.03 -9.74 45.82
CA ALA A 501 -74.16 -9.23 45.04
C ALA A 501 -74.15 -7.71 44.93
N HIS A 502 -73.80 -7.02 46.03
CA HIS A 502 -73.59 -5.57 45.99
C HIS A 502 -72.48 -5.20 45.04
N PHE A 503 -71.39 -5.98 45.02
CA PHE A 503 -70.32 -5.74 44.07
C PHE A 503 -70.85 -5.93 42.65
N ALA A 504 -71.64 -6.99 42.43
CA ALA A 504 -72.15 -7.35 41.12
C ALA A 504 -73.06 -6.26 40.56
N GLU A 505 -73.67 -5.45 41.44
CA GLU A 505 -74.59 -4.42 40.97
C GLU A 505 -73.91 -3.35 40.13
N TYR A 506 -72.58 -3.25 40.18
CA TYR A 506 -71.84 -2.19 39.53
C TYR A 506 -70.85 -2.69 38.49
N ALA A 507 -70.30 -3.89 38.68
CA ALA A 507 -69.39 -4.48 37.70
C ALA A 507 -70.09 -5.49 36.81
N GLY A 508 -70.66 -6.52 37.39
CA GLY A 508 -71.31 -7.57 36.63
C GLY A 508 -71.35 -8.91 37.35
N GLU A 509 -72.38 -9.69 37.01
CA GLU A 509 -72.59 -10.99 37.64
C GLU A 509 -71.43 -11.92 37.36
N GLU A 510 -70.95 -11.91 36.12
CA GLU A 510 -69.85 -12.78 35.70
C GLU A 510 -68.57 -12.46 36.47
N ALA A 511 -68.40 -11.20 36.87
CA ALA A 511 -67.25 -10.78 37.65
C ALA A 511 -67.46 -10.96 39.15
N ALA A 512 -68.68 -11.25 39.58
CA ALA A 512 -68.97 -11.30 41.02
C ALA A 512 -68.31 -12.47 41.73
N GLU A 513 -68.15 -13.61 41.07
CA GLU A 513 -67.63 -14.83 41.71
C GLU A 513 -66.19 -14.65 42.19
N SER A 514 -65.34 -14.04 41.38
CA SER A 514 -63.93 -13.88 41.67
C SER A 514 -63.62 -12.95 42.84
N TRP A 515 -64.59 -12.19 43.33
CA TRP A 515 -64.36 -11.11 44.30
C TRP A 515 -63.77 -11.61 45.62
N LYS A 516 -64.33 -12.69 46.17
CA LYS A 516 -63.80 -13.22 47.42
C LYS A 516 -62.44 -13.85 47.19
N GLU A 517 -62.23 -14.46 46.01
CA GLU A 517 -60.97 -15.10 45.71
C GLU A 517 -59.88 -14.05 45.67
N ILE A 518 -60.11 -12.96 44.92
CA ILE A 518 -59.07 -11.98 44.68
C ILE A 518 -58.71 -11.30 46.00
N VAL A 519 -59.71 -10.96 46.85
CA VAL A 519 -59.36 -10.30 48.10
C VAL A 519 -58.56 -11.24 49.02
N ASN A 520 -58.88 -12.55 49.00
CA ASN A 520 -58.05 -13.51 49.74
C ASN A 520 -56.63 -13.56 49.20
N LEU A 521 -56.48 -13.51 47.86
CA LEU A 521 -55.15 -13.51 47.28
C LEU A 521 -54.39 -12.26 47.69
N LEU A 522 -55.08 -11.11 47.69
CA LEU A 522 -54.43 -9.83 47.97
C LEU A 522 -53.83 -9.84 49.38
N TYR A 523 -54.65 -10.21 50.37
CA TYR A 523 -54.15 -10.30 51.74
C TYR A 523 -53.03 -11.34 51.89
N GLU A 524 -53.15 -12.49 51.22
CA GLU A 524 -52.08 -13.49 51.23
C GLU A 524 -50.78 -12.93 50.64
N LEU A 525 -50.87 -12.21 49.52
CA LEU A 525 -49.72 -11.57 48.90
C LEU A 525 -49.11 -10.53 49.83
N LEU A 526 -49.96 -9.70 50.45
CA LEU A 526 -49.47 -8.69 51.38
C LEU A 526 -48.76 -9.34 52.56
N ALA A 527 -49.31 -10.42 53.10
CA ALA A 527 -48.69 -11.12 54.22
C ALA A 527 -47.31 -11.64 53.83
N SER A 528 -47.21 -12.21 52.63
CA SER A 528 -45.91 -12.63 52.10
C SER A 528 -44.98 -11.44 51.93
N LEU A 529 -45.54 -10.30 51.50
CA LEU A 529 -44.74 -9.10 51.22
C LEU A 529 -44.11 -8.55 52.50
N ILE A 530 -44.86 -8.54 53.59
CA ILE A 530 -44.39 -7.89 54.80
C ILE A 530 -43.54 -8.85 55.62
N ARG A 531 -43.82 -10.16 55.51
CA ARG A 531 -43.22 -11.19 56.36
C ARG A 531 -41.68 -11.19 56.36
N GLY A 532 -41.10 -10.84 57.50
CA GLY A 532 -39.69 -10.97 57.75
C GLY A 532 -38.89 -9.69 57.62
N ASN A 533 -39.42 -8.66 56.97
CA ASN A 533 -38.70 -7.42 56.74
C ASN A 533 -39.11 -6.35 57.74
N ARG A 534 -38.16 -5.95 58.59
CA ARG A 534 -38.39 -4.85 59.52
C ARG A 534 -38.70 -3.55 58.79
N ALA A 535 -37.90 -3.23 57.76
CA ALA A 535 -38.04 -1.96 57.05
C ALA A 535 -39.38 -1.89 56.30
N ASN A 536 -39.71 -2.94 55.55
CA ASN A 536 -41.01 -2.99 54.88
C ASN A 536 -42.14 -2.99 55.90
N CYS A 537 -41.89 -3.66 57.03
CA CYS A 537 -42.86 -3.77 58.11
C CYS A 537 -43.21 -2.42 58.70
N ALA A 538 -42.20 -1.56 58.86
CA ALA A 538 -42.35 -0.27 59.53
C ALA A 538 -43.34 0.67 58.85
N LEU A 539 -43.64 0.44 57.56
CA LEU A 539 -44.46 1.36 56.76
C LEU A 539 -45.89 1.50 57.27
N PHE A 540 -46.36 0.57 58.09
CA PHE A 540 -47.74 0.61 58.55
C PHE A 540 -47.96 1.50 59.76
N SER A 541 -46.88 2.08 60.30
CA SER A 541 -47.01 3.00 61.43
C SER A 541 -47.82 4.24 61.06
N THR A 542 -47.72 4.68 59.80
CA THR A 542 -48.44 5.86 59.35
C THR A 542 -49.93 5.60 59.18
N ASN A 543 -50.31 4.37 58.84
CA ASN A 543 -51.67 4.03 58.48
C ASN A 543 -52.13 2.76 59.18
N LEU A 544 -51.79 2.64 60.47
CA LEU A 544 -52.17 1.46 61.25
C LEU A 544 -53.68 1.34 61.36
N ASP A 545 -54.36 2.48 61.51
CA ASP A 545 -55.81 2.53 61.60
C ASP A 545 -56.51 1.89 60.40
N TRP A 546 -55.87 1.93 59.22
CA TRP A 546 -56.46 1.44 57.98
C TRP A 546 -56.80 -0.05 58.06
N VAL A 547 -55.84 -0.89 58.49
CA VAL A 547 -56.09 -2.32 58.65
C VAL A 547 -57.10 -2.59 59.77
N VAL A 548 -57.04 -1.79 60.85
CA VAL A 548 -58.00 -1.92 61.93
C VAL A 548 -59.40 -1.60 61.42
N SER A 549 -59.52 -0.64 60.49
CA SER A 549 -60.82 -0.35 59.91
C SER A 549 -61.39 -1.55 59.14
N LYS A 550 -60.55 -2.50 58.73
CA LYS A 550 -60.98 -3.63 57.92
C LYS A 550 -61.02 -4.94 58.68
N LEU A 551 -60.58 -4.97 59.94
CA LEU A 551 -60.61 -6.23 60.71
C LEU A 551 -62.02 -6.77 60.91
N ASP A 552 -63.04 -5.91 60.84
CA ASP A 552 -64.43 -6.31 61.00
C ASP A 552 -65.00 -7.02 59.79
N ARG A 553 -64.34 -6.94 58.63
CA ARG A 553 -64.84 -7.57 57.42
C ARG A 553 -64.78 -9.09 57.53
N LEU A 554 -65.74 -9.75 56.88
CA LEU A 554 -65.90 -11.19 57.00
C LEU A 554 -65.37 -12.00 55.83
N GLU A 555 -65.42 -11.47 54.61
CA GLU A 555 -65.11 -12.25 53.41
C GLU A 555 -63.66 -12.76 53.41
N ALA A 556 -62.71 -11.91 53.80
CA ALA A 556 -61.30 -12.28 53.93
C ALA A 556 -60.83 -11.78 55.30
N SER A 557 -61.06 -12.57 56.34
CA SER A 557 -60.66 -12.22 57.69
C SER A 557 -59.47 -13.00 58.22
N SER A 558 -59.36 -14.29 57.86
CA SER A 558 -58.22 -15.10 58.27
C SER A 558 -56.92 -14.54 57.72
N GLY A 559 -56.94 -14.12 56.45
CA GLY A 559 -55.72 -13.58 55.86
C GLY A 559 -55.32 -12.27 56.51
N ILE A 560 -56.28 -11.36 56.72
CA ILE A 560 -55.95 -10.04 57.23
C ILE A 560 -55.45 -10.16 58.67
N LEU A 561 -56.03 -11.10 59.43
CA LEU A 561 -55.52 -11.38 60.78
C LEU A 561 -54.10 -11.91 60.74
N GLU A 562 -53.79 -12.77 59.77
CA GLU A 562 -52.40 -13.19 59.57
C GLU A 562 -51.48 -12.02 59.22
N VAL A 563 -51.97 -11.08 58.40
CA VAL A 563 -51.24 -9.86 58.04
C VAL A 563 -50.92 -9.06 59.29
N LEU A 564 -51.93 -8.85 60.14
CA LEU A 564 -51.74 -8.14 61.39
C LEU A 564 -50.76 -8.86 62.30
N TYR A 565 -50.86 -10.20 62.34
CA TYR A 565 -49.91 -10.99 63.12
C TYR A 565 -48.49 -10.74 62.65
N CYS A 566 -48.29 -10.69 61.33
CA CYS A 566 -46.96 -10.51 60.76
C CYS A 566 -46.41 -9.11 61.07
N VAL A 567 -47.27 -8.08 61.01
CA VAL A 567 -46.75 -6.74 61.25
C VAL A 567 -46.42 -6.54 62.74
N LEU A 568 -47.30 -7.02 63.63
CA LEU A 568 -47.05 -6.87 65.07
C LEU A 568 -45.89 -7.73 65.55
N ILE A 569 -45.68 -8.92 64.99
CA ILE A 569 -44.64 -9.81 65.49
C ILE A 569 -43.24 -9.26 65.18
N GLU A 570 -43.16 -8.22 64.36
CA GLU A 570 -41.91 -7.70 63.82
C GLU A 570 -41.62 -6.27 64.22
N SER A 571 -42.58 -5.33 64.07
CA SER A 571 -42.25 -3.92 64.27
C SER A 571 -42.67 -3.40 65.64
N PRO A 572 -41.72 -3.15 66.56
CA PRO A 572 -42.09 -2.67 67.91
C PRO A 572 -42.80 -1.31 67.93
N GLU A 573 -42.41 -0.43 67.01
CA GLU A 573 -42.96 0.93 67.01
C GLU A 573 -44.45 0.92 66.72
N VAL A 574 -44.95 -0.09 65.99
CA VAL A 574 -46.39 -0.22 65.76
C VAL A 574 -47.10 -0.41 67.10
N LEU A 575 -46.47 -1.19 67.99
CA LEU A 575 -46.99 -1.33 69.35
C LEU A 575 -46.98 0.02 70.04
N ASN A 576 -45.92 0.80 69.83
CA ASN A 576 -45.91 2.16 70.40
C ASN A 576 -46.99 3.07 69.78
N ILE A 577 -47.55 2.71 68.62
CA ILE A 577 -48.63 3.48 68.02
C ILE A 577 -50.00 2.99 68.50
N ILE A 578 -50.05 1.80 69.12
CA ILE A 578 -51.34 1.21 69.52
C ILE A 578 -52.03 2.09 70.56
N GLN A 579 -53.34 2.29 70.36
CA GLN A 579 -54.20 3.06 71.25
C GLN A 579 -55.42 2.17 71.56
N GLU A 580 -56.16 2.55 72.61
CA GLU A 580 -57.24 1.75 73.20
C GLU A 580 -58.28 1.26 72.19
N ASN A 581 -58.62 2.07 71.18
CA ASN A 581 -59.61 1.69 70.17
C ASN A 581 -59.21 0.41 69.44
N HIS A 582 -57.89 0.27 69.17
CA HIS A 582 -57.35 -0.92 68.55
C HIS A 582 -57.66 -2.14 69.41
N ILE A 583 -57.28 -2.07 70.69
CA ILE A 583 -57.43 -3.21 71.60
C ILE A 583 -58.90 -3.58 71.72
N LYS A 584 -59.79 -2.57 71.73
CA LYS A 584 -61.23 -2.84 71.66
C LYS A 584 -61.64 -3.53 70.37
N SER A 585 -60.87 -3.34 69.30
CA SER A 585 -61.24 -3.98 68.03
C SER A 585 -60.79 -5.44 68.04
N ILE A 586 -59.54 -5.71 68.47
CA ILE A 586 -59.08 -7.09 68.55
C ILE A 586 -59.96 -7.88 69.53
N ILE A 587 -60.24 -7.31 70.73
CA ILE A 587 -61.03 -8.07 71.70
C ILE A 587 -62.43 -8.33 71.12
N SER A 588 -62.96 -7.38 70.30
CA SER A 588 -64.25 -7.62 69.67
C SER A 588 -64.15 -8.79 68.72
N LEU A 589 -62.98 -8.96 68.07
CA LEU A 589 -62.81 -10.09 67.16
C LEU A 589 -62.96 -11.40 67.91
N LEU A 590 -62.32 -11.50 69.08
CA LEU A 590 -62.44 -12.70 69.91
C LEU A 590 -63.89 -12.95 70.32
N ASP A 591 -64.64 -11.89 70.61
CA ASP A 591 -66.05 -12.04 70.94
C ASP A 591 -66.93 -12.38 69.72
N LYS A 592 -66.50 -12.02 68.51
CA LYS A 592 -67.31 -12.24 67.31
C LYS A 592 -66.91 -13.46 66.50
N HIS A 593 -65.67 -13.90 66.55
CA HIS A 593 -65.16 -14.96 65.71
C HIS A 593 -64.86 -16.24 66.48
N GLY A 594 -65.53 -16.44 67.61
CA GLY A 594 -65.30 -17.65 68.38
C GLY A 594 -63.95 -17.66 69.07
N ARG A 595 -63.60 -18.84 69.58
CA ARG A 595 -62.37 -19.02 70.35
C ARG A 595 -61.20 -19.35 69.43
N ASN A 596 -60.95 -18.44 68.50
CA ASN A 596 -59.84 -18.51 67.54
C ASN A 596 -58.55 -18.25 68.30
N HIS A 597 -57.77 -19.30 68.54
CA HIS A 597 -56.57 -19.23 69.37
C HIS A 597 -55.51 -18.29 68.81
N LYS A 598 -55.54 -18.01 67.50
CA LYS A 598 -54.60 -17.10 66.87
C LYS A 598 -54.67 -15.69 67.48
N VAL A 599 -55.89 -15.25 67.81
CA VAL A 599 -56.11 -13.92 68.37
C VAL A 599 -55.34 -13.77 69.67
N LEU A 600 -55.22 -14.87 70.43
CA LEU A 600 -54.43 -14.85 71.65
C LEU A 600 -52.97 -14.54 71.32
N ASP A 601 -52.44 -15.17 70.27
CA ASP A 601 -51.07 -14.92 69.84
C ASP A 601 -50.87 -13.48 69.38
N VAL A 602 -51.93 -12.88 68.83
CA VAL A 602 -51.91 -11.45 68.52
C VAL A 602 -51.75 -10.62 69.78
N LEU A 603 -52.53 -10.97 70.82
CA LEU A 603 -52.41 -10.28 72.11
C LEU A 603 -51.02 -10.51 72.71
N CYS A 604 -50.51 -11.74 72.63
CA CYS A 604 -49.19 -12.06 73.16
C CYS A 604 -48.12 -11.25 72.44
N SER A 605 -48.32 -11.00 71.13
CA SER A 605 -47.37 -10.17 70.42
C SER A 605 -47.52 -8.72 70.86
N LEU A 606 -48.73 -8.35 71.32
CA LEU A 606 -48.93 -6.97 71.76
C LEU A 606 -48.21 -6.71 73.06
N CYS A 607 -48.06 -7.76 73.89
CA CYS A 607 -47.45 -7.56 75.19
C CYS A 607 -45.98 -7.21 75.06
N VAL A 608 -45.18 -8.14 74.53
CA VAL A 608 -43.74 -7.98 74.42
C VAL A 608 -43.35 -8.08 72.95
N CYS A 609 -42.41 -7.22 72.53
CA CYS A 609 -41.91 -7.22 71.16
C CYS A 609 -40.39 -7.14 71.23
N ASN A 610 -39.71 -8.14 70.68
CA ASN A 610 -38.24 -8.23 70.63
C ASN A 610 -37.59 -8.16 72.03
N GLY A 611 -38.34 -8.51 73.07
CA GLY A 611 -37.81 -8.55 74.41
C GLY A 611 -37.95 -7.28 75.24
N VAL A 612 -38.82 -6.36 74.86
CA VAL A 612 -39.09 -5.16 75.65
C VAL A 612 -40.57 -5.16 76.02
N ALA A 613 -40.87 -4.89 77.28
CA ALA A 613 -42.25 -4.82 77.73
C ALA A 613 -42.89 -3.49 77.35
N VAL A 614 -44.17 -3.55 76.99
CA VAL A 614 -44.93 -2.36 76.65
C VAL A 614 -46.04 -2.22 77.68
N ARG A 615 -45.74 -1.51 78.78
CA ARG A 615 -46.65 -1.48 79.92
C ARG A 615 -47.89 -0.66 79.61
N SER A 616 -47.80 0.25 78.64
CA SER A 616 -48.95 1.01 78.20
C SER A 616 -49.97 0.14 77.47
N ASN A 617 -49.56 -1.03 76.98
CA ASN A 617 -50.46 -1.92 76.27
C ASN A 617 -50.92 -3.07 77.14
N GLN A 618 -49.99 -3.63 77.93
CA GLN A 618 -50.27 -4.80 78.75
C GLN A 618 -51.45 -4.55 79.68
N ASP A 619 -51.45 -3.36 80.31
CA ASP A 619 -52.53 -2.98 81.21
C ASP A 619 -53.86 -2.89 80.48
N LEU A 620 -53.87 -2.32 79.28
CA LEU A 620 -55.11 -2.19 78.51
C LEU A 620 -55.68 -3.56 78.16
N ILE A 621 -54.80 -4.51 77.84
CA ILE A 621 -55.21 -5.90 77.61
C ILE A 621 -55.88 -6.47 78.84
N THR A 622 -55.23 -6.31 80.00
CA THR A 622 -55.79 -6.84 81.25
C THR A 622 -57.10 -6.15 81.58
N GLU A 623 -57.14 -4.83 81.44
CA GLU A 623 -58.27 -4.03 81.92
C GLU A 623 -59.50 -4.33 81.09
N ASN A 624 -59.33 -4.45 79.78
CA ASN A 624 -60.48 -4.64 78.91
C ASN A 624 -60.87 -6.09 78.79
N LEU A 625 -60.04 -7.03 79.25
CA LEU A 625 -60.34 -8.44 79.07
C LEU A 625 -60.57 -9.18 80.37
N LEU A 626 -59.63 -9.13 81.30
CA LEU A 626 -59.69 -9.99 82.50
C LEU A 626 -60.87 -9.79 83.45
N PRO A 627 -61.25 -8.56 83.89
CA PRO A 627 -62.24 -8.45 84.99
C PRO A 627 -63.62 -9.02 84.69
N GLY A 628 -64.07 -8.92 83.43
CA GLY A 628 -65.41 -9.38 83.08
C GLY A 628 -65.60 -10.87 83.31
N ARG A 629 -64.56 -11.66 83.00
CA ARG A 629 -64.55 -13.13 83.16
C ARG A 629 -65.66 -13.82 82.37
N GLU A 630 -65.82 -13.42 81.10
CA GLU A 630 -66.83 -14.04 80.25
C GLU A 630 -66.30 -14.53 78.91
N LEU A 631 -65.13 -14.10 78.47
CA LEU A 631 -64.60 -14.60 77.21
C LEU A 631 -63.65 -15.78 77.41
N LEU A 632 -62.65 -15.61 78.26
CA LEU A 632 -61.69 -16.68 78.49
C LEU A 632 -62.24 -17.67 79.51
N LEU A 633 -61.62 -18.85 79.54
CA LEU A 633 -62.02 -19.91 80.45
C LEU A 633 -61.61 -19.57 81.88
N GLN A 634 -62.29 -20.21 82.84
CA GLN A 634 -61.98 -20.00 84.25
C GLN A 634 -61.72 -21.34 84.95
N THR A 635 -60.74 -21.34 85.84
CA THR A 635 -60.35 -22.54 86.58
C THR A 635 -60.61 -22.34 88.07
N ASN A 636 -60.89 -23.45 88.75
CA ASN A 636 -61.13 -23.45 90.19
C ASN A 636 -61.01 -24.88 90.70
N LEU A 637 -60.94 -25.01 92.02
CA LEU A 637 -60.89 -26.30 92.69
C LEU A 637 -62.22 -26.57 93.34
N ILE A 638 -62.85 -27.69 93.00
CA ILE A 638 -64.19 -28.04 93.46
C ILE A 638 -64.14 -29.45 94.04
N ASN A 639 -64.74 -29.63 95.21
CA ASN A 639 -64.89 -30.94 95.81
C ASN A 639 -65.94 -31.78 95.09
N TYR A 640 -65.81 -33.09 95.21
CA TYR A 640 -66.79 -34.00 94.67
C TYR A 640 -68.00 -34.07 95.59
N VAL A 641 -69.19 -34.10 94.98
CA VAL A 641 -70.45 -34.18 95.71
C VAL A 641 -71.18 -35.44 95.23
N THR A 642 -71.57 -36.29 96.18
CA THR A 642 -72.31 -37.50 95.87
C THR A 642 -73.58 -37.54 96.69
N SER A 643 -74.53 -38.36 96.24
CA SER A 643 -75.82 -38.49 96.88
C SER A 643 -76.09 -39.95 97.20
N ILE A 644 -76.83 -40.18 98.28
CA ILE A 644 -77.25 -41.51 98.70
C ILE A 644 -78.75 -41.46 98.97
N ARG A 645 -79.46 -42.49 98.52
CA ARG A 645 -80.90 -42.54 98.71
C ARG A 645 -81.34 -43.86 99.30
N PRO A 646 -82.43 -43.85 100.07
CA PRO A 646 -83.08 -45.13 100.42
C PRO A 646 -84.11 -45.49 99.36
N ASN A 647 -84.22 -46.79 99.08
CA ASN A 647 -84.98 -47.26 97.91
C ASN A 647 -86.49 -47.21 98.18
N ILE A 648 -87.00 -46.00 98.40
CA ILE A 648 -88.42 -45.78 98.63
C ILE A 648 -88.89 -44.82 97.54
N PHE A 649 -89.74 -45.32 96.65
CA PHE A 649 -90.07 -44.64 95.39
C PHE A 649 -91.56 -44.36 95.37
N VAL A 650 -91.95 -43.09 95.40
CA VAL A 650 -93.34 -42.69 95.51
C VAL A 650 -93.68 -41.77 94.33
N GLY A 651 -94.87 -41.95 93.77
CA GLY A 651 -95.29 -41.11 92.67
C GLY A 651 -96.78 -41.21 92.44
N ARG A 652 -97.35 -40.15 91.89
CA ARG A 652 -98.79 -40.09 91.63
C ARG A 652 -99.11 -40.63 90.25
N ALA A 653 -100.20 -41.40 90.17
CA ALA A 653 -100.63 -42.02 88.92
C ALA A 653 -102.12 -42.22 88.98
N GLU A 654 -102.74 -42.38 87.80
CA GLU A 654 -104.17 -42.64 87.73
C GLU A 654 -104.49 -43.97 88.39
N GLY A 655 -105.30 -43.95 89.44
CA GLY A 655 -105.56 -45.15 90.22
C GLY A 655 -104.33 -45.74 90.88
N SER A 656 -103.43 -44.87 91.37
CA SER A 656 -102.20 -45.29 92.02
C SER A 656 -102.49 -46.00 93.34
N THR A 657 -101.84 -47.15 93.57
CA THR A 657 -101.98 -47.91 94.80
C THR A 657 -101.05 -47.41 95.91
N GLN A 658 -100.58 -46.17 95.83
CA GLN A 658 -99.73 -45.58 96.85
C GLN A 658 -100.27 -44.21 97.24
N TYR A 659 -100.30 -43.94 98.55
CA TYR A 659 -100.86 -42.68 99.02
C TYR A 659 -99.85 -41.55 98.85
N GLY A 660 -100.34 -40.42 98.35
CA GLY A 660 -99.48 -39.28 98.07
C GLY A 660 -99.20 -38.36 99.24
N LYS A 661 -98.71 -38.90 100.34
CA LYS A 661 -98.33 -38.11 101.52
C LYS A 661 -97.28 -38.90 102.26
N TRP A 662 -96.04 -38.42 102.28
CA TRP A 662 -94.98 -39.18 102.94
C TRP A 662 -94.02 -38.25 103.67
N TYR A 663 -93.55 -38.71 104.83
CA TYR A 663 -92.81 -37.87 105.76
C TYR A 663 -91.59 -38.62 106.28
N PHE A 664 -90.40 -38.03 106.12
CA PHE A 664 -89.15 -38.63 106.56
C PHE A 664 -88.30 -37.54 107.20
N GLU A 665 -87.33 -37.98 108.00
CA GLU A 665 -86.44 -37.05 108.68
C GLU A 665 -84.98 -37.46 108.56
N VAL A 666 -84.12 -36.46 108.48
CA VAL A 666 -82.68 -36.68 108.44
C VAL A 666 -82.04 -35.94 109.61
N MET A 667 -81.24 -36.67 110.37
CA MET A 667 -80.54 -36.17 111.54
C MET A 667 -79.13 -35.76 111.12
N VAL A 668 -78.64 -34.67 111.67
CA VAL A 668 -77.29 -34.20 111.44
C VAL A 668 -76.42 -34.66 112.61
N ASP A 669 -75.29 -35.31 112.34
CA ASP A 669 -74.42 -35.68 113.45
C ASP A 669 -73.33 -34.64 113.66
N GLU A 670 -72.45 -34.46 112.68
CA GLU A 670 -71.38 -33.46 112.74
C GLU A 670 -71.24 -32.83 111.36
N VAL A 671 -70.83 -31.56 111.35
CA VAL A 671 -70.63 -30.81 110.11
C VAL A 671 -69.31 -30.07 110.21
N VAL A 672 -68.30 -30.58 109.52
CA VAL A 672 -67.03 -29.85 109.47
C VAL A 672 -67.25 -28.58 108.65
N PRO A 673 -66.89 -27.41 109.18
CA PRO A 673 -67.19 -26.16 108.45
C PRO A 673 -66.50 -26.04 107.10
N PHE A 674 -65.18 -26.19 107.06
CA PHE A 674 -64.42 -26.13 105.81
C PHE A 674 -63.31 -27.18 105.89
N LEU A 675 -63.62 -28.39 105.43
CA LEU A 675 -62.58 -29.40 105.29
C LEU A 675 -61.57 -28.99 104.22
N THR A 676 -62.07 -28.41 103.13
CA THR A 676 -61.28 -27.81 102.07
C THR A 676 -61.62 -26.33 101.99
N ALA A 677 -61.01 -25.64 101.02
CA ALA A 677 -61.30 -24.23 100.79
C ALA A 677 -62.76 -24.01 100.41
N GLN A 678 -63.30 -24.89 99.57
CA GLN A 678 -64.72 -24.85 99.23
C GLN A 678 -65.59 -25.06 100.47
N ALA A 679 -66.71 -24.35 100.53
CA ALA A 679 -67.66 -24.53 101.61
C ALA A 679 -68.25 -25.93 101.58
N THR A 680 -68.52 -26.47 102.77
CA THR A 680 -69.13 -27.78 102.89
C THR A 680 -70.54 -27.77 102.31
N HIS A 681 -70.80 -28.66 101.36
CA HIS A 681 -72.11 -28.81 100.76
C HIS A 681 -72.92 -29.81 101.55
N LEU A 682 -74.15 -29.43 101.90
CA LEU A 682 -75.04 -30.32 102.65
C LEU A 682 -76.48 -29.87 102.39
N ARG A 683 -77.21 -30.65 101.62
CA ARG A 683 -78.61 -30.38 101.35
C ARG A 683 -79.40 -31.67 101.43
N VAL A 684 -80.66 -31.55 101.84
CA VAL A 684 -81.57 -32.69 101.95
C VAL A 684 -82.82 -32.37 101.14
N GLY A 685 -83.29 -33.33 100.35
CA GLY A 685 -84.50 -33.07 99.60
C GLY A 685 -85.00 -34.29 98.88
N TRP A 686 -85.97 -34.05 98.01
CA TRP A 686 -86.51 -35.12 97.18
C TRP A 686 -85.81 -35.07 95.83
N ALA A 687 -86.06 -36.10 95.02
CA ALA A 687 -85.52 -36.13 93.66
C ALA A 687 -86.40 -37.05 92.82
N LEU A 688 -86.24 -36.93 91.51
CA LEU A 688 -87.13 -37.55 90.53
C LEU A 688 -86.33 -38.56 89.69
N THR A 689 -87.04 -39.43 88.97
CA THR A 689 -86.43 -40.63 88.38
C THR A 689 -86.15 -40.53 86.89
N GLU A 690 -86.53 -39.46 86.20
CA GLU A 690 -86.36 -39.36 84.74
C GLU A 690 -85.59 -38.09 84.39
N GLY A 691 -84.41 -37.96 84.98
CA GLY A 691 -83.59 -36.78 84.77
C GLY A 691 -82.68 -36.38 85.90
N TYR A 692 -82.77 -37.06 87.05
CA TYR A 692 -81.84 -36.84 88.15
C TYR A 692 -80.95 -38.06 88.28
N SER A 693 -79.81 -38.03 87.59
CA SER A 693 -78.77 -39.05 87.71
C SER A 693 -77.43 -38.33 87.83
N PRO A 694 -77.13 -37.76 89.01
CA PRO A 694 -75.97 -36.86 89.12
C PRO A 694 -74.63 -37.58 89.15
N TYR A 695 -74.06 -37.81 87.97
CA TYR A 695 -72.73 -38.39 87.87
C TYR A 695 -71.71 -37.50 88.57
N PRO A 696 -70.75 -38.07 89.30
CA PRO A 696 -69.76 -37.26 90.01
C PRO A 696 -68.84 -36.51 89.07
N GLY A 697 -68.42 -35.33 89.52
CA GLY A 697 -67.49 -34.52 88.75
C GLY A 697 -68.07 -33.21 88.27
N GLY A 698 -67.53 -32.70 87.18
CA GLY A 698 -68.01 -31.47 86.61
C GLY A 698 -69.32 -31.64 85.86
N GLY A 699 -69.95 -30.50 85.59
CA GLY A 699 -71.24 -30.50 84.91
C GLY A 699 -71.87 -29.13 84.93
N GLU A 700 -73.14 -29.06 85.30
CA GLU A 700 -73.85 -27.78 85.35
C GLU A 700 -73.31 -26.88 86.45
N GLY A 701 -73.22 -25.58 86.13
CA GLY A 701 -72.71 -24.60 87.05
C GLY A 701 -71.23 -24.80 87.31
N TRP A 702 -70.79 -24.35 88.48
CA TRP A 702 -69.40 -24.53 88.89
C TRP A 702 -69.10 -25.95 89.39
N GLY A 703 -69.98 -26.91 89.18
CA GLY A 703 -69.77 -28.27 89.60
C GLY A 703 -70.25 -28.57 91.00
N GLY A 704 -69.94 -29.79 91.42
CA GLY A 704 -70.38 -30.29 92.71
C GLY A 704 -71.88 -30.32 92.83
N ASN A 705 -72.55 -30.72 91.74
CA ASN A 705 -74.01 -30.72 91.72
C ASN A 705 -74.59 -31.83 92.58
N GLY A 706 -75.66 -31.51 93.29
CA GLY A 706 -76.39 -32.46 94.09
C GLY A 706 -77.88 -32.25 93.96
N VAL A 707 -78.57 -32.12 95.08
CA VAL A 707 -80.02 -31.93 95.10
C VAL A 707 -80.32 -30.44 94.95
N GLY A 708 -81.19 -30.11 94.01
CA GLY A 708 -81.62 -28.75 93.77
C GLY A 708 -80.87 -28.03 92.67
N ASP A 709 -79.83 -28.64 92.11
CA ASP A 709 -79.07 -27.99 91.05
C ASP A 709 -79.78 -27.99 89.71
N ASP A 710 -80.88 -28.71 89.57
CA ASP A 710 -81.61 -28.79 88.33
C ASP A 710 -83.09 -28.97 88.65
N LEU A 711 -83.91 -29.05 87.62
CA LEU A 711 -85.35 -29.20 87.78
C LEU A 711 -85.79 -30.63 88.00
N TYR A 712 -84.92 -31.49 88.50
CA TYR A 712 -85.28 -32.86 88.86
C TYR A 712 -85.02 -33.13 90.33
N SER A 713 -84.74 -32.10 91.12
CA SER A 713 -84.53 -32.24 92.56
C SER A 713 -84.89 -30.92 93.23
N TYR A 714 -85.19 -30.99 94.53
CA TYR A 714 -85.70 -29.85 95.30
C TYR A 714 -84.98 -29.82 96.65
N GLY A 715 -83.88 -29.05 96.72
CA GLY A 715 -83.00 -29.09 97.85
C GLY A 715 -83.23 -27.99 98.88
N PHE A 716 -82.77 -28.26 100.10
CA PHE A 716 -82.82 -27.30 101.18
C PHE A 716 -81.58 -27.47 102.06
N ASP A 717 -81.12 -26.37 102.65
CA ASP A 717 -79.84 -26.39 103.35
C ASP A 717 -79.88 -25.63 104.67
N GLY A 718 -81.06 -25.36 105.20
CA GLY A 718 -81.22 -24.50 106.35
C GLY A 718 -81.48 -23.05 106.02
N LEU A 719 -81.17 -22.60 104.80
CA LEU A 719 -81.43 -21.22 104.42
C LEU A 719 -82.01 -21.04 103.02
N HIS A 720 -81.86 -22.00 102.11
CA HIS A 720 -82.23 -21.79 100.73
C HIS A 720 -83.02 -22.97 100.20
N LEU A 721 -84.00 -22.69 99.34
CA LEU A 721 -84.74 -23.74 98.64
C LEU A 721 -84.17 -23.81 97.24
N TRP A 722 -83.36 -24.83 97.00
CA TRP A 722 -82.62 -24.95 95.76
C TRP A 722 -83.45 -25.63 94.67
N THR A 723 -83.56 -24.97 93.52
CA THR A 723 -84.20 -25.52 92.34
C THR A 723 -83.63 -24.79 91.13
N GLY A 724 -83.31 -25.56 90.09
CA GLY A 724 -82.68 -25.03 88.90
C GLY A 724 -81.36 -24.33 89.15
N HIS A 725 -80.57 -24.83 90.09
CA HIS A 725 -79.31 -24.23 90.56
C HIS A 725 -79.49 -22.76 90.95
N VAL A 726 -80.56 -22.49 91.71
CA VAL A 726 -80.87 -21.16 92.22
C VAL A 726 -81.19 -21.29 93.69
N ALA A 727 -80.60 -20.41 94.52
CA ALA A 727 -80.86 -20.36 95.95
C ALA A 727 -81.84 -19.23 96.25
N ARG A 728 -82.76 -19.48 97.18
CA ARG A 728 -83.75 -18.47 97.56
C ARG A 728 -83.82 -18.38 99.08
N PRO A 729 -83.51 -17.22 99.66
CA PRO A 729 -83.51 -17.09 101.12
C PRO A 729 -84.91 -17.22 101.72
N VAL A 730 -84.97 -17.80 102.91
CA VAL A 730 -86.21 -17.96 103.66
C VAL A 730 -85.95 -17.61 105.12
N THR A 731 -86.90 -16.90 105.71
CA THR A 731 -86.85 -16.60 107.14
C THR A 731 -87.22 -17.86 107.90
N SER A 732 -86.40 -18.24 108.85
CA SER A 732 -86.64 -19.45 109.63
C SER A 732 -86.53 -19.11 111.11
N PRO A 733 -87.19 -19.90 111.97
CA PRO A 733 -87.05 -19.66 113.41
C PRO A 733 -85.66 -20.05 113.92
N GLY A 734 -84.71 -19.13 113.75
CA GLY A 734 -83.32 -19.41 114.05
C GLY A 734 -82.57 -19.83 112.81
N GLN A 735 -82.68 -19.02 111.76
CA GLN A 735 -82.12 -19.37 110.46
C GLN A 735 -80.59 -19.47 110.50
N HIS A 736 -80.09 -20.58 109.96
CA HIS A 736 -78.66 -20.87 109.78
C HIS A 736 -78.56 -22.10 108.90
N LEU A 737 -77.34 -22.50 108.59
CA LEU A 737 -77.10 -23.73 107.85
C LEU A 737 -77.40 -24.94 108.73
N LEU A 738 -77.25 -26.14 108.16
CA LEU A 738 -77.49 -27.34 108.95
C LEU A 738 -76.34 -27.53 109.93
N ALA A 739 -76.51 -27.00 111.13
CA ALA A 739 -75.55 -27.16 112.21
C ALA A 739 -75.59 -28.60 112.72
N PRO A 740 -74.52 -29.08 113.37
CA PRO A 740 -74.54 -30.43 113.95
C PRO A 740 -75.64 -30.57 115.00
N GLU A 741 -76.17 -31.79 115.08
CA GLU A 741 -77.29 -32.17 115.96
C GLU A 741 -78.52 -31.33 115.65
N ASP A 742 -79.01 -31.50 114.42
CA ASP A 742 -80.21 -30.81 113.95
C ASP A 742 -81.14 -31.78 113.25
N VAL A 743 -82.42 -31.41 113.26
CA VAL A 743 -83.51 -32.26 112.78
C VAL A 743 -84.20 -31.58 111.61
N VAL A 744 -84.35 -32.32 110.51
CA VAL A 744 -84.99 -31.81 109.30
C VAL A 744 -86.23 -32.65 109.05
N SER A 745 -87.38 -32.01 108.99
CA SER A 745 -88.65 -32.69 108.76
C SER A 745 -89.11 -32.42 107.33
N CYS A 746 -89.45 -33.48 106.60
CA CYS A 746 -89.76 -33.36 105.18
C CYS A 746 -91.19 -33.80 104.91
N CYS A 747 -91.99 -32.91 104.33
CA CYS A 747 -93.36 -33.18 103.93
C CYS A 747 -93.47 -33.15 102.41
N LEU A 748 -94.05 -34.21 101.85
CA LEU A 748 -94.32 -34.32 100.42
C LEU A 748 -95.77 -34.77 100.24
N ASP A 749 -96.56 -33.90 99.61
CA ASP A 749 -97.92 -34.24 99.21
C ASP A 749 -97.96 -34.35 97.69
N LEU A 750 -98.50 -35.47 97.20
CA LEU A 750 -98.72 -35.65 95.77
C LEU A 750 -100.13 -35.30 95.32
N SER A 751 -101.12 -35.39 96.23
CA SER A 751 -102.50 -35.04 95.90
C SER A 751 -102.61 -33.60 95.44
N VAL A 752 -101.94 -32.69 96.14
CA VAL A 752 -101.71 -31.33 95.68
C VAL A 752 -100.20 -31.18 95.57
N PRO A 753 -99.67 -30.62 94.46
CA PRO A 753 -98.21 -30.51 94.34
C PRO A 753 -97.63 -29.54 95.33
N SER A 754 -96.96 -30.08 96.36
CA SER A 754 -96.48 -29.27 97.47
C SER A 754 -95.45 -30.04 98.27
N ILE A 755 -94.42 -29.32 98.70
CA ILE A 755 -93.37 -29.82 99.56
C ILE A 755 -93.17 -28.81 100.69
N SER A 756 -93.26 -29.27 101.93
CA SER A 756 -93.14 -28.39 103.08
C SER A 756 -92.06 -28.93 104.01
N PHE A 757 -91.25 -28.04 104.57
CA PHE A 757 -90.10 -28.43 105.37
C PHE A 757 -90.14 -27.78 106.73
N ARG A 758 -89.54 -28.45 107.71
CA ARG A 758 -89.43 -27.92 109.06
C ARG A 758 -88.03 -28.17 109.61
N ILE A 759 -87.51 -27.22 110.37
CA ILE A 759 -86.18 -27.35 110.98
C ILE A 759 -86.38 -27.51 112.48
N ASN A 760 -85.93 -28.67 113.01
CA ASN A 760 -85.92 -28.98 114.45
C ASN A 760 -87.29 -28.78 115.09
N GLY A 761 -88.32 -29.20 114.36
CA GLY A 761 -89.70 -28.95 114.72
C GLY A 761 -90.25 -27.60 114.31
N CYS A 762 -89.40 -26.60 114.12
CA CYS A 762 -89.85 -25.28 113.70
C CYS A 762 -90.08 -25.28 112.19
N PRO A 763 -91.27 -24.92 111.70
CA PRO A 763 -91.54 -24.94 110.26
C PRO A 763 -90.69 -23.96 109.46
N VAL A 764 -90.38 -24.36 108.23
CA VAL A 764 -89.73 -23.52 107.24
C VAL A 764 -90.76 -23.13 106.19
N GLN A 765 -90.91 -21.82 105.98
CA GLN A 765 -92.03 -21.28 105.23
C GLN A 765 -91.65 -21.07 103.77
N GLY A 766 -91.73 -22.16 103.01
CA GLY A 766 -91.52 -22.13 101.58
C GLY A 766 -92.07 -23.42 101.00
N VAL A 767 -92.87 -23.32 99.94
CA VAL A 767 -93.48 -24.49 99.30
C VAL A 767 -93.39 -24.34 97.79
N PHE A 768 -92.98 -25.41 97.11
CA PHE A 768 -93.05 -25.48 95.66
C PHE A 768 -94.44 -25.88 95.21
N GLU A 769 -94.83 -25.38 94.03
CA GLU A 769 -96.14 -25.60 93.46
C GLU A 769 -95.98 -25.81 91.97
N ALA A 770 -96.97 -26.47 91.36
CA ALA A 770 -97.10 -26.64 89.90
C ALA A 770 -95.86 -27.26 89.27
N PHE A 771 -95.35 -28.31 89.88
CA PHE A 771 -94.21 -29.03 89.34
C PHE A 771 -94.69 -30.34 88.74
N ASN A 772 -93.90 -30.87 87.80
CA ASN A 772 -94.26 -32.08 87.07
C ASN A 772 -94.35 -33.28 88.00
N LEU A 773 -95.54 -33.87 88.08
CA LEU A 773 -95.80 -34.95 89.02
C LEU A 773 -95.47 -36.33 88.47
N ASP A 774 -95.17 -36.43 87.18
CA ASP A 774 -94.93 -37.73 86.55
C ASP A 774 -93.66 -38.37 87.11
N GLY A 775 -93.61 -39.69 86.98
CA GLY A 775 -92.47 -40.43 87.48
C GLY A 775 -92.57 -40.64 88.98
N LEU A 776 -91.43 -40.99 89.57
CA LEU A 776 -91.37 -41.36 90.97
C LEU A 776 -90.48 -40.39 91.72
N PHE A 777 -90.79 -40.16 92.98
CA PHE A 777 -90.00 -39.32 93.86
C PHE A 777 -89.33 -40.20 94.91
N PHE A 778 -88.21 -39.69 95.47
CA PHE A 778 -87.50 -40.48 96.45
C PHE A 778 -86.68 -39.58 97.35
N PRO A 779 -86.57 -39.89 98.64
CA PRO A 779 -85.73 -39.09 99.54
C PRO A 779 -84.26 -39.24 99.21
N VAL A 780 -83.49 -38.17 99.45
CA VAL A 780 -82.08 -38.16 99.10
C VAL A 780 -81.39 -37.01 99.81
N VAL A 781 -80.09 -37.16 100.05
CA VAL A 781 -79.23 -36.13 100.64
C VAL A 781 -78.04 -35.92 99.72
N SER A 782 -77.71 -34.66 99.45
CA SER A 782 -76.51 -34.30 98.71
C SER A 782 -75.49 -33.77 99.69
N PHE A 783 -74.28 -34.29 99.64
CA PHE A 783 -73.31 -33.93 100.64
C PHE A 783 -71.92 -33.90 100.05
N SER A 784 -71.05 -33.15 100.72
CA SER A 784 -69.63 -33.14 100.46
C SER A 784 -68.97 -34.16 101.38
N ALA A 785 -67.66 -34.29 101.26
CA ALA A 785 -66.95 -35.17 102.17
C ALA A 785 -66.92 -34.60 103.59
N GLY A 786 -66.71 -35.49 104.54
CA GLY A 786 -66.62 -35.10 105.95
C GLY A 786 -67.93 -34.87 106.66
N VAL A 787 -68.91 -35.75 106.46
CA VAL A 787 -70.22 -35.62 107.09
C VAL A 787 -70.66 -36.98 107.60
N LYS A 788 -71.48 -36.96 108.65
CA LYS A 788 -72.18 -38.13 109.18
C LYS A 788 -73.63 -37.73 109.42
N VAL A 789 -74.55 -38.43 108.76
CA VAL A 789 -75.97 -38.08 108.82
C VAL A 789 -76.77 -39.35 109.06
N ARG A 790 -78.02 -39.16 109.45
CA ARG A 790 -78.90 -40.28 109.76
C ARG A 790 -80.23 -40.13 109.07
N PHE A 791 -80.76 -41.23 108.55
CA PHE A 791 -82.14 -41.29 108.09
C PHE A 791 -82.99 -41.87 109.21
N LEU A 792 -84.09 -41.19 109.49
CA LEU A 792 -85.11 -41.60 110.45
C LEU A 792 -86.40 -41.74 109.65
N LEU A 793 -86.73 -42.99 109.33
CA LEU A 793 -87.84 -43.33 108.46
C LEU A 793 -89.06 -43.78 109.23
N GLY A 794 -89.01 -43.74 110.56
CA GLY A 794 -90.15 -44.07 111.39
C GLY A 794 -90.32 -45.55 111.60
N GLY A 795 -91.21 -45.88 112.55
CA GLY A 795 -91.44 -47.27 112.93
C GLY A 795 -90.18 -47.91 113.46
N ARG A 796 -89.77 -49.00 112.82
CA ARG A 796 -88.53 -49.67 113.20
C ARG A 796 -87.30 -49.00 112.60
N HIS A 797 -87.49 -48.01 111.72
CA HIS A 797 -86.39 -47.30 111.06
C HIS A 797 -86.26 -45.87 111.55
N GLY A 798 -86.44 -45.66 112.85
CA GLY A 798 -86.36 -44.35 113.47
C GLY A 798 -87.60 -44.05 114.27
N GLU A 799 -87.60 -42.85 114.88
CA GLU A 799 -88.68 -42.44 115.76
C GLU A 799 -89.37 -41.15 115.34
N PHE A 800 -88.81 -40.40 114.39
CA PHE A 800 -89.24 -39.10 113.87
C PHE A 800 -89.07 -37.94 114.84
N LYS A 801 -88.87 -38.21 116.15
CA LYS A 801 -88.55 -37.24 117.19
C LYS A 801 -89.47 -36.02 117.30
N PHE A 802 -90.58 -36.02 116.55
CA PHE A 802 -91.48 -34.93 116.24
C PHE A 802 -92.65 -35.53 115.50
N LEU A 803 -93.85 -35.00 115.74
CA LEU A 803 -95.06 -35.58 115.16
C LEU A 803 -95.05 -35.41 113.64
N PRO A 804 -95.34 -36.46 112.88
CA PRO A 804 -95.62 -36.27 111.47
C PRO A 804 -96.85 -35.42 111.27
N PRO A 805 -96.89 -34.63 110.19
CA PRO A 805 -98.10 -33.88 109.88
C PRO A 805 -99.25 -34.83 109.59
N PRO A 806 -100.50 -34.40 109.83
CA PRO A 806 -101.65 -35.30 109.67
C PRO A 806 -101.78 -35.87 108.26
N GLY A 807 -102.07 -37.16 108.19
CA GLY A 807 -102.23 -37.84 106.92
C GLY A 807 -100.95 -38.23 106.22
N TYR A 808 -99.79 -37.91 106.79
CA TYR A 808 -98.51 -38.21 106.15
C TYR A 808 -97.98 -39.53 106.69
N ALA A 809 -97.96 -40.55 105.84
CA ALA A 809 -97.47 -41.86 106.23
C ALA A 809 -95.96 -41.83 106.45
N PRO A 810 -95.47 -42.57 107.46
CA PRO A 810 -94.02 -42.76 107.61
C PRO A 810 -93.42 -43.38 106.36
N CYS A 811 -92.29 -42.83 105.91
CA CYS A 811 -91.72 -43.21 104.62
C CYS A 811 -91.22 -44.65 104.56
N HIS A 812 -91.00 -45.29 105.71
CA HIS A 812 -90.62 -46.69 105.74
C HIS A 812 -91.76 -47.66 105.41
N GLU A 813 -92.96 -47.15 105.13
CA GLU A 813 -94.13 -47.97 104.86
C GLU A 813 -94.33 -48.24 103.38
N ALA A 814 -93.46 -47.73 102.51
CA ALA A 814 -93.60 -47.87 101.07
C ALA A 814 -92.64 -48.89 100.48
N VAL A 815 -91.99 -49.71 101.32
CA VAL A 815 -91.00 -50.64 100.82
C VAL A 815 -91.69 -51.79 100.09
N LEU A 816 -91.01 -52.33 99.08
CA LEU A 816 -91.53 -53.39 98.24
C LEU A 816 -91.36 -54.75 98.92
N PRO A 817 -92.19 -55.78 98.55
CA PRO A 817 -92.15 -57.05 99.29
C PRO A 817 -90.85 -57.82 99.17
N ARG A 818 -90.38 -58.10 97.94
CA ARG A 818 -89.24 -58.99 97.74
C ARG A 818 -87.93 -58.43 98.26
N GLU A 819 -87.85 -57.14 98.54
CA GLU A 819 -86.61 -56.50 98.96
C GLU A 819 -86.67 -56.12 100.44
N ARG A 820 -85.50 -55.84 100.98
CA ARG A 820 -85.35 -55.31 102.33
C ARG A 820 -84.74 -53.93 102.22
N LEU A 821 -85.16 -53.04 103.14
CA LEU A 821 -84.80 -51.64 103.07
C LEU A 821 -83.29 -51.43 103.14
N ARG A 822 -82.79 -50.54 102.29
CA ARG A 822 -81.36 -50.33 102.15
C ARG A 822 -81.12 -48.92 101.63
N LEU A 823 -79.85 -48.54 101.61
CA LEU A 823 -79.44 -47.23 101.14
C LEU A 823 -78.56 -47.38 99.92
N GLU A 824 -78.92 -46.68 98.86
CA GLU A 824 -78.24 -46.85 97.59
C GLU A 824 -77.86 -45.49 97.03
N PRO A 825 -76.76 -45.41 96.30
CA PRO A 825 -76.50 -44.24 95.47
C PRO A 825 -77.39 -44.24 94.24
N ILE A 826 -77.48 -43.06 93.61
CA ILE A 826 -78.24 -42.87 92.37
C ILE A 826 -77.45 -43.62 91.29
N LYS A 827 -78.03 -43.76 90.08
CA LYS A 827 -77.44 -44.48 88.94
C LYS A 827 -75.99 -44.07 88.70
N GLU A 828 -75.11 -45.04 88.80
CA GLU A 828 -73.67 -44.84 88.72
C GLU A 828 -73.09 -45.72 87.62
N TYR A 829 -71.77 -45.80 87.59
CA TYR A 829 -71.07 -46.64 86.64
C TYR A 829 -70.07 -47.58 87.26
N ARG A 830 -69.70 -47.40 88.52
CA ARG A 830 -68.65 -48.22 89.09
C ARG A 830 -68.98 -48.43 90.56
N ARG A 831 -68.64 -49.61 91.09
CA ARG A 831 -68.70 -49.83 92.52
C ARG A 831 -67.52 -50.70 92.91
N GLU A 832 -67.20 -50.68 94.21
CA GLU A 832 -66.07 -51.45 94.69
C GLU A 832 -66.37 -52.95 94.56
N GLY A 833 -65.30 -53.73 94.45
CA GLY A 833 -65.39 -55.16 94.41
C GLY A 833 -64.19 -55.82 95.07
N PRO A 834 -64.30 -57.13 95.32
CA PRO A 834 -63.19 -57.83 96.01
C PRO A 834 -61.91 -57.86 95.18
N ARG A 835 -62.00 -58.19 93.89
CA ARG A 835 -60.83 -58.25 93.04
C ARG A 835 -60.54 -56.93 92.32
N GLY A 836 -61.35 -55.91 92.52
CA GLY A 836 -61.15 -54.63 91.87
C GLY A 836 -62.47 -53.95 91.57
N PRO A 837 -62.43 -52.82 90.86
CA PRO A 837 -63.68 -52.13 90.52
C PRO A 837 -64.58 -52.95 89.59
N HIS A 838 -65.88 -52.79 89.78
CA HIS A 838 -66.89 -53.41 88.92
C HIS A 838 -67.64 -52.33 88.18
N LEU A 839 -67.56 -52.35 86.85
CA LEU A 839 -68.39 -51.47 86.05
C LEU A 839 -69.83 -51.96 86.17
N VAL A 840 -70.75 -51.00 86.23
CA VAL A 840 -72.16 -51.28 86.47
C VAL A 840 -73.01 -50.80 85.30
N GLY A 841 -73.83 -51.70 84.78
CA GLY A 841 -74.84 -51.45 83.77
C GLY A 841 -76.04 -50.70 84.33
N PRO A 842 -76.81 -50.01 83.47
CA PRO A 842 -77.91 -49.17 83.98
C PRO A 842 -78.96 -49.94 84.79
N SER A 843 -79.33 -49.38 85.92
CA SER A 843 -80.24 -50.02 86.87
C SER A 843 -81.66 -50.05 86.30
N ARG A 844 -82.43 -51.10 86.63
CA ARG A 844 -83.82 -51.02 86.23
C ARG A 844 -84.45 -50.05 87.22
N CYS A 845 -85.47 -49.34 86.77
CA CYS A 845 -86.06 -48.35 87.64
C CYS A 845 -87.55 -48.59 87.56
N LEU A 846 -88.16 -48.59 88.74
CA LEU A 846 -89.59 -48.78 88.85
C LEU A 846 -90.29 -47.53 88.33
N SER A 847 -91.53 -47.70 87.90
CA SER A 847 -92.32 -46.63 87.31
C SER A 847 -93.66 -46.56 88.03
N HIS A 848 -94.25 -45.36 88.00
CA HIS A 848 -95.58 -45.19 88.59
C HIS A 848 -96.60 -46.07 87.89
N THR A 849 -96.50 -46.17 86.56
CA THR A 849 -97.32 -47.07 85.75
C THR A 849 -97.19 -48.53 86.18
N ASP A 850 -96.11 -48.89 86.87
CA ASP A 850 -95.96 -50.25 87.37
C ASP A 850 -96.63 -50.47 88.72
N PHE A 851 -97.28 -49.47 89.31
CA PHE A 851 -98.04 -49.71 90.53
C PHE A 851 -99.53 -49.70 90.28
N VAL A 852 -99.97 -49.38 89.07
CA VAL A 852 -101.39 -49.44 88.77
C VAL A 852 -101.70 -50.83 88.20
N PRO A 853 -102.67 -51.54 88.77
CA PRO A 853 -103.02 -52.85 88.20
C PRO A 853 -104.00 -52.66 87.04
N CYS A 854 -103.55 -53.07 85.84
CA CYS A 854 -104.32 -52.90 84.61
C CYS A 854 -104.66 -54.28 84.05
N PRO A 855 -105.81 -54.84 84.42
CA PRO A 855 -106.17 -56.17 83.94
C PRO A 855 -106.85 -56.07 82.58
N VAL A 856 -107.27 -57.23 82.06
CA VAL A 856 -108.11 -57.28 80.87
C VAL A 856 -109.56 -57.32 81.28
N ASP A 857 -110.37 -56.44 80.67
CA ASP A 857 -111.78 -56.32 81.03
C ASP A 857 -112.50 -57.63 80.75
N THR A 858 -113.26 -58.10 81.73
CA THR A 858 -113.98 -59.37 81.63
C THR A 858 -115.49 -59.15 81.69
N VAL A 859 -115.98 -58.15 80.96
CA VAL A 859 -117.41 -57.84 80.92
C VAL A 859 -118.02 -58.18 79.56
N GLN A 860 -117.44 -57.66 78.48
CA GLN A 860 -118.00 -57.84 77.13
C GLN A 860 -117.58 -59.20 76.57
N ILE A 861 -118.08 -60.25 77.22
CA ILE A 861 -117.84 -61.64 76.84
C ILE A 861 -119.16 -62.39 76.97
N VAL A 862 -119.76 -62.75 75.84
CA VAL A 862 -120.93 -63.62 75.87
C VAL A 862 -120.50 -65.04 76.24
N LEU A 863 -121.18 -65.62 77.22
CA LEU A 863 -120.75 -66.87 77.81
C LEU A 863 -121.13 -68.04 76.88
N PRO A 864 -120.18 -68.89 76.50
CA PRO A 864 -120.43 -69.91 75.47
C PRO A 864 -121.22 -71.10 75.99
N PRO A 865 -121.83 -71.88 75.06
CA PRO A 865 -122.56 -73.10 75.50
C PRO A 865 -121.67 -74.15 76.14
N HIS A 866 -120.45 -74.35 75.62
CA HIS A 866 -119.59 -75.40 76.17
C HIS A 866 -119.09 -75.02 77.56
N LEU A 867 -119.11 -73.72 77.88
CA LEU A 867 -118.73 -73.26 79.20
C LEU A 867 -119.90 -73.37 80.18
N GLU A 868 -121.11 -72.92 79.79
CA GLU A 868 -122.26 -73.13 80.67
C GLU A 868 -122.55 -74.61 80.90
N ARG A 869 -122.16 -75.46 79.93
CA ARG A 869 -122.25 -76.90 80.10
C ARG A 869 -121.32 -77.40 81.20
N ILE A 870 -120.20 -76.72 81.44
CA ILE A 870 -119.30 -77.15 82.51
C ILE A 870 -119.25 -76.09 83.61
N ARG A 871 -120.32 -75.29 83.70
CA ARG A 871 -120.42 -74.20 84.66
C ARG A 871 -120.49 -74.69 86.10
N GLU A 872 -120.80 -75.97 86.31
CA GLU A 872 -121.13 -76.47 87.64
C GLU A 872 -119.96 -77.17 88.32
N LYS A 873 -119.34 -78.16 87.65
CA LYS A 873 -118.28 -78.95 88.28
C LYS A 873 -117.07 -78.09 88.64
N LEU A 874 -116.67 -77.19 87.75
CA LEU A 874 -115.60 -76.23 88.02
C LEU A 874 -115.92 -75.23 89.12
N ALA A 875 -117.19 -75.09 89.52
CA ALA A 875 -117.56 -74.31 90.69
C ALA A 875 -117.61 -75.17 91.93
N GLU A 876 -118.18 -76.39 91.79
CA GLU A 876 -118.26 -77.33 92.89
C GLU A 876 -116.87 -77.70 93.39
N ASN A 877 -115.89 -77.68 92.51
CA ASN A 877 -114.54 -78.04 92.90
C ASN A 877 -113.80 -76.86 93.51
N ILE A 878 -114.39 -75.66 93.48
CA ILE A 878 -113.75 -74.50 94.11
C ILE A 878 -114.67 -73.88 95.14
N HIS A 879 -115.64 -74.64 95.64
CA HIS A 879 -116.50 -74.13 96.70
C HIS A 879 -115.92 -74.36 98.10
N GLU A 880 -115.15 -75.43 98.31
CA GLU A 880 -114.46 -75.63 99.59
C GLU A 880 -113.03 -76.11 99.41
N LEU A 881 -112.41 -75.79 98.26
CA LEU A 881 -111.05 -76.22 98.03
C LEU A 881 -110.11 -75.55 99.03
N TRP A 882 -110.35 -74.26 99.32
CA TRP A 882 -109.61 -73.60 100.39
C TRP A 882 -109.90 -74.20 101.76
N ALA A 883 -111.03 -74.92 101.89
CA ALA A 883 -111.42 -75.52 103.16
C ALA A 883 -110.81 -76.89 103.37
N LEU A 884 -110.33 -77.52 102.30
CA LEU A 884 -109.86 -78.91 102.41
C LEU A 884 -108.58 -79.04 103.24
N THR A 885 -107.71 -78.02 103.19
CA THR A 885 -106.39 -78.10 103.80
C THR A 885 -106.45 -78.24 105.32
N ARG A 886 -107.36 -77.54 105.97
CA ARG A 886 -107.38 -77.37 107.42
C ARG A 886 -108.31 -78.31 108.16
N ILE A 887 -108.98 -79.24 107.48
CA ILE A 887 -109.83 -80.21 108.19
C ILE A 887 -108.93 -81.18 108.95
N GLU A 888 -109.45 -81.72 110.06
CA GLU A 888 -108.73 -82.59 111.01
C GLU A 888 -107.54 -81.87 111.66
N GLN A 889 -107.64 -80.55 111.82
CA GLN A 889 -106.64 -79.74 112.51
C GLN A 889 -107.35 -78.91 113.58
N GLY A 890 -106.65 -77.92 114.14
CA GLY A 890 -107.30 -76.99 115.05
C GLY A 890 -108.46 -76.23 114.44
N TRP A 891 -108.43 -76.04 113.12
CA TRP A 891 -109.55 -75.44 112.39
C TRP A 891 -110.44 -76.53 111.80
N THR A 892 -111.05 -77.31 112.67
CA THR A 892 -111.93 -78.40 112.27
C THR A 892 -113.37 -77.99 112.56
N TYR A 893 -114.23 -78.17 111.56
CA TYR A 893 -115.59 -77.65 111.52
C TYR A 893 -116.46 -78.23 112.65
N GLY A 894 -117.58 -77.56 112.90
CA GLY A 894 -118.57 -77.98 113.86
C GLY A 894 -119.94 -77.59 113.32
N PRO A 895 -120.94 -78.43 113.58
CA PRO A 895 -122.31 -78.17 113.08
C PRO A 895 -122.96 -76.88 113.58
N VAL A 896 -122.58 -76.39 114.76
CA VAL A 896 -123.21 -75.20 115.34
C VAL A 896 -122.85 -73.94 114.55
N ARG A 897 -121.63 -73.84 114.04
CA ARG A 897 -121.15 -72.63 113.40
C ARG A 897 -120.96 -72.85 111.91
N ASP A 898 -120.39 -71.85 111.24
CA ASP A 898 -120.19 -71.86 109.80
C ASP A 898 -118.81 -71.28 109.54
N ASP A 899 -118.58 -70.84 108.29
CA ASP A 899 -117.32 -70.25 107.86
C ASP A 899 -116.95 -69.01 108.69
N ASN A 900 -115.66 -68.69 108.67
CA ASN A 900 -115.03 -67.51 109.28
C ASN A 900 -115.11 -67.50 110.80
N LYS A 901 -115.37 -68.65 111.43
CA LYS A 901 -115.50 -68.75 112.88
C LYS A 901 -114.40 -69.60 113.51
N ARG A 902 -113.18 -69.56 112.96
CA ARG A 902 -112.00 -70.33 113.37
C ARG A 902 -112.17 -71.85 113.31
N LEU A 903 -113.29 -72.32 112.77
CA LEU A 903 -113.63 -73.72 112.54
C LEU A 903 -114.32 -73.81 111.17
N HIS A 904 -113.70 -73.12 110.21
CA HIS A 904 -114.34 -72.80 108.92
C HIS A 904 -114.93 -73.94 108.07
N PRO A 905 -114.23 -75.16 107.82
CA PRO A 905 -114.46 -75.95 106.57
C PRO A 905 -115.84 -76.12 105.95
N CYS A 906 -116.80 -76.69 106.69
CA CYS A 906 -118.17 -76.99 106.23
C CYS A 906 -118.15 -77.68 104.86
N LEU A 907 -117.58 -78.88 104.84
CA LEU A 907 -117.34 -79.64 103.62
C LEU A 907 -118.62 -80.21 102.99
N VAL A 908 -119.77 -80.07 103.65
CA VAL A 908 -121.00 -80.76 103.26
C VAL A 908 -121.40 -80.42 101.83
N ASN A 909 -121.72 -79.14 101.61
CA ASN A 909 -122.14 -78.61 100.31
C ASN A 909 -122.27 -77.11 100.45
N PHE A 910 -122.42 -76.45 99.31
CA PHE A 910 -122.66 -75.01 99.26
C PHE A 910 -124.14 -74.66 99.42
N HIS A 911 -125.03 -75.66 99.37
CA HIS A 911 -126.43 -75.41 99.68
C HIS A 911 -126.58 -75.05 101.15
N SER A 912 -125.85 -75.75 102.04
CA SER A 912 -125.81 -75.37 103.44
C SER A 912 -125.19 -73.99 103.62
N LEU A 913 -124.23 -73.65 102.77
CA LEU A 913 -123.59 -72.35 102.82
C LEU A 913 -124.53 -71.29 102.25
N PRO A 914 -124.34 -70.01 102.63
CA PRO A 914 -125.27 -68.95 102.17
C PRO A 914 -125.35 -68.83 100.65
N GLU A 915 -126.58 -68.61 100.17
CA GLU A 915 -126.87 -68.53 98.73
C GLU A 915 -126.14 -67.42 97.96
N PRO A 916 -126.05 -66.15 98.44
CA PRO A 916 -125.35 -65.13 97.61
C PRO A 916 -123.90 -65.45 97.34
N GLU A 917 -123.11 -65.77 98.37
CA GLU A 917 -121.72 -66.16 98.14
C GLU A 917 -121.64 -67.49 97.36
N ARG A 918 -122.67 -68.33 97.45
CA ARG A 918 -122.72 -69.58 96.69
C ARG A 918 -122.75 -69.31 95.18
N ASN A 919 -123.82 -68.67 94.70
CA ASN A 919 -123.89 -68.37 93.27
C ASN A 919 -122.83 -67.34 92.85
N TYR A 920 -122.31 -66.56 93.80
CA TYR A 920 -121.13 -65.75 93.56
C TYR A 920 -119.92 -66.62 93.23
N ASN A 921 -119.76 -67.74 93.95
CA ASN A 921 -118.65 -68.66 93.66
C ASN A 921 -118.84 -69.33 92.30
N LEU A 922 -120.10 -69.70 91.97
CA LEU A 922 -120.40 -70.19 90.62
C LEU A 922 -119.99 -69.20 89.54
N GLN A 923 -120.40 -67.95 89.68
CA GLN A 923 -120.09 -66.96 88.65
C GLN A 923 -118.66 -66.44 88.78
N MET A 924 -117.95 -66.73 89.87
CA MET A 924 -116.49 -66.56 89.90
C MET A 924 -115.77 -67.64 89.11
N SER A 925 -116.26 -68.89 89.17
CA SER A 925 -115.75 -69.91 88.26
C SER A 925 -116.01 -69.54 86.80
N GLY A 926 -117.21 -69.04 86.53
CA GLY A 926 -117.51 -68.48 85.22
C GLY A 926 -116.62 -67.29 84.86
N GLU A 927 -116.28 -66.48 85.86
CA GLU A 927 -115.42 -65.31 85.66
C GLU A 927 -114.01 -65.73 85.28
N THR A 928 -113.49 -66.77 85.93
CA THR A 928 -112.22 -67.35 85.53
C THR A 928 -112.25 -67.90 84.12
N LEU A 929 -113.35 -68.58 83.75
CA LEU A 929 -113.50 -69.01 82.35
C LEU A 929 -113.60 -67.83 81.38
N LYS A 930 -114.18 -66.71 81.82
CA LYS A 930 -114.27 -65.53 80.97
C LYS A 930 -112.89 -64.89 80.79
N THR A 931 -112.08 -64.91 81.86
CA THR A 931 -110.68 -64.53 81.74
C THR A 931 -109.93 -65.44 80.78
N LEU A 932 -110.23 -66.75 80.81
CA LEU A 932 -109.62 -67.68 79.85
C LEU A 932 -109.98 -67.32 78.42
N LEU A 933 -111.24 -66.94 78.20
CA LEU A 933 -111.70 -66.49 76.89
C LEU A 933 -110.97 -65.23 76.45
N ALA A 934 -110.95 -64.20 77.31
CA ALA A 934 -110.32 -62.93 76.95
C ALA A 934 -108.82 -63.10 76.75
N LEU A 935 -108.20 -64.06 77.44
CA LEU A 935 -106.79 -64.36 77.25
C LEU A 935 -106.57 -65.07 75.94
N GLY A 936 -107.52 -65.92 75.53
CA GLY A 936 -107.36 -66.73 74.33
C GLY A 936 -107.34 -68.23 74.56
N CYS A 937 -108.09 -68.70 75.55
CA CYS A 937 -108.21 -70.13 75.82
C CYS A 937 -109.57 -70.64 75.36
N HIS A 938 -109.56 -71.73 74.59
CA HIS A 938 -110.77 -72.35 74.08
C HIS A 938 -110.70 -73.85 74.32
N VAL A 939 -111.86 -74.51 74.41
CA VAL A 939 -111.92 -75.88 74.90
C VAL A 939 -112.42 -76.79 73.80
N GLY A 940 -111.95 -78.04 73.85
CA GLY A 940 -112.38 -79.08 72.92
C GLY A 940 -112.35 -80.45 73.58
N MET A 941 -113.36 -81.28 73.32
CA MET A 941 -113.54 -82.54 74.01
C MET A 941 -113.15 -83.68 73.06
N ALA A 942 -112.22 -84.53 73.49
CA ALA A 942 -111.81 -85.68 72.71
C ALA A 942 -112.08 -87.00 73.42
N ASP A 943 -111.51 -87.22 74.61
CA ASP A 943 -111.31 -88.57 75.12
C ASP A 943 -112.49 -88.98 76.01
N GLU A 944 -112.33 -90.08 76.76
CA GLU A 944 -113.32 -90.61 77.68
C GLU A 944 -113.70 -89.58 78.75
N LYS A 945 -115.00 -89.52 79.06
CA LYS A 945 -115.52 -88.55 80.02
C LYS A 945 -114.97 -88.87 81.40
N ALA A 946 -114.27 -87.89 82.00
CA ALA A 946 -113.65 -88.07 83.31
C ALA A 946 -114.67 -88.37 84.41
N GLU A 947 -115.93 -87.97 84.21
CA GLU A 947 -117.01 -88.24 85.16
C GLU A 947 -117.13 -89.73 85.48
N ASP A 948 -116.90 -90.59 84.47
CA ASP A 948 -116.97 -92.03 84.68
C ASP A 948 -115.79 -92.51 85.53
N ASN A 949 -114.58 -92.08 85.17
CA ASN A 949 -113.36 -92.64 85.73
C ASN A 949 -112.87 -91.78 86.90
N LEU A 950 -113.73 -90.92 87.41
CA LEU A 950 -113.48 -90.16 88.64
C LEU A 950 -114.38 -90.71 89.74
N LYS A 951 -113.89 -90.62 90.97
CA LYS A 951 -114.65 -91.07 92.14
C LYS A 951 -114.36 -90.15 93.31
N LYS A 952 -115.27 -90.18 94.28
CA LYS A 952 -115.11 -89.43 95.53
C LYS A 952 -114.55 -90.37 96.59
N THR A 953 -113.54 -89.90 97.32
CA THR A 953 -112.81 -90.72 98.27
C THR A 953 -113.10 -90.21 99.67
N LYS A 954 -113.87 -90.99 100.44
CA LYS A 954 -114.10 -90.69 101.85
C LYS A 954 -112.84 -91.11 102.60
N LEU A 955 -111.88 -90.20 102.66
CA LEU A 955 -110.61 -90.47 103.32
C LEU A 955 -110.80 -90.57 104.83
N PRO A 956 -109.92 -91.30 105.53
CA PRO A 956 -109.93 -91.21 107.00
C PRO A 956 -109.72 -89.80 107.51
N LYS A 957 -108.83 -89.04 106.88
CA LYS A 957 -108.78 -87.60 107.11
C LYS A 957 -109.98 -86.93 106.45
N THR A 958 -110.30 -85.73 106.94
CA THR A 958 -111.46 -84.92 106.54
C THR A 958 -112.79 -85.61 106.84
N TYR A 959 -112.80 -86.57 107.75
CA TYR A 959 -114.05 -87.17 108.19
C TYR A 959 -114.77 -86.24 109.14
N MET A 960 -116.06 -86.03 108.91
CA MET A 960 -116.85 -85.14 109.73
C MET A 960 -118.19 -85.78 110.09
N MET A 961 -118.77 -85.29 111.18
CA MET A 961 -120.02 -85.77 111.71
C MET A 961 -121.21 -85.01 111.16
N SER A 962 -120.99 -83.83 110.60
CA SER A 962 -122.07 -82.98 110.08
C SER A 962 -122.43 -83.43 108.67
N ASN A 963 -123.53 -84.20 108.58
CA ASN A 963 -124.16 -84.63 107.32
C ASN A 963 -123.17 -85.36 106.41
N GLY A 964 -122.54 -86.39 106.97
CA GLY A 964 -121.65 -87.25 106.22
C GLY A 964 -120.30 -86.60 105.95
N TYR A 965 -119.38 -87.42 105.44
CA TYR A 965 -118.02 -86.96 105.15
C TYR A 965 -117.71 -87.14 103.68
N LYS A 966 -116.98 -86.17 103.12
CA LYS A 966 -116.60 -86.15 101.73
C LYS A 966 -115.41 -85.22 101.59
N PRO A 967 -114.64 -85.32 100.49
CA PRO A 967 -113.65 -84.27 100.21
C PRO A 967 -114.35 -82.92 100.10
N ALA A 968 -113.72 -81.89 100.69
CA ALA A 968 -114.32 -80.56 100.69
C ALA A 968 -114.52 -79.99 99.27
N PRO A 969 -113.51 -80.00 98.34
CA PRO A 969 -113.86 -79.73 96.94
C PRO A 969 -114.35 -81.01 96.28
N LEU A 970 -114.61 -80.96 94.97
CA LEU A 970 -114.98 -82.19 94.27
C LEU A 970 -113.69 -82.96 93.97
N ASP A 971 -113.72 -84.27 94.21
CA ASP A 971 -112.51 -85.07 94.13
C ASP A 971 -112.03 -85.21 92.67
N LEU A 972 -110.77 -85.58 92.52
CA LEU A 972 -110.17 -85.75 91.21
C LEU A 972 -109.05 -86.79 91.33
N SER A 973 -108.85 -87.56 90.25
CA SER A 973 -107.83 -88.59 90.19
C SER A 973 -106.57 -88.01 89.54
N HIS A 974 -105.62 -88.89 89.20
CA HIS A 974 -104.38 -88.56 88.51
C HIS A 974 -104.57 -87.77 87.21
N VAL A 975 -104.10 -86.53 87.21
CA VAL A 975 -104.21 -85.58 86.09
C VAL A 975 -102.95 -84.73 86.14
N ARG A 976 -102.41 -84.36 84.96
CA ARG A 976 -101.16 -83.61 84.88
C ARG A 976 -101.39 -82.32 84.10
N LEU A 977 -100.35 -81.48 84.03
CA LEU A 977 -100.46 -80.17 83.39
C LEU A 977 -99.16 -79.83 82.68
N THR A 978 -99.27 -79.36 81.43
CA THR A 978 -98.12 -78.99 80.62
C THR A 978 -97.68 -77.55 80.93
N PRO A 979 -96.44 -77.16 80.55
CA PRO A 979 -95.97 -75.79 80.85
C PRO A 979 -96.83 -74.67 80.28
N ALA A 980 -97.47 -74.86 79.10
CA ALA A 980 -98.42 -73.88 78.58
C ALA A 980 -99.51 -73.58 79.61
N GLN A 981 -100.04 -74.64 80.26
CA GLN A 981 -101.02 -74.46 81.31
C GLN A 981 -100.42 -73.79 82.54
N THR A 982 -99.13 -74.03 82.82
CA THR A 982 -98.49 -73.36 83.96
C THR A 982 -98.41 -71.86 83.74
N THR A 983 -97.93 -71.44 82.57
CA THR A 983 -97.88 -70.01 82.25
C THR A 983 -99.29 -69.40 82.22
N LEU A 984 -100.25 -70.13 81.64
CA LEU A 984 -101.61 -69.61 81.55
C LEU A 984 -102.25 -69.43 82.93
N VAL A 985 -102.04 -70.38 83.84
CA VAL A 985 -102.60 -70.22 85.18
C VAL A 985 -101.86 -69.12 85.93
N ASP A 986 -100.57 -68.90 85.62
CA ASP A 986 -99.81 -67.80 86.21
C ASP A 986 -100.44 -66.46 85.85
N ARG A 987 -100.67 -66.23 84.54
CA ARG A 987 -101.28 -64.95 84.15
C ARG A 987 -102.76 -64.89 84.53
N LEU A 988 -103.42 -66.04 84.68
CA LEU A 988 -104.79 -66.06 85.19
C LEU A 988 -104.84 -65.57 86.63
N ALA A 989 -103.87 -65.99 87.44
CA ALA A 989 -103.76 -65.49 88.81
C ALA A 989 -103.38 -64.01 88.81
N GLU A 990 -102.53 -63.61 87.86
CA GLU A 990 -102.21 -62.20 87.69
C GLU A 990 -103.47 -61.37 87.44
N ASN A 991 -104.34 -61.84 86.54
CA ASN A 991 -105.55 -61.08 86.22
C ASN A 991 -106.58 -61.20 87.34
N GLY A 992 -106.40 -62.13 88.28
CA GLY A 992 -107.27 -62.15 89.43
C GLY A 992 -106.83 -61.12 90.45
N HIS A 993 -105.51 -61.12 90.70
CA HIS A 993 -104.91 -60.19 91.64
C HIS A 993 -105.13 -58.74 91.21
N ASN A 994 -104.97 -58.47 89.91
CA ASN A 994 -105.06 -57.08 89.44
C ASN A 994 -106.50 -56.57 89.44
N VAL A 995 -107.48 -57.47 89.35
CA VAL A 995 -108.88 -57.06 89.46
C VAL A 995 -109.21 -56.81 90.93
N TRP A 996 -108.70 -57.67 91.82
CA TRP A 996 -108.91 -57.48 93.25
C TRP A 996 -108.31 -56.16 93.72
N ALA A 997 -107.07 -55.88 93.27
CA ALA A 997 -106.38 -54.64 93.63
C ALA A 997 -107.11 -53.42 93.07
N ARG A 998 -107.59 -53.52 91.82
CA ARG A 998 -108.36 -52.45 91.20
C ARG A 998 -109.61 -52.14 92.01
N ASP A 999 -110.32 -53.21 92.44
CA ASP A 999 -111.53 -53.03 93.23
C ASP A 999 -111.22 -52.36 94.57
N ARG A 1000 -110.17 -52.80 95.25
CA ARG A 1000 -109.77 -52.22 96.54
C ARG A 1000 -109.43 -50.75 96.39
N VAL A 1001 -108.71 -50.40 95.32
CA VAL A 1001 -108.39 -49.01 95.02
C VAL A 1001 -109.67 -48.22 94.80
N ALA A 1002 -110.61 -48.79 94.04
CA ALA A 1002 -111.90 -48.13 93.86
C ALA A 1002 -112.68 -47.98 95.16
N GLN A 1003 -112.37 -48.80 96.18
CA GLN A 1003 -112.88 -48.52 97.53
C GLN A 1003 -111.91 -47.70 98.36
N GLY A 1004 -110.88 -47.12 97.75
CA GLY A 1004 -110.03 -46.16 98.42
C GLY A 1004 -108.72 -46.69 98.97
N TRP A 1005 -108.61 -48.01 99.14
CA TRP A 1005 -107.45 -48.64 99.76
C TRP A 1005 -106.13 -48.34 99.02
N SER A 1006 -105.02 -48.58 99.72
CA SER A 1006 -103.67 -48.40 99.16
C SER A 1006 -102.70 -49.36 99.84
N TYR A 1007 -101.43 -49.27 99.44
CA TYR A 1007 -100.39 -50.16 99.91
C TYR A 1007 -99.70 -49.61 101.15
N SER A 1008 -99.32 -50.51 102.06
CA SER A 1008 -98.47 -50.19 103.21
C SER A 1008 -97.87 -51.50 103.68
N ALA A 1009 -96.54 -51.51 103.89
CA ALA A 1009 -95.84 -52.73 104.32
C ALA A 1009 -96.32 -53.26 105.67
N VAL A 1010 -96.97 -52.44 106.48
CA VAL A 1010 -97.62 -52.86 107.71
C VAL A 1010 -99.12 -52.71 107.51
N GLN A 1011 -99.88 -53.74 107.89
CA GLN A 1011 -101.29 -53.76 107.60
C GLN A 1011 -102.05 -52.87 108.57
N ASP A 1012 -102.92 -52.02 108.01
CA ASP A 1012 -103.78 -51.13 108.78
C ASP A 1012 -105.19 -51.22 108.20
N ILE A 1013 -106.02 -52.07 108.80
CA ILE A 1013 -107.40 -52.25 108.35
C ILE A 1013 -108.25 -50.99 108.58
N PRO A 1014 -108.31 -50.37 109.78
CA PRO A 1014 -109.13 -49.14 109.89
C PRO A 1014 -108.64 -47.99 109.02
N ALA A 1015 -107.33 -47.92 108.75
CA ALA A 1015 -106.80 -46.95 107.81
C ALA A 1015 -106.87 -47.44 106.36
N ARG A 1016 -107.36 -48.68 106.16
CA ARG A 1016 -107.66 -49.25 104.83
C ARG A 1016 -106.40 -49.36 103.98
N ARG A 1017 -105.37 -49.98 104.54
CA ARG A 1017 -104.13 -50.21 103.82
C ARG A 1017 -103.68 -51.65 104.04
N ASN A 1018 -103.07 -52.23 103.02
CA ASN A 1018 -102.76 -53.64 102.96
C ASN A 1018 -101.33 -53.82 102.47
N PRO A 1019 -100.62 -54.87 102.91
CA PRO A 1019 -99.30 -55.18 102.36
C PRO A 1019 -99.33 -55.90 101.03
N ARG A 1020 -100.50 -56.18 100.46
CA ARG A 1020 -100.57 -56.93 99.23
C ARG A 1020 -101.23 -56.14 98.12
N LEU A 1021 -101.57 -54.87 98.35
CA LEU A 1021 -102.06 -53.99 97.30
C LEU A 1021 -100.91 -53.47 96.44
N VAL A 1022 -100.30 -54.38 95.71
CA VAL A 1022 -99.36 -54.07 94.65
C VAL A 1022 -99.75 -54.97 93.48
N PRO A 1023 -99.45 -54.59 92.24
CA PRO A 1023 -99.67 -55.49 91.11
C PRO A 1023 -98.88 -56.79 91.25
N TYR A 1024 -99.44 -57.85 90.64
CA TYR A 1024 -98.92 -59.21 90.76
C TYR A 1024 -97.43 -59.27 90.47
N ARG A 1025 -96.97 -58.49 89.48
CA ARG A 1025 -95.57 -58.48 89.09
C ARG A 1025 -94.69 -57.98 90.23
N LEU A 1026 -95.25 -57.21 91.17
CA LEU A 1026 -94.54 -56.67 92.31
C LEU A 1026 -94.84 -57.44 93.59
N LEU A 1027 -95.80 -58.37 93.54
CA LEU A 1027 -96.16 -59.18 94.70
C LEU A 1027 -94.99 -60.08 95.11
N ASP A 1028 -95.13 -60.70 96.28
CA ASP A 1028 -94.12 -61.61 96.81
C ASP A 1028 -94.39 -63.04 96.35
N GLU A 1029 -93.34 -63.86 96.38
CA GLU A 1029 -93.41 -65.23 95.86
C GLU A 1029 -94.36 -66.10 96.68
N ALA A 1030 -94.45 -65.85 97.99
CA ALA A 1030 -95.38 -66.58 98.85
C ALA A 1030 -96.82 -66.38 98.41
N THR A 1031 -97.22 -65.12 98.21
CA THR A 1031 -98.59 -64.83 97.79
C THR A 1031 -98.83 -65.27 96.35
N LYS A 1032 -97.82 -65.13 95.48
CA LYS A 1032 -97.92 -65.64 94.11
C LYS A 1032 -98.26 -67.13 94.10
N ARG A 1033 -97.53 -67.91 94.89
CA ARG A 1033 -97.76 -69.35 94.96
C ARG A 1033 -99.14 -69.65 95.56
N SER A 1034 -99.52 -68.89 96.60
CA SER A 1034 -100.80 -69.12 97.25
C SER A 1034 -101.98 -68.84 96.31
N ASN A 1035 -101.89 -67.76 95.52
CA ASN A 1035 -102.93 -67.52 94.51
C ASN A 1035 -102.89 -68.59 93.41
N ARG A 1036 -101.70 -68.93 92.92
CA ARG A 1036 -101.59 -69.87 91.80
C ARG A 1036 -102.04 -71.28 92.15
N ASP A 1037 -101.94 -71.68 93.43
CA ASP A 1037 -102.29 -73.05 93.82
C ASP A 1037 -103.76 -73.38 93.58
N SER A 1038 -104.66 -72.47 93.98
CA SER A 1038 -106.10 -72.70 93.86
C SER A 1038 -106.52 -72.82 92.40
N LEU A 1039 -106.12 -71.85 91.59
CA LEU A 1039 -106.49 -71.85 90.18
C LEU A 1039 -105.71 -72.91 89.41
N CYS A 1040 -104.55 -73.35 89.91
CA CYS A 1040 -103.86 -74.50 89.33
C CYS A 1040 -104.68 -75.76 89.53
N GLN A 1041 -105.25 -75.92 90.72
CA GLN A 1041 -106.17 -77.04 90.95
C GLN A 1041 -107.39 -76.93 90.04
N ALA A 1042 -107.90 -75.71 89.86
CA ALA A 1042 -109.07 -75.49 88.99
C ALA A 1042 -108.77 -75.89 87.54
N VAL A 1043 -107.65 -75.40 86.99
CA VAL A 1043 -107.31 -75.71 85.61
C VAL A 1043 -106.95 -77.20 85.48
N ARG A 1044 -106.44 -77.80 86.56
CA ARG A 1044 -106.20 -79.24 86.57
C ARG A 1044 -107.51 -80.02 86.45
N THR A 1045 -108.52 -79.59 87.21
CA THR A 1045 -109.85 -80.21 87.14
C THR A 1045 -110.46 -80.03 85.75
N LEU A 1046 -110.22 -78.86 85.13
CA LEU A 1046 -110.67 -78.65 83.77
C LEU A 1046 -109.97 -79.60 82.80
N LEU A 1047 -108.65 -79.78 82.99
CA LEU A 1047 -107.86 -80.65 82.12
C LEU A 1047 -108.28 -82.10 82.25
N GLY A 1048 -108.67 -82.51 83.47
CA GLY A 1048 -109.12 -83.88 83.70
C GLY A 1048 -110.28 -84.30 82.82
N TYR A 1049 -111.23 -83.39 82.59
CA TYR A 1049 -112.36 -83.64 81.70
C TYR A 1049 -111.98 -83.62 80.22
N GLY A 1050 -110.69 -83.49 79.90
CA GLY A 1050 -110.19 -83.63 78.55
C GLY A 1050 -110.35 -82.41 77.70
N TYR A 1051 -110.90 -81.32 78.25
CA TYR A 1051 -111.10 -80.12 77.45
C TYR A 1051 -109.78 -79.38 77.33
N ASN A 1052 -109.39 -79.11 76.08
CA ASN A 1052 -108.07 -78.56 75.79
C ASN A 1052 -107.91 -77.16 76.35
N ILE A 1053 -106.72 -76.87 76.85
CA ILE A 1053 -106.35 -75.52 77.26
C ILE A 1053 -105.50 -74.98 76.12
N GLU A 1054 -106.11 -74.14 75.27
CA GLU A 1054 -105.44 -73.70 74.06
C GLU A 1054 -104.65 -72.44 74.34
N PRO A 1055 -103.31 -72.45 74.14
CA PRO A 1055 -102.56 -71.21 74.27
C PRO A 1055 -102.98 -70.22 73.21
N PRO A 1056 -102.97 -68.94 73.53
CA PRO A 1056 -103.25 -67.89 72.54
C PRO A 1056 -102.02 -67.64 71.67
N ASP A 1057 -102.17 -66.73 70.72
CA ASP A 1057 -101.05 -66.31 69.90
C ASP A 1057 -100.00 -65.56 70.74
N GLN A 1058 -98.77 -65.58 70.25
CA GLN A 1058 -97.64 -64.97 70.95
C GLN A 1058 -97.28 -63.63 70.30
N GLU A 1059 -97.25 -62.57 71.10
CA GLU A 1059 -96.88 -61.24 70.64
C GLU A 1059 -95.69 -60.75 71.46
N PRO A 1060 -94.53 -60.54 70.83
CA PRO A 1060 -93.36 -60.04 71.57
C PRO A 1060 -93.48 -58.55 71.87
N SER A 1061 -93.29 -58.19 73.14
CA SER A 1061 -93.43 -56.81 73.58
C SER A 1061 -92.25 -56.41 74.45
N GLN A 1062 -91.93 -55.12 74.40
CA GLN A 1062 -90.88 -54.50 75.18
C GLN A 1062 -91.51 -53.51 76.16
N VAL A 1063 -91.10 -53.58 77.43
CA VAL A 1063 -91.71 -52.75 78.46
C VAL A 1063 -91.39 -51.27 78.23
N GLU A 1064 -90.12 -50.96 77.98
CA GLU A 1064 -89.70 -49.59 77.71
C GLU A 1064 -89.01 -49.55 76.36
N ASN A 1065 -89.47 -48.65 75.50
CA ASN A 1065 -88.95 -48.54 74.13
C ASN A 1065 -88.38 -47.17 73.80
N GLN A 1066 -88.95 -46.11 74.37
CA GLN A 1066 -88.56 -44.73 74.01
C GLN A 1066 -87.08 -44.47 74.30
N SER A 1067 -86.63 -44.80 75.49
CA SER A 1067 -85.24 -44.52 75.84
C SER A 1067 -84.37 -45.67 75.35
N ARG A 1068 -84.19 -45.70 74.01
CA ARG A 1068 -83.31 -46.67 73.39
C ARG A 1068 -81.84 -46.39 73.65
N TRP A 1069 -81.49 -45.13 73.97
CA TRP A 1069 -80.12 -44.67 74.12
C TRP A 1069 -79.26 -45.60 74.95
N ASP A 1070 -79.25 -45.40 76.27
CA ASP A 1070 -78.34 -46.19 77.08
C ASP A 1070 -78.96 -47.54 77.46
N ARG A 1071 -79.22 -48.35 76.42
CA ARG A 1071 -79.51 -49.77 76.69
C ARG A 1071 -78.25 -50.39 77.24
N VAL A 1072 -77.13 -50.00 76.66
CA VAL A 1072 -75.86 -50.43 77.17
C VAL A 1072 -74.88 -49.28 77.14
N ARG A 1073 -73.96 -49.28 78.10
CA ARG A 1073 -72.96 -48.22 78.11
C ARG A 1073 -71.63 -48.70 77.55
N ILE A 1074 -70.92 -47.77 76.90
CA ILE A 1074 -69.65 -48.05 76.25
C ILE A 1074 -68.51 -47.60 77.17
N PHE A 1075 -67.63 -48.54 77.53
CA PHE A 1075 -66.51 -48.29 78.43
C PHE A 1075 -65.25 -48.53 77.62
N ARG A 1076 -64.37 -47.54 77.55
CA ARG A 1076 -63.16 -47.70 76.73
C ARG A 1076 -62.01 -46.88 77.29
N ALA A 1077 -60.80 -47.23 76.88
CA ALA A 1077 -59.66 -46.48 77.36
C ALA A 1077 -59.55 -45.14 76.61
N GLU A 1078 -58.84 -44.20 77.23
CA GLU A 1078 -58.61 -42.91 76.63
C GLU A 1078 -57.66 -43.05 75.46
N LYS A 1079 -57.83 -42.21 74.43
CA LYS A 1079 -57.10 -42.36 73.17
C LYS A 1079 -55.59 -42.22 73.32
N SER A 1080 -55.11 -41.58 74.40
CA SER A 1080 -53.67 -41.51 74.63
C SER A 1080 -53.03 -42.88 74.88
N TYR A 1081 -53.83 -43.88 75.24
CA TYR A 1081 -53.34 -45.22 75.55
C TYR A 1081 -53.35 -46.15 74.34
N THR A 1082 -53.62 -45.61 73.16
CA THR A 1082 -53.78 -46.41 71.95
C THR A 1082 -52.48 -47.15 71.59
N VAL A 1083 -52.63 -48.39 71.13
CA VAL A 1083 -51.52 -49.24 70.78
C VAL A 1083 -51.56 -49.53 69.28
N GLN A 1084 -50.38 -49.66 68.69
CA GLN A 1084 -50.27 -49.89 67.25
C GLN A 1084 -49.63 -51.22 66.87
N SER A 1085 -48.86 -51.86 67.76
CA SER A 1085 -48.14 -53.07 67.38
C SER A 1085 -47.90 -53.90 68.63
N GLY A 1086 -47.02 -54.88 68.52
CA GLY A 1086 -46.80 -55.83 69.59
C GLY A 1086 -47.92 -56.87 69.63
N ARG A 1087 -48.14 -57.41 70.82
CA ARG A 1087 -49.25 -58.31 71.09
C ARG A 1087 -49.85 -57.94 72.43
N TRP A 1088 -51.18 -58.01 72.51
CA TRP A 1088 -51.86 -57.52 73.70
C TRP A 1088 -52.90 -58.51 74.21
N TYR A 1089 -53.02 -58.57 75.54
CA TYR A 1089 -54.02 -59.37 76.23
C TYR A 1089 -54.65 -58.56 77.35
N PHE A 1090 -55.93 -58.85 77.64
CA PHE A 1090 -56.61 -58.26 78.80
C PHE A 1090 -57.84 -59.08 79.13
N GLU A 1091 -57.98 -59.39 80.42
CA GLU A 1091 -59.10 -60.13 80.98
C GLU A 1091 -60.36 -59.25 81.05
N PHE A 1092 -61.49 -59.90 81.29
CA PHE A 1092 -62.75 -59.26 81.63
C PHE A 1092 -63.64 -60.30 82.31
N GLU A 1093 -64.30 -59.93 83.39
CA GLU A 1093 -65.16 -60.84 84.13
C GLU A 1093 -66.61 -60.40 83.95
N ALA A 1094 -67.48 -61.39 83.72
CA ALA A 1094 -68.92 -61.15 83.64
C ALA A 1094 -69.58 -61.71 84.90
N VAL A 1095 -69.86 -60.82 85.85
CA VAL A 1095 -70.53 -61.22 87.09
C VAL A 1095 -71.94 -61.72 86.79
N THR A 1096 -72.70 -60.95 86.01
CA THR A 1096 -74.02 -61.36 85.56
C THR A 1096 -73.89 -62.13 84.25
N THR A 1097 -75.02 -62.35 83.57
CA THR A 1097 -75.06 -63.16 82.35
C THR A 1097 -75.79 -62.46 81.22
N GLY A 1098 -75.92 -61.14 81.28
CA GLY A 1098 -76.73 -60.41 80.32
C GLY A 1098 -75.95 -59.96 79.11
N GLU A 1099 -76.47 -58.91 78.48
CA GLU A 1099 -75.88 -58.29 77.30
C GLU A 1099 -74.54 -57.64 77.67
N MET A 1100 -73.44 -58.27 77.29
CA MET A 1100 -72.15 -57.62 77.44
C MET A 1100 -71.34 -57.91 76.20
N ARG A 1101 -70.47 -56.98 75.84
CA ARG A 1101 -69.64 -57.15 74.66
C ARG A 1101 -68.23 -56.70 75.00
N VAL A 1102 -67.23 -57.46 74.58
CA VAL A 1102 -65.84 -57.12 74.89
C VAL A 1102 -65.01 -57.28 73.63
N GLY A 1103 -64.04 -56.40 73.44
CA GLY A 1103 -63.20 -56.51 72.26
C GLY A 1103 -62.34 -55.30 72.06
N TRP A 1104 -62.05 -55.00 70.79
CA TRP A 1104 -61.23 -53.85 70.45
C TRP A 1104 -61.99 -52.88 69.54
N ALA A 1105 -61.86 -51.59 69.84
CA ALA A 1105 -62.51 -50.55 69.06
C ALA A 1105 -61.49 -49.55 68.56
N ARG A 1106 -61.71 -49.06 67.34
CA ARG A 1106 -60.88 -48.00 66.79
C ARG A 1106 -61.08 -46.72 67.59
N PRO A 1107 -60.06 -45.87 67.67
CA PRO A 1107 -60.14 -44.67 68.54
C PRO A 1107 -61.25 -43.67 68.20
N GLU A 1108 -61.88 -43.77 67.05
CA GLU A 1108 -62.94 -42.83 66.65
C GLU A 1108 -64.31 -43.48 66.87
N LEU A 1109 -64.42 -44.29 67.92
CA LEU A 1109 -65.69 -44.96 68.22
C LEU A 1109 -66.74 -43.94 68.67
N ARG A 1110 -67.91 -44.00 68.05
CA ARG A 1110 -69.01 -43.15 68.44
C ARG A 1110 -69.59 -43.59 69.79
N PRO A 1111 -70.21 -42.67 70.53
CA PRO A 1111 -70.78 -43.05 71.83
C PRO A 1111 -72.23 -43.51 71.73
N ASP A 1112 -72.90 -43.21 70.62
CA ASP A 1112 -74.33 -43.44 70.48
C ASP A 1112 -74.66 -44.54 69.47
N VAL A 1113 -73.70 -45.40 69.14
CA VAL A 1113 -73.92 -46.49 68.21
C VAL A 1113 -73.52 -47.78 68.92
N GLU A 1114 -74.37 -48.80 68.78
CA GLU A 1114 -74.10 -50.09 69.39
C GLU A 1114 -72.83 -50.71 68.83
N LEU A 1115 -72.16 -51.49 69.67
CA LEU A 1115 -70.90 -52.10 69.30
C LEU A 1115 -71.10 -53.15 68.22
N GLY A 1116 -70.19 -53.16 67.24
CA GLY A 1116 -70.18 -54.18 66.21
C GLY A 1116 -71.09 -53.89 65.05
N ALA A 1117 -72.00 -52.92 65.17
CA ALA A 1117 -72.90 -52.58 64.06
C ALA A 1117 -72.16 -51.91 62.92
N ASP A 1118 -70.96 -51.40 63.16
CA ASP A 1118 -70.21 -50.59 62.21
C ASP A 1118 -68.84 -51.20 61.98
N GLU A 1119 -67.98 -50.44 61.31
CA GLU A 1119 -66.61 -50.84 61.00
C GLU A 1119 -65.62 -50.34 62.03
N LEU A 1120 -66.05 -49.56 63.01
CA LEU A 1120 -65.14 -48.97 63.98
C LEU A 1120 -64.97 -49.80 65.23
N ALA A 1121 -65.57 -50.99 65.30
CA ALA A 1121 -65.43 -51.81 66.49
C ALA A 1121 -65.52 -53.29 66.12
N TYR A 1122 -64.54 -54.06 66.58
CA TYR A 1122 -64.54 -55.51 66.42
C TYR A 1122 -64.77 -56.06 67.81
N VAL A 1123 -65.97 -56.57 68.06
CA VAL A 1123 -66.34 -56.91 69.41
C VAL A 1123 -66.94 -58.32 69.42
N PHE A 1124 -66.87 -58.97 70.58
CA PHE A 1124 -67.50 -60.27 70.79
C PHE A 1124 -68.65 -60.09 71.77
N ASN A 1125 -69.75 -60.79 71.50
CA ASN A 1125 -70.91 -60.83 72.36
C ASN A 1125 -71.12 -62.27 72.80
N GLY A 1126 -71.17 -62.50 74.10
CA GLY A 1126 -71.38 -63.84 74.58
C GLY A 1126 -72.59 -63.98 75.47
N HIS A 1127 -73.58 -63.11 75.26
CA HIS A 1127 -74.90 -63.47 75.74
C HIS A 1127 -75.45 -64.64 74.92
N ARG A 1128 -74.99 -64.79 73.67
CA ARG A 1128 -75.44 -65.89 72.83
C ARG A 1128 -74.34 -66.46 71.94
N GLY A 1129 -73.08 -66.07 72.13
CA GLY A 1129 -71.99 -66.61 71.32
C GLY A 1129 -71.92 -66.10 69.89
N GLN A 1130 -71.66 -64.81 69.71
CA GLN A 1130 -71.56 -64.21 68.38
C GLN A 1130 -70.38 -63.25 68.32
N ARG A 1131 -69.89 -63.01 67.12
CA ARG A 1131 -68.92 -61.96 66.85
C ARG A 1131 -69.59 -60.84 66.09
N TRP A 1132 -69.40 -59.61 66.54
CA TRP A 1132 -70.07 -58.43 66.00
C TRP A 1132 -69.05 -57.49 65.38
N HIS A 1133 -69.07 -57.42 64.05
CA HIS A 1133 -68.37 -56.37 63.31
C HIS A 1133 -69.08 -56.21 61.97
N LEU A 1134 -69.71 -55.05 61.75
CA LEU A 1134 -70.56 -54.77 60.57
C LEU A 1134 -71.64 -55.82 60.40
N GLY A 1135 -72.18 -56.31 61.51
CA GLY A 1135 -73.10 -57.43 61.51
C GLY A 1135 -72.62 -58.51 62.47
N SER A 1136 -73.49 -59.50 62.64
CA SER A 1136 -73.24 -60.54 63.62
C SER A 1136 -73.42 -61.91 63.01
N GLU A 1137 -72.50 -62.81 63.38
CA GLU A 1137 -72.55 -64.21 63.01
C GLU A 1137 -72.09 -65.03 64.21
N PRO A 1138 -72.54 -66.29 64.34
CA PRO A 1138 -72.20 -67.08 65.54
C PRO A 1138 -70.71 -67.33 65.70
N PHE A 1139 -70.26 -67.36 66.95
CA PHE A 1139 -68.85 -67.60 67.28
C PHE A 1139 -68.78 -68.04 68.74
N GLY A 1140 -68.36 -69.28 68.96
CA GLY A 1140 -68.18 -69.80 70.30
C GLY A 1140 -69.49 -70.02 71.02
N ARG A 1141 -69.42 -70.00 72.35
CA ARG A 1141 -70.55 -70.30 73.18
C ARG A 1141 -70.83 -69.17 74.15
N PRO A 1142 -72.10 -68.92 74.48
CA PRO A 1142 -72.41 -67.93 75.51
C PRO A 1142 -71.85 -68.32 76.87
N TRP A 1143 -71.46 -67.30 77.64
CA TRP A 1143 -70.88 -67.52 78.96
C TRP A 1143 -71.97 -67.84 79.99
N GLN A 1144 -71.53 -67.82 81.25
CA GLN A 1144 -72.38 -67.89 82.43
C GLN A 1144 -71.75 -66.96 83.46
N SER A 1145 -72.29 -66.96 84.68
CA SER A 1145 -71.75 -66.11 85.73
C SER A 1145 -70.33 -66.54 86.11
N GLY A 1146 -69.51 -65.55 86.46
CA GLY A 1146 -68.16 -65.79 86.91
C GLY A 1146 -67.16 -66.07 85.81
N ASP A 1147 -67.57 -66.03 84.55
CA ASP A 1147 -66.66 -66.29 83.45
C ASP A 1147 -65.76 -65.10 83.18
N VAL A 1148 -64.45 -65.37 83.12
CA VAL A 1148 -63.43 -64.38 82.82
C VAL A 1148 -62.86 -64.68 81.44
N VAL A 1149 -63.10 -63.77 80.49
CA VAL A 1149 -62.76 -63.93 79.10
C VAL A 1149 -61.59 -63.00 78.82
N GLY A 1150 -60.61 -63.48 78.07
CA GLY A 1150 -59.46 -62.67 77.72
C GLY A 1150 -59.28 -62.54 76.21
N CYS A 1151 -58.79 -61.38 75.78
CA CYS A 1151 -58.72 -61.14 74.34
C CYS A 1151 -57.28 -61.04 73.87
N MET A 1152 -56.94 -61.85 72.87
CA MET A 1152 -55.73 -61.68 72.09
C MET A 1152 -55.91 -60.57 71.08
N ILE A 1153 -54.79 -59.89 70.75
CA ILE A 1153 -54.71 -59.11 69.52
C ILE A 1153 -53.24 -59.06 69.10
N ASP A 1154 -53.00 -59.47 67.85
CA ASP A 1154 -51.67 -59.56 67.27
C ASP A 1154 -51.67 -58.69 66.01
N LEU A 1155 -51.19 -57.46 66.18
CA LEU A 1155 -51.10 -56.50 65.09
C LEU A 1155 -50.05 -56.86 64.04
N THR A 1156 -49.16 -57.81 64.34
CA THR A 1156 -48.14 -58.23 63.38
C THR A 1156 -48.76 -58.91 62.16
N GLU A 1157 -49.81 -59.70 62.37
CA GLU A 1157 -50.47 -60.41 61.28
C GLU A 1157 -51.97 -60.12 61.25
N ASN A 1158 -52.42 -59.14 62.04
CA ASN A 1158 -53.81 -58.65 62.07
C ASN A 1158 -54.78 -59.75 62.50
N THR A 1159 -54.60 -60.26 63.71
CA THR A 1159 -55.45 -61.32 64.23
C THR A 1159 -56.02 -60.98 65.60
N ILE A 1160 -57.32 -61.16 65.75
CA ILE A 1160 -58.06 -60.90 66.98
C ILE A 1160 -58.63 -62.23 67.43
N ILE A 1161 -58.39 -62.60 68.70
CA ILE A 1161 -58.88 -63.89 69.20
C ILE A 1161 -59.50 -63.69 70.57
N PHE A 1162 -60.65 -64.31 70.82
CA PHE A 1162 -61.27 -64.23 72.14
C PHE A 1162 -61.16 -65.59 72.80
N THR A 1163 -60.92 -65.59 74.12
CA THR A 1163 -60.77 -66.79 74.92
C THR A 1163 -61.75 -66.76 76.09
N LEU A 1164 -62.34 -67.92 76.39
CA LEU A 1164 -63.28 -68.09 77.50
C LEU A 1164 -62.64 -68.97 78.56
N ASN A 1165 -62.33 -68.35 79.71
CA ASN A 1165 -61.80 -68.99 80.92
C ASN A 1165 -60.61 -69.90 80.61
N GLY A 1166 -59.64 -69.36 79.88
CA GLY A 1166 -58.45 -70.09 79.53
C GLY A 1166 -58.59 -71.01 78.35
N GLU A 1167 -59.74 -71.01 77.68
CA GLU A 1167 -59.97 -71.84 76.52
C GLU A 1167 -60.36 -70.96 75.34
N VAL A 1168 -59.76 -71.24 74.19
CA VAL A 1168 -59.98 -70.44 72.99
C VAL A 1168 -61.38 -70.71 72.47
N LEU A 1169 -62.12 -69.64 72.19
CA LEU A 1169 -63.38 -69.78 71.48
C LEU A 1169 -63.13 -70.09 70.01
N MET A 1170 -64.18 -70.52 69.32
CA MET A 1170 -64.01 -71.04 67.98
C MET A 1170 -65.18 -70.57 67.12
N SER A 1171 -64.94 -70.47 65.81
CA SER A 1171 -65.97 -70.06 64.87
C SER A 1171 -66.60 -71.29 64.22
N ASP A 1172 -67.50 -71.04 63.27
CA ASP A 1172 -68.13 -72.11 62.49
C ASP A 1172 -67.28 -72.51 61.30
N SER A 1173 -66.01 -72.82 61.54
CA SER A 1173 -65.02 -73.08 60.50
C SER A 1173 -63.84 -73.79 61.16
N GLY A 1174 -62.72 -73.86 60.43
CA GLY A 1174 -61.47 -74.34 60.98
C GLY A 1174 -60.49 -73.25 61.39
N SER A 1175 -60.82 -71.98 61.14
CA SER A 1175 -59.95 -70.86 61.50
C SER A 1175 -60.14 -70.49 62.97
N GLU A 1176 -59.06 -70.56 63.75
CA GLU A 1176 -59.13 -70.24 65.18
C GLU A 1176 -59.39 -68.75 65.43
N THR A 1177 -59.10 -67.89 64.45
CA THR A 1177 -59.19 -66.45 64.62
C THR A 1177 -60.58 -65.98 64.25
N ALA A 1178 -61.20 -65.21 65.16
CA ALA A 1178 -62.50 -64.62 64.86
C ALA A 1178 -62.40 -63.61 63.72
N PHE A 1179 -61.33 -62.85 63.67
CA PHE A 1179 -61.15 -61.85 62.61
C PHE A 1179 -59.72 -61.90 62.10
N ARG A 1180 -59.53 -61.54 60.85
CA ARG A 1180 -58.21 -61.57 60.23
C ARG A 1180 -58.21 -60.56 59.09
N GLU A 1181 -57.01 -60.20 58.62
CA GLU A 1181 -56.74 -59.13 57.66
C GLU A 1181 -57.52 -57.86 58.00
N ILE A 1182 -57.23 -57.32 59.18
CA ILE A 1182 -57.78 -56.04 59.62
C ILE A 1182 -56.69 -54.97 59.55
N GLU A 1183 -56.99 -53.88 58.85
CA GLU A 1183 -56.02 -52.81 58.66
C GLU A 1183 -55.64 -52.19 59.99
N ILE A 1184 -54.38 -51.73 60.09
CA ILE A 1184 -53.88 -51.10 61.30
C ILE A 1184 -54.72 -49.89 61.67
N GLY A 1185 -54.95 -49.00 60.71
CA GLY A 1185 -55.75 -47.81 60.94
C GLY A 1185 -55.12 -46.89 61.96
N ASP A 1186 -56.00 -46.17 62.67
CA ASP A 1186 -55.57 -45.29 63.74
C ASP A 1186 -54.94 -46.09 64.88
N GLY A 1187 -55.56 -47.21 65.24
CA GLY A 1187 -55.12 -48.00 66.36
C GLY A 1187 -56.30 -48.77 66.92
N PHE A 1188 -56.05 -49.39 68.07
CA PHE A 1188 -57.07 -50.20 68.72
C PHE A 1188 -57.00 -50.04 70.23
N LEU A 1189 -58.16 -49.93 70.83
CA LEU A 1189 -58.32 -49.71 72.25
C LEU A 1189 -59.18 -50.83 72.81
N PRO A 1190 -58.81 -51.45 73.92
CA PRO A 1190 -59.70 -52.40 74.58
C PRO A 1190 -60.99 -51.71 74.98
N VAL A 1191 -62.10 -52.43 74.86
CA VAL A 1191 -63.40 -51.83 75.06
C VAL A 1191 -64.36 -52.90 75.54
N CYS A 1192 -65.37 -52.47 76.30
CA CYS A 1192 -66.43 -53.34 76.71
C CYS A 1192 -67.69 -52.52 76.82
N SER A 1193 -68.81 -53.19 76.72
CA SER A 1193 -70.11 -52.53 76.83
C SER A 1193 -70.94 -53.37 77.79
N LEU A 1194 -71.76 -52.71 78.61
CA LEU A 1194 -72.55 -53.40 79.63
C LEU A 1194 -74.02 -53.05 79.47
N GLY A 1195 -74.88 -54.10 79.46
CA GLY A 1195 -76.31 -53.98 79.34
C GLY A 1195 -76.95 -53.45 80.59
N PRO A 1196 -78.29 -53.36 80.58
CA PRO A 1196 -78.97 -52.81 81.75
C PRO A 1196 -78.88 -53.75 82.95
N GLY A 1197 -78.42 -53.21 84.08
CA GLY A 1197 -78.29 -54.00 85.28
C GLY A 1197 -77.31 -55.16 85.23
N GLN A 1198 -76.12 -54.92 84.73
CA GLN A 1198 -75.10 -55.94 84.59
C GLN A 1198 -73.89 -55.50 85.39
N VAL A 1199 -73.11 -56.47 85.83
CA VAL A 1199 -71.94 -56.17 86.65
C VAL A 1199 -70.76 -56.88 86.01
N GLY A 1200 -69.65 -56.18 85.86
CA GLY A 1200 -68.49 -56.82 85.28
C GLY A 1200 -67.22 -56.22 85.83
N HIS A 1201 -66.20 -57.05 85.91
CA HIS A 1201 -64.88 -56.60 86.36
C HIS A 1201 -63.99 -56.43 85.14
N LEU A 1202 -63.41 -55.26 84.99
CA LEU A 1202 -62.54 -55.00 83.86
C LEU A 1202 -61.14 -54.84 84.44
N ASN A 1203 -60.31 -55.85 84.20
CA ASN A 1203 -58.92 -55.85 84.66
C ASN A 1203 -58.05 -55.62 83.45
N LEU A 1204 -57.29 -54.53 83.48
CA LEU A 1204 -56.40 -54.16 82.39
C LEU A 1204 -55.00 -54.73 82.59
N GLY A 1205 -54.82 -55.54 83.62
CA GLY A 1205 -53.57 -56.24 83.86
C GLY A 1205 -52.42 -55.35 84.24
N GLN A 1206 -52.66 -54.35 85.09
CA GLN A 1206 -51.55 -53.63 85.70
C GLN A 1206 -50.70 -54.54 86.56
N ASP A 1207 -51.33 -55.42 87.32
CA ASP A 1207 -50.65 -56.46 88.10
C ASP A 1207 -50.75 -57.74 87.29
N VAL A 1208 -49.62 -58.20 86.75
CA VAL A 1208 -49.59 -59.44 85.97
C VAL A 1208 -49.90 -60.65 86.87
N SER A 1209 -49.43 -60.62 88.12
CA SER A 1209 -49.69 -61.71 89.05
C SER A 1209 -51.17 -61.79 89.43
N SER A 1210 -51.89 -60.67 89.40
CA SER A 1210 -53.31 -60.66 89.71
C SER A 1210 -54.16 -61.44 88.72
N LEU A 1211 -53.63 -61.74 87.53
CA LEU A 1211 -54.46 -62.32 86.49
C LEU A 1211 -54.61 -63.81 86.70
N ARG A 1212 -55.70 -64.35 86.14
CA ARG A 1212 -56.10 -65.73 86.35
C ARG A 1212 -56.00 -66.59 85.09
N PHE A 1213 -55.81 -65.99 83.93
CA PHE A 1213 -55.75 -66.77 82.71
C PHE A 1213 -54.67 -66.35 81.72
N PHE A 1214 -53.91 -65.28 81.98
CA PHE A 1214 -52.87 -64.86 81.05
C PHE A 1214 -51.77 -65.92 80.91
N ALA A 1215 -51.34 -66.49 82.04
CA ALA A 1215 -50.44 -67.64 81.98
C ALA A 1215 -51.09 -68.82 81.28
N ILE A 1216 -52.40 -68.97 81.42
CA ILE A 1216 -53.11 -70.08 80.81
C ILE A 1216 -53.15 -69.94 79.29
N CYS A 1217 -53.33 -68.72 78.80
CA CYS A 1217 -53.34 -68.48 77.36
C CYS A 1217 -52.73 -67.12 77.09
N GLY A 1218 -51.79 -67.08 76.15
CA GLY A 1218 -51.17 -65.83 75.76
C GLY A 1218 -49.73 -65.68 76.22
N LEU A 1219 -49.42 -66.07 77.46
CA LEU A 1219 -48.07 -65.86 77.99
C LEU A 1219 -47.04 -66.66 77.20
N GLN A 1220 -47.27 -67.97 77.06
CA GLN A 1220 -46.33 -68.80 76.31
C GLN A 1220 -46.32 -68.48 74.82
N GLU A 1221 -47.34 -67.78 74.32
CA GLU A 1221 -47.45 -67.44 72.91
C GLU A 1221 -46.62 -66.22 72.55
N GLY A 1222 -46.05 -65.54 73.54
CA GLY A 1222 -45.44 -64.25 73.33
C GLY A 1222 -46.36 -63.06 73.50
N PHE A 1223 -47.66 -63.28 73.70
CA PHE A 1223 -48.57 -62.17 73.98
C PHE A 1223 -48.25 -61.55 75.34
N GLU A 1224 -48.90 -60.41 75.62
CA GLU A 1224 -48.30 -59.64 76.69
C GLU A 1224 -49.38 -58.68 77.17
N PRO A 1225 -49.46 -58.38 78.49
CA PRO A 1225 -50.60 -57.61 79.01
C PRO A 1225 -50.69 -56.20 78.44
N PHE A 1226 -51.92 -55.68 78.38
CA PHE A 1226 -52.16 -54.36 77.79
C PHE A 1226 -51.51 -53.23 78.59
N ALA A 1227 -51.55 -53.28 79.91
CA ALA A 1227 -51.13 -52.15 80.75
C ALA A 1227 -50.08 -52.58 81.75
N ILE A 1228 -49.01 -53.19 81.23
CA ILE A 1228 -48.07 -53.95 82.04
C ILE A 1228 -47.31 -53.08 83.04
N ASN A 1229 -46.70 -51.99 82.57
CA ASN A 1229 -45.83 -51.14 83.38
C ASN A 1229 -46.50 -49.79 83.33
N MET A 1230 -47.46 -49.58 84.23
CA MET A 1230 -48.24 -48.35 84.27
C MET A 1230 -48.48 -48.07 85.75
N GLN A 1231 -47.72 -47.11 86.29
CA GLN A 1231 -47.84 -46.77 87.70
CA GLN A 1231 -47.84 -46.77 87.70
C GLN A 1231 -49.25 -46.29 88.04
N ARG A 1232 -49.81 -45.47 87.21
CA ARG A 1232 -51.18 -45.07 87.50
C ARG A 1232 -52.14 -46.04 86.84
N PRO A 1233 -53.36 -46.18 87.39
CA PRO A 1233 -54.39 -46.97 86.69
C PRO A 1233 -54.79 -46.29 85.38
N VAL A 1234 -55.19 -47.11 84.42
CA VAL A 1234 -55.57 -46.60 83.10
C VAL A 1234 -56.83 -45.77 83.26
N THR A 1235 -56.69 -44.45 83.09
CA THR A 1235 -57.85 -43.58 83.05
C THR A 1235 -58.73 -43.91 81.86
N THR A 1236 -59.97 -44.27 82.13
CA THR A 1236 -60.87 -44.73 81.09
C THR A 1236 -62.05 -43.77 80.97
N TRP A 1237 -62.86 -44.01 79.95
CA TRP A 1237 -63.98 -43.16 79.56
C TRP A 1237 -65.22 -44.02 79.40
N PHE A 1238 -66.37 -43.38 79.53
CA PHE A 1238 -67.65 -44.04 79.32
C PHE A 1238 -68.53 -43.12 78.47
N SER A 1239 -69.53 -43.71 77.84
CA SER A 1239 -70.46 -42.92 77.05
C SER A 1239 -71.58 -42.46 77.97
N LYS A 1240 -71.59 -41.16 78.29
CA LYS A 1240 -72.64 -40.54 79.07
C LYS A 1240 -73.83 -40.21 78.18
N SER A 1241 -74.96 -40.86 78.41
CA SER A 1241 -76.15 -40.58 77.61
C SER A 1241 -76.89 -39.34 78.10
N LEU A 1242 -76.18 -38.22 78.29
CA LEU A 1242 -76.79 -37.01 78.78
C LEU A 1242 -76.89 -36.03 77.62
N PRO A 1243 -78.11 -35.64 77.23
CA PRO A 1243 -78.29 -34.68 76.15
C PRO A 1243 -77.58 -33.35 76.41
N GLN A 1244 -76.87 -32.87 75.39
CA GLN A 1244 -76.15 -31.61 75.46
C GLN A 1244 -76.23 -30.98 74.09
N PHE A 1245 -76.02 -29.68 74.01
CA PHE A 1245 -76.14 -28.98 72.74
C PHE A 1245 -74.74 -28.76 72.16
N GLU A 1246 -74.50 -29.33 70.99
CA GLU A 1246 -73.22 -29.18 70.30
C GLU A 1246 -73.50 -28.81 68.86
N PRO A 1247 -72.56 -28.14 68.18
CA PRO A 1247 -72.80 -27.72 66.78
C PRO A 1247 -73.04 -28.90 65.85
N VAL A 1248 -73.90 -28.68 64.86
CA VAL A 1248 -74.18 -29.67 63.83
C VAL A 1248 -72.97 -29.86 62.93
N PRO A 1249 -72.48 -31.09 62.79
CA PRO A 1249 -71.34 -31.35 61.89
C PRO A 1249 -71.71 -31.07 60.45
N PRO A 1250 -70.79 -30.49 59.67
CA PRO A 1250 -71.09 -30.18 58.26
C PRO A 1250 -71.35 -31.39 57.39
N GLU A 1251 -70.93 -32.58 57.81
CA GLU A 1251 -71.06 -33.78 56.99
C GLU A 1251 -72.26 -34.64 57.36
N HIS A 1252 -73.14 -34.15 58.22
CA HIS A 1252 -74.29 -34.93 58.68
C HIS A 1252 -75.22 -35.26 57.52
N PRO A 1253 -75.48 -36.54 57.23
CA PRO A 1253 -76.17 -36.92 55.98
C PRO A 1253 -77.57 -36.37 55.81
N HIS A 1254 -78.34 -36.21 56.88
CA HIS A 1254 -79.73 -35.82 56.73
C HIS A 1254 -79.99 -34.33 56.93
N TYR A 1255 -79.23 -33.68 57.80
CA TYR A 1255 -79.50 -32.31 58.21
C TYR A 1255 -78.40 -31.38 57.70
N GLU A 1256 -78.80 -30.24 57.12
CA GLU A 1256 -77.87 -29.23 56.67
C GLU A 1256 -78.37 -27.87 57.11
N VAL A 1257 -77.43 -26.95 57.30
CA VAL A 1257 -77.73 -25.60 57.76
C VAL A 1257 -77.21 -24.60 56.74
N ALA A 1258 -78.08 -23.71 56.29
CA ALA A 1258 -77.75 -22.74 55.26
C ALA A 1258 -77.56 -21.38 55.90
N ARG A 1259 -76.50 -20.68 55.52
CA ARG A 1259 -76.23 -19.32 55.95
C ARG A 1259 -76.39 -18.39 54.75
N MET A 1260 -77.24 -17.38 54.91
CA MET A 1260 -77.56 -16.45 53.83
C MET A 1260 -77.25 -15.04 54.29
N ASP A 1261 -76.60 -14.27 53.42
CA ASP A 1261 -76.16 -12.92 53.74
C ASP A 1261 -77.37 -12.00 53.88
N GLY A 1262 -77.16 -10.89 54.57
CA GLY A 1262 -78.22 -9.90 54.72
C GLY A 1262 -78.42 -9.11 53.44
N THR A 1263 -79.59 -9.24 52.83
CA THR A 1263 -79.90 -8.48 51.62
C THR A 1263 -80.23 -7.03 52.00
N VAL A 1264 -80.50 -6.23 50.96
CA VAL A 1264 -80.92 -4.84 51.18
C VAL A 1264 -82.27 -4.77 51.89
N ASP A 1265 -83.16 -5.73 51.63
CA ASP A 1265 -84.49 -5.72 52.21
C ASP A 1265 -84.67 -6.70 53.37
N THR A 1266 -83.79 -7.68 53.53
CA THR A 1266 -83.96 -8.68 54.58
C THR A 1266 -82.72 -8.74 55.45
N PRO A 1267 -82.89 -9.03 56.74
CA PRO A 1267 -81.75 -9.30 57.61
C PRO A 1267 -81.13 -10.65 57.28
N PRO A 1268 -79.87 -10.91 57.67
CA PRO A 1268 -79.29 -12.23 57.41
C PRO A 1268 -80.04 -13.36 58.11
N CYS A 1269 -80.03 -14.52 57.46
CA CYS A 1269 -80.86 -15.64 57.86
C CYS A 1269 -80.03 -16.88 58.12
N LEU A 1270 -80.49 -17.67 59.08
CA LEU A 1270 -79.99 -19.01 59.35
C LEU A 1270 -81.08 -19.97 58.93
N ARG A 1271 -80.77 -20.86 58.01
CA ARG A 1271 -81.79 -21.68 57.38
C ARG A 1271 -81.51 -23.14 57.65
N LEU A 1272 -82.57 -23.93 57.86
CA LEU A 1272 -82.42 -25.35 58.04
C LEU A 1272 -83.29 -26.10 57.04
N ALA A 1273 -82.72 -27.15 56.45
CA ALA A 1273 -83.46 -27.99 55.54
C ALA A 1273 -82.90 -29.40 55.63
N HIS A 1274 -83.71 -30.37 55.20
CA HIS A 1274 -83.32 -31.77 55.22
C HIS A 1274 -82.64 -32.12 53.91
N ARG A 1275 -81.45 -32.71 53.99
CA ARG A 1275 -80.68 -33.01 52.79
C ARG A 1275 -81.36 -34.05 51.90
N THR A 1276 -81.92 -35.09 52.50
CA THR A 1276 -82.49 -36.21 51.75
C THR A 1276 -83.95 -36.49 52.07
N TRP A 1277 -84.74 -35.45 52.39
CA TRP A 1277 -86.16 -35.61 52.71
C TRP A 1277 -86.93 -36.22 51.54
N GLY A 1278 -87.87 -37.11 51.86
CA GLY A 1278 -88.71 -37.73 50.87
C GLY A 1278 -88.05 -38.82 50.06
N SER A 1279 -86.80 -39.16 50.38
CA SER A 1279 -86.07 -40.20 49.67
C SER A 1279 -86.05 -41.47 50.52
N GLN A 1280 -85.28 -42.45 50.06
CA GLN A 1280 -85.12 -43.69 50.80
C GLN A 1280 -84.25 -43.46 52.04
N ASN A 1281 -84.70 -44.02 53.17
CA ASN A 1281 -83.98 -44.00 54.45
C ASN A 1281 -83.68 -42.58 54.94
N SER A 1282 -84.62 -41.66 54.74
CA SER A 1282 -84.48 -40.31 55.27
C SER A 1282 -84.79 -40.34 56.76
N LEU A 1283 -83.77 -40.09 57.58
CA LEU A 1283 -83.92 -40.11 59.03
C LEU A 1283 -84.61 -38.83 59.47
N VAL A 1284 -85.85 -38.93 59.91
CA VAL A 1284 -86.62 -37.79 60.41
C VAL A 1284 -87.12 -38.12 61.82
N GLU A 1285 -86.84 -37.24 62.76
CA GLU A 1285 -87.26 -37.44 64.15
C GLU A 1285 -87.37 -36.07 64.81
N MET A 1286 -87.81 -36.07 66.08
CA MET A 1286 -87.96 -34.84 66.85
C MET A 1286 -86.59 -34.23 67.08
N LEU A 1287 -86.36 -33.04 66.52
CA LEU A 1287 -85.07 -32.37 66.58
C LEU A 1287 -85.18 -31.10 67.41
N PHE A 1288 -84.28 -30.95 68.37
CA PHE A 1288 -84.24 -29.78 69.23
C PHE A 1288 -82.99 -28.98 68.90
N LEU A 1289 -83.16 -27.71 68.55
CA LEU A 1289 -82.00 -26.91 68.20
C LEU A 1289 -82.06 -25.55 68.89
N ARG A 1290 -80.87 -24.98 69.08
CA ARG A 1290 -80.74 -23.68 69.72
C ARG A 1290 -79.56 -22.94 69.11
N LEU A 1291 -79.61 -21.62 69.22
CA LEU A 1291 -78.51 -20.76 68.86
C LEU A 1291 -77.39 -20.93 69.87
N SER A 1292 -76.18 -20.59 69.44
CA SER A 1292 -75.00 -20.89 70.24
C SER A 1292 -74.59 -19.76 71.15
N LEU A 1293 -75.38 -18.71 71.27
CA LEU A 1293 -75.02 -17.61 72.15
C LEU A 1293 -76.12 -17.28 73.13
N PRO A 1294 -75.77 -16.91 74.36
CA PRO A 1294 -76.78 -16.55 75.37
C PRO A 1294 -77.04 -15.05 75.42
N VAL A 1295 -78.10 -14.69 76.12
CA VAL A 1295 -78.38 -13.29 76.47
C VAL A 1295 -78.78 -13.25 77.94
N GLN A 1296 -78.24 -12.28 78.66
CA GLN A 1296 -78.36 -12.22 80.11
C GLN A 1296 -79.19 -11.01 80.49
N PHE A 1297 -80.17 -11.23 81.37
CA PHE A 1297 -80.99 -10.14 81.89
C PHE A 1297 -80.14 -9.23 82.78
N HIS A 1298 -80.46 -7.93 82.74
CA HIS A 1298 -79.65 -6.93 83.44
C HIS A 1298 -79.67 -7.14 84.96
N GLN A 1299 -78.58 -6.71 85.58
CA GLN A 1299 -78.33 -6.99 86.99
C GLN A 1299 -79.39 -6.41 87.91
N HIS A 1300 -79.78 -5.16 87.68
CA HIS A 1300 -80.82 -4.50 88.45
C HIS A 1300 -81.95 -4.16 87.50
N PHE A 1301 -83.07 -4.86 87.65
CA PHE A 1301 -84.26 -4.53 86.87
C PHE A 1301 -84.75 -3.13 87.23
N ARG A 1302 -85.16 -2.38 86.20
CA ARG A 1302 -85.61 -1.00 86.37
C ARG A 1302 -86.80 -0.94 87.33
N CYS A 1303 -86.81 0.10 88.18
CA CYS A 1303 -87.87 0.30 89.16
C CYS A 1303 -89.24 0.36 88.50
N THR A 1304 -90.19 -0.40 89.07
CA THR A 1304 -91.55 -0.59 88.57
C THR A 1304 -91.57 -1.11 87.13
N ASP A 1419 -92.04 3.62 55.99
CA ASP A 1419 -92.32 3.62 57.42
C ASP A 1419 -91.09 3.09 58.15
N ASN A 1420 -91.21 2.97 59.47
CA ASN A 1420 -90.19 2.39 60.36
C ASN A 1420 -88.87 3.16 60.29
N ARG A 1421 -88.94 4.48 60.51
CA ARG A 1421 -87.74 5.24 60.82
C ARG A 1421 -87.69 5.36 62.34
N ASP A 1422 -86.69 4.71 62.95
CA ASP A 1422 -86.60 4.68 64.40
C ASP A 1422 -86.23 6.04 64.97
N ASP A 1423 -86.76 6.32 66.15
CA ASP A 1423 -86.34 7.49 66.90
C ASP A 1423 -84.95 7.18 67.45
N PRO A 1424 -83.91 7.95 67.10
CA PRO A 1424 -82.54 7.65 67.58
C PRO A 1424 -82.40 7.55 69.10
N GLU A 1425 -83.09 8.42 69.84
CA GLU A 1425 -83.05 8.38 71.29
C GLU A 1425 -83.71 7.12 71.82
N ILE A 1426 -84.89 6.78 71.28
CA ILE A 1426 -85.63 5.63 71.76
C ILE A 1426 -84.87 4.34 71.44
N ILE A 1427 -84.35 4.22 70.22
CA ILE A 1427 -83.61 3.01 69.86
C ILE A 1427 -82.32 2.90 70.67
N LEU A 1428 -81.67 4.02 71.01
CA LEU A 1428 -80.47 3.96 71.83
C LEU A 1428 -80.76 3.86 73.32
N ASN A 1429 -82.02 3.94 73.75
CA ASN A 1429 -82.32 3.73 75.17
C ASN A 1429 -83.19 2.51 75.45
N THR A 1430 -83.83 1.92 74.45
CA THR A 1430 -84.67 0.74 74.64
C THR A 1430 -83.84 -0.46 75.07
N THR A 1431 -84.45 -1.29 75.90
CA THR A 1431 -83.82 -2.52 76.38
C THR A 1431 -84.52 -3.75 75.81
N THR A 1432 -85.30 -3.57 74.75
CA THR A 1432 -86.09 -4.65 74.16
C THR A 1432 -85.42 -5.10 72.86
N TYR A 1433 -85.50 -6.40 72.61
CA TYR A 1433 -84.88 -7.04 71.46
C TYR A 1433 -85.88 -8.02 70.85
N TYR A 1434 -85.64 -8.32 69.57
CA TYR A 1434 -86.60 -9.05 68.75
C TYR A 1434 -85.87 -10.08 67.91
N TYR A 1435 -86.49 -11.24 67.71
CA TYR A 1435 -86.10 -12.07 66.59
C TYR A 1435 -87.37 -12.65 65.99
N SER A 1436 -87.21 -13.24 64.80
CA SER A 1436 -88.32 -13.93 64.17
C SER A 1436 -87.80 -15.19 63.49
N VAL A 1437 -88.66 -16.20 63.49
CA VAL A 1437 -88.42 -17.45 62.79
C VAL A 1437 -89.59 -17.70 61.85
N ARG A 1438 -89.28 -18.13 60.65
CA ARG A 1438 -90.25 -18.34 59.59
C ARG A 1438 -90.32 -19.84 59.35
N VAL A 1439 -91.42 -20.44 59.81
CA VAL A 1439 -91.68 -21.83 59.55
C VAL A 1439 -92.06 -21.96 58.08
N PHE A 1440 -91.33 -22.75 57.33
CA PHE A 1440 -91.52 -22.83 55.89
C PHE A 1440 -92.84 -23.50 55.52
N ALA A 1441 -93.35 -23.10 54.34
CA ALA A 1441 -94.57 -23.70 53.80
C ALA A 1441 -94.36 -25.18 53.55
N GLY A 1442 -95.33 -25.99 53.93
CA GLY A 1442 -95.20 -27.43 53.91
C GLY A 1442 -94.67 -28.02 55.19
N GLN A 1443 -94.11 -27.21 56.08
CA GLN A 1443 -93.69 -27.66 57.39
C GLN A 1443 -94.80 -27.36 58.37
N GLU A 1444 -95.27 -28.40 59.07
CA GLU A 1444 -96.44 -28.30 59.95
C GLU A 1444 -96.18 -27.37 61.11
N PRO A 1445 -96.97 -26.31 61.28
CA PRO A 1445 -96.85 -25.47 62.49
C PRO A 1445 -97.11 -26.22 63.79
N SER A 1446 -97.94 -27.27 63.77
CA SER A 1446 -98.15 -28.07 64.96
C SER A 1446 -96.92 -28.88 65.36
N CYS A 1447 -95.98 -29.10 64.45
CA CYS A 1447 -94.75 -29.81 64.73
C CYS A 1447 -93.60 -28.87 65.07
N VAL A 1448 -93.89 -27.64 65.52
CA VAL A 1448 -92.88 -26.64 65.82
C VAL A 1448 -93.19 -26.05 67.18
N TRP A 1449 -92.14 -25.80 67.98
CA TRP A 1449 -92.23 -25.07 69.23
C TRP A 1449 -91.10 -24.06 69.26
N VAL A 1450 -91.42 -22.80 69.62
CA VAL A 1450 -90.53 -21.67 69.45
C VAL A 1450 -90.43 -20.89 70.76
N GLY A 1451 -89.22 -20.46 71.11
CA GLY A 1451 -89.03 -19.56 72.23
C GLY A 1451 -87.60 -19.46 72.71
N TRP A 1452 -87.38 -19.62 74.02
CA TRP A 1452 -86.05 -19.57 74.58
C TRP A 1452 -85.86 -20.71 75.58
N VAL A 1453 -84.60 -21.09 75.78
CA VAL A 1453 -84.24 -22.13 76.74
C VAL A 1453 -83.10 -21.63 77.61
N THR A 1454 -82.92 -22.30 78.71
CA THR A 1454 -81.87 -22.08 79.69
C THR A 1454 -80.77 -23.11 79.49
N PRO A 1455 -79.52 -22.84 79.93
CA PRO A 1455 -78.43 -23.79 79.68
C PRO A 1455 -78.47 -25.11 80.47
N ASP A 1456 -79.57 -25.40 81.18
CA ASP A 1456 -79.75 -26.68 81.86
C ASP A 1456 -80.84 -27.54 81.23
N TYR A 1457 -81.13 -27.31 79.96
CA TYR A 1457 -82.19 -28.04 79.25
C TYR A 1457 -81.55 -29.25 78.57
N HIS A 1458 -81.87 -30.45 79.06
CA HIS A 1458 -81.28 -31.69 78.56
C HIS A 1458 -82.32 -32.78 78.42
N GLN A 1459 -83.49 -32.45 77.87
CA GLN A 1459 -84.61 -33.38 77.79
C GLN A 1459 -84.86 -33.70 76.31
N HIS A 1460 -84.26 -34.80 75.84
CA HIS A 1460 -84.34 -35.20 74.44
C HIS A 1460 -85.44 -36.25 74.30
N ASP A 1461 -86.69 -35.80 74.33
CA ASP A 1461 -87.84 -36.67 74.22
C ASP A 1461 -88.42 -36.61 72.80
N MET A 1462 -88.48 -37.76 72.12
CA MET A 1462 -89.05 -37.77 70.76
C MET A 1462 -90.53 -37.43 70.77
N ASN A 1463 -91.23 -37.75 71.85
CA ASN A 1463 -92.65 -37.44 71.99
C ASN A 1463 -92.88 -36.17 72.78
N PHE A 1464 -91.99 -35.19 72.58
CA PHE A 1464 -92.04 -33.94 73.33
C PHE A 1464 -93.33 -33.17 73.06
N ASP A 1465 -93.89 -32.61 74.12
CA ASP A 1465 -94.96 -31.64 74.04
C ASP A 1465 -94.76 -30.64 75.16
N LEU A 1466 -95.61 -29.61 75.21
CA LEU A 1466 -95.52 -28.58 76.23
C LEU A 1466 -95.75 -29.11 77.65
N SER A 1467 -96.30 -30.32 77.79
CA SER A 1467 -96.46 -30.90 79.12
C SER A 1467 -95.11 -31.30 79.71
N LYS A 1468 -94.19 -31.78 78.86
CA LYS A 1468 -92.88 -32.26 79.32
C LYS A 1468 -91.98 -31.15 79.87
N VAL A 1469 -92.34 -29.88 79.68
CA VAL A 1469 -91.53 -28.75 80.12
C VAL A 1469 -91.39 -28.78 81.63
N ARG A 1470 -90.17 -28.90 82.11
CA ARG A 1470 -89.91 -28.84 83.54
C ARG A 1470 -90.15 -27.42 84.04
N ALA A 1471 -90.96 -27.28 85.08
CA ALA A 1471 -91.31 -26.00 85.65
C ALA A 1471 -91.64 -26.18 87.12
N VAL A 1472 -91.54 -25.08 87.87
CA VAL A 1472 -91.86 -25.09 89.30
C VAL A 1472 -92.12 -23.65 89.72
N THR A 1473 -93.08 -23.47 90.62
CA THR A 1473 -93.40 -22.17 91.20
C THR A 1473 -92.97 -22.20 92.66
N VAL A 1474 -92.19 -21.20 93.05
CA VAL A 1474 -91.66 -21.12 94.41
C VAL A 1474 -92.46 -20.06 95.16
N THR A 1475 -92.98 -20.42 96.34
CA THR A 1475 -93.82 -19.51 97.10
C THR A 1475 -93.16 -19.05 98.38
N MET A 1476 -92.95 -17.74 98.50
CA MET A 1476 -92.44 -17.10 99.71
C MET A 1476 -93.61 -16.45 100.45
N GLY A 1477 -93.87 -16.95 101.65
CA GLY A 1477 -94.75 -16.35 102.63
C GLY A 1477 -94.00 -16.18 103.94
N ASP A 1478 -94.49 -15.32 104.84
CA ASP A 1478 -93.81 -15.12 106.14
C ASP A 1478 -94.03 -16.34 107.04
N GLU A 1479 -93.69 -16.19 108.33
CA GLU A 1479 -93.79 -17.27 109.31
C GLU A 1479 -95.20 -17.88 109.39
N GLN A 1480 -96.23 -17.06 109.23
CA GLN A 1480 -97.62 -17.52 109.32
C GLN A 1480 -98.29 -17.28 107.96
N GLY A 1481 -98.09 -18.22 107.04
CA GLY A 1481 -98.68 -18.19 105.69
C GLY A 1481 -98.33 -16.91 104.98
N ASN A 1482 -99.36 -16.17 104.52
CA ASN A 1482 -99.26 -14.82 103.96
C ASN A 1482 -98.31 -14.78 102.76
N VAL A 1483 -98.74 -15.44 101.69
CA VAL A 1483 -98.01 -15.48 100.42
C VAL A 1483 -97.78 -14.07 99.91
N HIS A 1484 -96.52 -13.63 99.95
CA HIS A 1484 -96.17 -12.28 99.56
C HIS A 1484 -95.35 -12.21 98.28
N SER A 1485 -94.76 -13.32 97.84
CA SER A 1485 -94.09 -13.34 96.54
C SER A 1485 -93.89 -14.78 96.09
N SER A 1486 -94.35 -15.09 94.89
CA SER A 1486 -94.22 -16.45 94.37
C SER A 1486 -93.90 -16.37 92.90
N LEU A 1487 -92.74 -16.89 92.52
CA LEU A 1487 -92.28 -16.79 91.14
C LEU A 1487 -92.30 -18.14 90.43
N LYS A 1488 -91.99 -18.12 89.15
CA LYS A 1488 -91.90 -19.31 88.32
C LYS A 1488 -90.47 -19.51 87.83
N CYS A 1489 -90.09 -20.78 87.67
CA CYS A 1489 -88.78 -21.17 87.17
C CYS A 1489 -88.94 -22.35 86.23
N SER A 1490 -88.27 -22.29 85.08
CA SER A 1490 -88.40 -23.35 84.09
C SER A 1490 -87.15 -23.36 83.22
N ASN A 1491 -86.85 -24.53 82.68
CA ASN A 1491 -85.68 -24.71 81.82
C ASN A 1491 -85.94 -24.36 80.38
N CYS A 1492 -87.20 -24.13 80.04
CA CYS A 1492 -87.61 -23.95 78.66
C CYS A 1492 -88.85 -23.08 78.62
N TYR A 1493 -88.97 -22.28 77.55
CA TYR A 1493 -90.13 -21.40 77.38
C TYR A 1493 -90.51 -21.40 75.91
N MET A 1494 -91.37 -22.34 75.52
CA MET A 1494 -91.81 -22.45 74.14
C MET A 1494 -93.23 -21.93 74.01
N VAL A 1495 -93.61 -21.61 72.77
CA VAL A 1495 -94.99 -21.36 72.40
C VAL A 1495 -95.30 -22.18 71.16
N TRP A 1496 -96.42 -22.89 71.19
CA TRP A 1496 -96.70 -23.92 70.19
C TRP A 1496 -97.16 -23.25 68.90
N GLY A 1497 -96.45 -23.56 67.80
CA GLY A 1497 -96.79 -23.02 66.50
C GLY A 1497 -98.13 -23.45 65.97
N GLY A 1498 -98.65 -24.59 66.41
CA GLY A 1498 -99.97 -25.04 66.02
C GLY A 1498 -101.12 -24.21 66.55
N ASP A 1499 -100.85 -23.29 67.47
CA ASP A 1499 -101.88 -22.43 68.05
C ASP A 1499 -101.87 -21.03 67.45
N PHE A 1500 -101.14 -20.83 66.35
CA PHE A 1500 -101.01 -19.52 65.73
C PHE A 1500 -101.61 -19.51 64.32
N VAL A 1501 -102.56 -20.40 64.07
CA VAL A 1501 -103.14 -20.57 62.75
C VAL A 1501 -104.66 -20.55 62.90
N SER A 1502 -105.34 -20.24 61.80
CA SER A 1502 -106.79 -20.25 61.80
C SER A 1502 -107.30 -21.70 61.83
N PRO A 1503 -108.38 -21.97 62.55
CA PRO A 1503 -108.91 -23.36 62.60
C PRO A 1503 -109.77 -23.70 61.40
N GLY A 1504 -109.11 -24.08 60.32
CA GLY A 1504 -109.80 -24.50 59.11
C GLY A 1504 -110.01 -26.01 59.04
N GLN A 1505 -111.00 -26.40 58.23
CA GLN A 1505 -111.23 -27.80 57.95
C GLN A 1505 -110.01 -28.45 57.31
N GLN A 1506 -109.42 -27.78 56.33
CA GLN A 1506 -108.25 -28.27 55.64
C GLN A 1506 -107.43 -27.04 55.23
N GLY A 1507 -106.34 -27.28 54.50
CA GLY A 1507 -105.48 -26.19 54.10
C GLY A 1507 -104.57 -25.75 55.21
N ARG A 1508 -104.22 -26.67 56.11
CA ARG A 1508 -103.20 -26.43 57.13
C ARG A 1508 -101.80 -26.32 56.52
N ILE A 1509 -101.64 -26.77 55.27
CA ILE A 1509 -100.38 -26.61 54.53
C ILE A 1509 -100.53 -25.31 53.75
N SER A 1510 -100.21 -24.20 54.41
CA SER A 1510 -100.48 -22.89 53.85
C SER A 1510 -99.52 -22.56 52.72
N HIS A 1511 -99.80 -21.43 52.05
CA HIS A 1511 -98.95 -20.90 51.00
C HIS A 1511 -98.08 -19.76 51.47
N THR A 1512 -98.02 -19.52 52.78
CA THR A 1512 -97.17 -18.48 53.35
C THR A 1512 -96.40 -19.07 54.54
N ASP A 1513 -95.11 -18.74 54.63
CA ASP A 1513 -94.31 -19.18 55.76
C ASP A 1513 -94.76 -18.46 57.03
N LEU A 1514 -95.01 -19.25 58.07
CA LEU A 1514 -95.46 -18.69 59.35
C LEU A 1514 -94.38 -17.80 59.96
N VAL A 1515 -94.79 -16.63 60.44
CA VAL A 1515 -93.88 -15.62 60.97
C VAL A 1515 -94.04 -15.51 62.48
N ILE A 1516 -93.24 -16.24 63.25
CA ILE A 1516 -93.31 -16.21 64.71
C ILE A 1516 -92.19 -15.32 65.20
N GLY A 1517 -92.53 -14.27 65.93
CA GLY A 1517 -91.49 -13.40 66.44
C GLY A 1517 -91.49 -13.23 67.95
N CYS A 1518 -90.36 -13.44 68.59
CA CYS A 1518 -90.27 -13.26 70.03
C CYS A 1518 -89.64 -11.92 70.36
N LEU A 1519 -90.17 -11.29 71.41
CA LEU A 1519 -89.64 -10.06 71.98
C LEU A 1519 -89.21 -10.31 73.41
N VAL A 1520 -88.07 -9.73 73.79
CA VAL A 1520 -87.51 -9.88 75.13
C VAL A 1520 -87.06 -8.52 75.63
N ASP A 1521 -87.33 -8.24 76.90
CA ASP A 1521 -86.73 -7.10 77.56
C ASP A 1521 -85.82 -7.66 78.64
N LEU A 1522 -84.57 -7.21 78.64
CA LEU A 1522 -83.63 -7.65 79.65
C LEU A 1522 -83.58 -6.73 80.86
N ALA A 1523 -84.31 -5.61 80.83
CA ALA A 1523 -84.41 -4.71 81.97
C ALA A 1523 -85.59 -5.01 82.87
N THR A 1524 -86.43 -5.98 82.51
CA THR A 1524 -87.59 -6.35 83.31
C THR A 1524 -87.75 -7.84 83.51
N GLY A 1525 -87.20 -8.69 82.65
CA GLY A 1525 -87.43 -10.12 82.74
C GLY A 1525 -88.68 -10.59 82.05
N LEU A 1526 -89.48 -9.67 81.51
CA LEU A 1526 -90.75 -9.98 80.87
C LEU A 1526 -90.54 -10.08 79.38
N MET A 1527 -91.00 -11.18 78.79
CA MET A 1527 -90.87 -11.40 77.35
C MET A 1527 -92.20 -11.86 76.77
N THR A 1528 -92.43 -11.47 75.51
CA THR A 1528 -93.67 -11.84 74.84
C THR A 1528 -93.42 -12.44 73.47
N PHE A 1529 -94.50 -12.65 72.73
CA PHE A 1529 -94.47 -13.34 71.44
C PHE A 1529 -95.49 -12.71 70.50
N THR A 1530 -95.23 -12.84 69.21
CA THR A 1530 -96.12 -12.40 68.15
C THR A 1530 -96.38 -13.56 67.22
N ALA A 1531 -97.64 -13.97 67.13
CA ALA A 1531 -98.02 -15.14 66.34
C ALA A 1531 -97.87 -14.89 64.85
N ASN A 1532 -98.41 -13.78 64.36
CA ASN A 1532 -98.25 -13.37 62.96
C ASN A 1532 -98.03 -11.86 62.90
N GLY A 1533 -97.20 -11.34 63.80
CA GLY A 1533 -97.10 -9.92 64.02
C GLY A 1533 -98.14 -9.36 64.98
N LYS A 1534 -99.11 -10.17 65.38
CA LYS A 1534 -100.09 -9.81 66.39
C LYS A 1534 -99.71 -10.49 67.70
N GLU A 1535 -99.84 -9.77 68.81
CA GLU A 1535 -99.40 -10.29 70.09
C GLU A 1535 -100.24 -11.47 70.55
N SER A 1536 -99.62 -12.32 71.36
CA SER A 1536 -100.29 -13.45 71.98
C SER A 1536 -100.45 -13.20 73.47
N ASN A 1537 -101.55 -13.72 74.03
CA ASN A 1537 -101.86 -13.58 75.44
C ASN A 1537 -100.76 -14.14 76.35
N THR A 1538 -100.01 -15.13 75.86
CA THR A 1538 -98.90 -15.70 76.61
C THR A 1538 -97.74 -14.71 76.72
N PHE A 1539 -96.91 -14.94 77.73
CA PHE A 1539 -95.82 -14.07 78.16
C PHE A 1539 -95.08 -14.83 79.24
N PHE A 1540 -93.89 -14.34 79.59
CA PHE A 1540 -93.12 -14.99 80.64
C PHE A 1540 -92.25 -13.97 81.35
N GLN A 1541 -92.06 -14.17 82.65
CA GLN A 1541 -91.23 -13.31 83.48
C GLN A 1541 -90.28 -14.18 84.28
N VAL A 1542 -88.99 -13.83 84.29
CA VAL A 1542 -88.01 -14.57 85.07
C VAL A 1542 -87.12 -13.61 85.86
N GLU A 1543 -86.38 -14.20 86.80
CA GLU A 1543 -85.47 -13.48 87.67
C GLU A 1543 -84.24 -12.98 86.89
N PRO A 1544 -83.62 -11.87 87.33
CA PRO A 1544 -82.50 -11.29 86.56
C PRO A 1544 -81.26 -12.18 86.57
N ASN A 1545 -80.28 -11.74 85.78
CA ASN A 1545 -79.00 -12.42 85.56
C ASN A 1545 -79.19 -13.84 85.04
N THR A 1546 -80.21 -14.03 84.22
CA THR A 1546 -80.50 -15.31 83.62
C THR A 1546 -80.10 -15.25 82.15
N LYS A 1547 -79.57 -16.37 81.66
CA LYS A 1547 -79.10 -16.49 80.28
C LYS A 1547 -80.11 -17.32 79.51
N LEU A 1548 -80.51 -16.81 78.36
CA LEU A 1548 -81.48 -17.47 77.50
C LEU A 1548 -80.91 -17.59 76.10
N PHE A 1549 -81.00 -18.79 75.55
CA PHE A 1549 -80.62 -19.13 74.18
C PHE A 1549 -81.86 -19.19 73.31
N PRO A 1550 -81.86 -18.53 72.15
CA PRO A 1550 -82.95 -18.71 71.17
C PRO A 1550 -83.06 -20.15 70.70
N ALA A 1551 -84.23 -20.76 70.87
CA ALA A 1551 -84.33 -22.17 70.55
C ALA A 1551 -85.62 -22.45 69.78
N VAL A 1552 -85.56 -23.48 68.94
CA VAL A 1552 -86.72 -23.99 68.21
C VAL A 1552 -86.68 -25.51 68.25
N PHE A 1553 -87.81 -26.11 68.62
CA PHE A 1553 -87.96 -27.56 68.64
C PHE A 1553 -88.91 -27.94 67.51
N VAL A 1554 -88.45 -28.77 66.58
CA VAL A 1554 -89.22 -29.02 65.38
C VAL A 1554 -89.19 -30.52 65.05
N LEU A 1555 -90.32 -31.05 64.59
CA LEU A 1555 -90.35 -32.32 63.91
C LEU A 1555 -90.51 -32.05 62.43
N PRO A 1556 -89.50 -32.33 61.59
CA PRO A 1556 -89.57 -31.96 60.17
C PRO A 1556 -90.69 -32.68 59.44
N THR A 1557 -91.33 -31.98 58.50
CA THR A 1557 -92.35 -32.58 57.65
C THR A 1557 -92.25 -32.14 56.20
N HIS A 1558 -91.06 -31.74 55.74
CA HIS A 1558 -90.92 -31.10 54.43
C HIS A 1558 -89.43 -31.06 54.10
N GLN A 1559 -89.12 -30.73 52.84
CA GLN A 1559 -87.75 -30.40 52.46
C GLN A 1559 -87.28 -29.12 53.14
N ASN A 1560 -88.15 -28.13 53.22
CA ASN A 1560 -87.85 -26.84 53.84
C ASN A 1560 -88.48 -26.81 55.22
N VAL A 1561 -87.72 -26.34 56.22
CA VAL A 1561 -88.24 -26.46 57.59
C VAL A 1561 -88.36 -25.10 58.28
N ILE A 1562 -87.24 -24.42 58.56
CA ILE A 1562 -87.27 -23.21 59.37
C ILE A 1562 -86.22 -22.21 58.89
N GLN A 1563 -86.38 -20.98 59.35
CA GLN A 1563 -85.43 -19.91 59.04
C GLN A 1563 -85.45 -18.85 60.12
N PHE A 1564 -84.28 -18.54 60.66
CA PHE A 1564 -84.07 -17.49 61.66
C PHE A 1564 -83.64 -16.21 60.97
N GLU A 1565 -84.29 -15.11 61.27
CA GLU A 1565 -83.93 -13.82 60.70
C GLU A 1565 -83.38 -12.94 61.81
N LEU A 1566 -82.24 -12.31 61.56
CA LEU A 1566 -81.63 -11.43 62.56
C LEU A 1566 -82.17 -10.01 62.46
N GLY A 1567 -83.49 -9.89 62.49
CA GLY A 1567 -84.18 -8.64 62.24
C GLY A 1567 -84.39 -7.77 63.46
N LYS A 1568 -85.31 -6.82 63.29
CA LYS A 1568 -85.64 -5.84 64.31
C LYS A 1568 -87.01 -5.29 63.95
N GLN A 1569 -87.62 -4.59 64.90
CA GLN A 1569 -88.85 -3.87 64.67
C GLN A 1569 -88.61 -2.40 65.00
N LYS A 1570 -89.68 -1.60 64.94
CA LYS A 1570 -89.53 -0.16 65.14
C LYS A 1570 -89.16 0.12 66.59
N ASN A 1571 -88.03 0.82 66.78
CA ASN A 1571 -87.47 1.18 68.08
C ASN A 1571 -87.22 -0.05 68.96
N ILE A 1572 -86.90 -1.18 68.34
CA ILE A 1572 -86.54 -2.41 69.04
C ILE A 1572 -85.19 -2.85 68.49
N MET A 1573 -84.28 -3.23 69.39
CA MET A 1573 -82.86 -3.29 69.09
C MET A 1573 -82.52 -4.66 68.51
N PRO A 1574 -81.61 -4.74 67.51
CA PRO A 1574 -81.27 -6.03 66.92
C PRO A 1574 -80.52 -6.97 67.88
N LEU A 1575 -80.49 -8.25 67.47
CA LEU A 1575 -80.00 -9.34 68.31
C LEU A 1575 -78.53 -9.16 68.67
N SER A 1576 -77.69 -8.92 67.67
CA SER A 1576 -76.24 -8.89 67.88
C SER A 1576 -75.82 -7.82 68.89
N ALA A 1577 -76.64 -6.78 69.08
CA ALA A 1577 -76.40 -5.85 70.17
C ALA A 1577 -76.54 -6.54 71.51
N ALA A 1578 -77.52 -7.43 71.62
CA ALA A 1578 -77.75 -8.14 72.88
C ALA A 1578 -76.59 -9.09 73.15
N MET A 1579 -76.18 -9.86 72.13
CA MET A 1579 -75.17 -10.89 72.41
C MET A 1579 -73.78 -10.27 72.59
N PHE A 1580 -73.40 -9.32 71.75
CA PHE A 1580 -72.02 -8.83 71.72
C PHE A 1580 -71.93 -7.50 72.45
N LEU A 1581 -71.08 -7.45 73.47
CA LEU A 1581 -70.97 -6.26 74.31
C LEU A 1581 -70.30 -5.10 73.60
N SER A 1582 -69.49 -5.38 72.59
CA SER A 1582 -68.89 -4.31 71.80
C SER A 1582 -69.88 -3.71 70.81
N GLU A 1583 -71.05 -4.34 70.62
CA GLU A 1583 -71.97 -3.97 69.56
C GLU A 1583 -73.30 -3.44 70.08
N ARG A 1584 -73.35 -2.94 71.33
CA ARG A 1584 -74.61 -2.44 71.90
C ARG A 1584 -75.17 -1.25 71.12
N LYS A 1585 -74.31 -0.46 70.49
CA LYS A 1585 -74.70 0.77 69.82
C LYS A 1585 -74.67 0.60 68.30
N ASN A 1586 -75.06 -0.57 67.82
CA ASN A 1586 -75.04 -0.88 66.39
C ASN A 1586 -76.43 -1.35 65.97
N PRO A 1587 -77.33 -0.42 65.64
CA PRO A 1587 -78.67 -0.82 65.17
C PRO A 1587 -78.67 -1.58 63.84
N ALA A 1588 -77.60 -1.54 63.07
CA ALA A 1588 -77.50 -2.33 61.86
C ALA A 1588 -77.20 -3.79 62.23
N PRO A 1589 -78.02 -4.75 61.79
CA PRO A 1589 -77.76 -6.15 62.13
C PRO A 1589 -76.51 -6.67 61.42
N GLN A 1590 -75.95 -7.74 62.00
CA GLN A 1590 -74.77 -8.39 61.44
C GLN A 1590 -74.69 -9.80 62.01
N CYS A 1591 -74.01 -10.70 61.30
CA CYS A 1591 -73.93 -12.11 61.65
C CYS A 1591 -72.47 -12.55 61.77
N PRO A 1592 -71.87 -12.38 62.94
CA PRO A 1592 -70.48 -12.81 63.16
C PRO A 1592 -70.35 -14.32 63.14
N PRO A 1593 -69.14 -14.86 62.90
CA PRO A 1593 -68.96 -16.32 62.84
C PRO A 1593 -69.33 -17.07 64.10
N ARG A 1594 -69.15 -16.47 65.29
CA ARG A 1594 -69.47 -17.18 66.53
C ARG A 1594 -70.96 -17.52 66.63
N LEU A 1595 -71.81 -16.80 65.91
CA LEU A 1595 -73.19 -17.19 65.81
C LEU A 1595 -73.25 -18.43 64.93
N GLU A 1596 -73.90 -19.48 65.44
CA GLU A 1596 -74.10 -20.74 64.74
C GLU A 1596 -75.15 -21.51 65.53
N VAL A 1597 -75.53 -22.67 65.02
CA VAL A 1597 -76.67 -23.40 65.54
C VAL A 1597 -76.22 -24.72 66.13
N GLN A 1598 -76.77 -25.05 67.29
CA GLN A 1598 -76.42 -26.26 68.00
C GLN A 1598 -77.63 -27.19 67.97
N MET A 1599 -77.35 -28.48 67.96
CA MET A 1599 -78.37 -29.50 68.05
C MET A 1599 -78.18 -30.29 69.34
N LEU A 1600 -79.28 -30.86 69.82
CA LEU A 1600 -79.27 -31.57 71.08
C LEU A 1600 -78.73 -32.97 70.82
N MET A 1601 -77.41 -33.08 70.90
CA MET A 1601 -76.74 -34.36 70.85
C MET A 1601 -77.16 -35.19 72.06
N PRO A 1602 -77.62 -36.41 71.86
CA PRO A 1602 -78.11 -37.21 72.99
C PRO A 1602 -77.05 -37.80 73.90
N VAL A 1603 -75.96 -38.32 73.33
CA VAL A 1603 -74.94 -39.04 74.07
C VAL A 1603 -73.60 -38.40 73.76
N SER A 1604 -72.77 -38.23 74.78
CA SER A 1604 -71.44 -37.68 74.62
C SER A 1604 -70.49 -38.47 75.51
N TRP A 1605 -69.21 -38.45 75.15
CA TRP A 1605 -68.22 -39.16 75.95
C TRP A 1605 -67.97 -38.42 77.27
N SER A 1606 -67.44 -39.15 78.25
CA SER A 1606 -67.07 -38.55 79.53
C SER A 1606 -66.04 -39.46 80.19
N ARG A 1607 -65.42 -38.93 81.23
CA ARG A 1607 -64.23 -39.54 81.82
C ARG A 1607 -64.48 -39.97 83.26
N MET A 1608 -64.09 -41.20 83.61
CA MET A 1608 -64.14 -41.61 85.02
C MET A 1608 -62.99 -40.99 85.78
N PRO A 1609 -63.25 -40.24 86.85
CA PRO A 1609 -62.17 -39.82 87.75
C PRO A 1609 -61.47 -41.03 88.35
N ASN A 1610 -60.15 -40.91 88.54
CA ASN A 1610 -59.40 -42.03 89.10
C ASN A 1610 -59.71 -42.31 90.56
N HIS A 1611 -60.42 -41.43 91.25
CA HIS A 1611 -60.82 -41.67 92.63
C HIS A 1611 -62.28 -41.27 92.81
N PHE A 1612 -62.93 -41.91 93.79
CA PHE A 1612 -64.32 -41.62 94.09
C PHE A 1612 -64.49 -41.50 95.59
N LEU A 1613 -65.58 -40.85 96.00
CA LEU A 1613 -65.86 -40.64 97.41
C LEU A 1613 -66.18 -41.95 98.12
N GLN A 1614 -65.63 -42.10 99.33
CA GLN A 1614 -65.80 -43.30 100.15
C GLN A 1614 -66.95 -43.05 101.11
N VAL A 1615 -68.08 -43.71 100.88
CA VAL A 1615 -69.32 -43.49 101.62
C VAL A 1615 -69.71 -44.80 102.27
N GLU A 1616 -70.04 -44.77 103.57
CA GLU A 1616 -70.45 -45.96 104.30
C GLU A 1616 -71.82 -45.74 104.94
N THR A 1617 -72.78 -46.61 104.61
CA THR A 1617 -74.11 -46.60 105.19
C THR A 1617 -74.30 -47.87 106.02
N ARG A 1618 -74.69 -47.70 107.28
CA ARG A 1618 -74.92 -48.84 108.15
C ARG A 1618 -76.02 -48.50 109.14
N ARG A 1619 -76.59 -49.52 109.77
CA ARG A 1619 -77.67 -49.33 110.72
C ARG A 1619 -77.13 -49.48 112.14
N ALA A 1620 -76.92 -48.35 112.81
CA ALA A 1620 -76.45 -48.37 114.19
C ALA A 1620 -77.53 -48.89 115.14
N GLY A 1621 -78.77 -48.45 114.96
CA GLY A 1621 -79.85 -48.88 115.81
C GLY A 1621 -81.19 -48.61 115.17
N GLU A 1622 -82.21 -49.35 115.65
CA GLU A 1622 -83.56 -49.20 115.13
C GLU A 1622 -84.12 -47.81 115.38
N ARG A 1623 -83.92 -47.30 116.61
CA ARG A 1623 -84.31 -45.94 116.93
C ARG A 1623 -83.46 -44.91 116.19
N LEU A 1624 -82.19 -45.23 115.96
CA LEU A 1624 -81.27 -44.33 115.28
C LEU A 1624 -81.41 -44.37 113.77
N GLY A 1625 -82.17 -45.34 113.24
CA GLY A 1625 -82.30 -45.46 111.80
C GLY A 1625 -80.99 -45.82 111.14
N TRP A 1626 -80.73 -45.21 109.99
CA TRP A 1626 -79.54 -45.52 109.21
C TRP A 1626 -78.54 -44.37 109.27
N ALA A 1627 -77.28 -44.69 109.55
CA ALA A 1627 -76.23 -43.68 109.66
C ALA A 1627 -75.27 -43.81 108.49
N VAL A 1628 -74.86 -42.66 107.97
CA VAL A 1628 -73.97 -42.54 106.83
C VAL A 1628 -72.74 -41.75 107.29
N GLN A 1629 -71.58 -42.20 106.86
CA GLN A 1629 -70.29 -41.64 107.25
C GLN A 1629 -69.39 -41.47 106.03
N CYS A 1630 -68.67 -40.35 105.98
CA CYS A 1630 -67.73 -40.08 104.89
C CYS A 1630 -66.79 -38.97 105.34
N GLN A 1631 -65.49 -39.21 105.23
CA GLN A 1631 -64.56 -38.20 105.73
C GLN A 1631 -63.50 -37.78 104.71
N ASP A 1632 -63.01 -38.70 103.89
CA ASP A 1632 -61.89 -38.45 102.99
C ASP A 1632 -62.27 -37.41 101.94
N PRO A 1633 -61.56 -36.28 101.85
CA PRO A 1633 -61.91 -35.29 100.84
C PRO A 1633 -61.21 -35.51 99.50
N LEU A 1634 -61.97 -35.26 98.44
CA LEU A 1634 -61.46 -35.28 97.08
C LEU A 1634 -61.84 -33.97 96.41
N THR A 1635 -60.86 -33.31 95.79
CA THR A 1635 -61.09 -32.06 95.10
C THR A 1635 -60.59 -32.19 93.67
N MET A 1636 -61.23 -31.48 92.75
CA MET A 1636 -60.90 -31.64 91.35
C MET A 1636 -61.01 -30.30 90.63
N MET A 1637 -60.15 -30.14 89.64
CA MET A 1637 -60.10 -28.92 88.83
C MET A 1637 -61.39 -28.72 88.04
N ALA A 1638 -61.91 -27.50 88.08
CA ALA A 1638 -63.18 -27.18 87.44
C ALA A 1638 -62.90 -26.12 86.39
N LEU A 1639 -63.03 -26.50 85.12
CA LEU A 1639 -62.88 -25.57 84.00
C LEU A 1639 -64.29 -25.17 83.59
N HIS A 1640 -64.70 -23.97 83.96
CA HIS A 1640 -66.06 -23.53 83.71
C HIS A 1640 -66.13 -22.67 82.46
N ILE A 1641 -66.89 -23.13 81.48
CA ILE A 1641 -67.13 -22.32 80.28
C ILE A 1641 -68.13 -21.23 80.65
N PRO A 1642 -67.84 -19.95 80.36
CA PRO A 1642 -68.76 -18.88 80.78
C PRO A 1642 -70.11 -18.91 80.08
N GLU A 1643 -70.12 -18.89 78.75
CA GLU A 1643 -71.35 -18.68 77.99
C GLU A 1643 -72.32 -19.85 78.17
N GLU A 1644 -71.83 -21.08 78.14
CA GLU A 1644 -72.67 -22.25 78.36
C GLU A 1644 -72.74 -22.67 79.81
N ASN A 1645 -72.09 -21.95 80.73
CA ASN A 1645 -72.21 -22.05 82.18
C ASN A 1645 -71.89 -23.43 82.74
N ARG A 1646 -71.37 -24.35 81.93
CA ARG A 1646 -71.07 -25.70 82.34
C ARG A 1646 -69.58 -25.90 82.54
N CYS A 1647 -69.21 -26.43 83.70
CA CYS A 1647 -67.83 -26.74 84.00
C CYS A 1647 -67.52 -28.18 83.60
N MET A 1648 -66.25 -28.43 83.32
CA MET A 1648 -65.79 -29.74 82.91
C MET A 1648 -64.43 -29.99 83.56
N ASP A 1649 -64.10 -31.27 83.72
CA ASP A 1649 -62.82 -31.67 84.28
C ASP A 1649 -61.70 -31.25 83.36
N ILE A 1650 -60.66 -30.63 83.93
CA ILE A 1650 -59.50 -30.23 83.13
C ILE A 1650 -58.77 -31.45 82.56
N LEU A 1651 -58.87 -32.61 83.21
CA LEU A 1651 -58.20 -33.81 82.69
C LEU A 1651 -58.81 -34.29 81.38
N GLU A 1652 -60.04 -33.86 81.06
CA GLU A 1652 -60.64 -34.16 79.77
C GLU A 1652 -59.95 -33.43 78.63
N LEU A 1653 -59.21 -32.35 78.93
CA LEU A 1653 -58.49 -31.61 77.90
C LEU A 1653 -57.39 -32.43 77.23
N SER A 1654 -56.96 -33.52 77.87
CA SER A 1654 -56.08 -34.51 77.24
C SER A 1654 -56.77 -35.20 76.06
N GLU A 1655 -58.07 -35.07 75.94
CA GLU A 1655 -58.90 -35.59 74.86
C GLU A 1655 -59.47 -34.47 74.00
N ARG A 1656 -59.92 -33.38 74.63
CA ARG A 1656 -60.48 -32.23 73.92
C ARG A 1656 -59.33 -31.32 73.48
N LEU A 1657 -58.64 -31.76 72.42
CA LEU A 1657 -57.45 -31.05 71.92
C LEU A 1657 -57.78 -29.63 71.45
N ASP A 1658 -58.89 -29.49 70.71
CA ASP A 1658 -59.30 -28.21 70.15
C ASP A 1658 -59.45 -27.10 71.19
N LEU A 1659 -59.88 -27.44 72.39
CA LEU A 1659 -59.84 -26.48 73.49
C LEU A 1659 -58.48 -26.47 74.18
N GLN A 1660 -57.76 -27.60 74.14
CA GLN A 1660 -56.49 -27.72 74.84
C GLN A 1660 -55.49 -26.71 74.33
N ARG A 1661 -55.42 -26.56 72.99
CA ARG A 1661 -54.53 -25.57 72.38
C ARG A 1661 -54.89 -24.17 72.85
N PHE A 1662 -56.18 -23.85 72.80
CA PHE A 1662 -56.67 -22.52 73.16
C PHE A 1662 -56.33 -22.16 74.60
N HIS A 1663 -56.62 -23.06 75.54
CA HIS A 1663 -56.31 -22.80 76.95
C HIS A 1663 -54.80 -22.77 77.21
N SER A 1664 -54.03 -23.63 76.53
CA SER A 1664 -52.58 -23.56 76.63
C SER A 1664 -52.06 -22.21 76.14
N HIS A 1665 -52.66 -21.68 75.07
CA HIS A 1665 -52.38 -20.32 74.64
C HIS A 1665 -52.82 -19.30 75.69
N THR A 1666 -53.92 -19.58 76.38
CA THR A 1666 -54.46 -18.65 77.38
C THR A 1666 -53.44 -18.44 78.49
N LEU A 1667 -52.83 -19.54 78.94
CA LEU A 1667 -51.80 -19.44 79.98
C LEU A 1667 -50.62 -18.63 79.46
N ARG A 1668 -50.30 -18.80 78.17
CA ARG A 1668 -49.21 -18.05 77.55
C ARG A 1668 -49.50 -16.57 77.60
N LEU A 1669 -50.74 -16.19 77.28
CA LEU A 1669 -51.18 -14.80 77.38
C LEU A 1669 -51.08 -14.25 78.79
N TYR A 1670 -51.40 -15.10 79.79
CA TYR A 1670 -51.21 -14.71 81.19
C TYR A 1670 -49.75 -14.43 81.51
N ARG A 1671 -48.85 -15.27 81.00
CA ARG A 1671 -47.42 -15.02 81.16
C ARG A 1671 -47.00 -13.76 80.42
N ALA A 1672 -47.58 -13.53 79.24
CA ALA A 1672 -47.19 -12.39 78.42
C ALA A 1672 -47.58 -11.09 79.09
N VAL A 1673 -48.81 -11.01 79.62
CA VAL A 1673 -49.26 -9.78 80.26
C VAL A 1673 -48.47 -9.53 81.55
N CYS A 1674 -48.13 -10.59 82.29
CA CYS A 1674 -47.34 -10.39 83.50
C CYS A 1674 -45.83 -10.43 83.27
N ALA A 1675 -45.40 -10.56 82.02
CA ALA A 1675 -43.98 -10.67 81.68
C ALA A 1675 -43.22 -9.39 81.98
N LEU A 1676 -41.94 -9.58 82.36
CA LEU A 1676 -40.96 -8.51 82.60
C LEU A 1676 -41.37 -7.63 83.77
N GLY A 1677 -41.73 -8.29 84.88
CA GLY A 1677 -41.87 -7.64 86.17
C GLY A 1677 -42.97 -6.62 86.31
N ASN A 1678 -44.01 -6.69 85.49
CA ASN A 1678 -45.18 -5.84 85.64
C ASN A 1678 -46.00 -6.25 86.86
N ASN A 1679 -45.43 -6.09 88.06
CA ASN A 1679 -45.98 -6.67 89.29
C ASN A 1679 -47.39 -6.17 89.60
N ARG A 1680 -47.71 -4.94 89.16
CA ARG A 1680 -49.06 -4.42 89.31
C ARG A 1680 -50.07 -5.33 88.60
N VAL A 1681 -49.72 -5.79 87.40
CA VAL A 1681 -50.54 -6.77 86.71
C VAL A 1681 -50.45 -8.12 87.43
N ALA A 1682 -49.23 -8.49 87.85
CA ALA A 1682 -49.00 -9.82 88.42
C ALA A 1682 -49.89 -10.08 89.64
N HIS A 1683 -50.15 -9.03 90.44
CA HIS A 1683 -51.11 -9.17 91.53
C HIS A 1683 -52.52 -9.40 90.99
N ALA A 1684 -52.89 -8.66 89.94
CA ALA A 1684 -54.22 -8.75 89.34
C ALA A 1684 -54.52 -10.15 88.80
N LEU A 1685 -53.48 -10.86 88.36
CA LEU A 1685 -53.64 -12.24 87.89
C LEU A 1685 -54.11 -13.17 89.01
N CYS A 1686 -53.67 -12.91 90.24
CA CYS A 1686 -53.93 -13.81 91.38
C CYS A 1686 -55.42 -13.98 91.69
N SER A 1687 -56.27 -13.07 91.21
CA SER A 1687 -57.70 -13.33 91.25
C SER A 1687 -58.08 -14.48 90.33
N HIS A 1688 -57.65 -14.41 89.06
CA HIS A 1688 -58.09 -15.38 88.08
C HIS A 1688 -57.43 -16.74 88.28
N VAL A 1689 -56.21 -16.78 88.80
CA VAL A 1689 -55.57 -18.04 89.17
C VAL A 1689 -55.14 -17.94 90.63
N ASP A 1690 -55.54 -18.92 91.43
CA ASP A 1690 -55.34 -18.88 92.86
C ASP A 1690 -54.24 -19.82 93.31
N GLN A 1691 -53.60 -19.46 94.44
CA GLN A 1691 -52.45 -20.18 94.98
C GLN A 1691 -52.76 -21.65 95.16
N ALA A 1692 -53.97 -21.95 95.65
CA ALA A 1692 -54.41 -23.33 95.82
C ALA A 1692 -54.45 -24.04 94.48
N GLN A 1693 -54.97 -23.35 93.45
CA GLN A 1693 -55.07 -23.93 92.12
C GLN A 1693 -53.69 -24.28 91.56
N LEU A 1694 -52.73 -23.36 91.73
CA LEU A 1694 -51.37 -23.61 91.25
C LEU A 1694 -50.73 -24.79 92.00
N LEU A 1695 -50.79 -24.76 93.33
CA LEU A 1695 -50.17 -25.82 94.14
C LEU A 1695 -50.82 -27.17 93.86
N HIS A 1696 -52.14 -27.20 93.69
CA HIS A 1696 -52.83 -28.44 93.31
C HIS A 1696 -52.35 -28.91 91.95
N ALA A 1697 -52.27 -27.98 90.98
CA ALA A 1697 -51.91 -28.33 89.61
C ALA A 1697 -50.48 -28.82 89.49
N LEU A 1698 -49.64 -28.58 90.51
CA LEU A 1698 -48.25 -29.03 90.44
C LEU A 1698 -48.16 -30.54 90.40
N GLU A 1699 -48.94 -31.23 91.24
CA GLU A 1699 -48.80 -32.67 91.43
C GLU A 1699 -49.74 -33.49 90.58
N ASP A 1700 -50.59 -32.86 89.76
CA ASP A 1700 -51.60 -33.57 88.98
C ASP A 1700 -50.88 -34.37 87.90
N ALA A 1701 -50.65 -35.66 88.16
CA ALA A 1701 -49.93 -36.52 87.24
C ALA A 1701 -50.65 -36.68 85.91
N HIS A 1702 -51.98 -36.85 85.94
CA HIS A 1702 -52.72 -37.09 84.71
C HIS A 1702 -52.90 -35.84 83.86
N LEU A 1703 -52.40 -34.69 84.28
CA LEU A 1703 -52.61 -33.45 83.56
C LEU A 1703 -51.86 -33.47 82.22
N PRO A 1704 -52.43 -32.86 81.18
CA PRO A 1704 -51.76 -32.85 79.87
C PRO A 1704 -50.43 -32.09 79.93
N GLY A 1705 -49.48 -32.57 79.11
CA GLY A 1705 -48.13 -32.04 79.01
C GLY A 1705 -48.00 -30.54 78.84
N PRO A 1706 -48.53 -29.99 77.70
CA PRO A 1706 -48.41 -28.55 77.46
C PRO A 1706 -49.02 -27.72 78.57
N LEU A 1707 -50.13 -28.16 79.16
CA LEU A 1707 -50.74 -27.38 80.22
C LEU A 1707 -49.96 -27.50 81.51
N ARG A 1708 -49.27 -28.62 81.70
CA ARG A 1708 -48.43 -28.82 82.88
C ARG A 1708 -47.26 -27.84 82.85
N ALA A 1709 -46.58 -27.78 81.69
CA ALA A 1709 -45.47 -26.85 81.55
C ALA A 1709 -45.96 -25.41 81.58
N GLY A 1710 -47.12 -25.15 80.96
CA GLY A 1710 -47.69 -23.81 80.96
C GLY A 1710 -47.99 -23.34 82.36
N TYR A 1711 -48.58 -24.21 83.18
CA TYR A 1711 -48.96 -23.82 84.53
C TYR A 1711 -47.74 -23.59 85.41
N TYR A 1712 -46.72 -24.46 85.28
CA TYR A 1712 -45.49 -24.25 86.06
C TYR A 1712 -44.84 -22.91 85.71
N ASP A 1713 -44.72 -22.64 84.40
CA ASP A 1713 -44.15 -21.37 83.95
C ASP A 1713 -45.01 -20.19 84.41
N LEU A 1714 -46.33 -20.35 84.37
CA LEU A 1714 -47.24 -19.32 84.85
C LEU A 1714 -47.01 -19.02 86.33
N LEU A 1715 -46.77 -20.07 87.13
CA LEU A 1715 -46.43 -19.89 88.54
C LEU A 1715 -45.15 -19.05 88.67
N ILE A 1716 -44.12 -19.43 87.91
CA ILE A 1716 -42.82 -18.78 88.02
C ILE A 1716 -42.96 -17.31 87.65
N SER A 1717 -43.69 -17.04 86.56
CA SER A 1717 -43.88 -15.68 86.07
C SER A 1717 -44.64 -14.84 87.09
N ILE A 1718 -45.70 -15.40 87.69
CA ILE A 1718 -46.52 -14.61 88.60
C ILE A 1718 -45.75 -14.29 89.88
N HIS A 1719 -44.92 -15.22 90.34
CA HIS A 1719 -44.32 -15.04 91.66
C HIS A 1719 -42.81 -14.88 91.69
N LEU A 1720 -42.07 -15.45 90.75
CA LEU A 1720 -40.65 -15.65 90.95
C LEU A 1720 -39.72 -14.88 90.02
N GLU A 1721 -40.17 -14.48 88.83
CA GLU A 1721 -39.27 -13.87 87.86
C GLU A 1721 -38.67 -12.54 88.32
N SER A 1722 -39.48 -11.64 88.91
CA SER A 1722 -38.99 -10.29 89.21
C SER A 1722 -37.84 -10.30 90.20
N ALA A 1723 -38.00 -11.09 91.25
CA ALA A 1723 -36.95 -11.27 92.25
C ALA A 1723 -35.83 -12.14 91.72
N CYS A 1724 -36.16 -13.08 90.83
CA CYS A 1724 -35.14 -13.94 90.21
C CYS A 1724 -34.23 -13.10 89.36
N ARG A 1725 -34.81 -12.30 88.45
CA ARG A 1725 -34.04 -11.54 87.48
C ARG A 1725 -33.18 -10.50 88.18
N SER A 1726 -33.77 -9.82 89.18
CA SER A 1726 -33.00 -8.84 89.96
C SER A 1726 -31.84 -9.50 90.71
N ARG A 1727 -32.10 -10.65 91.36
CA ARG A 1727 -31.02 -11.37 92.04
C ARG A 1727 -29.99 -11.84 91.02
N ARG A 1728 -30.46 -12.26 89.84
CA ARG A 1728 -29.60 -12.80 88.79
C ARG A 1728 -28.59 -11.74 88.37
N SER A 1729 -29.08 -10.51 88.17
CA SER A 1729 -28.19 -9.41 87.82
C SER A 1729 -27.21 -9.14 88.96
N MET A 1730 -27.71 -9.16 90.20
CA MET A 1730 -26.82 -8.93 91.35
C MET A 1730 -25.81 -10.06 91.58
N LEU A 1731 -25.98 -11.21 90.93
CA LEU A 1731 -24.99 -12.28 91.06
C LEU A 1731 -23.66 -11.94 90.40
N SER A 1732 -23.64 -11.00 89.45
CA SER A 1732 -22.39 -10.68 88.77
C SER A 1732 -21.48 -9.82 89.62
N GLU A 1733 -21.99 -9.17 90.65
CA GLU A 1733 -21.17 -8.36 91.53
C GLU A 1733 -20.79 -9.15 92.76
N TYR A 1734 -19.69 -8.74 93.41
CA TYR A 1734 -19.20 -9.39 94.62
C TYR A 1734 -18.71 -8.31 95.57
N ILE A 1735 -19.61 -7.82 96.41
CA ILE A 1735 -19.27 -6.85 97.45
C ILE A 1735 -19.14 -7.62 98.75
N VAL A 1736 -18.02 -7.46 99.44
CA VAL A 1736 -17.78 -8.23 100.65
C VAL A 1736 -17.58 -7.33 101.86
N PRO A 1737 -18.19 -7.68 103.01
CA PRO A 1737 -17.97 -6.91 104.23
C PRO A 1737 -16.79 -7.41 105.05
N LEU A 1738 -16.22 -6.50 105.83
CA LEU A 1738 -15.10 -6.83 106.72
C LEU A 1738 -15.66 -7.30 108.05
N THR A 1739 -16.14 -8.54 108.06
CA THR A 1739 -16.83 -9.15 109.18
C THR A 1739 -16.22 -10.49 109.52
N PRO A 1740 -16.33 -10.93 110.79
CA PRO A 1740 -15.76 -12.25 111.16
C PRO A 1740 -16.34 -13.43 110.38
N GLU A 1741 -17.61 -13.36 109.98
CA GLU A 1741 -18.15 -14.42 109.14
C GLU A 1741 -17.45 -14.44 107.78
N THR A 1742 -17.06 -13.28 107.26
CA THR A 1742 -16.20 -13.27 106.08
C THR A 1742 -14.84 -13.89 106.41
N ARG A 1743 -14.32 -13.62 107.61
CA ARG A 1743 -12.99 -14.10 107.98
CA ARG A 1743 -12.98 -14.10 107.96
C ARG A 1743 -12.93 -15.62 108.02
N ALA A 1744 -14.00 -16.25 108.53
CA ALA A 1744 -14.05 -17.70 108.67
C ALA A 1744 -14.03 -18.44 107.33
N ILE A 1745 -14.31 -17.75 106.21
CA ILE A 1745 -14.37 -18.38 104.90
C ILE A 1745 -12.97 -18.85 104.50
N THR A 1746 -12.87 -20.11 104.06
CA THR A 1746 -11.62 -20.71 103.65
C THR A 1746 -11.83 -21.42 102.31
N LEU A 1747 -10.75 -21.47 101.52
CA LEU A 1747 -10.80 -22.11 100.21
C LEU A 1747 -11.15 -23.59 100.32
N PHE A 1748 -10.51 -24.29 101.24
CA PHE A 1748 -10.82 -25.69 101.44
C PHE A 1748 -11.39 -25.90 102.83
N PRO A 1749 -12.40 -26.75 102.97
CA PRO A 1749 -12.86 -27.14 104.30
C PRO A 1749 -11.74 -27.86 105.04
N PRO A 1750 -11.69 -27.74 106.36
CA PRO A 1750 -10.65 -28.42 107.14
C PRO A 1750 -10.69 -29.94 106.97
N GLY A 1751 -9.51 -30.53 106.86
CA GLY A 1751 -9.44 -31.95 106.60
C GLY A 1751 -8.02 -32.45 106.65
N ARG A 1752 -7.86 -33.70 106.23
CA ARG A 1752 -6.57 -34.38 106.28
C ARG A 1752 -6.31 -35.22 105.02
N LYS A 1753 -6.98 -34.91 103.91
CA LYS A 1753 -6.80 -35.68 102.68
C LYS A 1753 -5.41 -35.48 102.08
N GLY A 1754 -5.06 -34.24 101.73
CA GLY A 1754 -3.78 -33.98 101.11
C GLY A 1754 -3.26 -32.62 101.50
N GLY A 1755 -1.93 -32.48 101.39
CA GLY A 1755 -1.28 -31.22 101.78
C GLY A 1755 -1.68 -30.05 100.91
N ASN A 1756 -1.64 -30.23 99.60
CA ASN A 1756 -1.95 -29.14 98.68
C ASN A 1756 -3.46 -28.88 98.62
N ALA A 1757 -4.26 -29.94 98.62
CA ALA A 1757 -5.68 -29.80 98.39
C ALA A 1757 -6.44 -30.93 99.06
N ARG A 1758 -7.26 -30.61 100.07
CA ARG A 1758 -8.17 -31.58 100.65
C ARG A 1758 -9.35 -31.81 99.71
N ARG A 1759 -10.33 -32.58 100.16
CA ARG A 1759 -11.54 -32.81 99.38
C ARG A 1759 -12.29 -31.49 99.18
N HIS A 1760 -12.67 -31.23 97.93
CA HIS A 1760 -13.25 -29.94 97.56
C HIS A 1760 -14.56 -29.71 98.29
N GLY A 1761 -14.80 -28.46 98.67
CA GLY A 1761 -16.08 -28.11 99.27
C GLY A 1761 -17.23 -28.33 98.32
N LEU A 1762 -18.33 -28.82 98.87
CA LEU A 1762 -19.53 -29.11 98.08
C LEU A 1762 -20.11 -27.79 97.59
N PRO A 1763 -20.48 -27.68 96.30
CA PRO A 1763 -21.00 -26.41 95.77
C PRO A 1763 -22.25 -25.97 96.49
N GLY A 1764 -22.39 -24.65 96.66
CA GLY A 1764 -23.52 -24.06 97.38
C GLY A 1764 -23.65 -24.38 98.86
N VAL A 1765 -22.86 -25.32 99.38
CA VAL A 1765 -22.91 -25.73 100.77
C VAL A 1765 -21.88 -24.92 101.54
N GLY A 1766 -22.35 -24.03 102.39
CA GLY A 1766 -21.47 -23.16 103.14
C GLY A 1766 -22.12 -21.81 103.31
N VAL A 1767 -21.28 -20.82 103.65
CA VAL A 1767 -21.75 -19.48 103.98
C VAL A 1767 -21.26 -18.53 102.88
N THR A 1768 -22.15 -17.63 102.45
CA THR A 1768 -21.83 -16.63 101.45
C THR A 1768 -22.14 -15.28 102.05
N THR A 1769 -21.10 -14.49 102.29
CA THR A 1769 -21.26 -13.18 102.91
C THR A 1769 -21.45 -12.07 101.89
N SER A 1770 -21.45 -12.40 100.60
CA SER A 1770 -21.55 -11.39 99.55
C SER A 1770 -22.88 -10.66 99.64
N LEU A 1771 -22.86 -9.39 99.27
CA LEU A 1771 -24.06 -8.56 99.40
C LEU A 1771 -25.10 -8.97 98.37
N ARG A 1772 -26.31 -9.22 98.84
CA ARG A 1772 -27.46 -9.46 98.00
C ARG A 1772 -28.67 -8.86 98.70
N PRO A 1773 -29.36 -7.91 98.08
CA PRO A 1773 -30.44 -7.17 98.78
C PRO A 1773 -31.60 -8.08 99.13
N PRO A 1774 -32.41 -7.71 100.14
CA PRO A 1774 -33.54 -8.56 100.52
C PRO A 1774 -34.59 -8.63 99.43
N HIS A 1775 -35.24 -9.79 99.34
CA HIS A 1775 -36.39 -9.90 98.46
C HIS A 1775 -37.55 -9.07 98.99
N HIS A 1776 -38.44 -8.70 98.08
CA HIS A 1776 -39.62 -7.92 98.42
C HIS A 1776 -40.86 -8.68 98.02
N PHE A 1777 -41.82 -8.77 98.94
CA PHE A 1777 -43.06 -9.48 98.67
C PHE A 1777 -44.23 -8.76 99.34
N SER A 1778 -45.41 -8.97 98.76
CA SER A 1778 -46.65 -8.41 99.28
C SER A 1778 -47.68 -9.52 99.38
N PRO A 1779 -48.50 -9.51 100.42
CA PRO A 1779 -49.59 -10.48 100.52
C PRO A 1779 -50.72 -10.10 99.58
N PRO A 1780 -51.06 -10.97 98.62
CA PRO A 1780 -52.14 -10.63 97.69
C PRO A 1780 -53.51 -10.63 98.37
N CYS A 1781 -54.01 -9.44 98.63
CA CYS A 1781 -55.31 -9.27 99.28
C CYS A 1781 -56.00 -8.09 98.64
N PHE A 1782 -57.14 -8.35 98.00
CA PHE A 1782 -57.72 -7.42 97.04
C PHE A 1782 -58.86 -6.61 97.63
N VAL A 1783 -59.26 -6.88 98.88
CA VAL A 1783 -60.29 -6.09 99.53
C VAL A 1783 -59.74 -4.81 100.13
N ALA A 1784 -58.44 -4.59 100.06
CA ALA A 1784 -57.82 -3.40 100.60
C ALA A 1784 -58.36 -2.16 99.89
N ALA A 1785 -58.48 -1.07 100.65
CA ALA A 1785 -58.97 0.19 100.10
C ALA A 1785 -58.06 0.70 99.00
N LEU A 1786 -58.67 1.31 97.99
CA LEU A 1786 -57.92 1.88 96.89
C LEU A 1786 -57.06 3.01 97.43
N PRO A 1787 -55.74 2.96 97.25
CA PRO A 1787 -54.86 4.01 97.79
C PRO A 1787 -55.18 5.37 97.22
N ALA A 1788 -55.16 6.38 98.10
CA ALA A 1788 -55.47 7.75 97.69
C ALA A 1788 -54.42 8.32 96.73
N ALA A 1789 -53.23 7.73 96.70
CA ALA A 1789 -52.19 8.13 95.76
C ALA A 1789 -52.66 7.82 94.34
N GLY A 1790 -52.54 8.79 93.44
CA GLY A 1790 -52.96 8.61 92.07
C GLY A 1790 -51.97 7.80 91.27
N VAL A 1791 -52.26 7.71 89.96
CA VAL A 1791 -51.40 6.98 89.05
C VAL A 1791 -50.04 7.67 88.95
N ALA A 1792 -49.00 6.88 88.66
CA ALA A 1792 -47.60 7.29 88.45
C ALA A 1792 -46.94 7.88 89.69
N GLU A 1793 -47.61 7.88 90.84
CA GLU A 1793 -47.07 8.47 92.06
C GLU A 1793 -46.97 7.49 93.22
N ALA A 1794 -47.87 6.51 93.30
CA ALA A 1794 -47.76 5.48 94.31
C ALA A 1794 -46.55 4.59 94.08
N PRO A 1795 -45.87 4.14 95.14
CA PRO A 1795 -44.74 3.22 94.98
C PRO A 1795 -45.15 1.89 94.38
N ALA A 1796 -44.21 1.28 93.66
CA ALA A 1796 -44.48 0.07 92.87
C ALA A 1796 -44.89 -1.10 93.75
N ARG A 1797 -45.85 -1.87 93.26
CA ARG A 1797 -46.27 -3.09 93.94
C ARG A 1797 -45.15 -4.12 93.91
N LEU A 1798 -44.97 -4.81 95.03
CA LEU A 1798 -43.98 -5.87 95.12
C LEU A 1798 -44.52 -7.15 94.48
N SER A 1799 -43.67 -8.17 94.42
CA SER A 1799 -44.09 -9.47 93.94
C SER A 1799 -45.12 -10.09 94.88
N PRO A 1800 -46.21 -10.65 94.36
CA PRO A 1800 -47.18 -11.35 95.21
C PRO A 1800 -46.53 -12.50 95.99
N ALA A 1801 -46.89 -12.62 97.26
CA ALA A 1801 -46.23 -13.59 98.12
C ALA A 1801 -46.79 -14.99 97.88
N ILE A 1802 -46.07 -15.98 98.38
CA ILE A 1802 -46.41 -17.39 98.30
C ILE A 1802 -45.47 -18.14 99.24
N PRO A 1803 -45.96 -19.16 100.01
CA PRO A 1803 -45.09 -19.87 100.95
C PRO A 1803 -43.95 -20.62 100.29
N LEU A 1804 -42.74 -20.14 100.52
CA LEU A 1804 -41.58 -20.66 99.80
C LEU A 1804 -40.95 -21.84 100.50
N GLU A 1805 -40.85 -21.83 101.84
CA GLU A 1805 -40.27 -22.97 102.53
C GLU A 1805 -41.13 -24.23 102.32
N ALA A 1806 -42.46 -24.06 102.28
CA ALA A 1806 -43.33 -25.18 101.92
C ALA A 1806 -43.21 -25.50 100.44
N LEU A 1807 -43.06 -24.47 99.60
CA LEU A 1807 -42.93 -24.70 98.17
C LEU A 1807 -41.67 -25.51 97.87
N ARG A 1808 -40.53 -25.10 98.44
CA ARG A 1808 -39.28 -25.83 98.20
C ARG A 1808 -39.35 -27.26 98.74
N ASP A 1809 -40.07 -27.49 99.85
CA ASP A 1809 -40.28 -28.87 100.30
C ASP A 1809 -41.07 -29.69 99.29
N LYS A 1810 -42.15 -29.10 98.75
CA LYS A 1810 -42.93 -29.77 97.72
C LYS A 1810 -42.11 -30.04 96.47
N ALA A 1811 -41.32 -29.05 96.03
CA ALA A 1811 -40.46 -29.19 94.87
C ALA A 1811 -39.40 -30.28 95.07
N LEU A 1812 -38.77 -30.31 96.25
CA LEU A 1812 -37.81 -31.34 96.59
C LEU A 1812 -38.43 -32.73 96.55
N ARG A 1813 -39.64 -32.86 97.12
CA ARG A 1813 -40.34 -34.14 97.10
C ARG A 1813 -40.69 -34.53 95.68
N MET A 1814 -41.11 -33.54 94.87
CA MET A 1814 -41.47 -33.76 93.48
C MET A 1814 -40.27 -34.29 92.71
N LEU A 1815 -39.10 -33.72 93.00
CA LEU A 1815 -37.88 -34.13 92.32
C LEU A 1815 -37.59 -35.58 92.67
N GLY A 1816 -37.70 -35.92 93.96
CA GLY A 1816 -37.45 -37.30 94.39
C GLY A 1816 -38.38 -38.29 93.71
N GLU A 1817 -39.65 -37.88 93.53
CA GLU A 1817 -40.63 -38.68 92.78
C GLU A 1817 -40.19 -38.89 91.34
N ALA A 1818 -39.73 -37.81 90.69
CA ALA A 1818 -39.29 -37.92 89.31
C ALA A 1818 -38.05 -38.79 89.19
N VAL A 1819 -37.10 -38.63 90.11
CA VAL A 1819 -35.83 -39.35 90.05
C VAL A 1819 -36.09 -40.85 90.18
N ARG A 1820 -36.85 -41.24 91.20
CA ARG A 1820 -37.15 -42.65 91.38
C ARG A 1820 -38.02 -43.20 90.26
N ASP A 1821 -38.98 -42.40 89.76
CA ASP A 1821 -39.86 -42.83 88.68
C ASP A 1821 -39.07 -43.12 87.40
N GLY A 1822 -38.10 -42.25 87.07
CA GLY A 1822 -37.36 -42.37 85.82
C GLY A 1822 -36.62 -43.68 85.65
N GLY A 1823 -35.99 -44.16 86.74
CA GLY A 1823 -35.29 -45.44 86.70
C GLY A 1823 -36.18 -46.64 86.44
N GLN A 1824 -37.48 -46.55 86.74
CA GLN A 1824 -38.38 -47.67 86.53
C GLN A 1824 -38.67 -47.96 85.06
N HIS A 1825 -38.35 -47.02 84.15
CA HIS A 1825 -38.56 -47.17 82.70
C HIS A 1825 -40.02 -47.50 82.38
N ALA A 1826 -40.93 -46.83 83.07
CA ALA A 1826 -42.35 -46.99 82.83
C ALA A 1826 -42.74 -46.39 81.47
N ARG A 1827 -43.78 -46.97 80.89
CA ARG A 1827 -44.26 -46.56 79.58
C ARG A 1827 -45.18 -45.34 79.62
N ASP A 1828 -45.48 -44.82 80.80
CA ASP A 1828 -46.42 -43.71 80.96
C ASP A 1828 -45.82 -42.58 81.79
N PRO A 1829 -44.94 -41.78 81.21
CA PRO A 1829 -44.33 -40.67 81.95
C PRO A 1829 -45.38 -39.62 82.32
N VAL A 1830 -45.10 -38.92 83.44
CA VAL A 1830 -46.02 -37.92 83.97
C VAL A 1830 -46.21 -36.80 82.95
N GLY A 1831 -47.46 -36.51 82.62
CA GLY A 1831 -47.79 -35.49 81.66
C GLY A 1831 -47.84 -35.96 80.22
N GLY A 1832 -47.27 -37.14 79.93
CA GLY A 1832 -47.33 -37.70 78.60
C GLY A 1832 -45.97 -38.01 78.02
N SER A 1833 -44.99 -37.13 78.27
CA SER A 1833 -43.67 -37.30 77.72
C SER A 1833 -42.63 -37.04 78.79
N VAL A 1834 -41.45 -37.63 78.61
CA VAL A 1834 -40.34 -37.48 79.54
C VAL A 1834 -39.93 -36.02 79.67
N GLU A 1835 -39.86 -35.31 78.54
CA GLU A 1835 -39.51 -33.89 78.57
C GLU A 1835 -40.57 -33.06 79.30
N PHE A 1836 -41.86 -33.38 79.10
CA PHE A 1836 -42.93 -32.71 79.84
C PHE A 1836 -42.94 -33.08 81.31
N GLN A 1837 -42.29 -34.19 81.65
CA GLN A 1837 -42.19 -34.60 83.04
C GLN A 1837 -41.06 -33.86 83.72
N PHE A 1838 -39.84 -34.06 83.23
CA PHE A 1838 -38.65 -33.53 83.91
C PHE A 1838 -38.49 -32.02 83.74
N VAL A 1839 -38.71 -31.46 82.55
CA VAL A 1839 -38.34 -30.07 82.23
C VAL A 1839 -39.02 -29.04 83.14
N PRO A 1840 -40.38 -28.95 83.25
CA PRO A 1840 -40.96 -27.86 84.06
C PRO A 1840 -40.56 -27.90 85.53
N VAL A 1841 -40.40 -29.11 86.07
CA VAL A 1841 -39.92 -29.28 87.45
C VAL A 1841 -38.49 -28.76 87.57
N LEU A 1842 -37.62 -29.18 86.65
CA LEU A 1842 -36.23 -28.72 86.68
C LEU A 1842 -36.14 -27.20 86.57
N LYS A 1843 -37.07 -26.60 85.81
CA LYS A 1843 -37.14 -25.15 85.68
C LYS A 1843 -37.46 -24.53 87.04
N LEU A 1844 -38.40 -25.15 87.76
CA LEU A 1844 -38.76 -24.64 89.09
C LEU A 1844 -37.59 -24.75 90.05
N VAL A 1845 -36.87 -25.88 90.00
CA VAL A 1845 -35.75 -26.10 90.90
C VAL A 1845 -34.65 -25.09 90.61
N SER A 1846 -34.40 -24.84 89.31
CA SER A 1846 -33.38 -23.87 88.91
C SER A 1846 -33.74 -22.48 89.43
N THR A 1847 -35.02 -22.10 89.29
CA THR A 1847 -35.47 -20.79 89.72
C THR A 1847 -35.30 -20.62 91.23
N LEU A 1848 -35.61 -21.69 91.99
CA LEU A 1848 -35.41 -21.64 93.45
C LEU A 1848 -33.93 -21.55 93.79
N LEU A 1849 -33.09 -22.28 93.05
CA LEU A 1849 -31.65 -22.24 93.26
C LEU A 1849 -31.10 -20.84 93.09
N VAL A 1850 -31.55 -20.15 92.03
CA VAL A 1850 -31.21 -18.73 91.85
C VAL A 1850 -31.75 -17.91 93.01
N MET A 1851 -33.00 -18.17 93.41
CA MET A 1851 -33.63 -17.48 94.53
C MET A 1851 -32.89 -17.63 95.86
N GLY A 1852 -32.11 -18.71 96.03
CA GLY A 1852 -31.46 -18.92 97.30
C GLY A 1852 -32.36 -19.40 98.41
N ILE A 1853 -33.57 -19.85 98.09
CA ILE A 1853 -34.52 -20.32 99.09
C ILE A 1853 -33.99 -21.54 99.81
N PHE A 1854 -33.29 -22.42 99.08
CA PHE A 1854 -32.83 -23.69 99.61
C PHE A 1854 -31.79 -23.48 100.70
N GLY A 1855 -31.94 -24.24 101.79
CA GLY A 1855 -30.91 -24.35 102.79
C GLY A 1855 -29.87 -25.39 102.41
N ASP A 1856 -28.87 -25.51 103.29
CA ASP A 1856 -27.71 -26.34 102.99
C ASP A 1856 -28.09 -27.80 102.79
N GLU A 1857 -28.89 -28.37 103.71
CA GLU A 1857 -29.31 -29.76 103.60
C GLU A 1857 -30.15 -29.99 102.35
N ASP A 1858 -30.96 -28.99 101.99
CA ASP A 1858 -31.71 -29.00 100.74
C ASP A 1858 -30.76 -29.12 99.55
N VAL A 1859 -29.67 -28.33 99.59
CA VAL A 1859 -28.69 -28.36 98.51
C VAL A 1859 -28.04 -29.74 98.46
N LYS A 1860 -27.71 -30.30 99.65
CA LYS A 1860 -27.09 -31.62 99.75
C LYS A 1860 -27.95 -32.66 99.05
N GLN A 1861 -29.26 -32.61 99.31
CA GLN A 1861 -30.18 -33.54 98.67
C GLN A 1861 -30.22 -33.31 97.16
N ILE A 1862 -30.22 -32.04 96.73
CA ILE A 1862 -30.23 -31.72 95.29
C ILE A 1862 -29.04 -32.38 94.59
N LEU A 1863 -27.85 -32.23 95.21
CA LEU A 1863 -26.64 -32.88 94.71
C LEU A 1863 -26.75 -34.40 94.75
N LYS A 1864 -27.51 -34.93 95.71
CA LYS A 1864 -27.69 -36.38 95.78
C LYS A 1864 -28.60 -36.87 94.65
N MET A 1865 -29.72 -36.18 94.40
CA MET A 1865 -30.61 -36.59 93.32
C MET A 1865 -29.92 -36.48 91.95
N ILE A 1866 -29.19 -35.38 91.71
CA ILE A 1866 -28.52 -35.27 90.41
C ILE A 1866 -27.42 -36.33 90.27
N GLU A 1867 -26.55 -36.48 91.28
CA GLU A 1867 -25.52 -37.50 91.21
C GLU A 1867 -25.07 -37.88 92.61
N PRO A 1868 -25.58 -38.98 93.15
CA PRO A 1868 -25.33 -39.29 94.57
C PRO A 1868 -23.88 -39.63 94.91
N GLU A 1869 -23.28 -40.59 94.20
CA GLU A 1869 -22.00 -41.17 94.63
C GLU A 1869 -20.84 -40.19 94.55
N VAL A 1870 -20.84 -39.29 93.56
CA VAL A 1870 -19.76 -38.31 93.44
C VAL A 1870 -19.82 -37.31 94.58
N PHE A 1871 -21.02 -36.93 94.98
CA PHE A 1871 -21.25 -35.91 96.00
C PHE A 1871 -21.54 -36.49 97.37
N THR A 1872 -20.96 -37.64 97.68
CA THR A 1872 -21.02 -38.21 99.02
C THR A 1872 -19.85 -37.67 99.83
N GLU A 1873 -20.14 -37.19 101.03
CA GLU A 1873 -19.13 -36.59 101.89
C GLU A 1873 -18.78 -37.53 103.04
N GLU A 1874 -17.48 -37.64 103.30
CA GLU A 1874 -16.93 -38.44 104.39
C GLU A 1874 -15.45 -38.11 104.58
N LEU A 1922 -34.61 -47.53 92.73
CA LEU A 1922 -33.41 -47.37 91.92
C LEU A 1922 -32.74 -46.02 92.18
N GLU A 1923 -31.74 -46.00 93.05
CA GLU A 1923 -31.09 -44.76 93.47
C GLU A 1923 -30.04 -44.26 92.48
N GLU A 1924 -30.41 -44.21 91.22
CA GLU A 1924 -29.54 -43.78 90.14
C GLU A 1924 -29.90 -42.36 89.76
N GLY A 1925 -28.90 -41.49 89.66
CA GLY A 1925 -29.14 -40.07 89.49
C GLY A 1925 -29.59 -39.69 88.09
N LEU A 1926 -29.71 -38.37 87.90
CA LEU A 1926 -30.15 -37.81 86.62
C LEU A 1926 -29.19 -38.12 85.48
N LEU A 1927 -27.89 -37.99 85.76
CA LEU A 1927 -26.87 -37.84 84.73
C LEU A 1927 -26.66 -39.05 83.83
N GLN A 1928 -27.41 -40.15 83.96
CA GLN A 1928 -27.22 -41.27 83.04
C GLN A 1928 -28.53 -41.88 82.55
N MET A 1929 -29.68 -41.23 82.73
CA MET A 1929 -30.94 -41.77 82.24
C MET A 1929 -31.23 -41.40 80.79
N LYS A 1930 -30.20 -41.10 80.00
CA LYS A 1930 -30.22 -40.74 78.56
C LYS A 1930 -31.39 -39.83 78.20
N LEU A 1931 -31.43 -38.69 78.89
CA LEU A 1931 -32.52 -37.73 78.75
C LEU A 1931 -32.55 -37.10 77.37
N PRO A 1932 -33.72 -36.68 76.90
CA PRO A 1932 -33.79 -35.91 75.65
C PRO A 1932 -33.09 -34.56 75.78
N GLU A 1933 -32.84 -33.96 74.61
CA GLU A 1933 -32.01 -32.76 74.49
C GLU A 1933 -32.58 -31.59 75.29
N SER A 1934 -33.91 -31.40 75.26
CA SER A 1934 -34.52 -30.25 75.92
C SER A 1934 -34.31 -30.29 77.44
N VAL A 1935 -34.32 -31.48 78.03
CA VAL A 1935 -34.01 -31.66 79.44
C VAL A 1935 -32.57 -31.26 79.74
N LYS A 1936 -31.66 -31.59 78.83
CA LYS A 1936 -30.24 -31.27 78.98
C LYS A 1936 -29.98 -29.77 79.11
N LEU A 1937 -30.83 -28.95 78.50
CA LEU A 1937 -30.71 -27.49 78.63
C LEU A 1937 -30.89 -27.03 80.07
N GLN A 1938 -31.98 -27.48 80.71
CA GLN A 1938 -32.20 -27.20 82.12
C GLN A 1938 -31.11 -27.82 82.97
N MET A 1939 -30.64 -29.00 82.56
CA MET A 1939 -29.61 -29.70 83.32
C MET A 1939 -28.34 -28.85 83.37
N CYS A 1940 -27.99 -28.27 82.22
CA CYS A 1940 -26.83 -27.38 82.13
C CYS A 1940 -27.05 -26.14 82.98
N ASN A 1941 -28.29 -25.63 83.01
CA ASN A 1941 -28.60 -24.48 83.85
C ASN A 1941 -28.34 -24.78 85.32
N LEU A 1942 -28.74 -25.98 85.74
CA LEU A 1942 -28.50 -26.45 87.10
C LEU A 1942 -27.01 -26.51 87.39
N LEU A 1943 -26.25 -27.06 86.44
CA LEU A 1943 -24.81 -27.22 86.65
C LEU A 1943 -24.13 -25.86 86.77
N GLU A 1944 -24.41 -24.95 85.81
CA GLU A 1944 -23.73 -23.66 85.79
C GLU A 1944 -24.04 -22.85 87.04
N TYR A 1945 -25.23 -23.03 87.63
CA TYR A 1945 -25.53 -22.34 88.87
C TYR A 1945 -24.54 -22.72 89.96
N PHE A 1946 -24.24 -24.02 90.07
CA PHE A 1946 -23.24 -24.47 91.02
C PHE A 1946 -21.85 -23.99 90.62
N CYS A 1947 -21.60 -23.94 89.30
CA CYS A 1947 -20.30 -23.49 88.79
C CYS A 1947 -20.02 -22.05 89.20
N ASP A 1948 -21.06 -21.25 89.40
CA ASP A 1948 -20.87 -19.89 89.89
C ASP A 1948 -20.51 -19.88 91.37
N GLN A 1949 -20.99 -20.88 92.12
CA GLN A 1949 -20.84 -20.91 93.58
C GLN A 1949 -19.37 -21.01 93.99
N GLU A 1950 -18.62 -21.94 93.40
CA GLU A 1950 -17.19 -22.05 93.66
C GLU A 1950 -16.43 -20.77 93.32
N LEU A 1951 -16.78 -20.12 92.21
CA LEU A 1951 -16.20 -18.83 91.86
C LEU A 1951 -16.46 -17.77 92.93
N GLN A 1952 -17.72 -17.63 93.36
CA GLN A 1952 -18.05 -16.71 94.45
C GLN A 1952 -17.36 -17.10 95.76
N HIS A 1953 -17.23 -18.40 96.00
CA HIS A 1953 -16.48 -18.93 97.14
C HIS A 1953 -15.03 -18.49 97.07
N ARG A 1954 -14.42 -18.60 95.88
CA ARG A 1954 -13.02 -18.23 95.69
C ARG A 1954 -12.85 -16.75 95.98
N VAL A 1955 -13.76 -15.93 95.43
CA VAL A 1955 -13.69 -14.48 95.58
C VAL A 1955 -13.74 -14.10 97.06
N GLU A 1956 -14.70 -14.66 97.79
CA GLU A 1956 -14.80 -14.40 99.22
C GLU A 1956 -13.59 -14.95 99.99
N SER A 1957 -13.11 -16.14 99.63
CA SER A 1957 -11.94 -16.71 100.30
C SER A 1957 -10.71 -15.85 100.09
N LEU A 1958 -10.58 -15.28 98.89
CA LEU A 1958 -9.53 -14.30 98.61
C LEU A 1958 -9.70 -13.06 99.47
N ALA A 1959 -10.94 -12.60 99.63
CA ALA A 1959 -11.20 -11.43 100.47
C ALA A 1959 -10.80 -11.70 101.92
N ALA A 1960 -11.12 -12.89 102.41
CA ALA A 1960 -10.75 -13.33 103.75
C ALA A 1960 -9.23 -13.37 103.92
N PHE A 1961 -8.53 -13.91 102.91
CA PHE A 1961 -7.07 -13.86 102.90
C PHE A 1961 -6.56 -12.43 102.87
N ALA A 1962 -7.18 -11.56 102.08
CA ALA A 1962 -6.80 -10.15 102.04
C ALA A 1962 -6.95 -9.51 103.41
N GLU A 1963 -8.03 -9.85 104.11
CA GLU A 1963 -8.31 -9.32 105.44
C GLU A 1963 -7.22 -9.72 106.42
N ARG A 1964 -6.87 -11.01 106.43
CA ARG A 1964 -5.88 -11.46 107.41
C ARG A 1964 -4.48 -10.99 107.02
N TYR A 1965 -4.15 -11.09 105.73
CA TYR A 1965 -2.80 -10.84 105.25
C TYR A 1965 -2.42 -9.36 105.37
N VAL A 1966 -3.32 -8.46 104.92
CA VAL A 1966 -3.03 -7.02 104.88
C VAL A 1966 -2.71 -6.48 106.27
N ASP A 1967 -3.40 -6.99 107.30
CA ASP A 1967 -3.13 -6.58 108.67
C ASP A 1967 -1.70 -6.92 109.09
N LYS A 1968 -1.20 -8.11 108.68
CA LYS A 1968 0.20 -8.46 108.89
C LYS A 1968 1.13 -7.53 108.13
N LEU A 1969 0.75 -7.17 106.90
CA LEU A 1969 1.57 -6.27 106.08
C LEU A 1969 1.70 -4.91 106.73
N GLN A 1970 0.57 -4.33 107.15
CA GLN A 1970 0.59 -3.02 107.80
C GLN A 1970 1.32 -3.07 109.13
N ALA A 1971 1.21 -4.18 109.86
CA ALA A 1971 1.91 -4.34 111.14
C ALA A 1971 3.42 -4.37 110.94
N ASN A 1972 3.88 -5.24 110.03
CA ASN A 1972 5.31 -5.36 109.76
C ASN A 1972 5.88 -4.07 109.19
N GLN A 1973 5.15 -3.43 108.26
CA GLN A 1973 5.58 -2.15 107.69
C GLN A 1973 5.65 -1.05 108.74
N ARG A 1974 4.79 -1.14 109.77
CA ARG A 1974 4.83 -0.17 110.86
C ARG A 1974 6.08 -0.38 111.71
N SER A 1975 6.34 -1.64 112.07
CA SER A 1975 7.51 -1.93 112.90
C SER A 1975 8.80 -1.59 112.16
N ARG A 1976 8.82 -1.85 110.84
CA ARG A 1976 9.99 -1.50 110.03
C ARG A 1976 10.17 0.01 109.98
N TYR A 1977 9.05 0.77 110.05
CA TYR A 1977 9.15 2.22 110.04
C TYR A 1977 9.83 2.71 111.30
N ALA A 1978 9.35 2.20 112.44
CA ALA A 1978 9.92 2.58 113.73
C ALA A 1978 11.38 2.19 113.83
N LEU A 1979 11.73 1.00 113.35
CA LEU A 1979 13.13 0.57 113.33
C LEU A 1979 13.97 1.44 112.41
N LEU A 1980 13.43 1.80 111.23
CA LEU A 1980 14.14 2.61 110.25
C LEU A 1980 14.42 4.01 110.76
N MET A 1981 13.53 4.57 111.59
CA MET A 1981 13.78 5.91 112.13
C MET A 1981 15.00 5.95 113.05
N ARG A 1982 15.31 4.83 113.72
CA ARG A 1982 16.51 4.74 114.53
C ARG A 1982 17.64 3.99 113.84
N ALA A 1983 17.49 3.70 112.53
CA ALA A 1983 18.58 3.09 111.77
C ALA A 1983 19.73 4.06 111.44
N PHE A 1984 19.57 5.36 111.74
CA PHE A 1984 20.60 6.35 111.43
C PHE A 1984 21.91 6.08 112.18
N THR A 1985 21.84 5.41 113.33
CA THR A 1985 23.00 5.16 114.18
C THR A 1985 24.06 4.28 113.52
N MET A 1986 23.68 3.46 112.54
CA MET A 1986 24.60 2.57 111.86
C MET A 1986 24.55 2.70 110.34
N SER A 1987 23.81 3.67 109.81
CA SER A 1987 23.64 3.79 108.37
C SER A 1987 23.96 5.18 107.84
N ALA A 1988 23.67 5.40 106.57
CA ALA A 1988 24.00 6.62 105.86
C ALA A 1988 22.91 6.85 104.81
N ALA A 1989 23.21 7.66 103.79
CA ALA A 1989 22.29 8.03 102.71
C ALA A 1989 21.67 6.86 101.95
N GLU A 1990 22.14 5.62 102.13
CA GLU A 1990 21.43 4.45 101.61
C GLU A 1990 20.04 4.30 102.25
N THR A 1991 19.83 4.94 103.40
CA THR A 1991 18.50 5.02 103.98
C THR A 1991 17.50 5.71 103.06
N ALA A 1992 17.96 6.55 102.12
CA ALA A 1992 17.06 7.18 101.17
C ALA A 1992 16.38 6.12 100.30
N ARG A 1993 17.16 5.14 99.83
CA ARG A 1993 16.62 3.96 99.17
C ARG A 1993 15.69 3.18 100.09
N ARG A 1994 16.09 3.00 101.36
CA ARG A 1994 15.25 2.26 102.30
C ARG A 1994 13.91 2.95 102.59
N THR A 1995 13.91 4.27 102.78
CA THR A 1995 12.70 5.03 103.04
C THR A 1995 12.04 5.56 101.77
N ARG A 1996 12.56 5.19 100.59
CA ARG A 1996 11.87 5.47 99.34
C ARG A 1996 10.50 4.82 99.32
N GLU A 1997 10.41 3.59 99.86
CA GLU A 1997 9.13 2.91 100.02
C GLU A 1997 8.17 3.76 100.85
N PHE A 1998 8.65 4.34 101.93
CA PHE A 1998 7.80 5.18 102.77
C PHE A 1998 7.61 6.57 102.16
N ARG A 1999 8.39 6.92 101.15
CA ARG A 1999 8.22 8.15 100.39
C ARG A 1999 7.65 7.83 99.01
N SER A 2000 6.91 6.74 98.90
CA SER A 2000 6.21 6.41 97.67
C SER A 2000 4.76 6.09 98.00
N PRO A 2001 3.84 6.44 97.10
CA PRO A 2001 2.44 6.12 97.31
C PRO A 2001 2.19 4.63 97.48
N PRO A 2002 1.10 4.25 98.20
CA PRO A 2002 0.93 2.85 98.61
C PRO A 2002 0.83 1.87 97.48
N GLN A 2003 0.38 2.29 96.29
CA GLN A 2003 0.16 1.36 95.18
C GLN A 2003 1.48 0.70 94.79
N GLU A 2004 2.52 1.51 94.65
CA GLU A 2004 3.82 0.93 94.38
C GLU A 2004 4.43 0.32 95.63
N GLN A 2005 4.05 0.82 96.84
CA GLN A 2005 4.56 0.16 98.04
C GLN A 2005 4.12 -1.30 98.10
N ILE A 2006 2.82 -1.56 97.96
CA ILE A 2006 2.32 -2.94 97.98
C ILE A 2006 2.84 -3.72 96.78
N ASN A 2007 2.95 -3.08 95.61
CA ASN A 2007 3.51 -3.76 94.43
C ASN A 2007 4.93 -4.26 94.70
N MET A 2008 5.79 -3.40 95.26
CA MET A 2008 7.13 -3.85 95.65
C MET A 2008 7.10 -4.84 96.81
N LEU A 2009 6.10 -4.75 97.69
CA LEU A 2009 5.91 -5.75 98.74
C LEU A 2009 5.60 -7.12 98.15
N LEU A 2010 4.77 -7.16 97.11
CA LEU A 2010 4.41 -8.42 96.45
C LEU A 2010 5.44 -8.85 95.42
N HIS A 2011 6.41 -7.99 95.10
CA HIS A 2011 7.32 -8.21 93.99
C HIS A 2011 8.47 -9.14 94.39
N PHE A 2012 8.10 -10.37 94.77
CA PHE A 2012 9.08 -11.38 95.16
C PHE A 2012 8.70 -12.76 94.63
N LYS A 2013 7.79 -12.82 93.65
CA LYS A 2013 7.22 -14.09 93.20
C LYS A 2013 8.26 -15.01 92.57
N ASP A 2014 9.15 -14.47 91.75
CA ASP A 2014 9.93 -15.29 90.83
C ASP A 2014 11.33 -15.59 91.35
N GLU A 2015 11.62 -15.32 92.64
CA GLU A 2015 12.89 -15.57 93.32
C GLU A 2015 14.07 -14.75 92.78
N ALA A 2016 13.84 -13.91 91.79
CA ALA A 2016 14.85 -13.03 91.20
C ALA A 2016 14.56 -11.56 91.49
N ASP A 2017 13.62 -11.27 92.38
CA ASP A 2017 13.23 -9.90 92.70
C ASP A 2017 13.07 -9.66 94.19
N GLU A 2018 13.48 -10.61 95.03
CA GLU A 2018 13.31 -10.57 96.48
C GLU A 2018 14.15 -9.48 97.16
N GLU A 2019 15.10 -8.87 96.44
CA GLU A 2019 16.00 -7.87 97.03
C GLU A 2019 15.23 -6.67 97.55
N ASP A 2020 14.18 -6.24 96.85
CA ASP A 2020 13.41 -5.10 97.30
C ASP A 2020 12.29 -5.49 98.26
N CYS A 2021 12.04 -6.78 98.43
CA CYS A 2021 11.00 -7.23 99.34
C CYS A 2021 11.52 -7.21 100.77
N PRO A 2022 10.91 -6.46 101.67
CA PRO A 2022 11.34 -6.44 103.07
C PRO A 2022 10.66 -7.47 103.96
N LEU A 2023 9.77 -8.28 103.40
CA LEU A 2023 8.95 -9.17 104.21
C LEU A 2023 9.77 -10.35 104.75
N PRO A 2024 9.59 -10.70 106.02
CA PRO A 2024 10.21 -11.93 106.55
C PRO A 2024 9.64 -13.16 105.85
N GLU A 2025 10.48 -14.21 105.83
CA GLU A 2025 10.24 -15.39 105.00
C GLU A 2025 8.95 -16.11 105.36
N ASP A 2026 8.51 -16.06 106.62
CA ASP A 2026 7.24 -16.69 107.00
C ASP A 2026 6.06 -16.06 106.26
N ILE A 2027 6.04 -14.72 106.22
CA ILE A 2027 5.03 -14.01 105.44
C ILE A 2027 5.19 -14.32 103.96
N ARG A 2028 6.45 -14.33 103.47
CA ARG A 2028 6.68 -14.62 102.05
C ARG A 2028 6.19 -16.02 101.68
N GLN A 2029 6.32 -16.96 102.62
CA GLN A 2029 5.85 -18.33 102.42
C GLN A 2029 4.33 -18.38 102.37
N ASP A 2030 3.67 -17.58 103.23
CA ASP A 2030 2.21 -17.65 103.38
C ASP A 2030 1.50 -17.32 102.07
N LEU A 2031 1.97 -16.29 101.36
CA LEU A 2031 1.39 -15.90 100.07
C LEU A 2031 1.52 -17.02 99.04
N GLN A 2032 2.72 -17.63 98.95
CA GLN A 2032 2.95 -18.73 98.02
C GLN A 2032 2.11 -19.96 98.38
N ASP A 2033 1.97 -20.24 99.67
CA ASP A 2033 1.08 -21.31 100.15
C ASP A 2033 -0.36 -21.06 99.72
N PHE A 2034 -0.86 -19.84 99.95
CA PHE A 2034 -2.21 -19.49 99.54
C PHE A 2034 -2.36 -19.52 98.02
N HIS A 2035 -1.27 -19.28 97.29
CA HIS A 2035 -1.32 -19.38 95.85
C HIS A 2035 -1.43 -20.83 95.44
N GLN A 2036 -0.72 -21.72 96.16
CA GLN A 2036 -0.67 -23.13 95.79
C GLN A 2036 -2.04 -23.77 95.96
N ASP A 2037 -2.65 -23.62 97.15
CA ASP A 2037 -3.94 -24.27 97.32
C ASP A 2037 -5.01 -23.54 96.50
N LEU A 2038 -4.81 -22.24 96.23
CA LEU A 2038 -5.77 -21.50 95.41
C LEU A 2038 -5.84 -22.09 94.01
N LEU A 2039 -4.69 -22.23 93.34
CA LEU A 2039 -4.68 -22.86 92.03
C LEU A 2039 -5.11 -24.33 92.07
N ALA A 2040 -4.84 -25.01 93.20
CA ALA A 2040 -5.37 -26.35 93.37
C ALA A 2040 -6.90 -26.34 93.40
N HIS A 2041 -7.50 -25.36 94.09
CA HIS A 2041 -8.94 -25.18 94.03
C HIS A 2041 -9.39 -24.69 92.66
N CYS A 2042 -8.48 -24.19 91.83
CA CYS A 2042 -8.76 -23.87 90.45
C CYS A 2042 -8.53 -25.06 89.54
N GLY A 2043 -8.20 -26.22 90.12
CA GLY A 2043 -7.96 -27.41 89.31
C GLY A 2043 -6.78 -27.32 88.38
N ILE A 2044 -5.70 -26.69 88.80
CA ILE A 2044 -4.57 -26.48 87.91
C ILE A 2044 -3.54 -27.57 88.14
N GLN A 2045 -3.03 -27.67 89.37
CA GLN A 2045 -1.94 -28.58 89.66
C GLN A 2045 -2.31 -29.47 90.84
N LEU A 2046 -1.75 -30.66 90.85
CA LEU A 2046 -1.96 -31.61 91.93
C LEU A 2046 -0.62 -32.12 92.45
N GLU A 2088 -9.31 -44.06 89.18
CA GLU A 2088 -9.44 -42.72 88.62
C GLU A 2088 -10.78 -42.55 87.91
N LYS A 2089 -11.51 -43.67 87.76
CA LYS A 2089 -12.86 -43.60 87.19
C LYS A 2089 -13.87 -42.92 88.11
N LYS A 2090 -13.53 -42.70 89.37
CA LYS A 2090 -14.38 -41.91 90.25
C LYS A 2090 -14.18 -40.43 89.93
N PRO A 2091 -15.23 -39.71 89.53
CA PRO A 2091 -15.07 -38.28 89.20
C PRO A 2091 -14.58 -37.40 90.35
N GLN A 2092 -15.02 -37.67 91.58
CA GLN A 2092 -14.47 -37.12 92.82
C GLN A 2092 -14.70 -35.62 93.04
N SER A 2093 -15.08 -34.87 92.00
CA SER A 2093 -15.17 -33.42 92.09
C SER A 2093 -15.99 -32.88 90.93
N LEU A 2094 -16.47 -31.65 91.14
CA LEU A 2094 -17.40 -31.01 90.23
C LEU A 2094 -16.78 -30.74 88.86
N GLN A 2095 -15.59 -30.12 88.84
CA GLN A 2095 -15.00 -29.63 87.60
C GLN A 2095 -14.72 -30.77 86.62
N GLU A 2096 -13.96 -31.77 87.08
CA GLU A 2096 -13.61 -32.86 86.20
C GLU A 2096 -14.82 -33.74 85.91
N LEU A 2097 -15.77 -33.82 86.85
CA LEU A 2097 -17.04 -34.51 86.57
C LEU A 2097 -17.78 -33.88 85.41
N VAL A 2098 -18.03 -32.56 85.47
CA VAL A 2098 -18.79 -31.90 84.41
C VAL A 2098 -18.02 -31.92 83.09
N SER A 2099 -16.68 -31.81 83.12
CA SER A 2099 -15.91 -31.93 81.88
C SER A 2099 -16.13 -33.30 81.23
N HIS A 2100 -16.14 -34.35 82.06
CA HIS A 2100 -16.46 -35.69 81.57
CA HIS A 2100 -16.46 -35.69 81.57
C HIS A 2100 -17.88 -35.74 81.02
N MET A 2101 -18.79 -35.07 81.72
CA MET A 2101 -20.20 -35.05 81.38
C MET A 2101 -20.38 -34.46 79.98
N VAL A 2102 -19.80 -33.28 79.78
CA VAL A 2102 -19.95 -32.53 78.53
C VAL A 2102 -19.38 -33.33 77.37
N VAL A 2103 -18.17 -33.90 77.56
CA VAL A 2103 -17.56 -34.69 76.49
C VAL A 2103 -18.42 -35.92 76.19
N ARG A 2104 -18.93 -36.58 77.24
CA ARG A 2104 -19.80 -37.76 77.09
C ARG A 2104 -21.05 -37.44 76.28
N TRP A 2105 -21.70 -36.31 76.61
CA TRP A 2105 -22.89 -35.87 75.87
C TRP A 2105 -22.54 -35.63 74.42
N ALA A 2106 -21.43 -34.93 74.17
CA ALA A 2106 -21.07 -34.54 72.82
C ALA A 2106 -20.81 -35.78 71.97
N GLN A 2107 -20.10 -36.75 72.53
CA GLN A 2107 -19.79 -37.95 71.76
C GLN A 2107 -20.96 -38.93 71.70
N GLU A 2108 -22.05 -38.72 72.45
CA GLU A 2108 -23.17 -39.63 72.26
C GLU A 2108 -23.95 -39.38 70.96
N ASP A 2109 -24.05 -38.13 70.51
CA ASP A 2109 -24.84 -37.80 69.33
C ASP A 2109 -24.57 -36.38 68.89
N TYR A 2110 -24.91 -36.08 67.64
CA TYR A 2110 -24.89 -34.72 67.14
C TYR A 2110 -26.02 -33.96 67.82
N VAL A 2111 -25.67 -33.02 68.71
CA VAL A 2111 -26.66 -32.24 69.42
C VAL A 2111 -27.37 -31.31 68.45
N GLN A 2112 -28.70 -31.30 68.50
CA GLN A 2112 -29.46 -30.55 67.51
C GLN A 2112 -29.97 -29.22 68.04
N SER A 2113 -29.85 -28.94 69.34
CA SER A 2113 -30.26 -27.65 69.88
C SER A 2113 -29.08 -26.70 69.90
N PRO A 2114 -29.10 -25.63 69.10
CA PRO A 2114 -27.98 -24.65 69.11
C PRO A 2114 -27.74 -24.01 70.46
N GLU A 2115 -28.81 -23.70 71.20
CA GLU A 2115 -28.66 -23.11 72.53
C GLU A 2115 -28.01 -24.11 73.48
N LEU A 2116 -28.42 -25.39 73.41
CA LEU A 2116 -27.82 -26.42 74.25
C LEU A 2116 -26.33 -26.55 73.93
N VAL A 2117 -25.97 -26.46 72.65
CA VAL A 2117 -24.57 -26.56 72.23
C VAL A 2117 -23.77 -25.39 72.81
N ARG A 2118 -24.31 -24.18 72.64
CA ARG A 2118 -23.65 -22.96 73.10
C ARG A 2118 -23.42 -22.99 74.60
N ALA A 2119 -24.47 -23.33 75.36
CA ALA A 2119 -24.36 -23.42 76.81
C ALA A 2119 -23.38 -24.51 77.22
N MET A 2120 -23.43 -25.67 76.56
CA MET A 2120 -22.60 -26.80 76.95
C MET A 2120 -21.12 -26.49 76.76
N PHE A 2121 -20.77 -25.89 75.61
CA PHE A 2121 -19.38 -25.50 75.44
C PHE A 2121 -19.02 -24.30 76.30
N SER A 2122 -20.01 -23.47 76.67
CA SER A 2122 -19.77 -22.35 77.58
C SER A 2122 -19.25 -22.89 78.90
N LEU A 2123 -19.94 -23.92 79.41
CA LEU A 2123 -19.54 -24.57 80.66
C LEU A 2123 -18.17 -25.18 80.49
N LEU A 2124 -17.93 -25.86 79.37
CA LEU A 2124 -16.70 -26.63 79.20
C LEU A 2124 -15.49 -25.71 79.26
N HIS A 2125 -15.59 -24.54 78.61
CA HIS A 2125 -14.55 -23.54 78.72
C HIS A 2125 -14.39 -23.05 80.15
N ARG A 2126 -15.53 -22.83 80.86
CA ARG A 2126 -15.45 -22.31 82.23
C ARG A 2126 -14.72 -23.29 83.14
N GLN A 2127 -14.89 -24.59 82.92
CA GLN A 2127 -14.17 -25.54 83.75
C GLN A 2127 -12.70 -25.60 83.38
N TYR A 2128 -12.41 -25.56 82.08
CA TYR A 2128 -11.00 -25.75 81.70
C TYR A 2128 -10.17 -24.52 81.99
N ASP A 2129 -10.79 -23.35 82.23
CA ASP A 2129 -10.02 -22.15 82.55
C ASP A 2129 -10.57 -21.64 83.89
N GLY A 2130 -10.05 -22.20 84.97
CA GLY A 2130 -10.43 -21.75 86.30
C GLY A 2130 -9.89 -20.36 86.62
N LEU A 2131 -8.65 -20.10 86.24
CA LEU A 2131 -8.01 -18.84 86.56
C LEU A 2131 -8.58 -17.69 85.73
N GLY A 2132 -8.85 -17.94 84.45
CA GLY A 2132 -9.30 -16.88 83.55
C GLY A 2132 -10.66 -16.30 83.93
N GLU A 2133 -11.61 -17.17 84.25
CA GLU A 2133 -12.91 -16.71 84.75
C GLU A 2133 -12.77 -15.95 86.07
N LEU A 2134 -11.85 -16.37 86.95
CA LEU A 2134 -11.60 -15.61 88.17
C LEU A 2134 -11.04 -14.24 87.83
N LEU A 2135 -10.11 -14.17 86.88
CA LEU A 2135 -9.54 -12.89 86.46
C LEU A 2135 -10.62 -12.02 85.83
N ARG A 2136 -11.63 -12.64 85.23
CA ARG A 2136 -12.75 -11.92 84.65
C ARG A 2136 -13.77 -11.52 85.69
N ALA A 2137 -13.59 -11.99 86.93
CA ALA A 2137 -14.52 -11.69 88.00
C ALA A 2137 -13.99 -10.65 88.97
N LEU A 2138 -12.67 -10.61 89.20
CA LEU A 2138 -12.08 -9.64 90.12
C LEU A 2138 -12.42 -8.16 89.85
N PRO A 2139 -12.45 -7.64 88.57
CA PRO A 2139 -12.87 -6.23 88.36
C PRO A 2139 -14.21 -5.78 88.93
N ARG A 2140 -15.03 -6.71 89.40
CA ARG A 2140 -16.28 -6.40 90.08
C ARG A 2140 -16.26 -6.76 91.56
N ALA A 2141 -15.07 -6.99 92.12
CA ALA A 2141 -14.92 -7.36 93.52
C ALA A 2141 -14.50 -6.13 94.30
N TYR A 2142 -15.19 -5.87 95.41
CA TYR A 2142 -14.91 -4.71 96.24
C TYR A 2142 -15.08 -5.09 97.70
N THR A 2143 -14.21 -4.56 98.55
CA THR A 2143 -14.26 -4.81 99.99
C THR A 2143 -14.71 -3.54 100.69
N ILE A 2144 -15.72 -3.68 101.55
CA ILE A 2144 -16.28 -2.54 102.27
C ILE A 2144 -16.29 -2.82 103.76
N SER A 2145 -16.15 -1.75 104.53
CA SER A 2145 -16.27 -1.83 105.98
C SER A 2145 -17.71 -2.15 106.37
N PRO A 2146 -17.92 -2.91 107.46
CA PRO A 2146 -19.29 -3.29 107.85
C PRO A 2146 -20.19 -2.14 108.27
N SER A 2147 -19.65 -0.93 108.46
CA SER A 2147 -20.40 0.22 108.96
C SER A 2147 -21.54 0.61 108.01
N SER A 2148 -21.27 0.61 106.70
CA SER A 2148 -22.16 1.22 105.71
C SER A 2148 -22.87 0.20 104.84
N VAL A 2149 -22.98 -1.06 105.30
CA VAL A 2149 -23.64 -2.10 104.52
C VAL A 2149 -25.10 -1.75 104.24
N GLU A 2150 -25.83 -1.24 105.24
CA GLU A 2150 -27.21 -0.80 105.01
C GLU A 2150 -27.29 0.34 103.99
N ASP A 2151 -26.27 1.22 103.96
CA ASP A 2151 -26.21 2.27 102.96
C ASP A 2151 -26.06 1.68 101.56
N THR A 2152 -25.22 0.65 101.45
CA THR A 2152 -25.07 -0.07 100.19
C THR A 2152 -26.36 -0.77 99.81
N MET A 2153 -27.06 -1.37 100.77
CA MET A 2153 -28.38 -1.97 100.53
C MET A 2153 -29.37 -0.97 99.95
N SER A 2154 -29.38 0.24 100.54
CA SER A 2154 -30.21 1.34 100.03
C SER A 2154 -29.82 1.68 98.61
N LEU A 2155 -28.52 1.69 98.32
CA LEU A 2155 -28.05 2.01 96.98
C LEU A 2155 -28.46 0.90 96.01
N LEU A 2156 -28.26 -0.35 96.41
CA LEU A 2156 -28.50 -1.52 95.57
C LEU A 2156 -29.95 -1.61 95.14
N GLU A 2157 -30.88 -1.29 96.04
CA GLU A 2157 -32.29 -1.37 95.66
C GLU A 2157 -32.65 -0.37 94.55
N CYS A 2158 -32.02 0.81 94.56
CA CYS A 2158 -32.10 1.73 93.42
C CYS A 2158 -31.40 1.17 92.20
N LEU A 2159 -30.28 0.48 92.43
CA LEU A 2159 -29.58 -0.15 91.31
C LEU A 2159 -30.46 -1.21 90.67
N GLY A 2160 -31.28 -1.88 91.49
CA GLY A 2160 -32.23 -2.85 90.98
C GLY A 2160 -33.27 -2.17 90.11
N GLN A 2161 -33.71 -0.98 90.53
CA GLN A 2161 -34.72 -0.26 89.75
C GLN A 2161 -34.18 0.12 88.38
N ILE A 2162 -32.98 0.75 88.35
CA ILE A 2162 -32.43 1.20 87.07
C ILE A 2162 -32.15 0.01 86.17
N ARG A 2163 -31.55 -1.06 86.73
CA ARG A 2163 -31.31 -2.27 85.94
C ARG A 2163 -32.60 -2.87 85.42
N SER A 2164 -33.68 -2.80 86.20
CA SER A 2164 -34.97 -3.31 85.73
C SER A 2164 -35.55 -2.46 84.62
N LEU A 2165 -35.07 -1.24 84.45
CA LEU A 2165 -35.66 -0.35 83.44
C LEU A 2165 -34.96 -0.40 82.08
N LEU A 2166 -33.93 -1.23 81.90
CA LEU A 2166 -33.37 -1.42 80.56
C LEU A 2166 -34.35 -2.11 79.62
N ILE A 2167 -35.22 -2.97 80.15
CA ILE A 2167 -35.91 -3.94 79.33
C ILE A 2167 -37.40 -3.61 79.19
N VAL A 2168 -37.77 -2.36 79.44
CA VAL A 2168 -39.16 -1.94 79.40
C VAL A 2168 -39.22 -0.53 78.85
N GLN A 2169 -40.22 -0.27 78.00
CA GLN A 2169 -40.46 1.07 77.48
C GLN A 2169 -40.87 2.01 78.61
N MET A 2170 -40.28 3.21 78.58
CA MET A 2170 -40.48 4.18 79.64
C MET A 2170 -41.91 4.71 79.67
N GLY A 2171 -42.44 4.86 80.87
CA GLY A 2171 -43.75 5.43 81.09
C GLY A 2171 -43.74 6.38 82.26
N PRO A 2172 -44.85 7.12 82.44
CA PRO A 2172 -44.91 8.13 83.51
C PRO A 2172 -44.68 7.61 84.92
N GLN A 2173 -45.12 6.38 85.22
CA GLN A 2173 -44.84 5.76 86.51
C GLN A 2173 -43.35 5.52 86.69
N GLU A 2174 -42.73 4.93 85.67
CA GLU A 2174 -41.33 4.59 85.70
C GLU A 2174 -40.47 5.84 85.79
N GLU A 2175 -40.91 6.93 85.15
CA GLU A 2175 -40.18 8.18 85.16
C GLU A 2175 -39.97 8.65 86.60
N ASN A 2176 -41.05 8.62 87.39
CA ASN A 2176 -40.97 9.02 88.79
C ASN A 2176 -40.13 8.04 89.58
N LEU A 2177 -40.13 6.77 89.14
CA LEU A 2177 -39.34 5.75 89.84
C LEU A 2177 -37.87 6.09 89.68
N MET A 2178 -37.45 6.41 88.45
CA MET A 2178 -36.06 6.75 88.18
C MET A 2178 -35.66 8.02 88.91
N ILE A 2179 -36.57 9.01 88.95
CA ILE A 2179 -36.27 10.29 89.57
C ILE A 2179 -35.96 10.12 91.06
N GLN A 2180 -36.79 9.32 91.76
CA GLN A 2180 -36.44 9.04 93.15
C GLN A 2180 -35.29 8.03 93.28
N SER A 2181 -35.12 7.15 92.28
CA SER A 2181 -34.03 6.19 92.29
C SER A 2181 -32.69 6.88 92.32
N ILE A 2182 -32.52 7.91 91.50
CA ILE A 2182 -31.27 8.66 91.54
C ILE A 2182 -31.28 9.65 92.70
N GLY A 2183 -32.48 10.07 93.15
CA GLY A 2183 -32.57 10.98 94.27
C GLY A 2183 -31.94 10.37 95.52
N ASN A 2184 -32.20 9.08 95.74
CA ASN A 2184 -31.55 8.41 96.87
C ASN A 2184 -30.05 8.25 96.64
N ILE A 2185 -29.62 8.09 95.37
CA ILE A 2185 -28.20 7.89 95.09
C ILE A 2185 -27.41 9.13 95.49
N MET A 2186 -27.90 10.31 95.08
CA MET A 2186 -27.26 11.55 95.47
C MET A 2186 -27.28 11.77 96.98
N ASN A 2187 -28.22 11.16 97.70
CA ASN A 2187 -28.26 11.26 99.15
C ASN A 2187 -27.42 10.17 99.82
N ASN A 2188 -26.94 9.19 99.07
CA ASN A 2188 -26.11 8.16 99.66
C ASN A 2188 -24.67 8.63 99.71
N LYS A 2189 -24.07 8.56 100.90
CA LYS A 2189 -22.69 9.00 101.08
C LYS A 2189 -21.67 8.03 100.48
N VAL A 2190 -21.96 6.72 100.50
CA VAL A 2190 -21.09 5.71 99.89
C VAL A 2190 -20.92 5.95 98.40
N PHE A 2191 -21.96 6.48 97.75
CA PHE A 2191 -21.90 6.92 96.36
C PHE A 2191 -20.78 7.93 96.12
N TYR A 2192 -20.44 8.73 97.15
CA TYR A 2192 -19.27 9.58 97.12
C TYR A 2192 -18.06 8.97 97.82
N GLN A 2193 -18.27 8.16 98.86
CA GLN A 2193 -17.18 7.69 99.69
C GLN A 2193 -16.36 6.59 99.01
N HIS A 2194 -16.99 5.80 98.14
CA HIS A 2194 -16.30 4.71 97.43
C HIS A 2194 -16.57 4.80 95.93
N PRO A 2195 -16.11 5.88 95.27
CA PRO A 2195 -16.46 6.08 93.85
C PRO A 2195 -15.95 5.00 92.90
N ASN A 2196 -14.82 4.35 93.24
CA ASN A 2196 -14.31 3.25 92.44
C ASN A 2196 -15.32 2.11 92.34
N LEU A 2197 -16.02 1.84 93.44
CA LEU A 2197 -17.09 0.86 93.45
C LEU A 2197 -18.20 1.21 92.46
N MET A 2198 -18.61 2.48 92.43
CA MET A 2198 -19.70 2.92 91.57
C MET A 2198 -19.33 2.76 90.10
N ARG A 2199 -18.07 3.09 89.77
CA ARG A 2199 -17.58 2.88 88.41
C ARG A 2199 -17.54 1.40 88.10
N ALA A 2200 -17.12 0.58 89.07
CA ALA A 2200 -17.03 -0.86 88.85
C ALA A 2200 -18.41 -1.44 88.55
N LEU A 2201 -19.45 -0.95 89.24
CA LEU A 2201 -20.81 -1.36 88.92
C LEU A 2201 -21.28 -0.82 87.57
N GLY A 2202 -20.64 0.23 87.06
CA GLY A 2202 -21.06 0.81 85.79
C GLY A 2202 -22.46 1.38 85.77
N MET A 2203 -22.89 1.97 86.89
CA MET A 2203 -24.22 2.55 86.94
C MET A 2203 -24.39 3.69 85.96
N HIS A 2204 -23.29 4.43 85.68
CA HIS A 2204 -23.36 5.52 84.71
C HIS A 2204 -23.72 4.99 83.33
N GLU A 2205 -23.08 3.86 82.93
CA GLU A 2205 -23.42 3.18 81.69
C GLU A 2205 -24.90 2.82 81.66
N THR A 2206 -25.39 2.24 82.77
CA THR A 2206 -26.77 1.79 82.83
C THR A 2206 -27.75 2.95 82.63
N VAL A 2207 -27.45 4.10 83.26
CA VAL A 2207 -28.27 5.31 83.05
C VAL A 2207 -28.22 5.73 81.59
N MET A 2208 -27.01 5.72 80.99
CA MET A 2208 -26.82 6.17 79.61
C MET A 2208 -27.71 5.39 78.66
N GLU A 2209 -27.76 4.05 78.82
CA GLU A 2209 -28.59 3.23 77.93
C GLU A 2209 -30.05 3.70 77.97
N VAL A 2210 -30.51 4.10 79.17
CA VAL A 2210 -31.88 4.54 79.37
C VAL A 2210 -32.14 5.78 78.53
N MET A 2211 -31.26 6.78 78.64
CA MET A 2211 -31.45 7.98 77.80
C MET A 2211 -31.32 7.65 76.32
N VAL A 2212 -30.41 6.74 75.96
CA VAL A 2212 -30.26 6.31 74.57
C VAL A 2212 -31.59 5.81 74.01
N ASN A 2213 -32.27 4.96 74.76
CA ASN A 2213 -33.60 4.49 74.37
C ASN A 2213 -34.64 5.62 74.33
N VAL A 2214 -34.62 6.52 75.33
CA VAL A 2214 -35.57 7.64 75.35
C VAL A 2214 -35.37 8.57 74.16
N LEU A 2215 -34.12 8.91 73.85
CA LEU A 2215 -33.82 9.75 72.69
C LEU A 2215 -34.14 9.05 71.37
N GLY A 2216 -33.67 7.80 71.21
CA GLY A 2216 -33.92 7.07 69.98
C GLY A 2216 -35.40 6.83 69.72
N GLY A 2217 -36.18 6.61 70.77
CA GLY A 2217 -37.62 6.59 70.60
C GLY A 2217 -38.06 8.01 70.30
N GLY A 2218 -38.58 8.24 69.11
CA GLY A 2218 -39.06 9.56 68.73
C GLY A 2218 -37.99 10.63 68.69
N GLU A 2219 -36.76 10.28 68.31
CA GLU A 2219 -35.70 11.28 68.20
C GLU A 2219 -35.99 12.25 67.06
N THR A 2220 -36.63 11.76 65.99
CA THR A 2220 -36.95 12.58 64.83
C THR A 2220 -37.90 13.73 65.16
N LYS A 2221 -38.89 13.48 66.01
CA LYS A 2221 -39.93 14.48 66.26
C LYS A 2221 -39.64 15.36 67.47
N GLU A 2222 -39.61 14.77 68.67
CA GLU A 2222 -39.47 15.48 69.94
C GLU A 2222 -39.41 14.42 71.04
N ILE A 2223 -38.89 14.81 72.20
CA ILE A 2223 -38.68 13.90 73.30
C ILE A 2223 -39.76 14.13 74.36
N ARG A 2224 -40.68 13.18 74.47
CA ARG A 2224 -41.58 13.14 75.61
C ARG A 2224 -40.82 12.60 76.82
N PHE A 2225 -41.44 12.79 78.00
CA PHE A 2225 -40.81 12.57 79.30
C PHE A 2225 -39.45 13.26 79.48
N PRO A 2226 -39.35 14.57 79.22
CA PRO A 2226 -38.02 15.19 79.33
C PRO A 2226 -37.53 15.44 80.74
N LYS A 2227 -38.44 15.41 81.73
CA LYS A 2227 -38.08 15.71 83.12
C LYS A 2227 -37.07 14.71 83.64
N MET A 2228 -37.27 13.42 83.36
CA MET A 2228 -36.29 12.44 83.79
C MET A 2228 -35.00 12.56 82.98
N VAL A 2229 -35.11 12.93 81.71
CA VAL A 2229 -33.94 13.09 80.85
C VAL A 2229 -33.00 14.14 81.43
N THR A 2230 -33.53 15.31 81.75
CA THR A 2230 -32.71 16.35 82.34
C THR A 2230 -32.32 16.02 83.78
N SER A 2231 -33.11 15.21 84.50
CA SER A 2231 -32.69 14.77 85.84
C SER A 2231 -31.46 13.89 85.78
N CYS A 2232 -31.46 12.91 84.87
CA CYS A 2232 -30.30 12.06 84.68
C CYS A 2232 -29.12 12.83 84.13
N CYS A 2233 -29.35 13.73 83.17
CA CYS A 2233 -28.26 14.55 82.66
C CYS A 2233 -27.66 15.45 83.75
N ARG A 2234 -28.46 15.87 84.73
CA ARG A 2234 -27.93 16.52 85.93
C ARG A 2234 -27.08 15.54 86.74
N PHE A 2235 -27.55 14.29 86.81
CA PHE A 2235 -26.89 13.27 87.63
C PHE A 2235 -25.52 12.96 87.06
N LEU A 2236 -25.46 12.76 85.74
CA LEU A 2236 -24.21 12.36 85.10
C LEU A 2236 -23.14 13.42 85.30
N CYS A 2237 -23.51 14.69 85.14
CA CYS A 2237 -22.59 15.81 85.38
C CYS A 2237 -22.08 15.80 86.81
N TYR A 2238 -22.98 15.45 87.77
CA TYR A 2238 -22.53 15.23 89.15
C TYR A 2238 -21.54 14.09 89.21
N PHE A 2239 -21.79 13.01 88.48
CA PHE A 2239 -20.91 11.84 88.51
C PHE A 2239 -19.54 12.20 87.95
N CYS A 2240 -19.52 13.09 86.95
CA CYS A 2240 -18.25 13.53 86.37
C CYS A 2240 -17.44 14.28 87.40
N ARG A 2241 -18.11 15.12 88.20
CA ARG A 2241 -17.35 15.95 89.13
C ARG A 2241 -16.76 15.17 90.32
N ILE A 2242 -17.13 13.90 90.51
CA ILE A 2242 -16.67 13.13 91.67
C ILE A 2242 -15.16 12.92 91.64
N SER A 2243 -14.62 12.53 90.48
CA SER A 2243 -13.19 12.31 90.35
C SER A 2243 -12.82 12.25 88.87
N ARG A 2244 -11.51 12.39 88.61
CA ARG A 2244 -11.00 12.37 87.24
C ARG A 2244 -11.28 11.04 86.56
N GLN A 2245 -10.97 9.93 87.25
CA GLN A 2245 -11.14 8.59 86.67
C GLN A 2245 -12.60 8.31 86.33
N ASN A 2246 -13.52 8.70 87.21
CA ASN A 2246 -14.95 8.60 86.93
C ASN A 2246 -15.32 9.44 85.71
N GLN A 2247 -14.76 10.64 85.63
CA GLN A 2247 -14.94 11.48 84.45
C GLN A 2247 -14.33 10.81 83.23
N ARG A 2248 -13.16 10.20 83.38
CA ARG A 2248 -12.44 9.62 82.24
C ARG A 2248 -13.23 8.46 81.63
N SER A 2249 -13.69 7.55 82.49
CA SER A 2249 -14.53 6.45 82.05
C SER A 2249 -15.84 6.94 81.45
N MET A 2250 -16.45 7.97 82.05
CA MET A 2250 -17.63 8.59 81.46
C MET A 2250 -17.29 9.17 80.09
N PHE A 2251 -16.10 9.78 79.97
CA PHE A 2251 -15.63 10.40 78.73
C PHE A 2251 -15.56 9.39 77.60
N ASP A 2252 -15.11 8.16 77.89
CA ASP A 2252 -14.85 7.18 76.81
C ASP A 2252 -16.07 6.83 75.95
N HIS A 2253 -17.27 7.29 76.32
CA HIS A 2253 -18.50 7.18 75.56
C HIS A 2253 -18.93 8.51 74.94
N LEU A 2254 -18.01 9.47 74.80
CA LEU A 2254 -18.33 10.83 74.34
C LEU A 2254 -18.96 10.84 72.96
N SER A 2255 -18.31 10.17 71.99
CA SER A 2255 -18.79 10.11 70.62
C SER A 2255 -20.20 9.54 70.56
N TYR A 2256 -20.47 8.53 71.40
CA TYR A 2256 -21.76 7.86 71.48
C TYR A 2256 -22.87 8.81 71.88
N LEU A 2257 -22.54 9.88 72.61
CA LEU A 2257 -23.53 10.86 73.06
C LEU A 2257 -23.98 11.78 71.93
N LEU A 2258 -23.05 12.10 71.02
CA LEU A 2258 -23.20 13.25 70.14
C LEU A 2258 -24.37 13.07 69.18
N GLU A 2259 -24.53 11.88 68.61
CA GLU A 2259 -25.63 11.67 67.66
C GLU A 2259 -26.97 11.76 68.39
N ASN A 2260 -27.04 11.26 69.63
CA ASN A 2260 -28.27 11.37 70.38
C ASN A 2260 -28.55 12.79 70.80
N SER A 2261 -27.55 13.66 70.79
CA SER A 2261 -27.78 15.03 71.23
C SER A 2261 -28.27 15.91 70.09
N GLY A 2262 -28.49 15.33 68.91
CA GLY A 2262 -28.93 16.06 67.73
C GLY A 2262 -30.32 16.67 67.85
N ILE A 2263 -31.13 16.23 68.82
CA ILE A 2263 -32.46 16.80 69.03
C ILE A 2263 -32.68 17.24 70.46
N GLY A 2264 -31.70 17.05 71.35
CA GLY A 2264 -31.80 17.49 72.74
C GLY A 2264 -31.85 19.00 72.94
N LEU A 2265 -31.63 19.78 71.88
CA LEU A 2265 -31.69 21.23 71.95
C LEU A 2265 -33.07 21.74 72.33
N GLY A 2266 -34.12 20.97 72.00
CA GLY A 2266 -35.48 21.40 72.28
C GLY A 2266 -35.76 21.58 73.76
N MET A 2267 -35.23 20.68 74.58
CA MET A 2267 -35.40 20.76 76.01
C MET A 2267 -34.25 21.52 76.65
N GLN A 2268 -34.58 22.32 77.65
CA GLN A 2268 -33.62 23.10 78.41
CA GLN A 2268 -33.62 23.10 78.41
C GLN A 2268 -33.20 22.33 79.66
N GLY A 2269 -32.54 23.00 80.59
CA GLY A 2269 -32.13 22.37 81.83
C GLY A 2269 -30.79 21.69 81.69
N SER A 2270 -30.80 20.38 81.48
CA SER A 2270 -29.57 19.63 81.25
C SER A 2270 -29.80 18.72 80.06
N THR A 2271 -28.78 18.59 79.22
CA THR A 2271 -28.83 17.86 77.97
C THR A 2271 -27.63 16.93 77.85
N PRO A 2272 -27.68 15.94 76.93
CA PRO A 2272 -26.46 15.14 76.68
C PRO A 2272 -25.26 15.99 76.28
N LEU A 2273 -25.47 17.06 75.49
CA LEU A 2273 -24.41 17.99 75.18
C LEU A 2273 -23.81 18.61 76.45
N ASP A 2274 -24.66 18.96 77.41
CA ASP A 2274 -24.21 19.45 78.71
C ASP A 2274 -23.37 18.41 79.44
N VAL A 2275 -23.81 17.15 79.39
CA VAL A 2275 -23.03 16.04 79.95
C VAL A 2275 -21.70 15.91 79.22
N ALA A 2276 -21.72 16.04 77.89
CA ALA A 2276 -20.50 15.98 77.10
C ALA A 2276 -19.51 17.07 77.51
N ALA A 2277 -20.01 18.28 77.75
CA ALA A 2277 -19.16 19.40 78.18
C ALA A 2277 -18.55 19.11 79.54
N ALA A 2278 -19.40 18.76 80.53
CA ALA A 2278 -18.87 18.44 81.84
C ALA A 2278 -18.03 17.17 81.86
N SER A 2279 -18.13 16.34 80.81
CA SER A 2279 -17.31 15.15 80.66
C SER A 2279 -15.86 15.47 80.36
N VAL A 2280 -15.56 16.71 79.99
CA VAL A 2280 -14.23 17.10 79.55
C VAL A 2280 -13.74 18.37 80.22
N ILE A 2281 -14.56 19.02 81.06
CA ILE A 2281 -14.25 20.35 81.58
C ILE A 2281 -12.97 20.32 82.41
N ASP A 2282 -12.05 21.25 82.10
CA ASP A 2282 -10.82 21.52 82.84
C ASP A 2282 -9.91 20.29 82.96
N ASN A 2283 -9.82 19.52 81.88
CA ASN A 2283 -8.96 18.35 81.80
C ASN A 2283 -7.99 18.58 80.64
N ASN A 2284 -6.78 19.05 80.96
CA ASN A 2284 -5.79 19.32 79.92
C ASN A 2284 -5.38 18.06 79.16
N GLU A 2285 -5.37 16.90 79.82
CA GLU A 2285 -5.09 15.64 79.11
C GLU A 2285 -6.21 15.31 78.14
N LEU A 2286 -7.43 15.71 78.45
CA LEU A 2286 -8.57 15.17 77.75
C LEU A 2286 -8.88 16.05 76.56
N ALA A 2287 -8.85 17.37 76.75
CA ALA A 2287 -9.00 18.27 75.61
C ALA A 2287 -7.91 18.02 74.56
N LEU A 2288 -6.71 17.61 75.00
CA LEU A 2288 -5.68 17.18 74.06
C LEU A 2288 -6.07 15.88 73.37
N ALA A 2289 -6.69 14.95 74.10
CA ALA A 2289 -7.06 13.68 73.51
C ALA A 2289 -8.41 13.71 72.80
N LEU A 2290 -9.07 14.86 72.78
CA LEU A 2290 -10.36 15.06 72.15
C LEU A 2290 -10.23 14.92 70.63
N GLN A 2291 -10.74 13.81 70.08
CA GLN A 2291 -10.45 13.41 68.71
C GLN A 2291 -11.08 14.33 67.66
N GLU A 2292 -10.41 14.37 66.49
CA GLU A 2292 -10.79 15.16 65.33
C GLU A 2292 -12.23 14.86 64.93
N GLN A 2293 -12.53 13.55 64.75
CA GLN A 2293 -13.84 13.10 64.26
C GLN A 2293 -14.96 13.65 65.14
N ASP A 2294 -14.71 13.69 66.46
CA ASP A 2294 -15.67 14.22 67.41
C ASP A 2294 -15.91 15.70 67.15
N LEU A 2295 -14.83 16.44 66.93
CA LEU A 2295 -14.97 17.88 66.70
C LEU A 2295 -15.69 18.16 65.39
N GLU A 2296 -15.26 17.52 64.30
CA GLU A 2296 -15.91 17.77 63.01
C GLU A 2296 -17.36 17.33 63.02
N LYS A 2297 -17.70 16.33 63.84
CA LYS A 2297 -19.09 15.90 63.96
C LYS A 2297 -19.91 17.00 64.62
N VAL A 2298 -19.33 17.64 65.63
CA VAL A 2298 -20.04 18.72 66.33
C VAL A 2298 -20.24 19.91 65.40
N VAL A 2299 -19.18 20.34 64.71
CA VAL A 2299 -19.31 21.52 63.85
C VAL A 2299 -20.28 21.25 62.69
N SER A 2300 -20.30 20.00 62.17
CA SER A 2300 -21.30 19.62 61.17
C SER A 2300 -22.72 19.81 61.68
N TYR A 2301 -22.97 19.38 62.94
CA TYR A 2301 -24.25 19.68 63.57
C TYR A 2301 -24.50 21.17 63.65
N LEU A 2302 -23.47 21.94 64.05
CA LEU A 2302 -23.64 23.38 64.20
C LEU A 2302 -23.94 24.02 62.85
N ALA A 2303 -23.38 23.47 61.77
CA ALA A 2303 -23.70 23.87 60.40
C ALA A 2303 -25.18 23.66 60.10
N GLY A 2304 -25.70 22.50 60.48
CA GLY A 2304 -27.12 22.24 60.32
C GLY A 2304 -28.00 23.21 61.09
N CYS A 2305 -27.61 23.51 62.34
CA CYS A 2305 -28.33 24.50 63.14
C CYS A 2305 -28.21 25.89 62.54
N GLY A 2306 -27.05 26.21 61.97
CA GLY A 2306 -26.82 27.49 61.34
C GLY A 2306 -27.41 27.60 59.97
N LEU A 2307 -27.99 26.53 59.46
CA LEU A 2307 -28.55 26.55 58.12
C LEU A 2307 -30.05 26.30 58.12
N GLN A 2308 -30.63 25.81 59.22
CA GLN A 2308 -32.04 25.47 59.25
C GLN A 2308 -32.68 26.06 60.49
N SER A 2309 -33.98 26.35 60.40
CA SER A 2309 -34.74 26.83 61.55
C SER A 2309 -34.93 25.74 62.60
N CYS A 2310 -35.61 26.11 63.68
CA CYS A 2310 -36.00 25.17 64.71
C CYS A 2310 -37.45 24.78 64.50
N PRO A 2311 -37.75 23.56 64.06
CA PRO A 2311 -39.15 23.19 63.77
C PRO A 2311 -40.10 23.28 64.97
N MET A 2312 -39.64 22.95 66.17
CA MET A 2312 -40.48 23.07 67.37
C MET A 2312 -40.85 24.52 67.66
N LEU A 2313 -39.87 25.43 67.54
CA LEU A 2313 -40.17 26.86 67.71
C LEU A 2313 -41.06 27.35 66.58
N LEU A 2314 -40.85 26.85 65.37
CA LEU A 2314 -41.65 27.26 64.22
C LEU A 2314 -43.11 26.87 64.46
N ALA A 2315 -43.32 25.67 65.02
CA ALA A 2315 -44.68 25.21 65.28
C ALA A 2315 -45.32 26.01 66.41
N LYS A 2316 -44.51 26.52 67.35
CA LYS A 2316 -45.11 27.20 68.51
C LYS A 2316 -45.49 28.67 68.24
N GLY A 2317 -45.70 29.07 66.99
CA GLY A 2317 -46.09 30.44 66.66
C GLY A 2317 -44.96 31.41 66.41
N TYR A 2318 -43.72 31.03 66.65
CA TYR A 2318 -42.60 31.94 66.48
C TYR A 2318 -42.36 32.23 65.01
N PRO A 2319 -41.89 33.43 64.67
CA PRO A 2319 -41.50 33.72 63.28
C PRO A 2319 -40.26 32.94 62.88
N ASP A 2320 -40.02 32.90 61.58
CA ASP A 2320 -38.99 32.05 60.99
C ASP A 2320 -37.76 32.84 60.58
N ILE A 2321 -36.59 32.29 60.92
CA ILE A 2321 -35.31 32.73 60.40
C ILE A 2321 -34.56 31.49 59.93
N GLY A 2322 -33.65 31.68 58.98
CA GLY A 2322 -32.98 30.58 58.33
C GLY A 2322 -31.88 29.87 59.11
N TRP A 2323 -31.91 29.94 60.44
CA TRP A 2323 -30.91 29.31 61.28
C TRP A 2323 -31.44 29.19 62.70
N ASN A 2324 -30.68 28.48 63.55
CA ASN A 2324 -31.08 28.24 64.94
C ASN A 2324 -30.07 28.90 65.87
N PRO A 2325 -30.40 30.09 66.41
CA PRO A 2325 -29.54 30.72 67.42
C PRO A 2325 -29.36 29.92 68.69
N CYS A 2326 -30.42 29.25 69.15
CA CYS A 2326 -30.32 28.54 70.43
C CYS A 2326 -29.45 27.30 70.26
N GLY A 2327 -29.71 26.53 69.21
CA GLY A 2327 -29.04 25.26 69.02
C GLY A 2327 -27.57 25.48 68.78
N GLY A 2328 -27.26 26.43 67.87
CA GLY A 2328 -25.88 26.74 67.61
C GLY A 2328 -25.19 27.28 68.85
N GLU A 2329 -25.90 28.09 69.65
CA GLU A 2329 -25.34 28.66 70.87
C GLU A 2329 -24.94 27.57 71.86
N ARG A 2330 -25.78 26.53 71.98
CA ARG A 2330 -25.46 25.37 72.81
C ARG A 2330 -24.20 24.66 72.32
N TYR A 2331 -24.07 24.50 70.99
CA TYR A 2331 -22.84 23.92 70.44
C TYR A 2331 -21.63 24.80 70.73
N LEU A 2332 -21.81 26.13 70.62
CA LEU A 2332 -20.71 27.04 70.90
C LEU A 2332 -20.26 26.94 72.35
N ASP A 2333 -21.22 26.86 73.28
CA ASP A 2333 -20.89 26.69 74.70
C ASP A 2333 -20.08 25.41 74.92
N PHE A 2334 -20.46 24.34 74.19
CA PHE A 2334 -19.68 23.11 74.23
C PHE A 2334 -18.27 23.34 73.74
N LEU A 2335 -18.12 24.01 72.59
CA LEU A 2335 -16.80 24.22 72.02
C LEU A 2335 -15.96 25.11 72.94
N ARG A 2336 -16.62 26.09 73.59
CA ARG A 2336 -15.98 26.97 74.56
C ARG A 2336 -15.37 26.15 75.69
N PHE A 2337 -16.05 25.06 76.09
CA PHE A 2337 -15.39 24.20 77.06
C PHE A 2337 -14.41 23.23 76.40
N ALA A 2338 -14.54 23.04 75.10
CA ALA A 2338 -13.76 22.04 74.39
C ALA A 2338 -12.34 22.51 74.14
N VAL A 2339 -12.14 23.82 74.06
CA VAL A 2339 -10.83 24.35 73.69
C VAL A 2339 -10.14 25.12 74.82
N PHE A 2340 -10.88 25.66 75.78
CA PHE A 2340 -10.29 26.48 76.82
C PHE A 2340 -10.19 25.67 78.11
N VAL A 2341 -8.98 25.52 78.64
CA VAL A 2341 -8.73 24.66 79.79
C VAL A 2341 -7.98 25.46 80.85
N ASN A 2342 -8.55 25.51 82.06
CA ASN A 2342 -7.89 26.01 83.28
C ASN A 2342 -7.36 27.44 83.14
N GLY A 2343 -8.00 28.25 82.29
CA GLY A 2343 -7.58 29.63 82.13
C GLY A 2343 -6.63 29.88 80.99
N GLU A 2344 -6.27 28.88 80.21
CA GLU A 2344 -5.38 29.06 79.07
C GLU A 2344 -5.89 28.27 77.88
N SER A 2345 -5.65 28.82 76.70
CA SER A 2345 -6.09 28.18 75.47
C SER A 2345 -5.25 26.93 75.18
N VAL A 2346 -5.83 26.03 74.39
CA VAL A 2346 -5.11 24.87 73.89
C VAL A 2346 -5.01 25.04 72.38
N GLU A 2347 -3.78 25.17 71.89
CA GLU A 2347 -3.55 25.53 70.49
C GLU A 2347 -4.05 24.46 69.54
N GLU A 2348 -3.88 23.17 69.90
CA GLU A 2348 -4.26 22.06 69.03
C GLU A 2348 -5.75 22.08 68.69
N ASN A 2349 -6.58 22.15 69.73
CA ASN A 2349 -8.02 22.26 69.55
C ASN A 2349 -8.39 23.59 68.92
N ALA A 2350 -7.71 24.67 69.33
CA ALA A 2350 -8.06 26.01 68.84
C ALA A 2350 -7.88 26.10 67.33
N ASN A 2351 -6.73 25.63 66.83
CA ASN A 2351 -6.45 25.74 65.41
C ASN A 2351 -7.32 24.76 64.63
N VAL A 2352 -7.64 23.59 65.22
CA VAL A 2352 -8.45 22.63 64.48
C VAL A 2352 -9.86 23.18 64.31
N VAL A 2353 -10.45 23.69 65.41
CA VAL A 2353 -11.83 24.16 65.35
C VAL A 2353 -11.95 25.35 64.39
N VAL A 2354 -11.03 26.33 64.47
CA VAL A 2354 -11.11 27.47 63.54
C VAL A 2354 -10.93 26.98 62.10
N ARG A 2355 -10.07 25.97 61.88
CA ARG A 2355 -9.94 25.39 60.55
C ARG A 2355 -11.25 24.78 60.04
N LEU A 2356 -12.04 24.19 60.92
CA LEU A 2356 -13.35 23.73 60.47
C LEU A 2356 -14.36 24.86 60.29
N LEU A 2357 -14.29 25.90 61.12
CA LEU A 2357 -15.14 27.07 60.90
C LEU A 2357 -14.82 27.76 59.59
N ILE A 2358 -13.54 27.90 59.25
CA ILE A 2358 -13.21 28.60 58.01
C ILE A 2358 -13.61 27.74 56.81
N ARG A 2359 -13.37 26.42 56.87
CA ARG A 2359 -13.77 25.56 55.75
C ARG A 2359 -15.29 25.54 55.59
N LYS A 2360 -16.04 25.77 56.68
CA LYS A 2360 -17.50 25.76 56.68
C LYS A 2360 -18.01 27.14 57.07
N PRO A 2361 -17.93 28.13 56.16
CA PRO A 2361 -18.29 29.52 56.52
C PRO A 2361 -19.73 29.72 56.94
N GLU A 2362 -20.63 28.78 56.62
CA GLU A 2362 -22.02 28.87 57.05
C GLU A 2362 -22.18 28.78 58.57
N CYS A 2363 -21.20 28.24 59.28
CA CYS A 2363 -21.18 28.26 60.74
C CYS A 2363 -21.29 29.66 61.31
N PHE A 2364 -20.72 30.65 60.63
CA PHE A 2364 -20.76 32.04 61.10
C PHE A 2364 -22.15 32.65 61.02
N GLY A 2365 -23.08 32.05 60.28
CA GLY A 2365 -24.42 32.56 60.21
C GLY A 2365 -24.58 33.53 59.07
N PRO A 2366 -25.76 34.15 58.97
CA PRO A 2366 -26.01 35.11 57.87
C PRO A 2366 -25.04 36.29 57.85
N ALA A 2367 -24.67 36.80 59.01
CA ALA A 2367 -23.60 37.78 59.08
C ALA A 2367 -22.26 37.08 59.05
N LEU A 2368 -21.26 37.76 58.49
CA LEU A 2368 -19.88 37.27 58.34
C LEU A 2368 -19.86 35.94 57.58
N ARG A 2369 -20.71 35.86 56.56
CA ARG A 2369 -20.85 34.65 55.76
CA ARG A 2369 -20.86 34.65 55.75
C ARG A 2369 -19.93 34.63 54.55
N GLY A 2370 -19.57 35.80 54.02
CA GLY A 2370 -18.80 35.84 52.80
C GLY A 2370 -19.56 36.67 51.79
N GLU A 2371 -19.85 36.11 50.61
CA GLU A 2371 -20.49 36.83 49.51
C GLU A 2371 -21.89 37.31 49.88
N GLY A 2372 -22.03 38.62 50.02
CA GLY A 2372 -23.30 39.26 50.32
C GLY A 2372 -23.65 39.27 51.79
N GLY A 2373 -22.79 38.74 52.65
CA GLY A 2373 -23.05 38.68 54.07
C GLY A 2373 -22.76 39.99 54.78
N SER A 2374 -23.81 40.60 55.34
CA SER A 2374 -23.68 41.87 56.04
C SER A 2374 -22.82 41.71 57.30
N GLY A 2375 -22.26 42.82 57.76
CA GLY A 2375 -21.36 42.78 58.90
C GLY A 2375 -22.07 42.42 60.19
N LEU A 2376 -21.28 41.91 61.14
CA LEU A 2376 -21.79 41.62 62.48
C LEU A 2376 -22.27 42.90 63.16
N LEU A 2377 -21.53 44.01 62.94
CA LEU A 2377 -21.94 45.33 63.43
C LEU A 2377 -23.34 45.66 62.96
N ALA A 2378 -23.58 45.57 61.65
CA ALA A 2378 -24.91 45.74 61.10
C ALA A 2378 -25.90 44.74 61.66
N ALA A 2379 -25.43 43.51 61.94
CA ALA A 2379 -26.29 42.41 62.39
C ALA A 2379 -26.89 42.67 63.76
N ILE A 2380 -26.16 43.36 64.64
CA ILE A 2380 -26.58 43.42 66.04
C ILE A 2380 -27.82 44.30 66.22
N GLU A 2381 -27.89 45.45 65.52
CA GLU A 2381 -28.88 46.48 65.83
C GLU A 2381 -30.30 45.98 65.65
N GLU A 2382 -30.59 45.34 64.51
CA GLU A 2382 -31.95 44.86 64.30
C GLU A 2382 -32.30 43.74 65.28
N ALA A 2383 -31.34 42.88 65.64
CA ALA A 2383 -31.56 41.89 66.70
C ALA A 2383 -31.96 42.54 68.02
N ILE A 2384 -31.32 43.67 68.34
CA ILE A 2384 -31.72 44.50 69.49
C ILE A 2384 -33.13 45.02 69.32
N ARG A 2385 -33.46 45.52 68.12
CA ARG A 2385 -34.80 46.04 67.87
C ARG A 2385 -35.84 44.92 67.92
N ILE A 2386 -35.50 43.74 67.41
CA ILE A 2386 -36.39 42.58 67.42
C ILE A 2386 -36.72 42.20 68.85
N SER A 2387 -35.70 42.14 69.72
CA SER A 2387 -35.96 41.86 71.13
C SER A 2387 -36.75 42.97 71.82
N GLU A 2388 -36.46 44.24 71.50
CA GLU A 2388 -37.19 45.34 72.12
C GLU A 2388 -38.65 45.43 71.67
N ASP A 2389 -38.92 45.25 70.38
CA ASP A 2389 -40.26 45.31 69.82
C ASP A 2389 -40.94 43.96 69.85
N PRO A 2390 -42.09 43.81 70.53
CA PRO A 2390 -42.78 42.51 70.57
C PRO A 2390 -43.37 42.08 69.22
N ALA A 2391 -44.09 40.94 69.25
CA ALA A 2391 -44.81 40.30 68.13
C ALA A 2391 -43.86 39.64 67.12
N ARG A 2392 -42.56 39.87 67.27
CA ARG A 2392 -41.53 39.17 66.49
C ARG A 2392 -40.41 38.63 67.35
N ASP A 2393 -40.22 39.15 68.57
CA ASP A 2393 -39.28 38.55 69.51
C ASP A 2393 -39.74 37.15 69.92
N GLY A 2394 -41.06 36.99 70.11
CA GLY A 2394 -41.63 35.73 70.48
C GLY A 2394 -42.75 35.34 69.54
N PRO A 2395 -43.59 34.39 69.96
CA PRO A 2395 -44.65 33.89 69.05
C PRO A 2395 -45.67 34.93 68.63
N GLY A 2396 -45.98 35.90 69.48
CA GLY A 2396 -47.11 36.78 69.22
C GLY A 2396 -48.44 36.07 69.34
N VAL A 2397 -48.59 35.20 70.32
CA VAL A 2397 -49.83 34.46 70.53
C VAL A 2397 -50.76 35.22 71.48
N PRO A 2410 -40.90 33.34 82.62
CA PRO A 2410 -41.61 33.36 81.33
C PRO A 2410 -42.89 32.49 81.38
N PRO A 2411 -43.81 32.66 80.42
CA PRO A 2411 -45.01 31.80 80.41
C PRO A 2411 -44.75 30.31 80.34
N GLU A 2412 -43.76 29.87 79.57
CA GLU A 2412 -43.26 28.49 79.62
C GLU A 2412 -42.11 28.33 80.60
N GLU A 2413 -41.71 29.42 81.28
CA GLU A 2413 -40.57 29.61 82.18
C GLU A 2413 -39.24 29.62 81.42
N ASN A 2414 -39.27 29.32 80.12
CA ASN A 2414 -38.11 29.42 79.24
C ASN A 2414 -38.54 29.87 77.84
N ARG A 2415 -39.56 30.73 77.77
CA ARG A 2415 -40.01 31.33 76.51
C ARG A 2415 -38.84 31.96 75.76
N VAL A 2416 -38.68 31.57 74.51
CA VAL A 2416 -37.55 31.99 73.71
C VAL A 2416 -37.77 33.41 73.22
N HIS A 2417 -36.68 34.19 73.20
CA HIS A 2417 -36.65 35.56 72.71
C HIS A 2417 -35.62 35.58 71.59
N LEU A 2418 -36.09 35.76 70.35
CA LEU A 2418 -35.25 35.61 69.16
C LEU A 2418 -34.05 36.56 69.15
N GLY A 2419 -34.28 37.85 69.34
CA GLY A 2419 -33.19 38.82 69.35
C GLY A 2419 -32.13 38.53 70.39
N HIS A 2420 -32.57 38.14 71.58
CA HIS A 2420 -31.66 37.70 72.64
C HIS A 2420 -30.89 36.45 72.24
N ALA A 2421 -31.58 35.49 71.61
CA ALA A 2421 -30.91 34.25 71.18
C ALA A 2421 -29.88 34.54 70.10
N ILE A 2422 -30.23 35.41 69.14
CA ILE A 2422 -29.36 35.75 68.01
C ILE A 2422 -28.07 36.39 68.51
N MET A 2423 -28.23 37.40 69.37
CA MET A 2423 -27.07 38.07 69.95
C MET A 2423 -26.30 37.15 70.88
N SER A 2424 -26.98 36.26 71.62
CA SER A 2424 -26.30 35.30 72.47
C SER A 2424 -25.44 34.35 71.65
N PHE A 2425 -25.95 33.91 70.49
CA PHE A 2425 -25.17 33.09 69.57
C PHE A 2425 -23.95 33.84 69.08
N TYR A 2426 -24.13 35.15 68.76
CA TYR A 2426 -23.00 35.92 68.26
C TYR A 2426 -21.95 36.06 69.34
N ALA A 2427 -22.41 36.30 70.57
CA ALA A 2427 -21.54 36.50 71.72
C ALA A 2427 -20.70 35.27 71.98
N ALA A 2428 -21.35 34.10 72.04
CA ALA A 2428 -20.62 32.85 72.20
C ALA A 2428 -19.68 32.56 71.04
N LEU A 2429 -20.06 32.95 69.82
CA LEU A 2429 -19.17 32.82 68.65
C LEU A 2429 -17.90 33.63 68.82
N ILE A 2430 -18.05 34.88 69.23
CA ILE A 2430 -16.90 35.75 69.51
C ILE A 2430 -16.09 35.19 70.67
N ASP A 2431 -16.76 34.77 71.73
CA ASP A 2431 -16.08 34.27 72.93
C ASP A 2431 -15.28 33.02 72.60
N LEU A 2432 -15.83 32.17 71.73
CA LEU A 2432 -15.15 30.99 71.22
C LEU A 2432 -13.87 31.36 70.50
N LEU A 2433 -13.96 32.30 69.54
CA LEU A 2433 -12.76 32.73 68.82
C LEU A 2433 -11.74 33.38 69.77
N GLY A 2434 -12.22 34.20 70.70
CA GLY A 2434 -11.36 34.83 71.68
C GLY A 2434 -10.60 33.82 72.53
N ARG A 2435 -11.27 32.75 72.91
CA ARG A 2435 -10.58 31.70 73.66
C ARG A 2435 -9.73 30.85 72.73
N CYS A 2436 -9.98 30.91 71.43
CA CYS A 2436 -9.17 30.17 70.46
C CYS A 2436 -7.90 30.91 70.10
N ALA A 2437 -7.78 32.17 70.52
CA ALA A 2437 -6.62 32.98 70.18
C ALA A 2437 -5.34 32.41 70.79
N PRO A 2438 -4.21 32.50 70.08
CA PRO A 2438 -2.94 31.99 70.62
C PRO A 2438 -2.48 32.77 71.84
N GLU A 2439 -1.77 32.07 72.72
CA GLU A 2439 -1.19 32.70 73.90
C GLU A 2439 -0.06 33.67 73.55
N MET A 2440 0.09 34.68 74.42
CA MET A 2440 0.96 35.79 74.11
C MET A 2440 2.43 35.39 74.05
N HIS A 2441 2.85 34.38 74.84
CA HIS A 2441 4.26 34.01 74.77
C HIS A 2441 4.59 33.37 73.42
N LEU A 2442 3.58 32.77 72.80
CA LEU A 2442 3.70 32.25 71.44
C LEU A 2442 3.76 33.38 70.43
N ILE A 2443 2.86 34.36 70.59
CA ILE A 2443 2.85 35.49 69.65
C ILE A 2443 4.14 36.31 69.76
N GLN A 2444 4.61 36.57 70.98
CA GLN A 2444 5.89 37.23 71.21
C GLN A 2444 7.06 36.45 70.64
N ALA A 2445 7.07 35.13 70.80
CA ALA A 2445 8.06 34.31 70.10
C ALA A 2445 7.85 34.27 68.59
N GLY A 2446 6.68 34.68 68.12
CA GLY A 2446 6.38 34.74 66.70
C GLY A 2446 6.40 33.41 65.98
N LYS A 2447 5.84 32.38 66.61
CA LYS A 2447 5.80 31.05 66.02
C LYS A 2447 5.04 31.08 64.70
N GLY A 2448 5.58 30.39 63.69
CA GLY A 2448 5.17 30.46 62.29
C GLY A 2448 3.69 30.37 62.01
N GLU A 2449 3.10 29.19 62.25
CA GLU A 2449 1.68 29.02 61.98
C GLU A 2449 0.84 29.76 63.01
N ALA A 2450 1.39 29.97 64.21
CA ALA A 2450 0.65 30.64 65.28
C ALA A 2450 0.27 32.05 64.85
N LEU A 2451 1.21 32.75 64.19
CA LEU A 2451 0.89 34.07 63.65
C LEU A 2451 -0.23 33.99 62.61
N ARG A 2452 -0.28 32.88 61.86
CA ARG A 2452 -1.29 32.71 60.81
C ARG A 2452 -2.69 32.70 61.40
N ILE A 2453 -2.89 31.99 62.54
CA ILE A 2453 -4.24 31.93 63.12
C ILE A 2453 -4.70 33.33 63.53
N ARG A 2454 -3.89 34.03 64.32
CA ARG A 2454 -4.22 35.40 64.76
C ARG A 2454 -4.47 36.33 63.56
N ALA A 2455 -3.70 36.15 62.48
CA ALA A 2455 -3.97 36.86 61.23
C ALA A 2455 -5.36 36.55 60.69
N ILE A 2456 -5.74 35.26 60.71
CA ILE A 2456 -7.02 34.84 60.18
C ILE A 2456 -8.14 35.48 60.98
N LEU A 2457 -8.09 35.35 62.31
CA LEU A 2457 -9.16 35.89 63.16
C LEU A 2457 -9.27 37.39 62.99
N ARG A 2458 -8.14 38.10 62.90
CA ARG A 2458 -8.19 39.53 62.67
C ARG A 2458 -8.80 39.86 61.30
N SER A 2459 -8.60 38.99 60.30
CA SER A 2459 -9.25 39.20 59.02
C SER A 2459 -10.76 39.06 59.13
N LEU A 2460 -11.23 38.08 59.91
CA LEU A 2460 -12.68 37.89 60.05
C LEU A 2460 -13.32 39.02 60.86
N VAL A 2461 -12.74 39.36 61.99
CA VAL A 2461 -13.37 40.29 62.93
C VAL A 2461 -12.69 41.65 62.82
N PRO A 2462 -13.40 42.68 62.37
CA PRO A 2462 -12.85 44.05 62.35
C PRO A 2462 -13.04 44.81 63.66
N LEU A 2463 -12.09 45.72 63.91
CA LEU A 2463 -12.03 46.47 65.17
C LEU A 2463 -13.23 47.37 65.40
N ASP A 2464 -13.69 48.07 64.35
CA ASP A 2464 -14.81 49.02 64.46
C ASP A 2464 -16.07 48.34 65.00
N ASP A 2465 -16.28 47.08 64.61
CA ASP A 2465 -17.35 46.27 65.19
C ASP A 2465 -17.14 46.05 66.67
N LEU A 2466 -15.90 45.74 67.06
CA LEU A 2466 -15.58 45.42 68.44
C LEU A 2466 -15.82 46.63 69.34
N VAL A 2467 -15.35 47.81 68.92
CA VAL A 2467 -15.51 48.99 69.75
C VAL A 2467 -16.98 49.41 69.76
N GLY A 2468 -17.67 49.31 68.61
CA GLY A 2468 -19.02 49.83 68.51
C GLY A 2468 -19.98 49.07 69.40
N ILE A 2469 -19.96 47.73 69.28
CA ILE A 2469 -20.85 46.92 70.10
C ILE A 2469 -20.44 46.99 71.57
N ILE A 2470 -19.12 47.04 71.86
CA ILE A 2470 -18.66 47.24 73.24
C ILE A 2470 -19.14 48.58 73.80
N SER A 2471 -19.33 49.58 72.92
CA SER A 2471 -19.79 50.89 73.33
C SER A 2471 -21.31 51.05 73.20
N LEU A 2472 -22.04 49.98 72.92
CA LEU A 2472 -23.50 50.09 72.81
C LEU A 2472 -24.12 50.38 74.18
N PRO A 2473 -25.30 51.02 74.22
CA PRO A 2473 -25.91 51.35 75.52
C PRO A 2473 -26.52 50.13 76.19
N LEU A 2474 -26.91 50.33 77.45
CA LEU A 2474 -27.55 49.30 78.26
C LEU A 2474 -28.78 49.85 78.97
N GLN A 2475 -29.80 49.00 79.11
CA GLN A 2475 -30.96 49.32 79.94
C GLN A 2475 -30.54 49.46 81.40
N ILE A 2476 -31.08 50.48 82.06
CA ILE A 2476 -30.65 50.88 83.39
C ILE A 2476 -31.84 50.78 84.34
N PRO A 2477 -31.70 50.14 85.50
CA PRO A 2477 -32.78 50.17 86.50
C PRO A 2477 -32.98 51.57 87.05
N THR A 2478 -34.24 51.93 87.28
CA THR A 2478 -34.60 53.23 87.81
C THR A 2478 -35.67 53.12 88.88
N LEU A 2479 -35.71 54.11 89.77
CA LEU A 2479 -36.70 54.18 90.82
C LEU A 2479 -37.75 55.23 90.47
N GLY A 2480 -39.02 54.86 90.60
CA GLY A 2480 -40.11 55.74 90.26
C GLY A 2480 -41.37 54.93 90.07
N LYS A 2481 -42.44 55.65 89.66
CA LYS A 2481 -43.76 55.09 89.35
C LYS A 2481 -44.31 54.32 90.57
N ASP A 2482 -44.53 55.10 91.63
CA ASP A 2482 -44.88 54.59 92.97
C ASP A 2482 -43.75 53.69 93.48
N GLY A 2483 -42.51 54.04 93.15
CA GLY A 2483 -41.37 53.27 93.57
C GLY A 2483 -41.17 51.95 92.87
N ALA A 2484 -41.77 51.76 91.70
CA ALA A 2484 -41.60 50.51 90.94
C ALA A 2484 -40.18 50.50 90.37
N LEU A 2485 -39.33 49.63 90.91
CA LEU A 2485 -37.96 49.49 90.44
C LEU A 2485 -37.98 48.82 89.09
N VAL A 2486 -37.85 49.63 88.02
CA VAL A 2486 -37.99 49.11 86.67
C VAL A 2486 -36.76 48.28 86.32
N GLN A 2487 -36.91 46.96 86.37
CA GLN A 2487 -35.75 46.15 86.12
C GLN A 2487 -35.90 45.43 84.78
N PRO A 2488 -34.83 45.27 84.02
CA PRO A 2488 -34.94 44.53 82.76
C PRO A 2488 -35.01 43.03 83.00
N LYS A 2489 -35.59 42.35 82.03
CA LYS A 2489 -35.66 40.89 82.04
C LYS A 2489 -34.40 40.37 81.38
N MET A 2490 -33.54 39.71 82.17
CA MET A 2490 -32.26 39.20 81.70
C MET A 2490 -32.40 38.21 80.55
N SER A 2491 -33.54 37.56 80.42
CA SER A 2491 -33.77 36.64 79.32
C SER A 2491 -34.22 37.37 78.06
N ALA A 2492 -34.64 38.63 78.16
CA ALA A 2492 -35.15 39.37 77.01
C ALA A 2492 -34.62 40.79 76.98
N SER A 2493 -33.32 40.97 77.23
CA SER A 2493 -32.71 42.30 77.24
C SER A 2493 -31.23 42.12 76.98
N PHE A 2494 -30.57 43.23 76.67
CA PHE A 2494 -29.13 43.21 76.44
C PHE A 2494 -28.40 42.98 77.75
N VAL A 2495 -27.32 42.19 77.70
CA VAL A 2495 -26.66 41.73 78.93
C VAL A 2495 -25.18 42.13 78.90
N PRO A 2496 -24.56 42.37 80.07
CA PRO A 2496 -23.11 42.66 80.11
C PRO A 2496 -22.22 41.52 79.63
N ASP A 2497 -22.70 40.27 79.74
CA ASP A 2497 -21.86 39.10 79.44
C ASP A 2497 -21.43 39.10 77.98
N HIS A 2498 -22.34 39.51 77.10
CA HIS A 2498 -22.04 39.49 75.66
C HIS A 2498 -20.92 40.48 75.36
N LYS A 2499 -20.92 41.64 76.05
CA LYS A 2499 -19.80 42.57 75.92
C LYS A 2499 -18.52 41.95 76.46
N ALA A 2500 -18.62 41.23 77.58
CA ALA A 2500 -17.45 40.61 78.21
C ALA A 2500 -16.78 39.60 77.28
N SER A 2501 -17.59 38.93 76.46
CA SER A 2501 -17.06 37.99 75.48
C SER A 2501 -16.14 38.68 74.49
N MET A 2502 -16.57 39.84 73.99
CA MET A 2502 -15.77 40.59 73.04
C MET A 2502 -14.55 41.22 73.71
N VAL A 2503 -14.69 41.63 74.97
CA VAL A 2503 -13.53 42.13 75.72
C VAL A 2503 -12.46 41.05 75.81
N LEU A 2504 -12.88 39.81 76.13
CA LEU A 2504 -11.95 38.67 76.13
C LEU A 2504 -11.36 38.42 74.74
N PHE A 2505 -12.17 38.65 73.69
CA PHE A 2505 -11.68 38.55 72.31
C PHE A 2505 -10.58 39.55 72.06
N LEU A 2506 -10.85 40.83 72.34
CA LEU A 2506 -9.93 41.90 72.04
C LEU A 2506 -8.63 41.70 72.79
N ASP A 2507 -8.73 41.32 74.07
CA ASP A 2507 -7.55 41.10 74.90
C ASP A 2507 -6.69 39.97 74.33
N ARG A 2508 -7.31 38.86 73.93
CA ARG A 2508 -6.51 37.73 73.47
C ARG A 2508 -6.08 37.85 72.01
N VAL A 2509 -6.77 38.64 71.20
CA VAL A 2509 -6.51 38.68 69.76
C VAL A 2509 -5.73 39.95 69.43
N TYR A 2510 -6.33 41.12 69.70
CA TYR A 2510 -5.69 42.38 69.36
C TYR A 2510 -4.89 42.94 70.52
N GLY A 2511 -5.43 42.88 71.72
CA GLY A 2511 -4.75 43.36 72.91
C GLY A 2511 -4.74 44.88 72.93
N ILE A 2512 -3.99 45.41 73.87
CA ILE A 2512 -3.83 46.85 74.04
C ILE A 2512 -2.36 47.17 73.84
N GLU A 2513 -2.07 48.03 72.87
CA GLU A 2513 -0.70 48.37 72.53
C GLU A 2513 -0.38 49.83 72.82
N ASN A 2514 -1.15 50.75 72.26
CA ASN A 2514 -0.92 52.17 72.43
C ASN A 2514 -1.90 52.84 73.39
N GLN A 2515 -1.41 53.92 74.00
CA GLN A 2515 -2.16 54.67 75.00
C GLN A 2515 -3.41 55.31 74.40
N ASP A 2516 -3.28 55.92 73.22
CA ASP A 2516 -4.39 56.67 72.63
C ASP A 2516 -5.59 55.75 72.35
N PHE A 2517 -5.33 54.62 71.68
CA PHE A 2517 -6.37 53.64 71.39
C PHE A 2517 -6.94 53.05 72.68
N LEU A 2518 -6.09 52.87 73.70
CA LEU A 2518 -6.58 52.47 75.03
C LEU A 2518 -7.61 53.45 75.58
N LEU A 2519 -7.26 54.74 75.58
CA LEU A 2519 -8.20 55.77 76.05
C LEU A 2519 -9.44 55.86 75.16
N HIS A 2520 -9.26 55.72 73.84
CA HIS A 2520 -10.37 55.70 72.88
C HIS A 2520 -11.30 54.50 73.10
N VAL A 2521 -10.82 53.45 73.75
CA VAL A 2521 -11.70 52.37 74.19
C VAL A 2521 -12.34 52.67 75.54
N LEU A 2522 -11.53 53.24 76.44
CA LEU A 2522 -11.97 53.55 77.81
C LEU A 2522 -13.15 54.53 77.83
N ASP A 2523 -13.02 55.64 77.10
CA ASP A 2523 -13.98 56.74 77.19
C ASP A 2523 -15.38 56.33 76.73
N VAL A 2524 -15.46 55.67 75.58
CA VAL A 2524 -16.76 55.36 74.96
C VAL A 2524 -17.25 53.96 75.28
N GLY A 2525 -16.36 53.03 75.65
CA GLY A 2525 -16.76 51.66 75.92
C GLY A 2525 -16.79 51.31 77.39
N PHE A 2526 -15.79 51.75 78.14
CA PHE A 2526 -15.67 51.36 79.55
C PHE A 2526 -16.21 52.42 80.49
N LEU A 2527 -15.85 53.70 80.26
CA LEU A 2527 -16.26 54.78 81.16
C LEU A 2527 -17.77 54.85 81.43
N PRO A 2528 -18.69 54.69 80.43
CA PRO A 2528 -20.11 54.60 80.79
C PRO A 2528 -20.42 53.45 81.72
N ASP A 2529 -19.66 52.35 81.63
CA ASP A 2529 -19.90 51.19 82.49
C ASP A 2529 -19.51 51.51 83.92
N MET A 2530 -18.32 52.12 84.11
CA MET A 2530 -17.91 52.40 85.49
C MET A 2530 -18.80 53.47 86.12
N ARG A 2531 -19.13 54.55 85.39
CA ARG A 2531 -19.98 55.58 85.96
C ARG A 2531 -21.37 55.03 86.27
N ALA A 2532 -21.92 54.18 85.38
CA ALA A 2532 -23.20 53.54 85.62
C ALA A 2532 -23.16 52.65 86.86
N ALA A 2533 -22.15 51.79 86.97
CA ALA A 2533 -22.03 50.89 88.11
C ALA A 2533 -21.85 51.66 89.43
N ALA A 2534 -21.00 52.70 89.42
CA ALA A 2534 -20.81 53.55 90.59
C ALA A 2534 -22.08 54.29 90.99
N SER A 2535 -22.84 54.80 90.01
CA SER A 2535 -24.14 55.39 90.31
C SER A 2535 -25.13 54.36 90.85
N LEU A 2536 -25.21 53.19 90.21
CA LEU A 2536 -26.12 52.13 90.61
C LEU A 2536 -25.72 51.48 91.94
N ASP A 2537 -24.53 51.74 92.46
CA ASP A 2537 -24.09 51.18 93.73
C ASP A 2537 -24.86 51.86 94.87
N THR A 2538 -26.11 51.45 95.01
CA THR A 2538 -27.01 51.93 96.05
C THR A 2538 -27.77 50.74 96.61
N ALA A 2539 -28.15 50.84 97.89
CA ALA A 2539 -28.87 49.77 98.57
C ALA A 2539 -30.21 49.44 97.90
N THR A 2540 -30.80 50.37 97.15
CA THR A 2540 -32.02 50.08 96.43
C THR A 2540 -31.77 49.21 95.21
N PHE A 2541 -30.61 49.37 94.55
CA PHE A 2541 -30.35 48.70 93.29
C PHE A 2541 -29.19 47.72 93.26
N SER A 2542 -28.22 47.81 94.19
CA SER A 2542 -27.01 46.99 94.14
C SER A 2542 -27.30 45.49 94.20
N THR A 2543 -28.41 45.09 94.80
CA THR A 2543 -28.78 43.68 94.89
C THR A 2543 -29.60 43.21 93.70
N THR A 2544 -29.88 44.07 92.74
CA THR A 2544 -30.65 43.63 91.58
C THR A 2544 -29.79 42.76 90.64
N GLU A 2545 -30.50 42.09 89.72
CA GLU A 2545 -29.85 41.19 88.77
C GLU A 2545 -28.90 41.96 87.84
N MET A 2546 -29.29 43.16 87.41
CA MET A 2546 -28.47 43.89 86.46
C MET A 2546 -27.22 44.42 87.15
N ALA A 2547 -27.39 44.91 88.38
CA ALA A 2547 -26.25 45.42 89.14
C ALA A 2547 -25.23 44.32 89.38
N LEU A 2548 -25.69 43.13 89.81
CA LEU A 2548 -24.75 42.04 90.04
C LEU A 2548 -24.13 41.55 88.72
N ALA A 2549 -24.87 41.67 87.62
CA ALA A 2549 -24.34 41.35 86.30
C ALA A 2549 -23.17 42.26 85.97
N LEU A 2550 -23.33 43.58 86.21
CA LEU A 2550 -22.22 44.50 86.00
C LEU A 2550 -21.06 44.23 86.95
N ASN A 2551 -21.35 43.92 88.23
CA ASN A 2551 -20.29 43.64 89.19
C ASN A 2551 -19.38 42.49 88.74
N ARG A 2552 -20.00 41.40 88.27
CA ARG A 2552 -19.24 40.32 87.65
C ARG A 2552 -18.59 40.76 86.34
N TYR A 2553 -19.27 41.61 85.57
CA TYR A 2553 -18.76 42.00 84.26
C TYR A 2553 -17.50 42.83 84.39
N LEU A 2554 -17.53 43.81 85.31
CA LEU A 2554 -16.38 44.69 85.47
C LEU A 2554 -15.23 43.94 86.09
N CYS A 2555 -15.50 43.21 87.20
CA CYS A 2555 -14.43 42.55 87.93
C CYS A 2555 -13.84 41.34 87.22
N LEU A 2556 -14.46 40.87 86.14
CA LEU A 2556 -13.97 39.71 85.43
C LEU A 2556 -13.41 40.05 84.06
N ALA A 2557 -13.93 41.11 83.42
CA ALA A 2557 -13.49 41.49 82.09
C ALA A 2557 -12.77 42.83 82.05
N VAL A 2558 -13.40 43.90 82.53
CA VAL A 2558 -12.82 45.24 82.35
C VAL A 2558 -11.61 45.43 83.25
N LEU A 2559 -11.83 45.36 84.56
CA LEU A 2559 -10.77 45.58 85.55
C LEU A 2559 -9.53 44.70 85.40
N PRO A 2560 -9.61 43.37 85.17
CA PRO A 2560 -8.37 42.63 84.87
C PRO A 2560 -7.64 43.12 83.63
N LEU A 2561 -8.38 43.56 82.62
CA LEU A 2561 -7.75 44.13 81.43
C LEU A 2561 -7.04 45.43 81.74
N ILE A 2562 -7.70 46.32 82.50
CA ILE A 2562 -7.13 47.63 82.81
C ILE A 2562 -5.89 47.50 83.69
N THR A 2563 -5.95 46.59 84.67
CA THR A 2563 -4.90 46.45 85.68
C THR A 2563 -3.58 46.07 85.02
N LYS A 2564 -3.61 45.14 84.07
CA LYS A 2564 -2.37 44.72 83.45
C LYS A 2564 -1.86 45.71 82.42
N CYS A 2565 -2.69 46.65 81.95
CA CYS A 2565 -2.24 47.65 81.00
C CYS A 2565 -2.05 49.00 81.67
N ALA A 2566 -2.01 49.02 83.00
CA ALA A 2566 -1.80 50.25 83.77
C ALA A 2566 -0.54 51.07 83.39
N PRO A 2567 0.65 50.48 83.14
CA PRO A 2567 1.82 51.34 82.78
C PRO A 2567 1.64 52.25 81.58
N LEU A 2568 0.71 51.94 80.66
CA LEU A 2568 0.39 52.83 79.55
C LEU A 2568 -0.21 54.16 79.98
N PHE A 2569 -0.67 54.27 81.23
CA PHE A 2569 -1.27 55.48 81.76
C PHE A 2569 -0.25 56.51 82.27
N ALA A 2570 1.00 56.45 81.81
CA ALA A 2570 2.02 57.39 82.26
C ALA A 2570 1.89 58.77 81.65
N GLY A 2571 1.45 58.87 80.40
CA GLY A 2571 1.41 60.16 79.72
C GLY A 2571 0.03 60.73 79.50
N THR A 2572 -0.84 60.60 80.51
CA THR A 2572 -2.25 60.98 80.41
C THR A 2572 -2.52 62.46 80.61
N GLU A 2573 -1.50 63.32 80.60
CA GLU A 2573 -1.66 64.72 80.99
C GLU A 2573 -2.59 65.47 80.05
N HIS A 2574 -2.56 65.14 78.76
CA HIS A 2574 -3.28 65.90 77.74
C HIS A 2574 -4.79 65.83 77.90
N ARG A 2575 -5.33 64.73 78.43
CA ARG A 2575 -6.77 64.54 78.52
C ARG A 2575 -7.09 63.98 79.91
N ALA A 2576 -6.49 64.60 80.93
CA ALA A 2576 -6.41 64.03 82.27
C ALA A 2576 -7.71 64.10 83.06
N ILE A 2577 -8.63 64.98 82.65
CA ILE A 2577 -9.86 65.21 83.43
C ILE A 2577 -10.72 63.95 83.47
N MET A 2578 -10.89 63.27 82.32
CA MET A 2578 -11.66 62.04 82.33
C MET A 2578 -10.93 60.94 83.10
N VAL A 2579 -9.59 60.96 83.09
CA VAL A 2579 -8.81 60.00 83.86
C VAL A 2579 -9.13 60.15 85.34
N ASP A 2580 -9.21 61.41 85.80
CA ASP A 2580 -9.62 61.65 87.18
C ASP A 2580 -11.05 61.19 87.42
N SER A 2581 -11.93 61.37 86.42
CA SER A 2581 -13.32 60.97 86.59
C SER A 2581 -13.43 59.46 86.76
N MET A 2582 -12.73 58.71 85.90
CA MET A 2582 -12.79 57.25 85.93
C MET A 2582 -12.22 56.71 87.23
N LEU A 2583 -11.09 57.26 87.70
CA LEU A 2583 -10.54 56.77 88.95
C LEU A 2583 -11.44 57.12 90.13
N HIS A 2584 -12.09 58.28 90.10
CA HIS A 2584 -13.04 58.63 91.15
CA HIS A 2584 -13.05 58.63 91.14
C HIS A 2584 -14.24 57.68 91.15
N THR A 2585 -14.76 57.34 89.96
CA THR A 2585 -15.89 56.42 89.85
C THR A 2585 -15.53 55.03 90.38
N VAL A 2586 -14.37 54.51 89.98
CA VAL A 2586 -13.98 53.19 90.44
C VAL A 2586 -13.67 53.19 91.94
N TYR A 2587 -13.16 54.31 92.49
CA TYR A 2587 -13.02 54.42 93.95
C TYR A 2587 -14.39 54.41 94.66
N ARG A 2588 -15.38 55.08 94.06
CA ARG A 2588 -16.76 54.93 94.54
C ARG A 2588 -17.23 53.49 94.47
N LEU A 2589 -16.89 52.79 93.39
CA LEU A 2589 -17.19 51.36 93.33
C LEU A 2589 -16.41 50.56 94.35
N SER A 2590 -15.20 51.03 94.73
CA SER A 2590 -14.40 50.36 95.75
C SER A 2590 -15.14 50.37 97.06
N ARG A 2591 -15.76 51.51 97.39
CA ARG A 2591 -16.66 51.58 98.54
C ARG A 2591 -18.04 51.11 98.09
N GLY A 2592 -18.09 49.83 97.72
CA GLY A 2592 -19.27 49.25 97.08
C GLY A 2592 -19.88 48.13 97.90
N ARG A 2593 -21.20 48.06 97.90
CA ARG A 2593 -21.91 46.98 98.57
C ARG A 2593 -22.39 45.97 97.53
N SER A 2594 -22.91 44.84 98.02
CA SER A 2594 -23.33 43.70 97.19
C SER A 2594 -22.19 43.18 96.31
N LEU A 2595 -20.96 43.29 96.80
CA LEU A 2595 -19.77 42.88 96.09
C LEU A 2595 -19.01 41.87 96.94
N THR A 2596 -18.53 40.82 96.29
CA THR A 2596 -17.76 39.80 96.99
C THR A 2596 -16.42 40.37 97.44
N LYS A 2597 -15.79 39.67 98.39
CA LYS A 2597 -14.42 39.95 98.77
C LYS A 2597 -13.48 39.89 97.57
N ALA A 2598 -13.67 38.90 96.70
CA ALA A 2598 -12.88 38.79 95.48
C ALA A 2598 -13.09 39.98 94.55
N GLN A 2599 -14.35 40.40 94.36
CA GLN A 2599 -14.65 41.57 93.53
C GLN A 2599 -14.01 42.82 94.12
N ARG A 2600 -14.03 42.90 95.45
CA ARG A 2600 -13.52 44.07 96.16
C ARG A 2600 -12.02 44.17 95.96
N ASP A 2601 -11.29 43.07 96.20
CA ASP A 2601 -9.84 43.12 96.06
C ASP A 2601 -9.43 43.31 94.60
N VAL A 2602 -10.24 42.84 93.65
CA VAL A 2602 -10.01 43.17 92.24
C VAL A 2602 -10.00 44.68 92.02
N ILE A 2603 -11.02 45.36 92.58
CA ILE A 2603 -11.06 46.82 92.52
C ILE A 2603 -9.87 47.45 93.22
N GLU A 2604 -9.49 46.90 94.38
CA GLU A 2604 -8.32 47.38 95.11
C GLU A 2604 -7.06 47.28 94.27
N ASP A 2605 -6.77 46.08 93.74
CA ASP A 2605 -5.55 45.86 92.97
C ASP A 2605 -5.54 46.71 91.70
N CYS A 2606 -6.74 47.03 91.17
CA CYS A 2606 -6.84 47.99 90.08
C CYS A 2606 -6.36 49.36 90.53
N LEU A 2607 -6.71 49.74 91.76
CA LEU A 2607 -6.39 51.08 92.23
C LEU A 2607 -4.90 51.20 92.52
N MET A 2608 -4.33 50.20 93.21
CA MET A 2608 -2.90 50.21 93.50
C MET A 2608 -2.08 50.16 92.22
N ALA A 2609 -2.50 49.37 91.24
CA ALA A 2609 -1.80 49.34 89.95
C ALA A 2609 -1.89 50.69 89.24
N LEU A 2610 -3.07 51.32 89.26
CA LEU A 2610 -3.26 52.60 88.58
C LEU A 2610 -2.39 53.69 89.18
N CYS A 2611 -2.47 53.87 90.51
CA CYS A 2611 -1.85 54.99 91.19
C CYS A 2611 -0.33 55.00 90.99
N ARG A 2612 0.25 53.81 90.78
CA ARG A 2612 1.69 53.72 90.58
CA ARG A 2612 1.69 53.74 90.59
C ARG A 2612 2.09 54.41 89.28
N TYR A 2613 1.29 54.20 88.22
CA TYR A 2613 1.59 54.77 86.92
C TYR A 2613 0.82 56.05 86.64
N ILE A 2614 0.33 56.72 87.69
CA ILE A 2614 -0.31 58.02 87.55
C ILE A 2614 0.54 59.06 88.30
N ARG A 2615 0.77 60.21 87.65
CA ARG A 2615 1.48 61.32 88.26
C ARG A 2615 0.66 61.87 89.43
N PRO A 2616 1.32 62.41 90.46
CA PRO A 2616 0.56 63.00 91.59
C PRO A 2616 -0.34 64.17 91.23
N SER A 2617 -0.11 64.82 90.07
CA SER A 2617 -0.93 65.94 89.61
C SER A 2617 -2.39 65.54 89.51
N MET A 2618 -2.66 64.44 88.79
CA MET A 2618 -4.04 63.99 88.72
C MET A 2618 -4.45 63.29 90.01
N LEU A 2619 -3.48 62.83 90.81
CA LEU A 2619 -3.79 62.18 92.08
C LEU A 2619 -4.27 63.15 93.13
N GLN A 2620 -4.19 64.47 92.87
CA GLN A 2620 -4.63 65.47 93.85
C GLN A 2620 -6.11 65.30 94.21
N HIS A 2621 -6.96 65.10 93.20
CA HIS A 2621 -8.40 64.99 93.47
C HIS A 2621 -8.71 63.67 94.17
N LEU A 2622 -7.88 62.67 93.90
CA LEU A 2622 -8.02 61.41 94.64
C LEU A 2622 -7.65 61.65 96.09
N LEU A 2623 -6.57 62.39 96.33
CA LEU A 2623 -6.11 62.67 97.68
C LEU A 2623 -7.15 63.44 98.47
N ARG A 2624 -7.79 64.46 97.88
CA ARG A 2624 -8.82 65.21 98.60
C ARG A 2624 -10.03 64.32 98.94
N ARG A 2625 -10.39 63.41 98.04
CA ARG A 2625 -11.39 62.38 98.38
C ARG A 2625 -10.89 61.49 99.51
N LEU A 2626 -9.62 61.12 99.49
CA LEU A 2626 -9.04 60.34 100.57
C LEU A 2626 -9.02 61.16 101.87
N VAL A 2627 -8.76 62.47 101.78
CA VAL A 2627 -8.82 63.33 102.96
C VAL A 2627 -10.23 63.27 103.56
N PHE A 2628 -11.23 63.08 102.71
CA PHE A 2628 -12.57 62.95 103.25
C PHE A 2628 -12.89 61.53 103.74
N ASP A 2629 -12.07 60.53 103.41
CA ASP A 2629 -12.45 59.16 103.75
C ASP A 2629 -11.47 58.41 104.65
N VAL A 2630 -10.17 58.63 104.47
CA VAL A 2630 -9.15 57.96 105.30
C VAL A 2630 -9.27 58.21 106.80
N PRO A 2631 -9.49 59.45 107.32
CA PRO A 2631 -9.56 59.63 108.79
C PRO A 2631 -10.69 58.85 109.48
N ILE A 2632 -11.72 58.44 108.74
CA ILE A 2632 -12.85 57.71 109.31
C ILE A 2632 -12.37 56.40 109.93
N LEU A 2633 -11.38 55.75 109.31
CA LEU A 2633 -10.68 54.57 109.84
C LEU A 2633 -11.62 53.39 110.12
N ASN A 2634 -12.55 53.16 109.20
CA ASN A 2634 -13.48 52.04 109.30
C ASN A 2634 -12.86 50.81 108.62
N GLU A 2635 -13.67 49.76 108.45
CA GLU A 2635 -13.19 48.51 107.85
C GLU A 2635 -12.79 48.68 106.39
N PHE A 2636 -13.29 49.71 105.71
CA PHE A 2636 -12.94 49.97 104.32
C PHE A 2636 -11.62 50.73 104.17
N ALA A 2637 -10.99 51.12 105.28
CA ALA A 2637 -9.74 51.89 105.26
C ALA A 2637 -8.52 51.05 104.94
N LYS A 2638 -8.64 49.72 104.84
CA LYS A 2638 -7.50 48.87 104.52
C LYS A 2638 -6.92 49.17 103.14
N MET A 2639 -7.77 49.52 102.19
CA MET A 2639 -7.30 49.87 100.85
C MET A 2639 -6.64 51.25 100.81
N PRO A 2640 -7.32 52.37 101.18
CA PRO A 2640 -6.68 53.69 101.01
C PRO A 2640 -5.40 53.91 101.78
N LEU A 2641 -5.26 53.33 102.98
CA LEU A 2641 -4.05 53.53 103.78
C LEU A 2641 -2.81 52.99 103.07
N LYS A 2642 -2.91 51.78 102.51
CA LYS A 2642 -1.83 51.26 101.67
C LYS A 2642 -1.72 52.03 100.36
N LEU A 2643 -2.85 52.54 99.85
CA LEU A 2643 -2.86 53.32 98.61
C LEU A 2643 -2.04 54.59 98.78
N LEU A 2644 -2.19 55.28 99.90
CA LEU A 2644 -1.34 56.44 100.11
C LEU A 2644 0.07 56.03 100.52
N THR A 2645 0.21 54.85 101.15
CA THR A 2645 1.50 54.39 101.65
C THR A 2645 2.49 54.19 100.51
N ASN A 2646 2.08 53.41 99.50
CA ASN A 2646 3.02 53.09 98.41
C ASN A 2646 3.32 54.34 97.60
N HIS A 2647 2.30 55.16 97.33
CA HIS A 2647 2.47 56.36 96.52
C HIS A 2647 3.45 57.33 97.17
N TYR A 2648 3.26 57.61 98.46
CA TYR A 2648 4.19 58.48 99.18
C TYR A 2648 5.59 57.88 99.29
N GLU A 2649 5.68 56.56 99.51
CA GLU A 2649 6.97 55.85 99.44
C GLU A 2649 7.62 55.92 98.05
N ARG A 2650 6.82 56.15 97.01
CA ARG A 2650 7.34 56.30 95.66
C ARG A 2650 7.78 57.73 95.39
N CYS A 2651 6.93 58.70 95.72
CA CYS A 2651 7.11 60.09 95.34
C CYS A 2651 7.30 60.98 96.56
N TRP A 2652 8.09 60.52 97.55
CA TRP A 2652 8.32 61.32 98.74
C TRP A 2652 9.13 62.59 98.43
N LYS A 2653 10.12 62.48 97.54
CA LYS A 2653 10.94 63.64 97.16
C LYS A 2653 10.13 64.70 96.44
N TYR A 2654 9.00 64.33 95.83
CA TYR A 2654 8.13 65.29 95.17
C TYR A 2654 7.59 66.30 96.16
N TYR A 2655 7.16 65.83 97.32
CA TYR A 2655 6.57 66.69 98.32
C TYR A 2655 7.61 67.25 99.28
N CYS A 2656 8.79 66.62 99.36
CA CYS A 2656 9.80 67.01 100.33
C CYS A 2656 10.80 68.01 99.77
N LEU A 2657 11.40 67.69 98.61
CA LEU A 2657 12.43 68.55 98.04
C LEU A 2657 11.82 69.88 97.60
N PRO A 2658 12.48 71.00 97.88
CA PRO A 2658 12.04 72.28 97.30
C PRO A 2658 12.03 72.30 95.78
N THR A 2659 12.93 71.56 95.14
CA THR A 2659 12.90 71.39 93.70
C THR A 2659 11.85 70.39 93.23
N GLY A 2660 11.19 69.70 94.17
CA GLY A 2660 10.18 68.72 93.82
C GLY A 2660 10.80 67.47 93.21
N TRP A 2661 9.93 66.65 92.64
CA TRP A 2661 10.40 65.46 91.95
C TRP A 2661 11.09 65.84 90.64
N ALA A 2662 12.12 65.05 90.29
CA ALA A 2662 12.92 65.29 89.10
C ALA A 2662 12.03 65.27 87.85
N ASN A 2663 11.93 66.42 87.19
CA ASN A 2663 11.16 66.69 85.95
C ASN A 2663 9.68 66.26 86.04
N PHE A 2664 9.14 66.11 87.25
CA PHE A 2664 7.73 65.81 87.48
C PHE A 2664 7.06 66.92 88.28
N GLY A 2665 7.53 68.15 88.13
CA GLY A 2665 6.94 69.28 88.81
C GLY A 2665 7.22 69.29 90.31
N VAL A 2666 6.50 70.18 90.99
CA VAL A 2666 6.59 70.37 92.42
C VAL A 2666 5.17 70.32 92.98
N THR A 2667 5.09 70.25 94.30
CA THR A 2667 3.80 70.23 94.98
C THR A 2667 3.06 71.55 94.78
N SER A 2668 1.74 71.48 94.89
CA SER A 2668 0.86 72.61 94.59
C SER A 2668 0.56 73.49 95.79
N GLU A 2669 1.18 73.22 96.95
CA GLU A 2669 1.04 73.90 98.26
C GLU A 2669 -0.32 73.62 98.91
N GLU A 2670 -1.23 72.99 98.16
CA GLU A 2670 -2.51 72.52 98.68
C GLU A 2670 -2.49 71.02 98.90
N GLU A 2671 -1.74 70.28 98.08
CA GLU A 2671 -1.48 68.87 98.35
C GLU A 2671 -0.85 68.67 99.73
N LEU A 2672 0.12 69.51 100.08
CA LEU A 2672 0.73 69.48 101.40
C LEU A 2672 -0.27 69.81 102.52
N HIS A 2673 -1.14 70.81 102.29
CA HIS A 2673 -2.27 71.08 103.17
C HIS A 2673 -3.13 69.84 103.43
N LEU A 2674 -3.48 69.13 102.36
CA LEU A 2674 -4.20 67.87 102.46
C LEU A 2674 -3.39 66.82 103.22
N THR A 2675 -2.09 66.76 102.95
CA THR A 2675 -1.20 65.79 103.60
C THR A 2675 -1.16 66.03 105.11
N ARG A 2676 -1.05 67.30 105.52
CA ARG A 2676 -1.04 67.64 106.93
C ARG A 2676 -2.39 67.38 107.57
N LYS A 2677 -3.47 67.59 106.82
CA LYS A 2677 -4.82 67.31 107.31
C LYS A 2677 -4.97 65.84 107.62
N LEU A 2678 -4.51 64.98 106.69
CA LEU A 2678 -4.50 63.54 106.94
C LEU A 2678 -3.62 63.21 108.12
N PHE A 2679 -2.44 63.85 108.22
CA PHE A 2679 -1.46 63.50 109.24
C PHE A 2679 -2.03 63.72 110.63
N TRP A 2680 -2.68 64.88 110.83
CA TRP A 2680 -3.31 65.14 112.13
C TRP A 2680 -4.57 64.29 112.33
N GLY A 2681 -5.43 64.16 111.32
CA GLY A 2681 -6.65 63.39 111.48
C GLY A 2681 -6.39 61.93 111.81
N ILE A 2682 -5.43 61.31 111.11
CA ILE A 2682 -5.02 59.94 111.41
C ILE A 2682 -4.39 59.86 112.79
N PHE A 2683 -3.48 60.80 113.11
CA PHE A 2683 -2.74 60.73 114.37
C PHE A 2683 -3.69 60.86 115.57
N ASP A 2684 -4.67 61.76 115.48
CA ASP A 2684 -5.63 61.92 116.57
C ASP A 2684 -6.62 60.76 116.62
N SER A 2685 -7.23 60.42 115.48
CA SER A 2685 -8.26 59.39 115.47
C SER A 2685 -7.71 58.01 115.80
N LEU A 2686 -6.42 57.76 115.51
CA LEU A 2686 -5.80 56.51 115.89
C LEU A 2686 -5.76 56.36 117.41
N ALA A 2687 -5.47 57.45 118.11
CA ALA A 2687 -5.56 57.48 119.56
C ALA A 2687 -6.99 57.31 120.03
N HIS A 2688 -7.93 57.95 119.32
CA HIS A 2688 -9.35 57.89 119.68
C HIS A 2688 -9.89 56.45 119.58
N LYS A 2689 -9.51 55.73 118.53
CA LYS A 2689 -10.00 54.38 118.31
C LYS A 2689 -9.38 53.43 119.33
N LYS A 2690 -10.16 52.39 119.67
CA LYS A 2690 -9.68 51.34 120.57
C LYS A 2690 -8.54 50.61 119.85
N TYR A 2691 -7.56 50.12 120.63
CA TYR A 2691 -6.36 49.46 120.09
C TYR A 2691 -6.67 48.29 119.17
N ASP A 2692 -6.39 48.48 117.89
CA ASP A 2692 -6.65 47.52 116.83
C ASP A 2692 -5.31 47.18 116.20
N GLN A 2693 -4.72 46.05 116.64
CA GLN A 2693 -3.32 45.71 116.33
C GLN A 2693 -3.07 45.65 114.82
N GLU A 2694 -4.00 45.03 114.08
CA GLU A 2694 -3.87 44.92 112.63
C GLU A 2694 -3.94 46.30 111.98
N LEU A 2695 -4.71 47.22 112.56
CA LEU A 2695 -4.84 48.54 111.96
C LEU A 2695 -3.55 49.33 112.16
N TYR A 2696 -2.97 49.25 113.38
CA TYR A 2696 -1.71 49.94 113.65
C TYR A 2696 -0.58 49.42 112.78
N ARG A 2697 -0.45 48.09 112.62
CA ARG A 2697 0.66 47.54 111.85
C ARG A 2697 0.64 47.90 110.37
N MET A 2698 -0.49 48.39 109.85
CA MET A 2698 -0.55 48.82 108.45
C MET A 2698 -0.78 50.31 108.28
N ALA A 2699 -1.23 51.01 109.32
CA ALA A 2699 -1.37 52.45 109.25
C ALA A 2699 -0.09 53.18 109.65
N MET A 2700 0.73 52.56 110.49
CA MET A 2700 2.05 53.12 110.80
C MET A 2700 2.92 53.36 109.55
N PRO A 2701 3.02 52.45 108.53
CA PRO A 2701 3.76 52.83 107.31
C PRO A 2701 3.21 54.06 106.63
N CYS A 2702 1.89 54.27 106.71
CA CYS A 2702 1.27 55.44 106.11
C CYS A 2702 1.76 56.70 106.81
N LEU A 2703 1.86 56.64 108.14
CA LEU A 2703 2.32 57.77 108.93
C LEU A 2703 3.76 58.13 108.59
N CYS A 2704 4.65 57.13 108.54
CA CYS A 2704 6.03 57.39 108.15
C CYS A 2704 6.14 57.90 106.73
N ALA A 2705 5.34 57.37 105.80
CA ALA A 2705 5.28 57.86 104.42
C ALA A 2705 4.85 59.31 104.35
N ILE A 2706 3.83 59.71 105.13
CA ILE A 2706 3.41 61.10 105.22
C ILE A 2706 4.54 61.94 105.81
N ALA A 2707 5.21 61.41 106.84
CA ALA A 2707 6.25 62.15 107.55
C ALA A 2707 7.38 62.49 106.59
N GLY A 2708 7.84 61.47 105.84
CA GLY A 2708 8.90 61.67 104.88
C GLY A 2708 8.48 62.60 103.75
N ALA A 2709 7.20 62.53 103.35
CA ALA A 2709 6.70 63.37 102.27
C ALA A 2709 6.69 64.84 102.66
N LEU A 2710 6.11 65.15 103.81
CA LEU A 2710 5.97 66.54 104.24
C LEU A 2710 7.29 67.06 104.79
N PRO A 2711 7.84 68.15 104.23
CA PRO A 2711 9.09 68.69 104.78
C PRO A 2711 8.86 69.23 106.17
N PRO A 2712 9.88 69.21 107.03
CA PRO A 2712 9.69 69.65 108.42
C PRO A 2712 9.27 71.11 108.59
N ASP A 2713 9.74 72.01 107.72
CA ASP A 2713 9.46 73.43 107.85
C ASP A 2713 8.27 73.88 107.00
N TYR A 2714 7.37 72.97 106.65
CA TYR A 2714 6.21 73.33 105.85
C TYR A 2714 5.24 74.20 106.65
N VAL A 2715 4.67 75.20 106.00
CA VAL A 2715 3.66 76.06 106.60
C VAL A 2715 2.44 76.05 105.68
N ASP A 2716 1.26 75.79 106.26
CA ASP A 2716 0.02 75.80 105.52
C ASP A 2716 -0.35 77.20 105.06
N ALA A 2717 -1.01 77.27 103.90
CA ALA A 2717 -1.44 78.55 103.36
C ALA A 2717 -2.49 79.23 104.25
N SER A 2718 -3.47 78.45 104.73
CA SER A 2718 -4.52 78.96 105.59
C SER A 2718 -4.44 78.27 106.94
N TYR A 2719 -4.15 79.03 107.99
CA TYR A 2719 -4.04 78.50 109.35
C TYR A 2719 -5.38 78.58 110.07
N SER A 2720 -6.41 77.97 109.47
CA SER A 2720 -7.72 77.92 110.08
C SER A 2720 -8.44 76.66 109.65
N SER A 2721 -9.39 76.22 110.48
CA SER A 2721 -10.16 75.02 110.21
C SER A 2721 -11.50 75.12 110.92
N LYS A 2722 -12.47 74.34 110.44
CA LYS A 2722 -13.82 74.37 110.99
C LYS A 2722 -13.89 73.69 112.35
N ALA A 2723 -12.93 72.79 112.65
CA ALA A 2723 -12.89 71.94 113.84
C ALA A 2723 -14.15 71.07 113.92
N GLU A 2724 -14.29 70.20 112.92
CA GLU A 2724 -15.34 69.20 112.89
C GLU A 2724 -14.72 67.83 112.68
N LYS A 2725 -15.32 66.82 113.34
CA LYS A 2725 -14.94 65.41 113.26
C LYS A 2725 -13.46 65.12 113.53
N ASN A 2734 -21.73 59.99 104.27
CA ASN A 2734 -20.79 60.73 103.44
C ASN A 2734 -20.72 62.22 103.82
N PHE A 2735 -20.74 63.10 102.84
CA PHE A 2735 -20.68 64.54 103.09
C PHE A 2735 -22.03 65.02 103.59
N ASP A 2736 -22.09 65.32 104.88
CA ASP A 2736 -23.32 65.80 105.53
C ASP A 2736 -23.05 67.10 106.28
N PRO A 2737 -22.88 68.21 105.56
CA PRO A 2737 -22.57 69.49 106.21
C PRO A 2737 -23.74 70.01 107.03
N ARG A 2738 -23.41 70.80 108.05
CA ARG A 2738 -24.44 71.42 108.86
C ARG A 2738 -24.59 72.87 108.44
N PRO A 2739 -25.65 73.24 107.72
CA PRO A 2739 -25.86 74.66 107.39
C PRO A 2739 -26.13 75.48 108.64
N VAL A 2740 -25.56 76.68 108.65
CA VAL A 2740 -25.67 77.55 109.83
C VAL A 2740 -27.04 78.18 109.86
N GLU A 2741 -27.72 78.06 111.00
CA GLU A 2741 -29.06 78.61 111.17
C GLU A 2741 -29.05 80.13 111.04
N THR A 2742 -30.09 80.67 110.41
CA THR A 2742 -30.24 82.11 110.24
C THR A 2742 -31.53 82.64 110.83
N LEU A 2743 -32.65 81.94 110.64
CA LEU A 2743 -33.95 82.44 111.06
C LEU A 2743 -34.28 82.01 112.49
N ASN A 2744 -33.67 80.92 112.97
CA ASN A 2744 -33.91 80.43 114.32
C ASN A 2744 -33.49 81.45 115.38
N VAL A 2745 -32.34 82.08 115.20
CA VAL A 2745 -31.95 83.21 116.03
C VAL A 2745 -32.39 84.50 115.33
N ILE A 2746 -32.83 85.48 116.12
CA ILE A 2746 -33.42 86.68 115.56
C ILE A 2746 -32.32 87.64 115.12
N ILE A 2747 -32.46 88.19 113.91
CA ILE A 2747 -31.59 89.26 113.46
C ILE A 2747 -32.03 90.57 114.12
N PRO A 2748 -31.14 91.29 114.79
CA PRO A 2748 -31.50 92.63 115.26
C PRO A 2748 -31.61 93.56 114.07
N GLU A 2749 -32.81 94.02 113.73
CA GLU A 2749 -33.03 94.91 112.60
C GLU A 2749 -32.60 96.37 112.86
N LYS A 2750 -31.80 96.61 113.92
CA LYS A 2750 -31.28 97.93 114.22
C LYS A 2750 -30.46 98.52 113.07
N LEU A 2751 -29.74 97.67 112.32
CA LEU A 2751 -28.94 98.10 111.18
C LEU A 2751 -29.71 98.02 109.86
N ASP A 2752 -31.04 98.22 109.88
CA ASP A 2752 -31.83 98.29 108.66
C ASP A 2752 -31.38 99.40 107.71
N SER A 2753 -30.69 100.42 108.23
CA SER A 2753 -29.96 101.40 107.42
C SER A 2753 -28.91 100.73 106.56
N PHE A 2754 -28.35 99.62 107.03
CA PHE A 2754 -27.30 98.93 106.30
C PHE A 2754 -27.90 97.82 105.46
N ILE A 2755 -28.98 97.19 105.94
CA ILE A 2755 -29.63 96.10 105.20
C ILE A 2755 -30.22 96.63 103.90
N ASN A 2756 -31.00 97.72 103.96
CA ASN A 2756 -31.60 98.21 102.72
C ASN A 2756 -30.56 98.82 101.78
N LYS A 2757 -29.52 99.45 102.33
CA LYS A 2757 -28.41 99.97 101.53
C LYS A 2757 -27.70 98.86 100.79
N PHE A 2758 -27.31 97.80 101.50
CA PHE A 2758 -26.63 96.66 100.88
C PHE A 2758 -27.55 95.97 99.88
N ALA A 2759 -28.84 95.86 100.21
CA ALA A 2759 -29.80 95.22 99.32
C ALA A 2759 -29.94 95.96 98.01
N GLU A 2760 -30.06 97.29 98.06
CA GLU A 2760 -30.13 98.11 96.86
C GLU A 2760 -28.77 98.39 96.24
N TYR A 2761 -27.67 97.96 96.88
CA TYR A 2761 -26.35 98.05 96.28
C TYR A 2761 -25.81 96.74 95.72
N THR A 2762 -26.26 95.59 96.19
CA THR A 2762 -25.92 94.31 95.53
C THR A 2762 -26.36 94.31 94.07
N HIS A 2763 -27.63 94.63 93.81
CA HIS A 2763 -28.13 94.78 92.45
C HIS A 2763 -27.42 95.89 91.69
N GLU A 2764 -27.07 96.98 92.38
CA GLU A 2764 -26.26 98.04 91.79
C GLU A 2764 -24.87 97.56 91.41
N LYS A 2765 -24.23 96.75 92.26
CA LYS A 2765 -22.94 96.14 91.95
C LYS A 2765 -23.04 95.20 90.77
N TRP A 2766 -24.08 94.36 90.72
CA TRP A 2766 -24.20 93.42 89.61
C TRP A 2766 -24.47 94.15 88.30
N ALA A 2767 -25.24 95.25 88.35
CA ALA A 2767 -25.40 96.13 87.21
C ALA A 2767 -24.07 96.74 86.79
N PHE A 2768 -23.25 97.14 87.78
CA PHE A 2768 -21.94 97.70 87.47
C PHE A 2768 -21.03 96.65 86.84
N ASP A 2769 -21.16 95.39 87.25
CA ASP A 2769 -20.41 94.31 86.60
C ASP A 2769 -20.86 94.14 85.15
N LYS A 2770 -22.17 94.27 84.92
CA LYS A 2770 -22.68 94.15 83.55
C LYS A 2770 -22.16 95.28 82.67
N ILE A 2771 -22.15 96.51 83.19
CA ILE A 2771 -21.62 97.60 82.37
C ILE A 2771 -20.09 97.50 82.28
N GLN A 2772 -19.43 96.82 83.22
CA GLN A 2772 -18.01 96.47 83.07
C GLN A 2772 -17.80 95.50 81.92
N ASN A 2773 -18.80 94.65 81.63
CA ASN A 2773 -18.71 93.68 80.55
C ASN A 2773 -18.83 94.34 79.09
N ASN A 2774 -18.86 95.68 79.02
CA ASN A 2774 -19.00 96.54 77.84
C ASN A 2774 -20.37 96.45 77.15
N TRP A 2775 -21.32 95.71 77.70
CA TRP A 2775 -22.67 95.63 77.16
C TRP A 2775 -23.64 96.23 78.16
N SER A 2776 -24.51 97.11 77.71
CA SER A 2776 -25.43 97.84 78.57
C SER A 2776 -26.62 96.96 78.94
N TYR A 2777 -27.66 97.59 79.48
CA TYR A 2777 -28.88 96.89 79.87
C TYR A 2777 -29.95 97.00 78.79
N GLY A 2778 -31.08 96.33 79.04
CA GLY A 2778 -32.21 96.38 78.14
C GLY A 2778 -33.50 96.26 78.93
N GLU A 2779 -34.56 96.88 78.39
CA GLU A 2779 -35.85 96.82 79.08
C GLU A 2779 -36.61 95.54 78.77
N ASN A 2780 -36.54 95.06 77.53
CA ASN A 2780 -37.27 93.86 77.16
C ASN A 2780 -36.57 92.61 77.71
N VAL A 2781 -37.35 91.54 77.84
CA VAL A 2781 -36.88 90.27 78.37
C VAL A 2781 -36.38 89.42 77.21
N ASP A 2782 -35.05 89.29 77.10
CA ASP A 2782 -34.41 88.53 76.03
C ASP A 2782 -32.96 88.25 76.42
N GLU A 2783 -32.46 87.10 75.96
CA GLU A 2783 -31.09 86.69 76.22
C GLU A 2783 -30.12 87.07 75.08
N GLU A 2784 -30.59 87.82 74.09
CA GLU A 2784 -29.72 88.29 73.00
C GLU A 2784 -28.58 89.18 73.50
N LEU A 2785 -28.78 89.86 74.63
CA LEU A 2785 -27.80 90.77 75.21
C LEU A 2785 -26.76 90.04 76.05
N LYS A 2786 -26.91 88.70 76.22
CA LYS A 2786 -26.00 87.78 76.96
C LYS A 2786 -25.55 88.31 78.33
N THR A 2787 -26.40 89.12 78.95
CA THR A 2787 -26.18 89.71 80.26
C THR A 2787 -27.51 89.68 81.00
N HIS A 2788 -27.59 90.46 82.09
CA HIS A 2788 -28.80 90.66 82.90
C HIS A 2788 -29.90 91.18 81.99
N PRO A 2789 -30.92 90.36 81.70
CA PRO A 2789 -31.86 90.73 80.63
C PRO A 2789 -32.82 91.86 80.99
N MET A 2790 -33.41 91.83 82.19
CA MET A 2790 -34.42 92.80 82.59
C MET A 2790 -33.85 93.91 83.47
N LEU A 2791 -32.56 94.20 83.36
CA LEU A 2791 -31.96 95.31 84.07
C LEU A 2791 -32.48 96.63 83.51
N ARG A 2792 -32.97 97.49 84.40
CA ARG A 2792 -33.51 98.79 84.03
C ARG A 2792 -33.03 99.85 85.03
N PRO A 2793 -32.95 101.12 84.63
CA PRO A 2793 -32.54 102.16 85.59
C PRO A 2793 -33.57 102.35 86.67
N TYR A 2794 -33.10 102.83 87.84
CA TYR A 2794 -33.91 102.95 89.06
C TYR A 2794 -35.16 103.81 88.87
N LYS A 2795 -35.14 104.74 87.91
CA LYS A 2795 -36.33 105.52 87.59
C LYS A 2795 -37.42 104.63 87.02
N THR A 2796 -37.06 103.64 86.20
CA THR A 2796 -38.02 102.75 85.56
C THR A 2796 -37.75 101.27 85.87
N PHE A 2797 -37.17 100.98 87.04
CA PHE A 2797 -36.95 99.60 87.45
C PHE A 2797 -37.98 99.20 88.49
N SER A 2798 -38.58 98.02 88.31
CA SER A 2798 -39.61 97.52 89.20
C SER A 2798 -39.08 97.31 90.61
N GLU A 2799 -39.78 97.84 91.60
CA GLU A 2799 -39.45 97.58 92.99
C GLU A 2799 -40.20 96.38 93.55
N LYS A 2800 -41.10 95.78 92.75
CA LYS A 2800 -41.77 94.55 93.15
C LYS A 2800 -40.76 93.41 93.34
N ASP A 2801 -39.78 93.29 92.44
CA ASP A 2801 -38.76 92.29 92.64
C ASP A 2801 -37.52 92.84 93.33
N LYS A 2802 -37.50 94.15 93.63
CA LYS A 2802 -36.54 94.65 94.61
C LYS A 2802 -36.95 94.22 96.01
N GLU A 2803 -38.23 93.93 96.20
CA GLU A 2803 -38.66 93.42 97.50
C GLU A 2803 -38.40 91.92 97.65
N ILE A 2804 -37.92 91.24 96.61
CA ILE A 2804 -37.60 89.82 96.73
C ILE A 2804 -36.12 89.54 96.55
N TYR A 2805 -35.35 90.45 95.93
CA TYR A 2805 -33.92 90.21 95.75
C TYR A 2805 -33.12 90.29 97.05
N ARG A 2806 -33.68 90.80 98.13
CA ARG A 2806 -32.93 90.98 99.36
C ARG A 2806 -32.99 89.80 100.32
N TRP A 2807 -33.52 88.64 99.89
CA TRP A 2807 -33.40 87.41 100.67
C TRP A 2807 -31.95 87.04 100.99
N PRO A 2808 -30.98 87.01 100.05
CA PRO A 2808 -29.57 86.79 100.45
C PRO A 2808 -29.06 87.89 101.37
N ILE A 2809 -29.45 89.14 101.11
CA ILE A 2809 -28.94 90.26 101.89
C ILE A 2809 -29.53 90.22 103.30
N LYS A 2810 -30.81 89.87 103.42
CA LYS A 2810 -31.43 89.68 104.74
C LYS A 2810 -30.76 88.57 105.52
N GLU A 2811 -30.47 87.44 104.88
CA GLU A 2811 -29.93 86.30 105.62
C GLU A 2811 -28.42 86.32 105.80
N SER A 2812 -27.68 87.11 105.02
CA SER A 2812 -26.24 87.21 105.17
C SER A 2812 -25.84 87.80 106.53
N LEU A 2813 -26.53 88.87 106.96
CA LEU A 2813 -26.23 89.41 108.28
C LEU A 2813 -26.84 88.54 109.38
N LYS A 2814 -27.87 87.76 109.04
CA LYS A 2814 -28.45 86.80 109.99
C LYS A 2814 -27.41 85.76 110.37
N ALA A 2815 -26.78 85.16 109.35
CA ALA A 2815 -25.80 84.12 109.62
C ALA A 2815 -24.51 84.70 110.16
N MET A 2816 -24.15 85.92 109.74
CA MET A 2816 -22.94 86.56 110.25
C MET A 2816 -23.05 86.80 111.75
N ILE A 2817 -24.23 87.24 112.22
CA ILE A 2817 -24.45 87.48 113.65
C ILE A 2817 -24.89 86.23 114.41
N ALA A 2818 -25.25 85.15 113.70
CA ALA A 2818 -25.70 83.93 114.38
C ALA A 2818 -24.56 83.26 115.14
N TRP A 2819 -23.38 83.16 114.54
CA TRP A 2819 -22.26 82.47 115.18
C TRP A 2819 -21.50 83.39 116.14
N GLU A 2820 -22.21 83.85 117.18
CA GLU A 2820 -21.76 84.66 118.33
C GLU A 2820 -20.79 85.79 117.97
N TRP A 2821 -21.02 86.43 116.82
CA TRP A 2821 -20.19 87.54 116.35
C TRP A 2821 -21.10 88.73 116.07
N THR A 2822 -21.36 89.52 117.11
CA THR A 2822 -22.28 90.64 116.99
C THR A 2822 -21.64 91.78 116.21
N ILE A 2823 -22.49 92.59 115.57
CA ILE A 2823 -22.08 93.72 114.77
C ILE A 2823 -22.49 95.00 115.47
N GLU A 2824 -21.56 95.96 115.54
CA GLU A 2824 -21.83 97.25 116.17
C GLU A 2824 -21.41 98.37 115.24
N LYS A 2825 -22.23 99.42 115.20
CA LYS A 2825 -22.00 100.56 114.33
C LYS A 2825 -20.96 101.48 114.97
N ALA A 2826 -19.69 101.26 114.61
CA ALA A 2826 -18.61 102.11 115.10
C ALA A 2826 -18.79 103.55 114.62
N ARG A 2827 -19.13 103.73 113.35
CA ARG A 2827 -19.45 105.04 112.80
C ARG A 2827 -20.91 105.38 113.08
N GLU A 2828 -21.24 106.66 112.90
CA GLU A 2828 -22.60 107.17 113.13
C GLU A 2828 -22.95 108.05 111.94
N GLY A 2829 -23.54 107.44 110.91
CA GLY A 2829 -23.83 108.16 109.70
C GLY A 2829 -24.71 107.33 108.77
N GLU A 2830 -24.85 107.84 107.55
CA GLU A 2830 -25.70 107.28 106.47
C GLU A 2830 -27.15 107.07 106.90
N TYR A 2855 -28.81 106.00 89.15
CA TYR A 2855 -28.60 104.57 89.05
C TYR A 2855 -27.18 104.28 88.55
N ASN A 2856 -26.18 104.67 89.35
CA ASN A 2856 -24.80 104.35 89.04
C ASN A 2856 -23.96 104.36 90.31
N PRO A 2857 -23.33 103.24 90.65
CA PRO A 2857 -22.47 103.19 91.84
C PRO A 2857 -21.11 103.85 91.60
N GLN A 2858 -21.06 105.17 91.82
CA GLN A 2858 -19.85 105.96 91.55
C GLN A 2858 -18.61 105.46 92.31
N PRO A 2859 -18.63 105.19 93.62
CA PRO A 2859 -17.44 104.55 94.24
C PRO A 2859 -17.51 103.04 94.08
N PRO A 2860 -16.56 102.43 93.36
CA PRO A 2860 -16.52 100.97 93.32
C PRO A 2860 -16.13 100.39 94.67
N ASP A 2861 -16.63 99.20 94.97
CA ASP A 2861 -16.33 98.50 96.21
C ASP A 2861 -15.51 97.26 95.87
N LEU A 2862 -14.20 97.45 95.77
CA LEU A 2862 -13.29 96.36 95.44
C LEU A 2862 -12.60 95.87 96.71
N SER A 2863 -12.23 94.59 96.70
CA SER A 2863 -11.76 93.94 97.91
C SER A 2863 -10.39 93.31 97.74
N GLY A 2864 -9.44 94.06 97.19
CA GLY A 2864 -8.10 93.55 96.97
C GLY A 2864 -7.09 93.87 98.04
N VAL A 2865 -7.44 94.76 98.98
CA VAL A 2865 -6.49 95.14 100.03
C VAL A 2865 -6.37 94.02 101.06
N THR A 2866 -5.24 94.02 101.78
CA THR A 2866 -5.03 93.02 102.81
C THR A 2866 -5.88 93.30 104.05
N LEU A 2867 -6.15 92.25 104.80
CA LEU A 2867 -6.99 92.31 105.98
C LEU A 2867 -6.26 91.76 107.20
N SER A 2868 -6.67 92.24 108.38
CA SER A 2868 -6.15 91.72 109.63
C SER A 2868 -6.56 90.25 109.79
N ARG A 2869 -5.69 89.50 110.48
CA ARG A 2869 -5.76 88.04 110.52
C ARG A 2869 -7.10 87.53 111.07
N GLU A 2870 -7.56 88.11 112.17
CA GLU A 2870 -8.83 87.70 112.78
C GLU A 2870 -10.01 88.04 111.88
N LEU A 2871 -9.98 89.22 111.25
CA LEU A 2871 -11.09 89.69 110.41
C LEU A 2871 -11.25 88.81 109.18
N GLN A 2872 -10.14 88.56 108.47
CA GLN A 2872 -10.17 87.70 107.28
C GLN A 2872 -10.53 86.27 107.64
N ALA A 2873 -10.12 85.79 108.83
CA ALA A 2873 -10.52 84.45 109.27
C ALA A 2873 -12.03 84.37 109.45
N MET A 2874 -12.63 85.41 110.03
CA MET A 2874 -14.09 85.50 110.12
C MET A 2874 -14.73 85.51 108.72
N ALA A 2875 -14.08 86.19 107.77
CA ALA A 2875 -14.56 86.15 106.38
C ALA A 2875 -14.48 84.74 105.80
N GLU A 2876 -13.40 84.03 106.07
CA GLU A 2876 -13.25 82.65 105.60
C GLU A 2876 -14.31 81.75 106.22
N GLN A 2877 -14.61 81.97 107.51
CA GLN A 2877 -15.70 81.26 108.18
C GLN A 2877 -17.04 81.54 107.51
N LEU A 2878 -17.29 82.80 107.15
CA LEU A 2878 -18.51 83.17 106.43
C LEU A 2878 -18.59 82.52 105.05
N ALA A 2879 -17.48 82.48 104.31
CA ALA A 2879 -17.42 81.76 103.04
C ALA A 2879 -17.62 80.26 103.22
N GLU A 2880 -17.02 79.69 104.28
CA GLU A 2880 -17.27 78.30 104.66
C GLU A 2880 -18.74 78.03 104.94
N ASN A 2881 -19.40 78.98 105.62
CA ASN A 2881 -20.84 78.89 105.83
C ASN A 2881 -21.59 78.92 104.50
N TYR A 2882 -21.14 79.79 103.57
CA TYR A 2882 -21.82 79.92 102.29
C TYR A 2882 -21.70 78.62 101.50
N HIS A 2883 -20.54 77.97 101.62
CA HIS A 2883 -20.30 76.76 100.88
C HIS A 2883 -21.06 75.59 101.49
N ASN A 2884 -21.09 75.49 102.83
CA ASN A 2884 -21.77 74.35 103.43
C ASN A 2884 -23.29 74.46 103.27
N THR A 2885 -23.84 75.69 103.29
CA THR A 2885 -25.25 75.89 102.95
C THR A 2885 -25.55 75.51 101.51
N TRP A 2886 -24.65 75.88 100.58
CA TRP A 2886 -24.83 75.50 99.17
C TRP A 2886 -24.73 73.99 99.00
N GLY A 2887 -23.75 73.37 99.66
CA GLY A 2887 -23.56 71.94 99.52
C GLY A 2887 -24.73 71.16 100.10
N ARG A 2888 -25.19 71.56 101.30
CA ARG A 2888 -26.32 70.87 101.93
C ARG A 2888 -27.58 70.99 101.08
N LYS A 2889 -27.86 72.19 100.54
CA LYS A 2889 -29.05 72.34 99.71
C LYS A 2889 -28.91 71.55 98.40
N LYS A 2890 -27.68 71.38 97.91
CA LYS A 2890 -27.46 70.53 96.75
C LYS A 2890 -27.71 69.07 97.10
N LYS A 2891 -27.17 68.61 98.24
CA LYS A 2891 -27.32 67.21 98.59
C LYS A 2891 -28.73 66.84 99.00
N GLN A 2892 -29.60 67.84 99.24
CA GLN A 2892 -31.02 67.55 99.49
C GLN A 2892 -31.65 66.86 98.30
N GLU A 2893 -31.32 67.32 97.09
CA GLU A 2893 -31.79 66.65 95.89
C GLU A 2893 -30.82 65.58 95.41
N LEU A 2894 -29.58 65.61 95.88
CA LEU A 2894 -28.61 64.59 95.46
C LEU A 2894 -28.89 63.25 96.14
N GLU A 2895 -29.51 63.26 97.33
CA GLU A 2895 -29.70 62.03 98.11
C GLU A 2895 -30.89 61.17 97.63
N ALA A 2896 -31.37 61.34 96.40
CA ALA A 2896 -32.51 60.59 95.89
C ALA A 2896 -32.11 59.37 95.07
N LYS A 2897 -30.83 59.07 94.95
CA LYS A 2897 -30.39 57.94 94.15
C LYS A 2897 -29.50 56.97 94.89
N GLY A 2898 -28.64 57.46 95.80
CA GLY A 2898 -27.75 56.59 96.55
C GLY A 2898 -26.43 56.26 95.90
N GLY A 2899 -26.09 56.92 94.78
CA GLY A 2899 -24.81 56.69 94.14
C GLY A 2899 -24.32 57.86 93.32
N GLY A 2900 -23.12 58.32 93.59
CA GLY A 2900 -22.56 59.48 92.93
C GLY A 2900 -22.64 60.72 93.80
N THR A 2901 -21.66 61.60 93.63
CA THR A 2901 -21.59 62.81 94.43
C THR A 2901 -21.11 63.97 93.56
N HIS A 2902 -21.46 65.17 93.99
CA HIS A 2902 -21.13 66.41 93.29
C HIS A 2902 -19.69 66.83 93.61
N PRO A 2903 -18.95 67.36 92.63
CA PRO A 2903 -17.57 67.80 92.91
C PRO A 2903 -17.47 68.91 93.95
N LEU A 2904 -18.47 69.77 94.06
CA LEU A 2904 -18.46 70.86 95.03
C LEU A 2904 -18.88 70.41 96.44
N LEU A 2905 -19.24 69.13 96.62
CA LEU A 2905 -19.61 68.60 97.93
C LEU A 2905 -18.36 68.29 98.77
N VAL A 2906 -17.58 69.33 99.03
CA VAL A 2906 -16.27 69.22 99.69
C VAL A 2906 -16.24 70.28 100.78
N PRO A 2907 -15.62 70.02 101.95
CA PRO A 2907 -15.44 71.07 102.96
C PRO A 2907 -14.59 72.21 102.42
N TYR A 2908 -14.82 73.41 102.98
CA TYR A 2908 -14.17 74.64 102.52
C TYR A 2908 -12.64 74.60 102.65
N ASP A 2909 -12.12 73.89 103.66
CA ASP A 2909 -10.68 73.94 103.93
C ASP A 2909 -9.87 73.27 102.83
N THR A 2910 -10.24 72.05 102.46
CA THR A 2910 -9.43 71.24 101.55
C THR A 2910 -9.52 71.71 100.11
N LEU A 2911 -10.66 72.27 99.69
CA LEU A 2911 -10.88 72.67 98.32
C LEU A 2911 -9.92 73.78 97.91
N THR A 2912 -9.46 73.73 96.65
CA THR A 2912 -8.51 74.71 96.14
C THR A 2912 -9.21 76.01 95.77
N ALA A 2913 -8.43 76.98 95.31
CA ALA A 2913 -8.92 78.33 95.06
C ALA A 2913 -9.57 78.54 93.71
N LYS A 2914 -9.61 77.53 92.83
CA LYS A 2914 -10.21 77.72 91.51
C LYS A 2914 -11.71 78.00 91.60
N GLU A 2915 -12.40 77.37 92.56
CA GLU A 2915 -13.79 77.62 92.86
C GLU A 2915 -14.02 78.25 94.23
N LYS A 2916 -12.96 78.39 95.04
CA LYS A 2916 -13.05 79.10 96.30
C LYS A 2916 -13.07 80.61 96.10
N ALA A 2917 -12.45 81.10 95.01
CA ALA A 2917 -12.29 82.52 94.77
C ALA A 2917 -13.62 83.26 94.64
N ARG A 2918 -14.61 82.67 93.97
CA ARG A 2918 -15.92 83.30 93.84
C ARG A 2918 -16.61 83.52 95.20
N ASP A 2919 -16.60 82.50 96.07
CA ASP A 2919 -17.17 82.67 97.41
C ASP A 2919 -16.32 83.57 98.29
N ARG A 2920 -15.00 83.50 98.15
CA ARG A 2920 -14.10 84.40 98.87
C ARG A 2920 -14.34 85.84 98.44
N GLU A 2921 -14.60 86.06 97.15
CA GLU A 2921 -14.94 87.38 96.63
C GLU A 2921 -16.28 87.87 97.18
N LYS A 2922 -17.26 86.96 97.31
CA LYS A 2922 -18.55 87.36 97.91
C LYS A 2922 -18.38 87.77 99.38
N ALA A 2923 -17.61 86.98 100.14
CA ALA A 2923 -17.40 87.29 101.55
C ALA A 2923 -16.54 88.53 101.71
N GLN A 2924 -15.59 88.75 100.80
CA GLN A 2924 -14.75 89.93 100.88
C GLN A 2924 -15.52 91.16 100.43
N GLU A 2925 -16.49 91.00 99.51
CA GLU A 2925 -17.35 92.11 99.16
C GLU A 2925 -18.15 92.57 100.37
N LEU A 2926 -18.72 91.59 101.10
CA LEU A 2926 -19.48 91.92 102.30
C LEU A 2926 -18.61 92.59 103.36
N LEU A 2927 -17.42 92.03 103.62
CA LEU A 2927 -16.56 92.58 104.66
C LEU A 2927 -15.97 93.94 104.26
N LYS A 2928 -15.58 94.10 102.99
CA LYS A 2928 -15.14 95.40 102.50
C LYS A 2928 -16.28 96.42 102.56
N PHE A 2929 -17.51 96.00 102.21
CA PHE A 2929 -18.66 96.87 102.34
C PHE A 2929 -18.99 97.18 103.80
N LEU A 2930 -18.41 96.44 104.75
CA LEU A 2930 -18.53 96.78 106.16
C LEU A 2930 -17.46 97.80 106.58
N GLN A 2931 -16.18 97.48 106.34
CA GLN A 2931 -15.10 98.39 106.75
C GLN A 2931 -15.10 99.71 105.97
N MET A 2932 -15.41 99.67 104.67
CA MET A 2932 -15.55 100.89 103.88
C MET A 2932 -16.68 101.76 104.40
N ASN A 2933 -17.76 101.13 104.89
CA ASN A 2933 -18.80 101.88 105.59
C ASN A 2933 -18.37 102.25 107.01
N GLY A 2934 -17.33 101.61 107.53
CA GLY A 2934 -16.83 101.89 108.86
C GLY A 2934 -17.22 100.91 109.94
N TYR A 2935 -17.56 99.67 109.58
CA TYR A 2935 -18.05 98.70 110.54
C TYR A 2935 -16.88 97.89 111.10
N ALA A 2936 -16.86 97.71 112.41
CA ALA A 2936 -15.88 96.86 113.08
C ALA A 2936 -16.62 95.73 113.77
N VAL A 2937 -16.26 94.49 113.45
CA VAL A 2937 -16.82 93.31 114.08
C VAL A 2937 -15.68 92.57 114.78
N THR A 2938 -15.85 92.32 116.08
CA THR A 2938 -14.85 91.64 116.89
C THR A 2938 -15.51 90.49 117.63
N ARG A 2939 -14.89 89.31 117.54
CA ARG A 2939 -15.41 88.09 118.13
C ARG A 2939 -15.51 88.15 119.65
N LEU A 2946 -3.93 82.56 119.84
CA LEU A 2946 -4.06 83.61 118.84
C LEU A 2946 -2.69 84.23 118.53
N ASP A 2947 -2.56 84.73 117.29
CA ASP A 2947 -1.34 85.33 116.74
C ASP A 2947 -0.19 84.32 116.72
N THR A 2948 -0.40 83.28 115.90
CA THR A 2948 0.64 82.28 115.69
C THR A 2948 1.82 82.87 114.92
N SER A 2949 3.01 82.40 115.27
CA SER A 2949 4.27 82.88 114.70
C SER A 2949 4.68 81.97 113.56
N SER A 2950 5.53 82.51 112.67
CA SER A 2950 6.04 81.76 111.53
C SER A 2950 6.82 80.52 111.96
N ILE A 2951 7.49 80.61 113.11
CA ILE A 2951 8.14 79.44 113.72
C ILE A 2951 7.09 78.42 114.14
N GLU A 2952 5.99 78.88 114.75
CA GLU A 2952 4.91 78.00 115.20
C GLU A 2952 4.22 77.30 114.04
N LYS A 2953 4.02 78.00 112.93
CA LYS A 2953 3.32 77.47 111.76
C LYS A 2953 4.07 76.32 111.08
N ARG A 2954 5.36 76.12 111.38
CA ARG A 2954 6.14 75.04 110.79
C ARG A 2954 5.54 73.69 111.12
N PHE A 2955 5.66 72.76 110.17
CA PHE A 2955 5.16 71.40 110.37
C PHE A 2955 5.85 70.71 111.53
N ALA A 2956 7.19 70.70 111.52
CA ALA A 2956 7.94 70.02 112.59
C ALA A 2956 7.70 70.64 113.94
N PHE A 2957 7.41 71.95 114.00
CA PHE A 2957 7.03 72.58 115.27
C PHE A 2957 5.74 71.99 115.80
N GLY A 2958 4.73 71.85 114.93
CA GLY A 2958 3.47 71.25 115.34
C GLY A 2958 3.61 69.80 115.76
N PHE A 2959 4.42 69.04 115.01
CA PHE A 2959 4.70 67.65 115.34
C PHE A 2959 5.42 67.54 116.68
N LEU A 2960 6.47 68.33 116.89
CA LEU A 2960 7.19 68.32 118.17
C LEU A 2960 6.30 68.78 119.32
N GLN A 2961 5.41 69.76 119.06
CA GLN A 2961 4.42 70.20 120.05
C GLN A 2961 3.55 69.05 120.52
N GLN A 2962 3.07 68.25 119.55
CA GLN A 2962 2.29 67.07 119.91
C GLN A 2962 3.15 66.05 120.63
N LEU A 2963 4.43 65.94 120.24
CA LEU A 2963 5.34 65.00 120.90
C LEU A 2963 5.51 65.37 122.37
N LEU A 2964 5.70 66.66 122.67
CA LEU A 2964 5.81 67.11 124.06
C LEU A 2964 4.53 66.85 124.84
N ARG A 2965 3.39 67.19 124.22
CA ARG A 2965 2.09 66.98 124.87
C ARG A 2965 1.84 65.50 125.14
N TRP A 2966 2.24 64.63 124.23
CA TRP A 2966 2.15 63.20 124.46
C TRP A 2966 3.26 62.70 125.38
N MET A 2967 4.36 63.45 125.45
CA MET A 2967 5.51 63.06 126.26
C MET A 2967 5.18 63.18 127.75
N ASP A 2968 4.49 64.25 128.14
CA ASP A 2968 4.04 64.34 129.54
C ASP A 2968 3.11 63.20 129.90
N ILE A 2969 2.21 62.81 128.97
CA ILE A 2969 1.36 61.63 129.17
C ILE A 2969 2.21 60.36 129.28
N SER A 2970 3.32 60.30 128.53
CA SER A 2970 4.24 59.17 128.64
C SER A 2970 4.84 59.11 130.04
N GLN A 2971 5.23 60.27 130.59
CA GLN A 2971 5.68 60.27 131.98
C GLN A 2971 4.52 60.09 132.96
N GLU A 2972 3.28 60.19 132.48
CA GLU A 2972 2.14 59.91 133.35
C GLU A 2972 1.94 58.41 133.49
N PHE A 2973 2.18 57.65 132.41
CA PHE A 2973 1.88 56.21 132.51
C PHE A 2973 3.08 55.42 133.01
N ILE A 2974 4.32 55.90 132.79
CA ILE A 2974 5.46 55.16 133.34
C ILE A 2974 5.44 55.13 134.87
N ALA A 2975 4.93 56.20 135.51
CA ALA A 2975 4.71 56.19 136.95
C ALA A 2975 3.71 55.11 137.36
N HIS A 2976 2.67 54.91 136.55
CA HIS A 2976 1.72 53.82 136.77
C HIS A 2976 2.41 52.47 136.65
N LEU A 2977 3.28 52.31 135.64
CA LEU A 2977 3.96 51.04 135.44
C LEU A 2977 4.90 50.75 136.61
N GLU A 2978 5.65 51.76 137.06
CA GLU A 2978 6.56 51.59 138.19
C GLU A 2978 5.80 51.22 139.45
N ALA A 2979 4.61 51.82 139.63
CA ALA A 2979 3.82 51.52 140.81
C ALA A 2979 3.30 50.09 140.77
N VAL A 2980 2.87 49.62 139.59
CA VAL A 2980 2.20 48.32 139.51
C VAL A 2980 3.15 47.12 139.36
N VAL A 2981 4.40 47.34 138.95
CA VAL A 2981 5.30 46.20 138.80
C VAL A 2981 6.22 46.02 140.01
N SER A 2982 6.56 47.11 140.70
CA SER A 2982 7.38 46.99 141.92
C SER A 2982 6.64 46.24 143.01
N SER A 2983 5.34 46.51 143.17
CA SER A 2983 4.51 45.84 144.15
C SER A 2983 3.06 46.05 143.76
N GLY A 2984 2.15 45.37 144.46
CA GLY A 2984 0.73 45.45 144.18
C GLY A 2984 0.37 44.97 142.79
N ARG A 2985 0.51 43.66 142.55
CA ARG A 2985 0.30 43.06 141.23
C ARG A 2985 -1.10 43.32 140.69
N VAL A 2986 -1.18 44.13 139.64
CA VAL A 2986 -2.43 44.42 138.95
C VAL A 2986 -2.10 44.73 137.50
N GLU A 2987 -2.92 44.22 136.59
CA GLU A 2987 -2.69 44.36 135.16
C GLU A 2987 -3.92 44.90 134.42
N LYS A 2988 -4.83 45.57 135.14
CA LYS A 2988 -6.04 46.11 134.51
C LYS A 2988 -5.70 47.14 133.42
N SER A 2989 -4.74 48.05 133.69
CA SER A 2989 -4.17 49.06 132.80
C SER A 2989 -5.18 49.82 131.95
N PRO A 2990 -6.01 50.69 132.54
CA PRO A 2990 -7.00 51.46 131.72
C PRO A 2990 -6.36 52.41 130.72
N HIS A 2991 -5.08 52.73 130.88
CA HIS A 2991 -4.31 53.57 129.98
C HIS A 2991 -3.54 52.76 128.93
N GLU A 2992 -3.92 51.48 128.73
CA GLU A 2992 -3.29 50.66 127.70
C GLU A 2992 -3.54 51.20 126.30
N GLN A 2993 -4.59 52.03 126.12
CA GLN A 2993 -4.87 52.70 124.85
C GLN A 2993 -3.68 53.55 124.42
N GLU A 2994 -2.99 54.14 125.38
CA GLU A 2994 -1.88 55.01 125.07
C GLU A 2994 -0.55 54.29 125.25
N ILE A 2995 -0.54 53.22 126.06
CA ILE A 2995 0.64 52.36 126.08
C ILE A 2995 0.85 51.71 124.72
N LYS A 2996 -0.23 51.18 124.15
CA LYS A 2996 -0.17 50.61 122.81
C LYS A 2996 -0.02 51.66 121.73
N PHE A 2997 -0.63 52.86 121.90
CA PHE A 2997 -0.41 53.94 120.93
C PHE A 2997 1.06 54.32 120.86
N PHE A 2998 1.73 54.35 122.01
CA PHE A 2998 3.14 54.68 122.05
C PHE A 2998 3.96 53.55 121.45
N ALA A 2999 3.84 52.34 122.03
CA ALA A 2999 4.73 51.24 121.68
C ALA A 2999 4.52 50.72 120.26
N LYS A 3000 3.41 51.09 119.60
CA LYS A 3000 3.17 50.69 118.23
C LYS A 3000 3.29 51.82 117.21
N ILE A 3001 3.29 53.09 117.63
CA ILE A 3001 3.34 54.22 116.71
C ILE A 3001 4.56 55.10 116.95
N LEU A 3002 4.76 55.55 118.21
CA LEU A 3002 5.75 56.58 118.51
C LEU A 3002 7.18 56.12 118.22
N LEU A 3003 7.51 54.88 118.56
CA LEU A 3003 8.88 54.38 118.35
C LEU A 3003 9.31 54.35 116.88
N PRO A 3004 8.59 53.70 115.93
CA PRO A 3004 9.05 53.77 114.54
C PRO A 3004 8.96 55.17 113.94
N LEU A 3005 7.98 55.97 114.36
CA LEU A 3005 7.80 57.32 113.83
C LEU A 3005 9.04 58.17 114.11
N ILE A 3006 9.49 58.19 115.37
CA ILE A 3006 10.72 58.89 115.71
C ILE A 3006 11.90 58.22 115.02
N ASN A 3007 11.84 56.89 114.87
CA ASN A 3007 12.95 56.11 114.34
C ASN A 3007 13.22 56.45 112.86
N GLN A 3008 12.18 56.85 112.12
CA GLN A 3008 12.35 57.16 110.70
C GLN A 3008 12.28 58.64 110.36
N TYR A 3009 11.44 59.41 111.08
CA TYR A 3009 11.27 60.83 110.81
C TYR A 3009 12.58 61.57 110.97
N PHE A 3010 13.30 61.28 112.06
CA PHE A 3010 14.59 61.92 112.24
C PHE A 3010 15.65 61.28 111.36
N THR A 3011 15.41 60.06 110.88
CA THR A 3011 16.38 59.41 110.00
C THR A 3011 16.49 60.19 108.70
N ASN A 3012 15.33 60.51 108.12
CA ASN A 3012 15.35 61.31 106.89
C ASN A 3012 15.49 62.81 107.15
N HIS A 3013 15.24 63.28 108.37
CA HIS A 3013 15.33 64.70 108.68
C HIS A 3013 16.47 65.02 109.65
N CYS A 3014 17.48 64.15 109.71
CA CYS A 3014 18.64 64.37 110.56
C CYS A 3014 19.44 65.60 110.14
N LEU A 3015 19.60 65.81 108.83
CA LEU A 3015 20.38 66.94 108.35
C LEU A 3015 19.65 68.25 108.60
N TYR A 3016 18.31 68.23 108.53
CA TYR A 3016 17.52 69.43 108.76
C TYR A 3016 17.71 69.94 110.19
N PHE A 3017 17.72 69.04 111.16
CA PHE A 3017 17.89 69.44 112.56
C PHE A 3017 19.34 69.75 112.90
N LEU A 3018 20.29 69.31 112.09
CA LEU A 3018 21.65 69.83 112.19
C LEU A 3018 21.87 71.05 111.30
N SER A 3019 20.88 71.43 110.50
CA SER A 3019 21.03 72.60 109.64
C SER A 3019 20.92 73.86 110.48
N THR A 3020 21.87 74.77 110.27
CA THR A 3020 21.96 76.06 110.93
C THR A 3020 22.07 77.12 109.84
N PRO A 3021 21.57 78.34 110.08
CA PRO A 3021 21.69 79.39 109.05
C PRO A 3021 23.11 79.71 108.63
N ALA A 3022 24.08 79.55 109.52
CA ALA A 3022 25.48 79.77 109.16
C ALA A 3022 25.98 78.72 108.16
N LYS A 3023 25.50 77.48 108.26
CA LYS A 3023 25.95 76.42 107.36
C LYS A 3023 24.79 75.44 107.19
N VAL A 3024 24.09 75.54 106.07
CA VAL A 3024 22.96 74.66 105.79
C VAL A 3024 23.49 73.40 105.12
N LEU A 3025 23.24 72.26 105.74
CA LEU A 3025 23.69 70.97 105.21
C LEU A 3025 22.61 70.22 104.46
N GLY A 3026 21.36 70.37 104.87
CA GLY A 3026 20.24 69.77 104.14
C GLY A 3026 20.01 70.44 102.81
N SER A 3027 19.22 69.77 101.96
CA SER A 3027 18.88 70.30 100.64
C SER A 3027 18.14 71.62 100.74
N GLY A 3028 17.19 71.71 101.66
CA GLY A 3028 16.47 72.94 101.90
C GLY A 3028 15.86 72.95 103.28
N GLY A 3029 15.85 74.12 103.91
CA GLY A 3029 15.27 74.24 105.24
C GLY A 3029 16.24 74.05 106.38
N HIS A 3030 16.24 75.00 107.31
CA HIS A 3030 17.03 74.92 108.53
C HIS A 3030 16.09 74.84 109.72
N ALA A 3031 16.40 73.94 110.66
CA ALA A 3031 15.61 73.82 111.88
C ALA A 3031 15.63 75.13 112.65
N SER A 3032 14.44 75.59 113.02
CA SER A 3032 14.33 76.87 113.71
C SER A 3032 14.99 76.81 115.09
N ASN A 3033 15.20 78.01 115.63
CA ASN A 3033 15.89 78.17 116.90
C ASN A 3033 15.14 77.48 118.02
N LYS A 3034 13.80 77.60 118.03
CA LYS A 3034 12.97 76.94 119.03
C LYS A 3034 13.02 75.42 118.88
N GLU A 3035 12.96 74.94 117.63
CA GLU A 3035 12.94 73.50 117.39
C GLU A 3035 14.23 72.83 117.86
N LYS A 3036 15.33 73.59 117.95
CA LYS A 3036 16.55 72.99 118.46
C LYS A 3036 16.44 72.69 119.96
N GLU A 3037 15.65 73.49 120.70
CA GLU A 3037 15.42 73.11 122.09
C GLU A 3037 14.45 71.98 122.19
N MET A 3038 13.37 71.98 121.38
CA MET A 3038 12.43 70.86 121.52
C MET A 3038 13.07 69.52 121.18
N ILE A 3039 13.90 69.43 120.13
CA ILE A 3039 14.64 68.20 119.87
C ILE A 3039 15.61 67.84 121.00
N THR A 3040 16.27 68.85 121.61
CA THR A 3040 17.17 68.55 122.73
C THR A 3040 16.41 68.16 124.00
N SER A 3041 15.34 68.88 124.30
CA SER A 3041 14.54 68.64 125.49
C SER A 3041 13.87 67.28 125.39
N LEU A 3042 13.25 66.99 124.25
CA LEU A 3042 12.56 65.71 124.05
C LEU A 3042 13.55 64.55 124.15
N PHE A 3043 14.76 64.73 123.57
CA PHE A 3043 15.78 63.70 123.66
C PHE A 3043 16.14 63.41 125.12
N CYS A 3044 16.29 64.46 125.93
CA CYS A 3044 16.57 64.27 127.35
C CYS A 3044 15.39 63.61 128.07
N LYS A 3045 14.16 64.04 127.75
CA LYS A 3045 12.97 63.50 128.42
C LYS A 3045 12.80 62.02 128.18
N LEU A 3046 13.06 61.55 126.94
CA LEU A 3046 12.85 60.13 126.64
C LEU A 3046 13.80 59.26 127.47
N ALA A 3047 15.04 59.72 127.65
CA ALA A 3047 15.98 59.01 128.49
C ALA A 3047 15.52 59.00 129.94
N ALA A 3048 15.06 60.15 130.45
CA ALA A 3048 14.48 60.19 131.79
C ALA A 3048 13.22 59.33 131.92
N LEU A 3049 12.48 59.18 130.82
CA LEU A 3049 11.34 58.27 130.76
C LEU A 3049 11.78 56.82 130.95
N VAL A 3050 12.91 56.46 130.35
CA VAL A 3050 13.33 55.06 130.33
C VAL A 3050 14.39 54.77 131.37
N ARG A 3051 14.71 55.73 132.25
CA ARG A 3051 15.76 55.58 133.24
C ARG A 3051 15.37 54.47 134.21
N HIS A 3052 16.01 53.30 134.08
CA HIS A 3052 15.76 52.01 134.73
C HIS A 3052 14.44 51.38 134.29
N ARG A 3053 13.66 52.02 133.42
CA ARG A 3053 12.35 51.53 133.03
C ARG A 3053 12.38 50.69 131.75
N VAL A 3054 13.58 50.42 131.21
CA VAL A 3054 13.69 49.62 130.00
C VAL A 3054 13.26 48.18 130.27
N SER A 3055 13.64 47.63 131.43
CA SER A 3055 13.19 46.29 131.80
C SER A 3055 11.70 46.28 132.10
N LEU A 3056 11.11 47.44 132.41
CA LEU A 3056 9.67 47.51 132.60
C LEU A 3056 8.95 47.43 131.26
N PHE A 3057 9.50 48.09 130.24
CA PHE A 3057 8.80 48.11 128.95
C PHE A 3057 8.87 46.76 128.24
N GLY A 3058 9.97 46.04 128.37
CA GLY A 3058 10.10 44.73 127.72
C GLY A 3058 10.69 44.83 126.31
N THR A 3059 9.84 44.68 125.30
CA THR A 3059 10.26 44.63 123.91
C THR A 3059 10.55 46.00 123.29
N ASP A 3060 10.10 47.08 123.91
CA ASP A 3060 10.26 48.40 123.31
C ASP A 3060 11.68 48.95 123.40
N ALA A 3061 12.53 48.37 124.26
CA ALA A 3061 13.86 48.91 124.53
C ALA A 3061 14.78 49.00 123.31
N PRO A 3062 14.91 47.99 122.41
CA PRO A 3062 15.73 48.21 121.20
C PRO A 3062 15.19 49.32 120.30
N ALA A 3063 13.88 49.58 120.35
CA ALA A 3063 13.34 50.66 119.53
C ALA A 3063 13.71 52.00 120.14
N VAL A 3064 13.65 52.08 121.48
CA VAL A 3064 13.95 53.33 122.20
C VAL A 3064 15.41 53.72 121.99
N VAL A 3065 16.33 52.73 122.09
CA VAL A 3065 17.75 53.05 122.02
C VAL A 3065 18.11 53.61 120.64
N ASN A 3066 17.55 53.03 119.56
CA ASN A 3066 17.79 53.53 118.22
C ASN A 3066 17.18 54.93 118.03
N CYS A 3067 15.99 55.16 118.59
CA CYS A 3067 15.41 56.51 118.58
C CYS A 3067 16.35 57.52 119.22
N LEU A 3068 16.91 57.16 120.38
CA LEU A 3068 17.89 58.01 121.04
C LEU A 3068 19.12 58.20 120.17
N HIS A 3069 19.59 57.13 119.51
CA HIS A 3069 20.81 57.19 118.72
C HIS A 3069 20.68 58.20 117.57
N ILE A 3070 19.54 58.16 116.88
CA ILE A 3070 19.25 59.13 115.82
C ILE A 3070 19.04 60.55 116.38
N LEU A 3071 18.41 60.68 117.55
CA LEU A 3071 18.30 62.01 118.16
C LEU A 3071 19.67 62.58 118.52
N ALA A 3072 20.55 61.71 119.05
CA ALA A 3072 21.91 62.09 119.40
C ALA A 3072 22.68 62.52 118.16
N ARG A 3073 22.52 61.78 117.06
CA ARG A 3073 23.20 62.22 115.85
C ARG A 3073 22.51 63.43 115.22
N SER A 3074 21.31 63.79 115.68
CA SER A 3074 20.64 65.01 115.20
C SER A 3074 20.64 66.10 116.25
N LEU A 3075 21.63 66.10 117.14
CA LEU A 3075 21.72 67.05 118.25
C LEU A 3075 22.73 68.14 117.90
N ASP A 3076 22.24 69.29 117.48
CA ASP A 3076 23.08 70.49 117.34
C ASP A 3076 23.12 71.27 118.65
N ALA A 3077 23.64 70.58 119.68
CA ALA A 3077 23.70 71.09 121.05
C ALA A 3077 24.60 72.31 121.22
N ARG A 3078 25.48 72.60 120.26
CA ARG A 3078 26.36 73.77 120.33
C ARG A 3078 25.58 75.08 120.45
N THR A 3079 24.62 75.32 119.57
CA THR A 3079 23.86 76.57 119.61
C THR A 3079 22.78 76.60 120.68
N VAL A 3080 22.50 75.45 121.31
CA VAL A 3080 21.44 75.38 122.31
C VAL A 3080 21.82 76.17 123.56
N MET A 3081 23.05 75.98 124.06
CA MET A 3081 23.39 76.70 125.29
C MET A 3081 23.66 78.16 125.00
N LYS A 3082 24.08 78.49 123.77
CA LYS A 3082 24.30 79.88 123.39
C LYS A 3082 22.97 80.63 123.37
N SER A 3083 21.91 79.99 122.89
CA SER A 3083 20.61 80.63 122.78
C SER A 3083 19.56 79.59 123.18
N GLY A 3084 18.96 79.76 124.36
CA GLY A 3084 17.95 78.86 124.82
C GLY A 3084 17.50 79.10 126.26
N PRO A 3085 16.34 78.56 126.61
CA PRO A 3085 15.89 78.64 128.00
C PRO A 3085 16.72 77.82 128.98
N GLU A 3086 16.76 78.35 130.22
CA GLU A 3086 17.48 77.69 131.29
C GLU A 3086 16.88 76.32 131.60
N ILE A 3087 15.56 76.18 131.44
CA ILE A 3087 14.86 74.97 131.86
C ILE A 3087 15.38 73.75 131.08
N VAL A 3088 15.51 73.90 129.76
CA VAL A 3088 16.11 72.86 128.92
C VAL A 3088 17.61 72.77 129.17
N LYS A 3089 18.29 73.92 129.32
CA LYS A 3089 19.74 73.87 129.54
C LYS A 3089 20.09 73.12 130.84
N ALA A 3090 19.35 73.38 131.91
CA ALA A 3090 19.50 72.61 133.13
C ALA A 3090 19.04 71.18 132.92
N GLY A 3091 18.09 70.95 132.01
CA GLY A 3091 17.62 69.60 131.77
C GLY A 3091 18.72 68.70 131.24
N LEU A 3092 19.44 69.20 130.22
CA LEU A 3092 20.61 68.47 129.71
C LEU A 3092 21.74 68.38 130.75
N ARG A 3093 21.95 69.44 131.54
CA ARG A 3093 22.94 69.35 132.63
C ARG A 3093 22.58 68.28 133.66
N SER A 3094 21.30 68.20 134.03
CA SER A 3094 20.81 67.14 134.91
C SER A 3094 20.98 65.78 134.25
N PHE A 3095 20.75 65.70 132.93
CA PHE A 3095 20.92 64.46 132.18
C PHE A 3095 22.35 63.95 132.33
N PHE A 3096 23.33 64.82 132.03
CA PHE A 3096 24.73 64.40 132.08
C PHE A 3096 25.18 64.05 133.50
N GLU A 3097 24.75 64.83 134.50
CA GLU A 3097 25.04 64.46 135.89
C GLU A 3097 24.37 63.15 136.29
N SER A 3098 23.15 62.90 135.81
CA SER A 3098 22.43 61.65 136.05
C SER A 3098 23.20 60.47 135.48
N ALA A 3099 23.70 60.63 134.25
CA ALA A 3099 24.48 59.57 133.62
C ALA A 3099 25.78 59.36 134.38
N SER A 3100 26.44 60.44 134.80
CA SER A 3100 27.72 60.32 135.50
C SER A 3100 27.56 59.54 136.79
N GLU A 3101 26.47 59.81 137.53
CA GLU A 3101 26.13 59.01 138.72
C GLU A 3101 25.92 57.55 138.36
N ASP A 3102 25.18 57.27 137.27
CA ASP A 3102 24.93 55.87 136.91
C ASP A 3102 26.23 55.17 136.51
N ILE A 3103 27.14 55.87 135.84
CA ILE A 3103 28.45 55.33 135.48
C ILE A 3103 29.23 54.97 136.74
N GLU A 3104 29.24 55.87 137.72
CA GLU A 3104 29.93 55.51 138.96
C GLU A 3104 29.20 54.41 139.72
N LYS A 3105 27.89 54.24 139.51
CA LYS A 3105 27.20 53.08 140.06
C LYS A 3105 27.72 51.79 139.42
N MET A 3106 28.00 51.84 138.12
CA MET A 3106 28.59 50.69 137.43
C MET A 3106 29.95 50.36 138.01
N VAL A 3107 30.79 51.38 138.20
CA VAL A 3107 32.16 51.09 138.60
C VAL A 3107 32.20 50.58 140.04
N GLU A 3108 31.30 51.06 140.92
CA GLU A 3108 31.26 50.46 142.26
C GLU A 3108 30.66 49.06 142.24
N ASN A 3109 29.68 48.81 141.35
CA ASN A 3109 29.14 47.45 141.21
C ASN A 3109 30.22 46.48 140.72
N LEU A 3110 31.01 46.88 139.73
CA LEU A 3110 32.04 46.02 139.17
C LEU A 3110 33.33 46.04 139.98
N ARG A 3111 33.41 46.86 141.03
CA ARG A 3111 34.55 46.88 141.94
C ARG A 3111 34.42 45.82 143.04
N LEU A 3112 33.68 44.74 142.77
CA LEU A 3112 33.33 43.67 143.70
C LEU A 3112 32.54 44.12 144.92
N GLY A 3113 32.05 45.37 144.93
CA GLY A 3113 31.07 45.78 145.91
C GLY A 3113 29.75 45.04 145.76
N LYS A 3114 29.36 44.74 144.53
CA LYS A 3114 28.21 43.89 144.27
C LYS A 3114 28.66 42.76 143.35
N VAL A 3115 28.33 41.52 143.73
CA VAL A 3115 28.72 40.35 142.94
C VAL A 3115 28.07 40.37 141.55
N SER A 3116 26.79 40.75 141.49
CA SER A 3116 26.01 40.96 140.26
C SER A 3116 25.86 39.67 139.45
N LYS A 3123 18.02 41.52 141.61
CA LYS A 3123 17.53 42.50 142.58
C LYS A 3123 17.61 43.92 142.02
N GLY A 3124 17.67 44.89 142.94
CA GLY A 3124 17.66 46.30 142.58
C GLY A 3124 18.81 46.71 141.66
N VAL A 3125 19.99 46.13 141.88
CA VAL A 3125 21.16 46.44 141.07
C VAL A 3125 20.97 45.95 139.63
N GLY A 3126 20.28 44.80 139.46
CA GLY A 3126 20.16 44.17 138.14
C GLY A 3126 19.46 45.04 137.11
N GLN A 3127 18.40 45.75 137.53
CA GLN A 3127 17.61 46.58 136.64
C GLN A 3127 18.42 47.75 136.13
N ASN A 3128 19.11 48.46 137.04
CA ASN A 3128 19.95 49.57 136.63
C ASN A 3128 21.11 49.07 135.79
N LEU A 3129 21.65 47.88 136.13
CA LEU A 3129 22.80 47.34 135.44
C LEU A 3129 22.50 47.06 133.97
N THR A 3130 21.34 46.45 133.70
CA THR A 3130 20.97 46.24 132.31
C THR A 3130 20.49 47.52 131.65
N TYR A 3131 19.92 48.46 132.43
CA TYR A 3131 19.52 49.74 131.85
C TYR A 3131 20.73 50.50 131.36
N THR A 3132 21.80 50.50 132.15
CA THR A 3132 22.99 51.26 131.78
C THR A 3132 23.67 50.60 130.59
N THR A 3133 23.86 49.27 130.65
CA THR A 3133 24.63 48.60 129.61
C THR A 3133 23.88 48.51 128.29
N VAL A 3134 22.56 48.70 128.30
CA VAL A 3134 21.74 48.55 127.10
C VAL A 3134 21.29 49.90 126.57
N ALA A 3135 20.70 50.73 127.43
CA ALA A 3135 20.14 52.00 127.02
C ALA A 3135 21.03 53.23 127.24
N LEU A 3136 21.98 53.20 128.19
CA LEU A 3136 22.69 54.44 128.52
C LEU A 3136 24.03 54.55 127.81
N LEU A 3137 24.93 53.58 128.03
CA LEU A 3137 26.28 53.66 127.45
C LEU A 3137 26.31 53.71 125.92
N PRO A 3138 25.59 52.85 125.15
CA PRO A 3138 25.64 53.01 123.68
C PRO A 3138 25.17 54.36 123.18
N VAL A 3139 24.12 54.91 123.80
CA VAL A 3139 23.60 56.23 123.44
C VAL A 3139 24.60 57.32 123.81
N LEU A 3140 25.24 57.18 124.97
CA LEU A 3140 26.28 58.12 125.37
C LEU A 3140 27.46 58.09 124.41
N THR A 3141 27.89 56.88 124.03
CA THR A 3141 28.96 56.72 123.04
C THR A 3141 28.57 57.31 121.69
N THR A 3142 27.27 57.24 121.34
CA THR A 3142 26.75 57.93 120.16
C THR A 3142 26.90 59.43 120.33
N LEU A 3143 26.63 59.94 121.53
CA LEU A 3143 26.69 61.38 121.78
C LEU A 3143 28.10 61.88 121.58
N PHE A 3144 29.07 61.18 122.19
CA PHE A 3144 30.48 61.57 122.09
C PHE A 3144 31.00 61.47 120.66
N GLN A 3145 30.61 60.42 119.92
CA GLN A 3145 30.92 60.36 118.49
C GLN A 3145 30.32 61.51 117.69
N HIS A 3146 29.05 61.85 117.94
CA HIS A 3146 28.43 63.02 117.30
C HIS A 3146 29.13 64.32 117.65
N ILE A 3147 29.55 64.46 118.91
CA ILE A 3147 30.29 65.65 119.34
C ILE A 3147 31.66 65.72 118.66
N ALA A 3148 32.40 64.61 118.64
CA ALA A 3148 33.72 64.61 118.03
C ALA A 3148 33.63 64.74 116.51
N GLN A 3149 32.50 64.35 115.92
CA GLN A 3149 32.29 64.48 114.49
C GLN A 3149 31.97 65.91 114.09
N HIS A 3150 31.20 66.62 114.93
CA HIS A 3150 30.81 67.99 114.62
C HIS A 3150 31.60 69.03 115.39
N GLN A 3151 32.70 68.62 116.04
CA GLN A 3151 33.59 69.49 116.83
C GLN A 3151 32.82 70.23 117.92
N PHE A 3152 31.91 69.53 118.57
CA PHE A 3152 31.05 70.09 119.59
C PHE A 3152 31.68 70.11 120.97
N GLY A 3153 32.90 69.59 121.10
CA GLY A 3153 33.54 69.56 122.41
C GLY A 3153 33.84 70.93 122.97
N ASP A 3154 34.39 71.81 122.13
CA ASP A 3154 34.81 73.14 122.56
C ASP A 3154 33.64 74.08 122.83
N ASP A 3155 32.41 73.68 122.46
CA ASP A 3155 31.24 74.54 122.55
C ASP A 3155 30.16 74.02 123.49
N VAL A 3156 30.09 72.72 123.72
CA VAL A 3156 29.05 72.13 124.58
C VAL A 3156 29.59 71.85 125.97
N ILE A 3157 30.70 71.14 126.07
CA ILE A 3157 31.28 70.77 127.35
C ILE A 3157 32.02 71.96 127.93
N LEU A 3158 31.31 72.80 128.71
CA LEU A 3158 31.87 74.07 129.14
C LEU A 3158 31.95 74.23 130.66
N ASP A 3159 30.84 74.09 131.38
CA ASP A 3159 30.76 74.59 132.75
C ASP A 3159 30.60 73.47 133.78
N ASP A 3160 29.52 72.69 133.70
CA ASP A 3160 29.26 71.58 134.58
C ASP A 3160 29.23 70.26 133.84
N VAL A 3161 29.08 70.29 132.53
CA VAL A 3161 29.24 69.10 131.70
C VAL A 3161 30.66 68.56 131.85
N GLN A 3162 31.63 69.48 132.00
CA GLN A 3162 33.00 69.11 132.37
C GLN A 3162 33.02 68.35 133.70
N VAL A 3163 32.29 68.83 134.70
CA VAL A 3163 32.21 68.13 135.98
C VAL A 3163 31.51 66.78 135.81
N SER A 3164 30.58 66.69 134.85
CA SER A 3164 29.89 65.44 134.55
C SER A 3164 30.87 64.41 134.03
N CYS A 3165 31.80 64.83 133.18
CA CYS A 3165 32.69 63.87 132.53
C CYS A 3165 33.96 63.57 133.33
N TYR A 3166 34.45 64.52 134.14
CA TYR A 3166 35.67 64.29 134.94
C TYR A 3166 35.54 63.06 135.86
N ARG A 3167 34.45 63.01 136.63
CA ARG A 3167 34.15 61.88 137.49
C ARG A 3167 34.01 60.60 136.68
N THR A 3168 33.37 60.70 135.51
CA THR A 3168 33.27 59.56 134.61
C THR A 3168 34.65 59.10 134.16
N LEU A 3169 35.53 60.05 133.82
CA LEU A 3169 36.85 59.74 133.29
C LEU A 3169 37.73 59.06 134.35
N CYS A 3170 37.56 59.45 135.62
CA CYS A 3170 38.19 58.68 136.70
C CYS A 3170 37.61 57.28 136.80
N SER A 3171 36.27 57.17 136.71
CA SER A 3171 35.59 55.89 136.94
C SER A 3171 35.95 54.87 135.88
N ILE A 3172 36.07 55.31 134.62
CA ILE A 3172 36.31 54.37 133.52
C ILE A 3172 37.71 53.78 133.65
N TYR A 3173 38.73 54.62 133.91
CA TYR A 3173 40.09 54.14 134.03
C TYR A 3173 40.27 53.30 135.29
N SER A 3174 39.37 53.45 136.28
CA SER A 3174 39.47 52.69 137.52
C SER A 3174 39.32 51.18 137.32
N LEU A 3175 38.78 50.73 136.18
CA LEU A 3175 38.54 49.32 135.90
C LEU A 3175 39.79 48.57 135.45
N GLY A 3176 40.88 49.28 135.17
CA GLY A 3176 42.09 48.61 134.73
C GLY A 3176 42.69 47.68 135.76
N THR A 3177 42.54 48.01 137.04
CA THR A 3177 43.11 47.20 138.11
C THR A 3177 42.21 46.05 138.54
N THR A 3178 40.96 46.00 138.05
CA THR A 3178 40.01 44.98 138.47
C THR A 3178 39.63 44.11 137.28
N LYS A 3179 39.61 42.80 137.50
CA LYS A 3179 39.24 41.82 136.47
C LYS A 3179 38.05 41.01 136.98
N ASN A 3180 36.96 40.98 136.20
CA ASN A 3180 35.78 40.20 136.53
C ASN A 3180 35.07 39.80 135.25
N THR A 3181 33.97 39.05 135.43
CA THR A 3181 33.20 38.54 134.29
C THR A 3181 32.52 39.67 133.52
N TYR A 3182 31.80 40.55 134.23
CA TYR A 3182 31.14 41.66 133.56
C TYR A 3182 32.15 42.64 133.00
N VAL A 3183 33.27 42.87 133.71
CA VAL A 3183 34.32 43.73 133.18
C VAL A 3183 34.84 43.18 131.87
N GLU A 3184 34.98 41.85 131.79
CA GLU A 3184 35.41 41.17 130.57
C GLU A 3184 34.41 41.39 129.45
N LYS A 3185 33.12 41.21 129.74
CA LYS A 3185 32.13 41.34 128.67
C LYS A 3185 31.94 42.80 128.26
N LEU A 3186 32.24 43.75 129.16
CA LEU A 3186 32.09 45.16 128.85
C LEU A 3186 33.33 45.80 128.24
N ARG A 3187 34.47 45.08 128.17
CA ARG A 3187 35.74 45.64 127.69
C ARG A 3187 35.67 46.36 126.34
N PRO A 3188 35.02 45.82 125.24
CA PRO A 3188 34.88 46.64 124.04
C PRO A 3188 34.00 47.86 124.25
N ALA A 3189 32.77 47.65 124.75
CA ALA A 3189 31.77 48.72 124.87
C ALA A 3189 32.28 49.88 125.71
N LEU A 3190 33.08 49.58 126.75
CA LEU A 3190 33.74 50.66 127.45
C LEU A 3190 34.86 51.22 126.59
N GLY A 3191 35.50 50.36 125.78
CA GLY A 3191 36.67 50.78 125.01
C GLY A 3191 36.33 51.91 124.06
N GLU A 3192 35.23 51.74 123.32
CA GLU A 3192 34.78 52.84 122.47
C GLU A 3192 34.11 53.94 123.28
N CYS A 3193 33.42 53.63 124.39
CA CYS A 3193 32.81 54.69 125.21
C CYS A 3193 33.87 55.67 125.73
N LEU A 3194 35.02 55.17 126.16
CA LEU A 3194 36.16 56.02 126.51
C LEU A 3194 36.84 56.66 125.31
N ALA A 3195 37.00 55.94 124.18
CA ALA A 3195 37.67 56.54 123.02
C ALA A 3195 36.88 57.72 122.46
N ARG A 3196 35.56 57.54 122.26
CA ARG A 3196 34.69 58.61 121.79
C ARG A 3196 34.74 59.81 122.72
N LEU A 3197 34.93 59.54 124.03
CA LEU A 3197 35.04 60.61 125.02
C LEU A 3197 36.33 61.38 124.78
N ALA A 3198 37.42 60.66 124.57
CA ALA A 3198 38.74 61.28 124.47
C ALA A 3198 38.80 62.20 123.25
N ALA A 3199 38.21 61.75 122.14
CA ALA A 3199 38.08 62.62 120.97
C ALA A 3199 37.08 63.76 121.18
N ALA A 3200 36.05 63.54 122.01
CA ALA A 3200 35.05 64.59 122.24
C ALA A 3200 35.40 65.56 123.37
N MET A 3201 36.43 65.30 124.14
CA MET A 3201 36.76 66.17 125.28
C MET A 3201 37.49 67.43 124.82
N PRO A 3202 37.11 68.59 125.34
CA PRO A 3202 37.83 69.83 125.00
C PRO A 3202 39.00 70.20 125.90
N VAL A 3203 39.50 69.30 126.76
CA VAL A 3203 40.64 69.62 127.61
C VAL A 3203 41.78 68.66 127.32
N ALA A 3204 42.99 69.14 127.57
CA ALA A 3204 44.20 68.31 127.46
C ALA A 3204 44.39 67.56 128.79
N PHE A 3205 43.47 66.62 129.02
CA PHE A 3205 43.44 65.84 130.27
C PHE A 3205 44.71 65.03 130.46
N LEU A 3206 45.28 64.53 129.35
CA LEU A 3206 46.53 63.78 129.40
C LEU A 3206 47.74 64.67 129.70
N GLU A 3207 47.55 66.00 129.68
CA GLU A 3207 48.60 66.96 130.01
C GLU A 3207 48.08 68.00 131.00
N PRO A 3208 47.77 67.58 132.25
CA PRO A 3208 47.38 68.59 133.25
C PRO A 3208 48.50 69.52 133.63
N GLN A 3209 49.76 69.12 133.40
CA GLN A 3209 50.89 70.01 133.59
C GLN A 3209 50.87 71.18 132.61
N LEU A 3210 50.20 71.03 131.46
CA LEU A 3210 49.97 72.12 130.53
C LEU A 3210 48.51 72.55 130.46
N ASN A 3211 47.67 72.10 131.39
CA ASN A 3211 46.25 72.46 131.38
C ASN A 3211 46.00 73.96 131.60
N GLU A 3212 46.98 74.69 132.15
CA GLU A 3212 46.82 76.12 132.43
C GLU A 3212 46.62 76.97 131.17
N TYR A 3213 46.99 76.47 130.00
CA TYR A 3213 46.77 77.19 128.74
C TYR A 3213 45.51 76.75 128.02
N ASN A 3214 44.80 75.73 128.52
CA ASN A 3214 43.55 75.26 127.93
C ASN A 3214 42.47 76.33 128.06
N ALA A 3215 42.14 76.96 126.94
CA ALA A 3215 41.11 78.00 126.93
C ALA A 3215 39.75 77.47 127.37
N CYS A 3216 39.38 76.27 126.92
CA CYS A 3216 38.12 75.66 127.34
C CYS A 3216 38.38 74.72 128.52
N SER A 3217 38.68 75.32 129.66
CA SER A 3217 38.95 74.57 130.88
C SER A 3217 38.26 75.23 132.06
N VAL A 3218 37.92 74.41 133.06
CA VAL A 3218 37.38 74.94 134.30
C VAL A 3218 38.43 75.71 135.08
N TYR A 3219 39.67 75.20 135.08
CA TYR A 3219 40.72 75.76 135.93
C TYR A 3219 41.38 76.97 135.29
N THR A 3220 40.94 77.34 134.08
CA THR A 3220 41.42 78.53 133.41
C THR A 3220 40.31 79.55 133.22
N THR A 3221 39.05 79.12 133.18
CA THR A 3221 37.95 80.06 133.04
C THR A 3221 37.37 80.44 134.39
N LYS A 3222 36.81 79.48 135.13
CA LYS A 3222 36.13 79.80 136.38
C LYS A 3222 37.10 80.32 137.44
N SER A 3223 36.67 81.38 138.10
CA SER A 3223 37.46 82.08 139.11
C SER A 3223 37.65 81.19 140.35
N PRO A 3224 38.73 81.39 141.11
CA PRO A 3224 38.95 80.54 142.29
C PRO A 3224 37.90 80.66 143.41
N ARG A 3225 37.04 81.68 143.41
CA ARG A 3225 36.04 81.70 144.48
C ARG A 3225 34.86 80.75 144.20
N GLU A 3226 34.71 80.30 142.95
CA GLU A 3226 34.00 79.07 142.64
C GLU A 3226 35.04 77.97 142.44
N ARG A 3227 34.57 76.75 142.12
CA ARG A 3227 35.35 75.51 141.96
C ARG A 3227 35.94 74.99 143.27
N ALA A 3228 35.78 75.73 144.36
CA ALA A 3228 36.15 75.30 145.70
C ALA A 3228 34.96 75.20 146.62
N ILE A 3229 33.91 75.98 146.37
CA ILE A 3229 32.67 75.85 147.14
C ILE A 3229 32.02 74.49 146.89
N LEU A 3230 31.96 74.05 145.63
CA LEU A 3230 31.43 72.75 145.28
C LEU A 3230 32.58 71.75 145.11
N GLY A 3231 32.24 70.46 145.20
CA GLY A 3231 33.23 69.39 145.22
C GLY A 3231 34.15 69.31 144.02
N LEU A 3232 35.40 69.72 144.23
CA LEU A 3232 36.49 69.66 143.26
C LEU A 3232 37.78 69.66 144.04
N PRO A 3233 38.78 68.84 143.67
CA PRO A 3233 40.05 68.82 144.41
C PRO A 3233 40.94 70.04 144.19
N ASN A 3234 40.45 71.05 143.47
CA ASN A 3234 41.10 72.34 143.21
C ASN A 3234 42.45 72.20 142.51
N SER A 3235 42.68 71.08 141.83
CA SER A 3235 43.88 70.93 141.01
C SER A 3235 43.59 69.96 139.88
N VAL A 3236 44.01 70.36 138.67
CA VAL A 3236 43.83 69.50 137.50
C VAL A 3236 44.68 68.24 137.64
N GLU A 3237 45.84 68.33 138.30
CA GLU A 3237 46.63 67.12 138.52
C GLU A 3237 45.91 66.16 139.46
N GLU A 3238 45.04 66.70 140.34
CA GLU A 3238 44.25 65.90 141.27
C GLU A 3238 42.86 65.58 140.73
N MET A 3239 42.57 65.96 139.48
CA MET A 3239 41.30 65.66 138.81
C MET A 3239 41.06 64.15 138.78
N CYS A 3240 41.89 63.42 138.06
CA CYS A 3240 41.94 61.96 138.08
C CYS A 3240 43.40 61.59 138.28
N PRO A 3241 43.87 61.52 139.54
CA PRO A 3241 45.29 61.22 139.81
C PRO A 3241 45.76 59.88 139.28
N ASP A 3242 44.87 58.89 139.17
CA ASP A 3242 45.22 57.59 138.61
C ASP A 3242 45.58 57.65 137.13
N ILE A 3243 45.15 58.70 136.41
CA ILE A 3243 45.41 58.84 134.97
C ILE A 3243 46.89 59.13 134.75
N PRO A 3244 47.62 58.28 134.02
CA PRO A 3244 49.02 58.56 133.73
C PRO A 3244 49.13 59.68 132.72
N VAL A 3245 50.28 60.36 132.73
CA VAL A 3245 50.57 61.33 131.70
C VAL A 3245 51.13 60.60 130.48
N LEU A 3246 51.18 61.32 129.35
CA LEU A 3246 51.64 60.73 128.10
C LEU A 3246 53.10 60.29 128.19
N ASP A 3247 53.90 61.01 128.99
CA ASP A 3247 55.35 60.77 129.05
C ASP A 3247 55.64 59.36 129.56
N ARG A 3248 55.08 59.02 130.72
CA ARG A 3248 55.29 57.68 131.24
C ARG A 3248 54.44 56.67 130.49
N LEU A 3249 53.31 57.13 129.89
CA LEU A 3249 52.38 56.22 129.23
C LEU A 3249 53.01 55.59 127.99
N MET A 3250 53.75 56.39 127.21
CA MET A 3250 54.35 55.85 126.00
C MET A 3250 55.49 54.92 126.36
N ALA A 3251 56.26 55.25 127.40
CA ALA A 3251 57.37 54.39 127.82
C ALA A 3251 56.88 53.03 128.31
N ASP A 3252 55.78 53.01 129.07
CA ASP A 3252 55.15 51.76 129.49
C ASP A 3252 54.66 50.93 128.31
N ILE A 3253 53.98 51.58 127.35
CA ILE A 3253 53.53 50.85 126.16
C ILE A 3253 54.72 50.37 125.33
N GLY A 3254 55.74 51.23 125.21
CA GLY A 3254 56.93 50.87 124.44
C GLY A 3254 57.63 49.66 125.01
N GLY A 3255 57.73 49.59 126.35
CA GLY A 3255 58.32 48.42 126.99
C GLY A 3255 57.49 47.18 126.77
N LEU A 3256 56.15 47.34 126.79
CA LEU A 3256 55.26 46.20 126.60
C LEU A 3256 55.46 45.61 125.20
N ALA A 3257 55.56 46.50 124.22
CA ALA A 3257 55.69 46.09 122.82
C ALA A 3257 57.02 45.42 122.55
N GLU A 3258 58.14 46.03 123.02
CA GLU A 3258 59.45 45.40 122.79
C GLU A 3258 59.58 44.09 123.56
N SER A 3259 58.89 43.95 124.70
CA SER A 3259 58.89 42.67 125.39
C SER A 3259 58.07 41.64 124.61
N GLY A 3260 56.90 42.03 124.11
CA GLY A 3260 56.04 41.11 123.42
C GLY A 3260 54.98 40.54 124.34
N ALA A 3261 54.36 41.41 125.13
CA ALA A 3261 53.34 40.98 126.06
C ALA A 3261 52.05 40.61 125.35
N ARG A 3262 51.53 39.44 125.65
CA ARG A 3262 50.25 38.99 125.10
C ARG A 3262 49.11 39.81 125.68
N TYR A 3263 47.99 39.85 124.93
CA TYR A 3263 46.80 40.56 125.39
C TYR A 3263 46.27 39.99 126.70
N THR A 3264 46.53 38.70 126.95
CA THR A 3264 46.09 38.05 128.19
C THR A 3264 46.70 38.75 129.40
N GLU A 3265 47.99 39.12 129.30
CA GLU A 3265 48.62 39.85 130.39
C GLU A 3265 48.53 41.35 130.18
N MET A 3266 47.89 41.82 129.11
CA MET A 3266 47.72 43.28 129.00
C MET A 3266 46.31 43.72 128.58
N PRO A 3267 45.21 43.15 129.15
CA PRO A 3267 43.87 43.49 128.64
C PRO A 3267 43.46 44.94 128.87
N HIS A 3268 43.95 45.58 129.94
CA HIS A 3268 43.57 46.96 130.22
C HIS A 3268 44.27 47.93 129.28
N VAL A 3269 45.47 47.59 128.82
CA VAL A 3269 46.23 48.50 127.96
C VAL A 3269 45.57 48.62 126.60
N ILE A 3270 45.24 47.48 125.98
CA ILE A 3270 44.69 47.49 124.62
C ILE A 3270 43.27 48.04 124.62
N GLU A 3271 42.46 47.65 125.61
CA GLU A 3271 41.07 48.06 125.62
C GLU A 3271 40.89 49.51 126.07
N ILE A 3272 41.82 50.03 126.88
CA ILE A 3272 41.63 51.34 127.52
C ILE A 3272 42.72 52.33 127.14
N THR A 3273 43.98 51.97 127.39
CA THR A 3273 45.09 52.91 127.24
C THR A 3273 45.33 53.28 125.79
N LEU A 3274 45.40 52.27 124.90
CA LEU A 3274 45.60 52.54 123.48
C LEU A 3274 44.51 53.42 122.85
N PRO A 3275 43.19 53.22 123.11
CA PRO A 3275 42.20 54.19 122.59
C PRO A 3275 42.45 55.63 123.05
N MET A 3276 42.92 55.86 124.28
CA MET A 3276 43.30 57.21 124.70
C MET A 3276 44.32 57.84 123.76
N LEU A 3277 45.39 57.11 123.46
CA LEU A 3277 46.42 57.60 122.54
C LEU A 3277 45.88 57.82 121.14
N CYS A 3278 45.09 56.87 120.62
CA CYS A 3278 44.50 56.98 119.29
C CYS A 3278 43.47 58.11 119.20
N SER A 3279 42.76 58.37 120.28
CA SER A 3279 41.69 59.34 120.35
C SER A 3279 42.13 60.66 120.96
N TYR A 3280 43.40 60.81 121.28
CA TYR A 3280 43.96 62.06 121.79
C TYR A 3280 45.04 62.64 120.90
N LEU A 3281 46.02 61.82 120.47
CA LEU A 3281 47.16 62.35 119.72
C LEU A 3281 46.79 63.07 118.42
N PRO A 3282 46.00 62.51 117.48
CA PRO A 3282 45.62 63.30 116.29
C PRO A 3282 44.77 64.52 116.63
N ARG A 3283 43.92 64.41 117.65
CA ARG A 3283 42.99 65.49 118.00
C ARG A 3283 43.75 66.74 118.46
N TRP A 3284 44.80 66.55 119.25
CA TRP A 3284 45.53 67.67 119.83
C TRP A 3284 46.85 67.92 119.14
N TRP A 3285 47.23 67.07 118.17
CA TRP A 3285 48.45 67.30 117.40
C TRP A 3285 48.36 68.61 116.62
N GLU A 3286 47.21 68.88 116.01
CA GLU A 3286 47.01 70.05 115.19
C GLU A 3286 46.73 71.32 115.99
N ARG A 3287 46.64 71.23 117.31
CA ARG A 3287 46.46 72.40 118.16
C ARG A 3287 47.71 72.75 118.96
N GLY A 3288 48.85 72.14 118.66
CA GLY A 3288 50.06 72.39 119.41
C GLY A 3288 51.32 72.34 118.57
N PRO A 3289 52.31 71.58 119.03
CA PRO A 3289 53.59 71.50 118.31
C PRO A 3289 53.42 70.79 116.98
N GLU A 3290 54.31 71.14 116.03
CA GLU A 3290 54.41 70.61 114.66
C GLU A 3290 53.18 70.91 113.78
N ALA A 3291 52.17 71.58 114.33
CA ALA A 3291 50.94 71.86 113.63
C ALA A 3291 51.17 72.91 112.55
N PRO A 3292 50.31 72.94 111.54
CA PRO A 3292 50.26 74.09 110.61
C PRO A 3292 49.32 75.17 111.11
N PRO A 3293 49.76 76.06 112.00
CA PRO A 3293 48.82 76.93 112.70
C PRO A 3293 48.35 78.10 111.84
N PRO A 3294 47.03 78.25 111.65
CA PRO A 3294 46.47 79.47 111.07
C PRO A 3294 46.32 80.60 112.10
N ALA A 3295 47.39 80.88 112.84
CA ALA A 3295 47.31 81.71 114.04
C ALA A 3295 48.16 82.97 113.92
N LEU A 3296 48.05 83.68 112.80
CA LEU A 3296 48.74 84.96 112.69
C LEU A 3296 48.15 86.08 113.56
N PRO A 3297 46.78 86.23 113.74
CA PRO A 3297 46.34 87.29 114.67
C PRO A 3297 46.42 86.86 116.12
N ALA A 3298 46.18 85.58 116.38
CA ALA A 3298 46.07 85.05 117.73
C ALA A 3298 47.17 84.04 118.04
N GLY A 3299 48.41 84.39 117.68
CA GLY A 3299 49.57 83.60 118.06
C GLY A 3299 50.01 83.75 119.50
N ALA A 3300 49.42 84.71 120.23
CA ALA A 3300 49.77 84.91 121.64
C ALA A 3300 49.47 83.72 122.57
N PRO A 3301 48.31 83.03 122.52
CA PRO A 3301 48.11 81.86 123.42
C PRO A 3301 49.15 80.78 123.21
N PRO A 3302 49.78 80.31 124.29
CA PRO A 3302 50.80 79.26 124.17
C PRO A 3302 50.14 77.90 123.95
N PRO A 3303 50.87 76.90 123.47
CA PRO A 3303 50.27 75.57 123.25
C PRO A 3303 49.91 74.88 124.57
N CYS A 3304 48.61 74.67 124.75
CA CYS A 3304 48.07 73.91 125.88
C CYS A 3304 48.36 72.42 125.80
N THR A 3305 48.83 71.94 124.66
CA THR A 3305 49.16 70.54 124.46
C THR A 3305 50.53 70.42 123.79
N ALA A 3306 51.14 69.26 123.97
CA ALA A 3306 52.51 69.01 123.51
C ALA A 3306 52.59 67.64 122.85
N VAL A 3307 51.67 67.37 121.93
CA VAL A 3307 51.66 66.12 121.17
C VAL A 3307 52.32 66.36 119.83
N THR A 3308 53.36 65.56 119.53
CA THR A 3308 54.05 65.60 118.26
C THR A 3308 53.88 64.30 117.48
N SER A 3309 54.18 64.39 116.18
CA SER A 3309 54.08 63.22 115.32
C SER A 3309 55.09 62.16 115.72
N ASP A 3310 56.18 62.54 116.40
CA ASP A 3310 57.10 61.55 116.95
C ASP A 3310 56.40 60.76 118.06
N HIS A 3311 55.55 61.42 118.85
CA HIS A 3311 54.74 60.70 119.83
C HIS A 3311 53.82 59.70 119.12
N LEU A 3312 53.20 60.11 118.00
CA LEU A 3312 52.38 59.12 117.29
C LEU A 3312 53.22 58.02 116.61
N ASN A 3313 54.50 58.32 116.33
CA ASN A 3313 55.36 57.45 115.54
C ASN A 3313 55.62 56.15 116.28
N SER A 3314 56.09 56.28 117.52
CA SER A 3314 56.41 55.11 118.32
C SER A 3314 55.15 54.34 118.62
N LEU A 3315 54.04 55.06 118.89
CA LEU A 3315 52.74 54.45 119.17
C LEU A 3315 52.31 53.49 118.06
N LEU A 3316 52.44 53.94 116.80
CA LEU A 3316 52.17 53.09 115.65
C LEU A 3316 53.10 51.89 115.59
N GLY A 3317 54.40 52.11 115.84
CA GLY A 3317 55.32 50.98 115.94
C GLY A 3317 55.00 50.01 117.07
N ASN A 3318 54.56 50.54 118.21
CA ASN A 3318 54.17 49.70 119.34
C ASN A 3318 52.95 48.85 119.02
N ILE A 3319 51.92 49.47 118.44
CA ILE A 3319 50.67 48.76 118.13
C ILE A 3319 50.96 47.65 117.13
N LEU A 3320 51.79 47.94 116.11
CA LEU A 3320 52.16 46.94 115.14
C LEU A 3320 52.90 45.79 115.82
N ARG A 3321 53.85 46.12 116.72
CA ARG A 3321 54.63 45.07 117.37
C ARG A 3321 53.74 44.20 118.27
N ILE A 3322 52.72 44.81 118.90
CA ILE A 3322 51.78 44.08 119.74
C ILE A 3322 51.05 43.04 118.92
N ILE A 3323 50.51 43.45 117.77
CA ILE A 3323 49.71 42.53 116.95
C ILE A 3323 50.59 41.42 116.38
N VAL A 3324 51.76 41.78 115.83
CA VAL A 3324 52.63 40.74 115.26
C VAL A 3324 53.21 39.83 116.35
N ASN A 3325 53.35 40.30 117.59
CA ASN A 3325 53.71 39.39 118.66
C ASN A 3325 52.55 38.46 118.99
N ASN A 3326 51.32 38.96 118.91
CA ASN A 3326 50.14 38.12 119.08
C ASN A 3326 49.70 37.43 117.79
N LEU A 3327 50.61 37.30 116.82
CA LEU A 3327 50.27 36.70 115.53
C LEU A 3327 49.85 35.24 115.68
N GLY A 3328 50.61 34.46 116.46
CA GLY A 3328 50.44 33.03 116.55
C GLY A 3328 49.26 32.54 117.37
N ILE A 3329 48.61 33.41 118.15
CA ILE A 3329 47.51 32.97 118.99
C ILE A 3329 46.27 32.66 118.14
N ASP A 3330 45.39 31.81 118.69
CA ASP A 3330 44.29 31.26 117.91
C ASP A 3330 43.03 32.12 117.93
N GLU A 3331 42.45 32.35 119.12
CA GLU A 3331 41.20 33.09 119.23
C GLU A 3331 41.54 34.46 119.81
N ALA A 3332 41.17 35.51 119.08
CA ALA A 3332 41.42 36.88 119.51
C ALA A 3332 40.52 37.82 118.72
N THR A 3333 39.57 38.47 119.38
CA THR A 3333 38.67 39.39 118.69
C THR A 3333 38.97 40.86 118.97
N TRP A 3334 40.17 41.18 119.47
CA TRP A 3334 40.47 42.54 119.92
C TRP A 3334 41.22 43.35 118.87
N MET A 3335 42.03 42.71 118.03
CA MET A 3335 42.80 43.47 117.05
C MET A 3335 41.93 44.06 115.95
N LYS A 3336 40.75 43.50 115.68
CA LYS A 3336 39.86 44.12 114.69
C LYS A 3336 39.47 45.53 115.12
N ARG A 3337 39.07 45.67 116.39
CA ARG A 3337 38.78 46.99 116.95
C ARG A 3337 40.04 47.84 117.08
N LEU A 3338 41.18 47.20 117.38
CA LEU A 3338 42.45 47.94 117.39
C LEU A 3338 42.77 48.48 116.01
N ALA A 3339 42.55 47.66 114.96
CA ALA A 3339 42.83 48.08 113.59
C ALA A 3339 41.90 49.20 113.16
N VAL A 3340 40.60 49.11 113.48
CA VAL A 3340 39.65 50.15 113.07
C VAL A 3340 39.91 51.45 113.83
N PHE A 3341 40.57 51.40 114.99
CA PHE A 3341 40.84 52.62 115.71
C PHE A 3341 42.25 53.15 115.48
N ALA A 3342 43.19 52.29 115.09
CA ALA A 3342 44.51 52.70 114.66
C ALA A 3342 44.56 53.15 113.20
N GLN A 3343 43.54 52.82 112.42
CA GLN A 3343 43.47 53.33 111.04
C GLN A 3343 43.42 54.86 110.96
N PRO A 3344 42.60 55.60 111.74
CA PRO A 3344 42.64 57.07 111.63
C PRO A 3344 43.99 57.71 111.95
N ILE A 3345 44.77 57.12 112.86
CA ILE A 3345 45.99 57.79 113.31
C ILE A 3345 47.17 57.54 112.38
N VAL A 3346 47.13 56.47 111.57
CA VAL A 3346 48.28 56.09 110.74
C VAL A 3346 48.36 56.95 109.47
N SER A 3347 47.40 57.86 109.27
CA SER A 3347 47.45 58.78 108.13
C SER A 3347 48.65 59.72 108.18
N ARG A 3348 49.20 59.98 109.37
CA ARG A 3348 50.32 60.90 109.50
C ARG A 3348 51.66 60.16 109.63
N ALA A 3349 51.66 58.84 109.36
CA ALA A 3349 52.83 58.00 109.56
C ALA A 3349 53.98 58.37 108.61
N ARG A 3350 55.21 58.12 109.07
CA ARG A 3350 56.43 58.46 108.37
C ARG A 3350 56.90 57.33 107.46
N PRO A 3351 57.67 57.65 106.41
CA PRO A 3351 58.18 56.59 105.51
C PRO A 3351 59.07 55.56 106.19
N GLU A 3352 59.78 55.94 107.25
CA GLU A 3352 60.72 55.03 107.92
C GLU A 3352 60.05 53.81 108.51
N LEU A 3353 58.75 53.92 108.86
CA LEU A 3353 58.02 52.80 109.44
C LEU A 3353 57.93 51.63 108.48
N LEU A 3354 57.99 51.91 107.18
CA LEU A 3354 57.96 50.88 106.15
C LEU A 3354 59.13 49.93 106.30
N HIS A 3355 60.33 50.49 106.34
CA HIS A 3355 61.54 49.68 106.34
C HIS A 3355 61.75 49.09 107.71
N SER A 3356 61.39 49.84 108.76
CA SER A 3356 61.64 49.37 110.12
C SER A 3356 60.74 48.18 110.45
N HIS A 3357 59.44 48.30 110.18
CA HIS A 3357 58.50 47.31 110.66
C HIS A 3357 57.68 46.61 109.57
N PHE A 3358 57.20 47.35 108.55
CA PHE A 3358 56.25 46.81 107.59
C PHE A 3358 56.80 45.63 106.78
N ILE A 3359 57.97 45.82 106.15
CA ILE A 3359 58.55 44.74 105.32
C ILE A 3359 58.84 43.45 106.08
N PRO A 3360 59.43 43.45 107.31
CA PRO A 3360 59.56 42.17 108.05
C PRO A 3360 58.23 41.46 108.28
N THR A 3361 57.15 42.21 108.56
CA THR A 3361 55.87 41.59 108.88
C THR A 3361 55.29 40.90 107.65
N ILE A 3362 55.36 41.57 106.50
CA ILE A 3362 54.82 40.99 105.27
C ILE A 3362 55.63 39.75 104.91
N GLY A 3363 56.96 39.82 105.05
CA GLY A 3363 57.79 38.64 104.83
C GLY A 3363 57.43 37.46 105.73
N ARG A 3364 57.13 37.74 107.01
CA ARG A 3364 56.60 36.75 107.94
C ARG A 3364 55.27 36.17 107.46
N LEU A 3365 54.38 37.03 106.97
CA LEU A 3365 53.09 36.55 106.50
C LEU A 3365 53.25 35.75 105.22
N ARG A 3366 54.26 36.09 104.42
CA ARG A 3366 54.54 35.38 103.18
C ARG A 3366 54.99 33.96 103.49
N LYS A 3367 55.98 33.82 104.39
CA LYS A 3367 56.52 32.49 104.67
C LYS A 3367 55.46 31.62 105.36
N ARG A 3368 54.65 32.22 106.25
CA ARG A 3368 53.53 31.51 106.87
C ARG A 3368 52.54 31.02 105.82
N ALA A 3369 52.08 31.92 104.95
CA ALA A 3369 51.07 31.58 103.94
C ALA A 3369 51.59 30.53 102.97
N GLY A 3370 52.85 30.67 102.54
CA GLY A 3370 53.45 29.70 101.64
C GLY A 3370 53.59 28.32 102.26
N LYS A 3371 53.96 28.25 103.55
CA LYS A 3371 54.06 26.94 104.19
C LYS A 3371 52.68 26.33 104.41
N VAL A 3372 51.69 27.16 104.75
CA VAL A 3372 50.33 26.67 104.97
C VAL A 3372 49.75 26.10 103.67
N VAL A 3373 49.92 26.83 102.56
CA VAL A 3373 49.44 26.29 101.29
C VAL A 3373 50.33 25.15 100.80
N ALA A 3374 51.59 25.05 101.26
CA ALA A 3374 52.40 23.88 100.98
C ALA A 3374 51.83 22.62 101.61
N GLU A 3375 51.33 22.74 102.85
CA GLU A 3375 50.57 21.65 103.46
C GLU A 3375 49.25 21.40 102.73
N GLU A 3376 48.57 22.47 102.32
CA GLU A 3376 47.31 22.33 101.60
C GLU A 3376 47.50 21.61 100.25
N GLU A 3377 48.55 21.97 99.51
CA GLU A 3377 48.82 21.26 98.26
C GLU A 3377 49.32 19.84 98.53
N GLN A 3378 49.97 19.62 99.70
CA GLN A 3378 50.38 18.28 100.09
C GLN A 3378 49.17 17.38 100.24
N LEU A 3379 48.09 17.90 100.81
CA LEU A 3379 46.92 17.06 101.00
C LEU A 3379 46.05 16.99 99.74
N ARG A 3380 46.10 18.02 98.88
CA ARG A 3380 45.25 17.94 97.68
C ARG A 3380 45.87 17.02 96.64
N LEU A 3381 47.21 16.93 96.58
CA LEU A 3381 47.84 16.06 95.59
C LEU A 3381 47.48 14.61 95.90
N GLU A 3382 47.45 14.26 97.19
CA GLU A 3382 46.90 12.98 97.63
C GLU A 3382 45.72 13.31 98.56
N ALA A 3383 44.57 13.49 97.94
CA ALA A 3383 43.34 13.90 98.62
C ALA A 3383 42.49 12.66 98.91
N LYS A 3384 42.98 11.86 99.86
CA LYS A 3384 42.26 10.68 100.32
C LYS A 3384 41.17 11.10 101.32
N ALA A 3385 40.52 10.12 101.95
CA ALA A 3385 39.67 10.46 103.08
C ALA A 3385 40.46 11.02 104.26
N GLU A 3386 41.77 10.71 104.32
CA GLU A 3386 42.67 11.24 105.33
C GLU A 3386 42.90 12.74 105.17
N ALA A 3387 42.58 13.30 103.99
CA ALA A 3387 42.74 14.72 103.73
C ALA A 3387 41.87 15.57 104.64
N GLU A 3388 40.62 15.15 104.86
CA GLU A 3388 39.73 15.89 105.77
C GLU A 3388 40.31 15.93 107.19
N GLU A 3389 40.88 14.82 107.65
CA GLU A 3389 41.61 14.76 108.91
C GLU A 3389 42.95 15.47 108.74
N GLY A 3390 42.91 16.79 108.80
CA GLY A 3390 44.08 17.59 108.50
C GLY A 3390 43.71 18.81 107.68
N GLU A 3391 42.59 18.72 106.97
CA GLU A 3391 42.04 19.88 106.30
C GLU A 3391 41.58 20.92 107.30
N LEU A 3392 41.07 20.49 108.46
CA LEU A 3392 40.69 21.46 109.49
C LEU A 3392 41.88 22.23 110.02
N LEU A 3393 43.09 21.67 109.91
CA LEU A 3393 44.30 22.38 110.30
C LEU A 3393 44.56 23.57 109.39
N VAL A 3394 44.55 23.34 108.07
CA VAL A 3394 44.71 24.48 107.16
C VAL A 3394 43.49 25.40 107.18
N ARG A 3395 42.30 24.90 107.54
CA ARG A 3395 41.16 25.79 107.81
C ARG A 3395 41.44 26.74 108.98
N ASP A 3396 42.03 26.22 110.05
CA ASP A 3396 42.43 27.05 111.19
C ASP A 3396 43.55 28.01 110.80
N GLU A 3397 44.53 27.51 110.04
CA GLU A 3397 45.63 28.34 109.57
C GLU A 3397 45.13 29.46 108.67
N PHE A 3398 44.18 29.16 107.78
CA PHE A 3398 43.56 30.20 106.95
C PHE A 3398 42.79 31.18 107.81
N SER A 3399 42.10 30.70 108.85
CA SER A 3399 41.31 31.58 109.71
C SER A 3399 42.20 32.60 110.42
N VAL A 3400 43.30 32.13 111.03
CA VAL A 3400 44.22 33.05 111.70
C VAL A 3400 44.94 33.94 110.67
N LEU A 3401 45.28 33.40 109.50
CA LEU A 3401 45.88 34.19 108.43
C LEU A 3401 44.94 35.30 107.96
N CYS A 3402 43.66 34.98 107.77
CA CYS A 3402 42.65 35.98 107.45
C CYS A 3402 42.51 37.02 108.56
N ARG A 3403 42.57 36.58 109.82
CA ARG A 3403 42.46 37.52 110.93
C ARG A 3403 43.62 38.51 110.94
N ASP A 3404 44.84 38.00 110.74
CA ASP A 3404 46.00 38.87 110.75
C ASP A 3404 46.03 39.77 109.52
N LEU A 3405 45.64 39.26 108.36
CA LEU A 3405 45.58 40.11 107.17
C LEU A 3405 44.51 41.19 107.33
N TYR A 3406 43.35 40.81 107.88
CA TYR A 3406 42.22 41.71 108.03
C TYR A 3406 42.46 42.74 109.13
N ALA A 3407 43.51 42.56 109.92
CA ALA A 3407 43.91 43.58 110.88
C ALA A 3407 45.09 44.42 110.38
N LEU A 3408 45.99 43.79 109.62
CA LEU A 3408 47.14 44.50 109.07
C LEU A 3408 46.71 45.47 107.98
N TYR A 3409 45.72 45.08 107.17
CA TYR A 3409 45.38 45.86 105.97
C TYR A 3409 44.86 47.28 106.22
N PRO A 3410 43.87 47.55 107.10
CA PRO A 3410 43.38 48.96 107.22
C PRO A 3410 44.44 49.98 107.57
N LEU A 3411 45.40 49.62 108.40
CA LEU A 3411 46.53 50.50 108.69
C LEU A 3411 47.56 50.52 107.57
N LEU A 3412 47.74 49.41 106.85
CA LEU A 3412 48.65 49.39 105.70
C LEU A 3412 48.14 50.27 104.55
N ILE A 3413 46.83 50.23 104.28
CA ILE A 3413 46.24 50.95 103.15
C ILE A 3413 46.43 52.46 103.30
N ARG A 3414 46.15 52.98 104.50
CA ARG A 3414 46.39 54.40 104.78
C ARG A 3414 47.88 54.71 104.69
N TYR A 3415 48.71 53.78 105.17
CA TYR A 3415 50.17 53.95 105.10
C TYR A 3415 50.63 54.03 103.66
N VAL A 3416 50.09 53.16 102.81
CA VAL A 3416 50.41 53.18 101.39
C VAL A 3416 49.86 54.45 100.72
N ASP A 3417 48.60 54.80 101.04
CA ASP A 3417 47.88 55.85 100.31
C ASP A 3417 48.55 57.21 100.40
N ASN A 3418 49.01 57.60 101.58
CA ASN A 3418 49.70 58.87 101.72
C ASN A 3418 51.04 58.86 100.99
N ASN A 3419 51.72 57.72 100.97
CA ASN A 3419 52.99 57.52 100.29
C ASN A 3419 52.86 57.16 98.81
N ARG A 3420 51.63 57.04 98.29
CA ARG A 3420 51.43 56.68 96.89
C ARG A 3420 52.08 57.68 95.95
N ALA A 3421 51.79 58.97 96.15
CA ALA A 3421 52.41 60.03 95.36
C ALA A 3421 53.92 60.04 95.54
N HIS A 3422 54.39 59.63 96.71
CA HIS A 3422 55.83 59.62 96.96
CA HIS A 3422 55.83 59.59 96.97
C HIS A 3422 56.51 58.51 96.15
N TRP A 3423 55.94 57.30 96.18
CA TRP A 3423 56.56 56.16 95.53
C TRP A 3423 56.47 56.27 94.03
N LEU A 3424 55.45 56.95 93.51
CA LEU A 3424 55.48 57.23 92.07
C LEU A 3424 56.42 58.38 91.74
N THR A 3425 56.57 59.36 92.63
CA THR A 3425 57.46 60.50 92.38
C THR A 3425 58.91 60.05 92.28
N GLU A 3426 59.32 59.13 93.15
CA GLU A 3426 60.65 58.57 93.01
C GLU A 3426 60.52 57.07 93.26
N PRO A 3427 61.13 56.24 92.43
CA PRO A 3427 61.07 54.79 92.64
C PRO A 3427 61.67 54.37 93.97
N ASN A 3428 61.01 53.43 94.63
CA ASN A 3428 61.39 52.99 95.97
C ASN A 3428 61.53 51.47 95.92
N ALA A 3429 62.75 50.97 96.16
CA ALA A 3429 62.97 49.53 96.21
C ALA A 3429 62.17 48.87 97.33
N ASN A 3430 61.98 49.57 98.45
CA ASN A 3430 61.12 49.10 99.52
C ASN A 3430 59.68 48.91 99.05
N ALA A 3431 59.18 49.86 98.25
CA ALA A 3431 57.88 49.68 97.60
C ALA A 3431 57.90 48.52 96.62
N GLU A 3432 58.97 48.37 95.84
CA GLU A 3432 59.06 47.31 94.85
C GLU A 3432 58.99 45.93 95.50
N GLU A 3433 59.75 45.74 96.59
CA GLU A 3433 59.71 44.47 97.30
C GLU A 3433 58.37 44.29 98.02
N LEU A 3434 57.75 45.38 98.52
CA LEU A 3434 56.40 45.29 99.06
C LEU A 3434 55.45 44.75 98.02
N PHE A 3435 55.51 45.30 96.80
CA PHE A 3435 54.62 44.88 95.73
C PHE A 3435 54.86 43.43 95.36
N ARG A 3436 56.12 42.98 95.45
CA ARG A 3436 56.43 41.57 95.21
C ARG A 3436 55.76 40.69 96.25
N MET A 3437 55.87 41.07 97.53
CA MET A 3437 55.37 40.23 98.61
C MET A 3437 53.84 40.16 98.57
N VAL A 3438 53.18 41.33 98.44
CA VAL A 3438 51.72 41.36 98.46
C VAL A 3438 51.18 40.69 97.20
N GLY A 3439 51.88 40.86 96.06
CA GLY A 3439 51.43 40.24 94.84
C GLY A 3439 51.50 38.73 94.91
N GLU A 3440 52.61 38.20 95.44
CA GLU A 3440 52.72 36.75 95.63
C GLU A 3440 51.67 36.23 96.61
N ILE A 3441 51.38 37.00 97.66
CA ILE A 3441 50.30 36.66 98.60
C ILE A 3441 48.97 36.50 97.86
N PHE A 3442 48.65 37.47 97.01
CA PHE A 3442 47.47 37.39 96.16
C PHE A 3442 47.54 36.21 95.19
N ILE A 3443 48.74 35.92 94.66
CA ILE A 3443 48.95 34.77 93.77
C ILE A 3443 48.58 33.46 94.45
N TYR A 3444 49.11 33.24 95.67
CA TYR A 3444 48.71 32.07 96.44
C TYR A 3444 47.23 32.10 96.84
N TRP A 3445 46.67 33.29 97.08
CA TRP A 3445 45.24 33.41 97.32
C TRP A 3445 44.43 32.93 96.11
N SER A 3446 44.86 33.29 94.90
CA SER A 3446 44.26 32.74 93.68
C SER A 3446 44.51 31.24 93.55
N LYS A 3447 45.65 30.76 94.04
CA LYS A 3447 46.00 29.35 93.89
C LYS A 3447 45.19 28.48 94.83
N SER A 3448 44.85 28.99 96.00
CA SER A 3448 44.15 28.23 97.04
C SER A 3448 42.69 28.64 97.06
N HIS A 3449 41.81 27.71 96.70
CA HIS A 3449 40.37 27.93 96.75
C HIS A 3449 39.83 27.86 98.17
N ASN A 3450 40.44 27.03 99.02
CA ASN A 3450 40.05 26.97 100.42
C ASN A 3450 40.31 28.30 101.12
N PHE A 3451 41.48 28.90 100.87
CA PHE A 3451 41.78 30.23 101.42
C PHE A 3451 40.78 31.28 100.92
N LYS A 3452 40.28 31.11 99.68
CA LYS A 3452 39.25 32.00 99.16
C LYS A 3452 37.97 31.82 99.95
N ARG A 3453 37.51 30.58 100.13
CA ARG A 3453 36.17 30.37 100.66
C ARG A 3453 36.13 30.71 102.16
N GLU A 3454 37.18 30.33 102.90
CA GLU A 3454 37.22 30.77 104.29
C GLU A 3454 37.52 32.25 104.44
N GLU A 3455 38.00 32.93 103.38
CA GLU A 3455 38.15 34.39 103.46
C GLU A 3455 36.78 35.05 103.63
N GLN A 3456 35.80 34.71 102.77
CA GLN A 3456 34.47 35.27 102.97
C GLN A 3456 33.77 34.64 104.17
N ASN A 3457 34.10 33.39 104.52
CA ASN A 3457 33.51 32.82 105.74
C ASN A 3457 33.93 33.60 106.98
N PHE A 3458 35.21 34.00 107.05
CA PHE A 3458 35.67 34.90 108.10
C PHE A 3458 34.99 36.25 108.00
N VAL A 3459 34.73 36.72 106.77
CA VAL A 3459 34.09 38.02 106.56
C VAL A 3459 32.68 38.00 107.12
N VAL A 3460 31.88 37.00 106.75
CA VAL A 3460 30.49 36.96 107.17
C VAL A 3460 30.37 36.67 108.66
N GLN A 3461 31.24 35.80 109.20
CA GLN A 3461 31.22 35.50 110.63
C GLN A 3461 31.62 36.70 111.49
N ASN A 3462 32.58 37.50 111.03
CA ASN A 3462 32.99 38.70 111.77
C ASN A 3462 32.26 39.96 111.31
N GLU A 3463 31.33 39.83 110.36
CA GLU A 3463 30.47 40.92 109.86
C GLU A 3463 31.30 42.11 109.36
N ILE A 3464 32.29 41.79 108.54
CA ILE A 3464 33.21 42.79 108.00
C ILE A 3464 32.46 43.68 107.01
N ASN A 3465 32.35 44.97 107.34
CA ASN A 3465 31.64 45.94 106.51
C ASN A 3465 32.43 46.34 105.26
N ASN A 3466 33.77 46.33 105.34
CA ASN A 3466 34.72 46.60 104.28
C ASN A 3466 34.65 48.03 103.72
N MET A 3467 33.84 48.91 104.30
CA MET A 3467 33.68 50.27 103.82
C MET A 3467 34.52 51.28 104.59
N SER A 3468 34.51 51.20 105.92
CA SER A 3468 35.40 52.01 106.73
C SER A 3468 36.87 51.62 106.58
N PHE A 3469 37.15 50.37 106.19
CA PHE A 3469 38.51 49.94 105.91
C PHE A 3469 39.11 50.73 104.74
N LEU A 3470 38.32 50.96 103.68
CA LEU A 3470 38.84 51.51 102.44
C LEU A 3470 38.55 53.00 102.27
N THR A 3471 37.43 53.49 102.78
CA THR A 3471 36.98 54.86 102.55
C THR A 3471 37.35 55.80 103.67
N ALA A 3472 38.23 55.38 104.59
CA ALA A 3472 38.56 56.17 105.77
C ALA A 3472 39.17 57.52 105.42
N ASP A 3473 40.08 57.55 104.44
CA ASP A 3473 40.65 58.81 103.98
C ASP A 3473 39.57 59.69 103.36
N SER A 3474 38.67 59.08 102.56
CA SER A 3474 37.55 59.81 101.98
C SER A 3474 36.63 60.37 103.07
N LYS A 3475 36.36 59.57 104.11
CA LYS A 3475 35.53 60.05 105.21
C LYS A 3475 36.22 61.20 105.94
N SER A 3476 37.54 61.10 106.12
CA SER A 3476 38.27 62.09 106.89
C SER A 3476 38.45 63.41 106.14
N LYS A 3477 38.39 63.37 104.80
CA LYS A 3477 38.58 64.59 104.00
C LYS A 3477 37.27 65.18 103.52
N MET A 3478 36.19 65.03 104.31
CA MET A 3478 34.87 65.63 104.10
C MET A 3478 34.30 65.20 102.73
N ALA A 3479 33.98 63.90 102.67
CA ALA A 3479 33.41 63.26 101.49
C ALA A 3479 32.16 63.97 100.97
N ARG A 3498 23.41 46.42 101.88
CA ARG A 3498 22.73 45.99 100.66
C ARG A 3498 23.45 44.80 100.04
N ARG A 3499 24.10 45.01 98.90
CA ARG A 3499 24.79 43.94 98.20
C ARG A 3499 26.10 43.58 98.90
N GLY A 3500 26.97 44.56 99.10
CA GLY A 3500 28.28 44.33 99.68
C GLY A 3500 28.31 44.36 101.19
N ASP A 3501 27.15 44.44 101.84
CA ASP A 3501 27.07 44.40 103.30
C ASP A 3501 27.62 43.08 103.83
N ARG A 3502 27.23 41.97 103.20
CA ARG A 3502 27.70 40.67 103.67
C ARG A 3502 29.07 40.35 103.09
N TYR A 3503 29.16 40.23 101.77
CA TYR A 3503 30.44 40.00 101.10
C TYR A 3503 30.28 40.34 99.62
N SER A 3504 31.39 40.77 99.01
CA SER A 3504 31.50 40.99 97.58
C SER A 3504 32.98 40.91 97.23
N VAL A 3505 33.31 40.12 96.19
CA VAL A 3505 34.69 39.87 95.79
C VAL A 3505 35.40 41.17 95.38
N GLN A 3506 34.64 42.13 94.84
CA GLN A 3506 35.19 43.45 94.52
C GLN A 3506 35.67 44.21 95.76
N THR A 3507 35.19 43.85 96.94
CA THR A 3507 35.59 44.49 98.19
C THR A 3507 36.55 43.64 99.01
N SER A 3508 37.04 42.52 98.45
CA SER A 3508 38.04 41.69 99.13
C SER A 3508 39.29 42.52 99.36
N LEU A 3509 39.77 42.53 100.60
CA LEU A 3509 40.88 43.41 100.95
C LEU A 3509 42.21 42.99 100.29
N ILE A 3510 42.45 41.70 100.07
CA ILE A 3510 43.70 41.27 99.45
C ILE A 3510 43.82 41.79 98.02
N VAL A 3511 42.73 41.65 97.25
CA VAL A 3511 42.70 42.21 95.90
C VAL A 3511 42.65 43.72 95.94
N ALA A 3512 41.92 44.31 96.90
CA ALA A 3512 41.84 45.77 96.97
C ALA A 3512 43.21 46.38 97.26
N THR A 3513 43.92 45.80 98.24
CA THR A 3513 45.26 46.26 98.61
C THR A 3513 46.19 46.19 97.41
N LEU A 3514 46.06 45.10 96.64
CA LEU A 3514 46.82 44.99 95.40
C LEU A 3514 46.42 46.07 94.40
N LYS A 3515 45.12 46.35 94.25
CA LYS A 3515 44.67 47.31 93.23
C LYS A 3515 45.17 48.72 93.56
N LYS A 3516 45.02 49.13 94.82
CA LYS A 3516 45.49 50.44 95.24
C LYS A 3516 47.00 50.57 95.13
N MET A 3517 47.75 49.50 95.45
CA MET A 3517 49.19 49.63 95.35
C MET A 3517 49.72 49.40 93.92
N LEU A 3518 48.88 48.86 93.03
CA LEU A 3518 49.26 48.38 91.70
C LEU A 3518 50.05 49.36 90.81
N PRO A 3519 49.66 50.64 90.61
CA PRO A 3519 50.46 51.50 89.72
C PRO A 3519 51.91 51.67 90.15
N ILE A 3520 52.18 51.67 91.47
CA ILE A 3520 53.56 51.64 91.94
C ILE A 3520 54.23 50.37 91.47
N GLY A 3521 53.51 49.24 91.54
CA GLY A 3521 54.06 48.00 91.03
C GLY A 3521 54.22 47.98 89.52
N LEU A 3522 53.57 48.89 88.81
CA LEU A 3522 53.76 49.06 87.38
C LEU A 3522 54.76 50.16 87.05
N ASN A 3523 55.29 50.83 88.05
CA ASN A 3523 56.11 52.02 87.82
C ASN A 3523 57.46 51.67 87.24
N MET A 3524 58.14 50.64 87.78
CA MET A 3524 59.53 50.39 87.41
C MET A 3524 59.65 49.83 86.00
N CYS A 3525 58.63 49.13 85.51
CA CYS A 3525 58.72 48.44 84.23
C CYS A 3525 58.76 49.44 83.07
N ALA A 3526 59.72 49.22 82.15
CA ALA A 3526 59.86 50.08 81.00
C ALA A 3526 58.72 49.84 80.01
N PRO A 3527 58.31 50.88 79.28
CA PRO A 3527 57.29 50.67 78.24
C PRO A 3527 57.67 49.67 77.15
N THR A 3528 58.96 49.58 76.76
CA THR A 3528 59.38 48.54 75.83
C THR A 3528 59.17 47.13 76.36
N ASP A 3529 59.12 46.96 77.68
CA ASP A 3529 58.84 45.67 78.28
C ASP A 3529 57.40 45.22 78.10
N GLN A 3530 56.50 46.07 77.60
CA GLN A 3530 55.09 45.73 77.48
C GLN A 3530 54.86 44.51 76.58
N ASP A 3531 55.55 44.47 75.44
CA ASP A 3531 55.48 43.27 74.59
C ASP A 3531 55.91 42.02 75.34
N LEU A 3532 56.98 42.13 76.15
CA LEU A 3532 57.37 41.02 77.02
C LEU A 3532 56.29 40.70 78.03
N ILE A 3533 55.52 41.71 78.45
CA ILE A 3533 54.47 41.53 79.44
C ILE A 3533 53.36 40.69 78.85
N MET A 3534 52.79 41.16 77.72
CA MET A 3534 51.70 40.43 77.05
C MET A 3534 52.13 39.02 76.64
N LEU A 3535 53.38 38.84 76.17
CA LEU A 3535 53.87 37.50 75.87
C LEU A 3535 53.88 36.60 77.11
N ALA A 3536 54.45 37.10 78.22
CA ALA A 3536 54.41 36.35 79.47
C ALA A 3536 52.98 36.12 79.96
N LYS A 3537 52.07 37.06 79.68
CA LYS A 3537 50.65 36.86 79.97
C LYS A 3537 50.10 35.68 79.20
N THR A 3538 50.44 35.60 77.90
CA THR A 3538 50.01 34.45 77.10
C THR A 3538 50.56 33.14 77.64
N ARG A 3539 51.84 33.11 78.04
CA ARG A 3539 52.42 31.92 78.68
C ARG A 3539 51.71 31.54 80.00
N TYR A 3540 51.39 32.54 80.82
CA TYR A 3540 50.58 32.31 82.02
C TYR A 3540 49.17 31.87 81.68
N ALA A 3541 48.61 32.32 80.56
CA ALA A 3541 47.31 31.82 80.16
C ALA A 3541 47.44 30.39 79.65
N LEU A 3542 48.60 30.07 79.03
CA LEU A 3542 48.90 28.71 78.59
C LEU A 3542 49.40 27.82 79.72
N LYS A 3543 49.20 28.27 80.98
CA LYS A 3543 49.49 27.50 82.19
C LYS A 3543 50.96 27.09 82.34
N ASP A 3544 51.82 28.10 82.42
CA ASP A 3544 53.25 27.86 82.58
C ASP A 3544 53.68 28.43 83.92
N THR A 3545 54.61 27.73 84.57
CA THR A 3545 55.06 28.08 85.91
C THR A 3545 56.04 29.24 85.85
N ASP A 3546 56.41 29.75 87.04
CA ASP A 3546 57.27 30.92 87.13
C ASP A 3546 58.66 30.68 86.54
N GLU A 3547 59.25 29.51 86.80
CA GLU A 3547 60.57 29.22 86.21
C GLU A 3547 60.46 29.04 84.70
N GLU A 3548 59.37 28.42 84.24
CA GLU A 3548 59.17 28.23 82.81
C GLU A 3548 59.01 29.56 82.09
N VAL A 3549 58.18 30.47 82.63
CA VAL A 3549 58.05 31.79 81.99
C VAL A 3549 59.36 32.56 82.10
N ARG A 3550 60.17 32.31 83.14
CA ARG A 3550 61.47 32.96 83.27
C ARG A 3550 62.39 32.57 82.11
N GLU A 3551 62.53 31.27 81.87
CA GLU A 3551 63.34 30.84 80.73
C GLU A 3551 62.69 31.18 79.38
N PHE A 3552 61.35 31.22 79.31
CA PHE A 3552 60.68 31.75 78.12
C PHE A 3552 61.09 33.19 77.81
N LEU A 3553 61.14 34.04 78.84
CA LEU A 3553 61.65 35.40 78.69
C LEU A 3553 63.12 35.40 78.25
N GLN A 3554 63.94 34.54 78.87
CA GLN A 3554 65.37 34.55 78.57
C GLN A 3554 65.62 34.07 77.14
N ASN A 3555 64.90 33.05 76.69
CA ASN A 3555 65.00 32.67 75.29
C ASN A 3555 64.35 33.70 74.37
N ASN A 3556 63.49 34.58 74.91
CA ASN A 3556 62.82 35.58 74.08
C ASN A 3556 63.22 36.98 74.50
N LEU A 3557 64.52 37.20 74.74
CA LEU A 3557 65.02 38.51 75.15
C LEU A 3557 64.91 39.56 74.06
N HIS A 3558 64.80 39.15 72.79
CA HIS A 3558 64.69 40.07 71.67
C HIS A 3558 63.25 40.29 71.21
N LEU A 3559 62.30 40.20 72.14
CA LEU A 3559 60.89 40.39 71.83
C LEU A 3559 60.31 41.63 72.49
N GLN A 3560 61.16 42.56 72.92
CA GLN A 3560 60.71 43.76 73.63
C GLN A 3560 60.04 44.73 72.65
N GLY A 3561 59.64 45.88 73.19
CA GLY A 3561 59.12 46.94 72.36
C GLY A 3561 60.19 47.74 71.66
N LYS A 3562 59.78 48.42 70.60
CA LYS A 3562 60.66 49.25 69.77
C LYS A 3562 60.13 50.67 69.80
N VAL A 3563 61.00 51.61 70.19
CA VAL A 3563 60.61 53.02 70.28
C VAL A 3563 60.28 53.58 68.89
N GLU A 3564 61.04 53.17 67.87
CA GLU A 3564 60.79 53.64 66.52
C GLU A 3564 59.47 53.12 65.97
N GLY A 3565 59.02 51.95 66.43
CA GLY A 3565 57.78 51.35 65.96
C GLY A 3565 56.51 51.99 66.48
N SER A 3566 56.61 52.91 67.44
CA SER A 3566 55.43 53.57 67.98
C SER A 3566 55.78 54.99 68.42
N PRO A 3567 55.16 56.00 67.81
CA PRO A 3567 55.44 57.40 68.21
C PRO A 3567 55.12 57.73 69.66
N SER A 3568 54.13 57.05 70.24
CA SER A 3568 53.78 57.27 71.65
C SER A 3568 54.95 56.92 72.57
N LEU A 3569 55.70 55.87 72.25
CA LEU A 3569 56.85 55.49 73.06
C LEU A 3569 57.94 56.55 73.10
N ARG A 3570 57.98 57.45 72.11
CA ARG A 3570 58.99 58.51 72.10
C ARG A 3570 58.82 59.44 73.30
N TRP A 3571 57.59 59.92 73.53
CA TRP A 3571 57.39 60.76 74.70
C TRP A 3571 57.34 59.93 75.96
N GLN A 3572 56.91 58.66 75.86
CA GLN A 3572 56.89 57.79 77.03
C GLN A 3572 58.30 57.64 77.59
N MET A 3573 59.25 57.24 76.74
CA MET A 3573 60.64 57.10 77.17
C MET A 3573 61.26 58.43 77.62
N ALA A 3574 60.89 59.54 76.98
CA ALA A 3574 61.36 60.85 77.46
C ALA A 3574 60.92 61.14 78.89
N LEU A 3575 59.66 60.87 79.22
CA LEU A 3575 59.21 61.00 80.61
C LEU A 3575 59.71 59.86 81.49
N TYR A 3576 59.90 58.68 80.93
CA TYR A 3576 60.39 57.52 81.68
C TYR A 3576 61.82 57.76 82.14
N ARG A 3577 62.70 58.16 81.23
CA ARG A 3577 64.08 58.43 81.60
C ARG A 3577 64.19 59.74 82.38
N GLY A 3578 63.16 60.60 82.33
CA GLY A 3578 63.16 61.79 83.17
C GLY A 3578 63.11 61.51 84.67
N LEU A 3579 62.78 60.27 85.06
CA LEU A 3579 62.76 59.90 86.47
C LEU A 3579 64.18 59.85 87.05
N PRO A 3580 64.37 60.32 88.29
CA PRO A 3580 65.70 60.23 88.92
C PRO A 3580 66.22 58.82 89.10
N GLY A 3581 65.34 57.86 89.41
CA GLY A 3581 65.74 56.52 89.76
C GLY A 3581 66.03 55.57 88.63
N ARG A 3582 65.96 56.04 87.39
CA ARG A 3582 66.26 55.21 86.21
C ARG A 3582 67.76 55.02 86.10
N GLU A 3583 68.27 54.04 86.83
CA GLU A 3583 69.67 53.64 86.69
C GLU A 3583 69.87 53.02 85.31
N GLU A 3584 70.92 53.42 84.62
CA GLU A 3584 71.15 52.97 83.25
C GLU A 3584 71.94 51.67 83.19
N ASP A 3585 72.35 51.13 84.34
CA ASP A 3585 73.01 49.84 84.39
C ASP A 3585 72.14 48.74 84.98
N ALA A 3586 71.13 49.10 85.77
CA ALA A 3586 70.27 48.12 86.42
C ALA A 3586 69.27 47.48 85.47
N ASP A 3587 69.20 47.91 84.21
CA ASP A 3587 68.33 47.29 83.23
C ASP A 3587 68.96 46.05 82.61
N ASP A 3588 69.49 45.16 83.45
CA ASP A 3588 70.07 43.93 82.96
C ASP A 3588 68.96 43.00 82.49
N PRO A 3589 69.29 42.05 81.57
CA PRO A 3589 68.27 41.09 81.09
C PRO A 3589 67.59 40.30 82.19
N GLU A 3590 68.34 39.87 83.21
CA GLU A 3590 67.73 39.06 84.25
C GLU A 3590 66.89 39.90 85.18
N LYS A 3591 67.32 41.14 85.44
CA LYS A 3591 66.59 42.01 86.35
C LYS A 3591 65.25 42.39 85.74
N ILE A 3592 65.26 42.72 84.44
CA ILE A 3592 64.03 43.17 83.80
C ILE A 3592 63.09 41.98 83.65
N VAL A 3593 63.62 40.77 83.33
CA VAL A 3593 62.70 39.65 83.13
C VAL A 3593 62.06 39.26 84.45
N ARG A 3594 62.80 39.33 85.58
CA ARG A 3594 62.23 38.98 86.87
C ARG A 3594 61.10 39.95 87.26
N ARG A 3595 61.35 41.26 87.15
CA ARG A 3595 60.29 42.22 87.48
C ARG A 3595 59.08 42.10 86.52
N VAL A 3596 59.35 41.88 85.22
CA VAL A 3596 58.29 41.68 84.25
C VAL A 3596 57.50 40.41 84.55
N GLN A 3597 58.18 39.32 84.90
CA GLN A 3597 57.50 38.08 85.30
C GLN A 3597 56.61 38.27 86.52
N GLU A 3598 57.11 39.02 87.51
CA GLU A 3598 56.31 39.30 88.70
C GLU A 3598 55.03 40.07 88.37
N VAL A 3599 55.14 41.14 87.57
CA VAL A 3599 53.93 41.85 87.19
C VAL A 3599 53.08 41.07 86.20
N SER A 3600 53.69 40.14 85.44
CA SER A 3600 52.94 39.27 84.55
C SER A 3600 52.02 38.36 85.33
N ALA A 3601 52.57 37.67 86.33
CA ALA A 3601 51.77 36.77 87.15
C ALA A 3601 50.71 37.55 87.92
N VAL A 3602 51.10 38.71 88.47
CA VAL A 3602 50.20 39.50 89.31
C VAL A 3602 48.99 39.96 88.50
N LEU A 3603 49.24 40.56 87.33
CA LEU A 3603 48.15 41.12 86.56
C LEU A 3603 47.36 40.03 85.84
N TYR A 3604 48.01 38.92 85.47
CA TYR A 3604 47.28 37.79 84.89
C TYR A 3604 46.26 37.25 85.88
N HIS A 3605 46.69 36.94 87.11
CA HIS A 3605 45.75 36.48 88.14
C HIS A 3605 44.72 37.56 88.47
N LEU A 3606 45.13 38.83 88.33
CA LEU A 3606 44.22 39.96 88.59
C LEU A 3606 43.06 39.93 87.61
N GLU A 3607 43.35 39.87 86.30
CA GLU A 3607 42.25 39.85 85.34
C GLU A 3607 41.45 38.56 85.43
N GLN A 3608 42.11 37.44 85.81
CA GLN A 3608 41.40 36.18 86.04
C GLN A 3608 40.42 36.28 87.21
N THR A 3609 40.65 37.22 88.12
CA THR A 3609 39.84 37.32 89.32
C THR A 3609 38.78 38.39 89.15
N GLU A 3610 39.14 39.60 88.69
CA GLU A 3610 38.14 40.61 88.35
C GLU A 3610 37.23 40.21 87.17
N HIS A 3611 37.54 39.15 86.43
CA HIS A 3611 36.67 38.63 85.36
C HIS A 3611 36.76 37.12 85.30
N PRO A 3612 36.19 36.41 86.29
CA PRO A 3612 36.21 34.94 86.23
C PRO A 3612 35.45 34.30 85.08
N TYR A 3613 34.24 34.79 84.75
CA TYR A 3613 33.38 34.33 83.62
C TYR A 3613 33.11 32.83 83.70
N LYS A 3614 32.89 32.34 84.93
CA LYS A 3614 32.66 30.91 85.17
C LYS A 3614 31.37 30.40 84.55
N SER A 3615 30.29 31.20 84.58
CA SER A 3615 28.90 30.88 84.20
C SER A 3615 28.66 30.02 82.96
N LYS A 3616 27.40 29.55 82.80
CA LYS A 3616 26.81 28.77 81.68
C LYS A 3616 27.06 27.29 81.89
N LYS A 3617 27.28 26.88 83.14
CA LYS A 3617 27.42 25.48 83.50
C LYS A 3617 26.38 25.00 84.49
N ALA A 3618 25.99 25.81 85.46
CA ALA A 3618 24.89 25.49 86.37
C ALA A 3618 23.82 26.55 86.19
N VAL A 3619 22.92 26.31 85.23
CA VAL A 3619 21.89 27.25 84.85
C VAL A 3619 20.54 26.69 85.31
N TRP A 3620 19.64 27.61 85.70
CA TRP A 3620 18.26 27.29 86.06
C TRP A 3620 17.58 26.62 84.87
N HIS A 3621 17.26 25.33 84.99
CA HIS A 3621 16.84 24.53 83.85
C HIS A 3621 15.42 23.99 83.96
N LYS A 3622 14.86 23.91 85.16
CA LYS A 3622 13.50 23.44 85.48
C LYS A 3622 13.11 22.15 84.72
N LEU A 3623 13.91 21.10 84.99
CA LEU A 3623 13.71 19.77 84.43
C LEU A 3623 12.31 19.24 84.72
N LEU A 3624 11.97 19.10 86.00
CA LEU A 3624 10.65 18.63 86.39
C LEU A 3624 10.07 19.35 87.59
N SER A 3625 10.75 20.35 88.15
CA SER A 3625 10.33 20.98 89.41
C SER A 3625 8.99 21.69 89.26
N LYS A 3626 8.82 22.46 88.18
CA LYS A 3626 7.59 23.24 87.98
C LYS A 3626 6.35 22.38 87.80
N GLN A 3627 6.52 21.12 87.39
CA GLN A 3627 5.40 20.22 87.12
C GLN A 3627 5.27 19.07 88.11
N ARG A 3628 6.30 18.82 88.95
CA ARG A 3628 6.27 17.65 89.83
C ARG A 3628 6.58 18.02 91.28
N ARG A 3629 6.34 19.27 91.70
CA ARG A 3629 6.62 19.61 93.09
C ARG A 3629 5.46 19.30 94.01
N ARG A 3630 4.29 18.99 93.45
CA ARG A 3630 3.15 18.57 94.26
C ARG A 3630 3.45 17.22 94.92
N ALA A 3631 4.02 16.30 94.13
CA ALA A 3631 4.19 14.92 94.57
C ALA A 3631 5.33 14.80 95.56
N VAL A 3632 6.42 15.55 95.38
CA VAL A 3632 7.60 15.36 96.22
C VAL A 3632 7.27 15.71 97.68
N VAL A 3633 6.60 16.84 97.88
CA VAL A 3633 6.13 17.26 99.20
C VAL A 3633 5.03 16.34 99.71
N ALA A 3634 4.15 15.89 98.80
CA ALA A 3634 3.13 14.92 99.20
C ALA A 3634 3.77 13.62 99.67
N CYS A 3635 4.76 13.12 98.94
CA CYS A 3635 5.49 11.92 99.34
C CYS A 3635 6.22 12.09 100.67
N PHE A 3636 6.70 13.31 100.99
CA PHE A 3636 7.17 13.57 102.34
C PHE A 3636 6.07 13.59 103.39
N ARG A 3637 4.84 13.99 103.04
CA ARG A 3637 3.84 14.33 104.06
C ARG A 3637 2.49 13.66 103.82
N MET A 3638 2.47 12.51 103.17
CA MET A 3638 1.23 11.78 102.92
C MET A 3638 0.92 10.83 104.08
N THR A 3639 -0.06 9.97 103.87
CA THR A 3639 -0.40 8.95 104.84
C THR A 3639 0.52 7.75 104.68
N PRO A 3640 1.21 7.32 105.74
CA PRO A 3640 1.94 6.06 105.68
C PRO A 3640 0.96 4.91 105.52
N LEU A 3641 1.45 3.84 104.86
CA LEU A 3641 0.58 2.75 104.40
C LEU A 3641 -0.15 2.09 105.57
N TYR A 3642 0.53 1.93 106.71
CA TYR A 3642 -0.10 1.28 107.86
C TYR A 3642 -1.23 2.09 108.47
N ASN A 3643 -1.39 3.36 108.11
CA ASN A 3643 -2.48 4.18 108.62
C ASN A 3643 -3.68 4.22 107.69
N LEU A 3644 -3.66 3.45 106.60
CA LEU A 3644 -4.78 3.37 105.68
C LEU A 3644 -5.88 2.49 106.23
N PRO A 3645 -7.15 2.76 105.88
CA PRO A 3645 -8.24 1.87 106.29
C PRO A 3645 -8.11 0.51 105.63
N THR A 3646 -8.65 -0.50 106.34
CA THR A 3646 -8.48 -1.89 105.96
C THR A 3646 -9.13 -2.19 104.61
N HIS A 3647 -10.37 -1.72 104.42
CA HIS A 3647 -11.10 -2.02 103.19
C HIS A 3647 -10.42 -1.41 101.96
N ARG A 3648 -9.95 -0.15 102.09
CA ARG A 3648 -9.19 0.48 101.02
C ARG A 3648 -7.90 -0.28 100.73
N ALA A 3649 -7.17 -0.63 101.80
CA ALA A 3649 -5.90 -1.33 101.65
C ALA A 3649 -6.09 -2.67 100.94
N CYS A 3650 -7.12 -3.42 101.34
CA CYS A 3650 -7.40 -4.70 100.68
C CYS A 3650 -7.84 -4.49 99.23
N ASN A 3651 -8.53 -3.38 98.96
CA ASN A 3651 -8.97 -3.07 97.61
C ASN A 3651 -7.76 -2.89 96.69
N MET A 3652 -6.81 -2.04 97.09
CA MET A 3652 -5.61 -1.95 96.26
C MET A 3652 -4.79 -3.24 96.29
N PHE A 3653 -4.90 -4.02 97.37
CA PHE A 3653 -4.14 -5.25 97.52
C PHE A 3653 -4.50 -6.24 96.42
N LEU A 3654 -5.80 -6.41 96.17
CA LEU A 3654 -6.25 -7.42 95.22
C LEU A 3654 -5.85 -7.04 93.81
N GLU A 3655 -6.08 -5.76 93.43
CA GLU A 3655 -5.79 -5.32 92.07
C GLU A 3655 -4.29 -5.36 91.80
N SER A 3656 -3.47 -5.13 92.84
CA SER A 3656 -2.03 -5.34 92.68
C SER A 3656 -1.71 -6.82 92.55
N TYR A 3657 -2.37 -7.65 93.37
CA TYR A 3657 -2.06 -9.08 93.43
C TYR A 3657 -2.34 -9.78 92.11
N LYS A 3658 -3.48 -9.48 91.47
CA LYS A 3658 -3.79 -10.08 90.18
C LYS A 3658 -2.73 -9.74 89.12
N ALA A 3659 -2.30 -8.47 89.08
CA ALA A 3659 -1.24 -8.05 88.18
C ALA A 3659 0.10 -8.71 88.52
N ALA A 3660 0.29 -9.09 89.78
CA ALA A 3660 1.58 -9.65 90.18
C ALA A 3660 1.64 -11.18 90.07
N TRP A 3661 0.56 -11.88 90.34
CA TRP A 3661 0.56 -13.33 90.35
C TRP A 3661 -0.43 -13.96 89.38
N ILE A 3662 -1.64 -13.42 89.27
CA ILE A 3662 -2.66 -14.04 88.42
C ILE A 3662 -2.34 -13.79 86.95
N LEU A 3663 -2.15 -12.52 86.58
CA LEU A 3663 -1.85 -12.17 85.20
C LEU A 3663 -0.52 -12.77 84.74
N THR A 3664 0.49 -12.75 85.61
CA THR A 3664 1.79 -13.32 85.30
C THR A 3664 1.77 -14.83 85.17
N GLU A 3665 0.74 -15.50 85.70
CA GLU A 3665 0.69 -16.96 85.73
C GLU A 3665 0.60 -17.53 84.32
N ASP A 3666 1.27 -18.65 84.09
CA ASP A 3666 1.27 -19.35 82.82
C ASP A 3666 0.60 -20.70 83.01
N HIS A 3667 -0.33 -21.03 82.13
CA HIS A 3667 -1.08 -22.28 82.22
C HIS A 3667 -1.55 -22.65 80.81
N SER A 3668 -0.85 -23.59 80.18
CA SER A 3668 -1.20 -24.05 78.85
C SER A 3668 -2.10 -25.28 78.96
N PHE A 3669 -3.27 -25.19 78.35
CA PHE A 3669 -4.25 -26.28 78.36
C PHE A 3669 -4.89 -26.49 77.00
N GLU A 3670 -4.44 -25.76 75.98
CA GLU A 3670 -5.07 -25.78 74.66
C GLU A 3670 -4.96 -27.17 74.04
N ASP A 3671 -3.79 -27.79 74.19
CA ASP A 3671 -3.58 -29.12 73.63
C ASP A 3671 -4.47 -30.14 74.29
N ARG A 3672 -4.57 -30.12 75.63
CA ARG A 3672 -5.44 -31.08 76.30
C ARG A 3672 -6.91 -30.81 76.04
N MET A 3673 -7.31 -29.54 75.82
CA MET A 3673 -8.62 -29.15 75.28
C MET A 3673 -8.95 -29.95 74.04
N ILE A 3674 -8.16 -29.72 72.99
CA ILE A 3674 -8.48 -30.32 71.70
C ILE A 3674 -8.33 -31.84 71.77
N ASP A 3675 -7.28 -32.34 72.43
CA ASP A 3675 -7.09 -33.78 72.56
C ASP A 3675 -8.24 -34.46 73.29
N ASP A 3676 -8.95 -33.75 74.18
CA ASP A 3676 -10.19 -34.32 74.73
C ASP A 3676 -11.32 -34.23 73.72
N LEU A 3677 -11.45 -33.13 73.01
CA LEU A 3677 -12.61 -32.96 72.14
C LEU A 3677 -12.45 -33.62 70.77
N SER A 3678 -11.31 -34.24 70.49
CA SER A 3678 -11.03 -34.78 69.17
C SER A 3678 -11.22 -36.29 69.08
N LYS A 3679 -11.77 -36.92 70.11
CA LYS A 3679 -11.87 -38.38 70.16
C LYS A 3679 -13.31 -38.84 70.05
N ALA A 3680 -13.49 -40.02 69.46
CA ALA A 3680 -14.79 -40.68 69.39
C ALA A 3680 -14.82 -41.75 70.46
N GLY A 3681 -15.32 -41.38 71.64
CA GLY A 3681 -15.26 -42.24 72.80
C GLY A 3681 -16.38 -43.24 72.92
N GLU A 3682 -16.09 -44.52 72.64
CA GLU A 3682 -17.00 -45.66 72.84
C GLU A 3682 -18.30 -45.50 72.04
N GLN A 3683 -18.18 -45.50 70.72
CA GLN A 3683 -19.31 -45.61 69.82
C GLN A 3683 -19.19 -46.80 68.88
N GLU A 3684 -18.12 -47.58 68.98
CA GLU A 3684 -17.93 -48.75 68.15
C GLU A 3684 -18.94 -49.86 68.42
N GLU A 3685 -19.61 -49.82 69.59
CA GLU A 3685 -20.53 -50.89 69.97
C GLU A 3685 -21.79 -50.90 69.11
N GLU A 3686 -22.33 -49.73 68.77
CA GLU A 3686 -23.56 -49.67 67.99
C GLU A 3686 -23.33 -50.06 66.53
N GLU A 3687 -22.26 -49.54 65.92
CA GLU A 3687 -21.81 -49.84 64.55
C GLU A 3687 -22.95 -49.75 63.52
N GLU A 3688 -23.40 -48.52 63.30
CA GLU A 3688 -24.44 -48.23 62.32
C GLU A 3688 -23.87 -48.49 60.90
N GLU A 3689 -24.78 -48.69 59.94
CA GLU A 3689 -24.41 -48.99 58.56
C GLU A 3689 -23.61 -47.86 57.91
N VAL A 3690 -23.99 -46.61 58.16
CA VAL A 3690 -23.35 -45.47 57.52
C VAL A 3690 -21.89 -45.41 57.96
N GLU A 3691 -20.99 -45.10 57.02
CA GLU A 3691 -19.60 -44.87 57.37
C GLU A 3691 -19.42 -43.66 58.29
N GLU A 3692 -20.16 -42.56 58.02
CA GLU A 3692 -20.21 -41.24 58.70
C GLU A 3692 -19.73 -41.30 60.14
N LYS A 3693 -18.49 -40.86 60.41
CA LYS A 3693 -17.95 -40.83 61.75
C LYS A 3693 -18.82 -39.96 62.65
N LYS A 3694 -19.75 -40.63 63.35
CA LYS A 3694 -20.89 -39.95 63.98
C LYS A 3694 -20.47 -38.97 65.09
N PRO A 3695 -19.65 -39.31 66.09
CA PRO A 3695 -19.39 -38.29 67.12
C PRO A 3695 -18.17 -37.42 66.79
N ASP A 3696 -18.36 -36.11 66.96
CA ASP A 3696 -17.24 -35.19 66.79
C ASP A 3696 -17.47 -33.87 67.51
N PRO A 3697 -17.05 -33.76 68.79
CA PRO A 3697 -17.31 -32.54 69.59
C PRO A 3697 -16.78 -31.25 68.99
N LEU A 3698 -15.57 -31.28 68.41
CA LEU A 3698 -15.03 -30.09 67.78
C LEU A 3698 -15.88 -29.73 66.57
N HIS A 3699 -16.19 -30.73 65.74
CA HIS A 3699 -16.87 -30.48 64.47
C HIS A 3699 -18.23 -29.86 64.74
N GLN A 3700 -18.93 -30.34 65.79
CA GLN A 3700 -20.19 -29.73 66.19
C GLN A 3700 -19.98 -28.29 66.64
N LEU A 3701 -18.91 -28.05 67.41
CA LEU A 3701 -18.61 -26.69 67.89
C LEU A 3701 -18.40 -25.72 66.72
N VAL A 3702 -17.56 -26.12 65.77
CA VAL A 3702 -17.29 -25.37 64.56
C VAL A 3702 -18.55 -25.18 63.72
N LEU A 3703 -19.34 -26.25 63.57
CA LEU A 3703 -20.61 -26.19 62.85
C LEU A 3703 -21.55 -25.18 63.49
N HIS A 3704 -21.64 -25.19 64.82
CA HIS A 3704 -22.47 -24.27 65.57
C HIS A 3704 -22.04 -22.82 65.33
N PHE A 3705 -20.72 -22.59 65.37
CA PHE A 3705 -20.21 -21.25 65.09
C PHE A 3705 -20.51 -20.84 63.65
N SER A 3706 -20.39 -21.77 62.70
CA SER A 3706 -20.79 -21.45 61.33
C SER A 3706 -22.29 -21.16 61.24
N ARG A 3707 -23.09 -21.86 62.06
CA ARG A 3707 -24.53 -21.68 62.07
C ARG A 3707 -24.88 -20.27 62.48
N THR A 3708 -24.33 -19.82 63.62
CA THR A 3708 -24.60 -18.46 64.03
C THR A 3708 -23.94 -17.46 63.08
N ALA A 3709 -22.85 -17.86 62.39
CA ALA A 3709 -22.21 -16.98 61.42
C ALA A 3709 -23.07 -16.73 60.19
N LEU A 3710 -24.01 -17.63 59.90
CA LEU A 3710 -24.81 -17.54 58.68
C LEU A 3710 -26.14 -16.83 58.87
N THR A 3711 -26.44 -16.31 60.06
CA THR A 3711 -27.74 -15.68 60.28
C THR A 3711 -27.88 -14.39 59.48
N GLU A 3712 -29.12 -14.00 59.23
CA GLU A 3712 -29.42 -12.80 58.44
C GLU A 3712 -29.49 -11.58 59.35
N LYS A 3713 -28.33 -11.20 59.86
CA LYS A 3713 -28.23 -10.19 60.89
C LYS A 3713 -27.44 -9.01 60.33
N SER A 3714 -27.94 -7.79 60.58
CA SER A 3714 -27.30 -6.59 60.07
C SER A 3714 -25.92 -6.37 60.68
N LYS A 3715 -25.83 -6.43 62.00
CA LYS A 3715 -24.58 -6.23 62.70
C LYS A 3715 -24.10 -7.53 63.31
N LEU A 3716 -22.79 -7.66 63.44
CA LEU A 3716 -22.18 -8.87 63.98
C LEU A 3716 -21.75 -8.62 65.41
N ASP A 3717 -22.45 -9.25 66.35
CA ASP A 3717 -22.27 -9.03 67.78
C ASP A 3717 -20.95 -9.63 68.28
N GLU A 3718 -20.77 -9.63 69.59
CA GLU A 3718 -19.60 -10.18 70.24
C GLU A 3718 -19.96 -11.41 71.05
N ASP A 3719 -19.14 -12.45 70.97
CA ASP A 3719 -19.33 -13.67 71.75
C ASP A 3719 -18.05 -14.02 72.51
N TYR A 3720 -18.11 -13.96 73.84
CA TYR A 3720 -16.95 -14.22 74.68
C TYR A 3720 -16.47 -15.65 74.52
N LEU A 3721 -17.40 -16.60 74.37
CA LEU A 3721 -17.03 -17.98 74.11
C LEU A 3721 -16.30 -18.10 72.78
N TYR A 3722 -16.74 -17.33 71.77
CA TYR A 3722 -16.04 -17.32 70.49
C TYR A 3722 -14.61 -16.81 70.63
N MET A 3723 -14.42 -15.73 71.41
CA MET A 3723 -13.08 -15.30 71.84
C MET A 3723 -12.28 -16.43 72.45
N ALA A 3724 -12.86 -17.11 73.44
CA ALA A 3724 -12.15 -18.13 74.19
C ALA A 3724 -11.75 -19.29 73.30
N TYR A 3725 -12.73 -19.85 72.59
CA TYR A 3725 -12.50 -21.07 71.83
C TYR A 3725 -11.61 -20.80 70.63
N ALA A 3726 -11.89 -19.71 69.91
CA ALA A 3726 -11.09 -19.34 68.74
C ALA A 3726 -9.65 -19.06 69.12
N ASP A 3727 -9.43 -18.39 70.26
CA ASP A 3727 -8.06 -18.21 70.76
C ASP A 3727 -7.42 -19.54 71.13
N ILE A 3728 -8.19 -20.43 71.78
CA ILE A 3728 -7.64 -21.71 72.23
C ILE A 3728 -7.15 -22.53 71.05
N MET A 3729 -8.01 -22.68 70.03
CA MET A 3729 -7.59 -23.39 68.83
C MET A 3729 -6.54 -22.63 68.03
N ALA A 3730 -6.47 -21.30 68.15
CA ALA A 3730 -5.38 -20.57 67.52
C ALA A 3730 -4.05 -20.88 68.19
N LYS A 3731 -4.04 -20.88 69.53
CA LYS A 3731 -2.83 -21.15 70.31
C LYS A 3731 -2.40 -22.60 70.22
N SER A 3732 -3.29 -23.50 69.80
CA SER A 3732 -2.98 -24.92 69.88
C SER A 3732 -2.11 -25.43 68.75
N CYS A 3733 -1.95 -24.67 67.66
CA CYS A 3733 -1.26 -25.21 66.49
C CYS A 3733 0.24 -24.95 66.51
N HIS A 3734 0.65 -23.70 66.77
CA HIS A 3734 2.06 -23.33 66.67
C HIS A 3734 2.94 -24.13 67.66
N LEU A 3735 2.67 -24.00 68.97
CA LEU A 3735 3.42 -24.65 70.06
C LEU A 3735 4.93 -24.47 69.94
N GLU A 3736 5.34 -23.26 69.54
CA GLU A 3736 6.75 -22.97 69.28
C GLU A 3736 7.03 -21.49 69.46
N VAL A 3749 23.68 -24.85 68.98
CA VAL A 3749 22.56 -23.97 68.66
C VAL A 3749 22.13 -24.18 67.21
N GLU A 3750 22.86 -25.02 66.48
CA GLU A 3750 22.47 -25.42 65.15
C GLU A 3750 21.81 -26.79 65.23
N VAL A 3751 20.60 -26.89 64.69
CA VAL A 3751 19.77 -28.08 64.79
C VAL A 3751 19.46 -28.59 63.38
N SER A 3752 19.63 -29.89 63.16
CA SER A 3752 19.71 -30.38 61.79
C SER A 3752 18.33 -30.62 61.18
N PHE A 3753 18.37 -30.88 59.86
CA PHE A 3753 17.19 -30.97 59.01
C PHE A 3753 16.33 -32.17 59.37
N GLU A 3754 16.97 -33.31 59.72
CA GLU A 3754 16.25 -34.56 59.89
C GLU A 3754 15.31 -34.48 61.08
N GLU A 3755 15.65 -33.66 62.08
CA GLU A 3755 14.74 -33.47 63.20
C GLU A 3755 13.91 -32.20 63.02
N LYS A 3756 14.30 -31.30 62.10
CA LYS A 3756 13.45 -30.15 61.80
C LYS A 3756 12.13 -30.60 61.19
N GLU A 3757 12.22 -31.49 60.20
CA GLU A 3757 11.00 -31.99 59.55
C GLU A 3757 10.04 -32.67 60.51
N MET A 3758 10.54 -33.20 61.64
CA MET A 3758 9.65 -33.81 62.63
C MET A 3758 8.72 -32.77 63.24
N GLU A 3759 9.24 -31.59 63.58
CA GLU A 3759 8.39 -30.57 64.19
C GLU A 3759 7.43 -30.02 63.16
N LYS A 3760 7.91 -29.78 61.92
CA LYS A 3760 6.96 -29.32 60.91
C LYS A 3760 5.88 -30.35 60.60
N GLN A 3761 6.24 -31.63 60.46
CA GLN A 3761 5.22 -32.65 60.16
C GLN A 3761 4.20 -32.76 61.29
N ARG A 3762 4.62 -32.53 62.54
CA ARG A 3762 3.62 -32.53 63.60
C ARG A 3762 2.77 -31.26 63.56
N LEU A 3763 3.36 -30.13 63.15
CA LEU A 3763 2.61 -28.88 63.06
C LEU A 3763 1.50 -29.03 62.02
N LEU A 3764 1.82 -29.68 60.89
CA LEU A 3764 0.80 -29.97 59.88
C LEU A 3764 -0.28 -30.85 60.49
N TYR A 3765 0.11 -31.84 61.29
CA TYR A 3765 -0.83 -32.79 61.86
C TYR A 3765 -1.88 -32.08 62.71
N GLN A 3766 -1.43 -31.16 63.56
CA GLN A 3766 -2.34 -30.34 64.37
C GLN A 3766 -3.23 -29.44 63.51
N GLN A 3767 -2.64 -28.83 62.48
CA GLN A 3767 -3.43 -28.05 61.54
C GLN A 3767 -4.45 -28.92 60.82
N SER A 3768 -4.06 -30.15 60.45
CA SER A 3768 -5.01 -31.10 59.87
C SER A 3768 -6.12 -31.43 60.85
N ARG A 3769 -5.76 -31.55 62.13
CA ARG A 3769 -6.69 -31.90 63.21
C ARG A 3769 -7.77 -30.85 63.36
N LEU A 3770 -7.50 -29.65 62.83
CA LEU A 3770 -8.46 -28.56 62.93
C LEU A 3770 -9.19 -28.37 61.61
N HIS A 3771 -8.45 -28.18 60.50
CA HIS A 3771 -9.08 -27.85 59.22
C HIS A 3771 -9.95 -28.97 58.69
N THR A 3772 -9.66 -30.24 59.03
CA THR A 3772 -10.53 -31.32 58.56
C THR A 3772 -11.91 -31.30 59.22
N ARG A 3773 -12.11 -30.49 60.25
CA ARG A 3773 -13.39 -30.38 60.91
C ARG A 3773 -14.11 -29.07 60.59
N GLY A 3774 -13.85 -28.50 59.42
CA GLY A 3774 -14.53 -27.31 58.98
C GLY A 3774 -14.08 -25.97 59.53
N ALA A 3775 -13.06 -25.95 60.41
CA ALA A 3775 -12.58 -24.67 60.96
C ALA A 3775 -12.07 -23.73 59.86
N ALA A 3776 -11.57 -24.32 58.76
CA ALA A 3776 -11.07 -23.54 57.63
C ALA A 3776 -12.21 -22.71 57.06
N GLU A 3777 -13.33 -23.36 56.78
CA GLU A 3777 -14.49 -22.64 56.25
C GLU A 3777 -15.03 -21.67 57.29
N MET A 3778 -15.00 -22.09 58.57
CA MET A 3778 -15.58 -21.31 59.66
C MET A 3778 -14.97 -19.91 59.72
N VAL A 3779 -13.64 -19.85 59.56
CA VAL A 3779 -12.94 -18.58 59.51
C VAL A 3779 -13.45 -17.75 58.34
N LEU A 3780 -13.70 -18.42 57.21
CA LEU A 3780 -14.08 -17.76 55.97
C LEU A 3780 -15.42 -17.07 56.12
N GLN A 3781 -16.41 -17.79 56.66
CA GLN A 3781 -17.73 -17.18 56.82
C GLN A 3781 -17.65 -16.03 57.81
N MET A 3782 -16.88 -16.19 58.90
CA MET A 3782 -16.80 -15.10 59.88
C MET A 3782 -16.21 -13.83 59.28
N ILE A 3783 -15.19 -13.97 58.40
CA ILE A 3783 -14.66 -12.82 57.65
C ILE A 3783 -15.73 -12.24 56.74
N SER A 3784 -16.53 -13.09 56.08
CA SER A 3784 -17.63 -12.57 55.28
C SER A 3784 -18.65 -11.83 56.13
N ALA A 3785 -18.92 -12.36 57.33
CA ALA A 3785 -19.97 -11.82 58.19
C ALA A 3785 -19.57 -10.52 58.89
N CYS A 3786 -18.26 -10.26 59.05
CA CYS A 3786 -17.90 -9.05 59.81
C CYS A 3786 -18.22 -7.75 59.08
N LYS A 3787 -18.54 -7.82 57.78
CA LYS A 3787 -18.94 -6.68 56.94
C LYS A 3787 -17.92 -5.53 56.94
N GLY A 3788 -16.65 -5.87 57.11
CA GLY A 3788 -15.63 -4.84 57.12
C GLY A 3788 -15.60 -3.99 58.36
N GLU A 3789 -16.16 -4.48 59.46
CA GLU A 3789 -16.16 -3.77 60.74
C GLU A 3789 -15.04 -4.32 61.59
N THR A 3790 -14.09 -3.46 61.96
CA THR A 3790 -12.97 -3.88 62.78
C THR A 3790 -13.43 -4.26 64.17
N GLY A 3791 -12.70 -5.19 64.79
CA GLY A 3791 -13.05 -5.61 66.13
C GLY A 3791 -12.11 -6.68 66.66
N ALA A 3792 -12.37 -7.03 67.92
CA ALA A 3792 -11.58 -8.06 68.57
C ALA A 3792 -11.89 -9.44 68.00
N MET A 3793 -13.17 -9.74 67.75
CA MET A 3793 -13.56 -11.07 67.30
C MET A 3793 -13.01 -11.37 65.91
N VAL A 3794 -13.09 -10.41 64.98
CA VAL A 3794 -12.46 -10.57 63.67
C VAL A 3794 -10.94 -10.63 63.81
N SER A 3795 -10.36 -9.86 64.75
CA SER A 3795 -8.92 -9.97 64.99
C SER A 3795 -8.52 -11.37 65.45
N SER A 3796 -9.31 -11.98 66.34
CA SER A 3796 -9.08 -13.37 66.72
C SER A 3796 -9.32 -14.31 65.55
N THR A 3797 -10.25 -13.96 64.66
CA THR A 3797 -10.58 -14.80 63.53
C THR A 3797 -9.37 -14.93 62.62
N LEU A 3798 -8.78 -13.78 62.25
CA LEU A 3798 -7.55 -13.82 61.45
C LEU A 3798 -6.43 -14.51 62.21
N LYS A 3799 -6.33 -14.28 63.53
CA LYS A 3799 -5.30 -14.95 64.34
C LYS A 3799 -5.40 -16.47 64.23
N LEU A 3800 -6.63 -16.98 64.15
CA LEU A 3800 -6.85 -18.39 63.87
C LEU A 3800 -6.47 -18.74 62.44
N GLY A 3801 -6.86 -17.89 61.48
CA GLY A 3801 -6.61 -18.18 60.08
C GLY A 3801 -5.12 -18.34 59.84
N ILE A 3802 -4.33 -17.46 60.45
CA ILE A 3802 -2.88 -17.57 60.36
C ILE A 3802 -2.40 -18.81 61.09
N SER A 3803 -3.06 -19.15 62.22
CA SER A 3803 -2.65 -20.32 62.99
C SER A 3803 -2.79 -21.62 62.20
N ILE A 3804 -3.76 -21.67 61.28
CA ILE A 3804 -3.90 -22.83 60.41
C ILE A 3804 -3.17 -22.69 59.08
N LEU A 3805 -2.95 -21.46 58.60
CA LEU A 3805 -2.21 -21.22 57.37
C LEU A 3805 -0.71 -21.13 57.54
N ASN A 3806 -0.21 -21.16 58.78
CA ASN A 3806 1.22 -21.09 59.05
C ASN A 3806 1.96 -22.26 58.41
N GLY A 3807 3.12 -21.95 57.82
CA GLY A 3807 3.87 -22.91 57.05
C GLY A 3807 3.42 -23.04 55.60
N GLY A 3808 2.46 -22.22 55.17
CA GLY A 3808 1.98 -22.22 53.80
C GLY A 3808 1.31 -23.52 53.42
N ASN A 3809 0.22 -23.84 54.10
CA ASN A 3809 -0.48 -25.10 53.86
C ASN A 3809 -1.20 -25.07 52.52
N ALA A 3810 -0.73 -25.91 51.60
CA ALA A 3810 -1.23 -25.95 50.23
C ALA A 3810 -2.67 -26.40 50.18
N GLU A 3811 -2.97 -27.54 50.81
CA GLU A 3811 -4.31 -28.09 50.74
C GLU A 3811 -5.32 -27.22 51.47
N VAL A 3812 -4.90 -26.53 52.55
CA VAL A 3812 -5.76 -25.55 53.19
C VAL A 3812 -6.09 -24.42 52.23
N GLN A 3813 -5.07 -23.93 51.49
CA GLN A 3813 -5.30 -22.94 50.43
C GLN A 3813 -6.27 -23.46 49.38
N GLN A 3814 -6.15 -24.74 49.02
CA GLN A 3814 -7.05 -25.37 48.07
C GLN A 3814 -8.49 -25.39 48.59
N LYS A 3815 -8.67 -25.76 49.86
CA LYS A 3815 -9.99 -25.76 50.48
C LYS A 3815 -10.58 -24.36 50.52
N MET A 3816 -9.75 -23.36 50.84
CA MET A 3816 -10.15 -21.95 50.81
C MET A 3816 -10.68 -21.58 49.42
N LEU A 3817 -9.88 -21.89 48.40
CA LEU A 3817 -10.23 -21.55 47.02
C LEU A 3817 -11.51 -22.25 46.61
N ASP A 3818 -11.64 -23.54 46.94
CA ASP A 3818 -12.81 -24.30 46.54
C ASP A 3818 -14.07 -23.74 47.19
N TYR A 3819 -13.97 -23.33 48.47
CA TYR A 3819 -15.12 -22.80 49.18
C TYR A 3819 -15.58 -21.50 48.53
N LEU A 3820 -14.63 -20.62 48.19
CA LEU A 3820 -15.02 -19.38 47.51
C LEU A 3820 -15.61 -19.69 46.15
N LYS A 3821 -14.97 -20.61 45.42
CA LYS A 3821 -15.37 -20.87 44.04
C LYS A 3821 -16.80 -21.39 43.96
N ASP A 3822 -17.17 -22.33 44.83
CA ASP A 3822 -18.53 -22.84 44.74
C ASP A 3822 -19.54 -22.00 45.52
N LYS A 3823 -19.11 -21.14 46.45
CA LYS A 3823 -20.10 -20.27 47.09
C LYS A 3823 -20.38 -19.00 46.30
N LYS A 3824 -19.36 -18.44 45.64
CA LYS A 3824 -19.42 -17.21 44.86
C LYS A 3824 -19.96 -16.06 45.72
N GLU A 3825 -19.29 -15.88 46.85
CA GLU A 3825 -19.65 -14.83 47.80
C GLU A 3825 -18.92 -13.54 47.43
N VAL A 3826 -19.62 -12.41 47.55
CA VAL A 3826 -19.10 -11.09 47.20
C VAL A 3826 -18.54 -10.37 48.43
N GLY A 3827 -19.26 -10.46 49.53
CA GLY A 3827 -18.97 -9.65 50.69
C GLY A 3827 -17.65 -9.98 51.35
N PHE A 3828 -17.12 -11.20 51.12
CA PHE A 3828 -15.85 -11.57 51.73
C PHE A 3828 -14.75 -10.60 51.32
N PHE A 3829 -14.59 -10.42 50.01
CA PHE A 3829 -13.66 -9.43 49.50
C PHE A 3829 -14.13 -8.01 49.76
N GLN A 3830 -15.45 -7.78 49.78
CA GLN A 3830 -15.93 -6.44 50.16
C GLN A 3830 -15.48 -6.06 51.57
N SER A 3831 -15.62 -7.01 52.50
CA SER A 3831 -15.16 -6.85 53.88
C SER A 3831 -13.66 -6.67 53.94
N ILE A 3832 -12.92 -7.49 53.18
CA ILE A 3832 -11.45 -7.41 53.18
C ILE A 3832 -10.99 -6.03 52.74
N GLN A 3833 -11.60 -5.53 51.66
CA GLN A 3833 -11.34 -4.17 51.17
C GLN A 3833 -11.68 -3.12 52.22
N ALA A 3834 -12.85 -3.22 52.85
CA ALA A 3834 -13.24 -2.26 53.88
C ALA A 3834 -12.32 -2.30 55.09
N LEU A 3835 -11.94 -3.51 55.53
CA LEU A 3835 -11.05 -3.68 56.67
C LEU A 3835 -9.70 -3.06 56.38
N MET A 3836 -9.20 -3.25 55.15
CA MET A 3836 -7.88 -2.72 54.85
C MET A 3836 -7.94 -1.21 54.68
N GLN A 3837 -9.06 -0.69 54.16
CA GLN A 3837 -9.21 0.75 54.02
C GLN A 3837 -9.28 1.43 55.38
N THR A 3838 -9.82 0.74 56.38
CA THR A 3838 -9.95 1.36 57.71
C THR A 3838 -8.68 1.28 58.53
N CYS A 3839 -7.66 0.56 58.06
CA CYS A 3839 -6.41 0.45 58.79
C CYS A 3839 -5.72 1.81 58.89
N SER A 3840 -5.12 2.08 60.05
CA SER A 3840 -4.64 3.41 60.33
C SER A 3840 -3.27 3.65 59.71
N VAL A 3841 -2.85 4.91 59.74
CA VAL A 3841 -1.54 5.34 59.27
C VAL A 3841 -1.00 6.35 60.28
N LEU A 3842 0.32 6.59 60.19
CA LEU A 3842 0.99 7.55 61.06
C LEU A 3842 0.41 8.95 60.93
N ASP A 3843 0.26 9.61 62.07
CA ASP A 3843 -0.33 10.94 62.14
C ASP A 3843 0.52 11.83 63.04
N LEU A 3844 0.56 13.11 62.70
CA LEU A 3844 1.36 14.07 63.46
C LEU A 3844 0.61 14.58 64.68
N ASN A 3845 -0.65 14.98 64.47
CA ASN A 3845 -1.46 15.63 65.50
C ASN A 3845 -1.58 14.77 66.75
N ALA A 3846 -1.91 13.48 66.58
CA ALA A 3846 -2.04 12.57 67.72
C ALA A 3846 -0.70 12.39 68.41
N PHE A 3847 0.39 12.33 67.63
CA PHE A 3847 1.71 12.10 68.21
C PHE A 3847 2.12 13.26 69.10
N GLU A 3848 2.00 14.49 68.58
CA GLU A 3848 2.39 15.66 69.37
C GLU A 3848 1.47 15.84 70.57
N ARG A 3849 0.16 15.53 70.40
CA ARG A 3849 -0.77 15.61 71.52
C ARG A 3849 -0.36 14.64 72.63
N GLN A 3850 0.06 13.43 72.24
CA GLN A 3850 0.57 12.47 73.21
C GLN A 3850 1.84 12.97 73.87
N ASN A 3851 2.72 13.63 73.09
CA ASN A 3851 3.96 14.15 73.64
C ASN A 3851 3.68 15.20 74.70
N LYS A 3852 2.72 16.09 74.44
CA LYS A 3852 2.34 17.08 75.43
C LYS A 3852 1.71 16.42 76.66
N ALA A 3853 0.90 15.38 76.44
CA ALA A 3853 0.29 14.67 77.56
C ALA A 3853 1.34 14.05 78.47
N GLU A 3854 2.37 13.43 77.88
CA GLU A 3854 3.50 12.98 78.70
C GLU A 3854 4.24 14.15 79.32
N GLY A 3855 4.20 15.32 78.65
CA GLY A 3855 4.82 16.51 79.19
C GLY A 3855 4.20 16.97 80.49
N LEU A 3856 2.88 16.76 80.63
CA LEU A 3856 2.22 17.11 81.89
C LEU A 3856 2.73 16.28 83.06
N GLY A 3857 2.91 14.96 82.86
CA GLY A 3857 3.37 14.10 83.93
C GLY A 3857 2.40 14.02 85.10
N MET A 3858 1.17 13.64 84.82
CA MET A 3858 0.07 13.73 85.76
C MET A 3858 0.19 12.72 86.90
N VAL A 3859 -0.65 12.92 87.92
CA VAL A 3859 -0.87 11.95 88.98
C VAL A 3859 -2.38 11.79 89.15
N ASN A 3860 -2.77 10.63 89.65
CA ASN A 3860 -4.16 10.37 90.00
C ASN A 3860 -4.37 10.69 91.48
N GLU A 3861 -5.53 10.33 92.00
CA GLU A 3861 -5.86 10.59 93.40
C GLU A 3861 -5.64 9.37 94.28
N ASP A 3862 -5.80 8.17 93.73
CA ASP A 3862 -5.56 6.94 94.47
C ASP A 3862 -4.08 6.57 94.32
N GLY A 3863 -3.24 7.29 95.05
CA GLY A 3863 -1.81 7.12 94.94
C GLY A 3863 -1.21 7.82 93.73
N THR A 3864 -0.26 7.15 93.07
CA THR A 3864 0.44 7.68 91.91
C THR A 3864 1.04 6.51 91.15
N VAL A 3865 0.94 6.55 89.82
CA VAL A 3865 1.61 5.58 88.95
C VAL A 3865 2.65 6.33 88.13
N ILE A 3866 3.86 5.78 88.09
CA ILE A 3866 4.99 6.42 87.43
C ILE A 3866 5.01 5.96 85.97
N ASN A 3867 4.82 6.92 85.05
CA ASN A 3867 4.86 6.72 83.59
C ASN A 3867 3.91 5.61 83.14
N ARG A 3868 2.62 5.86 83.37
CA ARG A 3868 1.60 4.90 82.98
C ARG A 3868 1.51 4.80 81.46
N GLN A 3869 1.10 3.63 80.99
CA GLN A 3869 0.99 3.35 79.55
C GLN A 3869 -0.48 3.40 79.13
N ASN A 3870 -1.21 4.40 79.63
CA ASN A 3870 -2.61 4.65 79.28
C ASN A 3870 -2.82 4.77 77.77
N GLY A 3871 -4.09 4.65 77.31
CA GLY A 3871 -4.47 4.43 75.92
C GLY A 3871 -3.67 5.11 74.83
N GLU A 3872 -3.13 4.30 73.91
CA GLU A 3872 -2.25 4.77 72.86
C GLU A 3872 -3.04 5.03 71.59
N LYS A 3873 -2.94 6.26 71.06
CA LYS A 3873 -3.73 6.67 69.91
C LYS A 3873 -2.94 6.58 68.61
N VAL A 3874 -1.69 6.12 68.65
CA VAL A 3874 -0.86 5.97 67.48
C VAL A 3874 -0.52 4.50 67.32
N MET A 3875 -0.91 3.91 66.18
CA MET A 3875 -0.71 2.48 65.89
C MET A 3875 -1.34 1.57 66.93
N ALA A 3876 -2.54 1.93 67.38
CA ALA A 3876 -3.27 1.08 68.31
C ALA A 3876 -3.60 -0.26 67.65
N ASP A 3877 -3.98 -0.20 66.37
CA ASP A 3877 -4.42 -1.33 65.58
C ASP A 3877 -3.27 -1.95 64.78
N ASP A 3878 -2.03 -1.70 65.20
CA ASP A 3878 -0.88 -2.07 64.39
C ASP A 3878 -0.81 -3.58 64.21
N GLU A 3879 -1.00 -4.37 65.29
CA GLU A 3879 -0.96 -5.83 65.16
C GLU A 3879 -2.07 -6.36 64.26
N PHE A 3880 -3.20 -5.64 64.21
CA PHE A 3880 -4.28 -5.93 63.25
C PHE A 3880 -3.77 -5.72 61.83
N THR A 3881 -3.00 -4.66 61.60
CA THR A 3881 -2.49 -4.49 60.26
C THR A 3881 -1.35 -5.48 59.98
N GLN A 3882 -0.55 -5.82 61.00
CA GLN A 3882 0.50 -6.82 60.88
C GLN A 3882 -0.06 -8.15 60.41
N ASP A 3883 -1.07 -8.64 61.11
CA ASP A 3883 -1.52 -9.98 60.83
C ASP A 3883 -2.46 -10.03 59.63
N LEU A 3884 -3.09 -8.91 59.25
CA LEU A 3884 -3.96 -8.93 58.07
C LEU A 3884 -3.14 -9.31 56.83
N PHE A 3885 -2.05 -8.58 56.61
CA PHE A 3885 -1.16 -8.90 55.51
C PHE A 3885 -0.42 -10.21 55.73
N ARG A 3886 -0.08 -10.57 56.99
CA ARG A 3886 0.47 -11.90 57.24
C ARG A 3886 -0.47 -13.02 56.81
N PHE A 3887 -1.77 -12.79 56.98
CA PHE A 3887 -2.81 -13.70 56.51
C PHE A 3887 -2.83 -13.78 54.99
N LEU A 3888 -2.81 -12.61 54.31
CA LEU A 3888 -2.85 -12.62 52.86
C LEU A 3888 -1.58 -13.27 52.27
N GLN A 3889 -0.43 -13.00 52.91
CA GLN A 3889 0.82 -13.61 52.47
C GLN A 3889 0.75 -15.12 52.61
N LEU A 3890 0.18 -15.60 53.73
CA LEU A 3890 0.10 -17.04 53.95
C LEU A 3890 -0.82 -17.68 52.92
N LEU A 3891 -1.98 -17.06 52.65
CA LEU A 3891 -2.89 -17.63 51.67
C LEU A 3891 -2.37 -17.56 50.24
N CYS A 3892 -1.28 -16.82 50.00
CA CYS A 3892 -0.64 -16.88 48.70
C CYS A 3892 0.72 -17.56 48.75
N GLU A 3893 1.11 -18.11 49.90
CA GLU A 3893 2.40 -18.77 50.05
C GLU A 3893 2.43 -20.04 49.19
N GLY A 3894 3.65 -20.49 48.87
CA GLY A 3894 3.82 -21.65 48.02
C GLY A 3894 3.61 -21.41 46.55
N HIS A 3895 3.58 -20.14 46.12
CA HIS A 3895 3.36 -19.73 44.72
C HIS A 3895 2.06 -20.33 44.17
N ASN A 3896 0.95 -19.93 44.79
CA ASN A 3896 -0.37 -20.40 44.40
C ASN A 3896 -0.92 -19.53 43.27
N ASN A 3897 -0.44 -19.80 42.05
CA ASN A 3897 -0.90 -19.09 40.84
C ASN A 3897 -2.42 -19.19 40.67
N ASP A 3898 -3.01 -20.29 41.15
CA ASP A 3898 -4.45 -20.45 41.16
C ASP A 3898 -5.11 -19.37 42.00
N PHE A 3899 -4.48 -19.00 43.11
CA PHE A 3899 -5.12 -18.11 44.06
C PHE A 3899 -4.81 -16.65 43.74
N GLN A 3900 -3.58 -16.38 43.29
CA GLN A 3900 -3.17 -15.01 42.99
C GLN A 3900 -4.03 -14.40 41.90
N ASN A 3901 -4.27 -15.16 40.83
CA ASN A 3901 -5.14 -14.67 39.76
C ASN A 3901 -6.56 -14.49 40.25
N TYR A 3902 -6.96 -15.31 41.24
CA TYR A 3902 -8.31 -15.19 41.78
C TYR A 3902 -8.42 -13.91 42.61
N LEU A 3903 -7.31 -13.50 43.20
CA LEU A 3903 -7.29 -12.24 43.94
C LEU A 3903 -7.37 -11.06 42.99
N ARG A 3904 -6.56 -11.08 41.92
CA ARG A 3904 -6.55 -9.98 40.97
C ARG A 3904 -7.90 -9.84 40.27
N THR A 3905 -8.54 -10.96 39.97
CA THR A 3905 -9.88 -10.91 39.39
C THR A 3905 -10.67 -12.10 39.88
N GLN A 3906 -11.95 -11.87 40.13
CA GLN A 3906 -12.87 -12.91 40.57
C GLN A 3906 -13.72 -13.36 39.41
N THR A 3907 -13.41 -14.56 38.90
CA THR A 3907 -14.09 -15.09 37.73
C THR A 3907 -15.57 -15.34 38.00
N GLY A 3908 -15.87 -16.09 39.06
CA GLY A 3908 -17.25 -16.46 39.33
C GLY A 3908 -18.13 -15.30 39.75
N ASN A 3909 -17.60 -14.42 40.61
CA ASN A 3909 -18.40 -13.40 41.28
C ASN A 3909 -18.99 -12.38 40.31
N THR A 3910 -20.13 -11.82 40.71
CA THR A 3910 -20.81 -10.81 39.90
C THR A 3910 -19.98 -9.55 39.76
N THR A 3911 -19.40 -9.08 40.87
CA THR A 3911 -18.59 -7.88 40.89
C THR A 3911 -17.18 -8.24 41.35
N THR A 3912 -16.19 -7.77 40.60
CA THR A 3912 -14.80 -8.12 40.84
C THR A 3912 -14.13 -7.01 41.63
N ILE A 3913 -13.40 -7.38 42.69
CA ILE A 3913 -12.67 -6.44 43.52
C ILE A 3913 -11.19 -6.78 43.40
N ASN A 3914 -10.37 -5.79 43.05
CA ASN A 3914 -8.94 -6.03 42.83
C ASN A 3914 -8.19 -5.71 44.13
N ILE A 3915 -7.75 -6.78 44.77
CA ILE A 3915 -7.02 -6.70 46.03
C ILE A 3915 -5.69 -6.03 45.81
N ILE A 3916 -5.03 -6.34 44.69
CA ILE A 3916 -3.65 -5.91 44.47
C ILE A 3916 -3.56 -4.39 44.43
N ILE A 3917 -4.39 -3.76 43.59
CA ILE A 3917 -4.43 -2.30 43.49
C ILE A 3917 -4.86 -1.68 44.81
N CYS A 3918 -5.83 -2.30 45.51
CA CYS A 3918 -6.22 -1.78 46.82
C CYS A 3918 -5.07 -1.83 47.82
N THR A 3919 -4.30 -2.92 47.81
CA THR A 3919 -3.14 -3.08 48.67
C THR A 3919 -2.09 -2.01 48.37
N VAL A 3920 -1.89 -1.71 47.08
CA VAL A 3920 -1.00 -0.63 46.68
C VAL A 3920 -1.49 0.69 47.25
N ASP A 3921 -2.79 0.95 47.15
CA ASP A 3921 -3.35 2.21 47.62
C ASP A 3921 -3.14 2.38 49.13
N TYR A 3922 -3.25 1.27 49.87
CA TYR A 3922 -2.93 1.30 51.29
C TYR A 3922 -1.46 1.61 51.51
N LEU A 3923 -0.59 1.01 50.70
CA LEU A 3923 0.85 1.27 50.82
C LEU A 3923 1.14 2.74 50.56
N LEU A 3924 0.41 3.33 49.61
CA LEU A 3924 0.54 4.76 49.32
C LEU A 3924 0.19 5.61 50.53
N ARG A 3925 -0.92 5.27 51.21
CA ARG A 3925 -1.29 5.99 52.44
C ARG A 3925 -0.22 5.83 53.51
N LEU A 3926 0.33 4.62 53.61
CA LEU A 3926 1.41 4.35 54.56
C LEU A 3926 2.62 5.21 54.21
N GLN A 3927 2.93 5.27 52.92
CA GLN A 3927 4.13 5.95 52.44
C GLN A 3927 4.07 7.42 52.80
N GLU A 3928 2.92 8.05 52.54
CA GLU A 3928 2.71 9.44 52.95
C GLU A 3928 2.89 9.60 54.45
N SER A 3929 2.33 8.67 55.23
CA SER A 3929 2.36 8.78 56.69
C SER A 3929 3.78 8.73 57.23
N ILE A 3930 4.54 7.70 56.86
CA ILE A 3930 5.93 7.55 57.31
C ILE A 3930 6.80 8.66 56.74
N SER A 3931 6.54 9.05 55.49
CA SER A 3931 7.23 10.16 54.87
C SER A 3931 7.05 11.43 55.69
N ASP A 3932 5.79 11.82 55.94
CA ASP A 3932 5.48 13.07 56.64
C ASP A 3932 6.06 13.04 58.06
N PHE A 3933 6.12 11.85 58.67
CA PHE A 3933 6.77 11.72 59.97
C PHE A 3933 8.25 12.05 59.86
N TYR A 3934 8.91 11.59 58.78
CA TYR A 3934 10.24 12.13 58.50
C TYR A 3934 10.20 13.62 58.17
N TRP A 3935 9.11 14.10 57.55
CA TRP A 3935 8.95 15.52 57.24
C TRP A 3935 8.59 16.36 58.48
N TYR A 3936 8.79 15.79 59.66
CA TYR A 3936 8.62 16.45 60.94
C TYR A 3936 9.95 16.52 61.71
N TYR A 3937 11.04 16.03 61.12
CA TYR A 3937 12.30 15.81 61.82
C TYR A 3937 13.50 16.42 61.08
N SER A 3938 13.41 17.72 60.75
CA SER A 3938 14.60 18.45 60.32
C SER A 3938 15.12 19.40 61.40
N GLY A 3939 14.25 20.26 61.94
CA GLY A 3939 14.64 21.09 63.07
C GLY A 3939 15.11 20.30 64.28
N LYS A 3940 14.40 19.22 64.59
CA LYS A 3940 14.85 18.28 65.60
C LYS A 3940 15.93 17.38 65.01
N ASP A 3941 17.15 17.49 65.54
CA ASP A 3941 18.31 16.78 65.03
C ASP A 3941 18.56 15.46 65.74
N VAL A 3942 17.78 15.13 66.76
CA VAL A 3942 17.90 13.91 67.53
C VAL A 3942 16.51 13.30 67.63
N ILE A 3943 16.44 11.98 67.76
CA ILE A 3943 15.18 11.25 67.84
C ILE A 3943 15.05 10.67 69.23
N GLU A 3944 13.98 11.05 69.92
CA GLU A 3944 13.66 10.55 71.25
C GLU A 3944 13.01 9.16 71.21
N GLU A 3945 12.49 8.76 72.37
CA GLU A 3945 11.98 7.40 72.56
C GLU A 3945 10.70 7.17 71.77
N GLN A 3946 9.71 8.06 71.91
CA GLN A 3946 8.42 7.84 71.25
C GLN A 3946 8.59 7.83 69.73
N GLY A 3947 9.40 8.74 69.20
CA GLY A 3947 9.75 8.72 67.78
C GLY A 3947 10.40 7.42 67.34
N LYS A 3948 11.28 6.87 68.18
CA LYS A 3948 11.91 5.59 67.84
C LYS A 3948 10.89 4.45 67.91
N ARG A 3949 10.09 4.40 68.97
CA ARG A 3949 9.15 3.30 69.15
C ARG A 3949 8.06 3.36 68.08
N ASN A 3950 7.71 4.58 67.65
CA ASN A 3950 6.80 4.78 66.54
C ASN A 3950 7.38 4.16 65.29
N PHE A 3951 8.63 4.51 64.94
CA PHE A 3951 9.21 3.96 63.71
C PHE A 3951 9.35 2.46 63.78
N SER A 3952 9.69 1.94 64.98
CA SER A 3952 9.86 0.50 65.19
C SER A 3952 8.59 -0.27 64.85
N LYS A 3953 7.44 0.16 65.39
CA LYS A 3953 6.22 -0.55 65.03
C LYS A 3953 5.73 -0.18 63.63
N ALA A 3954 5.86 1.09 63.24
CA ALA A 3954 5.35 1.58 61.96
C ALA A 3954 5.99 0.89 60.76
N MET A 3955 7.31 0.70 60.81
CA MET A 3955 8.00 0.10 59.67
C MET A 3955 7.73 -1.39 59.54
N SER A 3956 7.40 -2.08 60.64
CA SER A 3956 7.07 -3.50 60.56
C SER A 3956 5.85 -3.75 59.68
N VAL A 3957 4.98 -2.74 59.58
CA VAL A 3957 3.85 -2.78 58.65
C VAL A 3957 4.37 -2.83 57.23
N ALA A 3958 5.27 -1.91 56.89
CA ALA A 3958 5.82 -1.83 55.53
C ALA A 3958 6.58 -3.11 55.18
N LYS A 3959 7.31 -3.65 56.15
CA LYS A 3959 8.02 -4.92 55.98
C LYS A 3959 7.05 -6.07 55.68
N GLN A 3960 5.94 -6.11 56.41
CA GLN A 3960 4.94 -7.16 56.19
C GLN A 3960 4.26 -6.98 54.84
N VAL A 3961 3.91 -5.74 54.49
CA VAL A 3961 3.25 -5.46 53.22
C VAL A 3961 4.18 -5.84 52.07
N PHE A 3962 5.46 -5.48 52.17
CA PHE A 3962 6.41 -5.80 51.12
C PHE A 3962 6.57 -7.30 50.96
N ASN A 3963 6.65 -8.04 52.08
CA ASN A 3963 6.65 -9.51 52.01
C ASN A 3963 5.37 -10.04 51.37
N SER A 3964 4.25 -9.34 51.58
CA SER A 3964 2.99 -9.76 51.00
C SER A 3964 3.05 -9.60 49.49
N LEU A 3965 3.49 -8.43 49.03
CA LEU A 3965 3.57 -8.15 47.59
C LEU A 3965 4.51 -9.15 46.91
N THR A 3966 5.60 -9.53 47.61
CA THR A 3966 6.51 -10.52 47.05
C THR A 3966 5.77 -11.82 46.83
N GLU A 3967 4.96 -12.21 47.83
CA GLU A 3967 4.20 -13.44 47.67
C GLU A 3967 3.14 -13.30 46.57
N TYR A 3968 2.66 -12.08 46.30
CA TYR A 3968 1.70 -11.93 45.22
C TYR A 3968 2.34 -12.04 43.85
N ILE A 3969 3.66 -11.81 43.77
CA ILE A 3969 4.29 -11.61 42.49
C ILE A 3969 5.19 -12.79 42.10
N GLN A 3970 5.83 -13.45 43.07
CA GLN A 3970 6.75 -14.55 42.76
C GLN A 3970 5.99 -15.71 42.12
N GLY A 3971 6.68 -16.44 41.25
CA GLY A 3971 6.10 -17.59 40.58
C GLY A 3971 6.31 -17.69 39.06
N PRO A 3972 6.16 -16.60 38.27
CA PRO A 3972 5.51 -15.31 38.50
C PRO A 3972 4.09 -15.22 37.93
N CYS A 3973 3.26 -14.33 38.47
CA CYS A 3973 1.91 -14.10 37.94
C CYS A 3973 1.96 -12.85 37.06
N THR A 3974 1.94 -13.07 35.74
CA THR A 3974 2.08 -11.96 34.79
C THR A 3974 0.95 -10.94 34.93
N GLY A 3975 -0.27 -11.42 35.13
CA GLY A 3975 -1.42 -10.52 35.26
C GLY A 3975 -1.25 -9.54 36.41
N ASN A 3976 -0.75 -10.04 37.55
CA ASN A 3976 -0.43 -9.18 38.67
C ASN A 3976 0.69 -8.23 38.31
N GLN A 3977 1.71 -8.73 37.61
CA GLN A 3977 2.85 -7.89 37.25
C GLN A 3977 2.40 -6.71 36.41
N GLN A 3978 1.48 -6.97 35.48
CA GLN A 3978 0.92 -5.90 34.65
C GLN A 3978 0.10 -4.93 35.51
N SER A 3979 -0.60 -5.46 36.51
CA SER A 3979 -1.41 -4.60 37.37
C SER A 3979 -0.52 -3.63 38.14
N LEU A 3980 0.59 -4.14 38.70
CA LEU A 3980 1.52 -3.25 39.38
C LEU A 3980 2.19 -2.29 38.42
N ALA A 3981 2.43 -2.74 37.19
CA ALA A 3981 2.98 -1.86 36.15
C ALA A 3981 2.07 -0.66 35.92
N HIS A 3982 0.76 -0.87 36.02
CA HIS A 3982 -0.18 0.24 35.86
C HIS A 3982 -0.66 0.81 37.18
N SER A 3983 -0.08 0.39 38.30
CA SER A 3983 -0.47 0.87 39.62
C SER A 3983 0.20 2.20 39.96
N ARG A 3984 0.05 2.63 41.22
CA ARG A 3984 0.72 3.79 41.78
C ARG A 3984 1.95 3.40 42.61
N LEU A 3985 2.39 2.15 42.43
CA LEU A 3985 3.49 1.60 43.21
C LEU A 3985 4.77 2.38 42.99
N TRP A 3986 5.04 2.78 41.75
CA TRP A 3986 6.28 3.47 41.40
C TRP A 3986 6.44 4.75 42.20
N ASP A 3987 5.38 5.57 42.25
CA ASP A 3987 5.40 6.81 43.00
C ASP A 3987 5.59 6.55 44.49
N ALA A 3988 4.94 5.48 45.00
CA ALA A 3988 5.20 5.08 46.39
C ALA A 3988 6.65 4.66 46.61
N VAL A 3989 7.23 4.00 45.61
CA VAL A 3989 8.63 3.57 45.67
C VAL A 3989 9.53 4.78 45.76
N VAL A 3990 9.22 5.83 44.97
CA VAL A 3990 10.01 7.06 44.95
C VAL A 3990 10.01 7.66 46.34
N GLY A 3991 8.80 7.77 46.94
CA GLY A 3991 8.68 8.43 48.23
C GLY A 3991 9.49 7.69 49.28
N PHE A 3992 9.42 6.35 49.26
CA PHE A 3992 10.21 5.52 50.17
C PHE A 3992 11.70 5.74 49.97
N LEU A 3993 12.14 5.80 48.72
CA LEU A 3993 13.56 6.01 48.42
C LEU A 3993 14.07 7.32 49.01
N HIS A 3994 13.35 8.42 48.75
CA HIS A 3994 13.76 9.72 49.29
C HIS A 3994 13.78 9.74 50.83
N VAL A 3995 12.80 9.08 51.45
CA VAL A 3995 12.81 8.94 52.91
C VAL A 3995 14.01 8.15 53.40
N PHE A 3996 14.28 6.99 52.78
CA PHE A 3996 15.47 6.21 53.12
C PHE A 3996 16.75 6.97 52.82
N ALA A 3997 16.70 7.86 51.83
CA ALA A 3997 17.84 8.62 51.34
C ALA A 3997 18.33 9.47 52.48
N HIS A 3998 17.54 10.49 52.82
CA HIS A 3998 18.06 11.43 53.80
C HIS A 3998 18.00 10.89 55.22
N MET A 3999 17.12 9.90 55.48
CA MET A 3999 16.93 9.40 56.82
C MET A 3999 18.18 8.69 57.31
N MET A 4000 18.80 7.87 56.47
CA MET A 4000 19.92 7.08 56.96
C MET A 4000 21.18 7.92 57.08
N MET A 4001 21.28 9.06 56.36
CA MET A 4001 22.23 10.09 56.77
C MET A 4001 21.98 10.52 58.20
N LYS A 4002 20.73 10.89 58.50
CA LYS A 4002 20.40 11.42 59.84
C LYS A 4002 20.72 10.39 60.92
N LEU A 4003 20.43 9.13 60.65
CA LEU A 4003 20.75 8.04 61.56
C LEU A 4003 22.24 7.74 61.59
N ALA A 4004 22.95 8.02 60.50
CA ALA A 4004 24.39 7.82 60.45
C ALA A 4004 25.16 8.88 61.19
N GLN A 4005 24.52 10.02 61.50
CA GLN A 4005 25.21 11.08 62.25
C GLN A 4005 25.51 10.70 63.70
N ASP A 4006 24.94 9.60 64.21
CA ASP A 4006 25.08 9.24 65.61
C ASP A 4006 24.95 7.74 65.77
N SER A 4007 25.47 7.23 66.89
CA SER A 4007 25.34 5.82 67.23
C SER A 4007 24.13 5.53 68.10
N SER A 4008 23.37 6.56 68.48
CA SER A 4008 22.18 6.35 69.29
C SER A 4008 21.09 5.57 68.57
N GLN A 4009 21.08 5.58 67.24
CA GLN A 4009 20.01 4.96 66.46
C GLN A 4009 20.56 3.85 65.56
N ILE A 4010 21.51 3.08 66.09
CA ILE A 4010 22.06 1.94 65.36
C ILE A 4010 20.99 0.88 65.15
N GLU A 4011 20.10 0.71 66.14
CA GLU A 4011 19.01 -0.26 66.10
C GLU A 4011 18.12 0.09 64.92
N LEU A 4012 17.42 1.24 65.04
CA LEU A 4012 16.43 1.65 64.05
C LEU A 4012 17.04 1.71 62.64
N LEU A 4013 18.33 2.09 62.54
CA LEU A 4013 19.01 2.04 61.25
C LEU A 4013 19.14 0.61 60.74
N LYS A 4014 19.46 -0.35 61.63
CA LYS A 4014 19.64 -1.72 61.15
C LYS A 4014 18.31 -2.33 60.72
N GLU A 4015 17.19 -1.90 61.34
CA GLU A 4015 15.90 -2.32 60.78
C GLU A 4015 15.63 -1.65 59.44
N LEU A 4016 15.96 -0.36 59.29
CA LEU A 4016 15.71 0.36 58.04
C LEU A 4016 16.44 -0.30 56.88
N LEU A 4017 17.69 -0.70 57.13
CA LEU A 4017 18.49 -1.42 56.15
C LEU A 4017 17.75 -2.65 55.62
N ASP A 4018 17.21 -3.49 56.52
CA ASP A 4018 16.53 -4.66 56.00
C ASP A 4018 15.14 -4.33 55.47
N LEU A 4019 14.65 -3.12 55.75
CA LEU A 4019 13.38 -2.69 55.17
C LEU A 4019 13.57 -2.50 53.67
N GLN A 4020 14.42 -1.55 53.27
CA GLN A 4020 14.64 -1.46 51.82
C GLN A 4020 15.31 -2.70 51.21
N LYS A 4021 15.97 -3.56 52.00
CA LYS A 4021 16.37 -4.88 51.51
C LYS A 4021 15.17 -5.69 51.03
N ASP A 4022 14.09 -5.71 51.82
CA ASP A 4022 12.89 -6.40 51.35
C ASP A 4022 12.21 -5.66 50.22
N MET A 4023 12.36 -4.34 50.21
CA MET A 4023 11.76 -3.53 49.15
C MET A 4023 12.37 -3.87 47.80
N VAL A 4024 13.70 -3.88 47.71
CA VAL A 4024 14.35 -4.23 46.45
C VAL A 4024 14.10 -5.68 46.11
N VAL A 4025 14.02 -6.57 47.12
CA VAL A 4025 13.67 -7.98 46.87
C VAL A 4025 12.33 -8.08 46.14
N MET A 4026 11.35 -7.26 46.57
CA MET A 4026 10.10 -7.12 45.83
C MET A 4026 10.34 -6.60 44.42
N LEU A 4027 11.21 -5.60 44.28
CA LEU A 4027 11.45 -5.00 42.96
C LEU A 4027 12.01 -6.02 41.97
N LEU A 4028 12.96 -6.84 42.44
CA LEU A 4028 13.48 -7.94 41.63
C LEU A 4028 12.39 -8.95 41.30
N SER A 4029 11.56 -9.31 42.29
CA SER A 4029 10.46 -10.23 42.01
C SER A 4029 9.49 -9.68 40.98
N LEU A 4030 9.28 -8.35 41.01
CA LEU A 4030 8.52 -7.67 39.97
C LEU A 4030 9.23 -7.75 38.62
N LEU A 4031 10.56 -7.79 38.64
CA LEU A 4031 11.32 -7.78 37.40
C LEU A 4031 11.55 -9.17 36.85
N GLU A 4032 11.18 -10.21 37.62
CA GLU A 4032 11.44 -11.61 37.29
C GLU A 4032 10.86 -12.00 35.93
N GLY A 4033 11.70 -12.64 35.11
CA GLY A 4033 11.30 -13.23 33.84
C GLY A 4033 10.71 -12.24 32.85
N ASN A 4034 11.30 -11.05 32.76
CA ASN A 4034 10.84 -10.05 31.81
C ASN A 4034 11.51 -10.23 30.45
N VAL A 4035 10.99 -9.51 29.47
CA VAL A 4035 11.54 -9.49 28.12
C VAL A 4035 12.24 -8.15 27.92
N VAL A 4036 13.14 -8.12 26.93
CA VAL A 4036 13.86 -6.89 26.60
C VAL A 4036 12.89 -5.82 26.16
N ASN A 4037 13.18 -4.58 26.56
CA ASN A 4037 12.37 -3.39 26.29
C ASN A 4037 10.95 -3.53 26.83
N GLY A 4038 10.80 -4.34 27.87
CA GLY A 4038 9.50 -4.57 28.48
C GLY A 4038 8.96 -3.30 29.10
N MET A 4039 7.63 -3.14 29.00
CA MET A 4039 6.98 -1.94 29.52
C MET A 4039 7.18 -1.80 31.02
N ILE A 4040 7.10 -2.92 31.76
CA ILE A 4040 7.32 -2.91 33.20
C ILE A 4040 8.74 -2.45 33.54
N ALA A 4041 9.73 -2.94 32.78
CA ALA A 4041 11.11 -2.50 32.98
C ALA A 4041 11.25 -1.03 32.66
N ARG A 4042 10.57 -0.58 31.59
CA ARG A 4042 10.60 0.82 31.18
C ARG A 4042 10.06 1.71 32.30
N GLN A 4043 8.96 1.29 32.92
CA GLN A 4043 8.39 2.03 34.05
C GLN A 4043 9.36 2.08 35.21
N MET A 4044 10.05 0.97 35.49
CA MET A 4044 11.05 0.98 36.56
C MET A 4044 12.20 1.94 36.23
N VAL A 4045 12.57 2.04 34.95
CA VAL A 4045 13.58 3.01 34.53
C VAL A 4045 13.08 4.44 34.75
N ASP A 4046 11.84 4.72 34.34
CA ASP A 4046 11.28 6.04 34.53
C ASP A 4046 11.07 6.35 36.01
N MET A 4047 10.89 5.32 36.84
CA MET A 4047 10.90 5.51 38.29
C MET A 4047 12.28 6.00 38.73
N LEU A 4048 13.33 5.36 38.19
CA LEU A 4048 14.68 5.68 38.62
C LEU A 4048 15.08 7.09 38.18
N VAL A 4049 14.54 7.55 37.05
CA VAL A 4049 14.90 8.88 36.54
C VAL A 4049 14.51 9.96 37.54
N GLU A 4050 13.29 9.88 38.07
CA GLU A 4050 12.86 10.81 39.13
C GLU A 4050 13.59 10.55 40.44
N SER A 4051 13.86 9.29 40.77
CA SER A 4051 14.57 8.97 42.00
C SER A 4051 16.09 9.07 41.87
N SER A 4052 16.59 9.65 40.78
CA SER A 4052 18.02 9.74 40.51
C SER A 4052 18.78 10.46 41.62
N SER A 4053 18.25 11.61 42.06
CA SER A 4053 18.91 12.42 43.07
C SER A 4053 19.09 11.65 44.38
N ASN A 4054 18.03 10.94 44.80
CA ASN A 4054 18.09 10.17 46.02
C ASN A 4054 19.03 8.96 45.88
N VAL A 4055 18.87 8.18 44.81
CA VAL A 4055 19.58 6.90 44.67
C VAL A 4055 21.09 7.08 44.57
N GLU A 4056 21.55 8.21 44.02
CA GLU A 4056 22.98 8.49 43.91
C GLU A 4056 23.62 8.54 45.29
N MET A 4057 23.04 9.32 46.19
CA MET A 4057 23.55 9.38 47.55
C MET A 4057 23.15 8.16 48.39
N ILE A 4058 22.15 7.38 47.94
CA ILE A 4058 21.87 6.07 48.55
C ILE A 4058 23.08 5.18 48.39
N LEU A 4059 23.57 5.06 47.16
CA LEU A 4059 24.71 4.19 46.89
C LEU A 4059 25.98 4.80 47.44
N LYS A 4060 26.09 6.13 47.34
CA LYS A 4060 27.21 6.86 47.90
C LYS A 4060 27.35 6.62 49.41
N PHE A 4061 26.24 6.30 50.10
CA PHE A 4061 26.37 5.94 51.51
C PHE A 4061 26.92 4.52 51.67
N PHE A 4062 26.69 3.65 50.69
CA PHE A 4062 27.14 2.26 50.75
C PHE A 4062 28.63 2.14 50.48
N ASP A 4063 29.04 2.62 49.30
CA ASP A 4063 30.43 2.44 48.87
C ASP A 4063 31.42 3.09 49.83
N MET A 4064 31.04 4.17 50.52
CA MET A 4064 31.98 4.79 51.45
C MET A 4064 32.28 3.88 52.65
N PHE A 4065 31.34 3.00 53.01
CA PHE A 4065 31.67 1.91 53.94
C PHE A 4065 32.49 0.84 53.29
N LEU A 4066 32.10 0.41 52.08
CA LEU A 4066 32.83 -0.67 51.42
C LEU A 4066 34.29 -0.28 51.14
N LYS A 4067 34.48 0.91 50.58
CA LYS A 4067 35.78 1.45 50.22
C LYS A 4067 36.61 1.84 51.44
N LEU A 4068 35.97 2.14 52.58
CA LEU A 4068 36.76 2.43 53.78
C LEU A 4068 36.92 1.23 54.70
N LYS A 4069 36.27 0.11 54.40
CA LYS A 4069 36.56 -1.16 55.06
C LYS A 4069 38.01 -1.59 54.81
N ASP A 4070 38.55 -1.25 53.64
CA ASP A 4070 39.91 -1.63 53.28
C ASP A 4070 40.94 -0.59 53.69
N ILE A 4071 40.59 0.71 53.63
CA ILE A 4071 41.55 1.80 53.77
C ILE A 4071 42.22 1.80 55.15
N VAL A 4072 41.59 1.20 56.16
CA VAL A 4072 42.22 0.98 57.47
C VAL A 4072 43.50 0.14 57.35
N GLY A 4073 43.59 -0.72 56.33
CA GLY A 4073 44.83 -1.39 56.02
C GLY A 4073 45.64 -0.77 54.89
N SER A 4074 45.11 0.27 54.24
CA SER A 4074 45.82 0.95 53.16
C SER A 4074 47.07 1.62 53.69
N GLU A 4075 48.16 1.51 52.94
CA GLU A 4075 49.43 2.12 53.35
C GLU A 4075 49.33 3.64 53.45
N ALA A 4076 48.63 4.28 52.50
CA ALA A 4076 48.42 5.73 52.51
C ALA A 4076 47.66 6.24 53.73
N PHE A 4077 46.94 5.38 54.44
CA PHE A 4077 46.33 5.73 55.71
C PHE A 4077 47.10 5.17 56.90
N GLN A 4078 47.70 3.99 56.73
CA GLN A 4078 48.46 3.31 57.79
C GLN A 4078 49.68 4.12 58.20
N ASP A 4079 50.29 4.86 57.27
CA ASP A 4079 51.39 5.75 57.61
C ASP A 4079 50.94 6.80 58.62
N TYR A 4080 49.75 7.37 58.42
CA TYR A 4080 49.20 8.31 59.38
C TYR A 4080 48.71 7.61 60.64
N VAL A 4081 48.39 6.32 60.55
CA VAL A 4081 48.02 5.53 61.72
C VAL A 4081 49.25 5.40 62.62
N THR A 4082 49.26 6.12 63.75
CA THR A 4082 50.44 6.24 64.59
C THR A 4082 50.21 5.80 66.02
N ASP A 4083 48.97 5.61 66.44
CA ASP A 4083 48.73 5.29 67.84
C ASP A 4083 48.81 3.77 68.04
N PRO A 4084 49.64 3.30 68.97
CA PRO A 4084 49.68 1.85 69.26
C PRO A 4084 48.38 1.28 69.81
N ARG A 4085 47.55 2.10 70.46
CA ARG A 4085 46.22 1.65 70.89
C ARG A 4085 45.32 1.28 69.71
N GLY A 4086 45.63 1.75 68.51
CA GLY A 4086 44.70 1.56 67.41
C GLY A 4086 43.72 2.69 67.23
N LEU A 4087 44.17 3.93 67.39
CA LEU A 4087 43.27 5.07 67.26
C LEU A 4087 43.88 6.03 66.25
N ILE A 4088 43.10 7.01 65.82
CA ILE A 4088 43.61 8.09 64.96
C ILE A 4088 42.73 9.32 65.12
N SER A 4089 43.37 10.48 65.30
CA SER A 4089 42.67 11.73 65.58
C SER A 4089 41.86 12.19 64.36
N LYS A 4090 40.85 13.03 64.62
CA LYS A 4090 39.93 13.50 63.58
C LYS A 4090 40.67 14.19 62.44
N LYS A 4091 41.53 15.15 62.78
CA LYS A 4091 42.30 15.84 61.76
C LYS A 4091 43.30 14.89 61.09
N ASP A 4092 43.66 13.81 61.77
CA ASP A 4092 44.57 12.87 61.14
C ASP A 4092 43.81 11.93 60.21
N PHE A 4093 42.49 11.78 60.35
CA PHE A 4093 41.70 11.34 59.19
C PHE A 4093 41.77 12.36 58.06
N GLN A 4094 41.64 13.64 58.45
CA GLN A 4094 41.42 14.73 57.50
C GLN A 4094 42.58 14.86 56.52
N LYS A 4095 43.82 14.77 57.02
CA LYS A 4095 44.96 14.93 56.12
C LYS A 4095 45.43 13.61 55.50
N ALA A 4096 44.77 12.50 55.84
CA ALA A 4096 45.19 11.16 55.42
C ALA A 4096 44.37 10.62 54.26
N MET A 4097 43.06 10.65 54.40
CA MET A 4097 42.22 10.03 53.38
C MET A 4097 41.93 10.93 52.19
N ASP A 4098 42.08 12.25 52.30
CA ASP A 4098 41.98 13.05 51.08
C ASP A 4098 43.21 12.92 50.17
N SER A 4099 44.29 12.29 50.66
CA SER A 4099 45.47 12.01 49.85
C SER A 4099 45.21 11.06 48.69
N GLN A 4100 44.10 10.30 48.72
CA GLN A 4100 43.73 9.48 47.57
C GLN A 4100 43.26 10.29 46.37
N LYS A 4101 43.06 11.61 46.54
CA LYS A 4101 42.54 12.54 45.53
C LYS A 4101 41.21 12.08 44.95
N GLN A 4102 40.34 11.54 45.80
CA GLN A 4102 39.07 11.01 45.33
C GLN A 4102 37.87 11.33 46.21
N PHE A 4103 38.06 11.71 47.47
CA PHE A 4103 36.93 11.96 48.35
C PHE A 4103 36.61 13.45 48.38
N THR A 4104 35.36 13.78 48.08
CA THR A 4104 34.93 15.17 48.09
C THR A 4104 34.89 15.71 49.51
N GLY A 4105 34.96 17.04 49.61
CA GLY A 4105 34.94 17.79 50.85
C GLY A 4105 33.85 17.38 51.81
N PRO A 4106 32.57 17.56 51.41
CA PRO A 4106 31.47 17.14 52.29
C PRO A 4106 31.54 15.67 52.67
N GLU A 4107 31.95 14.79 51.74
CA GLU A 4107 32.09 13.37 52.04
C GLU A 4107 33.09 13.15 53.18
N ILE A 4108 34.20 13.92 53.18
CA ILE A 4108 35.13 13.91 54.30
C ILE A 4108 34.41 14.31 55.58
N GLN A 4109 33.61 15.38 55.52
CA GLN A 4109 32.93 15.87 56.72
C GLN A 4109 31.95 14.85 57.27
N PHE A 4110 31.14 14.24 56.38
CA PHE A 4110 30.20 13.21 56.79
C PHE A 4110 30.91 11.99 57.38
N LEU A 4111 32.00 11.53 56.75
CA LEU A 4111 32.73 10.40 57.33
C LEU A 4111 33.33 10.74 58.69
N LEU A 4112 33.78 11.98 58.87
CA LEU A 4112 34.23 12.47 60.18
C LEU A 4112 33.13 12.42 61.23
N SER A 4113 31.93 12.89 60.87
CA SER A 4113 30.81 12.81 61.81
C SER A 4113 30.31 11.39 62.04
N CYS A 4114 30.20 10.59 60.96
CA CYS A 4114 29.80 9.20 61.04
C CYS A 4114 30.75 8.37 61.92
N SER A 4115 32.03 8.70 61.91
CA SER A 4115 32.95 8.09 62.85
C SER A 4115 32.58 8.47 64.27
N GLU A 4116 32.57 7.48 65.16
CA GLU A 4116 32.18 7.72 66.55
C GLU A 4116 33.42 8.20 67.30
N ALA A 4117 33.64 9.51 67.24
CA ALA A 4117 34.75 10.14 67.94
C ALA A 4117 34.58 9.99 69.45
N ASP A 4118 35.68 9.65 70.12
CA ASP A 4118 35.68 9.50 71.57
C ASP A 4118 35.77 10.89 72.22
N GLU A 4119 35.91 10.92 73.55
CA GLU A 4119 36.04 12.20 74.25
C GLU A 4119 37.38 12.89 73.96
N ASN A 4120 38.36 12.20 73.38
CA ASN A 4120 39.64 12.79 73.06
C ASN A 4120 39.74 13.24 71.61
N GLU A 4121 38.64 13.10 70.84
CA GLU A 4121 38.60 13.23 69.37
C GLU A 4121 39.66 12.32 68.72
N MET A 4122 39.85 11.14 69.31
CA MET A 4122 40.90 10.21 68.93
C MET A 4122 40.14 8.95 68.51
N ILE A 4123 39.73 8.91 67.24
CA ILE A 4123 38.65 8.03 66.77
C ILE A 4123 39.03 6.56 66.84
N ASN A 4124 38.09 5.72 67.28
CA ASN A 4124 38.26 4.27 67.38
C ASN A 4124 37.76 3.67 66.08
N PHE A 4125 38.67 3.56 65.11
CA PHE A 4125 38.39 2.97 63.80
C PHE A 4125 38.55 1.45 63.78
N GLU A 4126 38.82 0.83 64.93
CA GLU A 4126 38.88 -0.63 65.01
C GLU A 4126 37.54 -1.28 64.68
N GLU A 4127 36.44 -0.74 65.17
CA GLU A 4127 35.12 -1.31 64.89
C GLU A 4127 34.28 -0.40 64.00
N PHE A 4128 34.82 0.76 63.60
CA PHE A 4128 34.08 1.70 62.76
C PHE A 4128 33.74 1.06 61.43
N ALA A 4129 34.74 0.48 60.75
CA ALA A 4129 34.47 -0.12 59.45
C ALA A 4129 33.60 -1.36 59.62
N ASN A 4130 33.90 -2.19 60.63
CA ASN A 4130 33.16 -3.45 60.85
C ASN A 4130 31.73 -3.22 61.45
N ARG A 4131 31.31 -1.96 61.61
CA ARG A 4131 29.97 -1.67 62.11
C ARG A 4131 28.89 -2.22 61.19
N PHE A 4132 28.96 -1.89 59.90
CA PHE A 4132 27.86 -2.10 58.96
C PHE A 4132 28.23 -2.92 57.73
N GLN A 4133 29.48 -3.40 57.61
CA GLN A 4133 29.92 -4.11 56.40
C GLN A 4133 29.11 -5.36 56.12
N GLU A 4134 28.83 -6.17 57.16
CA GLU A 4134 28.00 -7.35 56.96
C GLU A 4134 26.59 -6.97 56.52
N PRO A 4135 25.78 -6.20 57.30
CA PRO A 4135 24.40 -5.94 56.86
C PRO A 4135 24.28 -5.17 55.54
N ALA A 4136 25.19 -4.24 55.22
CA ALA A 4136 25.08 -3.49 53.98
C ALA A 4136 25.47 -4.29 52.73
N ARG A 4137 26.03 -5.49 52.91
CA ARG A 4137 26.50 -6.26 51.77
C ARG A 4137 25.34 -6.77 50.92
N ASP A 4138 24.30 -7.32 51.54
CA ASP A 4138 23.21 -7.93 50.79
C ASP A 4138 22.44 -6.87 50.00
N ILE A 4139 22.09 -5.76 50.66
CA ILE A 4139 21.39 -4.66 50.00
C ILE A 4139 22.22 -4.09 48.85
N GLY A 4140 23.55 -3.96 49.04
CA GLY A 4140 24.40 -3.53 47.94
C GLY A 4140 24.39 -4.51 46.78
N PHE A 4141 24.40 -5.82 47.10
CA PHE A 4141 24.31 -6.84 46.06
C PHE A 4141 23.00 -6.76 45.31
N ASN A 4142 21.88 -6.63 46.04
CA ASN A 4142 20.57 -6.62 45.40
C ASN A 4142 20.38 -5.40 44.51
N VAL A 4143 20.85 -4.23 44.96
CA VAL A 4143 20.71 -3.04 44.13
C VAL A 4143 21.59 -3.19 42.90
N ALA A 4144 22.75 -3.86 43.04
CA ALA A 4144 23.60 -4.14 41.88
C ALA A 4144 22.88 -5.04 40.88
N VAL A 4145 22.18 -6.07 41.41
CA VAL A 4145 21.44 -7.01 40.57
C VAL A 4145 20.37 -6.29 39.77
N LEU A 4146 19.63 -5.39 40.43
CA LEU A 4146 18.63 -4.57 39.76
C LEU A 4146 19.27 -3.72 38.66
N LEU A 4147 20.41 -3.09 38.97
CA LEU A 4147 21.07 -2.21 38.01
C LEU A 4147 21.53 -2.99 36.77
N THR A 4148 22.24 -4.11 36.98
CA THR A 4148 22.72 -4.89 35.83
C THR A 4148 21.54 -5.45 35.03
N ASN A 4149 20.44 -5.81 35.72
CA ASN A 4149 19.31 -6.42 35.03
C ASN A 4149 18.66 -5.41 34.09
N LEU A 4150 18.45 -4.18 34.61
CA LEU A 4150 17.85 -3.14 33.78
C LEU A 4150 18.77 -2.74 32.63
N SER A 4151 20.07 -2.58 32.88
CA SER A 4151 21.00 -2.30 31.78
C SER A 4151 21.06 -3.42 30.77
N GLU A 4152 20.80 -4.65 31.20
CA GLU A 4152 20.79 -5.79 30.29
C GLU A 4152 19.55 -5.78 29.41
N HIS A 4153 18.38 -5.54 30.00
CA HIS A 4153 17.14 -5.67 29.23
C HIS A 4153 16.66 -4.38 28.58
N VAL A 4154 17.20 -3.22 28.95
CA VAL A 4154 16.85 -1.97 28.31
C VAL A 4154 18.18 -1.36 27.90
N PRO A 4155 18.73 -1.72 26.74
CA PRO A 4155 20.11 -1.35 26.41
C PRO A 4155 20.29 -0.11 25.54
N HIS A 4156 19.22 0.58 25.13
CA HIS A 4156 19.34 1.77 24.29
C HIS A 4156 18.66 2.98 24.91
N ASP A 4157 18.70 3.08 26.23
CA ASP A 4157 18.28 4.31 26.90
C ASP A 4157 19.48 5.01 27.51
N PRO A 4158 19.88 6.18 26.98
CA PRO A 4158 21.05 6.91 27.50
C PRO A 4158 20.95 7.29 28.97
N ARG A 4159 19.73 7.60 29.42
CA ARG A 4159 19.50 8.04 30.78
C ARG A 4159 19.95 6.99 31.78
N LEU A 4160 19.86 5.70 31.41
CA LEU A 4160 20.23 4.64 32.32
C LEU A 4160 21.75 4.62 32.51
N ARG A 4161 22.50 4.70 31.40
CA ARG A 4161 23.96 4.78 31.50
C ARG A 4161 24.39 5.98 32.32
N ASN A 4162 23.59 7.07 32.29
CA ASN A 4162 23.85 8.19 33.18
C ASN A 4162 23.89 7.76 34.65
N PHE A 4163 22.99 6.84 35.05
CA PHE A 4163 23.09 6.27 36.40
C PHE A 4163 24.36 5.45 36.52
N LEU A 4164 24.74 4.78 35.43
CA LEU A 4164 25.87 3.85 35.49
C LEU A 4164 27.15 4.59 35.86
N GLU A 4165 27.40 5.73 35.19
CA GLU A 4165 28.59 6.51 35.60
C GLU A 4165 28.44 7.08 37.01
N LEU A 4166 27.22 7.16 37.54
CA LEU A 4166 26.99 7.60 38.91
C LEU A 4166 27.08 6.43 39.88
N ALA A 4167 27.30 5.24 39.36
CA ALA A 4167 27.07 4.03 40.13
C ALA A 4167 28.12 2.94 40.01
N GLU A 4168 29.25 3.16 39.29
CA GLU A 4168 30.27 2.11 39.09
C GLU A 4168 30.72 1.46 40.39
N SER A 4169 31.02 2.26 41.42
CA SER A 4169 31.66 1.90 42.70
C SER A 4169 31.17 0.60 43.34
N ILE A 4170 29.93 0.22 43.08
CA ILE A 4170 29.42 -1.07 43.55
C ILE A 4170 29.62 -2.16 42.49
N LEU A 4171 29.56 -1.81 41.20
CA LEU A 4171 29.54 -2.77 40.09
C LEU A 4171 30.78 -3.64 40.09
N GLU A 4172 31.96 -3.07 39.86
CA GLU A 4172 33.16 -3.90 39.85
C GLU A 4172 33.48 -4.50 41.22
N TYR A 4173 33.01 -3.89 42.32
CA TYR A 4173 33.23 -4.48 43.64
C TYR A 4173 32.47 -5.80 43.80
N PHE A 4174 31.19 -5.82 43.43
CA PHE A 4174 30.42 -7.05 43.53
C PHE A 4174 30.53 -7.92 42.29
N ARG A 4175 31.10 -7.41 41.22
CA ARG A 4175 31.18 -8.11 39.94
C ARG A 4175 31.82 -9.51 40.01
N PRO A 4176 32.90 -9.78 40.78
CA PRO A 4176 33.35 -11.18 40.84
C PRO A 4176 32.41 -12.11 41.59
N TYR A 4177 31.26 -11.67 42.08
CA TYR A 4177 30.50 -12.51 42.98
C TYR A 4177 29.05 -12.52 42.54
N LEU A 4178 28.83 -12.39 41.25
CA LEU A 4178 27.50 -12.40 40.67
C LEU A 4178 27.43 -13.46 39.59
N GLY A 4179 26.35 -14.23 39.57
CA GLY A 4179 26.22 -15.30 38.59
C GLY A 4179 25.10 -15.00 37.62
N ARG A 4180 25.32 -15.35 36.35
CA ARG A 4180 24.32 -15.22 35.30
C ARG A 4180 24.11 -16.58 34.69
N ILE A 4181 22.86 -17.04 34.65
CA ILE A 4181 22.54 -18.29 33.98
C ILE A 4181 21.36 -18.03 33.06
N GLU A 4182 21.22 -18.86 32.03
CA GLU A 4182 20.07 -18.77 31.15
C GLU A 4182 19.29 -20.07 31.21
N ILE A 4183 17.97 -19.97 31.40
CA ILE A 4183 17.11 -21.13 31.52
C ILE A 4183 15.95 -21.05 30.54
N MET A 4184 15.44 -22.22 30.14
CA MET A 4184 14.23 -22.27 29.34
C MET A 4184 13.06 -22.27 30.31
N GLY A 4185 12.44 -21.11 30.50
CA GLY A 4185 11.42 -20.94 31.51
C GLY A 4185 10.08 -21.54 31.14
N ALA A 4186 9.08 -21.21 31.97
CA ALA A 4186 7.70 -21.64 31.73
C ALA A 4186 7.18 -21.05 30.44
N SER A 4187 7.57 -19.80 30.14
CA SER A 4187 7.17 -19.10 28.93
C SER A 4187 7.72 -19.76 27.67
N ARG A 4188 8.74 -20.62 27.83
CA ARG A 4188 9.51 -21.38 26.84
C ARG A 4188 10.51 -20.48 26.14
N ARG A 4189 10.77 -19.32 26.72
CA ARG A 4189 11.74 -18.37 26.22
C ARG A 4189 12.88 -18.28 27.22
N ILE A 4190 14.10 -18.19 26.71
CA ILE A 4190 15.29 -18.19 27.56
C ILE A 4190 15.29 -16.96 28.46
N GLU A 4191 15.49 -17.18 29.75
CA GLU A 4191 15.43 -16.13 30.76
C GLU A 4191 16.74 -16.10 31.53
N ARG A 4192 17.33 -14.92 31.68
CA ARG A 4192 18.53 -14.78 32.48
C ARG A 4192 18.17 -14.68 33.95
N ILE A 4193 18.83 -15.47 34.79
CA ILE A 4193 18.68 -15.38 36.24
C ILE A 4193 20.03 -15.02 36.85
N TYR A 4194 20.01 -14.10 37.81
CA TYR A 4194 21.21 -13.62 38.46
C TYR A 4194 21.23 -14.15 39.88
N PHE A 4195 22.42 -14.22 40.49
CA PHE A 4195 22.52 -14.82 41.82
C PHE A 4195 23.83 -14.39 42.45
N GLU A 4196 24.03 -14.81 43.71
CA GLU A 4196 25.24 -14.51 44.46
C GLU A 4196 26.19 -15.70 44.49
N ILE A 4197 27.45 -15.44 44.18
CA ILE A 4197 28.50 -16.45 44.20
C ILE A 4197 29.35 -16.24 45.44
N SER A 4198 29.45 -17.26 46.28
CA SER A 4198 30.17 -17.11 47.53
C SER A 4198 31.68 -17.17 47.29
N GLU A 4199 32.41 -16.44 48.14
CA GLU A 4199 33.87 -16.37 48.03
C GLU A 4199 34.51 -17.73 48.26
N THR A 4200 34.02 -18.49 49.24
CA THR A 4200 34.62 -19.78 49.57
C THR A 4200 34.47 -20.75 48.40
N ASN A 4201 33.28 -20.78 47.80
CA ASN A 4201 33.05 -21.63 46.64
C ASN A 4201 33.88 -21.17 45.46
N ARG A 4202 33.98 -19.84 45.27
CA ARG A 4202 34.73 -19.30 44.14
C ARG A 4202 36.20 -19.68 44.26
N ALA A 4203 36.74 -19.59 45.49
CA ALA A 4203 38.13 -19.97 45.76
C ALA A 4203 38.31 -21.45 45.48
N GLN A 4204 37.32 -22.26 45.89
CA GLN A 4204 37.39 -23.71 45.68
C GLN A 4204 37.45 -23.98 44.19
N TRP A 4205 36.66 -23.22 43.42
CA TRP A 4205 36.63 -23.40 41.97
C TRP A 4205 38.00 -23.10 41.38
N GLU A 4206 38.66 -22.07 41.90
CA GLU A 4206 39.97 -21.74 41.34
C GLU A 4206 41.03 -22.74 41.76
N MET A 4207 40.79 -23.52 42.83
CA MET A 4207 41.79 -24.44 43.36
C MET A 4207 42.20 -25.46 42.29
N PRO A 4208 43.50 -25.81 42.20
CA PRO A 4208 43.97 -26.60 41.04
C PRO A 4208 43.45 -28.02 40.96
N GLN A 4209 43.13 -28.64 42.10
CA GLN A 4209 42.57 -29.99 42.09
C GLN A 4209 41.21 -29.98 41.40
N VAL A 4210 40.38 -28.97 41.71
CA VAL A 4210 39.05 -28.88 41.13
C VAL A 4210 39.18 -28.63 39.63
N LYS A 4211 40.17 -27.81 39.24
CA LYS A 4211 40.39 -27.49 37.84
C LYS A 4211 40.76 -28.77 37.08
N GLU A 4212 41.59 -29.61 37.71
CA GLU A 4212 42.02 -30.86 37.07
C GLU A 4212 40.82 -31.78 36.86
N SER A 4213 39.96 -31.86 37.89
CA SER A 4213 38.74 -32.66 37.80
C SER A 4213 37.86 -32.13 36.67
N LYS A 4214 37.76 -30.80 36.55
CA LYS A 4214 36.94 -30.17 35.52
C LYS A 4214 37.46 -30.55 34.14
N ARG A 4215 38.78 -30.49 33.95
CA ARG A 4215 39.39 -30.77 32.65
C ARG A 4215 39.12 -32.22 32.26
N GLN A 4216 39.27 -33.12 33.24
CA GLN A 4216 39.07 -34.53 32.98
C GLN A 4216 37.62 -34.78 32.60
N PHE A 4217 36.70 -34.10 33.31
CA PHE A 4217 35.27 -34.27 33.06
C PHE A 4217 34.93 -33.82 31.65
N ILE A 4218 35.49 -32.66 31.24
CA ILE A 4218 35.20 -32.08 29.93
C ILE A 4218 35.69 -33.02 28.83
N PHE A 4219 36.90 -33.56 29.02
CA PHE A 4219 37.48 -34.47 28.03
C PHE A 4219 36.64 -35.72 27.90
N ASP A 4220 36.21 -36.28 29.04
CA ASP A 4220 35.44 -37.52 29.04
C ASP A 4220 34.09 -37.33 28.36
N VAL A 4221 33.37 -36.26 28.73
CA VAL A 4221 32.03 -36.07 28.18
C VAL A 4221 32.10 -35.76 26.68
N VAL A 4222 33.06 -34.94 26.26
CA VAL A 4222 33.11 -34.55 24.85
C VAL A 4222 33.54 -35.74 23.99
N ASN A 4223 34.60 -36.44 24.40
CA ASN A 4223 35.13 -37.50 23.55
C ASN A 4223 34.24 -38.74 23.48
N GLU A 4224 33.73 -39.22 24.61
CA GLU A 4224 32.99 -40.49 24.60
C GLU A 4224 31.56 -40.36 25.08
N GLY A 4225 30.97 -39.18 25.03
CA GLY A 4225 29.63 -38.97 25.55
C GLY A 4225 28.71 -38.34 24.54
N GLY A 4226 27.49 -38.86 24.48
CA GLY A 4226 26.48 -38.30 23.59
C GLY A 4226 25.87 -37.03 24.16
N GLU A 4227 25.36 -36.19 23.23
CA GLU A 4227 24.78 -34.91 23.61
C GLU A 4227 23.54 -35.11 24.49
N ALA A 4228 22.76 -36.15 24.21
CA ALA A 4228 21.51 -36.40 24.92
C ALA A 4228 21.79 -36.64 26.39
N GLU A 4229 22.82 -37.43 26.70
CA GLU A 4229 23.16 -37.76 28.07
C GLU A 4229 24.14 -36.75 28.67
N LYS A 4230 24.61 -35.79 27.84
CA LYS A 4230 25.64 -34.84 28.26
C LYS A 4230 25.18 -34.03 29.46
N MET A 4231 23.92 -33.58 29.43
CA MET A 4231 23.40 -32.73 30.49
C MET A 4231 23.37 -33.49 31.81
N GLU A 4232 23.01 -34.78 31.74
CA GLU A 4232 22.98 -35.62 32.93
C GLU A 4232 24.37 -35.79 33.51
N LEU A 4233 25.36 -36.04 32.63
CA LEU A 4233 26.73 -36.22 33.07
C LEU A 4233 27.26 -34.94 33.71
N PHE A 4234 26.90 -33.80 33.11
CA PHE A 4234 27.28 -32.49 33.65
C PHE A 4234 26.69 -32.27 35.02
N VAL A 4235 25.40 -32.59 35.20
CA VAL A 4235 24.72 -32.38 36.47
C VAL A 4235 25.34 -33.26 37.54
N SER A 4236 25.67 -34.51 37.17
CA SER A 4236 26.32 -35.46 38.07
C SER A 4236 27.68 -34.94 38.52
N PHE A 4237 28.44 -34.38 37.58
CA PHE A 4237 29.75 -33.80 37.90
C PHE A 4237 29.57 -32.62 38.86
N CYS A 4238 28.55 -31.79 38.61
CA CYS A 4238 28.33 -30.62 39.45
C CYS A 4238 28.01 -31.04 40.87
N GLU A 4239 27.21 -32.11 41.02
CA GLU A 4239 26.87 -32.63 42.34
C GLU A 4239 28.12 -33.13 43.05
N ASP A 4240 28.97 -33.87 42.32
CA ASP A 4240 30.19 -34.43 42.92
C ASP A 4240 31.10 -33.29 43.38
N THR A 4241 31.26 -32.28 42.52
CA THR A 4241 32.12 -31.14 42.82
C THR A 4241 31.60 -30.37 44.03
N ILE A 4242 30.27 -30.23 44.14
CA ILE A 4242 29.66 -29.56 45.28
C ILE A 4242 30.00 -30.33 46.55
N PHE A 4243 29.95 -31.66 46.48
CA PHE A 4243 30.23 -32.48 47.66
C PHE A 4243 31.70 -32.32 48.05
N GLU A 4244 32.57 -32.25 47.03
CA GLU A 4244 34.00 -32.10 47.27
C GLU A 4244 34.29 -30.77 47.95
N MET A 4245 33.60 -29.71 47.50
CA MET A 4245 33.78 -28.38 48.09
C MET A 4245 33.32 -28.37 49.55
N GLN A 4246 32.20 -29.05 49.83
CA GLN A 4246 31.72 -29.15 51.20
C GLN A 4246 32.72 -29.89 52.08
N ILE A 4247 33.31 -30.97 51.55
CA ILE A 4247 34.34 -31.73 52.28
C ILE A 4247 35.53 -30.83 52.56
N ALA A 4248 35.91 -30.02 51.57
CA ALA A 4248 37.07 -29.13 51.70
C ALA A 4248 36.81 -28.13 52.81
N ALA A 4249 35.57 -27.62 52.86
CA ALA A 4249 35.21 -26.62 53.86
C ALA A 4249 35.33 -27.22 55.25
N GLN A 4250 34.83 -28.46 55.42
CA GLN A 4250 34.87 -29.08 56.74
C GLN A 4250 36.32 -29.33 57.19
N ILE A 4251 37.14 -29.89 56.29
CA ILE A 4251 38.50 -30.28 56.64
C ILE A 4251 39.37 -29.06 56.97
N SER A 4252 39.21 -27.98 56.20
CA SER A 4252 40.08 -26.81 56.39
C SER A 4252 39.80 -26.09 57.70
N GLU A 4253 40.87 -25.60 58.31
CA GLU A 4253 40.83 -24.85 59.56
C GLU A 4253 41.35 -23.43 59.33
N PRO A 4254 40.59 -22.40 59.70
CA PRO A 4254 40.98 -21.00 59.47
C PRO A 4254 41.65 -20.36 60.68
N PHE A 4540 37.84 -35.29 79.70
CA PHE A 4540 38.99 -35.57 78.85
C PHE A 4540 38.53 -35.96 77.45
N TRP A 4541 37.30 -36.47 77.36
CA TRP A 4541 36.76 -36.93 76.08
C TRP A 4541 36.68 -35.80 75.06
N GLY A 4542 36.26 -34.61 75.50
CA GLY A 4542 36.12 -33.48 74.59
C GLY A 4542 37.45 -33.06 73.99
N GLU A 4543 38.49 -32.97 74.83
CA GLU A 4543 39.83 -32.63 74.37
C GLU A 4543 40.38 -33.70 73.45
N LEU A 4544 40.17 -34.97 73.80
CA LEU A 4544 40.63 -36.09 72.97
C LEU A 4544 39.94 -36.05 71.62
N GLU A 4545 38.63 -35.78 71.61
CA GLU A 4545 37.85 -35.74 70.39
C GLU A 4545 38.32 -34.59 69.49
N VAL A 4546 38.59 -33.42 70.10
CA VAL A 4546 39.06 -32.26 69.36
C VAL A 4546 40.42 -32.54 68.74
N GLN A 4547 41.32 -33.18 69.49
CA GLN A 4547 42.63 -33.52 68.96
C GLN A 4547 42.49 -34.54 67.83
N ARG A 4548 41.61 -35.54 68.00
CA ARG A 4548 41.44 -36.58 67.00
C ARG A 4548 40.90 -35.99 65.69
N VAL A 4549 39.88 -35.12 65.79
CA VAL A 4549 39.28 -34.55 64.57
C VAL A 4549 40.31 -33.65 63.88
N LYS A 4550 41.05 -32.85 64.66
CA LYS A 4550 42.04 -31.93 64.10
C LYS A 4550 43.10 -32.72 63.35
N PHE A 4551 43.56 -33.81 63.98
CA PHE A 4551 44.60 -34.65 63.40
C PHE A 4551 44.10 -35.28 62.11
N LEU A 4552 42.86 -35.78 62.13
CA LEU A 4552 42.26 -36.45 60.97
C LEU A 4552 42.14 -35.46 59.81
N ASN A 4553 41.71 -34.23 60.12
CA ASN A 4553 41.54 -33.20 59.10
C ASN A 4553 42.89 -32.83 58.51
N TYR A 4554 43.92 -32.73 59.37
CA TYR A 4554 45.26 -32.37 58.92
C TYR A 4554 45.77 -33.44 57.95
N LEU A 4555 45.52 -34.72 58.30
CA LEU A 4555 45.95 -35.84 57.47
C LEU A 4555 45.29 -35.77 56.11
N SER A 4556 43.99 -35.43 56.12
CA SER A 4556 43.21 -35.36 54.88
C SER A 4556 43.76 -34.24 53.99
N ARG A 4557 44.03 -33.08 54.59
CA ARG A 4557 44.53 -31.94 53.82
C ARG A 4557 45.90 -32.26 53.24
N ASN A 4558 46.73 -32.96 54.01
CA ASN A 4558 48.12 -33.19 53.64
C ASN A 4558 48.34 -34.54 52.97
N PHE A 4559 47.25 -35.16 52.48
CA PHE A 4559 47.33 -36.50 51.89
C PHE A 4559 48.29 -36.55 50.69
N TYR A 4560 48.22 -35.54 49.81
CA TYR A 4560 49.06 -35.50 48.62
C TYR A 4560 50.53 -35.38 48.98
N THR A 4561 50.81 -34.55 49.99
CA THR A 4561 52.16 -34.30 50.45
C THR A 4561 52.78 -35.55 51.04
N LEU A 4562 51.98 -36.31 51.81
CA LEU A 4562 52.46 -37.57 52.37
C LEU A 4562 52.79 -38.56 51.27
N ARG A 4563 51.95 -38.63 50.23
CA ARG A 4563 52.17 -39.60 49.15
C ARG A 4563 53.46 -39.28 48.41
N PHE A 4564 53.70 -37.97 48.17
CA PHE A 4564 54.94 -37.54 47.53
C PHE A 4564 56.14 -37.86 48.41
N LEU A 4565 55.96 -37.69 49.73
CA LEU A 4565 57.02 -38.00 50.68
C LEU A 4565 57.34 -39.49 50.63
N ALA A 4566 56.30 -40.32 50.51
CA ALA A 4566 56.47 -41.76 50.49
C ALA A 4566 57.27 -42.18 49.27
N LEU A 4567 57.01 -41.50 48.14
CA LEU A 4567 57.81 -41.77 46.93
C LEU A 4567 59.26 -41.38 47.15
N PHE A 4568 59.48 -40.24 47.83
CA PHE A 4568 60.84 -39.84 48.18
C PHE A 4568 61.51 -40.87 49.09
N LEU A 4569 60.72 -41.47 49.98
CA LEU A 4569 61.23 -42.44 50.94
C LEU A 4569 61.63 -43.72 50.22
N ALA A 4570 60.82 -44.12 49.24
CA ALA A 4570 61.11 -45.31 48.45
C ALA A 4570 62.39 -45.10 47.65
N PHE A 4571 62.58 -43.90 47.09
CA PHE A 4571 63.82 -43.59 46.39
C PHE A 4571 65.01 -43.62 47.35
N ALA A 4572 64.81 -43.12 48.57
CA ALA A 4572 65.84 -43.08 49.60
C ALA A 4572 66.30 -44.48 49.98
N ILE A 4573 65.33 -45.34 50.32
CA ILE A 4573 65.60 -46.73 50.69
C ILE A 4573 66.28 -47.45 49.53
N ASN A 4574 65.83 -47.20 48.29
CA ASN A 4574 66.40 -47.89 47.15
C ASN A 4574 67.86 -47.49 46.94
N PHE A 4575 68.15 -46.20 47.18
CA PHE A 4575 69.51 -45.70 47.11
C PHE A 4575 70.38 -46.40 48.15
N ILE A 4576 69.83 -46.58 49.36
CA ILE A 4576 70.54 -47.35 50.39
C ILE A 4576 70.72 -48.79 49.93
N LEU A 4577 69.70 -49.34 49.23
CA LEU A 4577 69.64 -50.73 48.79
C LEU A 4577 70.72 -51.03 47.77
N LEU A 4578 71.32 -50.00 47.17
CA LEU A 4578 72.33 -50.19 46.14
C LEU A 4578 73.70 -50.50 46.72
N PHE A 4579 73.80 -50.65 48.05
CA PHE A 4579 75.03 -51.07 48.71
C PHE A 4579 74.96 -52.48 49.25
N TYR A 4580 73.96 -53.27 48.88
CA TYR A 4580 73.89 -54.65 49.36
C TYR A 4580 74.91 -55.54 48.67
N LYS A 4581 75.42 -56.50 49.44
CA LYS A 4581 76.39 -57.49 48.99
C LYS A 4581 76.18 -58.76 49.79
N VAL A 4582 76.61 -59.88 49.22
CA VAL A 4582 76.41 -61.18 49.84
C VAL A 4582 77.79 -61.79 50.07
N SER A 4583 78.02 -62.28 51.29
CA SER A 4583 79.26 -62.94 51.62
C SER A 4583 78.94 -64.25 52.33
N ASP A 4584 79.64 -65.32 51.93
CA ASP A 4584 79.44 -66.60 52.60
C ASP A 4584 79.87 -66.52 54.06
N SER A 4585 80.92 -65.76 54.33
CA SER A 4585 81.37 -65.52 55.69
C SER A 4585 80.39 -64.59 56.40
N PRO A 4586 80.18 -64.79 57.71
CA PRO A 4586 79.35 -63.88 58.51
C PRO A 4586 79.91 -62.47 58.48
N PRO A 4587 79.05 -61.43 58.29
CA PRO A 4587 79.38 -60.00 58.15
C PRO A 4587 80.41 -59.44 59.14
N ASN A 4626 74.76 -73.58 54.68
CA ASN A 4626 75.50 -72.99 53.58
C ASN A 4626 74.89 -71.65 53.18
N MET A 4627 73.85 -71.27 53.92
CA MET A 4627 73.10 -70.05 53.62
C MET A 4627 73.97 -68.81 53.78
N VAL A 4628 73.92 -67.94 52.78
CA VAL A 4628 74.71 -66.72 52.83
C VAL A 4628 74.00 -65.70 53.72
N TYR A 4629 74.80 -64.90 54.43
CA TYR A 4629 74.26 -63.89 55.34
C TYR A 4629 74.34 -62.53 54.69
N TYR A 4630 73.18 -61.99 54.31
CA TYR A 4630 73.12 -60.73 53.59
C TYR A 4630 73.56 -59.58 54.47
N PHE A 4631 74.42 -58.71 53.94
CA PHE A 4631 74.97 -57.62 54.71
C PHE A 4631 75.06 -56.38 53.85
N LEU A 4632 74.89 -55.23 54.48
CA LEU A 4632 74.93 -53.95 53.77
C LEU A 4632 76.33 -53.38 53.96
N GLU A 4633 76.98 -53.03 52.87
CA GLU A 4633 78.38 -52.59 52.91
C GLU A 4633 78.49 -51.10 52.61
N GLU A 4634 78.83 -50.31 53.62
CA GLU A 4634 79.10 -48.89 53.44
C GLU A 4634 80.19 -48.52 54.41
N SER A 4635 81.12 -47.66 53.98
CA SER A 4635 82.26 -47.30 54.82
C SER A 4635 81.81 -46.55 56.07
N THR A 4636 80.87 -45.62 55.93
CA THR A 4636 80.44 -44.76 57.03
C THR A 4636 79.75 -45.55 58.14
N GLY A 4637 78.88 -46.50 57.79
CA GLY A 4637 78.10 -47.23 58.77
C GLY A 4637 76.83 -46.51 59.18
N TYR A 4638 76.65 -45.26 58.75
CA TYR A 4638 75.48 -44.48 59.11
C TYR A 4638 74.20 -44.99 58.45
N MET A 4639 74.30 -45.48 57.21
CA MET A 4639 73.12 -45.85 56.42
C MET A 4639 72.28 -46.97 57.04
N GLU A 4640 72.91 -47.91 57.78
CA GLU A 4640 72.12 -49.00 58.34
C GLU A 4640 71.15 -48.50 59.43
N PRO A 4641 71.60 -47.72 60.46
CA PRO A 4641 70.61 -47.14 61.39
C PRO A 4641 69.62 -46.26 60.66
N ALA A 4642 70.12 -45.52 59.65
CA ALA A 4642 69.28 -44.67 58.83
C ALA A 4642 68.22 -45.52 58.15
N LEU A 4643 68.61 -46.71 57.66
CA LEU A 4643 67.67 -47.57 56.96
C LEU A 4643 66.57 -48.02 57.91
N TRP A 4644 66.94 -48.39 59.15
CA TRP A 4644 65.93 -48.87 60.10
C TRP A 4644 64.94 -47.77 60.43
N CYS A 4645 65.45 -46.55 60.68
CA CYS A 4645 64.59 -45.40 60.99
C CYS A 4645 63.72 -45.05 59.79
N LEU A 4646 64.33 -45.03 58.60
CA LEU A 4646 63.61 -44.64 57.38
C LEU A 4646 62.52 -45.64 57.06
N SER A 4647 62.76 -46.93 57.30
CA SER A 4647 61.72 -47.95 57.12
C SER A 4647 60.57 -47.69 58.07
N LEU A 4648 60.89 -47.36 59.34
CA LEU A 4648 59.86 -47.12 60.34
C LEU A 4648 59.04 -45.89 59.95
N LEU A 4649 59.74 -44.88 59.43
CA LEU A 4649 59.12 -43.66 58.94
C LEU A 4649 58.21 -43.97 57.76
N HIS A 4650 58.67 -44.85 56.85
CA HIS A 4650 57.90 -45.16 55.64
C HIS A 4650 56.60 -45.83 56.02
N THR A 4651 56.68 -46.78 56.96
CA THR A 4651 55.48 -47.51 57.39
C THR A 4651 54.49 -46.54 58.03
N LEU A 4652 55.03 -45.58 58.81
CA LEU A 4652 54.19 -44.57 59.46
C LEU A 4652 53.48 -43.72 58.40
N VAL A 4653 54.24 -43.28 57.38
CA VAL A 4653 53.71 -42.42 56.34
C VAL A 4653 52.61 -43.16 55.58
N ALA A 4654 52.82 -44.47 55.35
CA ALA A 4654 51.86 -45.27 54.61
C ALA A 4654 50.56 -45.33 55.38
N PHE A 4655 50.65 -45.51 56.71
CA PHE A 4655 49.46 -45.60 57.54
C PHE A 4655 48.70 -44.27 57.48
N LEU A 4656 49.47 -43.16 57.51
CA LEU A 4656 48.90 -41.83 57.45
C LEU A 4656 48.16 -41.63 56.12
N CYS A 4657 48.75 -42.15 55.04
CA CYS A 4657 48.14 -42.06 53.73
C CYS A 4657 46.81 -42.80 53.70
N ILE A 4658 46.76 -43.98 54.33
CA ILE A 4658 45.54 -44.78 54.34
C ILE A 4658 44.43 -44.05 55.08
N ILE A 4659 44.76 -43.45 56.24
CA ILE A 4659 43.78 -42.66 56.98
C ILE A 4659 43.39 -41.41 56.19
N GLY A 4660 44.35 -40.77 55.50
CA GLY A 4660 44.03 -39.65 54.63
C GLY A 4660 43.02 -40.02 53.57
N TYR A 4661 43.25 -41.15 52.90
CA TYR A 4661 42.38 -41.56 51.80
C TYR A 4661 40.98 -41.85 52.32
N ASN A 4662 40.87 -42.61 53.41
CA ASN A 4662 39.54 -42.99 53.86
C ASN A 4662 38.80 -41.83 54.53
N CYS A 4663 39.50 -40.74 54.86
CA CYS A 4663 38.84 -39.55 55.37
C CYS A 4663 38.67 -38.46 54.33
N LEU A 4664 39.23 -38.64 53.13
CA LEU A 4664 39.15 -37.61 52.10
C LEU A 4664 38.43 -38.04 50.83
N LYS A 4665 38.74 -39.21 50.28
CA LYS A 4665 38.18 -39.63 49.00
C LYS A 4665 37.02 -40.59 49.12
N VAL A 4666 37.03 -41.43 50.16
CA VAL A 4666 35.94 -42.40 50.37
C VAL A 4666 34.55 -41.75 50.50
N PRO A 4667 34.34 -40.64 51.26
CA PRO A 4667 32.98 -40.05 51.31
C PRO A 4667 32.38 -39.68 49.97
N LEU A 4668 33.20 -39.21 49.01
CA LEU A 4668 32.68 -38.95 47.67
C LEU A 4668 32.23 -40.23 46.99
N VAL A 4669 32.98 -41.32 47.16
CA VAL A 4669 32.64 -42.61 46.56
C VAL A 4669 31.31 -43.12 47.12
N ILE A 4670 31.15 -43.01 48.44
CA ILE A 4670 29.92 -43.41 49.10
C ILE A 4670 28.77 -42.52 48.65
N PHE A 4671 29.04 -41.22 48.48
CA PHE A 4671 28.02 -40.28 48.03
C PHE A 4671 27.52 -40.66 46.64
N LYS A 4672 28.45 -40.98 45.74
CA LYS A 4672 28.10 -41.35 44.37
C LYS A 4672 27.30 -42.65 44.35
N ARG A 4673 27.67 -43.61 45.21
CA ARG A 4673 26.97 -44.88 45.24
C ARG A 4673 25.56 -44.74 45.82
N GLU A 4674 25.42 -43.98 46.92
CA GLU A 4674 24.10 -43.71 47.46
C GLU A 4674 23.24 -42.94 46.46
N LYS A 4675 23.84 -41.97 45.77
CA LYS A 4675 23.09 -41.15 44.82
C LYS A 4675 22.54 -42.02 43.71
N GLU A 4676 23.40 -42.90 43.16
CA GLU A 4676 23.01 -43.74 42.03
C GLU A 4676 21.94 -44.73 42.48
N LEU A 4677 22.05 -45.22 43.72
CA LEU A 4677 21.03 -46.12 44.26
C LEU A 4677 19.71 -45.39 44.37
N ALA A 4678 19.74 -44.14 44.84
CA ALA A 4678 18.52 -43.37 45.01
C ALA A 4678 17.82 -43.15 43.67
N ARG A 4679 18.61 -42.86 42.62
CA ARG A 4679 18.04 -42.71 41.28
C ARG A 4679 17.42 -44.00 40.80
N LYS A 4680 18.12 -45.12 41.00
CA LYS A 4680 17.61 -46.42 40.55
C LYS A 4680 16.35 -46.80 41.31
N LEU A 4681 16.31 -46.53 42.61
CA LEU A 4681 15.15 -46.82 43.44
C LEU A 4681 13.95 -45.98 43.06
N GLU A 4682 14.15 -44.69 42.81
CA GLU A 4682 12.99 -43.82 42.61
C GLU A 4682 12.59 -43.72 41.14
N PHE A 4683 13.53 -43.34 40.29
CA PHE A 4683 13.19 -43.08 38.90
C PHE A 4683 13.21 -44.34 38.04
N ASP A 4684 13.79 -45.44 38.53
CA ASP A 4684 13.74 -46.68 37.78
C ASP A 4684 13.04 -47.81 38.51
N GLY A 4685 12.82 -47.71 39.82
CA GLY A 4685 12.22 -48.81 40.57
C GLY A 4685 12.96 -50.13 40.48
N LEU A 4686 14.30 -50.11 40.58
CA LEU A 4686 15.09 -51.31 40.34
C LEU A 4686 14.79 -52.43 41.33
N TYR A 4687 14.77 -52.13 42.62
CA TYR A 4687 14.56 -53.18 43.61
C TYR A 4687 13.08 -53.48 43.78
N ILE A 4688 12.23 -52.48 43.57
CA ILE A 4688 10.79 -52.66 43.70
C ILE A 4688 10.25 -53.59 42.62
N THR A 4689 10.67 -53.40 41.36
CA THR A 4689 10.04 -54.13 40.26
C THR A 4689 10.96 -55.11 39.53
N GLU A 4690 11.94 -54.63 38.77
CA GLU A 4690 12.70 -55.50 37.87
C GLU A 4690 13.54 -56.55 38.59
N GLN A 4691 14.31 -56.15 39.64
CA GLN A 4691 15.27 -56.96 40.41
C GLN A 4691 16.45 -57.40 39.56
N PRO A 4692 17.68 -56.99 39.92
CA PRO A 4692 18.86 -57.27 39.08
C PRO A 4692 19.11 -58.76 38.85
N GLY A 4693 19.59 -59.07 37.66
CA GLY A 4693 19.77 -60.44 37.20
C GLY A 4693 20.92 -61.26 37.73
N ASP A 4694 21.30 -61.06 39.01
CA ASP A 4694 22.39 -61.73 39.73
C ASP A 4694 23.79 -61.68 39.07
N ASP A 4695 23.92 -61.06 37.89
CA ASP A 4695 25.21 -60.90 37.25
C ASP A 4695 25.86 -59.56 37.57
N ASP A 4696 25.17 -58.71 38.31
CA ASP A 4696 25.69 -57.40 38.71
C ASP A 4696 25.94 -57.48 40.23
N VAL A 4697 27.18 -57.86 40.58
CA VAL A 4697 27.60 -58.11 41.97
C VAL A 4697 27.26 -56.92 42.86
N LYS A 4698 27.45 -55.70 42.31
CA LYS A 4698 27.26 -54.48 43.08
C LYS A 4698 25.81 -54.37 43.52
N GLY A 4699 24.86 -54.78 42.66
CA GLY A 4699 23.44 -54.65 42.96
C GLY A 4699 23.09 -55.47 44.19
N GLN A 4700 23.60 -56.71 44.22
CA GLN A 4700 23.32 -57.62 45.32
C GLN A 4700 23.91 -57.04 46.59
N TRP A 4701 25.11 -56.45 46.47
CA TRP A 4701 25.72 -55.82 47.64
C TRP A 4701 24.86 -54.68 48.13
N ASP A 4702 24.32 -53.90 47.19
CA ASP A 4702 23.49 -52.74 47.52
C ASP A 4702 22.17 -53.15 48.15
N ARG A 4703 21.74 -54.42 47.97
CA ARG A 4703 20.45 -54.85 48.51
C ARG A 4703 20.43 -54.70 50.03
N LEU A 4704 21.58 -54.92 50.67
CA LEU A 4704 21.71 -54.88 52.12
C LEU A 4704 21.38 -53.51 52.70
N VAL A 4705 21.88 -52.44 52.07
CA VAL A 4705 21.76 -51.10 52.63
C VAL A 4705 20.34 -50.56 52.57
N LEU A 4706 19.46 -51.20 51.79
CA LEU A 4706 18.10 -50.70 51.56
C LEU A 4706 17.31 -50.58 52.85
N ASN A 4707 17.40 -51.57 53.74
CA ASN A 4707 16.59 -51.54 54.95
C ASN A 4707 17.25 -50.77 56.08
N THR A 4708 18.52 -50.41 55.95
CA THR A 4708 19.26 -49.76 57.03
C THR A 4708 18.70 -48.36 57.26
N PRO A 4709 18.44 -47.97 58.54
CA PRO A 4709 17.97 -46.61 58.88
C PRO A 4709 18.64 -45.44 58.17
N SER A 4710 19.95 -45.26 58.35
CA SER A 4710 20.63 -44.11 57.78
C SER A 4710 21.13 -44.40 56.37
N PHE A 4711 20.20 -44.68 55.47
CA PHE A 4711 20.58 -44.83 54.06
C PHE A 4711 21.09 -43.53 53.42
N PRO A 4712 20.46 -42.33 53.61
CA PRO A 4712 21.09 -41.12 53.03
C PRO A 4712 22.07 -40.46 53.99
N SER A 4713 23.17 -41.14 54.28
CA SER A 4713 24.16 -40.61 55.21
C SER A 4713 24.84 -39.37 54.65
N ASN A 4714 25.28 -39.41 53.40
CA ASN A 4714 25.99 -38.27 52.84
C ASN A 4714 25.17 -37.52 51.79
N TYR A 4715 24.36 -38.24 51.02
CA TYR A 4715 23.54 -37.64 49.98
C TYR A 4715 22.52 -36.69 50.61
N TRP A 4716 22.31 -35.53 49.98
CA TRP A 4716 21.42 -34.52 50.53
C TRP A 4716 19.95 -34.89 50.49
N ASP A 4717 19.55 -35.84 49.64
CA ASP A 4717 18.14 -36.19 49.48
C ASP A 4717 17.71 -37.15 50.57
N LYS A 4718 17.28 -36.60 51.70
CA LYS A 4718 16.82 -37.37 52.84
C LYS A 4718 15.44 -37.99 52.61
N PHE A 4719 14.71 -37.58 51.58
CA PHE A 4719 13.34 -38.01 51.33
C PHE A 4719 13.26 -39.11 50.29
N VAL A 4720 14.35 -39.85 50.05
CA VAL A 4720 14.34 -40.91 49.05
C VAL A 4720 13.31 -41.98 49.43
N LYS A 4721 13.26 -42.33 50.71
CA LYS A 4721 12.34 -43.35 51.21
C LYS A 4721 10.89 -42.92 51.00
N ARG A 4722 10.58 -41.67 51.35
CA ARG A 4722 9.24 -41.13 51.19
C ARG A 4722 8.86 -41.04 49.72
N LYS A 4723 9.79 -40.59 48.88
CA LYS A 4723 9.52 -40.43 47.45
C LYS A 4723 9.24 -41.79 46.81
N VAL A 4724 10.04 -42.80 47.18
CA VAL A 4724 9.85 -44.14 46.64
C VAL A 4724 8.51 -44.68 47.10
N LEU A 4725 8.16 -44.45 48.38
CA LEU A 4725 6.92 -44.95 48.94
C LEU A 4725 5.73 -44.35 48.22
N ASP A 4726 5.80 -43.03 47.96
CA ASP A 4726 4.71 -42.35 47.27
C ASP A 4726 4.58 -42.83 45.83
N LYS A 4727 5.71 -42.95 45.13
CA LYS A 4727 5.71 -43.34 43.72
C LYS A 4727 5.30 -44.79 43.48
N HIS A 4728 5.77 -45.72 44.31
CA HIS A 4728 5.57 -47.14 44.03
C HIS A 4728 4.67 -47.86 45.03
N GLY A 4729 4.30 -47.22 46.14
CA GLY A 4729 3.36 -47.80 47.11
C GLY A 4729 2.05 -48.29 46.54
N ASP A 4730 1.61 -47.72 45.40
CA ASP A 4730 0.34 -48.05 44.80
C ASP A 4730 0.30 -49.50 44.34
N ILE A 4731 1.38 -49.95 43.71
CA ILE A 4731 1.43 -51.30 43.15
C ILE A 4731 2.10 -52.27 44.12
N PHE A 4732 3.29 -51.91 44.62
CA PHE A 4732 4.04 -52.80 45.51
C PHE A 4732 3.30 -53.02 46.83
N GLY A 4733 2.72 -51.97 47.39
CA GLY A 4733 2.07 -52.07 48.69
C GLY A 4733 2.84 -51.19 49.67
N ARG A 4734 2.08 -50.37 50.40
CA ARG A 4734 2.69 -49.42 51.35
C ARG A 4734 3.44 -50.16 52.44
N GLU A 4735 2.83 -51.24 52.95
CA GLU A 4735 3.44 -52.07 53.98
C GLU A 4735 4.72 -52.73 53.46
N ARG A 4736 4.69 -53.22 52.22
CA ARG A 4736 5.85 -53.86 51.64
C ARG A 4736 6.99 -52.87 51.43
N ILE A 4737 6.68 -51.66 50.95
CA ILE A 4737 7.72 -50.66 50.70
C ILE A 4737 8.36 -50.25 52.03
N ALA A 4738 7.52 -50.02 53.06
CA ALA A 4738 8.01 -49.65 54.38
C ALA A 4738 8.84 -50.77 54.98
N GLU A 4739 8.45 -52.02 54.72
CA GLU A 4739 9.20 -53.17 55.19
C GLU A 4739 10.57 -53.24 54.52
N LEU A 4740 10.59 -53.11 53.19
CA LEU A 4740 11.83 -53.24 52.42
C LEU A 4740 12.83 -52.16 52.81
N LEU A 4741 12.34 -50.92 52.95
CA LEU A 4741 13.23 -49.80 53.22
C LEU A 4741 13.44 -49.60 54.72
N GLY A 4742 12.71 -50.33 55.54
CA GLY A 4742 12.83 -50.26 56.99
C GLY A 4742 12.11 -49.09 57.61
N MET A 4743 11.26 -48.40 56.85
CA MET A 4743 10.53 -47.25 57.39
C MET A 4743 9.42 -47.71 58.31
N ASP A 4744 9.09 -46.86 59.28
CA ASP A 4744 7.96 -47.10 60.17
C ASP A 4744 6.72 -46.46 59.54
N LEU A 4745 5.89 -47.29 58.92
CA LEU A 4745 4.70 -46.79 58.21
C LEU A 4745 3.71 -46.14 59.16
N ALA A 4746 3.53 -46.74 60.35
CA ALA A 4746 2.57 -46.28 61.33
C ALA A 4746 2.89 -44.88 61.84
N SER A 4747 4.17 -44.57 61.99
CA SER A 4747 4.60 -43.31 62.58
C SER A 4747 4.72 -42.19 61.58
N LEU A 4748 4.41 -42.44 60.30
CA LEU A 4748 4.57 -41.46 59.24
C LEU A 4748 3.66 -40.25 59.41
N ASP A 4772 24.61 -48.20 63.78
CA ASP A 4772 24.13 -48.94 62.62
C ASP A 4772 25.20 -49.90 62.10
N VAL A 4773 25.29 -51.04 62.77
CA VAL A 4773 26.35 -52.03 62.50
C VAL A 4773 26.22 -52.55 61.07
N LYS A 4774 24.99 -52.87 60.66
CA LYS A 4774 24.73 -53.47 59.36
C LYS A 4774 25.16 -52.48 58.27
N TYR A 4775 24.84 -51.19 58.50
CA TYR A 4775 25.17 -50.13 57.55
C TYR A 4775 26.68 -50.03 57.42
N GLN A 4776 27.38 -50.10 58.57
CA GLN A 4776 28.84 -49.97 58.59
C GLN A 4776 29.46 -51.12 57.82
N ILE A 4777 28.87 -52.32 57.95
CA ILE A 4777 29.33 -53.49 57.21
C ILE A 4777 29.21 -53.23 55.71
N TRP A 4778 28.09 -52.64 55.30
CA TRP A 4778 27.85 -52.38 53.87
C TRP A 4778 28.89 -51.40 53.37
N LYS A 4779 29.11 -50.32 54.14
CA LYS A 4779 30.01 -49.25 53.76
C LYS A 4779 31.42 -49.81 53.62
N PHE A 4780 31.80 -50.65 54.59
CA PHE A 4780 33.14 -51.21 54.68
C PHE A 4780 33.38 -52.08 53.45
N GLY A 4781 32.36 -52.84 53.06
CA GLY A 4781 32.45 -53.68 51.87
C GLY A 4781 32.69 -52.83 50.63
N VAL A 4782 32.00 -51.68 50.56
CA VAL A 4782 32.13 -50.80 49.39
C VAL A 4782 33.57 -50.27 49.31
N ILE A 4783 34.10 -49.84 50.47
CA ILE A 4783 35.46 -49.30 50.52
C ILE A 4783 36.45 -50.40 50.14
N PHE A 4784 36.21 -51.61 50.66
CA PHE A 4784 37.12 -52.74 50.44
C PHE A 4784 37.16 -53.09 48.96
N THR A 4785 36.00 -53.03 48.30
CA THR A 4785 35.98 -53.28 46.86
C THR A 4785 36.66 -52.17 46.07
N ASP A 4786 36.72 -50.94 46.59
CA ASP A 4786 37.26 -49.80 45.83
C ASP A 4786 38.71 -50.05 45.41
N ASN A 4787 39.04 -49.73 44.16
CA ASN A 4787 40.37 -50.00 43.62
C ASN A 4787 41.49 -49.22 44.33
N SER A 4788 41.28 -47.91 44.54
CA SER A 4788 42.35 -47.08 45.10
C SER A 4788 42.69 -47.50 46.51
N PHE A 4789 41.67 -47.85 47.31
CA PHE A 4789 41.89 -48.25 48.68
C PHE A 4789 42.72 -49.54 48.70
N LEU A 4790 42.55 -50.37 47.67
CA LEU A 4790 43.25 -51.63 47.60
C LEU A 4790 44.71 -51.39 47.26
N TYR A 4791 44.96 -50.47 46.31
CA TYR A 4791 46.33 -50.10 46.00
C TYR A 4791 47.04 -49.51 47.23
N LEU A 4792 46.33 -48.69 48.00
CA LEU A 4792 46.89 -48.13 49.23
C LEU A 4792 47.17 -49.24 50.25
N GLY A 4793 46.27 -50.23 50.32
CA GLY A 4793 46.47 -51.38 51.16
C GLY A 4793 47.67 -52.20 50.74
N TRP A 4794 47.85 -52.36 49.42
CA TRP A 4794 48.99 -53.09 48.89
C TRP A 4794 50.29 -52.38 49.22
N TYR A 4795 50.27 -51.03 49.13
CA TYR A 4795 51.43 -50.22 49.49
C TYR A 4795 51.80 -50.42 50.96
N MET A 4796 50.80 -50.37 51.83
CA MET A 4796 51.07 -50.54 53.26
C MET A 4796 51.49 -51.98 53.56
N VAL A 4797 50.84 -52.97 52.92
CA VAL A 4797 51.10 -54.37 53.19
C VAL A 4797 52.52 -54.73 52.76
N MET A 4798 52.95 -54.23 51.59
CA MET A 4798 54.33 -54.42 51.14
C MET A 4798 55.31 -53.70 52.06
N SER A 4799 54.93 -52.51 52.55
CA SER A 4799 55.77 -51.78 53.50
C SER A 4799 55.93 -52.58 54.79
N LEU A 4800 54.86 -53.25 55.22
CA LEU A 4800 54.92 -54.11 56.40
C LEU A 4800 55.85 -55.27 56.15
N LEU A 4801 55.70 -55.94 55.00
CA LEU A 4801 56.48 -57.14 54.70
C LEU A 4801 57.97 -56.79 54.56
N GLY A 4802 58.24 -55.55 54.12
CA GLY A 4802 59.61 -55.13 53.91
C GLY A 4802 60.42 -55.12 55.19
N HIS A 4803 59.75 -54.99 56.34
CA HIS A 4803 60.44 -55.11 57.63
C HIS A 4803 61.03 -56.50 57.78
N TYR A 4804 60.27 -57.53 57.41
CA TYR A 4804 60.71 -58.91 57.40
C TYR A 4804 61.88 -59.02 56.42
N ASN A 4805 61.60 -59.02 55.12
CA ASN A 4805 62.68 -59.04 54.13
C ASN A 4805 62.91 -57.62 53.64
N ASN A 4806 64.15 -57.11 53.79
CA ASN A 4806 64.43 -55.71 53.49
C ASN A 4806 64.16 -55.39 52.02
N PHE A 4807 64.51 -56.32 51.13
CA PHE A 4807 64.42 -56.10 49.68
C PHE A 4807 63.00 -55.85 49.21
N PHE A 4808 61.99 -56.30 49.98
CA PHE A 4808 60.59 -56.16 49.61
C PHE A 4808 60.22 -54.69 49.45
N PHE A 4809 60.90 -53.79 50.19
CA PHE A 4809 60.63 -52.37 50.21
C PHE A 4809 60.88 -51.70 48.86
N ALA A 4810 61.50 -52.42 47.91
CA ALA A 4810 61.87 -51.89 46.63
C ALA A 4810 60.79 -52.11 45.58
N ALA A 4811 59.66 -52.70 45.97
CA ALA A 4811 58.59 -52.96 45.03
C ALA A 4811 57.63 -51.78 44.96
N HIS A 4812 57.89 -50.78 45.79
CA HIS A 4812 57.05 -49.60 45.92
C HIS A 4812 57.40 -48.55 44.88
N LEU A 4813 58.46 -48.81 44.11
CA LEU A 4813 58.98 -47.84 43.15
C LEU A 4813 58.03 -47.59 41.99
N LEU A 4814 57.08 -48.50 41.73
CA LEU A 4814 56.19 -48.33 40.59
C LEU A 4814 55.01 -47.44 40.92
N ASP A 4815 55.02 -46.81 42.10
CA ASP A 4815 54.03 -45.79 42.40
C ASP A 4815 54.24 -44.54 41.57
N ILE A 4816 55.44 -44.35 40.99
CA ILE A 4816 55.72 -43.24 40.08
C ILE A 4816 54.81 -43.25 38.85
N ALA A 4817 54.30 -44.43 38.49
CA ALA A 4817 53.35 -44.61 37.41
C ALA A 4817 52.06 -43.84 37.66
N MET A 4818 51.60 -43.85 38.91
CA MET A 4818 50.42 -43.07 39.26
C MET A 4818 50.81 -41.71 39.80
N GLY A 4819 52.06 -41.58 40.24
CA GLY A 4819 52.50 -40.34 40.87
C GLY A 4819 52.65 -39.21 39.87
N VAL A 4820 53.28 -39.47 38.73
CA VAL A 4820 53.56 -38.40 37.79
C VAL A 4820 52.60 -38.49 36.62
N LYS A 4821 51.98 -37.35 36.30
CA LYS A 4821 50.96 -37.29 35.24
C LYS A 4821 51.55 -37.66 33.87
N THR A 4822 52.78 -37.20 33.58
CA THR A 4822 53.41 -37.47 32.30
C THR A 4822 53.63 -38.96 32.14
N LEU A 4823 54.09 -39.60 33.22
CA LEU A 4823 54.40 -41.02 33.16
C LEU A 4823 53.12 -41.76 32.91
N ARG A 4824 52.03 -41.30 33.57
CA ARG A 4824 50.74 -41.98 33.49
C ARG A 4824 50.25 -41.93 32.05
N THR A 4825 50.47 -40.79 31.38
CA THR A 4825 50.07 -40.64 29.97
C THR A 4825 50.88 -41.58 29.08
N ILE A 4826 52.18 -41.69 29.36
CA ILE A 4826 53.05 -42.58 28.59
C ILE A 4826 52.61 -44.03 28.78
N LEU A 4827 52.33 -44.43 30.01
CA LEU A 4827 51.88 -45.79 30.25
C LEU A 4827 50.47 -46.03 29.71
N SER A 4828 49.65 -44.97 29.62
CA SER A 4828 48.34 -45.12 28.99
C SER A 4828 48.50 -45.41 27.51
N SER A 4829 49.60 -44.93 26.92
CA SER A 4829 49.89 -45.29 25.53
C SER A 4829 50.28 -46.74 25.37
N VAL A 4830 50.57 -47.45 26.46
CA VAL A 4830 50.82 -48.88 26.40
C VAL A 4830 49.58 -49.69 26.75
N THR A 4831 48.84 -49.23 27.75
CA THR A 4831 47.63 -49.91 28.19
C THR A 4831 46.41 -49.63 27.31
N HIS A 4832 46.50 -48.64 26.43
CA HIS A 4832 45.39 -48.31 25.55
C HIS A 4832 45.07 -49.45 24.58
N ASN A 4833 46.09 -50.05 23.99
CA ASN A 4833 45.93 -51.20 23.12
C ASN A 4833 46.45 -52.48 23.73
N GLY A 4834 46.25 -52.64 25.05
CA GLY A 4834 46.75 -53.81 25.75
C GLY A 4834 46.13 -55.11 25.26
N LYS A 4835 44.83 -55.11 24.99
CA LYS A 4835 44.16 -56.30 24.48
C LYS A 4835 44.70 -56.71 23.12
N GLN A 4836 44.97 -55.73 22.26
CA GLN A 4836 45.59 -56.00 20.96
C GLN A 4836 47.00 -56.54 21.14
N LEU A 4837 47.72 -56.04 22.15
CA LEU A 4837 49.07 -56.54 22.43
C LEU A 4837 49.02 -58.00 22.86
N VAL A 4838 47.99 -58.35 23.64
CA VAL A 4838 47.80 -59.74 24.05
C VAL A 4838 47.50 -60.60 22.83
N MET A 4839 46.66 -60.10 21.92
CA MET A 4839 46.30 -60.89 20.74
C MET A 4839 47.51 -61.11 19.84
N THR A 4840 48.34 -60.08 19.64
CA THR A 4840 49.50 -60.30 18.77
C THR A 4840 50.54 -61.19 19.46
N VAL A 4841 50.64 -61.17 20.79
CA VAL A 4841 51.49 -62.15 21.46
C VAL A 4841 50.89 -63.56 21.37
N GLY A 4842 49.57 -63.66 21.16
CA GLY A 4842 49.02 -64.96 20.88
C GLY A 4842 49.25 -65.38 19.45
N LEU A 4843 49.45 -64.39 18.58
CA LEU A 4843 49.86 -64.71 17.21
C LEU A 4843 51.31 -65.17 17.21
N LEU A 4844 52.12 -64.62 18.09
CA LEU A 4844 53.49 -65.11 18.25
C LEU A 4844 53.49 -66.55 18.75
N ALA A 4845 52.62 -66.85 19.71
CA ALA A 4845 52.52 -68.20 20.28
C ALA A 4845 52.09 -69.23 19.24
N VAL A 4846 51.12 -68.86 18.40
CA VAL A 4846 50.66 -69.73 17.32
C VAL A 4846 51.70 -69.92 16.23
N VAL A 4847 52.32 -68.84 15.74
CA VAL A 4847 53.25 -69.03 14.63
C VAL A 4847 54.55 -69.69 15.11
N VAL A 4848 55.03 -69.36 16.31
CA VAL A 4848 56.23 -70.01 16.86
C VAL A 4848 55.95 -71.50 17.02
N TYR A 4849 54.72 -71.83 17.44
CA TYR A 4849 54.35 -73.23 17.56
C TYR A 4849 54.30 -73.92 16.21
N LEU A 4850 53.71 -73.26 15.20
CA LEU A 4850 53.56 -73.89 13.89
C LEU A 4850 54.91 -74.18 13.25
N TYR A 4851 55.86 -73.26 13.44
CA TYR A 4851 57.24 -73.52 13.03
C TYR A 4851 57.85 -74.66 13.83
N THR A 4852 57.58 -74.72 15.14
CA THR A 4852 58.16 -75.78 15.96
C THR A 4852 57.71 -77.14 15.46
N VAL A 4853 56.41 -77.28 15.15
CA VAL A 4853 55.87 -78.52 14.58
C VAL A 4853 56.54 -78.84 13.24
N VAL A 4854 56.81 -77.79 12.44
CA VAL A 4854 57.36 -77.98 11.10
C VAL A 4854 58.81 -78.43 11.18
N ALA A 4855 59.59 -77.82 12.08
CA ALA A 4855 60.97 -78.25 12.24
C ALA A 4855 61.05 -79.61 12.91
N PHE A 4856 60.18 -79.88 13.89
CA PHE A 4856 60.25 -81.10 14.68
C PHE A 4856 60.05 -82.31 13.76
N ASN A 4857 59.12 -82.17 12.81
CA ASN A 4857 58.86 -83.28 11.89
C ASN A 4857 60.04 -83.54 10.94
N PHE A 4858 60.73 -82.50 10.48
CA PHE A 4858 61.73 -82.66 9.43
C PHE A 4858 63.13 -82.14 9.70
N PHE A 4859 63.41 -81.44 10.78
CA PHE A 4859 64.71 -80.79 10.93
C PHE A 4859 65.33 -81.08 12.29
N ARG A 4860 65.16 -82.32 12.76
CA ARG A 4860 65.58 -82.70 14.12
C ARG A 4860 67.10 -82.65 14.30
N LYS A 4861 67.85 -83.08 13.27
CA LYS A 4861 69.31 -83.19 13.38
C LYS A 4861 69.97 -81.84 13.62
N PHE A 4862 69.49 -80.81 12.92
CA PHE A 4862 70.13 -79.50 12.88
C PHE A 4862 70.24 -78.86 14.25
N TYR A 4863 69.20 -79.00 15.09
CA TYR A 4863 69.18 -78.27 16.36
C TYR A 4863 69.97 -79.05 17.41
N ASN A 4864 71.29 -79.10 17.21
CA ASN A 4864 72.19 -79.71 18.18
C ASN A 4864 72.96 -78.59 18.87
N LYS A 4865 72.80 -78.47 20.18
CA LYS A 4865 73.41 -77.35 20.89
C LYS A 4865 74.68 -77.73 21.63
N SER A 4866 75.16 -78.96 21.51
CA SER A 4866 76.32 -79.40 22.28
C SER A 4866 77.44 -79.77 21.33
N GLU A 4867 78.61 -79.17 21.55
CA GLU A 4867 79.79 -79.48 20.75
C GLU A 4867 80.28 -80.90 20.99
N ASP A 4868 80.21 -81.36 22.24
CA ASP A 4868 80.76 -82.67 22.62
C ASP A 4868 80.03 -83.81 21.93
N GLU A 4869 80.81 -84.65 21.23
CA GLU A 4869 80.26 -85.78 20.50
C GLU A 4869 79.70 -86.85 21.43
N ASP A 4870 80.29 -87.04 22.61
CA ASP A 4870 79.89 -88.15 23.48
C ASP A 4870 78.52 -87.92 24.08
N GLU A 4871 78.18 -86.68 24.43
CA GLU A 4871 76.85 -86.35 24.93
C GLU A 4871 76.26 -85.19 24.14
N PRO A 4872 75.84 -85.42 22.89
CA PRO A 4872 75.30 -84.31 22.10
C PRO A 4872 73.91 -83.99 22.62
N ASP A 4873 73.54 -82.72 22.56
CA ASP A 4873 72.21 -82.33 22.99
C ASP A 4873 71.40 -81.87 21.80
N MET A 4874 70.37 -82.62 21.49
CA MET A 4874 69.43 -82.28 20.44
C MET A 4874 68.25 -81.66 21.18
N LYS A 4875 67.87 -80.44 20.81
CA LYS A 4875 66.82 -79.78 21.56
C LYS A 4875 65.51 -79.74 20.80
N CYS A 4876 65.34 -80.64 19.83
CA CYS A 4876 64.06 -80.72 19.13
C CYS A 4876 63.33 -82.05 19.29
N ASP A 4877 63.89 -83.04 19.98
CA ASP A 4877 63.23 -84.35 20.07
C ASP A 4877 61.92 -84.26 20.82
N ASP A 4878 61.90 -83.50 21.92
CA ASP A 4878 60.74 -83.38 22.78
C ASP A 4878 60.01 -82.12 22.33
N MET A 4879 58.70 -82.24 22.12
CA MET A 4879 57.93 -81.11 21.58
C MET A 4879 57.99 -79.93 22.53
N MET A 4880 57.92 -80.18 23.84
CA MET A 4880 57.96 -79.10 24.83
C MET A 4880 59.28 -78.36 24.75
N THR A 4881 60.37 -79.10 24.54
CA THR A 4881 61.70 -78.50 24.48
C THR A 4881 61.89 -77.73 23.19
N CYS A 4882 61.48 -78.29 22.04
CA CYS A 4882 61.64 -77.57 20.78
C CYS A 4882 60.81 -76.29 20.76
N TYR A 4883 59.58 -76.35 21.28
CA TYR A 4883 58.77 -75.14 21.44
C TYR A 4883 59.48 -74.14 22.35
N LEU A 4884 59.97 -74.62 23.50
CA LEU A 4884 60.63 -73.77 24.48
C LEU A 4884 61.89 -73.15 23.88
N PHE A 4885 62.61 -73.93 23.07
CA PHE A 4885 63.79 -73.47 22.36
C PHE A 4885 63.40 -72.40 21.36
N HIS A 4886 62.31 -72.61 20.64
CA HIS A 4886 61.93 -71.69 19.58
C HIS A 4886 61.53 -70.37 20.19
N MET A 4887 60.77 -70.41 21.27
CA MET A 4887 60.30 -69.21 21.93
C MET A 4887 61.42 -68.48 22.66
N TYR A 4888 62.26 -69.20 23.41
CA TYR A 4888 63.37 -68.55 24.10
C TYR A 4888 64.49 -68.06 23.19
N VAL A 4889 64.96 -68.82 22.20
CA VAL A 4889 66.12 -68.33 21.44
C VAL A 4889 65.83 -67.99 19.98
N GLY A 4890 64.70 -68.38 19.41
CA GLY A 4890 64.41 -67.95 18.06
C GLY A 4890 63.94 -66.53 17.98
N VAL A 4891 62.83 -66.21 18.66
CA VAL A 4891 62.30 -64.85 18.66
C VAL A 4891 63.28 -63.88 19.27
N ARG A 4892 63.94 -64.29 20.36
CA ARG A 4892 64.84 -63.38 21.06
C ARG A 4892 66.11 -63.10 20.27
N ALA A 4893 66.37 -63.84 19.21
CA ALA A 4893 67.55 -63.61 18.39
C ALA A 4893 67.24 -62.49 17.42
N GLY A 4894 68.28 -61.87 16.89
CA GLY A 4894 68.03 -60.85 15.90
C GLY A 4894 68.22 -61.34 14.50
N GLY A 4895 68.69 -62.57 14.32
CA GLY A 4895 68.94 -63.09 13.01
C GLY A 4895 68.16 -64.34 12.69
N GLY A 4896 67.11 -64.59 13.47
CA GLY A 4896 66.25 -65.72 13.22
C GLY A 4896 66.82 -66.98 13.82
N ILE A 4897 66.06 -68.07 13.67
CA ILE A 4897 66.43 -69.34 14.27
C ILE A 4897 67.66 -69.94 13.57
N GLY A 4898 67.75 -69.79 12.23
CA GLY A 4898 68.80 -70.45 11.47
C GLY A 4898 70.21 -70.06 11.86
N ASP A 4899 70.42 -68.78 12.23
CA ASP A 4899 71.74 -68.37 12.71
C ASP A 4899 72.06 -69.03 14.04
N GLU A 4900 71.05 -69.17 14.90
CA GLU A 4900 71.22 -69.80 16.20
C GLU A 4900 71.58 -71.28 16.05
N ILE A 4901 70.97 -71.96 15.09
CA ILE A 4901 71.15 -73.40 14.92
C ILE A 4901 72.24 -73.71 13.89
N GLU A 4902 72.26 -74.95 13.38
CA GLU A 4902 73.29 -75.44 12.49
C GLU A 4902 73.16 -74.89 11.05
N ASP A 4903 74.24 -75.10 10.31
CA ASP A 4903 74.35 -74.62 8.92
C ASP A 4903 73.42 -75.42 8.01
N PRO A 4904 72.73 -74.77 7.07
CA PRO A 4904 71.90 -75.52 6.13
C PRO A 4904 72.59 -76.09 4.90
N ALA A 4905 73.82 -75.72 4.60
CA ALA A 4905 74.45 -76.15 3.36
C ALA A 4905 74.83 -77.64 3.43
N GLY A 4906 75.11 -78.21 2.27
CA GLY A 4906 75.54 -79.60 2.16
C GLY A 4906 74.55 -80.64 2.66
N ASP A 4907 73.27 -80.50 2.31
CA ASP A 4907 72.29 -81.51 2.70
C ASP A 4907 71.26 -81.60 1.57
N GLU A 4908 70.50 -82.71 1.55
CA GLU A 4908 69.43 -82.90 0.56
C GLU A 4908 68.30 -81.89 0.73
N TYR A 4909 67.84 -81.67 1.98
CA TYR A 4909 66.68 -80.82 2.23
C TYR A 4909 66.97 -79.36 1.89
N GLU A 4910 68.19 -78.89 2.23
CA GLU A 4910 68.78 -77.55 2.11
C GLU A 4910 67.83 -76.42 1.74
N LEU A 4911 67.31 -76.45 0.50
CA LEU A 4911 66.45 -75.38 0.02
C LEU A 4911 65.23 -75.22 0.91
N TYR A 4912 64.72 -76.36 1.40
CA TYR A 4912 63.55 -76.35 2.28
C TYR A 4912 63.87 -75.57 3.54
N ARG A 4913 65.07 -75.83 4.08
CA ARG A 4913 65.47 -75.18 5.32
C ARG A 4913 65.75 -73.70 5.14
N VAL A 4914 66.38 -73.27 4.03
CA VAL A 4914 66.59 -71.83 3.84
C VAL A 4914 65.23 -71.12 3.75
N VAL A 4915 64.25 -71.72 3.05
CA VAL A 4915 62.92 -71.13 2.99
C VAL A 4915 62.31 -71.05 4.40
N PHE A 4916 62.59 -72.07 5.22
CA PHE A 4916 62.17 -72.12 6.62
C PHE A 4916 62.76 -70.97 7.44
N ASP A 4917 64.06 -70.70 7.30
CA ASP A 4917 64.64 -69.58 8.06
C ASP A 4917 64.19 -68.23 7.52
N ILE A 4918 64.18 -68.01 6.19
CA ILE A 4918 63.84 -66.68 5.68
C ILE A 4918 62.40 -66.32 6.07
N THR A 4919 61.51 -67.32 6.10
CA THR A 4919 60.15 -67.06 6.55
C THR A 4919 60.16 -66.64 8.01
N PHE A 4920 61.01 -67.29 8.82
CA PHE A 4920 61.04 -67.01 10.24
C PHE A 4920 61.60 -65.62 10.49
N PHE A 4921 62.51 -65.19 9.60
CA PHE A 4921 63.05 -63.85 9.64
C PHE A 4921 61.97 -62.82 9.36
N PHE A 4922 61.17 -63.05 8.32
CA PHE A 4922 60.21 -62.02 7.93
C PHE A 4922 58.97 -62.07 8.80
N PHE A 4923 58.26 -63.18 8.72
CA PHE A 4923 56.94 -63.35 9.34
C PHE A 4923 57.01 -63.34 10.86
N VAL A 4924 58.04 -63.97 11.45
CA VAL A 4924 58.11 -64.14 12.89
C VAL A 4924 59.11 -63.20 13.56
N ILE A 4925 59.84 -62.41 12.79
CA ILE A 4925 60.72 -61.44 13.43
C ILE A 4925 60.37 -60.06 12.94
N VAL A 4926 60.52 -59.82 11.64
CA VAL A 4926 60.33 -58.48 11.08
C VAL A 4926 58.87 -58.04 11.23
N ILE A 4927 57.91 -58.88 10.83
CA ILE A 4927 56.52 -58.47 10.84
C ILE A 4927 55.98 -58.40 12.27
N LEU A 4928 56.30 -59.39 13.10
CA LEU A 4928 55.65 -59.49 14.39
C LEU A 4928 56.29 -58.65 15.47
N LEU A 4929 57.36 -57.92 15.16
CA LEU A 4929 57.93 -56.96 16.08
C LEU A 4929 57.76 -55.55 15.53
N ALA A 4930 56.88 -55.42 14.54
CA ALA A 4930 56.51 -54.17 13.91
C ALA A 4930 55.08 -53.80 14.21
N ILE A 4931 54.26 -54.82 14.48
CA ILE A 4931 52.88 -54.61 14.90
C ILE A 4931 52.83 -53.99 16.29
N ILE A 4932 53.75 -54.39 17.16
CA ILE A 4932 53.87 -53.78 18.48
C ILE A 4932 54.29 -52.31 18.39
N GLN A 4933 55.21 -52.00 17.47
CA GLN A 4933 55.59 -50.61 17.24
C GLN A 4933 54.45 -49.82 16.64
N GLY A 4934 53.67 -50.45 15.76
CA GLY A 4934 52.51 -49.81 15.18
C GLY A 4934 51.48 -49.50 16.25
N LEU A 4935 51.23 -50.45 17.14
CA LEU A 4935 50.20 -50.28 18.16
C LEU A 4935 50.56 -49.15 19.13
N ILE A 4936 51.84 -49.05 19.50
CA ILE A 4936 52.30 -47.93 20.35
C ILE A 4936 52.18 -46.59 19.60
N ILE A 4937 52.66 -46.54 18.35
CA ILE A 4937 52.65 -45.31 17.57
C ILE A 4937 51.20 -44.87 17.33
N ASP A 4938 50.32 -45.84 17.06
CA ASP A 4938 48.89 -45.58 16.93
C ASP A 4938 48.32 -45.03 18.22
N ALA A 4939 48.77 -45.55 19.38
CA ALA A 4939 48.24 -45.13 20.66
C ALA A 4939 48.53 -43.65 20.90
N PHE A 4940 49.76 -43.22 20.59
CA PHE A 4940 50.15 -41.83 20.82
C PHE A 4940 49.29 -40.90 19.99
N GLY A 4941 48.97 -41.35 18.77
CA GLY A 4941 48.10 -40.59 17.90
C GLY A 4941 46.71 -40.51 18.48
N GLU A 4942 46.21 -41.62 19.02
CA GLU A 4942 44.85 -41.64 19.53
C GLU A 4942 44.68 -40.74 20.74
N LEU A 4943 45.67 -40.73 21.62
CA LEU A 4943 45.60 -39.87 22.79
C LEU A 4943 45.69 -38.42 22.36
N ARG A 4944 46.55 -38.16 21.37
CA ARG A 4944 46.69 -36.82 20.82
C ARG A 4944 45.40 -36.37 20.17
N ASP A 4945 44.78 -37.25 19.38
CA ASP A 4945 43.59 -36.91 18.61
C ASP A 4945 42.47 -36.58 19.57
N GLN A 4946 42.39 -37.33 20.67
CA GLN A 4946 41.34 -37.11 21.66
C GLN A 4946 41.46 -35.72 22.25
N GLN A 4947 42.70 -35.34 22.63
CA GLN A 4947 42.90 -34.01 23.21
C GLN A 4947 42.68 -32.90 22.18
N GLU A 4948 43.12 -33.12 20.93
CA GLU A 4948 42.90 -32.15 19.87
C GLU A 4948 41.42 -31.97 19.56
N GLN A 4949 40.66 -33.06 19.52
CA GLN A 4949 39.23 -32.98 19.26
C GLN A 4949 38.54 -32.23 20.39
N VAL A 4950 38.98 -32.47 21.63
CA VAL A 4950 38.39 -31.81 22.80
C VAL A 4950 38.63 -30.31 22.69
N LYS A 4951 39.86 -29.93 22.30
CA LYS A 4951 40.24 -28.53 22.23
C LYS A 4951 39.46 -27.83 21.13
N GLU A 4952 39.44 -28.43 19.93
CA GLU A 4952 38.77 -27.82 18.79
C GLU A 4952 37.27 -27.68 19.04
N ASP A 4953 36.64 -28.69 19.66
CA ASP A 4953 35.21 -28.64 19.89
C ASP A 4953 34.86 -27.55 20.89
N MET A 4954 35.69 -27.41 21.95
CA MET A 4954 35.47 -26.31 22.90
C MET A 4954 35.65 -24.96 22.23
N GLU A 4955 36.69 -24.82 21.40
CA GLU A 4955 36.97 -23.53 20.77
C GLU A 4955 35.86 -23.14 19.79
N THR A 4956 35.32 -24.10 19.05
CA THR A 4956 34.37 -23.75 18.00
C THR A 4956 32.92 -23.86 18.44
N LYS A 4957 32.64 -24.33 19.66
CA LYS A 4957 31.26 -24.52 20.05
C LYS A 4957 31.07 -24.13 21.51
N CYS A 4958 29.85 -23.73 21.84
CA CYS A 4958 29.51 -23.43 23.21
C CYS A 4958 29.07 -24.74 23.85
N PHE A 4959 29.67 -25.07 24.99
CA PHE A 4959 29.44 -26.36 25.62
C PHE A 4959 27.99 -26.53 26.07
N ILE A 4960 27.46 -25.53 26.77
CA ILE A 4960 26.12 -25.65 27.33
C ILE A 4960 25.05 -25.64 26.24
N CYS A 4961 25.18 -24.74 25.26
CA CYS A 4961 24.09 -24.61 24.30
C CYS A 4961 24.29 -25.46 23.05
N GLY A 4962 25.50 -25.52 22.50
CA GLY A 4962 25.77 -26.25 21.28
C GLY A 4962 25.80 -25.43 20.01
N ILE A 4963 25.43 -24.14 20.08
CA ILE A 4963 25.49 -23.25 18.93
C ILE A 4963 26.96 -23.03 18.55
N GLY A 4964 27.21 -22.72 17.27
CA GLY A 4964 28.56 -22.62 16.80
C GLY A 4964 29.20 -21.31 17.18
N SER A 4965 30.49 -21.22 16.91
CA SER A 4965 31.25 -20.01 17.20
C SER A 4965 30.83 -18.82 16.36
N ASP A 4966 30.38 -19.03 15.11
CA ASP A 4966 30.13 -17.94 14.17
C ASP A 4966 29.07 -16.95 14.66
N TYR A 4967 27.94 -17.48 15.18
CA TYR A 4967 26.86 -16.61 15.63
C TYR A 4967 27.33 -15.70 16.74
N PHE A 4968 28.06 -16.24 17.71
CA PHE A 4968 28.50 -15.41 18.80
C PHE A 4968 29.56 -14.46 18.30
N ASP A 4969 30.36 -14.94 17.34
CA ASP A 4969 31.53 -14.24 16.82
C ASP A 4969 31.19 -13.07 15.94
N THR A 4970 29.91 -12.89 15.56
CA THR A 4970 29.56 -11.79 14.66
C THR A 4970 29.96 -10.45 15.28
N THR A 4971 29.70 -10.30 16.58
CA THR A 4971 30.16 -9.15 17.36
C THR A 4971 31.63 -9.40 17.74
N PRO A 4972 32.41 -8.35 18.00
CA PRO A 4972 33.80 -8.57 18.44
C PRO A 4972 33.87 -9.28 19.79
N HIS A 4973 34.75 -10.31 19.86
CA HIS A 4973 34.98 -11.16 21.04
C HIS A 4973 33.68 -11.78 21.55
N GLY A 4974 32.79 -12.11 20.62
CA GLY A 4974 31.47 -12.60 20.97
C GLY A 4974 31.50 -13.95 21.62
N PHE A 4975 32.31 -14.88 21.06
CA PHE A 4975 32.36 -16.23 21.58
C PHE A 4975 32.87 -16.19 23.02
N GLU A 4976 33.87 -15.34 23.26
CA GLU A 4976 34.47 -15.23 24.58
C GLU A 4976 33.42 -14.76 25.57
N THR A 4977 32.60 -13.78 25.15
CA THR A 4977 31.57 -13.26 26.04
C THR A 4977 30.53 -14.34 26.33
N HIS A 4978 30.14 -15.10 25.29
CA HIS A 4978 29.11 -16.12 25.49
C HIS A 4978 29.61 -17.21 26.42
N THR A 4979 30.86 -17.62 26.25
CA THR A 4979 31.40 -18.72 27.05
C THR A 4979 32.03 -18.22 28.34
N LEU A 4980 31.79 -16.96 28.70
CA LEU A 4980 32.30 -16.47 29.96
C LEU A 4980 31.31 -15.53 30.65
N GLU A 4981 30.08 -15.42 30.15
CA GLU A 4981 29.06 -14.65 30.84
C GLU A 4981 27.69 -15.32 30.81
N GLU A 4982 27.12 -15.39 29.60
CA GLU A 4982 25.75 -15.88 29.41
C GLU A 4982 25.60 -17.37 29.70
N HIS A 4983 26.52 -18.19 29.21
CA HIS A 4983 26.30 -19.63 29.33
C HIS A 4983 27.46 -20.35 30.01
N ASN A 4984 28.14 -19.70 30.96
CA ASN A 4984 29.32 -20.29 31.55
C ASN A 4984 28.97 -21.54 32.36
N LEU A 4985 29.80 -22.58 32.19
CA LEU A 4985 29.57 -23.86 32.86
C LEU A 4985 29.67 -23.67 34.36
N ALA A 4986 30.65 -22.87 34.78
CA ALA A 4986 30.88 -22.66 36.20
C ALA A 4986 29.66 -21.98 36.79
N ASN A 4987 29.08 -21.02 36.04
CA ASN A 4987 27.92 -20.28 36.53
C ASN A 4987 26.76 -21.21 36.76
N TYR A 4988 26.59 -22.22 35.88
CA TYR A 4988 25.55 -23.22 36.12
C TYR A 4988 25.83 -24.00 37.40
N MET A 4989 27.11 -24.37 37.63
CA MET A 4989 27.39 -25.14 38.84
C MET A 4989 27.07 -24.30 40.07
N PHE A 4990 27.41 -22.99 40.03
CA PHE A 4990 27.17 -22.12 41.18
C PHE A 4990 25.67 -22.00 41.41
N PHE A 4991 24.88 -22.02 40.32
CA PHE A 4991 23.43 -21.97 40.46
C PHE A 4991 22.93 -23.19 41.20
N LEU A 4992 23.37 -24.39 40.77
CA LEU A 4992 22.86 -25.60 41.40
C LEU A 4992 23.32 -25.68 42.86
N MET A 4993 24.50 -25.11 43.13
CA MET A 4993 24.99 -24.99 44.50
C MET A 4993 24.07 -24.07 45.29
N TYR A 4994 23.67 -22.95 44.68
CA TYR A 4994 22.83 -21.96 45.34
C TYR A 4994 21.50 -22.56 45.69
N LEU A 4995 20.92 -23.30 44.74
CA LEU A 4995 19.60 -23.90 44.93
C LEU A 4995 19.63 -24.95 46.03
N ILE A 4996 20.70 -25.76 46.07
CA ILE A 4996 20.84 -26.74 47.15
C ILE A 4996 21.02 -26.06 48.49
N ASN A 4997 21.87 -25.02 48.56
CA ASN A 4997 22.16 -24.39 49.84
C ASN A 4997 20.97 -23.60 50.36
N LYS A 4998 20.32 -22.82 49.50
CA LYS A 4998 19.22 -21.96 49.91
C LYS A 4998 18.03 -22.76 50.43
N ASP A 4999 17.48 -22.30 51.55
CA ASP A 4999 16.34 -22.96 52.18
C ASP A 4999 15.11 -22.89 51.28
N GLU A 5000 14.39 -24.01 51.18
CA GLU A 5000 13.12 -24.04 50.49
C GLU A 5000 12.14 -23.13 51.23
N THR A 5001 11.19 -22.55 50.48
CA THR A 5001 10.13 -21.57 50.81
C THR A 5001 10.64 -20.14 50.71
N GLU A 5002 11.93 -19.95 50.46
CA GLU A 5002 12.49 -18.64 50.19
C GLU A 5002 12.89 -18.56 48.73
N HIS A 5003 12.68 -19.64 47.99
CA HIS A 5003 13.03 -19.74 46.59
C HIS A 5003 12.11 -18.82 45.78
N THR A 5004 12.69 -18.09 44.83
CA THR A 5004 11.87 -17.30 43.94
C THR A 5004 11.24 -18.23 42.92
N GLY A 5005 10.30 -17.70 42.12
CA GLY A 5005 9.53 -18.56 41.21
C GLY A 5005 10.40 -19.30 40.21
N GLN A 5006 11.38 -18.60 39.64
CA GLN A 5006 12.28 -19.24 38.67
C GLN A 5006 13.09 -20.32 39.37
N GLU A 5007 13.53 -20.02 40.60
CA GLU A 5007 14.33 -20.96 41.37
C GLU A 5007 13.52 -22.20 41.72
N SER A 5008 12.23 -22.01 42.04
CA SER A 5008 11.34 -23.14 42.29
C SER A 5008 11.20 -24.00 41.05
N TYR A 5009 11.09 -23.35 39.89
CA TYR A 5009 10.90 -24.06 38.63
C TYR A 5009 12.10 -24.96 38.34
N VAL A 5010 13.30 -24.40 38.51
CA VAL A 5010 14.53 -25.17 38.33
C VAL A 5010 14.65 -26.26 39.40
N TRP A 5011 14.27 -25.93 40.64
CA TRP A 5011 14.38 -26.89 41.74
C TRP A 5011 13.51 -28.10 41.44
N LYS A 5012 12.29 -27.84 40.95
CA LYS A 5012 11.33 -28.90 40.67
C LYS A 5012 11.90 -29.80 39.57
N MET A 5013 12.50 -29.18 38.53
CA MET A 5013 13.04 -29.98 37.43
C MET A 5013 14.20 -30.82 37.94
N TYR A 5014 15.03 -30.26 38.83
CA TYR A 5014 16.17 -30.98 39.34
C TYR A 5014 15.70 -32.19 40.12
N GLN A 5015 14.71 -31.96 41.00
CA GLN A 5015 14.18 -33.01 41.86
C GLN A 5015 13.53 -34.11 41.05
N GLU A 5016 13.07 -33.80 39.83
CA GLU A 5016 12.38 -34.77 39.00
C GLU A 5016 13.19 -35.19 37.77
N ARG A 5017 14.47 -34.77 37.71
CA ARG A 5017 15.43 -35.14 36.66
C ARG A 5017 14.92 -34.83 35.25
N CYS A 5018 14.48 -33.60 35.02
CA CYS A 5018 14.15 -33.13 33.69
C CYS A 5018 15.12 -32.03 33.30
N TRP A 5019 15.83 -32.23 32.19
CA TRP A 5019 16.89 -31.32 31.77
C TRP A 5019 16.42 -30.38 30.67
N ASP A 5020 15.11 -30.13 30.60
CA ASP A 5020 14.56 -29.22 29.60
C ASP A 5020 15.03 -27.79 29.79
N PHE A 5021 15.21 -27.35 31.05
CA PHE A 5021 15.54 -25.95 31.35
C PHE A 5021 16.82 -25.49 30.65
N PHE A 5022 17.82 -26.37 30.53
CA PHE A 5022 19.11 -25.98 29.94
C PHE A 5022 18.91 -25.55 28.48
N PRO A 5023 19.47 -24.41 28.08
CA PRO A 5023 19.26 -23.91 26.71
C PRO A 5023 19.92 -24.82 25.68
N ALA A 5024 19.11 -25.44 24.82
CA ALA A 5024 19.65 -26.26 23.75
C ALA A 5024 19.25 -25.66 22.43
N GLY A 5025 20.22 -25.38 21.58
CA GLY A 5025 19.94 -24.80 20.28
C GLY A 5025 19.49 -23.36 20.30
N ASP A 5026 19.63 -22.66 21.43
CA ASP A 5026 19.12 -21.31 21.53
C ASP A 5026 19.89 -20.53 22.57
N CYS A 5027 19.75 -19.21 22.49
CA CYS A 5027 20.41 -18.30 23.42
C CYS A 5027 19.62 -17.00 23.38
N PHE A 5028 19.89 -16.16 24.38
CA PHE A 5028 19.16 -14.89 24.53
C PHE A 5028 19.36 -13.99 23.32
N ARG A 5029 20.60 -13.96 22.79
CA ARG A 5029 20.94 -13.08 21.67
C ARG A 5029 20.17 -13.48 20.42
N LYS A 5030 20.12 -14.79 20.15
CA LYS A 5030 19.38 -15.32 19.01
C LYS A 5030 17.90 -15.07 19.19
N GLN A 5031 17.41 -15.22 20.42
CA GLN A 5031 15.99 -15.06 20.69
C GLN A 5031 15.56 -13.62 20.40
N TYR A 5032 16.39 -12.66 20.77
CA TYR A 5032 15.99 -11.27 20.65
C TYR A 5032 16.89 -10.48 19.70
N GLU A 5033 17.26 -11.09 18.55
CA GLU A 5033 18.09 -10.40 17.54
C GLU A 5033 17.43 -9.13 17.04
N ASP A 5034 16.10 -9.12 16.96
CA ASP A 5034 15.32 -8.00 16.44
C ASP A 5034 15.52 -6.74 17.26
N GLN A 5035 15.51 -6.85 18.59
CA GLN A 5035 15.57 -5.69 19.44
C GLN A 5035 16.95 -5.42 20.02
N LEU A 5036 17.77 -6.46 20.26
CA LEU A 5036 19.08 -6.25 20.89
C LEU A 5036 19.99 -5.42 19.99
N SER A 5037 19.94 -5.67 18.68
CA SER A 5037 20.68 -4.95 17.65
C SER A 5037 20.55 -3.43 17.71
N VAL B 11 -1.01 11.33 28.91
CA VAL B 11 -0.10 11.54 30.03
C VAL B 11 0.11 13.06 30.13
N GLN B 12 1.25 13.53 29.61
CA GLN B 12 1.70 14.91 29.67
C GLN B 12 1.63 15.47 31.10
N PHE B 13 2.49 14.90 31.92
CA PHE B 13 2.64 15.32 33.30
C PHE B 13 3.27 16.70 33.37
N LEU B 14 2.94 17.43 34.43
CA LEU B 14 3.52 18.73 34.63
C LEU B 14 4.75 18.64 35.55
N ARG B 15 5.63 19.62 35.41
CA ARG B 15 6.95 19.57 36.02
C ARG B 15 7.38 21.00 36.33
N THR B 16 8.53 21.13 36.99
CA THR B 16 9.11 22.44 37.23
C THR B 16 9.53 23.08 35.91
N ASP B 17 9.49 24.42 35.89
CA ASP B 17 9.87 25.33 34.81
C ASP B 17 8.94 25.28 33.61
N ASP B 18 7.90 24.45 33.62
CA ASP B 18 6.93 24.45 32.54
C ASP B 18 6.14 25.76 32.53
N GLU B 19 5.75 26.18 31.34
CA GLU B 19 4.95 27.38 31.17
C GLU B 19 3.48 26.99 30.97
N VAL B 20 2.60 27.55 31.80
CA VAL B 20 1.19 27.18 31.85
C VAL B 20 0.35 28.45 31.88
N VAL B 21 -0.96 28.27 31.79
CA VAL B 21 -1.93 29.32 32.08
C VAL B 21 -3.03 28.73 32.93
N LEU B 22 -3.79 29.59 33.58
CA LEU B 22 -4.91 29.17 34.42
C LEU B 22 -6.20 29.53 33.71
N GLN B 23 -7.27 28.81 34.03
CA GLN B 23 -8.46 28.86 33.18
C GLN B 23 -9.68 28.38 33.95
N CYS B 24 -10.72 29.22 34.02
CA CYS B 24 -12.00 28.82 34.57
C CYS B 24 -12.95 28.39 33.47
N SER B 25 -14.24 28.28 33.80
CA SER B 25 -15.31 28.10 32.81
C SER B 25 -16.54 28.82 33.37
N ALA B 26 -16.72 30.08 32.97
CA ALA B 26 -17.86 30.82 33.48
C ALA B 26 -19.10 30.50 32.65
N THR B 27 -20.26 30.95 33.16
CA THR B 27 -21.51 30.79 32.43
C THR B 27 -22.40 31.99 32.75
N VAL B 28 -22.33 32.99 31.88
CA VAL B 28 -23.20 34.16 31.93
C VAL B 28 -24.07 34.11 30.68
N LEU B 29 -25.31 34.60 30.84
CA LEU B 29 -26.36 34.62 29.82
C LEU B 29 -26.65 33.22 29.25
N LYS B 30 -26.33 32.19 30.04
CA LYS B 30 -26.47 30.77 29.73
C LYS B 30 -25.55 30.40 28.57
N GLU B 31 -24.24 30.61 28.73
CA GLU B 31 -23.30 30.02 27.78
C GLU B 31 -21.95 29.85 28.44
N GLN B 32 -21.27 28.75 28.11
CA GLN B 32 -19.97 28.36 28.65
C GLN B 32 -18.89 29.25 28.05
N LEU B 33 -18.67 30.41 28.65
CA LEU B 33 -17.61 31.29 28.18
C LEU B 33 -16.33 31.03 28.96
N LYS B 34 -15.24 30.85 28.23
CA LYS B 34 -13.98 30.50 28.81
C LYS B 34 -13.31 31.76 29.36
N LEU B 35 -12.50 31.60 30.41
CA LEU B 35 -11.75 32.74 30.94
C LEU B 35 -10.37 32.30 31.39
N CYS B 36 -9.46 33.28 31.44
CA CYS B 36 -8.10 33.03 31.91
C CYS B 36 -7.59 34.22 32.70
N LEU B 37 -6.65 33.96 33.61
CA LEU B 37 -6.07 35.03 34.43
C LEU B 37 -5.27 35.99 33.57
N ALA B 38 -5.28 37.27 33.97
CA ALA B 38 -4.52 38.27 33.25
C ALA B 38 -4.24 39.43 34.20
N ALA B 39 -3.04 40.00 34.07
CA ALA B 39 -2.63 41.12 34.91
C ALA B 39 -1.43 41.81 34.28
N GLU B 40 -1.55 43.12 34.07
CA GLU B 40 -0.46 43.90 33.50
C GLU B 40 0.74 43.93 34.44
N GLY B 41 0.48 44.03 35.74
CA GLY B 41 1.54 44.04 36.74
C GLY B 41 2.07 45.43 37.00
N PHE B 42 2.89 45.95 36.09
CA PHE B 42 3.48 47.27 36.23
C PHE B 42 2.40 48.33 36.19
N GLY B 43 2.21 49.03 37.31
CA GLY B 43 1.21 50.06 37.42
C GLY B 43 -0.12 49.58 37.95
N ASN B 44 -0.36 48.28 37.93
CA ASN B 44 -1.58 47.70 38.50
C ASN B 44 -1.26 46.28 38.93
N ARG B 45 -0.97 46.09 40.22
CA ARG B 45 -0.64 44.76 40.71
C ARG B 45 -1.85 43.84 40.77
N LEU B 46 -3.05 44.40 40.85
CA LEU B 46 -4.26 43.59 40.92
C LEU B 46 -4.49 42.83 39.61
N CYS B 47 -5.17 41.70 39.73
CA CYS B 47 -5.43 40.83 38.60
C CYS B 47 -6.84 41.07 38.04
N PHE B 48 -7.13 40.37 36.96
CA PHE B 48 -8.47 40.35 36.35
C PHE B 48 -8.55 39.14 35.43
N LEU B 49 -9.67 39.04 34.72
CA LEU B 49 -9.95 37.88 33.88
C LEU B 49 -10.14 38.30 32.43
N GLU B 50 -9.42 37.62 31.54
CA GLU B 50 -9.47 37.88 30.12
C GLU B 50 -10.33 36.83 29.46
N PRO B 51 -11.46 37.21 28.85
CA PRO B 51 -12.31 36.25 28.15
C PRO B 51 -11.55 35.60 27.01
N THR B 52 -11.77 34.30 26.82
CA THR B 52 -11.06 33.62 25.74
C THR B 52 -11.93 32.62 24.98
N SER B 53 -13.24 32.61 25.21
CA SER B 53 -14.13 31.73 24.43
C SER B 53 -14.25 32.22 22.99
N ASN B 54 -14.46 33.51 22.80
CA ASN B 54 -14.60 34.11 21.48
C ASN B 54 -13.22 34.29 20.81
N ALA B 55 -12.52 33.17 20.66
CA ALA B 55 -11.12 33.10 20.26
C ALA B 55 -10.87 33.40 18.79
N GLN B 56 -11.90 33.73 18.02
CA GLN B 56 -11.73 33.99 16.59
C GLN B 56 -12.17 35.38 16.19
N ASN B 57 -13.34 35.83 16.65
CA ASN B 57 -13.82 37.17 16.32
C ASN B 57 -12.89 38.24 16.90
N VAL B 58 -12.42 38.05 18.13
CA VAL B 58 -11.39 38.89 18.73
C VAL B 58 -10.31 38.01 19.36
N PRO B 59 -9.07 38.08 18.89
CA PRO B 59 -8.01 37.24 19.47
C PRO B 59 -7.72 37.65 20.90
N PRO B 60 -7.24 36.71 21.74
CA PRO B 60 -6.97 37.05 23.14
C PRO B 60 -5.71 37.88 23.33
N ASP B 61 -5.27 38.05 24.57
CA ASP B 61 -4.02 38.74 24.90
C ASP B 61 -3.14 37.82 25.74
N LEU B 62 -2.25 37.08 25.08
CA LEU B 62 -1.35 36.18 25.79
C LEU B 62 -0.11 36.88 26.33
N ALA B 63 -0.02 38.20 26.21
CA ALA B 63 1.15 38.90 26.73
C ALA B 63 1.15 38.92 28.27
N ILE B 64 -0.02 38.83 28.88
CA ILE B 64 -0.14 39.01 30.33
C ILE B 64 -0.74 37.80 31.02
N CYS B 65 -1.13 36.76 30.28
CA CYS B 65 -1.74 35.58 30.87
C CYS B 65 -0.73 34.51 31.24
N CYS B 66 0.53 34.68 30.84
CA CYS B 66 1.54 33.65 31.02
C CYS B 66 1.87 33.44 32.51
N PHE B 67 2.29 32.21 32.84
CA PHE B 67 2.63 31.84 34.20
C PHE B 67 3.53 30.61 34.20
N THR B 68 4.57 30.64 35.03
CA THR B 68 5.57 29.58 35.04
C THR B 68 5.59 28.92 36.42
N LEU B 69 6.01 27.65 36.44
CA LEU B 69 5.98 26.79 37.62
C LEU B 69 7.43 26.47 37.95
N GLU B 70 8.06 27.32 38.76
CA GLU B 70 9.49 27.18 38.99
C GLU B 70 9.86 26.38 40.24
N GLN B 71 9.10 26.48 41.32
CA GLN B 71 9.36 25.69 42.52
C GLN B 71 8.11 25.00 43.01
N SER B 72 8.22 23.70 43.27
CA SER B 72 7.17 22.92 43.92
C SER B 72 7.76 22.27 45.15
N LEU B 73 7.13 22.50 46.30
CA LEU B 73 7.69 22.04 47.57
C LEU B 73 6.62 21.43 48.46
N SER B 74 7.06 20.51 49.32
CA SER B 74 6.19 19.94 50.34
C SER B 74 5.98 20.93 51.48
N VAL B 75 4.99 20.62 52.33
CA VAL B 75 4.53 21.54 53.37
C VAL B 75 5.64 21.81 54.39
N ARG B 76 6.48 20.80 54.67
CA ARG B 76 7.65 20.99 55.53
C ARG B 76 8.55 22.00 54.89
N ALA B 77 9.15 21.63 53.75
CA ALA B 77 10.15 22.47 53.11
C ALA B 77 9.66 23.89 52.88
N LEU B 78 8.34 24.07 52.70
CA LEU B 78 7.69 25.38 52.77
C LEU B 78 7.97 26.08 54.10
N GLN B 79 7.74 25.35 55.22
CA GLN B 79 7.91 25.95 56.54
C GLN B 79 9.39 26.26 56.77
N GLU B 80 10.23 25.29 56.44
CA GLU B 80 11.64 25.34 56.80
C GLU B 80 12.37 26.45 56.02
N MET B 81 12.11 26.57 54.70
CA MET B 81 12.68 27.72 53.97
C MET B 81 12.14 29.04 54.49
N LEU B 82 10.85 29.08 54.86
CA LEU B 82 10.34 30.28 55.54
C LEU B 82 11.03 30.55 56.88
N ALA B 83 11.32 29.52 57.65
CA ALA B 83 12.08 29.65 58.88
C ALA B 83 13.50 30.13 58.63
N ASN B 84 14.13 29.60 57.58
CA ASN B 84 15.50 29.95 57.25
C ASN B 84 15.53 30.96 56.10
N HIS B 98 14.73 18.90 37.22
CA HIS B 98 13.28 18.91 36.99
C HIS B 98 12.52 17.90 37.81
N ARG B 99 11.68 18.41 38.71
CA ARG B 99 10.82 17.60 39.57
C ARG B 99 9.37 17.84 39.17
N THR B 100 8.60 16.76 39.10
CA THR B 100 7.22 16.89 38.65
C THR B 100 6.34 17.47 39.74
N LEU B 101 5.18 17.95 39.32
CA LEU B 101 4.21 18.51 40.25
C LEU B 101 3.57 17.39 41.05
N LEU B 102 3.08 17.73 42.24
CA LEU B 102 2.41 16.76 43.11
C LEU B 102 1.28 17.44 43.87
N TYR B 103 0.14 16.76 43.93
CA TYR B 103 -0.98 17.19 44.75
C TYR B 103 -0.60 17.34 46.21
N GLY B 104 -1.14 18.38 46.84
CA GLY B 104 -0.84 18.68 48.23
C GLY B 104 0.46 19.42 48.46
N HIS B 105 1.31 19.52 47.44
CA HIS B 105 2.53 20.29 47.55
C HIS B 105 2.23 21.78 47.45
N ALA B 106 3.24 22.59 47.72
CA ALA B 106 3.14 24.03 47.58
C ALA B 106 3.88 24.45 46.32
N ILE B 107 3.27 25.32 45.54
CA ILE B 107 3.86 25.81 44.30
C ILE B 107 4.00 27.32 44.40
N LEU B 108 5.14 27.83 43.93
CA LEU B 108 5.36 29.26 43.83
C LEU B 108 5.08 29.65 42.38
N LEU B 109 4.12 30.54 42.19
CA LEU B 109 3.56 30.82 40.88
C LEU B 109 4.03 32.21 40.44
N ARG B 110 4.75 32.28 39.33
CA ARG B 110 5.39 33.50 38.86
C ARG B 110 4.81 33.95 37.53
N HIS B 111 4.40 35.21 37.45
CA HIS B 111 4.10 35.81 36.16
C HIS B 111 5.40 35.90 35.38
N ALA B 112 5.42 35.29 34.19
CA ALA B 112 6.67 35.22 33.43
C ALA B 112 7.04 36.54 32.78
N HIS B 113 6.06 37.40 32.50
CA HIS B 113 6.39 38.70 31.95
C HIS B 113 6.87 39.70 32.99
N SER B 114 5.97 40.12 33.88
CA SER B 114 6.27 41.18 34.83
C SER B 114 7.25 40.77 35.91
N ARG B 115 7.57 39.47 36.01
CA ARG B 115 8.60 38.88 36.86
C ARG B 115 8.34 38.97 38.36
N MET B 116 7.27 39.65 38.78
CA MET B 116 6.91 39.64 40.18
C MET B 116 5.99 38.47 40.41
N TYR B 117 6.15 37.82 41.56
CA TYR B 117 5.41 36.60 41.82
C TYR B 117 3.95 36.90 42.15
N LEU B 118 3.09 35.93 41.89
CA LEU B 118 1.69 36.02 42.27
C LEU B 118 1.51 35.69 43.74
N SER B 119 0.65 36.45 44.42
CA SER B 119 0.52 36.31 45.87
C SER B 119 -0.87 36.71 46.32
N CYS B 120 -1.23 36.25 47.52
CA CYS B 120 -2.45 36.69 48.19
C CYS B 120 -2.13 37.95 48.97
N LEU B 121 -2.64 39.08 48.51
CA LEU B 121 -2.39 40.35 49.17
C LEU B 121 -3.14 40.44 50.50
N THR B 122 -2.55 41.20 51.43
CA THR B 122 -3.17 41.42 52.73
C THR B 122 -4.48 42.18 52.60
N THR B 123 -4.54 43.15 51.69
CA THR B 123 -5.71 44.00 51.52
C THR B 123 -6.87 43.22 50.89
N SER B 124 -7.96 43.93 50.63
CA SER B 124 -9.13 43.37 49.96
C SER B 124 -9.94 44.52 49.39
N ARG B 125 -10.25 44.42 48.09
CA ARG B 125 -10.90 45.52 47.39
C ARG B 125 -12.36 45.28 47.08
N SER B 126 -12.80 44.02 47.01
CA SER B 126 -14.18 43.68 46.68
C SER B 126 -15.16 44.21 47.71
N MET B 127 -15.88 45.28 47.35
CA MET B 127 -16.85 45.91 48.25
C MET B 127 -17.98 44.96 48.65
N THR B 128 -18.29 43.97 47.81
CA THR B 128 -19.44 43.11 48.00
C THR B 128 -19.33 42.19 49.22
N ASP B 129 -18.14 42.01 49.76
CA ASP B 129 -17.95 41.07 50.87
C ASP B 129 -16.67 41.38 51.62
N LYS B 130 -16.51 40.72 52.76
CA LYS B 130 -15.26 40.71 53.47
C LYS B 130 -14.58 39.38 53.14
N LEU B 131 -13.48 39.07 53.84
CA LEU B 131 -12.74 37.79 53.80
C LEU B 131 -12.36 37.32 52.38
N ALA B 132 -12.40 38.21 51.40
CA ALA B 132 -11.97 37.94 50.02
C ALA B 132 -10.79 38.84 49.72
N PHE B 133 -9.61 38.40 50.14
CA PHE B 133 -8.38 39.17 49.95
C PHE B 133 -8.00 39.14 48.48
N ASP B 134 -8.07 40.30 47.83
CA ASP B 134 -7.82 40.41 46.40
C ASP B 134 -6.41 39.95 46.04
N VAL B 135 -6.29 39.13 45.02
CA VAL B 135 -5.01 38.57 44.64
C VAL B 135 -4.25 39.64 43.86
N GLY B 136 -2.92 39.60 43.96
CA GLY B 136 -2.11 40.56 43.26
C GLY B 136 -0.70 40.04 43.10
N LEU B 137 0.17 40.91 42.62
CA LEU B 137 1.53 40.52 42.30
C LEU B 137 2.49 41.06 43.34
N GLN B 138 3.29 40.17 43.91
CA GLN B 138 4.27 40.55 44.93
C GLN B 138 5.65 40.61 44.29
N GLU B 139 6.39 41.67 44.62
CA GLU B 139 7.69 41.96 44.02
C GLU B 139 8.69 40.84 44.26
N ASP B 140 8.68 40.25 45.45
CA ASP B 140 9.66 39.24 45.83
C ASP B 140 8.96 37.94 46.22
N ALA B 141 9.76 36.92 46.46
CA ALA B 141 9.27 35.61 46.83
C ALA B 141 9.23 35.41 48.34
N THR B 142 9.63 36.42 49.11
CA THR B 142 9.66 36.33 50.56
C THR B 142 8.25 36.24 51.13
N GLY B 143 8.13 35.58 52.28
CA GLY B 143 6.85 35.38 52.89
C GLY B 143 6.14 34.16 52.36
N GLU B 144 4.98 33.87 52.96
CA GLU B 144 4.16 32.75 52.55
C GLU B 144 3.00 33.14 51.65
N ALA B 145 2.76 34.44 51.46
CA ALA B 145 1.67 34.90 50.61
C ALA B 145 1.87 34.49 49.15
N CYS B 146 3.12 34.38 48.71
CA CYS B 146 3.41 34.03 47.33
C CYS B 146 3.02 32.60 47.01
N TRP B 147 3.05 31.72 47.99
CA TRP B 147 2.91 30.29 47.71
C TRP B 147 1.45 29.88 47.61
N TRP B 148 1.20 28.81 46.87
CA TRP B 148 -0.12 28.23 46.74
C TRP B 148 0.02 26.71 46.77
N THR B 149 -1.00 26.05 47.30
CA THR B 149 -1.07 24.59 47.31
C THR B 149 -2.28 24.16 46.48
N MET B 150 -2.19 22.99 45.87
CA MET B 150 -3.20 22.58 44.91
C MET B 150 -3.73 21.19 45.27
N HIS B 151 -5.01 20.98 45.03
CA HIS B 151 -5.68 19.77 45.48
C HIS B 151 -6.58 19.23 44.38
N PRO B 152 -6.88 17.93 44.40
CA PRO B 152 -7.92 17.37 43.53
C PRO B 152 -9.28 17.99 43.78
N ALA B 153 -10.02 18.21 42.70
CA ALA B 153 -11.39 18.70 42.82
C ALA B 153 -12.30 17.64 43.43
N SER B 154 -12.21 16.42 42.92
CA SER B 154 -13.01 15.32 43.39
C SER B 154 -12.11 14.11 43.59
N LYS B 155 -12.67 13.07 44.21
CA LYS B 155 -11.92 11.91 44.69
C LYS B 155 -11.40 11.00 43.58
N GLN B 156 -11.71 11.28 42.31
CA GLN B 156 -11.15 10.52 41.19
C GLN B 156 -9.62 10.51 41.21
N ARG B 157 -9.00 11.56 41.75
CA ARG B 157 -7.58 11.59 42.04
C ARG B 157 -7.41 11.57 43.55
N SER B 158 -6.15 11.46 43.98
CA SER B 158 -5.82 11.46 45.39
C SER B 158 -4.65 12.39 45.63
N GLU B 159 -4.52 12.85 46.88
CA GLU B 159 -3.43 13.73 47.26
C GLU B 159 -2.08 13.03 47.09
N GLY B 160 -1.07 13.83 46.77
CA GLY B 160 0.29 13.34 46.69
C GLY B 160 0.64 12.73 45.35
N GLU B 161 -0.22 12.84 44.34
CA GLU B 161 0.05 12.26 43.04
C GLU B 161 0.11 13.32 41.95
N LYS B 162 0.95 13.03 40.95
CA LYS B 162 1.28 13.97 39.89
C LYS B 162 0.06 14.32 39.04
N VAL B 163 -0.05 15.61 38.74
CA VAL B 163 -1.17 16.12 37.95
C VAL B 163 -0.97 15.79 36.46
N ARG B 164 -1.97 15.17 35.87
CA ARG B 164 -1.94 14.93 34.43
C ARG B 164 -2.36 16.20 33.70
N VAL B 165 -2.22 16.18 32.38
CA VAL B 165 -2.63 17.34 31.58
C VAL B 165 -4.15 17.51 31.69
N GLY B 166 -4.60 18.77 31.63
CA GLY B 166 -6.01 19.09 31.59
C GLY B 166 -6.82 18.74 32.83
N ASP B 167 -6.17 18.35 33.92
CA ASP B 167 -6.89 18.03 35.15
C ASP B 167 -7.57 19.26 35.73
N ASP B 168 -8.62 19.00 36.50
CA ASP B 168 -9.37 20.06 37.17
C ASP B 168 -8.93 20.15 38.62
N LEU B 169 -8.54 21.35 39.06
CA LEU B 169 -7.82 21.53 40.31
C LEU B 169 -8.48 22.59 41.17
N ILE B 170 -8.18 22.55 42.47
CA ILE B 170 -8.65 23.57 43.42
C ILE B 170 -7.43 24.15 44.12
N LEU B 171 -7.37 25.49 44.20
CA LEU B 171 -6.20 26.21 44.67
C LEU B 171 -6.42 26.75 46.07
N VAL B 172 -5.49 26.44 46.97
CA VAL B 172 -5.55 26.75 48.38
C VAL B 172 -4.46 27.75 48.71
N SER B 173 -4.85 28.91 49.23
CA SER B 173 -3.87 29.88 49.71
C SER B 173 -3.13 29.33 50.93
N VAL B 174 -1.91 29.78 51.10
CA VAL B 174 -1.08 29.33 52.22
C VAL B 174 -1.20 30.34 53.35
N SER B 175 -0.87 31.60 53.06
CA SER B 175 -0.88 32.62 54.11
C SER B 175 -2.30 32.88 54.61
N SER B 176 -3.23 33.14 53.70
CA SER B 176 -4.59 33.44 54.12
C SER B 176 -5.49 32.21 54.24
N GLU B 177 -5.03 31.04 53.78
CA GLU B 177 -5.74 29.76 53.84
C GLU B 177 -7.15 29.90 53.26
N ARG B 178 -7.19 30.23 51.97
CA ARG B 178 -8.45 30.50 51.27
C ARG B 178 -8.41 29.90 49.88
N TYR B 179 -9.56 29.41 49.43
CA TYR B 179 -9.71 28.95 48.06
C TYR B 179 -9.61 30.11 47.08
N LEU B 180 -9.08 29.83 45.91
CA LEU B 180 -8.89 30.90 44.92
C LEU B 180 -10.21 31.07 44.18
N HIS B 181 -11.09 31.88 44.76
CA HIS B 181 -12.44 32.11 44.29
C HIS B 181 -12.43 32.97 43.01
N LEU B 182 -13.60 33.17 42.42
CA LEU B 182 -13.83 34.25 41.47
C LEU B 182 -15.13 34.91 41.84
N SER B 183 -15.14 36.25 41.87
CA SER B 183 -16.30 36.98 42.38
C SER B 183 -17.27 37.21 41.22
N THR B 184 -18.01 36.15 40.90
CA THR B 184 -18.98 36.23 39.80
C THR B 184 -20.17 37.10 40.19
N ALA B 185 -20.50 37.15 41.48
CA ALA B 185 -21.69 37.86 41.96
C ALA B 185 -21.60 39.37 41.74
N SER B 186 -20.42 39.91 41.49
CA SER B 186 -20.25 41.33 41.20
C SER B 186 -20.85 41.66 39.84
N GLY B 187 -20.97 42.97 39.57
CA GLY B 187 -21.44 43.40 38.25
C GLY B 187 -20.58 42.89 37.11
N GLU B 188 -19.27 42.86 37.30
CA GLU B 188 -18.33 42.26 36.37
C GLU B 188 -17.59 41.12 37.10
N LEU B 189 -16.65 40.48 36.41
CA LEU B 189 -16.05 39.24 36.88
C LEU B 189 -14.63 39.47 37.37
N GLN B 190 -14.36 39.09 38.62
CA GLN B 190 -13.04 39.27 39.22
C GLN B 190 -12.55 37.94 39.77
N VAL B 191 -11.37 37.98 40.38
CA VAL B 191 -10.78 36.83 41.07
C VAL B 191 -10.44 37.27 42.48
N ASP B 192 -10.88 36.47 43.47
CA ASP B 192 -10.63 36.79 44.87
C ASP B 192 -10.23 35.53 45.60
N ALA B 193 -9.81 35.67 46.86
CA ALA B 193 -9.39 34.52 47.65
C ALA B 193 -10.28 34.46 48.88
N SER B 194 -11.22 33.50 48.90
CA SER B 194 -12.13 33.34 50.02
C SER B 194 -12.27 31.85 50.31
N PHE B 195 -13.26 31.49 51.13
CA PHE B 195 -13.52 30.09 51.43
C PHE B 195 -14.42 29.42 50.41
N MET B 196 -15.05 30.18 49.53
CA MET B 196 -15.93 29.63 48.50
C MET B 196 -15.09 29.18 47.31
N GLN B 197 -15.09 27.88 47.04
CA GLN B 197 -14.17 27.29 46.07
C GLN B 197 -14.47 27.73 44.64
N THR B 198 -13.48 27.49 43.78
CA THR B 198 -13.60 27.70 42.34
C THR B 198 -12.76 26.66 41.63
N LEU B 199 -13.38 25.96 40.69
CA LEU B 199 -12.66 24.96 39.91
C LEU B 199 -11.78 25.63 38.87
N TRP B 200 -10.49 25.30 38.89
CA TRP B 200 -9.52 25.90 38.00
C TRP B 200 -8.87 24.84 37.13
N ASN B 201 -8.80 25.11 35.83
CA ASN B 201 -8.14 24.25 34.87
C ASN B 201 -6.83 24.91 34.47
N MET B 202 -5.75 24.15 34.45
CA MET B 202 -4.45 24.72 34.13
C MET B 202 -3.94 24.17 32.80
N ASN B 203 -4.08 24.99 31.76
CA ASN B 203 -3.64 24.58 30.42
C ASN B 203 -2.15 24.81 30.27
N PRO B 204 -1.37 23.79 29.94
CA PRO B 204 0.05 24.03 29.64
C PRO B 204 0.21 24.76 28.31
N ILE B 205 1.07 25.77 28.33
CA ILE B 205 1.41 26.48 27.09
C ILE B 205 2.62 25.87 26.43
N CYS B 206 3.67 25.61 27.22
CA CYS B 206 4.87 25.00 26.71
C CYS B 206 5.59 24.26 27.84
N SER B 207 6.49 23.38 27.44
CA SER B 207 7.36 22.69 28.38
C SER B 207 8.82 23.08 28.18
N CYS B 208 9.36 22.87 26.97
CA CYS B 208 10.78 23.07 26.73
C CYS B 208 10.96 23.41 25.25
N CYS B 209 11.32 24.65 24.95
CA CYS B 209 11.76 25.02 23.61
C CYS B 209 13.25 24.81 23.58
N GLU B 210 13.69 23.72 22.95
CA GLU B 210 15.10 23.34 22.97
C GLU B 210 15.89 24.27 22.03
N GLU B 211 17.15 23.89 21.78
CA GLU B 211 18.20 24.80 21.28
C GLU B 211 17.85 25.54 19.99
N GLY B 212 17.61 26.85 20.13
CA GLY B 212 17.49 27.81 19.04
C GLY B 212 16.46 27.48 17.98
N TYR B 213 15.23 27.21 18.40
CA TYR B 213 14.14 26.81 17.53
C TYR B 213 12.98 27.79 17.69
N VAL B 214 12.21 27.95 16.63
CA VAL B 214 11.17 28.97 16.59
C VAL B 214 9.85 28.35 17.01
N THR B 215 9.20 28.95 18.01
CA THR B 215 7.93 28.48 18.53
C THR B 215 6.94 29.63 18.57
N GLY B 216 5.66 29.28 18.50
CA GLY B 216 4.61 30.28 18.64
C GLY B 216 4.68 30.96 20.00
N GLY B 217 4.37 32.25 20.01
CA GLY B 217 4.36 33.04 21.22
C GLY B 217 5.57 33.92 21.42
N HIS B 218 6.69 33.61 20.76
CA HIS B 218 7.87 34.44 20.87
C HIS B 218 7.69 35.81 20.24
N VAL B 219 8.43 36.76 20.81
CA VAL B 219 8.69 38.08 20.25
C VAL B 219 10.04 37.99 19.56
N LEU B 220 10.09 38.31 18.28
CA LEU B 220 11.27 38.10 17.46
C LEU B 220 11.17 38.98 16.22
N ARG B 221 12.33 39.35 15.68
CA ARG B 221 12.31 40.24 14.53
C ARG B 221 12.36 39.43 13.24
N LEU B 222 11.97 40.08 12.15
CA LEU B 222 11.88 39.50 10.80
C LEU B 222 12.87 40.18 9.88
N PHE B 223 14.01 39.54 9.66
CA PHE B 223 14.97 40.08 8.71
C PHE B 223 14.53 39.75 7.28
N HIS B 224 15.26 40.29 6.33
CA HIS B 224 15.13 39.94 4.92
C HIS B 224 16.39 39.17 4.57
N GLY B 225 16.43 38.57 3.37
CA GLY B 225 17.59 37.81 2.92
C GLY B 225 18.88 38.61 2.78
N HIS B 226 18.79 39.93 2.75
CA HIS B 226 19.93 40.82 2.63
C HIS B 226 20.50 41.21 4.01
N MET B 227 19.88 40.76 5.10
CA MET B 227 20.28 40.90 6.51
C MET B 227 20.11 42.36 6.98
N ASP B 228 19.68 43.28 6.11
CA ASP B 228 19.47 44.67 6.47
C ASP B 228 18.00 45.06 6.44
N GLU B 229 17.30 44.84 5.32
CA GLU B 229 15.87 45.11 5.27
C GLU B 229 15.12 44.27 6.30
N CYS B 230 14.08 44.87 6.87
CA CYS B 230 13.64 44.48 8.19
C CYS B 230 12.23 44.99 8.39
N LEU B 231 11.31 44.07 8.74
CA LEU B 231 9.89 44.37 8.79
C LEU B 231 9.60 45.31 9.95
N THR B 232 9.08 46.51 9.66
CA THR B 232 8.69 47.44 10.71
C THR B 232 7.40 48.13 10.30
N ILE B 233 6.68 48.63 11.30
CA ILE B 233 5.62 49.61 11.05
C ILE B 233 6.25 50.99 10.98
N SER B 234 5.46 51.99 10.58
CA SER B 234 5.90 53.38 10.53
C SER B 234 6.37 53.87 11.90
N ALA B 235 7.22 54.90 11.88
CA ALA B 235 7.77 55.48 13.10
C ALA B 235 6.68 56.16 13.92
N ALA B 236 7.00 56.43 15.18
CA ALA B 236 6.07 57.05 16.11
C ALA B 236 5.65 58.42 15.63
N ASP B 237 4.35 58.72 15.78
CA ASP B 237 3.71 59.97 15.33
C ASP B 237 3.92 60.17 13.82
N SER B 238 3.36 59.26 13.04
CA SER B 238 3.43 59.31 11.59
C SER B 238 2.05 59.52 11.01
N ASP B 239 2.01 60.20 9.86
CA ASP B 239 0.77 60.46 9.14
C ASP B 239 0.08 59.19 8.66
N ASP B 240 0.83 58.09 8.49
CA ASP B 240 0.28 56.78 8.20
C ASP B 240 -0.53 56.21 9.38
N GLN B 241 -0.42 56.82 10.58
CA GLN B 241 -0.91 56.28 11.85
C GLN B 241 -0.33 54.91 12.15
N ARG B 242 0.90 54.68 11.65
CA ARG B 242 1.67 53.45 11.84
C ARG B 242 0.91 52.22 11.35
N ARG B 243 0.21 52.37 10.22
CA ARG B 243 -0.69 51.35 9.72
C ARG B 243 -0.25 50.78 8.38
N LEU B 244 1.05 50.80 8.09
CA LEU B 244 1.56 50.22 6.86
C LEU B 244 2.94 49.63 7.11
N VAL B 245 3.09 48.34 6.85
CA VAL B 245 4.36 47.66 7.02
C VAL B 245 5.35 48.16 5.96
N TYR B 246 6.59 48.36 6.37
CA TYR B 246 7.68 48.73 5.48
C TYR B 246 8.88 47.85 5.78
N TYR B 247 9.54 47.39 4.73
CA TYR B 247 10.92 46.96 4.87
C TYR B 247 11.76 48.17 5.24
N GLU B 248 12.85 47.95 5.98
CA GLU B 248 13.72 49.07 6.31
C GLU B 248 15.09 48.50 6.67
N GLY B 249 16.14 49.28 6.43
CA GLY B 249 17.49 48.83 6.73
C GLY B 249 18.28 49.83 7.55
N GLY B 250 19.13 49.29 8.41
CA GLY B 250 20.00 50.11 9.24
C GLY B 250 19.71 50.03 10.73
N ALA B 251 19.82 51.16 11.42
CA ALA B 251 19.63 51.23 12.86
C ALA B 251 18.18 51.39 13.28
N VAL B 252 17.25 51.53 12.33
CA VAL B 252 15.85 51.72 12.67
C VAL B 252 15.27 50.49 13.35
N CYS B 253 15.58 49.30 12.85
CA CYS B 253 14.88 48.11 13.33
C CYS B 253 15.63 47.38 14.44
N THR B 254 16.66 48.00 15.01
CA THR B 254 17.13 47.57 16.32
C THR B 254 16.35 48.24 17.45
N HIS B 255 15.38 49.08 17.10
CA HIS B 255 14.55 49.78 18.06
C HIS B 255 13.35 48.90 18.41
N ALA B 256 12.35 49.47 19.10
CA ALA B 256 11.19 48.71 19.53
C ALA B 256 10.15 48.51 18.44
N ARG B 257 10.19 49.28 17.35
CA ARG B 257 9.14 49.21 16.34
C ARG B 257 9.32 48.04 15.36
N SER B 258 10.08 47.00 15.70
CA SER B 258 10.39 45.93 14.76
C SER B 258 10.16 44.56 15.36
N LEU B 259 9.30 44.43 16.36
CA LEU B 259 9.22 43.21 17.15
C LEU B 259 7.90 42.52 16.88
N TRP B 260 7.96 41.30 16.36
CA TRP B 260 6.76 40.58 15.99
C TRP B 260 6.54 39.45 16.98
N ARG B 261 5.28 39.26 17.39
CA ARG B 261 4.91 38.14 18.24
C ARG B 261 4.06 37.19 17.43
N LEU B 262 4.45 35.91 17.48
CA LEU B 262 3.80 34.86 16.69
C LEU B 262 2.69 34.24 17.52
N GLU B 263 1.43 34.61 17.27
CA GLU B 263 0.34 34.14 18.11
C GLU B 263 -0.53 33.12 17.39
N PRO B 264 -0.44 31.82 17.70
CA PRO B 264 -1.32 30.85 17.03
C PRO B 264 -2.78 30.94 17.46
N LEU B 265 -3.60 30.05 16.93
CA LEU B 265 -5.04 30.08 17.16
C LEU B 265 -5.49 29.15 18.28
N ARG B 266 -4.60 28.33 18.81
CA ARG B 266 -4.93 27.36 19.84
C ARG B 266 -4.53 27.91 21.21
N ILE B 267 -5.51 28.02 22.11
CA ILE B 267 -5.24 28.53 23.46
C ILE B 267 -4.31 27.57 24.19
N SER B 268 -4.67 26.29 24.19
CA SER B 268 -3.80 25.27 24.77
C SER B 268 -2.62 25.03 23.85
N TRP B 269 -1.44 24.79 24.46
CA TRP B 269 -0.21 24.41 23.76
C TRP B 269 0.21 25.39 22.69
N SER B 270 -0.12 26.68 22.87
CA SER B 270 0.32 27.73 21.96
C SER B 270 1.84 27.85 21.89
N GLY B 271 2.55 27.38 22.91
CA GLY B 271 4.00 27.45 22.93
C GLY B 271 4.65 26.23 22.30
N SER B 272 3.87 25.45 21.55
CA SER B 272 4.42 24.34 20.79
C SER B 272 5.30 24.86 19.66
N HIS B 273 6.09 23.95 19.07
CA HIS B 273 6.89 24.30 17.91
C HIS B 273 6.02 24.71 16.73
N LEU B 274 6.67 25.21 15.69
CA LEU B 274 5.96 25.73 14.54
C LEU B 274 5.96 24.77 13.37
N ARG B 275 4.82 24.68 12.70
CA ARG B 275 4.64 23.89 11.49
C ARG B 275 4.49 24.84 10.32
N TRP B 276 5.22 24.57 9.24
CA TRP B 276 4.98 25.33 8.01
C TRP B 276 3.55 25.06 7.56
N GLY B 277 2.90 26.10 7.04
CA GLY B 277 1.52 25.96 6.61
C GLY B 277 0.49 25.75 7.69
N GLN B 278 0.64 26.42 8.83
CA GLN B 278 -0.36 26.30 9.88
C GLN B 278 -0.79 27.71 10.31
N PRO B 279 -2.07 27.90 10.61
CA PRO B 279 -2.57 29.28 10.85
C PRO B 279 -2.01 29.86 12.15
N LEU B 280 -1.53 31.10 12.06
CA LEU B 280 -1.01 31.81 13.23
C LEU B 280 -0.94 33.30 12.92
N ARG B 281 -1.43 34.11 13.85
CA ARG B 281 -1.52 35.54 13.66
C ARG B 281 -0.15 36.17 13.88
N ILE B 282 -0.05 37.44 13.47
CA ILE B 282 1.16 38.24 13.61
C ILE B 282 0.79 39.51 14.38
N ARG B 283 1.51 39.81 15.46
CA ARG B 283 1.15 40.97 16.25
C ARG B 283 2.36 41.83 16.55
N HIS B 284 2.26 43.13 16.31
CA HIS B 284 3.30 44.05 16.73
C HIS B 284 3.06 44.42 18.19
N VAL B 285 4.11 44.26 19.01
CA VAL B 285 3.96 44.37 20.46
C VAL B 285 3.59 45.78 20.89
N THR B 286 4.23 46.79 20.31
CA THR B 286 4.04 48.17 20.77
C THR B 286 2.65 48.68 20.44
N THR B 287 2.13 48.33 19.26
CA THR B 287 0.78 48.75 18.91
C THR B 287 -0.28 47.80 19.44
N GLY B 288 0.05 46.52 19.55
CA GLY B 288 -0.99 45.54 19.85
C GLY B 288 -1.99 45.45 18.73
N ARG B 289 -1.52 45.49 17.49
CA ARG B 289 -2.35 45.37 16.32
C ARG B 289 -1.91 44.15 15.50
N TYR B 290 -2.73 43.74 14.54
CA TYR B 290 -2.53 42.51 13.79
C TYR B 290 -2.46 42.77 12.30
N LEU B 291 -1.59 42.02 11.61
CA LEU B 291 -1.53 42.08 10.15
C LEU B 291 -2.84 41.65 9.53
N ALA B 292 -3.32 42.40 8.54
CA ALA B 292 -4.59 42.09 7.90
C ALA B 292 -4.68 42.60 6.47
N LEU B 293 -5.34 41.81 5.62
CA LEU B 293 -5.69 42.23 4.27
C LEU B 293 -6.95 43.08 4.38
N THR B 294 -6.78 44.40 4.36
CA THR B 294 -7.94 45.29 4.40
C THR B 294 -8.51 45.43 2.98
N GLU B 295 -9.52 46.27 2.84
CA GLU B 295 -10.20 46.42 1.56
C GLU B 295 -9.76 47.65 0.79
N ASP B 296 -9.44 48.76 1.45
CA ASP B 296 -9.11 49.98 0.75
C ASP B 296 -7.62 50.28 0.71
N GLN B 297 -6.83 49.78 1.66
CA GLN B 297 -5.40 50.04 1.73
C GLN B 297 -4.55 48.77 1.67
N GLY B 298 -5.09 47.68 1.14
CA GLY B 298 -4.32 46.46 0.91
C GLY B 298 -3.88 45.72 2.17
N LEU B 299 -2.58 45.73 2.46
CA LEU B 299 -2.02 45.07 3.63
C LEU B 299 -1.70 46.08 4.71
N VAL B 300 -2.45 46.05 5.82
CA VAL B 300 -2.28 47.02 6.91
C VAL B 300 -2.28 46.28 8.25
N VAL B 301 -2.25 47.03 9.35
CA VAL B 301 -2.49 46.48 10.68
C VAL B 301 -3.88 46.94 11.13
N VAL B 302 -4.62 46.02 11.71
CA VAL B 302 -5.97 46.28 12.17
C VAL B 302 -5.98 46.09 13.68
N ASP B 303 -6.91 46.76 14.35
CA ASP B 303 -7.13 46.58 15.77
C ASP B 303 -7.61 45.16 16.05
N ALA B 304 -7.28 44.67 17.25
CA ALA B 304 -7.69 43.33 17.67
C ALA B 304 -9.20 43.16 17.75
N CYS B 305 -9.95 44.27 17.85
CA CYS B 305 -11.41 44.21 17.84
C CYS B 305 -11.96 43.68 16.52
N LYS B 306 -11.20 43.81 15.42
CA LYS B 306 -11.66 43.43 14.10
C LYS B 306 -10.73 42.42 13.44
N ALA B 307 -9.94 41.69 14.23
CA ALA B 307 -9.09 40.63 13.70
C ALA B 307 -9.93 39.37 13.57
N HIS B 308 -10.69 39.32 12.48
CA HIS B 308 -11.74 38.33 12.22
C HIS B 308 -11.23 36.99 11.72
N THR B 309 -9.93 36.67 11.89
CA THR B 309 -9.28 35.39 11.63
C THR B 309 -9.17 35.06 10.14
N LYS B 310 -9.81 35.85 9.29
CA LYS B 310 -9.79 35.63 7.85
C LYS B 310 -8.65 36.42 7.23
N ALA B 311 -8.70 37.75 7.35
CA ALA B 311 -7.58 38.55 6.88
C ALA B 311 -6.38 38.48 7.80
N THR B 312 -6.53 37.98 9.03
CA THR B 312 -5.49 38.04 10.05
C THR B 312 -4.80 36.70 10.29
N SER B 313 -4.84 35.79 9.32
CA SER B 313 -4.17 34.51 9.46
C SER B 313 -3.05 34.38 8.43
N PHE B 314 -1.99 33.68 8.81
CA PHE B 314 -0.84 33.48 7.93
C PHE B 314 -0.27 32.09 8.16
N CYS B 315 0.57 31.65 7.21
CA CYS B 315 1.13 30.31 7.22
C CYS B 315 2.55 30.33 6.69
N PHE B 316 3.45 29.61 7.35
CA PHE B 316 4.83 29.55 6.89
C PHE B 316 4.99 28.49 5.80
N ARG B 317 6.07 28.61 5.03
CA ARG B 317 6.37 27.63 3.99
C ARG B 317 7.84 27.75 3.61
N VAL B 318 8.36 26.70 2.98
CA VAL B 318 9.73 26.68 2.47
C VAL B 318 9.78 26.94 0.97
N SER B 319 8.64 26.92 0.28
CA SER B 319 8.61 27.16 -1.15
C SER B 319 7.35 27.96 -1.49
N LYS B 320 7.02 28.03 -2.77
CA LYS B 320 5.86 28.77 -3.25
C LYS B 320 4.86 27.87 -3.97
N GLU B 321 5.01 26.55 -3.88
CA GLU B 321 4.17 25.61 -4.60
C GLU B 321 2.89 25.32 -3.83
N LYS B 322 1.79 25.14 -4.55
CA LYS B 322 0.50 24.84 -3.93
C LYS B 322 0.47 23.44 -3.34
N LEU B 323 0.01 23.33 -2.10
CA LEU B 323 -0.09 22.03 -1.44
C LEU B 323 -1.40 21.35 -1.83
N PRO B 327 -3.67 21.11 6.14
CA PRO B 327 -2.56 21.06 7.10
C PRO B 327 -2.68 19.86 8.03
N LYS B 328 -1.73 19.72 8.95
CA LYS B 328 -1.78 18.64 9.93
C LYS B 328 -2.55 19.09 11.16
N ARG B 329 -3.13 18.12 11.86
CA ARG B 329 -3.96 18.42 13.01
C ARG B 329 -3.09 18.82 14.21
N ASP B 330 -3.64 19.71 15.04
CA ASP B 330 -2.92 20.20 16.21
C ASP B 330 -2.70 19.07 17.22
N VAL B 331 -1.47 19.00 17.74
CA VAL B 331 -1.11 18.05 18.78
C VAL B 331 -1.03 18.77 20.12
N GLU B 332 -1.58 18.14 21.16
CA GLU B 332 -1.49 18.68 22.51
C GLU B 332 -0.15 18.34 23.16
N GLY B 333 0.95 18.63 22.46
CA GLY B 333 2.29 18.37 22.95
C GLY B 333 3.27 19.35 22.33
N MET B 334 4.55 19.14 22.65
CA MET B 334 5.63 20.04 22.23
C MET B 334 5.74 20.12 20.72
N GLY B 335 5.68 18.98 20.05
CA GLY B 335 5.72 18.92 18.60
C GLY B 335 7.12 18.66 18.07
N PRO B 336 7.25 18.56 16.75
CA PRO B 336 8.57 18.26 16.18
C PRO B 336 9.33 19.51 15.79
N PRO B 337 10.65 19.51 15.94
CA PRO B 337 11.44 20.72 15.68
C PRO B 337 11.61 20.95 14.18
N GLU B 338 11.14 22.09 13.70
CA GLU B 338 11.25 22.44 12.28
C GLU B 338 12.14 23.64 12.00
N ILE B 339 11.80 24.82 12.50
CA ILE B 339 12.38 26.06 12.01
C ILE B 339 13.64 26.39 12.80
N LYS B 340 14.63 26.97 12.12
CA LYS B 340 15.89 27.40 12.70
C LYS B 340 15.85 28.88 13.06
N TYR B 341 16.82 29.31 13.85
CA TYR B 341 17.07 30.71 14.11
C TYR B 341 18.37 31.10 13.43
N GLY B 342 18.30 32.12 12.57
CA GLY B 342 19.45 32.52 11.79
C GLY B 342 19.67 31.73 10.53
N GLU B 343 18.82 30.76 10.24
CA GLU B 343 18.86 29.99 8.99
C GLU B 343 17.42 29.77 8.57
N SER B 344 17.22 28.83 7.64
CA SER B 344 15.91 28.24 7.28
C SER B 344 14.94 29.33 6.82
N LEU B 345 15.27 29.91 5.67
CA LEU B 345 14.51 31.02 5.09
C LEU B 345 13.05 30.62 4.89
N CYS B 346 12.15 31.49 5.35
CA CYS B 346 10.73 31.21 5.35
C CYS B 346 9.98 32.07 4.33
N PHE B 347 8.77 31.62 4.02
CA PHE B 347 7.91 32.30 3.05
C PHE B 347 6.50 32.32 3.62
N VAL B 348 6.11 33.48 4.14
CA VAL B 348 4.81 33.64 4.78
C VAL B 348 3.76 33.76 3.69
N GLN B 349 2.64 33.08 3.86
CA GLN B 349 1.51 33.18 2.93
C GLN B 349 0.23 33.46 3.68
N HIS B 350 -0.48 34.50 3.27
CA HIS B 350 -1.84 34.77 3.72
C HIS B 350 -2.72 33.67 3.15
N VAL B 351 -2.94 32.62 3.94
CA VAL B 351 -3.53 31.38 3.44
C VAL B 351 -4.98 31.59 2.97
N ALA B 352 -5.74 32.46 3.65
CA ALA B 352 -7.12 32.71 3.26
C ALA B 352 -7.22 33.35 1.88
N SER B 353 -6.34 34.31 1.60
CA SER B 353 -6.32 34.95 0.29
C SER B 353 -5.34 34.30 -0.68
N GLY B 354 -4.41 33.49 -0.18
CA GLY B 354 -3.45 32.80 -1.02
C GLY B 354 -2.33 33.67 -1.57
N LEU B 355 -2.33 34.97 -1.30
CA LEU B 355 -1.35 35.88 -1.86
C LEU B 355 0.01 35.71 -1.17
N TRP B 356 0.97 36.58 -1.50
CA TRP B 356 2.29 36.53 -0.88
C TRP B 356 2.79 37.94 -0.59
N LEU B 357 3.37 38.15 0.58
CA LEU B 357 3.89 39.47 0.94
C LEU B 357 5.17 39.72 0.13
N THR B 358 5.27 40.91 -0.45
CA THR B 358 6.42 41.27 -1.30
C THR B 358 6.47 42.80 -1.40
N TYR B 359 7.69 43.33 -1.47
CA TYR B 359 7.88 44.77 -1.56
C TYR B 359 7.36 45.29 -2.89
N ALA B 360 6.77 46.48 -2.86
CA ALA B 360 6.31 47.13 -4.08
C ALA B 360 7.50 47.70 -4.83
N ALA B 361 7.68 47.25 -6.08
CA ALA B 361 8.84 47.65 -6.87
C ALA B 361 8.97 49.15 -7.16
N PRO B 362 7.93 49.92 -7.58
CA PRO B 362 8.16 51.32 -7.99
C PRO B 362 8.72 52.20 -6.89
N ASP B 363 9.53 53.18 -7.28
CA ASP B 363 10.14 54.12 -6.34
C ASP B 363 9.93 55.55 -6.82
N PRO B 364 9.04 56.31 -6.17
CA PRO B 364 8.87 57.74 -6.49
C PRO B 364 10.08 58.63 -6.24
N LYS B 365 9.87 59.94 -6.45
CA LYS B 365 10.92 60.92 -6.23
C LYS B 365 11.35 60.97 -4.77
N ALA B 366 10.39 60.74 -3.84
CA ALA B 366 10.71 60.74 -2.42
C ALA B 366 11.75 59.67 -2.07
N LEU B 367 11.69 58.53 -2.77
CA LEU B 367 12.65 57.45 -2.60
C LEU B 367 13.71 57.43 -3.69
N ARG B 368 13.79 58.48 -4.51
CA ARG B 368 14.87 58.59 -5.50
C ARG B 368 16.24 58.66 -4.84
N LEU B 369 16.36 59.43 -3.75
CA LEU B 369 17.62 59.60 -3.03
C LEU B 369 17.50 59.38 -1.54
N GLY B 370 16.32 59.55 -0.94
CA GLY B 370 16.11 59.46 0.50
C GLY B 370 16.24 58.07 1.09
N VAL B 371 15.64 57.87 2.27
CA VAL B 371 15.70 56.58 2.95
C VAL B 371 15.06 55.52 2.08
N LEU B 372 15.63 54.31 2.11
CA LEU B 372 15.14 53.21 1.28
C LEU B 372 14.26 52.32 2.15
N LYS B 373 12.97 52.67 2.20
CA LYS B 373 11.95 51.85 2.84
C LYS B 373 11.01 51.31 1.76
N LYS B 374 10.84 50.00 1.76
CA LYS B 374 10.08 49.32 0.71
C LYS B 374 8.70 48.99 1.25
N LYS B 375 7.67 49.57 0.63
CA LYS B 375 6.30 49.34 1.07
C LYS B 375 5.88 47.94 0.63
N ALA B 376 6.01 46.98 1.54
CA ALA B 376 5.61 45.61 1.24
C ALA B 376 4.11 45.53 1.01
N ILE B 377 3.71 44.78 0.00
CA ILE B 377 2.31 44.64 -0.37
C ILE B 377 2.02 43.16 -0.57
N LEU B 378 0.83 42.74 -0.17
CA LEU B 378 0.46 41.34 -0.31
C LEU B 378 0.23 41.01 -1.79
N HIS B 379 1.26 40.53 -2.48
CA HIS B 379 1.22 40.34 -3.92
C HIS B 379 0.62 38.99 -4.27
N GLN B 380 0.00 38.92 -5.45
CA GLN B 380 -0.66 37.71 -5.90
C GLN B 380 0.32 36.58 -6.19
N GLU B 381 1.54 36.91 -6.60
CA GLU B 381 2.53 35.87 -6.85
C GLU B 381 3.87 36.23 -6.22
N GLY B 382 4.17 37.52 -6.11
CA GLY B 382 5.38 37.98 -5.47
C GLY B 382 6.66 37.76 -6.24
N HIS B 383 7.78 38.27 -5.71
CA HIS B 383 9.07 38.13 -6.35
C HIS B 383 9.79 36.91 -5.76
N MET B 384 11.10 36.81 -6.00
CA MET B 384 11.87 35.64 -5.63
C MET B 384 12.69 35.84 -4.36
N ASP B 385 13.27 37.02 -4.17
CA ASP B 385 14.21 37.25 -3.07
C ASP B 385 13.55 37.76 -1.80
N ASP B 386 12.24 37.53 -1.61
CA ASP B 386 11.56 37.95 -0.39
C ASP B 386 11.49 36.85 0.66
N ALA B 387 12.48 35.95 0.68
CA ALA B 387 12.69 35.07 1.81
C ALA B 387 13.15 35.85 3.03
N LEU B 388 12.77 35.38 4.21
CA LEU B 388 12.96 36.14 5.44
C LEU B 388 13.75 35.33 6.47
N PHE B 389 14.62 36.01 7.22
CA PHE B 389 15.24 35.41 8.38
C PHE B 389 14.39 35.64 9.62
N LEU B 390 14.70 34.89 10.66
CA LEU B 390 14.09 35.03 11.97
C LEU B 390 15.18 35.23 13.01
N THR B 391 15.12 36.33 13.74
CA THR B 391 16.17 36.63 14.72
C THR B 391 15.55 36.85 16.09
N ARG B 392 16.22 36.35 17.11
CA ARG B 392 15.76 36.47 18.49
C ARG B 392 16.24 37.76 19.12
N CYS B 393 15.29 38.54 19.62
CA CYS B 393 15.60 39.64 20.51
C CYS B 393 15.77 39.09 21.92
N GLN B 394 16.60 39.76 22.70
CA GLN B 394 16.81 39.33 24.08
C GLN B 394 15.52 39.56 24.89
N GLN B 395 15.36 38.69 25.90
CA GLN B 395 14.22 38.70 26.82
C GLN B 395 13.98 40.09 27.40
N GLU B 396 15.06 40.82 27.72
CA GLU B 396 14.93 42.06 28.48
C GLU B 396 14.15 43.10 27.68
N GLU B 397 14.58 43.37 26.44
CA GLU B 397 13.87 44.33 25.60
C GLU B 397 12.49 43.81 25.18
N SER B 398 12.36 42.50 24.94
CA SER B 398 11.02 41.93 24.70
C SER B 398 10.06 42.20 25.85
N GLN B 399 10.50 41.97 27.08
CA GLN B 399 9.79 42.39 28.28
C GLN B 399 9.55 43.90 28.31
N ALA B 400 10.58 44.68 27.96
CA ALA B 400 10.50 46.14 27.97
C ALA B 400 9.39 46.65 27.07
N ALA B 401 9.29 46.10 25.85
CA ALA B 401 8.39 46.60 24.81
C ALA B 401 6.95 46.68 25.28
N ARG B 402 6.50 45.65 26.01
CA ARG B 402 5.09 45.54 26.41
C ARG B 402 4.68 46.70 27.32
N MET B 403 5.61 47.16 28.18
CA MET B 403 5.30 48.30 29.03
C MET B 403 4.95 49.53 28.22
N ILE B 404 5.67 49.79 27.11
CA ILE B 404 5.36 50.97 26.29
C ILE B 404 3.90 50.96 25.86
N HIS B 405 3.44 49.82 25.34
CA HIS B 405 2.04 49.66 24.95
C HIS B 405 1.07 49.78 26.11
N SER B 406 1.40 49.20 27.26
CA SER B 406 0.53 49.34 28.42
C SER B 406 0.51 50.77 28.96
N THR B 407 1.69 51.35 29.11
CA THR B 407 1.90 52.64 29.76
C THR B 407 1.29 53.76 28.94
N ALA B 408 1.55 53.75 27.62
CA ALA B 408 1.16 54.86 26.75
C ALA B 408 -0.35 55.04 26.75
N GLY B 409 -1.10 53.92 26.66
CA GLY B 409 -2.55 54.02 26.68
C GLY B 409 -3.06 54.62 27.97
N LEU B 410 -2.36 54.33 29.09
CA LEU B 410 -2.68 54.88 30.39
C LEU B 410 -2.60 56.40 30.37
N TYR B 411 -1.47 56.92 29.86
CA TYR B 411 -1.38 58.37 29.76
C TYR B 411 -2.31 58.94 28.69
N ASN B 412 -2.55 58.23 27.60
CA ASN B 412 -3.54 58.64 26.61
C ASN B 412 -4.91 58.90 27.25
N GLN B 413 -5.32 57.98 28.12
CA GLN B 413 -6.49 58.18 28.98
C GLN B 413 -6.30 59.36 29.93
N PHE B 414 -5.10 59.49 30.50
CA PHE B 414 -4.85 60.54 31.48
C PHE B 414 -4.98 61.91 30.82
N ILE B 415 -4.30 62.11 29.68
CA ILE B 415 -4.32 63.38 28.94
C ILE B 415 -5.75 63.71 28.51
N LYS B 416 -6.47 62.69 27.98
CA LYS B 416 -7.87 62.90 27.61
C LYS B 416 -8.69 63.37 28.82
N GLY B 417 -8.37 62.85 30.01
CA GLY B 417 -9.02 63.36 31.20
C GLY B 417 -8.62 64.80 31.47
N LEU B 418 -7.34 65.12 31.31
CA LEU B 418 -6.81 66.44 31.67
C LEU B 418 -7.45 67.51 30.82
N ASP B 419 -7.39 67.35 29.49
CA ASP B 419 -7.96 68.39 28.65
C ASP B 419 -9.49 68.38 28.73
N SER B 420 -10.11 67.27 29.18
CA SER B 420 -11.56 67.25 29.34
C SER B 420 -11.99 68.29 30.38
N PHE B 421 -11.26 68.39 31.50
CA PHE B 421 -11.55 69.41 32.50
C PHE B 421 -10.57 70.58 32.46
N SER B 422 -9.88 70.77 31.33
CA SER B 422 -8.94 71.89 31.18
C SER B 422 -9.60 73.24 31.47
N GLY B 423 -10.76 73.48 30.86
CA GLY B 423 -11.63 74.56 31.27
C GLY B 423 -12.69 74.04 32.23
N LYS B 424 -13.88 74.65 32.17
CA LYS B 424 -15.09 74.22 32.88
C LYS B 424 -14.85 74.06 34.38
N PRO B 425 -14.73 75.14 35.15
CA PRO B 425 -14.56 75.02 36.61
C PRO B 425 -15.70 74.25 37.26
N ARG B 426 -15.32 73.26 38.09
CA ARG B 426 -16.30 72.47 38.82
C ARG B 426 -17.05 73.32 39.83
N GLY B 427 -16.37 74.25 40.48
CA GLY B 427 -16.98 75.05 41.50
C GLY B 427 -17.15 74.24 42.76
N SER B 428 -18.40 73.90 43.09
CA SER B 428 -18.70 73.03 44.21
C SER B 428 -19.44 71.76 43.79
N GLY B 429 -19.60 71.53 42.49
CA GLY B 429 -20.41 70.44 42.00
C GLY B 429 -19.61 69.19 41.66
N PRO B 430 -20.08 68.46 40.66
CA PRO B 430 -19.44 67.18 40.32
C PRO B 430 -18.32 67.37 39.30
N PRO B 431 -17.42 66.39 39.17
CA PRO B 431 -16.36 66.47 38.15
C PRO B 431 -16.89 66.51 36.72
N ALA B 432 -15.94 66.70 35.79
CA ALA B 432 -16.26 66.80 34.37
C ALA B 432 -16.88 65.49 33.84
N GLY B 433 -16.12 64.41 33.88
CA GLY B 433 -16.60 63.15 33.37
C GLY B 433 -16.09 61.95 34.14
N PRO B 434 -15.60 60.93 33.43
CA PRO B 434 -15.07 59.73 34.09
C PRO B 434 -13.83 60.04 34.91
N ALA B 435 -13.67 59.29 36.00
CA ALA B 435 -12.52 59.51 36.87
C ALA B 435 -11.24 59.04 36.20
N LEU B 436 -10.15 59.70 36.56
CA LEU B 436 -8.84 59.43 35.99
C LEU B 436 -8.10 58.36 36.80
N PRO B 437 -7.44 57.40 36.13
CA PRO B 437 -6.70 56.36 36.85
C PRO B 437 -5.46 56.90 37.56
N ILE B 438 -5.69 57.75 38.57
CA ILE B 438 -4.60 58.43 39.28
C ILE B 438 -3.72 57.43 40.01
N GLU B 439 -4.34 56.53 40.76
CA GLU B 439 -3.59 55.60 41.61
C GLU B 439 -2.75 54.64 40.76
N ALA B 440 -3.35 54.14 39.68
CA ALA B 440 -2.64 53.32 38.71
C ALA B 440 -1.47 54.07 38.07
N VAL B 441 -1.68 55.34 37.72
CA VAL B 441 -0.60 56.19 37.20
C VAL B 441 0.51 56.36 38.24
N ILE B 442 0.13 56.63 39.50
CA ILE B 442 1.09 56.76 40.61
C ILE B 442 1.93 55.50 40.76
N LEU B 443 1.27 54.34 40.69
CA LEU B 443 1.97 53.05 40.75
C LEU B 443 2.88 52.90 39.55
N SER B 444 2.42 53.31 38.36
CA SER B 444 3.17 53.15 37.13
C SER B 444 4.47 53.93 37.21
N LEU B 445 4.37 55.21 37.56
CA LEU B 445 5.54 56.08 37.68
C LEU B 445 6.52 55.53 38.70
N GLN B 446 6.03 55.14 39.88
CA GLN B 446 6.89 54.52 40.89
C GLN B 446 7.58 53.25 40.37
N ASP B 447 6.90 52.48 39.52
CA ASP B 447 7.55 51.33 38.88
C ASP B 447 8.63 51.75 37.89
N LEU B 448 8.34 52.73 37.03
CA LEU B 448 9.31 53.15 36.01
C LEU B 448 10.55 53.78 36.63
N ILE B 449 10.39 54.62 37.65
CA ILE B 449 11.53 55.29 38.28
C ILE B 449 12.54 54.26 38.79
N GLY B 450 12.03 53.24 39.50
CA GLY B 450 12.88 52.14 39.89
C GLY B 450 13.41 51.39 38.69
N TYR B 451 12.60 51.27 37.64
CA TYR B 451 13.02 50.56 36.44
C TYR B 451 14.14 51.30 35.72
N PHE B 452 14.32 52.59 36.02
CA PHE B 452 15.35 53.40 35.41
C PHE B 452 16.42 53.86 36.40
N GLU B 453 16.49 53.26 37.59
CA GLU B 453 17.45 53.72 38.59
C GLU B 453 18.88 53.38 38.15
N PRO B 454 19.78 54.36 38.12
CA PRO B 454 21.16 54.08 37.74
C PRO B 454 21.82 53.14 38.73
N PRO B 455 22.76 52.31 38.28
CA PRO B 455 23.40 51.35 39.17
C PRO B 455 24.25 52.01 40.25
N SER B 456 24.36 51.33 41.38
CA SER B 456 25.08 51.86 42.52
C SER B 456 26.59 51.69 42.33
N GLU B 457 27.34 52.66 42.86
CA GLU B 457 28.77 52.72 42.63
C GLU B 457 29.54 51.62 43.35
N GLU B 458 28.96 51.03 44.40
CA GLU B 458 29.63 49.97 45.15
C GLU B 458 29.86 48.71 44.33
N LEU B 459 29.12 48.54 43.24
CA LEU B 459 29.21 47.37 42.38
C LEU B 459 30.58 47.29 41.71
N GLN B 460 30.92 46.09 41.25
CA GLN B 460 32.13 45.90 40.46
C GLN B 460 32.01 46.68 39.16
N HIS B 461 33.17 47.08 38.61
CA HIS B 461 33.24 47.93 37.43
C HIS B 461 32.47 47.38 36.24
N GLU B 462 32.91 46.23 35.71
CA GLU B 462 32.28 45.56 34.56
C GLU B 462 30.78 45.35 34.75
N GLU B 463 30.37 45.01 35.97
CA GLU B 463 28.96 44.87 36.29
C GLU B 463 28.22 46.20 36.11
N LYS B 464 28.80 47.29 36.63
CA LYS B 464 28.23 48.62 36.40
C LYS B 464 28.14 48.93 34.92
N GLN B 465 29.21 48.62 34.16
CA GLN B 465 29.22 48.91 32.74
C GLN B 465 28.10 48.18 32.04
N SER B 466 27.88 46.91 32.42
CA SER B 466 26.81 46.10 31.82
C SER B 466 25.46 46.73 32.10
N LYS B 467 25.27 47.21 33.33
CA LYS B 467 23.96 47.80 33.66
C LYS B 467 23.78 49.09 32.87
N LEU B 468 24.87 49.81 32.61
CA LEU B 468 24.77 50.96 31.71
C LEU B 468 24.35 50.52 30.31
N ARG B 469 24.90 49.41 29.80
CA ARG B 469 24.57 48.90 28.46
C ARG B 469 23.06 48.72 28.31
N SER B 470 22.47 48.06 29.31
CA SER B 470 21.02 47.91 29.35
C SER B 470 20.31 49.26 29.50
N LEU B 471 20.75 50.09 30.44
CA LEU B 471 20.07 51.36 30.74
C LEU B 471 20.06 52.30 29.52
N ARG B 472 21.20 52.39 28.82
CA ARG B 472 21.32 53.13 27.57
C ARG B 472 20.35 52.59 26.53
N ASN B 473 20.28 51.25 26.40
CA ASN B 473 19.39 50.68 25.41
C ASN B 473 17.93 51.02 25.74
N ARG B 474 17.57 50.92 27.02
CA ARG B 474 16.20 51.15 27.48
C ARG B 474 15.74 52.56 27.16
N GLN B 475 16.57 53.55 27.52
CA GLN B 475 16.16 54.94 27.42
C GLN B 475 15.90 55.31 25.96
N SER B 476 16.83 54.89 25.08
CA SER B 476 16.69 55.17 23.66
C SER B 476 15.43 54.52 23.11
N LEU B 477 15.13 53.28 23.56
CA LEU B 477 13.90 52.61 23.11
C LEU B 477 12.65 53.40 23.48
N PHE B 478 12.60 53.90 24.72
CA PHE B 478 11.44 54.67 25.16
C PHE B 478 11.30 55.99 24.39
N GLN B 479 12.43 56.66 24.14
CA GLN B 479 12.39 57.86 23.30
C GLN B 479 11.94 57.54 21.89
N GLU B 480 12.48 56.47 21.31
CA GLU B 480 12.13 56.08 19.95
C GLU B 480 10.67 55.64 19.86
N GLU B 481 10.06 55.26 20.99
CA GLU B 481 8.63 55.05 21.06
C GLU B 481 7.89 56.30 21.48
N GLY B 482 8.57 57.42 21.63
CA GLY B 482 7.90 58.67 21.94
C GLY B 482 7.44 58.88 23.37
N MET B 483 7.96 58.10 24.31
CA MET B 483 7.57 58.25 25.71
C MET B 483 7.96 59.62 26.26
N LEU B 484 9.11 60.13 25.84
CA LEU B 484 9.49 61.50 26.17
C LEU B 484 8.48 62.53 25.65
N SER B 485 8.01 62.36 24.41
CA SER B 485 6.94 63.22 23.90
C SER B 485 5.68 63.12 24.75
N LEU B 486 5.38 61.90 25.25
CA LEU B 486 4.21 61.70 26.10
C LEU B 486 4.39 62.44 27.42
N VAL B 487 5.53 62.25 28.08
CA VAL B 487 5.69 62.80 29.42
C VAL B 487 5.73 64.31 29.33
N LEU B 488 6.41 64.87 28.30
CA LEU B 488 6.38 66.31 28.10
C LEU B 488 4.96 66.83 27.93
N ASN B 489 4.08 66.05 27.26
CA ASN B 489 2.67 66.45 27.23
C ASN B 489 2.05 66.40 28.61
N CYS B 490 2.49 65.43 29.43
CA CYS B 490 1.93 65.29 30.78
C CYS B 490 2.25 66.52 31.60
N ILE B 491 3.53 66.93 31.63
CA ILE B 491 3.90 68.12 32.43
C ILE B 491 3.19 69.34 31.86
N ASP B 492 3.07 69.43 30.53
CA ASP B 492 2.42 70.59 29.90
C ASP B 492 0.98 70.75 30.40
N ARG B 493 0.20 69.66 30.34
CA ARG B 493 -1.17 69.69 30.81
C ARG B 493 -1.28 69.90 32.32
N LEU B 494 -0.37 69.30 33.10
CA LEU B 494 -0.36 69.53 34.54
C LEU B 494 0.02 70.95 34.94
N ASN B 495 0.83 71.63 34.14
CA ASN B 495 1.38 72.92 34.56
C ASN B 495 0.38 74.06 34.54
N VAL B 496 -0.80 73.89 33.96
CA VAL B 496 -1.75 74.99 33.79
C VAL B 496 -2.40 75.39 35.11
N TYR B 497 -2.07 74.69 36.20
CA TYR B 497 -2.55 75.00 37.53
C TYR B 497 -1.38 75.47 38.37
N THR B 498 -1.50 76.67 38.94
CA THR B 498 -0.46 77.20 39.81
C THR B 498 -0.44 76.54 41.18
N THR B 499 -1.59 76.33 41.78
CA THR B 499 -1.68 75.76 43.11
C THR B 499 -2.71 74.65 43.10
N ALA B 500 -2.61 73.79 44.12
CA ALA B 500 -3.44 72.59 44.22
C ALA B 500 -4.93 72.92 44.30
N ALA B 501 -5.31 73.90 45.11
CA ALA B 501 -6.71 74.32 45.19
C ALA B 501 -7.24 74.83 43.84
N HIS B 502 -6.41 75.58 43.11
CA HIS B 502 -6.73 75.98 41.74
C HIS B 502 -6.92 74.77 40.85
N PHE B 503 -6.06 73.75 41.00
CA PHE B 503 -6.23 72.52 40.24
C PHE B 503 -7.55 71.86 40.62
N ALA B 504 -7.86 71.83 41.92
CA ALA B 504 -9.05 71.17 42.44
C ALA B 504 -10.32 71.80 41.92
N GLU B 505 -10.26 73.09 41.53
CA GLU B 505 -11.46 73.78 41.05
C GLU B 505 -12.00 73.19 39.75
N TYR B 506 -11.20 72.40 39.03
CA TYR B 506 -11.58 71.89 37.72
C TYR B 506 -11.64 70.38 37.65
N ALA B 507 -10.83 69.67 38.45
CA ALA B 507 -10.86 68.21 38.50
C ALA B 507 -11.65 67.70 39.69
N GLY B 508 -11.23 68.07 40.88
CA GLY B 508 -11.88 67.59 42.09
C GLY B 508 -10.96 67.58 43.30
N GLU B 509 -11.59 67.72 44.47
CA GLU B 509 -10.86 67.79 45.74
C GLU B 509 -10.12 66.49 45.99
N GLU B 510 -10.79 65.36 45.70
CA GLU B 510 -10.20 64.05 45.93
C GLU B 510 -8.96 63.83 45.06
N ALA B 511 -8.92 64.47 43.88
CA ALA B 511 -7.78 64.39 42.98
C ALA B 511 -6.72 65.43 43.28
N ALA B 512 -7.02 66.41 44.14
CA ALA B 512 -6.10 67.52 44.37
C ALA B 512 -4.82 67.11 45.10
N GLU B 513 -4.90 66.12 46.01
CA GLU B 513 -3.75 65.75 46.84
C GLU B 513 -2.60 65.19 46.02
N SER B 514 -2.90 64.34 45.04
CA SER B 514 -1.89 63.66 44.23
C SER B 514 -1.10 64.58 43.31
N TRP B 515 -1.53 65.84 43.13
CA TRP B 515 -0.98 66.73 42.10
C TRP B 515 0.51 67.01 42.29
N LYS B 516 0.92 67.33 43.53
CA LYS B 516 2.33 67.60 43.78
C LYS B 516 3.15 66.32 43.67
N GLU B 517 2.55 65.19 44.06
CA GLU B 517 3.26 63.91 44.01
C GLU B 517 3.55 63.57 42.57
N ILE B 518 2.52 63.65 41.70
CA ILE B 518 2.67 63.19 40.32
C ILE B 518 3.68 64.08 39.60
N VAL B 519 3.63 65.41 39.81
CA VAL B 519 4.59 66.26 39.10
C VAL B 519 6.03 65.98 39.57
N ASN B 520 6.21 65.68 40.88
CA ASN B 520 7.54 65.26 41.34
C ASN B 520 7.98 63.96 40.69
N LEU B 521 7.04 63.01 40.53
CA LEU B 521 7.37 61.74 39.86
C LEU B 521 7.76 62.00 38.42
N LEU B 522 7.02 62.89 37.74
CA LEU B 522 7.25 63.13 36.32
C LEU B 522 8.65 63.67 36.09
N TYR B 523 9.03 64.71 36.84
CA TYR B 523 10.39 65.25 36.72
C TYR B 523 11.46 64.22 37.10
N GLU B 524 11.21 63.43 38.14
CA GLU B 524 12.16 62.35 38.49
C GLU B 524 12.31 61.32 37.36
N LEU B 525 11.19 60.93 36.75
CA LEU B 525 11.21 60.02 35.61
C LEU B 525 11.96 60.63 34.43
N LEU B 526 11.69 61.89 34.14
CA LEU B 526 12.39 62.58 33.05
C LEU B 526 13.89 62.64 33.30
N ALA B 527 14.29 62.94 34.55
CA ALA B 527 15.72 63.00 34.90
C ALA B 527 16.37 61.64 34.67
N SER B 528 15.69 60.57 35.08
CA SER B 528 16.17 59.22 34.81
C SER B 528 16.24 58.95 33.31
N LEU B 529 15.25 59.47 32.56
CA LEU B 529 15.16 59.23 31.13
C LEU B 529 16.33 59.86 30.38
N ILE B 530 16.71 61.07 30.77
CA ILE B 530 17.71 61.80 30.01
C ILE B 530 19.11 61.42 30.47
N ARG B 531 19.25 61.02 31.75
CA ARG B 531 20.54 60.80 32.39
C ARG B 531 21.45 59.81 31.66
N GLY B 532 22.55 60.30 31.10
CA GLY B 532 23.60 59.49 30.54
C GLY B 532 23.60 59.37 29.03
N ASN B 533 22.49 59.69 28.37
CA ASN B 533 22.38 59.54 26.92
C ASN B 533 22.57 60.88 26.21
N ARG B 534 23.65 60.97 25.44
CA ARG B 534 23.90 62.14 24.61
C ARG B 534 22.79 62.36 23.60
N ALA B 535 22.37 61.29 22.91
CA ALA B 535 21.39 61.40 21.84
C ALA B 535 20.02 61.81 22.38
N ASN B 536 19.56 61.13 23.44
CA ASN B 536 18.32 61.52 24.10
C ASN B 536 18.43 62.93 24.68
N CYS B 537 19.61 63.26 25.17
CA CYS B 537 19.89 64.55 25.78
C CYS B 537 19.74 65.69 24.78
N ALA B 538 20.19 65.45 23.54
CA ALA B 538 20.23 66.48 22.50
C ALA B 538 18.86 67.04 22.13
N LEU B 539 17.79 66.31 22.44
CA LEU B 539 16.44 66.66 22.01
C LEU B 539 15.94 67.98 22.58
N PHE B 540 16.56 68.48 23.66
CA PHE B 540 16.08 69.69 24.30
C PHE B 540 16.61 70.96 23.66
N SER B 541 17.48 70.84 22.64
CA SER B 541 17.98 72.02 21.95
C SER B 541 16.86 72.78 21.24
N THR B 542 15.85 72.05 20.76
CA THR B 542 14.74 72.68 20.05
C THR B 542 13.81 73.44 20.99
N ASN B 543 13.70 73.00 22.24
CA ASN B 543 12.73 73.53 23.18
C ASN B 543 13.35 73.79 24.55
N LEU B 544 14.56 74.36 24.53
CA LEU B 544 15.28 74.67 25.77
C LEU B 544 14.51 75.69 26.60
N ASP B 545 13.89 76.66 25.93
CA ASP B 545 13.09 77.69 26.59
C ASP B 545 11.96 77.12 27.45
N TRP B 546 11.45 75.94 27.06
CA TRP B 546 10.30 75.33 27.74
C TRP B 546 10.60 75.03 29.22
N VAL B 547 11.73 74.37 29.50
CA VAL B 547 12.12 74.08 30.88
C VAL B 547 12.45 75.38 31.64
N VAL B 548 13.07 76.34 30.94
CA VAL B 548 13.37 77.63 31.55
C VAL B 548 12.08 78.34 31.92
N SER B 549 11.01 78.17 31.12
CA SER B 549 9.73 78.75 31.48
C SER B 549 9.17 78.16 32.77
N LYS B 550 9.63 76.97 33.18
CA LYS B 550 9.10 76.31 34.36
C LYS B 550 10.03 76.31 35.55
N LEU B 551 11.25 76.85 35.40
CA LEU B 551 12.18 76.89 36.54
C LEU B 551 11.66 77.74 37.71
N ASP B 552 10.76 78.68 37.43
CA ASP B 552 10.19 79.54 38.46
C ASP B 552 9.15 78.85 39.32
N ARG B 553 8.64 77.70 38.90
CA ARG B 553 7.61 76.99 39.65
C ARG B 553 8.17 76.43 40.95
N LEU B 554 7.32 76.39 41.97
CA LEU B 554 7.73 76.02 43.32
C LEU B 554 7.41 74.60 43.73
N GLU B 555 6.30 74.03 43.26
CA GLU B 555 5.80 72.74 43.76
C GLU B 555 6.80 71.61 43.50
N ALA B 556 7.40 71.57 42.31
CA ALA B 556 8.43 70.59 41.96
C ALA B 556 9.59 71.37 41.34
N SER B 557 10.48 71.90 42.18
CA SER B 557 11.63 72.66 41.73
C SER B 557 12.96 71.93 41.85
N SER B 558 13.13 71.14 42.92
CA SER B 558 14.34 70.34 43.09
C SER B 558 14.52 69.35 41.96
N GLY B 559 13.43 68.69 41.56
CA GLY B 559 13.54 67.72 40.48
C GLY B 559 13.88 68.38 39.15
N ILE B 560 13.21 69.49 38.84
CA ILE B 560 13.41 70.11 37.53
C ILE B 560 14.82 70.68 37.44
N LEU B 561 15.34 71.20 38.57
CA LEU B 561 16.73 71.65 38.61
C LEU B 561 17.69 70.50 38.40
N GLU B 562 17.39 69.33 38.96
CA GLU B 562 18.17 68.12 38.66
C GLU B 562 18.10 67.75 37.17
N VAL B 563 16.92 67.89 36.57
CA VAL B 563 16.72 67.64 35.14
C VAL B 563 17.62 68.56 34.32
N LEU B 564 17.61 69.86 34.65
CA LEU B 564 18.46 70.82 33.97
C LEU B 564 19.93 70.50 34.16
N TYR B 565 20.30 70.08 35.38
CA TYR B 565 21.67 69.67 35.66
C TYR B 565 22.08 68.53 34.73
N CYS B 566 21.18 67.55 34.56
CA CYS B 566 21.48 66.39 33.73
C CYS B 566 21.62 66.77 32.26
N VAL B 567 20.77 67.68 31.77
CA VAL B 567 20.86 68.01 30.34
C VAL B 567 22.11 68.84 30.06
N LEU B 568 22.42 69.82 30.93
CA LEU B 568 23.60 70.65 30.72
C LEU B 568 24.90 69.89 30.94
N ILE B 569 24.94 68.92 31.87
CA ILE B 569 26.20 68.24 32.16
C ILE B 569 26.62 67.33 31.00
N GLU B 570 25.74 67.14 30.01
CA GLU B 570 25.91 66.17 28.94
C GLU B 570 25.97 66.79 27.56
N SER B 571 25.03 67.67 27.19
CA SER B 571 24.96 68.12 25.81
C SER B 571 25.59 69.49 25.59
N PRO B 572 26.77 69.58 24.96
CA PRO B 572 27.42 70.89 24.76
C PRO B 572 26.63 71.87 23.90
N GLU B 573 25.90 71.36 22.91
CA GLU B 573 25.17 72.23 21.99
C GLU B 573 24.09 73.02 22.71
N VAL B 574 23.54 72.48 23.81
CA VAL B 574 22.57 73.22 24.60
C VAL B 574 23.21 74.49 25.16
N LEU B 575 24.49 74.38 25.57
CA LEU B 575 25.25 75.54 25.99
C LEU B 575 25.37 76.50 24.82
N ASN B 576 25.60 75.96 23.61
CA ASN B 576 25.64 76.85 22.44
C ASN B 576 24.28 77.50 22.14
N ILE B 577 23.18 76.96 22.69
CA ILE B 577 21.86 77.57 22.51
C ILE B 577 21.58 78.58 23.61
N ILE B 578 22.36 78.57 24.70
CA ILE B 578 22.08 79.45 25.85
C ILE B 578 22.20 80.93 25.45
N GLN B 579 21.23 81.72 25.89
CA GLN B 579 21.18 83.16 25.67
C GLN B 579 20.96 83.82 27.03
N GLU B 580 21.19 85.13 27.10
CA GLU B 580 21.25 85.91 28.34
C GLU B 580 20.02 85.75 29.23
N ASN B 581 18.81 85.61 28.64
CA ASN B 581 17.58 85.46 29.43
C ASN B 581 17.65 84.22 30.34
N HIS B 582 18.25 83.15 29.82
CA HIS B 582 18.45 81.92 30.58
C HIS B 582 19.28 82.22 31.82
N ILE B 583 20.44 82.85 31.62
CA ILE B 583 21.38 83.11 32.71
C ILE B 583 20.72 83.99 33.75
N LYS B 584 19.91 84.97 33.30
CA LYS B 584 19.10 85.76 34.22
C LYS B 584 18.08 84.92 34.99
N SER B 585 17.66 83.79 34.41
CA SER B 585 16.68 82.95 35.11
C SER B 585 17.38 82.10 36.18
N ILE B 586 18.51 81.47 35.82
CA ILE B 586 19.25 80.69 36.82
C ILE B 586 19.72 81.61 37.95
N ILE B 587 20.28 82.79 37.64
CA ILE B 587 20.77 83.66 38.71
C ILE B 587 19.59 84.10 39.60
N SER B 588 18.38 84.27 38.99
CA SER B 588 17.23 84.61 39.80
C SER B 588 16.91 83.47 40.74
N LEU B 589 17.15 82.22 40.31
CA LEU B 589 16.90 81.07 41.19
C LEU B 589 17.76 81.15 42.44
N LEU B 590 19.04 81.47 42.25
CA LEU B 590 19.96 81.64 43.39
C LEU B 590 19.49 82.75 44.32
N ASP B 591 18.96 83.84 43.75
CA ASP B 591 18.42 84.91 44.58
C ASP B 591 17.09 84.56 45.27
N LYS B 592 16.32 83.63 44.70
CA LYS B 592 15.01 83.28 45.25
C LYS B 592 14.98 82.03 46.10
N HIS B 593 15.88 81.09 45.89
CA HIS B 593 15.86 79.80 46.55
C HIS B 593 17.00 79.62 47.55
N GLY B 594 17.51 80.72 48.09
CA GLY B 594 18.58 80.60 49.05
C GLY B 594 19.90 80.18 48.44
N ARG B 595 20.84 79.83 49.32
CA ARG B 595 22.19 79.47 48.91
C ARG B 595 22.28 77.97 48.60
N ASN B 596 21.45 77.55 47.65
CA ASN B 596 21.39 76.18 47.16
C ASN B 596 22.65 75.93 46.33
N HIS B 597 23.59 75.17 46.90
CA HIS B 597 24.91 74.97 46.27
C HIS B 597 24.83 74.26 44.92
N LYS B 598 23.74 73.54 44.65
CA LYS B 598 23.55 72.85 43.37
C LYS B 598 23.56 73.84 42.21
N VAL B 599 22.96 75.01 42.41
CA VAL B 599 22.87 76.03 41.37
C VAL B 599 24.26 76.44 40.92
N LEU B 600 25.22 76.44 41.84
CA LEU B 600 26.60 76.72 41.48
C LEU B 600 27.11 75.68 40.50
N ASP B 601 26.82 74.41 40.76
CA ASP B 601 27.22 73.32 39.86
C ASP B 601 26.57 73.45 38.50
N VAL B 602 25.35 74.00 38.45
CA VAL B 602 24.70 74.33 37.18
C VAL B 602 25.52 75.38 36.43
N LEU B 603 25.94 76.43 37.13
CA LEU B 603 26.78 77.45 36.51
C LEU B 603 28.13 76.85 36.07
N CYS B 604 28.72 76.00 36.90
CA CYS B 604 29.98 75.37 36.57
C CYS B 604 29.83 74.51 35.32
N SER B 605 28.65 73.88 35.15
CA SER B 605 28.43 73.11 33.95
C SER B 605 28.25 74.05 32.76
N LEU B 606 27.78 75.27 33.03
CA LEU B 606 27.58 76.23 31.93
C LEU B 606 28.91 76.70 31.40
N CYS B 607 29.93 76.76 32.28
CA CYS B 607 31.22 77.28 31.85
C CYS B 607 31.89 76.36 30.83
N VAL B 608 32.23 75.15 31.25
CA VAL B 608 32.94 74.20 30.41
C VAL B 608 32.09 72.94 30.26
N CYS B 609 32.06 72.38 29.05
CA CYS B 609 31.32 71.16 28.76
C CYS B 609 32.23 70.24 27.96
N ASN B 610 32.52 69.06 28.49
CA ASN B 610 33.37 68.03 27.86
C ASN B 610 34.78 68.55 27.54
N GLY B 611 35.24 69.58 28.23
CA GLY B 611 36.58 70.10 28.05
C GLY B 611 36.74 71.22 27.05
N VAL B 612 35.67 71.90 26.64
CA VAL B 612 35.77 73.04 25.74
C VAL B 612 35.17 74.25 26.46
N ALA B 613 35.87 75.37 26.41
CA ALA B 613 35.38 76.60 27.03
C ALA B 613 34.32 77.27 26.16
N VAL B 614 33.32 77.85 26.81
CA VAL B 614 32.27 78.58 26.12
C VAL B 614 32.36 80.03 26.58
N ARG B 615 33.16 80.82 25.84
CA ARG B 615 33.48 82.17 26.28
C ARG B 615 32.28 83.10 26.16
N SER B 616 31.32 82.74 25.28
CA SER B 616 30.09 83.51 25.16
C SER B 616 29.20 83.35 26.39
N ASN B 617 29.42 82.32 27.20
CA ASN B 617 28.61 82.11 28.39
C ASN B 617 29.34 82.54 29.64
N GLN B 618 30.65 82.22 29.71
CA GLN B 618 31.45 82.50 30.90
C GLN B 618 31.39 83.97 31.28
N ASP B 619 31.50 84.84 30.26
CA ASP B 619 31.44 86.28 30.47
C ASP B 619 30.09 86.70 31.01
N LEU B 620 29.00 86.14 30.47
CA LEU B 620 27.66 86.51 30.94
C LEU B 620 27.46 86.12 32.39
N ILE B 621 28.02 84.97 32.80
CA ILE B 621 28.01 84.56 34.20
C ILE B 621 28.72 85.58 35.07
N THR B 622 29.93 85.98 34.65
CA THR B 622 30.70 86.96 35.43
C THR B 622 29.98 88.30 35.47
N GLU B 623 29.45 88.74 34.32
CA GLU B 623 28.93 90.08 34.18
C GLU B 623 27.66 90.23 34.99
N ASN B 624 26.80 89.22 34.98
CA ASN B 624 25.53 89.33 35.67
C ASN B 624 25.63 88.95 37.13
N LEU B 625 26.76 88.36 37.56
CA LEU B 625 26.85 87.89 38.94
C LEU B 625 27.92 88.61 39.75
N LEU B 626 29.16 88.63 39.28
CA LEU B 626 30.28 89.11 40.09
C LEU B 626 30.24 90.59 40.52
N PRO B 627 30.00 91.59 39.63
CA PRO B 627 30.21 93.00 40.05
C PRO B 627 29.34 93.48 41.21
N GLY B 628 28.10 93.01 41.30
CA GLY B 628 27.19 93.46 42.34
C GLY B 628 27.68 93.16 43.74
N ARG B 629 28.30 91.98 43.92
CA ARG B 629 28.85 91.52 45.21
C ARG B 629 27.80 91.46 46.31
N GLU B 630 26.64 90.90 46.01
CA GLU B 630 25.59 90.76 47.00
C GLU B 630 25.03 89.35 47.15
N LEU B 631 25.25 88.46 46.18
CA LEU B 631 24.76 87.10 46.33
C LEU B 631 25.81 86.16 46.91
N LEU B 632 27.00 86.13 46.31
CA LEU B 632 28.04 85.25 46.79
C LEU B 632 28.79 85.89 47.96
N LEU B 633 29.52 85.05 48.70
CA LEU B 633 30.28 85.51 49.84
C LEU B 633 31.50 86.31 49.40
N GLN B 634 32.02 87.13 50.31
CA GLN B 634 33.21 87.94 50.03
C GLN B 634 34.27 87.71 51.09
N THR B 635 35.53 87.66 50.66
CA THR B 635 36.66 87.43 51.54
C THR B 635 37.58 88.65 51.54
N ASN B 636 38.25 88.86 52.67
CA ASN B 636 39.20 89.96 52.83
C ASN B 636 40.07 89.66 54.04
N LEU B 637 41.15 90.43 54.16
CA LEU B 637 42.07 90.34 55.29
C LEU B 637 41.85 91.55 56.19
N ILE B 638 41.56 91.29 57.46
CA ILE B 638 41.23 92.34 58.43
C ILE B 638 42.10 92.14 59.67
N ASN B 639 42.69 93.24 60.14
CA ASN B 639 43.44 93.22 61.39
C ASN B 639 42.52 93.13 62.60
N TYR B 640 43.08 92.61 63.68
CA TYR B 640 42.37 92.55 64.95
C TYR B 640 42.36 93.92 65.62
N VAL B 641 41.22 94.29 66.19
CA VAL B 641 41.06 95.55 66.90
C VAL B 641 40.64 95.24 68.33
N THR B 642 41.38 95.78 69.30
CA THR B 642 41.07 95.60 70.70
C THR B 642 40.96 96.95 71.38
N SER B 643 40.30 96.96 72.53
CA SER B 643 40.06 98.17 73.29
C SER B 643 40.57 98.00 74.72
N ILE B 644 41.02 99.10 75.31
CA ILE B 644 41.49 99.14 76.68
C ILE B 644 40.80 100.31 77.37
N ARG B 645 40.33 100.09 78.60
CA ARG B 645 39.64 101.14 79.34
C ARG B 645 40.23 101.31 80.73
N PRO B 646 40.17 102.52 81.28
CA PRO B 646 40.43 102.69 82.71
C PRO B 646 39.13 102.52 83.48
N ASN B 647 39.23 101.91 84.67
CA ASN B 647 38.05 101.48 85.40
C ASN B 647 37.36 102.65 86.10
N ILE B 648 36.87 103.60 85.30
CA ILE B 648 36.14 104.76 85.79
C ILE B 648 34.76 104.72 85.14
N PHE B 649 33.73 104.50 85.95
CA PHE B 649 32.40 104.13 85.49
C PHE B 649 31.42 105.21 85.96
N VAL B 650 30.85 105.96 85.02
CA VAL B 650 29.99 107.10 85.35
C VAL B 650 28.64 106.89 84.67
N GLY B 651 27.57 107.25 85.37
CA GLY B 651 26.24 107.12 84.81
C GLY B 651 25.23 107.90 85.61
N ARG B 652 24.16 108.32 84.94
CA ARG B 652 23.12 109.11 85.57
C ARG B 652 22.03 108.21 86.14
N ALA B 653 21.56 108.57 87.34
CA ALA B 653 20.56 107.79 88.04
C ALA B 653 19.77 108.73 88.95
N GLU B 654 18.58 108.29 89.35
CA GLU B 654 17.76 109.09 90.26
C GLU B 654 18.46 109.22 91.60
N GLY B 655 18.77 110.45 92.01
CA GLY B 655 19.57 110.67 93.20
C GLY B 655 20.96 110.07 93.14
N SER B 656 21.60 110.13 91.98
CA SER B 656 22.94 109.60 91.78
C SER B 656 23.97 110.38 92.58
N THR B 657 24.85 109.67 93.28
CA THR B 657 25.93 110.28 94.05
C THR B 657 27.16 110.59 93.21
N GLN B 658 27.02 110.71 91.89
CA GLN B 658 28.12 111.04 91.00
C GLN B 658 27.69 112.17 90.07
N TYR B 659 28.58 113.15 89.88
CA TYR B 659 28.24 114.30 89.07
C TYR B 659 28.37 113.97 87.59
N GLY B 660 27.37 114.38 86.81
CA GLY B 660 27.33 114.08 85.40
C GLY B 660 28.10 115.02 84.49
N LYS B 661 29.39 115.22 84.76
CA LYS B 661 30.26 116.04 83.92
C LYS B 661 31.68 115.54 84.14
N TRP B 662 32.27 114.92 83.12
CA TRP B 662 33.61 114.38 83.30
C TRP B 662 34.45 114.59 82.06
N TYR B 663 35.74 114.87 82.27
CA TYR B 663 36.63 115.30 81.20
C TYR B 663 37.96 114.57 81.29
N PHE B 664 38.35 113.91 80.19
CA PHE B 664 39.60 113.15 80.12
C PHE B 664 40.26 113.43 78.79
N GLU B 665 41.57 113.15 78.74
CA GLU B 665 42.32 113.38 77.51
C GLU B 665 43.20 112.18 77.17
N VAL B 666 43.37 111.96 75.87
CA VAL B 666 44.24 110.90 75.37
C VAL B 666 45.29 111.53 74.46
N MET B 667 46.55 111.24 74.74
CA MET B 667 47.68 111.73 73.99
C MET B 667 48.08 110.69 72.95
N VAL B 668 48.46 111.16 71.78
CA VAL B 668 48.94 110.30 70.70
C VAL B 668 50.46 110.33 70.73
N ASP B 669 51.12 109.16 70.74
CA ASP B 669 52.57 109.18 70.69
C ASP B 669 53.05 109.01 69.25
N GLU B 670 52.79 107.86 68.64
CA GLU B 670 53.16 107.58 67.26
C GLU B 670 52.02 106.83 66.59
N VAL B 671 51.88 107.02 65.29
CA VAL B 671 50.84 106.38 64.49
C VAL B 671 51.47 105.87 63.21
N VAL B 672 51.70 104.56 63.15
CA VAL B 672 52.19 103.98 61.90
C VAL B 672 51.07 104.07 60.87
N PRO B 673 51.32 104.64 59.68
CA PRO B 673 50.23 104.83 58.70
C PRO B 673 49.59 103.54 58.23
N PHE B 674 50.38 102.60 57.72
CA PHE B 674 49.86 101.30 57.26
C PHE B 674 50.88 100.24 57.66
N LEU B 675 50.70 99.66 58.85
CA LEU B 675 51.50 98.50 59.22
C LEU B 675 51.16 97.31 58.35
N THR B 676 49.88 97.14 58.05
CA THR B 676 49.36 96.16 57.10
C THR B 676 48.67 96.90 55.96
N ALA B 677 48.08 96.12 55.05
CA ALA B 677 47.34 96.71 53.93
C ALA B 677 46.13 97.49 54.44
N GLN B 678 45.43 96.97 55.44
CA GLN B 678 44.33 97.68 56.07
C GLN B 678 44.82 98.97 56.72
N ALA B 679 44.00 100.02 56.63
CA ALA B 679 44.32 101.28 57.28
C ALA B 679 44.36 101.10 58.80
N THR B 680 45.25 101.86 59.44
CA THR B 680 45.38 101.83 60.88
C THR B 680 44.11 102.38 61.53
N HIS B 681 43.50 101.58 62.39
CA HIS B 681 42.32 101.99 63.14
C HIS B 681 42.74 102.66 64.44
N LEU B 682 42.17 103.83 64.71
CA LEU B 682 42.47 104.55 65.94
C LEU B 682 41.31 105.50 66.23
N ARG B 683 40.52 105.18 67.24
CA ARG B 683 39.41 106.02 67.67
C ARG B 683 39.39 106.09 69.18
N VAL B 684 38.93 107.23 69.70
CA VAL B 684 38.82 107.46 71.14
C VAL B 684 37.38 107.86 71.43
N GLY B 685 36.79 107.28 72.47
CA GLY B 685 35.44 107.69 72.80
C GLY B 685 34.96 107.08 74.09
N TRP B 686 33.67 107.23 74.31
CA TRP B 686 33.03 106.63 75.48
C TRP B 686 32.41 105.31 75.07
N ALA B 687 31.95 104.55 76.06
CA ALA B 687 31.26 103.30 75.79
C ALA B 687 30.38 102.96 76.98
N LEU B 688 29.43 102.05 76.75
CA LEU B 688 28.37 101.75 77.70
C LEU B 688 28.50 100.30 78.17
N THR B 689 27.79 99.96 79.26
CA THR B 689 28.05 98.72 79.99
C THR B 689 27.06 97.59 79.72
N GLU B 690 26.00 97.79 78.94
CA GLU B 690 24.98 96.77 78.73
C GLU B 690 24.78 96.52 77.23
N GLY B 691 25.89 96.18 76.57
CA GLY B 691 25.85 95.96 75.13
C GLY B 691 27.14 96.27 74.39
N TYR B 692 28.14 96.81 75.06
CA TYR B 692 29.45 97.02 74.46
C TYR B 692 30.44 96.05 75.10
N SER B 693 30.57 94.87 74.50
CA SER B 693 31.57 93.88 74.90
C SER B 693 32.25 93.36 73.63
N PRO B 694 33.14 94.15 73.02
CA PRO B 694 33.64 93.81 71.69
C PRO B 694 34.65 92.68 71.67
N TYR B 695 34.16 91.44 71.55
CA TYR B 695 35.04 90.29 71.42
C TYR B 695 35.90 90.43 70.17
N PRO B 696 37.18 90.06 70.25
CA PRO B 696 38.06 90.19 69.07
C PRO B 696 37.67 89.27 67.94
N GLY B 697 37.91 89.74 66.72
CA GLY B 697 37.65 88.94 65.55
C GLY B 697 36.55 89.50 64.66
N GLY B 698 35.89 88.62 63.93
CA GLY B 698 34.82 89.04 63.05
C GLY B 698 33.54 89.33 63.80
N GLY B 699 32.62 90.01 63.10
CA GLY B 699 31.37 90.40 63.70
C GLY B 699 30.60 91.34 62.80
N GLU B 700 30.11 92.45 63.37
CA GLU B 700 29.36 93.42 62.58
C GLU B 700 30.24 94.13 61.56
N GLY B 701 29.67 94.36 60.38
CA GLY B 701 30.38 95.02 59.31
C GLY B 701 31.49 94.14 58.78
N TRP B 702 32.51 94.79 58.21
CA TRP B 702 33.69 94.08 57.72
C TRP B 702 34.66 93.67 58.82
N GLY B 703 34.27 93.75 60.09
CA GLY B 703 35.11 93.37 61.19
C GLY B 703 35.98 94.48 61.72
N GLY B 704 36.83 94.09 62.67
CA GLY B 704 37.69 95.03 63.35
C GLY B 704 36.90 96.08 64.11
N ASN B 705 35.81 95.65 64.75
CA ASN B 705 34.94 96.58 65.44
C ASN B 705 35.59 97.10 66.72
N GLY B 706 35.39 98.38 66.98
CA GLY B 706 35.85 99.03 68.19
C GLY B 706 34.81 99.99 68.72
N VAL B 707 35.22 101.22 68.97
CA VAL B 707 34.33 102.25 69.49
C VAL B 707 33.61 102.92 68.34
N GLY B 708 32.29 103.00 68.43
CA GLY B 708 31.46 103.63 67.44
C GLY B 708 30.85 102.70 66.41
N ASP B 709 31.21 101.42 66.43
CA ASP B 709 30.67 100.48 65.46
C ASP B 709 29.24 100.07 65.76
N ASP B 710 28.71 100.43 66.93
CA ASP B 710 27.36 100.05 67.31
C ASP B 710 26.80 101.16 68.18
N LEU B 711 25.55 100.99 68.61
CA LEU B 711 24.88 101.98 69.44
C LEU B 711 25.21 101.86 70.91
N TYR B 712 26.35 101.29 71.26
CA TYR B 712 26.81 101.24 72.64
C TYR B 712 28.15 101.94 72.81
N SER B 713 28.61 102.67 71.80
CA SER B 713 29.85 103.41 71.86
C SER B 713 29.76 104.59 70.89
N TYR B 714 30.60 105.61 71.14
CA TYR B 714 30.54 106.88 70.42
C TYR B 714 31.98 107.31 70.08
N GLY B 715 32.44 106.93 68.89
CA GLY B 715 33.83 107.08 68.53
C GLY B 715 34.14 108.33 67.72
N PHE B 716 35.41 108.72 67.77
CA PHE B 716 35.92 109.83 66.98
C PHE B 716 37.36 109.53 66.57
N ASP B 717 37.76 110.03 65.40
CA ASP B 717 39.04 109.66 64.83
C ASP B 717 39.78 110.83 64.22
N GLY B 718 39.41 112.06 64.57
CA GLY B 718 39.94 113.24 63.93
C GLY B 718 39.11 113.75 62.77
N LEU B 719 38.25 112.92 62.19
CA LEU B 719 37.39 113.36 61.09
C LEU B 719 35.95 112.89 61.17
N HIS B 720 35.63 111.84 61.91
CA HIS B 720 34.30 111.25 61.86
C HIS B 720 33.79 110.97 63.26
N LEU B 721 32.48 111.16 63.46
CA LEU B 721 31.82 110.78 64.70
C LEU B 721 31.12 109.47 64.46
N TRP B 722 31.72 108.38 64.95
CA TRP B 722 31.25 107.04 64.66
C TRP B 722 30.15 106.61 65.62
N THR B 723 29.02 106.20 65.05
CA THR B 723 27.92 105.62 65.80
C THR B 723 27.12 104.73 64.86
N GLY B 724 26.74 103.56 65.34
CA GLY B 724 26.06 102.57 64.53
C GLY B 724 26.81 102.13 63.30
N HIS B 725 28.15 102.04 63.38
CA HIS B 725 29.06 101.76 62.26
C HIS B 725 28.81 102.69 61.08
N VAL B 726 28.67 103.99 61.38
CA VAL B 726 28.49 105.03 60.38
C VAL B 726 29.47 106.16 60.69
N ALA B 727 30.16 106.65 59.67
CA ALA B 727 31.08 107.77 59.80
C ALA B 727 30.41 109.03 59.28
N ARG B 728 30.64 110.15 59.98
CA ARG B 728 30.05 111.43 59.58
C ARG B 728 31.12 112.51 59.58
N PRO B 729 31.41 113.13 58.44
CA PRO B 729 32.47 114.14 58.37
C PRO B 729 32.14 115.39 59.17
N VAL B 730 33.18 115.99 59.76
CA VAL B 730 33.06 117.23 60.51
C VAL B 730 34.22 118.16 60.13
N THR B 731 33.90 119.43 59.98
CA THR B 731 34.91 120.44 59.74
C THR B 731 35.63 120.70 61.05
N SER B 732 36.96 120.66 61.02
CA SER B 732 37.75 120.85 62.21
C SER B 732 38.83 121.88 61.92
N PRO B 733 39.34 122.57 62.95
CA PRO B 733 40.44 123.51 62.72
C PRO B 733 41.74 122.79 62.41
N GLY B 734 41.91 122.41 61.14
CA GLY B 734 43.03 121.59 60.72
C GLY B 734 42.66 120.14 60.69
N GLN B 735 41.56 119.83 60.00
CA GLN B 735 41.01 118.48 59.99
C GLN B 735 41.97 117.47 59.36
N HIS B 736 42.17 116.35 60.06
CA HIS B 736 42.96 115.21 59.62
C HIS B 736 42.71 114.08 60.63
N LEU B 737 43.32 112.93 60.38
CA LEU B 737 43.26 111.83 61.32
C LEU B 737 44.10 112.14 62.56
N LEU B 738 44.12 111.21 63.51
CA LEU B 738 44.92 111.42 64.70
C LEU B 738 46.39 111.24 64.35
N ALA B 739 47.04 112.34 64.01
CA ALA B 739 48.46 112.36 63.72
C ALA B 739 49.26 112.18 65.03
N PRO B 740 50.51 111.71 64.94
CA PRO B 740 51.33 111.60 66.16
C PRO B 740 51.53 112.94 66.85
N GLU B 741 51.63 112.87 68.18
CA GLU B 741 51.76 114.03 69.07
C GLU B 741 50.55 114.96 68.92
N ASP B 742 49.38 114.42 69.27
CA ASP B 742 48.13 115.15 69.22
C ASP B 742 47.34 114.92 70.49
N VAL B 743 46.49 115.90 70.79
CA VAL B 743 45.74 115.98 72.04
C VAL B 743 44.25 115.92 71.74
N VAL B 744 43.54 115.02 72.42
CA VAL B 744 42.10 114.84 72.24
C VAL B 744 41.44 115.16 73.57
N SER B 745 40.53 116.12 73.56
CA SER B 745 39.81 116.54 74.76
C SER B 745 38.38 116.00 74.70
N CYS B 746 37.94 115.34 75.77
CA CYS B 746 36.65 114.66 75.76
C CYS B 746 35.74 115.25 76.83
N CYS B 747 34.57 115.73 76.41
CA CYS B 747 33.55 116.25 77.30
C CYS B 747 32.33 115.35 77.28
N LEU B 748 31.87 114.95 78.46
CA LEU B 748 30.67 114.15 78.65
C LEU B 748 29.82 114.80 79.72
N ASP B 749 28.62 115.24 79.33
CA ASP B 749 27.62 115.74 80.26
C ASP B 749 26.49 114.72 80.33
N LEU B 750 26.13 114.32 81.55
CA LEU B 750 24.97 113.46 81.77
C LEU B 750 23.70 114.23 82.13
N SER B 751 23.84 115.43 82.72
CA SER B 751 22.67 116.25 83.07
C SER B 751 21.83 116.57 81.83
N VAL B 752 22.50 116.93 80.75
CA VAL B 752 21.89 117.01 79.43
C VAL B 752 22.63 116.00 78.55
N PRO B 753 21.95 115.15 77.78
CA PRO B 753 22.67 114.16 76.98
C PRO B 753 23.49 114.80 75.88
N SER B 754 24.81 114.83 76.06
CA SER B 754 25.68 115.56 75.16
C SER B 754 27.12 115.12 75.37
N ILE B 755 27.84 115.00 74.25
CA ILE B 755 29.26 114.68 74.22
C ILE B 755 29.93 115.68 73.27
N SER B 756 30.94 116.38 73.76
CA SER B 756 31.63 117.40 72.96
C SER B 756 33.12 117.09 72.95
N PHE B 757 33.76 117.26 71.79
CA PHE B 757 35.15 116.88 71.61
C PHE B 757 35.97 118.06 71.10
N ARG B 758 37.26 118.04 71.43
CA ARG B 758 38.18 119.06 70.96
C ARG B 758 39.48 118.41 70.53
N ILE B 759 40.09 118.94 69.46
CA ILE B 759 41.36 118.42 68.96
C ILE B 759 42.43 119.47 69.25
N ASN B 760 43.43 119.08 70.07
CA ASN B 760 44.62 119.89 70.37
C ASN B 760 44.23 121.28 70.88
N GLY B 761 43.20 121.32 71.72
CA GLY B 761 42.60 122.55 72.18
C GLY B 761 41.57 123.16 71.25
N CYS B 762 41.63 122.86 69.96
CA CYS B 762 40.66 123.38 69.00
C CYS B 762 39.39 122.54 69.06
N PRO B 763 38.22 123.14 69.31
CA PRO B 763 36.97 122.36 69.40
C PRO B 763 36.57 121.65 68.11
N VAL B 764 35.95 120.49 68.27
CA VAL B 764 35.33 119.74 67.18
C VAL B 764 33.83 119.88 67.31
N GLN B 765 33.19 120.33 66.22
CA GLN B 765 31.80 120.79 66.27
C GLN B 765 30.87 119.66 65.87
N GLY B 766 30.57 118.80 66.83
CA GLY B 766 29.60 117.73 66.65
C GLY B 766 29.22 117.22 68.03
N VAL B 767 27.92 117.08 68.29
CA VAL B 767 27.43 116.62 69.59
C VAL B 767 26.29 115.63 69.37
N PHE B 768 26.34 114.51 70.09
CA PHE B 768 25.23 113.58 70.12
C PHE B 768 24.18 114.04 71.13
N GLU B 769 22.93 113.72 70.85
CA GLU B 769 21.78 114.11 71.65
C GLU B 769 20.81 112.94 71.71
N ALA B 770 19.97 112.95 72.74
CA ALA B 770 18.85 112.01 72.91
C ALA B 770 19.27 110.54 72.83
N PHE B 771 20.34 110.21 73.54
CA PHE B 771 20.81 108.84 73.60
C PHE B 771 20.47 108.26 74.96
N ASN B 772 20.36 106.93 75.01
CA ASN B 772 19.96 106.22 76.22
C ASN B 772 20.98 106.44 77.34
N LEU B 773 20.50 107.04 78.44
CA LEU B 773 21.37 107.42 79.54
C LEU B 773 21.56 106.31 80.57
N ASP B 774 20.80 105.23 80.47
CA ASP B 774 20.84 104.17 81.47
C ASP B 774 22.19 103.46 81.45
N GLY B 775 22.51 102.83 82.57
CA GLY B 775 23.78 102.14 82.69
C GLY B 775 24.91 103.11 82.97
N LEU B 776 26.12 102.62 82.75
CA LEU B 776 27.33 103.36 83.09
C LEU B 776 28.13 103.63 81.83
N PHE B 777 28.84 104.75 81.83
CA PHE B 777 29.72 105.13 80.74
C PHE B 777 31.16 105.04 81.21
N PHE B 778 32.09 104.87 80.26
CA PHE B 778 33.48 104.75 80.64
C PHE B 778 34.38 105.15 79.48
N PRO B 779 35.50 105.81 79.74
CA PRO B 779 36.44 106.16 78.66
C PRO B 779 37.09 104.92 78.08
N VAL B 780 37.41 104.98 76.78
CA VAL B 780 37.97 103.83 76.08
C VAL B 780 38.58 104.29 74.76
N VAL B 781 39.57 103.54 74.27
CA VAL B 781 40.21 103.77 72.99
C VAL B 781 40.15 102.46 72.20
N SER B 782 39.77 102.55 70.93
CA SER B 782 39.80 101.43 70.01
C SER B 782 40.99 101.60 69.08
N PHE B 783 41.82 100.58 68.96
CA PHE B 783 43.04 100.74 68.21
C PHE B 783 43.40 99.45 67.49
N SER B 784 44.19 99.62 66.43
CA SER B 784 44.82 98.53 65.74
C SER B 784 46.20 98.30 66.34
N ALA B 785 46.92 97.32 65.83
CA ALA B 785 48.28 97.11 66.29
C ALA B 785 49.20 98.24 65.81
N GLY B 786 50.31 98.40 66.53
CA GLY B 786 51.30 99.39 66.18
C GLY B 786 51.01 100.81 66.63
N VAL B 787 50.55 100.99 67.87
CA VAL B 787 50.21 102.30 68.40
C VAL B 787 50.73 102.40 69.83
N LYS B 788 51.04 103.62 70.24
CA LYS B 788 51.37 103.98 71.61
C LYS B 788 50.59 105.24 71.98
N VAL B 789 49.76 105.14 73.02
CA VAL B 789 48.87 106.24 73.38
C VAL B 789 48.95 106.43 74.89
N ARG B 790 48.46 107.58 75.34
CA ARG B 790 48.51 107.93 76.75
C ARG B 790 47.17 108.41 77.24
N PHE B 791 46.78 107.99 78.44
CA PHE B 791 45.65 108.56 79.14
C PHE B 791 46.17 109.63 80.09
N LEU B 792 45.53 110.80 80.04
CA LEU B 792 45.79 111.93 80.92
C LEU B 792 44.46 112.20 81.63
N LEU B 793 44.39 111.73 82.87
CA LEU B 793 43.19 111.75 83.68
C LEU B 793 43.18 112.88 84.70
N GLY B 794 44.21 113.72 84.68
CA GLY B 794 44.26 114.89 85.53
C GLY B 794 44.75 114.58 86.93
N GLY B 795 45.05 115.64 87.67
CA GLY B 795 45.61 115.52 89.01
C GLY B 795 46.93 114.80 88.99
N ARG B 796 47.02 113.69 89.72
CA ARG B 796 48.22 112.88 89.71
C ARG B 796 48.29 111.94 88.52
N HIS B 797 47.23 111.86 87.72
CA HIS B 797 47.16 110.99 86.56
C HIS B 797 47.19 111.77 85.25
N GLY B 798 48.01 112.82 85.19
CA GLY B 798 48.14 113.67 84.03
C GLY B 798 47.93 115.12 84.38
N GLU B 799 48.04 115.97 83.36
CA GLU B 799 47.95 117.41 83.54
C GLU B 799 46.85 118.09 82.74
N PHE B 800 46.24 117.38 81.77
CA PHE B 800 45.20 117.81 80.82
C PHE B 800 45.70 118.79 79.75
N LYS B 801 46.88 119.41 79.94
CA LYS B 801 47.57 120.25 78.96
C LYS B 801 46.76 121.39 78.34
N PHE B 802 45.55 121.61 78.86
CA PHE B 802 44.46 122.43 78.32
C PHE B 802 43.39 122.48 79.39
N LEU B 803 42.71 123.61 79.50
CA LEU B 803 41.73 123.81 80.57
C LEU B 803 40.54 122.87 80.37
N PRO B 804 40.11 122.16 81.41
CA PRO B 804 38.82 121.48 81.34
C PRO B 804 37.70 122.48 81.18
N PRO B 805 36.63 122.11 80.47
CA PRO B 805 35.47 122.98 80.38
C PRO B 805 34.85 123.17 81.76
N PRO B 806 34.17 124.31 81.98
CA PRO B 806 33.64 124.62 83.33
C PRO B 806 32.66 123.56 83.84
N GLY B 807 32.83 123.20 85.11
CA GLY B 807 31.98 122.23 85.74
C GLY B 807 32.31 120.78 85.44
N TYR B 808 33.33 120.51 84.63
CA TYR B 808 33.69 119.15 84.25
C TYR B 808 34.79 118.65 85.17
N ALA B 809 34.45 117.69 86.02
CA ALA B 809 35.42 117.13 86.95
C ALA B 809 36.47 116.30 86.22
N PRO B 810 37.73 116.36 86.64
CA PRO B 810 38.75 115.44 86.13
C PRO B 810 38.34 114.00 86.34
N CYS B 811 38.51 113.17 85.30
CA CYS B 811 37.98 111.81 85.31
C CYS B 811 38.65 110.90 86.34
N HIS B 812 39.83 111.26 86.83
CA HIS B 812 40.49 110.49 87.87
C HIS B 812 39.85 110.66 89.26
N GLU B 813 38.79 111.45 89.38
CA GLU B 813 38.14 111.72 90.66
C GLU B 813 36.98 110.77 90.95
N ALA B 814 36.70 109.83 90.04
CA ALA B 814 35.57 108.93 90.18
C ALA B 814 35.98 107.52 90.60
N VAL B 815 37.23 107.34 91.03
CA VAL B 815 37.71 106.01 91.37
C VAL B 815 37.10 105.55 92.68
N LEU B 816 36.89 104.24 92.78
CA LEU B 816 36.26 103.63 93.94
C LEU B 816 37.28 103.43 95.07
N PRO B 817 36.81 103.35 96.36
CA PRO B 817 37.76 103.31 97.48
C PRO B 817 38.67 102.09 97.52
N ARG B 818 38.09 100.88 97.50
CA ARG B 818 38.87 99.66 97.73
C ARG B 818 39.86 99.36 96.62
N GLU B 819 39.74 99.99 95.46
CA GLU B 819 40.61 99.69 94.33
C GLU B 819 41.56 100.85 94.07
N ARG B 820 42.59 100.55 93.28
CA ARG B 820 43.53 101.52 92.79
C ARG B 820 43.40 101.59 91.27
N LEU B 821 43.59 102.80 90.73
CA LEU B 821 43.34 103.06 89.32
C LEU B 821 44.21 102.20 88.42
N ARG B 822 43.60 101.66 87.37
CA ARG B 822 44.26 100.71 86.50
C ARG B 822 43.61 100.76 85.13
N LEU B 823 44.22 100.05 84.19
CA LEU B 823 43.73 99.99 82.82
C LEU B 823 43.37 98.56 82.50
N GLU B 824 42.14 98.36 82.02
CA GLU B 824 41.63 97.03 81.79
C GLU B 824 41.03 96.93 80.40
N PRO B 825 41.11 95.77 79.79
CA PRO B 825 40.29 95.50 78.61
C PRO B 825 38.84 95.29 79.00
N ILE B 826 37.97 95.37 77.99
CA ILE B 826 36.53 95.13 78.14
C ILE B 826 36.38 93.61 78.38
N LYS B 827 35.18 93.15 78.75
CA LYS B 827 34.88 91.75 79.06
C LYS B 827 35.42 90.80 77.99
N GLU B 828 36.30 89.92 78.42
CA GLU B 828 37.02 89.00 77.56
C GLU B 828 36.79 87.57 78.01
N TYR B 829 37.57 86.66 77.45
CA TYR B 829 37.50 85.26 77.82
C TYR B 829 38.84 84.65 78.18
N ARG B 830 39.96 85.29 77.89
CA ARG B 830 41.24 84.68 78.13
C ARG B 830 42.22 85.78 78.50
N ARG B 831 43.15 85.45 79.40
CA ARG B 831 44.27 86.34 79.66
C ARG B 831 45.51 85.50 79.88
N GLU B 832 46.67 86.14 79.74
CA GLU B 832 47.93 85.44 79.89
C GLU B 832 48.10 84.97 81.34
N GLY B 833 48.87 83.89 81.51
CA GLY B 833 49.21 83.39 82.81
C GLY B 833 50.60 82.80 82.83
N PRO B 834 51.12 82.53 84.03
CA PRO B 834 52.48 81.98 84.14
C PRO B 834 52.62 80.59 83.53
N ARG B 835 51.69 79.68 83.81
CA ARG B 835 51.74 78.33 83.26
C ARG B 835 50.99 78.17 81.95
N GLY B 836 50.36 79.22 81.45
CA GLY B 836 49.62 79.16 80.21
C GLY B 836 48.41 80.08 80.25
N PRO B 837 47.58 80.03 79.21
CA PRO B 837 46.37 80.88 79.20
C PRO B 837 45.40 80.54 80.32
N HIS B 838 44.72 81.58 80.82
CA HIS B 838 43.68 81.43 81.81
C HIS B 838 42.35 81.86 81.20
N LEU B 839 41.40 80.93 81.14
CA LEU B 839 40.06 81.28 80.74
C LEU B 839 39.44 82.10 81.87
N VAL B 840 38.67 83.11 81.48
CA VAL B 840 38.11 84.08 82.40
C VAL B 840 36.58 84.06 82.35
N GLY B 841 35.97 83.90 83.52
CA GLY B 841 34.55 84.00 83.75
C GLY B 841 34.05 85.43 83.68
N PRO B 842 32.74 85.64 83.43
CA PRO B 842 32.23 87.01 83.23
C PRO B 842 32.45 87.93 84.44
N SER B 843 32.93 89.12 84.16
CA SER B 843 33.29 90.09 85.20
C SER B 843 32.04 90.64 85.89
N ARG B 844 32.15 90.96 87.19
CA ARG B 844 31.01 91.63 87.77
C ARG B 844 31.10 93.06 87.27
N CYS B 845 29.96 93.71 87.12
CA CYS B 845 29.97 95.03 86.55
C CYS B 845 29.12 95.87 87.49
N LEU B 846 29.65 97.03 87.81
CA LEU B 846 28.95 97.97 88.66
C LEU B 846 27.78 98.57 87.89
N SER B 847 26.78 99.01 88.62
CA SER B 847 25.56 99.56 88.05
C SER B 847 25.30 100.93 88.64
N HIS B 848 24.57 101.76 87.89
CA HIS B 848 24.19 103.07 88.39
C HIS B 848 23.32 102.94 89.64
N THR B 849 22.41 101.97 89.63
CA THR B 849 21.58 101.63 90.79
C THR B 849 22.41 101.28 92.03
N ASP B 850 23.67 100.88 91.84
CA ASP B 850 24.54 100.59 92.98
C ASP B 850 25.23 101.83 93.53
N PHE B 851 24.99 103.03 92.98
CA PHE B 851 25.54 104.23 93.59
C PHE B 851 24.47 105.04 94.29
N VAL B 852 23.21 104.65 94.19
CA VAL B 852 22.17 105.35 94.92
C VAL B 852 21.96 104.66 96.26
N PRO B 853 22.04 105.39 97.38
CA PRO B 853 21.78 104.75 98.67
C PRO B 853 20.29 104.69 98.94
N CYS B 854 19.76 103.47 99.03
CA CYS B 854 18.33 103.23 99.23
C CYS B 854 18.11 102.56 100.58
N PRO B 855 17.88 103.32 101.63
CA PRO B 855 17.70 102.75 102.96
C PRO B 855 16.24 102.33 103.15
N VAL B 856 15.95 101.83 104.35
CA VAL B 856 14.57 101.57 104.75
C VAL B 856 14.04 102.78 105.51
N ASP B 857 12.85 103.24 105.10
CA ASP B 857 12.26 104.45 105.70
C ASP B 857 12.00 104.23 107.18
N THR B 858 12.44 105.19 107.99
CA THR B 858 12.31 105.10 109.44
C THR B 858 11.41 106.21 109.97
N VAL B 859 10.28 106.44 109.32
CA VAL B 859 9.32 107.46 109.73
C VAL B 859 8.04 106.84 110.27
N GLN B 860 7.41 105.95 109.49
CA GLN B 860 6.12 105.37 109.88
C GLN B 860 6.33 104.21 110.86
N ILE B 861 6.84 104.56 112.04
CA ILE B 861 7.11 103.62 113.13
C ILE B 861 6.65 104.27 114.43
N VAL B 862 5.55 103.79 115.00
CA VAL B 862 5.14 104.24 116.33
C VAL B 862 6.10 103.66 117.37
N LEU B 863 6.61 104.53 118.24
CA LEU B 863 7.67 104.15 119.15
C LEU B 863 7.09 103.35 120.32
N PRO B 864 7.61 102.15 120.60
CA PRO B 864 6.98 101.25 121.58
C PRO B 864 7.26 101.64 123.02
N PRO B 865 6.44 101.15 123.97
CA PRO B 865 6.70 101.44 125.39
C PRO B 865 8.00 100.88 125.91
N HIS B 866 8.39 99.67 125.49
CA HIS B 866 9.61 99.07 126.01
C HIS B 866 10.84 99.80 125.48
N LEU B 867 10.70 100.51 124.36
CA LEU B 867 11.79 101.31 123.82
C LEU B 867 11.86 102.67 124.50
N GLU B 868 10.73 103.37 124.68
CA GLU B 868 10.79 104.62 125.45
C GLU B 868 11.23 104.38 126.89
N ARG B 869 10.97 103.18 127.42
CA ARG B 869 11.47 102.80 128.73
C ARG B 869 12.99 102.73 128.76
N ILE B 870 13.64 102.40 127.63
CA ILE B 870 15.10 102.35 127.61
C ILE B 870 15.64 103.45 126.69
N ARG B 871 14.84 104.51 126.51
CA ARG B 871 15.19 105.63 125.63
C ARG B 871 16.39 106.42 126.14
N GLU B 872 16.74 106.28 127.42
CA GLU B 872 17.69 107.17 128.06
C GLU B 872 19.09 106.58 128.13
N LYS B 873 19.25 105.37 128.68
CA LYS B 873 20.58 104.79 128.88
C LYS B 873 21.31 104.56 127.55
N LEU B 874 20.60 104.05 126.54
CA LEU B 874 21.15 103.90 125.19
C LEU B 874 21.50 105.23 124.51
N ALA B 875 21.01 106.36 125.02
CA ALA B 875 21.45 107.66 124.54
C ALA B 875 22.62 108.18 125.37
N GLU B 876 22.53 108.00 126.69
CA GLU B 876 23.60 108.41 127.60
C GLU B 876 24.89 107.70 127.27
N ASN B 877 24.79 106.47 126.75
CA ASN B 877 25.99 105.71 126.43
C ASN B 877 26.53 106.08 125.07
N ILE B 878 25.81 106.90 124.29
CA ILE B 878 26.33 107.34 122.99
C ILE B 878 26.38 108.87 122.92
N HIS B 879 26.41 109.53 124.08
CA HIS B 879 26.57 110.98 124.07
C HIS B 879 28.01 111.43 124.04
N GLU B 880 28.95 110.65 124.61
CA GLU B 880 30.36 110.96 124.50
C GLU B 880 31.22 109.73 124.22
N LEU B 881 30.61 108.69 123.62
CA LEU B 881 31.37 107.49 123.32
C LEU B 881 32.48 107.79 122.31
N TRP B 882 32.18 108.64 121.32
CA TRP B 882 33.23 109.10 120.40
C TRP B 882 34.27 109.96 121.12
N ALA B 883 33.92 110.50 122.29
CA ALA B 883 34.82 111.36 123.05
C ALA B 883 35.73 110.58 123.97
N LEU B 884 35.40 109.31 124.26
CA LEU B 884 36.16 108.54 125.25
C LEU B 884 37.58 108.22 124.78
N THR B 885 37.75 108.00 123.46
CA THR B 885 39.02 107.52 122.91
C THR B 885 40.16 108.49 123.12
N ARG B 886 39.90 109.79 122.96
CA ARG B 886 40.94 110.80 122.87
C ARG B 886 41.24 111.55 124.17
N ILE B 887 40.61 111.18 125.28
CA ILE B 887 40.93 111.82 126.56
C ILE B 887 42.32 111.36 127.00
N GLU B 888 43.01 112.23 127.76
CA GLU B 888 44.41 112.05 128.20
C GLU B 888 45.38 111.97 127.03
N GLN B 889 45.05 112.64 125.93
CA GLN B 889 45.92 112.76 124.77
C GLN B 889 46.08 114.23 124.41
N GLY B 890 46.61 114.52 123.22
CA GLY B 890 46.65 115.90 122.74
C GLY B 890 45.29 116.54 122.62
N TRP B 891 44.25 115.74 122.39
CA TRP B 891 42.87 116.22 122.38
C TRP B 891 42.22 115.99 123.73
N THR B 892 42.75 116.67 124.75
CA THR B 892 42.24 116.57 126.12
C THR B 892 41.50 117.85 126.46
N TYR B 893 40.30 117.68 126.99
CA TYR B 893 39.32 118.75 127.20
C TYR B 893 39.84 119.83 128.16
N GLY B 894 39.17 120.98 128.11
CA GLY B 894 39.43 122.10 128.99
C GLY B 894 38.11 122.79 129.29
N PRO B 895 37.97 123.29 130.52
CA PRO B 895 36.71 123.94 130.92
C PRO B 895 36.33 125.19 130.12
N VAL B 896 37.30 125.91 129.56
CA VAL B 896 37.01 127.14 128.84
C VAL B 896 36.26 126.89 127.54
N ARG B 897 36.56 125.79 126.84
CA ARG B 897 36.00 125.52 125.53
C ARG B 897 35.05 124.32 125.59
N ASP B 898 34.59 123.91 124.42
CA ASP B 898 33.62 122.83 124.27
C ASP B 898 34.06 121.98 123.09
N ASP B 899 33.13 121.18 122.56
CA ASP B 899 33.38 120.30 121.43
C ASP B 899 33.85 121.08 120.19
N ASN B 900 34.50 120.34 119.29
CA ASN B 900 34.97 120.79 117.97
C ASN B 900 36.08 121.84 118.04
N LYS B 901 36.74 121.97 119.19
CA LYS B 901 37.79 122.98 119.39
C LYS B 901 39.15 122.35 119.63
N ARG B 902 39.43 121.20 119.00
CA ARG B 902 40.67 120.41 119.11
C ARG B 902 40.97 119.90 120.52
N LEU B 903 40.05 120.10 121.46
CA LEU B 903 40.08 119.64 122.84
C LEU B 903 38.68 119.15 123.21
N HIS B 904 38.09 118.38 122.28
CA HIS B 904 36.67 118.08 122.26
C HIS B 904 36.01 117.47 123.52
N PRO B 905 36.59 116.39 124.23
CA PRO B 905 35.75 115.42 125.00
C PRO B 905 34.52 115.84 125.79
N CYS B 906 34.68 116.74 126.78
CA CYS B 906 33.62 117.21 127.69
C CYS B 906 32.80 116.04 128.24
N LEU B 907 33.47 115.19 129.01
CA LEU B 907 32.91 113.96 129.52
C LEU B 907 31.85 114.16 130.61
N VAL B 908 31.64 115.39 131.07
CA VAL B 908 30.82 115.67 132.26
C VAL B 908 29.42 115.13 132.09
N ASN B 909 28.68 115.68 131.13
CA ASN B 909 27.30 115.31 130.83
C ASN B 909 26.89 116.05 129.57
N PHE B 910 25.74 115.66 129.03
CA PHE B 910 25.14 116.33 127.88
C PHE B 910 24.29 117.53 128.29
N HIS B 911 24.03 117.69 129.59
CA HIS B 911 23.36 118.92 130.06
C HIS B 911 24.28 120.12 129.87
N SER B 912 25.58 119.95 130.15
CA SER B 912 26.56 120.99 129.85
C SER B 912 26.65 121.23 128.35
N LEU B 913 26.47 120.17 127.56
CA LEU B 913 26.50 120.29 126.12
C LEU B 913 25.21 120.94 125.63
N PRO B 914 25.23 121.55 124.42
CA PRO B 914 24.04 122.26 123.92
C PRO B 914 22.80 121.37 123.81
N GLU B 915 21.65 121.94 124.19
CA GLU B 915 20.37 121.22 124.22
C GLU B 915 19.90 120.65 122.87
N PRO B 916 19.93 121.39 121.73
CA PRO B 916 19.41 120.79 120.46
C PRO B 916 20.15 119.53 120.04
N GLU B 917 21.49 119.58 119.97
CA GLU B 917 22.24 118.37 119.64
C GLU B 917 22.09 117.30 120.74
N ARG B 918 21.81 117.71 121.98
CA ARG B 918 21.57 116.77 123.08
C ARG B 918 20.34 115.90 122.81
N ASN B 919 19.15 116.54 122.75
CA ASN B 919 17.94 115.75 122.46
C ASN B 919 17.96 115.17 121.04
N TYR B 920 18.74 115.76 120.14
CA TYR B 920 19.01 115.14 118.84
C TYR B 920 19.72 113.81 119.02
N ASN B 921 20.70 113.73 119.94
CA ASN B 921 21.40 112.47 120.21
C ASN B 921 20.46 111.46 120.85
N LEU B 922 19.58 111.92 121.76
CA LEU B 922 18.52 111.05 122.30
C LEU B 922 17.67 110.44 121.19
N GLN B 923 17.15 111.29 120.31
CA GLN B 923 16.28 110.78 119.26
C GLN B 923 17.05 110.13 118.11
N MET B 924 18.37 110.28 118.05
CA MET B 924 19.20 109.41 117.21
C MET B 924 19.35 108.01 117.79
N SER B 925 19.47 107.89 119.12
CA SER B 925 19.39 106.57 119.74
C SER B 925 18.02 105.93 119.49
N GLY B 926 16.96 106.73 119.63
CA GLY B 926 15.63 106.28 119.23
C GLY B 926 15.53 105.92 117.76
N GLU B 927 16.26 106.66 116.90
CA GLU B 927 16.26 106.42 115.47
C GLU B 927 16.92 105.09 115.14
N THR B 928 18.03 104.78 115.83
CA THR B 928 18.65 103.46 115.71
C THR B 928 17.71 102.35 116.17
N LEU B 929 17.00 102.56 117.28
CA LEU B 929 15.98 101.58 117.68
C LEU B 929 14.84 101.46 116.66
N LYS B 930 14.50 102.56 115.98
CA LYS B 930 13.47 102.51 114.96
C LYS B 930 13.95 101.74 113.72
N THR B 931 15.23 101.89 113.39
CA THR B 931 15.85 101.06 112.38
C THR B 931 15.83 99.58 112.78
N LEU B 932 16.06 99.30 114.07
CA LEU B 932 15.98 97.92 114.57
C LEU B 932 14.57 97.36 114.39
N LEU B 933 13.56 98.18 114.64
CA LEU B 933 12.17 97.79 114.43
C LEU B 933 11.90 97.51 112.96
N ALA B 934 12.26 98.45 112.08
CA ALA B 934 11.98 98.29 110.65
C ALA B 934 12.76 97.11 110.07
N LEU B 935 13.92 96.81 110.64
CA LEU B 935 14.69 95.65 110.22
C LEU B 935 14.04 94.36 110.69
N GLY B 936 13.43 94.40 111.89
CA GLY B 936 12.86 93.20 112.48
C GLY B 936 13.47 92.76 113.78
N CYS B 937 13.92 93.72 114.59
CA CYS B 937 14.48 93.43 115.91
C CYS B 937 13.47 93.81 116.99
N HIS B 938 13.23 92.90 117.92
CA HIS B 938 12.31 93.11 119.04
C HIS B 938 12.98 92.65 120.32
N VAL B 939 12.56 93.21 121.45
CA VAL B 939 13.29 93.06 122.70
C VAL B 939 12.43 92.30 123.71
N GLY B 940 13.12 91.55 124.57
CA GLY B 940 12.47 90.83 125.67
C GLY B 940 13.39 90.71 126.86
N MET B 941 12.85 90.89 128.06
CA MET B 941 13.63 90.96 129.29
C MET B 941 13.47 89.67 130.07
N ALA B 942 14.60 89.02 130.38
CA ALA B 942 14.58 87.80 131.18
C ALA B 942 15.35 87.93 132.49
N ASP B 943 16.65 88.25 132.43
CA ASP B 943 17.54 87.95 133.54
C ASP B 943 17.65 89.15 134.49
N GLU B 944 18.62 89.10 135.40
CA GLU B 944 18.91 90.16 136.37
C GLU B 944 19.18 91.50 135.69
N LYS B 945 18.63 92.58 136.27
CA LYS B 945 18.77 93.91 135.70
C LYS B 945 20.23 94.32 135.75
N ALA B 946 20.81 94.64 134.59
CA ALA B 946 22.22 95.03 134.49
C ALA B 946 22.54 96.30 135.28
N GLU B 947 21.53 97.15 135.52
CA GLU B 947 21.69 98.37 136.31
C GLU B 947 22.30 98.08 137.69
N ASP B 948 21.92 96.95 138.29
CA ASP B 948 22.47 96.58 139.59
C ASP B 948 23.94 96.18 139.48
N ASN B 949 24.25 95.32 138.51
CA ASN B 949 25.56 94.68 138.43
C ASN B 949 26.48 95.45 137.48
N LEU B 950 26.10 96.68 137.15
CA LEU B 950 26.94 97.61 136.41
C LEU B 950 27.42 98.71 137.35
N LYS B 951 28.61 99.23 137.08
CA LYS B 951 29.17 100.31 137.88
C LYS B 951 29.96 101.25 136.97
N LYS B 952 30.17 102.47 137.46
CA LYS B 952 30.98 103.45 136.78
C LYS B 952 32.39 103.43 137.36
N THR B 953 33.39 103.44 136.49
CA THR B 953 34.79 103.26 136.88
C THR B 953 35.53 104.57 136.63
N LYS B 954 35.89 105.27 137.70
CA LYS B 954 36.73 106.46 137.59
C LYS B 954 38.15 105.98 137.39
N LEU B 955 38.49 105.72 136.12
CA LEU B 955 39.81 105.23 135.76
C LEU B 955 40.86 106.30 136.00
N PRO B 956 42.12 105.91 136.23
CA PRO B 956 43.21 106.92 136.21
C PRO B 956 43.30 107.65 134.88
N LYS B 957 43.11 106.94 133.77
CA LYS B 957 42.89 107.61 132.50
C LYS B 957 41.51 108.22 132.47
N THR B 958 41.33 109.22 131.59
CA THR B 958 40.11 110.02 131.41
C THR B 958 39.76 110.81 132.66
N TYR B 959 40.73 111.06 133.54
CA TYR B 959 40.50 111.92 134.69
C TYR B 959 40.53 113.37 134.24
N MET B 960 39.54 114.14 134.68
CA MET B 960 39.43 115.54 134.31
C MET B 960 39.10 116.39 135.53
N MET B 961 39.45 117.67 135.40
CA MET B 961 39.25 118.66 136.46
C MET B 961 37.91 119.37 136.35
N SER B 962 37.26 119.30 135.18
CA SER B 962 36.01 119.99 134.93
C SER B 962 34.86 119.13 135.45
N ASN B 963 34.36 119.49 136.65
CA ASN B 963 33.17 118.92 137.29
C ASN B 963 33.28 117.39 137.43
N GLY B 964 34.38 116.96 138.05
CA GLY B 964 34.59 115.56 138.34
C GLY B 964 34.97 114.75 137.12
N TYR B 965 35.38 113.50 137.37
CA TYR B 965 35.82 112.61 136.32
C TYR B 965 34.94 111.37 136.28
N LYS B 966 34.67 110.90 135.06
CA LYS B 966 33.83 109.74 134.82
C LYS B 966 34.15 109.23 133.42
N PRO B 967 33.80 107.97 133.10
CA PRO B 967 33.86 107.54 131.70
C PRO B 967 32.97 108.44 130.85
N ALA B 968 33.48 108.81 129.67
CA ALA B 968 32.74 109.71 128.78
C ALA B 968 31.39 109.13 128.33
N PRO B 969 31.28 107.86 127.83
CA PRO B 969 29.93 107.27 127.72
C PRO B 969 29.52 106.67 129.05
N LEU B 970 28.38 106.01 129.10
CA LEU B 970 27.98 105.32 130.31
C LEU B 970 28.74 103.99 130.36
N ASP B 971 29.28 103.66 131.53
CA ASP B 971 30.16 102.51 131.66
C ASP B 971 29.39 101.20 131.51
N LEU B 972 30.13 100.12 131.22
CA LEU B 972 29.54 98.81 131.03
C LEU B 972 30.58 97.76 131.41
N SER B 973 30.12 96.64 131.95
CA SER B 973 30.97 95.54 132.35
C SER B 973 31.05 94.51 131.23
N HIS B 974 31.61 93.34 131.54
CA HIS B 974 31.71 92.19 130.62
C HIS B 974 30.39 91.77 129.99
N VAL B 975 30.29 91.94 128.66
CA VAL B 975 29.11 91.65 127.86
C VAL B 975 29.63 91.17 126.50
N ARG B 976 28.96 90.20 125.87
CA ARG B 976 29.41 89.62 124.62
C ARG B 976 28.30 89.74 123.58
N LEU B 977 28.61 89.34 122.33
CA LEU B 977 27.68 89.49 121.23
C LEU B 977 27.80 88.31 120.27
N THR B 978 26.66 87.74 119.88
CA THR B 978 26.62 86.61 118.98
C THR B 978 26.69 87.07 117.50
N PRO B 979 27.02 86.16 116.56
CA PRO B 979 27.10 86.57 115.15
C PRO B 979 25.83 87.19 114.57
N ALA B 980 24.64 86.76 115.00
CA ALA B 980 23.40 87.42 114.58
C ALA B 980 23.45 88.91 114.87
N GLN B 981 23.93 89.27 116.07
CA GLN B 981 24.11 90.68 116.42
C GLN B 981 25.18 91.34 115.57
N THR B 982 26.22 90.60 115.19
CA THR B 982 27.26 91.18 114.33
C THR B 982 26.70 91.56 112.96
N THR B 983 25.97 90.64 112.32
CA THR B 983 25.34 90.94 111.04
C THR B 983 24.33 92.07 111.18
N LEU B 984 23.54 92.05 112.27
CA LEU B 984 22.51 93.06 112.47
C LEU B 984 23.12 94.45 112.66
N VAL B 985 24.23 94.55 113.41
CA VAL B 985 24.86 95.87 113.59
C VAL B 985 25.53 96.29 112.29
N ASP B 986 26.00 95.32 111.48
CA ASP B 986 26.55 95.64 110.16
C ASP B 986 25.51 96.32 109.28
N ARG B 987 24.33 95.72 109.14
CA ARG B 987 23.31 96.34 108.30
C ARG B 987 22.71 97.57 108.97
N LEU B 988 22.77 97.67 110.30
CA LEU B 988 22.36 98.88 111.00
C LEU B 988 23.27 100.05 110.64
N ALA B 989 24.58 99.78 110.57
CA ALA B 989 25.52 100.81 110.12
C ALA B 989 25.32 101.12 108.65
N GLU B 990 24.98 100.10 107.85
CA GLU B 990 24.62 100.32 106.45
C GLU B 990 23.45 101.29 106.33
N ASN B 991 22.40 101.09 107.13
CA ASN B 991 21.24 101.95 107.03
C ASN B 991 21.50 103.32 107.67
N GLY B 992 22.59 103.46 108.42
CA GLY B 992 22.96 104.78 108.90
C GLY B 992 23.69 105.55 107.82
N HIS B 993 24.65 104.85 107.20
CA HIS B 993 25.43 105.43 106.12
C HIS B 993 24.55 105.84 104.94
N ASN B 994 23.58 104.99 104.58
CA ASN B 994 22.78 105.28 103.41
C ASN B 994 21.78 106.41 103.65
N VAL B 995 21.40 106.64 104.90
CA VAL B 995 20.55 107.78 105.22
C VAL B 995 21.38 109.06 105.20
N TRP B 996 22.60 108.99 105.74
CA TRP B 996 23.52 110.13 105.72
C TRP B 996 23.83 110.54 104.29
N ALA B 997 24.13 109.56 103.43
CA ALA B 997 24.44 109.82 102.03
C ALA B 997 23.24 110.38 101.29
N ARG B 998 22.04 109.84 101.58
CA ARG B 998 20.80 110.35 100.99
C ARG B 998 20.59 111.81 101.35
N ASP B 999 20.82 112.15 102.62
CA ASP B 999 20.66 113.53 103.08
C ASP B 999 21.64 114.46 102.38
N ARG B 1000 22.92 114.04 102.30
CA ARG B 1000 23.94 114.85 101.64
C ARG B 1000 23.59 115.10 100.18
N VAL B 1001 23.11 114.06 99.49
CA VAL B 1001 22.67 114.18 98.11
C VAL B 1001 21.52 115.18 98.03
N ALA B 1002 20.55 115.08 98.95
CA ALA B 1002 19.47 116.04 98.99
C ALA B 1002 19.96 117.46 99.28
N GLN B 1003 21.14 117.62 99.87
CA GLN B 1003 21.78 118.94 99.92
C GLN B 1003 22.74 119.17 98.75
N GLY B 1004 22.71 118.31 97.74
CA GLY B 1004 23.43 118.56 96.51
C GLY B 1004 24.76 117.87 96.36
N TRP B 1005 25.36 117.40 97.46
CA TRP B 1005 26.69 116.80 97.48
C TRP B 1005 26.81 115.58 96.57
N SER B 1006 28.06 115.23 96.26
CA SER B 1006 28.37 114.06 95.44
C SER B 1006 29.73 113.50 95.83
N TYR B 1007 30.16 112.44 95.12
CA TYR B 1007 31.39 111.73 95.43
C TYR B 1007 32.56 112.31 94.65
N SER B 1008 33.73 112.30 95.28
CA SER B 1008 35.00 112.62 94.63
C SER B 1008 36.09 112.04 95.50
N ALA B 1009 37.04 111.31 94.89
CA ALA B 1009 38.13 110.67 95.63
C ALA B 1009 39.03 111.65 96.37
N VAL B 1010 39.01 112.93 95.99
CA VAL B 1010 39.69 113.99 96.71
C VAL B 1010 38.62 114.90 97.30
N GLN B 1011 38.77 115.25 98.57
CA GLN B 1011 37.71 115.97 99.26
C GLN B 1011 37.74 117.44 98.88
N ASP B 1012 36.56 117.97 98.54
CA ASP B 1012 36.38 119.38 98.19
C ASP B 1012 35.14 119.89 98.93
N ILE B 1013 35.36 120.49 100.10
CA ILE B 1013 34.27 121.03 100.91
C ILE B 1013 33.57 122.21 100.21
N PRO B 1014 34.25 123.28 99.73
CA PRO B 1014 33.49 124.35 99.05
C PRO B 1014 32.79 123.90 97.78
N ALA B 1015 33.33 122.90 97.09
CA ALA B 1015 32.65 122.30 95.95
C ALA B 1015 31.66 121.22 96.37
N ARG B 1016 31.58 120.92 97.68
CA ARG B 1016 30.57 120.05 98.28
C ARG B 1016 30.69 118.62 97.75
N ARG B 1017 31.90 118.07 97.81
CA ARG B 1017 32.16 116.70 97.39
C ARG B 1017 33.01 116.01 98.44
N ASN B 1018 32.77 114.71 98.62
CA ASN B 1018 33.32 113.94 99.72
C ASN B 1018 33.85 112.62 99.16
N PRO B 1019 34.90 112.05 99.76
CA PRO B 1019 35.34 110.71 99.37
C PRO B 1019 34.54 109.57 99.98
N ARG B 1020 33.50 109.86 100.77
CA ARG B 1020 32.75 108.81 101.42
C ARG B 1020 31.29 108.82 101.00
N LEU B 1021 30.90 109.68 100.07
CA LEU B 1021 29.55 109.65 99.49
C LEU B 1021 29.43 108.53 98.46
N VAL B 1022 29.51 107.30 98.95
CA VAL B 1022 29.16 106.11 98.18
C VAL B 1022 28.32 105.26 99.12
N PRO B 1023 27.44 104.40 98.60
CA PRO B 1023 26.72 103.45 99.46
C PRO B 1023 27.67 102.55 100.23
N TYR B 1024 27.20 102.10 101.40
CA TYR B 1024 27.99 101.32 102.35
C TYR B 1024 28.67 100.14 101.68
N ARG B 1025 27.95 99.48 100.74
CA ARG B 1025 28.47 98.32 100.04
C ARG B 1025 29.71 98.68 99.22
N LEU B 1026 29.85 99.96 98.85
CA LEU B 1026 30.98 100.45 98.08
C LEU B 1026 31.99 101.19 98.93
N LEU B 1027 31.67 101.43 100.20
CA LEU B 1027 32.57 102.10 101.12
C LEU B 1027 33.84 101.27 101.36
N ASP B 1028 34.82 101.89 102.01
CA ASP B 1028 36.08 101.23 102.34
C ASP B 1028 35.99 100.56 103.71
N GLU B 1029 36.87 99.58 103.93
CA GLU B 1029 36.84 98.77 105.14
C GLU B 1029 37.16 99.59 106.39
N ALA B 1030 38.01 100.60 106.26
CA ALA B 1030 38.34 101.49 107.37
C ALA B 1030 37.10 102.21 107.88
N THR B 1031 36.36 102.83 106.96
CA THR B 1031 35.15 103.56 107.34
C THR B 1031 34.05 102.61 107.80
N LYS B 1032 33.94 101.44 107.17
CA LYS B 1032 33.00 100.41 107.62
C LYS B 1032 33.22 100.05 109.07
N ARG B 1033 34.49 99.79 109.44
CA ARG B 1033 34.82 99.44 110.82
C ARG B 1033 34.56 100.62 111.76
N SER B 1034 34.90 101.84 111.31
CA SER B 1034 34.70 103.02 112.15
C SER B 1034 33.22 103.27 112.44
N ASN B 1035 32.35 103.12 111.43
CA ASN B 1035 30.91 103.20 111.69
C ASN B 1035 30.42 102.06 112.57
N ARG B 1036 30.86 100.83 112.28
CA ARG B 1036 30.35 99.68 113.01
C ARG B 1036 30.76 99.65 114.47
N ASP B 1037 31.90 100.27 114.82
CA ASP B 1037 32.40 100.24 116.20
C ASP B 1037 31.45 100.91 117.18
N SER B 1038 30.95 102.11 116.84
CA SER B 1038 30.08 102.88 117.73
C SER B 1038 28.77 102.15 117.99
N LEU B 1039 28.11 101.73 116.92
CA LEU B 1039 26.84 101.04 117.05
C LEU B 1039 27.02 99.63 117.59
N CYS B 1040 28.21 99.03 117.42
CA CYS B 1040 28.51 97.76 118.07
C CYS B 1040 28.55 97.94 119.58
N GLN B 1041 29.16 99.04 120.05
CA GLN B 1041 29.12 99.37 121.47
C GLN B 1041 27.69 99.59 121.93
N ALA B 1042 26.89 100.29 121.10
CA ALA B 1042 25.49 100.56 121.44
C ALA B 1042 24.69 99.27 121.60
N VAL B 1043 24.78 98.36 120.61
CA VAL B 1043 24.03 97.11 120.68
C VAL B 1043 24.58 96.23 121.80
N ARG B 1044 25.87 96.37 122.13
CA ARG B 1044 26.45 95.67 123.27
C ARG B 1044 25.82 96.15 124.58
N THR B 1045 25.67 97.47 124.71
CA THR B 1045 25.02 98.05 125.89
C THR B 1045 23.57 97.62 125.98
N LEU B 1046 22.90 97.50 124.83
CA LEU B 1046 21.53 96.98 124.81
C LEU B 1046 21.50 95.53 125.28
N LEU B 1047 22.46 94.72 124.82
CA LEU B 1047 22.53 93.30 125.16
C LEU B 1047 22.81 93.11 126.64
N GLY B 1048 23.61 94.01 127.22
CA GLY B 1048 23.93 93.93 128.64
C GLY B 1048 22.71 93.94 129.54
N TYR B 1049 21.72 94.77 129.19
CA TYR B 1049 20.45 94.83 129.92
C TYR B 1049 19.56 93.61 129.68
N GLY B 1050 20.02 92.61 128.94
CA GLY B 1050 19.35 91.36 128.78
C GLY B 1050 18.24 91.36 127.75
N TYR B 1051 18.02 92.49 127.09
CA TYR B 1051 16.95 92.56 126.10
C TYR B 1051 17.41 91.90 124.81
N ASN B 1052 16.62 90.94 124.35
CA ASN B 1052 17.01 90.09 123.23
C ASN B 1052 17.11 90.90 121.94
N ILE B 1053 18.11 90.55 121.13
CA ILE B 1053 18.23 91.09 119.79
C ILE B 1053 17.71 90.00 118.86
N GLU B 1054 16.47 90.16 118.39
CA GLU B 1054 15.81 89.10 117.65
C GLU B 1054 16.13 89.24 116.17
N PRO B 1055 16.76 88.26 115.54
CA PRO B 1055 16.93 88.31 114.09
C PRO B 1055 15.59 88.27 113.39
N PRO B 1056 15.46 88.97 112.27
CA PRO B 1056 14.25 88.90 111.46
C PRO B 1056 14.24 87.63 110.62
N ASP B 1057 13.16 87.45 109.86
CA ASP B 1057 13.07 86.34 108.92
C ASP B 1057 14.10 86.49 107.80
N GLN B 1058 14.47 85.36 107.21
CA GLN B 1058 15.47 85.31 106.15
C GLN B 1058 14.80 85.17 104.79
N GLU B 1059 15.11 86.08 103.86
CA GLU B 1059 14.59 86.04 102.51
C GLU B 1059 15.76 85.99 101.53
N PRO B 1060 15.90 84.90 100.77
CA PRO B 1060 17.00 84.82 99.79
C PRO B 1060 16.71 85.66 98.55
N SER B 1061 17.68 86.50 98.19
CA SER B 1061 17.53 87.42 97.06
C SER B 1061 18.76 87.36 96.17
N GLN B 1062 18.52 87.61 94.88
CA GLN B 1062 19.56 87.67 93.86
C GLN B 1062 19.63 89.10 93.32
N VAL B 1063 20.85 89.64 93.23
CA VAL B 1063 21.04 91.03 92.83
C VAL B 1063 20.61 91.23 91.37
N GLU B 1064 21.07 90.37 90.48
CA GLU B 1064 20.72 90.44 89.07
C GLU B 1064 20.08 89.12 88.66
N ASN B 1065 18.90 89.19 88.07
CA ASN B 1065 18.14 88.01 87.68
C ASN B 1065 17.83 87.94 86.20
N GLN B 1066 17.60 89.09 85.55
CA GLN B 1066 17.16 89.13 84.16
C GLN B 1066 18.16 88.45 83.22
N SER B 1067 19.44 88.80 83.33
CA SER B 1067 20.43 88.24 82.42
C SER B 1067 20.90 86.91 83.00
N ARG B 1068 20.00 85.91 82.90
CA ARG B 1068 20.34 84.55 83.30
C ARG B 1068 21.31 83.87 82.36
N TRP B 1069 21.39 84.33 81.11
CA TRP B 1069 22.16 83.72 80.03
C TRP B 1069 23.58 83.34 80.48
N ASP B 1070 24.51 84.28 80.33
CA ASP B 1070 25.89 83.91 80.61
C ASP B 1070 26.22 84.04 82.11
N ARG B 1071 25.53 83.23 82.91
CA ARG B 1071 25.96 83.05 84.28
C ARG B 1071 27.29 82.36 84.25
N VAL B 1072 27.41 81.40 83.35
CA VAL B 1072 28.66 80.72 83.14
C VAL B 1072 28.87 80.52 81.65
N ARG B 1073 30.14 80.54 81.24
CA ARG B 1073 30.42 80.29 79.84
C ARG B 1073 30.92 78.88 79.59
N ILE B 1074 30.57 78.36 78.42
CA ILE B 1074 30.91 77.00 78.04
C ILE B 1074 32.14 77.01 77.14
N PHE B 1075 33.21 76.33 77.54
CA PHE B 1075 34.47 76.27 76.81
C PHE B 1075 34.66 74.82 76.39
N ARG B 1076 34.84 74.59 75.09
CA ARG B 1076 34.97 73.20 74.62
C ARG B 1076 35.83 73.14 73.38
N ALA B 1077 36.33 71.94 73.09
CA ALA B 1077 37.13 71.79 71.89
C ALA B 1077 36.25 71.76 70.65
N GLU B 1078 36.85 72.05 69.50
CA GLU B 1078 36.15 72.00 68.23
C GLU B 1078 35.87 70.55 67.86
N LYS B 1079 34.73 70.32 67.18
CA LYS B 1079 34.27 68.96 66.92
C LYS B 1079 35.22 68.14 66.07
N SER B 1080 36.12 68.76 65.32
CA SER B 1080 37.13 68.00 64.57
C SER B 1080 38.10 67.23 65.47
N TYR B 1081 38.19 67.60 66.75
CA TYR B 1081 39.10 66.98 67.69
C TYR B 1081 38.46 65.84 68.47
N THR B 1082 37.25 65.43 68.09
CA THR B 1082 36.48 64.44 68.83
C THR B 1082 37.18 63.08 68.84
N VAL B 1083 37.11 62.40 69.99
CA VAL B 1083 37.75 61.12 70.19
C VAL B 1083 36.68 60.07 70.40
N GLN B 1084 36.95 58.85 69.94
CA GLN B 1084 36.01 57.75 70.04
C GLN B 1084 36.49 56.58 70.89
N SER B 1085 37.79 56.41 71.10
CA SER B 1085 38.29 55.24 71.80
C SER B 1085 39.62 55.59 72.47
N GLY B 1086 40.34 54.55 72.89
CA GLY B 1086 41.55 54.75 73.65
C GLY B 1086 41.25 55.11 75.10
N ARG B 1087 42.17 55.83 75.72
CA ARG B 1087 41.97 56.39 77.05
C ARG B 1087 42.53 57.80 77.06
N TRP B 1088 41.84 58.70 77.76
CA TRP B 1088 42.18 60.11 77.70
C TRP B 1088 42.26 60.73 79.08
N TYR B 1089 43.20 61.65 79.23
CA TYR B 1089 43.37 62.46 80.44
C TYR B 1089 43.62 63.91 80.07
N PHE B 1090 43.17 64.82 80.95
CA PHE B 1090 43.47 66.25 80.79
C PHE B 1090 43.25 66.96 82.12
N GLU B 1091 44.23 67.78 82.49
CA GLU B 1091 44.21 68.60 83.69
C GLU B 1091 43.28 69.79 83.53
N PHE B 1092 42.98 70.44 84.67
CA PHE B 1092 42.31 71.74 84.71
C PHE B 1092 42.60 72.35 86.07
N GLU B 1093 42.92 73.64 86.10
CA GLU B 1093 43.25 74.34 87.33
C GLU B 1093 42.14 75.33 87.65
N ALA B 1094 41.75 75.38 88.92
CA ALA B 1094 40.77 76.34 89.40
C ALA B 1094 41.49 77.39 90.25
N VAL B 1095 41.79 78.54 89.63
CA VAL B 1095 42.44 79.63 90.35
C VAL B 1095 41.54 80.16 91.46
N THR B 1096 40.28 80.44 91.11
CA THR B 1096 39.30 80.85 92.10
C THR B 1096 38.60 79.61 92.66
N THR B 1097 37.49 79.82 93.38
CA THR B 1097 36.79 78.75 94.07
C THR B 1097 35.30 78.74 93.77
N GLY B 1098 34.88 79.38 92.69
CA GLY B 1098 33.46 79.55 92.41
C GLY B 1098 32.87 78.43 91.59
N GLU B 1099 31.79 78.75 90.89
CA GLU B 1099 31.07 77.83 90.03
C GLU B 1099 31.94 77.44 88.83
N MET B 1100 32.48 76.24 88.84
CA MET B 1100 33.15 75.75 87.66
C MET B 1100 32.77 74.29 87.49
N ARG B 1101 32.74 73.85 86.24
CA ARG B 1101 32.38 72.47 85.95
C ARG B 1101 33.33 71.95 84.89
N VAL B 1102 33.83 70.73 85.06
CA VAL B 1102 34.78 70.16 84.11
C VAL B 1102 34.36 68.72 83.81
N GLY B 1103 34.53 68.30 82.57
CA GLY B 1103 34.16 66.93 82.22
C GLY B 1103 34.16 66.70 80.73
N TRP B 1104 33.28 65.81 80.29
CA TRP B 1104 33.16 65.49 78.87
C TRP B 1104 31.75 65.75 78.37
N ALA B 1105 31.67 66.36 77.19
CA ALA B 1105 30.39 66.68 76.56
C ALA B 1105 30.32 66.06 75.17
N ARG B 1106 29.12 65.60 74.81
CA ARG B 1106 28.90 65.09 73.48
C ARG B 1106 28.99 66.24 72.48
N PRO B 1107 29.41 65.95 71.23
CA PRO B 1107 29.66 67.03 70.25
C PRO B 1107 28.47 67.91 69.90
N GLU B 1108 27.24 67.53 70.25
CA GLU B 1108 26.07 68.32 69.93
C GLU B 1108 25.60 69.11 71.16
N LEU B 1109 26.57 69.57 71.96
CA LEU B 1109 26.25 70.33 73.16
C LEU B 1109 25.68 71.70 72.79
N ARG B 1110 24.55 72.03 73.39
CA ARG B 1110 23.94 73.33 73.18
C ARG B 1110 24.74 74.42 73.89
N PRO B 1111 24.67 75.67 73.40
CA PRO B 1111 25.44 76.74 74.06
C PRO B 1111 24.64 77.45 75.14
N ASP B 1112 23.33 77.26 75.17
CA ASP B 1112 22.45 78.02 76.06
C ASP B 1112 21.82 77.16 77.15
N VAL B 1113 22.38 75.99 77.43
CA VAL B 1113 21.88 75.10 78.46
C VAL B 1113 23.01 74.81 79.42
N GLU B 1114 22.72 74.89 80.72
CA GLU B 1114 23.72 74.63 81.75
C GLU B 1114 24.22 73.19 81.67
N LEU B 1115 25.48 73.01 82.04
CA LEU B 1115 26.12 71.70 81.97
C LEU B 1115 25.49 70.73 82.95
N GLY B 1116 25.29 69.50 82.49
CA GLY B 1116 24.82 68.43 83.33
C GLY B 1116 23.32 68.36 83.49
N ALA B 1117 22.59 69.41 83.07
CA ALA B 1117 21.13 69.40 83.17
C ALA B 1117 20.50 68.43 82.19
N ASP B 1118 21.24 68.00 81.18
CA ASP B 1118 20.73 67.19 80.08
C ASP B 1118 21.53 65.91 79.94
N GLU B 1119 21.30 65.20 78.85
CA GLU B 1119 21.99 63.96 78.54
C GLU B 1119 23.21 64.16 77.65
N LEU B 1120 23.45 65.38 77.20
CA LEU B 1120 24.55 65.66 76.27
C LEU B 1120 25.84 66.05 76.97
N ALA B 1121 25.89 66.03 78.30
CA ALA B 1121 27.10 66.41 78.99
C ALA B 1121 27.21 65.66 80.31
N TYR B 1122 28.36 65.03 80.54
CA TYR B 1122 28.67 64.37 81.79
C TYR B 1122 29.75 65.23 82.44
N VAL B 1123 29.38 65.98 83.47
CA VAL B 1123 30.29 66.98 83.99
C VAL B 1123 30.35 66.83 85.50
N PHE B 1124 31.45 67.30 86.09
CA PHE B 1124 31.63 67.34 87.53
C PHE B 1124 31.66 68.80 87.97
N ASN B 1125 31.01 69.07 89.10
CA ASN B 1125 30.99 70.39 89.72
C ASN B 1125 31.62 70.26 91.10
N GLY B 1126 32.65 71.05 91.35
CA GLY B 1126 33.27 70.99 92.65
C GLY B 1126 33.28 72.31 93.38
N HIS B 1127 32.29 73.15 93.09
CA HIS B 1127 31.97 74.19 94.05
C HIS B 1127 31.38 73.57 95.31
N ARG B 1128 30.75 72.40 95.19
CA ARG B 1128 30.18 71.72 96.34
C ARG B 1128 30.31 70.20 96.28
N GLY B 1129 31.08 69.65 95.35
CA GLY B 1129 31.27 68.21 95.27
C GLY B 1129 30.09 67.41 94.74
N GLN B 1130 29.71 67.61 93.48
CA GLN B 1130 28.60 66.92 92.86
C GLN B 1130 28.96 66.48 91.45
N ARG B 1131 28.27 65.45 90.97
CA ARG B 1131 28.33 65.04 89.57
C ARG B 1131 27.02 65.40 88.89
N TRP B 1132 27.12 66.06 87.73
CA TRP B 1132 25.97 66.59 87.00
C TRP B 1132 25.83 65.87 85.67
N HIS B 1133 24.78 65.04 85.57
CA HIS B 1133 24.33 64.51 84.29
C HIS B 1133 22.86 64.15 84.45
N LEU B 1134 21.98 64.87 83.73
CA LEU B 1134 20.51 64.76 83.86
C LEU B 1134 20.05 64.94 85.29
N GLY B 1135 20.72 65.83 86.01
CA GLY B 1135 20.51 66.00 87.43
C GLY B 1135 21.82 65.91 88.18
N SER B 1136 21.74 66.22 89.47
CA SER B 1136 22.93 66.30 90.30
C SER B 1136 22.78 65.49 91.57
N GLU B 1137 23.85 64.78 91.93
CA GLU B 1137 23.95 64.04 93.18
C GLU B 1137 25.37 64.21 93.70
N PRO B 1138 25.58 64.12 95.03
CA PRO B 1138 26.92 64.37 95.60
C PRO B 1138 27.98 63.41 95.10
N PHE B 1139 29.21 63.93 94.95
CA PHE B 1139 30.34 63.13 94.50
C PHE B 1139 31.61 63.86 94.90
N GLY B 1140 32.39 63.26 95.78
CA GLY B 1140 33.66 63.83 96.19
C GLY B 1140 33.50 65.07 97.04
N ARG B 1141 34.55 65.89 97.03
CA ARG B 1141 34.60 67.07 97.87
C ARG B 1141 34.83 68.32 97.04
N PRO B 1142 34.27 69.46 97.44
CA PRO B 1142 34.58 70.72 96.76
C PRO B 1142 36.04 71.09 96.87
N TRP B 1143 36.55 71.72 95.82
CA TRP B 1143 37.95 72.13 95.79
C TRP B 1143 38.19 73.40 96.60
N GLN B 1144 39.39 73.94 96.43
CA GLN B 1144 39.79 75.25 96.93
C GLN B 1144 40.67 75.86 95.85
N SER B 1145 41.28 77.00 96.14
CA SER B 1145 42.15 77.67 95.17
C SER B 1145 43.39 76.84 94.88
N GLY B 1146 43.84 76.90 93.64
CA GLY B 1146 45.04 76.23 93.20
C GLY B 1146 44.88 74.75 92.93
N ASP B 1147 43.67 74.20 93.06
CA ASP B 1147 43.46 72.79 92.81
C ASP B 1147 43.44 72.47 91.32
N VAL B 1148 44.23 71.48 90.94
CA VAL B 1148 44.31 70.99 89.56
C VAL B 1148 43.69 69.61 89.51
N VAL B 1149 42.57 69.50 88.79
CA VAL B 1149 41.75 68.30 88.72
C VAL B 1149 41.96 67.71 87.33
N GLY B 1150 42.11 66.40 87.27
CA GLY B 1150 42.29 65.71 86.00
C GLY B 1150 41.22 64.67 85.75
N CYS B 1151 40.83 64.51 84.48
CA CYS B 1151 39.72 63.62 84.19
C CYS B 1151 40.18 62.40 83.40
N MET B 1152 39.85 61.21 83.91
CA MET B 1152 39.93 59.97 83.16
C MET B 1152 38.72 59.86 82.23
N ILE B 1153 38.93 59.18 81.10
CA ILE B 1153 37.84 58.62 80.32
C ILE B 1153 38.36 57.39 79.56
N ASP B 1154 37.68 56.27 79.77
CA ASP B 1154 38.04 54.98 79.19
C ASP B 1154 36.84 54.49 78.39
N LEU B 1155 36.88 54.76 77.08
CA LEU B 1155 35.83 54.36 76.15
C LEU B 1155 35.75 52.85 75.94
N THR B 1156 36.79 52.10 76.35
CA THR B 1156 36.77 50.64 76.20
C THR B 1156 35.70 50.00 77.05
N GLU B 1157 35.48 50.51 78.27
CA GLU B 1157 34.47 49.96 79.15
C GLU B 1157 33.50 51.03 79.63
N ASN B 1158 33.53 52.21 79.02
CA ASN B 1158 32.60 53.32 79.26
C ASN B 1158 32.67 53.82 80.70
N THR B 1159 33.84 54.30 81.09
CA THR B 1159 34.05 54.78 82.45
C THR B 1159 34.65 56.18 82.47
N ILE B 1160 34.05 57.07 83.26
CA ILE B 1160 34.47 58.46 83.42
C ILE B 1160 34.87 58.61 84.88
N ILE B 1161 36.07 59.15 85.13
CA ILE B 1161 36.54 59.29 86.50
C ILE B 1161 37.15 60.67 86.67
N PHE B 1162 36.85 61.35 87.78
CA PHE B 1162 37.47 62.64 88.05
C PHE B 1162 38.43 62.49 89.22
N THR B 1163 39.57 63.21 89.14
CA THR B 1163 40.62 63.17 90.15
C THR B 1163 40.91 64.58 90.63
N LEU B 1164 41.14 64.73 91.93
CA LEU B 1164 41.46 65.99 92.57
C LEU B 1164 42.91 65.94 93.07
N ASN B 1165 43.77 66.72 92.42
CA ASN B 1165 45.19 66.92 92.76
C ASN B 1165 45.93 65.61 92.98
N GLY B 1166 45.78 64.71 92.01
CA GLY B 1166 46.43 63.42 92.07
C GLY B 1166 45.72 62.38 92.91
N GLU B 1167 44.54 62.71 93.43
CA GLU B 1167 43.77 61.77 94.24
C GLU B 1167 42.40 61.59 93.62
N VAL B 1168 41.97 60.32 93.53
CA VAL B 1168 40.70 60.00 92.90
C VAL B 1168 39.56 60.47 93.79
N LEU B 1169 38.59 61.17 93.20
CA LEU B 1169 37.36 61.47 93.91
C LEU B 1169 36.49 60.23 94.01
N MET B 1170 35.48 60.30 94.88
CA MET B 1170 34.72 59.11 95.21
C MET B 1170 33.25 59.50 95.33
N SER B 1171 32.38 58.52 95.08
CA SER B 1171 30.93 58.73 95.19
C SER B 1171 30.45 58.24 96.54
N ASP B 1172 29.12 58.31 96.73
CA ASP B 1172 28.48 57.81 97.94
C ASP B 1172 28.19 56.31 97.84
N SER B 1173 29.21 55.53 97.50
CA SER B 1173 29.09 54.10 97.24
C SER B 1173 30.47 53.49 97.31
N GLY B 1174 30.61 52.26 96.81
CA GLY B 1174 31.89 51.62 96.64
C GLY B 1174 32.45 51.66 95.24
N SER B 1175 31.71 52.20 94.27
CA SER B 1175 32.16 52.29 92.89
C SER B 1175 33.04 53.52 92.70
N GLU B 1176 34.29 53.30 92.26
CA GLU B 1176 35.22 54.40 92.06
C GLU B 1176 34.83 55.30 90.89
N THR B 1177 34.01 54.80 89.97
CA THR B 1177 33.66 55.52 88.76
C THR B 1177 32.43 56.38 89.00
N ALA B 1178 32.53 57.66 88.66
CA ALA B 1178 31.36 58.54 88.75
C ALA B 1178 30.26 58.12 87.79
N PHE B 1179 30.63 57.68 86.59
CA PHE B 1179 29.64 57.24 85.61
C PHE B 1179 30.12 55.96 84.95
N ARG B 1180 29.17 55.15 84.50
CA ARG B 1180 29.49 53.88 83.87
C ARG B 1180 28.32 53.51 82.95
N GLU B 1181 28.57 52.57 82.05
CA GLU B 1181 27.68 52.17 80.94
C GLU B 1181 27.11 53.39 80.22
N ILE B 1182 28.02 54.18 79.64
CA ILE B 1182 27.66 55.30 78.79
C ILE B 1182 27.92 54.96 77.34
N GLU B 1183 26.89 55.11 76.50
CA GLU B 1183 27.01 54.77 75.08
C GLU B 1183 28.06 55.63 74.40
N ILE B 1184 28.73 55.04 73.40
CA ILE B 1184 29.76 55.75 72.64
C ILE B 1184 29.19 57.00 71.99
N GLY B 1185 28.07 56.86 71.30
CA GLY B 1185 27.41 57.98 70.65
C GLY B 1185 28.28 58.60 69.57
N ASP B 1186 28.09 59.91 69.38
CA ASP B 1186 28.91 60.67 68.45
C ASP B 1186 30.36 60.69 68.88
N GLY B 1187 30.60 60.90 70.17
CA GLY B 1187 31.94 61.05 70.69
C GLY B 1187 31.90 61.90 71.94
N PHE B 1188 33.10 62.25 72.41
CA PHE B 1188 33.22 63.03 73.63
C PHE B 1188 34.36 64.03 73.50
N LEU B 1189 34.10 65.24 73.98
CA LEU B 1189 35.01 66.35 73.92
C LEU B 1189 35.25 66.84 75.33
N PRO B 1190 36.51 67.10 75.72
CA PRO B 1190 36.75 67.74 77.01
C PRO B 1190 36.10 69.11 77.04
N VAL B 1191 35.58 69.48 78.20
CA VAL B 1191 34.77 70.68 78.30
C VAL B 1191 34.89 71.23 79.72
N CYS B 1192 34.75 72.54 79.85
CA CYS B 1192 34.70 73.17 81.14
C CYS B 1192 33.81 74.38 81.02
N SER B 1193 33.26 74.78 82.15
CA SER B 1193 32.40 75.95 82.20
C SER B 1193 32.87 76.81 83.37
N LEU B 1194 32.81 78.13 83.21
CA LEU B 1194 33.33 79.04 84.23
C LEU B 1194 32.25 80.04 84.63
N GLY B 1195 32.04 80.19 85.96
CA GLY B 1195 31.08 81.09 86.52
C GLY B 1195 31.49 82.53 86.41
N PRO B 1196 30.67 83.43 86.98
CA PRO B 1196 31.00 84.85 86.87
C PRO B 1196 32.23 85.22 87.69
N GLY B 1197 33.20 85.86 87.02
CA GLY B 1197 34.41 86.26 87.69
C GLY B 1197 35.28 85.15 88.24
N GLN B 1198 35.53 84.14 87.44
CA GLN B 1198 36.33 82.99 87.84
C GLN B 1198 37.50 82.89 86.90
N VAL B 1199 38.59 82.31 87.38
CA VAL B 1199 39.80 82.19 86.59
C VAL B 1199 40.21 80.74 86.63
N GLY B 1200 40.54 80.18 85.48
CA GLY B 1200 40.99 78.80 85.45
C GLY B 1200 41.96 78.55 84.33
N HIS B 1201 42.87 77.63 84.57
CA HIS B 1201 43.85 77.23 83.57
C HIS B 1201 43.41 75.91 82.94
N LEU B 1202 43.28 75.89 81.63
CA LEU B 1202 42.87 74.68 80.95
C LEU B 1202 44.07 74.20 80.16
N ASN B 1203 44.68 73.12 80.63
CA ASN B 1203 45.84 72.52 79.99
C ASN B 1203 45.36 71.24 79.33
N LEU B 1204 45.51 71.18 78.00
CA LEU B 1204 45.10 70.03 77.22
C LEU B 1204 46.23 69.04 77.05
N GLY B 1205 47.36 69.28 77.70
CA GLY B 1205 48.48 68.36 77.72
C GLY B 1205 49.19 68.19 76.41
N GLN B 1206 49.39 69.28 75.67
CA GLN B 1206 50.28 69.24 74.53
C GLN B 1206 51.71 68.89 74.94
N ASP B 1207 52.17 69.48 76.05
CA ASP B 1207 53.46 69.14 76.64
C ASP B 1207 53.16 68.18 77.79
N VAL B 1208 53.56 66.92 77.64
CA VAL B 1208 53.35 65.92 78.68
C VAL B 1208 54.21 66.24 79.91
N SER B 1209 55.41 66.77 79.71
CA SER B 1209 56.29 67.14 80.82
C SER B 1209 55.73 68.32 81.62
N SER B 1210 54.95 69.18 80.98
CA SER B 1210 54.35 70.33 81.66
C SER B 1210 53.32 69.94 82.72
N LEU B 1211 52.83 68.71 82.69
CA LEU B 1211 51.74 68.33 83.56
C LEU B 1211 52.25 67.99 84.96
N ARG B 1212 51.34 68.14 85.93
CA ARG B 1212 51.67 68.00 87.34
C ARG B 1212 51.03 66.80 88.00
N PHE B 1213 50.08 66.13 87.34
CA PHE B 1213 49.42 65.00 87.96
C PHE B 1213 49.19 63.81 87.05
N PHE B 1214 49.53 63.89 85.74
CA PHE B 1214 49.30 62.76 84.85
C PHE B 1214 50.15 61.56 85.24
N ALA B 1215 51.42 61.79 85.58
CA ALA B 1215 52.25 60.73 86.15
C ALA B 1215 51.69 60.24 87.47
N ILE B 1216 51.06 61.14 88.24
CA ILE B 1216 50.51 60.77 89.54
C ILE B 1216 49.31 59.86 89.38
N CYS B 1217 48.46 60.12 88.39
CA CYS B 1217 47.31 59.27 88.14
C CYS B 1217 47.06 59.22 86.64
N GLY B 1218 46.90 58.01 86.12
CA GLY B 1218 46.59 57.83 84.72
C GLY B 1218 47.73 57.24 83.91
N LEU B 1219 48.97 57.71 84.14
CA LEU B 1219 50.10 57.25 83.32
C LEU B 1219 50.34 55.75 83.50
N GLN B 1220 50.48 55.31 84.76
CA GLN B 1220 50.71 53.90 85.01
C GLN B 1220 49.50 53.03 84.68
N GLU B 1221 48.32 53.65 84.54
CA GLU B 1221 47.10 52.92 84.24
C GLU B 1221 46.95 52.60 82.77
N GLY B 1222 47.83 53.14 81.92
CA GLY B 1222 47.65 53.10 80.49
C GLY B 1222 46.89 54.26 79.90
N PHE B 1223 46.34 55.17 80.73
CA PHE B 1223 45.70 56.36 80.21
C PHE B 1223 46.73 57.28 79.55
N GLU B 1224 46.22 58.32 78.87
CA GLU B 1224 47.15 58.92 77.94
C GLU B 1224 46.61 60.31 77.63
N PRO B 1225 47.47 61.34 77.46
CA PRO B 1225 46.96 62.72 77.34
C PRO B 1225 46.07 62.94 76.13
N PHE B 1226 45.15 63.91 76.27
CA PHE B 1226 44.18 64.19 75.20
C PHE B 1226 44.82 64.71 73.92
N ALA B 1227 45.82 65.58 74.03
CA ALA B 1227 46.36 66.29 72.87
C ALA B 1227 47.86 66.10 72.77
N ILE B 1228 48.27 64.82 72.78
CA ILE B 1228 49.66 64.45 73.02
C ILE B 1228 50.61 64.94 71.91
N ASN B 1229 50.28 64.66 70.66
CA ASN B 1229 51.16 64.95 69.52
C ASN B 1229 50.33 65.87 68.65
N MET B 1230 50.39 67.15 68.96
CA MET B 1230 49.59 68.16 68.27
C MET B 1230 50.49 69.39 68.18
N GLN B 1231 51.06 69.62 66.99
CA GLN B 1231 51.96 70.75 66.80
CA GLN B 1231 51.96 70.75 66.80
C GLN B 1231 51.24 72.07 67.06
N ARG B 1232 50.04 72.21 66.59
CA ARG B 1232 49.36 73.44 66.90
C ARG B 1232 48.57 73.27 68.20
N PRO B 1233 48.31 74.36 68.93
CA PRO B 1233 47.41 74.28 70.08
C PRO B 1233 46.00 73.94 69.64
N VAL B 1234 45.26 73.27 70.53
CA VAL B 1234 43.90 72.84 70.22
C VAL B 1234 43.04 74.09 70.10
N THR B 1235 42.61 74.38 68.88
CA THR B 1235 41.65 75.46 68.66
C THR B 1235 40.33 75.12 69.34
N THR B 1236 39.91 75.97 70.27
CA THR B 1236 38.74 75.70 71.06
C THR B 1236 37.67 76.76 70.79
N TRP B 1237 36.49 76.52 71.35
CA TRP B 1237 35.30 77.33 71.13
C TRP B 1237 34.70 77.70 72.48
N PHE B 1238 33.93 78.78 72.48
CA PHE B 1238 33.21 79.22 73.66
C PHE B 1238 31.80 79.59 73.25
N SER B 1239 30.91 79.61 74.23
CA SER B 1239 29.53 80.01 73.95
C SER B 1239 29.43 81.52 74.12
N LYS B 1240 29.29 82.21 73.00
CA LYS B 1240 29.08 83.66 72.98
C LYS B 1240 27.61 83.97 73.23
N SER B 1241 27.31 84.61 74.36
CA SER B 1241 25.94 84.97 74.66
C SER B 1241 25.51 86.25 73.94
N LEU B 1242 25.74 86.33 72.64
CA LEU B 1242 25.38 87.52 71.87
C LEU B 1242 24.16 87.20 71.03
N PRO B 1243 23.04 87.89 71.26
CA PRO B 1243 21.83 87.66 70.46
C PRO B 1243 22.06 87.88 68.98
N GLN B 1244 21.57 86.94 68.18
CA GLN B 1244 21.67 86.99 66.73
C GLN B 1244 20.40 86.38 66.17
N PHE B 1245 20.09 86.70 64.93
CA PHE B 1245 18.85 86.20 64.33
C PHE B 1245 19.17 85.00 63.46
N GLU B 1246 18.60 83.85 63.79
CA GLU B 1246 18.78 82.63 63.03
C GLU B 1246 17.41 82.01 62.78
N PRO B 1247 17.25 81.20 61.72
CA PRO B 1247 15.95 80.61 61.44
C PRO B 1247 15.44 79.70 62.56
N VAL B 1248 14.12 79.70 62.73
CA VAL B 1248 13.47 78.83 63.71
C VAL B 1248 13.55 77.38 63.26
N PRO B 1249 14.10 76.49 64.10
CA PRO B 1249 14.16 75.07 63.75
C PRO B 1249 12.77 74.47 63.64
N PRO B 1250 12.56 73.58 62.66
CA PRO B 1250 11.23 72.97 62.49
C PRO B 1250 10.77 72.11 63.65
N GLU B 1251 11.68 71.66 64.51
CA GLU B 1251 11.35 70.74 65.59
C GLU B 1251 11.17 71.44 66.94
N HIS B 1252 11.16 72.77 66.96
CA HIS B 1252 11.07 73.52 68.21
C HIS B 1252 9.74 73.24 68.90
N PRO B 1253 9.74 72.74 70.14
CA PRO B 1253 8.51 72.22 70.77
C PRO B 1253 7.39 73.23 70.95
N HIS B 1254 7.71 74.49 71.21
CA HIS B 1254 6.67 75.45 71.54
C HIS B 1254 6.23 76.32 70.37
N TYR B 1255 7.14 76.64 69.46
CA TYR B 1255 6.89 77.61 68.39
C TYR B 1255 6.87 76.92 67.03
N GLU B 1256 5.87 77.24 66.22
CA GLU B 1256 5.77 76.71 64.86
C GLU B 1256 5.42 77.86 63.92
N VAL B 1257 5.83 77.72 62.68
CA VAL B 1257 5.61 78.73 61.66
C VAL B 1257 4.86 78.10 60.50
N ALA B 1258 3.74 78.71 60.12
CA ALA B 1258 2.87 78.19 59.08
C ALA B 1258 3.08 79.01 57.81
N ARG B 1259 3.19 78.33 56.68
CA ARG B 1259 3.28 78.96 55.37
C ARG B 1259 2.01 78.64 54.59
N MET B 1260 1.33 79.68 54.12
CA MET B 1260 0.05 79.54 53.43
C MET B 1260 0.16 80.18 52.06
N ASP B 1261 -0.33 79.47 51.04
CA ASP B 1261 -0.22 79.92 49.66
C ASP B 1261 -1.10 81.15 49.45
N GLY B 1262 -0.78 81.89 48.39
CA GLY B 1262 -1.58 83.05 48.03
C GLY B 1262 -2.90 82.65 47.40
N THR B 1263 -4.01 82.97 48.05
CA THR B 1263 -5.32 82.67 47.50
C THR B 1263 -5.67 83.67 46.40
N VAL B 1264 -6.83 83.49 45.79
CA VAL B 1264 -7.33 84.43 44.79
C VAL B 1264 -7.60 85.80 45.40
N ASP B 1265 -8.03 85.85 46.66
CA ASP B 1265 -8.38 87.10 47.32
C ASP B 1265 -7.32 87.60 48.28
N THR B 1266 -6.40 86.75 48.73
CA THR B 1266 -5.42 87.16 49.72
C THR B 1266 -4.01 86.90 49.21
N PRO B 1267 -3.05 87.76 49.58
CA PRO B 1267 -1.64 87.47 49.31
C PRO B 1267 -1.14 86.33 50.18
N PRO B 1268 -0.03 85.68 49.81
CA PRO B 1268 0.52 84.62 50.68
C PRO B 1268 0.92 85.14 52.05
N CYS B 1269 0.78 84.27 53.04
CA CYS B 1269 0.93 84.64 54.44
C CYS B 1269 1.97 83.79 55.13
N LEU B 1270 2.67 84.42 56.07
CA LEU B 1270 3.56 83.76 57.01
C LEU B 1270 2.87 83.82 58.37
N ARG B 1271 2.63 82.67 58.97
CA ARG B 1271 1.79 82.62 60.17
C ARG B 1271 2.60 82.06 61.32
N LEU B 1272 2.36 82.59 62.51
CA LEU B 1272 3.00 82.07 63.71
C LEU B 1272 1.96 81.69 64.75
N ALA B 1273 2.16 80.53 65.36
CA ALA B 1273 1.28 80.09 66.43
C ALA B 1273 2.10 79.25 67.41
N HIS B 1274 1.58 79.12 68.62
CA HIS B 1274 2.23 78.36 69.67
C HIS B 1274 1.73 76.92 69.60
N ARG B 1275 2.67 75.96 69.55
CA ARG B 1275 2.31 74.56 69.41
C ARG B 1275 1.54 74.04 70.61
N THR B 1276 1.98 74.39 71.82
CA THR B 1276 1.40 73.84 73.04
C THR B 1276 0.86 74.90 74.01
N TRP B 1277 0.34 76.01 73.48
CA TRP B 1277 -0.21 77.09 74.31
C TRP B 1277 -1.36 76.59 75.18
N GLY B 1278 -1.40 77.08 76.43
CA GLY B 1278 -2.47 76.74 77.34
C GLY B 1278 -2.36 75.37 77.95
N SER B 1279 -1.30 74.63 77.67
CA SER B 1279 -1.10 73.30 78.20
C SER B 1279 -0.07 73.35 79.33
N GLN B 1280 0.32 72.18 79.80
CA GLN B 1280 1.34 72.08 80.83
C GLN B 1280 2.71 72.42 80.26
N ASN B 1281 3.48 73.24 81.00
CA ASN B 1281 4.85 73.62 80.67
C ASN B 1281 4.98 74.27 79.30
N SER B 1282 4.01 75.11 78.94
CA SER B 1282 4.11 75.88 77.71
C SER B 1282 5.05 77.05 77.93
N LEU B 1283 6.19 77.01 77.24
CA LEU B 1283 7.21 78.06 77.40
C LEU B 1283 6.76 79.27 76.60
N VAL B 1284 6.40 80.34 77.31
CA VAL B 1284 5.99 81.60 76.70
C VAL B 1284 6.85 82.72 77.27
N GLU B 1285 7.48 83.50 76.40
CA GLU B 1285 8.33 84.61 76.82
C GLU B 1285 8.37 85.64 75.69
N MET B 1286 9.07 86.74 75.94
CA MET B 1286 9.19 87.82 74.97
C MET B 1286 10.00 87.33 73.77
N LEU B 1287 9.36 87.25 72.60
CA LEU B 1287 9.96 86.70 71.40
C LEU B 1287 10.15 87.80 70.36
N PHE B 1288 11.36 87.90 69.83
CA PHE B 1288 11.69 88.88 68.81
C PHE B 1288 11.93 88.16 67.50
N LEU B 1289 11.19 88.53 66.45
CA LEU B 1289 11.38 87.85 65.20
C LEU B 1289 11.47 88.85 64.06
N ARG B 1290 12.13 88.43 62.99
CA ARG B 1290 12.32 89.25 61.81
C ARG B 1290 12.32 88.37 60.57
N LEU B 1291 12.00 88.98 59.44
CA LEU B 1291 12.11 88.35 58.14
C LEU B 1291 13.58 88.21 57.78
N SER B 1292 13.88 87.29 56.89
CA SER B 1292 15.26 86.91 56.62
C SER B 1292 15.86 87.68 55.46
N LEU B 1293 15.16 88.68 54.92
CA LEU B 1293 15.72 89.42 53.81
C LEU B 1293 15.71 90.92 54.09
N PRO B 1294 16.74 91.64 53.63
CA PRO B 1294 16.81 93.09 53.83
C PRO B 1294 16.25 93.86 52.64
N VAL B 1295 16.05 95.17 52.87
CA VAL B 1295 15.74 96.10 51.78
C VAL B 1295 16.61 97.34 51.99
N GLN B 1296 17.19 97.82 50.90
CA GLN B 1296 18.19 98.88 50.96
C GLN B 1296 17.64 100.14 50.30
N PHE B 1297 17.79 101.26 51.00
CA PHE B 1297 17.38 102.56 50.45
C PHE B 1297 18.28 102.93 49.28
N HIS B 1298 17.68 103.62 48.29
CA HIS B 1298 18.40 103.93 47.05
C HIS B 1298 19.58 104.85 47.29
N GLN B 1299 20.58 104.72 46.41
CA GLN B 1299 21.88 105.36 46.57
C GLN B 1299 21.77 106.89 46.60
N HIS B 1300 21.00 107.46 45.69
CA HIS B 1300 20.79 108.90 45.63
C HIS B 1300 19.30 109.15 45.85
N PHE B 1301 18.95 109.70 47.01
CA PHE B 1301 17.58 110.10 47.26
C PHE B 1301 17.15 111.18 46.29
N ARG B 1302 15.91 111.06 45.80
CA ARG B 1302 15.36 111.99 44.81
C ARG B 1302 15.38 113.41 45.35
N CYS B 1303 15.71 114.38 44.48
CA CYS B 1303 15.78 115.79 44.84
C CYS B 1303 14.46 116.28 45.43
N THR B 1304 14.56 116.98 46.57
CA THR B 1304 13.43 117.47 47.38
C THR B 1304 12.49 116.33 47.79
N ASP B 1419 -12.69 98.06 42.87
CA ASP B 1419 -11.79 99.19 43.06
C ASP B 1419 -10.35 98.65 42.95
N ASN B 1420 -9.38 99.56 43.16
CA ASN B 1420 -7.95 99.25 43.20
C ASN B 1420 -7.45 98.63 41.88
N ARG B 1421 -7.72 99.32 40.78
CA ARG B 1421 -7.00 99.04 39.54
C ARG B 1421 -5.85 100.05 39.46
N ASP B 1422 -4.63 99.54 39.56
CA ASP B 1422 -3.47 100.42 39.60
C ASP B 1422 -3.22 101.08 38.25
N ASP B 1423 -2.72 102.30 38.29
CA ASP B 1423 -2.25 102.96 37.09
C ASP B 1423 -0.94 102.29 36.71
N PRO B 1424 -0.81 101.69 35.52
CA PRO B 1424 0.44 101.00 35.15
C PRO B 1424 1.70 101.86 35.21
N GLU B 1425 1.59 103.13 34.81
CA GLU B 1425 2.73 104.03 34.86
C GLU B 1425 3.11 104.33 36.31
N ILE B 1426 2.11 104.60 37.15
CA ILE B 1426 2.37 104.98 38.54
C ILE B 1426 2.96 103.79 39.29
N ILE B 1427 2.39 102.59 39.11
CA ILE B 1427 2.89 101.41 39.81
C ILE B 1427 4.31 101.06 39.31
N LEU B 1428 4.60 101.28 38.02
CA LEU B 1428 5.94 101.01 37.52
C LEU B 1428 6.93 102.14 37.79
N ASN B 1429 6.50 103.28 38.34
CA ASN B 1429 7.45 104.31 38.73
C ASN B 1429 7.52 104.61 40.22
N THR B 1430 6.56 104.14 41.01
CA THR B 1430 6.56 104.36 42.45
C THR B 1430 7.71 103.64 43.12
N THR B 1431 8.23 104.26 44.16
CA THR B 1431 9.32 103.71 44.96
C THR B 1431 8.85 103.32 46.35
N THR B 1432 7.53 103.20 46.54
CA THR B 1432 6.94 102.92 47.83
C THR B 1432 6.49 101.47 47.87
N TYR B 1433 6.63 100.85 49.05
CA TYR B 1433 6.32 99.45 49.28
C TYR B 1433 5.56 99.32 50.58
N TYR B 1434 4.81 98.23 50.70
CA TYR B 1434 3.85 98.02 51.76
C TYR B 1434 3.95 96.60 52.30
N TYR B 1435 3.77 96.44 53.61
CA TYR B 1435 3.40 95.14 54.10
C TYR B 1435 2.37 95.35 55.21
N SER B 1436 1.74 94.25 55.61
CA SER B 1436 0.82 94.29 56.73
C SER B 1436 0.99 93.03 57.56
N VAL B 1437 0.77 93.19 58.86
CA VAL B 1437 0.75 92.11 59.82
C VAL B 1437 -0.57 92.16 60.56
N ARG B 1438 -1.17 91.00 60.75
CA ARG B 1438 -2.47 90.87 61.37
C ARG B 1438 -2.27 90.18 62.71
N VAL B 1439 -2.38 90.97 63.77
CA VAL B 1439 -2.32 90.43 65.12
C VAL B 1439 -3.62 89.68 65.36
N PHE B 1440 -3.52 88.40 65.69
CA PHE B 1440 -4.70 87.55 65.80
C PHE B 1440 -5.56 87.91 67.00
N ALA B 1441 -6.86 87.63 66.87
CA ALA B 1441 -7.80 87.85 67.96
C ALA B 1441 -7.43 86.97 69.15
N GLY B 1442 -7.48 87.56 70.33
CA GLY B 1442 -6.99 86.91 71.53
C GLY B 1442 -5.54 87.17 71.84
N GLN B 1443 -4.78 87.70 70.88
CA GLN B 1443 -3.41 88.12 71.12
C GLN B 1443 -3.41 89.60 71.43
N GLU B 1444 -2.86 89.96 72.58
CA GLU B 1444 -2.91 91.33 73.09
C GLU B 1444 -2.15 92.28 72.18
N PRO B 1445 -2.80 93.32 71.64
CA PRO B 1445 -2.05 94.35 70.89
C PRO B 1445 -1.00 95.08 71.71
N SER B 1446 -1.20 95.21 73.03
CA SER B 1446 -0.18 95.82 73.86
C SER B 1446 1.07 94.97 73.99
N CYS B 1447 0.99 93.67 73.71
CA CYS B 1447 2.15 92.79 73.75
C CYS B 1447 2.79 92.61 72.39
N VAL B 1448 2.60 93.56 71.46
CA VAL B 1448 3.13 93.48 70.11
C VAL B 1448 3.80 94.82 69.78
N TRP B 1449 4.94 94.73 69.09
CA TRP B 1449 5.63 95.90 68.53
C TRP B 1449 6.02 95.57 67.10
N VAL B 1450 5.72 96.49 66.17
CA VAL B 1450 5.78 96.23 64.74
C VAL B 1450 6.60 97.32 64.06
N GLY B 1451 7.45 96.92 63.10
CA GLY B 1451 8.15 97.88 62.27
C GLY B 1451 9.32 97.30 61.49
N TRP B 1452 10.48 97.95 61.58
CA TRP B 1452 11.68 97.46 60.91
C TRP B 1452 12.86 97.57 61.85
N VAL B 1453 13.87 96.73 61.59
CA VAL B 1453 15.11 96.73 62.35
C VAL B 1453 16.28 96.74 61.39
N THR B 1454 17.42 97.09 61.93
CA THR B 1454 18.71 97.13 61.27
C THR B 1454 19.51 95.88 61.63
N PRO B 1455 20.50 95.46 60.81
CA PRO B 1455 21.23 94.22 61.11
C PRO B 1455 22.18 94.27 62.31
N ASP B 1456 22.16 95.34 63.12
CA ASP B 1456 22.95 95.41 64.35
C ASP B 1456 22.08 95.38 65.60
N TYR B 1457 20.88 94.83 65.51
CA TYR B 1457 19.95 94.77 66.63
C TYR B 1457 20.16 93.45 67.36
N HIS B 1458 20.70 93.51 68.58
CA HIS B 1458 21.03 92.33 69.37
C HIS B 1458 20.63 92.50 70.82
N GLN B 1459 19.44 93.03 71.07
CA GLN B 1459 19.00 93.36 72.43
C GLN B 1459 17.83 92.43 72.77
N HIS B 1460 18.14 91.32 73.44
CA HIS B 1460 17.16 90.29 73.78
C HIS B 1460 16.71 90.52 75.22
N ASP B 1461 15.88 91.53 75.42
CA ASP B 1461 15.36 91.87 76.75
C ASP B 1461 13.94 91.34 76.93
N MET B 1462 13.73 90.49 77.95
CA MET B 1462 12.38 89.97 78.18
C MET B 1462 11.41 91.08 78.59
N ASN B 1463 11.91 92.12 79.24
CA ASN B 1463 11.10 93.25 79.66
C ASN B 1463 11.19 94.40 78.68
N PHE B 1464 11.27 94.08 77.38
CA PHE B 1464 11.44 95.06 76.34
C PHE B 1464 10.25 96.02 76.28
N ASP B 1465 10.55 97.30 76.09
CA ASP B 1465 9.58 98.33 75.76
C ASP B 1465 10.25 99.30 74.81
N LEU B 1466 9.48 100.28 74.33
CA LEU B 1466 10.01 101.28 73.41
C LEU B 1466 11.10 102.16 74.03
N SER B 1467 11.24 102.16 75.36
CA SER B 1467 12.33 102.90 75.99
C SER B 1467 13.68 102.25 75.71
N LYS B 1468 13.73 100.92 75.65
CA LYS B 1468 14.98 100.19 75.46
C LYS B 1468 15.60 100.38 74.08
N VAL B 1469 14.86 100.97 73.14
CA VAL B 1469 15.33 101.16 71.77
C VAL B 1469 16.57 102.05 71.78
N ARG B 1470 17.69 101.52 71.31
CA ARG B 1470 18.89 102.32 71.17
C ARG B 1470 18.71 103.34 70.06
N ALA B 1471 18.98 104.61 70.37
CA ALA B 1471 18.83 105.70 69.43
C ALA B 1471 19.79 106.80 69.79
N VAL B 1472 20.10 107.65 68.81
CA VAL B 1472 21.00 108.79 69.01
C VAL B 1472 20.75 109.79 67.89
N THR B 1473 20.80 111.07 68.22
CA THR B 1473 20.67 112.15 67.26
C THR B 1473 22.04 112.81 67.12
N VAL B 1474 22.50 112.95 65.89
CA VAL B 1474 23.81 113.52 65.61
C VAL B 1474 23.60 114.93 65.09
N THR B 1475 24.29 115.91 65.69
CA THR B 1475 24.09 117.31 65.32
C THR B 1475 25.33 117.89 64.64
N MET B 1476 25.16 118.34 63.39
CA MET B 1476 26.16 119.03 62.62
C MET B 1476 25.86 120.53 62.63
N GLY B 1477 26.77 121.29 63.24
CA GLY B 1477 26.81 122.73 63.19
C GLY B 1477 28.18 123.18 62.71
N ASP B 1478 28.34 124.41 62.23
CA ASP B 1478 29.64 124.89 61.76
C ASP B 1478 30.55 125.16 62.96
N GLU B 1479 31.69 125.84 62.70
CA GLU B 1479 32.69 126.13 63.74
C GLU B 1479 32.10 126.88 64.95
N GLN B 1480 31.13 127.76 64.73
CA GLN B 1480 30.51 128.55 65.80
C GLN B 1480 29.04 128.18 65.85
N GLY B 1481 28.72 127.09 66.57
CA GLY B 1481 27.37 126.61 66.78
C GLY B 1481 26.65 126.40 65.46
N ASN B 1482 25.48 127.06 65.29
CA ASN B 1482 24.71 127.13 64.04
C ASN B 1482 24.36 125.74 63.52
N VAL B 1483 23.48 125.07 64.27
CA VAL B 1483 22.97 123.75 63.91
C VAL B 1483 22.30 123.80 62.54
N HIS B 1484 22.95 123.17 61.55
CA HIS B 1484 22.46 123.21 60.18
C HIS B 1484 21.95 121.87 59.69
N SER B 1485 22.28 120.77 60.37
CA SER B 1485 21.71 119.46 60.02
C SER B 1485 21.91 118.51 61.17
N SER B 1486 20.83 117.89 61.64
CA SER B 1486 20.92 116.95 62.74
C SER B 1486 19.96 115.80 62.47
N LEU B 1487 20.50 114.60 62.36
CA LEU B 1487 19.70 113.43 62.00
C LEU B 1487 19.56 112.48 63.18
N LYS B 1488 18.76 111.43 62.96
CA LYS B 1488 18.54 110.38 63.94
C LYS B 1488 19.07 109.05 63.42
N CYS B 1489 19.54 108.21 64.34
CA CYS B 1489 20.05 106.89 64.03
C CYS B 1489 19.59 105.92 65.11
N SER B 1490 19.09 104.76 64.70
CA SER B 1490 18.58 103.79 65.66
C SER B 1490 18.66 102.40 65.03
N ASN B 1491 18.77 101.39 65.91
CA ASN B 1491 18.87 100.01 65.46
C ASN B 1491 17.51 99.37 65.25
N CYS B 1492 16.45 100.05 65.63
CA CYS B 1492 15.12 99.48 65.63
C CYS B 1492 14.10 100.60 65.46
N TYR B 1493 12.99 100.28 64.79
CA TYR B 1493 11.93 101.26 64.56
C TYR B 1493 10.60 100.54 64.70
N MET B 1494 10.08 100.49 65.92
CA MET B 1494 8.80 99.85 66.18
C MET B 1494 7.72 100.89 66.41
N VAL B 1495 6.48 100.44 66.28
CA VAL B 1495 5.30 101.20 66.71
C VAL B 1495 4.42 100.27 67.54
N TRP B 1496 4.01 100.74 68.70
CA TRP B 1496 3.40 99.88 69.70
C TRP B 1496 1.95 99.59 69.30
N GLY B 1497 1.62 98.29 69.19
CA GLY B 1497 0.29 97.86 68.84
C GLY B 1497 -0.79 98.23 69.84
N GLY B 1498 -0.41 98.43 71.10
CA GLY B 1498 -1.34 98.86 72.13
C GLY B 1498 -1.86 100.27 71.96
N ASP B 1499 -1.28 101.06 71.06
CA ASP B 1499 -1.70 102.43 70.82
C ASP B 1499 -2.57 102.56 69.57
N PHE B 1500 -3.03 101.44 69.00
CA PHE B 1500 -3.80 101.45 67.78
C PHE B 1500 -5.21 100.93 68.00
N VAL B 1501 -5.70 101.03 69.23
CA VAL B 1501 -6.99 100.50 69.63
C VAL B 1501 -7.77 101.58 70.35
N SER B 1502 -9.09 101.42 70.36
CA SER B 1502 -9.93 102.38 71.07
C SER B 1502 -9.79 102.16 72.58
N PRO B 1503 -9.80 103.24 73.37
CA PRO B 1503 -9.66 103.09 74.83
C PRO B 1503 -10.97 102.73 75.51
N GLY B 1504 -11.29 101.44 75.49
CA GLY B 1504 -12.48 100.96 76.15
C GLY B 1504 -12.21 100.46 77.56
N GLN B 1505 -13.29 100.42 78.36
CA GLN B 1505 -13.23 99.86 79.71
C GLN B 1505 -12.80 98.40 79.67
N GLN B 1506 -13.39 97.63 78.76
CA GLN B 1506 -13.08 96.22 78.59
C GLN B 1506 -13.28 95.89 77.12
N GLY B 1507 -13.12 94.61 76.78
CA GLY B 1507 -13.24 94.21 75.40
C GLY B 1507 -12.00 94.51 74.61
N ARG B 1508 -10.83 94.52 75.27
CA ARG B 1508 -9.55 94.61 74.60
C ARG B 1508 -9.23 93.34 73.83
N ILE B 1509 -9.93 92.24 74.09
CA ILE B 1509 -9.80 91.00 73.33
C ILE B 1509 -10.87 91.08 72.24
N SER B 1510 -10.50 91.73 71.13
CA SER B 1510 -11.46 92.05 70.09
C SER B 1510 -11.86 90.80 69.30
N HIS B 1511 -12.86 90.98 68.43
CA HIS B 1511 -13.32 89.94 67.53
C HIS B 1511 -12.77 90.11 66.12
N THR B 1512 -11.82 91.02 65.92
CA THR B 1512 -11.19 91.24 64.62
C THR B 1512 -9.68 91.28 64.81
N ASP B 1513 -8.96 90.63 63.90
CA ASP B 1513 -7.50 90.69 63.93
C ASP B 1513 -7.02 92.08 63.56
N LEU B 1514 -6.14 92.64 64.41
CA LEU B 1514 -5.60 93.97 64.18
C LEU B 1514 -4.77 94.01 62.90
N VAL B 1515 -5.00 95.04 62.08
CA VAL B 1515 -4.35 95.18 60.78
C VAL B 1515 -3.33 96.31 60.81
N ILE B 1516 -2.08 96.00 61.09
CA ILE B 1516 -1.03 97.02 61.14
C ILE B 1516 -0.26 96.96 59.84
N GLY B 1517 -0.22 98.07 59.11
CA GLY B 1517 0.53 98.05 57.86
C GLY B 1517 1.60 99.10 57.76
N CYS B 1518 2.81 98.70 57.42
CA CYS B 1518 3.90 99.65 57.26
C CYS B 1518 4.13 99.97 55.79
N LEU B 1519 4.42 101.25 55.54
CA LEU B 1519 4.80 101.74 54.23
C LEU B 1519 6.21 102.29 54.28
N VAL B 1520 7.00 102.03 53.24
CA VAL B 1520 8.38 102.48 53.14
C VAL B 1520 8.62 103.04 51.75
N ASP B 1521 9.33 104.14 51.67
CA ASP B 1521 9.85 104.63 50.41
C ASP B 1521 11.36 104.52 50.50
N LEU B 1522 11.97 103.88 49.51
CA LEU B 1522 13.41 103.76 49.46
C LEU B 1522 14.08 104.88 48.68
N ALA B 1523 13.30 105.76 48.04
CA ALA B 1523 13.85 106.91 47.34
C ALA B 1523 13.92 108.16 48.20
N THR B 1524 13.43 108.10 49.44
CA THR B 1524 13.47 109.24 50.36
C THR B 1524 13.97 108.90 51.74
N GLY B 1525 13.90 107.66 52.19
CA GLY B 1525 14.25 107.32 53.55
C GLY B 1525 13.14 107.51 54.55
N LEU B 1526 11.98 108.02 54.11
CA LEU B 1526 10.85 108.33 54.97
C LEU B 1526 9.87 107.16 54.91
N MET B 1527 9.49 106.66 56.08
CA MET B 1527 8.54 105.55 56.17
C MET B 1527 7.45 105.87 57.18
N THR B 1528 6.26 105.34 56.91
CA THR B 1528 5.13 105.57 57.81
C THR B 1528 4.42 104.27 58.18
N PHE B 1529 3.28 104.41 58.85
CA PHE B 1529 2.53 103.29 59.40
C PHE B 1529 1.04 103.58 59.31
N THR B 1530 0.25 102.51 59.25
CA THR B 1530 -1.20 102.58 59.26
C THR B 1530 -1.71 101.67 60.38
N ALA B 1531 -2.40 102.29 61.34
CA ALA B 1531 -2.87 101.57 62.53
C ALA B 1531 -3.98 100.59 62.18
N ASN B 1532 -5.00 101.05 61.44
CA ASN B 1532 -6.08 100.19 60.96
C ASN B 1532 -6.44 100.58 59.54
N GLY B 1533 -5.42 100.83 58.71
CA GLY B 1533 -5.62 101.45 57.42
C GLY B 1533 -5.67 102.97 57.46
N LYS B 1534 -5.69 103.55 58.65
CA LYS B 1534 -5.60 105.00 58.85
C LYS B 1534 -4.20 105.33 59.30
N GLU B 1535 -3.66 106.43 58.77
CA GLU B 1535 -2.27 106.78 59.04
C GLU B 1535 -2.08 107.17 60.51
N SER B 1536 -0.86 106.98 60.98
CA SER B 1536 -0.44 107.39 62.31
C SER B 1536 0.52 108.57 62.22
N ASN B 1537 0.45 109.45 63.22
CA ASN B 1537 1.30 110.64 63.29
C ASN B 1537 2.79 110.30 63.28
N THR B 1538 3.15 109.11 63.76
CA THR B 1538 4.53 108.66 63.76
C THR B 1538 5.00 108.34 62.35
N PHE B 1539 6.31 108.38 62.18
CA PHE B 1539 7.02 108.28 60.90
C PHE B 1539 8.50 108.22 61.25
N PHE B 1540 9.32 107.85 60.26
CA PHE B 1540 10.75 107.79 60.49
C PHE B 1540 11.50 108.08 59.20
N GLN B 1541 12.65 108.73 59.34
CA GLN B 1541 13.51 109.07 58.20
C GLN B 1541 14.93 108.64 58.54
N VAL B 1542 15.59 107.94 57.61
CA VAL B 1542 16.98 107.53 57.81
C VAL B 1542 17.81 107.82 56.57
N GLU B 1543 19.13 107.74 56.75
CA GLU B 1543 20.11 107.98 55.71
C GLU B 1543 20.08 106.87 54.66
N PRO B 1544 20.46 107.17 53.41
CA PRO B 1544 20.36 106.16 52.34
C PRO B 1544 21.35 105.02 52.52
N ASN B 1545 21.20 104.03 51.63
CA ASN B 1545 21.99 102.79 51.61
C ASN B 1545 21.90 102.03 52.92
N THR B 1546 20.74 102.09 53.56
CA THR B 1546 20.49 101.40 54.80
C THR B 1546 19.60 100.19 54.51
N LYS B 1547 19.87 99.10 55.22
CA LYS B 1547 19.15 97.85 55.05
C LYS B 1547 18.22 97.69 56.24
N LEU B 1548 16.95 97.39 55.94
CA LEU B 1548 15.93 97.21 56.96
C LEU B 1548 15.24 95.87 56.75
N PHE B 1549 15.13 95.10 57.84
CA PHE B 1549 14.43 93.84 57.89
C PHE B 1549 13.05 94.05 58.52
N PRO B 1550 11.98 93.54 57.91
CA PRO B 1550 10.65 93.55 58.56
C PRO B 1550 10.67 92.76 59.86
N ALA B 1551 10.28 93.39 60.95
CA ALA B 1551 10.39 92.71 62.24
C ALA B 1551 9.14 92.95 63.07
N VAL B 1552 8.85 91.96 63.93
CA VAL B 1552 7.76 92.05 64.90
C VAL B 1552 8.26 91.47 66.22
N PHE B 1553 8.06 92.21 67.30
CA PHE B 1553 8.41 91.77 68.64
C PHE B 1553 7.12 91.51 69.38
N VAL B 1554 6.92 90.28 69.87
CA VAL B 1554 5.63 89.90 70.43
C VAL B 1554 5.85 89.10 71.71
N LEU B 1555 5.00 89.33 72.69
CA LEU B 1555 4.84 88.41 73.81
C LEU B 1555 3.55 87.66 73.60
N PRO B 1556 3.59 86.34 73.33
CA PRO B 1556 2.37 85.60 73.00
C PRO B 1556 1.37 85.57 74.15
N THR B 1557 0.08 85.64 73.81
CA THR B 1557 -0.99 85.53 74.80
C THR B 1557 -2.16 84.67 74.31
N HIS B 1558 -1.93 83.75 73.38
CA HIS B 1558 -3.01 83.05 72.71
C HIS B 1558 -2.41 81.88 71.93
N GLN B 1559 -3.28 80.98 71.47
CA GLN B 1559 -2.84 79.96 70.50
C GLN B 1559 -2.44 80.58 69.18
N ASN B 1560 -3.18 81.59 68.74
CA ASN B 1560 -2.92 82.29 67.48
C ASN B 1560 -2.24 83.62 67.80
N VAL B 1561 -1.19 83.95 67.07
CA VAL B 1561 -0.43 85.14 67.45
C VAL B 1561 -0.38 86.20 66.34
N ILE B 1562 0.30 85.90 65.22
CA ILE B 1562 0.54 86.92 64.19
C ILE B 1562 0.49 86.30 62.81
N GLN B 1563 0.38 87.17 61.81
CA GLN B 1563 0.39 86.76 60.42
C GLN B 1563 0.89 87.89 59.53
N PHE B 1564 1.89 87.60 58.71
CA PHE B 1564 2.45 88.52 57.73
C PHE B 1564 1.81 88.26 56.37
N GLU B 1565 1.34 89.32 55.72
CA GLU B 1565 0.74 89.19 54.41
C GLU B 1565 1.64 89.90 53.41
N LEU B 1566 1.94 89.23 52.29
CA LEU B 1566 2.79 89.83 51.27
C LEU B 1566 1.98 90.66 50.27
N GLY B 1567 1.20 91.59 50.81
CA GLY B 1567 0.24 92.34 50.03
C GLY B 1567 0.78 93.61 49.43
N LYS B 1568 -0.16 94.46 49.02
CA LYS B 1568 0.12 95.72 48.37
C LYS B 1568 -1.12 96.59 48.51
N GLN B 1569 -0.96 97.87 48.23
CA GLN B 1569 -2.06 98.81 48.18
C GLN B 1569 -2.10 99.42 46.79
N LYS B 1570 -3.02 100.38 46.60
CA LYS B 1570 -3.19 100.97 45.28
C LYS B 1570 -1.97 101.80 44.90
N ASN B 1571 -1.37 101.45 43.75
CA ASN B 1571 -0.17 102.07 43.20
C ASN B 1571 1.01 102.01 44.18
N ILE B 1572 1.05 100.96 45.00
CA ILE B 1572 2.16 100.71 45.93
C ILE B 1572 2.66 99.31 45.64
N MET B 1573 3.98 99.16 45.58
CA MET B 1573 4.61 98.02 44.94
C MET B 1573 4.77 96.88 45.95
N PRO B 1574 4.57 95.62 45.56
CA PRO B 1574 4.71 94.50 46.51
C PRO B 1574 6.14 94.28 47.00
N LEU B 1575 6.23 93.51 48.09
CA LEU B 1575 7.47 93.33 48.83
C LEU B 1575 8.55 92.68 47.99
N SER B 1576 8.22 91.56 47.33
CA SER B 1576 9.23 90.77 46.62
C SER B 1576 9.92 91.56 45.51
N ALA B 1577 9.27 92.62 45.01
CA ALA B 1577 9.96 93.54 44.10
C ALA B 1577 11.09 94.23 44.82
N ALA B 1578 10.86 94.61 46.09
CA ALA B 1578 11.89 95.31 46.85
C ALA B 1578 13.05 94.37 47.13
N MET B 1579 12.75 93.14 47.58
CA MET B 1579 13.85 92.27 48.00
C MET B 1579 14.62 91.72 46.79
N PHE B 1580 13.93 91.27 45.76
CA PHE B 1580 14.56 90.55 44.66
C PHE B 1580 14.78 91.47 43.47
N LEU B 1581 16.05 91.61 43.05
CA LEU B 1581 16.39 92.55 41.99
C LEU B 1581 15.91 92.08 40.63
N SER B 1582 15.70 90.78 40.44
CA SER B 1582 15.14 90.29 39.21
C SER B 1582 13.63 90.51 39.12
N GLU B 1583 13.00 90.90 40.22
CA GLU B 1583 11.55 90.96 40.32
C GLU B 1583 11.00 92.37 40.50
N ARG B 1584 11.77 93.41 40.14
CA ARG B 1584 11.32 94.80 40.31
C ARG B 1584 10.05 95.11 39.52
N LYS B 1585 9.85 94.43 38.40
CA LYS B 1585 8.74 94.72 37.49
C LYS B 1585 7.67 93.64 37.56
N ASN B 1586 7.41 93.13 38.77
CA ASN B 1586 6.44 92.06 38.98
C ASN B 1586 5.44 92.51 40.05
N PRO B 1587 4.40 93.24 39.66
CA PRO B 1587 3.36 93.65 40.63
C PRO B 1587 2.60 92.50 41.26
N ALA B 1588 2.64 91.31 40.68
CA ALA B 1588 2.01 90.15 41.28
C ALA B 1588 2.89 89.64 42.43
N PRO B 1589 2.36 89.52 43.65
CA PRO B 1589 3.19 89.04 44.76
C PRO B 1589 3.54 87.57 44.60
N GLN B 1590 4.60 87.16 45.28
CA GLN B 1590 5.07 85.77 45.27
C GLN B 1590 5.97 85.57 46.49
N CYS B 1591 6.09 84.31 46.92
CA CYS B 1591 6.81 83.94 48.13
C CYS B 1591 7.89 82.91 47.83
N PRO B 1592 9.07 83.34 47.42
CA PRO B 1592 10.18 82.41 47.13
C PRO B 1592 10.69 81.74 48.40
N PRO B 1593 11.37 80.59 48.26
CA PRO B 1593 11.87 79.88 49.46
C PRO B 1593 12.81 80.66 50.35
N ARG B 1594 13.64 81.55 49.77
CA ARG B 1594 14.60 82.30 50.59
C ARG B 1594 13.90 83.20 51.60
N LEU B 1595 12.65 83.57 51.35
CA LEU B 1595 11.88 84.25 52.37
C LEU B 1595 11.55 83.24 53.45
N GLU B 1596 11.86 83.59 54.70
CA GLU B 1596 11.59 82.79 55.87
C GLU B 1596 11.79 83.69 57.08
N VAL B 1597 11.52 83.15 58.26
CA VAL B 1597 11.46 83.97 59.47
C VAL B 1597 12.56 83.56 60.43
N GLN B 1598 13.21 84.55 61.01
CA GLN B 1598 14.30 84.32 61.93
C GLN B 1598 13.85 84.74 63.32
N MET B 1599 14.39 84.06 64.32
CA MET B 1599 14.16 84.39 65.71
C MET B 1599 15.47 84.81 66.35
N LEU B 1600 15.35 85.62 67.40
CA LEU B 1600 16.53 86.18 68.05
C LEU B 1600 17.05 85.12 69.01
N MET B 1601 17.92 84.27 68.48
CA MET B 1601 18.65 83.31 69.27
C MET B 1601 19.57 84.06 70.24
N PRO B 1602 19.50 83.75 71.53
CA PRO B 1602 20.30 84.51 72.50
C PRO B 1602 21.77 84.19 72.54
N VAL B 1603 22.14 82.91 72.45
CA VAL B 1603 23.51 82.46 72.61
C VAL B 1603 23.87 81.62 71.39
N SER B 1604 25.08 81.81 70.88
CA SER B 1604 25.58 81.04 69.75
C SER B 1604 27.05 80.71 70.02
N TRP B 1605 27.51 79.65 69.38
CA TRP B 1605 28.91 79.26 69.54
C TRP B 1605 29.83 80.24 68.82
N SER B 1606 31.10 80.26 69.25
CA SER B 1606 32.10 81.08 68.57
C SER B 1606 33.47 80.51 68.90
N ARG B 1607 34.47 80.97 68.17
CA ARG B 1607 35.79 80.35 68.16
C ARG B 1607 36.86 81.30 68.69
N MET B 1608 37.71 80.80 69.60
CA MET B 1608 38.86 81.60 70.03
C MET B 1608 39.93 81.59 68.95
N PRO B 1609 40.37 82.74 68.46
CA PRO B 1609 41.55 82.77 67.60
C PRO B 1609 42.77 82.25 68.34
N ASN B 1610 43.65 81.56 67.62
CA ASN B 1610 44.85 81.00 68.24
C ASN B 1610 45.86 82.06 68.69
N HIS B 1611 45.70 83.32 68.28
CA HIS B 1611 46.57 84.39 68.72
C HIS B 1611 45.74 85.61 69.09
N PHE B 1612 46.29 86.44 69.98
CA PHE B 1612 45.61 87.65 70.41
C PHE B 1612 46.62 88.79 70.44
N LEU B 1613 46.10 90.01 70.40
CA LEU B 1613 46.94 91.21 70.40
C LEU B 1613 47.67 91.38 71.72
N GLN B 1614 48.94 91.75 71.63
CA GLN B 1614 49.81 91.94 72.79
C GLN B 1614 49.80 93.42 73.15
N VAL B 1615 49.15 93.76 74.27
CA VAL B 1615 48.92 95.13 74.69
C VAL B 1615 49.57 95.31 76.05
N GLU B 1616 50.34 96.39 76.22
CA GLU B 1616 50.99 96.67 77.49
C GLU B 1616 50.63 98.06 77.98
N THR B 1617 50.05 98.14 79.18
CA THR B 1617 49.73 99.41 79.84
C THR B 1617 50.61 99.58 81.06
N ARG B 1618 51.28 100.72 81.15
CA ARG B 1618 52.15 101.01 82.28
C ARG B 1618 52.15 102.51 82.55
N ARG B 1619 52.59 102.90 83.74
CA ARG B 1619 52.62 104.30 84.12
C ARG B 1619 54.05 104.82 84.04
N ALA B 1620 54.35 105.55 82.96
CA ALA B 1620 55.67 106.15 82.81
C ALA B 1620 55.91 107.28 83.81
N GLY B 1621 54.91 108.13 84.01
CA GLY B 1621 55.05 109.23 84.94
C GLY B 1621 53.70 109.79 85.33
N GLU B 1622 53.69 110.48 86.47
CA GLU B 1622 52.45 111.07 86.99
C GLU B 1622 51.92 112.14 86.04
N ARG B 1623 52.80 113.00 85.54
CA ARG B 1623 52.41 114.00 84.54
C ARG B 1623 52.06 113.35 83.21
N LEU B 1624 52.72 112.24 82.87
CA LEU B 1624 52.48 111.55 81.62
C LEU B 1624 51.26 110.64 81.68
N GLY B 1625 50.71 110.41 82.87
CA GLY B 1625 49.57 109.51 82.99
C GLY B 1625 49.96 108.08 82.66
N TRP B 1626 49.06 107.40 81.97
CA TRP B 1626 49.26 105.99 81.64
C TRP B 1626 49.55 105.82 80.15
N ALA B 1627 50.59 105.05 79.83
CA ALA B 1627 51.00 104.83 78.45
C ALA B 1627 50.72 103.38 78.06
N VAL B 1628 50.22 103.21 76.83
CA VAL B 1628 49.85 101.92 76.27
C VAL B 1628 50.67 101.74 75.01
N GLN B 1629 51.17 100.52 74.82
CA GLN B 1629 52.05 100.15 73.72
C GLN B 1629 51.62 98.83 73.11
N CYS B 1630 51.67 98.76 71.77
CA CYS B 1630 51.33 97.54 71.05
C CYS B 1630 51.88 97.64 69.64
N GLN B 1631 52.64 96.63 69.22
CA GLN B 1631 53.26 96.73 67.90
C GLN B 1631 52.99 95.54 66.99
N ASP B 1632 52.93 94.33 67.54
CA ASP B 1632 52.82 93.10 66.76
C ASP B 1632 51.51 93.07 65.99
N PRO B 1633 51.52 92.96 64.67
CA PRO B 1633 50.26 92.91 63.93
C PRO B 1633 49.73 91.50 63.73
N LEU B 1634 48.41 91.39 63.85
CA LEU B 1634 47.69 90.16 63.57
C LEU B 1634 46.57 90.47 62.59
N THR B 1635 46.48 89.68 61.52
CA THR B 1635 45.46 89.86 60.51
C THR B 1635 44.71 88.54 60.34
N MET B 1636 43.44 88.63 60.00
CA MET B 1636 42.61 87.43 59.93
C MET B 1636 41.61 87.56 58.79
N MET B 1637 41.31 86.39 58.20
CA MET B 1637 40.38 86.31 57.09
C MET B 1637 38.97 86.70 57.50
N ALA B 1638 38.34 87.53 56.69
CA ALA B 1638 37.02 88.06 56.99
C ALA B 1638 36.08 87.60 55.90
N LEU B 1639 35.16 86.71 56.25
CA LEU B 1639 34.13 86.24 55.33
C LEU B 1639 32.87 87.04 55.65
N HIS B 1640 32.56 88.01 54.81
CA HIS B 1640 31.44 88.90 55.07
C HIS B 1640 30.21 88.45 54.30
N ILE B 1641 29.15 88.13 55.04
CA ILE B 1641 27.87 87.82 54.41
C ILE B 1641 27.24 89.13 53.94
N PRO B 1642 26.82 89.23 52.68
CA PRO B 1642 26.28 90.51 52.19
C PRO B 1642 24.96 90.94 52.85
N GLU B 1643 23.95 90.07 52.78
CA GLU B 1643 22.60 90.45 53.17
C GLU B 1643 22.50 90.76 54.67
N GLU B 1644 23.13 89.95 55.51
CA GLU B 1644 23.14 90.19 56.94
C GLU B 1644 24.32 91.04 57.40
N ASN B 1645 25.19 91.47 56.48
CA ASN B 1645 26.24 92.47 56.67
C ASN B 1645 27.27 92.10 57.74
N ARG B 1646 27.22 90.88 58.28
CA ARG B 1646 28.11 90.43 59.33
C ARG B 1646 29.19 89.51 58.80
N CYS B 1647 30.44 89.84 59.12
CA CYS B 1647 31.56 89.01 58.73
C CYS B 1647 31.86 88.00 59.83
N MET B 1648 32.48 86.89 59.43
CA MET B 1648 32.83 85.82 60.34
C MET B 1648 34.18 85.27 59.93
N ASP B 1649 34.86 84.66 60.90
CA ASP B 1649 36.16 84.06 60.67
C ASP B 1649 35.99 82.88 59.72
N ILE B 1650 36.86 82.80 58.71
CA ILE B 1650 36.81 81.68 57.76
C ILE B 1650 37.17 80.37 58.46
N LEU B 1651 37.94 80.41 59.55
CA LEU B 1651 38.29 79.19 60.26
C LEU B 1651 37.08 78.53 60.93
N GLU B 1652 36.01 79.28 61.14
CA GLU B 1652 34.77 78.72 61.65
C GLU B 1652 34.09 77.80 60.63
N LEU B 1653 34.43 77.94 59.35
CA LEU B 1653 33.86 77.07 58.31
C LEU B 1653 34.24 75.61 58.49
N SER B 1654 35.31 75.32 59.26
CA SER B 1654 35.62 73.96 59.68
C SER B 1654 34.54 73.36 60.57
N GLU B 1655 33.64 74.19 61.09
CA GLU B 1655 32.50 73.82 61.90
C GLU B 1655 31.19 74.07 61.17
N ARG B 1656 31.07 75.18 60.46
CA ARG B 1656 29.88 75.52 59.69
C ARG B 1656 29.95 74.83 58.33
N LEU B 1657 29.68 73.52 58.34
CA LEU B 1657 29.80 72.69 57.13
C LEU B 1657 28.82 73.13 56.04
N ASP B 1658 27.58 73.43 56.43
CA ASP B 1658 26.53 73.82 55.48
C ASP B 1658 26.90 75.03 54.61
N LEU B 1659 27.66 75.96 55.15
CA LEU B 1659 28.24 77.02 54.33
C LEU B 1659 29.55 76.60 53.70
N GLN B 1660 30.26 75.66 54.33
CA GLN B 1660 31.58 75.25 53.85
C GLN B 1660 31.48 74.64 52.46
N ARG B 1661 30.47 73.78 52.25
CA ARG B 1661 30.24 73.18 50.94
C ARG B 1661 29.97 74.25 49.90
N PHE B 1662 29.08 75.20 50.24
CA PHE B 1662 28.67 76.25 49.32
C PHE B 1662 29.86 77.11 48.89
N HIS B 1663 30.66 77.57 49.85
CA HIS B 1663 31.83 78.39 49.53
C HIS B 1663 32.90 77.59 48.78
N SER B 1664 33.09 76.31 49.14
CA SER B 1664 34.00 75.46 48.38
C SER B 1664 33.53 75.32 46.93
N HIS B 1665 32.22 75.21 46.72
CA HIS B 1665 31.67 75.26 45.38
C HIS B 1665 31.90 76.63 44.73
N THR B 1666 31.85 77.70 45.53
CA THR B 1666 32.02 79.05 45.00
C THR B 1666 33.40 79.19 44.37
N LEU B 1667 34.42 78.66 45.06
CA LEU B 1667 35.77 78.71 44.51
C LEU B 1667 35.84 77.91 43.21
N ARG B 1668 35.10 76.80 43.16
CA ARG B 1668 35.05 75.97 41.96
C ARG B 1668 34.48 76.76 40.80
N LEU B 1669 33.41 77.50 41.06
CA LEU B 1669 32.82 78.38 40.05
C LEU B 1669 33.78 79.44 39.58
N TYR B 1670 34.59 79.99 40.50
CA TYR B 1670 35.64 80.93 40.11
C TYR B 1670 36.65 80.29 39.17
N ARG B 1671 37.06 79.05 39.47
CA ARG B 1671 37.93 78.31 38.57
C ARG B 1671 37.25 78.05 37.25
N ALA B 1672 35.96 77.74 37.28
CA ALA B 1672 35.23 77.38 36.06
C ALA B 1672 35.12 78.57 35.13
N VAL B 1673 34.78 79.75 35.67
CA VAL B 1673 34.65 80.93 34.82
C VAL B 1673 35.99 81.36 34.28
N CYS B 1674 37.07 81.21 35.06
CA CYS B 1674 38.38 81.58 34.54
C CYS B 1674 39.11 80.42 33.84
N ALA B 1675 38.46 79.26 33.70
CA ALA B 1675 39.06 78.08 33.12
C ALA B 1675 39.37 78.26 31.64
N LEU B 1676 40.46 77.61 31.21
CA LEU B 1676 40.90 77.53 29.80
C LEU B 1676 41.29 78.90 29.26
N GLY B 1677 42.09 79.61 30.04
CA GLY B 1677 42.80 80.79 29.58
C GLY B 1677 41.97 81.99 29.23
N ASN B 1678 40.76 82.12 29.77
CA ASN B 1678 39.93 83.30 29.58
C ASN B 1678 40.50 84.47 30.38
N ASN B 1679 41.69 84.95 30.00
CA ASN B 1679 42.47 85.89 30.81
C ASN B 1679 41.73 87.20 31.06
N ARG B 1680 40.85 87.60 30.13
CA ARG B 1680 40.01 88.78 30.33
C ARG B 1680 39.15 88.62 31.58
N VAL B 1681 38.59 87.42 31.78
CA VAL B 1681 37.88 87.14 33.01
C VAL B 1681 38.86 87.04 34.17
N ALA B 1682 40.01 86.37 33.93
CA ALA B 1682 40.97 86.10 35.01
C ALA B 1682 41.44 87.37 35.69
N HIS B 1683 41.58 88.47 34.92
CA HIS B 1683 41.89 89.75 35.54
C HIS B 1683 40.72 90.23 36.41
N ALA B 1684 39.49 90.06 35.90
CA ALA B 1684 38.29 90.51 36.61
C ALA B 1684 38.11 89.81 37.95
N LEU B 1685 38.61 88.58 38.06
CA LEU B 1685 38.56 87.85 39.33
C LEU B 1685 39.40 88.52 40.40
N CYS B 1686 40.52 89.14 40.01
CA CYS B 1686 41.48 89.72 40.95
C CYS B 1686 40.89 90.82 41.83
N SER B 1687 39.76 91.42 41.43
CA SER B 1687 39.03 92.28 42.35
C SER B 1687 38.46 91.48 43.51
N HIS B 1688 37.73 90.40 43.20
CA HIS B 1688 37.02 89.66 44.23
C HIS B 1688 37.96 88.86 45.11
N VAL B 1689 39.06 88.38 44.57
CA VAL B 1689 40.09 87.73 45.39
C VAL B 1689 41.43 88.43 45.14
N ASP B 1690 42.08 88.84 46.21
CA ASP B 1690 43.27 89.67 46.12
C ASP B 1690 44.52 88.88 46.44
N GLN B 1691 45.63 89.35 45.85
CA GLN B 1691 46.94 88.68 45.94
C GLN B 1691 47.33 88.44 47.39
N ALA B 1692 47.08 89.44 48.25
CA ALA B 1692 47.35 89.30 49.67
C ALA B 1692 46.52 88.17 50.27
N GLN B 1693 45.24 88.11 49.90
CA GLN B 1693 44.34 87.08 50.40
C GLN B 1693 44.83 85.69 50.02
N LEU B 1694 45.25 85.52 48.77
CA LEU B 1694 45.77 84.22 48.32
C LEU B 1694 47.05 83.84 49.07
N LEU B 1695 48.03 84.77 49.12
CA LEU B 1695 49.31 84.49 49.77
C LEU B 1695 49.11 84.21 51.25
N HIS B 1696 48.21 84.95 51.91
CA HIS B 1696 47.89 84.68 53.30
C HIS B 1696 47.28 83.30 53.44
N ALA B 1697 46.32 82.96 52.56
CA ALA B 1697 45.61 81.70 52.66
C ALA B 1697 46.49 80.50 52.40
N LEU B 1698 47.68 80.71 51.82
CA LEU B 1698 48.56 79.59 51.54
C LEU B 1698 49.04 78.92 52.83
N GLU B 1699 49.42 79.72 53.82
CA GLU B 1699 50.07 79.21 55.02
C GLU B 1699 49.11 78.94 56.17
N ASP B 1700 47.82 79.20 56.00
CA ASP B 1700 46.84 79.08 57.08
C ASP B 1700 46.68 77.59 57.40
N ALA B 1701 47.40 77.13 58.43
CA ALA B 1701 47.37 75.72 58.81
C ALA B 1701 45.99 75.26 59.25
N HIS B 1702 45.29 76.09 60.03
CA HIS B 1702 44.00 75.68 60.56
C HIS B 1702 42.87 75.70 59.53
N LEU B 1703 43.15 76.09 58.29
CA LEU B 1703 42.12 76.24 57.27
C LEU B 1703 41.56 74.87 56.90
N PRO B 1704 40.25 74.78 56.62
CA PRO B 1704 39.67 73.50 56.22
C PRO B 1704 40.26 72.96 54.93
N GLY B 1705 40.34 71.62 54.87
CA GLY B 1705 40.89 70.87 53.75
C GLY B 1705 40.40 71.25 52.36
N PRO B 1706 39.09 71.06 52.11
CA PRO B 1706 38.54 71.38 50.77
C PRO B 1706 38.78 72.82 50.37
N LEU B 1707 38.70 73.76 51.32
CA LEU B 1707 38.91 75.15 50.96
C LEU B 1707 40.38 75.43 50.73
N ARG B 1708 41.25 74.68 51.39
CA ARG B 1708 42.69 74.83 51.19
C ARG B 1708 43.07 74.42 49.78
N ALA B 1709 42.59 73.25 49.36
CA ALA B 1709 42.84 72.79 48.00
C ALA B 1709 42.16 73.68 46.97
N GLY B 1710 40.94 74.13 47.29
CA GLY B 1710 40.22 75.00 46.39
C GLY B 1710 40.95 76.31 46.16
N TYR B 1711 41.49 76.90 47.24
CA TYR B 1711 42.17 78.17 47.12
C TYR B 1711 43.48 78.04 46.37
N TYR B 1712 44.23 76.96 46.62
CA TYR B 1712 45.47 76.75 45.88
C TYR B 1712 45.20 76.60 44.39
N ASP B 1713 44.21 75.77 44.04
CA ASP B 1713 43.83 75.59 42.64
C ASP B 1713 43.33 76.90 42.04
N LEU B 1714 42.56 77.68 42.81
CA LEU B 1714 42.09 78.98 42.36
C LEU B 1714 43.25 79.91 42.04
N LEU B 1715 44.32 79.87 42.86
CA LEU B 1715 45.52 80.64 42.59
C LEU B 1715 46.11 80.22 41.24
N ILE B 1716 46.26 78.90 41.06
CA ILE B 1716 46.91 78.37 39.87
C ILE B 1716 46.12 78.78 38.63
N SER B 1717 44.79 78.65 38.71
CA SER B 1717 43.92 78.98 37.60
C SER B 1717 44.00 80.46 37.26
N ILE B 1718 43.98 81.32 38.28
CA ILE B 1718 43.96 82.76 38.00
C ILE B 1718 45.29 83.22 37.40
N HIS B 1719 46.39 82.62 37.82
CA HIS B 1719 47.68 83.17 37.43
C HIS B 1719 48.56 82.26 36.56
N LEU B 1720 48.43 80.95 36.68
CA LEU B 1720 49.49 80.07 36.18
C LEU B 1720 49.11 79.15 35.02
N GLU B 1721 47.82 78.82 34.85
CA GLU B 1721 47.43 77.83 33.84
C GLU B 1721 47.75 78.25 32.41
N SER B 1722 47.45 79.50 32.03
CA SER B 1722 47.56 79.89 30.63
C SER B 1722 48.99 79.79 30.11
N ALA B 1723 49.92 80.28 30.92
CA ALA B 1723 51.34 80.18 30.60
C ALA B 1723 51.85 78.77 30.81
N CYS B 1724 51.26 78.04 31.77
CA CYS B 1724 51.65 76.66 32.00
C CYS B 1724 51.29 75.81 30.80
N ARG B 1725 50.04 75.90 30.36
CA ARG B 1725 49.53 75.05 29.29
C ARG B 1725 50.25 75.36 27.99
N SER B 1726 50.46 76.65 27.69
CA SER B 1726 51.21 77.03 26.50
C SER B 1726 52.65 76.52 26.55
N ARG B 1727 53.33 76.68 27.69
CA ARG B 1727 54.68 76.14 27.83
C ARG B 1727 54.67 74.62 27.71
N ARG B 1728 53.62 73.99 28.26
CA ARG B 1728 53.49 72.54 28.29
C ARG B 1728 53.45 72.02 26.87
N SER B 1729 52.66 72.67 26.01
CA SER B 1729 52.59 72.27 24.62
C SER B 1729 53.95 72.49 23.95
N MET B 1730 54.60 73.62 24.24
CA MET B 1730 55.91 73.88 23.65
C MET B 1730 57.01 72.95 24.16
N LEU B 1731 56.76 72.19 25.23
CA LEU B 1731 57.74 71.21 25.70
C LEU B 1731 57.93 70.05 24.74
N SER B 1732 56.96 69.78 23.87
CA SER B 1732 57.08 68.64 22.97
C SER B 1732 58.00 68.91 21.80
N GLU B 1733 58.29 70.18 21.52
CA GLU B 1733 59.20 70.54 20.44
C GLU B 1733 60.59 70.78 20.99
N TYR B 1734 61.58 70.65 20.12
CA TYR B 1734 62.99 70.88 20.50
C TYR B 1734 63.67 71.59 19.34
N ILE B 1735 63.64 72.92 19.37
CA ILE B 1735 64.33 73.74 18.39
C ILE B 1735 65.62 74.21 19.05
N VAL B 1736 66.74 74.00 18.39
CA VAL B 1736 68.02 74.33 18.99
C VAL B 1736 68.79 75.35 18.15
N PRO B 1737 69.41 76.36 18.77
CA PRO B 1737 70.24 77.31 18.03
C PRO B 1737 71.69 76.89 17.94
N LEU B 1738 72.36 77.38 16.89
CA LEU B 1738 73.77 77.10 16.65
C LEU B 1738 74.59 78.16 17.40
N THR B 1739 74.67 78.00 18.71
CA THR B 1739 75.29 78.96 19.61
C THR B 1739 76.31 78.27 20.51
N PRO B 1740 77.34 78.99 20.99
CA PRO B 1740 78.33 78.37 21.88
C PRO B 1740 77.75 77.79 23.16
N GLU B 1741 76.69 78.38 23.70
CA GLU B 1741 76.04 77.77 24.87
C GLU B 1741 75.43 76.42 24.51
N THR B 1742 74.93 76.26 23.28
CA THR B 1742 74.54 74.94 22.82
C THR B 1742 75.76 74.03 22.72
N ARG B 1743 76.90 74.58 22.27
CA ARG B 1743 78.10 73.77 22.06
CA ARG B 1743 78.08 73.75 22.06
C ARG B 1743 78.61 73.18 23.38
N ALA B 1744 78.54 73.97 24.45
CA ALA B 1744 79.05 73.54 25.76
C ALA B 1744 78.26 72.37 26.35
N ILE B 1745 77.07 72.09 25.84
CA ILE B 1745 76.22 71.02 26.38
C ILE B 1745 76.88 69.66 26.11
N THR B 1746 76.96 68.84 27.15
CA THR B 1746 77.57 67.51 27.06
C THR B 1746 76.65 66.51 27.73
N LEU B 1747 76.69 65.27 27.24
CA LEU B 1747 75.87 64.19 27.78
C LEU B 1747 76.17 63.93 29.25
N PHE B 1748 77.45 63.86 29.59
CA PHE B 1748 77.83 63.65 30.97
C PHE B 1748 78.62 64.85 31.47
N PRO B 1749 78.37 65.28 32.71
CA PRO B 1749 79.22 66.29 33.31
C PRO B 1749 80.64 65.77 33.44
N PRO B 1750 81.65 66.66 33.34
CA PRO B 1750 83.04 66.22 33.46
C PRO B 1750 83.33 65.56 34.80
N GLY B 1751 84.12 64.49 34.75
CA GLY B 1751 84.37 63.74 35.96
C GLY B 1751 85.39 62.65 35.71
N ARG B 1752 85.55 61.79 36.72
CA ARG B 1752 86.53 60.72 36.70
C ARG B 1752 85.98 59.41 37.26
N LYS B 1753 84.66 59.24 37.27
CA LYS B 1753 84.05 58.02 37.83
C LYS B 1753 84.37 56.80 36.96
N GLY B 1754 83.95 56.82 35.70
CA GLY B 1754 84.14 55.68 34.84
C GLY B 1754 84.34 56.11 33.39
N GLY B 1755 85.00 55.23 32.64
CA GLY B 1755 85.31 55.53 31.25
C GLY B 1755 84.08 55.68 30.38
N ASN B 1756 83.15 54.72 30.48
CA ASN B 1756 81.96 54.74 29.64
C ASN B 1756 80.96 55.78 30.13
N ALA B 1757 80.80 55.90 31.44
CA ALA B 1757 79.74 56.74 32.00
C ALA B 1757 80.15 57.22 33.38
N ARG B 1758 80.33 58.54 33.52
CA ARG B 1758 80.52 59.15 34.83
C ARG B 1758 79.19 59.22 35.57
N ARG B 1759 79.18 59.86 36.73
CA ARG B 1759 77.95 60.05 37.48
C ARG B 1759 76.97 60.91 36.69
N HIS B 1760 75.73 60.44 36.60
CA HIS B 1760 74.73 61.07 35.73
C HIS B 1760 74.45 62.50 36.19
N GLY B 1761 74.22 63.38 35.22
CA GLY B 1761 73.83 64.73 35.55
C GLY B 1761 72.49 64.78 36.27
N LEU B 1762 72.41 65.66 37.24
CA LEU B 1762 71.19 65.82 38.03
C LEU B 1762 70.09 66.39 37.14
N PRO B 1763 68.88 65.82 37.18
CA PRO B 1763 67.80 66.29 36.30
C PRO B 1763 67.48 67.76 36.54
N GLY B 1764 67.15 68.47 35.47
CA GLY B 1764 66.85 69.89 35.51
C GLY B 1764 67.99 70.83 35.91
N VAL B 1765 69.12 70.29 36.36
CA VAL B 1765 70.27 71.08 36.79
C VAL B 1765 71.20 71.22 35.61
N GLY B 1766 71.31 72.43 35.08
CA GLY B 1766 72.13 72.68 33.93
C GLY B 1766 71.49 73.72 33.06
N VAL B 1767 71.94 73.77 31.81
CA VAL B 1767 71.52 74.81 30.87
C VAL B 1767 70.70 74.13 29.76
N THR B 1768 69.59 74.78 29.39
CA THR B 1768 68.72 74.30 28.33
C THR B 1768 68.60 75.40 27.30
N THR B 1769 69.16 75.18 26.12
CA THR B 1769 69.15 76.19 25.07
C THR B 1769 67.95 76.08 24.16
N SER B 1770 67.06 75.10 24.41
CA SER B 1770 65.91 74.87 23.53
C SER B 1770 64.98 76.08 23.54
N LEU B 1771 64.35 76.31 22.40
CA LEU B 1771 63.50 77.48 22.25
C LEU B 1771 62.23 77.33 23.09
N ARG B 1772 61.95 78.34 23.89
CA ARG B 1772 60.71 78.45 24.64
C ARG B 1772 60.36 79.92 24.72
N PRO B 1773 59.20 80.34 24.19
CA PRO B 1773 58.88 81.77 24.09
C PRO B 1773 58.74 82.42 25.45
N PRO B 1774 58.92 83.74 25.55
CA PRO B 1774 58.79 84.42 26.85
C PRO B 1774 57.38 84.35 27.38
N HIS B 1775 57.27 84.28 28.70
CA HIS B 1775 55.97 84.40 29.34
C HIS B 1775 55.44 85.82 29.17
N HIS B 1776 54.12 85.95 29.25
CA HIS B 1776 53.46 87.24 29.14
C HIS B 1776 52.65 87.50 30.40
N PHE B 1777 52.80 88.69 30.97
CA PHE B 1777 52.09 89.06 32.17
C PHE B 1777 51.70 90.53 32.13
N SER B 1778 50.63 90.84 32.86
CA SER B 1778 50.13 92.20 32.98
C SER B 1778 49.94 92.52 34.45
N PRO B 1779 50.23 93.75 34.87
CA PRO B 1779 49.95 94.14 36.25
C PRO B 1779 48.47 94.41 36.43
N PRO B 1780 47.80 93.67 37.32
CA PRO B 1780 46.36 93.89 37.52
C PRO B 1780 46.08 95.23 38.20
N CYS B 1781 45.63 96.20 37.41
CA CYS B 1781 45.31 97.53 37.91
C CYS B 1781 44.07 98.01 37.17
N PHE B 1782 43.00 98.22 37.94
CA PHE B 1782 41.66 98.34 37.38
C PHE B 1782 41.20 99.78 37.22
N VAL B 1783 41.99 100.75 37.69
CA VAL B 1783 41.65 102.16 37.51
C VAL B 1783 42.04 102.68 36.15
N ALA B 1784 42.70 101.86 35.33
CA ALA B 1784 43.11 102.28 34.00
C ALA B 1784 41.89 102.63 33.16
N ALA B 1785 42.06 103.63 32.29
CA ALA B 1785 41.00 104.07 31.40
C ALA B 1785 40.56 102.94 30.48
N LEU B 1786 39.25 102.91 30.21
CA LEU B 1786 38.69 101.92 29.30
C LEU B 1786 39.27 102.14 27.91
N PRO B 1787 39.93 101.14 27.32
CA PRO B 1787 40.55 101.33 26.01
C PRO B 1787 39.53 101.68 24.94
N ALA B 1788 39.90 102.63 24.07
CA ALA B 1788 39.01 103.09 23.00
C ALA B 1788 38.74 102.00 21.97
N ALA B 1789 39.58 100.97 21.92
CA ALA B 1789 39.36 99.83 21.05
C ALA B 1789 38.11 99.09 21.50
N GLY B 1790 37.22 98.80 20.56
CA GLY B 1790 35.98 98.11 20.87
C GLY B 1790 36.20 96.62 21.08
N VAL B 1791 35.08 95.92 21.25
CA VAL B 1791 35.10 94.48 21.45
C VAL B 1791 35.62 93.80 20.19
N ALA B 1792 36.24 92.62 20.37
CA ALA B 1792 36.78 91.73 19.34
C ALA B 1792 37.92 92.34 18.54
N GLU B 1793 38.41 93.52 18.90
CA GLU B 1793 39.47 94.20 18.16
C GLU B 1793 40.68 94.52 19.01
N ALA B 1794 40.52 94.77 20.31
CA ALA B 1794 41.65 94.99 21.18
C ALA B 1794 42.44 93.70 21.38
N PRO B 1795 43.78 93.78 21.49
CA PRO B 1795 44.59 92.58 21.73
C PRO B 1795 44.28 91.95 23.08
N ALA B 1796 44.47 90.63 23.14
CA ALA B 1796 44.07 89.83 24.30
C ALA B 1796 44.84 90.22 25.56
N ARG B 1797 44.13 90.24 26.68
CA ARG B 1797 44.76 90.50 27.97
C ARG B 1797 45.69 89.35 28.33
N LEU B 1798 46.85 89.70 28.89
CA LEU B 1798 47.81 88.70 29.34
C LEU B 1798 47.39 88.16 30.70
N SER B 1799 48.14 87.17 31.18
CA SER B 1799 47.91 86.63 32.52
C SER B 1799 48.19 87.69 33.58
N PRO B 1800 47.33 87.85 34.58
CA PRO B 1800 47.61 88.77 35.69
C PRO B 1800 48.92 88.41 36.40
N ALA B 1801 49.70 89.44 36.72
CA ALA B 1801 51.01 89.19 37.28
C ALA B 1801 50.92 88.87 38.77
N ILE B 1802 52.01 88.35 39.30
CA ILE B 1802 52.17 87.96 40.71
C ILE B 1802 53.65 87.69 40.95
N PRO B 1803 54.24 88.12 42.09
CA PRO B 1803 55.67 87.91 42.33
C PRO B 1803 56.05 86.44 42.42
N LEU B 1804 56.81 85.98 41.41
CA LEU B 1804 57.09 84.57 41.30
C LEU B 1804 58.34 84.16 42.05
N GLU B 1805 59.40 84.97 42.03
CA GLU B 1805 60.60 84.61 42.78
C GLU B 1805 60.30 84.55 44.29
N ALA B 1806 59.45 85.45 44.78
CA ALA B 1806 59.00 85.36 46.16
C ALA B 1806 58.04 84.20 46.35
N LEU B 1807 57.20 83.94 45.34
CA LEU B 1807 56.26 82.83 45.43
C LEU B 1807 57.01 81.50 45.52
N ARG B 1808 57.99 81.28 44.64
CA ARG B 1808 58.76 80.04 44.67
C ARG B 1808 59.54 79.89 45.97
N ASP B 1809 60.02 81.00 46.56
CA ASP B 1809 60.65 80.90 47.88
C ASP B 1809 59.66 80.45 48.95
N LYS B 1810 58.45 81.02 48.93
CA LYS B 1810 57.40 80.61 49.87
C LYS B 1810 57.02 79.14 49.66
N ALA B 1811 56.86 78.73 48.40
CA ALA B 1811 56.53 77.34 48.08
C ALA B 1811 57.62 76.37 48.53
N LEU B 1812 58.89 76.72 48.29
CA LEU B 1812 60.02 75.92 48.74
C LEU B 1812 60.02 75.77 50.25
N ARG B 1813 59.79 76.88 50.96
CA ARG B 1813 59.75 76.83 52.42
C ARG B 1813 58.57 75.99 52.89
N MET B 1814 57.42 76.10 52.19
CA MET B 1814 56.23 75.34 52.53
C MET B 1814 56.51 73.86 52.39
N LEU B 1815 57.24 73.50 51.33
CA LEU B 1815 57.57 72.10 51.09
C LEU B 1815 58.43 71.58 52.22
N GLY B 1816 59.44 72.37 52.62
CA GLY B 1816 60.31 71.97 53.71
C GLY B 1816 59.55 71.76 55.02
N GLU B 1817 58.55 72.61 55.26
CA GLU B 1817 57.65 72.46 56.40
C GLU B 1817 56.88 71.16 56.33
N ALA B 1818 56.34 70.84 55.15
CA ALA B 1818 55.58 69.60 54.98
C ALA B 1818 56.48 68.39 55.15
N VAL B 1819 57.68 68.43 54.58
CA VAL B 1819 58.59 67.29 54.60
C VAL B 1819 58.98 66.97 56.02
N ARG B 1820 59.41 67.99 56.78
CA ARG B 1820 59.79 67.76 58.17
C ARG B 1820 58.59 67.38 59.03
N ASP B 1821 57.43 67.99 58.78
CA ASP B 1821 56.21 67.68 59.54
C ASP B 1821 55.79 66.23 59.37
N GLY B 1822 55.86 65.71 58.14
CA GLY B 1822 55.39 64.36 57.84
C GLY B 1822 56.08 63.27 58.63
N GLY B 1823 57.40 63.39 58.79
CA GLY B 1823 58.16 62.42 59.57
C GLY B 1823 57.80 62.37 61.04
N GLN B 1824 57.25 63.45 61.58
CA GLN B 1824 56.88 63.48 63.00
C GLN B 1824 55.69 62.59 63.34
N HIS B 1825 54.92 62.14 62.34
CA HIS B 1825 53.75 61.27 62.52
C HIS B 1825 52.74 61.88 63.50
N ALA B 1826 52.53 63.19 63.38
CA ALA B 1826 51.56 63.90 64.18
C ALA B 1826 50.14 63.49 63.82
N ARG B 1827 49.24 63.56 64.80
CA ARG B 1827 47.86 63.17 64.63
C ARG B 1827 47.00 64.26 64.01
N ASP B 1828 47.56 65.44 63.73
CA ASP B 1828 46.80 66.57 63.21
C ASP B 1828 47.45 67.17 61.97
N PRO B 1829 47.29 66.51 60.82
CA PRO B 1829 47.88 67.03 59.57
C PRO B 1829 47.25 68.35 59.17
N VAL B 1830 48.03 69.17 58.47
CA VAL B 1830 47.60 70.50 58.05
C VAL B 1830 46.40 70.38 57.12
N GLY B 1831 45.33 71.09 57.46
CA GLY B 1831 44.11 71.06 56.70
C GLY B 1831 43.14 69.97 57.09
N GLY B 1832 43.60 68.98 57.83
CA GLY B 1832 42.71 67.93 58.30
C GLY B 1832 43.17 66.54 57.91
N SER B 1833 43.67 66.40 56.69
CA SER B 1833 44.08 65.10 56.17
C SER B 1833 45.43 65.24 55.47
N VAL B 1834 46.15 64.12 55.42
CA VAL B 1834 47.46 64.07 54.79
C VAL B 1834 47.37 64.44 53.32
N GLU B 1835 46.34 63.92 52.62
CA GLU B 1835 46.16 64.25 51.22
C GLU B 1835 45.85 65.75 51.02
N PHE B 1836 45.03 66.34 51.91
CA PHE B 1836 44.77 67.78 51.86
C PHE B 1836 45.98 68.60 52.24
N GLN B 1837 46.95 67.98 52.90
CA GLN B 1837 48.18 68.67 53.27
C GLN B 1837 49.14 68.66 52.09
N PHE B 1838 49.54 67.46 51.66
CA PHE B 1838 50.58 67.33 50.66
C PHE B 1838 50.12 67.69 49.25
N VAL B 1839 48.92 67.27 48.84
CA VAL B 1839 48.49 67.35 47.43
C VAL B 1839 48.47 68.78 46.87
N PRO B 1840 47.74 69.77 47.44
CA PRO B 1840 47.68 71.10 46.81
C PRO B 1840 49.04 71.79 46.69
N VAL B 1841 49.91 71.57 47.69
CA VAL B 1841 51.26 72.10 47.65
C VAL B 1841 52.04 71.45 46.53
N LEU B 1842 51.98 70.11 46.42
CA LEU B 1842 52.68 69.40 45.36
C LEU B 1842 52.20 69.85 43.99
N LYS B 1843 50.91 70.18 43.88
CA LYS B 1843 50.36 70.70 42.64
C LYS B 1843 51.00 72.04 42.29
N LEU B 1844 51.19 72.89 43.31
CA LEU B 1844 51.82 74.18 43.08
C LEU B 1844 53.27 74.01 42.66
N VAL B 1845 53.98 73.07 43.29
CA VAL B 1845 55.39 72.85 42.98
C VAL B 1845 55.51 72.33 41.55
N SER B 1846 54.62 71.42 41.17
CA SER B 1846 54.62 70.87 39.82
C SER B 1846 54.39 71.97 38.79
N THR B 1847 53.41 72.84 39.07
CA THR B 1847 53.10 73.93 38.15
C THR B 1847 54.29 74.86 37.98
N LEU B 1848 55.00 75.16 39.08
CA LEU B 1848 56.19 76.00 38.98
C LEU B 1848 57.31 75.30 38.21
N LEU B 1849 57.44 73.98 38.41
CA LEU B 1849 58.44 73.18 37.70
C LEU B 1849 58.21 73.26 36.20
N VAL B 1850 56.95 73.13 35.77
CA VAL B 1850 56.60 73.33 34.37
C VAL B 1850 56.91 74.76 33.95
N MET B 1851 56.57 75.73 34.78
CA MET B 1851 56.84 77.14 34.52
C MET B 1851 58.32 77.46 34.34
N GLY B 1852 59.21 76.66 34.90
CA GLY B 1852 60.63 76.98 34.83
C GLY B 1852 61.08 78.12 35.72
N ILE B 1853 60.25 78.52 36.68
CA ILE B 1853 60.59 79.63 37.58
C ILE B 1853 61.81 79.27 38.42
N PHE B 1854 61.92 78.01 38.83
CA PHE B 1854 62.97 77.57 39.74
C PHE B 1854 64.34 77.68 39.09
N GLY B 1855 65.29 78.21 39.86
CA GLY B 1855 66.69 78.15 39.50
C GLY B 1855 67.31 76.83 39.90
N ASP B 1856 68.60 76.70 39.55
CA ASP B 1856 69.31 75.44 39.70
C ASP B 1856 69.36 74.99 41.17
N GLU B 1857 69.74 75.90 42.07
CA GLU B 1857 69.82 75.57 43.49
C GLU B 1857 68.46 75.21 44.05
N ASP B 1858 67.41 75.88 43.56
CA ASP B 1858 66.04 75.54 43.89
C ASP B 1858 65.73 74.11 43.49
N VAL B 1859 66.16 73.73 42.29
CA VAL B 1859 65.94 72.36 41.81
C VAL B 1859 66.69 71.38 42.70
N LYS B 1860 67.93 71.73 43.07
CA LYS B 1860 68.77 70.88 43.93
C LYS B 1860 68.04 70.59 45.24
N GLN B 1861 67.45 71.64 45.83
CA GLN B 1861 66.70 71.46 47.07
C GLN B 1861 65.47 70.59 46.83
N ILE B 1862 64.77 70.80 45.71
CA ILE B 1862 63.59 69.98 45.39
C ILE B 1862 63.96 68.50 45.36
N LEU B 1863 65.07 68.18 44.69
CA LEU B 1863 65.60 66.81 44.66
C LEU B 1863 66.01 66.34 46.05
N LYS B 1864 66.44 67.25 46.91
CA LYS B 1864 66.80 66.86 48.26
C LYS B 1864 65.57 66.53 49.10
N MET B 1865 64.52 67.37 49.03
CA MET B 1865 63.31 67.07 49.78
C MET B 1865 62.65 65.79 49.30
N ILE B 1866 62.57 65.56 47.98
CA ILE B 1866 61.95 64.31 47.52
C ILE B 1866 62.80 63.10 47.91
N GLU B 1867 64.11 63.14 47.66
CA GLU B 1867 64.96 62.03 48.05
C GLU B 1867 66.39 62.51 48.22
N PRO B 1868 66.83 62.76 49.45
CA PRO B 1868 68.14 63.42 49.64
C PRO B 1868 69.34 62.57 49.25
N GLU B 1869 69.44 61.35 49.77
CA GLU B 1869 70.67 60.57 49.69
C GLU B 1869 71.02 60.14 48.27
N VAL B 1870 70.01 59.83 47.44
CA VAL B 1870 70.26 59.42 46.06
C VAL B 1870 70.80 60.59 45.26
N PHE B 1871 70.28 61.78 45.51
CA PHE B 1871 70.62 62.98 44.76
C PHE B 1871 71.64 63.85 45.45
N THR B 1872 72.56 63.23 46.19
CA THR B 1872 73.70 63.94 46.76
C THR B 1872 74.85 63.90 45.76
N GLU B 1873 75.44 65.06 45.51
CA GLU B 1873 76.51 65.21 44.53
C GLU B 1873 77.85 65.37 45.23
N GLU B 1874 78.85 64.64 44.70
CA GLU B 1874 80.23 64.69 45.17
C GLU B 1874 81.13 63.99 44.17
N LEU B 1922 63.73 65.12 61.26
CA LEU B 1922 63.78 63.87 60.52
C LEU B 1922 63.96 64.12 59.02
N GLU B 1923 65.21 64.04 58.55
CA GLU B 1923 65.54 64.39 57.16
C GLU B 1923 65.26 63.23 56.20
N GLU B 1924 64.07 62.66 56.29
CA GLU B 1924 63.65 61.55 55.46
C GLU B 1924 62.72 62.08 54.37
N GLY B 1925 62.98 61.69 53.12
CA GLY B 1925 62.30 62.27 51.99
C GLY B 1925 60.86 61.81 51.82
N LEU B 1926 60.26 62.26 50.72
CA LEU B 1926 58.87 61.92 50.40
C LEU B 1926 58.68 60.44 50.17
N LEU B 1927 59.61 59.81 49.45
CA LEU B 1927 59.38 58.53 48.79
C LEU B 1927 59.18 57.34 49.72
N GLN B 1928 59.16 57.50 51.05
CA GLN B 1928 58.91 56.35 51.91
C GLN B 1928 57.95 56.64 53.07
N MET B 1929 57.23 57.77 53.05
CA MET B 1929 56.27 58.06 54.12
C MET B 1929 54.89 57.45 53.88
N LYS B 1930 54.82 56.37 53.09
CA LYS B 1930 53.61 55.57 52.75
C LYS B 1930 52.38 56.45 52.50
N LEU B 1931 52.55 57.36 51.54
CA LEU B 1931 51.53 58.35 51.22
C LEU B 1931 50.27 57.70 50.64
N PRO B 1932 49.11 58.32 50.81
CA PRO B 1932 47.90 57.84 50.14
C PRO B 1932 48.01 57.97 48.62
N GLU B 1933 47.10 57.28 47.94
CA GLU B 1933 47.14 57.13 46.48
C GLU B 1933 47.06 58.47 45.76
N SER B 1934 46.22 59.39 46.23
CA SER B 1934 46.02 60.66 45.54
C SER B 1934 47.30 61.49 45.50
N VAL B 1935 48.08 61.43 46.59
CA VAL B 1935 49.38 62.10 46.64
C VAL B 1935 50.33 61.51 45.61
N LYS B 1936 50.28 60.18 45.43
CA LYS B 1936 51.13 59.49 44.48
C LYS B 1936 50.94 59.97 43.04
N LEU B 1937 49.74 60.45 42.70
CA LEU B 1937 49.48 61.00 41.37
C LEU B 1937 50.33 62.24 41.10
N GLN B 1938 50.31 63.19 42.05
CA GLN B 1938 51.15 64.37 41.95
C GLN B 1938 52.62 63.98 42.00
N MET B 1939 52.94 62.94 42.79
CA MET B 1939 54.32 62.50 42.93
C MET B 1939 54.85 62.03 41.59
N CYS B 1940 54.01 61.27 40.87
CA CYS B 1940 54.37 60.81 39.53
C CYS B 1940 54.53 61.98 38.58
N ASN B 1941 53.67 63.01 38.72
CA ASN B 1941 53.78 64.19 37.88
C ASN B 1941 55.13 64.87 38.07
N LEU B 1942 55.56 64.95 39.34
CA LEU B 1942 56.87 65.51 39.68
C LEU B 1942 57.97 64.70 39.03
N LEU B 1943 57.87 63.36 39.10
CA LEU B 1943 58.91 62.51 38.56
C LEU B 1943 59.00 62.65 37.05
N GLU B 1944 57.85 62.56 36.36
CA GLU B 1944 57.86 62.59 34.89
C GLU B 1944 58.38 63.92 34.36
N TYR B 1945 58.18 65.02 35.13
CA TYR B 1945 58.74 66.30 34.70
C TYR B 1945 60.25 66.21 34.59
N PHE B 1946 60.89 65.60 35.59
CA PHE B 1946 62.34 65.40 35.53
C PHE B 1946 62.69 64.41 34.43
N CYS B 1947 61.84 63.40 34.22
CA CYS B 1947 62.08 62.40 33.19
C CYS B 1947 62.14 63.02 31.80
N ASP B 1948 61.43 64.15 31.62
CA ASP B 1948 61.52 64.86 30.35
C ASP B 1948 62.85 65.59 30.22
N GLN B 1949 63.43 66.01 31.35
CA GLN B 1949 64.63 66.86 31.34
C GLN B 1949 65.83 66.14 30.73
N GLU B 1950 66.08 64.90 31.18
CA GLU B 1950 67.16 64.10 30.59
C GLU B 1950 66.97 63.87 29.10
N LEU B 1951 65.73 63.62 28.66
CA LEU B 1951 65.42 63.50 27.24
C LEU B 1951 65.77 64.78 26.46
N GLN B 1952 65.33 65.93 26.96
CA GLN B 1952 65.68 67.22 26.35
C GLN B 1952 67.18 67.47 26.41
N HIS B 1953 67.83 67.05 27.49
CA HIS B 1953 69.28 67.10 27.63
C HIS B 1953 69.95 66.28 26.55
N ARG B 1954 69.44 65.06 26.31
CA ARG B 1954 70.01 64.17 25.31
C ARG B 1954 69.89 64.80 23.93
N VAL B 1955 68.70 65.35 23.64
CA VAL B 1955 68.43 65.96 22.34
C VAL B 1955 69.40 67.11 22.07
N GLU B 1956 69.56 68.01 23.06
CA GLU B 1956 70.51 69.11 22.92
C GLU B 1956 71.95 68.61 22.84
N SER B 1957 72.31 67.60 23.64
CA SER B 1957 73.67 67.06 23.60
C SER B 1957 73.98 66.45 22.24
N LEU B 1958 72.98 65.80 21.64
CA LEU B 1958 73.11 65.30 20.28
C LEU B 1958 73.29 66.45 19.31
N ALA B 1959 72.55 67.54 19.50
CA ALA B 1959 72.69 68.70 18.62
C ALA B 1959 74.09 69.29 18.71
N ALA B 1960 74.62 69.37 19.94
CA ALA B 1960 76.00 69.83 20.17
C ALA B 1960 77.02 68.94 19.48
N PHE B 1961 76.83 67.61 19.59
CA PHE B 1961 77.65 66.68 18.84
C PHE B 1961 77.52 66.87 17.34
N ALA B 1962 76.30 67.09 16.86
CA ALA B 1962 76.08 67.35 15.45
C ALA B 1962 76.84 68.59 14.99
N GLU B 1963 76.84 69.63 15.84
CA GLU B 1963 77.51 70.88 15.54
C GLU B 1963 79.01 70.66 15.41
N ARG B 1964 79.60 69.94 16.36
CA ARG B 1964 81.05 69.76 16.32
C ARG B 1964 81.45 68.78 15.22
N TYR B 1965 80.70 67.68 15.11
CA TYR B 1965 81.06 66.59 14.22
C TYR B 1965 80.93 66.97 12.75
N VAL B 1966 79.80 67.62 12.38
CA VAL B 1966 79.51 67.95 10.98
C VAL B 1966 80.58 68.86 10.40
N ASP B 1967 81.11 69.79 11.20
CA ASP B 1967 82.19 70.66 10.76
C ASP B 1967 83.44 69.87 10.38
N LYS B 1968 83.77 68.84 11.18
CA LYS B 1968 84.85 67.92 10.81
C LYS B 1968 84.55 67.16 9.53
N LEU B 1969 83.29 66.75 9.35
CA LEU B 1969 82.89 66.02 8.15
C LEU B 1969 83.07 66.88 6.90
N GLN B 1970 82.55 68.11 6.96
CA GLN B 1970 82.66 69.03 5.82
C GLN B 1970 84.12 69.40 5.56
N ALA B 1971 84.93 69.53 6.61
CA ALA B 1971 86.35 69.85 6.44
C ALA B 1971 87.09 68.72 5.75
N ASN B 1972 86.93 67.49 6.25
CA ASN B 1972 87.59 66.33 5.66
C ASN B 1972 87.12 66.09 4.24
N GLN B 1973 85.80 66.20 4.01
CA GLN B 1973 85.25 66.04 2.66
C GLN B 1973 85.76 67.10 1.70
N ARG B 1974 86.07 68.30 2.22
CA ARG B 1974 86.62 69.35 1.38
C ARG B 1974 88.05 69.02 0.99
N SER B 1975 88.85 68.59 1.98
CA SER B 1975 90.25 68.27 1.70
C SER B 1975 90.34 67.08 0.76
N ARG B 1976 89.44 66.10 0.94
CA ARG B 1976 89.41 64.94 0.04
C ARG B 1976 89.03 65.37 -1.37
N TYR B 1977 88.21 66.43 -1.49
CA TYR B 1977 87.82 66.91 -2.82
C TYR B 1977 89.04 67.48 -3.52
N ALA B 1978 89.77 68.35 -2.82
CA ALA B 1978 90.96 68.98 -3.38
C ALA B 1978 92.01 67.93 -3.74
N LEU B 1979 92.21 66.93 -2.88
CA LEU B 1979 93.14 65.84 -3.18
C LEU B 1979 92.67 65.02 -4.37
N LEU B 1980 91.36 64.74 -4.47
CA LEU B 1980 90.81 63.94 -5.54
C LEU B 1980 90.95 64.63 -6.89
N MET B 1981 90.88 65.97 -6.93
CA MET B 1981 91.03 66.67 -8.21
C MET B 1981 92.44 66.49 -8.79
N ARG B 1982 93.45 66.30 -7.94
CA ARG B 1982 94.80 66.01 -8.42
C ARG B 1982 95.15 64.54 -8.32
N ALA B 1983 94.17 63.66 -8.04
CA ALA B 1983 94.41 62.23 -8.05
C ALA B 1983 94.54 61.64 -9.46
N PHE B 1984 94.30 62.42 -10.52
CA PHE B 1984 94.38 61.93 -11.90
C PHE B 1984 95.78 61.46 -12.26
N THR B 1985 96.81 62.00 -11.60
CA THR B 1985 98.21 61.71 -11.92
C THR B 1985 98.59 60.26 -11.68
N MET B 1986 97.87 59.55 -10.81
CA MET B 1986 98.15 58.16 -10.48
C MET B 1986 96.94 57.25 -10.63
N SER B 1987 95.82 57.76 -11.13
CA SER B 1987 94.61 56.96 -11.21
C SER B 1987 93.98 56.95 -12.60
N ALA B 1988 92.79 56.39 -12.69
CA ALA B 1988 92.07 56.18 -13.94
C ALA B 1988 90.58 56.28 -13.65
N ALA B 1989 89.76 55.72 -14.55
CA ALA B 1989 88.29 55.76 -14.46
C ALA B 1989 87.69 55.22 -13.16
N GLU B 1990 88.47 54.56 -12.29
CA GLU B 1990 88.01 54.23 -10.94
C GLU B 1990 87.73 55.50 -10.12
N THR B 1991 88.28 56.64 -10.54
CA THR B 1991 87.91 57.92 -9.96
C THR B 1991 86.43 58.22 -10.11
N ALA B 1992 85.75 57.63 -11.10
CA ALA B 1992 84.31 57.84 -11.25
C ALA B 1992 83.57 57.32 -10.02
N ARG B 1993 83.96 56.12 -9.55
CA ARG B 1993 83.49 55.59 -8.28
C ARG B 1993 83.87 56.50 -7.12
N ARG B 1994 85.11 57.00 -7.11
CA ARG B 1994 85.55 57.89 -6.03
C ARG B 1994 84.78 59.21 -5.98
N THR B 1995 84.53 59.83 -7.13
CA THR B 1995 83.80 61.08 -7.21
C THR B 1995 82.30 60.89 -7.39
N ARG B 1996 81.82 59.64 -7.37
CA ARG B 1996 80.38 59.37 -7.31
C ARG B 1996 79.76 60.01 -6.08
N GLU B 1997 80.48 59.95 -4.95
CA GLU B 1997 80.05 60.63 -3.72
C GLU B 1997 79.86 62.12 -3.98
N PHE B 1998 80.80 62.74 -4.69
CA PHE B 1998 80.68 64.16 -4.99
C PHE B 1998 79.70 64.43 -6.14
N ARG B 1999 79.29 63.39 -6.85
CA ARG B 1999 78.26 63.47 -7.87
C ARG B 1999 76.97 62.81 -7.37
N SER B 2000 76.78 62.81 -6.05
CA SER B 2000 75.54 62.34 -5.47
C SER B 2000 75.03 63.37 -4.48
N PRO B 2001 73.71 63.51 -4.37
CA PRO B 2001 73.14 64.45 -3.40
C PRO B 2001 73.56 64.15 -1.99
N PRO B 2002 73.57 65.18 -1.11
CA PRO B 2002 74.20 65.04 0.22
C PRO B 2002 73.57 63.98 1.09
N GLN B 2003 72.29 63.66 0.90
CA GLN B 2003 71.59 62.72 1.78
C GLN B 2003 72.27 61.36 1.72
N GLU B 2004 72.53 60.88 0.50
CA GLU B 2004 73.27 59.63 0.38
C GLU B 2004 74.74 59.84 0.66
N GLN B 2005 75.28 61.06 0.44
CA GLN B 2005 76.69 61.27 0.81
C GLN B 2005 76.90 61.03 2.31
N ILE B 2006 76.11 61.69 3.16
CA ILE B 2006 76.23 61.51 4.60
C ILE B 2006 75.87 60.07 5.00
N ASN B 2007 74.86 59.48 4.34
CA ASN B 2007 74.50 58.08 4.64
C ASN B 2007 75.67 57.14 4.40
N MET B 2008 76.36 57.29 3.26
CA MET B 2008 77.56 56.49 3.02
C MET B 2008 78.72 56.89 3.93
N LEU B 2009 78.76 58.16 4.36
CA LEU B 2009 79.74 58.58 5.36
C LEU B 2009 79.52 57.87 6.69
N LEU B 2010 78.25 57.72 7.09
CA LEU B 2010 77.91 57.04 8.34
C LEU B 2010 77.87 55.54 8.20
N HIS B 2011 77.95 55.02 6.97
CA HIS B 2011 77.70 53.61 6.68
C HIS B 2011 78.95 52.77 6.97
N PHE B 2012 79.38 52.79 8.23
CA PHE B 2012 80.55 52.02 8.66
C PHE B 2012 80.34 51.40 10.04
N LYS B 2013 79.08 51.32 10.49
CA LYS B 2013 78.78 50.92 11.86
C LYS B 2013 79.19 49.48 12.15
N ASP B 2014 78.92 48.57 11.22
CA ASP B 2014 78.93 47.13 11.53
C ASP B 2014 80.23 46.44 11.14
N GLU B 2015 81.28 47.22 10.81
CA GLU B 2015 82.63 46.73 10.44
C GLU B 2015 82.66 45.92 9.15
N ALA B 2016 81.53 45.74 8.47
CA ALA B 2016 81.42 45.04 7.20
C ALA B 2016 81.05 45.97 6.06
N ASP B 2017 81.07 47.28 6.29
CA ASP B 2017 80.69 48.26 5.28
C ASP B 2017 81.65 49.44 5.20
N GLU B 2018 82.80 49.36 5.87
CA GLU B 2018 83.78 50.44 5.95
C GLU B 2018 84.47 50.76 4.62
N GLU B 2019 84.31 49.89 3.61
CA GLU B 2019 84.99 50.07 2.32
C GLU B 2019 84.58 51.37 1.65
N ASP B 2020 83.31 51.77 1.77
CA ASP B 2020 82.85 53.00 1.14
C ASP B 2020 83.04 54.20 2.05
N CYS B 2021 83.40 53.98 3.31
CA CYS B 2021 83.61 55.09 4.24
C CYS B 2021 84.99 55.69 4.01
N PRO B 2022 85.08 56.98 3.67
CA PRO B 2022 86.39 57.62 3.49
C PRO B 2022 86.97 58.25 4.76
N LEU B 2023 86.26 58.15 5.88
CA LEU B 2023 86.66 58.87 7.08
C LEU B 2023 87.89 58.24 7.73
N PRO B 2024 88.85 59.06 8.17
CA PRO B 2024 89.96 58.53 8.97
C PRO B 2024 89.48 57.98 10.29
N GLU B 2025 90.26 57.01 10.81
CA GLU B 2025 89.84 56.18 11.93
C GLU B 2025 89.55 56.98 13.20
N ASP B 2026 90.24 58.11 13.39
CA ASP B 2026 89.98 58.94 14.57
C ASP B 2026 88.54 59.47 14.56
N ILE B 2027 88.09 59.97 13.40
CA ILE B 2027 86.71 60.39 13.23
C ILE B 2027 85.77 59.20 13.38
N ARG B 2028 86.14 58.06 12.77
CA ARG B 2028 85.31 56.86 12.88
C ARG B 2028 85.15 56.41 14.33
N GLN B 2029 86.21 56.57 15.11
CA GLN B 2029 86.18 56.23 16.54
C GLN B 2029 85.27 57.16 17.31
N ASP B 2030 85.29 58.46 16.95
CA ASP B 2030 84.57 59.49 17.71
C ASP B 2030 83.07 59.22 17.73
N LEU B 2031 82.50 58.84 16.58
CA LEU B 2031 81.08 58.52 16.48
C LEU B 2031 80.72 57.33 17.36
N GLN B 2032 81.51 56.26 17.32
CA GLN B 2032 81.27 55.09 18.14
C GLN B 2032 81.41 55.40 19.63
N ASP B 2033 82.39 56.23 19.98
CA ASP B 2033 82.55 56.71 21.36
C ASP B 2033 81.31 57.46 21.82
N PHE B 2034 80.82 58.41 21.01
CA PHE B 2034 79.62 59.16 21.34
C PHE B 2034 78.40 58.24 21.37
N HIS B 2035 78.42 57.14 20.62
CA HIS B 2035 77.32 56.20 20.69
C HIS B 2035 77.37 55.45 22.01
N GLN B 2036 78.59 55.12 22.47
CA GLN B 2036 78.77 54.31 23.66
C GLN B 2036 78.28 55.07 24.89
N ASP B 2037 78.77 56.30 25.08
CA ASP B 2037 78.34 57.00 26.28
C ASP B 2037 76.89 57.44 26.13
N LEU B 2038 76.40 57.63 24.88
CA LEU B 2038 75.01 58.01 24.67
C LEU B 2038 74.08 56.91 25.17
N LEU B 2039 74.30 55.66 24.73
CA LEU B 2039 73.50 54.56 25.23
C LEU B 2039 73.70 54.31 26.72
N ALA B 2040 74.92 54.60 27.23
CA ALA B 2040 75.12 54.56 28.67
C ALA B 2040 74.25 55.58 29.39
N HIS B 2041 74.13 56.80 28.85
CA HIS B 2041 73.19 57.77 29.38
C HIS B 2041 71.74 57.35 29.12
N CYS B 2042 71.51 56.40 28.22
CA CYS B 2042 70.20 55.81 28.03
C CYS B 2042 70.00 54.61 28.94
N GLY B 2043 70.97 54.32 29.80
CA GLY B 2043 70.86 53.19 30.71
C GLY B 2043 70.81 51.84 30.04
N ILE B 2044 71.58 51.65 28.97
CA ILE B 2044 71.51 50.41 28.22
C ILE B 2044 72.61 49.47 28.69
N GLN B 2045 73.86 49.90 28.58
CA GLN B 2045 74.99 49.04 28.85
C GLN B 2045 75.93 49.72 29.84
N LEU B 2046 76.62 48.90 30.62
CA LEU B 2046 77.59 49.39 31.59
C LEU B 2046 78.92 48.65 31.40
N GLU B 2088 74.85 47.63 45.94
CA GLU B 2088 73.95 47.86 44.81
C GLU B 2088 72.58 48.32 45.29
N LYS B 2089 72.37 48.28 46.61
CA LYS B 2089 71.15 48.81 47.19
C LYS B 2089 71.04 50.32 47.11
N LYS B 2090 72.13 51.02 46.78
CA LYS B 2090 72.07 52.45 46.53
C LYS B 2090 71.50 52.68 45.12
N PRO B 2091 70.37 53.37 44.99
CA PRO B 2091 69.79 53.61 43.65
C PRO B 2091 70.70 54.37 42.69
N GLN B 2092 71.44 55.37 43.17
CA GLN B 2092 72.54 56.03 42.46
C GLN B 2092 72.13 56.88 41.25
N SER B 2093 70.91 56.74 40.76
CA SER B 2093 70.50 57.42 39.53
C SER B 2093 68.99 57.40 39.42
N LEU B 2094 68.50 58.32 38.57
CA LEU B 2094 67.08 58.57 38.43
C LEU B 2094 66.33 57.37 37.86
N GLN B 2095 66.82 56.82 36.74
CA GLN B 2095 66.09 55.80 35.98
C GLN B 2095 65.86 54.54 36.82
N GLU B 2096 66.94 53.98 37.34
CA GLU B 2096 66.79 52.75 38.10
C GLU B 2096 66.12 53.01 39.44
N LEU B 2097 66.30 54.23 40.01
CA LEU B 2097 65.55 54.59 41.21
C LEU B 2097 64.05 54.56 40.97
N VAL B 2098 63.57 55.25 39.94
CA VAL B 2098 62.13 55.32 39.70
C VAL B 2098 61.58 53.95 39.30
N SER B 2099 62.36 53.14 38.56
CA SER B 2099 61.92 51.77 38.26
C SER B 2099 61.70 50.97 39.54
N HIS B 2100 62.63 51.12 40.49
CA HIS B 2100 62.46 50.49 41.80
CA HIS B 2100 62.46 50.49 41.80
C HIS B 2100 61.24 51.04 42.51
N MET B 2101 61.02 52.35 42.38
CA MET B 2101 59.93 53.06 43.04
C MET B 2101 58.61 52.50 42.56
N VAL B 2102 58.45 52.42 41.23
CA VAL B 2102 57.21 51.99 40.61
C VAL B 2102 56.89 50.56 41.01
N VAL B 2103 57.90 49.67 40.92
CA VAL B 2103 57.69 48.27 41.30
C VAL B 2103 57.32 48.16 42.78
N ARG B 2104 58.00 48.94 43.64
CA ARG B 2104 57.73 48.95 45.08
C ARG B 2104 56.29 49.36 45.37
N TRP B 2105 55.82 50.43 44.71
CA TRP B 2105 54.44 50.89 44.87
C TRP B 2105 53.48 49.80 44.44
N ALA B 2106 53.75 49.18 43.29
CA ALA B 2106 52.81 48.22 42.73
C ALA B 2106 52.68 47.02 43.67
N GLN B 2107 53.82 46.54 44.20
CA GLN B 2107 53.77 45.39 45.08
C GLN B 2107 53.32 45.74 46.49
N GLU B 2108 53.18 47.01 46.84
CA GLU B 2108 52.66 47.28 48.19
C GLU B 2108 51.15 47.03 48.29
N ASP B 2109 50.38 47.28 47.23
CA ASP B 2109 48.92 47.14 47.29
C ASP B 2109 48.34 47.22 45.89
N TYR B 2110 47.10 46.74 45.76
CA TYR B 2110 46.33 46.93 44.54
C TYR B 2110 45.96 48.40 44.44
N VAL B 2111 46.57 49.10 43.48
CA VAL B 2111 46.30 50.51 43.29
C VAL B 2111 44.87 50.69 42.79
N GLN B 2112 44.12 51.59 43.42
CA GLN B 2112 42.72 51.74 43.09
C GLN B 2112 42.42 52.93 42.19
N SER B 2113 43.40 53.80 41.94
CA SER B 2113 43.18 54.91 41.03
C SER B 2113 43.61 54.52 39.62
N PRO B 2114 42.68 54.42 38.66
CA PRO B 2114 43.05 54.07 37.28
C PRO B 2114 44.03 55.04 36.63
N GLU B 2115 43.87 56.34 36.90
CA GLU B 2115 44.78 57.34 36.37
C GLU B 2115 46.19 57.16 36.95
N LEU B 2116 46.26 56.89 38.27
CA LEU B 2116 47.55 56.65 38.90
C LEU B 2116 48.22 55.42 38.30
N VAL B 2117 47.43 54.39 37.99
CA VAL B 2117 47.97 53.16 37.40
C VAL B 2117 48.53 53.47 36.02
N ARG B 2118 47.73 54.17 35.20
CA ARG B 2118 48.10 54.50 33.83
C ARG B 2118 49.38 55.33 33.80
N ALA B 2119 49.45 56.38 34.63
CA ALA B 2119 50.63 57.22 34.70
C ALA B 2119 51.84 56.43 35.20
N MET B 2120 51.65 55.60 36.22
CA MET B 2120 52.76 54.87 36.83
C MET B 2120 53.39 53.90 35.83
N PHE B 2121 52.56 53.15 35.10
CA PHE B 2121 53.13 52.28 34.08
C PHE B 2121 53.64 53.07 32.88
N SER B 2122 53.09 54.28 32.64
CA SER B 2122 53.60 55.15 31.58
C SER B 2122 55.05 55.47 31.84
N LEU B 2123 55.34 55.86 33.09
CA LEU B 2123 56.71 56.16 33.51
C LEU B 2123 57.57 54.92 33.37
N LEU B 2124 57.04 53.77 33.82
CA LEU B 2124 57.87 52.57 33.91
C LEU B 2124 58.35 52.17 32.52
N HIS B 2125 57.46 52.26 31.53
CA HIS B 2125 57.85 52.03 30.14
C HIS B 2125 58.89 53.06 29.69
N ARG B 2126 58.68 54.34 30.06
CA ARG B 2126 59.62 55.38 29.61
C ARG B 2126 61.02 55.12 30.15
N GLN B 2127 61.14 54.59 31.36
CA GLN B 2127 62.47 54.31 31.88
C GLN B 2127 63.06 53.09 31.21
N TYR B 2128 62.25 52.05 31.00
CA TYR B 2128 62.83 50.83 30.47
C TYR B 2128 63.18 50.93 29.00
N ASP B 2129 62.66 51.94 28.29
CA ASP B 2129 63.00 52.11 26.88
C ASP B 2129 63.53 53.53 26.73
N GLY B 2130 64.83 53.70 27.02
CA GLY B 2130 65.48 54.99 26.84
C GLY B 2130 65.62 55.37 25.38
N LEU B 2131 65.98 54.41 24.54
CA LEU B 2131 66.24 54.69 23.14
C LEU B 2131 64.94 54.95 22.37
N GLY B 2132 63.88 54.20 22.68
CA GLY B 2132 62.63 54.32 21.94
C GLY B 2132 61.96 55.66 22.10
N GLU B 2133 61.88 56.17 23.33
CA GLU B 2133 61.38 57.52 23.56
C GLU B 2133 62.22 58.59 22.87
N LEU B 2134 63.55 58.39 22.83
CA LEU B 2134 64.39 59.32 22.08
C LEU B 2134 64.07 59.26 20.60
N LEU B 2135 63.86 58.05 20.06
CA LEU B 2135 63.51 57.90 18.66
C LEU B 2135 62.15 58.52 18.39
N ARG B 2136 61.29 58.55 19.41
CA ARG B 2136 59.97 59.16 19.29
C ARG B 2136 60.06 60.67 19.47
N ALA B 2137 61.23 61.18 19.83
CA ALA B 2137 61.40 62.60 20.04
C ALA B 2137 62.13 63.29 18.91
N LEU B 2138 63.08 62.60 18.26
CA LEU B 2138 63.83 63.19 17.14
C LEU B 2138 63.00 63.79 16.00
N PRO B 2139 61.85 63.17 15.51
CA PRO B 2139 61.04 63.85 14.47
C PRO B 2139 60.55 65.27 14.75
N ARG B 2140 60.70 65.76 15.99
CA ARG B 2140 60.38 67.14 16.32
C ARG B 2140 61.62 67.95 16.68
N ALA B 2141 62.81 67.46 16.33
CA ALA B 2141 64.06 68.14 16.62
C ALA B 2141 64.54 68.85 15.36
N TYR B 2142 64.89 70.12 15.51
CA TYR B 2142 65.34 70.92 14.39
C TYR B 2142 66.46 71.85 14.84
N THR B 2143 67.46 72.04 13.99
CA THR B 2143 68.59 72.91 14.27
C THR B 2143 68.47 74.15 13.41
N ILE B 2144 68.58 75.33 14.04
CA ILE B 2144 68.46 76.60 13.33
C ILE B 2144 69.67 77.47 13.63
N SER B 2145 70.02 78.30 12.66
CA SER B 2145 71.06 79.29 12.83
C SER B 2145 70.60 80.37 13.81
N PRO B 2146 71.52 80.92 14.61
CA PRO B 2146 71.13 81.92 15.62
C PRO B 2146 70.58 83.23 15.05
N SER B 2147 70.69 83.46 13.74
CA SER B 2147 70.28 84.72 13.12
C SER B 2147 68.79 84.99 13.29
N SER B 2148 67.95 83.96 13.11
CA SER B 2148 66.51 84.12 12.97
C SER B 2148 65.74 83.62 14.19
N VAL B 2149 66.39 83.52 15.35
CA VAL B 2149 65.72 83.04 16.56
C VAL B 2149 64.54 83.94 16.95
N GLU B 2150 64.72 85.26 16.88
CA GLU B 2150 63.61 86.18 17.15
C GLU B 2150 62.46 86.01 16.16
N ASP B 2151 62.77 85.65 14.91
CA ASP B 2151 61.74 85.36 13.92
C ASP B 2151 60.96 84.12 14.32
N THR B 2152 61.67 83.10 14.80
CA THR B 2152 61.02 81.91 15.33
C THR B 2152 60.17 82.23 16.56
N MET B 2153 60.67 83.09 17.45
CA MET B 2153 59.89 83.56 18.59
C MET B 2153 58.58 84.21 18.17
N SER B 2154 58.65 85.07 17.14
CA SER B 2154 57.47 85.69 16.56
C SER B 2154 56.52 84.64 16.02
N LEU B 2155 57.06 83.60 15.39
CA LEU B 2155 56.23 82.54 14.85
C LEU B 2155 55.59 81.75 15.97
N LEU B 2156 56.38 81.41 16.99
CA LEU B 2156 55.93 80.56 18.09
C LEU B 2156 54.79 81.20 18.86
N GLU B 2157 54.83 82.52 19.06
CA GLU B 2157 53.74 83.15 19.80
C GLU B 2157 52.40 83.03 19.06
N CYS B 2158 52.43 83.09 17.72
CA CYS B 2158 51.25 82.76 16.92
C CYS B 2158 50.91 81.28 17.03
N LEU B 2159 51.93 80.42 17.11
CA LEU B 2159 51.68 79.00 17.28
C LEU B 2159 51.00 78.76 18.62
N GLY B 2160 51.34 79.57 19.62
CA GLY B 2160 50.68 79.49 20.91
C GLY B 2160 49.23 79.85 20.79
N GLN B 2161 48.92 80.87 19.97
CA GLN B 2161 47.53 81.30 19.79
C GLN B 2161 46.69 80.18 19.16
N ILE B 2162 47.19 79.64 18.03
CA ILE B 2162 46.42 78.61 17.33
C ILE B 2162 46.26 77.37 18.21
N ARG B 2163 47.34 76.94 18.89
CA ARG B 2163 47.25 75.81 19.79
C ARG B 2163 46.26 76.08 20.93
N SER B 2164 46.20 77.33 21.42
CA SER B 2164 45.25 77.66 22.46
C SER B 2164 43.81 77.63 21.96
N LEU B 2165 43.60 77.68 20.65
CA LEU B 2165 42.25 77.74 20.13
C LEU B 2165 41.65 76.38 19.79
N LEU B 2166 42.36 75.27 20.01
CA LEU B 2166 41.72 73.96 19.87
C LEU B 2166 40.64 73.72 20.92
N ILE B 2167 40.78 74.30 22.10
CA ILE B 2167 40.04 73.84 23.28
C ILE B 2167 38.97 74.85 23.68
N VAL B 2168 38.57 75.73 22.77
CA VAL B 2168 37.61 76.78 23.08
C VAL B 2168 36.73 77.00 21.85
N GLN B 2169 35.44 77.19 22.07
CA GLN B 2169 34.51 77.51 21.00
C GLN B 2169 34.85 78.87 20.40
N MET B 2170 34.82 78.93 19.08
CA MET B 2170 35.21 80.13 18.35
C MET B 2170 34.24 81.28 18.57
N GLY B 2171 34.79 82.48 18.75
CA GLY B 2171 34.02 83.68 18.88
C GLY B 2171 34.63 84.81 18.07
N PRO B 2172 33.91 85.93 17.97
CA PRO B 2172 34.38 87.06 17.15
C PRO B 2172 35.74 87.63 17.53
N GLN B 2173 36.06 87.65 18.83
CA GLN B 2173 37.38 88.08 19.28
C GLN B 2173 38.46 87.13 18.79
N GLU B 2174 38.22 85.83 18.97
CA GLU B 2174 39.18 84.80 18.59
C GLU B 2174 39.37 84.79 17.09
N GLU B 2175 38.31 85.08 16.33
CA GLU B 2175 38.38 85.08 14.87
C GLU B 2175 39.46 86.05 14.41
N ASN B 2176 39.44 87.27 14.98
CA ASN B 2176 40.42 88.29 14.65
C ASN B 2176 41.79 87.89 15.13
N LEU B 2177 41.84 87.11 16.23
CA LEU B 2177 43.11 86.66 16.75
C LEU B 2177 43.77 85.72 15.75
N MET B 2178 42.98 84.78 15.23
CA MET B 2178 43.49 83.82 14.25
C MET B 2178 43.91 84.53 12.97
N ILE B 2179 43.12 85.52 12.55
CA ILE B 2179 43.38 86.22 11.29
C ILE B 2179 44.73 86.92 11.35
N GLN B 2180 45.01 87.62 12.46
CA GLN B 2180 46.36 88.19 12.59
C GLN B 2180 47.41 87.15 12.92
N SER B 2181 47.02 86.05 13.57
CA SER B 2181 47.96 84.98 13.91
C SER B 2181 48.57 84.38 12.66
N ILE B 2182 47.74 84.13 11.64
CA ILE B 2182 48.28 83.63 10.38
C ILE B 2182 48.86 84.77 9.56
N GLY B 2183 48.38 86.00 9.78
CA GLY B 2183 48.90 87.15 9.06
C GLY B 2183 50.39 87.32 9.33
N ASN B 2184 50.78 87.14 10.59
CA ASN B 2184 52.21 87.20 10.90
C ASN B 2184 52.97 86.01 10.32
N ILE B 2185 52.31 84.84 10.22
CA ILE B 2185 52.99 83.65 9.70
C ILE B 2185 53.38 83.87 8.25
N MET B 2186 52.44 84.37 7.44
CA MET B 2186 52.75 84.69 6.05
C MET B 2186 53.82 85.77 5.92
N ASN B 2187 53.99 86.62 6.92
CA ASN B 2187 55.03 87.64 6.90
C ASN B 2187 56.35 87.12 7.47
N ASN B 2188 56.35 85.94 8.07
CA ASN B 2188 57.58 85.38 8.61
C ASN B 2188 58.33 84.66 7.50
N LYS B 2189 59.59 85.02 7.30
CA LYS B 2189 60.41 84.41 6.27
C LYS B 2189 60.85 82.98 6.61
N VAL B 2190 61.08 82.68 7.89
CA VAL B 2190 61.43 81.32 8.34
C VAL B 2190 60.33 80.33 8.01
N PHE B 2191 59.07 80.79 8.01
CA PHE B 2191 57.92 79.99 7.56
C PHE B 2191 58.11 79.50 6.12
N TYR B 2192 58.84 80.25 5.30
CA TYR B 2192 59.26 79.80 3.98
C TYR B 2192 60.68 79.24 3.96
N GLN B 2193 61.57 79.76 4.80
CA GLN B 2193 62.98 79.39 4.73
C GLN B 2193 63.27 78.01 5.27
N HIS B 2194 62.48 77.54 6.23
CA HIS B 2194 62.65 76.21 6.83
C HIS B 2194 61.34 75.44 6.83
N PRO B 2195 60.79 75.12 5.66
CA PRO B 2195 59.46 74.49 5.60
C PRO B 2195 59.36 73.12 6.26
N ASN B 2196 60.46 72.36 6.30
CA ASN B 2196 60.48 71.08 7.00
C ASN B 2196 60.16 71.24 8.47
N LEU B 2197 60.65 72.32 9.08
CA LEU B 2197 60.32 72.65 10.47
C LEU B 2197 58.83 72.86 10.66
N MET B 2198 58.19 73.60 9.73
CA MET B 2198 56.77 73.91 9.85
C MET B 2198 55.93 72.64 9.76
N ARG B 2199 56.32 71.73 8.87
CA ARG B 2199 55.65 70.45 8.76
C ARG B 2199 55.86 69.64 10.03
N ALA B 2200 57.09 69.70 10.58
CA ALA B 2200 57.39 68.94 11.80
C ALA B 2200 56.53 69.42 12.96
N LEU B 2201 56.29 70.74 13.04
CA LEU B 2201 55.37 71.26 14.05
C LEU B 2201 53.93 70.89 13.77
N GLY B 2202 53.61 70.53 12.51
CA GLY B 2202 52.23 70.20 12.17
C GLY B 2202 51.23 71.31 12.33
N MET B 2203 51.65 72.56 12.08
CA MET B 2203 50.74 73.69 12.20
C MET B 2203 49.56 73.58 11.25
N HIS B 2204 49.76 72.97 10.07
CA HIS B 2204 48.68 72.80 9.11
C HIS B 2204 47.59 71.92 9.71
N GLU B 2205 47.98 70.82 10.37
CA GLU B 2205 47.04 69.97 11.09
C GLU B 2205 46.27 70.77 12.12
N THR B 2206 46.99 71.59 12.89
CA THR B 2206 46.35 72.37 13.97
C THR B 2206 45.30 73.31 13.40
N VAL B 2207 45.60 73.98 12.28
CA VAL B 2207 44.62 74.83 11.60
C VAL B 2207 43.41 74.00 11.17
N MET B 2208 43.68 72.82 10.57
CA MET B 2208 42.62 71.96 10.04
C MET B 2208 41.60 71.62 11.12
N GLU B 2209 42.08 71.24 12.32
CA GLU B 2209 41.16 70.90 13.41
C GLU B 2209 40.21 72.05 13.71
N VAL B 2210 40.73 73.29 13.62
CA VAL B 2210 39.95 74.49 13.90
C VAL B 2210 38.79 74.57 12.91
N MET B 2211 39.10 74.45 11.61
CA MET B 2211 38.01 74.48 10.62
C MET B 2211 37.05 73.31 10.81
N VAL B 2212 37.58 72.13 11.15
CA VAL B 2212 36.75 70.96 11.40
C VAL B 2212 35.69 71.27 12.46
N ASN B 2213 36.11 71.88 13.57
CA ASN B 2213 35.17 72.31 14.60
C ASN B 2213 34.21 73.39 14.12
N VAL B 2214 34.70 74.37 13.35
CA VAL B 2214 33.84 75.44 12.83
C VAL B 2214 32.78 74.88 11.87
N LEU B 2215 33.18 73.99 10.96
CA LEU B 2215 32.23 73.36 10.05
C LEU B 2215 31.26 72.44 10.78
N GLY B 2216 31.77 71.55 11.64
CA GLY B 2216 30.92 70.63 12.36
C GLY B 2216 29.92 71.32 13.26
N GLY B 2217 30.31 72.45 13.86
CA GLY B 2217 29.35 73.27 14.57
C GLY B 2217 28.45 73.89 13.53
N GLY B 2218 27.18 73.54 13.54
CA GLY B 2218 26.23 74.12 12.60
C GLY B 2218 26.51 73.81 11.15
N GLU B 2219 27.05 72.62 10.86
CA GLU B 2219 27.28 72.23 9.46
C GLU B 2219 25.97 72.04 8.72
N THR B 2220 24.93 71.58 9.42
CA THR B 2220 23.62 71.34 8.82
C THR B 2220 22.99 72.62 8.27
N LYS B 2221 23.11 73.72 9.00
CA LYS B 2221 22.40 74.95 8.63
C LYS B 2221 23.23 75.89 7.77
N GLU B 2222 24.34 76.42 8.29
CA GLU B 2222 25.17 77.44 7.65
C GLU B 2222 26.33 77.71 8.59
N ILE B 2223 27.39 78.28 8.03
CA ILE B 2223 28.63 78.52 8.77
C ILE B 2223 28.72 80.00 9.12
N ARG B 2224 28.55 80.31 10.40
CA ARG B 2224 28.89 81.62 10.89
C ARG B 2224 30.41 81.73 11.05
N PHE B 2225 30.88 82.97 11.21
CA PHE B 2225 32.29 83.33 11.15
C PHE B 2225 33.03 82.82 9.90
N PRO B 2226 32.51 83.08 8.69
CA PRO B 2226 33.18 82.53 7.49
C PRO B 2226 34.46 83.23 7.11
N LYS B 2227 34.69 84.46 7.60
CA LYS B 2227 35.86 85.24 7.21
C LYS B 2227 37.15 84.55 7.61
N MET B 2228 37.18 84.00 8.83
CA MET B 2228 38.38 83.27 9.23
C MET B 2228 38.49 81.94 8.49
N VAL B 2229 37.34 81.32 8.17
CA VAL B 2229 37.34 80.05 7.44
C VAL B 2229 38.02 80.22 6.09
N THR B 2230 37.60 81.23 5.33
CA THR B 2230 38.24 81.48 4.03
C THR B 2230 39.65 82.04 4.18
N SER B 2231 39.97 82.72 5.29
CA SER B 2231 41.35 83.15 5.53
C SER B 2231 42.29 81.98 5.71
N CYS B 2232 41.89 81.01 6.54
CA CYS B 2232 42.66 79.79 6.73
C CYS B 2232 42.72 78.96 5.45
N CYS B 2233 41.59 78.83 4.75
CA CYS B 2233 41.61 78.09 3.49
C CYS B 2233 42.52 78.76 2.44
N ARG B 2234 42.66 80.09 2.49
CA ARG B 2234 43.70 80.77 1.71
C ARG B 2234 45.09 80.37 2.18
N PHE B 2235 45.24 80.25 3.51
CA PHE B 2235 46.54 79.96 4.11
C PHE B 2235 47.00 78.58 3.71
N LEU B 2236 46.10 77.60 3.80
CA LEU B 2236 46.46 76.22 3.55
C LEU B 2236 46.94 76.06 2.10
N CYS B 2237 46.22 76.68 1.15
CA CYS B 2237 46.62 76.66 -0.25
C CYS B 2237 48.00 77.26 -0.44
N TYR B 2238 48.30 78.33 0.32
CA TYR B 2238 49.65 78.86 0.34
C TYR B 2238 50.64 77.82 0.87
N PHE B 2239 50.24 77.10 1.92
CA PHE B 2239 51.12 76.10 2.51
C PHE B 2239 51.41 74.97 1.53
N CYS B 2240 50.40 74.64 0.70
CA CYS B 2240 50.57 73.61 -0.31
C CYS B 2240 51.61 74.05 -1.32
N ARG B 2241 51.57 75.33 -1.72
CA ARG B 2241 52.48 75.75 -2.77
C ARG B 2241 53.95 75.85 -2.34
N ILE B 2242 54.25 75.74 -1.04
CA ILE B 2242 55.62 75.89 -0.55
C ILE B 2242 56.54 74.82 -1.09
N SER B 2243 56.10 73.55 -1.05
CA SER B 2243 56.90 72.44 -1.54
C SER B 2243 56.02 71.22 -1.72
N ARG B 2244 56.55 70.25 -2.47
CA ARG B 2244 55.82 69.01 -2.75
C ARG B 2244 55.53 68.23 -1.48
N GLN B 2245 56.57 68.06 -0.63
CA GLN B 2245 56.43 67.29 0.61
C GLN B 2245 55.39 67.89 1.54
N ASN B 2246 55.41 69.23 1.67
CA ASN B 2246 54.39 69.93 2.44
C ASN B 2246 53.00 69.70 1.85
N GLN B 2247 52.92 69.74 0.52
CA GLN B 2247 51.67 69.41 -0.16
C GLN B 2247 51.30 67.96 0.08
N ARG B 2248 52.28 67.05 0.06
CA ARG B 2248 52.01 65.62 0.19
C ARG B 2248 51.42 65.29 1.57
N SER B 2249 52.07 65.81 2.61
CA SER B 2249 51.57 65.65 3.97
C SER B 2249 50.21 66.30 4.15
N MET B 2250 50.01 67.48 3.55
CA MET B 2250 48.68 68.09 3.57
C MET B 2250 47.68 67.20 2.85
N PHE B 2251 48.10 66.59 1.73
CA PHE B 2251 47.27 65.70 0.93
C PHE B 2251 46.75 64.52 1.74
N ASP B 2252 47.58 63.95 2.61
CA ASP B 2252 47.23 62.71 3.31
C ASP B 2252 45.96 62.81 4.18
N HIS B 2253 45.39 64.00 4.35
CA HIS B 2253 44.13 64.27 5.02
C HIS B 2253 43.01 64.65 4.05
N LEU B 2254 43.18 64.31 2.76
CA LEU B 2254 42.24 64.76 1.71
C LEU B 2254 40.83 64.26 1.96
N SER B 2255 40.68 62.95 2.20
CA SER B 2255 39.37 62.34 2.44
C SER B 2255 38.67 63.01 3.61
N TYR B 2256 39.44 63.34 4.65
CA TYR B 2256 38.93 63.97 5.86
C TYR B 2256 38.31 65.34 5.58
N LEU B 2257 38.74 66.01 4.51
CA LEU B 2257 38.21 67.32 4.14
C LEU B 2257 36.83 67.22 3.51
N LEU B 2258 36.60 66.13 2.75
CA LEU B 2258 35.50 66.10 1.79
C LEU B 2258 34.14 66.17 2.48
N GLU B 2259 33.97 65.44 3.59
CA GLU B 2259 32.68 65.46 4.26
C GLU B 2259 32.41 66.84 4.85
N ASN B 2260 33.45 67.51 5.36
CA ASN B 2260 33.26 68.85 5.89
C ASN B 2260 33.00 69.85 4.79
N SER B 2261 33.33 69.52 3.55
CA SER B 2261 33.12 70.48 2.47
C SER B 2261 31.72 70.39 1.90
N GLY B 2262 30.87 69.54 2.47
CA GLY B 2262 29.50 69.35 2.01
C GLY B 2262 28.60 70.55 2.15
N ILE B 2263 28.98 71.55 2.95
CA ILE B 2263 28.20 72.76 3.10
C ILE B 2263 29.02 74.02 2.86
N GLY B 2264 30.33 73.90 2.59
CA GLY B 2264 31.18 75.04 2.30
C GLY B 2264 30.87 75.78 1.01
N LEU B 2265 29.96 75.22 0.18
CA LEU B 2265 29.55 75.87 -1.06
C LEU B 2265 28.87 77.21 -0.83
N GLY B 2266 28.24 77.39 0.34
CA GLY B 2266 27.52 78.62 0.62
C GLY B 2266 28.42 79.84 0.66
N MET B 2267 29.62 79.69 1.21
CA MET B 2267 30.59 80.77 1.27
C MET B 2267 31.51 80.73 0.07
N GLN B 2268 31.84 81.91 -0.44
CA GLN B 2268 32.75 82.08 -1.56
CA GLN B 2268 32.75 82.07 -1.56
C GLN B 2268 34.16 82.33 -1.04
N GLY B 2269 35.06 82.76 -1.92
CA GLY B 2269 36.42 83.06 -1.53
C GLY B 2269 37.30 81.85 -1.58
N SER B 2270 37.52 81.20 -0.44
CA SER B 2270 38.28 79.97 -0.38
C SER B 2270 37.52 78.99 0.48
N THR B 2271 37.52 77.73 0.09
CA THR B 2271 36.76 76.65 0.71
C THR B 2271 37.65 75.44 0.94
N PRO B 2272 37.21 74.49 1.81
CA PRO B 2272 37.97 73.23 1.91
C PRO B 2272 38.12 72.51 0.58
N LEU B 2273 37.09 72.54 -0.28
CA LEU B 2273 37.21 72.00 -1.62
C LEU B 2273 38.33 72.67 -2.41
N ASP B 2274 38.46 74.00 -2.28
CA ASP B 2274 39.56 74.74 -2.88
C ASP B 2274 40.91 74.27 -2.35
N VAL B 2275 40.99 74.05 -1.03
CA VAL B 2275 42.19 73.48 -0.43
C VAL B 2275 42.45 72.09 -0.97
N ALA B 2276 41.40 71.28 -1.11
CA ALA B 2276 41.53 69.94 -1.68
C ALA B 2276 42.11 69.98 -3.09
N ALA B 2277 41.64 70.93 -3.91
CA ALA B 2277 42.13 71.08 -5.27
C ALA B 2277 43.61 71.46 -5.28
N ALA B 2278 43.95 72.52 -4.54
CA ALA B 2278 45.35 72.92 -4.47
C ALA B 2278 46.23 71.90 -3.75
N SER B 2279 45.63 70.96 -3.01
CA SER B 2279 46.34 69.87 -2.37
C SER B 2279 46.87 68.86 -3.35
N VAL B 2280 46.39 68.89 -4.60
CA VAL B 2280 46.73 67.88 -5.58
C VAL B 2280 47.16 68.48 -6.92
N ILE B 2281 47.11 69.82 -7.06
CA ILE B 2281 47.29 70.47 -8.37
C ILE B 2281 48.68 70.17 -8.93
N ASP B 2282 48.70 69.71 -10.19
CA ASP B 2282 49.92 69.50 -11.00
C ASP B 2282 50.90 68.52 -10.34
N ASN B 2283 50.36 67.46 -9.76
CA ASN B 2283 51.16 66.39 -9.15
C ASN B 2283 50.78 65.10 -9.85
N ASN B 2284 51.59 64.69 -10.84
CA ASN B 2284 51.31 63.47 -11.58
C ASN B 2284 51.34 62.22 -10.70
N GLU B 2285 52.19 62.20 -9.67
CA GLU B 2285 52.18 61.09 -8.73
C GLU B 2285 50.89 61.04 -7.92
N LEU B 2286 50.30 62.20 -7.69
CA LEU B 2286 49.26 62.28 -6.68
C LEU B 2286 47.92 62.03 -7.33
N ALA B 2287 47.68 62.64 -8.50
CA ALA B 2287 46.48 62.33 -9.25
C ALA B 2287 46.39 60.84 -9.59
N LEU B 2288 47.55 60.19 -9.81
CA LEU B 2288 47.58 58.74 -9.95
C LEU B 2288 47.21 58.05 -8.64
N ALA B 2289 47.67 58.58 -7.51
CA ALA B 2289 47.38 57.94 -6.23
C ALA B 2289 46.04 58.37 -5.65
N LEU B 2290 45.30 59.24 -6.33
CA LEU B 2290 44.01 59.73 -5.89
C LEU B 2290 42.98 58.60 -5.90
N GLN B 2291 42.60 58.15 -4.69
CA GLN B 2291 41.85 56.91 -4.53
C GLN B 2291 40.41 56.99 -5.06
N GLU B 2292 39.91 55.80 -5.46
CA GLU B 2292 38.57 55.60 -6.00
C GLU B 2292 37.52 56.15 -5.05
N GLN B 2293 37.59 55.73 -3.78
CA GLN B 2293 36.60 56.09 -2.77
C GLN B 2293 36.44 57.59 -2.67
N ASP B 2294 37.57 58.31 -2.80
CA ASP B 2294 37.57 59.77 -2.76
C ASP B 2294 36.80 60.32 -3.95
N LEU B 2295 37.05 59.75 -5.14
CA LEU B 2295 36.37 60.25 -6.34
C LEU B 2295 34.87 59.98 -6.27
N GLU B 2296 34.49 58.73 -5.96
CA GLU B 2296 33.07 58.41 -5.90
C GLU B 2296 32.35 59.20 -4.81
N LYS B 2297 33.07 59.57 -3.74
CA LYS B 2297 32.47 60.38 -2.71
C LYS B 2297 32.15 61.78 -3.24
N VAL B 2298 33.07 62.31 -4.06
CA VAL B 2298 32.87 63.63 -4.64
C VAL B 2298 31.69 63.61 -5.62
N VAL B 2299 31.67 62.63 -6.53
CA VAL B 2299 30.60 62.62 -7.53
C VAL B 2299 29.24 62.37 -6.86
N SER B 2300 29.20 61.57 -5.77
CA SER B 2300 27.96 61.41 -4.99
C SER B 2300 27.47 62.75 -4.45
N TYR B 2301 28.40 63.57 -3.93
CA TYR B 2301 28.05 64.94 -3.54
C TYR B 2301 27.52 65.72 -4.74
N LEU B 2302 28.19 65.61 -5.88
CA LEU B 2302 27.78 66.36 -7.06
C LEU B 2302 26.39 65.93 -7.52
N ALA B 2303 26.07 64.64 -7.34
CA ALA B 2303 24.73 64.11 -7.58
C ALA B 2303 23.70 64.79 -6.70
N GLY B 2304 24.03 64.94 -5.42
CA GLY B 2304 23.14 65.67 -4.52
C GLY B 2304 22.93 67.11 -4.92
N CYS B 2305 24.02 67.78 -5.32
CA CYS B 2305 23.91 69.15 -5.82
C CYS B 2305 23.11 69.22 -7.12
N GLY B 2306 23.26 68.22 -7.98
CA GLY B 2306 22.56 68.15 -9.23
C GLY B 2306 21.13 67.67 -9.10
N LEU B 2307 20.72 67.30 -7.89
CA LEU B 2307 19.38 66.80 -7.67
C LEU B 2307 18.58 67.68 -6.73
N GLN B 2308 19.22 68.59 -5.99
CA GLN B 2308 18.50 69.41 -5.01
C GLN B 2308 18.90 70.86 -5.19
N SER B 2309 17.99 71.76 -4.82
CA SER B 2309 18.26 73.19 -4.84
C SER B 2309 19.27 73.58 -3.76
N CYS B 2310 19.57 74.88 -3.71
CA CYS B 2310 20.41 75.45 -2.67
C CYS B 2310 19.50 76.11 -1.64
N PRO B 2311 19.35 75.55 -0.44
CA PRO B 2311 18.42 76.14 0.55
C PRO B 2311 18.74 77.57 0.95
N MET B 2312 20.02 77.93 1.07
CA MET B 2312 20.40 79.30 1.41
C MET B 2312 19.97 80.29 0.32
N LEU B 2313 20.19 79.92 -0.95
CA LEU B 2313 19.73 80.77 -2.04
C LEU B 2313 18.21 80.81 -2.09
N LEU B 2314 17.56 79.67 -1.79
CA LEU B 2314 16.11 79.62 -1.80
C LEU B 2314 15.54 80.58 -0.76
N ALA B 2315 16.19 80.62 0.42
CA ALA B 2315 15.74 81.50 1.48
C ALA B 2315 15.97 82.96 1.12
N LYS B 2316 17.01 83.25 0.32
CA LYS B 2316 17.33 84.66 0.05
C LYS B 2316 16.47 85.29 -1.06
N GLY B 2317 15.29 84.75 -1.37
CA GLY B 2317 14.42 85.31 -2.37
C GLY B 2317 14.60 84.80 -3.78
N TYR B 2318 15.61 83.99 -4.03
CA TYR B 2318 15.89 83.50 -5.37
C TYR B 2318 14.81 82.48 -5.79
N PRO B 2319 14.49 82.42 -7.08
CA PRO B 2319 13.58 81.37 -7.56
C PRO B 2319 14.24 80.00 -7.49
N ASP B 2320 13.40 78.97 -7.61
CA ASP B 2320 13.81 77.59 -7.38
C ASP B 2320 14.00 76.83 -8.68
N ILE B 2321 15.10 76.07 -8.75
CA ILE B 2321 15.33 75.07 -9.77
C ILE B 2321 15.78 73.79 -9.06
N GLY B 2322 15.53 72.65 -9.69
CA GLY B 2322 15.76 71.36 -9.08
C GLY B 2322 17.20 70.88 -8.95
N TRP B 2323 18.17 71.80 -8.95
CA TRP B 2323 19.58 71.46 -8.86
C TRP B 2323 20.38 72.69 -8.45
N ASN B 2324 21.67 72.48 -8.16
CA ASN B 2324 22.55 73.55 -7.72
C ASN B 2324 23.66 73.77 -8.75
N PRO B 2325 23.52 74.78 -9.61
CA PRO B 2325 24.60 75.12 -10.56
C PRO B 2325 25.90 75.54 -9.90
N CYS B 2326 25.84 76.27 -8.79
CA CYS B 2326 27.06 76.78 -8.16
C CYS B 2326 27.81 75.64 -7.51
N GLY B 2327 27.08 74.81 -6.75
CA GLY B 2327 27.71 73.77 -5.96
C GLY B 2327 28.32 72.73 -6.88
N GLY B 2328 27.53 72.30 -7.87
CA GLY B 2328 28.06 71.34 -8.82
C GLY B 2328 29.24 71.91 -9.59
N GLU B 2329 29.18 73.21 -9.93
CA GLU B 2329 30.27 73.86 -10.66
C GLU B 2329 31.58 73.83 -9.86
N ARG B 2330 31.48 74.06 -8.54
CA ARG B 2330 32.63 73.95 -7.65
C ARG B 2330 33.21 72.53 -7.65
N TYR B 2331 32.32 71.53 -7.61
CA TYR B 2331 32.80 70.15 -7.71
C TYR B 2331 33.47 69.89 -9.06
N LEU B 2332 32.90 70.42 -10.15
CA LEU B 2332 33.47 70.25 -11.47
C LEU B 2332 34.86 70.86 -11.54
N ASP B 2333 35.03 72.07 -10.99
CA ASP B 2333 36.35 72.71 -10.94
C ASP B 2333 37.36 71.85 -10.21
N PHE B 2334 36.91 71.20 -9.12
CA PHE B 2334 37.76 70.26 -8.40
C PHE B 2334 38.15 69.09 -9.31
N LEU B 2335 37.17 68.50 -10.00
CA LEU B 2335 37.45 67.35 -10.84
C LEU B 2335 38.37 67.74 -11.99
N ARG B 2336 38.19 68.97 -12.52
CA ARG B 2336 39.04 69.52 -13.56
C ARG B 2336 40.48 69.56 -13.10
N PHE B 2337 40.71 69.84 -11.80
CA PHE B 2337 42.09 69.72 -11.34
C PHE B 2337 42.44 68.29 -10.98
N ALA B 2338 41.43 67.44 -10.79
CA ALA B 2338 41.66 66.08 -10.32
C ALA B 2338 42.16 65.17 -11.40
N VAL B 2339 41.84 65.49 -12.66
CA VAL B 2339 42.17 64.60 -13.76
C VAL B 2339 43.20 65.18 -14.73
N PHE B 2340 43.34 66.49 -14.82
CA PHE B 2340 44.22 67.11 -15.80
C PHE B 2340 45.50 67.58 -15.08
N VAL B 2341 46.65 67.08 -15.53
CA VAL B 2341 47.91 67.34 -14.85
C VAL B 2341 48.92 67.85 -15.88
N ASN B 2342 49.48 69.03 -15.61
CA ASN B 2342 50.64 69.59 -16.33
C ASN B 2342 50.43 69.70 -17.84
N GLY B 2343 49.18 69.87 -18.27
CA GLY B 2343 48.91 70.01 -19.68
C GLY B 2343 48.52 68.75 -20.40
N GLU B 2344 48.44 67.62 -19.72
CA GLU B 2344 48.04 66.37 -20.34
C GLU B 2344 47.08 65.62 -19.44
N SER B 2345 46.16 64.89 -20.07
CA SER B 2345 45.16 64.13 -19.33
C SER B 2345 45.80 62.92 -18.67
N VAL B 2346 45.14 62.43 -17.62
CA VAL B 2346 45.51 61.19 -16.96
C VAL B 2346 44.39 60.22 -17.21
N GLU B 2347 44.70 59.14 -17.93
CA GLU B 2347 43.67 58.20 -18.40
C GLU B 2347 42.97 57.50 -17.25
N GLU B 2348 43.72 57.13 -16.20
CA GLU B 2348 43.18 56.39 -15.07
C GLU B 2348 42.04 57.14 -14.39
N ASN B 2349 42.31 58.39 -14.02
CA ASN B 2349 41.31 59.25 -13.42
C ASN B 2349 40.23 59.59 -14.43
N ALA B 2350 40.60 59.83 -15.68
CA ALA B 2350 39.65 60.25 -16.71
C ALA B 2350 38.58 59.18 -16.92
N ASN B 2351 39.01 57.92 -17.08
CA ASN B 2351 38.07 56.85 -17.36
C ASN B 2351 37.26 56.54 -16.11
N VAL B 2352 37.87 56.68 -14.91
CA VAL B 2352 37.12 56.36 -13.70
C VAL B 2352 35.99 57.38 -13.51
N VAL B 2353 36.33 58.68 -13.64
CA VAL B 2353 35.33 59.72 -13.39
C VAL B 2353 34.19 59.62 -14.41
N VAL B 2354 34.51 59.44 -15.70
CA VAL B 2354 33.43 59.32 -16.69
C VAL B 2354 32.59 58.08 -16.40
N ARG B 2355 33.22 56.99 -15.92
CA ARG B 2355 32.46 55.81 -15.53
C ARG B 2355 31.49 56.09 -14.38
N LEU B 2356 31.87 56.97 -13.45
CA LEU B 2356 30.89 57.35 -12.43
C LEU B 2356 29.83 58.32 -12.95
N LEU B 2357 30.20 59.22 -13.86
CA LEU B 2357 29.19 60.07 -14.48
C LEU B 2357 28.18 59.27 -15.29
N ILE B 2358 28.64 58.26 -16.04
CA ILE B 2358 27.69 57.50 -16.85
C ILE B 2358 26.80 56.66 -15.95
N ARG B 2359 27.37 56.02 -14.90
CA ARG B 2359 26.55 55.23 -13.99
C ARG B 2359 25.54 56.11 -13.24
N LYS B 2360 25.85 57.39 -13.06
CA LYS B 2360 25.01 58.35 -12.34
C LYS B 2360 24.59 59.46 -13.30
N PRO B 2361 23.66 59.19 -14.23
CA PRO B 2361 23.31 60.19 -15.26
C PRO B 2361 22.72 61.49 -14.73
N GLU B 2362 22.23 61.50 -13.49
CA GLU B 2362 21.72 62.73 -12.87
C GLU B 2362 22.79 63.80 -12.68
N CYS B 2363 24.08 63.41 -12.66
CA CYS B 2363 25.17 64.37 -12.63
C CYS B 2363 25.13 65.35 -13.79
N PHE B 2364 24.66 64.90 -14.95
CA PHE B 2364 24.58 65.76 -16.14
C PHE B 2364 23.53 66.85 -16.01
N GLY B 2365 22.60 66.74 -15.06
CA GLY B 2365 21.62 67.77 -14.86
C GLY B 2365 20.38 67.50 -15.67
N PRO B 2366 19.43 68.44 -15.66
CA PRO B 2366 18.16 68.25 -16.40
C PRO B 2366 18.37 68.05 -17.90
N ALA B 2367 19.32 68.77 -18.50
CA ALA B 2367 19.72 68.49 -19.87
C ALA B 2367 20.68 67.32 -19.89
N LEU B 2368 20.64 66.57 -21.00
CA LEU B 2368 21.48 65.38 -21.24
C LEU B 2368 21.31 64.36 -20.11
N ARG B 2369 20.07 64.22 -19.64
CA ARG B 2369 19.73 63.33 -18.55
CA ARG B 2369 19.72 63.33 -18.54
C ARG B 2369 19.37 61.92 -19.01
N GLY B 2370 18.83 61.79 -20.22
CA GLY B 2370 18.34 60.51 -20.68
C GLY B 2370 16.90 60.67 -21.07
N GLU B 2371 16.01 59.86 -20.48
CA GLU B 2371 14.59 59.83 -20.84
C GLU B 2371 13.90 61.18 -20.58
N GLY B 2372 13.54 61.86 -21.65
CA GLY B 2372 12.83 63.12 -21.59
C GLY B 2372 13.74 64.31 -21.38
N GLY B 2373 15.05 64.11 -21.31
CA GLY B 2373 15.98 65.20 -21.08
C GLY B 2373 16.30 65.98 -22.34
N SER B 2374 15.94 67.25 -22.37
CA SER B 2374 16.17 68.12 -23.51
C SER B 2374 17.67 68.31 -23.74
N GLY B 2375 18.02 68.68 -24.97
CA GLY B 2375 19.41 68.82 -25.33
C GLY B 2375 20.08 69.99 -24.64
N LEU B 2376 21.41 69.90 -24.53
CA LEU B 2376 22.21 71.01 -24.00
C LEU B 2376 22.06 72.25 -24.87
N LEU B 2377 22.01 72.05 -26.20
CA LEU B 2377 21.74 73.14 -27.14
C LEU B 2377 20.47 73.88 -26.77
N ALA B 2378 19.37 73.13 -26.62
CA ALA B 2378 18.12 73.71 -26.15
C ALA B 2378 18.27 74.33 -24.77
N ALA B 2379 19.11 73.75 -23.92
CA ALA B 2379 19.27 74.18 -22.53
C ALA B 2379 19.88 75.56 -22.42
N ILE B 2380 20.77 75.93 -23.34
CA ILE B 2380 21.56 77.15 -23.15
C ILE B 2380 20.72 78.41 -23.33
N GLU B 2381 19.80 78.43 -24.31
CA GLU B 2381 19.16 79.68 -24.74
C GLU B 2381 18.33 80.29 -23.62
N GLU B 2382 17.49 79.49 -22.95
CA GLU B 2382 16.67 80.07 -21.89
C GLU B 2382 17.53 80.50 -20.70
N ALA B 2383 18.62 79.79 -20.40
CA ALA B 2383 19.58 80.25 -19.40
C ALA B 2383 20.16 81.62 -19.74
N ILE B 2384 20.45 81.84 -21.03
CA ILE B 2384 20.85 83.16 -21.52
C ILE B 2384 19.73 84.18 -21.30
N ARG B 2385 18.49 83.80 -21.62
CA ARG B 2385 17.36 84.71 -21.44
C ARG B 2385 17.12 84.99 -19.96
N ILE B 2386 17.27 83.98 -19.10
CA ILE B 2386 17.10 84.13 -17.65
C ILE B 2386 18.10 85.14 -17.11
N SER B 2387 19.37 85.02 -17.53
CA SER B 2387 20.37 86.00 -17.11
C SER B 2387 20.09 87.39 -17.67
N GLU B 2388 19.65 87.48 -18.93
CA GLU B 2388 19.37 88.78 -19.55
C GLU B 2388 18.16 89.48 -18.92
N ASP B 2389 17.08 88.74 -18.68
CA ASP B 2389 15.84 89.26 -18.11
C ASP B 2389 15.85 89.22 -16.59
N PRO B 2390 15.74 90.36 -15.89
CA PRO B 2390 15.76 90.32 -14.42
C PRO B 2390 14.51 89.67 -13.80
N ALA B 2391 14.44 89.72 -12.45
CA ALA B 2391 13.37 89.21 -11.59
C ALA B 2391 13.36 87.68 -11.50
N ARG B 2392 14.16 87.01 -12.32
CA ARG B 2392 14.39 85.57 -12.23
C ARG B 2392 15.85 85.20 -12.26
N ASP B 2393 16.74 86.06 -12.77
CA ASP B 2393 18.17 85.85 -12.66
C ASP B 2393 18.61 85.88 -11.20
N GLY B 2394 18.04 86.80 -10.43
CA GLY B 2394 18.36 86.93 -9.03
C GLY B 2394 17.10 86.90 -8.19
N PRO B 2395 17.19 87.36 -6.94
CA PRO B 2395 16.05 87.27 -6.01
C PRO B 2395 14.82 88.06 -6.45
N GLY B 2396 15.00 89.18 -7.13
CA GLY B 2396 13.89 90.08 -7.35
C GLY B 2396 13.39 90.76 -6.09
N VAL B 2397 14.32 91.17 -5.23
CA VAL B 2397 13.96 91.83 -3.98
C VAL B 2397 13.91 93.34 -4.18
N PRO B 2410 28.65 93.48 -6.90
CA PRO B 2410 27.26 93.12 -6.62
C PRO B 2410 26.80 93.65 -5.25
N PRO B 2411 25.48 93.68 -4.98
CA PRO B 2411 25.02 94.14 -3.65
C PRO B 2411 25.55 93.35 -2.46
N GLU B 2412 25.69 92.03 -2.58
CA GLU B 2412 26.41 91.21 -1.62
C GLU B 2412 27.90 91.05 -1.99
N GLU B 2413 28.31 91.64 -3.12
CA GLU B 2413 29.61 91.56 -3.81
C GLU B 2413 29.82 90.20 -4.49
N ASN B 2414 28.90 89.25 -4.24
CA ASN B 2414 28.88 87.97 -4.91
C ASN B 2414 27.44 87.49 -5.15
N ARG B 2415 26.53 88.44 -5.42
CA ARG B 2415 25.15 88.13 -5.76
C ARG B 2415 25.09 87.13 -6.89
N VAL B 2416 24.34 86.06 -6.67
CA VAL B 2416 24.28 84.95 -7.61
C VAL B 2416 23.37 85.32 -8.78
N HIS B 2417 23.75 84.90 -9.97
CA HIS B 2417 23.00 85.08 -11.21
C HIS B 2417 22.76 83.69 -11.75
N LEU B 2418 21.49 83.24 -11.73
CA LEU B 2418 21.13 81.86 -12.04
C LEU B 2418 21.54 81.43 -13.44
N GLY B 2419 21.16 82.21 -14.46
CA GLY B 2419 21.52 81.86 -15.84
C GLY B 2419 23.03 81.73 -16.06
N HIS B 2420 23.79 82.66 -15.46
CA HIS B 2420 25.24 82.59 -15.49
C HIS B 2420 25.76 81.35 -14.77
N ALA B 2421 25.17 81.02 -13.61
CA ALA B 2421 25.60 79.84 -12.87
C ALA B 2421 25.30 78.55 -13.65
N ILE B 2422 24.11 78.49 -14.27
CA ILE B 2422 23.67 77.32 -15.02
C ILE B 2422 24.62 77.05 -16.19
N MET B 2423 24.88 78.10 -16.98
CA MET B 2423 25.79 77.98 -18.10
C MET B 2423 27.23 77.74 -17.63
N SER B 2424 27.64 78.32 -16.50
CA SER B 2424 28.97 78.07 -15.95
C SER B 2424 29.13 76.61 -15.56
N PHE B 2425 28.08 76.02 -14.97
CA PHE B 2425 28.09 74.59 -14.66
C PHE B 2425 28.21 73.77 -15.94
N TYR B 2426 27.49 74.16 -16.98
CA TYR B 2426 27.53 73.40 -18.23
C TYR B 2426 28.92 73.48 -18.83
N ALA B 2427 29.51 74.68 -18.78
CA ALA B 2427 30.83 74.94 -19.33
C ALA B 2427 31.89 74.09 -18.64
N ALA B 2428 31.89 74.10 -17.31
CA ALA B 2428 32.82 73.26 -16.56
C ALA B 2428 32.57 71.77 -16.79
N LEU B 2429 31.30 71.37 -16.99
CA LEU B 2429 30.99 69.98 -17.33
C LEU B 2429 31.63 69.56 -18.65
N ILE B 2430 31.48 70.42 -19.68
CA ILE B 2430 32.10 70.17 -20.97
C ILE B 2430 33.61 70.19 -20.84
N ASP B 2431 34.16 71.17 -20.10
CA ASP B 2431 35.60 71.31 -19.96
C ASP B 2431 36.19 70.09 -19.27
N LEU B 2432 35.46 69.57 -18.27
CA LEU B 2432 35.83 68.33 -17.59
C LEU B 2432 35.92 67.16 -18.56
N LEU B 2433 34.87 66.96 -19.36
CA LEU B 2433 34.90 65.87 -20.34
C LEU B 2433 36.02 66.07 -21.36
N GLY B 2434 36.20 67.31 -21.82
CA GLY B 2434 37.26 67.62 -22.77
C GLY B 2434 38.64 67.31 -22.22
N ARG B 2435 38.85 67.58 -20.94
CA ARG B 2435 40.13 67.22 -20.33
C ARG B 2435 40.18 65.74 -20.02
N CYS B 2436 39.03 65.07 -20.00
CA CYS B 2436 38.99 63.63 -19.77
C CYS B 2436 39.25 62.84 -21.04
N ALA B 2437 39.27 63.52 -22.18
CA ALA B 2437 39.45 62.85 -23.47
C ALA B 2437 40.82 62.20 -23.56
N PRO B 2438 40.93 61.03 -24.21
CA PRO B 2438 42.23 60.36 -24.35
C PRO B 2438 43.20 61.16 -25.22
N GLU B 2439 44.48 61.00 -24.92
CA GLU B 2439 45.52 61.63 -25.71
C GLU B 2439 45.63 61.04 -27.12
N MET B 2440 46.08 61.89 -28.04
CA MET B 2440 46.03 61.55 -29.45
C MET B 2440 46.97 60.41 -29.81
N HIS B 2441 48.10 60.25 -29.10
CA HIS B 2441 48.99 59.15 -29.45
C HIS B 2441 48.35 57.81 -29.09
N LEU B 2442 47.47 57.83 -28.10
CA LEU B 2442 46.67 56.66 -27.75
C LEU B 2442 45.60 56.41 -28.80
N ILE B 2443 44.91 57.46 -29.23
CA ILE B 2443 43.86 57.28 -30.24
C ILE B 2443 44.46 56.83 -31.57
N GLN B 2444 45.58 57.42 -31.98
CA GLN B 2444 46.30 56.99 -33.18
C GLN B 2444 46.80 55.55 -33.08
N ALA B 2445 47.31 55.15 -31.91
CA ALA B 2445 47.61 53.73 -31.69
C ALA B 2445 46.36 52.86 -31.60
N GLY B 2446 45.18 53.47 -31.42
CA GLY B 2446 43.92 52.76 -31.36
C GLY B 2446 43.78 51.77 -30.24
N LYS B 2447 44.23 52.15 -29.04
CA LYS B 2447 44.15 51.28 -27.87
C LYS B 2447 42.70 50.93 -27.58
N GLY B 2448 42.46 49.65 -27.27
CA GLY B 2448 41.15 49.02 -27.18
C GLY B 2448 40.09 49.77 -26.40
N GLU B 2449 40.27 49.87 -25.08
CA GLU B 2449 39.29 50.55 -24.25
C GLU B 2449 39.36 52.06 -24.45
N ALA B 2450 40.53 52.56 -24.87
CA ALA B 2450 40.70 54.01 -25.07
C ALA B 2450 39.74 54.50 -26.13
N LEU B 2451 39.58 53.73 -27.22
CA LEU B 2451 38.60 54.10 -28.24
C LEU B 2451 37.18 54.11 -27.66
N ARG B 2452 36.91 53.22 -26.68
CA ARG B 2452 35.58 53.14 -26.09
C ARG B 2452 35.21 54.43 -25.39
N ILE B 2453 36.15 55.03 -24.63
CA ILE B 2453 35.81 56.27 -23.92
C ILE B 2453 35.45 57.38 -24.90
N ARG B 2454 36.32 57.63 -25.89
CA ARG B 2454 36.05 58.65 -26.91
C ARG B 2454 34.73 58.40 -27.65
N ALA B 2455 34.42 57.11 -27.90
CA ALA B 2455 33.11 56.74 -28.43
C ALA B 2455 31.98 57.17 -27.50
N ILE B 2456 32.15 56.94 -26.19
CA ILE B 2456 31.12 57.27 -25.22
C ILE B 2456 30.87 58.77 -25.22
N LEU B 2457 31.95 59.56 -25.09
CA LEU B 2457 31.81 61.02 -25.02
C LEU B 2457 31.17 61.56 -26.29
N ARG B 2458 31.57 61.02 -27.45
CA ARG B 2458 30.93 61.46 -28.70
C ARG B 2458 29.45 61.08 -28.73
N SER B 2459 29.07 59.96 -28.09
CA SER B 2459 27.65 59.62 -28.01
C SER B 2459 26.89 60.64 -27.17
N LEU B 2460 27.49 61.07 -26.05
CA LEU B 2460 26.80 62.04 -25.18
C LEU B 2460 26.71 63.42 -25.83
N VAL B 2461 27.80 63.92 -26.38
CA VAL B 2461 27.87 65.30 -26.86
C VAL B 2461 27.78 65.30 -28.38
N PRO B 2462 26.73 65.87 -28.97
CA PRO B 2462 26.63 66.02 -30.43
C PRO B 2462 27.29 67.28 -30.95
N LEU B 2463 27.77 67.18 -32.20
CA LEU B 2463 28.54 68.25 -32.84
C LEU B 2463 27.74 69.52 -33.05
N ASP B 2464 26.47 69.40 -33.48
CA ASP B 2464 25.62 70.57 -33.76
C ASP B 2464 25.48 71.48 -32.55
N ASP B 2465 25.44 70.89 -31.36
CA ASP B 2465 25.48 71.66 -30.11
C ASP B 2465 26.80 72.40 -29.98
N LEU B 2466 27.90 71.72 -30.28
CA LEU B 2466 29.23 72.31 -30.11
C LEU B 2466 29.42 73.51 -31.02
N VAL B 2467 29.03 73.37 -32.30
CA VAL B 2467 29.20 74.48 -33.24
C VAL B 2467 28.23 75.61 -32.90
N GLY B 2468 26.99 75.26 -32.51
CA GLY B 2468 25.97 76.28 -32.33
C GLY B 2468 26.31 77.19 -31.16
N ILE B 2469 26.62 76.59 -30.00
CA ILE B 2469 26.96 77.41 -28.84
C ILE B 2469 28.29 78.13 -29.06
N ILE B 2470 29.26 77.47 -29.72
CA ILE B 2470 30.51 78.15 -30.07
C ILE B 2470 30.26 79.34 -31.00
N SER B 2471 29.20 79.27 -31.81
CA SER B 2471 28.84 80.34 -32.72
C SER B 2471 27.82 81.31 -32.15
N LEU B 2472 27.48 81.19 -30.86
CA LEU B 2472 26.52 82.11 -30.26
C LEU B 2472 27.10 83.53 -30.17
N PRO B 2473 26.26 84.57 -30.16
CA PRO B 2473 26.78 85.94 -30.11
C PRO B 2473 27.29 86.32 -28.73
N LEU B 2474 27.95 87.47 -28.68
CA LEU B 2474 28.49 88.03 -27.44
C LEU B 2474 28.15 89.50 -27.31
N GLN B 2475 27.89 89.93 -26.07
CA GLN B 2475 27.76 91.36 -25.77
C GLN B 2475 29.06 92.08 -26.04
N ILE B 2476 28.95 93.26 -26.66
CA ILE B 2476 30.09 94.01 -27.17
C ILE B 2476 30.14 95.37 -26.48
N PRO B 2477 31.29 95.80 -25.95
CA PRO B 2477 31.40 97.17 -25.43
C PRO B 2477 31.29 98.19 -26.54
N THR B 2478 30.61 99.30 -26.24
CA THR B 2478 30.41 100.38 -27.20
C THR B 2478 30.63 101.73 -26.54
N LEU B 2479 30.98 102.72 -27.37
CA LEU B 2479 31.18 104.09 -26.92
C LEU B 2479 29.99 104.94 -27.34
N GLY B 2480 29.45 105.70 -26.40
CA GLY B 2480 28.29 106.53 -26.66
C GLY B 2480 27.65 106.92 -25.36
N LYS B 2481 26.51 107.61 -25.49
CA LYS B 2481 25.67 108.07 -24.36
C LYS B 2481 26.49 108.93 -23.40
N ASP B 2482 26.93 110.07 -23.93
CA ASP B 2482 27.89 110.97 -23.28
C ASP B 2482 29.21 110.24 -23.01
N GLY B 2483 29.58 109.34 -23.94
CA GLY B 2483 30.79 108.58 -23.78
C GLY B 2483 30.76 107.49 -22.74
N ALA B 2484 29.58 107.03 -22.33
CA ALA B 2484 29.49 105.95 -21.35
C ALA B 2484 29.88 104.65 -22.02
N LEU B 2485 31.04 104.12 -21.66
CA LEU B 2485 31.53 102.87 -22.22
C LEU B 2485 30.69 101.73 -21.66
N VAL B 2486 29.74 101.26 -22.46
CA VAL B 2486 28.77 100.26 -21.99
C VAL B 2486 29.48 98.92 -21.85
N GLN B 2487 29.82 98.55 -20.64
CA GLN B 2487 30.55 97.30 -20.49
C GLN B 2487 29.67 96.26 -19.82
N PRO B 2488 29.76 95.00 -20.22
CA PRO B 2488 28.97 93.97 -19.56
C PRO B 2488 29.54 93.60 -18.21
N LYS B 2489 28.67 93.07 -17.36
CA LYS B 2489 29.06 92.58 -16.04
C LYS B 2489 29.46 91.13 -16.22
N MET B 2490 30.75 90.83 -16.02
CA MET B 2490 31.30 89.49 -16.23
C MET B 2490 30.63 88.44 -15.32
N SER B 2491 30.06 88.87 -14.20
CA SER B 2491 29.36 87.94 -13.33
C SER B 2491 27.94 87.69 -13.79
N ALA B 2492 27.40 88.51 -14.69
CA ALA B 2492 26.02 88.38 -15.13
C ALA B 2492 25.89 88.55 -16.63
N SER B 2493 26.78 87.93 -17.40
CA SER B 2493 26.75 88.04 -18.85
C SER B 2493 27.49 86.84 -19.43
N PHE B 2494 27.31 86.63 -20.73
CA PHE B 2494 27.98 85.54 -21.40
C PHE B 2494 29.47 85.83 -21.51
N VAL B 2495 30.30 84.80 -21.34
CA VAL B 2495 31.75 84.99 -21.23
C VAL B 2495 32.48 84.17 -22.28
N PRO B 2496 33.65 84.62 -22.76
CA PRO B 2496 34.45 83.81 -23.69
C PRO B 2496 34.94 82.48 -23.14
N ASP B 2497 35.11 82.37 -21.81
CA ASP B 2497 35.71 81.19 -21.20
C ASP B 2497 34.86 79.95 -21.45
N HIS B 2498 33.54 80.12 -21.41
CA HIS B 2498 32.64 79.00 -21.58
C HIS B 2498 32.77 78.44 -22.99
N LYS B 2499 32.96 79.33 -23.99
CA LYS B 2499 33.24 78.88 -25.35
C LYS B 2499 34.59 78.15 -25.41
N ALA B 2500 35.59 78.67 -24.68
CA ALA B 2500 36.93 78.08 -24.69
C ALA B 2500 36.92 76.66 -24.16
N SER B 2501 36.01 76.39 -23.21
CA SER B 2501 35.86 75.04 -22.66
C SER B 2501 35.44 74.06 -23.75
N MET B 2502 34.47 74.45 -24.57
CA MET B 2502 34.01 73.59 -25.64
C MET B 2502 35.04 73.48 -26.76
N VAL B 2503 35.79 74.55 -27.02
CA VAL B 2503 36.90 74.47 -27.98
C VAL B 2503 37.91 73.43 -27.55
N LEU B 2504 38.27 73.42 -26.25
CA LEU B 2504 39.14 72.39 -25.70
C LEU B 2504 38.51 71.00 -25.81
N PHE B 2505 37.18 70.93 -25.66
CA PHE B 2505 36.46 69.67 -25.84
C PHE B 2505 36.61 69.17 -27.26
N LEU B 2506 36.29 70.03 -28.24
CA LEU B 2506 36.29 69.63 -29.64
C LEU B 2506 37.67 69.19 -30.06
N ASP B 2507 38.69 69.96 -29.65
CA ASP B 2507 40.09 69.64 -29.98
C ASP B 2507 40.49 68.28 -29.42
N ARG B 2508 40.15 68.00 -28.17
CA ARG B 2508 40.61 66.75 -27.57
C ARG B 2508 39.72 65.55 -27.94
N VAL B 2509 38.47 65.78 -28.32
CA VAL B 2509 37.52 64.68 -28.53
C VAL B 2509 37.36 64.44 -30.03
N TYR B 2510 36.87 65.45 -30.75
CA TYR B 2510 36.62 65.29 -32.17
C TYR B 2510 37.80 65.74 -33.02
N GLY B 2511 38.40 66.87 -32.66
CA GLY B 2511 39.56 67.38 -33.37
C GLY B 2511 39.13 67.97 -34.70
N ILE B 2512 40.13 68.30 -35.50
CA ILE B 2512 39.92 68.85 -36.83
C ILE B 2512 40.54 67.89 -37.83
N GLU B 2513 39.73 67.39 -38.76
CA GLU B 2513 40.17 66.40 -39.72
C GLU B 2513 40.15 66.95 -41.15
N ASN B 2514 39.00 67.43 -41.60
CA ASN B 2514 38.85 67.93 -42.95
C ASN B 2514 38.81 69.46 -43.03
N GLN B 2515 39.24 69.95 -44.20
CA GLN B 2515 39.32 71.38 -44.47
C GLN B 2515 37.96 72.04 -44.44
N ASP B 2516 36.96 71.42 -45.07
CA ASP B 2516 35.65 72.05 -45.21
C ASP B 2516 35.01 72.29 -43.85
N PHE B 2517 34.98 71.25 -43.00
CA PHE B 2517 34.44 71.37 -41.65
C PHE B 2517 35.25 72.36 -40.82
N LEU B 2518 36.58 72.40 -41.04
CA LEU B 2518 37.41 73.44 -40.41
C LEU B 2518 36.93 74.84 -40.76
N LEU B 2519 36.76 75.12 -42.06
CA LEU B 2519 36.26 76.43 -42.48
C LEU B 2519 34.84 76.68 -41.99
N HIS B 2520 33.98 75.65 -42.01
CA HIS B 2520 32.63 75.75 -41.48
C HIS B 2520 32.59 76.02 -39.98
N VAL B 2521 33.68 75.75 -39.26
CA VAL B 2521 33.80 76.19 -37.88
C VAL B 2521 34.36 77.60 -37.80
N LEU B 2522 35.35 77.89 -38.65
CA LEU B 2522 36.02 79.19 -38.66
C LEU B 2522 35.07 80.34 -38.96
N ASP B 2523 34.27 80.22 -40.03
CA ASP B 2523 33.45 81.32 -40.53
C ASP B 2523 32.41 81.77 -39.50
N VAL B 2524 31.67 80.82 -38.92
CA VAL B 2524 30.55 81.14 -38.06
C VAL B 2524 30.91 81.14 -36.57
N GLY B 2525 31.98 80.44 -36.18
CA GLY B 2525 32.36 80.35 -34.78
C GLY B 2525 33.54 81.20 -34.41
N PHE B 2526 34.58 81.22 -35.25
CA PHE B 2526 35.82 81.90 -34.92
C PHE B 2526 35.90 83.28 -35.56
N LEU B 2527 35.57 83.39 -36.86
CA LEU B 2527 35.69 84.66 -37.58
C LEU B 2527 34.98 85.84 -36.90
N PRO B 2528 33.73 85.72 -36.37
CA PRO B 2528 33.20 86.86 -35.58
C PRO B 2528 34.07 87.22 -34.39
N ASP B 2529 34.78 86.25 -33.80
CA ASP B 2529 35.61 86.53 -32.64
C ASP B 2529 36.82 87.33 -33.07
N MET B 2530 37.49 86.91 -34.16
CA MET B 2530 38.70 87.66 -34.56
C MET B 2530 38.34 89.05 -35.05
N ARG B 2531 37.27 89.19 -35.86
CA ARG B 2531 36.90 90.53 -36.34
C ARG B 2531 36.48 91.43 -35.18
N ALA B 2532 35.74 90.88 -34.20
CA ALA B 2532 35.36 91.63 -33.01
C ALA B 2532 36.58 92.07 -32.21
N ALA B 2533 37.50 91.15 -31.94
CA ALA B 2533 38.71 91.48 -31.18
C ALA B 2533 39.56 92.52 -31.89
N ALA B 2534 39.76 92.35 -33.21
CA ALA B 2534 40.50 93.33 -34.01
C ALA B 2534 39.84 94.70 -34.03
N SER B 2535 38.51 94.75 -34.14
CA SER B 2535 37.80 96.01 -34.03
C SER B 2535 37.92 96.62 -32.64
N LEU B 2536 37.74 95.80 -31.60
CA LEU B 2536 37.83 96.27 -30.22
C LEU B 2536 39.25 96.62 -29.79
N ASP B 2537 40.27 96.28 -30.59
CA ASP B 2537 41.66 96.61 -30.25
C ASP B 2537 41.86 98.11 -30.44
N THR B 2538 41.35 98.88 -29.48
CA THR B 2538 41.48 100.32 -29.43
C THR B 2538 41.80 100.73 -28.01
N ALA B 2539 42.52 101.86 -27.87
CA ALA B 2539 42.92 102.37 -26.56
C ALA B 2539 41.73 102.67 -25.64
N THR B 2540 40.55 102.92 -26.22
CA THR B 2540 39.36 103.14 -25.40
C THR B 2540 38.84 101.84 -24.79
N PHE B 2541 38.98 100.72 -25.51
CA PHE B 2541 38.37 99.47 -25.08
C PHE B 2541 39.33 98.32 -24.78
N SER B 2542 40.57 98.32 -25.31
CA SER B 2542 41.48 97.18 -25.17
C SER B 2542 41.80 96.84 -23.71
N THR B 2543 41.72 97.82 -22.81
CA THR B 2543 41.99 97.57 -21.40
C THR B 2543 40.74 97.15 -20.63
N THR B 2544 39.59 97.02 -21.27
CA THR B 2544 38.40 96.59 -20.55
C THR B 2544 38.45 95.10 -20.24
N GLU B 2545 37.54 94.70 -19.34
CA GLU B 2545 37.45 93.30 -18.90
C GLU B 2545 37.09 92.38 -20.05
N MET B 2546 36.19 92.80 -20.93
CA MET B 2546 35.73 91.91 -22.00
C MET B 2546 36.83 91.77 -23.04
N ALA B 2547 37.52 92.87 -23.34
CA ALA B 2547 38.61 92.81 -24.31
C ALA B 2547 39.71 91.89 -23.83
N LEU B 2548 40.12 92.01 -22.56
CA LEU B 2548 41.16 91.13 -22.05
C LEU B 2548 40.68 89.68 -21.96
N ALA B 2549 39.36 89.49 -21.75
CA ALA B 2549 38.78 88.15 -21.77
C ALA B 2549 38.95 87.53 -23.15
N LEU B 2550 38.66 88.28 -24.20
CA LEU B 2550 38.87 87.78 -25.55
C LEU B 2550 40.35 87.54 -25.83
N ASN B 2551 41.23 88.45 -25.39
CA ASN B 2551 42.67 88.29 -25.62
C ASN B 2551 43.19 86.96 -25.07
N ARG B 2552 42.80 86.64 -23.83
CA ARG B 2552 43.10 85.33 -23.28
C ARG B 2552 42.36 84.22 -24.01
N TYR B 2553 41.12 84.47 -24.45
CA TYR B 2553 40.32 83.44 -25.08
C TYR B 2553 40.92 83.02 -26.42
N LEU B 2554 41.30 84.00 -27.22
CA LEU B 2554 41.82 83.70 -28.54
C LEU B 2554 43.20 83.06 -28.41
N CYS B 2555 44.09 83.69 -27.61
CA CYS B 2555 45.47 83.22 -27.53
C CYS B 2555 45.63 81.91 -26.77
N LEU B 2556 44.58 81.43 -26.09
CA LEU B 2556 44.69 80.20 -25.34
C LEU B 2556 43.87 79.07 -25.95
N ALA B 2557 42.78 79.38 -26.65
CA ALA B 2557 41.92 78.38 -27.23
C ALA B 2557 41.92 78.39 -28.76
N VAL B 2558 41.59 79.53 -29.38
CA VAL B 2558 41.40 79.54 -30.83
C VAL B 2558 42.73 79.41 -31.56
N LEU B 2559 43.63 80.38 -31.35
CA LEU B 2559 44.93 80.44 -32.01
C LEU B 2559 45.79 79.18 -31.85
N PRO B 2560 45.96 78.57 -30.66
CA PRO B 2560 46.69 77.29 -30.61
C PRO B 2560 46.03 76.19 -31.43
N LEU B 2561 44.70 76.18 -31.49
CA LEU B 2561 44.01 75.20 -32.33
C LEU B 2561 44.28 75.45 -33.80
N ILE B 2562 44.20 76.71 -34.25
CA ILE B 2562 44.38 77.05 -35.66
C ILE B 2562 45.81 76.76 -36.10
N THR B 2563 46.79 77.10 -35.24
CA THR B 2563 48.20 77.02 -35.59
C THR B 2563 48.59 75.58 -35.92
N LYS B 2564 48.13 74.63 -35.12
CA LYS B 2564 48.51 73.25 -35.37
C LYS B 2564 47.73 72.62 -36.52
N CYS B 2565 46.62 73.21 -36.95
CA CYS B 2565 45.88 72.69 -38.09
C CYS B 2565 46.11 73.51 -39.34
N ALA B 2566 47.13 74.36 -39.32
CA ALA B 2566 47.46 75.19 -40.48
C ALA B 2566 47.68 74.44 -41.81
N PRO B 2567 48.35 73.27 -41.88
CA PRO B 2567 48.52 72.61 -43.20
C PRO B 2567 47.23 72.29 -43.96
N LEU B 2568 46.09 72.17 -43.27
CA LEU B 2568 44.80 71.99 -43.93
C LEU B 2568 44.38 73.18 -44.79
N PHE B 2569 45.02 74.34 -44.63
CA PHE B 2569 44.72 75.54 -45.39
C PHE B 2569 45.40 75.59 -46.76
N ALA B 2570 45.80 74.45 -47.32
CA ALA B 2570 46.47 74.44 -48.61
C ALA B 2570 45.51 74.67 -49.78
N GLY B 2571 44.29 74.16 -49.72
CA GLY B 2571 43.37 74.24 -50.83
C GLY B 2571 42.23 75.21 -50.68
N THR B 2572 42.51 76.39 -50.12
CA THR B 2572 41.51 77.38 -49.77
C THR B 2572 41.08 78.27 -50.93
N GLU B 2573 41.41 77.92 -52.18
CA GLU B 2573 41.19 78.81 -53.31
C GLU B 2573 39.71 79.09 -53.56
N HIS B 2574 38.85 78.10 -53.32
CA HIS B 2574 37.44 78.19 -53.67
C HIS B 2574 36.70 79.26 -52.87
N ARG B 2575 37.11 79.53 -51.64
CA ARG B 2575 36.38 80.46 -50.78
C ARG B 2575 37.42 81.36 -50.09
N ALA B 2576 38.36 81.87 -50.90
CA ALA B 2576 39.58 82.48 -50.38
C ALA B 2576 39.38 83.88 -49.79
N ILE B 2577 38.28 84.55 -50.14
CA ILE B 2577 38.09 85.94 -49.72
C ILE B 2577 37.98 86.05 -48.20
N MET B 2578 37.22 85.15 -47.57
CA MET B 2578 37.13 85.20 -46.12
C MET B 2578 38.46 84.79 -45.48
N VAL B 2579 39.23 83.92 -46.14
CA VAL B 2579 40.55 83.55 -45.65
C VAL B 2579 41.44 84.78 -45.58
N ASP B 2580 41.37 85.62 -46.63
CA ASP B 2580 42.10 86.89 -46.61
C ASP B 2580 41.58 87.80 -45.51
N SER B 2581 40.27 87.78 -45.27
CA SER B 2581 39.68 88.65 -44.24
C SER B 2581 40.20 88.27 -42.86
N MET B 2582 40.18 86.95 -42.56
CA MET B 2582 40.60 86.46 -41.25
C MET B 2582 42.08 86.73 -41.01
N LEU B 2583 42.93 86.51 -42.04
CA LEU B 2583 44.35 86.78 -41.82
C LEU B 2583 44.60 88.27 -41.65
N HIS B 2584 43.85 89.12 -42.37
CA HIS B 2584 43.99 90.57 -42.17
CA HIS B 2584 43.97 90.56 -42.18
C HIS B 2584 43.57 90.98 -40.77
N THR B 2585 42.47 90.41 -40.26
CA THR B 2585 41.99 90.74 -38.91
C THR B 2585 43.00 90.31 -37.86
N VAL B 2586 43.53 89.09 -37.98
CA VAL B 2586 44.50 88.63 -36.98
C VAL B 2586 45.81 89.42 -37.10
N TYR B 2587 46.20 89.87 -38.29
CA TYR B 2587 47.35 90.78 -38.40
C TYR B 2587 47.09 92.13 -37.72
N ARG B 2588 45.86 92.65 -37.85
CA ARG B 2588 45.46 93.80 -37.05
C ARG B 2588 45.55 93.50 -35.55
N LEU B 2589 45.14 92.31 -35.14
CA LEU B 2589 45.33 91.91 -33.75
C LEU B 2589 46.81 91.77 -33.39
N SER B 2590 47.66 91.41 -34.37
CA SER B 2590 49.09 91.30 -34.13
C SER B 2590 49.65 92.65 -33.75
N ARG B 2591 49.20 93.70 -34.45
CA ARG B 2591 49.53 95.07 -34.03
C ARG B 2591 48.52 95.50 -32.96
N GLY B 2592 48.57 94.81 -31.83
CA GLY B 2592 47.57 94.93 -30.78
C GLY B 2592 48.17 95.43 -29.48
N ARG B 2593 47.40 96.27 -28.77
CA ARG B 2593 47.82 96.76 -27.47
C ARG B 2593 47.05 96.00 -26.40
N SER B 2594 47.44 96.23 -25.13
CA SER B 2594 46.90 95.53 -23.95
C SER B 2594 47.05 94.01 -24.08
N LEU B 2595 48.11 93.57 -24.75
CA LEU B 2595 48.40 92.17 -24.98
C LEU B 2595 49.78 91.85 -24.44
N THR B 2596 49.89 90.70 -23.77
CA THR B 2596 51.16 90.27 -23.23
C THR B 2596 52.12 89.91 -24.36
N LYS B 2597 53.41 89.85 -24.01
CA LYS B 2597 54.42 89.32 -24.90
C LYS B 2597 54.09 87.90 -25.34
N ALA B 2598 53.61 87.07 -24.41
CA ALA B 2598 53.18 85.71 -24.73
C ALA B 2598 52.01 85.70 -25.71
N GLN B 2599 51.00 86.56 -25.48
CA GLN B 2599 49.86 86.65 -26.38
C GLN B 2599 50.31 87.10 -27.76
N ARG B 2600 51.29 88.02 -27.78
CA ARG B 2600 51.76 88.59 -29.03
C ARG B 2600 52.46 87.52 -29.85
N ASP B 2601 53.41 86.78 -29.22
CA ASP B 2601 54.13 85.76 -29.97
C ASP B 2601 53.21 84.61 -30.38
N VAL B 2602 52.15 84.34 -29.61
CA VAL B 2602 51.13 83.39 -30.05
C VAL B 2602 50.52 83.82 -31.38
N ILE B 2603 50.15 85.11 -31.48
CA ILE B 2603 49.64 85.66 -32.74
C ILE B 2603 50.70 85.57 -33.85
N GLU B 2604 51.95 85.88 -33.51
CA GLU B 2604 53.05 85.78 -34.46
C GLU B 2604 53.19 84.36 -35.01
N ASP B 2605 53.32 83.37 -34.11
CA ASP B 2605 53.50 81.99 -34.54
C ASP B 2605 52.30 81.47 -35.32
N CYS B 2606 51.11 82.03 -35.05
CA CYS B 2606 49.94 81.75 -35.88
C CYS B 2606 50.16 82.27 -37.29
N LEU B 2607 50.78 83.45 -37.41
CA LEU B 2607 50.92 84.05 -38.73
C LEU B 2607 51.98 83.31 -39.54
N MET B 2608 53.12 83.01 -38.92
CA MET B 2608 54.18 82.27 -39.60
C MET B 2608 53.71 80.88 -40.00
N ALA B 2609 52.95 80.21 -39.12
CA ALA B 2609 52.40 78.91 -39.48
C ALA B 2609 51.41 79.01 -40.64
N LEU B 2610 50.55 80.04 -40.63
CA LEU B 2610 49.54 80.20 -41.67
C LEU B 2610 50.19 80.43 -43.04
N CYS B 2611 51.09 81.44 -43.11
CA CYS B 2611 51.64 81.90 -44.38
C CYS B 2611 52.38 80.79 -45.11
N ARG B 2612 52.92 79.81 -44.37
CA ARG B 2612 53.63 78.70 -44.98
CA ARG B 2612 53.63 78.72 -45.00
C ARG B 2612 52.68 77.85 -45.81
N TYR B 2613 51.47 77.60 -45.28
CA TYR B 2613 50.50 76.77 -45.97
C TYR B 2613 49.46 77.59 -46.73
N ILE B 2614 49.77 78.85 -47.05
CA ILE B 2614 48.90 79.67 -47.89
C ILE B 2614 49.66 80.01 -49.17
N ARG B 2615 48.98 79.87 -50.31
CA ARG B 2615 49.53 80.22 -51.61
C ARG B 2615 49.76 81.73 -51.67
N PRO B 2616 50.76 82.19 -52.42
CA PRO B 2616 51.00 83.65 -52.54
C PRO B 2616 49.85 84.45 -53.14
N SER B 2617 48.93 83.78 -53.85
CA SER B 2617 47.78 84.44 -54.45
C SER B 2617 46.96 85.17 -53.41
N MET B 2618 46.58 84.47 -52.34
CA MET B 2618 45.86 85.15 -51.28
C MET B 2618 46.79 86.00 -50.43
N LEU B 2619 48.09 85.71 -50.47
CA LEU B 2619 49.06 86.49 -49.71
C LEU B 2619 49.29 87.88 -50.30
N GLN B 2620 48.75 88.15 -51.49
CA GLN B 2620 48.94 89.46 -52.13
C GLN B 2620 48.40 90.59 -51.27
N HIS B 2621 47.19 90.41 -50.71
CA HIS B 2621 46.59 91.48 -49.92
C HIS B 2621 47.32 91.63 -48.59
N LEU B 2622 47.91 90.54 -48.10
CA LEU B 2622 48.75 90.63 -46.91
C LEU B 2622 49.98 91.43 -47.26
N LEU B 2623 50.58 91.16 -48.43
CA LEU B 2623 51.79 91.86 -48.84
C LEU B 2623 51.56 93.36 -49.00
N ARG B 2624 50.43 93.76 -49.60
CA ARG B 2624 50.16 95.21 -49.73
C ARG B 2624 49.97 95.88 -48.36
N ARG B 2625 49.33 95.17 -47.41
CA ARG B 2625 49.31 95.65 -46.03
C ARG B 2625 50.73 95.74 -45.45
N LEU B 2626 51.56 94.74 -45.73
CA LEU B 2626 52.95 94.78 -45.30
C LEU B 2626 53.69 95.92 -45.98
N VAL B 2627 53.40 96.20 -47.26
CA VAL B 2627 53.99 97.33 -47.95
C VAL B 2627 53.64 98.63 -47.20
N PHE B 2628 52.47 98.66 -46.57
CA PHE B 2628 52.13 99.84 -45.79
C PHE B 2628 52.73 99.81 -44.39
N ASP B 2629 53.26 98.68 -43.92
CA ASP B 2629 53.69 98.63 -42.52
C ASP B 2629 55.17 98.31 -42.31
N VAL B 2630 55.72 97.41 -43.14
CA VAL B 2630 57.15 97.03 -43.00
C VAL B 2630 58.15 98.20 -43.12
N PRO B 2631 58.04 99.14 -44.09
CA PRO B 2631 59.05 100.22 -44.16
C PRO B 2631 59.14 101.12 -42.92
N ILE B 2632 58.10 101.15 -42.09
CA ILE B 2632 58.08 101.97 -40.88
C ILE B 2632 59.21 101.58 -39.93
N LEU B 2633 59.52 100.26 -39.87
CA LEU B 2633 60.68 99.71 -39.16
C LEU B 2633 60.68 100.05 -37.67
N ASN B 2634 59.52 99.98 -37.05
CA ASN B 2634 59.37 100.22 -35.62
C ASN B 2634 59.58 98.90 -34.85
N GLU B 2635 59.30 98.92 -33.55
CA GLU B 2635 59.48 97.74 -32.70
C GLU B 2635 58.57 96.59 -33.09
N PHE B 2636 57.45 96.85 -33.78
CA PHE B 2636 56.54 95.81 -34.23
C PHE B 2636 56.98 95.14 -35.51
N ALA B 2637 58.07 95.62 -36.14
CA ALA B 2637 58.56 95.08 -37.40
C ALA B 2637 59.28 93.74 -37.27
N LYS B 2638 59.52 93.25 -36.05
CA LYS B 2638 60.20 91.97 -35.86
C LYS B 2638 59.41 90.81 -36.45
N MET B 2639 58.09 90.88 -36.37
CA MET B 2639 57.25 89.82 -36.95
C MET B 2639 57.20 89.89 -38.49
N PRO B 2640 56.74 91.00 -39.13
CA PRO B 2640 56.60 90.99 -40.59
C PRO B 2640 57.89 90.73 -41.37
N LEU B 2641 59.05 91.21 -40.89
CA LEU B 2641 60.29 91.02 -41.63
C LEU B 2641 60.65 89.54 -41.77
N LYS B 2642 60.52 88.77 -40.69
CA LYS B 2642 60.66 87.32 -40.78
C LYS B 2642 59.51 86.68 -41.54
N LEU B 2643 58.32 87.28 -41.46
CA LEU B 2643 57.15 86.78 -42.19
C LEU B 2643 57.38 86.84 -43.69
N LEU B 2644 57.94 87.94 -44.18
CA LEU B 2644 58.25 87.96 -45.60
C LEU B 2644 59.50 87.15 -45.91
N THR B 2645 60.41 87.02 -44.92
CA THR B 2645 61.68 86.33 -45.12
C THR B 2645 61.46 84.87 -45.45
N ASN B 2646 60.69 84.16 -44.61
CA ASN B 2646 60.50 82.73 -44.81
C ASN B 2646 59.71 82.47 -46.09
N HIS B 2647 58.66 83.28 -46.32
CA HIS B 2647 57.80 83.09 -47.48
C HIS B 2647 58.58 83.25 -48.78
N TYR B 2648 59.37 84.33 -48.89
CA TYR B 2648 60.19 84.52 -50.07
C TYR B 2648 61.27 83.45 -50.22
N GLU B 2649 61.88 83.02 -49.10
CA GLU B 2649 62.78 81.87 -49.11
C GLU B 2649 62.10 80.57 -49.52
N ARG B 2650 60.77 80.50 -49.38
CA ARG B 2650 60.03 79.33 -49.79
C ARG B 2650 59.65 79.42 -51.26
N CYS B 2651 59.12 80.56 -51.69
CA CYS B 2651 58.53 80.72 -53.01
C CYS B 2651 59.30 81.73 -53.85
N TRP B 2652 60.64 81.69 -53.79
CA TRP B 2652 61.44 82.63 -54.57
C TRP B 2652 61.32 82.38 -56.07
N LYS B 2653 61.26 81.11 -56.50
CA LYS B 2653 61.11 80.77 -57.90
C LYS B 2653 59.77 81.23 -58.48
N TYR B 2654 58.77 81.44 -57.61
CA TYR B 2654 57.47 81.93 -58.07
C TYR B 2654 57.61 83.32 -58.66
N TYR B 2655 58.37 84.18 -58.00
CA TYR B 2655 58.53 85.55 -58.44
C TYR B 2655 59.69 85.70 -59.40
N CYS B 2656 60.64 84.75 -59.41
CA CYS B 2656 61.84 84.88 -60.21
C CYS B 2656 61.72 84.23 -61.58
N LEU B 2657 61.28 82.96 -61.63
CA LEU B 2657 61.20 82.26 -62.89
C LEU B 2657 60.12 82.86 -63.78
N PRO B 2658 60.39 83.05 -65.08
CA PRO B 2658 59.32 83.46 -66.01
C PRO B 2658 58.16 82.47 -66.07
N THR B 2659 58.42 81.17 -65.87
CA THR B 2659 57.36 80.19 -65.75
C THR B 2659 56.69 80.18 -64.38
N GLY B 2660 57.21 80.96 -63.43
CA GLY B 2660 56.66 81.02 -62.10
C GLY B 2660 56.92 79.74 -61.33
N TRP B 2661 56.22 79.61 -60.20
CA TRP B 2661 56.32 78.40 -59.41
C TRP B 2661 55.63 77.24 -60.11
N ALA B 2662 56.19 76.04 -59.93
CA ALA B 2662 55.69 74.82 -60.57
C ALA B 2662 54.24 74.59 -60.16
N ASN B 2663 53.34 74.65 -61.14
CA ASN B 2663 51.87 74.45 -61.04
C ASN B 2663 51.20 75.31 -59.96
N PHE B 2664 51.84 76.40 -59.52
CA PHE B 2664 51.27 77.35 -58.57
C PHE B 2664 51.16 78.74 -59.19
N GLY B 2665 50.97 78.80 -60.50
CA GLY B 2665 50.80 80.07 -61.19
C GLY B 2665 52.08 80.87 -61.29
N VAL B 2666 51.91 82.12 -61.71
CA VAL B 2666 53.01 83.07 -61.85
C VAL B 2666 52.61 84.34 -61.12
N THR B 2667 53.58 85.25 -60.98
CA THR B 2667 53.34 86.52 -60.32
C THR B 2667 52.37 87.37 -61.13
N SER B 2668 51.70 88.28 -60.43
CA SER B 2668 50.63 89.09 -61.00
C SER B 2668 51.10 90.40 -61.60
N GLU B 2669 52.42 90.66 -61.62
CA GLU B 2669 53.13 91.86 -62.10
C GLU B 2669 52.89 93.07 -61.18
N GLU B 2670 51.99 92.94 -60.22
CA GLU B 2670 51.76 93.92 -59.17
C GLU B 2670 52.39 93.49 -57.86
N GLU B 2671 52.42 92.18 -57.59
CA GLU B 2671 53.19 91.65 -56.47
C GLU B 2671 54.66 92.06 -56.56
N LEU B 2672 55.24 91.97 -57.76
CA LEU B 2672 56.61 92.43 -57.98
C LEU B 2672 56.77 93.94 -57.75
N HIS B 2673 55.80 94.74 -58.21
CA HIS B 2673 55.71 96.17 -57.88
C HIS B 2673 55.77 96.41 -56.38
N LEU B 2674 54.96 95.67 -55.62
CA LEU B 2674 55.00 95.73 -54.16
C LEU B 2674 56.35 95.30 -53.61
N THR B 2675 56.93 94.25 -54.20
CA THR B 2675 58.23 93.73 -53.75
C THR B 2675 59.32 94.78 -53.93
N ARG B 2676 59.31 95.46 -55.08
CA ARG B 2676 60.29 96.50 -55.34
C ARG B 2676 60.06 97.71 -54.44
N LYS B 2677 58.79 98.00 -54.13
CA LYS B 2677 58.46 99.10 -53.22
C LYS B 2677 59.04 98.83 -51.84
N LEU B 2678 58.86 97.60 -51.35
CA LEU B 2678 59.47 97.20 -50.09
C LEU B 2678 60.98 97.28 -50.18
N PHE B 2679 61.55 96.82 -51.31
CA PHE B 2679 63.00 96.71 -51.44
C PHE B 2679 63.66 98.08 -51.32
N TRP B 2680 63.08 99.08 -52.00
CA TRP B 2680 63.62 100.43 -51.89
C TRP B 2680 63.29 101.07 -50.54
N GLY B 2681 62.05 100.91 -50.04
CA GLY B 2681 61.69 101.52 -48.77
C GLY B 2681 62.52 101.01 -47.60
N ILE B 2682 62.74 99.70 -47.55
CA ILE B 2682 63.59 99.09 -46.54
C ILE B 2682 65.04 99.55 -46.73
N PHE B 2683 65.54 99.53 -47.97
CA PHE B 2683 66.94 99.85 -48.22
C PHE B 2683 67.25 101.30 -47.84
N ASP B 2684 66.35 102.22 -48.17
CA ASP B 2684 66.56 103.63 -47.82
C ASP B 2684 66.37 103.86 -46.33
N SER B 2685 65.24 103.39 -45.76
CA SER B 2685 64.93 103.65 -44.36
C SER B 2685 65.91 102.99 -43.41
N LEU B 2686 66.52 101.86 -43.82
CA LEU B 2686 67.54 101.23 -43.00
C LEU B 2686 68.75 102.14 -42.84
N ALA B 2687 69.13 102.83 -43.92
CA ALA B 2687 70.17 103.85 -43.86
C ALA B 2687 69.73 105.03 -43.01
N HIS B 2688 68.45 105.42 -43.13
CA HIS B 2688 67.92 106.55 -42.38
C HIS B 2688 67.94 106.29 -40.88
N LYS B 2689 67.58 105.08 -40.46
CA LYS B 2689 67.54 104.73 -39.05
C LYS B 2689 68.94 104.64 -38.47
N LYS B 2690 69.06 104.98 -37.19
CA LYS B 2690 70.32 104.84 -36.46
C LYS B 2690 70.65 103.35 -36.40
N TYR B 2691 71.96 103.04 -36.41
CA TYR B 2691 72.45 101.65 -36.43
C TYR B 2691 71.92 100.80 -35.28
N ASP B 2692 71.06 99.85 -35.63
CA ASP B 2692 70.38 98.97 -34.69
C ASP B 2692 70.80 97.55 -35.06
N GLN B 2693 71.81 97.02 -34.34
CA GLN B 2693 72.49 95.78 -34.72
C GLN B 2693 71.52 94.60 -34.84
N GLU B 2694 70.60 94.48 -33.88
CA GLU B 2694 69.61 93.41 -33.88
C GLU B 2694 68.67 93.56 -35.08
N LEU B 2695 68.40 94.79 -35.50
CA LEU B 2695 67.48 94.98 -36.61
C LEU B 2695 68.14 94.59 -37.92
N TYR B 2696 69.42 94.97 -38.10
CA TYR B 2696 70.18 94.58 -39.29
C TYR B 2696 70.33 93.08 -39.41
N ARG B 2697 70.67 92.39 -38.31
CA ARG B 2697 70.91 90.94 -38.38
C ARG B 2697 69.67 90.13 -38.74
N MET B 2698 68.47 90.71 -38.65
CA MET B 2698 67.26 90.00 -39.03
C MET B 2698 66.55 90.60 -40.24
N ALA B 2699 66.87 91.85 -40.60
CA ALA B 2699 66.31 92.45 -41.79
C ALA B 2699 67.15 92.15 -43.03
N MET B 2700 68.45 91.92 -42.86
CA MET B 2700 69.29 91.48 -43.97
C MET B 2700 68.79 90.19 -44.65
N PRO B 2701 68.34 89.11 -43.93
CA PRO B 2701 67.74 87.97 -44.65
C PRO B 2701 66.54 88.36 -45.50
N CYS B 2702 65.77 89.35 -45.04
CA CYS B 2702 64.60 89.80 -45.79
C CYS B 2702 65.05 90.42 -47.11
N LEU B 2703 66.13 91.20 -47.05
CA LEU B 2703 66.67 91.87 -48.23
C LEU B 2703 67.15 90.84 -49.26
N CYS B 2704 67.93 89.85 -48.81
CA CYS B 2704 68.37 88.78 -49.71
C CYS B 2704 67.20 87.97 -50.27
N ALA B 2705 66.20 87.69 -49.43
CA ALA B 2705 64.98 87.01 -49.88
C ALA B 2705 64.23 87.80 -50.96
N ILE B 2706 64.12 89.12 -50.79
CA ILE B 2706 63.52 89.98 -51.80
C ILE B 2706 64.38 89.96 -53.06
N ALA B 2707 65.71 90.00 -52.89
CA ALA B 2707 66.64 90.06 -54.01
C ALA B 2707 66.48 88.82 -54.88
N GLY B 2708 66.48 87.65 -54.24
CA GLY B 2708 66.32 86.40 -54.96
C GLY B 2708 64.95 86.29 -55.60
N ALA B 2709 63.92 86.84 -54.93
CA ALA B 2709 62.56 86.77 -55.47
C ALA B 2709 62.42 87.59 -56.74
N LEU B 2710 62.85 88.85 -56.70
CA LEU B 2710 62.68 89.75 -57.83
C LEU B 2710 63.72 89.45 -58.90
N PRO B 2711 63.31 89.14 -60.15
CA PRO B 2711 64.28 88.90 -61.20
C PRO B 2711 65.04 90.17 -61.51
N PRO B 2712 66.30 90.05 -61.97
CA PRO B 2712 67.12 91.25 -62.21
C PRO B 2712 66.56 92.20 -63.28
N ASP B 2713 65.92 91.67 -64.33
CA ASP B 2713 65.43 92.47 -65.43
C ASP B 2713 63.96 92.87 -65.28
N TYR B 2714 63.44 92.88 -64.06
CA TYR B 2714 62.05 93.24 -63.85
C TYR B 2714 61.84 94.73 -64.12
N VAL B 2715 60.71 95.06 -64.73
CA VAL B 2715 60.31 96.44 -64.98
C VAL B 2715 58.91 96.64 -64.43
N ASP B 2716 58.74 97.67 -63.62
CA ASP B 2716 57.45 98.00 -63.03
C ASP B 2716 56.48 98.49 -64.10
N ALA B 2717 55.19 98.18 -63.89
CA ALA B 2717 54.15 98.60 -64.82
C ALA B 2717 54.01 100.12 -64.88
N SER B 2718 54.03 100.78 -63.72
CA SER B 2718 53.91 102.23 -63.63
C SER B 2718 55.18 102.79 -63.01
N TYR B 2719 55.91 103.58 -63.79
CA TYR B 2719 57.16 104.19 -63.33
C TYR B 2719 56.90 105.58 -62.74
N SER B 2720 56.03 105.61 -61.72
CA SER B 2720 55.73 106.86 -61.04
C SER B 2720 55.34 106.56 -59.60
N SER B 2721 55.56 107.55 -58.73
CA SER B 2721 55.24 107.42 -57.32
C SER B 2721 54.98 108.80 -56.73
N LYS B 2722 54.27 108.81 -55.60
CA LYS B 2722 53.89 110.07 -54.95
C LYS B 2722 55.08 110.75 -54.28
N ALA B 2723 56.13 109.97 -53.95
CA ALA B 2723 57.31 110.41 -53.19
C ALA B 2723 56.89 110.95 -51.82
N GLU B 2724 56.29 110.05 -51.03
CA GLU B 2724 55.94 110.33 -49.64
C GLU B 2724 56.56 109.27 -48.75
N LYS B 2725 57.00 109.71 -47.55
CA LYS B 2725 57.58 108.87 -46.50
C LYS B 2725 58.74 107.98 -46.94
N ASN B 2734 48.40 105.34 -38.77
CA ASN B 2734 48.11 104.46 -39.90
C ASN B 2734 48.01 105.25 -41.22
N PHE B 2735 46.98 104.95 -42.01
CA PHE B 2735 46.79 105.62 -43.31
C PHE B 2735 46.24 107.01 -43.06
N ASP B 2736 47.09 108.02 -43.25
CA ASP B 2736 46.72 109.42 -43.06
C ASP B 2736 47.06 110.24 -44.31
N PRO B 2737 46.28 110.07 -45.38
CA PRO B 2737 46.59 110.79 -46.63
C PRO B 2737 46.37 112.29 -46.50
N ARG B 2738 47.10 113.04 -47.32
CA ARG B 2738 46.92 114.48 -47.33
C ARG B 2738 46.09 114.85 -48.56
N PRO B 2739 44.82 115.22 -48.39
CA PRO B 2739 44.03 115.68 -49.54
C PRO B 2739 44.58 116.98 -50.09
N VAL B 2740 44.56 117.10 -51.41
CA VAL B 2740 45.14 118.25 -52.09
C VAL B 2740 44.16 119.41 -51.98
N GLU B 2741 44.66 120.56 -51.51
CA GLU B 2741 43.85 121.75 -51.34
C GLU B 2741 43.31 122.25 -52.69
N THR B 2742 42.07 122.71 -52.67
CA THR B 2742 41.42 123.25 -53.87
C THR B 2742 40.96 124.68 -53.70
N LEU B 2743 40.37 125.01 -52.55
CA LEU B 2743 39.79 126.33 -52.35
C LEU B 2743 40.78 127.32 -51.77
N ASN B 2744 41.83 126.82 -51.10
CA ASN B 2744 42.85 127.69 -50.50
C ASN B 2744 43.59 128.49 -51.57
N VAL B 2745 43.95 127.86 -52.67
CA VAL B 2745 44.48 128.58 -53.83
C VAL B 2745 43.31 128.89 -54.77
N ILE B 2746 43.36 130.07 -55.39
CA ILE B 2746 42.23 130.55 -56.18
C ILE B 2746 42.26 129.91 -57.56
N ILE B 2747 41.12 129.42 -58.01
CA ILE B 2747 40.97 128.97 -59.39
C ILE B 2747 40.82 130.19 -60.30
N PRO B 2748 41.64 130.32 -61.33
CA PRO B 2748 41.39 131.37 -62.32
C PRO B 2748 40.16 131.02 -63.13
N GLU B 2749 39.06 131.76 -62.96
CA GLU B 2749 37.81 131.50 -63.67
C GLU B 2749 37.83 131.95 -65.15
N LYS B 2750 39.02 132.22 -65.71
CA LYS B 2750 39.19 132.58 -67.12
C LYS B 2750 38.62 131.51 -68.05
N LEU B 2751 38.72 130.22 -67.68
CA LEU B 2751 38.20 129.13 -68.47
C LEU B 2751 36.78 128.73 -68.08
N ASP B 2752 35.96 129.69 -67.62
CA ASP B 2752 34.55 129.43 -67.33
C ASP B 2752 33.76 128.93 -68.56
N SER B 2753 34.27 129.22 -69.77
CA SER B 2753 33.79 128.59 -71.00
C SER B 2753 33.95 127.08 -70.95
N PHE B 2754 34.96 126.60 -70.22
CA PHE B 2754 35.23 125.18 -70.14
C PHE B 2754 34.57 124.59 -68.92
N ILE B 2755 34.49 125.37 -67.83
CA ILE B 2755 33.87 124.89 -66.59
C ILE B 2755 32.38 124.63 -66.81
N ASN B 2756 31.65 125.59 -67.38
CA ASN B 2756 30.22 125.36 -67.56
C ASN B 2756 29.93 124.30 -68.64
N LYS B 2757 30.79 124.22 -69.66
CA LYS B 2757 30.67 123.19 -70.69
C LYS B 2757 30.86 121.80 -70.08
N PHE B 2758 31.93 121.60 -69.31
CA PHE B 2758 32.20 120.32 -68.66
C PHE B 2758 31.11 120.00 -67.64
N ALA B 2759 30.63 121.02 -66.92
CA ALA B 2759 29.59 120.82 -65.92
C ALA B 2759 28.29 120.33 -66.55
N GLU B 2760 27.87 120.96 -67.65
CA GLU B 2760 26.69 120.53 -68.37
C GLU B 2760 26.93 119.34 -69.29
N TYR B 2761 28.18 118.88 -69.43
CA TYR B 2761 28.47 117.66 -70.16
C TYR B 2761 28.76 116.43 -69.29
N THR B 2762 29.19 116.60 -68.04
CA THR B 2762 29.25 115.46 -67.12
C THR B 2762 27.91 114.78 -66.95
N HIS B 2763 26.88 115.57 -66.63
CA HIS B 2763 25.50 115.07 -66.56
C HIS B 2763 25.02 114.52 -67.90
N GLU B 2764 25.43 115.16 -69.00
CA GLU B 2764 25.15 114.66 -70.34
C GLU B 2764 25.82 113.31 -70.60
N LYS B 2765 27.06 113.15 -70.17
CA LYS B 2765 27.77 111.87 -70.27
C LYS B 2765 27.11 110.80 -69.43
N TRP B 2766 26.69 111.13 -68.20
CA TRP B 2766 26.06 110.13 -67.34
C TRP B 2766 24.70 109.72 -67.90
N ALA B 2767 23.98 110.67 -68.49
CA ALA B 2767 22.75 110.36 -69.23
C ALA B 2767 23.03 109.47 -70.42
N PHE B 2768 24.14 109.73 -71.12
CA PHE B 2768 24.52 108.88 -72.25
C PHE B 2768 24.88 107.48 -71.79
N ASP B 2769 25.49 107.34 -70.61
CA ASP B 2769 25.75 106.02 -70.04
C ASP B 2769 24.45 105.30 -69.74
N LYS B 2770 23.46 106.04 -69.22
CA LYS B 2770 22.16 105.45 -68.91
C LYS B 2770 21.47 104.95 -70.18
N ILE B 2771 21.51 105.76 -71.25
CA ILE B 2771 20.88 105.29 -72.48
C ILE B 2771 21.74 104.19 -73.14
N GLN B 2772 23.04 104.12 -72.82
CA GLN B 2772 23.85 102.96 -73.21
C GLN B 2772 23.40 101.70 -72.49
N ASN B 2773 22.84 101.85 -71.28
CA ASN B 2773 22.36 100.70 -70.51
C ASN B 2773 20.99 100.08 -71.07
N ASN B 2774 20.53 100.56 -72.23
CA ASN B 2774 19.30 100.21 -72.96
C ASN B 2774 18.01 100.62 -72.25
N TRP B 2775 18.09 101.31 -71.12
CA TRP B 2775 16.91 101.81 -70.42
C TRP B 2775 16.93 103.33 -70.45
N SER B 2776 15.80 103.93 -70.83
CA SER B 2776 15.70 105.38 -70.98
C SER B 2776 15.55 106.07 -69.63
N TYR B 2777 15.16 107.34 -69.66
CA TYR B 2777 14.94 108.13 -68.46
C TYR B 2777 13.46 108.16 -68.07
N GLY B 2778 13.19 108.80 -66.94
CA GLY B 2778 11.84 108.97 -66.46
C GLY B 2778 11.71 110.28 -65.72
N GLU B 2779 10.51 110.86 -65.76
CA GLU B 2779 10.29 112.13 -65.07
C GLU B 2779 9.99 111.93 -63.59
N ASN B 2780 9.24 110.89 -63.24
CA ASN B 2780 8.88 110.66 -61.85
C ASN B 2780 10.06 110.09 -61.07
N VAL B 2781 10.02 110.28 -59.75
CA VAL B 2781 11.08 109.83 -58.85
C VAL B 2781 10.74 108.41 -58.40
N ASP B 2782 11.47 107.43 -58.92
CA ASP B 2782 11.27 106.02 -58.59
C ASP B 2782 12.49 105.22 -59.03
N GLU B 2783 12.77 104.15 -58.28
CA GLU B 2783 13.89 103.27 -58.57
C GLU B 2783 13.49 102.05 -59.41
N GLU B 2784 12.25 101.99 -59.88
CA GLU B 2784 11.79 100.89 -60.73
C GLU B 2784 12.57 100.82 -62.04
N LEU B 2785 13.11 101.94 -62.51
CA LEU B 2785 13.85 102.03 -63.75
C LEU B 2785 15.32 101.62 -63.59
N LYS B 2786 15.75 101.32 -62.34
CA LYS B 2786 17.11 100.86 -61.94
C LYS B 2786 18.25 101.66 -62.58
N THR B 2787 17.98 102.93 -62.87
CA THR B 2787 18.94 103.88 -63.45
C THR B 2787 18.72 105.22 -62.76
N HIS B 2788 19.27 106.28 -63.36
CA HIS B 2788 19.11 107.67 -62.94
C HIS B 2788 17.63 108.00 -62.89
N PRO B 2789 17.05 108.15 -61.69
CA PRO B 2789 15.58 108.22 -61.60
C PRO B 2789 14.96 109.50 -62.12
N MET B 2790 15.52 110.67 -61.77
CA MET B 2790 14.95 111.95 -62.12
C MET B 2790 15.62 112.58 -63.34
N LEU B 2791 16.22 111.77 -64.21
CA LEU B 2791 16.78 112.28 -65.45
C LEU B 2791 15.67 112.76 -66.38
N ARG B 2792 15.79 113.99 -66.88
CA ARG B 2792 14.82 114.59 -67.77
C ARG B 2792 15.54 115.34 -68.88
N PRO B 2793 14.92 115.51 -70.05
CA PRO B 2793 15.58 116.26 -71.13
C PRO B 2793 15.73 117.73 -70.76
N TYR B 2794 16.75 118.36 -71.37
CA TYR B 2794 17.16 119.73 -71.05
C TYR B 2794 16.03 120.76 -71.20
N LYS B 2795 15.04 120.46 -72.06
CA LYS B 2795 13.87 121.32 -72.18
C LYS B 2795 13.07 121.34 -70.89
N THR B 2796 12.95 120.18 -70.22
CA THR B 2796 12.16 120.05 -69.00
C THR B 2796 12.99 119.52 -67.83
N PHE B 2797 14.30 119.79 -67.81
CA PHE B 2797 15.15 119.39 -66.71
C PHE B 2797 15.44 120.59 -65.82
N SER B 2798 15.30 120.40 -64.51
CA SER B 2798 15.51 121.47 -63.54
C SER B 2798 16.96 121.96 -63.58
N GLU B 2799 17.14 123.28 -63.68
CA GLU B 2799 18.46 123.87 -63.55
C GLU B 2799 18.80 124.27 -62.12
N LYS B 2800 17.84 124.09 -61.19
CA LYS B 2800 18.12 124.33 -59.78
C LYS B 2800 19.18 123.36 -59.26
N ASP B 2801 19.11 122.09 -59.66
CA ASP B 2801 20.15 121.16 -59.26
C ASP B 2801 21.24 121.02 -60.32
N LYS B 2802 21.10 121.70 -61.46
CA LYS B 2802 22.25 121.91 -62.33
C LYS B 2802 23.18 122.93 -61.72
N GLU B 2803 22.67 123.80 -60.84
CA GLU B 2803 23.55 124.73 -60.15
C GLU B 2803 24.26 124.08 -58.96
N ILE B 2804 23.96 122.82 -58.62
CA ILE B 2804 24.64 122.16 -57.52
C ILE B 2804 25.46 120.95 -58.00
N TYR B 2805 25.18 120.39 -59.18
CA TYR B 2805 25.95 119.25 -59.68
C TYR B 2805 27.38 119.61 -60.08
N ARG B 2806 27.71 120.88 -60.22
CA ARG B 2806 29.04 121.27 -60.71
C ARG B 2806 30.07 121.48 -59.61
N TRP B 2807 29.77 121.11 -58.36
CA TRP B 2807 30.79 121.07 -57.30
C TRP B 2807 31.99 120.20 -57.66
N PRO B 2808 31.85 118.93 -58.14
CA PRO B 2808 33.04 118.20 -58.61
C PRO B 2808 33.72 118.88 -59.78
N ILE B 2809 32.93 119.44 -60.71
CA ILE B 2809 33.48 120.05 -61.91
C ILE B 2809 34.22 121.34 -61.55
N LYS B 2810 33.66 122.12 -60.62
CA LYS B 2810 34.34 123.31 -60.12
C LYS B 2810 35.67 122.96 -59.44
N GLU B 2811 35.67 121.91 -58.60
CA GLU B 2811 36.89 121.62 -57.84
C GLU B 2811 37.90 120.76 -58.57
N SER B 2812 37.51 120.07 -59.65
CA SER B 2812 38.45 119.27 -60.42
C SER B 2812 39.52 120.12 -61.09
N LEU B 2813 39.14 121.26 -61.68
CA LEU B 2813 40.15 122.13 -62.25
C LEU B 2813 40.88 122.91 -61.17
N LYS B 2814 40.26 123.07 -60.00
CA LYS B 2814 40.91 123.70 -58.85
C LYS B 2814 42.11 122.89 -58.42
N ALA B 2815 41.89 121.58 -58.24
CA ALA B 2815 42.96 120.71 -57.78
C ALA B 2815 43.96 120.44 -58.89
N MET B 2816 43.50 120.41 -60.15
CA MET B 2816 44.40 120.20 -61.29
C MET B 2816 45.40 121.34 -61.39
N ILE B 2817 44.94 122.58 -61.19
CA ILE B 2817 45.82 123.74 -61.25
C ILE B 2817 46.49 124.06 -59.91
N ALA B 2818 46.07 123.41 -58.82
CA ALA B 2818 46.67 123.69 -57.52
C ALA B 2818 48.11 123.20 -57.45
N TRP B 2819 48.39 121.99 -57.95
CA TRP B 2819 49.73 121.41 -57.87
C TRP B 2819 50.63 121.90 -59.01
N GLU B 2820 50.86 123.23 -59.03
CA GLU B 2820 51.76 123.98 -59.92
C GLU B 2820 51.72 123.55 -61.39
N TRP B 2821 50.53 123.19 -61.88
CA TRP B 2821 50.33 122.76 -63.26
C TRP B 2821 49.24 123.63 -63.89
N THR B 2822 49.64 124.79 -64.42
CA THR B 2822 48.68 125.74 -64.97
C THR B 2822 48.13 125.23 -66.29
N ILE B 2823 46.91 125.69 -66.61
CA ILE B 2823 46.21 125.31 -67.82
C ILE B 2823 46.13 126.54 -68.73
N GLU B 2824 46.44 126.34 -70.02
CA GLU B 2824 46.39 127.43 -70.99
C GLU B 2824 45.61 126.97 -72.20
N LYS B 2825 44.78 127.88 -72.73
CA LYS B 2825 43.92 127.60 -73.88
C LYS B 2825 44.75 127.69 -75.15
N ALA B 2826 45.28 126.54 -75.58
CA ALA B 2826 46.03 126.49 -76.83
C ALA B 2826 45.15 126.84 -78.03
N ARG B 2827 43.93 126.30 -78.05
CA ARG B 2827 42.95 126.64 -79.07
C ARG B 2827 42.20 127.90 -78.66
N GLU B 2828 41.49 128.49 -79.63
CA GLU B 2828 40.72 129.72 -79.41
C GLU B 2828 39.35 129.51 -80.05
N GLY B 2829 38.42 128.99 -79.26
CA GLY B 2829 37.12 128.66 -79.79
C GLY B 2829 36.15 128.32 -78.68
N GLU B 2830 34.99 127.80 -79.09
CA GLU B 2830 33.85 127.43 -78.23
C GLU B 2830 33.38 128.58 -77.34
N TYR B 2855 19.31 117.63 -76.18
CA TYR B 2855 19.79 116.88 -75.02
C TYR B 2855 20.32 115.52 -75.47
N ASN B 2856 21.40 115.55 -76.26
CA ASN B 2856 22.07 114.31 -76.66
C ASN B 2856 23.51 114.60 -77.03
N PRO B 2857 24.47 113.98 -76.33
CA PRO B 2857 25.89 114.18 -76.67
C PRO B 2857 26.31 113.39 -77.91
N GLN B 2858 26.12 114.01 -79.08
CA GLN B 2858 26.39 113.34 -80.37
C GLN B 2858 27.83 112.84 -80.50
N PRO B 2859 28.90 113.60 -80.21
CA PRO B 2859 30.25 113.00 -80.20
C PRO B 2859 30.53 112.36 -78.86
N PRO B 2860 30.72 111.04 -78.79
CA PRO B 2860 31.15 110.43 -77.53
C PRO B 2860 32.57 110.83 -77.18
N ASP B 2861 32.84 110.91 -75.88
CA ASP B 2861 34.16 111.25 -75.38
C ASP B 2861 34.75 110.02 -74.69
N LEU B 2862 35.38 109.16 -75.48
CA LEU B 2862 35.99 107.94 -74.99
C LEU B 2862 37.50 108.13 -74.83
N SER B 2863 38.09 107.40 -73.90
CA SER B 2863 39.47 107.64 -73.51
C SER B 2863 40.33 106.39 -73.63
N GLY B 2864 40.25 105.70 -74.77
CA GLY B 2864 41.01 104.49 -74.97
C GLY B 2864 42.33 104.66 -75.70
N VAL B 2865 42.57 105.84 -76.28
CA VAL B 2865 43.80 106.04 -77.03
C VAL B 2865 44.98 106.21 -76.09
N THR B 2866 46.18 105.95 -76.59
CA THR B 2866 47.39 106.10 -75.79
C THR B 2866 47.73 107.58 -75.60
N LEU B 2867 48.46 107.85 -74.51
CA LEU B 2867 48.84 109.20 -74.13
C LEU B 2867 50.35 109.31 -73.96
N SER B 2868 50.85 110.52 -74.15
CA SER B 2868 52.26 110.80 -73.90
C SER B 2868 52.58 110.62 -72.41
N ARG B 2869 53.82 110.21 -72.14
CA ARG B 2869 54.24 109.73 -70.82
C ARG B 2869 54.02 110.76 -69.72
N GLU B 2870 54.41 112.01 -69.97
CA GLU B 2870 54.24 113.08 -68.98
C GLU B 2870 52.77 113.40 -68.74
N LEU B 2871 51.97 113.41 -69.81
CA LEU B 2871 50.56 113.77 -69.71
C LEU B 2871 49.78 112.72 -68.91
N GLN B 2872 49.97 111.43 -69.25
CA GLN B 2872 49.31 110.36 -68.51
C GLN B 2872 49.80 110.28 -67.07
N ALA B 2873 51.06 110.61 -66.82
CA ALA B 2873 51.56 110.65 -65.44
C ALA B 2873 50.84 111.72 -64.63
N MET B 2874 50.62 112.89 -65.24
CA MET B 2874 49.81 113.93 -64.61
C MET B 2874 48.37 113.44 -64.36
N ALA B 2875 47.83 112.64 -65.29
CA ALA B 2875 46.51 112.03 -65.08
C ALA B 2875 46.53 111.07 -63.89
N GLU B 2876 47.59 110.26 -63.79
CA GLU B 2876 47.72 109.34 -62.67
C GLU B 2876 47.84 110.09 -61.35
N GLN B 2877 48.57 111.21 -61.35
CA GLN B 2877 48.64 112.09 -60.18
C GLN B 2877 47.27 112.64 -59.80
N LEU B 2878 46.48 113.04 -60.81
CA LEU B 2878 45.11 113.51 -60.56
C LEU B 2878 44.21 112.40 -59.99
N ALA B 2879 44.32 111.18 -60.53
CA ALA B 2879 43.60 110.04 -59.97
C ALA B 2879 44.07 109.72 -58.54
N GLU B 2880 45.37 109.81 -58.29
CA GLU B 2880 45.93 109.68 -56.96
C GLU B 2880 45.36 110.72 -56.01
N ASN B 2881 45.21 111.96 -56.48
CA ASN B 2881 44.55 113.00 -55.71
C ASN B 2881 43.10 112.63 -55.42
N TYR B 2882 42.40 112.07 -56.43
CA TYR B 2882 41.00 111.72 -56.26
C TYR B 2882 40.86 110.63 -55.21
N HIS B 2883 41.82 109.70 -55.19
CA HIS B 2883 41.76 108.59 -54.26
C HIS B 2883 42.12 109.05 -52.86
N ASN B 2884 43.14 109.90 -52.71
CA ASN B 2884 43.53 110.30 -51.36
C ASN B 2884 42.49 111.23 -50.74
N THR B 2885 41.81 112.07 -51.55
CA THR B 2885 40.68 112.85 -51.05
C THR B 2885 39.52 111.95 -50.62
N TRP B 2886 39.24 110.90 -51.41
CA TRP B 2886 38.18 109.95 -51.03
C TRP B 2886 38.55 109.19 -49.76
N GLY B 2887 39.80 108.74 -49.67
CA GLY B 2887 40.24 107.99 -48.51
C GLY B 2887 40.22 108.84 -47.26
N ARG B 2888 40.73 110.08 -47.34
CA ARG B 2888 40.75 110.96 -46.18
C ARG B 2888 39.33 111.26 -45.70
N LYS B 2889 38.41 111.56 -46.64
CA LYS B 2889 37.04 111.84 -46.23
C LYS B 2889 36.37 110.60 -45.64
N LYS B 2890 36.77 109.40 -46.10
CA LYS B 2890 36.27 108.17 -45.50
C LYS B 2890 36.81 108.00 -44.08
N LYS B 2891 38.12 108.23 -43.90
CA LYS B 2891 38.72 108.02 -42.60
C LYS B 2891 38.31 109.08 -41.58
N GLN B 2892 37.69 110.18 -42.03
CA GLN B 2892 37.13 111.16 -41.08
C GLN B 2892 36.06 110.52 -40.21
N GLU B 2893 35.21 109.69 -40.82
CA GLU B 2893 34.22 108.96 -40.03
C GLU B 2893 34.74 107.60 -39.58
N LEU B 2894 35.82 107.11 -40.20
CA LEU B 2894 36.37 105.82 -39.77
C LEU B 2894 37.11 105.93 -38.45
N GLU B 2895 37.64 107.12 -38.11
CA GLU B 2895 38.48 107.28 -36.92
C GLU B 2895 37.68 107.42 -35.62
N ALA B 2896 36.42 106.99 -35.58
CA ALA B 2896 35.58 107.12 -34.39
C ALA B 2896 35.55 105.86 -33.53
N LYS B 2897 36.31 104.83 -33.89
CA LYS B 2897 36.28 103.57 -33.14
C LYS B 2897 37.66 103.12 -32.69
N GLY B 2898 38.70 103.33 -33.50
CA GLY B 2898 40.04 102.92 -33.15
C GLY B 2898 40.42 101.50 -33.52
N GLY B 2899 39.59 100.80 -34.29
CA GLY B 2899 39.92 99.46 -34.72
C GLY B 2899 39.23 99.05 -36.01
N GLY B 2900 40.02 98.62 -36.98
CA GLY B 2900 39.50 98.26 -38.28
C GLY B 2900 39.74 99.35 -39.31
N THR B 2901 39.94 98.94 -40.56
CA THR B 2901 40.22 99.88 -41.63
C THR B 2901 39.51 99.44 -42.91
N HIS B 2902 39.28 100.42 -43.78
CA HIS B 2902 38.58 100.22 -45.04
C HIS B 2902 39.54 99.64 -46.09
N PRO B 2903 39.08 98.73 -46.95
CA PRO B 2903 39.97 98.18 -47.99
C PRO B 2903 40.49 99.21 -48.97
N LEU B 2904 39.73 100.27 -49.24
CA LEU B 2904 40.15 101.32 -50.16
C LEU B 2904 41.09 102.33 -49.52
N LEU B 2905 41.40 102.20 -48.23
CA LEU B 2905 42.33 103.09 -47.54
C LEU B 2905 43.79 102.71 -47.84
N VAL B 2906 44.14 102.77 -49.12
CA VAL B 2906 45.43 102.31 -49.63
C VAL B 2906 45.97 103.41 -50.55
N PRO B 2907 47.28 103.66 -50.57
CA PRO B 2907 47.84 104.61 -51.55
C PRO B 2907 47.61 104.14 -52.98
N TYR B 2908 47.54 105.11 -53.90
CA TYR B 2908 47.22 104.85 -55.30
C TYR B 2908 48.22 103.93 -55.99
N ASP B 2909 49.49 103.99 -55.60
CA ASP B 2909 50.52 103.25 -56.32
C ASP B 2909 50.36 101.72 -56.16
N THR B 2910 50.22 101.26 -54.91
CA THR B 2910 50.25 99.83 -54.64
C THR B 2910 48.97 99.12 -55.05
N LEU B 2911 47.83 99.82 -55.00
CA LEU B 2911 46.54 99.20 -55.29
C LEU B 2911 46.47 98.73 -56.74
N THR B 2912 45.81 97.60 -56.96
CA THR B 2912 45.70 97.02 -58.29
C THR B 2912 44.62 97.73 -59.10
N ALA B 2913 44.43 97.28 -60.34
CA ALA B 2913 43.57 97.96 -61.30
C ALA B 2913 42.09 97.58 -61.21
N LYS B 2914 41.71 96.64 -60.33
CA LYS B 2914 40.31 96.23 -60.25
C LYS B 2914 39.42 97.39 -59.78
N GLU B 2915 39.92 98.22 -58.86
CA GLU B 2915 39.25 99.42 -58.40
C GLU B 2915 39.97 100.70 -58.81
N LYS B 2916 41.16 100.60 -59.40
CA LYS B 2916 41.86 101.76 -59.95
C LYS B 2916 41.23 102.21 -61.27
N ALA B 2917 40.65 101.29 -62.03
CA ALA B 2917 40.14 101.57 -63.36
C ALA B 2917 39.05 102.63 -63.38
N ARG B 2918 38.14 102.61 -62.40
CA ARG B 2918 37.08 103.62 -62.33
C ARG B 2918 37.64 105.05 -62.14
N ASP B 2919 38.60 105.22 -61.24
CA ASP B 2919 39.23 106.53 -61.06
C ASP B 2919 40.13 106.90 -62.23
N ARG B 2920 40.83 105.92 -62.81
CA ARG B 2920 41.62 106.16 -64.00
C ARG B 2920 40.74 106.58 -65.17
N GLU B 2921 39.55 105.98 -65.28
CA GLU B 2921 38.57 106.37 -66.28
C GLU B 2921 38.04 107.78 -66.05
N LYS B 2922 37.85 108.17 -64.78
CA LYS B 2922 37.43 109.55 -64.49
C LYS B 2922 38.51 110.56 -64.88
N ALA B 2923 39.77 110.27 -64.53
CA ALA B 2923 40.88 111.16 -64.86
C ALA B 2923 41.12 111.18 -66.37
N GLN B 2924 40.93 110.04 -67.04
CA GLN B 2924 41.14 110.00 -68.47
C GLN B 2924 39.99 110.68 -69.20
N GLU B 2925 38.77 110.65 -68.62
CA GLU B 2925 37.67 111.41 -69.20
C GLU B 2925 37.98 112.90 -69.16
N LEU B 2926 38.48 113.38 -68.01
CA LEU B 2926 38.85 114.79 -67.89
C LEU B 2926 39.96 115.16 -68.88
N LEU B 2927 41.01 114.35 -68.94
CA LEU B 2927 42.16 114.67 -69.81
C LEU B 2927 41.80 114.54 -71.29
N LYS B 2928 41.02 113.52 -71.66
CA LYS B 2928 40.52 113.41 -73.03
C LYS B 2928 39.61 114.58 -73.36
N PHE B 2929 38.74 114.99 -72.43
CA PHE B 2929 37.91 116.16 -72.63
C PHE B 2929 38.73 117.45 -72.69
N LEU B 2930 40.00 117.41 -72.29
CA LEU B 2930 40.90 118.54 -72.49
C LEU B 2930 41.55 118.51 -73.87
N GLN B 2931 42.20 117.39 -74.23
CA GLN B 2931 42.88 117.30 -75.53
C GLN B 2931 41.91 117.30 -76.70
N MET B 2932 40.76 116.63 -76.57
CA MET B 2932 39.72 116.67 -77.60
C MET B 2932 39.18 118.09 -77.79
N ASN B 2933 39.10 118.87 -76.71
CA ASN B 2933 38.81 120.29 -76.85
C ASN B 2933 40.03 121.08 -77.32
N GLY B 2934 41.22 120.50 -77.25
CA GLY B 2934 42.43 121.14 -77.70
C GLY B 2934 43.31 121.74 -76.62
N TYR B 2935 43.20 121.25 -75.38
CA TYR B 2935 43.93 121.83 -74.25
C TYR B 2935 45.27 121.12 -74.10
N ALA B 2936 46.32 121.90 -73.90
CA ALA B 2936 47.65 121.38 -73.61
C ALA B 2936 48.06 121.88 -72.24
N VAL B 2937 48.41 120.95 -71.34
CA VAL B 2937 48.91 121.28 -70.01
C VAL B 2937 50.31 120.72 -69.89
N THR B 2938 51.27 121.58 -69.55
CA THR B 2938 52.67 121.20 -69.41
C THR B 2938 53.17 121.67 -68.06
N ARG B 2939 53.82 120.76 -67.33
CA ARG B 2939 54.32 121.02 -65.98
C ARG B 2939 55.39 122.11 -65.95
N LEU B 2946 63.96 112.54 -66.61
CA LEU B 2946 62.81 112.37 -67.50
C LEU B 2946 63.21 111.50 -68.70
N ASP B 2947 62.21 110.81 -69.25
CA ASP B 2947 62.32 109.88 -70.38
C ASP B 2947 63.28 108.73 -70.04
N THR B 2948 62.85 107.94 -69.07
CA THR B 2948 63.58 106.74 -68.70
C THR B 2948 63.53 105.69 -69.81
N SER B 2949 64.62 104.96 -69.95
CA SER B 2949 64.79 103.96 -70.99
C SER B 2949 64.44 102.58 -70.43
N SER B 2950 64.10 101.67 -71.34
CA SER B 2950 63.76 100.30 -70.96
C SER B 2950 64.91 99.60 -70.24
N ILE B 2951 66.15 99.94 -70.61
CA ILE B 2951 67.32 99.47 -69.88
C ILE B 2951 67.33 100.04 -68.46
N GLU B 2952 67.01 101.34 -68.32
CA GLU B 2952 66.98 102.00 -67.01
C GLU B 2952 65.91 101.42 -66.09
N LYS B 2953 64.73 101.10 -66.65
CA LYS B 2953 63.61 100.58 -65.89
C LYS B 2953 63.86 99.20 -65.27
N ARG B 2954 64.91 98.49 -65.69
CA ARG B 2954 65.23 97.17 -65.16
C ARG B 2954 65.54 97.27 -63.67
N PHE B 2955 65.16 96.21 -62.94
CA PHE B 2955 65.41 96.15 -61.51
C PHE B 2955 66.90 96.20 -61.19
N ALA B 2956 67.68 95.31 -61.83
CA ALA B 2956 69.12 95.26 -61.56
C ALA B 2956 69.82 96.55 -61.94
N PHE B 2957 69.31 97.27 -62.95
CA PHE B 2957 69.86 98.58 -63.28
C PHE B 2957 69.68 99.55 -62.12
N GLY B 2958 68.47 99.58 -61.54
CA GLY B 2958 68.22 100.45 -60.39
C GLY B 2958 69.05 100.08 -59.18
N PHE B 2959 69.18 98.77 -58.93
CA PHE B 2959 70.01 98.27 -57.84
C PHE B 2959 71.47 98.64 -58.04
N LEU B 2960 72.01 98.39 -59.23
CA LEU B 2960 73.40 98.76 -59.52
C LEU B 2960 73.60 100.27 -59.47
N GLN B 2961 72.60 101.05 -59.90
CA GLN B 2961 72.65 102.51 -59.79
C GLN B 2961 72.82 102.95 -58.34
N GLN B 2962 72.05 102.32 -57.44
CA GLN B 2962 72.20 102.61 -56.03
C GLN B 2962 73.55 102.13 -55.52
N LEU B 2963 74.05 101.01 -56.05
CA LEU B 2963 75.35 100.49 -55.64
C LEU B 2963 76.45 101.48 -56.00
N LEU B 2964 76.41 102.04 -57.21
CA LEU B 2964 77.40 103.05 -57.62
C LEU B 2964 77.31 104.29 -56.75
N ARG B 2965 76.08 104.77 -56.51
CA ARG B 2965 75.86 105.96 -55.68
C ARG B 2965 76.35 105.75 -54.25
N TRP B 2966 76.15 104.54 -53.72
CA TRP B 2966 76.70 104.21 -52.41
C TRP B 2966 78.19 103.90 -52.48
N MET B 2967 78.67 103.51 -53.66
CA MET B 2967 80.07 103.15 -53.85
C MET B 2967 80.97 104.38 -53.75
N ASP B 2968 80.54 105.50 -54.34
CA ASP B 2968 81.31 106.73 -54.17
C ASP B 2968 81.37 107.15 -52.70
N ILE B 2969 80.26 106.97 -51.96
CA ILE B 2969 80.25 107.21 -50.52
C ILE B 2969 81.21 106.24 -49.81
N SER B 2970 81.31 105.00 -50.32
CA SER B 2970 82.27 104.05 -49.76
C SER B 2970 83.69 104.55 -49.95
N GLN B 2971 83.99 105.09 -51.13
CA GLN B 2971 85.31 105.71 -51.31
C GLN B 2971 85.42 107.04 -50.57
N GLU B 2972 84.31 107.57 -50.06
CA GLU B 2972 84.38 108.78 -49.25
C GLU B 2972 84.80 108.43 -47.83
N PHE B 2973 84.34 107.28 -47.31
CA PHE B 2973 84.68 106.98 -45.91
C PHE B 2973 85.99 106.22 -45.77
N ILE B 2974 86.41 105.46 -46.80
CA ILE B 2974 87.71 104.79 -46.67
C ILE B 2974 88.86 105.81 -46.59
N ALA B 2975 88.73 106.96 -47.27
CA ALA B 2975 89.69 108.04 -47.10
C ALA B 2975 89.73 108.54 -45.66
N HIS B 2976 88.57 108.62 -45.02
CA HIS B 2976 88.50 108.97 -43.59
C HIS B 2976 89.21 107.92 -42.75
N LEU B 2977 89.00 106.64 -43.06
CA LEU B 2977 89.63 105.57 -42.29
C LEU B 2977 91.14 105.62 -42.44
N GLU B 2978 91.63 105.80 -43.67
CA GLU B 2978 93.07 105.88 -43.92
C GLU B 2978 93.68 107.07 -43.20
N ALA B 2979 92.94 108.19 -43.14
CA ALA B 2979 93.46 109.36 -42.46
C ALA B 2979 93.53 109.13 -40.95
N VAL B 2980 92.53 108.46 -40.37
CA VAL B 2980 92.47 108.35 -38.92
C VAL B 2980 93.26 107.18 -38.33
N VAL B 2981 93.63 106.17 -39.14
CA VAL B 2981 94.37 105.05 -38.58
C VAL B 2981 95.88 105.17 -38.81
N SER B 2982 96.28 105.82 -39.92
CA SER B 2982 97.70 106.03 -40.17
C SER B 2982 98.32 106.95 -39.12
N SER B 2983 97.61 108.01 -38.74
CA SER B 2983 98.06 108.94 -37.71
C SER B 2983 96.84 109.70 -37.20
N GLY B 2984 97.05 110.49 -36.15
CA GLY B 2984 95.98 111.27 -35.55
C GLY B 2984 94.86 110.41 -35.01
N ARG B 2985 95.14 109.66 -33.93
CA ARG B 2985 94.21 108.71 -33.33
C ARG B 2985 92.90 109.37 -32.91
N VAL B 2986 91.81 109.03 -33.62
CA VAL B 2986 90.48 109.51 -33.29
C VAL B 2986 89.48 108.46 -33.78
N GLU B 2987 88.46 108.20 -32.95
CA GLU B 2987 87.47 107.17 -33.24
C GLU B 2987 86.04 107.70 -33.15
N LYS B 2988 85.85 109.02 -33.27
CA LYS B 2988 84.51 109.60 -33.18
C LYS B 2988 83.59 109.06 -34.28
N SER B 2989 84.09 108.96 -35.53
CA SER B 2989 83.45 108.39 -36.72
C SER B 2989 81.99 108.79 -36.93
N PRO B 2990 81.69 110.05 -37.27
CA PRO B 2990 80.28 110.45 -37.50
C PRO B 2990 79.61 109.74 -38.67
N HIS B 2991 80.39 109.13 -39.56
CA HIS B 2991 79.92 108.36 -40.69
C HIS B 2991 79.81 106.85 -40.39
N GLU B 2992 79.81 106.49 -39.09
CA GLU B 2992 79.65 105.09 -38.71
C GLU B 2992 78.28 104.54 -39.12
N GLN B 2993 77.29 105.43 -39.33
CA GLN B 2993 75.97 105.04 -39.83
C GLN B 2993 76.09 104.30 -41.16
N GLU B 2994 77.05 104.71 -41.98
CA GLU B 2994 77.22 104.11 -43.28
C GLU B 2994 78.33 103.09 -43.28
N ILE B 2995 79.27 103.19 -42.33
CA ILE B 2995 80.23 102.11 -42.14
C ILE B 2995 79.51 100.84 -41.71
N LYS B 2996 78.60 100.97 -40.75
CA LYS B 2996 77.80 99.83 -40.32
C LYS B 2996 76.75 99.43 -41.35
N PHE B 2997 76.18 100.39 -42.10
CA PHE B 2997 75.26 100.04 -43.19
C PHE B 2997 75.96 99.17 -44.23
N PHE B 2998 77.21 99.50 -44.54
CA PHE B 2998 77.97 98.73 -45.51
C PHE B 2998 78.33 97.38 -44.92
N ALA B 2999 79.05 97.37 -43.80
CA ALA B 2999 79.63 96.14 -43.26
C ALA B 2999 78.58 95.15 -42.76
N LYS B 3000 77.33 95.58 -42.57
CA LYS B 3000 76.27 94.68 -42.15
C LYS B 3000 75.24 94.37 -43.23
N ILE B 3001 75.19 95.14 -44.33
CA ILE B 3001 74.19 94.93 -45.37
C ILE B 3001 74.82 94.64 -46.72
N LEU B 3002 75.76 95.49 -47.17
CA LEU B 3002 76.26 95.43 -48.53
C LEU B 3002 77.02 94.14 -48.83
N LEU B 3003 77.84 93.67 -47.89
CA LEU B 3003 78.62 92.45 -48.12
C LEU B 3003 77.77 91.19 -48.34
N PRO B 3004 76.83 90.80 -47.46
CA PRO B 3004 76.02 89.61 -47.78
C PRO B 3004 75.11 89.81 -49.00
N LEU B 3005 74.62 91.03 -49.21
CA LEU B 3005 73.72 91.31 -50.33
C LEU B 3005 74.40 91.01 -51.65
N ILE B 3006 75.61 91.55 -51.85
CA ILE B 3006 76.39 91.24 -53.05
C ILE B 3006 76.75 89.77 -53.04
N ASN B 3007 77.00 89.20 -51.85
CA ASN B 3007 77.47 87.83 -51.72
C ASN B 3007 76.41 86.82 -52.19
N GLN B 3008 75.12 87.16 -52.07
CA GLN B 3008 74.06 86.24 -52.47
C GLN B 3008 73.33 86.63 -53.75
N TYR B 3009 73.16 87.94 -53.99
CA TYR B 3009 72.43 88.42 -55.17
C TYR B 3009 73.11 87.95 -56.44
N PHE B 3010 74.43 88.08 -56.50
CA PHE B 3010 75.14 87.61 -57.67
C PHE B 3010 75.29 86.10 -57.64
N THR B 3011 75.13 85.46 -56.47
CA THR B 3011 75.24 84.01 -56.40
C THR B 3011 74.09 83.39 -57.18
N ASN B 3012 72.87 83.88 -56.93
CA ASN B 3012 71.73 83.37 -57.67
C ASN B 3012 71.56 84.02 -59.04
N HIS B 3013 72.20 85.16 -59.30
CA HIS B 3013 72.07 85.86 -60.58
C HIS B 3013 73.37 85.87 -61.36
N CYS B 3014 74.26 84.91 -61.09
CA CYS B 3014 75.53 84.79 -61.82
C CYS B 3014 75.30 84.47 -63.29
N LEU B 3015 74.36 83.59 -63.59
CA LEU B 3015 74.12 83.19 -64.98
C LEU B 3015 73.49 84.34 -65.77
N TYR B 3016 72.67 85.16 -65.10
CA TYR B 3016 72.02 86.29 -65.77
C TYR B 3016 73.06 87.29 -66.26
N PHE B 3017 74.08 87.58 -65.44
CA PHE B 3017 75.11 88.53 -65.84
C PHE B 3017 76.12 87.93 -66.80
N LEU B 3018 76.19 86.61 -66.89
CA LEU B 3018 76.91 85.99 -67.99
C LEU B 3018 76.02 85.73 -69.20
N SER B 3019 74.72 85.99 -69.09
CA SER B 3019 73.82 85.78 -70.21
C SER B 3019 74.01 86.88 -71.24
N THR B 3020 74.14 86.48 -72.49
CA THR B 3020 74.31 87.34 -73.65
C THR B 3020 73.24 86.96 -74.66
N PRO B 3021 72.77 87.91 -75.48
CA PRO B 3021 71.75 87.56 -76.49
C PRO B 3021 72.17 86.48 -77.47
N ALA B 3022 73.47 86.36 -77.77
CA ALA B 3022 73.95 85.30 -78.65
C ALA B 3022 73.79 83.92 -78.00
N LYS B 3023 73.95 83.83 -76.68
CA LYS B 3023 73.85 82.54 -75.99
C LYS B 3023 73.33 82.82 -74.58
N VAL B 3024 72.04 82.58 -74.37
CA VAL B 3024 71.43 82.79 -73.06
C VAL B 3024 71.59 81.53 -72.24
N LEU B 3025 72.26 81.66 -71.10
CA LEU B 3025 72.50 80.52 -70.20
C LEU B 3025 71.52 80.45 -69.05
N GLY B 3026 71.05 81.60 -68.56
CA GLY B 3026 70.03 81.61 -67.53
C GLY B 3026 68.69 81.15 -68.05
N SER B 3027 67.78 80.85 -67.11
CA SER B 3027 66.43 80.41 -67.45
C SER B 3027 65.69 81.47 -68.25
N GLY B 3028 65.79 82.72 -67.83
CA GLY B 3028 65.19 83.81 -68.56
C GLY B 3028 65.88 85.12 -68.24
N GLY B 3029 66.01 85.99 -69.24
CA GLY B 3029 66.62 87.29 -69.01
C GLY B 3029 68.11 87.32 -69.28
N HIS B 3030 68.54 88.30 -70.07
CA HIS B 3030 69.94 88.54 -70.36
C HIS B 3030 70.32 89.91 -69.80
N ALA B 3031 71.48 89.98 -69.12
CA ALA B 3031 71.97 91.25 -68.60
C ALA B 3031 72.17 92.24 -69.73
N SER B 3032 71.62 93.44 -69.55
CA SER B 3032 71.70 94.45 -70.60
C SER B 3032 73.15 94.89 -70.82
N ASN B 3033 73.32 95.58 -71.96
CA ASN B 3033 74.65 96.01 -72.39
C ASN B 3033 75.25 96.98 -71.38
N LYS B 3034 74.43 97.90 -70.84
CA LYS B 3034 74.91 98.84 -69.84
C LYS B 3034 75.27 98.13 -68.53
N GLU B 3035 74.43 97.16 -68.12
CA GLU B 3035 74.66 96.47 -66.86
C GLU B 3035 75.97 95.69 -66.88
N LYS B 3036 76.45 95.32 -68.07
CA LYS B 3036 77.73 94.62 -68.11
C LYS B 3036 78.89 95.57 -67.74
N GLU B 3037 78.75 96.87 -68.04
CA GLU B 3037 79.78 97.78 -67.57
C GLU B 3037 79.61 98.05 -66.09
N MET B 3038 78.36 98.23 -65.61
CA MET B 3038 78.25 98.51 -64.17
C MET B 3038 78.77 97.35 -63.32
N ILE B 3039 78.48 96.09 -63.68
CA ILE B 3039 79.08 94.97 -62.95
C ILE B 3039 80.61 94.93 -63.07
N THR B 3040 81.16 95.29 -64.24
CA THR B 3040 82.62 95.32 -64.38
C THR B 3040 83.25 96.50 -63.64
N SER B 3041 82.64 97.67 -63.75
CA SER B 3041 83.14 98.88 -63.11
C SER B 3041 83.07 98.74 -61.60
N LEU B 3042 81.93 98.27 -61.08
CA LEU B 3042 81.76 98.11 -59.64
C LEU B 3042 82.75 97.08 -59.10
N PHE B 3043 82.97 95.99 -59.85
CA PHE B 3043 83.94 94.98 -59.43
C PHE B 3043 85.34 95.60 -59.30
N CYS B 3044 85.72 96.43 -60.28
CA CYS B 3044 87.02 97.11 -60.19
C CYS B 3044 87.07 98.09 -59.02
N LYS B 3045 85.97 98.85 -58.82
CA LYS B 3045 85.94 99.86 -57.76
C LYS B 3045 86.09 99.24 -56.38
N LEU B 3046 85.45 98.09 -56.14
CA LEU B 3046 85.52 97.48 -54.81
C LEU B 3046 86.96 97.07 -54.47
N ALA B 3047 87.68 96.55 -55.46
CA ALA B 3047 89.08 96.22 -55.26
C ALA B 3047 89.91 97.48 -54.98
N ALA B 3048 89.68 98.54 -55.75
CA ALA B 3048 90.35 99.82 -55.47
C ALA B 3048 89.95 100.40 -54.12
N LEU B 3049 88.74 100.10 -53.65
CA LEU B 3049 88.29 100.45 -52.31
C LEU B 3049 89.12 99.75 -51.25
N VAL B 3050 89.43 98.47 -51.49
CA VAL B 3050 90.07 97.65 -50.48
C VAL B 3050 91.57 97.53 -50.68
N ARG B 3051 92.13 98.26 -51.66
CA ARG B 3051 93.56 98.18 -52.00
C ARG B 3051 94.37 98.64 -50.80
N HIS B 3052 94.99 97.68 -50.10
CA HIS B 3052 95.72 97.79 -48.83
C HIS B 3052 94.80 98.12 -47.66
N ARG B 3053 93.49 98.29 -47.87
CA ARG B 3053 92.58 98.71 -46.82
C ARG B 3053 91.88 97.53 -46.15
N VAL B 3054 92.26 96.30 -46.50
CA VAL B 3054 91.64 95.13 -45.90
C VAL B 3054 92.01 95.04 -44.41
N SER B 3055 93.28 95.34 -44.07
CA SER B 3055 93.68 95.36 -42.68
C SER B 3055 93.04 96.52 -41.94
N LEU B 3056 92.59 97.55 -42.66
CA LEU B 3056 91.87 98.65 -42.02
C LEU B 3056 90.46 98.20 -41.66
N PHE B 3057 89.81 97.42 -42.52
CA PHE B 3057 88.42 97.04 -42.24
C PHE B 3057 88.32 96.01 -41.12
N GLY B 3058 89.28 95.12 -41.01
CA GLY B 3058 89.24 94.11 -39.95
C GLY B 3058 88.51 92.84 -40.37
N THR B 3059 87.29 92.67 -39.86
CA THR B 3059 86.50 91.46 -40.06
C THR B 3059 85.79 91.39 -41.41
N ASP B 3060 85.68 92.51 -42.14
CA ASP B 3060 84.93 92.51 -43.39
C ASP B 3060 85.67 91.85 -44.55
N ALA B 3061 86.98 91.64 -44.42
CA ALA B 3061 87.82 91.16 -45.53
C ALA B 3061 87.40 89.80 -46.10
N PRO B 3062 87.11 88.74 -45.29
CA PRO B 3062 86.61 87.50 -45.91
C PRO B 3062 85.28 87.68 -46.65
N ALA B 3063 84.47 88.66 -46.26
CA ALA B 3063 83.22 88.89 -46.96
C ALA B 3063 83.50 89.56 -48.30
N VAL B 3064 84.46 90.51 -48.30
CA VAL B 3064 84.81 91.26 -49.51
C VAL B 3064 85.39 90.32 -50.56
N VAL B 3065 86.29 89.41 -50.13
CA VAL B 3065 86.99 88.55 -51.10
C VAL B 3065 85.99 87.64 -51.81
N ASN B 3066 85.02 87.07 -51.07
CA ASN B 3066 83.99 86.24 -51.67
C ASN B 3066 83.09 87.03 -52.60
N CYS B 3067 82.73 88.27 -52.22
CA CYS B 3067 81.99 89.16 -53.11
C CYS B 3067 82.73 89.34 -54.43
N LEU B 3068 84.04 89.61 -54.35
CA LEU B 3068 84.87 89.72 -55.54
C LEU B 3068 84.88 88.42 -56.34
N HIS B 3069 84.97 87.28 -55.64
CA HIS B 3069 85.07 85.98 -56.31
C HIS B 3069 83.84 85.70 -57.17
N ILE B 3070 82.65 85.98 -56.61
CA ILE B 3070 81.40 85.85 -57.35
C ILE B 3070 81.28 86.88 -58.48
N LEU B 3071 81.75 88.12 -58.25
CA LEU B 3071 81.76 89.10 -59.34
C LEU B 3071 82.67 88.65 -60.49
N ALA B 3072 83.83 88.10 -60.13
CA ALA B 3072 84.79 87.58 -61.11
C ALA B 3072 84.17 86.44 -61.89
N ARG B 3073 83.47 85.53 -61.21
CA ARG B 3073 82.82 84.47 -61.95
C ARG B 3073 81.58 84.96 -62.70
N SER B 3074 81.12 86.19 -62.43
CA SER B 3074 80.01 86.77 -63.18
C SER B 3074 80.49 87.89 -64.11
N LEU B 3075 81.74 87.82 -64.56
CA LEU B 3075 82.35 88.85 -65.40
C LEU B 3075 82.35 88.37 -66.85
N ASP B 3076 81.40 88.86 -67.63
CA ASP B 3076 81.44 88.68 -69.10
C ASP B 3076 82.23 89.81 -69.75
N ALA B 3077 83.51 89.88 -69.37
CA ALA B 3077 84.44 90.93 -69.80
C ALA B 3077 84.73 90.93 -71.30
N ARG B 3078 84.43 89.83 -72.01
CA ARG B 3078 84.66 89.75 -73.45
C ARG B 3078 83.92 90.84 -74.22
N THR B 3079 82.61 90.99 -73.99
CA THR B 3079 81.83 91.97 -74.73
C THR B 3079 82.00 93.39 -74.20
N VAL B 3080 82.65 93.55 -73.04
CA VAL B 3080 82.80 94.87 -72.44
C VAL B 3080 83.74 95.74 -73.27
N MET B 3081 84.89 95.21 -73.68
CA MET B 3081 85.81 96.05 -74.43
C MET B 3081 85.32 96.25 -75.86
N LYS B 3082 84.54 95.29 -76.38
CA LYS B 3082 83.97 95.44 -77.71
C LYS B 3082 82.96 96.57 -77.74
N SER B 3083 82.16 96.70 -76.68
CA SER B 3083 81.13 97.73 -76.61
C SER B 3083 81.11 98.28 -75.19
N GLY B 3084 81.61 99.49 -75.02
CA GLY B 3084 81.63 100.13 -73.72
C GLY B 3084 82.38 101.44 -73.68
N PRO B 3085 82.13 102.23 -72.63
CA PRO B 3085 82.89 103.46 -72.44
C PRO B 3085 84.35 103.25 -72.10
N GLU B 3086 85.16 104.23 -72.53
CA GLU B 3086 86.59 104.21 -72.26
C GLU B 3086 86.87 104.29 -70.77
N ILE B 3087 86.02 104.99 -70.02
CA ILE B 3087 86.28 105.26 -68.61
C ILE B 3087 86.35 103.95 -67.81
N VAL B 3088 85.39 103.06 -68.04
CA VAL B 3088 85.41 101.72 -67.45
C VAL B 3088 86.50 100.85 -68.08
N LYS B 3089 86.69 100.95 -69.42
CA LYS B 3089 87.72 100.13 -70.06
C LYS B 3089 89.11 100.47 -69.52
N ALA B 3090 89.41 101.76 -69.37
CA ALA B 3090 90.65 102.17 -68.72
C ALA B 3090 90.64 101.78 -67.26
N GLY B 3091 89.46 101.72 -66.63
CA GLY B 3091 89.40 101.36 -65.23
C GLY B 3091 89.91 99.93 -64.99
N LEU B 3092 89.43 98.99 -65.80
CA LEU B 3092 89.94 97.62 -65.74
C LEU B 3092 91.41 97.53 -66.17
N ARG B 3093 91.82 98.31 -67.18
CA ARG B 3093 93.24 98.35 -67.54
C ARG B 3093 94.12 98.85 -66.39
N SER B 3094 93.68 99.90 -65.70
CA SER B 3094 94.36 100.38 -64.50
C SER B 3094 94.36 99.31 -63.41
N PHE B 3095 93.26 98.58 -63.28
CA PHE B 3095 93.16 97.50 -62.30
C PHE B 3095 94.27 96.48 -62.54
N PHE B 3096 94.36 95.97 -63.77
CA PHE B 3096 95.33 94.93 -64.07
C PHE B 3096 96.77 95.43 -63.95
N GLU B 3097 97.05 96.67 -64.39
CA GLU B 3097 98.37 97.24 -64.15
C GLU B 3097 98.67 97.44 -62.67
N SER B 3098 97.67 97.83 -61.89
CA SER B 3098 97.79 97.97 -60.43
C SER B 3098 98.16 96.65 -59.79
N ALA B 3099 97.48 95.58 -60.22
CA ALA B 3099 97.77 94.26 -59.68
C ALA B 3099 99.17 93.83 -60.09
N SER B 3100 99.56 94.08 -61.35
CA SER B 3100 100.86 93.65 -61.83
C SER B 3100 101.98 94.31 -61.04
N GLU B 3101 101.82 95.61 -60.72
CA GLU B 3101 102.75 96.29 -59.82
C GLU B 3101 102.78 95.64 -58.45
N ASP B 3102 101.62 95.31 -57.89
CA ASP B 3102 101.60 94.70 -56.56
C ASP B 3102 102.27 93.33 -56.56
N ILE B 3103 102.09 92.56 -57.65
CA ILE B 3103 102.75 91.26 -57.80
C ILE B 3103 104.26 91.43 -57.82
N GLU B 3104 104.74 92.42 -58.59
CA GLU B 3104 106.18 92.65 -58.58
C GLU B 3104 106.67 93.19 -57.23
N LYS B 3105 105.79 93.85 -56.46
CA LYS B 3105 106.14 94.22 -55.09
C LYS B 3105 106.33 92.97 -54.24
N MET B 3106 105.50 91.95 -54.45
CA MET B 3106 105.66 90.67 -53.76
C MET B 3106 107.00 90.04 -54.10
N VAL B 3107 107.33 90.02 -55.38
CA VAL B 3107 108.52 89.26 -55.77
C VAL B 3107 109.79 89.99 -55.30
N GLU B 3108 109.78 91.34 -55.26
CA GLU B 3108 110.95 92.01 -54.68
C GLU B 3108 110.98 91.86 -53.16
N ASN B 3109 109.82 91.81 -52.49
CA ASN B 3109 109.79 91.55 -51.06
C ASN B 3109 110.34 90.16 -50.74
N LEU B 3110 109.94 89.16 -51.51
CA LEU B 3110 110.38 87.79 -51.26
C LEU B 3110 111.73 87.47 -51.88
N ARG B 3111 112.34 88.43 -52.60
CA ARG B 3111 113.68 88.29 -53.14
C ARG B 3111 114.75 88.69 -52.12
N LEU B 3112 114.43 88.58 -50.82
CA LEU B 3112 115.24 89.01 -49.67
C LEU B 3112 115.56 90.50 -49.66
N GLY B 3113 114.92 91.29 -50.52
CA GLY B 3113 114.96 92.74 -50.36
C GLY B 3113 114.29 93.22 -49.09
N LYS B 3114 113.22 92.55 -48.68
CA LYS B 3114 112.60 92.80 -47.38
C LYS B 3114 112.51 91.47 -46.65
N VAL B 3115 112.96 91.46 -45.39
CA VAL B 3115 112.94 90.25 -44.56
C VAL B 3115 111.50 89.78 -44.32
N SER B 3116 110.59 90.72 -44.04
CA SER B 3116 109.15 90.50 -43.89
C SER B 3116 108.82 89.58 -42.71
N LYS B 3123 105.31 96.81 -40.50
CA LYS B 3123 105.48 98.13 -41.09
C LYS B 3123 104.68 98.26 -42.39
N GLY B 3124 105.14 99.19 -43.25
CA GLY B 3124 104.43 99.49 -44.49
C GLY B 3124 104.30 98.31 -45.43
N VAL B 3125 105.33 97.46 -45.48
CA VAL B 3125 105.30 96.28 -46.34
C VAL B 3125 104.25 95.27 -45.86
N GLY B 3126 104.06 95.17 -44.53
CA GLY B 3126 103.17 94.15 -43.96
C GLY B 3126 101.73 94.26 -44.42
N GLN B 3127 101.22 95.50 -44.51
CA GLN B 3127 99.84 95.76 -44.89
C GLN B 3127 99.59 95.33 -46.33
N ASN B 3128 100.47 95.75 -47.24
CA ASN B 3128 100.33 95.36 -48.64
C ASN B 3128 100.52 93.86 -48.79
N LEU B 3129 101.44 93.29 -48.00
CA LEU B 3129 101.76 91.87 -48.10
C LEU B 3129 100.55 91.00 -47.75
N THR B 3130 99.85 91.35 -46.67
CA THR B 3130 98.64 90.60 -46.35
C THR B 3130 97.49 90.97 -47.27
N TYR B 3131 97.46 92.21 -47.79
CA TYR B 3131 96.41 92.58 -48.74
C TYR B 3131 96.54 91.76 -50.00
N THR B 3132 97.76 91.57 -50.49
CA THR B 3132 97.94 90.85 -51.73
C THR B 3132 97.64 89.37 -51.53
N THR B 3133 98.20 88.78 -50.45
CA THR B 3133 98.06 87.34 -50.26
C THR B 3133 96.64 86.93 -49.86
N VAL B 3134 95.82 87.87 -49.41
CA VAL B 3134 94.49 87.57 -48.91
C VAL B 3134 93.42 88.03 -49.90
N ALA B 3135 93.48 89.29 -50.32
CA ALA B 3135 92.47 89.88 -51.18
C ALA B 3135 92.80 89.91 -52.66
N LEU B 3136 94.07 89.90 -53.08
CA LEU B 3136 94.38 90.12 -54.48
C LEU B 3136 94.60 88.82 -55.26
N LEU B 3137 95.58 88.01 -54.84
CA LEU B 3137 95.90 86.79 -55.57
C LEU B 3137 94.75 85.79 -55.67
N PRO B 3138 94.01 85.42 -54.59
CA PRO B 3138 92.88 84.48 -54.81
C PRO B 3138 91.81 84.99 -55.79
N VAL B 3139 91.52 86.28 -55.74
CA VAL B 3139 90.55 86.89 -56.65
C VAL B 3139 91.09 86.89 -58.07
N LEU B 3140 92.38 87.18 -58.23
CA LEU B 3140 93.02 87.13 -59.54
C LEU B 3140 92.99 85.71 -60.11
N THR B 3141 93.32 84.72 -59.27
CA THR B 3141 93.24 83.32 -59.67
C THR B 3141 91.81 82.92 -60.05
N THR B 3142 90.82 83.50 -59.36
CA THR B 3142 89.42 83.34 -59.76
C THR B 3142 89.18 83.92 -61.15
N LEU B 3143 89.79 85.09 -61.43
CA LEU B 3143 89.60 85.76 -62.71
C LEU B 3143 90.12 84.88 -63.83
N PHE B 3144 91.36 84.39 -63.67
CA PHE B 3144 91.99 83.55 -64.68
C PHE B 3144 91.24 82.24 -64.89
N GLN B 3145 90.77 81.61 -63.81
CA GLN B 3145 89.89 80.45 -63.95
C GLN B 3145 88.59 80.75 -64.69
N HIS B 3146 87.94 81.88 -64.39
CA HIS B 3146 86.76 82.30 -65.12
C HIS B 3146 87.03 82.58 -66.60
N ILE B 3147 88.19 83.18 -66.89
CA ILE B 3147 88.61 83.43 -68.26
C ILE B 3147 88.87 82.13 -69.00
N ALA B 3148 89.63 81.21 -68.38
CA ALA B 3148 89.93 79.94 -69.03
C ALA B 3148 88.70 79.06 -69.17
N GLN B 3149 87.70 79.26 -68.29
CA GLN B 3149 86.46 78.51 -68.35
C GLN B 3149 85.55 79.02 -69.46
N HIS B 3150 85.52 80.33 -69.69
CA HIS B 3150 84.66 80.90 -70.71
C HIS B 3150 85.40 81.30 -71.98
N GLN B 3151 86.66 80.83 -72.14
CA GLN B 3151 87.52 81.11 -73.29
C GLN B 3151 87.67 82.60 -73.54
N PHE B 3152 87.84 83.36 -72.46
CA PHE B 3152 87.92 84.81 -72.51
C PHE B 3152 89.34 85.30 -72.79
N GLY B 3153 90.31 84.40 -72.91
CA GLY B 3153 91.69 84.82 -73.15
C GLY B 3153 91.87 85.51 -74.48
N ASP B 3154 91.30 84.94 -75.54
CA ASP B 3154 91.49 85.46 -76.89
C ASP B 3154 90.72 86.75 -77.13
N ASP B 3155 89.85 87.16 -76.22
CA ASP B 3155 88.98 88.32 -76.40
C ASP B 3155 89.20 89.43 -75.40
N VAL B 3156 89.72 89.14 -74.21
CA VAL B 3156 89.93 90.15 -73.18
C VAL B 3156 91.38 90.61 -73.14
N ILE B 3157 92.31 89.68 -73.06
CA ILE B 3157 93.73 89.99 -72.96
C ILE B 3157 94.25 90.35 -74.35
N LEU B 3158 94.18 91.63 -74.70
CA LEU B 3158 94.45 92.04 -76.08
C LEU B 3158 95.60 93.03 -76.21
N ASP B 3159 95.54 94.19 -75.53
CA ASP B 3159 96.39 95.32 -75.88
C ASP B 3159 97.40 95.68 -74.80
N ASP B 3160 96.93 96.03 -73.61
CA ASP B 3160 97.77 96.36 -72.47
C ASP B 3160 97.58 95.39 -71.32
N VAL B 3161 96.48 94.62 -71.31
CA VAL B 3161 96.30 93.53 -70.37
C VAL B 3161 97.42 92.50 -70.59
N GLN B 3162 97.83 92.32 -71.85
CA GLN B 3162 99.01 91.52 -72.17
C GLN B 3162 100.26 92.09 -71.48
N VAL B 3163 100.45 93.41 -71.52
CA VAL B 3163 101.57 94.02 -70.82
C VAL B 3163 101.43 93.86 -69.30
N SER B 3164 100.19 93.81 -68.81
CA SER B 3164 99.93 93.58 -67.40
C SER B 3164 100.41 92.20 -66.97
N CYS B 3165 100.19 91.20 -67.82
CA CYS B 3165 100.49 89.83 -67.42
C CYS B 3165 101.92 89.42 -67.75
N TYR B 3166 102.56 89.98 -68.79
CA TYR B 3166 103.94 89.62 -69.15
C TYR B 3166 104.91 89.85 -67.99
N ARG B 3167 104.87 91.04 -67.39
CA ARG B 3167 105.68 91.36 -66.23
C ARG B 3167 105.37 90.43 -65.06
N THR B 3168 104.08 90.12 -64.88
CA THR B 3168 103.67 89.17 -63.87
C THR B 3168 104.28 87.79 -64.14
N LEU B 3169 104.26 87.37 -65.41
CA LEU B 3169 104.73 86.04 -65.79
C LEU B 3169 106.23 85.90 -65.58
N CYS B 3170 106.98 86.98 -65.79
CA CYS B 3170 108.39 86.99 -65.38
C CYS B 3170 108.54 86.89 -63.87
N SER B 3171 107.72 87.67 -63.14
CA SER B 3171 107.87 87.77 -61.69
C SER B 3171 107.58 86.45 -61.00
N ILE B 3172 106.57 85.72 -61.48
CA ILE B 3172 106.15 84.49 -60.81
C ILE B 3172 107.24 83.43 -60.96
N TYR B 3173 107.78 83.26 -62.18
CA TYR B 3173 108.82 82.26 -62.41
C TYR B 3173 110.13 82.66 -61.73
N SER B 3174 110.30 83.95 -61.39
CA SER B 3174 111.52 84.40 -60.73
C SER B 3174 111.73 83.78 -59.34
N LEU B 3175 110.67 83.23 -58.73
CA LEU B 3175 110.74 82.66 -57.38
C LEU B 3175 111.34 81.27 -57.34
N GLY B 3176 111.58 80.65 -58.50
CA GLY B 3176 112.15 79.31 -58.51
C GLY B 3176 113.55 79.23 -57.95
N THR B 3177 114.34 80.30 -58.12
CA THR B 3177 115.71 80.32 -57.66
C THR B 3177 115.84 80.75 -56.20
N THR B 3178 114.77 81.22 -55.57
CA THR B 3178 114.81 81.73 -54.20
C THR B 3178 113.95 80.86 -53.30
N LYS B 3179 114.49 80.52 -52.13
CA LYS B 3179 113.78 79.72 -51.13
C LYS B 3179 113.72 80.51 -49.83
N ASN B 3180 112.49 80.70 -49.31
CA ASN B 3180 112.29 81.39 -48.04
C ASN B 3180 111.02 80.86 -47.40
N THR B 3181 110.72 81.41 -46.21
CA THR B 3181 109.57 80.97 -45.43
C THR B 3181 108.25 81.34 -46.11
N TYR B 3182 108.12 82.62 -46.51
CA TYR B 3182 106.89 83.03 -47.19
C TYR B 3182 106.77 82.39 -48.56
N VAL B 3183 107.90 82.21 -49.26
CA VAL B 3183 107.86 81.50 -50.55
C VAL B 3183 107.34 80.08 -50.36
N GLU B 3184 107.75 79.44 -49.26
CA GLU B 3184 107.28 78.10 -48.91
C GLU B 3184 105.78 78.10 -48.66
N LYS B 3185 105.30 79.07 -47.87
CA LYS B 3185 103.88 79.06 -47.55
C LYS B 3185 103.02 79.48 -48.75
N LEU B 3186 103.60 80.22 -49.69
CA LEU B 3186 102.86 80.66 -50.86
C LEU B 3186 102.94 79.70 -52.04
N ARG B 3187 103.77 78.64 -51.97
CA ARG B 3187 103.97 77.71 -53.08
C ARG B 3187 102.70 77.15 -53.72
N PRO B 3188 101.65 76.65 -52.96
CA PRO B 3188 100.42 76.26 -53.66
C PRO B 3188 99.71 77.43 -54.30
N ALA B 3189 99.44 78.49 -53.50
CA ALA B 3189 98.62 79.63 -53.95
C ALA B 3189 99.21 80.28 -55.19
N LEU B 3190 100.55 80.32 -55.28
CA LEU B 3190 101.15 80.77 -56.52
C LEU B 3190 101.00 79.70 -57.57
N GLY B 3191 101.01 78.42 -57.16
CA GLY B 3191 101.00 77.31 -58.11
C GLY B 3191 99.74 77.34 -58.97
N GLU B 3192 98.59 77.50 -58.32
CA GLU B 3192 97.36 77.67 -59.09
C GLU B 3192 97.26 79.06 -59.71
N CYS B 3193 97.79 80.11 -59.07
CA CYS B 3193 97.74 81.45 -59.68
C CYS B 3193 98.45 81.48 -61.03
N LEU B 3194 99.60 80.81 -61.13
CA LEU B 3194 100.29 80.62 -62.41
C LEU B 3194 99.59 79.63 -63.34
N ALA B 3195 99.04 78.52 -62.82
CA ALA B 3195 98.38 77.55 -63.69
C ALA B 3195 97.16 78.16 -64.38
N ARG B 3196 96.29 78.82 -63.59
CA ARG B 3196 95.10 79.48 -64.12
C ARG B 3196 95.48 80.52 -65.17
N LEU B 3197 96.67 81.15 -64.99
CA LEU B 3197 97.16 82.13 -65.94
C LEU B 3197 97.50 81.43 -67.25
N ALA B 3198 98.20 80.30 -67.15
CA ALA B 3198 98.71 79.62 -68.34
C ALA B 3198 97.55 79.14 -69.20
N ALA B 3199 96.50 78.61 -68.56
CA ALA B 3199 95.28 78.27 -69.30
C ALA B 3199 94.53 79.49 -69.80
N ALA B 3200 94.61 80.63 -69.10
CA ALA B 3200 93.90 81.83 -69.52
C ALA B 3200 94.66 82.71 -70.50
N MET B 3201 95.93 82.45 -70.76
CA MET B 3201 96.72 83.30 -71.62
C MET B 3201 96.44 83.01 -73.10
N PRO B 3202 96.27 84.04 -73.93
CA PRO B 3202 96.07 83.82 -75.37
C PRO B 3202 97.33 83.78 -76.22
N VAL B 3203 98.53 83.67 -75.64
CA VAL B 3203 99.75 83.62 -76.45
C VAL B 3203 100.47 82.31 -76.16
N ALA B 3204 101.24 81.86 -77.15
CA ALA B 3204 102.11 80.70 -77.02
C ALA B 3204 103.44 81.16 -76.40
N PHE B 3205 103.35 81.55 -75.13
CA PHE B 3205 104.50 82.10 -74.40
C PHE B 3205 105.63 81.07 -74.29
N LEU B 3206 105.29 79.79 -74.16
CA LEU B 3206 106.27 78.72 -74.11
C LEU B 3206 106.93 78.47 -75.46
N GLU B 3207 106.42 79.08 -76.53
CA GLU B 3207 107.01 78.98 -77.87
C GLU B 3207 107.15 80.37 -78.50
N PRO B 3208 108.03 81.23 -77.94
CA PRO B 3208 108.26 82.52 -78.60
C PRO B 3208 108.92 82.39 -79.95
N GLN B 3209 109.61 81.27 -80.21
CA GLN B 3209 110.15 80.99 -81.52
C GLN B 3209 109.06 80.81 -82.57
N LEU B 3210 107.84 80.44 -82.15
CA LEU B 3210 106.68 80.40 -83.04
C LEU B 3210 105.65 81.46 -82.70
N ASN B 3211 106.00 82.45 -81.87
CA ASN B 3211 105.06 83.51 -81.51
C ASN B 3211 104.63 84.38 -82.69
N GLU B 3212 105.40 84.39 -83.78
CA GLU B 3212 105.09 85.22 -84.96
C GLU B 3212 103.78 84.86 -85.65
N TYR B 3213 103.25 83.66 -85.42
CA TYR B 3213 101.98 83.25 -85.99
C TYR B 3213 100.81 83.44 -85.02
N ASN B 3214 101.08 83.84 -83.78
CA ASN B 3214 100.03 84.08 -82.78
C ASN B 3214 99.19 85.28 -83.20
N ALA B 3215 97.95 85.01 -83.62
CA ALA B 3215 97.05 86.07 -84.04
C ALA B 3215 96.74 87.03 -82.90
N CYS B 3216 96.53 86.52 -81.69
CA CYS B 3216 96.29 87.39 -80.54
C CYS B 3216 97.61 87.63 -79.80
N SER B 3217 98.48 88.42 -80.44
CA SER B 3217 99.77 88.75 -79.87
C SER B 3217 100.06 90.23 -80.08
N VAL B 3218 100.86 90.78 -79.16
CA VAL B 3218 101.32 92.15 -79.32
C VAL B 3218 102.31 92.26 -80.47
N TYR B 3219 103.19 91.27 -80.64
CA TYR B 3219 104.27 91.36 -81.60
C TYR B 3219 103.82 90.97 -83.00
N THR B 3220 102.54 90.61 -83.15
CA THR B 3220 101.97 90.30 -84.44
C THR B 3220 100.88 91.29 -84.81
N THR B 3221 100.24 91.93 -83.83
CA THR B 3221 99.20 92.91 -84.13
C THR B 3221 99.77 94.33 -84.14
N LYS B 3222 100.28 94.80 -83.00
CA LYS B 3222 100.73 96.18 -82.92
C LYS B 3222 101.95 96.45 -83.80
N SER B 3223 101.89 97.57 -84.52
CA SER B 3223 102.91 97.98 -85.46
C SER B 3223 104.22 98.33 -84.74
N PRO B 3224 105.37 98.20 -85.41
CA PRO B 3224 106.64 98.50 -84.73
C PRO B 3224 106.83 99.96 -84.30
N ARG B 3225 106.03 100.92 -84.77
CA ARG B 3225 106.24 102.28 -84.28
C ARG B 3225 105.62 102.49 -82.90
N GLU B 3226 104.73 101.60 -82.47
CA GLU B 3226 104.43 101.39 -81.06
C GLU B 3226 105.22 100.17 -80.60
N ARG B 3227 105.06 99.81 -79.32
CA ARG B 3227 105.75 98.71 -78.60
C ARG B 3227 107.25 98.98 -78.39
N ALA B 3228 107.76 100.09 -78.93
CA ALA B 3228 109.10 100.55 -78.68
C ALA B 3228 109.14 101.90 -78.00
N ILE B 3229 108.10 102.72 -78.17
CA ILE B 3229 107.99 103.98 -77.44
C ILE B 3229 107.81 103.72 -75.95
N LEU B 3230 106.97 102.77 -75.57
CA LEU B 3230 106.77 102.38 -74.19
C LEU B 3230 107.62 101.15 -73.88
N GLY B 3231 107.86 100.94 -72.58
CA GLY B 3231 108.77 99.90 -72.11
C GLY B 3231 108.43 98.48 -72.52
N LEU B 3232 109.20 97.95 -73.48
CA LEU B 3232 109.12 96.58 -73.98
C LEU B 3232 110.47 96.25 -74.58
N PRO B 3233 111.01 95.04 -74.35
CA PRO B 3233 112.33 94.70 -74.92
C PRO B 3233 112.32 94.43 -76.42
N ASN B 3234 111.20 94.68 -77.09
CA ASN B 3234 111.00 94.57 -78.55
C ASN B 3234 111.30 93.18 -79.09
N SER B 3235 111.25 92.15 -78.25
CA SER B 3235 111.38 90.78 -78.72
C SER B 3235 110.64 89.85 -77.77
N VAL B 3236 109.86 88.93 -78.36
CA VAL B 3236 109.12 87.97 -77.56
C VAL B 3236 110.09 87.02 -76.86
N GLU B 3237 111.25 86.72 -77.48
CA GLU B 3237 112.23 85.90 -76.78
C GLU B 3237 112.80 86.63 -75.57
N GLU B 3238 112.80 87.96 -75.60
CA GLU B 3238 113.27 88.78 -74.48
C GLU B 3238 112.14 89.21 -73.55
N MET B 3239 110.92 88.74 -73.79
CA MET B 3239 109.76 89.01 -72.94
C MET B 3239 110.04 88.58 -71.50
N CYS B 3240 110.19 87.27 -71.29
CA CYS B 3240 110.67 86.71 -70.03
C CYS B 3240 111.79 85.74 -70.39
N PRO B 3241 113.03 86.23 -70.52
CA PRO B 3241 114.15 85.37 -70.93
C PRO B 3241 114.43 84.20 -70.00
N ASP B 3242 114.11 84.33 -68.70
CA ASP B 3242 114.27 83.23 -67.76
C ASP B 3242 113.34 82.06 -68.03
N ILE B 3243 112.24 82.26 -68.76
CA ILE B 3243 111.27 81.21 -69.05
C ILE B 3243 111.89 80.21 -70.02
N PRO B 3244 112.01 78.93 -69.65
CA PRO B 3244 112.53 77.94 -70.58
C PRO B 3244 111.50 77.62 -71.66
N VAL B 3245 111.99 77.15 -72.80
CA VAL B 3245 111.09 76.65 -73.82
C VAL B 3245 110.71 75.22 -73.50
N LEU B 3246 109.67 74.71 -74.19
CA LEU B 3246 109.17 73.36 -73.94
C LEU B 3246 110.22 72.30 -74.25
N ASP B 3247 111.09 72.57 -75.23
CA ASP B 3247 112.05 71.58 -75.71
C ASP B 3247 113.03 71.20 -74.61
N ARG B 3248 113.67 72.19 -74.00
CA ARG B 3248 114.58 71.88 -72.91
C ARG B 3248 113.81 71.56 -71.63
N LEU B 3249 112.57 72.08 -71.52
CA LEU B 3249 111.79 71.90 -70.30
C LEU B 3249 111.41 70.44 -70.09
N MET B 3250 111.01 69.75 -71.18
CA MET B 3250 110.61 68.36 -71.03
C MET B 3250 111.83 67.49 -70.75
N ALA B 3251 112.97 67.79 -71.38
CA ALA B 3251 114.19 67.02 -71.15
C ALA B 3251 114.67 67.15 -69.70
N ASP B 3252 114.61 68.37 -69.13
CA ASP B 3252 114.93 68.56 -67.71
C ASP B 3252 113.98 67.80 -66.79
N ILE B 3253 112.67 67.85 -67.06
CA ILE B 3253 111.71 67.09 -66.25
C ILE B 3253 111.94 65.59 -66.42
N GLY B 3254 112.18 65.16 -67.67
CA GLY B 3254 112.41 63.76 -67.95
C GLY B 3254 113.60 63.21 -67.21
N GLY B 3255 114.70 63.99 -67.16
CA GLY B 3255 115.87 63.58 -66.40
C GLY B 3255 115.57 63.51 -64.91
N LEU B 3256 114.77 64.45 -64.40
CA LEU B 3256 114.43 64.48 -62.99
C LEU B 3256 113.67 63.21 -62.61
N ALA B 3257 112.73 62.83 -63.47
CA ALA B 3257 111.85 61.68 -63.22
C ALA B 3257 112.64 60.37 -63.28
N GLU B 3258 113.47 60.18 -64.34
CA GLU B 3258 114.25 58.94 -64.42
C GLU B 3258 115.30 58.86 -63.31
N SER B 3259 115.79 60.01 -62.83
CA SER B 3259 116.68 59.97 -61.68
C SER B 3259 115.92 59.60 -60.40
N GLY B 3260 114.74 60.17 -60.21
CA GLY B 3260 113.98 59.94 -59.00
C GLY B 3260 114.23 61.01 -57.97
N ALA B 3261 114.19 62.26 -58.40
CA ALA B 3261 114.44 63.39 -57.50
C ALA B 3261 113.24 63.62 -56.59
N ARG B 3262 113.51 63.71 -55.29
CA ARG B 3262 112.48 64.00 -54.31
C ARG B 3262 112.01 65.44 -54.46
N TYR B 3263 110.79 65.70 -53.98
CA TYR B 3263 110.21 67.05 -54.01
C TYR B 3263 111.06 68.04 -53.22
N THR B 3264 111.79 67.53 -52.20
CA THR B 3264 112.65 68.38 -51.39
C THR B 3264 113.72 69.05 -52.26
N GLU B 3265 114.29 68.28 -53.20
CA GLU B 3265 115.27 68.86 -54.11
C GLU B 3265 114.61 69.36 -55.39
N MET B 3266 113.29 69.25 -55.53
CA MET B 3266 112.68 69.85 -56.73
C MET B 3266 111.41 70.67 -56.44
N PRO B 3267 111.37 71.53 -55.41
CA PRO B 3267 110.10 72.21 -55.07
C PRO B 3267 109.60 73.18 -56.13
N HIS B 3268 110.50 73.80 -56.90
CA HIS B 3268 110.10 74.75 -57.92
C HIS B 3268 109.50 74.06 -59.13
N VAL B 3269 109.96 72.85 -59.43
CA VAL B 3269 109.50 72.14 -60.63
C VAL B 3269 108.04 71.72 -60.45
N ILE B 3270 107.72 71.09 -59.31
CA ILE B 3270 106.37 70.57 -59.10
C ILE B 3270 105.37 71.71 -58.89
N GLU B 3271 105.77 72.72 -58.13
CA GLU B 3271 104.84 73.80 -57.82
C GLU B 3271 104.64 74.76 -58.99
N ILE B 3272 105.65 74.89 -59.87
CA ILE B 3272 105.64 75.93 -60.90
C ILE B 3272 105.69 75.35 -62.31
N THR B 3273 106.73 74.54 -62.60
CA THR B 3273 106.99 74.09 -63.95
C THR B 3273 105.92 73.12 -64.44
N LEU B 3274 105.59 72.12 -63.63
CA LEU B 3274 104.56 71.15 -64.00
C LEU B 3274 103.18 71.78 -64.26
N PRO B 3275 102.66 72.75 -63.44
CA PRO B 3275 101.41 73.42 -63.84
C PRO B 3275 101.47 74.10 -65.20
N MET B 3276 102.61 74.70 -65.60
CA MET B 3276 102.77 75.24 -66.95
C MET B 3276 102.46 74.19 -68.02
N LEU B 3277 103.07 73.02 -67.90
CA LEU B 3277 102.84 71.94 -68.85
C LEU B 3277 101.40 71.45 -68.83
N CYS B 3278 100.82 71.27 -67.63
CA CYS B 3278 99.44 70.83 -67.49
C CYS B 3278 98.44 71.87 -68.00
N SER B 3279 98.77 73.14 -67.85
CA SER B 3279 97.90 74.25 -68.18
C SER B 3279 98.24 74.88 -69.52
N TYR B 3280 99.17 74.31 -70.25
CA TYR B 3280 99.51 74.76 -71.60
C TYR B 3280 99.31 73.69 -72.67
N LEU B 3281 99.80 72.46 -72.44
CA LEU B 3281 99.75 71.42 -73.46
C LEU B 3281 98.34 71.10 -73.97
N PRO B 3282 97.33 70.76 -73.12
CA PRO B 3282 95.98 70.55 -73.67
C PRO B 3282 95.38 71.78 -74.32
N ARG B 3283 95.68 72.97 -73.79
CA ARG B 3283 95.08 74.21 -74.27
C ARG B 3283 95.50 74.49 -75.71
N TRP B 3284 96.77 74.25 -76.03
CA TRP B 3284 97.31 74.59 -77.33
C TRP B 3284 97.49 73.37 -78.22
N TRP B 3285 97.24 72.17 -77.69
CA TRP B 3285 97.30 70.95 -78.51
C TRP B 3285 96.28 71.00 -79.64
N GLU B 3286 95.06 71.46 -79.33
CA GLU B 3286 93.97 71.50 -80.29
C GLU B 3286 94.04 72.68 -81.23
N ARG B 3287 95.02 73.58 -81.08
CA ARG B 3287 95.21 74.70 -81.99
C ARG B 3287 96.44 74.53 -82.87
N GLY B 3288 97.06 73.35 -82.89
CA GLY B 3288 98.27 73.16 -83.67
C GLY B 3288 98.38 71.77 -84.26
N PRO B 3289 99.53 71.13 -84.06
CA PRO B 3289 99.76 69.79 -84.62
C PRO B 3289 98.86 68.76 -83.96
N GLU B 3290 98.56 67.69 -84.73
CA GLU B 3290 97.75 66.54 -84.35
C GLU B 3290 96.28 66.88 -84.05
N ALA B 3291 95.90 68.15 -84.14
CA ALA B 3291 94.57 68.60 -83.80
C ALA B 3291 93.58 68.15 -84.88
N PRO B 3292 92.30 68.06 -84.53
CA PRO B 3292 91.23 67.92 -85.53
C PRO B 3292 90.75 69.27 -86.01
N PRO B 3293 91.42 69.90 -86.97
CA PRO B 3293 91.13 71.32 -87.26
C PRO B 3293 89.87 71.50 -88.08
N PRO B 3294 88.90 72.30 -87.59
CA PRO B 3294 87.78 72.76 -88.42
C PRO B 3294 88.14 73.95 -89.29
N ALA B 3295 89.24 73.84 -90.03
CA ALA B 3295 89.85 74.99 -90.68
C ALA B 3295 89.90 74.85 -92.19
N LEU B 3296 88.78 74.45 -92.81
CA LEU B 3296 88.73 74.42 -94.26
C LEU B 3296 88.69 75.80 -94.93
N PRO B 3297 88.00 76.88 -94.40
CA PRO B 3297 88.13 78.18 -95.09
C PRO B 3297 89.40 78.91 -94.70
N ALA B 3298 89.82 78.74 -93.45
CA ALA B 3298 90.93 79.50 -92.89
C ALA B 3298 92.11 78.60 -92.54
N GLY B 3299 92.47 77.69 -93.45
CA GLY B 3299 93.66 76.88 -93.30
C GLY B 3299 94.96 77.59 -93.58
N ALA B 3300 94.89 78.82 -94.13
CA ALA B 3300 96.10 79.59 -94.43
C ALA B 3300 96.97 79.93 -93.21
N PRO B 3301 96.45 80.40 -92.05
CA PRO B 3301 97.37 80.68 -90.90
C PRO B 3301 98.14 79.45 -90.46
N PRO B 3302 99.45 79.56 -90.31
CA PRO B 3302 100.27 78.42 -89.88
C PRO B 3302 100.12 78.19 -88.39
N PRO B 3303 100.47 77.01 -87.88
CA PRO B 3303 100.35 76.76 -86.43
C PRO B 3303 101.33 77.59 -85.61
N CYS B 3304 100.78 78.49 -84.79
CA CYS B 3304 101.55 79.28 -83.84
C CYS B 3304 102.08 78.46 -82.68
N THR B 3305 101.64 77.22 -82.51
CA THR B 3305 102.08 76.34 -81.45
C THR B 3305 102.42 74.98 -82.02
N ALA B 3306 103.27 74.25 -81.30
CA ALA B 3306 103.78 72.96 -81.75
C ALA B 3306 103.73 71.95 -80.61
N VAL B 3307 102.58 71.84 -79.96
CA VAL B 3307 102.37 70.88 -78.89
C VAL B 3307 101.68 69.65 -79.45
N THR B 3308 102.29 68.48 -79.27
CA THR B 3308 101.73 67.20 -79.68
C THR B 3308 101.43 66.31 -78.48
N SER B 3309 100.60 65.30 -78.75
CA SER B 3309 100.22 64.36 -77.69
C SER B 3309 101.43 63.56 -77.23
N ASP B 3310 102.46 63.44 -78.08
CA ASP B 3310 103.72 62.83 -77.64
C ASP B 3310 104.38 63.69 -76.56
N HIS B 3311 104.28 65.03 -76.70
CA HIS B 3311 104.75 65.92 -75.65
C HIS B 3311 103.98 65.67 -74.36
N LEU B 3312 102.65 65.50 -74.46
CA LEU B 3312 101.92 65.18 -73.23
C LEU B 3312 102.22 63.78 -72.68
N ASN B 3313 102.67 62.88 -73.57
CA ASN B 3313 102.83 61.46 -73.25
C ASN B 3313 103.92 61.28 -72.21
N SER B 3314 105.11 61.84 -72.51
CA SER B 3314 106.23 61.70 -71.61
C SER B 3314 105.95 62.43 -70.32
N LEU B 3315 105.30 63.60 -70.41
CA LEU B 3315 104.92 64.41 -69.24
C LEU B 3315 104.11 63.59 -68.23
N LEU B 3316 103.11 62.87 -68.73
CA LEU B 3316 102.33 61.95 -67.89
C LEU B 3316 103.18 60.85 -67.28
N GLY B 3317 104.06 60.25 -68.10
CA GLY B 3317 105.01 59.28 -67.55
C GLY B 3317 105.96 59.86 -66.52
N ASN B 3318 106.41 61.10 -66.71
CA ASN B 3318 107.29 61.76 -65.77
C ASN B 3318 106.58 62.02 -64.44
N ILE B 3319 105.36 62.57 -64.50
CA ILE B 3319 104.59 62.90 -63.30
C ILE B 3319 104.34 61.64 -62.49
N LEU B 3320 103.98 60.55 -63.18
CA LEU B 3320 103.74 59.27 -62.51
C LEU B 3320 105.03 58.80 -61.84
N ARG B 3321 106.17 58.90 -62.55
CA ARG B 3321 107.42 58.42 -61.99
C ARG B 3321 107.83 59.25 -60.77
N ILE B 3322 107.53 60.56 -60.81
CA ILE B 3322 107.84 61.44 -59.68
C ILE B 3322 107.09 60.99 -58.44
N ILE B 3323 105.79 60.74 -58.58
CA ILE B 3323 104.97 60.38 -57.41
C ILE B 3323 105.39 59.01 -56.88
N VAL B 3324 105.55 58.02 -57.77
CA VAL B 3324 105.94 56.68 -57.31
C VAL B 3324 107.37 56.66 -56.75
N ASN B 3325 108.25 57.56 -57.19
CA ASN B 3325 109.54 57.68 -56.53
C ASN B 3325 109.38 58.30 -55.14
N ASN B 3326 108.44 59.25 -54.99
CA ASN B 3326 108.13 59.80 -53.68
C ASN B 3326 107.09 58.98 -52.92
N LEU B 3327 106.94 57.70 -53.27
CA LEU B 3327 105.94 56.85 -52.61
C LEU B 3327 106.24 56.67 -51.13
N GLY B 3328 107.50 56.39 -50.80
CA GLY B 3328 107.89 56.01 -49.44
C GLY B 3328 107.96 57.12 -48.43
N ILE B 3329 107.91 58.39 -48.86
CA ILE B 3329 108.03 59.50 -47.90
C ILE B 3329 106.76 59.63 -47.07
N ASP B 3330 106.91 60.24 -45.89
CA ASP B 3330 105.84 60.24 -44.90
C ASP B 3330 104.86 61.40 -45.05
N GLU B 3331 105.34 62.63 -44.93
CA GLU B 3331 104.49 63.81 -44.98
C GLU B 3331 104.72 64.50 -46.32
N ALA B 3332 103.64 64.67 -47.09
CA ALA B 3332 103.71 65.30 -48.40
C ALA B 3332 102.31 65.73 -48.81
N THR B 3333 102.06 67.03 -48.91
CA THR B 3333 100.75 67.52 -49.30
C THR B 3333 100.71 68.06 -50.72
N TRP B 3334 101.69 67.74 -51.57
CA TRP B 3334 101.80 68.34 -52.88
C TRP B 3334 101.20 67.49 -53.99
N MET B 3335 101.24 66.15 -53.85
CA MET B 3335 100.73 65.31 -54.91
C MET B 3335 99.21 65.38 -55.04
N LYS B 3336 98.47 65.76 -53.99
CA LYS B 3336 97.03 65.92 -54.14
C LYS B 3336 96.71 67.01 -55.17
N ARG B 3337 97.39 68.15 -55.07
CA ARG B 3337 97.26 69.20 -56.07
C ARG B 3337 97.85 68.80 -57.41
N LEU B 3338 98.93 68.01 -57.40
CA LEU B 3338 99.46 67.47 -58.64
C LEU B 3338 98.44 66.56 -59.32
N ALA B 3339 97.76 65.71 -58.53
CA ALA B 3339 96.77 64.79 -59.07
C ALA B 3339 95.58 65.54 -59.64
N VAL B 3340 95.09 66.56 -58.91
CA VAL B 3340 93.91 67.31 -59.37
C VAL B 3340 94.25 68.13 -60.61
N PHE B 3341 95.54 68.44 -60.85
CA PHE B 3341 95.88 69.21 -62.04
C PHE B 3341 96.38 68.33 -63.19
N ALA B 3342 96.88 67.13 -62.89
CA ALA B 3342 97.21 66.15 -63.91
C ALA B 3342 96.01 65.34 -64.37
N GLN B 3343 94.91 65.36 -63.61
CA GLN B 3343 93.68 64.70 -64.06
C GLN B 3343 93.14 65.26 -65.38
N PRO B 3344 93.04 66.60 -65.61
CA PRO B 3344 92.53 67.05 -66.93
C PRO B 3344 93.38 66.63 -68.12
N ILE B 3345 94.70 66.50 -67.96
CA ILE B 3345 95.56 66.25 -69.11
C ILE B 3345 95.62 64.78 -69.49
N VAL B 3346 95.31 63.86 -68.56
CA VAL B 3346 95.46 62.42 -68.81
C VAL B 3346 94.31 61.87 -69.65
N SER B 3347 93.32 62.70 -69.98
CA SER B 3347 92.22 62.28 -70.85
C SER B 3347 92.68 61.89 -72.24
N ARG B 3348 93.82 62.41 -72.70
CA ARG B 3348 94.31 62.12 -74.04
C ARG B 3348 95.41 61.04 -74.02
N ALA B 3349 95.59 60.37 -72.90
CA ALA B 3349 96.68 59.40 -72.71
C ALA B 3349 96.52 58.19 -73.61
N ARG B 3350 97.66 57.59 -73.97
CA ARG B 3350 97.76 56.46 -74.89
C ARG B 3350 97.67 55.13 -74.15
N PRO B 3351 97.23 54.06 -74.83
CA PRO B 3351 97.17 52.73 -74.18
C PRO B 3351 98.50 52.20 -73.67
N GLU B 3352 99.61 52.58 -74.32
CA GLU B 3352 100.93 52.05 -73.96
C GLU B 3352 101.34 52.42 -72.54
N LEU B 3353 100.83 53.54 -72.00
CA LEU B 3353 101.16 53.97 -70.65
C LEU B 3353 100.72 52.95 -69.60
N LEU B 3354 99.68 52.16 -69.93
CA LEU B 3354 99.19 51.12 -69.03
C LEU B 3354 100.27 50.08 -68.77
N HIS B 3355 100.84 49.54 -69.84
CA HIS B 3355 101.79 48.44 -69.71
C HIS B 3355 103.12 48.98 -69.25
N SER B 3356 103.48 50.18 -69.70
CA SER B 3356 104.79 50.73 -69.37
C SER B 3356 104.87 51.08 -67.88
N HIS B 3357 103.87 51.80 -67.37
CA HIS B 3357 103.97 52.35 -66.02
C HIS B 3357 102.87 51.90 -65.06
N PHE B 3358 101.61 51.82 -65.51
CA PHE B 3358 100.47 51.62 -64.61
C PHE B 3358 100.52 50.28 -63.87
N ILE B 3359 100.69 49.17 -64.61
CA ILE B 3359 100.72 47.84 -63.97
C ILE B 3359 101.85 47.65 -62.96
N PRO B 3360 103.12 48.09 -63.20
CA PRO B 3360 104.12 47.99 -62.11
C PRO B 3360 103.73 48.74 -60.85
N THR B 3361 103.09 49.90 -60.98
CA THR B 3361 102.76 50.71 -59.81
C THR B 3361 101.70 50.03 -58.97
N ILE B 3362 100.67 49.49 -59.63
CA ILE B 3362 99.60 48.81 -58.90
C ILE B 3362 100.16 47.57 -58.21
N GLY B 3363 101.03 46.82 -58.91
CA GLY B 3363 101.70 45.69 -58.28
C GLY B 3363 102.51 46.06 -57.05
N ARG B 3364 103.22 47.20 -57.11
CA ARG B 3364 103.91 47.77 -55.94
C ARG B 3364 102.94 48.11 -54.82
N LEU B 3365 101.79 48.69 -55.16
CA LEU B 3365 100.81 49.05 -54.14
C LEU B 3365 100.18 47.80 -53.55
N ARG B 3366 100.07 46.74 -54.37
CA ARG B 3366 99.50 45.48 -53.91
C ARG B 3366 100.43 44.85 -52.87
N LYS B 3367 101.72 44.73 -53.20
CA LYS B 3367 102.64 44.06 -52.28
C LYS B 3367 102.80 44.87 -51.00
N ARG B 3368 102.81 46.21 -51.11
CA ARG B 3368 102.84 47.07 -49.92
C ARG B 3368 101.61 46.85 -49.04
N ALA B 3369 100.41 46.92 -49.64
CA ALA B 3369 99.16 46.79 -48.89
C ALA B 3369 99.04 45.42 -48.25
N GLY B 3370 99.41 44.37 -49.00
CA GLY B 3370 99.37 43.01 -48.46
C GLY B 3370 100.33 42.80 -47.30
N LYS B 3371 101.54 43.38 -47.38
CA LYS B 3371 102.47 43.23 -46.25
C LYS B 3371 102.00 44.04 -45.05
N VAL B 3372 101.44 45.23 -45.29
CA VAL B 3372 100.94 46.07 -44.20
C VAL B 3372 99.80 45.38 -43.46
N VAL B 3373 98.85 44.82 -44.21
CA VAL B 3373 97.77 44.10 -43.56
C VAL B 3373 98.25 42.76 -43.00
N ALA B 3374 99.35 42.20 -43.52
CA ALA B 3374 99.97 41.03 -42.89
C ALA B 3374 100.47 41.35 -41.48
N GLU B 3375 101.10 42.53 -41.31
CA GLU B 3375 101.42 43.01 -39.96
C GLU B 3375 100.17 43.29 -39.14
N GLU B 3376 99.15 43.88 -39.76
CA GLU B 3376 97.91 44.17 -39.04
C GLU B 3376 97.21 42.90 -38.55
N GLU B 3377 97.16 41.87 -39.40
CA GLU B 3377 96.59 40.60 -38.94
C GLU B 3377 97.50 39.90 -37.95
N GLN B 3378 98.82 40.16 -38.01
CA GLN B 3378 99.76 39.64 -37.03
C GLN B 3378 99.42 40.17 -35.65
N LEU B 3379 99.07 41.46 -35.58
CA LEU B 3379 98.77 42.03 -34.27
C LEU B 3379 97.34 41.74 -33.83
N ARG B 3380 96.40 41.54 -34.79
CA ARG B 3380 95.03 41.28 -34.34
C ARG B 3380 94.88 39.84 -33.86
N LEU B 3381 95.64 38.89 -34.45
CA LEU B 3381 95.52 37.50 -34.00
C LEU B 3381 95.98 37.39 -32.56
N GLU B 3382 97.04 38.11 -32.19
CA GLU B 3382 97.42 38.26 -30.79
C GLU B 3382 97.34 39.77 -30.47
N ALA B 3383 96.13 40.20 -30.11
CA ALA B 3383 95.82 41.59 -29.86
C ALA B 3383 95.91 41.86 -28.35
N LYS B 3384 97.13 41.86 -27.86
CA LYS B 3384 97.41 42.19 -26.46
C LYS B 3384 97.40 43.70 -26.28
N ALA B 3385 97.79 44.17 -25.08
CA ALA B 3385 98.04 45.60 -24.93
C ALA B 3385 99.23 46.06 -25.76
N GLU B 3386 100.13 45.13 -26.12
CA GLU B 3386 101.27 45.41 -26.99
C GLU B 3386 100.83 45.73 -28.41
N ALA B 3387 99.59 45.37 -28.78
CA ALA B 3387 99.08 45.64 -30.13
C ALA B 3387 99.01 47.14 -30.42
N GLU B 3388 98.56 47.94 -29.44
CA GLU B 3388 98.52 49.39 -29.62
C GLU B 3388 99.90 49.96 -29.90
N GLU B 3389 100.91 49.46 -29.19
CA GLU B 3389 102.32 49.80 -29.44
C GLU B 3389 102.76 49.07 -30.71
N GLY B 3390 102.39 49.65 -31.86
CA GLY B 3390 102.62 49.00 -33.13
C GLY B 3390 101.43 49.17 -34.04
N GLU B 3391 100.26 49.39 -33.43
CA GLU B 3391 99.08 49.75 -34.22
C GLU B 3391 99.27 51.11 -34.88
N LEU B 3392 99.98 52.03 -34.22
CA LEU B 3392 100.24 53.33 -34.84
C LEU B 3392 101.11 53.19 -36.09
N LEU B 3393 101.90 52.11 -36.17
CA LEU B 3393 102.71 51.85 -37.37
C LEU B 3393 101.82 51.54 -38.56
N VAL B 3394 100.87 50.61 -38.41
CA VAL B 3394 99.95 50.33 -39.50
C VAL B 3394 98.98 51.49 -39.73
N ARG B 3395 98.70 52.31 -38.71
CA ARG B 3395 97.98 53.57 -38.93
C ARG B 3395 98.74 54.52 -39.86
N ASP B 3396 100.06 54.64 -39.65
CA ASP B 3396 100.90 55.44 -40.54
C ASP B 3396 100.98 54.81 -41.92
N GLU B 3397 101.13 53.50 -41.98
CA GLU B 3397 101.18 52.78 -43.26
C GLU B 3397 99.87 52.95 -44.03
N PHE B 3398 98.74 52.88 -43.33
CA PHE B 3398 97.45 53.13 -43.97
C PHE B 3398 97.34 54.57 -44.43
N SER B 3399 97.87 55.52 -43.65
CA SER B 3399 97.81 56.93 -44.02
C SER B 3399 98.56 57.21 -45.31
N VAL B 3400 99.80 56.71 -45.41
CA VAL B 3400 100.57 56.89 -46.64
C VAL B 3400 99.96 56.09 -47.79
N LEU B 3401 99.44 54.90 -47.52
CA LEU B 3401 98.74 54.11 -48.54
C LEU B 3401 97.51 54.84 -49.08
N CYS B 3402 96.71 55.43 -48.19
CA CYS B 3402 95.58 56.27 -48.59
C CYS B 3402 96.04 57.47 -49.39
N ARG B 3403 97.14 58.09 -49.00
CA ARG B 3403 97.66 59.25 -49.73
C ARG B 3403 98.05 58.88 -51.16
N ASP B 3404 98.76 57.76 -51.30
CA ASP B 3404 99.19 57.33 -52.62
C ASP B 3404 98.02 56.87 -53.47
N LEU B 3405 97.06 56.16 -52.87
CA LEU B 3405 95.88 55.74 -53.62
C LEU B 3405 95.06 56.95 -54.04
N TYR B 3406 94.90 57.93 -53.14
CA TYR B 3406 94.08 59.10 -53.39
C TYR B 3406 94.75 60.07 -54.36
N ALA B 3407 96.02 59.83 -54.70
CA ALA B 3407 96.68 60.58 -55.75
C ALA B 3407 96.74 59.81 -57.05
N LEU B 3408 96.89 58.48 -56.96
CA LEU B 3408 96.93 57.64 -58.15
C LEU B 3408 95.58 57.58 -58.83
N TYR B 3409 94.49 57.55 -58.04
CA TYR B 3409 93.17 57.29 -58.60
C TYR B 3409 92.63 58.32 -59.59
N PRO B 3410 92.63 59.66 -59.32
CA PRO B 3410 92.03 60.59 -60.30
C PRO B 3410 92.61 60.51 -61.71
N LEU B 3411 93.91 60.29 -61.83
CA LEU B 3411 94.54 60.08 -63.12
C LEU B 3411 94.27 58.69 -63.69
N LEU B 3412 94.17 57.67 -62.83
CA LEU B 3412 93.84 56.33 -63.28
C LEU B 3412 92.42 56.24 -63.83
N ILE B 3413 91.46 56.90 -63.18
CA ILE B 3413 90.05 56.82 -63.57
C ILE B 3413 89.83 57.36 -64.97
N ARG B 3414 90.41 58.54 -65.26
CA ARG B 3414 90.35 59.10 -66.61
C ARG B 3414 91.07 58.19 -67.60
N TYR B 3415 92.19 57.61 -67.18
CA TYR B 3415 92.94 56.67 -68.02
C TYR B 3415 92.10 55.46 -68.36
N VAL B 3416 91.39 54.93 -67.36
CA VAL B 3416 90.50 53.79 -67.59
C VAL B 3416 89.31 54.19 -68.45
N ASP B 3417 88.69 55.36 -68.14
CA ASP B 3417 87.42 55.76 -68.74
C ASP B 3417 87.48 55.90 -70.25
N ASN B 3418 88.53 56.53 -70.78
CA ASN B 3418 88.66 56.65 -72.22
C ASN B 3418 88.90 55.29 -72.87
N ASN B 3419 89.63 54.41 -72.20
CA ASN B 3419 89.91 53.06 -72.67
C ASN B 3419 88.83 52.04 -72.34
N ARG B 3420 87.74 52.46 -71.66
CA ARG B 3420 86.67 51.53 -71.28
C ARG B 3420 86.05 50.87 -72.50
N ALA B 3421 85.66 51.68 -73.48
CA ALA B 3421 85.11 51.17 -74.74
C ALA B 3421 86.12 50.30 -75.47
N HIS B 3422 87.40 50.60 -75.30
CA HIS B 3422 88.44 49.82 -75.97
CA HIS B 3422 88.46 49.83 -75.96
C HIS B 3422 88.55 48.43 -75.36
N TRP B 3423 88.60 48.36 -74.02
CA TRP B 3423 88.81 47.09 -73.34
C TRP B 3423 87.58 46.20 -73.44
N LEU B 3424 86.39 46.79 -73.56
CA LEU B 3424 85.25 45.94 -73.86
C LEU B 3424 85.20 45.54 -75.34
N THR B 3425 85.68 46.41 -76.25
CA THR B 3425 85.69 46.11 -77.67
C THR B 3425 86.58 44.92 -77.97
N GLU B 3426 87.75 44.86 -77.35
CA GLU B 3426 88.59 43.69 -77.49
C GLU B 3426 89.15 43.37 -76.11
N PRO B 3427 89.12 42.10 -75.70
CA PRO B 3427 89.68 41.73 -74.40
C PRO B 3427 91.16 42.06 -74.29
N ASN B 3428 91.54 42.55 -73.11
CA ASN B 3428 92.90 43.01 -72.87
C ASN B 3428 93.39 42.31 -71.60
N ALA B 3429 94.43 41.48 -71.75
CA ALA B 3429 95.02 40.82 -70.59
C ALA B 3429 95.60 41.82 -69.60
N ASN B 3430 96.12 42.94 -70.08
CA ASN B 3430 96.57 44.04 -69.21
C ASN B 3430 95.42 44.59 -68.37
N ALA B 3431 94.25 44.76 -68.98
CA ALA B 3431 93.05 45.11 -68.22
C ALA B 3431 92.65 44.01 -67.25
N GLU B 3432 92.73 42.74 -67.67
CA GLU B 3432 92.35 41.64 -66.80
C GLU B 3432 93.22 41.58 -65.54
N GLU B 3433 94.53 41.73 -65.71
CA GLU B 3433 95.42 41.74 -64.55
C GLU B 3433 95.24 43.01 -63.72
N LEU B 3434 94.93 44.14 -64.37
CA LEU B 3434 94.58 45.36 -63.62
C LEU B 3434 93.39 45.09 -62.72
N PHE B 3435 92.34 44.46 -63.27
CA PHE B 3435 91.13 44.18 -62.51
C PHE B 3435 91.43 43.23 -61.36
N ARG B 3436 92.36 42.28 -61.58
CA ARG B 3436 92.77 41.39 -60.50
C ARG B 3436 93.43 42.17 -59.38
N MET B 3437 94.34 43.09 -59.72
CA MET B 3437 95.11 43.80 -58.70
C MET B 3437 94.21 44.74 -57.92
N VAL B 3438 93.38 45.54 -58.62
CA VAL B 3438 92.52 46.51 -57.96
C VAL B 3438 91.46 45.79 -57.14
N GLY B 3439 90.96 44.65 -57.66
CA GLY B 3439 89.94 43.90 -56.95
C GLY B 3439 90.50 43.33 -55.65
N GLU B 3440 91.70 42.75 -55.70
CA GLU B 3440 92.34 42.24 -54.48
C GLU B 3440 92.60 43.37 -53.50
N ILE B 3441 93.00 44.55 -53.99
CA ILE B 3441 93.19 45.73 -53.15
C ILE B 3441 91.89 46.06 -52.39
N PHE B 3442 90.78 46.08 -53.12
CA PHE B 3442 89.47 46.27 -52.49
C PHE B 3442 89.13 45.13 -51.53
N ILE B 3443 89.50 43.89 -51.87
CA ILE B 3443 89.29 42.74 -50.99
C ILE B 3443 89.99 42.92 -49.64
N TYR B 3444 91.27 43.28 -49.67
CA TYR B 3444 91.97 43.61 -48.42
C TYR B 3444 91.39 44.84 -47.74
N TRP B 3445 90.90 45.81 -48.50
CA TRP B 3445 90.21 46.96 -47.90
C TRP B 3445 88.97 46.51 -47.13
N SER B 3446 88.19 45.58 -47.69
CA SER B 3446 87.09 44.97 -46.96
C SER B 3446 87.57 44.14 -45.77
N LYS B 3447 88.75 43.52 -45.89
CA LYS B 3447 89.25 42.66 -44.82
C LYS B 3447 89.75 43.48 -43.63
N SER B 3448 90.29 44.66 -43.88
CA SER B 3448 90.88 45.50 -42.85
C SER B 3448 89.91 46.63 -42.51
N HIS B 3449 89.40 46.60 -41.28
CA HIS B 3449 88.54 47.66 -40.78
C HIS B 3449 89.31 48.92 -40.42
N ASN B 3450 90.55 48.77 -39.95
CA ASN B 3450 91.40 49.91 -39.67
C ASN B 3450 91.70 50.70 -40.94
N PHE B 3451 92.01 50.01 -42.03
CA PHE B 3451 92.20 50.69 -43.32
C PHE B 3451 90.94 51.40 -43.77
N LYS B 3452 89.76 50.85 -43.43
CA LYS B 3452 88.50 51.53 -43.73
C LYS B 3452 88.40 52.82 -42.94
N ARG B 3453 88.63 52.76 -41.62
CA ARG B 3453 88.32 53.91 -40.78
C ARG B 3453 89.32 55.03 -41.01
N GLU B 3454 90.61 54.70 -41.15
CA GLU B 3454 91.56 55.74 -41.51
C GLU B 3454 91.40 56.21 -42.95
N GLU B 3455 90.68 55.47 -43.80
CA GLU B 3455 90.40 55.98 -45.15
C GLU B 3455 89.53 57.24 -45.07
N GLN B 3456 88.41 57.17 -44.33
CA GLN B 3456 87.63 58.39 -44.18
C GLN B 3456 88.30 59.40 -43.25
N ASN B 3457 89.13 58.93 -42.30
CA ASN B 3457 89.87 59.89 -41.48
C ASN B 3457 90.82 60.73 -42.33
N PHE B 3458 91.50 60.10 -43.28
CA PHE B 3458 92.30 60.82 -44.27
C PHE B 3458 91.43 61.72 -45.12
N VAL B 3459 90.22 61.26 -45.45
CA VAL B 3459 89.30 62.03 -46.28
C VAL B 3459 88.90 63.33 -45.58
N VAL B 3460 88.45 63.21 -44.33
CA VAL B 3460 87.95 64.39 -43.61
C VAL B 3460 89.10 65.33 -43.25
N GLN B 3461 90.27 64.78 -42.89
CA GLN B 3461 91.43 65.61 -42.57
C GLN B 3461 91.96 66.38 -43.79
N ASN B 3462 91.95 65.75 -44.97
CA ASN B 3462 92.38 66.42 -46.18
C ASN B 3462 91.24 67.08 -46.95
N GLU B 3463 90.02 67.01 -46.42
CA GLU B 3463 88.81 67.66 -46.97
C GLU B 3463 88.58 67.26 -48.43
N ILE B 3464 88.63 65.94 -48.67
CA ILE B 3464 88.46 65.38 -50.00
C ILE B 3464 87.01 65.56 -50.44
N ASN B 3465 86.83 66.33 -51.52
CA ASN B 3465 85.50 66.62 -52.05
C ASN B 3465 84.90 65.45 -52.83
N ASN B 3466 85.76 64.63 -53.45
CA ASN B 3466 85.42 63.40 -54.18
C ASN B 3466 84.55 63.63 -55.42
N MET B 3467 84.25 64.88 -55.78
CA MET B 3467 83.38 65.19 -56.91
C MET B 3467 84.16 65.54 -58.17
N SER B 3468 85.20 66.37 -58.06
CA SER B 3468 86.09 66.64 -59.18
C SER B 3468 86.94 65.43 -59.54
N PHE B 3469 87.17 64.52 -58.58
CA PHE B 3469 87.88 63.28 -58.88
C PHE B 3469 87.12 62.43 -59.90
N LEU B 3470 85.81 62.34 -59.74
CA LEU B 3470 85.00 61.40 -60.52
C LEU B 3470 84.27 62.04 -61.70
N THR B 3471 83.86 63.30 -61.57
CA THR B 3471 83.01 63.95 -62.56
C THR B 3471 83.81 64.82 -63.53
N ALA B 3472 85.14 64.68 -63.55
CA ALA B 3472 86.00 65.54 -64.37
C ALA B 3472 85.68 65.43 -65.86
N ASP B 3473 85.47 64.20 -66.34
CA ASP B 3473 85.08 64.02 -67.74
C ASP B 3473 83.71 64.65 -68.01
N SER B 3474 82.78 64.48 -67.07
CA SER B 3474 81.47 65.11 -67.19
C SER B 3474 81.58 66.62 -67.20
N LYS B 3475 82.43 67.19 -66.33
CA LYS B 3475 82.66 68.63 -66.32
C LYS B 3475 83.27 69.10 -67.64
N SER B 3476 84.21 68.32 -68.18
CA SER B 3476 84.93 68.72 -69.39
C SER B 3476 84.07 68.61 -70.63
N LYS B 3477 83.04 67.76 -70.63
CA LYS B 3477 82.19 67.58 -71.80
C LYS B 3477 80.88 68.35 -71.71
N MET B 3478 80.90 69.51 -71.04
CA MET B 3478 79.78 70.46 -70.93
C MET B 3478 78.55 69.78 -70.32
N ALA B 3479 78.69 69.45 -69.04
CA ALA B 3479 77.64 68.79 -68.24
C ALA B 3479 76.31 69.54 -68.27
N ARG B 3498 77.03 69.14 -48.66
CA ARG B 3498 75.84 68.63 -48.00
C ARG B 3498 76.14 67.30 -47.31
N ARG B 3499 75.60 66.21 -47.86
CA ARG B 3499 75.81 64.90 -47.27
C ARG B 3499 77.20 64.36 -47.56
N GLY B 3500 77.57 64.31 -48.84
CA GLY B 3500 78.83 63.74 -49.24
C GLY B 3500 79.99 64.71 -49.23
N ASP B 3501 79.78 65.94 -48.73
CA ASP B 3501 80.85 66.92 -48.61
C ASP B 3501 81.96 66.41 -47.70
N ARG B 3502 81.59 65.83 -46.56
CA ARG B 3502 82.58 65.33 -45.63
C ARG B 3502 83.05 63.93 -46.02
N TYR B 3503 82.15 62.96 -46.01
CA TYR B 3503 82.46 61.60 -46.44
C TYR B 3503 81.15 60.86 -46.71
N SER B 3504 81.21 59.90 -47.63
CA SER B 3504 80.13 58.97 -47.93
C SER B 3504 80.75 57.76 -48.58
N VAL B 3505 80.39 56.56 -48.07
CA VAL B 3505 80.97 55.30 -48.55
C VAL B 3505 80.69 55.07 -50.03
N GLN B 3506 79.56 55.57 -50.53
CA GLN B 3506 79.25 55.51 -51.96
C GLN B 3506 80.25 56.29 -52.82
N THR B 3507 80.96 57.25 -52.23
CA THR B 3507 81.96 58.04 -52.95
C THR B 3507 83.38 57.63 -52.63
N SER B 3508 83.58 56.53 -51.90
CA SER B 3508 84.92 56.00 -51.64
C SER B 3508 85.59 55.65 -52.96
N LEU B 3509 86.80 56.16 -53.16
CA LEU B 3509 87.46 55.99 -54.46
C LEU B 3509 87.87 54.55 -54.75
N ILE B 3510 88.21 53.75 -53.73
CA ILE B 3510 88.61 52.35 -53.97
C ILE B 3510 87.44 51.54 -54.55
N VAL B 3511 86.27 51.69 -53.93
CA VAL B 3511 85.06 51.04 -54.44
C VAL B 3511 84.62 51.68 -55.74
N ALA B 3512 84.75 53.01 -55.88
CA ALA B 3512 84.32 53.67 -57.11
C ALA B 3512 85.17 53.20 -58.29
N THR B 3513 86.50 53.15 -58.10
CA THR B 3513 87.43 52.70 -59.13
C THR B 3513 87.09 51.28 -59.55
N LEU B 3514 86.73 50.44 -58.56
CA LEU B 3514 86.28 49.09 -58.87
C LEU B 3514 84.97 49.11 -59.66
N LYS B 3515 84.01 49.97 -59.29
CA LYS B 3515 82.70 49.97 -59.95
C LYS B 3515 82.82 50.39 -61.40
N LYS B 3516 83.58 51.46 -61.65
CA LYS B 3516 83.78 51.94 -63.03
C LYS B 3516 84.54 50.92 -63.86
N MET B 3517 85.53 50.24 -63.27
CA MET B 3517 86.27 49.28 -64.07
C MET B 3517 85.57 47.92 -64.19
N LEU B 3518 84.57 47.67 -63.33
CA LEU B 3518 83.92 46.37 -63.14
C LEU B 3518 83.42 45.65 -64.40
N PRO B 3519 82.67 46.26 -65.34
CA PRO B 3519 82.21 45.47 -66.51
C PRO B 3519 83.34 44.89 -67.35
N ILE B 3520 84.49 45.57 -67.43
CA ILE B 3520 85.67 44.98 -68.05
C ILE B 3520 86.08 43.74 -67.27
N GLY B 3521 86.04 43.82 -65.93
CA GLY B 3521 86.34 42.65 -65.13
C GLY B 3521 85.30 41.55 -65.23
N LEU B 3522 84.11 41.87 -65.75
CA LEU B 3522 83.08 40.88 -66.03
C LEU B 3522 83.10 40.41 -67.49
N ASN B 3523 83.99 40.99 -68.30
CA ASN B 3523 83.93 40.75 -69.74
C ASN B 3523 84.40 39.35 -70.10
N MET B 3524 85.50 38.88 -69.51
CA MET B 3524 86.11 37.64 -69.97
C MET B 3524 85.29 36.41 -69.59
N CYS B 3525 84.52 36.49 -68.49
CA CYS B 3525 83.81 35.34 -67.98
C CYS B 3525 82.67 34.92 -68.91
N ALA B 3526 82.59 33.63 -69.20
CA ALA B 3526 81.55 33.10 -70.06
C ALA B 3526 80.21 33.10 -69.34
N PRO B 3527 79.11 33.29 -70.07
CA PRO B 3527 77.78 33.20 -69.44
C PRO B 3527 77.48 31.85 -68.78
N THR B 3528 77.98 30.73 -69.33
CA THR B 3528 77.82 29.44 -68.65
C THR B 3528 78.52 29.38 -67.30
N ASP B 3529 79.53 30.22 -67.09
CA ASP B 3529 80.20 30.30 -65.80
C ASP B 3529 79.35 30.95 -64.72
N GLN B 3530 78.20 31.54 -65.05
CA GLN B 3530 77.37 32.25 -64.07
C GLN B 3530 76.93 31.35 -62.93
N ASP B 3531 76.47 30.13 -63.25
CA ASP B 3531 76.14 29.16 -62.20
C ASP B 3531 77.33 28.89 -61.29
N LEU B 3532 78.54 28.77 -61.86
CA LEU B 3532 79.75 28.66 -61.06
C LEU B 3532 79.97 29.91 -60.21
N ILE B 3533 79.54 31.06 -60.73
CA ILE B 3533 79.73 32.33 -60.03
C ILE B 3533 78.88 32.34 -58.78
N MET B 3534 77.55 32.15 -58.96
CA MET B 3534 76.63 32.16 -57.81
C MET B 3534 76.99 31.06 -56.79
N LEU B 3535 77.41 29.88 -57.26
CA LEU B 3535 77.86 28.84 -56.32
C LEU B 3535 79.08 29.30 -55.51
N ALA B 3536 80.10 29.85 -56.17
CA ALA B 3536 81.24 30.40 -55.46
C ALA B 3536 80.84 31.57 -54.55
N LYS B 3537 79.83 32.34 -54.96
CA LYS B 3537 79.26 33.38 -54.09
C LYS B 3537 78.70 32.78 -52.81
N THR B 3538 77.95 31.69 -52.94
CA THR B 3538 77.43 31.00 -51.76
C THR B 3538 78.55 30.49 -50.86
N ARG B 3539 79.60 29.92 -51.43
CA ARG B 3539 80.78 29.51 -50.65
C ARG B 3539 81.46 30.68 -49.94
N TYR B 3540 81.61 31.81 -50.63
CA TYR B 3540 82.11 33.02 -50.00
C TYR B 3540 81.16 33.56 -48.94
N ALA B 3541 79.86 33.37 -49.11
CA ALA B 3541 78.93 33.76 -48.05
C ALA B 3541 79.04 32.79 -46.89
N LEU B 3542 79.34 31.52 -47.17
CA LEU B 3542 79.59 30.51 -46.15
C LEU B 3542 81.00 30.59 -45.57
N LYS B 3543 81.70 31.70 -45.84
CA LYS B 3543 83.01 32.02 -45.26
C LYS B 3543 84.10 31.00 -45.60
N ASP B 3544 84.37 30.87 -46.89
CA ASP B 3544 85.40 29.96 -47.37
C ASP B 3544 86.50 30.77 -48.03
N THR B 3545 87.74 30.33 -47.84
CA THR B 3545 88.91 31.04 -48.33
C THR B 3545 89.09 30.80 -49.82
N ASP B 3546 90.06 31.54 -50.39
CA ASP B 3546 90.30 31.48 -51.83
C ASP B 3546 90.73 30.10 -52.30
N GLU B 3547 91.62 29.43 -51.56
CA GLU B 3547 92.03 28.08 -51.95
C GLU B 3547 90.88 27.09 -51.80
N GLU B 3548 90.08 27.28 -50.74
CA GLU B 3548 88.93 26.39 -50.53
C GLU B 3548 87.91 26.53 -51.64
N VAL B 3549 87.56 27.77 -52.03
CA VAL B 3549 86.62 27.95 -53.13
C VAL B 3549 87.23 27.45 -54.44
N ARG B 3550 88.57 27.52 -54.58
CA ARG B 3550 89.24 26.99 -55.76
C ARG B 3550 89.02 25.49 -55.91
N GLU B 3551 89.31 24.74 -54.84
CA GLU B 3551 89.04 23.31 -54.88
C GLU B 3551 87.55 22.98 -54.91
N PHE B 3552 86.69 23.82 -54.31
CA PHE B 3552 85.25 23.68 -54.49
C PHE B 3552 84.83 23.76 -55.96
N LEU B 3553 85.38 24.73 -56.70
CA LEU B 3553 85.17 24.81 -58.14
C LEU B 3553 85.70 23.57 -58.85
N GLN B 3554 86.90 23.11 -58.48
CA GLN B 3554 87.51 21.98 -59.18
C GLN B 3554 86.72 20.71 -58.93
N ASN B 3555 86.25 20.49 -57.70
CA ASN B 3555 85.36 19.36 -57.47
C ASN B 3555 83.98 19.58 -58.07
N ASN B 3556 83.63 20.82 -58.42
CA ASN B 3556 82.33 21.10 -59.00
C ASN B 3556 82.47 21.66 -60.41
N LEU B 3557 83.34 21.04 -61.21
CA LEU B 3557 83.56 21.50 -62.59
C LEU B 3557 82.36 21.25 -63.49
N HIS B 3558 81.46 20.34 -63.13
CA HIS B 3558 80.28 20.01 -63.92
C HIS B 3558 79.02 20.73 -63.44
N LEU B 3559 79.19 21.93 -62.87
CA LEU B 3559 78.07 22.72 -62.37
C LEU B 3559 77.87 24.01 -63.15
N GLN B 3560 78.43 24.09 -64.35
CA GLN B 3560 78.34 25.30 -65.17
C GLN B 3560 76.92 25.48 -65.72
N GLY B 3561 76.76 26.53 -66.53
CA GLY B 3561 75.52 26.73 -67.24
C GLY B 3561 75.39 25.87 -68.47
N LYS B 3562 74.14 25.70 -68.91
CA LYS B 3562 73.79 24.90 -70.08
C LYS B 3562 73.09 25.81 -71.08
N VAL B 3563 73.61 25.87 -72.31
CA VAL B 3563 73.03 26.72 -73.34
C VAL B 3563 71.64 26.24 -73.73
N GLU B 3564 71.42 24.92 -73.75
CA GLU B 3564 70.12 24.37 -74.10
C GLU B 3564 69.08 24.68 -73.02
N GLY B 3565 69.51 24.84 -71.77
CA GLY B 3565 68.61 25.10 -70.66
C GLY B 3565 68.06 26.51 -70.59
N SER B 3566 68.57 27.42 -71.42
CA SER B 3566 68.10 28.80 -71.42
C SER B 3566 68.23 29.40 -72.81
N PRO B 3567 67.10 29.80 -73.42
CA PRO B 3567 67.14 30.40 -74.77
C PRO B 3567 67.95 31.69 -74.85
N SER B 3568 68.03 32.46 -73.76
CA SER B 3568 68.82 33.68 -73.73
C SER B 3568 70.30 33.41 -73.97
N LEU B 3569 70.81 32.29 -73.42
CA LEU B 3569 72.21 31.93 -73.61
C LEU B 3569 72.57 31.66 -75.07
N ARG B 3570 71.57 31.32 -75.91
CA ARG B 3570 71.84 31.06 -77.32
C ARG B 3570 72.38 32.31 -78.01
N TRP B 3571 71.69 33.45 -77.84
CA TRP B 3571 72.21 34.67 -78.43
C TRP B 3571 73.39 35.21 -77.65
N GLN B 3572 73.42 34.92 -76.33
CA GLN B 3572 74.55 35.39 -75.53
C GLN B 3572 75.85 34.77 -76.05
N MET B 3573 75.88 33.44 -76.19
CA MET B 3573 77.06 32.77 -76.72
C MET B 3573 77.37 33.16 -78.15
N ALA B 3574 76.34 33.41 -78.98
CA ALA B 3574 76.59 33.92 -80.32
C ALA B 3574 77.34 35.26 -80.34
N LEU B 3575 76.92 36.19 -79.48
CA LEU B 3575 77.67 37.44 -79.33
C LEU B 3575 78.97 37.26 -78.54
N TYR B 3576 79.00 36.31 -77.61
CA TYR B 3576 80.19 36.05 -76.82
C TYR B 3576 81.30 35.51 -77.70
N ARG B 3577 81.02 34.48 -78.50
CA ARG B 3577 82.02 33.93 -79.40
C ARG B 3577 82.29 34.87 -80.57
N GLY B 3578 81.40 35.84 -80.83
CA GLY B 3578 81.69 36.84 -81.85
C GLY B 3578 82.87 37.75 -81.52
N LEU B 3579 83.35 37.74 -80.28
CA LEU B 3579 84.50 38.54 -79.88
C LEU B 3579 85.77 37.98 -80.51
N PRO B 3580 86.70 38.84 -80.96
CA PRO B 3580 87.97 38.35 -81.51
C PRO B 3580 88.84 37.59 -80.51
N GLY B 3581 88.83 38.00 -79.25
CA GLY B 3581 89.74 37.47 -78.25
C GLY B 3581 89.32 36.17 -77.60
N ARG B 3582 88.20 35.57 -78.02
CA ARG B 3582 87.74 34.30 -77.46
C ARG B 3582 88.59 33.17 -78.03
N GLU B 3583 89.73 32.94 -77.39
CA GLU B 3583 90.55 31.79 -77.71
C GLU B 3583 89.81 30.51 -77.31
N GLU B 3584 89.79 29.53 -78.19
CA GLU B 3584 89.02 28.31 -77.95
C GLU B 3584 89.81 27.26 -77.20
N ASP B 3585 91.08 27.54 -76.88
CA ASP B 3585 91.89 26.65 -76.07
C ASP B 3585 92.16 27.18 -74.66
N ALA B 3586 92.05 28.50 -74.46
CA ALA B 3586 92.32 29.12 -73.18
C ALA B 3586 91.21 28.90 -72.17
N ASP B 3587 90.09 28.29 -72.55
CA ASP B 3587 89.02 27.97 -71.62
C ASP B 3587 89.29 26.68 -70.86
N ASP B 3588 90.50 26.55 -70.30
CA ASP B 3588 90.83 25.37 -69.52
C ASP B 3588 90.09 25.44 -68.18
N PRO B 3589 89.86 24.25 -67.54
CA PRO B 3589 89.19 24.24 -66.23
C PRO B 3589 89.86 25.10 -65.17
N GLU B 3590 91.19 25.12 -65.12
CA GLU B 3590 91.86 25.89 -64.09
C GLU B 3590 91.81 27.36 -64.40
N LYS B 3591 91.91 27.73 -65.68
CA LYS B 3591 91.91 29.14 -66.06
C LYS B 3591 90.55 29.76 -65.76
N ILE B 3592 89.48 29.01 -66.11
CA ILE B 3592 88.15 29.57 -65.93
C ILE B 3592 87.83 29.63 -64.43
N VAL B 3593 88.25 28.62 -63.64
CA VAL B 3593 87.89 28.66 -62.23
C VAL B 3593 88.63 29.80 -61.53
N ARG B 3594 89.89 30.07 -61.92
CA ARG B 3594 90.63 31.16 -61.29
C ARG B 3594 89.99 32.52 -61.57
N ARG B 3595 89.66 32.79 -62.86
CA ARG B 3595 89.00 34.07 -63.18
C ARG B 3595 87.61 34.17 -62.52
N VAL B 3596 86.85 33.06 -62.50
CA VAL B 3596 85.56 33.04 -61.84
C VAL B 3596 85.69 33.28 -60.34
N GLN B 3597 86.67 32.65 -59.70
CA GLN B 3597 86.95 32.86 -58.29
C GLN B 3597 87.29 34.32 -57.98
N GLU B 3598 88.10 34.94 -58.84
CA GLU B 3598 88.46 36.35 -58.67
C GLU B 3598 87.23 37.25 -58.74
N VAL B 3599 86.38 37.05 -59.75
CA VAL B 3599 85.17 37.89 -59.81
C VAL B 3599 84.15 37.48 -58.75
N SER B 3600 84.22 36.24 -58.25
CA SER B 3600 83.35 35.81 -57.15
C SER B 3600 83.67 36.57 -55.88
N ALA B 3601 84.96 36.60 -55.51
CA ALA B 3601 85.37 37.32 -54.31
C ALA B 3601 85.10 38.81 -54.46
N VAL B 3602 85.40 39.37 -55.65
CA VAL B 3602 85.28 40.80 -55.87
C VAL B 3602 83.83 41.23 -55.72
N LEU B 3603 82.91 40.54 -56.41
CA LEU B 3603 81.52 40.95 -56.40
C LEU B 3603 80.83 40.58 -55.10
N TYR B 3604 81.27 39.49 -54.45
CA TYR B 3604 80.74 39.15 -53.13
C TYR B 3604 81.04 40.27 -52.12
N HIS B 3605 82.32 40.67 -52.03
CA HIS B 3605 82.68 41.79 -51.14
C HIS B 3605 82.00 43.08 -51.58
N LEU B 3606 81.76 43.21 -52.89
CA LEU B 3606 81.10 44.40 -53.43
C LEU B 3606 79.68 44.51 -52.89
N GLU B 3607 78.88 43.45 -53.01
CA GLU B 3607 77.51 43.52 -52.50
C GLU B 3607 77.49 43.60 -50.98
N GLN B 3608 78.49 43.00 -50.30
CA GLN B 3608 78.62 43.14 -48.84
C GLN B 3608 78.91 44.57 -48.43
N THR B 3609 79.46 45.37 -49.33
CA THR B 3609 79.85 46.74 -48.99
C THR B 3609 78.78 47.73 -49.43
N GLU B 3610 78.30 47.65 -50.67
CA GLU B 3610 77.16 48.46 -51.08
C GLU B 3610 75.86 48.13 -50.34
N HIS B 3611 75.78 47.03 -49.57
CA HIS B 3611 74.62 46.71 -48.75
C HIS B 3611 75.07 46.02 -47.46
N PRO B 3612 75.69 46.78 -46.54
CA PRO B 3612 76.10 46.17 -45.26
C PRO B 3612 74.96 45.67 -44.37
N TYR B 3613 73.86 46.43 -44.22
CA TYR B 3613 72.65 46.08 -43.45
C TYR B 3613 72.98 45.73 -41.99
N LYS B 3614 73.93 46.48 -41.43
CA LYS B 3614 74.41 46.25 -40.06
C LYS B 3614 73.32 46.49 -39.00
N SER B 3615 72.47 47.51 -39.19
CA SER B 3615 71.48 48.06 -38.25
C SER B 3615 70.64 47.07 -37.42
N LYS B 3616 69.92 47.60 -36.41
CA LYS B 3616 68.96 46.97 -35.49
C LYS B 3616 69.70 46.37 -34.30
N LYS B 3617 70.89 46.89 -34.01
CA LYS B 3617 71.66 46.50 -32.83
C LYS B 3617 71.94 47.64 -31.87
N ALA B 3618 72.20 48.84 -32.38
CA ALA B 3618 72.35 50.03 -31.53
C ALA B 3618 71.26 51.02 -31.95
N VAL B 3619 70.09 50.88 -31.34
CA VAL B 3619 68.91 51.67 -31.68
C VAL B 3619 68.63 52.64 -30.53
N TRP B 3620 68.14 53.83 -30.88
CA TRP B 3620 67.69 54.85 -29.93
C TRP B 3620 66.59 54.25 -29.05
N HIS B 3621 66.88 54.05 -27.76
CA HIS B 3621 66.01 53.27 -26.90
C HIS B 3621 65.41 54.05 -25.74
N LYS B 3622 66.01 55.19 -25.36
CA LYS B 3622 65.59 56.10 -24.28
C LYS B 3622 65.18 55.36 -22.99
N LEU B 3623 66.16 54.63 -22.46
CA LEU B 3623 66.00 53.88 -21.21
C LEU B 3623 65.56 54.77 -20.05
N LEU B 3624 66.37 55.78 -19.72
CA LEU B 3624 66.03 56.71 -18.67
C LEU B 3624 66.38 58.16 -18.98
N SER B 3625 66.92 58.46 -20.17
CA SER B 3625 67.43 59.80 -20.47
C SER B 3625 66.32 60.85 -20.46
N LYS B 3626 65.18 60.55 -21.09
CA LYS B 3626 64.09 61.52 -21.20
C LYS B 3626 63.47 61.87 -19.85
N GLN B 3627 63.63 61.02 -18.83
CA GLN B 3627 63.03 61.23 -17.52
C GLN B 3627 64.05 61.53 -16.43
N ARG B 3628 65.35 61.31 -16.66
CA ARG B 3628 66.35 61.45 -15.61
C ARG B 3628 67.52 62.35 -16.02
N ARG B 3629 67.34 63.24 -16.99
CA ARG B 3629 68.44 64.11 -17.38
C ARG B 3629 68.55 65.35 -16.51
N ARG B 3630 67.52 65.63 -15.70
CA ARG B 3630 67.60 66.73 -14.76
C ARG B 3630 68.66 66.45 -13.70
N ALA B 3631 68.67 65.22 -13.19
CA ALA B 3631 69.50 64.88 -12.05
C ALA B 3631 70.96 64.72 -12.46
N VAL B 3632 71.24 64.18 -13.65
CA VAL B 3632 72.63 63.89 -14.02
C VAL B 3632 73.43 65.19 -14.12
N VAL B 3633 72.85 66.20 -14.79
CA VAL B 3633 73.46 67.53 -14.89
C VAL B 3633 73.46 68.22 -13.54
N ALA B 3634 72.39 68.03 -12.75
CA ALA B 3634 72.39 68.60 -11.40
C ALA B 3634 73.50 67.99 -10.54
N CYS B 3635 73.67 66.67 -10.61
CA CYS B 3635 74.76 66.00 -9.91
C CYS B 3635 76.14 66.46 -10.37
N PHE B 3636 76.30 66.82 -11.64
CA PHE B 3636 77.52 67.50 -12.07
C PHE B 3636 77.66 68.92 -11.50
N ARG B 3637 76.56 69.64 -11.28
CA ARG B 3637 76.63 71.09 -11.06
C ARG B 3637 75.87 71.55 -9.83
N MET B 3638 75.70 70.69 -8.83
CA MET B 3638 75.01 71.07 -7.61
C MET B 3638 75.97 71.66 -6.59
N THR B 3639 75.49 71.84 -5.37
CA THR B 3639 76.32 72.31 -4.28
C THR B 3639 77.09 71.14 -3.68
N PRO B 3640 78.42 71.22 -3.60
CA PRO B 3640 79.18 70.23 -2.84
C PRO B 3640 78.83 70.32 -1.37
N LEU B 3641 78.92 69.17 -0.69
CA LEU B 3641 78.40 69.01 0.66
C LEU B 3641 79.04 70.00 1.62
N TYR B 3642 80.34 70.25 1.48
CA TYR B 3642 81.04 71.16 2.39
C TYR B 3642 80.59 72.60 2.24
N ASN B 3643 79.85 72.96 1.19
CA ASN B 3643 79.38 74.32 1.01
C ASN B 3643 77.94 74.50 1.53
N LEU B 3644 77.36 73.48 2.16
CA LEU B 3644 76.03 73.58 2.74
C LEU B 3644 76.07 74.33 4.06
N PRO B 3645 74.98 75.04 4.41
CA PRO B 3645 74.90 75.66 5.73
C PRO B 3645 74.90 74.64 6.85
N THR B 3646 75.40 75.07 8.01
CA THR B 3646 75.63 74.17 9.14
C THR B 3646 74.31 73.59 9.66
N HIS B 3647 73.30 74.45 9.84
CA HIS B 3647 72.03 74.02 10.42
C HIS B 3647 71.32 73.01 9.51
N ARG B 3648 71.33 73.25 8.20
CA ARG B 3648 70.77 72.30 7.23
C ARG B 3648 71.54 70.98 7.28
N ALA B 3649 72.88 71.07 7.27
CA ALA B 3649 73.72 69.87 7.27
C ALA B 3649 73.46 69.03 8.51
N CYS B 3650 73.38 69.67 9.68
CA CYS B 3650 73.10 68.94 10.90
C CYS B 3650 71.68 68.36 10.90
N ASN B 3651 70.75 69.06 10.24
CA ASN B 3651 69.38 68.57 10.13
C ASN B 3651 69.33 67.26 9.37
N MET B 3652 69.95 67.22 8.18
CA MET B 3652 70.00 65.92 7.50
C MET B 3652 70.89 64.92 8.22
N PHE B 3653 71.86 65.40 9.00
CA PHE B 3653 72.78 64.53 9.73
C PHE B 3653 72.03 63.67 10.73
N LEU B 3654 71.13 64.29 11.49
CA LEU B 3654 70.45 63.57 12.56
C LEU B 3654 69.50 62.53 11.99
N GLU B 3655 68.71 62.92 10.97
CA GLU B 3655 67.72 62.01 10.40
C GLU B 3655 68.41 60.85 9.70
N SER B 3656 69.60 61.07 9.14
CA SER B 3656 70.38 59.95 8.62
C SER B 3656 70.92 59.09 9.77
N TYR B 3657 71.39 59.74 10.84
CA TYR B 3657 72.04 59.03 11.95
C TYR B 3657 71.08 58.08 12.65
N LYS B 3658 69.85 58.52 12.90
CA LYS B 3658 68.86 57.65 13.54
C LYS B 3658 68.58 56.40 12.71
N ALA B 3659 68.43 56.58 11.39
CA ALA B 3659 68.25 55.45 10.49
C ALA B 3659 69.48 54.56 10.42
N ALA B 3660 70.66 55.10 10.71
CA ALA B 3660 71.89 54.32 10.60
C ALA B 3660 72.29 53.62 11.89
N TRP B 3661 72.06 54.23 13.03
CA TRP B 3661 72.50 53.69 14.32
C TRP B 3661 71.37 53.46 15.30
N ILE B 3662 70.42 54.38 15.42
CA ILE B 3662 69.36 54.25 16.42
C ILE B 3662 68.37 53.17 16.00
N LEU B 3663 67.82 53.29 14.78
CA LEU B 3663 66.85 52.32 14.29
C LEU B 3663 67.46 50.93 14.16
N THR B 3664 68.71 50.86 13.69
CA THR B 3664 69.39 49.58 13.54
C THR B 3664 69.73 48.93 14.88
N GLU B 3665 69.74 49.69 15.98
CA GLU B 3665 70.15 49.18 17.27
C GLU B 3665 69.19 48.10 17.78
N ASP B 3666 69.75 47.09 18.43
CA ASP B 3666 68.99 45.99 19.00
C ASP B 3666 69.15 46.04 20.51
N HIS B 3667 68.03 45.94 21.22
CA HIS B 3667 68.03 46.01 22.68
C HIS B 3667 66.80 45.25 23.18
N SER B 3668 67.01 44.02 23.64
CA SER B 3668 65.93 43.22 24.18
C SER B 3668 65.85 43.41 25.69
N PHE B 3669 64.68 43.80 26.17
CA PHE B 3669 64.43 44.02 27.59
C PHE B 3669 63.09 43.47 28.03
N GLU B 3670 62.37 42.79 27.14
CA GLU B 3670 61.01 42.33 27.42
C GLU B 3670 61.00 41.32 28.56
N ASP B 3671 61.99 40.42 28.56
CA ASP B 3671 62.08 39.41 29.59
C ASP B 3671 62.36 40.04 30.95
N ARG B 3672 63.30 40.98 31.01
CA ARG B 3672 63.59 41.62 32.29
C ARG B 3672 62.44 42.51 32.76
N MET B 3673 61.67 43.11 31.83
CA MET B 3673 60.39 43.77 32.10
C MET B 3673 59.49 42.86 32.92
N ILE B 3674 59.09 41.74 32.30
CA ILE B 3674 58.11 40.88 32.94
C ILE B 3674 58.69 40.25 34.20
N ASP B 3675 59.95 39.80 34.15
CA ASP B 3675 60.59 39.21 35.34
C ASP B 3675 60.67 40.19 36.52
N ASP B 3676 60.71 41.50 36.25
CA ASP B 3676 60.56 42.45 37.36
C ASP B 3676 59.12 42.56 37.81
N LEU B 3677 58.17 42.60 36.87
CA LEU B 3677 56.80 42.85 37.26
C LEU B 3677 56.05 41.61 37.71
N SER B 3678 56.68 40.45 37.71
CA SER B 3678 56.02 39.19 38.00
C SER B 3678 56.28 38.67 39.40
N LYS B 3679 56.91 39.47 40.26
CA LYS B 3679 57.33 39.00 41.58
C LYS B 3679 56.53 39.70 42.68
N ALA B 3680 56.33 38.98 43.78
CA ALA B 3680 55.70 39.53 44.97
C ALA B 3680 56.82 39.84 45.98
N GLY B 3681 57.30 41.09 45.93
CA GLY B 3681 58.48 41.47 46.69
C GLY B 3681 58.20 41.90 48.11
N GLU B 3682 58.53 41.04 49.07
CA GLU B 3682 58.48 41.32 50.52
C GLU B 3682 57.07 41.72 50.98
N GLN B 3683 56.15 40.77 50.87
CA GLN B 3683 54.84 40.88 51.50
C GLN B 3683 54.54 39.73 52.44
N GLU B 3684 55.48 38.80 52.62
CA GLU B 3684 55.30 37.67 53.52
C GLU B 3684 55.24 38.10 54.99
N GLU B 3685 55.72 39.31 55.31
CA GLU B 3685 55.78 39.74 56.71
C GLU B 3685 54.40 40.01 57.29
N GLU B 3686 53.48 40.59 56.52
CA GLU B 3686 52.16 40.90 57.03
C GLU B 3686 51.31 39.64 57.22
N GLU B 3687 51.31 38.74 56.22
CA GLU B 3687 50.63 37.43 56.23
C GLU B 3687 49.16 37.54 56.67
N GLU B 3688 48.37 38.17 55.79
CA GLU B 3688 46.94 38.30 56.01
C GLU B 3688 46.27 36.92 55.92
N GLU B 3689 45.06 36.81 56.50
CA GLU B 3689 44.33 35.54 56.54
C GLU B 3689 43.98 35.02 55.15
N VAL B 3690 43.58 35.92 54.24
CA VAL B 3690 43.13 35.51 52.90
C VAL B 3690 44.31 34.87 52.17
N GLU B 3691 44.03 33.79 51.44
CA GLU B 3691 45.04 33.20 50.58
C GLU B 3691 45.49 34.14 49.46
N GLU B 3692 44.53 34.88 48.84
CA GLU B 3692 44.63 35.85 47.73
C GLU B 3692 46.01 36.47 47.59
N LYS B 3693 46.81 35.99 46.63
CA LYS B 3693 48.14 36.54 46.38
C LYS B 3693 48.04 38.02 46.07
N LYS B 3694 48.22 38.84 47.13
CA LYS B 3694 47.84 40.24 47.09
C LYS B 3694 48.63 41.07 46.08
N PRO B 3695 49.98 41.06 46.02
CA PRO B 3695 50.60 41.94 45.02
C PRO B 3695 50.81 41.28 43.67
N ASP B 3696 50.44 42.01 42.61
CA ASP B 3696 50.70 41.51 41.26
C ASP B 3696 50.72 42.65 40.24
N PRO B 3697 51.89 43.26 39.99
CA PRO B 3697 51.99 44.40 39.06
C PRO B 3697 51.46 44.16 37.66
N LEU B 3698 51.74 42.99 37.09
CA LEU B 3698 51.24 42.66 35.76
C LEU B 3698 49.73 42.57 35.81
N HIS B 3699 49.20 41.86 36.83
CA HIS B 3699 47.79 41.57 36.89
C HIS B 3699 47.01 42.86 37.01
N GLN B 3700 47.53 43.82 37.80
CA GLN B 3700 46.91 45.14 37.88
C GLN B 3700 46.95 45.84 36.53
N LEU B 3701 48.09 45.75 35.82
CA LEU B 3701 48.22 46.38 34.51
C LEU B 3701 47.18 45.85 33.53
N VAL B 3702 47.08 44.52 33.44
CA VAL B 3702 46.10 43.84 32.60
C VAL B 3702 44.67 44.19 33.03
N LEU B 3703 44.41 44.20 34.35
CA LEU B 3703 43.10 44.57 34.87
C LEU B 3703 42.74 46.00 34.46
N HIS B 3704 43.69 46.91 34.55
CA HIS B 3704 43.50 48.31 34.17
C HIS B 3704 43.15 48.42 32.70
N PHE B 3705 43.88 47.68 31.86
CA PHE B 3705 43.57 47.67 30.43
C PHE B 3705 42.19 47.08 30.16
N SER B 3706 41.82 46.03 30.89
CA SER B 3706 40.45 45.51 30.77
C SER B 3706 39.44 46.54 31.22
N ARG B 3707 39.78 47.33 32.25
CA ARG B 3707 38.89 48.34 32.79
C ARG B 3707 38.58 49.37 31.72
N THR B 3708 39.63 49.93 31.10
CA THR B 3708 39.39 50.90 30.05
C THR B 3708 38.76 50.23 28.83
N ALA B 3709 38.99 48.92 28.63
CA ALA B 3709 38.38 48.21 27.52
C ALA B 3709 36.87 48.07 27.68
N LEU B 3710 36.37 48.13 28.91
CA LEU B 3710 34.96 47.89 29.18
C LEU B 3710 34.10 49.16 29.20
N THR B 3711 34.67 50.33 28.92
CA THR B 3711 33.89 51.56 29.02
C THR B 3711 32.83 51.62 27.91
N GLU B 3712 31.80 52.42 28.17
CA GLU B 3712 30.68 52.54 27.23
C GLU B 3712 30.97 53.66 26.23
N LYS B 3713 31.92 53.39 25.35
CA LYS B 3713 32.45 54.38 24.45
C LYS B 3713 32.15 53.95 23.02
N SER B 3714 31.68 54.90 22.20
CA SER B 3714 31.31 54.60 20.82
C SER B 3714 32.52 54.19 20.00
N LYS B 3715 33.59 54.97 20.04
CA LYS B 3715 34.80 54.69 19.27
C LYS B 3715 35.91 54.27 20.21
N LEU B 3716 36.82 53.45 19.70
CA LEU B 3716 37.95 52.95 20.48
C LEU B 3716 39.21 53.72 20.11
N ASP B 3717 39.69 54.54 21.03
CA ASP B 3717 40.82 55.44 20.79
C ASP B 3717 42.14 54.67 20.70
N GLU B 3718 43.23 55.43 20.66
CA GLU B 3718 44.57 54.87 20.59
C GLU B 3718 45.33 55.18 21.87
N ASP B 3719 46.07 54.18 22.38
CA ASP B 3719 46.90 54.35 23.57
C ASP B 3719 48.32 53.87 23.29
N TYR B 3720 49.27 54.82 23.31
CA TYR B 3720 50.66 54.51 23.00
C TYR B 3720 51.24 53.54 24.03
N LEU B 3721 50.86 53.69 25.29
CA LEU B 3721 51.29 52.75 26.32
C LEU B 3721 50.74 51.36 26.03
N TYR B 3722 49.50 51.28 25.54
CA TYR B 3722 48.95 49.98 25.15
C TYR B 3722 49.74 49.34 24.02
N MET B 3723 50.13 50.14 23.01
CA MET B 3723 51.10 49.71 22.00
C MET B 3723 52.38 49.16 22.62
N ALA B 3724 52.97 49.92 23.53
CA ALA B 3724 54.27 49.56 24.10
C ALA B 3724 54.16 48.27 24.91
N TYR B 3725 53.21 48.23 25.85
CA TYR B 3725 53.13 47.12 26.78
C TYR B 3725 52.68 45.86 26.07
N ALA B 3726 51.63 45.99 25.23
CA ALA B 3726 51.11 44.85 24.48
C ALA B 3726 52.17 44.25 23.55
N ASP B 3727 52.96 45.11 22.90
CA ASP B 3727 54.08 44.62 22.11
C ASP B 3727 55.14 43.94 22.97
N ILE B 3728 55.44 44.52 24.13
CA ILE B 3728 56.47 43.97 25.01
C ILE B 3728 56.10 42.56 25.46
N MET B 3729 54.88 42.39 25.97
CA MET B 3729 54.43 41.07 26.35
C MET B 3729 54.21 40.15 25.15
N ALA B 3730 53.95 40.69 23.96
CA ALA B 3730 53.90 39.85 22.78
C ALA B 3730 55.27 39.30 22.43
N LYS B 3731 56.29 40.17 22.47
CA LYS B 3731 57.67 39.79 22.15
C LYS B 3731 58.29 38.89 23.21
N SER B 3732 57.71 38.85 24.40
CA SER B 3732 58.37 38.16 25.50
C SER B 3732 58.17 36.66 25.50
N CYS B 3733 57.23 36.14 24.72
CA CYS B 3733 56.91 34.71 24.83
C CYS B 3733 57.72 33.85 23.88
N HIS B 3734 57.80 34.23 22.60
CA HIS B 3734 58.44 33.38 21.58
C HIS B 3734 59.93 33.16 21.90
N LEU B 3735 60.72 34.23 21.95
CA LEU B 3735 62.18 34.21 22.20
C LEU B 3735 62.92 33.22 21.31
N GLU B 3736 62.50 33.15 20.05
CA GLU B 3736 63.05 32.18 19.11
C GLU B 3736 62.91 32.67 17.67
N VAL B 3749 73.29 20.22 12.60
CA VAL B 3749 72.13 21.07 12.36
C VAL B 3749 70.84 20.33 12.71
N GLU B 3750 70.97 19.05 13.06
CA GLU B 3750 69.86 18.27 13.57
C GLU B 3750 69.94 18.24 15.08
N VAL B 3751 68.85 18.63 15.73
CA VAL B 3751 68.78 18.78 17.18
C VAL B 3751 67.68 17.87 17.72
N SER B 3752 68.00 17.12 18.77
CA SER B 3752 67.16 15.99 19.13
C SER B 3752 65.95 16.39 19.98
N PHE B 3753 65.07 15.41 20.15
CA PHE B 3753 63.76 15.59 20.76
C PHE B 3753 63.88 15.93 22.24
N GLU B 3754 64.85 15.29 22.93
CA GLU B 3754 64.93 15.40 24.39
C GLU B 3754 65.25 16.83 24.80
N GLU B 3755 65.97 17.57 23.96
CA GLU B 3755 66.22 18.97 24.26
C GLU B 3755 65.23 19.87 23.55
N LYS B 3756 64.49 19.36 22.54
CA LYS B 3756 63.43 20.16 21.93
C LYS B 3756 62.33 20.45 22.94
N GLU B 3757 61.89 19.41 23.65
CA GLU B 3757 60.83 19.58 24.65
C GLU B 3757 61.20 20.58 25.74
N MET B 3758 62.50 20.79 26.00
CA MET B 3758 62.91 21.78 26.99
C MET B 3758 62.52 23.19 26.55
N GLU B 3759 62.73 23.52 25.27
CA GLU B 3759 62.39 24.86 24.82
C GLU B 3759 60.89 25.02 24.75
N LYS B 3760 60.16 23.99 24.27
CA LYS B 3760 58.71 24.13 24.29
C LYS B 3760 58.15 24.23 25.71
N GLN B 3761 58.63 23.42 26.67
CA GLN B 3761 58.10 23.50 28.03
C GLN B 3761 58.39 24.85 28.66
N ARG B 3762 59.51 25.50 28.29
CA ARG B 3762 59.73 26.85 28.81
C ARG B 3762 58.82 27.86 28.09
N LEU B 3763 58.54 27.63 26.81
CA LEU B 3763 57.65 28.54 26.07
C LEU B 3763 56.26 28.54 26.70
N LEU B 3764 55.79 27.33 27.08
CA LEU B 3764 54.52 27.22 27.80
C LEU B 3764 54.60 28.00 29.11
N TYR B 3765 55.72 27.88 29.81
CA TYR B 3765 55.89 28.51 31.12
C TYR B 3765 55.71 30.02 31.03
N GLN B 3766 56.34 30.63 30.03
CA GLN B 3766 56.18 32.07 29.77
C GLN B 3766 54.75 32.43 29.39
N GLN B 3767 54.13 31.60 28.53
CA GLN B 3767 52.72 31.80 28.20
C GLN B 3767 51.84 31.67 29.44
N SER B 3768 52.15 30.71 30.31
CA SER B 3768 51.43 30.58 31.57
C SER B 3768 51.62 31.81 32.43
N ARG B 3769 52.84 32.38 32.42
CA ARG B 3769 53.21 33.55 33.21
C ARG B 3769 52.38 34.76 32.79
N LEU B 3770 51.80 34.69 31.60
CA LEU B 3770 50.98 35.79 31.11
C LEU B 3770 49.49 35.48 31.24
N HIS B 3771 49.05 34.35 30.69
CA HIS B 3771 47.60 34.06 30.66
C HIS B 3771 47.02 33.84 32.06
N THR B 3772 47.82 33.38 33.03
CA THR B 3772 47.29 33.24 34.38
C THR B 3772 46.96 34.57 35.05
N ARG B 3773 47.38 35.69 34.47
CA ARG B 3773 47.10 37.00 35.02
C ARG B 3773 46.06 37.76 34.20
N GLY B 3774 45.15 37.03 33.53
CA GLY B 3774 44.06 37.65 32.80
C GLY B 3774 44.35 38.23 31.43
N ALA B 3775 45.61 38.15 30.94
CA ALA B 3775 45.93 38.67 29.62
C ALA B 3775 45.13 37.99 28.52
N ALA B 3776 44.77 36.72 28.75
CA ALA B 3776 43.97 35.96 27.80
C ALA B 3776 42.62 36.63 27.59
N GLU B 3777 41.95 36.94 28.70
CA GLU B 3777 40.66 37.62 28.61
C GLU B 3777 40.85 39.03 28.05
N MET B 3778 41.96 39.69 28.45
CA MET B 3778 42.21 41.08 28.07
C MET B 3778 42.19 41.25 26.57
N VAL B 3779 42.83 40.30 25.86
CA VAL B 3779 42.83 40.30 24.40
C VAL B 3779 41.41 40.18 23.89
N LEU B 3780 40.60 39.35 24.57
CA LEU B 3780 39.25 39.03 24.11
C LEU B 3780 38.37 40.27 24.17
N GLN B 3781 38.42 41.00 25.30
CA GLN B 3781 37.59 42.20 25.40
C GLN B 3781 38.04 43.22 24.39
N MET B 3782 39.36 43.38 24.19
CA MET B 3782 39.83 44.39 23.22
C MET B 3782 39.34 44.08 21.80
N ILE B 3783 39.33 42.79 21.42
CA ILE B 3783 38.73 42.40 20.14
C ILE B 3783 37.24 42.73 20.10
N SER B 3784 36.54 42.49 21.21
CA SER B 3784 35.13 42.87 21.26
C SER B 3784 34.97 44.39 21.14
N ALA B 3785 35.86 45.15 21.76
CA ALA B 3785 35.73 46.59 21.81
C ALA B 3785 36.12 47.28 20.53
N CYS B 3786 36.93 46.65 19.66
CA CYS B 3786 37.36 47.36 18.45
C CYS B 3786 36.24 47.59 17.45
N LYS B 3787 35.09 46.92 17.62
CA LYS B 3787 33.89 47.08 16.78
C LYS B 3787 34.14 46.85 15.29
N GLY B 3788 35.12 46.00 14.97
CA GLY B 3788 35.43 45.72 13.58
C GLY B 3788 36.13 46.85 12.87
N GLU B 3789 36.77 47.75 13.60
CA GLU B 3789 37.52 48.85 13.02
C GLU B 3789 39.00 48.47 13.00
N THR B 3790 39.57 48.42 11.79
CA THR B 3790 40.97 48.06 11.64
C THR B 3790 41.87 49.14 12.25
N GLY B 3791 43.03 48.71 12.73
CA GLY B 3791 43.96 49.65 13.31
C GLY B 3791 45.22 48.98 13.81
N ALA B 3792 46.13 49.84 14.28
CA ALA B 3792 47.39 49.35 14.83
C ALA B 3792 47.18 48.66 16.17
N MET B 3793 46.32 49.22 17.04
CA MET B 3793 46.16 48.66 18.37
C MET B 3793 45.52 47.27 18.33
N VAL B 3794 44.48 47.09 17.50
CA VAL B 3794 43.91 45.77 17.29
C VAL B 3794 44.92 44.84 16.62
N SER B 3795 45.74 45.37 15.70
CA SER B 3795 46.80 44.55 15.11
C SER B 3795 47.80 44.05 16.16
N SER B 3796 48.18 44.92 17.10
CA SER B 3796 49.02 44.49 18.22
C SER B 3796 48.27 43.52 19.12
N THR B 3797 46.94 43.69 19.22
CA THR B 3797 46.14 42.83 20.09
C THR B 3797 46.20 41.39 19.60
N LEU B 3798 45.94 41.21 18.29
CA LEU B 3798 46.07 39.87 17.71
C LEU B 3798 47.49 39.36 17.81
N LYS B 3799 48.48 40.25 17.60
CA LYS B 3799 49.89 39.86 17.70
C LYS B 3799 50.20 39.27 19.08
N LEU B 3800 49.57 39.83 20.12
CA LEU B 3800 49.65 39.25 21.46
C LEU B 3800 48.89 37.94 21.53
N GLY B 3801 47.68 37.89 20.94
CA GLY B 3801 46.87 36.69 21.03
C GLY B 3801 47.60 35.50 20.45
N ILE B 3802 48.27 35.72 19.31
CA ILE B 3802 49.09 34.68 18.70
C ILE B 3802 50.27 34.37 19.60
N SER B 3803 50.84 35.40 20.24
CA SER B 3803 52.01 35.19 21.10
C SER B 3803 51.71 34.28 22.28
N ILE B 3804 50.47 34.29 22.75
CA ILE B 3804 50.07 33.37 23.82
C ILE B 3804 49.44 32.07 23.29
N LEU B 3805 48.85 32.08 22.10
CA LEU B 3805 48.28 30.88 21.49
C LEU B 3805 49.27 30.05 20.70
N ASN B 3806 50.50 30.52 20.53
CA ASN B 3806 51.52 29.79 19.79
C ASN B 3806 51.81 28.45 20.43
N GLY B 3807 51.96 27.43 19.59
CA GLY B 3807 52.09 26.06 20.04
C GLY B 3807 50.80 25.37 20.33
N GLY B 3808 49.66 26.01 20.05
CA GLY B 3808 48.34 25.43 20.24
C GLY B 3808 48.04 25.12 21.69
N ASN B 3809 48.01 26.16 22.52
CA ASN B 3809 47.79 25.98 23.95
C ASN B 3809 46.34 25.58 24.23
N ALA B 3810 46.18 24.35 24.72
CA ALA B 3810 44.85 23.76 24.93
C ALA B 3810 44.11 24.50 26.02
N GLU B 3811 44.75 24.67 27.18
CA GLU B 3811 44.07 25.29 28.32
C GLU B 3811 43.78 26.76 28.06
N VAL B 3812 44.63 27.45 27.28
CA VAL B 3812 44.32 28.82 26.86
C VAL B 3812 43.07 28.83 25.99
N GLN B 3813 42.96 27.86 25.06
CA GLN B 3813 41.75 27.70 24.26
C GLN B 3813 40.53 27.45 25.16
N GLN B 3814 40.70 26.64 26.20
CA GLN B 3814 39.64 26.37 27.16
C GLN B 3814 39.20 27.63 27.88
N LYS B 3815 40.17 28.44 28.34
CA LYS B 3815 39.85 29.71 28.99
C LYS B 3815 39.12 30.67 28.06
N MET B 3816 39.56 30.72 26.79
CA MET B 3816 38.90 31.49 25.75
C MET B 3816 37.43 31.07 25.63
N LEU B 3817 37.21 29.76 25.48
CA LEU B 3817 35.86 29.21 25.31
C LEU B 3817 35.00 29.51 26.52
N ASP B 3818 35.56 29.32 27.72
CA ASP B 3818 34.80 29.54 28.94
C ASP B 3818 34.38 30.99 29.07
N TYR B 3819 35.29 31.91 28.71
CA TYR B 3819 34.99 33.33 28.82
C TYR B 3819 33.85 33.71 27.88
N LEU B 3820 33.91 33.20 26.64
CA LEU B 3820 32.80 33.50 25.73
C LEU B 3820 31.52 32.87 26.23
N LYS B 3821 31.59 31.62 26.71
CA LYS B 3821 30.41 30.87 27.09
C LYS B 3821 29.66 31.55 28.23
N ASP B 3822 30.38 32.00 29.26
CA ASP B 3822 29.66 32.65 30.36
C ASP B 3822 29.41 34.14 30.13
N LYS B 3823 30.11 34.79 29.20
CA LYS B 3823 29.76 36.18 28.92
C LYS B 3823 28.63 36.34 27.92
N LYS B 3824 28.56 35.45 26.93
CA LYS B 3824 27.58 35.45 25.84
C LYS B 3824 27.58 36.81 25.13
N GLU B 3825 28.76 37.19 24.69
CA GLU B 3825 28.96 38.43 23.97
C GLU B 3825 28.72 38.20 22.48
N VAL B 3826 28.08 39.17 21.83
CA VAL B 3826 27.74 39.10 20.41
C VAL B 3826 28.77 39.82 19.55
N GLY B 3827 29.22 40.99 20.01
CA GLY B 3827 30.02 41.86 19.19
C GLY B 3827 31.38 41.30 18.88
N PHE B 3828 31.89 40.34 19.67
CA PHE B 3828 33.21 39.77 19.42
C PHE B 3828 33.25 39.16 18.02
N PHE B 3829 32.29 38.27 17.75
CA PHE B 3829 32.17 37.70 16.42
C PHE B 3829 31.68 38.72 15.41
N GLN B 3830 30.85 39.69 15.84
CA GLN B 3830 30.46 40.76 14.91
C GLN B 3830 31.67 41.53 14.40
N SER B 3831 32.58 41.87 15.33
CA SER B 3831 33.83 42.54 15.01
C SER B 3831 34.72 41.66 14.15
N ILE B 3832 34.81 40.37 14.47
CA ILE B 3832 35.66 39.45 13.71
C ILE B 3832 35.18 39.39 12.25
N GLN B 3833 33.86 39.26 12.07
CA GLN B 3833 33.24 39.30 10.76
C GLN B 3833 33.53 40.60 10.01
N ALA B 3834 33.35 41.74 10.69
CA ALA B 3834 33.61 43.03 10.07
C ALA B 3834 35.08 43.21 9.70
N LEU B 3835 35.99 42.79 10.59
CA LEU B 3835 37.42 42.89 10.35
C LEU B 3835 37.81 42.05 9.15
N MET B 3836 37.24 40.86 9.03
CA MET B 3836 37.63 40.00 7.93
C MET B 3836 37.03 40.50 6.63
N GLN B 3837 35.81 41.08 6.69
CA GLN B 3837 35.20 41.65 5.50
C GLN B 3837 35.98 42.85 4.98
N THR B 3838 36.64 43.59 5.87
CA THR B 3838 37.36 44.77 5.44
C THR B 3838 38.76 44.46 4.93
N CYS B 3839 39.22 43.21 5.06
CA CYS B 3839 40.54 42.83 4.57
C CYS B 3839 40.61 42.97 3.05
N SER B 3840 41.76 43.44 2.57
CA SER B 3840 41.85 43.83 1.17
C SER B 3840 42.12 42.61 0.29
N VAL B 3841 42.03 42.84 -1.02
CA VAL B 3841 42.31 41.83 -2.04
C VAL B 3841 43.08 42.53 -3.15
N LEU B 3842 43.73 41.70 -4.00
CA LEU B 3842 44.50 42.21 -5.14
C LEU B 3842 43.65 43.03 -6.09
N ASP B 3843 44.22 44.13 -6.57
CA ASP B 3843 43.54 45.06 -7.44
C ASP B 3843 44.46 45.45 -8.59
N LEU B 3844 43.85 45.67 -9.75
CA LEU B 3844 44.61 46.02 -10.94
C LEU B 3844 44.94 47.50 -11.00
N ASN B 3845 43.92 48.34 -10.75
CA ASN B 3845 44.03 49.79 -10.88
C ASN B 3845 45.16 50.37 -10.04
N ALA B 3846 45.22 49.98 -8.76
CA ALA B 3846 46.27 50.44 -7.87
C ALA B 3846 47.63 49.97 -8.33
N PHE B 3847 47.70 48.72 -8.82
CA PHE B 3847 48.99 48.15 -9.24
C PHE B 3847 49.54 48.91 -10.43
N GLU B 3848 48.72 49.11 -11.46
CA GLU B 3848 49.21 49.83 -12.65
C GLU B 3848 49.52 51.29 -12.32
N ARG B 3849 48.72 51.91 -11.44
CA ARG B 3849 48.99 53.28 -11.02
C ARG B 3849 50.35 53.36 -10.33
N GLN B 3850 50.66 52.38 -9.49
CA GLN B 3850 51.98 52.31 -8.85
C GLN B 3850 53.07 52.10 -9.88
N ASN B 3851 52.79 51.27 -10.91
CA ASN B 3851 53.79 51.02 -11.95
C ASN B 3851 54.13 52.29 -12.69
N LYS B 3852 53.11 53.09 -13.01
CA LYS B 3852 53.34 54.37 -13.67
C LYS B 3852 54.09 55.32 -12.75
N ALA B 3853 53.76 55.32 -11.45
CA ALA B 3853 54.45 56.19 -10.50
C ALA B 3853 55.94 55.86 -10.45
N GLU B 3854 56.28 54.56 -10.42
CA GLU B 3854 57.69 54.18 -10.53
C GLU B 3854 58.25 54.55 -11.89
N GLY B 3855 57.39 54.59 -12.93
CA GLY B 3855 57.80 55.00 -14.25
C GLY B 3855 58.27 56.43 -14.31
N LEU B 3856 57.68 57.30 -13.48
CA LEU B 3856 58.13 58.69 -13.43
C LEU B 3856 59.56 58.80 -12.91
N GLY B 3857 59.90 58.06 -11.86
CA GLY B 3857 61.24 58.13 -11.27
C GLY B 3857 61.58 59.49 -10.71
N MET B 3858 60.75 59.97 -9.78
CA MET B 3858 60.79 61.35 -9.32
C MET B 3858 62.02 61.61 -8.45
N VAL B 3859 62.24 62.91 -8.19
CA VAL B 3859 63.19 63.38 -7.20
C VAL B 3859 62.49 64.41 -6.32
N ASN B 3860 62.98 64.55 -5.10
CA ASN B 3860 62.50 65.57 -4.20
C ASN B 3860 63.40 66.81 -4.32
N GLU B 3861 63.22 67.78 -3.44
CA GLU B 3861 64.01 69.01 -3.46
C GLU B 3861 65.17 68.97 -2.48
N ASP B 3862 65.02 68.26 -1.37
CA ASP B 3862 66.07 68.12 -0.37
C ASP B 3862 66.92 66.91 -0.76
N GLY B 3863 67.75 67.11 -1.78
CA GLY B 3863 68.57 66.04 -2.32
C GLY B 3863 67.81 65.13 -3.26
N THR B 3864 68.04 63.82 -3.16
CA THR B 3864 67.43 62.81 -4.00
C THR B 3864 67.55 61.47 -3.28
N VAL B 3865 66.48 60.68 -3.30
CA VAL B 3865 66.49 59.31 -2.81
C VAL B 3865 66.27 58.38 -4.00
N ILE B 3866 67.11 57.35 -4.10
CA ILE B 3866 67.08 56.42 -5.22
C ILE B 3866 66.13 55.28 -4.88
N ASN B 3867 65.03 55.17 -5.65
CA ASN B 3867 64.03 54.11 -5.55
C ASN B 3867 63.45 54.02 -4.13
N ARG B 3868 62.80 55.10 -3.71
CA ARG B 3868 62.18 55.14 -2.40
C ARG B 3868 61.02 54.17 -2.32
N GLN B 3869 60.76 53.67 -1.11
CA GLN B 3869 59.70 52.71 -0.86
C GLN B 3869 58.50 53.40 -0.21
N ASN B 3870 58.16 54.60 -0.72
CA ASN B 3870 57.00 55.38 -0.27
C ASN B 3870 55.70 54.57 -0.33
N GLY B 3871 54.64 55.04 0.37
CA GLY B 3871 53.43 54.30 0.70
C GLY B 3871 52.87 53.32 -0.31
N GLU B 3872 52.74 52.07 0.11
CA GLU B 3872 52.32 50.99 -0.76
C GLU B 3872 50.82 50.76 -0.65
N LYS B 3873 50.13 50.82 -1.79
CA LYS B 3873 48.68 50.74 -1.81
C LYS B 3873 48.18 49.34 -2.15
N VAL B 3874 49.07 48.39 -2.35
CA VAL B 3874 48.72 47.00 -2.66
C VAL B 3874 49.24 46.13 -1.53
N MET B 3875 48.33 45.40 -0.87
CA MET B 3875 48.64 44.53 0.27
C MET B 3875 49.33 45.28 1.42
N ALA B 3876 48.85 46.50 1.68
CA ALA B 3876 49.37 47.26 2.82
C ALA B 3876 49.07 46.53 4.12
N ASP B 3877 47.87 45.95 4.22
CA ASP B 3877 47.35 45.29 5.40
C ASP B 3877 47.59 43.79 5.36
N ASP B 3878 48.57 43.35 4.55
CA ASP B 3878 48.75 41.93 4.30
C ASP B 3878 49.09 41.19 5.59
N GLU B 3879 50.02 41.71 6.40
CA GLU B 3879 50.38 41.05 7.65
C GLU B 3879 49.20 40.99 8.63
N PHE B 3880 48.29 41.96 8.55
CA PHE B 3880 47.02 41.93 9.28
C PHE B 3880 46.19 40.74 8.81
N THR B 3881 46.16 40.50 7.51
CA THR B 3881 45.39 39.35 7.07
C THR B 3881 46.13 38.04 7.38
N GLN B 3882 47.47 38.06 7.32
CA GLN B 3882 48.30 36.91 7.69
C GLN B 3882 48.00 36.46 9.11
N ASP B 3883 48.08 37.40 10.05
CA ASP B 3883 48.00 36.98 11.43
C ASP B 3883 46.56 36.81 11.88
N LEU B 3884 45.57 37.39 11.18
CA LEU B 3884 44.18 37.17 11.60
C LEU B 3884 43.83 35.69 11.49
N PHE B 3885 44.09 35.11 10.32
CA PHE B 3885 43.87 33.69 10.14
C PHE B 3885 44.87 32.85 10.93
N ARG B 3886 46.11 33.32 11.12
CA ARG B 3886 47.02 32.60 12.03
C ARG B 3886 46.48 32.52 13.45
N PHE B 3887 45.77 33.56 13.88
CA PHE B 3887 45.08 33.58 15.17
C PHE B 3887 43.94 32.56 15.19
N LEU B 3888 43.10 32.57 14.14
CA LEU B 3888 41.98 31.63 14.12
C LEU B 3888 42.47 30.18 14.06
N GLN B 3889 43.54 29.94 13.30
CA GLN B 3889 44.13 28.61 13.21
C GLN B 3889 44.64 28.17 14.58
N LEU B 3890 45.28 29.09 15.31
CA LEU B 3890 45.83 28.73 16.61
C LEU B 3890 44.70 28.41 17.58
N LEU B 3891 43.63 29.22 17.58
CA LEU B 3891 42.52 28.98 18.50
C LEU B 3891 41.73 27.73 18.13
N CYS B 3892 41.97 27.14 16.96
CA CYS B 3892 41.38 25.84 16.65
C CYS B 3892 42.42 24.72 16.60
N GLU B 3893 43.68 25.02 16.93
CA GLU B 3893 44.73 24.02 16.90
C GLU B 3893 44.48 22.95 17.97
N GLY B 3894 45.08 21.78 17.76
CA GLY B 3894 44.88 20.67 18.68
C GLY B 3894 43.59 19.92 18.52
N HIS B 3895 42.86 20.15 17.41
CA HIS B 3895 41.56 19.54 17.11
C HIS B 3895 40.56 19.80 18.23
N ASN B 3896 40.26 21.08 18.43
CA ASN B 3896 39.32 21.50 19.47
C ASN B 3896 37.89 21.46 18.94
N ASN B 3897 37.34 20.24 18.91
CA ASN B 3897 35.94 20.03 18.48
C ASN B 3897 34.95 20.86 19.28
N ASP B 3898 35.29 21.14 20.54
CA ASP B 3898 34.50 22.03 21.38
C ASP B 3898 34.44 23.43 20.77
N PHE B 3899 35.53 23.88 20.18
CA PHE B 3899 35.61 25.25 19.74
C PHE B 3899 35.13 25.41 18.30
N GLN B 3900 35.43 24.41 17.46
CA GLN B 3900 35.05 24.47 16.05
C GLN B 3900 33.53 24.55 15.90
N ASN B 3901 32.80 23.71 16.65
CA ASN B 3901 31.35 23.76 16.60
C ASN B 3901 30.84 25.09 17.15
N TYR B 3902 31.59 25.68 18.09
CA TYR B 3902 31.18 26.96 18.64
C TYR B 3902 31.35 28.06 17.60
N LEU B 3903 32.33 27.89 16.72
CA LEU B 3903 32.53 28.83 15.64
C LEU B 3903 31.41 28.71 14.61
N ARG B 3904 31.10 27.48 14.22
CA ARG B 3904 30.06 27.27 13.20
C ARG B 3904 28.69 27.74 13.71
N THR B 3905 28.41 27.54 14.99
CA THR B 3905 27.18 28.05 15.56
C THR B 3905 27.44 28.44 17.01
N GLN B 3906 26.81 29.53 17.43
CA GLN B 3906 26.92 30.01 18.79
C GLN B 3906 25.67 29.64 19.57
N THR B 3907 25.83 28.65 20.45
CA THR B 3907 24.70 28.12 21.20
C THR B 3907 24.10 29.16 22.14
N GLY B 3908 24.94 29.77 22.97
CA GLY B 3908 24.44 30.70 23.98
C GLY B 3908 23.91 31.99 23.39
N ASN B 3909 24.60 32.54 22.39
CA ASN B 3909 24.36 33.90 21.92
C ASN B 3909 22.97 34.03 21.27
N THR B 3910 22.44 35.26 21.34
CA THR B 3910 21.13 35.54 20.76
C THR B 3910 21.15 35.40 19.25
N THR B 3911 22.18 35.92 18.60
CA THR B 3911 22.33 35.88 17.15
C THR B 3911 23.60 35.12 16.80
N THR B 3912 23.48 34.16 15.90
CA THR B 3912 24.58 33.28 15.54
C THR B 3912 25.24 33.78 14.27
N ILE B 3913 26.57 33.87 14.28
CA ILE B 3913 27.36 34.28 13.12
C ILE B 3913 28.24 33.11 12.71
N ASN B 3914 28.16 32.72 11.44
CA ASN B 3914 28.90 31.56 10.95
C ASN B 3914 30.22 32.03 10.35
N ILE B 3915 31.28 31.77 11.10
CA ILE B 3915 32.63 32.15 10.73
C ILE B 3915 33.06 31.39 9.48
N ILE B 3916 32.68 30.11 9.41
CA ILE B 3916 33.19 29.22 8.36
C ILE B 3916 32.78 29.73 6.98
N ILE B 3917 31.47 29.95 6.80
CA ILE B 3917 30.94 30.46 5.53
C ILE B 3917 31.51 31.85 5.24
N CYS B 3918 31.65 32.71 6.28
CA CYS B 3918 32.26 34.01 6.04
C CYS B 3918 33.71 33.91 5.57
N THR B 3919 34.46 32.98 6.16
CA THR B 3919 35.84 32.73 5.76
C THR B 3919 35.92 32.25 4.31
N VAL B 3920 34.97 31.39 3.91
CA VAL B 3920 34.88 30.96 2.52
C VAL B 3920 34.63 32.16 1.61
N ASP B 3921 33.70 33.04 2.02
CA ASP B 3921 33.37 34.20 1.20
C ASP B 3921 34.58 35.10 0.99
N TYR B 3922 35.41 35.23 2.04
CA TYR B 3922 36.65 35.98 1.92
C TYR B 3922 37.59 35.28 0.94
N LEU B 3923 37.67 33.94 1.03
CA LEU B 3923 38.53 33.20 0.11
C LEU B 3923 38.07 33.39 -1.33
N LEU B 3924 36.75 33.48 -1.53
CA LEU B 3924 36.18 33.74 -2.84
C LEU B 3924 36.64 35.09 -3.39
N ARG B 3925 36.62 36.13 -2.54
CA ARG B 3925 37.10 37.45 -2.95
C ARG B 3925 38.58 37.39 -3.29
N LEU B 3926 39.35 36.63 -2.49
CA LEU B 3926 40.76 36.45 -2.74
C LEU B 3926 40.96 35.75 -4.08
N GLN B 3927 40.15 34.73 -4.33
CA GLN B 3927 40.29 33.90 -5.52
C GLN B 3927 40.10 34.73 -6.76
N GLU B 3928 39.04 35.56 -6.77
CA GLU B 3928 38.82 36.49 -7.89
C GLU B 3928 40.01 37.42 -8.05
N SER B 3929 40.54 37.93 -6.94
CA SER B 3929 41.63 38.91 -7.01
C SER B 3929 42.89 38.33 -7.64
N ILE B 3930 43.36 37.19 -7.11
CA ILE B 3930 44.55 36.52 -7.62
C ILE B 3930 44.32 36.02 -9.04
N SER B 3931 43.10 35.51 -9.29
CA SER B 3931 42.70 35.08 -10.63
C SER B 3931 42.84 36.21 -11.62
N ASP B 3932 42.19 37.35 -11.35
CA ASP B 3932 42.16 38.49 -12.27
C ASP B 3932 43.59 39.02 -12.48
N PHE B 3933 44.44 38.93 -11.43
CA PHE B 3933 45.83 39.31 -11.60
C PHE B 3933 46.52 38.40 -12.61
N TYR B 3934 46.23 37.09 -12.56
CA TYR B 3934 46.65 36.24 -13.68
C TYR B 3934 45.93 36.63 -14.97
N TRP B 3935 44.67 37.11 -14.88
CA TRP B 3935 43.93 37.56 -16.07
C TRP B 3935 44.41 38.92 -16.60
N TYR B 3936 45.58 39.34 -16.15
CA TYR B 3936 46.26 40.55 -16.60
C TYR B 3936 47.60 40.21 -17.28
N TYR B 3937 47.93 38.92 -17.39
CA TYR B 3937 49.26 38.47 -17.79
C TYR B 3937 49.23 37.45 -18.92
N SER B 3938 48.56 37.79 -20.02
CA SER B 3938 48.70 37.02 -21.25
C SER B 3938 49.55 37.73 -22.30
N GLY B 3939 49.20 38.98 -22.62
CA GLY B 3939 50.03 39.79 -23.49
C GLY B 3939 51.44 39.97 -22.99
N LYS B 3940 51.59 40.23 -21.69
CA LYS B 3940 52.90 40.23 -21.06
C LYS B 3940 53.34 38.80 -20.80
N ASP B 3941 54.42 38.39 -21.47
CA ASP B 3941 54.93 37.03 -21.42
C ASP B 3941 56.00 36.81 -20.36
N VAL B 3942 56.41 37.88 -19.67
CA VAL B 3942 57.42 37.84 -18.62
C VAL B 3942 56.86 38.58 -17.42
N ILE B 3943 57.31 38.20 -16.24
CA ILE B 3943 56.84 38.80 -14.99
C ILE B 3943 57.98 39.57 -14.37
N GLU B 3944 57.77 40.87 -14.17
CA GLU B 3944 58.72 41.75 -13.52
C GLU B 3944 58.72 41.62 -12.00
N GLU B 3945 59.42 42.57 -11.35
CA GLU B 3945 59.66 42.51 -9.92
C GLU B 3945 58.38 42.73 -9.13
N GLN B 3946 57.65 43.80 -9.42
CA GLN B 3946 56.46 44.13 -8.64
C GLN B 3946 55.41 43.04 -8.76
N GLY B 3947 55.22 42.50 -9.97
CA GLY B 3947 54.36 41.33 -10.15
C GLY B 3947 54.78 40.12 -9.34
N LYS B 3948 56.10 39.89 -9.26
CA LYS B 3948 56.60 38.78 -8.44
C LYS B 3948 56.38 39.04 -6.96
N ARG B 3949 56.74 40.25 -6.50
CA ARG B 3949 56.63 40.55 -5.08
C ARG B 3949 55.18 40.58 -4.64
N ASN B 3950 54.29 41.00 -5.55
CA ASN B 3950 52.85 40.95 -5.33
C ASN B 3950 52.42 39.51 -5.10
N PHE B 3951 52.79 38.59 -6.02
CA PHE B 3951 52.36 37.21 -5.87
C PHE B 3951 52.94 36.58 -4.60
N SER B 3952 54.20 36.94 -4.27
CA SER B 3952 54.88 36.43 -3.09
C SER B 3952 54.11 36.74 -1.81
N LYS B 3953 53.72 38.00 -1.62
CA LYS B 3953 52.93 38.29 -0.43
C LYS B 3953 51.48 37.84 -0.56
N ALA B 3954 50.89 37.98 -1.74
CA ALA B 3954 49.48 37.67 -1.97
C ALA B 3954 49.16 36.20 -1.72
N MET B 3955 50.02 35.29 -2.18
CA MET B 3955 49.75 33.88 -2.03
C MET B 3955 49.92 33.39 -0.59
N SER B 3956 50.77 34.06 0.20
CA SER B 3956 50.92 33.68 1.61
C SER B 3956 49.62 33.82 2.38
N VAL B 3957 48.73 34.70 1.91
CA VAL B 3957 47.39 34.81 2.46
C VAL B 3957 46.63 33.53 2.22
N ALA B 3958 46.62 33.06 0.96
CA ALA B 3958 45.91 31.84 0.58
C ALA B 3958 46.46 30.64 1.33
N LYS B 3959 47.79 30.59 1.48
CA LYS B 3959 48.44 29.53 2.25
C LYS B 3959 47.98 29.53 3.70
N GLN B 3960 47.90 30.71 4.31
CA GLN B 3960 47.45 30.81 5.70
C GLN B 3960 45.98 30.44 5.83
N VAL B 3961 45.15 30.92 4.89
CA VAL B 3961 43.72 30.62 4.92
C VAL B 3961 43.51 29.12 4.78
N PHE B 3962 44.23 28.50 3.84
CA PHE B 3962 44.09 27.06 3.63
C PHE B 3962 44.49 26.27 4.87
N ASN B 3963 45.61 26.68 5.52
CA ASN B 3963 45.98 26.07 6.80
C ASN B 3963 44.91 26.28 7.87
N SER B 3964 44.21 27.41 7.79
CA SER B 3964 43.16 27.70 8.76
C SER B 3964 42.01 26.74 8.54
N LEU B 3965 41.57 26.59 7.27
CA LEU B 3965 40.44 25.70 6.95
C LEU B 3965 40.78 24.27 7.34
N THR B 3966 42.05 23.86 7.18
CA THR B 3966 42.47 22.52 7.60
C THR B 3966 42.24 22.38 9.08
N GLU B 3967 42.64 23.40 9.85
CA GLU B 3967 42.43 23.33 11.28
C GLU B 3967 40.95 23.36 11.64
N TYR B 3968 40.09 23.95 10.78
CA TYR B 3968 38.66 23.93 11.09
C TYR B 3968 38.05 22.57 10.83
N ILE B 3969 38.69 21.75 10.00
CA ILE B 3969 38.04 20.56 9.47
C ILE B 3969 38.61 19.29 10.06
N GLN B 3970 39.91 19.24 10.36
CA GLN B 3970 40.54 18.03 10.87
C GLN B 3970 39.96 17.66 12.24
N GLY B 3971 39.91 16.36 12.52
CA GLY B 3971 39.41 15.85 13.78
C GLY B 3971 38.41 14.69 13.72
N PRO B 3972 37.40 14.68 12.81
CA PRO B 3972 36.82 15.76 12.00
C PRO B 3972 35.53 16.34 12.58
N CYS B 3973 35.18 17.57 12.22
CA CYS B 3973 33.93 18.19 12.65
C CYS B 3973 32.94 18.06 11.50
N THR B 3974 31.99 17.14 11.66
CA THR B 3974 31.02 16.83 10.59
C THR B 3974 30.18 18.05 10.25
N GLY B 3975 29.74 18.80 11.26
CA GLY B 3975 28.91 19.98 11.02
C GLY B 3975 29.59 21.00 10.12
N ASN B 3976 30.89 21.23 10.37
CA ASN B 3976 31.67 22.08 9.49
C ASN B 3976 31.77 21.48 8.10
N GLN B 3977 31.99 20.15 8.03
CA GLN B 3977 32.15 19.51 6.73
C GLN B 3977 30.90 19.70 5.88
N GLN B 3978 29.73 19.58 6.52
CA GLN B 3978 28.46 19.82 5.84
C GLN B 3978 28.34 21.28 5.40
N SER B 3979 28.85 22.21 6.24
CA SER B 3979 28.76 23.62 5.90
C SER B 3979 29.57 23.91 4.65
N LEU B 3980 30.80 23.37 4.57
CA LEU B 3980 31.61 23.54 3.38
C LEU B 3980 30.98 22.84 2.18
N ALA B 3981 30.33 21.69 2.42
CA ALA B 3981 29.61 21.00 1.35
C ALA B 3981 28.57 21.90 0.73
N HIS B 3982 27.92 22.75 1.54
CA HIS B 3982 26.92 23.68 1.03
C HIS B 3982 27.48 25.07 0.80
N SER B 3983 28.78 25.27 0.92
CA SER B 3983 29.41 26.57 0.74
C SER B 3983 29.68 26.86 -0.75
N ARG B 3984 30.40 27.95 -1.01
CA ARG B 3984 30.88 28.33 -2.34
C ARG B 3984 32.34 27.91 -2.55
N LEU B 3985 32.83 27.03 -1.68
CA LEU B 3985 34.23 26.62 -1.70
C LEU B 3985 34.59 25.93 -2.99
N TRP B 3986 33.67 25.10 -3.52
CA TRP B 3986 33.93 24.32 -4.73
C TRP B 3986 34.27 25.24 -5.91
N ASP B 3987 33.44 26.26 -6.11
CA ASP B 3987 33.66 27.22 -7.19
C ASP B 3987 34.98 27.98 -7.00
N ALA B 3988 35.29 28.32 -5.75
CA ALA B 3988 36.60 28.91 -5.47
C ALA B 3988 37.74 27.94 -5.78
N VAL B 3989 37.53 26.65 -5.52
CA VAL B 3989 38.52 25.62 -5.81
C VAL B 3989 38.75 25.55 -7.31
N VAL B 3990 37.66 25.64 -8.10
CA VAL B 3990 37.75 25.58 -9.56
C VAL B 3990 38.64 26.73 -10.04
N GLY B 3991 38.34 27.94 -9.54
CA GLY B 3991 39.06 29.13 -10.02
C GLY B 3991 40.54 29.00 -9.73
N PHE B 3992 40.87 28.51 -8.52
CA PHE B 3992 42.27 28.28 -8.14
C PHE B 3992 42.93 27.27 -9.06
N LEU B 3993 42.22 26.17 -9.36
CA LEU B 3993 42.77 25.14 -10.24
C LEU B 3993 43.12 25.69 -11.61
N HIS B 3994 42.18 26.41 -12.24
CA HIS B 3994 42.45 27.00 -13.56
C HIS B 3994 43.61 27.99 -13.53
N VAL B 3995 43.71 28.80 -12.47
CA VAL B 3995 44.85 29.69 -12.30
C VAL B 3995 46.16 28.92 -12.17
N PHE B 3996 46.19 27.90 -11.30
CA PHE B 3996 47.38 27.04 -11.18
C PHE B 3996 47.67 26.31 -12.46
N ALA B 3997 46.64 26.02 -13.26
CA ALA B 3997 46.71 25.25 -14.48
C ALA B 3997 47.61 26.02 -15.43
N HIS B 3998 47.10 27.14 -15.92
CA HIS B 3998 47.86 27.79 -16.98
C HIS B 3998 49.07 28.57 -16.43
N MET B 3999 49.04 28.92 -15.13
CA MET B 3999 50.08 29.74 -14.55
C MET B 3999 51.39 28.97 -14.52
N MET B 4000 51.37 27.70 -14.12
CA MET B 4000 52.64 27.00 -13.96
C MET B 4000 53.22 26.56 -15.29
N MET B 4001 52.40 26.47 -16.36
CA MET B 4001 52.96 26.51 -17.71
C MET B 4001 53.77 27.77 -17.92
N LYS B 4002 53.15 28.94 -17.63
CA LYS B 4002 53.81 30.21 -17.90
C LYS B 4002 55.12 30.33 -17.12
N LEU B 4003 55.11 29.86 -15.87
CA LEU B 4003 56.31 29.84 -15.05
C LEU B 4003 57.29 28.76 -15.50
N ALA B 4004 56.80 27.69 -16.13
CA ALA B 4004 57.66 26.64 -16.64
C ALA B 4004 58.36 27.03 -17.92
N GLN B 4005 57.89 28.09 -18.60
CA GLN B 4005 58.55 28.53 -19.82
C GLN B 4005 59.93 29.13 -19.59
N ASP B 4006 60.31 29.42 -18.35
CA ASP B 4006 61.55 30.11 -18.05
C ASP B 4006 62.04 29.72 -16.66
N SER B 4007 63.34 29.93 -16.43
CA SER B 4007 63.93 29.70 -15.12
C SER B 4007 63.97 30.95 -14.27
N SER B 4008 63.50 32.08 -14.79
CA SER B 4008 63.48 33.31 -14.01
C SER B 4008 62.51 33.26 -12.83
N GLN B 4009 61.50 32.39 -12.87
CA GLN B 4009 60.48 32.34 -11.83
C GLN B 4009 60.44 30.97 -11.16
N ILE B 4010 61.63 30.40 -10.93
CA ILE B 4010 61.73 29.14 -10.20
C ILE B 4010 61.26 29.29 -8.77
N GLU B 4011 61.53 30.44 -8.17
CA GLU B 4011 61.15 30.76 -6.79
C GLU B 4011 59.64 30.71 -6.71
N LEU B 4012 58.98 31.67 -7.38
CA LEU B 4012 57.53 31.83 -7.30
C LEU B 4012 56.81 30.54 -7.69
N LEU B 4013 57.38 29.78 -8.64
CA LEU B 4013 56.82 28.46 -8.96
C LEU B 4013 56.92 27.51 -7.79
N LYS B 4014 58.07 27.50 -7.07
CA LYS B 4014 58.21 26.55 -5.98
C LYS B 4014 57.29 26.91 -4.81
N GLU B 4015 56.97 28.21 -4.63
CA GLU B 4015 55.92 28.53 -3.66
C GLU B 4015 54.55 28.08 -4.17
N LEU B 4016 54.25 28.26 -5.46
CA LEU B 4016 52.95 27.88 -6.00
C LEU B 4016 52.69 26.39 -5.82
N LEU B 4017 53.74 25.59 -6.06
CA LEU B 4017 53.68 24.15 -5.84
C LEU B 4017 53.20 23.81 -4.43
N ASP B 4018 53.82 24.42 -3.41
CA ASP B 4018 53.37 24.09 -2.06
C ASP B 4018 52.06 24.77 -1.71
N LEU B 4019 51.62 25.74 -2.52
CA LEU B 4019 50.32 26.35 -2.32
C LEU B 4019 49.24 25.32 -2.61
N GLN B 4020 49.15 24.87 -3.87
CA GLN B 4020 48.16 23.80 -4.10
C GLN B 4020 48.46 22.50 -3.36
N LYS B 4021 49.70 22.26 -2.90
CA LYS B 4021 49.95 21.17 -1.95
C LYS B 4021 49.11 21.33 -0.68
N ASP B 4022 49.09 22.54 -0.11
CA ASP B 4022 48.24 22.75 1.06
C ASP B 4022 46.77 22.74 0.70
N MET B 4023 46.46 23.15 -0.53
CA MET B 4023 45.06 23.15 -0.99
C MET B 4023 44.50 21.73 -1.03
N VAL B 4024 45.23 20.80 -1.66
CA VAL B 4024 44.76 19.43 -1.71
C VAL B 4024 44.78 18.81 -0.32
N VAL B 4025 45.75 19.18 0.53
CA VAL B 4025 45.77 18.70 1.92
C VAL B 4025 44.47 19.07 2.63
N MET B 4026 43.98 20.30 2.39
CA MET B 4026 42.64 20.69 2.85
C MET B 4026 41.56 19.81 2.23
N LEU B 4027 41.67 19.53 0.92
CA LEU B 4027 40.64 18.73 0.24
C LEU B 4027 40.53 17.33 0.85
N LEU B 4028 41.68 16.70 1.12
CA LEU B 4028 41.69 15.41 1.81
C LEU B 4028 41.09 15.53 3.20
N SER B 4029 41.46 16.57 3.95
CA SER B 4029 40.88 16.76 5.29
C SER B 4029 39.37 16.92 5.22
N LEU B 4030 38.88 17.60 4.18
CA LEU B 4030 37.45 17.66 3.90
C LEU B 4030 36.87 16.30 3.58
N LEU B 4031 37.67 15.42 2.99
CA LEU B 4031 37.19 14.12 2.57
C LEU B 4031 37.31 13.07 3.67
N GLU B 4032 37.99 13.42 4.78
CA GLU B 4032 38.30 12.50 5.87
C GLU B 4032 37.05 11.84 6.44
N GLY B 4033 37.10 10.52 6.57
CA GLY B 4033 36.08 9.72 7.24
C GLY B 4033 34.70 9.83 6.62
N ASN B 4034 34.63 9.85 5.30
CA ASN B 4034 33.35 9.91 4.61
C ASN B 4034 32.77 8.51 4.40
N VAL B 4035 31.51 8.48 3.99
CA VAL B 4035 30.81 7.25 3.67
C VAL B 4035 30.67 7.17 2.14
N VAL B 4036 30.45 5.94 1.65
CA VAL B 4036 30.26 5.73 0.23
C VAL B 4036 29.04 6.49 -0.27
N ASN B 4037 29.15 7.03 -1.48
CA ASN B 4037 28.11 7.83 -2.14
C ASN B 4037 27.73 9.06 -1.32
N GLY B 4038 28.68 9.54 -0.50
CA GLY B 4038 28.44 10.69 0.35
C GLY B 4038 28.23 11.93 -0.49
N MET B 4039 27.32 12.80 0.01
CA MET B 4039 26.97 14.02 -0.71
C MET B 4039 28.19 14.92 -0.88
N ILE B 4040 29.02 15.03 0.16
CA ILE B 4040 30.24 15.84 0.09
C ILE B 4040 31.19 15.31 -0.98
N ALA B 4041 31.35 13.98 -1.06
CA ALA B 4041 32.18 13.38 -2.10
C ALA B 4041 31.58 13.64 -3.46
N ARG B 4042 30.25 13.56 -3.57
CA ARG B 4042 29.54 13.81 -4.82
C ARG B 4042 29.81 15.23 -5.30
N GLN B 4043 29.76 16.19 -4.38
CA GLN B 4043 30.05 17.58 -4.72
C GLN B 4043 31.48 17.74 -5.20
N MET B 4044 32.43 17.04 -4.54
CA MET B 4044 33.81 17.09 -5.00
C MET B 4044 33.95 16.50 -6.40
N VAL B 4045 33.18 15.45 -6.72
CA VAL B 4045 33.17 14.88 -8.06
C VAL B 4045 32.63 15.90 -9.06
N ASP B 4046 31.50 16.54 -8.73
CA ASP B 4046 30.94 17.55 -9.62
C ASP B 4046 31.84 18.77 -9.74
N MET B 4047 32.67 19.04 -8.72
CA MET B 4047 33.71 20.04 -8.85
C MET B 4047 34.70 19.62 -9.91
N LEU B 4048 35.10 18.34 -9.88
CA LEU B 4048 36.12 17.87 -10.80
C LEU B 4048 35.61 17.86 -12.23
N VAL B 4049 34.30 17.65 -12.42
CA VAL B 4049 33.73 17.58 -13.77
C VAL B 4049 33.95 18.92 -14.50
N GLU B 4050 33.66 20.03 -13.83
CA GLU B 4050 33.93 21.34 -14.41
C GLU B 4050 35.42 21.63 -14.49
N SER B 4051 36.20 21.18 -13.49
CA SER B 4051 37.65 21.41 -13.53
C SER B 4051 38.41 20.37 -14.34
N SER B 4052 37.71 19.55 -15.13
CA SER B 4052 38.32 18.47 -15.90
C SER B 4052 39.38 18.98 -16.87
N SER B 4053 39.07 20.05 -17.60
CA SER B 4053 39.98 20.60 -18.60
C SER B 4053 41.29 21.04 -17.97
N ASN B 4054 41.20 21.73 -16.82
CA ASN B 4054 42.39 22.19 -16.13
C ASN B 4054 43.19 21.04 -15.54
N VAL B 4055 42.51 20.13 -14.81
CA VAL B 4055 43.20 19.10 -14.02
C VAL B 4055 43.96 18.12 -14.92
N GLU B 4056 43.48 17.89 -16.14
CA GLU B 4056 44.15 17.00 -17.08
C GLU B 4056 45.55 17.50 -17.38
N MET B 4057 45.67 18.76 -17.77
CA MET B 4057 46.98 19.35 -18.02
C MET B 4057 47.73 19.68 -16.73
N ILE B 4058 47.04 19.74 -15.58
CA ILE B 4058 47.71 19.83 -14.28
C ILE B 4058 48.57 18.59 -14.09
N LEU B 4059 47.96 17.42 -14.25
CA LEU B 4059 48.68 16.17 -14.04
C LEU B 4059 49.66 15.93 -15.19
N LYS B 4060 49.25 16.30 -16.40
CA LYS B 4060 50.12 16.22 -17.57
C LYS B 4060 51.40 17.02 -17.37
N PHE B 4061 51.38 18.08 -16.53
CA PHE B 4061 52.62 18.78 -16.23
C PHE B 4061 53.49 17.98 -15.25
N PHE B 4062 52.86 17.16 -14.42
CA PHE B 4062 53.59 16.38 -13.40
C PHE B 4062 54.29 15.18 -14.02
N ASP B 4063 53.50 14.32 -14.68
CA ASP B 4063 54.04 13.06 -15.20
C ASP B 4063 55.16 13.29 -16.21
N MET B 4064 55.13 14.41 -16.96
CA MET B 4064 56.21 14.64 -17.93
C MET B 4064 57.56 14.88 -17.24
N PHE B 4065 57.53 15.40 -16.00
CA PHE B 4065 58.75 15.38 -15.18
C PHE B 4065 59.05 14.00 -14.65
N LEU B 4066 58.04 13.30 -14.13
CA LEU B 4066 58.29 11.98 -13.55
C LEU B 4066 58.81 11.00 -14.60
N LYS B 4067 58.15 10.96 -15.76
CA LYS B 4067 58.49 10.08 -16.86
C LYS B 4067 59.79 10.49 -17.56
N LEU B 4068 60.18 11.77 -17.49
CA LEU B 4068 61.46 12.15 -18.07
C LEU B 4068 62.60 12.19 -17.07
N LYS B 4069 62.32 11.99 -15.79
CA LYS B 4069 63.37 11.74 -14.80
C LYS B 4069 64.15 10.47 -15.13
N ASP B 4070 63.49 9.48 -15.72
CA ASP B 4070 64.12 8.21 -16.05
C ASP B 4070 64.73 8.20 -17.45
N ILE B 4071 64.10 8.89 -18.41
CA ILE B 4071 64.45 8.78 -19.83
C ILE B 4071 65.89 9.24 -20.12
N VAL B 4072 66.45 10.09 -19.24
CA VAL B 4072 67.88 10.45 -19.31
C VAL B 4072 68.78 9.22 -19.21
N GLY B 4073 68.32 8.16 -18.52
CA GLY B 4073 69.01 6.89 -18.54
C GLY B 4073 68.45 5.86 -19.51
N SER B 4074 67.34 6.17 -20.19
CA SER B 4074 66.73 5.27 -21.16
C SER B 4074 67.68 5.06 -22.32
N GLU B 4075 67.79 3.81 -22.79
CA GLU B 4075 68.65 3.48 -23.91
C GLU B 4075 68.23 4.19 -25.20
N ALA B 4076 66.91 4.27 -25.45
CA ALA B 4076 66.37 4.97 -26.61
C ALA B 4076 66.70 6.46 -26.66
N PHE B 4077 67.06 7.07 -25.53
CA PHE B 4077 67.56 8.43 -25.51
C PHE B 4077 69.08 8.49 -25.35
N GLN B 4078 69.65 7.54 -24.61
CA GLN B 4078 71.08 7.47 -24.35
C GLN B 4078 71.88 7.25 -25.63
N ASP B 4079 71.31 6.54 -26.61
CA ASP B 4079 71.96 6.38 -27.91
C ASP B 4079 72.15 7.74 -28.58
N TYR B 4080 71.13 8.60 -28.51
CA TYR B 4080 71.26 9.94 -29.03
C TYR B 4080 72.13 10.82 -28.14
N VAL B 4081 72.25 10.48 -26.86
CA VAL B 4081 73.15 11.19 -25.95
C VAL B 4081 74.58 10.92 -26.41
N THR B 4082 75.23 11.93 -27.00
CA THR B 4082 76.51 11.75 -27.64
C THR B 4082 77.60 12.68 -27.11
N ASP B 4083 77.25 13.69 -26.33
CA ASP B 4083 78.26 14.65 -25.88
C ASP B 4083 78.90 14.15 -24.59
N PRO B 4084 80.23 14.03 -24.55
CA PRO B 4084 80.89 13.63 -23.29
C PRO B 4084 80.71 14.62 -22.15
N ARG B 4085 80.48 15.90 -22.44
CA ARG B 4085 80.16 16.88 -21.40
C ARG B 4085 78.85 16.55 -20.68
N GLY B 4086 77.97 15.74 -21.28
CA GLY B 4086 76.67 15.56 -20.70
C GLY B 4086 75.62 16.52 -21.22
N LEU B 4087 75.64 16.80 -22.53
CA LEU B 4087 74.69 17.73 -23.09
C LEU B 4087 74.00 17.04 -24.26
N ILE B 4088 72.92 17.65 -24.76
CA ILE B 4088 72.26 17.16 -25.97
C ILE B 4088 71.49 18.31 -26.62
N SER B 4089 71.67 18.45 -27.94
CA SER B 4089 71.11 19.57 -28.69
C SER B 4089 69.58 19.48 -28.74
N LYS B 4090 68.93 20.63 -28.98
CA LYS B 4090 67.47 20.73 -28.98
C LYS B 4090 66.84 19.76 -29.99
N LYS B 4091 67.32 19.78 -31.23
CA LYS B 4091 66.80 18.87 -32.24
C LYS B 4091 67.15 17.43 -31.90
N ASP B 4092 68.19 17.22 -31.12
CA ASP B 4092 68.53 15.86 -30.74
C ASP B 4092 67.66 15.39 -29.59
N PHE B 4093 67.03 16.29 -28.82
CA PHE B 4093 65.82 15.87 -28.09
C PHE B 4093 64.72 15.48 -29.05
N GLN B 4094 64.55 16.30 -30.10
CA GLN B 4094 63.39 16.24 -30.99
C GLN B 4094 63.29 14.89 -31.68
N LYS B 4095 64.41 14.37 -32.19
CA LYS B 4095 64.36 13.10 -32.90
C LYS B 4095 64.56 11.90 -31.99
N ALA B 4096 64.75 12.11 -30.69
CA ALA B 4096 65.08 11.05 -29.73
C ALA B 4096 63.88 10.62 -28.90
N MET B 4097 63.21 11.58 -28.29
CA MET B 4097 62.12 11.23 -27.38
C MET B 4097 60.79 10.97 -28.07
N ASP B 4098 60.58 11.45 -29.30
CA ASP B 4098 59.36 11.03 -29.99
C ASP B 4098 59.43 9.58 -30.49
N SER B 4099 60.62 8.96 -30.44
CA SER B 4099 60.78 7.55 -30.79
C SER B 4099 60.03 6.61 -29.87
N GLN B 4100 59.63 7.05 -28.67
CA GLN B 4100 58.79 6.23 -27.81
C GLN B 4100 57.36 6.06 -28.34
N LYS B 4101 56.99 6.81 -29.38
CA LYS B 4101 55.64 6.83 -29.99
C LYS B 4101 54.56 7.15 -28.96
N GLN B 4102 54.85 8.07 -28.05
CA GLN B 4102 53.92 8.39 -26.97
C GLN B 4102 53.79 9.87 -26.66
N PHE B 4103 54.74 10.72 -27.04
CA PHE B 4103 54.67 12.13 -26.69
C PHE B 4103 54.06 12.91 -27.84
N THR B 4104 53.01 13.67 -27.54
CA THR B 4104 52.35 14.47 -28.55
C THR B 4104 53.24 15.64 -28.95
N GLY B 4105 52.96 16.17 -30.16
CA GLY B 4105 53.67 17.28 -30.76
C GLY B 4105 53.88 18.46 -29.84
N PRO B 4106 52.77 19.11 -29.41
CA PRO B 4106 52.92 20.24 -28.48
C PRO B 4106 53.67 19.88 -27.21
N GLU B 4107 53.47 18.67 -26.67
CA GLU B 4107 54.20 18.23 -25.48
C GLU B 4107 55.71 18.25 -25.73
N ILE B 4108 56.13 17.82 -26.93
CA ILE B 4108 57.52 17.94 -27.34
C ILE B 4108 57.96 19.40 -27.30
N GLN B 4109 57.13 20.29 -27.86
CA GLN B 4109 57.49 21.70 -27.93
C GLN B 4109 57.63 22.31 -26.53
N PHE B 4110 56.66 22.02 -25.64
CA PHE B 4110 56.73 22.52 -24.27
C PHE B 4110 57.94 21.98 -23.53
N LEU B 4111 58.25 20.67 -23.67
CA LEU B 4111 59.44 20.14 -23.01
C LEU B 4111 60.72 20.77 -23.55
N LEU B 4112 60.75 21.08 -24.85
CA LEU B 4112 61.86 21.82 -25.46
C LEU B 4112 62.02 23.21 -24.85
N SER B 4113 60.91 23.94 -24.69
CA SER B 4113 60.99 25.26 -24.06
C SER B 4113 61.28 25.18 -22.56
N CYS B 4114 60.64 24.24 -21.86
CA CYS B 4114 60.88 24.03 -20.43
C CYS B 4114 62.34 23.67 -20.13
N SER B 4115 62.99 22.95 -21.04
CA SER B 4115 64.42 22.73 -20.91
C SER B 4115 65.16 24.05 -21.03
N GLU B 4116 66.11 24.27 -20.13
CA GLU B 4116 66.87 25.51 -20.10
C GLU B 4116 68.02 25.38 -21.10
N ALA B 4117 67.72 25.70 -22.35
CA ALA B 4117 68.71 25.67 -23.41
C ALA B 4117 69.79 26.71 -23.15
N ASP B 4118 71.05 26.31 -23.35
CA ASP B 4118 72.19 27.20 -23.19
C ASP B 4118 72.32 28.10 -24.42
N GLU B 4119 73.40 28.89 -24.47
CA GLU B 4119 73.63 29.74 -25.64
C GLU B 4119 73.99 28.95 -26.89
N ASN B 4120 74.33 27.67 -26.78
CA ASN B 4120 74.66 26.84 -27.93
C ASN B 4120 73.49 26.01 -28.41
N GLU B 4121 72.31 26.17 -27.79
CA GLU B 4121 71.15 25.27 -27.93
C GLU B 4121 71.53 23.82 -27.66
N MET B 4122 72.43 23.62 -26.71
CA MET B 4122 73.04 22.34 -26.40
C MET B 4122 72.66 22.07 -24.94
N ILE B 4123 71.47 21.50 -24.75
CA ILE B 4123 70.73 21.56 -23.49
C ILE B 4123 71.44 20.80 -22.38
N ASN B 4124 71.46 21.38 -21.17
CA ASN B 4124 72.07 20.77 -19.98
C ASN B 4124 70.97 20.01 -19.25
N PHE B 4125 70.81 18.76 -19.61
CA PHE B 4125 69.83 17.85 -19.01
C PHE B 4125 70.35 17.15 -17.76
N GLU B 4126 71.55 17.49 -17.31
CA GLU B 4126 72.09 16.95 -16.06
C GLU B 4126 71.24 17.35 -14.86
N GLU B 4127 70.81 18.60 -14.78
CA GLU B 4127 69.99 19.05 -13.66
C GLU B 4127 68.56 19.37 -14.08
N PHE B 4128 68.23 19.20 -15.37
CA PHE B 4128 66.89 19.50 -15.86
C PHE B 4128 65.87 18.60 -15.19
N ALA B 4129 66.11 17.29 -15.18
CA ALA B 4129 65.15 16.38 -14.56
C ALA B 4129 65.13 16.58 -13.05
N ASN B 4130 66.31 16.73 -12.43
CA ASN B 4130 66.42 16.88 -10.97
C ASN B 4130 65.96 18.29 -10.46
N ARG B 4131 65.47 19.16 -11.36
CA ARG B 4131 64.98 20.47 -10.95
C ARG B 4131 63.81 20.35 -9.98
N PHE B 4132 62.78 19.59 -10.36
CA PHE B 4132 61.49 19.61 -9.67
C PHE B 4132 61.02 18.26 -9.15
N GLN B 4133 61.80 17.18 -9.34
CA GLN B 4133 61.35 15.83 -8.98
C GLN B 4133 61.04 15.70 -7.50
N GLU B 4134 61.89 16.25 -6.64
CA GLU B 4134 61.61 16.21 -5.20
C GLU B 4134 60.33 16.99 -4.86
N PRO B 4135 60.22 18.31 -5.14
CA PRO B 4135 59.00 19.03 -4.71
C PRO B 4135 57.71 18.53 -5.36
N ALA B 4136 57.73 18.10 -6.62
CA ALA B 4136 56.50 17.64 -7.27
C ALA B 4136 56.03 16.26 -6.80
N ARG B 4137 56.84 15.56 -6.01
CA ARG B 4137 56.49 14.21 -5.59
C ARG B 4137 55.31 14.21 -4.63
N ASP B 4138 55.34 15.09 -3.61
CA ASP B 4138 54.30 15.08 -2.58
C ASP B 4138 52.95 15.46 -3.17
N ILE B 4139 52.92 16.55 -3.95
CA ILE B 4139 51.68 16.99 -4.60
C ILE B 4139 51.13 15.91 -5.54
N GLY B 4140 52.02 15.22 -6.29
CA GLY B 4140 51.56 14.10 -7.10
C GLY B 4140 50.97 12.97 -6.27
N PHE B 4141 51.60 12.69 -5.13
CA PHE B 4141 51.06 11.68 -4.23
C PHE B 4141 49.70 12.07 -3.68
N ASN B 4142 49.56 13.33 -3.25
CA ASN B 4142 48.31 13.77 -2.63
C ASN B 4142 47.17 13.77 -3.64
N VAL B 4143 47.45 14.21 -4.88
CA VAL B 4143 46.38 14.21 -5.88
C VAL B 4143 46.00 12.76 -6.21
N ALA B 4144 46.99 11.85 -6.19
CA ALA B 4144 46.69 10.43 -6.39
C ALA B 4144 45.79 9.91 -5.28
N VAL B 4145 46.07 10.31 -4.03
CA VAL B 4145 45.28 9.88 -2.87
C VAL B 4145 43.84 10.33 -3.01
N LEU B 4146 43.64 11.60 -3.41
CA LEU B 4146 42.30 12.12 -3.68
C LEU B 4146 41.60 11.32 -4.77
N LEU B 4147 42.32 11.01 -5.85
CA LEU B 4147 41.72 10.28 -6.98
C LEU B 4147 41.28 8.88 -6.55
N THR B 4148 42.19 8.12 -5.90
CA THR B 4148 41.82 6.77 -5.49
C THR B 4148 40.71 6.79 -4.45
N ASN B 4149 40.68 7.82 -3.59
CA ASN B 4149 39.67 7.88 -2.54
C ASN B 4149 38.30 8.07 -3.15
N LEU B 4150 38.20 9.01 -4.10
CA LEU B 4150 36.91 9.26 -4.75
C LEU B 4150 36.46 8.06 -5.57
N SER B 4151 37.37 7.44 -6.34
CA SER B 4151 37.01 6.22 -7.07
C SER B 4151 36.60 5.09 -6.14
N GLU B 4152 37.14 5.07 -4.92
CA GLU B 4152 36.78 4.05 -3.95
C GLU B 4152 35.38 4.28 -3.39
N HIS B 4153 35.07 5.52 -3.02
CA HIS B 4153 33.81 5.79 -2.34
C HIS B 4153 32.65 6.15 -3.26
N VAL B 4154 32.92 6.50 -4.52
CA VAL B 4154 31.84 6.77 -5.47
C VAL B 4154 32.14 5.87 -6.66
N PRO B 4155 31.69 4.62 -6.64
CA PRO B 4155 32.15 3.64 -7.64
C PRO B 4155 31.23 3.44 -8.85
N HIS B 4156 30.09 4.13 -8.94
CA HIS B 4156 29.18 3.94 -10.07
C HIS B 4156 28.89 5.25 -10.79
N ASP B 4157 29.88 6.14 -10.86
CA ASP B 4157 29.78 7.32 -11.70
C ASP B 4157 30.74 7.20 -12.88
N PRO B 4158 30.22 7.04 -14.11
CA PRO B 4158 31.09 6.89 -15.30
C PRO B 4158 32.03 8.07 -15.54
N ARG B 4159 31.56 9.28 -15.21
CA ARG B 4159 32.34 10.49 -15.44
C ARG B 4159 33.66 10.45 -14.69
N LEU B 4160 33.70 9.77 -13.54
CA LEU B 4160 34.93 9.72 -12.75
C LEU B 4160 35.96 8.85 -13.46
N ARG B 4161 35.54 7.66 -13.94
CA ARG B 4161 36.45 6.81 -14.70
C ARG B 4161 36.97 7.53 -15.94
N ASN B 4162 36.15 8.44 -16.50
CA ASN B 4162 36.65 9.28 -17.59
C ASN B 4162 37.90 10.05 -17.17
N PHE B 4163 37.96 10.55 -15.92
CA PHE B 4163 39.20 11.14 -15.43
C PHE B 4163 40.28 10.09 -15.32
N LEU B 4164 39.87 8.87 -14.95
CA LEU B 4164 40.86 7.82 -14.67
C LEU B 4164 41.66 7.51 -15.93
N GLU B 4165 40.97 7.34 -17.08
CA GLU B 4165 41.74 7.14 -18.31
C GLU B 4165 42.56 8.37 -18.70
N LEU B 4166 42.22 9.54 -18.16
CA LEU B 4166 42.98 10.76 -18.39
C LEU B 4166 44.11 10.90 -17.38
N ALA B 4167 44.20 9.95 -16.45
CA ALA B 4167 45.01 10.15 -15.26
C ALA B 4167 45.85 8.96 -14.82
N GLU B 4168 45.91 7.85 -15.58
CA GLU B 4168 46.66 6.65 -15.15
C GLU B 4168 48.10 6.95 -14.75
N SER B 4169 48.81 7.74 -15.57
CA SER B 4169 50.26 8.03 -15.52
C SER B 4169 50.84 8.25 -14.13
N ILE B 4170 50.03 8.75 -13.21
CA ILE B 4170 50.46 8.90 -11.82
C ILE B 4170 50.11 7.66 -10.99
N LEU B 4171 48.99 6.98 -11.31
CA LEU B 4171 48.42 5.91 -10.49
C LEU B 4171 49.40 4.77 -10.31
N GLU B 4172 49.75 4.07 -11.40
CA GLU B 4172 50.70 2.96 -11.25
C GLU B 4172 52.09 3.42 -10.83
N TYR B 4173 52.47 4.67 -11.10
CA TYR B 4173 53.76 5.17 -10.65
C TYR B 4173 53.82 5.27 -9.12
N PHE B 4174 52.81 5.85 -8.51
CA PHE B 4174 52.78 5.96 -7.06
C PHE B 4174 52.18 4.74 -6.38
N ARG B 4175 51.55 3.85 -7.15
CA ARG B 4175 50.84 2.69 -6.61
C ARG B 4175 51.68 1.80 -5.69
N PRO B 4176 52.96 1.49 -5.94
CA PRO B 4176 53.69 0.70 -4.93
C PRO B 4176 53.99 1.45 -3.64
N TYR B 4177 53.54 2.70 -3.46
CA TYR B 4177 54.02 3.44 -2.32
C TYR B 4177 52.85 4.11 -1.64
N LEU B 4178 51.70 3.45 -1.68
CA LEU B 4178 50.49 3.95 -1.05
C LEU B 4178 49.94 2.88 -0.13
N GLY B 4179 49.52 3.27 1.06
CA GLY B 4179 49.03 2.31 2.04
C GLY B 4179 47.55 2.52 2.27
N ARG B 4180 46.82 1.41 2.44
CA ARG B 4180 45.41 1.42 2.77
C ARG B 4180 45.21 0.64 4.05
N ILE B 4181 44.60 1.26 5.05
CA ILE B 4181 44.27 0.54 6.28
C ILE B 4181 42.80 0.81 6.58
N GLU B 4182 42.19 -0.08 7.36
CA GLU B 4182 40.81 0.12 7.79
C GLU B 4182 40.79 0.17 9.31
N ILE B 4183 40.13 1.20 9.86
CA ILE B 4183 40.06 1.39 11.30
C ILE B 4183 38.62 1.54 11.75
N MET B 4184 38.36 1.17 13.00
CA MET B 4184 37.06 1.41 13.61
C MET B 4184 37.11 2.81 14.21
N GLY B 4185 36.54 3.78 13.49
CA GLY B 4185 36.66 5.17 13.86
C GLY B 4185 35.77 5.58 15.03
N ALA B 4186 35.72 6.90 15.24
CA ALA B 4186 34.86 7.47 16.27
C ALA B 4186 33.39 7.19 15.97
N SER B 4187 33.03 7.22 14.68
CA SER B 4187 31.68 6.95 14.21
C SER B 4187 31.24 5.52 14.49
N ARG B 4188 32.22 4.63 14.75
CA ARG B 4188 32.14 3.20 15.01
C ARG B 4188 31.94 2.43 13.73
N ARG B 4189 32.19 3.08 12.61
CA ARG B 4189 32.10 2.47 11.29
C ARG B 4189 33.49 2.43 10.70
N ILE B 4190 33.80 1.33 10.00
CA ILE B 4190 35.14 1.12 9.47
C ILE B 4190 35.46 2.18 8.41
N GLU B 4191 36.61 2.81 8.56
CA GLU B 4191 37.04 3.89 7.70
C GLU B 4191 38.38 3.56 7.07
N ARG B 4192 38.48 3.73 5.76
CA ARG B 4192 39.75 3.52 5.08
C ARG B 4192 40.62 4.76 5.21
N ILE B 4193 41.87 4.58 5.61
CA ILE B 4193 42.86 5.65 5.65
C ILE B 4193 44.00 5.31 4.71
N TYR B 4194 44.44 6.30 3.94
CA TYR B 4194 45.50 6.13 2.96
C TYR B 4194 46.74 6.84 3.47
N PHE B 4195 47.91 6.44 2.98
CA PHE B 4195 49.15 7.02 3.50
C PHE B 4195 50.28 6.74 2.52
N GLU B 4196 51.46 7.27 2.83
CA GLU B 4196 52.65 7.09 2.00
C GLU B 4196 53.58 6.04 2.59
N ILE B 4197 54.01 5.10 1.75
CA ILE B 4197 54.94 4.05 2.13
C ILE B 4197 56.31 4.39 1.57
N SER B 4198 57.30 4.48 2.45
CA SER B 4198 58.63 4.89 2.02
C SER B 4198 59.34 3.74 1.33
N GLU B 4199 60.20 4.09 0.37
CA GLU B 4199 60.95 3.09 -0.40
C GLU B 4199 61.90 2.30 0.49
N THR B 4200 62.58 2.98 1.42
CA THR B 4200 63.55 2.31 2.27
C THR B 4200 62.88 1.26 3.16
N ASN B 4201 61.73 1.63 3.74
CA ASN B 4201 60.96 0.71 4.56
C ASN B 4201 60.42 -0.43 3.71
N ARG B 4202 59.95 -0.12 2.49
CA ARG B 4202 59.38 -1.14 1.63
C ARG B 4202 60.45 -2.16 1.26
N ALA B 4203 61.66 -1.68 0.96
CA ALA B 4203 62.78 -2.55 0.64
C ALA B 4203 63.12 -3.42 1.84
N GLN B 4204 63.08 -2.81 3.04
CA GLN B 4204 63.40 -3.55 4.26
C GLN B 4204 62.39 -4.67 4.42
N TRP B 4205 61.11 -4.37 4.12
CA TRP B 4205 60.06 -5.37 4.25
C TRP B 4205 60.32 -6.53 3.30
N GLU B 4206 60.79 -6.23 2.09
CA GLU B 4206 61.06 -7.32 1.15
C GLU B 4206 62.29 -8.13 1.54
N MET B 4207 63.18 -7.56 2.36
CA MET B 4207 64.44 -8.22 2.71
C MET B 4207 64.17 -9.58 3.37
N PRO B 4208 64.96 -10.62 3.06
CA PRO B 4208 64.60 -11.98 3.48
C PRO B 4208 64.65 -12.23 4.98
N GLN B 4209 65.51 -11.52 5.71
CA GLN B 4209 65.56 -11.68 7.17
C GLN B 4209 64.24 -11.24 7.79
N VAL B 4210 63.70 -10.11 7.31
CA VAL B 4210 62.45 -9.58 7.84
C VAL B 4210 61.33 -10.56 7.52
N LYS B 4211 61.37 -11.13 6.31
CA LYS B 4211 60.34 -12.09 5.88
C LYS B 4211 60.36 -13.31 6.80
N GLU B 4212 61.56 -13.76 7.17
CA GLU B 4212 61.70 -14.94 8.03
C GLU B 4212 61.13 -14.64 9.40
N SER B 4213 61.41 -13.44 9.92
CA SER B 4213 60.86 -13.02 11.20
C SER B 4213 59.34 -12.98 11.13
N LYS B 4214 58.80 -12.48 10.01
CA LYS B 4214 57.36 -12.38 9.82
C LYS B 4214 56.73 -13.76 9.85
N ARG B 4215 57.35 -14.73 9.15
CA ARG B 4215 56.80 -16.08 9.07
C ARG B 4215 56.78 -16.71 10.45
N GLN B 4216 57.87 -16.50 11.21
CA GLN B 4216 57.97 -17.09 12.54
C GLN B 4216 56.90 -16.49 13.43
N PHE B 4217 56.70 -15.17 13.31
CA PHE B 4217 55.72 -14.47 14.13
C PHE B 4217 54.33 -15.00 13.86
N ILE B 4218 54.00 -15.18 12.56
CA ILE B 4218 52.67 -15.64 12.14
C ILE B 4218 52.41 -17.02 12.70
N PHE B 4219 53.42 -17.90 12.60
CA PHE B 4219 53.28 -19.28 13.08
C PHE B 4219 53.05 -19.28 14.58
N ASP B 4220 53.83 -18.48 15.31
CA ASP B 4220 53.75 -18.45 16.76
C ASP B 4220 52.39 -17.93 17.22
N VAL B 4221 51.92 -16.81 16.64
CA VAL B 4221 50.67 -16.23 17.10
C VAL B 4221 49.49 -17.13 16.75
N VAL B 4222 49.49 -17.73 15.55
CA VAL B 4222 48.34 -18.52 15.15
C VAL B 4222 48.29 -19.83 15.96
N ASN B 4223 49.43 -20.53 16.08
CA ASN B 4223 49.41 -21.84 16.73
C ASN B 4223 49.20 -21.77 18.23
N GLU B 4224 49.90 -20.88 18.94
CA GLU B 4224 49.83 -20.89 20.39
C GLU B 4224 49.31 -19.59 21.00
N GLY B 4225 48.58 -18.79 20.24
CA GLY B 4225 48.13 -17.49 20.72
C GLY B 4225 46.63 -17.32 20.58
N GLY B 4226 46.03 -16.77 21.62
CA GLY B 4226 44.61 -16.46 21.58
C GLY B 4226 44.31 -15.21 20.77
N GLU B 4227 43.07 -15.17 20.26
CA GLU B 4227 42.63 -14.05 19.43
C GLU B 4227 42.62 -12.75 20.22
N ALA B 4228 42.26 -12.83 21.51
CA ALA B 4228 42.14 -11.63 22.34
C ALA B 4228 43.49 -10.93 22.48
N GLU B 4229 44.55 -11.71 22.68
CA GLU B 4229 45.89 -11.16 22.84
C GLU B 4229 46.61 -11.03 21.51
N LYS B 4230 45.99 -11.50 20.42
CA LYS B 4230 46.63 -11.55 19.11
C LYS B 4230 47.03 -10.15 18.65
N MET B 4231 46.13 -9.17 18.86
CA MET B 4231 46.37 -7.81 18.40
C MET B 4231 47.58 -7.22 19.12
N GLU B 4232 47.69 -7.52 20.42
CA GLU B 4232 48.82 -7.05 21.22
C GLU B 4232 50.11 -7.64 20.71
N LEU B 4233 50.10 -8.95 20.43
CA LEU B 4233 51.30 -9.63 19.94
C LEU B 4233 51.71 -9.07 18.58
N PHE B 4234 50.72 -8.79 17.74
CA PHE B 4234 50.96 -8.19 16.43
C PHE B 4234 51.60 -6.81 16.57
N VAL B 4235 51.07 -5.98 17.47
CA VAL B 4235 51.56 -4.62 17.65
C VAL B 4235 53.00 -4.67 18.16
N SER B 4236 53.27 -5.60 19.08
CA SER B 4236 54.61 -5.79 19.63
C SER B 4236 55.59 -6.18 18.54
N PHE B 4237 55.17 -7.10 17.65
CA PHE B 4237 56.01 -7.50 16.53
C PHE B 4237 56.28 -6.33 15.61
N CYS B 4238 55.25 -5.51 15.36
CA CYS B 4238 55.40 -4.36 14.47
C CYS B 4238 56.42 -3.38 15.04
N GLU B 4239 56.37 -3.17 16.36
CA GLU B 4239 57.33 -2.28 17.02
C GLU B 4239 58.75 -2.83 16.89
N ASP B 4240 58.91 -4.14 17.10
CA ASP B 4240 60.24 -4.74 17.03
C ASP B 4240 60.79 -4.61 15.61
N THR B 4241 59.94 -4.89 14.62
CA THR B 4241 60.33 -4.82 13.21
C THR B 4241 60.71 -3.40 12.83
N ILE B 4242 59.97 -2.41 13.35
CA ILE B 4242 60.29 -1.00 13.09
C ILE B 4242 61.67 -0.68 13.64
N PHE B 4243 61.97 -1.21 14.84
CA PHE B 4243 63.27 -0.94 15.45
C PHE B 4243 64.38 -1.58 14.62
N GLU B 4244 64.10 -2.78 14.10
CA GLU B 4244 65.08 -3.49 13.29
C GLU B 4244 65.37 -2.73 12.01
N MET B 4245 64.31 -2.17 11.40
CA MET B 4245 64.48 -1.40 10.17
C MET B 4245 65.30 -0.14 10.43
N GLN B 4246 65.06 0.51 11.56
CA GLN B 4246 65.84 1.68 11.93
C GLN B 4246 67.31 1.32 12.14
N ILE B 4247 67.57 0.18 12.78
CA ILE B 4247 68.94 -0.30 12.97
C ILE B 4247 69.59 -0.54 11.62
N ALA B 4248 68.82 -1.14 10.69
CA ALA B 4248 69.34 -1.47 9.36
C ALA B 4248 69.74 -0.19 8.64
N ALA B 4249 68.89 0.85 8.80
CA ALA B 4249 69.14 2.11 8.13
C ALA B 4249 70.44 2.72 8.64
N GLN B 4250 70.65 2.68 9.96
CA GLN B 4250 71.86 3.28 10.53
C GLN B 4250 73.10 2.54 10.07
N ILE B 4251 73.06 1.20 10.13
CA ILE B 4251 74.26 0.40 9.84
C ILE B 4251 74.65 0.51 8.36
N SER B 4252 73.66 0.52 7.46
CA SER B 4252 73.98 0.52 6.04
C SER B 4252 74.58 1.83 5.57
N GLU B 4253 75.53 1.73 4.65
CA GLU B 4253 76.22 2.86 4.05
C GLU B 4253 75.94 2.90 2.55
N PRO B 4254 75.47 4.05 2.02
CA PRO B 4254 75.12 4.17 0.61
C PRO B 4254 76.25 4.77 -0.23
N PHE B 4540 92.76 14.01 15.28
CA PHE B 4540 92.87 12.59 14.94
C PHE B 4540 91.65 11.82 15.46
N TRP B 4541 91.00 12.38 16.50
CA TRP B 4541 89.86 11.71 17.13
C TRP B 4541 88.72 11.53 16.14
N GLY B 4542 88.45 12.54 15.32
CA GLY B 4542 87.35 12.47 14.37
C GLY B 4542 87.55 11.38 13.33
N GLU B 4543 88.77 11.28 12.79
CA GLU B 4543 89.11 10.23 11.83
C GLU B 4543 89.05 8.86 12.47
N LEU B 4544 89.58 8.75 13.70
CA LEU B 4544 89.54 7.47 14.42
C LEU B 4544 88.09 7.06 14.68
N GLU B 4545 87.25 8.01 15.08
CA GLU B 4545 85.85 7.73 15.37
C GLU B 4545 85.12 7.29 14.12
N VAL B 4546 85.38 7.95 12.98
CA VAL B 4546 84.76 7.60 11.71
C VAL B 4546 85.17 6.19 11.28
N GLN B 4547 86.47 5.87 11.43
CA GLN B 4547 86.93 4.52 11.10
C GLN B 4547 86.29 3.49 12.01
N ARG B 4548 86.20 3.80 13.31
CA ARG B 4548 85.65 2.85 14.27
C ARG B 4548 84.18 2.57 13.97
N VAL B 4549 83.39 3.63 13.71
CA VAL B 4549 81.96 3.45 13.45
C VAL B 4549 81.77 2.66 12.16
N LYS B 4550 82.56 3.01 11.11
CA LYS B 4550 82.44 2.34 9.82
C LYS B 4550 82.73 0.86 9.98
N PHE B 4551 83.79 0.55 10.73
CA PHE B 4551 84.22 -0.83 10.96
C PHE B 4551 83.13 -1.59 11.70
N LEU B 4552 82.56 -0.96 12.74
CA LEU B 4552 81.54 -1.58 13.56
C LEU B 4552 80.31 -1.89 12.72
N ASN B 4553 79.93 -0.93 11.87
CA ASN B 4553 78.76 -1.09 11.00
C ASN B 4553 78.99 -2.22 10.03
N TYR B 4554 80.21 -2.29 9.46
CA TYR B 4554 80.54 -3.33 8.49
C TYR B 4554 80.43 -4.69 9.16
N LEU B 4555 80.91 -4.79 10.41
CA LEU B 4555 80.88 -6.05 11.16
C LEU B 4555 79.44 -6.48 11.35
N SER B 4556 78.59 -5.50 11.69
CA SER B 4556 77.18 -5.78 11.96
C SER B 4556 76.50 -6.29 10.70
N ARG B 4557 76.77 -5.63 9.56
CA ARG B 4557 76.14 -6.03 8.30
C ARG B 4557 76.60 -7.42 7.91
N ASN B 4558 77.88 -7.72 8.14
CA ASN B 4558 78.48 -8.95 7.67
C ASN B 4558 78.49 -10.05 8.72
N PHE B 4559 77.67 -9.90 9.78
CA PHE B 4559 77.67 -10.86 10.89
C PHE B 4559 77.33 -12.28 10.44
N TYR B 4560 76.34 -12.43 9.55
CA TYR B 4560 75.92 -13.75 9.08
C TYR B 4560 77.02 -14.42 8.28
N THR B 4561 77.70 -13.63 7.45
CA THR B 4561 78.76 -14.11 6.59
C THR B 4561 79.94 -14.60 7.42
N LEU B 4562 80.28 -13.87 8.48
CA LEU B 4562 81.35 -14.29 9.38
C LEU B 4562 81.00 -15.61 10.04
N ARG B 4563 79.74 -15.76 10.48
CA ARG B 4563 79.34 -16.98 11.19
C ARG B 4563 79.44 -18.19 10.26
N PHE B 4564 79.02 -18.00 9.00
CA PHE B 4564 79.14 -19.07 8.00
C PHE B 4564 80.60 -19.40 7.74
N LEU B 4565 81.45 -18.36 7.70
CA LEU B 4565 82.87 -18.54 7.51
C LEU B 4565 83.46 -19.35 8.65
N ALA B 4566 83.00 -19.06 9.88
CA ALA B 4566 83.52 -19.74 11.06
C ALA B 4566 83.18 -21.22 11.00
N LEU B 4567 81.98 -21.54 10.50
CA LEU B 4567 81.60 -22.94 10.31
C LEU B 4567 82.51 -23.60 9.27
N PHE B 4568 82.82 -22.87 8.19
CA PHE B 4568 83.76 -23.37 7.19
C PHE B 4568 85.14 -23.60 7.82
N LEU B 4569 85.53 -22.73 8.75
CA LEU B 4569 86.84 -22.82 9.38
C LEU B 4569 86.91 -24.03 10.29
N ALA B 4570 85.81 -24.30 11.00
CA ALA B 4570 85.73 -25.46 11.87
C ALA B 4570 85.82 -26.74 11.06
N PHE B 4571 85.15 -26.77 9.90
CA PHE B 4571 85.26 -27.92 8.99
C PHE B 4571 86.69 -28.08 8.49
N ALA B 4572 87.34 -26.95 8.18
CA ALA B 4572 88.71 -26.93 7.68
C ALA B 4572 89.68 -27.53 8.70
N ILE B 4573 89.63 -26.99 9.93
CA ILE B 4573 90.46 -27.45 11.03
C ILE B 4573 90.21 -28.94 11.30
N ASN B 4574 88.94 -29.36 11.26
CA ASN B 4574 88.60 -30.75 11.56
C ASN B 4574 89.20 -31.68 10.49
N PHE B 4575 89.15 -31.23 9.23
CA PHE B 4575 89.76 -31.97 8.13
C PHE B 4575 91.26 -32.12 8.36
N ILE B 4576 91.91 -31.04 8.82
CA ILE B 4576 93.32 -31.11 9.18
C ILE B 4576 93.50 -32.09 10.34
N LEU B 4577 92.54 -32.08 11.29
CA LEU B 4577 92.58 -32.87 12.53
C LEU B 4577 92.52 -34.37 12.25
N LEU B 4578 92.13 -34.74 11.03
CA LEU B 4578 92.00 -36.15 10.67
C LEU B 4578 93.34 -36.78 10.31
N PHE B 4579 94.43 -36.04 10.44
CA PHE B 4579 95.77 -36.58 10.23
C PHE B 4579 96.57 -36.70 11.52
N TYR B 4580 95.93 -36.60 12.69
CA TYR B 4580 96.65 -36.77 13.95
C TYR B 4580 96.99 -38.23 14.21
N LYS B 4581 98.16 -38.42 14.84
CA LYS B 4581 98.67 -39.72 15.21
C LYS B 4581 99.53 -39.55 16.46
N VAL B 4582 99.68 -40.63 17.22
CA VAL B 4582 100.41 -40.59 18.47
C VAL B 4582 101.57 -41.57 18.35
N SER B 4583 102.77 -41.10 18.70
CA SER B 4583 103.94 -41.96 18.70
C SER B 4583 104.67 -41.78 20.02
N ASP B 4584 105.10 -42.90 20.62
CA ASP B 4584 105.86 -42.83 21.86
C ASP B 4584 107.19 -42.12 21.62
N SER B 4585 107.80 -42.35 20.45
CA SER B 4585 109.01 -41.65 20.08
C SER B 4585 108.71 -40.18 19.75
N PRO B 4586 109.63 -39.28 20.07
CA PRO B 4586 109.47 -37.87 19.70
C PRO B 4586 109.37 -37.70 18.19
N PRO B 4587 108.42 -36.88 17.69
CA PRO B 4587 108.08 -36.64 16.28
C PRO B 4587 109.26 -36.44 15.32
N ASN B 4626 106.74 -41.08 30.29
CA ASN B 4626 106.16 -42.06 29.37
C ASN B 4626 105.12 -41.41 28.49
N MET B 4627 104.95 -40.09 28.66
CA MET B 4627 103.93 -39.33 27.95
C MET B 4627 104.19 -39.33 26.45
N VAL B 4628 103.16 -39.61 25.68
CA VAL B 4628 103.30 -39.64 24.23
C VAL B 4628 103.25 -38.22 23.70
N TYR B 4629 104.02 -37.94 22.65
CA TYR B 4629 104.10 -36.62 22.06
C TYR B 4629 103.26 -36.58 20.80
N TYR B 4630 102.13 -35.86 20.88
CA TYR B 4630 101.18 -35.82 19.78
C TYR B 4630 101.77 -35.08 18.58
N PHE B 4631 101.61 -35.66 17.40
CA PHE B 4631 102.20 -35.09 16.20
C PHE B 4631 101.23 -35.24 15.05
N LEU B 4632 101.27 -34.28 14.13
CA LEU B 4632 100.39 -34.29 12.97
C LEU B 4632 101.18 -34.86 11.81
N GLU B 4633 100.64 -35.87 11.14
CA GLU B 4633 101.36 -36.57 10.09
C GLU B 4633 100.76 -36.29 8.73
N GLU B 4634 101.49 -35.54 7.91
CA GLU B 4634 101.09 -35.30 6.53
C GLU B 4634 102.36 -35.23 5.71
N SER B 4635 102.32 -35.78 4.49
CA SER B 4635 103.52 -35.84 3.65
C SER B 4635 103.99 -34.44 3.26
N THR B 4636 103.04 -33.57 2.89
CA THR B 4636 103.37 -32.24 2.38
C THR B 4636 104.05 -31.36 3.43
N GLY B 4637 103.55 -31.39 4.67
CA GLY B 4637 104.04 -30.52 5.72
C GLY B 4637 103.41 -29.15 5.72
N TYR B 4638 102.61 -28.83 4.69
CA TYR B 4638 101.95 -27.53 4.58
C TYR B 4638 100.86 -27.32 5.61
N MET B 4639 100.13 -28.40 5.96
CA MET B 4639 98.95 -28.27 6.83
C MET B 4639 99.26 -27.75 8.22
N GLU B 4640 100.45 -28.04 8.77
CA GLU B 4640 100.73 -27.57 10.14
C GLU B 4640 100.85 -26.04 10.19
N PRO B 4641 101.66 -25.35 9.32
CA PRO B 4641 101.61 -23.88 9.33
C PRO B 4641 100.21 -23.37 9.01
N ALA B 4642 99.53 -24.07 8.08
CA ALA B 4642 98.17 -23.75 7.73
C ALA B 4642 97.28 -23.82 8.95
N LEU B 4643 97.50 -24.85 9.79
CA LEU B 4643 96.67 -25.03 10.98
C LEU B 4643 96.87 -23.87 11.93
N TRP B 4644 98.13 -23.43 12.12
CA TRP B 4644 98.41 -22.33 13.05
C TRP B 4644 97.74 -21.04 12.57
N CYS B 4645 97.88 -20.75 11.27
CA CYS B 4645 97.27 -19.55 10.69
C CYS B 4645 95.75 -19.64 10.75
N LEU B 4646 95.20 -20.80 10.41
CA LEU B 4646 93.75 -21.00 10.37
C LEU B 4646 93.16 -20.86 11.77
N SER B 4647 93.85 -21.36 12.79
CA SER B 4647 93.41 -21.18 14.17
C SER B 4647 93.39 -19.71 14.53
N LEU B 4648 94.43 -18.97 14.12
CA LEU B 4648 94.50 -17.54 14.45
C LEU B 4648 93.37 -16.81 13.75
N LEU B 4649 93.10 -17.21 12.51
CA LEU B 4649 92.00 -16.66 11.73
C LEU B 4649 90.67 -16.96 12.39
N HIS B 4650 90.51 -18.18 12.92
CA HIS B 4650 89.24 -18.60 13.52
C HIS B 4650 88.95 -17.76 14.74
N THR B 4651 89.99 -17.55 15.57
CA THR B 4651 89.83 -16.77 16.80
C THR B 4651 89.45 -15.33 16.44
N LEU B 4652 90.07 -14.81 15.37
CA LEU B 4652 89.77 -13.45 14.91
C LEU B 4652 88.31 -13.35 14.48
N VAL B 4653 87.85 -14.34 13.69
CA VAL B 4653 86.49 -14.36 13.15
C VAL B 4653 85.50 -14.43 14.31
N ALA B 4654 85.84 -15.21 15.34
CA ALA B 4654 84.95 -15.38 16.49
C ALA B 4654 84.78 -14.04 17.19
N PHE B 4655 85.90 -13.30 17.34
CA PHE B 4655 85.85 -12.01 18.02
C PHE B 4655 84.98 -11.06 17.21
N LEU B 4656 85.12 -11.11 15.88
CA LEU B 4656 84.34 -10.26 14.99
C LEU B 4656 82.87 -10.58 15.11
N CYS B 4657 82.54 -11.87 15.26
CA CYS B 4657 81.15 -12.30 15.43
C CYS B 4657 80.58 -11.73 16.72
N ILE B 4658 81.38 -11.74 17.80
CA ILE B 4658 80.90 -11.24 19.09
C ILE B 4658 80.59 -9.75 19.01
N ILE B 4659 81.49 -8.98 18.36
CA ILE B 4659 81.24 -7.56 18.15
C ILE B 4659 80.04 -7.34 17.22
N GLY B 4660 79.90 -8.18 16.19
CA GLY B 4660 78.73 -8.11 15.33
C GLY B 4660 77.45 -8.28 16.10
N TYR B 4661 77.40 -9.30 16.96
CA TYR B 4661 76.18 -9.61 17.70
C TYR B 4661 75.84 -8.47 18.65
N ASN B 4662 76.83 -7.98 19.40
CA ASN B 4662 76.50 -6.96 20.39
C ASN B 4662 76.23 -5.60 19.74
N CYS B 4663 76.57 -5.42 18.47
CA CYS B 4663 76.22 -4.20 17.76
C CYS B 4663 75.01 -4.37 16.85
N LEU B 4664 74.49 -5.58 16.70
CA LEU B 4664 73.36 -5.81 15.81
C LEU B 4664 72.10 -6.33 16.48
N LYS B 4665 72.21 -7.33 17.35
CA LYS B 4665 71.04 -7.97 17.94
C LYS B 4665 70.73 -7.50 19.34
N VAL B 4666 71.77 -7.15 20.10
CA VAL B 4666 71.57 -6.67 21.48
C VAL B 4666 70.67 -5.44 21.59
N PRO B 4667 70.80 -4.37 20.74
CA PRO B 4667 69.87 -3.23 20.88
C PRO B 4667 68.38 -3.57 20.80
N LEU B 4668 68.01 -4.56 19.97
CA LEU B 4668 66.62 -5.00 19.94
C LEU B 4668 66.21 -5.64 21.26
N VAL B 4669 67.10 -6.43 21.86
CA VAL B 4669 66.82 -7.10 23.13
C VAL B 4669 66.62 -6.06 24.23
N ILE B 4670 67.49 -5.05 24.26
CA ILE B 4670 67.38 -3.96 25.23
C ILE B 4670 66.11 -3.16 24.99
N PHE B 4671 65.76 -2.95 23.72
CA PHE B 4671 64.54 -2.23 23.36
C PHE B 4671 63.32 -2.96 23.89
N LYS B 4672 63.27 -4.28 23.70
CA LYS B 4672 62.15 -5.08 24.15
C LYS B 4672 62.04 -5.09 25.67
N ARG B 4673 63.19 -5.12 26.35
CA ARG B 4673 63.17 -5.12 27.82
C ARG B 4673 62.75 -3.77 28.37
N GLU B 4674 63.27 -2.67 27.81
CA GLU B 4674 62.83 -1.35 28.24
C GLU B 4674 61.35 -1.15 27.94
N LYS B 4675 60.89 -1.63 26.77
CA LYS B 4675 59.49 -1.44 26.39
C LYS B 4675 58.58 -2.14 27.38
N GLU B 4676 58.92 -3.41 27.72
CA GLU B 4676 58.10 -4.20 28.61
C GLU B 4676 58.10 -3.60 30.01
N LEU B 4677 59.25 -3.03 30.42
CA LEU B 4677 59.32 -2.37 31.72
C LEU B 4677 58.41 -1.15 31.72
N ALA B 4678 58.42 -0.40 30.62
CA ALA B 4678 57.60 0.82 30.54
C ALA B 4678 56.12 0.47 30.64
N ARG B 4679 55.71 -0.62 29.97
CA ARG B 4679 54.32 -1.06 30.07
C ARG B 4679 53.97 -1.47 31.49
N LYS B 4680 54.86 -2.22 32.14
CA LYS B 4680 54.60 -2.68 33.50
C LYS B 4680 54.54 -1.50 34.47
N LEU B 4681 55.44 -0.53 34.29
CA LEU B 4681 55.47 0.66 35.13
C LEU B 4681 54.22 1.52 34.97
N GLU B 4682 53.77 1.73 33.72
CA GLU B 4682 52.68 2.67 33.51
C GLU B 4682 51.31 2.02 33.57
N PHE B 4683 51.10 0.98 32.76
CA PHE B 4683 49.77 0.40 32.66
C PHE B 4683 49.51 -0.65 33.71
N ASP B 4684 50.54 -1.13 34.41
CA ASP B 4684 50.32 -2.06 35.50
C ASP B 4684 50.79 -1.57 36.86
N GLY B 4685 51.62 -0.53 36.92
CA GLY B 4685 52.17 -0.06 38.19
C GLY B 4685 52.92 -1.11 38.99
N LEU B 4686 53.76 -1.91 38.34
CA LEU B 4686 54.40 -3.05 38.99
C LEU B 4686 55.30 -2.62 40.16
N TYR B 4687 56.18 -1.65 39.93
CA TYR B 4687 57.10 -1.27 40.99
C TYR B 4687 56.47 -0.30 41.98
N ILE B 4688 55.51 0.49 41.50
CA ILE B 4688 54.81 1.45 42.35
C ILE B 4688 53.95 0.74 43.39
N THR B 4689 53.20 -0.28 42.98
CA THR B 4689 52.22 -0.87 43.90
C THR B 4689 52.49 -2.32 44.28
N GLU B 4690 52.34 -3.29 43.36
CA GLU B 4690 52.36 -4.70 43.73
C GLU B 4690 53.71 -5.17 44.28
N GLN B 4691 54.84 -4.84 43.59
CA GLN B 4691 56.22 -5.27 43.86
C GLN B 4691 56.41 -6.77 43.65
N PRO B 4692 57.27 -7.18 42.71
CA PRO B 4692 57.41 -8.61 42.37
C PRO B 4692 57.82 -9.48 43.54
N GLY B 4693 57.29 -10.70 43.55
CA GLY B 4693 57.45 -11.64 44.65
C GLY B 4693 58.78 -12.36 44.82
N ASP B 4694 59.90 -11.69 44.51
CA ASP B 4694 61.28 -12.19 44.60
C ASP B 4694 61.59 -13.50 43.85
N ASP B 4695 60.60 -14.13 43.21
CA ASP B 4695 60.82 -15.33 42.42
C ASP B 4695 61.05 -15.03 40.96
N ASP B 4696 60.95 -13.77 40.56
CA ASP B 4696 61.18 -13.33 39.19
C ASP B 4696 62.48 -12.55 39.18
N VAL B 4697 63.59 -13.26 38.93
CA VAL B 4697 64.96 -12.74 38.99
C VAL B 4697 65.08 -11.47 38.15
N LYS B 4698 64.43 -11.49 36.97
CA LYS B 4698 64.53 -10.40 36.01
C LYS B 4698 63.98 -9.12 36.63
N GLY B 4699 62.90 -9.23 37.42
CA GLY B 4699 62.26 -8.05 37.99
C GLY B 4699 63.22 -7.33 38.92
N GLN B 4700 63.90 -8.12 39.76
CA GLN B 4700 64.84 -7.56 40.73
C GLN B 4700 65.98 -6.89 39.98
N TRP B 4701 66.42 -7.53 38.87
CA TRP B 4701 67.48 -6.91 38.08
C TRP B 4701 67.00 -5.60 37.50
N ASP B 4702 65.74 -5.57 37.05
CA ASP B 4702 65.16 -4.37 36.45
C ASP B 4702 64.99 -3.25 37.46
N ARG B 4703 64.97 -3.58 38.76
CA ARG B 4703 64.76 -2.53 39.77
C ARG B 4703 65.84 -1.47 39.70
N LEU B 4704 67.07 -1.89 39.37
CA LEU B 4704 68.23 -1.01 39.33
C LEU B 4704 68.07 0.11 38.29
N VAL B 4705 67.57 -0.23 37.10
CA VAL B 4705 67.54 0.74 36.00
C VAL B 4705 66.49 1.83 36.21
N LEU B 4706 65.57 1.65 37.17
CA LEU B 4706 64.46 2.57 37.39
C LEU B 4706 64.94 3.99 37.69
N ASN B 4707 65.95 4.13 38.55
CA ASN B 4707 66.39 5.45 38.95
C ASN B 4707 67.40 6.07 37.99
N THR B 4708 67.94 5.29 37.05
CA THR B 4708 68.99 5.77 36.16
C THR B 4708 68.43 6.82 35.23
N PRO B 4709 69.14 7.96 35.04
CA PRO B 4709 68.72 9.01 34.09
C PRO B 4709 68.22 8.56 32.72
N SER B 4710 69.08 7.90 31.94
CA SER B 4710 68.71 7.52 30.58
C SER B 4710 68.02 6.15 30.55
N PHE B 4711 66.87 6.06 31.22
CA PHE B 4711 66.08 4.84 31.12
C PHE B 4711 65.51 4.58 29.72
N PRO B 4712 64.93 5.58 28.97
CA PRO B 4712 64.51 5.24 27.59
C PRO B 4712 65.61 5.50 26.57
N SER B 4713 66.68 4.69 26.65
CA SER B 4713 67.81 4.87 25.73
C SER B 4713 67.42 4.53 24.30
N ASN B 4714 66.74 3.41 24.09
CA ASN B 4714 66.39 3.01 22.73
C ASN B 4714 64.91 3.15 22.44
N TYR B 4715 64.06 2.90 23.43
CA TYR B 4715 62.62 2.98 23.27
C TYR B 4715 62.22 4.42 22.94
N TRP B 4716 61.28 4.59 22.01
CA TRP B 4716 60.87 5.92 21.56
C TRP B 4716 60.08 6.70 22.61
N ASP B 4717 59.49 6.05 23.59
CA ASP B 4717 58.65 6.72 24.58
C ASP B 4717 59.51 7.36 25.66
N LYS B 4718 59.93 8.59 25.42
CA LYS B 4718 60.75 9.34 26.36
C LYS B 4718 59.96 9.86 27.55
N PHE B 4719 58.64 9.81 27.51
CA PHE B 4719 57.78 10.36 28.53
C PHE B 4719 57.26 9.33 29.51
N VAL B 4720 57.94 8.18 29.62
CA VAL B 4720 57.48 7.12 30.53
C VAL B 4720 57.48 7.63 31.97
N LYS B 4721 58.53 8.37 32.34
CA LYS B 4721 58.66 8.91 33.69
C LYS B 4721 57.52 9.88 34.01
N ARG B 4722 57.24 10.79 33.07
CA ARG B 4722 56.18 11.77 33.24
C ARG B 4722 54.81 11.09 33.29
N LYS B 4723 54.60 10.10 32.42
CA LYS B 4723 53.31 9.40 32.36
C LYS B 4723 53.06 8.65 33.67
N VAL B 4724 54.11 7.98 34.20
CA VAL B 4724 53.98 7.24 35.45
C VAL B 4724 53.70 8.21 36.58
N LEU B 4725 54.40 9.36 36.57
CA LEU B 4725 54.25 10.36 37.63
C LEU B 4725 52.82 10.88 37.64
N ASP B 4726 52.27 11.17 36.46
CA ASP B 4726 50.93 11.68 36.35
C ASP B 4726 49.90 10.65 36.79
N LYS B 4727 50.06 9.40 36.34
CA LYS B 4727 49.11 8.34 36.63
C LYS B 4727 49.13 7.89 38.09
N HIS B 4728 50.31 7.77 38.71
CA HIS B 4728 50.39 7.18 40.04
C HIS B 4728 50.83 8.15 41.13
N GLY B 4729 51.27 9.36 40.79
CA GLY B 4729 51.61 10.39 41.78
C GLY B 4729 50.55 10.67 42.82
N ASP B 4730 49.28 10.44 42.49
CA ASP B 4730 48.17 10.75 43.37
C ASP B 4730 48.23 9.92 44.65
N ILE B 4731 48.51 8.62 44.51
CA ILE B 4731 48.52 7.71 45.64
C ILE B 4731 49.93 7.53 46.20
N PHE B 4732 50.90 7.24 45.33
CA PHE B 4732 52.27 6.99 45.79
C PHE B 4732 52.89 8.24 46.37
N GLY B 4733 52.67 9.39 45.74
CA GLY B 4733 53.31 10.63 46.19
C GLY B 4733 54.23 11.11 45.08
N ARG B 4734 54.11 12.39 44.74
CA ARG B 4734 54.90 12.97 43.65
C ARG B 4734 56.39 12.92 43.98
N GLU B 4735 56.72 13.24 45.23
CA GLU B 4735 58.11 13.20 45.70
C GLU B 4735 58.65 11.78 45.65
N ARG B 4736 57.84 10.79 46.05
CA ARG B 4736 58.27 9.40 46.04
C ARG B 4736 58.50 8.91 44.61
N ILE B 4737 57.59 9.26 43.69
CA ILE B 4737 57.72 8.80 42.31
C ILE B 4737 58.97 9.41 41.68
N ALA B 4738 59.19 10.71 41.92
CA ALA B 4738 60.36 11.40 41.40
C ALA B 4738 61.64 10.82 42.00
N GLU B 4739 61.57 10.43 43.27
CA GLU B 4739 62.71 9.80 43.94
C GLU B 4739 63.02 8.46 43.31
N LEU B 4740 62.00 7.62 43.15
CA LEU B 4740 62.17 6.26 42.64
C LEU B 4740 62.73 6.28 41.23
N LEU B 4741 62.20 7.15 40.38
CA LEU B 4741 62.60 7.18 38.98
C LEU B 4741 63.79 8.10 38.75
N GLY B 4742 64.21 8.84 39.77
CA GLY B 4742 65.34 9.73 39.70
C GLY B 4742 65.04 11.06 39.05
N MET B 4743 63.77 11.38 38.82
CA MET B 4743 63.41 12.64 38.18
C MET B 4743 63.59 13.80 39.14
N ASP B 4744 63.88 14.98 38.58
CA ASP B 4744 63.96 16.21 39.37
C ASP B 4744 62.57 16.84 39.38
N LEU B 4745 61.85 16.66 40.50
CA LEU B 4745 60.48 17.16 40.61
C LEU B 4745 60.44 18.68 40.54
N ALA B 4746 61.40 19.33 41.20
CA ALA B 4746 61.44 20.80 41.29
C ALA B 4746 61.60 21.45 39.92
N SER B 4747 62.38 20.83 39.04
CA SER B 4747 62.70 21.43 37.75
C SER B 4747 61.68 21.10 36.67
N LEU B 4748 60.62 20.38 37.00
CA LEU B 4748 59.61 19.95 36.03
C LEU B 4748 58.86 21.13 35.41
N ASP B 4772 76.77 7.29 32.44
CA ASP B 4772 75.83 6.54 33.28
C ASP B 4772 76.34 5.15 33.59
N VAL B 4773 77.24 5.09 34.58
CA VAL B 4773 77.95 3.85 34.93
C VAL B 4773 76.95 2.79 35.40
N LYS B 4774 76.00 3.21 36.26
CA LYS B 4774 75.06 2.30 36.86
C LYS B 4774 74.19 1.68 35.76
N TYR B 4775 73.80 2.53 34.79
CA TYR B 4775 72.97 2.10 33.67
C TYR B 4775 73.72 1.07 32.85
N GLN B 4776 75.01 1.34 32.61
CA GLN B 4776 75.85 0.45 31.80
C GLN B 4776 75.97 -0.90 32.48
N ILE B 4777 76.07 -0.89 33.82
CA ILE B 4777 76.13 -2.12 34.60
C ILE B 4777 74.86 -2.92 34.38
N TRP B 4778 73.71 -2.23 34.40
CA TRP B 4778 72.42 -2.91 34.25
C TRP B 4778 72.35 -3.55 32.86
N LYS B 4779 72.76 -2.77 31.84
CA LYS B 4779 72.68 -3.21 30.45
C LYS B 4779 73.56 -4.42 30.26
N PHE B 4780 74.77 -4.36 30.84
CA PHE B 4780 75.78 -5.39 30.70
C PHE B 4780 75.25 -6.68 31.29
N GLY B 4781 74.57 -6.56 32.45
CA GLY B 4781 73.98 -7.72 33.10
C GLY B 4781 72.94 -8.36 32.20
N VAL B 4782 72.13 -7.52 31.51
CA VAL B 4782 71.07 -8.04 30.64
C VAL B 4782 71.70 -8.82 29.49
N ILE B 4783 72.75 -8.25 28.89
CA ILE B 4783 73.44 -8.91 27.77
C ILE B 4783 74.05 -10.21 28.25
N PHE B 4784 74.67 -10.18 29.44
CA PHE B 4784 75.36 -11.34 29.97
C PHE B 4784 74.37 -12.47 30.22
N THR B 4785 73.17 -12.13 30.71
CA THR B 4785 72.15 -13.16 30.89
C THR B 4785 71.62 -13.69 29.57
N ASP B 4786 71.68 -12.92 28.47
CA ASP B 4786 71.10 -13.33 27.19
C ASP B 4786 71.70 -14.65 26.70
N ASN B 4787 70.86 -15.56 26.22
CA ASN B 4787 71.31 -16.89 25.80
C ASN B 4787 72.27 -16.85 24.60
N SER B 4788 71.93 -16.07 23.56
CA SER B 4788 72.73 -16.10 22.33
C SER B 4788 74.12 -15.55 22.59
N PHE B 4789 74.22 -14.49 23.41
CA PHE B 4789 75.51 -13.89 23.70
C PHE B 4789 76.39 -14.91 24.42
N LEU B 4790 75.75 -15.79 25.20
CA LEU B 4790 76.49 -16.78 25.97
C LEU B 4790 77.01 -17.86 25.05
N TYR B 4791 76.17 -18.29 24.09
CA TYR B 4791 76.63 -19.24 23.10
C TYR B 4791 77.79 -18.68 22.28
N LEU B 4792 77.72 -17.39 21.93
CA LEU B 4792 78.82 -16.74 21.21
C LEU B 4792 80.08 -16.69 22.08
N GLY B 4793 79.89 -16.43 23.37
CA GLY B 4793 80.99 -16.45 24.32
C GLY B 4793 81.61 -17.82 24.44
N TRP B 4794 80.77 -18.86 24.45
CA TRP B 4794 81.25 -20.23 24.54
C TRP B 4794 82.05 -20.59 23.29
N TYR B 4795 81.58 -20.13 22.12
CA TYR B 4795 82.30 -20.34 20.87
C TYR B 4795 83.67 -19.69 20.91
N MET B 4796 83.74 -18.45 21.38
CA MET B 4796 85.02 -17.76 21.44
C MET B 4796 85.91 -18.38 22.51
N VAL B 4797 85.34 -18.76 23.66
CA VAL B 4797 86.11 -19.29 24.78
C VAL B 4797 86.72 -20.63 24.39
N MET B 4798 85.95 -21.48 23.71
CA MET B 4798 86.47 -22.75 23.20
C MET B 4798 87.52 -22.52 22.13
N SER B 4799 87.32 -21.48 21.29
CA SER B 4799 88.32 -21.14 20.28
C SER B 4799 89.63 -20.71 20.94
N LEU B 4800 89.51 -19.98 22.05
CA LEU B 4800 90.69 -19.57 22.81
C LEU B 4800 91.40 -20.79 23.38
N LEU B 4801 90.63 -21.70 24.01
CA LEU B 4801 91.22 -22.87 24.66
C LEU B 4801 91.87 -23.79 23.64
N GLY B 4802 91.35 -23.79 22.40
CA GLY B 4802 91.86 -24.65 21.36
C GLY B 4802 93.30 -24.34 21.02
N HIS B 4803 93.74 -23.10 21.27
CA HIS B 4803 95.14 -22.76 21.08
C HIS B 4803 96.03 -23.57 22.01
N TYR B 4804 95.60 -23.70 23.28
CA TYR B 4804 96.26 -24.54 24.28
C TYR B 4804 96.23 -25.97 23.79
N ASN B 4805 95.08 -26.65 23.86
CA ASN B 4805 94.98 -28.01 23.34
C ASN B 4805 94.33 -27.94 21.96
N ASN B 4806 95.02 -28.44 20.93
CA ASN B 4806 94.54 -28.30 19.55
C ASN B 4806 93.18 -28.96 19.35
N PHE B 4807 92.98 -30.13 19.97
CA PHE B 4807 91.78 -30.93 19.77
C PHE B 4807 90.51 -30.21 20.23
N PHE B 4808 90.64 -29.23 21.13
CA PHE B 4808 89.48 -28.50 21.66
C PHE B 4808 88.72 -27.80 20.55
N PHE B 4809 89.42 -27.42 19.47
CA PHE B 4809 88.85 -26.69 18.34
C PHE B 4809 87.78 -27.49 17.61
N ALA B 4810 87.64 -28.77 17.91
CA ALA B 4810 86.73 -29.66 17.21
C ALA B 4810 85.38 -29.72 17.89
N ALA B 4811 85.18 -28.96 18.96
CA ALA B 4811 83.92 -28.98 19.67
C ALA B 4811 82.96 -27.94 19.10
N HIS B 4812 83.44 -27.18 18.13
CA HIS B 4812 82.70 -26.10 17.50
C HIS B 4812 81.81 -26.61 16.38
N LEU B 4813 81.93 -27.90 16.08
CA LEU B 4813 81.23 -28.51 14.95
C LEU B 4813 79.72 -28.55 15.15
N LEU B 4814 79.23 -28.45 16.38
CA LEU B 4814 77.79 -28.55 16.64
C LEU B 4814 77.10 -27.23 16.43
N ASP B 4815 77.81 -26.22 15.92
CA ASP B 4815 77.16 -24.99 15.50
C ASP B 4815 76.28 -25.19 14.28
N ILE B 4816 76.49 -26.28 13.52
CA ILE B 4816 75.65 -26.63 12.38
C ILE B 4816 74.19 -26.85 12.79
N ALA B 4817 73.96 -27.20 14.06
CA ALA B 4817 72.63 -27.35 14.64
C ALA B 4817 71.85 -26.05 14.60
N MET B 4818 72.52 -24.93 14.86
CA MET B 4818 71.87 -23.64 14.75
C MET B 4818 72.10 -23.03 13.39
N GLY B 4819 73.13 -23.50 12.68
CA GLY B 4819 73.50 -22.91 11.41
C GLY B 4819 72.51 -23.22 10.32
N VAL B 4820 72.09 -24.48 10.21
CA VAL B 4820 71.23 -24.88 9.10
C VAL B 4820 69.80 -25.04 9.60
N LYS B 4821 68.86 -24.41 8.90
CA LYS B 4821 67.46 -24.43 9.30
C LYS B 4821 66.87 -25.85 9.30
N THR B 4822 67.24 -26.66 8.29
CA THR B 4822 66.71 -28.02 8.19
C THR B 4822 67.17 -28.83 9.39
N LEU B 4823 68.44 -28.67 9.76
CA LEU B 4823 68.99 -29.45 10.85
C LEU B 4823 68.27 -29.06 12.11
N ARG B 4824 68.00 -27.75 12.25
CA ARG B 4824 67.38 -27.22 13.45
C ARG B 4824 66.00 -27.81 13.61
N THR B 4825 65.27 -27.97 12.48
CA THR B 4825 63.95 -28.57 12.49
C THR B 4825 64.01 -30.04 12.90
N ILE B 4826 65.02 -30.76 12.38
CA ILE B 4826 65.20 -32.16 12.72
C ILE B 4826 65.52 -32.31 14.20
N LEU B 4827 66.41 -31.46 14.73
CA LEU B 4827 66.72 -31.53 16.16
C LEU B 4827 65.55 -31.06 17.02
N SER B 4828 64.69 -30.18 16.48
CA SER B 4828 63.50 -29.80 17.22
C SER B 4828 62.56 -30.98 17.35
N SER B 4829 62.62 -31.90 16.38
CA SER B 4829 61.84 -33.13 16.50
C SER B 4829 62.38 -34.05 17.60
N VAL B 4830 63.58 -33.80 18.12
CA VAL B 4830 64.10 -34.55 19.24
C VAL B 4830 63.86 -33.81 20.55
N THR B 4831 64.07 -32.49 20.54
CA THR B 4831 63.88 -31.68 21.74
C THR B 4831 62.43 -31.37 22.05
N HIS B 4832 61.52 -31.61 21.11
CA HIS B 4832 60.10 -31.34 21.33
C HIS B 4832 59.52 -32.20 22.44
N ASN B 4833 59.87 -33.48 22.47
CA ASN B 4833 59.43 -34.39 23.52
C ASN B 4833 60.59 -34.82 24.42
N GLY B 4834 61.50 -33.89 24.69
CA GLY B 4834 62.67 -34.19 25.50
C GLY B 4834 62.34 -34.62 26.92
N LYS B 4835 61.35 -33.95 27.53
CA LYS B 4835 60.92 -34.28 28.89
C LYS B 4835 60.34 -35.70 28.93
N GLN B 4836 59.55 -36.06 27.92
CA GLN B 4836 59.02 -37.42 27.82
C GLN B 4836 60.14 -38.43 27.62
N LEU B 4837 61.18 -38.05 26.86
CA LEU B 4837 62.32 -38.93 26.66
C LEU B 4837 63.05 -39.17 27.99
N VAL B 4838 63.14 -38.12 28.81
CA VAL B 4838 63.75 -38.26 30.13
C VAL B 4838 62.90 -39.19 30.99
N MET B 4839 61.56 -39.06 30.92
CA MET B 4839 60.71 -39.89 31.76
C MET B 4839 60.80 -41.35 31.33
N THR B 4840 60.83 -41.63 30.02
CA THR B 4840 60.92 -43.04 29.64
C THR B 4840 62.31 -43.61 29.93
N VAL B 4841 63.37 -42.79 29.91
CA VAL B 4841 64.66 -43.28 30.39
C VAL B 4841 64.65 -43.48 31.91
N GLY B 4842 63.75 -42.81 32.62
CA GLY B 4842 63.60 -43.14 34.03
C GLY B 4842 62.78 -44.38 34.23
N LEU B 4843 61.95 -44.70 33.25
CA LEU B 4843 61.25 -45.98 33.27
C LEU B 4843 62.23 -47.11 33.00
N LEU B 4844 63.22 -46.85 32.13
CA LEU B 4844 64.28 -47.82 31.92
C LEU B 4844 65.08 -48.04 33.19
N ALA B 4845 65.39 -46.96 33.91
CA ALA B 4845 66.15 -47.03 35.15
C ALA B 4845 65.41 -47.83 36.23
N VAL B 4846 64.10 -47.60 36.34
CA VAL B 4846 63.27 -48.34 37.29
C VAL B 4846 63.11 -49.81 36.92
N VAL B 4847 62.80 -50.12 35.66
CA VAL B 4847 62.56 -51.53 35.35
C VAL B 4847 63.87 -52.32 35.31
N VAL B 4848 64.97 -51.72 34.83
CA VAL B 4848 66.27 -52.39 34.84
C VAL B 4848 66.67 -52.67 36.28
N TYR B 4849 66.36 -51.72 37.19
CA TYR B 4849 66.65 -51.93 38.60
C TYR B 4849 65.80 -53.05 39.19
N LEU B 4850 64.50 -53.07 38.86
CA LEU B 4850 63.60 -54.07 39.43
C LEU B 4850 64.00 -55.48 39.02
N TYR B 4851 64.43 -55.63 37.77
CA TYR B 4851 65.00 -56.90 37.32
C TYR B 4851 66.31 -57.20 38.04
N THR B 4852 67.14 -56.18 38.26
CA THR B 4852 68.42 -56.44 38.94
C THR B 4852 68.18 -57.00 40.34
N VAL B 4853 67.22 -56.41 41.08
CA VAL B 4853 66.84 -56.90 42.40
C VAL B 4853 66.31 -58.34 42.32
N VAL B 4854 65.57 -58.63 41.25
CA VAL B 4854 64.94 -59.93 41.10
C VAL B 4854 65.97 -61.00 40.80
N ALA B 4855 66.92 -60.70 39.93
CA ALA B 4855 67.98 -61.66 39.64
C ALA B 4855 68.94 -61.79 40.81
N PHE B 4856 69.24 -60.69 41.50
CA PHE B 4856 70.24 -60.68 42.57
C PHE B 4856 69.78 -61.60 43.69
N ASN B 4857 68.48 -61.58 43.99
CA ASN B 4857 67.95 -62.43 45.06
C ASN B 4857 68.00 -63.92 44.69
N PHE B 4858 67.77 -64.27 43.42
CA PHE B 4858 67.61 -65.67 43.05
C PHE B 4858 68.47 -66.22 41.93
N PHE B 4859 69.25 -65.41 41.22
CA PHE B 4859 69.93 -65.92 40.03
C PHE B 4859 71.41 -65.54 40.03
N ARG B 4860 72.04 -65.59 41.21
CA ARG B 4860 73.41 -65.14 41.38
C ARG B 4860 74.42 -65.99 40.61
N LYS B 4861 74.22 -67.31 40.59
CA LYS B 4861 75.19 -68.22 39.99
C LYS B 4861 75.35 -67.99 38.51
N PHE B 4862 74.24 -67.74 37.82
CA PHE B 4862 74.21 -67.69 36.36
C PHE B 4862 75.12 -66.61 35.79
N TYR B 4863 75.17 -65.45 36.43
CA TYR B 4863 75.91 -64.33 35.85
C TYR B 4863 77.40 -64.44 36.18
N ASN B 4864 78.03 -65.45 35.59
CA ASN B 4864 79.47 -65.64 35.72
C ASN B 4864 80.11 -65.26 34.39
N LYS B 4865 80.98 -64.27 34.40
CA LYS B 4865 81.54 -63.77 33.15
C LYS B 4865 82.96 -64.25 32.89
N SER B 4866 83.50 -65.11 33.74
CA SER B 4866 84.90 -65.54 33.59
C SER B 4866 84.94 -67.03 33.35
N GLU B 4867 85.62 -67.41 32.27
CA GLU B 4867 85.80 -68.82 31.93
C GLU B 4867 86.69 -69.53 32.96
N ASP B 4868 87.73 -68.84 33.43
CA ASP B 4868 88.71 -69.45 34.33
C ASP B 4868 88.10 -69.86 35.66
N GLU B 4869 88.28 -71.15 36.00
CA GLU B 4869 87.75 -71.71 37.24
C GLU B 4869 88.43 -71.14 38.47
N ASP B 4870 89.72 -70.83 38.39
CA ASP B 4870 90.46 -70.42 39.58
C ASP B 4870 90.06 -69.03 40.06
N GLU B 4871 89.75 -68.13 39.15
CA GLU B 4871 89.25 -66.80 39.51
C GLU B 4871 87.96 -66.49 38.76
N PRO B 4872 86.85 -67.12 39.12
CA PRO B 4872 85.61 -66.86 38.38
C PRO B 4872 85.09 -65.49 38.78
N ASP B 4873 84.45 -64.80 37.85
CA ASP B 4873 83.89 -63.51 38.15
C ASP B 4873 82.38 -63.57 38.10
N MET B 4874 81.76 -63.40 39.26
CA MET B 4874 80.31 -63.33 39.36
C MET B 4874 80.00 -61.84 39.41
N LYS B 4875 79.15 -61.37 38.52
CA LYS B 4875 78.91 -59.94 38.47
C LYS B 4875 77.54 -59.59 39.04
N CYS B 4876 76.96 -60.45 39.88
CA CYS B 4876 75.73 -60.11 40.55
C CYS B 4876 75.80 -60.02 42.07
N ASP B 4877 76.96 -60.32 42.69
CA ASP B 4877 77.01 -60.33 44.15
C ASP B 4877 76.79 -58.94 44.73
N ASP B 4878 77.38 -57.94 44.11
CA ASP B 4878 77.32 -56.57 44.59
C ASP B 4878 76.17 -55.91 43.82
N MET B 4879 75.29 -55.22 44.55
CA MET B 4879 74.10 -54.64 43.91
C MET B 4879 74.50 -53.61 42.87
N MET B 4880 75.53 -52.80 43.17
CA MET B 4880 75.98 -51.78 42.24
C MET B 4880 76.47 -52.41 40.94
N THR B 4881 77.18 -53.54 41.07
CA THR B 4881 77.72 -54.20 39.90
C THR B 4881 76.64 -54.89 39.10
N CYS B 4882 75.69 -55.58 39.75
CA CYS B 4882 74.61 -56.24 39.00
C CYS B 4882 73.75 -55.22 38.28
N TYR B 4883 73.44 -54.09 38.93
CA TYR B 4883 72.73 -53.01 38.27
C TYR B 4883 73.53 -52.49 37.08
N LEU B 4884 74.84 -52.25 37.31
CA LEU B 4884 75.71 -51.71 36.26
C LEU B 4884 75.81 -52.69 35.10
N PHE B 4885 75.85 -53.99 35.42
CA PHE B 4885 75.87 -55.04 34.41
C PHE B 4885 74.57 -55.04 33.64
N HIS B 4886 73.45 -54.87 34.33
CA HIS B 4886 72.16 -54.96 33.68
C HIS B 4886 72.00 -53.80 32.71
N MET B 4887 72.40 -52.62 33.16
CA MET B 4887 72.25 -51.42 32.35
C MET B 4887 73.25 -51.39 31.19
N TYR B 4888 74.52 -51.73 31.45
CA TYR B 4888 75.50 -51.75 30.37
C TYR B 4888 75.31 -52.89 29.37
N VAL B 4889 75.07 -54.14 29.78
CA VAL B 4889 75.04 -55.20 28.78
C VAL B 4889 73.66 -55.84 28.57
N GLY B 4890 72.68 -55.62 29.44
CA GLY B 4890 71.37 -56.15 29.16
C GLY B 4890 70.62 -55.36 28.12
N VAL B 4891 70.39 -54.07 28.40
CA VAL B 4891 69.66 -53.20 27.47
C VAL B 4891 70.43 -53.08 26.16
N ARG B 4892 71.75 -52.94 26.24
CA ARG B 4892 72.54 -52.72 25.03
C ARG B 4892 72.62 -53.97 24.15
N ALA B 4893 72.19 -55.12 24.64
CA ALA B 4893 72.18 -56.33 23.86
C ALA B 4893 70.93 -56.33 22.99
N GLY B 4894 70.96 -57.13 21.92
CA GLY B 4894 69.77 -57.22 21.12
C GLY B 4894 68.97 -58.45 21.40
N GLY B 4895 69.48 -59.33 22.26
CA GLY B 4895 68.78 -60.57 22.55
C GLY B 4895 68.46 -60.73 24.02
N GLY B 4896 68.50 -59.65 24.76
CA GLY B 4896 68.13 -59.68 26.16
C GLY B 4896 69.29 -60.13 27.01
N ILE B 4897 69.05 -60.15 28.31
CA ILE B 4897 70.09 -60.49 29.28
C ILE B 4897 70.46 -61.98 29.19
N GLY B 4898 69.47 -62.85 28.97
CA GLY B 4898 69.69 -64.29 29.02
C GLY B 4898 70.71 -64.80 28.01
N ASP B 4899 70.73 -64.22 26.80
CA ASP B 4899 71.75 -64.59 25.82
C ASP B 4899 73.13 -64.19 26.29
N GLU B 4900 73.23 -63.01 26.92
CA GLU B 4900 74.51 -62.53 27.44
C GLU B 4900 75.04 -63.42 28.55
N ILE B 4901 74.15 -63.90 29.41
CA ILE B 4901 74.55 -64.68 30.58
C ILE B 4901 74.50 -66.19 30.30
N GLU B 4902 74.50 -67.01 31.36
CA GLU B 4902 74.56 -68.46 31.26
C GLU B 4902 73.26 -69.10 30.80
N ASP B 4903 73.37 -70.38 30.43
CA ASP B 4903 72.26 -71.16 29.92
C ASP B 4903 71.26 -71.46 31.04
N PRO B 4904 69.95 -71.38 30.77
CA PRO B 4904 68.96 -71.74 31.80
C PRO B 4904 68.61 -73.21 31.92
N ALA B 4905 69.00 -74.07 30.99
CA ALA B 4905 68.56 -75.46 31.04
C ALA B 4905 69.27 -76.22 32.15
N GLY B 4906 68.72 -77.39 32.49
CA GLY B 4906 69.30 -78.27 33.49
C GLY B 4906 69.41 -77.70 34.89
N ASP B 4907 68.37 -77.04 35.38
CA ASP B 4907 68.37 -76.53 36.74
C ASP B 4907 66.94 -76.63 37.29
N GLU B 4908 66.80 -76.57 38.63
CA GLU B 4908 65.49 -76.59 39.27
C GLU B 4908 64.66 -75.35 38.94
N TYR B 4909 65.27 -74.16 39.00
CA TYR B 4909 64.52 -72.92 38.82
C TYR B 4909 64.01 -72.77 37.39
N GLU B 4910 64.84 -73.16 36.41
CA GLU B 4910 64.70 -73.11 34.95
C GLU B 4910 63.53 -72.30 34.40
N LEU B 4911 62.31 -72.80 34.64
CA LEU B 4911 61.12 -72.14 34.09
C LEU B 4911 61.04 -70.69 34.57
N TYR B 4912 61.44 -70.47 35.84
CA TYR B 4912 61.41 -69.14 36.42
C TYR B 4912 62.33 -68.22 35.62
N ARG B 4913 63.51 -68.75 35.28
CA ARG B 4913 64.49 -67.95 34.57
C ARG B 4913 64.08 -67.68 33.13
N VAL B 4914 63.49 -68.66 32.41
CA VAL B 4914 63.04 -68.36 31.05
C VAL B 4914 61.98 -67.27 31.07
N VAL B 4915 61.05 -67.31 32.04
CA VAL B 4915 60.05 -66.25 32.16
C VAL B 4915 60.73 -64.91 32.44
N PHE B 4916 61.81 -64.95 33.21
CA PHE B 4916 62.64 -63.78 33.51
C PHE B 4916 63.27 -63.18 32.25
N ASP B 4917 63.85 -64.01 31.38
CA ASP B 4917 64.43 -63.47 30.15
C ASP B 4917 63.36 -63.01 29.16
N ILE B 4918 62.29 -63.80 28.93
CA ILE B 4918 61.31 -63.40 27.91
C ILE B 4918 60.66 -62.07 28.30
N THR B 4919 60.45 -61.86 29.61
CA THR B 4919 59.91 -60.57 30.06
C THR B 4919 60.90 -59.47 29.73
N PHE B 4920 62.20 -59.74 29.91
CA PHE B 4920 63.21 -58.71 29.69
C PHE B 4920 63.32 -58.40 28.21
N PHE B 4921 63.05 -59.40 27.38
CA PHE B 4921 63.01 -59.21 25.94
C PHE B 4921 61.85 -58.30 25.56
N PHE B 4922 60.67 -58.55 26.11
CA PHE B 4922 59.52 -57.78 25.64
C PHE B 4922 59.47 -56.42 26.31
N PHE B 4923 59.31 -56.43 27.63
CA PHE B 4923 59.06 -55.23 28.43
C PHE B 4923 60.25 -54.28 28.44
N VAL B 4924 61.47 -54.80 28.51
CA VAL B 4924 62.65 -53.97 28.67
C VAL B 4924 63.46 -53.84 27.39
N ILE B 4925 63.09 -54.51 26.32
CA ILE B 4925 63.81 -54.30 25.07
C ILE B 4925 62.81 -53.85 24.01
N VAL B 4926 61.85 -54.72 23.68
CA VAL B 4926 60.92 -54.45 22.59
C VAL B 4926 60.05 -53.23 22.91
N ILE B 4927 59.44 -53.19 24.09
CA ILE B 4927 58.50 -52.11 24.39
C ILE B 4927 59.25 -50.80 24.64
N LEU B 4928 60.35 -50.85 25.38
CA LEU B 4928 60.97 -49.61 25.84
C LEU B 4928 61.93 -49.00 24.82
N LEU B 4929 62.10 -49.64 23.67
CA LEU B 4929 62.84 -49.02 22.57
C LEU B 4929 61.91 -48.73 21.40
N ALA B 4930 60.61 -48.76 21.67
CA ALA B 4930 59.56 -48.46 20.74
C ALA B 4930 58.84 -47.19 21.11
N ILE B 4931 58.86 -46.85 22.41
CA ILE B 4931 58.30 -45.60 22.90
C ILE B 4931 59.14 -44.42 22.43
N ILE B 4932 60.46 -44.61 22.36
CA ILE B 4932 61.36 -43.60 21.81
C ILE B 4932 61.09 -43.36 20.32
N GLN B 4933 60.84 -44.44 19.58
CA GLN B 4933 60.49 -44.32 18.17
C GLN B 4933 59.12 -43.66 18.01
N GLY B 4934 58.20 -43.98 18.91
CA GLY B 4934 56.89 -43.34 18.88
C GLY B 4934 57.00 -41.86 19.14
N LEU B 4935 57.81 -41.47 20.13
CA LEU B 4935 57.94 -40.07 20.51
C LEU B 4935 58.53 -39.24 19.37
N ILE B 4936 59.54 -39.78 18.68
CA ILE B 4936 60.11 -39.11 17.50
C ILE B 4936 59.09 -39.00 16.37
N ILE B 4937 58.41 -40.12 16.05
CA ILE B 4937 57.44 -40.15 14.95
C ILE B 4937 56.29 -39.21 15.25
N ASP B 4938 55.86 -39.17 16.51
CA ASP B 4938 54.85 -38.23 16.97
C ASP B 4938 55.33 -36.80 16.81
N ALA B 4939 56.62 -36.54 17.09
CA ALA B 4939 57.16 -35.19 17.01
C ALA B 4939 57.08 -34.66 15.58
N PHE B 4940 57.43 -35.51 14.60
CA PHE B 4940 57.43 -35.07 13.20
C PHE B 4940 56.02 -34.71 12.78
N GLY B 4941 55.04 -35.46 13.29
CA GLY B 4941 53.65 -35.17 13.01
C GLY B 4941 53.26 -33.85 13.62
N GLU B 4942 53.68 -33.60 14.86
CA GLU B 4942 53.29 -32.38 15.55
C GLU B 4942 53.84 -31.14 14.88
N LEU B 4943 55.08 -31.21 14.42
CA LEU B 4943 55.68 -30.06 13.75
C LEU B 4943 54.98 -29.84 12.41
N ARG B 4944 54.65 -30.96 11.73
CA ARG B 4944 53.92 -30.90 10.48
C ARG B 4944 52.53 -30.31 10.68
N ASP B 4945 51.84 -30.77 11.74
CA ASP B 4945 50.47 -30.35 11.98
C ASP B 4945 50.43 -28.87 12.24
N GLN B 4946 51.44 -28.39 12.99
CA GLN B 4946 51.51 -26.98 13.34
C GLN B 4946 51.62 -26.13 12.08
N GLN B 4947 52.52 -26.54 11.16
CA GLN B 4947 52.68 -25.79 9.91
C GLN B 4947 51.44 -25.89 9.01
N GLU B 4948 50.83 -27.08 8.96
CA GLU B 4948 49.61 -27.26 8.18
C GLU B 4948 48.46 -26.43 8.72
N GLN B 4949 48.30 -26.39 10.05
CA GLN B 4949 47.24 -25.58 10.65
C GLN B 4949 47.47 -24.11 10.36
N VAL B 4950 48.74 -23.67 10.40
CA VAL B 4950 49.09 -22.29 10.13
C VAL B 4950 48.70 -21.93 8.71
N LYS B 4951 49.02 -22.84 7.77
CA LYS B 4951 48.76 -22.61 6.35
C LYS B 4951 47.28 -22.54 6.09
N GLU B 4952 46.53 -23.55 6.58
CA GLU B 4952 45.10 -23.63 6.34
C GLU B 4952 44.37 -22.43 6.94
N ASP B 4953 44.77 -22.01 8.15
CA ASP B 4953 44.09 -20.89 8.81
C ASP B 4953 44.32 -19.60 8.04
N MET B 4954 45.56 -19.39 7.55
CA MET B 4954 45.82 -18.21 6.74
C MET B 4954 45.04 -18.24 5.44
N GLU B 4955 44.97 -19.42 4.79
CA GLU B 4955 44.28 -19.51 3.50
C GLU B 4955 42.78 -19.28 3.67
N THR B 4956 42.19 -19.78 4.74
CA THR B 4956 40.73 -19.72 4.86
C THR B 4956 40.25 -18.52 5.67
N LYS B 4957 41.14 -17.73 6.25
CA LYS B 4957 40.69 -16.64 7.10
C LYS B 4957 41.56 -15.42 6.89
N CYS B 4958 40.97 -14.26 7.14
CA CYS B 4958 41.73 -13.02 7.08
C CYS B 4958 42.33 -12.81 8.46
N PHE B 4959 43.65 -12.58 8.49
CA PHE B 4959 44.37 -12.52 9.77
C PHE B 4959 43.91 -11.34 10.61
N ILE B 4960 43.83 -10.15 10.01
CA ILE B 4960 43.51 -8.96 10.78
C ILE B 4960 42.05 -8.97 11.25
N CYS B 4961 41.12 -9.35 10.37
CA CYS B 4961 39.72 -9.22 10.76
C CYS B 4961 39.15 -10.49 11.37
N GLY B 4962 39.46 -11.66 10.81
CA GLY B 4962 38.91 -12.91 11.29
C GLY B 4962 37.72 -13.45 10.51
N ILE B 4963 37.18 -12.68 9.57
CA ILE B 4963 36.08 -13.13 8.72
C ILE B 4963 36.58 -14.25 7.82
N GLY B 4964 35.69 -15.13 7.38
CA GLY B 4964 36.09 -16.29 6.63
C GLY B 4964 36.37 -15.94 5.18
N SER B 4965 36.89 -16.94 4.47
CA SER B 4965 37.20 -16.78 3.06
C SER B 4965 35.97 -16.60 2.18
N ASP B 4966 34.83 -17.20 2.55
CA ASP B 4966 33.64 -17.24 1.69
C ASP B 4966 33.11 -15.85 1.35
N TYR B 4967 32.99 -14.97 2.37
CA TYR B 4967 32.45 -13.64 2.15
C TYR B 4967 33.29 -12.86 1.15
N PHE B 4968 34.61 -12.92 1.31
CA PHE B 4968 35.44 -12.18 0.40
C PHE B 4968 35.41 -12.84 -0.96
N ASP B 4969 35.30 -14.18 -0.96
CA ASP B 4969 35.39 -15.01 -2.15
C ASP B 4969 34.17 -14.92 -3.04
N THR B 4970 33.09 -14.26 -2.59
CA THR B 4970 31.88 -14.20 -3.41
C THR B 4970 32.19 -13.54 -4.76
N THR B 4971 32.97 -12.47 -4.73
CA THR B 4971 33.49 -11.82 -5.93
C THR B 4971 34.71 -12.62 -6.41
N PRO B 4972 35.06 -12.56 -7.70
CA PRO B 4972 36.27 -13.26 -8.16
C PRO B 4972 37.55 -12.70 -7.52
N HIS B 4973 38.41 -13.61 -7.04
CA HIS B 4973 39.69 -13.32 -6.36
C HIS B 4973 39.50 -12.37 -5.18
N GLY B 4974 38.36 -12.53 -4.50
CA GLY B 4974 38.00 -11.62 -3.42
C GLY B 4974 38.92 -11.74 -2.23
N PHE B 4975 39.23 -12.98 -1.83
CA PHE B 4975 40.05 -13.19 -0.65
C PHE B 4975 41.42 -12.57 -0.89
N GLU B 4976 41.94 -12.73 -2.11
CA GLU B 4976 43.26 -12.23 -2.45
C GLU B 4976 43.26 -10.71 -2.31
N THR B 4977 42.17 -10.08 -2.80
CA THR B 4977 42.09 -8.62 -2.73
C THR B 4977 42.01 -8.17 -1.28
N HIS B 4978 41.22 -8.88 -0.46
CA HIS B 4978 41.06 -8.47 0.93
C HIS B 4978 42.38 -8.60 1.68
N THR B 4979 43.11 -9.69 1.45
CA THR B 4979 44.34 -9.93 2.17
C THR B 4979 45.54 -9.32 1.48
N LEU B 4980 45.31 -8.44 0.49
CA LEU B 4980 46.41 -7.74 -0.14
C LEU B 4980 46.07 -6.31 -0.47
N GLU B 4981 44.95 -5.78 0.01
CA GLU B 4981 44.65 -4.37 -0.14
C GLU B 4981 44.00 -3.76 1.09
N GLU B 4982 42.78 -4.20 1.39
CA GLU B 4982 41.98 -3.61 2.47
C GLU B 4982 42.55 -3.90 3.86
N HIS B 4983 42.97 -5.14 4.12
CA HIS B 4983 43.35 -5.47 5.49
C HIS B 4983 44.75 -6.05 5.59
N ASN B 4984 45.67 -5.63 4.73
CA ASN B 4984 47.00 -6.24 4.69
C ASN B 4984 47.77 -5.95 5.98
N LEU B 4985 48.44 -7.00 6.49
CA LEU B 4985 49.17 -6.90 7.74
C LEU B 4985 50.32 -5.91 7.58
N ALA B 4986 50.97 -5.97 6.41
CA ALA B 4986 52.12 -5.11 6.17
C ALA B 4986 51.65 -3.67 6.18
N ASN B 4987 50.46 -3.41 5.59
CA ASN B 4987 49.93 -2.06 5.51
C ASN B 4987 49.70 -1.50 6.90
N TYR B 4988 49.23 -2.36 7.83
CA TYR B 4988 49.09 -1.90 9.22
C TYR B 4988 50.45 -1.54 9.80
N MET B 4989 51.49 -2.36 9.52
CA MET B 4989 52.79 -2.05 10.11
C MET B 4989 53.28 -0.71 9.56
N PHE B 4990 53.07 -0.46 8.24
CA PHE B 4990 53.54 0.78 7.64
C PHE B 4990 52.80 1.95 8.26
N PHE B 4991 51.53 1.74 8.62
CA PHE B 4991 50.76 2.80 9.28
C PHE B 4991 51.39 3.15 10.61
N LEU B 4992 51.67 2.13 11.44
CA LEU B 4992 52.20 2.42 12.77
C LEU B 4992 53.60 3.03 12.66
N MET B 4993 54.33 2.65 11.60
CA MET B 4993 55.61 3.28 11.30
C MET B 4993 55.41 4.75 10.97
N TYR B 4994 54.38 5.04 10.16
CA TYR B 4994 54.09 6.39 9.71
C TYR B 4994 53.75 7.27 10.90
N LEU B 4995 52.91 6.74 11.79
CA LEU B 4995 52.46 7.49 12.96
C LEU B 4995 53.61 7.79 13.90
N ILE B 4996 54.52 6.81 14.09
CA ILE B 4996 55.69 7.05 14.92
C ILE B 4996 56.62 8.07 14.28
N ASN B 4997 56.86 7.96 12.97
CA ASN B 4997 57.81 8.85 12.31
C ASN B 4997 57.27 10.28 12.22
N LYS B 4998 56.01 10.42 11.81
CA LYS B 4998 55.43 11.74 11.60
C LYS B 4998 55.36 12.55 12.89
N ASP B 4999 55.74 13.82 12.79
CA ASP B 4999 55.74 14.72 13.93
C ASP B 4999 54.33 14.97 14.43
N GLU B 5000 54.17 14.94 15.76
CA GLU B 5000 52.90 15.31 16.37
C GLU B 5000 52.62 16.78 16.08
N THR B 5001 51.32 17.14 16.00
CA THR B 5001 50.66 18.41 15.66
C THR B 5001 50.47 18.56 14.16
N GLU B 5002 50.99 17.62 13.36
CA GLU B 5002 50.72 17.57 11.93
C GLU B 5002 49.83 16.40 11.62
N HIS B 5003 49.46 15.63 12.65
CA HIS B 5003 48.63 14.45 12.52
C HIS B 5003 47.23 14.87 12.14
N THR B 5004 46.63 14.15 11.19
CA THR B 5004 45.24 14.42 10.86
C THR B 5004 44.38 13.79 11.94
N GLY B 5005 43.06 14.08 11.91
CA GLY B 5005 42.18 13.66 13.00
C GLY B 5005 42.15 12.16 13.20
N GLN B 5006 42.09 11.40 12.09
CA GLN B 5006 42.06 9.95 12.19
C GLN B 5006 43.39 9.46 12.77
N GLU B 5007 44.49 10.10 12.34
CA GLU B 5007 45.82 9.73 12.81
C GLU B 5007 45.97 10.00 14.29
N SER B 5008 45.41 11.12 14.75
CA SER B 5008 45.40 11.45 16.18
C SER B 5008 44.64 10.39 16.95
N TYR B 5009 43.51 9.95 16.40
CA TYR B 5009 42.65 8.98 17.08
C TYR B 5009 43.40 7.67 17.29
N VAL B 5010 44.07 7.20 16.22
CA VAL B 5010 44.88 5.99 16.29
C VAL B 5010 46.07 6.20 17.23
N TRP B 5011 46.69 7.39 17.16
CA TRP B 5011 47.87 7.67 17.98
C TRP B 5011 47.48 7.58 19.45
N LYS B 5012 46.32 8.16 19.80
CA LYS B 5012 45.87 8.18 21.18
C LYS B 5012 45.64 6.75 21.65
N MET B 5013 45.02 5.92 20.79
CA MET B 5013 44.74 4.53 21.19
C MET B 5013 46.05 3.80 21.39
N TYR B 5014 47.03 4.06 20.53
CA TYR B 5014 48.31 3.36 20.63
C TYR B 5014 48.98 3.72 21.94
N GLN B 5015 49.00 5.03 22.24
CA GLN B 5015 49.65 5.53 23.45
C GLN B 5015 48.97 5.00 24.71
N GLU B 5016 47.69 4.63 24.61
CA GLU B 5016 46.94 4.17 25.77
C GLU B 5016 46.61 2.67 25.69
N ARG B 5017 47.19 1.96 24.72
CA ARG B 5017 47.07 0.51 24.54
C ARG B 5017 45.62 0.02 24.48
N CYS B 5018 44.83 0.64 23.60
CA CYS B 5018 43.49 0.16 23.31
C CYS B 5018 43.44 -0.31 21.86
N TRP B 5019 43.08 -1.57 21.66
CA TRP B 5019 43.11 -2.19 20.34
C TRP B 5019 41.73 -2.25 19.71
N ASP B 5020 40.84 -1.34 20.12
CA ASP B 5020 39.49 -1.28 19.55
C ASP B 5020 39.49 -0.92 18.07
N PHE B 5021 40.41 -0.05 17.64
CA PHE B 5021 40.43 0.46 16.27
C PHE B 5021 40.51 -0.66 15.23
N PHE B 5022 41.27 -1.73 15.51
CA PHE B 5022 41.46 -2.81 14.54
C PHE B 5022 40.12 -3.46 14.21
N PRO B 5023 39.81 -3.66 12.92
CA PRO B 5023 38.49 -4.22 12.54
C PRO B 5023 38.38 -5.67 12.99
N ALA B 5024 37.44 -5.94 13.89
CA ALA B 5024 37.19 -7.31 14.32
C ALA B 5024 35.77 -7.68 13.94
N GLY B 5025 35.62 -8.77 13.20
CA GLY B 5025 34.30 -9.21 12.80
C GLY B 5025 33.64 -8.35 11.75
N ASP B 5026 34.36 -7.45 11.10
CA ASP B 5026 33.74 -6.52 10.16
C ASP B 5026 34.75 -6.05 9.14
N CYS B 5027 34.24 -5.51 8.05
CA CYS B 5027 35.04 -4.98 6.97
C CYS B 5027 34.17 -3.99 6.21
N PHE B 5028 34.83 -3.19 5.37
CA PHE B 5028 34.16 -2.14 4.62
C PHE B 5028 33.08 -2.72 3.69
N ARG B 5029 33.40 -3.86 3.05
CA ARG B 5029 32.49 -4.48 2.09
C ARG B 5029 31.21 -4.94 2.77
N LYS B 5030 31.38 -5.60 3.93
CA LYS B 5030 30.24 -6.06 4.72
C LYS B 5030 29.43 -4.88 5.21
N GLN B 5031 30.12 -3.81 5.61
CA GLN B 5031 29.44 -2.64 6.16
C GLN B 5031 28.55 -2.02 5.10
N TYR B 5032 29.04 -1.93 3.87
CA TYR B 5032 28.30 -1.22 2.84
C TYR B 5032 27.87 -2.14 1.69
N GLU B 5033 27.40 -3.35 2.01
CA GLU B 5033 26.92 -4.30 0.98
C GLU B 5033 25.79 -3.71 0.15
N ASP B 5034 24.94 -2.90 0.80
CA ASP B 5034 23.76 -2.30 0.16
C ASP B 5034 24.13 -1.42 -1.01
N GLN B 5035 25.16 -0.58 -0.86
CA GLN B 5035 25.51 0.39 -1.88
C GLN B 5035 26.66 -0.03 -2.77
N LEU B 5036 27.64 -0.79 -2.24
CA LEU B 5036 28.81 -1.17 -3.03
C LEU B 5036 28.42 -2.03 -4.22
N SER B 5037 27.47 -2.95 -4.02
CA SER B 5037 26.93 -3.84 -5.05
C SER B 5037 26.45 -3.13 -6.31
N VAL C 11 17.92 23.91 -8.51
CA VAL C 11 19.24 24.13 -9.09
C VAL C 11 19.00 24.63 -10.52
N GLN C 12 19.12 23.74 -11.50
CA GLN C 12 19.03 24.02 -12.93
C GLN C 12 19.90 25.20 -13.34
N PHE C 13 21.19 24.96 -13.22
CA PHE C 13 22.20 25.93 -13.61
C PHE C 13 22.22 26.10 -15.13
N LEU C 14 22.60 27.28 -15.57
CA LEU C 14 22.72 27.53 -16.99
C LEU C 14 24.15 27.30 -17.47
N ARG C 15 24.27 27.01 -18.76
CA ARG C 15 25.52 26.53 -19.33
C ARG C 15 25.59 27.00 -20.78
N THR C 16 26.72 26.73 -21.43
CA THR C 16 26.86 27.01 -22.85
C THR C 16 25.91 26.12 -23.65
N ASP C 17 25.48 26.64 -24.80
CA ASP C 17 24.62 26.03 -25.82
C ASP C 17 23.18 25.84 -25.37
N ASP C 18 22.83 26.21 -24.14
CA ASP C 18 21.45 26.14 -23.71
C ASP C 18 20.59 27.14 -24.47
N GLU C 19 19.34 26.77 -24.70
CA GLU C 19 18.39 27.65 -25.36
C GLU C 19 17.49 28.33 -24.32
N VAL C 20 17.44 29.66 -24.36
CA VAL C 20 16.76 30.47 -23.36
C VAL C 20 15.92 31.52 -24.06
N VAL C 21 15.14 32.25 -23.27
CA VAL C 21 14.48 33.48 -23.72
C VAL C 21 14.66 34.52 -22.64
N LEU C 22 14.45 35.77 -23.01
CA LEU C 22 14.55 36.88 -22.07
C LEU C 22 13.15 37.40 -21.79
N GLN C 23 12.98 38.04 -20.63
CA GLN C 23 11.63 38.28 -20.13
C GLN C 23 11.63 39.39 -19.09
N CYS C 24 10.83 40.43 -19.33
CA CYS C 24 10.62 41.48 -18.35
C CYS C 24 9.35 41.22 -17.55
N SER C 25 8.89 42.23 -16.81
CA SER C 25 7.56 42.21 -16.18
C SER C 25 7.05 43.65 -16.20
N ALA C 26 6.28 43.99 -17.23
CA ALA C 26 5.78 45.35 -17.31
C ALA C 26 4.52 45.50 -16.46
N THR C 27 4.10 46.76 -16.28
CA THR C 27 2.85 47.03 -15.56
C THR C 27 2.22 48.28 -16.16
N VAL C 28 1.31 48.05 -17.10
CA VAL C 28 0.49 49.10 -17.72
C VAL C 28 -0.94 48.83 -17.29
N LEU C 29 -1.69 49.93 -17.12
CA LEU C 29 -3.09 49.96 -16.65
C LEU C 29 -3.28 49.24 -15.31
N LYS C 30 -2.18 49.15 -14.54
CA LYS C 30 -2.09 48.50 -13.24
C LYS C 30 -2.31 46.99 -13.39
N GLU C 31 -1.48 46.33 -14.20
CA GLU C 31 -1.48 44.86 -14.17
C GLU C 31 -0.14 44.35 -14.65
N GLN C 32 0.33 43.27 -14.02
CA GLN C 32 1.61 42.63 -14.30
C GLN C 32 1.53 41.87 -15.61
N LEU C 33 1.78 42.57 -16.71
CA LEU C 33 1.78 41.90 -18.01
C LEU C 33 3.19 41.48 -18.37
N LYS C 34 3.33 40.22 -18.76
CA LYS C 34 4.61 39.65 -19.04
C LYS C 34 5.05 40.05 -20.45
N LEU C 35 6.36 40.14 -20.67
CA LEU C 35 6.87 40.44 -22.01
C LEU C 35 8.15 39.67 -22.28
N CYS C 36 8.43 39.48 -23.57
CA CYS C 36 9.65 38.80 -24.00
C CYS C 36 10.20 39.45 -25.26
N LEU C 37 11.50 39.33 -25.46
CA LEU C 37 12.15 39.90 -26.64
C LEU C 37 11.69 39.18 -27.90
N ALA C 38 11.61 39.94 -29.00
CA ALA C 38 11.21 39.36 -30.27
C ALA C 38 11.75 40.23 -31.38
N ALA C 39 12.19 39.59 -32.47
CA ALA C 39 12.74 40.30 -33.62
C ALA C 39 12.76 39.37 -34.82
N GLU C 40 12.15 39.81 -35.92
CA GLU C 40 12.13 39.02 -37.14
C GLU C 40 13.53 38.86 -37.72
N GLY C 41 14.33 39.93 -37.64
CA GLY C 41 15.70 39.89 -38.13
C GLY C 41 15.80 40.25 -39.59
N PHE C 42 15.44 39.31 -40.47
CA PHE C 42 15.50 39.53 -41.91
C PHE C 42 14.53 40.62 -42.32
N GLY C 43 15.06 41.74 -42.81
CA GLY C 43 14.25 42.86 -43.22
C GLY C 43 14.01 43.89 -42.14
N ASN C 44 14.24 43.54 -40.88
CA ASN C 44 14.14 44.49 -39.78
C ASN C 44 15.06 44.00 -38.67
N ARG C 45 16.26 44.59 -38.60
CA ARG C 45 17.21 44.19 -37.58
C ARG C 45 16.83 44.66 -36.19
N LEU C 46 16.01 45.71 -36.10
CA LEU C 46 15.59 46.24 -34.81
C LEU C 46 14.70 45.24 -34.08
N CYS C 47 14.72 45.33 -32.75
CA CYS C 47 13.97 44.43 -31.89
C CYS C 47 12.66 45.07 -31.45
N PHE C 48 11.87 44.29 -30.72
CA PHE C 48 10.63 44.75 -30.09
C PHE C 48 10.25 43.74 -29.02
N LEU C 49 9.09 43.97 -28.42
CA LEU C 49 8.63 43.16 -27.29
C LEU C 49 7.30 42.49 -27.62
N GLU C 50 7.25 41.19 -27.39
CA GLU C 50 6.07 40.39 -27.64
C GLU C 50 5.37 40.11 -26.32
N PRO C 51 4.14 40.60 -26.14
CA PRO C 51 3.40 40.33 -24.91
C PRO C 51 3.17 38.83 -24.74
N THR C 52 3.28 38.36 -23.51
CA THR C 52 3.08 36.93 -23.29
C THR C 52 2.30 36.62 -22.02
N SER C 53 1.70 37.61 -21.37
CA SER C 53 0.86 37.34 -20.20
C SER C 53 -0.45 36.67 -20.61
N ASN C 54 -1.10 37.18 -21.65
CA ASN C 54 -2.36 36.63 -22.15
C ASN C 54 -2.09 35.37 -22.99
N ALA C 55 -1.48 34.38 -22.35
CA ALA C 55 -0.94 33.18 -22.98
C ALA C 55 -1.99 32.17 -23.40
N GLN C 56 -3.28 32.47 -23.22
CA GLN C 56 -4.33 31.51 -23.58
C GLN C 56 -5.30 32.07 -24.60
N ASN C 57 -5.77 33.31 -24.41
CA ASN C 57 -6.68 33.92 -25.37
C ASN C 57 -6.03 34.11 -26.73
N VAL C 58 -4.77 34.53 -26.76
CA VAL C 58 -3.96 34.57 -27.97
C VAL C 58 -2.59 33.94 -27.69
N PRO C 59 -2.24 32.85 -28.37
CA PRO C 59 -0.94 32.22 -28.13
C PRO C 59 0.19 33.12 -28.58
N PRO C 60 1.38 32.99 -27.96
CA PRO C 60 2.50 33.87 -28.35
C PRO C 60 3.14 33.49 -29.67
N ASP C 61 4.28 34.08 -29.99
CA ASP C 61 5.06 33.74 -31.19
C ASP C 61 6.47 33.37 -30.77
N LEU C 62 6.72 32.07 -30.58
CA LEU C 62 8.05 31.60 -30.20
C LEU C 62 8.98 31.42 -31.39
N ALA C 63 8.55 31.78 -32.60
CA ALA C 63 9.42 31.63 -33.76
C ALA C 63 10.58 32.64 -33.73
N ILE C 64 10.39 33.77 -33.07
CA ILE C 64 11.35 34.87 -33.12
C ILE C 64 11.89 35.25 -31.75
N CYS C 65 11.40 34.62 -30.68
CA CYS C 65 11.84 34.95 -29.32
C CYS C 65 13.02 34.13 -28.86
N CYS C 66 13.41 33.11 -29.63
CA CYS C 66 14.44 32.17 -29.22
C CYS C 66 15.82 32.85 -29.14
N PHE C 67 16.67 32.32 -28.25
CA PHE C 67 18.01 32.85 -28.05
C PHE C 67 18.90 31.79 -27.41
N THR C 68 20.13 31.66 -27.91
CA THR C 68 21.03 30.62 -27.46
C THR C 68 22.28 31.25 -26.84
N LEU C 69 22.92 30.51 -25.94
CA LEU C 69 24.04 30.97 -25.13
C LEU C 69 25.24 30.12 -25.54
N GLU C 70 25.96 30.56 -26.56
CA GLU C 70 27.02 29.73 -27.13
C GLU C 70 28.41 30.00 -26.57
N GLN C 71 28.75 31.23 -26.25
CA GLN C 71 30.04 31.55 -25.64
C GLN C 71 29.88 32.42 -24.42
N SER C 72 30.53 32.03 -23.33
CA SER C 72 30.63 32.83 -22.12
C SER C 72 32.11 33.00 -21.79
N LEU C 73 32.55 34.25 -21.65
CA LEU C 73 33.96 34.54 -21.48
C LEU C 73 34.18 35.59 -20.40
N SER C 74 35.36 35.52 -19.78
CA SER C 74 35.80 36.53 -18.83
C SER C 74 36.23 37.80 -19.56
N VAL C 75 36.39 38.88 -18.79
CA VAL C 75 36.64 40.21 -19.34
C VAL C 75 37.98 40.26 -20.07
N ARG C 76 38.98 39.50 -19.59
CA ARG C 76 40.26 39.38 -20.28
C ARG C 76 40.01 38.76 -21.63
N ALA C 77 39.60 37.48 -21.63
CA ALA C 77 39.46 36.73 -22.86
C ALA C 77 38.58 37.44 -23.88
N LEU C 78 37.62 38.25 -23.41
CA LEU C 78 36.90 39.23 -24.24
C LEU C 78 37.87 40.19 -24.94
N GLN C 79 38.79 40.78 -24.16
CA GLN C 79 39.71 41.77 -24.73
C GLN C 79 40.66 41.07 -25.70
N GLU C 80 41.19 39.94 -25.27
CA GLU C 80 42.27 39.27 -25.98
C GLU C 80 41.78 38.71 -27.33
N MET C 81 40.60 38.06 -27.35
CA MET C 81 40.04 37.65 -28.65
C MET C 81 39.73 38.85 -29.53
N LEU C 82 39.24 39.96 -28.94
CA LEU C 82 39.10 41.19 -29.72
C LEU C 82 40.44 41.72 -30.24
N ALA C 83 41.49 41.64 -29.45
CA ALA C 83 42.84 42.00 -29.90
C ALA C 83 43.33 41.09 -31.01
N ASN C 84 43.07 39.79 -30.89
CA ASN C 84 43.51 38.81 -31.86
C ASN C 84 42.36 38.43 -32.80
N HIS C 98 31.18 21.98 -22.46
CA HIS C 98 30.16 22.77 -21.77
C HIS C 98 30.63 23.43 -20.49
N ARG C 99 30.67 24.76 -20.51
CA ARG C 99 31.05 25.57 -19.36
C ARG C 99 29.83 26.35 -18.88
N THR C 100 29.64 26.39 -17.57
CA THR C 100 28.46 27.04 -17.03
C THR C 100 28.60 28.56 -17.08
N LEU C 101 27.46 29.22 -16.95
CA LEU C 101 27.43 30.67 -16.95
C LEU C 101 27.98 31.19 -15.63
N LEU C 102 28.50 32.42 -15.65
CA LEU C 102 29.04 33.05 -14.46
C LEU C 102 28.76 34.54 -14.48
N TYR C 103 28.35 35.07 -13.33
CA TYR C 103 28.18 36.50 -13.14
C TYR C 103 29.46 37.27 -13.41
N GLY C 104 29.32 38.43 -14.04
CA GLY C 104 30.45 39.25 -14.41
C GLY C 104 31.17 38.84 -15.67
N HIS C 105 30.86 37.66 -16.21
CA HIS C 105 31.44 37.23 -17.47
C HIS C 105 30.74 37.93 -18.63
N ALA C 106 31.30 37.76 -19.81
CA ALA C 106 30.72 38.28 -21.03
C ALA C 106 30.08 37.13 -21.80
N ILE C 107 28.87 37.36 -22.29
CA ILE C 107 28.13 36.35 -23.04
C ILE C 107 27.85 36.90 -24.43
N LEU C 108 28.01 36.05 -25.44
CA LEU C 108 27.64 36.38 -26.80
C LEU C 108 26.27 35.77 -27.05
N LEU C 109 25.30 36.61 -27.38
CA LEU C 109 23.90 36.22 -27.39
C LEU C 109 23.44 36.17 -28.85
N ARG C 110 23.00 34.98 -29.29
CA ARG C 110 22.66 34.74 -30.69
C ARG C 110 21.18 34.41 -30.84
N HIS C 111 20.51 35.11 -31.75
CA HIS C 111 19.18 34.69 -32.18
C HIS C 111 19.32 33.37 -32.90
N ALA C 112 18.62 32.34 -32.42
CA ALA C 112 18.79 31.01 -32.98
C ALA C 112 18.13 30.85 -34.33
N HIS C 113 17.10 31.63 -34.63
CA HIS C 113 16.49 31.55 -35.95
C HIS C 113 17.26 32.30 -37.02
N SER C 114 17.29 33.63 -36.92
CA SER C 114 17.86 34.46 -37.96
C SER C 114 19.38 34.37 -38.04
N ARG C 115 20.02 33.73 -37.05
CA ARG C 115 21.44 33.39 -37.01
C ARG C 115 22.39 34.58 -36.91
N MET C 116 21.89 35.81 -36.98
CA MET C 116 22.74 36.96 -36.76
C MET C 116 22.71 37.26 -35.28
N TYR C 117 23.87 37.66 -34.75
CA TYR C 117 24.00 37.84 -33.32
C TYR C 117 23.30 39.13 -32.87
N LEU C 118 22.89 39.15 -31.61
CA LEU C 118 22.33 40.34 -31.00
C LEU C 118 23.43 41.30 -30.58
N SER C 119 23.21 42.60 -30.81
CA SER C 119 24.27 43.57 -30.58
C SER C 119 23.69 44.93 -30.25
N CYS C 120 24.51 45.77 -29.63
CA CYS C 120 24.18 47.17 -29.40
C CYS C 120 24.58 47.96 -30.64
N LEU C 121 23.61 48.42 -31.39
CA LEU C 121 23.87 49.18 -32.61
C LEU C 121 24.41 50.57 -32.28
N THR C 122 25.24 51.08 -33.20
CA THR C 122 25.80 52.42 -33.05
C THR C 122 24.71 53.48 -33.09
N THR C 123 23.70 53.30 -33.94
CA THR C 123 22.64 54.27 -34.13
C THR C 123 21.71 54.33 -32.91
N SER C 124 20.67 55.14 -33.01
CA SER C 124 19.65 55.25 -31.98
C SER C 124 18.40 55.84 -32.61
N ARG C 125 17.27 55.16 -32.41
CA ARG C 125 16.04 55.54 -33.09
C ARG C 125 15.01 56.20 -32.18
N SER C 126 15.07 55.96 -30.87
CA SER C 126 14.12 56.51 -29.92
C SER C 126 14.17 58.03 -29.88
N MET C 127 13.16 58.67 -30.48
CA MET C 127 13.09 60.14 -30.53
C MET C 127 13.00 60.77 -29.15
N THR C 128 12.48 60.04 -28.16
CA THR C 128 12.20 60.59 -26.85
C THR C 128 13.46 60.97 -26.06
N ASP C 129 14.62 60.47 -26.45
CA ASP C 129 15.85 60.71 -25.69
C ASP C 129 17.07 60.49 -26.55
N LYS C 130 18.21 60.88 -26.01
CA LYS C 130 19.49 60.52 -26.58
C LYS C 130 20.03 59.36 -25.75
N LEU C 131 21.30 58.98 -25.99
CA LEU C 131 22.07 57.97 -25.23
C LEU C 131 21.35 56.62 -25.05
N ALA C 132 20.33 56.34 -25.84
CA ALA C 132 19.63 55.06 -25.86
C ALA C 132 19.82 54.44 -27.22
N PHE C 133 20.96 53.78 -27.39
CA PHE C 133 21.31 53.14 -28.66
C PHE C 133 20.43 51.92 -28.86
N ASP C 134 19.55 51.98 -29.87
CA ASP C 134 18.59 50.92 -30.13
C ASP C 134 19.28 49.60 -30.42
N VAL C 135 18.82 48.55 -29.78
CA VAL C 135 19.45 47.24 -29.93
C VAL C 135 18.98 46.64 -31.26
N GLY C 136 19.85 45.83 -31.86
CA GLY C 136 19.52 45.21 -33.12
C GLY C 136 20.37 43.99 -33.34
N LEU C 137 20.26 43.44 -34.54
CA LEU C 137 20.93 42.19 -34.86
C LEU C 137 22.13 42.45 -35.76
N GLN C 138 23.28 41.97 -35.35
CA GLN C 138 24.52 42.13 -36.12
C GLN C 138 24.82 40.84 -36.86
N GLU C 139 25.19 40.98 -38.14
CA GLU C 139 25.42 39.85 -39.04
C GLU C 139 26.51 38.93 -38.53
N ASP C 140 27.58 39.48 -37.97
CA ASP C 140 28.73 38.71 -37.55
C ASP C 140 29.00 38.92 -36.06
N ALA C 141 29.95 38.16 -35.54
CA ALA C 141 30.33 38.23 -34.14
C ALA C 141 31.50 39.16 -33.90
N THR C 142 32.03 39.79 -34.96
CA THR C 142 33.17 40.69 -34.85
C THR C 142 32.79 41.94 -34.07
N GLY C 143 33.79 42.52 -33.40
CA GLY C 143 33.56 43.69 -32.58
C GLY C 143 33.10 43.33 -31.19
N GLU C 144 32.96 44.36 -30.36
CA GLU C 144 32.50 44.21 -29.00
C GLU C 144 31.02 44.52 -28.81
N ALA C 145 30.36 45.05 -29.84
CA ALA C 145 28.94 45.38 -29.74
C ALA C 145 28.08 44.15 -29.53
N CYS C 146 28.51 43.00 -30.05
CA CYS C 146 27.74 41.77 -29.92
C CYS C 146 27.69 41.27 -28.49
N TRP C 147 28.72 41.55 -27.70
CA TRP C 147 28.84 40.92 -26.40
C TRP C 147 28.04 41.65 -25.34
N TRP C 148 27.64 40.91 -24.31
CA TRP C 148 26.94 41.46 -23.16
C TRP C 148 27.49 40.81 -21.90
N THR C 149 27.49 41.57 -20.81
CA THR C 149 27.88 41.06 -19.51
C THR C 149 26.68 41.15 -18.57
N MET C 150 26.61 40.24 -17.60
CA MET C 150 25.42 40.12 -16.79
C MET C 150 25.79 40.16 -15.31
N HIS C 151 24.92 40.76 -14.51
CA HIS C 151 25.22 41.03 -13.12
C HIS C 151 24.02 40.69 -12.25
N PRO C 152 24.25 40.40 -10.96
CA PRO C 152 23.15 40.30 -10.00
C PRO C 152 22.35 41.59 -9.88
N ALA C 153 21.04 41.44 -9.74
CA ALA C 153 20.19 42.60 -9.51
C ALA C 153 20.43 43.19 -8.13
N SER C 154 20.45 42.33 -7.11
CA SER C 154 20.66 42.74 -5.75
C SER C 154 21.70 41.82 -5.12
N LYS C 155 22.15 42.20 -3.93
CA LYS C 155 23.30 41.58 -3.26
C LYS C 155 23.02 40.16 -2.74
N GLN C 156 21.80 39.64 -2.88
CA GLN C 156 21.50 38.25 -2.52
C GLN C 156 22.41 37.26 -3.25
N ARG C 157 22.87 37.61 -4.45
CA ARG C 157 23.91 36.89 -5.15
C ARG C 157 25.17 37.75 -5.16
N SER C 158 26.26 37.17 -5.66
CA SER C 158 27.52 37.88 -5.77
C SER C 158 28.11 37.63 -7.15
N GLU C 159 29.00 38.54 -7.57
CA GLU C 159 29.67 38.42 -8.85
C GLU C 159 30.53 37.15 -8.90
N GLY C 160 30.64 36.60 -10.09
CA GLY C 160 31.52 35.46 -10.33
C GLY C 160 30.90 34.13 -10.00
N GLU C 161 29.60 34.07 -9.72
CA GLU C 161 28.94 32.82 -9.38
C GLU C 161 27.84 32.47 -10.37
N LYS C 162 27.66 31.16 -10.55
CA LYS C 162 26.78 30.62 -11.57
C LYS C 162 25.32 30.99 -11.32
N VAL C 163 24.65 31.36 -12.41
CA VAL C 163 23.25 31.77 -12.34
C VAL C 163 22.34 30.54 -12.20
N ARG C 164 21.48 30.57 -11.18
CA ARG C 164 20.49 29.51 -11.03
C ARG C 164 19.32 29.79 -11.97
N VAL C 165 18.40 28.83 -12.06
CA VAL C 165 17.22 29.02 -12.90
C VAL C 165 16.37 30.15 -12.32
N GLY C 166 15.69 30.88 -13.21
CA GLY C 166 14.73 31.90 -12.80
C GLY C 166 15.30 33.10 -12.07
N ASP C 167 16.62 33.25 -12.01
CA ASP C 167 17.23 34.39 -11.34
C ASP C 167 16.90 35.69 -12.07
N ASP C 168 16.94 36.78 -11.32
CA ASP C 168 16.70 38.11 -11.85
C ASP C 168 18.03 38.81 -12.11
N LEU C 169 18.23 39.30 -13.33
CA LEU C 169 19.55 39.72 -13.80
C LEU C 169 19.50 41.12 -14.37
N ILE C 170 20.67 41.76 -14.44
CA ILE C 170 20.81 43.07 -15.08
C ILE C 170 21.88 42.95 -16.16
N LEU C 171 21.58 43.48 -17.35
CA LEU C 171 22.41 43.31 -18.53
C LEU C 171 23.18 44.57 -18.85
N VAL C 172 24.49 44.43 -19.00
CA VAL C 172 25.44 45.52 -19.19
C VAL C 172 26.02 45.40 -20.59
N SER C 173 25.85 46.44 -21.40
CA SER C 173 26.51 46.49 -22.70
C SER C 173 28.02 46.59 -22.54
N VAL C 174 28.73 46.08 -23.52
CA VAL C 174 30.19 46.10 -23.49
C VAL C 174 30.68 47.30 -24.28
N SER C 175 30.29 47.38 -25.55
CA SER C 175 30.76 48.47 -26.41
C SER C 175 30.24 49.82 -25.94
N SER C 176 28.93 49.93 -25.75
CA SER C 176 28.36 51.20 -25.33
C SER C 176 28.29 51.40 -23.82
N GLU C 177 28.56 50.35 -23.04
CA GLU C 177 28.56 50.36 -21.57
C GLU C 177 27.26 50.96 -21.03
N ARG C 178 26.16 50.27 -21.34
CA ARG C 178 24.83 50.73 -20.99
C ARG C 178 23.97 49.57 -20.54
N TYR C 179 23.10 49.84 -19.56
CA TYR C 179 22.12 48.87 -19.12
C TYR C 179 21.09 48.61 -20.23
N LEU C 180 20.60 47.38 -20.28
CA LEU C 180 19.64 47.01 -21.34
C LEU C 180 18.26 47.46 -20.87
N HIS C 181 17.95 48.73 -21.14
CA HIS C 181 16.73 49.38 -20.70
C HIS C 181 15.52 48.87 -21.51
N LEU C 182 14.33 49.32 -21.13
CA LEU C 182 13.17 49.25 -22.00
C LEU C 182 12.49 50.61 -21.94
N SER C 183 12.11 51.15 -23.10
CA SER C 183 11.60 52.52 -23.17
C SER C 183 10.09 52.48 -22.95
N THR C 184 9.72 52.35 -21.67
CA THR C 184 8.30 52.29 -21.30
C THR C 184 7.65 53.65 -21.48
N ALA C 185 8.42 54.73 -21.32
CA ALA C 185 7.87 56.10 -21.36
C ALA C 185 7.30 56.47 -22.73
N SER C 186 7.66 55.74 -23.78
CA SER C 186 7.12 55.99 -25.11
C SER C 186 5.64 55.62 -25.16
N GLY C 187 4.98 56.02 -26.26
CA GLY C 187 3.58 55.63 -26.45
C GLY C 187 3.37 54.12 -26.45
N GLU C 188 4.29 53.38 -27.05
CA GLU C 188 4.32 51.93 -27.00
C GLU C 188 5.64 51.49 -26.35
N LEU C 189 5.85 50.18 -26.26
CA LEU C 189 6.92 49.62 -25.44
C LEU C 189 8.06 49.10 -26.32
N GLN C 190 9.27 49.60 -26.07
CA GLN C 190 10.44 49.21 -26.85
C GLN C 190 11.54 48.73 -25.90
N VAL C 191 12.68 48.38 -26.48
CA VAL C 191 13.88 48.00 -25.74
C VAL C 191 15.03 48.87 -26.24
N ASP C 192 15.74 49.50 -25.30
CA ASP C 192 16.85 50.38 -25.66
C ASP C 192 18.01 50.11 -24.72
N ALA C 193 19.17 50.71 -25.00
CA ALA C 193 20.35 50.52 -24.18
C ALA C 193 20.77 51.88 -23.65
N SER C 194 20.52 52.14 -22.37
CA SER C 194 20.88 53.40 -21.74
C SER C 194 21.46 53.11 -20.36
N PHE C 195 21.61 54.16 -19.55
CA PHE C 195 22.09 53.99 -18.19
C PHE C 195 20.99 53.64 -17.20
N MET C 196 19.73 53.77 -17.59
CA MET C 196 18.61 53.46 -16.71
C MET C 196 18.33 51.97 -16.77
N GLN C 197 18.50 51.29 -15.64
CA GLN C 197 18.49 49.83 -15.60
C GLN C 197 17.10 49.26 -15.88
N THR C 198 17.10 47.96 -16.17
CA THR C 198 15.88 47.18 -16.35
C THR C 198 16.14 45.76 -15.87
N LEU C 199 15.28 45.29 -14.98
CA LEU C 199 15.40 43.93 -14.48
C LEU C 199 14.93 42.93 -15.52
N TRP C 200 15.80 41.97 -15.85
CA TRP C 200 15.52 40.99 -16.88
C TRP C 200 15.56 39.59 -16.29
N ASN C 201 14.53 38.80 -16.60
CA ASN C 201 14.45 37.41 -16.20
C ASN C 201 14.72 36.55 -17.42
N MET C 202 15.56 35.54 -17.27
CA MET C 202 15.91 34.70 -18.41
C MET C 202 15.36 33.28 -18.22
N ASN C 203 14.25 33.01 -18.89
CA ASN C 203 13.62 31.69 -18.80
C ASN C 203 14.31 30.71 -19.72
N PRO C 204 14.82 29.59 -19.22
CA PRO C 204 15.35 28.56 -20.12
C PRO C 204 14.23 27.87 -20.87
N ILE C 205 14.45 27.70 -22.18
CA ILE C 205 13.50 26.95 -23.00
C ILE C 205 13.89 25.48 -23.06
N CYS C 206 15.18 25.22 -23.32
CA CYS C 206 15.68 23.87 -23.38
C CYS C 206 17.16 23.86 -23.05
N SER C 207 17.65 22.67 -22.71
CA SER C 207 19.07 22.45 -22.50
C SER C 207 19.66 21.52 -23.55
N CYS C 208 19.12 20.30 -23.67
CA CYS C 208 19.72 19.29 -24.54
C CYS C 208 18.61 18.34 -24.97
N CYS C 209 18.22 18.38 -26.24
CA CYS C 209 17.36 17.36 -26.82
C CYS C 209 18.27 16.28 -27.35
N GLU C 210 18.37 15.17 -26.63
CA GLU C 210 19.32 14.11 -26.98
C GLU C 210 18.80 13.34 -28.20
N GLU C 211 19.46 12.21 -28.49
CA GLU C 211 19.44 11.55 -29.80
C GLU C 211 18.04 11.21 -30.33
N GLY C 212 17.61 11.96 -31.36
CA GLY C 212 16.44 11.69 -32.17
C GLY C 212 15.13 11.55 -31.42
N TYR C 213 14.81 12.52 -30.57
CA TYR C 213 13.63 12.51 -29.73
C TYR C 213 12.78 13.74 -30.02
N VAL C 214 11.48 13.62 -29.82
CA VAL C 214 10.55 14.66 -30.22
C VAL C 214 10.27 15.56 -29.02
N THR C 215 10.47 16.86 -29.21
CA THR C 215 10.26 17.86 -28.16
C THR C 215 9.38 18.97 -28.70
N GLY C 216 8.67 19.63 -27.77
CA GLY C 216 7.87 20.78 -28.14
C GLY C 216 8.74 21.89 -28.73
N GLY C 217 8.19 22.59 -29.71
CA GLY C 217 8.86 23.69 -30.35
C GLY C 217 9.46 23.36 -31.70
N HIS C 218 9.71 22.08 -31.99
CA HIS C 218 10.24 21.70 -33.28
C HIS C 218 9.26 21.93 -34.42
N VAL C 219 9.84 22.19 -35.59
CA VAL C 219 9.18 22.16 -36.88
C VAL C 219 9.48 20.79 -37.47
N LEU C 220 8.44 20.05 -37.82
CA LEU C 220 8.57 18.66 -38.24
C LEU C 220 7.32 18.25 -39.00
N ARG C 221 7.48 17.28 -39.89
CA ARG C 221 6.34 16.88 -40.70
C ARG C 221 5.63 15.69 -40.06
N LEU C 222 4.39 15.49 -40.47
CA LEU C 222 3.49 14.44 -39.96
C LEU C 222 3.17 13.45 -41.07
N PHE C 223 3.86 12.32 -41.06
CA PHE C 223 3.54 11.28 -42.02
C PHE C 223 2.30 10.51 -41.57
N HIS C 224 1.85 9.62 -42.43
CA HIS C 224 0.82 8.65 -42.10
C HIS C 224 1.51 7.29 -42.05
N GLY C 225 0.81 6.25 -41.58
CA GLY C 225 1.38 4.91 -41.49
C GLY C 225 1.78 4.29 -42.81
N HIS C 226 1.32 4.83 -43.93
CA HIS C 226 1.64 4.35 -45.26
C HIS C 226 2.90 5.03 -45.83
N MET C 227 3.49 5.98 -45.10
CA MET C 227 4.74 6.69 -45.37
C MET C 227 4.57 7.67 -46.56
N ASP C 228 3.40 7.72 -47.18
CA ASP C 228 3.13 8.63 -48.29
C ASP C 228 2.14 9.73 -47.93
N GLU C 229 0.95 9.37 -47.43
CA GLU C 229 -0.01 10.37 -46.98
C GLU C 229 0.58 11.21 -45.85
N CYS C 230 0.23 12.49 -45.86
CA CYS C 230 1.08 13.49 -45.26
C CYS C 230 0.25 14.74 -45.01
N LEU C 231 0.25 15.21 -43.76
CA LEU C 231 -0.63 16.28 -43.34
C LEU C 231 -0.20 17.60 -43.98
N THR C 232 -1.07 18.20 -44.79
CA THR C 232 -0.79 19.50 -45.39
C THR C 232 -2.05 20.34 -45.38
N ILE C 233 -1.87 21.65 -45.44
CA ILE C 233 -2.97 22.56 -45.79
C ILE C 233 -3.05 22.63 -47.31
N SER C 234 -4.11 23.28 -47.82
CA SER C 234 -4.30 23.48 -49.25
C SER C 234 -3.14 24.25 -49.86
N ALA C 235 -2.96 24.08 -51.17
CA ALA C 235 -1.88 24.74 -51.90
C ALA C 235 -2.10 26.25 -51.95
N ALA C 236 -1.04 26.97 -52.30
CA ALA C 236 -1.06 28.42 -52.36
C ALA C 236 -2.08 28.91 -53.38
N ASP C 237 -2.82 29.96 -53.01
CA ASP C 237 -3.89 30.56 -53.81
C ASP C 237 -4.97 29.52 -54.14
N SER C 238 -5.62 29.03 -53.09
CA SER C 238 -6.69 28.05 -53.21
C SER C 238 -8.00 28.65 -52.75
N ASP C 239 -9.10 28.19 -53.37
CA ASP C 239 -10.44 28.63 -53.02
C ASP C 239 -10.83 28.27 -51.59
N ASP C 240 -10.20 27.25 -51.00
CA ASP C 240 -10.35 26.92 -49.59
C ASP C 240 -9.77 28.00 -48.67
N GLN C 241 -8.98 28.94 -49.21
CA GLN C 241 -8.14 29.90 -48.46
C GLN C 241 -7.17 29.18 -47.54
N ARG C 242 -6.77 27.97 -47.94
CA ARG C 242 -5.81 27.12 -47.23
C ARG C 242 -6.26 26.82 -45.80
N ARG C 243 -7.56 26.60 -45.63
CA ARG C 243 -8.17 26.47 -44.32
C ARG C 243 -8.75 25.08 -44.07
N LEU C 244 -8.22 24.05 -44.73
CA LEU C 244 -8.69 22.69 -44.51
C LEU C 244 -7.51 21.74 -44.65
N VAL C 245 -7.25 20.97 -43.59
CA VAL C 245 -6.17 20.00 -43.61
C VAL C 245 -6.54 18.85 -44.56
N TYR C 246 -5.56 18.38 -45.31
CA TYR C 246 -5.71 17.24 -46.19
C TYR C 246 -4.52 16.31 -45.99
N TYR C 247 -4.79 15.02 -45.94
CA TYR C 247 -3.75 14.04 -46.22
C TYR C 247 -3.33 14.20 -47.68
N GLU C 248 -2.07 13.89 -47.99
CA GLU C 248 -1.63 13.97 -49.38
C GLU C 248 -0.40 13.09 -49.53
N GLY C 249 -0.20 12.54 -50.72
CA GLY C 249 0.95 11.69 -50.97
C GLY C 249 1.73 12.09 -52.20
N GLY C 250 3.04 11.90 -52.11
CA GLY C 250 3.94 12.18 -53.22
C GLY C 250 4.91 13.32 -52.96
N ALA C 251 5.17 14.13 -53.98
CA ALA C 251 6.12 15.22 -53.90
C ALA C 251 5.55 16.50 -53.33
N VAL C 252 4.25 16.54 -53.04
CA VAL C 252 3.63 17.75 -52.52
C VAL C 252 4.16 18.11 -51.13
N CYS C 253 4.32 17.12 -50.26
CA CYS C 253 4.62 17.43 -48.87
C CYS C 253 6.11 17.39 -48.56
N THR C 254 6.96 17.33 -49.58
CA THR C 254 8.36 17.72 -49.39
C THR C 254 8.55 19.22 -49.56
N HIS C 255 7.48 19.95 -49.84
CA HIS C 255 7.51 21.38 -50.02
C HIS C 255 7.33 22.06 -48.66
N ALA C 256 7.10 23.37 -48.66
CA ALA C 256 6.97 24.13 -47.42
C ALA C 256 5.60 24.01 -46.78
N ARG C 257 4.57 23.57 -47.51
CA ARG C 257 3.21 23.56 -46.97
C ARG C 257 2.92 22.36 -46.07
N SER C 258 3.93 21.69 -45.51
CA SER C 258 3.72 20.47 -44.75
C SER C 258 4.44 20.48 -43.42
N LEU C 259 4.73 21.65 -42.86
CA LEU C 259 5.64 21.75 -41.73
C LEU C 259 4.86 22.16 -40.50
N TRP C 260 4.86 21.32 -39.47
CA TRP C 260 4.09 21.59 -38.28
C TRP C 260 5.04 21.95 -37.15
N ARG C 261 4.68 22.96 -36.37
CA ARG C 261 5.43 23.33 -35.18
C ARG C 261 4.61 22.99 -33.96
N LEU C 262 5.24 22.28 -33.03
CA LEU C 262 4.57 21.79 -31.82
C LEU C 262 4.74 22.82 -30.71
N GLU C 263 3.70 23.62 -30.45
CA GLU C 263 3.84 24.69 -29.48
C GLU C 263 3.08 24.41 -28.19
N PRO C 264 3.75 24.05 -27.08
CA PRO C 264 3.02 23.81 -25.83
C PRO C 264 2.46 25.08 -25.19
N LEU C 265 1.84 24.94 -24.02
CA LEU C 265 1.16 26.03 -23.36
C LEU C 265 2.02 26.70 -22.30
N ARG C 266 3.19 26.15 -21.98
CA ARG C 266 4.06 26.67 -20.94
C ARG C 266 5.16 27.52 -21.58
N ILE C 267 5.23 28.79 -21.17
CA ILE C 267 6.26 29.68 -21.71
C ILE C 267 7.64 29.19 -21.29
N SER C 268 7.81 28.94 -20.00
CA SER C 268 9.06 28.36 -19.50
C SER C 268 9.12 26.89 -19.89
N TRP C 269 10.34 26.44 -20.23
CA TRP C 269 10.65 25.03 -20.51
C TRP C 269 9.79 24.43 -21.61
N SER C 270 9.36 25.26 -22.57
CA SER C 270 8.62 24.77 -23.73
C SER C 270 9.42 23.79 -24.58
N GLY C 271 10.75 23.81 -24.47
CA GLY C 271 11.59 22.90 -25.23
C GLY C 271 11.85 21.60 -24.49
N SER C 272 11.06 21.32 -23.46
CA SER C 272 11.13 20.04 -22.78
C SER C 272 10.64 18.92 -23.69
N HIS C 273 10.93 17.68 -23.29
CA HIS C 273 10.42 16.53 -24.03
C HIS C 273 8.89 16.48 -24.00
N LEU C 274 8.34 15.57 -24.78
CA LEU C 274 6.90 15.48 -24.94
C LEU C 274 6.31 14.34 -24.13
N ARG C 275 5.15 14.61 -23.53
CA ARG C 275 4.37 13.65 -22.79
C ARG C 275 3.11 13.33 -23.58
N TRP C 276 2.80 12.05 -23.73
CA TRP C 276 1.51 11.69 -24.32
C TRP C 276 0.41 12.23 -23.41
N GLY C 277 -0.66 12.71 -24.02
CA GLY C 277 -1.76 13.27 -23.25
C GLY C 277 -1.48 14.57 -22.54
N GLN C 278 -0.73 15.48 -23.16
CA GLN C 278 -0.48 16.77 -22.54
C GLN C 278 -0.82 17.87 -23.55
N PRO C 279 -1.41 18.97 -23.10
CA PRO C 279 -1.92 19.98 -24.05
C PRO C 279 -0.79 20.69 -24.79
N LEU C 280 -0.93 20.79 -26.11
CA LEU C 280 0.04 21.49 -26.94
C LEU C 280 -0.59 21.81 -28.29
N ARG C 281 -0.41 23.05 -28.74
CA ARG C 281 -1.03 23.54 -29.95
C ARG C 281 -0.25 23.02 -31.16
N ILE C 282 -0.86 23.17 -32.32
CA ILE C 282 -0.29 22.79 -33.61
C ILE C 282 -0.30 24.02 -34.51
N ARG C 283 0.85 24.36 -35.09
CA ARG C 283 0.90 25.57 -35.91
C ARG C 283 1.58 25.30 -37.23
N HIS C 284 0.95 25.71 -38.33
CA HIS C 284 1.61 25.66 -39.62
C HIS C 284 2.46 26.91 -39.78
N VAL C 285 3.74 26.70 -40.13
CA VAL C 285 4.72 27.79 -40.10
C VAL C 285 4.41 28.86 -41.14
N THR C 286 4.05 28.44 -42.36
CA THR C 286 3.88 29.40 -43.46
C THR C 286 2.66 30.28 -43.25
N THR C 287 1.57 29.71 -42.73
CA THR C 287 0.40 30.52 -42.46
C THR C 287 0.45 31.20 -41.10
N GLY C 288 1.11 30.57 -40.13
CA GLY C 288 1.02 31.07 -38.77
C GLY C 288 -0.39 30.95 -38.24
N ARG C 289 -1.06 29.85 -38.54
CA ARG C 289 -2.40 29.58 -38.07
C ARG C 289 -2.40 28.29 -37.24
N TYR C 290 -3.48 28.04 -36.52
CA TYR C 290 -3.57 26.95 -35.56
C TYR C 290 -4.73 26.02 -35.87
N LEU C 291 -4.53 24.72 -35.66
CA LEU C 291 -5.61 23.75 -35.79
C LEU C 291 -6.72 24.03 -34.79
N ALA C 292 -7.97 23.98 -35.25
CA ALA C 292 -9.10 24.28 -34.39
C ALA C 292 -10.39 23.59 -34.84
N LEU C 293 -11.18 23.17 -33.86
CA LEU C 293 -12.54 22.67 -34.10
C LEU C 293 -13.44 23.89 -34.24
N THR C 294 -13.74 24.28 -35.47
CA THR C 294 -14.64 25.39 -35.69
C THR C 294 -16.09 24.89 -35.58
N GLU C 295 -17.04 25.78 -35.84
CA GLU C 295 -18.45 25.44 -35.68
C GLU C 295 -19.14 25.13 -37.00
N ASP C 296 -18.78 25.78 -38.10
CA ASP C 296 -19.48 25.57 -39.35
C ASP C 296 -18.72 24.68 -40.34
N GLN C 297 -17.39 24.60 -40.24
CA GLN C 297 -16.58 23.81 -41.16
C GLN C 297 -15.76 22.73 -40.46
N GLY C 298 -16.15 22.32 -39.26
CA GLY C 298 -15.51 21.20 -38.57
C GLY C 298 -14.09 21.45 -38.10
N LEU C 299 -13.11 20.80 -38.72
CA LEU C 299 -11.70 20.95 -38.37
C LEU C 299 -11.00 21.83 -39.38
N VAL C 300 -10.59 23.04 -38.96
CA VAL C 300 -9.95 24.01 -39.85
C VAL C 300 -8.73 24.61 -39.16
N VAL C 301 -8.10 25.59 -39.80
CA VAL C 301 -7.07 26.40 -39.16
C VAL C 301 -7.68 27.78 -38.88
N VAL C 302 -7.40 28.29 -37.70
CA VAL C 302 -7.92 29.57 -37.26
C VAL C 302 -6.72 30.50 -37.04
N ASP C 303 -6.96 31.79 -37.16
CA ASP C 303 -5.97 32.80 -36.85
C ASP C 303 -5.62 32.75 -35.36
N ALA C 304 -4.37 33.13 -35.05
CA ALA C 304 -3.90 33.16 -33.67
C ALA C 304 -4.68 34.14 -32.79
N CYS C 305 -5.36 35.12 -33.40
CA CYS C 305 -6.21 36.04 -32.64
C CYS C 305 -7.37 35.33 -31.96
N LYS C 306 -7.80 34.17 -32.47
CA LYS C 306 -8.96 33.45 -31.96
C LYS C 306 -8.61 32.03 -31.55
N ALA C 307 -7.33 31.75 -31.26
CA ALA C 307 -6.93 30.45 -30.76
C ALA C 307 -7.15 30.43 -29.25
N HIS C 308 -8.40 30.19 -28.88
CA HIS C 308 -8.92 30.32 -27.52
C HIS C 308 -8.60 29.16 -26.60
N THR C 309 -7.62 28.30 -26.95
CA THR C 309 -7.05 27.20 -26.14
C THR C 309 -8.02 26.03 -25.96
N LYS C 310 -9.28 26.20 -26.37
CA LYS C 310 -10.28 25.16 -26.24
C LYS C 310 -10.32 24.32 -27.49
N ALA C 311 -10.65 24.94 -28.63
CA ALA C 311 -10.58 24.21 -29.89
C ALA C 311 -9.16 24.00 -30.37
N THR C 312 -8.18 24.71 -29.82
CA THR C 312 -6.82 24.72 -30.34
C THR C 312 -5.84 23.91 -29.49
N SER C 313 -6.33 22.95 -28.71
CA SER C 313 -5.45 22.12 -27.91
C SER C 313 -5.54 20.67 -28.37
N PHE C 314 -4.42 19.95 -28.25
CA PHE C 314 -4.35 18.55 -28.66
C PHE C 314 -3.44 17.80 -27.71
N CYS C 315 -3.53 16.47 -27.76
CA CYS C 315 -2.80 15.58 -26.85
C CYS C 315 -2.38 14.32 -27.58
N PHE C 316 -1.14 13.90 -27.36
CA PHE C 316 -0.66 12.68 -27.98
C PHE C 316 -1.09 11.45 -27.17
N ARG C 317 -1.07 10.29 -27.81
CA ARG C 317 -1.39 9.04 -27.13
C ARG C 317 -0.86 7.87 -27.96
N VAL C 318 -0.71 6.72 -27.31
CA VAL C 318 -0.29 5.48 -27.97
C VAL C 318 -1.48 4.57 -28.27
N SER C 319 -2.65 4.86 -27.73
CA SER C 319 -3.83 4.03 -27.97
C SER C 319 -5.05 4.94 -28.07
N LYS C 320 -6.23 4.34 -28.02
CA LYS C 320 -7.49 5.07 -28.12
C LYS C 320 -8.36 4.91 -26.87
N GLU C 321 -7.81 4.36 -25.79
CA GLU C 321 -8.57 4.07 -24.59
C GLU C 321 -8.65 5.30 -23.69
N LYS C 322 -9.79 5.48 -23.02
CA LYS C 322 -9.99 6.61 -22.12
C LYS C 322 -9.15 6.48 -20.85
N LEU C 323 -8.44 7.55 -20.50
CA LEU C 323 -7.63 7.55 -19.29
C LEU C 323 -8.49 7.89 -18.07
N PRO C 327 -3.72 14.49 -16.52
CA PRO C 327 -2.33 14.38 -16.97
C PRO C 327 -1.34 14.60 -15.84
N LYS C 328 -0.05 14.53 -16.15
CA LYS C 328 0.97 14.80 -15.14
C LYS C 328 1.32 16.28 -15.13
N ARG C 329 1.79 16.74 -13.98
CA ARG C 329 2.10 18.14 -13.80
C ARG C 329 3.39 18.52 -14.53
N ASP C 330 3.44 19.77 -15.02
CA ASP C 330 4.60 20.24 -15.76
C ASP C 330 5.82 20.33 -14.84
N VAL C 331 6.95 19.84 -15.36
CA VAL C 331 8.23 19.93 -14.67
C VAL C 331 9.08 21.02 -15.30
N GLU C 332 9.72 21.82 -14.45
CA GLU C 332 10.64 22.85 -14.92
C GLU C 332 12.01 22.27 -15.24
N GLY C 333 12.05 21.21 -16.05
CA GLY C 333 13.27 20.55 -16.45
C GLY C 333 13.09 19.89 -17.81
N MET C 334 14.14 19.18 -18.23
CA MET C 334 14.19 18.55 -19.55
C MET C 334 13.09 17.51 -19.72
N GLY C 335 12.89 16.68 -18.71
CA GLY C 335 11.84 15.68 -18.72
C GLY C 335 12.33 14.33 -19.19
N PRO C 336 11.45 13.33 -19.21
CA PRO C 336 11.86 11.99 -19.60
C PRO C 336 11.65 11.72 -21.07
N PRO C 337 12.54 10.95 -21.70
CA PRO C 337 12.45 10.73 -23.15
C PRO C 337 11.35 9.72 -23.48
N GLU C 338 10.37 10.16 -24.27
CA GLU C 338 9.26 9.29 -24.67
C GLU C 338 9.22 8.98 -26.16
N ILE C 339 9.05 9.98 -27.02
CA ILE C 339 8.64 9.76 -28.40
C ILE C 339 9.89 9.58 -29.27
N LYS C 340 9.78 8.72 -30.27
CA LYS C 340 10.84 8.43 -31.24
C LYS C 340 10.64 9.26 -32.50
N TYR C 341 11.68 9.32 -33.32
CA TYR C 341 11.61 9.86 -34.66
C TYR C 341 11.74 8.71 -35.65
N GLY C 342 10.76 8.58 -36.54
CA GLY C 342 10.72 7.48 -37.47
C GLY C 342 10.13 6.20 -36.92
N GLU C 343 9.70 6.20 -35.67
CA GLU C 343 9.01 5.07 -35.07
C GLU C 343 7.91 5.64 -34.19
N SER C 344 7.37 4.81 -33.30
CA SER C 344 6.50 5.20 -32.17
C SER C 344 5.27 5.95 -32.66
N LEU C 345 4.42 5.20 -33.37
CA LEU C 345 3.21 5.74 -33.99
C LEU C 345 2.32 6.41 -32.95
N CYS C 346 1.89 7.63 -33.26
CA CYS C 346 1.13 8.45 -32.33
C CYS C 346 -0.32 8.60 -32.76
N PHE C 347 -1.14 9.02 -31.79
CA PHE C 347 -2.58 9.20 -31.99
C PHE C 347 -2.98 10.50 -31.32
N VAL C 348 -3.15 11.54 -32.13
CA VAL C 348 -3.47 12.87 -31.63
C VAL C 348 -4.95 12.88 -31.25
N GLN C 349 -5.28 13.47 -30.11
CA GLN C 349 -6.66 13.63 -29.69
C GLN C 349 -6.93 15.07 -29.29
N HIS C 350 -7.97 15.66 -29.87
CA HIS C 350 -8.50 16.95 -29.44
C HIS C 350 -9.12 16.73 -28.07
N VAL C 351 -8.35 16.99 -27.02
CA VAL C 351 -8.70 16.56 -25.67
C VAL C 351 -9.97 17.28 -25.16
N ALA C 352 -10.16 18.55 -25.54
CA ALA C 352 -11.33 19.30 -25.10
C ALA C 352 -12.62 18.71 -25.66
N SER C 353 -12.60 18.31 -26.94
CA SER C 353 -13.77 17.70 -27.54
C SER C 353 -13.74 16.17 -27.48
N GLY C 354 -12.58 15.58 -27.20
CA GLY C 354 -12.45 14.14 -27.09
C GLY C 354 -12.46 13.38 -28.41
N LEU C 355 -12.63 14.06 -29.54
CA LEU C 355 -12.76 13.40 -30.83
C LEU C 355 -11.39 12.90 -31.32
N TRP C 356 -11.33 12.39 -32.55
CA TRP C 356 -10.07 11.92 -33.12
C TRP C 356 -9.98 12.32 -34.59
N LEU C 357 -8.82 12.78 -35.01
CA LEU C 357 -8.63 13.19 -36.41
C LEU C 357 -8.57 11.92 -37.26
N THR C 358 -9.30 11.93 -38.38
CA THR C 358 -9.37 10.76 -39.27
C THR C 358 -9.87 11.25 -40.64
N TYR C 359 -9.36 10.61 -41.69
CA TYR C 359 -9.74 10.98 -43.05
C TYR C 359 -11.21 10.64 -43.30
N ALA C 360 -11.88 11.50 -44.06
CA ALA C 360 -13.26 11.26 -44.44
C ALA C 360 -13.30 10.21 -45.54
N ALA C 361 -14.01 9.10 -45.27
CA ALA C 361 -14.04 7.98 -46.21
C ALA C 361 -14.63 8.28 -47.59
N PRO C 362 -15.78 8.98 -47.77
CA PRO C 362 -16.37 9.09 -49.13
C PRO C 362 -15.46 9.79 -50.13
N ASP C 363 -15.58 9.38 -51.39
CA ASP C 363 -14.78 9.96 -52.48
C ASP C 363 -15.69 10.33 -53.64
N PRO C 364 -15.94 11.63 -53.86
CA PRO C 364 -16.71 12.07 -55.04
C PRO C 364 -16.07 11.78 -56.40
N LYS C 365 -16.74 12.29 -57.45
CA LYS C 365 -16.25 12.12 -58.80
C LYS C 365 -14.91 12.82 -59.01
N ALA C 366 -14.70 13.96 -58.32
CA ALA C 366 -13.44 14.68 -58.43
C ALA C 366 -12.25 13.82 -57.98
N LEU C 367 -12.48 12.97 -56.97
CA LEU C 367 -11.47 12.04 -56.48
C LEU C 367 -11.66 10.63 -57.01
N ARG C 368 -12.55 10.44 -58.00
CA ARG C 368 -12.70 9.13 -58.64
C ARG C 368 -11.42 8.70 -59.35
N LEU C 369 -10.75 9.63 -60.04
CA LEU C 369 -9.52 9.34 -60.77
C LEU C 369 -8.40 10.31 -60.48
N GLY C 370 -8.69 11.54 -60.04
CA GLY C 370 -7.70 12.58 -59.81
C GLY C 370 -6.76 12.35 -58.64
N VAL C 371 -6.16 13.44 -58.14
CA VAL C 371 -5.23 13.35 -57.02
C VAL C 371 -5.96 12.80 -55.80
N LEU C 372 -5.25 11.98 -55.02
CA LEU C 372 -5.83 11.34 -53.84
C LEU C 372 -5.43 12.14 -52.61
N LYS C 373 -6.25 13.14 -52.30
CA LYS C 373 -6.12 13.91 -51.07
C LYS C 373 -7.33 13.62 -50.18
N LYS C 374 -7.04 13.22 -48.95
CA LYS C 374 -8.08 12.78 -48.02
C LYS C 374 -8.38 13.90 -47.05
N LYS C 375 -9.62 14.39 -47.08
CA LYS C 375 -10.03 15.48 -46.20
C LYS C 375 -10.19 14.93 -44.79
N ALA C 376 -9.14 15.07 -43.98
CA ALA C 376 -9.21 14.62 -42.60
C ALA C 376 -10.23 15.41 -41.82
N ILE C 377 -11.01 14.73 -41.00
CA ILE C 377 -12.06 15.34 -40.21
C ILE C 377 -11.95 14.83 -38.78
N LEU C 378 -12.22 15.71 -37.83
CA LEU C 378 -12.13 15.32 -36.43
C LEU C 378 -13.29 14.38 -36.08
N HIS C 379 -13.07 13.08 -36.18
CA HIS C 379 -14.12 12.09 -36.04
C HIS C 379 -14.34 11.73 -34.57
N GLN C 380 -15.57 11.34 -34.26
CA GLN C 380 -15.94 11.01 -32.89
C GLN C 380 -15.25 9.74 -32.38
N GLU C 381 -14.95 8.81 -33.27
CA GLU C 381 -14.25 7.60 -32.84
C GLU C 381 -13.09 7.27 -33.79
N GLY C 382 -13.22 7.65 -35.06
CA GLY C 382 -12.16 7.45 -36.02
C GLY C 382 -11.93 6.03 -36.47
N HIS C 383 -11.03 5.84 -37.44
CA HIS C 383 -10.70 4.52 -37.96
C HIS C 383 -9.49 3.97 -37.22
N MET C 384 -8.87 2.93 -37.77
CA MET C 384 -7.80 2.22 -37.10
C MET C 384 -6.42 2.59 -37.64
N ASP C 385 -6.28 2.79 -38.95
CA ASP C 385 -4.97 2.99 -39.56
C ASP C 385 -4.54 4.45 -39.65
N ASP C 386 -5.09 5.33 -38.81
CA ASP C 386 -4.70 6.73 -38.81
C ASP C 386 -3.62 7.05 -37.78
N ALA C 387 -2.77 6.07 -37.47
CA ALA C 387 -1.53 6.33 -36.76
C ALA C 387 -0.57 7.13 -37.63
N LEU C 388 0.24 7.97 -37.00
CA LEU C 388 1.06 8.94 -37.71
C LEU C 388 2.53 8.79 -37.35
N PHE C 389 3.41 8.98 -38.35
CA PHE C 389 4.84 9.09 -38.08
C PHE C 389 5.20 10.55 -37.83
N LEU C 390 6.39 10.74 -37.29
CA LEU C 390 6.98 12.06 -37.08
C LEU C 390 8.34 12.10 -37.74
N THR C 391 8.54 13.04 -38.66
CA THR C 391 9.80 13.10 -39.39
C THR C 391 10.41 14.49 -39.24
N ARG C 392 11.72 14.53 -39.10
CA ARG C 392 12.46 15.78 -38.93
C ARG C 392 12.84 16.37 -40.27
N CYS C 393 12.43 17.62 -40.48
CA CYS C 393 12.96 18.41 -41.57
C CYS C 393 14.28 19.02 -41.12
N GLN C 394 15.16 19.25 -42.08
CA GLN C 394 16.45 19.85 -41.77
C GLN C 394 16.24 21.31 -41.32
N GLN C 395 17.18 21.74 -40.45
CA GLN C 395 17.20 23.09 -39.88
C GLN C 395 17.08 24.16 -40.96
N GLU C 396 17.74 23.94 -42.11
CA GLU C 396 17.88 25.00 -43.11
C GLU C 396 16.51 25.38 -43.67
N GLU C 397 15.74 24.39 -44.15
CA GLU C 397 14.41 24.67 -44.68
C GLU C 397 13.44 25.10 -43.58
N SER C 398 13.57 24.53 -42.37
CA SER C 398 12.77 25.02 -41.23
C SER C 398 13.00 26.51 -40.97
N GLN C 399 14.26 26.93 -40.95
CA GLN C 399 14.62 28.35 -40.93
C GLN C 399 14.06 29.10 -42.13
N ALA C 400 14.16 28.50 -43.33
CA ALA C 400 13.70 29.11 -44.57
C ALA C 400 12.22 29.45 -44.51
N ALA C 401 11.40 28.50 -44.02
CA ALA C 401 9.94 28.59 -44.05
C ALA C 401 9.43 29.88 -43.41
N ARG C 402 10.02 30.25 -42.27
CA ARG C 402 9.53 31.40 -41.49
C ARG C 402 9.64 32.70 -42.27
N MET C 403 10.69 32.83 -43.10
CA MET C 403 10.82 34.03 -43.92
C MET C 403 9.64 34.19 -44.86
N ILE C 404 9.15 33.10 -45.46
CA ILE C 404 8.00 33.22 -46.37
C ILE C 404 6.83 33.89 -45.68
N HIS C 405 6.50 33.41 -44.47
CA HIS C 405 5.43 34.00 -43.67
C HIS C 405 5.70 35.44 -43.27
N SER C 406 6.94 35.75 -42.88
CA SER C 406 7.26 37.14 -42.55
C SER C 406 7.24 38.05 -43.77
N THR C 407 7.87 37.60 -44.84
CA THR C 407 8.11 38.38 -46.06
C THR C 407 6.80 38.67 -46.77
N ALA C 408 5.96 37.64 -46.94
CA ALA C 408 4.74 37.75 -47.74
C ALA C 408 3.81 38.80 -47.17
N GLY C 409 3.63 38.80 -45.83
CA GLY C 409 2.77 39.80 -45.22
C GLY C 409 3.27 41.21 -45.46
N LEU C 410 4.61 41.37 -45.50
CA LEU C 410 5.24 42.65 -45.79
C LEU C 410 4.82 43.15 -47.16
N TYR C 411 4.95 42.29 -48.18
CA TYR C 411 4.50 42.72 -49.49
C TYR C 411 2.98 42.84 -49.58
N ASN C 412 2.22 42.01 -48.88
CA ASN C 412 0.77 42.17 -48.79
C ASN C 412 0.38 43.58 -48.34
N GLN C 413 1.07 44.07 -47.31
CA GLN C 413 0.97 45.47 -46.89
C GLN C 413 1.46 46.41 -47.98
N PHE C 414 2.55 46.05 -48.66
CA PHE C 414 3.12 46.94 -49.67
C PHE C 414 2.15 47.12 -50.82
N ILE C 415 1.63 46.00 -51.36
CA ILE C 415 0.68 46.01 -52.49
C ILE C 415 -0.57 46.79 -52.10
N LYS C 416 -1.09 46.53 -50.88
CA LYS C 416 -2.26 47.28 -50.40
C LYS C 416 -1.96 48.78 -50.38
N GLY C 417 -0.72 49.16 -50.04
CA GLY C 417 -0.35 50.56 -50.14
C GLY C 417 -0.34 51.02 -51.58
N LEU C 418 0.20 50.20 -52.49
CA LEU C 418 0.40 50.59 -53.88
C LEU C 418 -0.95 50.87 -54.54
N ASP C 419 -1.87 49.90 -54.47
CA ASP C 419 -3.14 50.12 -55.13
C ASP C 419 -3.97 51.17 -54.39
N SER C 420 -3.67 51.43 -53.10
CA SER C 420 -4.39 52.48 -52.38
C SER C 420 -4.16 53.84 -53.05
N PHE C 421 -2.92 54.13 -53.45
CA PHE C 421 -2.63 55.37 -54.17
C PHE C 421 -2.44 55.15 -55.67
N SER C 422 -2.94 54.03 -56.21
CA SER C 422 -2.83 53.75 -57.64
C SER C 422 -3.40 54.89 -58.50
N GLY C 423 -4.60 55.34 -58.17
CA GLY C 423 -5.12 56.58 -58.68
C GLY C 423 -4.87 57.70 -57.69
N LYS C 424 -5.79 58.68 -57.65
CA LYS C 424 -5.83 59.77 -56.66
C LYS C 424 -4.51 60.53 -56.59
N PRO C 425 -4.18 61.37 -57.58
CA PRO C 425 -2.94 62.17 -57.50
C PRO C 425 -2.89 63.04 -56.26
N ARG C 426 -1.75 62.95 -55.55
CA ARG C 426 -1.54 63.77 -54.36
C ARG C 426 -1.46 65.25 -54.71
N GLY C 427 -0.85 65.58 -55.84
CA GLY C 427 -0.67 66.96 -56.21
C GLY C 427 0.42 67.58 -55.38
N SER C 428 0.04 68.48 -54.47
CA SER C 428 0.97 69.08 -53.52
C SER C 428 0.59 68.80 -52.07
N GLY C 429 -0.42 67.97 -51.83
CA GLY C 429 -0.94 67.76 -50.50
C GLY C 429 -0.37 66.54 -49.80
N PRO C 430 -1.18 65.90 -48.97
CA PRO C 430 -0.68 64.77 -48.17
C PRO C 430 -0.86 63.46 -48.91
N PRO C 431 -0.13 62.40 -48.48
CA PRO C 431 -0.31 61.07 -49.10
C PRO C 431 -1.72 60.50 -48.92
N ALA C 432 -1.92 59.35 -49.58
CA ALA C 432 -3.21 58.66 -49.55
C ALA C 432 -3.58 58.22 -48.13
N GLY C 433 -2.79 57.34 -47.55
CA GLY C 433 -3.09 56.83 -46.23
C GLY C 433 -1.85 56.55 -45.40
N PRO C 434 -1.81 55.37 -44.77
CA PRO C 434 -0.64 55.00 -43.95
C PRO C 434 0.61 54.84 -44.79
N ALA C 435 1.75 55.17 -44.18
CA ALA C 435 3.02 55.07 -44.89
C ALA C 435 3.40 53.62 -45.12
N LEU C 436 4.12 53.40 -46.21
CA LEU C 436 4.53 52.06 -46.63
C LEU C 436 5.89 51.70 -46.02
N PRO C 437 6.05 50.46 -45.52
CA PRO C 437 7.34 50.06 -44.94
C PRO C 437 8.44 49.92 -45.99
N ILE C 438 8.82 51.05 -46.59
CA ILE C 438 9.79 51.06 -47.69
C ILE C 438 11.15 50.59 -47.21
N GLU C 439 11.62 51.14 -46.10
CA GLU C 439 12.97 50.85 -45.62
C GLU C 439 13.10 49.38 -45.22
N ALA C 440 12.09 48.87 -44.52
CA ALA C 440 12.02 47.45 -44.17
C ALA C 440 11.99 46.57 -45.42
N VAL C 441 11.23 46.96 -46.44
CA VAL C 441 11.22 46.25 -47.72
C VAL C 441 12.60 46.26 -48.37
N ILE C 442 13.25 47.44 -48.39
CA ILE C 442 14.62 47.59 -48.92
C ILE C 442 15.59 46.66 -48.22
N LEU C 443 15.50 46.59 -46.89
CA LEU C 443 16.33 45.69 -46.10
C LEU C 443 16.00 44.25 -46.45
N SER C 444 14.71 43.93 -46.61
CA SER C 444 14.26 42.57 -46.88
C SER C 444 14.86 42.08 -48.19
N LEU C 445 14.68 42.86 -49.25
CA LEU C 445 15.21 42.51 -50.57
C LEU C 445 16.71 42.32 -50.52
N GLN C 446 17.44 43.28 -49.92
CA GLN C 446 18.89 43.13 -49.75
C GLN C 446 19.26 41.86 -48.99
N ASP C 447 18.45 41.44 -48.02
CA ASP C 447 18.69 40.17 -47.34
C ASP C 447 18.45 38.98 -48.26
N LEU C 448 17.34 38.97 -49.00
CA LEU C 448 17.02 37.84 -49.87
C LEU C 448 18.02 37.67 -51.00
N ILE C 449 18.45 38.77 -51.62
CA ILE C 449 19.40 38.69 -52.75
C ILE C 449 20.68 37.97 -52.31
N GLY C 450 21.21 38.38 -51.16
CA GLY C 450 22.33 37.66 -50.58
C GLY C 450 21.96 36.24 -50.22
N TYR C 451 20.72 36.04 -49.76
CA TYR C 451 20.27 34.70 -49.38
C TYR C 451 20.17 33.79 -50.59
N PHE C 452 20.12 34.36 -51.80
CA PHE C 452 20.02 33.60 -53.03
C PHE C 452 21.26 33.73 -53.91
N GLU C 453 22.38 34.22 -53.38
CA GLU C 453 23.56 34.43 -54.21
C GLU C 453 24.16 33.08 -54.62
N PRO C 454 24.38 32.85 -55.91
CA PRO C 454 24.98 31.60 -56.35
C PRO C 454 26.39 31.45 -55.80
N PRO C 455 26.84 30.23 -55.55
CA PRO C 455 28.18 30.02 -54.98
C PRO C 455 29.29 30.43 -55.94
N SER C 456 30.42 30.84 -55.36
CA SER C 456 31.54 31.31 -56.13
C SER C 456 32.33 30.15 -56.72
N GLU C 457 32.88 30.37 -57.91
CA GLU C 457 33.53 29.31 -58.66
C GLU C 457 34.85 28.85 -58.05
N GLU C 458 35.48 29.70 -57.21
CA GLU C 458 36.75 29.35 -56.58
C GLU C 458 36.63 28.17 -55.62
N LEU C 459 35.42 27.88 -55.15
CA LEU C 459 35.17 26.81 -54.20
C LEU C 459 35.50 25.45 -54.81
N GLN C 460 35.70 24.47 -53.93
CA GLN C 460 35.87 23.09 -54.37
C GLN C 460 34.58 22.61 -55.04
N HIS C 461 34.72 21.65 -55.97
CA HIS C 461 33.63 21.16 -56.79
C HIS C 461 32.44 20.67 -55.97
N GLU C 462 32.63 19.60 -55.19
CA GLU C 462 31.60 19.00 -54.34
C GLU C 462 30.92 20.02 -53.43
N GLU C 463 31.70 20.96 -52.89
CA GLU C 463 31.16 22.03 -52.08
C GLU C 463 30.20 22.91 -52.90
N LYS C 464 30.62 23.28 -54.11
CA LYS C 464 29.72 24.02 -55.01
C LYS C 464 28.45 23.23 -55.29
N GLN C 465 28.59 21.92 -55.55
CA GLN C 465 27.44 21.08 -55.86
C GLN C 465 26.47 21.08 -54.70
N SER C 466 27.00 20.99 -53.47
CA SER C 466 26.16 20.98 -52.27
C SER C 466 25.39 22.29 -52.16
N LYS C 467 26.07 23.40 -52.45
CA LYS C 467 25.39 24.69 -52.32
C LYS C 467 24.31 24.79 -53.39
N LEU C 468 24.53 24.18 -54.56
CA LEU C 468 23.45 24.10 -55.55
C LEU C 468 22.28 23.29 -55.00
N ARG C 469 22.55 22.17 -54.31
CA ARG C 469 21.49 21.32 -53.75
C ARG C 469 20.54 22.13 -52.86
N SER C 470 21.15 22.92 -51.97
CA SER C 470 20.37 23.83 -51.14
C SER C 470 19.68 24.91 -51.97
N LEU C 471 20.40 25.55 -52.89
CA LEU C 471 19.85 26.68 -53.66
C LEU C 471 18.65 26.25 -54.52
N ARG C 472 18.76 25.09 -55.17
CA ARG C 472 17.67 24.47 -55.92
C ARG C 472 16.48 24.22 -55.01
N ASN C 473 16.74 23.67 -53.81
CA ASN C 473 15.63 23.38 -52.91
C ASN C 473 14.93 24.67 -52.49
N ARG C 474 15.71 25.71 -52.19
CA ARG C 474 15.19 26.99 -51.71
C ARG C 474 14.26 27.63 -52.73
N GLN C 475 14.73 27.69 -53.99
CA GLN C 475 14.00 28.44 -55.02
C GLN C 475 12.64 27.79 -55.26
N SER C 476 12.64 26.45 -55.37
CA SER C 476 11.41 25.71 -55.59
C SER C 476 10.45 25.93 -54.43
N LEU C 477 10.98 25.95 -53.20
CA LEU C 477 10.11 26.19 -52.03
C LEU C 477 9.43 27.55 -52.11
N PHE C 478 10.18 28.59 -52.48
CA PHE C 478 9.62 29.93 -52.58
C PHE C 478 8.57 30.02 -53.69
N GLN C 479 8.84 29.38 -54.84
CA GLN C 479 7.83 29.31 -55.89
C GLN C 479 6.59 28.56 -55.44
N GLU C 480 6.78 27.42 -54.78
CA GLU C 480 5.67 26.61 -54.31
C GLU C 480 4.87 27.33 -53.23
N GLU C 481 5.48 28.32 -52.57
CA GLU C 481 4.76 29.22 -51.69
C GLU C 481 4.27 30.46 -52.41
N GLY C 482 4.46 30.54 -53.72
CA GLY C 482 3.93 31.66 -54.47
C GLY C 482 4.68 32.98 -54.39
N MET C 483 5.92 32.96 -53.93
CA MET C 483 6.71 34.19 -53.83
C MET C 483 6.95 34.81 -55.20
N LEU C 484 7.16 33.98 -56.22
CA LEU C 484 7.23 34.48 -57.59
C LEU C 484 5.94 35.19 -58.01
N SER C 485 4.78 34.62 -57.68
CA SER C 485 3.51 35.31 -57.94
C SER C 485 3.45 36.65 -57.21
N LEU C 486 4.00 36.71 -55.99
CA LEU C 486 4.03 37.95 -55.22
C LEU C 486 4.91 38.98 -55.91
N VAL C 487 6.13 38.60 -56.28
CA VAL C 487 7.07 39.58 -56.79
C VAL C 487 6.58 40.07 -58.14
N LEU C 488 6.04 39.17 -58.99
CA LEU C 488 5.45 39.61 -60.24
C LEU C 488 4.33 40.62 -60.02
N ASN C 489 3.55 40.46 -58.93
CA ASN C 489 2.58 41.51 -58.61
C ASN C 489 3.28 42.80 -58.21
N CYS C 490 4.43 42.67 -57.55
CA CYS C 490 5.17 43.87 -57.11
C CYS C 490 5.62 44.67 -58.32
N ILE C 491 6.27 44.02 -59.30
CA ILE C 491 6.73 44.75 -60.49
C ILE C 491 5.53 45.31 -61.24
N ASP C 492 4.42 44.55 -61.30
CA ASP C 492 3.24 45.01 -62.02
C ASP C 492 2.72 46.33 -61.45
N ARG C 493 2.54 46.38 -60.12
CA ARG C 493 2.09 47.60 -59.47
C ARG C 493 3.10 48.74 -59.55
N LEU C 494 4.39 48.42 -59.45
CA LEU C 494 5.43 49.45 -59.60
C LEU C 494 5.53 50.01 -61.02
N ASN C 495 5.19 49.22 -62.03
CA ASN C 495 5.46 49.62 -63.41
C ASN C 495 4.53 50.70 -63.93
N VAL C 496 3.44 51.03 -63.23
CA VAL C 496 2.44 51.96 -63.74
C VAL C 496 2.93 53.40 -63.73
N TYR C 497 4.16 53.63 -63.25
CA TYR C 497 4.79 54.93 -63.24
C TYR C 497 5.98 54.89 -64.19
N THR C 498 5.98 55.81 -65.17
CA THR C 498 7.09 55.89 -66.10
C THR C 498 8.33 56.52 -65.49
N THR C 499 8.17 57.60 -64.73
CA THR C 499 9.30 58.30 -64.15
C THR C 499 9.01 58.54 -62.68
N ALA C 500 10.10 58.82 -61.94
CA ALA C 500 10.03 58.96 -60.49
C ALA C 500 9.12 60.11 -60.05
N ALA C 501 9.23 61.27 -60.71
CA ALA C 501 8.34 62.39 -60.39
C ALA C 501 6.86 62.05 -60.63
N HIS C 502 6.58 61.32 -61.71
CA HIS C 502 5.24 60.79 -61.95
C HIS C 502 4.81 59.86 -60.83
N PHE C 503 5.73 59.01 -60.35
CA PHE C 503 5.42 58.15 -59.21
C PHE C 503 5.12 59.01 -57.98
N ALA C 504 5.94 60.05 -57.77
CA ALA C 504 5.83 60.91 -56.60
C ALA C 504 4.50 61.64 -56.56
N GLU C 505 3.86 61.84 -57.72
CA GLU C 505 2.59 62.58 -57.76
C GLU C 505 1.47 61.85 -57.03
N TYR C 506 1.63 60.56 -56.75
CA TYR C 506 0.56 59.75 -56.17
C TYR C 506 0.93 59.17 -54.81
N ALA C 507 2.21 58.89 -54.56
CA ALA C 507 2.66 58.38 -53.27
C ALA C 507 3.24 59.48 -52.40
N GLY C 508 4.29 60.13 -52.89
CA GLY C 508 4.96 61.16 -52.11
C GLY C 508 6.41 61.35 -52.50
N GLU C 509 6.89 62.58 -52.29
CA GLU C 509 8.25 62.96 -52.67
C GLU C 509 9.26 62.14 -51.87
N GLU C 510 8.98 61.95 -50.57
CA GLU C 510 9.88 61.22 -49.70
C GLU C 510 10.01 59.76 -50.13
N ALA C 511 8.96 59.20 -50.75
CA ALA C 511 8.97 57.85 -51.25
C ALA C 511 9.51 57.75 -52.67
N ALA C 512 9.70 58.88 -53.35
CA ALA C 512 10.09 58.85 -54.77
C ALA C 512 11.50 58.34 -54.99
N GLU C 513 12.43 58.61 -54.06
CA GLU C 513 13.84 58.26 -54.26
C GLU C 513 14.06 56.76 -54.36
N SER C 514 13.40 56.00 -53.50
CA SER C 514 13.58 54.54 -53.42
C SER C 514 13.07 53.78 -54.63
N TRP C 515 12.31 54.42 -55.54
CA TRP C 515 11.60 53.73 -56.61
C TRP C 515 12.53 52.99 -57.57
N LYS C 516 13.61 53.66 -58.01
CA LYS C 516 14.55 53.00 -58.91
C LYS C 516 15.32 51.91 -58.19
N GLU C 517 15.60 52.12 -56.90
CA GLU C 517 16.34 51.14 -56.12
C GLU C 517 15.53 49.87 -56.01
N ILE C 518 14.25 50.00 -55.62
CA ILE C 518 13.43 48.83 -55.33
C ILE C 518 13.21 48.04 -56.61
N VAL C 519 12.95 48.72 -57.75
CA VAL C 519 12.73 47.96 -58.98
C VAL C 519 14.01 47.22 -59.42
N ASN C 520 15.19 47.84 -59.20
CA ASN C 520 16.44 47.11 -59.45
C ASN C 520 16.59 45.90 -58.55
N LEU C 521 16.20 46.05 -57.26
CA LEU C 521 16.26 44.91 -56.34
C LEU C 521 15.32 43.81 -56.80
N LEU C 522 14.11 44.19 -57.25
CA LEU C 522 13.10 43.20 -57.61
C LEU C 522 13.59 42.34 -58.77
N TYR C 523 14.07 42.99 -59.84
CA TYR C 523 14.62 42.22 -60.97
C TYR C 523 15.83 41.38 -60.57
N GLU C 524 16.71 41.92 -59.72
CA GLU C 524 17.85 41.12 -59.22
C GLU C 524 17.39 39.89 -58.43
N LEU C 525 16.38 40.07 -57.57
CA LEU C 525 15.80 38.96 -56.82
C LEU C 525 15.17 37.94 -57.75
N LEU C 526 14.42 38.40 -58.74
CA LEU C 526 13.80 37.50 -59.71
C LEU C 526 14.85 36.71 -60.48
N ALA C 527 15.94 37.38 -60.90
CA ALA C 527 17.02 36.70 -61.62
C ALA C 527 17.63 35.60 -60.76
N SER C 528 17.86 35.91 -59.47
CA SER C 528 18.34 34.90 -58.53
C SER C 528 17.32 33.77 -58.38
N LEU C 529 16.03 34.12 -58.38
CA LEU C 529 14.96 33.16 -58.17
C LEU C 529 14.89 32.14 -59.31
N ILE C 530 15.05 32.62 -60.55
CA ILE C 530 14.85 31.74 -61.69
C ILE C 530 16.13 30.99 -62.02
N ARG C 531 17.29 31.58 -61.69
CA ARG C 531 18.60 31.07 -62.10
C ARG C 531 18.87 29.62 -61.69
N GLY C 532 18.94 28.73 -62.67
CA GLY C 532 19.38 27.37 -62.49
C GLY C 532 18.27 26.33 -62.43
N ASN C 533 17.03 26.74 -62.20
CA ASN C 533 15.92 25.81 -62.06
C ASN C 533 15.10 25.74 -63.34
N ARG C 534 15.11 24.56 -63.96
CA ARG C 534 14.29 24.30 -65.15
C ARG C 534 12.81 24.45 -64.83
N ALA C 535 12.36 23.86 -63.72
CA ALA C 535 10.95 23.85 -63.38
C ALA C 535 10.44 25.25 -63.05
N ASN C 536 11.16 25.99 -62.20
CA ASN C 536 10.82 27.38 -61.93
C ASN C 536 10.91 28.22 -63.19
N CYS C 537 11.88 27.89 -64.04
CA CYS C 537 12.12 28.60 -65.29
C CYS C 537 10.94 28.49 -66.24
N ALA C 538 10.34 27.29 -66.29
CA ALA C 538 9.27 26.97 -67.24
C ALA C 538 8.03 27.84 -67.09
N LEU C 539 7.85 28.46 -65.91
CA LEU C 539 6.63 29.19 -65.59
C LEU C 539 6.38 30.40 -66.48
N PHE C 540 7.41 30.89 -67.18
CA PHE C 540 7.26 32.09 -67.99
C PHE C 540 6.71 31.81 -69.38
N SER C 541 6.48 30.53 -69.73
CA SER C 541 5.91 30.20 -71.02
C SER C 541 4.50 30.76 -71.17
N THR C 542 3.76 30.83 -70.06
CA THR C 542 2.39 31.32 -70.10
C THR C 542 2.33 32.84 -70.29
N ASN C 543 3.33 33.57 -69.80
CA ASN C 543 3.32 35.01 -69.77
C ASN C 543 4.64 35.60 -70.26
N LEU C 544 5.17 35.02 -71.34
CA LEU C 544 6.43 35.48 -71.92
C LEU C 544 6.31 36.91 -72.42
N ASP C 545 5.16 37.26 -72.99
CA ASP C 545 4.88 38.60 -73.49
C ASP C 545 5.05 39.67 -72.41
N TRP C 546 4.79 39.32 -71.15
CA TRP C 546 4.82 40.26 -70.04
C TRP C 546 6.20 40.92 -69.87
N VAL C 547 7.26 40.12 -69.83
CA VAL C 547 8.62 40.66 -69.72
C VAL C 547 9.01 41.43 -70.99
N VAL C 548 8.56 40.94 -72.16
CA VAL C 548 8.81 41.64 -73.40
C VAL C 548 8.13 43.00 -73.40
N SER C 549 6.95 43.10 -72.76
CA SER C 549 6.30 44.40 -72.64
C SER C 549 7.12 45.38 -71.81
N LYS C 550 8.06 44.90 -70.98
CA LYS C 550 8.82 45.76 -70.11
C LYS C 550 10.27 45.93 -70.52
N LEU C 551 10.71 45.25 -71.58
CA LEU C 551 12.10 45.40 -72.02
C LEU C 551 12.43 46.83 -72.48
N ASP C 552 11.42 47.59 -72.88
CA ASP C 552 11.61 48.97 -73.33
C ASP C 552 11.86 49.94 -72.20
N ARG C 553 11.58 49.55 -70.95
CA ARG C 553 11.75 50.45 -69.82
C ARG C 553 13.23 50.72 -69.55
N LEU C 554 13.51 51.93 -69.07
CA LEU C 554 14.88 52.40 -68.90
C LEU C 554 15.42 52.33 -67.49
N GLU C 555 14.58 52.54 -66.48
CA GLU C 555 15.05 52.69 -65.09
C GLU C 555 15.77 51.44 -64.58
N ALA C 556 15.24 50.26 -64.88
CA ALA C 556 15.86 48.98 -64.53
C ALA C 556 15.84 48.11 -65.79
N SER C 557 16.84 48.29 -66.65
CA SER C 557 16.95 47.53 -67.89
C SER C 557 18.04 46.47 -67.89
N SER C 558 19.17 46.75 -67.24
CA SER C 558 20.25 45.77 -67.13
C SER C 558 19.79 44.53 -66.38
N GLY C 559 19.04 44.72 -65.29
CA GLY C 559 18.58 43.58 -64.52
C GLY C 559 17.58 42.74 -65.31
N ILE C 560 16.62 43.40 -65.97
CA ILE C 560 15.56 42.65 -66.65
C ILE C 560 16.16 41.88 -67.83
N LEU C 561 17.16 42.49 -68.50
CA LEU C 561 17.87 41.79 -69.57
C LEU C 561 18.61 40.57 -69.02
N GLU C 562 19.21 40.69 -67.84
CA GLU C 562 19.79 39.52 -67.17
C GLU C 562 18.74 38.45 -66.85
N VAL C 563 17.55 38.88 -66.43
CA VAL C 563 16.43 37.97 -66.16
C VAL C 563 16.06 37.21 -67.43
N LEU C 564 15.93 37.93 -68.55
CA LEU C 564 15.62 37.30 -69.82
C LEU C 564 16.73 36.34 -70.24
N TYR C 565 17.99 36.74 -70.01
CA TYR C 565 19.12 35.87 -70.31
C TYR C 565 18.99 34.56 -69.53
N CYS C 566 18.62 34.65 -68.25
CA CYS C 566 18.52 33.48 -67.40
C CYS C 566 17.38 32.57 -67.85
N VAL C 567 16.24 33.14 -68.26
CA VAL C 567 15.12 32.28 -68.63
C VAL C 567 15.39 31.60 -69.98
N LEU C 568 15.94 32.34 -70.95
CA LEU C 568 16.23 31.75 -72.26
C LEU C 568 17.38 30.76 -72.21
N ILE C 569 18.39 30.97 -71.35
CA ILE C 569 19.55 30.07 -71.35
C ILE C 569 19.18 28.69 -70.79
N GLU C 570 17.98 28.55 -70.24
CA GLU C 570 17.56 27.37 -69.50
C GLU C 570 16.36 26.66 -70.12
N SER C 571 15.28 27.38 -70.45
CA SER C 571 14.06 26.69 -70.85
C SER C 571 13.86 26.66 -72.36
N PRO C 572 14.04 25.51 -73.03
CA PRO C 572 13.89 25.45 -74.49
C PRO C 572 12.49 25.78 -75.00
N GLU C 573 11.46 25.41 -74.23
CA GLU C 573 10.09 25.62 -74.68
C GLU C 573 9.76 27.10 -74.82
N VAL C 574 10.43 27.97 -74.05
CA VAL C 574 10.24 29.41 -74.20
C VAL C 574 10.67 29.84 -75.60
N LEU C 575 11.76 29.23 -76.11
CA LEU C 575 12.18 29.45 -77.48
C LEU C 575 11.09 28.97 -78.42
N ASN C 576 10.46 27.83 -78.10
CA ASN C 576 9.34 27.38 -78.93
C ASN C 576 8.13 28.31 -78.85
N ILE C 577 8.06 29.19 -77.83
CA ILE C 577 6.97 30.16 -77.73
C ILE C 577 7.34 31.46 -78.45
N ILE C 578 8.62 31.66 -78.78
CA ILE C 578 9.07 32.93 -79.38
C ILE C 578 8.41 33.15 -80.75
N GLN C 579 7.93 34.38 -80.96
CA GLN C 579 7.31 34.82 -82.20
C GLN C 579 8.02 36.10 -82.63
N GLU C 580 7.82 36.49 -83.89
CA GLU C 580 8.56 37.57 -84.56
C GLU C 580 8.56 38.90 -83.80
N ASN C 581 7.46 39.24 -83.11
CA ASN C 581 7.37 40.50 -82.36
C ASN C 581 8.46 40.58 -81.28
N HIS C 582 8.73 39.43 -80.65
CA HIS C 582 9.79 39.33 -79.65
C HIS C 582 11.12 39.72 -80.26
N ILE C 583 11.47 39.07 -81.38
CA ILE C 583 12.77 39.27 -82.03
C ILE C 583 12.91 40.72 -82.45
N LYS C 584 11.81 41.33 -82.93
CA LYS C 584 11.79 42.76 -83.21
C LYS C 584 12.02 43.61 -81.95
N SER C 585 11.68 43.07 -80.78
CA SER C 585 11.88 43.85 -79.55
C SER C 585 13.34 43.76 -79.11
N ILE C 586 13.92 42.56 -79.11
CA ILE C 586 15.33 42.42 -78.76
C ILE C 586 16.19 43.21 -79.75
N ILE C 587 15.94 43.09 -81.06
CA ILE C 587 16.78 43.81 -82.02
C ILE C 587 16.63 45.32 -81.81
N SER C 588 15.42 45.78 -81.40
CA SER C 588 15.25 47.19 -81.11
C SER C 588 16.11 47.58 -79.93
N LEU C 589 16.29 46.67 -78.97
CA LEU C 589 17.15 46.96 -77.81
C LEU C 589 18.57 47.25 -78.26
N LEU C 590 19.09 46.41 -79.17
CA LEU C 590 20.43 46.62 -79.72
C LEU C 590 20.54 47.97 -80.44
N ASP C 591 19.48 48.35 -81.15
CA ASP C 591 19.47 49.66 -81.80
C ASP C 591 19.32 50.84 -80.83
N LYS C 592 18.71 50.62 -79.66
CA LYS C 592 18.46 51.69 -78.71
C LYS C 592 19.46 51.79 -77.57
N HIS C 593 20.10 50.71 -77.19
CA HIS C 593 20.97 50.66 -76.02
C HIS C 593 22.44 50.50 -76.38
N GLY C 594 22.83 50.94 -77.58
CA GLY C 594 24.21 50.83 -77.96
C GLY C 594 24.64 49.41 -78.25
N ARG C 595 25.96 49.24 -78.37
CA ARG C 595 26.55 47.95 -78.71
C ARG C 595 26.81 47.12 -77.45
N ASN C 596 25.73 46.88 -76.72
CA ASN C 596 25.73 46.06 -75.50
C ASN C 596 25.91 44.60 -75.92
N HIS C 597 27.12 44.07 -75.69
CA HIS C 597 27.47 42.73 -76.16
C HIS C 597 26.61 41.63 -75.55
N LYS C 598 25.99 41.88 -74.40
CA LYS C 598 25.11 40.91 -73.75
C LYS C 598 23.95 40.52 -74.66
N VAL C 599 23.40 41.49 -75.39
CA VAL C 599 22.26 41.26 -76.27
C VAL C 599 22.61 40.21 -77.32
N LEU C 600 23.88 40.18 -77.75
CA LEU C 600 24.33 39.16 -78.67
C LEU C 600 24.19 37.78 -78.04
N ASP C 601 24.59 37.66 -76.77
CA ASP C 601 24.47 36.40 -76.04
C ASP C 601 23.02 35.98 -75.88
N VAL C 602 22.11 36.95 -75.78
CA VAL C 602 20.67 36.67 -75.80
C VAL C 602 20.27 36.05 -77.13
N LEU C 603 20.74 36.64 -78.23
CA LEU C 603 20.46 36.07 -79.56
C LEU C 603 21.09 34.67 -79.69
N CYS C 604 22.32 34.51 -79.20
CA CYS C 604 22.99 33.22 -79.27
C CYS C 604 22.21 32.18 -78.48
N SER C 605 21.59 32.59 -77.37
CA SER C 605 20.77 31.65 -76.63
C SER C 605 19.49 31.36 -77.40
N LEU C 606 19.06 32.30 -78.24
CA LEU C 606 17.83 32.08 -79.02
C LEU C 606 18.07 31.05 -80.09
N CYS C 607 19.31 30.98 -80.60
CA CYS C 607 19.59 30.06 -81.69
C CYS C 607 19.48 28.61 -81.24
N VAL C 608 20.35 28.19 -80.33
CA VAL C 608 20.41 26.82 -79.87
C VAL C 608 20.17 26.79 -78.36
N CYS C 609 19.41 25.80 -77.90
CA CYS C 609 19.12 25.63 -76.48
C CYS C 609 19.32 24.16 -76.14
N ASN C 610 20.24 23.87 -75.23
CA ASN C 610 20.56 22.51 -74.76
C ASN C 610 20.99 21.58 -75.90
N GLY C 611 21.48 22.12 -77.00
CA GLY C 611 21.97 21.33 -78.11
C GLY C 611 20.97 21.00 -79.20
N VAL C 612 19.84 21.69 -79.29
CA VAL C 612 18.88 21.47 -80.36
C VAL C 612 18.72 22.80 -81.11
N ALA C 613 18.76 22.74 -82.44
CA ALA C 613 18.58 23.93 -83.26
C ALA C 613 17.11 24.31 -83.36
N VAL C 614 16.84 25.61 -83.36
CA VAL C 614 15.49 26.13 -83.51
C VAL C 614 15.46 26.92 -84.82
N ARG C 615 15.14 26.22 -85.92
CA ARG C 615 15.26 26.82 -87.24
C ARG C 615 14.20 27.87 -87.48
N SER C 616 13.08 27.79 -86.74
CA SER C 616 12.04 28.81 -86.81
C SER C 616 12.50 30.13 -86.21
N ASN C 617 13.54 30.12 -85.39
CA ASN C 617 14.02 31.35 -84.78
C ASN C 617 15.27 31.85 -85.46
N GLN C 618 16.19 30.93 -85.81
CA GLN C 618 17.47 31.29 -86.41
C GLN C 618 17.28 32.14 -87.65
N ASP C 619 16.33 31.73 -88.50
CA ASP C 619 16.03 32.46 -89.73
C ASP C 619 15.52 33.86 -89.42
N LEU C 620 14.64 33.99 -88.43
CA LEU C 620 14.10 35.32 -88.09
C LEU C 620 15.20 36.25 -87.60
N ILE C 621 16.17 35.71 -86.85
CA ILE C 621 17.35 36.48 -86.44
C ILE C 621 18.11 36.98 -87.66
N THR C 622 18.39 36.06 -88.60
CA THR C 622 19.14 36.45 -89.80
C THR C 622 18.35 37.45 -90.63
N GLU C 623 17.05 37.21 -90.80
CA GLU C 623 16.24 37.98 -91.73
C GLU C 623 16.07 39.40 -91.22
N ASN C 624 15.85 39.56 -89.92
CA ASN C 624 15.60 40.88 -89.38
C ASN C 624 16.88 41.63 -89.05
N LEU C 625 18.03 40.95 -89.06
CA LEU C 625 19.27 41.61 -88.65
C LEU C 625 20.29 41.72 -89.77
N LEU C 626 20.66 40.61 -90.40
CA LEU C 626 21.78 40.60 -91.33
C LEU C 626 21.65 41.47 -92.60
N PRO C 627 20.54 41.42 -93.39
CA PRO C 627 20.57 42.10 -94.71
C PRO C 627 20.79 43.61 -94.68
N GLY C 628 20.27 44.30 -93.66
CA GLY C 628 20.39 45.74 -93.59
C GLY C 628 21.82 46.22 -93.52
N ARG C 629 22.67 45.48 -92.77
CA ARG C 629 24.10 45.80 -92.60
C ARG C 629 24.34 47.18 -92.00
N GLU C 630 23.60 47.52 -90.96
CA GLU C 630 23.77 48.81 -90.29
C GLU C 630 23.97 48.73 -88.80
N LEU C 631 23.63 47.61 -88.15
CA LEU C 631 23.86 47.51 -86.71
C LEU C 631 25.19 46.84 -86.38
N LEU C 632 25.44 45.66 -86.94
CA LEU C 632 26.68 44.96 -86.66
C LEU C 632 27.80 45.48 -87.54
N LEU C 633 29.03 45.17 -87.14
CA LEU C 633 30.21 45.59 -87.87
C LEU C 633 30.36 44.82 -89.17
N GLN C 634 31.11 45.39 -90.11
CA GLN C 634 31.36 44.74 -91.40
C GLN C 634 32.84 44.65 -91.68
N THR C 635 33.27 43.53 -92.25
CA THR C 635 34.66 43.28 -92.57
C THR C 635 34.84 43.15 -94.09
N ASN C 636 36.03 43.52 -94.55
CA ASN C 636 36.38 43.44 -95.97
C ASN C 636 37.89 43.54 -96.09
N LEU C 637 38.39 43.21 -97.28
CA LEU C 637 39.81 43.32 -97.60
C LEU C 637 40.00 44.51 -98.53
N ILE C 638 40.87 45.44 -98.13
CA ILE C 638 41.09 46.68 -98.85
C ILE C 638 42.60 46.86 -99.06
N ASN C 639 42.98 47.20 -100.29
CA ASN C 639 44.37 47.52 -100.60
C ASN C 639 44.77 48.87 -100.03
N TYR C 640 46.07 49.02 -99.81
CA TYR C 640 46.63 50.29 -99.37
C TYR C 640 46.73 51.25 -100.55
N VAL C 641 46.38 52.52 -100.31
CA VAL C 641 46.45 53.57 -101.31
C VAL C 641 47.38 54.66 -100.79
N THR C 642 48.38 55.02 -101.59
CA THR C 642 49.31 56.06 -101.23
C THR C 642 49.37 57.10 -102.34
N SER C 643 49.85 58.28 -102.00
CA SER C 643 49.93 59.40 -102.92
C SER C 643 51.35 59.94 -102.96
N ILE C 644 51.74 60.45 -104.14
CA ILE C 644 53.04 61.06 -104.35
C ILE C 644 52.81 62.41 -105.02
N ARG C 645 53.53 63.44 -104.57
CA ARG C 645 53.38 64.77 -105.12
C ARG C 645 54.72 65.36 -105.52
N PRO C 646 54.74 66.22 -106.52
CA PRO C 646 55.93 67.06 -106.76
C PRO C 646 55.80 68.34 -105.96
N ASN C 647 56.94 68.82 -105.43
CA ASN C 647 56.92 69.91 -104.46
C ASN C 647 56.70 71.26 -105.13
N ILE C 648 55.53 71.42 -105.75
CA ILE C 648 55.13 72.66 -106.40
C ILE C 648 53.84 73.12 -105.72
N PHE C 649 53.93 74.24 -105.00
CA PHE C 649 52.90 74.66 -104.07
C PHE C 649 52.37 76.02 -104.52
N VAL C 650 51.11 76.07 -104.93
CA VAL C 650 50.51 77.28 -105.50
C VAL C 650 49.27 77.64 -104.69
N GLY C 651 49.07 78.93 -104.46
CA GLY C 651 47.90 79.38 -103.72
C GLY C 651 47.69 80.86 -103.89
N ARG C 652 46.43 81.28 -103.77
CA ARG C 652 46.07 82.67 -103.94
C ARG C 652 46.13 83.41 -102.61
N ALA C 653 46.65 84.64 -102.66
CA ALA C 653 46.83 85.46 -101.48
C ALA C 653 46.78 86.92 -101.89
N GLU C 654 46.51 87.79 -100.92
CA GLU C 654 46.48 89.23 -101.19
C GLU C 654 47.87 89.70 -101.60
N GLY C 655 48.00 90.23 -102.81
CA GLY C 655 49.30 90.58 -103.36
C GLY C 655 50.25 89.41 -103.51
N SER C 656 49.72 88.25 -103.90
CA SER C 656 50.51 87.04 -104.09
C SER C 656 51.49 87.19 -105.24
N THR C 657 52.75 86.80 -105.02
CA THR C 657 53.78 86.84 -106.05
C THR C 657 53.77 85.60 -106.94
N GLN C 658 52.65 84.88 -107.02
CA GLN C 658 52.53 83.71 -107.87
C GLN C 658 51.24 83.80 -108.68
N TYR C 659 51.34 83.48 -109.97
CA TYR C 659 50.18 83.61 -110.84
C TYR C 659 49.24 82.43 -110.66
N GLY C 660 47.94 82.73 -110.57
CA GLY C 660 46.94 81.72 -110.33
C GLY C 660 46.43 80.98 -111.55
N LYS C 661 47.33 80.39 -112.34
CA LYS C 661 46.96 79.59 -113.50
C LYS C 661 48.10 78.62 -113.75
N TRP C 662 47.87 77.33 -113.52
CA TRP C 662 48.94 76.36 -113.68
C TRP C 662 48.43 75.08 -114.31
N TYR C 663 49.26 74.49 -115.17
CA TYR C 663 48.85 73.37 -116.01
C TYR C 663 49.91 72.28 -116.01
N PHE C 664 49.51 71.06 -115.66
CA PHE C 664 50.40 69.91 -115.59
C PHE C 664 49.71 68.71 -116.20
N GLU C 665 50.51 67.72 -116.59
CA GLU C 665 49.97 66.51 -117.19
C GLU C 665 50.57 65.26 -116.58
N VAL C 666 49.75 64.21 -116.50
CA VAL C 666 50.19 62.91 -116.02
C VAL C 666 49.93 61.87 -117.10
N MET C 667 50.97 61.12 -117.44
CA MET C 667 50.93 60.08 -118.44
C MET C 667 50.68 58.74 -117.76
N VAL C 668 49.87 57.91 -118.39
CA VAL C 668 49.59 56.56 -117.90
C VAL C 668 50.49 55.60 -118.66
N ASP C 669 51.23 54.73 -117.96
CA ASP C 669 52.04 53.76 -118.67
C ASP C 669 51.29 52.43 -118.80
N GLU C 670 51.01 51.77 -117.69
CA GLU C 670 50.26 50.52 -117.66
C GLU C 670 49.31 50.54 -116.48
N VAL C 671 48.19 49.85 -116.62
CA VAL C 671 47.17 49.76 -115.58
C VAL C 671 46.72 48.31 -115.48
N VAL C 672 47.19 47.63 -114.45
CA VAL C 672 46.70 46.27 -114.22
C VAL C 672 45.24 46.36 -113.78
N PRO C 673 44.33 45.63 -114.44
CA PRO C 673 42.89 45.77 -114.12
C PRO C 673 42.54 45.39 -112.69
N PHE C 674 42.90 44.18 -112.27
CA PHE C 674 42.63 43.73 -110.89
C PHE C 674 43.83 42.91 -110.44
N LEU C 675 44.80 43.59 -109.81
CA LEU C 675 45.89 42.86 -109.17
C LEU C 675 45.39 42.06 -108.00
N THR C 676 44.46 42.63 -107.24
CA THR C 676 43.73 41.98 -106.16
C THR C 676 42.24 41.96 -106.51
N ALA C 677 41.44 41.45 -105.58
CA ALA C 677 39.99 41.43 -105.76
C ALA C 677 39.43 42.85 -105.85
N GLN C 678 39.94 43.76 -105.02
CA GLN C 678 39.56 45.16 -105.10
C GLN C 678 39.95 45.76 -106.45
N ALA C 679 39.10 46.64 -106.97
CA ALA C 679 39.41 47.34 -108.20
C ALA C 679 40.63 48.24 -108.02
N THR C 680 41.41 48.37 -109.10
CA THR C 680 42.58 49.22 -109.09
C THR C 680 42.17 50.68 -108.93
N HIS C 681 42.70 51.34 -107.92
CA HIS C 681 42.45 52.75 -107.67
C HIS C 681 43.49 53.58 -108.42
N LEU C 682 43.01 54.58 -109.17
CA LEU C 682 43.90 55.46 -109.91
C LEU C 682 43.17 56.77 -110.17
N ARG C 683 43.56 57.83 -109.47
CA ARG C 683 42.98 59.15 -109.66
C ARG C 683 44.09 60.18 -109.67
N VAL C 684 43.88 61.26 -110.43
CA VAL C 684 44.84 62.36 -110.52
C VAL C 684 44.10 63.65 -110.18
N GLY C 685 44.71 64.49 -109.35
CA GLY C 685 44.05 65.74 -109.04
C GLY C 685 44.92 66.66 -108.24
N TRP C 686 44.29 67.71 -107.74
CA TRP C 686 44.97 68.66 -106.87
C TRP C 686 44.69 68.29 -105.42
N ALA C 687 45.39 68.95 -104.51
CA ALA C 687 45.15 68.74 -103.09
C ALA C 687 45.64 69.96 -102.33
N LEU C 688 45.18 70.09 -101.09
CA LEU C 688 45.36 71.29 -100.28
C LEU C 688 46.22 70.96 -99.05
N THR C 689 46.73 71.99 -98.38
CA THR C 689 47.80 71.83 -97.40
C THR C 689 47.35 71.86 -95.94
N GLU C 690 46.08 72.13 -95.64
CA GLU C 690 45.62 72.27 -94.25
C GLU C 690 44.45 71.31 -93.99
N GLY C 691 44.70 70.03 -94.25
CA GLY C 691 43.66 69.03 -94.08
C GLY C 691 43.75 67.82 -94.99
N TYR C 692 44.69 67.82 -95.93
CA TYR C 692 44.94 66.64 -96.76
C TYR C 692 46.29 66.05 -96.36
N SER C 693 46.26 65.12 -95.41
CA SER C 693 47.44 64.35 -95.02
C SER C 693 47.03 62.88 -94.93
N PRO C 694 46.86 62.20 -96.07
CA PRO C 694 46.24 60.87 -96.06
C PRO C 694 47.15 59.77 -95.56
N TYR C 695 47.14 59.54 -94.24
CA TYR C 695 47.89 58.44 -93.66
C TYR C 695 47.41 57.11 -94.24
N PRO C 696 48.33 56.19 -94.53
CA PRO C 696 47.92 54.90 -95.11
C PRO C 696 47.10 54.06 -94.14
N GLY C 697 46.19 53.28 -94.71
CA GLY C 697 45.38 52.38 -93.92
C GLY C 697 43.90 52.72 -93.91
N GLY C 698 43.22 52.34 -92.84
CA GLY C 698 41.81 52.63 -92.72
C GLY C 698 41.54 54.07 -92.34
N GLY C 699 40.28 54.46 -92.51
CA GLY C 699 39.88 55.83 -92.24
C GLY C 699 38.47 56.10 -92.72
N GLU C 700 38.29 57.21 -93.44
CA GLU C 700 36.97 57.56 -93.95
C GLU C 700 36.51 56.59 -95.03
N GLY C 701 35.21 56.28 -95.00
CA GLY C 701 34.62 55.36 -95.94
C GLY C 701 35.13 53.95 -95.73
N TRP C 702 35.11 53.17 -96.80
CA TRP C 702 35.63 51.80 -96.77
C TRP C 702 37.15 51.74 -96.84
N GLY C 703 37.86 52.85 -96.68
CA GLY C 703 39.30 52.88 -96.71
C GLY C 703 39.88 53.08 -98.09
N GLY C 704 41.21 53.00 -98.13
CA GLY C 704 41.95 53.24 -99.35
C GLY C 704 41.76 54.65 -99.86
N ASN C 705 41.73 55.62 -98.94
CA ASN C 705 41.46 57.00 -99.31
C ASN C 705 42.66 57.61 -100.03
N GLY C 706 42.36 58.40 -101.05
CA GLY C 706 43.36 59.14 -101.81
C GLY C 706 42.86 60.53 -102.13
N VAL C 707 42.93 60.90 -103.39
CA VAL C 707 42.50 62.22 -103.85
C VAL C 707 41.01 62.19 -104.13
N GLY C 708 40.29 63.14 -103.56
CA GLY C 708 38.86 63.28 -103.74
C GLY C 708 38.00 62.64 -102.67
N ASP C 709 38.60 61.93 -101.72
CA ASP C 709 37.83 61.28 -100.67
C ASP C 709 37.34 62.26 -99.61
N ASP C 710 37.81 63.51 -99.63
CA ASP C 710 37.42 64.49 -98.64
C ASP C 710 37.42 65.85 -99.31
N LEU C 711 37.07 66.88 -98.55
CA LEU C 711 37.01 68.24 -99.06
C LEU C 711 38.34 68.96 -99.07
N TYR C 712 39.45 68.21 -99.11
CA TYR C 712 40.78 68.80 -99.24
C TYR C 712 41.48 68.30 -100.50
N SER C 713 40.77 67.62 -101.39
CA SER C 713 41.32 67.13 -102.64
C SER C 713 40.20 67.01 -103.66
N TYR C 714 40.58 67.01 -104.94
CA TYR C 714 39.62 67.07 -106.05
C TYR C 714 40.08 66.07 -107.13
N GLY C 715 39.56 64.85 -107.06
CA GLY C 715 40.06 63.77 -107.87
C GLY C 715 39.26 63.50 -109.14
N PHE C 716 39.93 62.86 -110.09
CA PHE C 716 39.30 62.44 -111.33
C PHE C 716 39.92 61.12 -111.78
N ASP C 717 39.13 60.28 -112.45
CA ASP C 717 39.55 58.93 -112.76
C ASP C 717 39.18 58.50 -114.17
N GLY C 718 38.87 59.44 -115.05
CA GLY C 718 38.34 59.12 -116.35
C GLY C 718 36.83 59.10 -116.44
N LEU C 719 36.14 58.97 -115.32
CA LEU C 719 34.68 58.98 -115.33
C LEU C 719 34.03 59.79 -114.21
N HIS C 720 34.71 60.08 -113.12
CA HIS C 720 34.07 60.69 -111.96
C HIS C 720 34.91 61.83 -111.42
N LEU C 721 34.24 62.88 -110.96
CA LEU C 721 34.90 63.99 -110.27
C LEU C 721 34.69 63.78 -108.78
N TRP C 722 35.74 63.30 -108.11
CA TRP C 722 35.64 62.90 -106.72
C TRP C 722 35.84 64.08 -105.78
N THR C 723 34.87 64.29 -104.89
CA THR C 723 34.97 65.28 -103.84
C THR C 723 34.05 64.84 -102.70
N GLY C 724 34.54 64.95 -101.47
CA GLY C 724 33.82 64.49 -100.31
C GLY C 724 33.45 63.02 -100.33
N HIS C 725 34.33 62.17 -100.88
CA HIS C 725 34.10 60.74 -101.11
C HIS C 725 32.79 60.49 -101.86
N VAL C 726 32.55 61.27 -102.91
CA VAL C 726 31.38 61.13 -103.76
C VAL C 726 31.86 61.13 -105.21
N ALA C 727 31.35 60.19 -106.01
CA ALA C 727 31.65 60.10 -107.43
C ALA C 727 30.50 60.69 -108.23
N ARG C 728 30.83 61.42 -109.30
CA ARG C 728 29.81 62.04 -110.15
C ARG C 728 30.12 61.75 -111.61
N PRO C 729 29.23 61.06 -112.33
CA PRO C 729 29.51 60.71 -113.73
C PRO C 729 29.55 61.92 -114.63
N VAL C 730 30.43 61.86 -115.64
CA VAL C 730 30.56 62.90 -116.64
C VAL C 730 30.68 62.25 -118.03
N THR C 731 30.00 62.86 -119.00
CA THR C 731 30.12 62.42 -120.37
C THR C 731 31.45 62.91 -120.91
N SER C 732 32.22 62.00 -121.51
CA SER C 732 33.53 62.34 -122.02
C SER C 732 33.64 61.84 -123.45
N PRO C 733 34.51 62.45 -124.27
CA PRO C 733 34.70 61.94 -125.63
C PRO C 733 35.44 60.61 -125.63
N GLY C 734 34.69 59.53 -125.43
CA GLY C 734 35.27 58.21 -125.26
C GLY C 734 35.46 57.88 -123.81
N GLN C 735 34.38 58.02 -123.03
CA GLN C 735 34.45 57.86 -121.58
C GLN C 735 34.84 56.43 -121.18
N HIS C 736 35.82 56.33 -120.28
CA HIS C 736 36.28 55.09 -119.67
C HIS C 736 37.23 55.48 -118.54
N LEU C 737 37.73 54.48 -117.83
CA LEU C 737 38.74 54.71 -116.80
C LEU C 737 40.07 55.09 -117.44
N LEU C 738 41.08 55.35 -116.60
CA LEU C 738 42.38 55.69 -117.14
C LEU C 738 43.03 54.43 -117.70
N ALA C 739 42.82 54.20 -118.99
CA ALA C 739 43.44 53.09 -119.70
C ALA C 739 44.94 53.36 -119.88
N PRO C 740 45.75 52.31 -120.08
CA PRO C 740 47.18 52.53 -120.33
C PRO C 740 47.42 53.36 -121.58
N GLU C 741 48.51 54.14 -121.53
CA GLU C 741 48.91 55.08 -122.58
C GLU C 741 47.82 56.14 -122.82
N ASP C 742 47.56 56.91 -121.77
CA ASP C 742 46.57 57.98 -121.81
C ASP C 742 47.14 59.24 -121.18
N VAL C 743 46.58 60.36 -121.62
CA VAL C 743 47.06 61.70 -121.29
C VAL C 743 45.98 62.45 -120.53
N VAL C 744 46.34 63.01 -119.38
CA VAL C 744 45.42 63.77 -118.53
C VAL C 744 45.94 65.19 -118.45
N SER C 745 45.12 66.15 -118.85
CA SER C 745 45.49 67.56 -118.84
C SER C 745 44.76 68.24 -117.68
N CYS C 746 45.50 68.98 -116.85
CA CYS C 746 44.94 69.56 -115.64
C CYS C 746 45.04 71.07 -115.68
N CYS C 747 43.91 71.75 -115.55
CA CYS C 747 43.82 73.19 -115.49
C CYS C 747 43.36 73.63 -114.11
N LEU C 748 44.10 74.55 -113.50
CA LEU C 748 43.77 75.15 -112.22
C LEU C 748 43.90 76.65 -112.34
N ASP C 749 42.77 77.35 -112.16
CA ASP C 749 42.74 78.81 -112.09
C ASP C 749 42.43 79.19 -110.65
N LEU C 750 43.26 80.08 -110.09
CA LEU C 750 43.00 80.65 -108.77
C LEU C 750 42.30 82.00 -108.81
N SER C 751 42.48 82.76 -109.91
CA SER C 751 41.81 84.06 -110.06
C SER C 751 40.29 83.92 -109.97
N VAL C 752 39.76 82.92 -110.65
CA VAL C 752 38.38 82.48 -110.46
C VAL C 752 38.46 81.04 -109.97
N PRO C 753 37.72 80.66 -108.92
CA PRO C 753 37.84 79.28 -108.42
C PRO C 753 37.29 78.27 -109.42
N SER C 754 38.19 77.54 -110.07
CA SER C 754 37.81 76.66 -111.16
C SER C 754 38.93 75.69 -111.46
N ILE C 755 38.54 74.44 -111.74
CA ILE C 755 39.45 73.37 -112.15
C ILE C 755 38.83 72.70 -113.37
N SER C 756 39.58 72.63 -114.46
CA SER C 756 39.09 72.05 -115.71
C SER C 756 40.03 70.95 -116.15
N PHE C 757 39.49 69.84 -116.65
CA PHE C 757 40.28 68.67 -116.99
C PHE C 757 40.02 68.25 -118.44
N ARG C 758 41.03 67.62 -119.03
CA ARG C 758 40.92 67.10 -120.38
C ARG C 758 41.54 65.72 -120.46
N ILE C 759 40.94 64.83 -121.24
CA ILE C 759 41.45 63.47 -121.42
C ILE C 759 41.99 63.37 -122.85
N ASN C 760 43.30 63.10 -122.96
CA ASN C 760 44.00 62.83 -124.23
C ASN C 760 43.74 63.95 -125.25
N GLY C 761 43.77 65.19 -124.76
CA GLY C 761 43.40 66.35 -125.53
C GLY C 761 41.91 66.65 -125.59
N CYS C 762 41.06 65.65 -125.40
CA CYS C 762 39.61 65.86 -125.42
C CYS C 762 39.16 66.40 -124.07
N PRO C 763 38.49 67.56 -124.02
CA PRO C 763 38.05 68.13 -122.75
C PRO C 763 37.06 67.28 -121.97
N VAL C 764 37.16 67.35 -120.64
CA VAL C 764 36.19 66.75 -119.72
C VAL C 764 35.36 67.87 -119.12
N GLN C 765 34.04 67.74 -119.25
CA GLN C 765 33.13 68.85 -118.97
C GLN C 765 32.61 68.77 -117.55
N GLY C 766 33.41 69.26 -116.62
CA GLY C 766 33.03 69.37 -115.22
C GLY C 766 34.00 70.33 -114.55
N VAL C 767 33.48 71.29 -113.79
CA VAL C 767 34.31 72.29 -113.11
C VAL C 767 33.75 72.51 -111.70
N PHE C 768 34.67 72.51 -110.72
CA PHE C 768 34.31 72.91 -109.37
C PHE C 768 34.33 74.42 -109.23
N GLU C 769 33.48 74.93 -108.36
CA GLU C 769 33.30 76.36 -108.12
C GLU C 769 33.11 76.58 -106.63
N ALA C 770 33.40 77.81 -106.20
CA ALA C 770 33.15 78.29 -104.83
C ALA C 770 33.77 77.40 -103.75
N PHE C 771 35.03 77.04 -103.96
CA PHE C 771 35.76 76.25 -102.97
C PHE C 771 36.75 77.14 -102.26
N ASN C 772 37.12 76.73 -101.05
CA ASN C 772 38.00 77.51 -100.19
C ASN C 772 39.38 77.66 -100.83
N LEU C 773 39.76 78.92 -101.10
CA LEU C 773 40.99 79.23 -101.81
C LEU C 773 42.20 79.35 -100.90
N ASP C 774 42.00 79.37 -99.59
CA ASP C 774 43.09 79.59 -98.65
C ASP C 774 44.08 78.42 -98.68
N GLY C 775 45.30 78.71 -98.25
CA GLY C 775 46.33 77.69 -98.25
C GLY C 775 46.92 77.51 -99.63
N LEU C 776 47.61 76.38 -99.80
CA LEU C 776 48.36 76.10 -101.01
C LEU C 776 47.80 74.86 -101.68
N PHE C 777 47.87 74.83 -103.00
CA PHE C 777 47.46 73.68 -103.79
C PHE C 777 48.68 73.02 -104.39
N PHE C 778 48.55 71.73 -104.72
CA PHE C 778 49.69 71.02 -105.28
C PHE C 778 49.22 69.83 -106.09
N PRO C 779 49.88 69.52 -107.20
CA PRO C 779 49.51 68.34 -108.00
C PRO C 779 49.82 67.06 -107.25
N VAL C 780 49.00 66.03 -107.49
CA VAL C 780 49.15 64.76 -106.78
C VAL C 780 48.37 63.67 -107.52
N VAL C 781 48.80 62.42 -107.35
CA VAL C 781 48.14 61.25 -107.90
C VAL C 781 47.89 60.27 -106.75
N SER C 782 46.69 59.72 -106.69
CA SER C 782 46.34 58.67 -105.76
C SER C 782 46.27 57.36 -106.51
N PHE C 783 46.97 56.35 -106.01
CA PHE C 783 47.07 55.12 -106.77
C PHE C 783 47.12 53.92 -105.83
N SER C 784 46.74 52.78 -106.40
CA SER C 784 46.90 51.49 -105.77
C SER C 784 48.23 50.91 -106.22
N ALA C 785 48.55 49.72 -105.72
CA ALA C 785 49.76 49.06 -106.18
C ALA C 785 49.60 48.58 -107.63
N GLY C 786 50.75 48.38 -108.27
CA GLY C 786 50.77 47.89 -109.63
C GLY C 786 50.53 48.92 -110.72
N VAL C 787 51.14 50.10 -110.61
CA VAL C 787 50.95 51.17 -111.58
C VAL C 787 52.31 51.79 -111.88
N LYS C 788 52.44 52.33 -113.08
CA LYS C 788 53.57 53.15 -113.51
C LYS C 788 53.02 54.38 -114.22
N VAL C 789 53.34 55.57 -113.71
CA VAL C 789 52.79 56.81 -114.23
C VAL C 789 53.91 57.81 -114.39
N ARG C 790 53.62 58.87 -115.14
CA ARG C 790 54.62 59.89 -115.42
C ARG C 790 54.06 61.27 -115.18
N PHE C 791 54.86 62.14 -114.59
CA PHE C 791 54.55 63.56 -114.52
C PHE C 791 55.26 64.25 -115.68
N LEU C 792 54.51 65.08 -116.40
CA LEU C 792 54.99 65.93 -117.48
C LEU C 792 54.67 67.36 -117.05
N LEU C 793 55.71 68.04 -116.57
CA LEU C 793 55.61 69.36 -115.98
C LEU C 793 56.04 70.46 -116.94
N GLY C 794 56.38 70.11 -118.17
CA GLY C 794 56.71 71.07 -119.19
C GLY C 794 58.15 71.55 -119.11
N GLY C 795 58.56 72.24 -120.16
CA GLY C 795 59.94 72.71 -120.28
C GLY C 795 60.91 71.55 -120.29
N ARG C 796 61.84 71.56 -119.34
CA ARG C 796 62.78 70.46 -119.20
C ARG C 796 62.20 69.27 -118.46
N HIS C 797 61.00 69.41 -117.90
CA HIS C 797 60.34 68.36 -117.14
C HIS C 797 59.13 67.78 -117.88
N GLY C 798 59.26 67.61 -119.19
CA GLY C 798 58.20 67.10 -120.04
C GLY C 798 57.92 68.02 -121.20
N GLU C 799 56.96 67.60 -122.03
CA GLU C 799 56.62 68.33 -123.24
C GLU C 799 55.17 68.78 -123.33
N PHE C 800 54.29 68.27 -122.45
CA PHE C 800 52.84 68.49 -122.36
C PHE C 800 52.04 67.84 -123.48
N LYS C 801 52.69 67.43 -124.59
CA LYS C 801 52.11 66.67 -125.69
C LYS C 801 50.83 67.23 -126.32
N PHE C 802 50.44 68.44 -125.91
CA PHE C 802 49.16 69.11 -126.12
C PHE C 802 49.33 70.53 -125.61
N LEU C 803 48.68 71.48 -126.28
CA LEU C 803 48.86 72.89 -125.94
C LEU C 803 48.28 73.18 -124.56
N PRO C 804 49.03 73.86 -123.69
CA PRO C 804 48.42 74.40 -122.48
C PRO C 804 47.34 75.41 -122.82
N PRO C 805 46.29 75.50 -122.00
CA PRO C 805 45.30 76.53 -122.20
C PRO C 805 45.91 77.91 -122.03
N PRO C 806 45.35 78.94 -122.69
CA PRO C 806 45.96 80.28 -122.66
C PRO C 806 46.09 80.85 -121.25
N GLY C 807 47.26 81.43 -120.98
CA GLY C 807 47.52 82.03 -119.70
C GLY C 807 47.92 81.06 -118.59
N TYR C 808 47.98 79.76 -118.88
CA TYR C 808 48.30 78.76 -117.87
C TYR C 808 49.79 78.45 -117.93
N ALA C 809 50.52 78.86 -116.90
CA ALA C 809 51.95 78.63 -116.85
C ALA C 809 52.26 77.14 -116.66
N PRO C 810 53.29 76.62 -117.30
CA PRO C 810 53.77 75.27 -117.00
C PRO C 810 54.12 75.12 -115.53
N CYS C 811 53.67 74.01 -114.92
CA CYS C 811 53.78 73.85 -113.47
C CYS C 811 55.21 73.73 -112.97
N HIS C 812 56.17 73.42 -113.84
CA HIS C 812 57.57 73.38 -113.44
C HIS C 812 58.19 74.77 -113.25
N GLU C 813 57.43 75.84 -113.42
CA GLU C 813 57.94 77.20 -113.30
C GLU C 813 57.76 77.79 -111.91
N ALA C 814 57.18 77.02 -110.97
CA ALA C 814 56.89 77.51 -109.63
C ALA C 814 57.86 76.97 -108.59
N VAL C 815 58.98 76.36 -109.02
CA VAL C 815 59.90 75.76 -108.07
C VAL C 815 60.67 76.85 -107.33
N LEU C 816 61.01 76.55 -106.08
CA LEU C 816 61.70 77.48 -105.20
C LEU C 816 63.20 77.48 -105.49
N PRO C 817 63.93 78.60 -105.15
CA PRO C 817 65.35 78.70 -105.54
C PRO C 817 66.27 77.66 -104.91
N ARG C 818 66.27 77.56 -103.57
CA ARG C 818 67.26 76.74 -102.87
C ARG C 818 67.09 75.25 -103.12
N GLU C 819 65.96 74.81 -103.65
CA GLU C 819 65.69 73.39 -103.84
C GLU C 819 65.72 73.05 -105.32
N ARG C 820 65.81 71.75 -105.58
CA ARG C 820 65.70 71.18 -106.90
C ARG C 820 64.46 70.30 -106.95
N LEU C 821 63.81 70.28 -108.11
CA LEU C 821 62.52 69.63 -108.27
C LEU C 821 62.60 68.14 -107.96
N ARG C 822 61.61 67.64 -107.23
CA ARG C 822 61.62 66.28 -106.74
C ARG C 822 60.19 65.83 -106.52
N LEU C 823 60.04 64.54 -106.22
CA LEU C 823 58.74 63.94 -105.98
C LEU C 823 58.70 63.42 -104.56
N GLU C 824 57.68 63.83 -103.81
CA GLU C 824 57.61 63.50 -102.40
C GLU C 824 56.23 62.95 -102.07
N PRO C 825 56.15 62.05 -101.11
CA PRO C 825 54.86 61.71 -100.52
C PRO C 825 54.37 62.83 -99.62
N ILE C 826 53.07 62.77 -99.31
CA ILE C 826 52.42 63.72 -98.40
C ILE C 826 52.96 63.39 -96.99
N LYS C 827 52.67 64.24 -96.00
CA LYS C 827 53.14 64.10 -94.61
C LYS C 827 52.93 62.69 -94.08
N GLU C 828 54.03 62.05 -93.71
CA GLU C 828 54.07 60.67 -93.29
C GLU C 828 54.70 60.57 -91.90
N TYR C 829 55.00 59.34 -91.51
CA TYR C 829 55.65 59.09 -90.24
C TYR C 829 56.89 58.22 -90.33
N ARG C 830 57.13 57.55 -91.45
CA ARG C 830 58.25 56.63 -91.52
C ARG C 830 58.77 56.66 -92.94
N ARG C 831 60.09 56.51 -93.08
CA ARG C 831 60.68 56.30 -94.39
C ARG C 831 61.82 55.31 -94.24
N GLU C 832 62.20 54.71 -95.36
CA GLU C 832 63.26 53.71 -95.35
C GLU C 832 64.60 54.37 -94.98
N GLY C 833 65.49 53.57 -94.40
CA GLY C 833 66.82 54.00 -94.08
C GLY C 833 67.82 52.88 -94.23
N PRO C 834 69.12 53.23 -94.21
CA PRO C 834 70.16 52.20 -94.38
C PRO C 834 70.18 51.18 -93.25
N ARG C 835 70.12 51.62 -91.99
CA ARG C 835 70.15 50.72 -90.86
C ARG C 835 68.76 50.28 -90.39
N GLY C 836 67.69 50.77 -91.03
CA GLY C 836 66.34 50.42 -90.66
C GLY C 836 65.40 51.58 -90.88
N PRO C 837 64.14 51.44 -90.47
CA PRO C 837 63.17 52.54 -90.63
C PRO C 837 63.55 53.77 -89.83
N HIS C 838 63.23 54.94 -90.39
CA HIS C 838 63.41 56.21 -89.73
C HIS C 838 62.04 56.84 -89.49
N LEU C 839 61.72 57.06 -88.22
CA LEU C 839 60.52 57.81 -87.89
C LEU C 839 60.77 59.27 -88.27
N VAL C 840 59.73 59.90 -88.80
CA VAL C 840 59.81 61.25 -89.35
C VAL C 840 58.89 62.20 -88.60
N GLY C 841 59.46 63.30 -88.13
CA GLY C 841 58.77 64.42 -87.52
C GLY C 841 58.01 65.25 -88.53
N PRO C 842 56.99 66.01 -88.10
CA PRO C 842 56.14 66.74 -89.06
C PRO C 842 56.91 67.74 -89.93
N SER C 843 56.63 67.70 -91.21
CA SER C 843 57.34 68.52 -92.20
C SER C 843 56.97 69.99 -92.06
N ARG C 844 57.92 70.89 -92.34
CA ARG C 844 57.49 72.28 -92.37
C ARG C 844 56.75 72.43 -93.68
N CYS C 845 55.77 73.33 -93.70
CA CYS C 845 54.97 73.46 -94.88
C CYS C 845 54.93 74.94 -95.18
N LEU C 846 55.14 75.26 -96.44
CA LEU C 846 55.10 76.63 -96.90
C LEU C 846 53.65 77.12 -96.88
N SER C 847 53.49 78.42 -96.77
CA SER C 847 52.18 79.05 -96.67
C SER C 847 52.08 80.13 -97.73
N HIS C 848 50.83 80.43 -98.13
CA HIS C 848 50.61 81.51 -99.08
C HIS C 848 51.08 82.84 -98.51
N THR C 849 50.82 83.06 -97.21
CA THR C 849 51.31 84.23 -96.49
C THR C 849 52.84 84.36 -96.53
N ASP C 850 53.56 83.27 -96.80
CA ASP C 850 55.00 83.33 -96.93
C ASP C 850 55.46 83.72 -98.33
N PHE C 851 54.56 83.98 -99.28
CA PHE C 851 54.99 84.48 -100.58
C PHE C 851 54.65 85.95 -100.75
N VAL C 852 53.95 86.55 -99.81
CA VAL C 852 53.68 87.97 -99.90
C VAL C 852 54.78 88.72 -99.14
N PRO C 853 55.46 89.68 -99.79
CA PRO C 853 56.47 90.45 -99.06
C PRO C 853 55.82 91.58 -98.28
N CYS C 854 55.94 91.51 -96.96
CA CYS C 854 55.32 92.48 -96.05
C CYS C 854 56.41 93.26 -95.31
N PRO C 855 56.84 94.38 -95.84
CA PRO C 855 57.91 95.15 -95.20
C PRO C 855 57.33 96.07 -94.13
N VAL C 856 58.21 96.85 -93.51
CA VAL C 856 57.78 97.91 -92.61
C VAL C 856 57.69 99.22 -93.39
N ASP C 857 56.55 99.90 -93.23
CA ASP C 857 56.30 101.14 -93.98
C ASP C 857 57.33 102.19 -93.62
N THR C 858 57.92 102.81 -94.64
CA THR C 858 58.96 103.81 -94.46
C THR C 858 58.51 105.17 -94.98
N VAL C 859 57.29 105.56 -94.66
CA VAL C 859 56.74 106.85 -95.08
C VAL C 859 56.58 107.80 -93.90
N GLN C 860 55.88 107.36 -92.84
CA GLN C 860 55.59 108.23 -91.70
C GLN C 860 56.80 108.29 -90.75
N ILE C 861 57.89 108.87 -91.26
CA ILE C 861 59.14 109.05 -90.54
C ILE C 861 59.67 110.45 -90.85
N VAL C 862 59.59 111.35 -89.88
CA VAL C 862 60.22 112.66 -90.03
C VAL C 862 61.74 112.49 -89.95
N LEU C 863 62.44 113.06 -90.93
CA LEU C 863 63.86 112.82 -91.08
C LEU C 863 64.64 113.66 -90.07
N PRO C 864 65.51 113.04 -89.26
CA PRO C 864 66.15 113.75 -88.13
C PRO C 864 67.28 114.66 -88.57
N PRO C 865 67.67 115.63 -87.70
CA PRO C 865 68.81 116.50 -88.04
C PRO C 865 70.13 115.77 -88.16
N HIS C 866 70.39 114.78 -87.30
CA HIS C 866 71.68 114.10 -87.35
C HIS C 866 71.78 113.23 -88.59
N LEU C 867 70.64 112.86 -89.18
CA LEU C 867 70.64 112.11 -90.43
C LEU C 867 70.79 113.02 -91.63
N GLU C 868 70.06 114.15 -91.70
CA GLU C 868 70.31 115.09 -92.79
C GLU C 868 71.72 115.66 -92.75
N ARG C 869 72.32 115.71 -91.56
CA ARG C 869 73.72 116.10 -91.42
C ARG C 869 74.65 115.09 -92.09
N ILE C 870 74.27 113.81 -92.16
CA ILE C 870 75.13 112.82 -92.81
C ILE C 870 74.43 112.29 -94.07
N ARG C 871 73.51 113.09 -94.62
CA ARG C 871 72.73 112.72 -95.79
C ARG C 871 73.58 112.57 -97.05
N GLU C 872 74.79 113.13 -97.05
CA GLU C 872 75.57 113.27 -98.27
C GLU C 872 76.61 112.17 -98.43
N LYS C 873 77.48 111.97 -97.42
CA LYS C 873 78.58 111.01 -97.55
C LYS C 873 78.07 109.58 -97.74
N LEU C 874 77.04 109.19 -96.99
CA LEU C 874 76.39 107.89 -97.16
C LEU C 874 75.69 107.72 -98.51
N ALA C 875 75.45 108.80 -99.26
CA ALA C 875 74.96 108.71 -100.62
C ALA C 875 76.12 108.69 -101.61
N GLU C 876 77.13 109.53 -101.37
CA GLU C 876 78.32 109.60 -102.22
C GLU C 876 79.03 108.26 -102.22
N ASN C 877 78.94 107.52 -101.11
CA ASN C 877 79.63 106.24 -101.04
C ASN C 877 78.80 105.13 -101.67
N ILE C 878 77.55 105.41 -102.07
CA ILE C 878 76.74 104.39 -102.75
C ILE C 878 76.27 104.89 -104.11
N HIS C 879 76.97 105.88 -104.67
CA HIS C 879 76.63 106.33 -106.01
C HIS C 879 77.32 105.54 -107.10
N GLU C 880 78.52 105.00 -106.85
CA GLU C 880 79.18 104.13 -107.81
C GLU C 880 79.83 102.91 -107.15
N LEU C 881 79.33 102.52 -105.97
CA LEU C 881 79.90 101.37 -105.29
C LEU C 881 79.70 100.10 -106.12
N TRP C 882 78.52 99.97 -106.75
CA TRP C 882 78.31 98.87 -107.69
C TRP C 882 79.20 98.99 -108.92
N ALA C 883 79.73 100.19 -109.19
CA ALA C 883 80.57 100.43 -110.35
C ALA C 883 82.03 100.13 -110.07
N LEU C 884 82.43 100.05 -108.80
CA LEU C 884 83.85 99.91 -108.46
C LEU C 884 84.42 98.55 -108.87
N THR C 885 83.59 97.50 -108.81
CA THR C 885 84.06 96.13 -109.01
C THR C 885 84.60 95.89 -110.41
N ARG C 886 83.94 96.45 -111.42
CA ARG C 886 84.19 96.11 -112.82
C ARG C 886 85.12 97.04 -113.57
N ILE C 887 85.70 98.04 -112.91
CA ILE C 887 86.67 98.92 -113.58
C ILE C 887 87.94 98.13 -113.84
N GLU C 888 88.67 98.49 -114.91
CA GLU C 888 89.87 97.81 -115.41
C GLU C 888 89.58 96.37 -115.85
N GLN C 889 88.35 96.13 -116.31
CA GLN C 889 87.96 94.84 -116.87
C GLN C 889 87.35 95.07 -118.24
N GLY C 890 86.67 94.05 -118.80
CA GLY C 890 85.93 94.25 -120.04
C GLY C 890 84.84 95.31 -119.95
N TRP C 891 84.31 95.53 -118.75
CA TRP C 891 83.34 96.60 -118.51
C TRP C 891 84.06 97.82 -117.95
N THR C 892 84.94 98.40 -118.76
CA THR C 892 85.70 99.58 -118.39
C THR C 892 85.15 100.78 -119.14
N TYR C 893 84.90 101.85 -118.40
CA TYR C 893 84.17 103.03 -118.86
C TYR C 893 84.88 103.73 -120.02
N GLY C 894 84.11 104.58 -120.71
CA GLY C 894 84.60 105.41 -121.79
C GLY C 894 83.85 106.73 -121.74
N PRO C 895 84.55 107.82 -122.07
CA PRO C 895 83.93 109.16 -122.03
C PRO C 895 82.73 109.36 -122.96
N VAL C 896 82.66 108.63 -124.08
CA VAL C 896 81.58 108.83 -125.04
C VAL C 896 80.23 108.37 -124.50
N ARG C 897 80.21 107.29 -123.70
CA ARG C 897 78.97 106.70 -123.24
C ARG C 897 78.81 106.89 -121.73
N ASP C 898 77.78 106.27 -121.19
CA ASP C 898 77.42 106.40 -119.78
C ASP C 898 77.03 105.01 -119.28
N ASP C 899 76.33 104.97 -118.15
CA ASP C 899 75.87 103.73 -117.54
C ASP C 899 74.99 102.91 -118.49
N ASN C 900 74.90 101.61 -118.18
CA ASN C 900 74.05 100.61 -118.84
C ASN C 900 74.44 100.34 -120.29
N LYS C 901 75.66 100.71 -120.69
CA LYS C 901 76.12 100.55 -122.07
C LYS C 901 77.29 99.57 -122.17
N ARG C 902 77.32 98.53 -121.32
CA ARG C 902 78.36 97.49 -121.22
C ARG C 902 79.74 98.03 -120.87
N LEU C 903 79.86 99.32 -120.57
CA LEU C 903 81.05 100.02 -120.14
C LEU C 903 80.66 100.99 -119.02
N HIS C 904 79.84 100.47 -118.10
CA HIS C 904 79.08 101.27 -117.15
C HIS C 904 79.83 102.30 -116.25
N PRO C 905 81.02 101.97 -115.57
CA PRO C 905 81.40 102.65 -114.29
C PRO C 905 81.15 104.13 -114.04
N CYS C 906 81.73 105.01 -114.87
CA CYS C 906 81.66 106.48 -114.75
C CYS C 906 81.93 106.93 -113.31
N LEU C 907 83.16 106.67 -112.87
CA LEU C 907 83.58 106.91 -111.50
C LEU C 907 83.73 108.38 -111.13
N VAL C 908 83.59 109.30 -112.09
CA VAL C 908 83.93 110.71 -111.91
C VAL C 908 83.14 111.31 -110.76
N ASN C 909 81.81 111.37 -110.91
CA ASN C 909 80.89 111.93 -109.94
C ASN C 909 79.48 111.66 -110.43
N PHE C 910 78.51 111.90 -109.55
CA PHE C 910 77.10 111.81 -109.89
C PHE C 910 76.55 113.08 -110.51
N HIS C 911 77.33 114.18 -110.49
CA HIS C 911 76.94 115.37 -111.23
C HIS C 911 76.98 115.12 -112.73
N SER C 912 78.00 114.39 -113.19
CA SER C 912 78.04 113.95 -114.59
C SER C 912 76.89 113.00 -114.89
N LEU C 913 76.50 112.19 -113.90
CA LEU C 913 75.40 111.27 -114.06
C LEU C 913 74.08 112.05 -114.02
N PRO C 914 73.00 111.48 -114.61
CA PRO C 914 71.72 112.20 -114.67
C PRO C 914 71.17 112.60 -113.30
N GLU C 915 70.61 113.81 -113.23
CA GLU C 915 70.10 114.39 -111.99
C GLU C 915 68.97 113.59 -111.30
N PRO C 916 67.91 113.11 -112.00
CA PRO C 916 66.83 112.40 -111.27
C PRO C 916 67.31 111.15 -110.54
N GLU C 917 68.03 110.25 -111.22
CA GLU C 917 68.58 109.08 -110.53
C GLU C 917 69.63 109.49 -109.49
N ARG C 918 70.28 110.65 -109.68
CA ARG C 918 71.25 111.16 -108.70
C ARG C 918 70.58 111.46 -107.36
N ASN C 919 69.65 112.43 -107.34
CA ASN C 919 68.96 112.73 -106.08
C ASN C 919 68.07 111.57 -105.62
N TYR C 920 67.67 110.69 -106.55
CA TYR C 920 67.03 109.43 -106.18
C TYR C 920 67.98 108.58 -105.35
N ASN C 921 69.26 108.52 -105.73
CA ASN C 921 70.24 107.76 -104.95
C ASN C 921 70.47 108.39 -103.59
N LEU C 922 70.52 109.74 -103.53
CA LEU C 922 70.57 110.45 -102.25
C LEU C 922 69.40 110.05 -101.34
N GLN C 923 68.18 110.13 -101.87
CA GLN C 923 67.03 109.82 -101.03
C GLN C 923 66.80 108.31 -100.87
N MET C 924 67.49 107.47 -101.64
CA MET C 924 67.60 106.04 -101.31
C MET C 924 68.53 105.79 -100.13
N SER C 925 69.65 106.53 -100.05
CA SER C 925 70.45 106.49 -98.82
C SER C 925 69.65 106.97 -97.62
N GLY C 926 68.90 108.06 -97.80
CA GLY C 926 67.96 108.50 -96.78
C GLY C 926 66.89 107.46 -96.46
N GLU C 927 66.45 106.72 -97.49
CA GLU C 927 65.44 105.68 -97.32
C GLU C 927 65.97 104.52 -96.49
N THR C 928 67.23 104.13 -96.72
CA THR C 928 67.89 103.15 -95.87
C THR C 928 68.01 103.63 -94.44
N LEU C 929 68.38 104.91 -94.24
CA LEU C 929 68.37 105.46 -92.88
C LEU C 929 66.97 105.49 -92.26
N LYS C 930 65.93 105.68 -93.08
CA LYS C 930 64.57 105.67 -92.57
C LYS C 930 64.14 104.26 -92.17
N THR C 931 64.60 103.26 -92.93
CA THR C 931 64.44 101.87 -92.53
C THR C 931 65.17 101.59 -91.22
N LEU C 932 66.36 102.17 -91.04
CA LEU C 932 67.09 102.02 -89.77
C LEU C 932 66.30 102.60 -88.61
N LEU C 933 65.66 103.75 -88.83
CA LEU C 933 64.80 104.37 -87.83
C LEU C 933 63.62 103.47 -87.50
N ALA C 934 62.88 103.02 -88.52
CA ALA C 934 61.68 102.21 -88.30
C ALA C 934 62.05 100.87 -87.66
N LEU C 935 63.25 100.37 -87.93
CA LEU C 935 63.72 99.14 -87.31
C LEU C 935 64.08 99.39 -85.85
N GLY C 936 64.61 100.58 -85.55
CA GLY C 936 65.08 100.88 -84.20
C GLY C 936 66.55 101.17 -84.07
N CYS C 937 67.15 101.77 -85.10
CA CYS C 937 68.56 102.16 -85.08
C CYS C 937 68.67 103.67 -84.89
N HIS C 938 69.50 104.09 -83.94
CA HIS C 938 69.74 105.50 -83.66
C HIS C 938 71.24 105.72 -83.53
N VAL C 939 71.68 106.95 -83.78
CA VAL C 939 73.10 107.23 -83.96
C VAL C 939 73.58 108.17 -82.85
N GLY C 940 74.85 107.99 -82.50
CA GLY C 940 75.52 108.86 -81.53
C GLY C 940 76.99 108.99 -81.83
N MET C 941 77.53 110.20 -81.68
CA MET C 941 78.89 110.53 -82.08
C MET C 941 79.77 110.64 -80.84
N ALA C 942 80.86 109.86 -80.81
CA ALA C 942 81.80 109.93 -79.71
C ALA C 942 83.21 110.33 -80.15
N ASP C 943 83.83 109.57 -81.06
CA ASP C 943 85.28 109.59 -81.19
C ASP C 943 85.71 110.61 -82.26
N GLU C 944 86.98 110.55 -82.66
CA GLU C 944 87.56 111.41 -83.70
C GLU C 944 86.82 111.29 -85.03
N LYS C 945 86.62 112.44 -85.68
CA LYS C 945 85.88 112.49 -86.94
C LYS C 945 86.65 111.73 -88.00
N ALA C 946 86.02 110.71 -88.59
CA ALA C 946 86.64 109.88 -89.62
C ALA C 946 87.06 110.67 -90.85
N GLU C 947 86.40 111.81 -91.11
CA GLU C 947 86.73 112.70 -92.22
C GLU C 947 88.21 113.09 -92.23
N ASP C 948 88.78 113.30 -91.03
CA ASP C 948 90.19 113.65 -90.93
C ASP C 948 91.09 112.46 -91.29
N ASN C 949 90.79 111.30 -90.72
CA ASN C 949 91.68 110.15 -90.79
C ASN C 949 91.28 109.22 -91.94
N LEU C 950 90.44 109.72 -92.85
CA LEU C 950 90.11 109.04 -94.08
C LEU C 950 90.77 109.77 -95.25
N LYS C 951 91.11 109.01 -96.29
CA LYS C 951 91.72 109.59 -97.48
C LYS C 951 91.23 108.83 -98.71
N LYS C 952 91.36 109.49 -99.86
CA LYS C 952 91.03 108.88 -101.14
C LYS C 952 92.30 108.34 -101.78
N THR C 953 92.23 107.12 -102.30
CA THR C 953 93.39 106.39 -102.80
C THR C 953 93.25 106.25 -104.31
N LYS C 954 94.05 106.99 -105.06
CA LYS C 954 94.12 106.82 -106.51
C LYS C 954 94.94 105.57 -106.78
N LEU C 955 94.26 104.43 -106.76
CA LEU C 955 94.90 103.14 -106.98
C LEU C 955 95.38 103.02 -108.42
N PRO C 956 96.41 102.20 -108.68
CA PRO C 956 96.73 101.87 -110.09
C PRO C 956 95.56 101.22 -110.81
N LYS C 957 94.82 100.33 -110.14
CA LYS C 957 93.54 99.91 -110.66
C LYS C 957 92.53 101.02 -110.52
N THR C 958 91.47 100.94 -111.34
CA THR C 958 90.38 101.93 -111.46
C THR C 958 90.89 103.29 -111.94
N TYR C 959 92.05 103.32 -112.59
CA TYR C 959 92.53 104.55 -113.20
C TYR C 959 91.78 104.80 -114.51
N MET C 960 91.31 106.02 -114.69
CA MET C 960 90.55 106.39 -115.87
C MET C 960 91.03 107.72 -116.42
N MET C 961 90.75 107.90 -117.71
CA MET C 961 91.15 109.10 -118.45
C MET C 961 90.07 110.18 -118.42
N SER C 962 88.83 109.81 -118.09
CA SER C 962 87.71 110.73 -118.10
C SER C 962 87.68 111.49 -116.78
N ASN C 963 88.19 112.73 -116.81
CA ASN C 963 88.15 113.71 -115.72
C ASN C 963 88.76 113.14 -114.43
N GLY C 964 90.00 112.67 -114.56
CA GLY C 964 90.76 112.19 -113.43
C GLY C 964 90.29 110.83 -112.94
N TYR C 965 91.09 110.25 -112.04
CA TYR C 965 90.81 108.93 -111.50
C TYR C 965 90.64 109.01 -109.99
N LYS C 966 89.70 108.20 -109.49
CA LYS C 966 89.36 108.16 -108.08
C LYS C 966 88.65 106.83 -107.83
N PRO C 967 88.57 106.37 -106.57
CA PRO C 967 87.67 105.25 -106.27
C PRO C 967 86.24 105.62 -106.66
N ALA C 968 85.54 104.66 -107.26
CA ALA C 968 84.17 104.90 -107.72
C ALA C 968 83.22 105.26 -106.58
N PRO C 969 83.15 104.52 -105.42
CA PRO C 969 82.44 105.10 -104.27
C PRO C 969 83.39 106.01 -103.50
N LEU C 970 82.94 106.55 -102.37
CA LEU C 970 83.84 107.33 -101.53
C LEU C 970 84.71 106.36 -100.73
N ASP C 971 86.01 106.64 -100.67
CA ASP C 971 86.96 105.71 -100.08
C ASP C 971 86.78 105.61 -98.57
N LEU C 972 87.31 104.52 -98.00
CA LEU C 972 87.21 104.28 -96.57
C LEU C 972 88.41 103.46 -96.13
N SER C 973 88.88 103.68 -94.91
CA SER C 973 90.01 102.97 -94.35
C SER C 973 89.51 101.79 -93.52
N HIS C 974 90.41 101.17 -92.75
CA HIS C 974 90.12 100.08 -91.83
C HIS C 974 88.99 100.36 -90.84
N VAL C 975 87.88 99.62 -90.99
CA VAL C 975 86.67 99.75 -90.18
C VAL C 975 86.08 98.34 -90.06
N ARG C 976 85.51 98.00 -88.91
CA ARG C 976 85.00 96.66 -88.66
C ARG C 976 83.52 96.75 -88.26
N LEU C 977 82.88 95.58 -88.10
CA LEU C 977 81.46 95.52 -87.81
C LEU C 977 81.15 94.36 -86.88
N THR C 978 80.35 94.63 -85.84
CA THR C 978 79.99 93.63 -84.86
C THR C 978 78.77 92.80 -85.34
N PRO C 979 78.53 91.62 -84.73
CA PRO C 979 77.38 90.80 -85.18
C PRO C 979 76.02 91.48 -85.12
N ALA C 980 75.78 92.38 -84.16
CA ALA C 980 74.54 93.17 -84.15
C ALA C 980 74.35 93.90 -85.48
N GLN C 981 75.43 94.51 -85.99
CA GLN C 981 75.39 95.16 -87.29
C GLN C 981 75.18 94.16 -88.42
N THR C 982 75.72 92.94 -88.28
CA THR C 982 75.51 91.93 -89.32
C THR C 982 74.03 91.54 -89.43
N THR C 983 73.39 91.24 -88.28
CA THR C 983 71.96 90.93 -88.29
C THR C 983 71.14 92.12 -88.78
N LEU C 984 71.51 93.34 -88.35
CA LEU C 984 70.77 94.53 -88.74
C LEU C 984 70.86 94.79 -90.24
N VAL C 985 72.04 94.59 -90.83
CA VAL C 985 72.16 94.80 -92.29
C VAL C 985 71.44 93.67 -93.02
N ASP C 986 71.39 92.47 -92.43
CA ASP C 986 70.62 91.36 -93.02
C ASP C 986 69.15 91.74 -93.14
N ARG C 987 68.53 92.18 -92.04
CA ARG C 987 67.12 92.54 -92.13
C ARG C 987 66.91 93.84 -92.89
N LEU C 988 67.92 94.70 -92.96
CA LEU C 988 67.85 95.89 -93.80
C LEU C 988 67.77 95.51 -95.28
N ALA C 989 68.56 94.51 -95.68
CA ALA C 989 68.47 93.99 -97.04
C ALA C 989 67.15 93.28 -97.27
N GLU C 990 66.64 92.59 -96.24
CA GLU C 990 65.31 92.00 -96.30
C GLU C 990 64.25 93.04 -96.59
N ASN C 991 64.30 94.18 -95.88
CA ASN C 991 63.29 95.21 -96.08
C ASN C 991 63.53 95.97 -97.38
N GLY C 992 64.69 95.81 -98.01
CA GLY C 992 64.88 96.39 -99.33
C GLY C 992 64.26 95.50 -100.38
N HIS C 993 64.57 94.20 -100.26
CA HIS C 993 64.03 93.20 -101.18
C HIS C 993 62.51 93.16 -101.15
N ASN C 994 61.92 93.24 -99.95
CA ASN C 994 60.47 93.10 -99.85
C ASN C 994 59.74 94.34 -100.35
N VAL C 995 60.40 95.50 -100.33
CA VAL C 995 59.80 96.70 -100.91
C VAL C 995 59.89 96.63 -102.43
N TRP C 996 61.04 96.16 -102.94
CA TRP C 996 61.23 95.99 -104.38
C TRP C 996 60.21 95.00 -104.94
N ALA C 997 60.02 93.88 -104.25
CA ALA C 997 59.07 92.85 -104.67
C ALA C 997 57.65 93.37 -104.61
N ARG C 998 57.32 94.13 -103.55
CA ARG C 998 56.00 94.75 -103.42
C ARG C 998 55.72 95.68 -104.59
N ASP C 999 56.71 96.49 -104.95
CA ASP C 999 56.56 97.43 -106.07
C ASP C 999 56.33 96.69 -107.37
N ARG C 1000 57.14 95.64 -107.63
CA ARG C 1000 57.00 94.85 -108.85
C ARG C 1000 55.62 94.22 -108.95
N VAL C 1001 55.12 93.68 -107.82
CA VAL C 1001 53.78 93.11 -107.76
C VAL C 1001 52.76 94.19 -108.09
N ALA C 1002 52.92 95.39 -107.50
CA ALA C 1002 52.03 96.49 -107.83
C ALA C 1002 52.12 96.90 -109.29
N GLN C 1003 53.21 96.58 -109.99
CA GLN C 1003 53.24 96.70 -111.44
C GLN C 1003 52.85 95.40 -112.15
N GLY C 1004 52.31 94.43 -111.41
CA GLY C 1004 51.73 93.24 -112.02
C GLY C 1004 52.61 92.01 -112.06
N TRP C 1005 53.93 92.17 -111.90
CA TRP C 1005 54.89 91.08 -112.01
C TRP C 1005 54.64 89.94 -111.04
N SER C 1006 55.24 88.79 -111.34
CA SER C 1006 55.14 87.60 -110.49
C SER C 1006 56.40 86.75 -110.64
N TYR C 1007 56.42 85.61 -109.95
CA TYR C 1007 57.59 84.74 -109.90
C TYR C 1007 57.52 83.68 -111.00
N SER C 1008 58.68 83.33 -111.54
CA SER C 1008 58.84 82.20 -112.45
C SER C 1008 60.30 81.83 -112.44
N ALA C 1009 60.61 80.53 -112.28
CA ALA C 1009 62.00 80.06 -112.22
C ALA C 1009 62.79 80.34 -113.49
N VAL C 1010 62.12 80.59 -114.61
CA VAL C 1010 62.75 81.02 -115.85
C VAL C 1010 62.29 82.45 -116.11
N GLN C 1011 63.25 83.33 -116.44
CA GLN C 1011 62.94 84.74 -116.55
C GLN C 1011 62.23 85.04 -117.86
N ASP C 1012 61.12 85.78 -117.77
CA ASP C 1012 60.34 86.21 -118.92
C ASP C 1012 60.03 87.70 -118.74
N ILE C 1013 60.86 88.55 -119.34
CA ILE C 1013 60.68 90.00 -119.26
C ILE C 1013 59.39 90.45 -119.98
N PRO C 1014 59.11 90.11 -121.27
CA PRO C 1014 57.84 90.56 -121.85
C PRO C 1014 56.60 90.02 -121.17
N ALA C 1015 56.69 88.83 -120.57
CA ALA C 1015 55.61 88.30 -119.75
C ALA C 1015 55.67 88.80 -118.31
N ARG C 1016 56.70 89.60 -117.98
CA ARG C 1016 56.82 90.32 -116.71
C ARG C 1016 56.91 89.34 -115.53
N ARG C 1017 57.81 88.38 -115.63
CA ARG C 1017 58.05 87.42 -114.57
C ARG C 1017 59.55 87.29 -114.34
N ASN C 1018 59.93 87.07 -113.08
CA ASN C 1018 61.31 87.12 -112.63
C ASN C 1018 61.59 85.91 -111.75
N PRO C 1019 62.82 85.40 -111.74
CA PRO C 1019 63.18 84.35 -110.79
C PRO C 1019 63.51 84.83 -109.39
N ARG C 1020 63.41 86.13 -109.12
CA ARG C 1020 63.77 86.65 -107.81
C ARG C 1020 62.60 87.33 -107.13
N LEU C 1021 61.41 87.31 -107.73
CA LEU C 1021 60.20 87.79 -107.07
C LEU C 1021 59.67 86.77 -106.06
N VAL C 1022 60.45 86.57 -105.01
CA VAL C 1022 60.01 85.84 -103.82
C VAL C 1022 60.48 86.68 -102.64
N PRO C 1023 59.83 86.58 -101.48
CA PRO C 1023 60.34 87.25 -100.28
C PRO C 1023 61.75 86.78 -99.92
N TYR C 1024 62.48 87.69 -99.26
CA TYR C 1024 63.90 87.50 -98.93
C TYR C 1024 64.13 86.16 -98.24
N ARG C 1025 63.20 85.76 -97.36
CA ARG C 1025 63.31 84.52 -96.61
C ARG C 1025 63.32 83.31 -97.55
N LEU C 1026 62.74 83.47 -98.75
CA LEU C 1026 62.67 82.41 -99.75
C LEU C 1026 63.69 82.60 -100.85
N LEU C 1027 64.39 83.73 -100.86
CA LEU C 1027 65.42 84.00 -101.87
C LEU C 1027 66.58 83.01 -101.74
N ASP C 1028 67.47 83.04 -102.74
CA ASP C 1028 68.64 82.17 -102.75
C ASP C 1028 69.82 82.88 -102.08
N GLU C 1029 70.79 82.07 -101.64
CA GLU C 1029 71.93 82.58 -100.87
C GLU C 1029 72.82 83.49 -101.70
N ALA C 1030 72.93 83.24 -103.01
CA ALA C 1030 73.69 84.09 -103.91
C ALA C 1030 73.14 85.52 -103.93
N THR C 1031 71.83 85.63 -104.14
CA THR C 1031 71.19 86.95 -104.19
C THR C 1031 71.17 87.60 -102.81
N LYS C 1032 70.98 86.81 -101.74
CA LYS C 1032 71.07 87.32 -100.38
C LYS C 1032 72.41 87.99 -100.13
N ARG C 1033 73.50 87.31 -100.50
CA ARG C 1033 74.84 87.86 -100.30
C ARG C 1033 75.05 89.10 -101.18
N SER C 1034 74.56 89.05 -102.42
CA SER C 1034 74.72 90.18 -103.34
C SER C 1034 74.00 91.43 -102.84
N ASN C 1035 72.78 91.28 -102.32
CA ASN C 1035 72.10 92.42 -101.69
C ASN C 1035 72.81 92.88 -100.43
N ARG C 1036 73.22 91.93 -99.57
CA ARG C 1036 73.81 92.30 -98.29
C ARG C 1036 75.16 92.98 -98.42
N ASP C 1037 75.91 92.70 -99.50
CA ASP C 1037 77.26 93.27 -99.66
C ASP C 1037 77.24 94.79 -99.77
N SER C 1038 76.34 95.34 -100.59
CA SER C 1038 76.28 96.79 -100.81
C SER C 1038 75.92 97.53 -99.54
N LEU C 1039 74.85 97.11 -98.88
CA LEU C 1039 74.41 97.76 -97.66
C LEU C 1039 75.34 97.45 -96.50
N CYS C 1040 76.08 96.34 -96.55
CA CYS C 1040 77.12 96.08 -95.56
C CYS C 1040 78.23 97.11 -95.69
N GLN C 1041 78.62 97.44 -96.93
CA GLN C 1041 79.57 98.52 -97.16
C GLN C 1041 79.02 99.84 -96.65
N ALA C 1042 77.72 100.09 -96.89
CA ALA C 1042 77.07 101.32 -96.45
C ALA C 1042 77.11 101.45 -94.93
N VAL C 1043 76.68 100.40 -94.21
CA VAL C 1043 76.66 100.46 -92.75
C VAL C 1043 78.09 100.50 -92.21
N ARG C 1044 79.05 99.92 -92.94
CA ARG C 1044 80.46 100.02 -92.57
C ARG C 1044 80.94 101.48 -92.65
N THR C 1045 80.57 102.16 -93.73
CA THR C 1045 80.90 103.58 -93.89
C THR C 1045 80.25 104.43 -92.81
N LEU C 1046 79.02 104.06 -92.42
CA LEU C 1046 78.36 104.74 -91.30
C LEU C 1046 79.12 104.51 -90.00
N LEU C 1047 79.57 103.28 -89.77
CA LEU C 1047 80.29 102.91 -88.55
C LEU C 1047 81.63 103.62 -88.47
N GLY C 1048 82.27 103.83 -89.63
CA GLY C 1048 83.56 104.51 -89.67
C GLY C 1048 83.52 105.90 -89.06
N TYR C 1049 82.43 106.64 -89.31
CA TYR C 1049 82.22 107.97 -88.73
C TYR C 1049 81.88 107.93 -87.24
N GLY C 1050 81.88 106.75 -86.61
CA GLY C 1050 81.74 106.61 -85.20
C GLY C 1050 80.31 106.66 -84.70
N TYR C 1051 79.35 106.80 -85.60
CA TYR C 1051 77.95 106.88 -85.18
C TYR C 1051 77.44 105.49 -84.87
N ASN C 1052 76.91 105.33 -83.66
CA ASN C 1052 76.54 104.02 -83.14
C ASN C 1052 75.40 103.42 -83.94
N ILE C 1053 75.47 102.11 -84.14
CA ILE C 1053 74.37 101.35 -84.71
C ILE C 1053 73.68 100.67 -83.54
N GLU C 1054 72.56 101.23 -83.10
CA GLU C 1054 71.92 100.77 -81.88
C GLU C 1054 70.95 99.65 -82.20
N PRO C 1055 71.13 98.45 -81.66
CA PRO C 1055 70.12 97.41 -81.83
C PRO C 1055 68.82 97.81 -81.18
N PRO C 1056 67.69 97.43 -81.76
CA PRO C 1056 66.39 97.66 -81.14
C PRO C 1056 66.12 96.63 -80.05
N ASP C 1057 64.97 96.77 -79.40
CA ASP C 1057 64.54 95.79 -78.42
C ASP C 1057 64.25 94.45 -79.08
N GLN C 1058 64.35 93.38 -78.28
CA GLN C 1058 64.15 92.01 -78.75
C GLN C 1058 62.77 91.51 -78.35
N GLU C 1059 61.99 91.05 -79.33
CA GLU C 1059 60.67 90.49 -79.09
C GLU C 1059 60.63 89.07 -79.64
N PRO C 1060 60.46 88.05 -78.78
CA PRO C 1060 60.38 86.67 -79.26
C PRO C 1060 59.03 86.37 -79.91
N SER C 1061 59.08 85.82 -81.12
CA SER C 1061 57.86 85.54 -81.88
C SER C 1061 57.93 84.12 -82.46
N GLN C 1062 56.74 83.53 -82.61
CA GLN C 1062 56.56 82.21 -83.19
C GLN C 1062 55.78 82.36 -84.49
N VAL C 1063 56.26 81.72 -85.56
CA VAL C 1063 55.66 81.86 -86.88
C VAL C 1063 54.25 81.26 -86.89
N GLU C 1064 54.10 80.05 -86.39
CA GLU C 1064 52.80 79.38 -86.32
C GLU C 1064 52.52 79.03 -84.87
N ASN C 1065 51.35 79.44 -84.39
CA ASN C 1065 50.96 79.23 -83.00
C ASN C 1065 49.68 78.44 -82.84
N GLN C 1066 48.71 78.59 -83.75
CA GLN C 1066 47.40 77.99 -83.62
C GLN C 1066 47.48 76.46 -83.54
N SER C 1067 48.21 75.84 -84.46
CA SER C 1067 48.26 74.38 -84.47
C SER C 1067 49.36 73.94 -83.51
N ARG C 1068 49.05 74.08 -82.21
CA ARG C 1068 49.95 73.60 -81.17
C ARG C 1068 50.02 72.09 -81.08
N TRP C 1069 48.98 71.40 -81.56
CA TRP C 1069 48.80 69.95 -81.42
C TRP C 1069 50.07 69.18 -81.76
N ASP C 1070 50.23 68.83 -83.04
CA ASP C 1070 51.36 67.98 -83.37
C ASP C 1070 52.65 68.79 -83.59
N ARG C 1071 53.09 69.46 -82.52
CA ARG C 1071 54.44 70.01 -82.54
C ARG C 1071 55.39 68.85 -82.57
N VAL C 1072 55.06 67.82 -81.81
CA VAL C 1072 55.84 66.60 -81.83
C VAL C 1072 54.89 65.41 -81.81
N ARG C 1073 55.31 64.33 -82.45
CA ARG C 1073 54.49 63.13 -82.41
C ARG C 1073 55.01 62.10 -81.42
N ILE C 1074 54.08 61.37 -80.83
CA ILE C 1074 54.39 60.37 -79.82
C ILE C 1074 54.42 58.99 -80.45
N PHE C 1075 55.55 58.29 -80.35
CA PHE C 1075 55.76 56.97 -80.94
C PHE C 1075 55.98 56.01 -79.77
N ARG C 1076 55.17 54.96 -79.69
CA ARG C 1076 55.30 54.04 -78.56
C ARG C 1076 54.89 52.64 -78.96
N ALA C 1077 55.31 51.66 -78.16
CA ALA C 1077 54.92 50.30 -78.45
C ALA C 1077 53.47 50.05 -78.04
N GLU C 1078 52.88 49.02 -78.62
CA GLU C 1078 51.51 48.63 -78.28
C GLU C 1078 51.50 48.01 -76.88
N LYS C 1079 50.39 48.22 -76.16
CA LYS C 1079 50.32 47.83 -74.75
C LYS C 1079 50.48 46.34 -74.52
N SER C 1080 50.26 45.50 -75.52
CA SER C 1080 50.50 44.06 -75.37
C SER C 1080 51.97 43.72 -75.13
N TYR C 1081 52.88 44.64 -75.46
CA TYR C 1081 54.31 44.42 -75.33
C TYR C 1081 54.86 44.91 -73.99
N THR C 1082 53.98 45.31 -73.06
CA THR C 1082 54.39 45.91 -71.80
C THR C 1082 55.21 44.94 -70.95
N VAL C 1083 56.23 45.48 -70.28
CA VAL C 1083 57.14 44.70 -69.46
C VAL C 1083 56.98 45.14 -68.02
N GLN C 1084 57.15 44.19 -67.10
CA GLN C 1084 57.00 44.45 -65.67
C GLN C 1084 58.26 44.24 -64.85
N SER C 1085 59.24 43.47 -65.33
CA SER C 1085 60.40 43.15 -64.52
C SER C 1085 61.58 42.86 -65.44
N GLY C 1086 62.63 42.26 -64.87
CA GLY C 1086 63.85 42.04 -65.61
C GLY C 1086 64.66 43.33 -65.73
N ARG C 1087 65.46 43.40 -66.78
CA ARG C 1087 66.18 44.62 -67.13
C ARG C 1087 66.10 44.81 -68.63
N TRP C 1088 65.96 46.06 -69.07
CA TRP C 1088 65.70 46.33 -70.47
C TRP C 1088 66.61 47.43 -71.01
N TYR C 1089 67.00 47.26 -72.27
CA TYR C 1089 67.78 48.25 -73.01
C TYR C 1089 67.21 48.40 -74.42
N PHE C 1090 67.34 49.62 -74.97
CA PHE C 1090 66.98 49.87 -76.37
C PHE C 1090 67.65 51.15 -76.84
N GLU C 1091 68.26 51.07 -78.02
CA GLU C 1091 68.92 52.19 -78.69
C GLU C 1091 67.90 53.14 -79.29
N PHE C 1092 68.39 54.32 -79.68
CA PHE C 1092 67.65 55.29 -80.49
C PHE C 1092 68.67 56.23 -81.12
N GLU C 1093 68.50 56.53 -82.40
CA GLU C 1093 69.42 57.39 -83.14
C GLU C 1093 68.71 58.70 -83.45
N ALA C 1094 69.43 59.81 -83.27
CA ALA C 1094 68.94 61.13 -83.63
C ALA C 1094 69.69 61.62 -84.87
N VAL C 1095 69.06 61.46 -86.04
CA VAL C 1095 69.66 61.92 -87.29
C VAL C 1095 69.82 63.43 -87.28
N THR C 1096 68.74 64.13 -86.93
CA THR C 1096 68.78 65.58 -86.78
C THR C 1096 69.17 65.93 -85.34
N THR C 1097 69.00 67.20 -84.96
CA THR C 1097 69.43 67.70 -83.67
C THR C 1097 68.33 68.47 -82.96
N GLY C 1098 67.08 68.28 -83.35
CA GLY C 1098 65.99 69.09 -82.82
C GLY C 1098 65.36 68.51 -81.58
N GLU C 1099 64.10 68.88 -81.36
CA GLU C 1099 63.30 68.44 -80.24
C GLU C 1099 63.02 66.94 -80.36
N MET C 1100 63.69 66.13 -79.56
CA MET C 1100 63.34 64.73 -79.49
C MET C 1100 63.42 64.30 -78.05
N ARG C 1101 62.58 63.34 -77.68
CA ARG C 1101 62.56 62.85 -76.31
C ARG C 1101 62.47 61.34 -76.35
N VAL C 1102 63.25 60.66 -75.51
CA VAL C 1102 63.26 59.20 -75.50
C VAL C 1102 63.21 58.73 -74.05
N GLY C 1103 62.49 57.64 -73.81
CA GLY C 1103 62.41 57.14 -72.44
C GLY C 1103 61.36 56.07 -72.28
N TRP C 1104 60.77 56.02 -71.09
CA TRP C 1104 59.72 55.04 -70.80
C TRP C 1104 58.44 55.74 -70.36
N ALA C 1105 57.32 55.25 -70.89
CA ALA C 1105 56.01 55.80 -70.58
C ALA C 1105 55.10 54.70 -70.05
N ARG C 1106 54.26 55.06 -69.08
CA ARG C 1106 53.27 54.15 -68.57
C ARG C 1106 52.23 53.87 -69.65
N PRO C 1107 51.62 52.67 -69.64
CA PRO C 1107 50.71 52.28 -70.74
C PRO C 1107 49.49 53.16 -70.95
N GLU C 1108 49.15 54.05 -70.01
CA GLU C 1108 47.98 54.90 -70.15
C GLU C 1108 48.41 56.32 -70.57
N LEU C 1109 49.45 56.38 -71.42
CA LEU C 1109 49.94 57.66 -71.89
C LEU C 1109 48.92 58.32 -72.82
N ARG C 1110 48.61 59.58 -72.55
CA ARG C 1110 47.72 60.33 -73.40
C ARG C 1110 48.40 60.70 -74.72
N PRO C 1111 47.63 60.90 -75.80
CA PRO C 1111 48.25 61.24 -77.08
C PRO C 1111 48.41 62.74 -77.29
N ASP C 1112 47.70 63.54 -76.49
CA ASP C 1112 47.65 64.99 -76.70
C ASP C 1112 48.35 65.78 -75.61
N VAL C 1113 49.23 65.15 -74.85
CA VAL C 1113 49.98 65.81 -73.79
C VAL C 1113 51.46 65.59 -74.06
N GLU C 1114 52.25 66.66 -73.94
CA GLU C 1114 53.68 66.58 -74.16
C GLU C 1114 54.34 65.65 -73.15
N LEU C 1115 55.41 65.01 -73.58
CA LEU C 1115 56.11 64.04 -72.75
C LEU C 1115 56.77 64.72 -71.56
N GLY C 1116 56.67 64.08 -70.40
CA GLY C 1116 57.35 64.53 -69.21
C GLY C 1116 56.61 65.59 -68.42
N ALA C 1117 55.56 66.19 -69.00
CA ALA C 1117 54.78 67.20 -68.29
C ALA C 1117 53.96 66.60 -67.16
N ASP C 1118 53.75 65.30 -67.18
CA ASP C 1118 52.86 64.60 -66.26
C ASP C 1118 53.61 63.49 -65.53
N GLU C 1119 52.85 62.66 -64.83
CA GLU C 1119 53.38 61.53 -64.09
C GLU C 1119 53.36 60.23 -64.88
N LEU C 1120 52.81 60.24 -66.08
CA LEU C 1120 52.67 59.03 -66.88
C LEU C 1120 53.83 58.79 -67.83
N ALA C 1121 54.88 59.62 -67.78
CA ALA C 1121 56.00 59.43 -68.68
C ALA C 1121 57.28 59.93 -68.03
N TYR C 1122 58.31 59.09 -68.02
CA TYR C 1122 59.63 59.46 -67.56
C TYR C 1122 60.50 59.51 -68.81
N VAL C 1123 60.84 60.70 -69.26
CA VAL C 1123 61.48 60.84 -70.55
C VAL C 1123 62.70 61.73 -70.41
N PHE C 1124 63.65 61.57 -71.33
CA PHE C 1124 64.83 62.42 -71.40
C PHE C 1124 64.74 63.25 -72.68
N ASN C 1125 65.14 64.51 -72.58
CA ASN C 1125 65.21 65.43 -73.70
C ASN C 1125 66.66 65.87 -73.85
N GLY C 1126 67.22 65.67 -75.02
CA GLY C 1126 68.59 66.09 -75.23
C GLY C 1126 68.75 67.07 -76.36
N HIS C 1127 67.70 67.85 -76.62
CA HIS C 1127 67.94 69.09 -77.36
C HIS C 1127 68.73 70.06 -76.49
N ARG C 1128 68.61 69.94 -75.17
CA ARG C 1128 69.35 70.81 -74.26
C ARG C 1128 69.82 70.10 -72.99
N GLY C 1129 69.73 68.78 -72.91
CA GLY C 1129 70.20 68.05 -71.74
C GLY C 1129 69.35 68.17 -70.49
N GLN C 1130 68.12 67.67 -70.53
CA GLN C 1130 67.20 67.72 -69.40
C GLN C 1130 66.48 66.39 -69.24
N ARG C 1131 66.02 66.13 -68.02
CA ARG C 1131 65.11 65.02 -67.74
C ARG C 1131 63.73 65.57 -67.45
N TRP C 1132 62.71 65.00 -68.10
CA TRP C 1132 61.34 65.47 -68.04
C TRP C 1132 60.45 64.42 -67.38
N HIS C 1133 60.02 64.72 -66.15
CA HIS C 1133 58.94 63.97 -65.51
C HIS C 1133 58.31 64.90 -64.48
N LEU C 1134 57.03 65.28 -64.71
CA LEU C 1134 56.30 66.28 -63.90
C LEU C 1134 57.07 67.59 -63.80
N GLY C 1135 57.74 67.96 -64.87
CA GLY C 1135 58.64 69.09 -64.87
C GLY C 1135 60.00 68.70 -65.41
N SER C 1136 60.84 69.71 -65.60
CA SER C 1136 62.13 69.50 -66.22
C SER C 1136 63.24 70.12 -65.39
N GLU C 1137 64.35 69.39 -65.27
CA GLU C 1137 65.57 69.86 -64.64
C GLU C 1137 66.75 69.33 -65.45
N PRO C 1138 67.90 70.03 -65.43
CA PRO C 1138 69.04 69.63 -66.27
C PRO C 1138 69.57 68.25 -65.96
N PHE C 1139 70.02 67.54 -67.01
CA PHE C 1139 70.57 66.20 -66.87
C PHE C 1139 71.41 65.92 -68.12
N GLY C 1140 72.71 65.76 -67.93
CA GLY C 1140 73.59 65.42 -69.03
C GLY C 1140 73.78 66.55 -70.01
N ARG C 1141 74.14 66.18 -71.24
CA ARG C 1141 74.45 67.14 -72.26
C ARG C 1141 73.60 66.93 -73.50
N PRO C 1142 73.24 67.99 -74.21
CA PRO C 1142 72.53 67.83 -75.48
C PRO C 1142 73.36 67.09 -76.51
N TRP C 1143 72.68 66.31 -77.35
CA TRP C 1143 73.35 65.53 -78.38
C TRP C 1143 73.74 66.39 -79.58
N GLN C 1144 74.15 65.70 -80.64
CA GLN C 1144 74.38 66.26 -81.96
C GLN C 1144 73.89 65.22 -82.95
N SER C 1145 74.14 65.46 -84.24
CA SER C 1145 73.72 64.51 -85.27
C SER C 1145 74.47 63.19 -85.15
N GLY C 1146 73.77 62.11 -85.46
CA GLY C 1146 74.34 60.78 -85.47
C GLY C 1146 74.47 60.14 -84.10
N ASP C 1147 74.03 60.80 -83.04
CA ASP C 1147 74.14 60.24 -81.70
C ASP C 1147 73.09 59.16 -81.47
N VAL C 1148 73.56 58.01 -80.99
CA VAL C 1148 72.71 56.87 -80.64
C VAL C 1148 72.71 56.72 -79.13
N VAL C 1149 71.55 56.94 -78.53
CA VAL C 1149 71.37 56.96 -77.08
C VAL C 1149 70.61 55.69 -76.71
N GLY C 1150 71.04 55.05 -75.63
CA GLY C 1150 70.39 53.84 -75.17
C GLY C 1150 69.87 53.97 -73.75
N CYS C 1151 68.74 53.34 -73.45
CA CYS C 1151 68.13 53.53 -72.15
C CYS C 1151 68.16 52.25 -71.33
N MET C 1152 68.71 52.34 -70.11
CA MET C 1152 68.55 51.32 -69.09
C MET C 1152 67.18 51.46 -68.44
N ILE C 1153 66.64 50.32 -67.98
CA ILE C 1153 65.58 50.31 -66.99
C ILE C 1153 65.67 49.01 -66.19
N ASP C 1154 65.76 49.16 -64.87
CA ASP C 1154 65.91 48.05 -63.94
C ASP C 1154 64.75 48.12 -62.95
N LEU C 1155 63.70 47.34 -63.25
CA LEU C 1155 62.51 47.27 -62.43
C LEU C 1155 62.75 46.60 -61.07
N THR C 1156 63.88 45.90 -60.90
CA THR C 1156 64.19 45.26 -59.62
C THR C 1156 64.39 46.27 -58.51
N GLU C 1157 65.03 47.41 -58.82
CA GLU C 1157 65.27 48.43 -57.82
C GLU C 1157 64.75 49.79 -58.27
N ASN C 1158 63.95 49.82 -59.34
CA ASN C 1158 63.27 51.00 -59.86
C ASN C 1158 64.25 52.09 -60.28
N THR C 1159 65.09 51.77 -61.26
CA THR C 1159 66.09 52.71 -61.74
C THR C 1159 66.05 52.86 -63.25
N ILE C 1160 66.03 54.11 -63.72
CA ILE C 1160 66.00 54.48 -65.12
C ILE C 1160 67.29 55.22 -65.41
N ILE C 1161 68.02 54.81 -66.44
CA ILE C 1161 69.30 55.46 -66.75
C ILE C 1161 69.37 55.70 -68.25
N PHE C 1162 69.83 56.88 -68.67
CA PHE C 1162 70.02 57.15 -70.08
C PHE C 1162 71.51 57.23 -70.38
N THR C 1163 71.90 56.71 -71.56
CA THR C 1163 73.29 56.67 -71.99
C THR C 1163 73.41 57.34 -73.36
N LEU C 1164 74.48 58.09 -73.56
CA LEU C 1164 74.78 58.78 -74.80
C LEU C 1164 76.03 58.15 -75.43
N ASN C 1165 75.81 57.46 -76.56
CA ASN C 1165 76.84 56.84 -77.41
C ASN C 1165 77.82 55.99 -76.60
N GLY C 1166 77.27 55.11 -75.78
CA GLY C 1166 78.07 54.23 -74.96
C GLY C 1166 78.59 54.85 -73.68
N GLU C 1167 78.20 56.09 -73.38
CA GLU C 1167 78.64 56.76 -72.16
C GLU C 1167 77.42 57.17 -71.36
N VAL C 1168 77.48 56.92 -70.04
CA VAL C 1168 76.35 57.21 -69.17
C VAL C 1168 76.22 58.71 -69.01
N LEU C 1169 75.00 59.23 -69.18
CA LEU C 1169 74.73 60.60 -68.82
C LEU C 1169 74.66 60.76 -67.32
N MET C 1170 74.70 62.02 -66.86
CA MET C 1170 74.86 62.28 -65.44
C MET C 1170 73.97 63.46 -65.07
N SER C 1171 73.56 63.49 -63.80
CA SER C 1171 72.74 64.58 -63.28
C SER C 1171 73.62 65.60 -62.58
N ASP C 1172 72.97 66.61 -61.99
CA ASP C 1172 73.66 67.63 -61.21
C ASP C 1172 73.85 67.19 -59.75
N SER C 1173 74.42 65.99 -59.58
CA SER C 1173 74.57 65.36 -58.28
C SER C 1173 75.62 64.27 -58.40
N GLY C 1174 75.68 63.38 -57.41
CA GLY C 1174 76.49 62.19 -57.48
C GLY C 1174 75.74 60.92 -57.82
N SER C 1175 74.42 60.98 -57.96
CA SER C 1175 73.62 59.82 -58.31
C SER C 1175 73.63 59.59 -59.82
N GLU C 1176 74.09 58.41 -60.24
CA GLU C 1176 74.16 58.09 -61.66
C GLU C 1176 72.78 57.92 -62.30
N THR C 1177 71.75 57.66 -61.49
CA THR C 1177 70.42 57.37 -62.00
C THR C 1177 69.63 58.66 -62.14
N ALA C 1178 69.05 58.87 -63.33
CA ALA C 1178 68.18 60.02 -63.53
C ALA C 1178 66.94 59.95 -62.66
N PHE C 1179 66.37 58.75 -62.49
CA PHE C 1179 65.19 58.59 -61.66
C PHE C 1179 65.34 57.35 -60.79
N ARG C 1180 64.68 57.37 -59.63
CA ARG C 1180 64.77 56.27 -58.70
C ARG C 1180 63.51 56.29 -57.85
N GLU C 1181 63.24 55.17 -57.17
CA GLU C 1181 62.00 54.87 -56.43
C GLU C 1181 60.76 55.24 -57.25
N ILE C 1182 60.62 54.57 -58.39
CA ILE C 1182 59.44 54.68 -59.23
C ILE C 1182 58.60 53.43 -59.10
N GLU C 1183 57.32 53.61 -58.76
CA GLU C 1183 56.42 52.47 -58.56
C GLU C 1183 56.26 51.67 -59.85
N ILE C 1184 56.08 50.36 -59.69
CA ILE C 1184 55.90 49.46 -60.83
C ILE C 1184 54.70 49.89 -61.67
N GLY C 1185 53.57 50.11 -61.03
CA GLY C 1185 52.36 50.54 -61.71
C GLY C 1185 51.87 49.50 -62.71
N ASP C 1186 51.23 50.00 -63.77
CA ASP C 1186 50.78 49.15 -64.86
C ASP C 1186 51.95 48.50 -65.57
N GLY C 1187 53.00 49.27 -65.82
CA GLY C 1187 54.14 48.79 -66.58
C GLY C 1187 54.81 49.96 -67.27
N PHE C 1188 55.76 49.62 -68.14
CA PHE C 1188 56.53 50.64 -68.84
C PHE C 1188 56.80 50.19 -70.27
N LEU C 1189 56.65 51.14 -71.18
CA LEU C 1189 56.82 50.93 -72.60
C LEU C 1189 57.88 51.88 -73.10
N PRO C 1190 58.83 51.42 -73.92
CA PRO C 1190 59.76 52.35 -74.56
C PRO C 1190 58.99 53.31 -75.45
N VAL C 1191 59.46 54.56 -75.47
CA VAL C 1191 58.71 55.61 -76.14
C VAL C 1191 59.69 56.67 -76.63
N CYS C 1192 59.32 57.35 -77.70
CA CYS C 1192 60.08 58.47 -78.19
C CYS C 1192 59.11 59.44 -78.82
N SER C 1193 59.52 60.69 -78.88
CA SER C 1193 58.71 61.72 -79.49
C SER C 1193 59.62 62.51 -80.42
N LEU C 1194 59.08 62.95 -81.56
CA LEU C 1194 59.88 63.63 -82.57
C LEU C 1194 59.25 64.97 -82.92
N GLY C 1195 60.10 66.04 -82.90
CA GLY C 1195 59.70 67.38 -83.21
C GLY C 1195 59.43 67.59 -84.67
N PRO C 1196 59.11 68.84 -85.05
CA PRO C 1196 58.80 69.10 -86.46
C PRO C 1196 60.04 68.98 -87.35
N GLY C 1197 59.91 68.15 -88.39
CA GLY C 1197 61.00 67.95 -89.31
C GLY C 1197 62.26 67.32 -88.74
N GLN C 1198 62.10 66.24 -88.00
CA GLN C 1198 63.20 65.55 -87.36
C GLN C 1198 63.21 64.13 -87.87
N VAL C 1199 64.38 63.51 -87.87
CA VAL C 1199 64.52 62.15 -88.37
C VAL C 1199 65.22 61.36 -87.30
N GLY C 1200 64.71 60.18 -87.01
CA GLY C 1200 65.36 59.34 -86.01
C GLY C 1200 65.15 57.87 -86.30
N HIS C 1201 66.14 57.09 -85.92
CA HIS C 1201 66.07 55.65 -86.08
C HIS C 1201 65.73 55.01 -84.74
N LEU C 1202 64.67 54.23 -84.69
CA LEU C 1202 64.27 53.59 -83.46
C LEU C 1202 64.52 52.11 -83.64
N ASN C 1203 65.55 51.60 -82.97
CA ASN C 1203 65.92 50.20 -83.03
C ASN C 1203 65.52 49.59 -81.70
N LEU C 1204 64.62 48.60 -81.76
CA LEU C 1204 64.13 47.92 -80.58
C LEU C 1204 64.95 46.69 -80.26
N GLY C 1205 66.04 46.47 -81.00
CA GLY C 1205 66.98 45.40 -80.73
C GLY C 1205 66.45 44.01 -80.96
N GLN C 1206 65.69 43.82 -82.04
CA GLN C 1206 65.36 42.47 -82.47
C GLN C 1206 66.61 41.68 -82.84
N ASP C 1207 67.54 42.32 -83.54
CA ASP C 1207 68.84 41.75 -83.84
C ASP C 1207 69.82 42.33 -82.83
N VAL C 1208 70.31 41.48 -81.91
CA VAL C 1208 71.27 41.92 -80.91
C VAL C 1208 72.60 42.29 -81.56
N SER C 1209 73.00 41.57 -82.61
CA SER C 1209 74.25 41.87 -83.33
C SER C 1209 74.17 43.20 -84.06
N SER C 1210 72.98 43.62 -84.46
CA SER C 1210 72.81 44.91 -85.16
C SER C 1210 73.12 46.11 -84.28
N LEU C 1211 73.17 45.95 -82.97
CA LEU C 1211 73.30 47.09 -82.09
C LEU C 1211 74.75 47.54 -81.99
N ARG C 1212 74.92 48.82 -81.65
CA ARG C 1212 76.21 49.47 -81.65
C ARG C 1212 76.69 49.87 -80.26
N PHE C 1213 75.84 49.80 -79.24
CA PHE C 1213 76.25 50.20 -77.91
C PHE C 1213 75.78 49.29 -76.79
N PHE C 1214 74.97 48.25 -77.07
CA PHE C 1214 74.49 47.38 -75.99
C PHE C 1214 75.64 46.63 -75.34
N ALA C 1215 76.57 46.10 -76.14
CA ALA C 1215 77.79 45.53 -75.59
C ALA C 1215 78.61 46.58 -74.85
N ILE C 1216 78.56 47.84 -75.32
CA ILE C 1216 79.32 48.90 -74.68
C ILE C 1216 78.77 49.23 -73.31
N CYS C 1217 77.45 49.23 -73.16
CA CYS C 1217 76.84 49.50 -71.88
C CYS C 1217 75.57 48.66 -71.75
N GLY C 1218 75.44 47.97 -70.64
CA GLY C 1218 74.26 47.18 -70.37
C GLY C 1218 74.48 45.68 -70.44
N LEU C 1219 75.24 45.20 -71.43
CA LEU C 1219 75.42 43.75 -71.60
C LEU C 1219 76.15 43.14 -70.40
N GLN C 1220 77.30 43.70 -70.04
CA GLN C 1220 78.05 43.18 -68.90
C GLN C 1220 77.34 43.41 -67.58
N GLU C 1221 76.37 44.34 -67.55
CA GLU C 1221 75.64 44.66 -66.34
C GLU C 1221 74.53 43.67 -66.03
N GLY C 1222 74.25 42.75 -66.95
CA GLY C 1222 73.07 41.91 -66.87
C GLY C 1222 71.84 42.47 -67.55
N PHE C 1223 71.88 43.71 -68.05
CA PHE C 1223 70.76 44.24 -68.80
C PHE C 1223 70.59 43.50 -70.12
N GLU C 1224 69.48 43.78 -70.81
CA GLU C 1224 69.14 42.79 -71.81
C GLU C 1224 68.18 43.48 -72.79
N PRO C 1225 68.25 43.20 -74.10
CA PRO C 1225 67.46 43.98 -75.07
C PRO C 1225 65.96 43.86 -74.87
N PHE C 1226 65.24 44.92 -75.28
CA PHE C 1226 63.78 44.96 -75.08
C PHE C 1226 63.04 43.90 -75.89
N ALA C 1227 63.45 43.66 -77.13
CA ALA C 1227 62.68 42.82 -78.05
C ALA C 1227 63.54 41.69 -78.61
N ILE C 1228 64.16 40.95 -77.69
CA ILE C 1228 65.27 40.06 -78.02
C ILE C 1228 64.84 38.90 -78.95
N ASN C 1229 63.78 38.19 -78.59
CA ASN C 1229 63.35 36.98 -79.29
C ASN C 1229 61.93 37.30 -79.73
N MET C 1230 61.83 37.96 -80.88
CA MET C 1230 60.54 38.41 -81.40
C MET C 1230 60.64 38.24 -82.91
N GLN C 1231 60.01 37.18 -83.42
CA GLN C 1231 60.06 36.90 -84.85
CA GLN C 1231 60.06 36.90 -84.85
C GLN C 1231 59.45 38.05 -85.66
N ARG C 1232 58.35 38.57 -85.21
CA ARG C 1232 57.81 39.69 -85.94
C ARG C 1232 58.39 40.99 -85.38
N PRO C 1233 58.46 42.05 -86.19
CA PRO C 1233 58.83 43.36 -85.65
C PRO C 1233 57.77 43.87 -84.68
N VAL C 1234 58.21 44.68 -83.71
CA VAL C 1234 57.31 45.19 -82.68
C VAL C 1234 56.35 46.15 -83.37
N THR C 1235 55.09 45.75 -83.46
CA THR C 1235 54.04 46.64 -83.94
C THR C 1235 53.88 47.82 -82.99
N THR C 1236 54.09 49.02 -83.50
CA THR C 1236 54.08 50.20 -82.68
C THR C 1236 52.94 51.13 -83.10
N TRP C 1237 52.75 52.17 -82.30
CA TRP C 1237 51.64 53.12 -82.44
C TRP C 1237 52.20 54.53 -82.43
N PHE C 1238 51.43 55.45 -83.01
CA PHE C 1238 51.78 56.86 -83.02
C PHE C 1238 50.53 57.65 -82.67
N SER C 1239 50.74 58.88 -82.22
CA SER C 1239 49.61 59.75 -81.92
C SER C 1239 49.23 60.50 -83.19
N LYS C 1240 48.10 60.13 -83.77
CA LYS C 1240 47.54 60.81 -84.93
C LYS C 1240 46.77 62.05 -84.49
N SER C 1241 47.27 63.23 -84.87
CA SER C 1241 46.58 64.45 -84.51
C SER C 1241 45.41 64.76 -85.45
N LEU C 1242 44.53 63.79 -85.67
CA LEU C 1242 43.40 63.97 -86.57
C LEU C 1242 42.14 64.10 -85.73
N PRO C 1243 41.46 65.24 -85.78
CA PRO C 1243 40.21 65.42 -85.02
C PRO C 1243 39.17 64.38 -85.37
N GLN C 1244 38.55 63.82 -84.33
CA GLN C 1244 37.50 62.83 -84.47
C GLN C 1244 36.51 63.05 -83.35
N PHE C 1245 35.30 62.57 -83.52
CA PHE C 1245 34.27 62.79 -82.50
C PHE C 1245 34.15 61.55 -81.63
N GLU C 1246 34.40 61.71 -80.35
CA GLU C 1246 34.30 60.62 -79.38
C GLU C 1246 33.49 61.12 -78.19
N PRO C 1247 32.83 60.22 -77.44
CA PRO C 1247 32.03 60.65 -76.30
C PRO C 1247 32.84 61.37 -75.23
N VAL C 1248 32.21 62.34 -74.58
CA VAL C 1248 32.82 63.08 -73.48
C VAL C 1248 32.96 62.18 -72.26
N PRO C 1249 34.17 62.02 -71.72
CA PRO C 1249 34.36 61.22 -70.52
C PRO C 1249 33.64 61.81 -69.33
N PRO C 1250 33.04 60.97 -68.48
CA PRO C 1250 32.31 61.49 -67.31
C PRO C 1250 33.17 62.22 -66.30
N GLU C 1251 34.48 62.02 -66.31
CA GLU C 1251 35.38 62.59 -65.32
C GLU C 1251 36.09 63.86 -65.80
N HIS C 1252 35.70 64.39 -66.95
CA HIS C 1252 36.37 65.56 -67.53
C HIS C 1252 36.20 66.77 -66.62
N PRO C 1253 37.29 67.38 -66.14
CA PRO C 1253 37.19 68.40 -65.07
C PRO C 1253 36.38 69.63 -65.41
N HIS C 1254 36.39 70.08 -66.66
CA HIS C 1254 35.75 71.34 -66.99
C HIS C 1254 34.35 71.19 -67.58
N TYR C 1255 34.10 70.13 -68.33
CA TYR C 1255 32.87 69.97 -69.09
C TYR C 1255 32.03 68.82 -68.52
N GLU C 1256 30.74 69.07 -68.34
CA GLU C 1256 29.81 68.04 -67.88
C GLU C 1256 28.55 68.10 -68.74
N VAL C 1257 27.90 66.96 -68.86
CA VAL C 1257 26.70 66.82 -69.67
C VAL C 1257 25.57 66.31 -68.80
N ALA C 1258 24.45 67.02 -68.80
CA ALA C 1258 23.30 66.71 -67.96
C ALA C 1258 22.22 66.07 -68.82
N ARG C 1259 21.64 64.99 -68.31
CA ARG C 1259 20.52 64.32 -68.95
C ARG C 1259 19.29 64.52 -68.08
N MET C 1260 18.22 65.05 -68.68
CA MET C 1260 16.99 65.37 -67.97
C MET C 1260 15.83 64.65 -68.63
N ASP C 1261 14.98 64.03 -67.79
CA ASP C 1261 13.87 63.23 -68.28
C ASP C 1261 12.83 64.13 -68.95
N GLY C 1262 12.00 63.52 -69.78
CA GLY C 1262 10.92 64.25 -70.42
C GLY C 1262 9.79 64.54 -69.46
N THR C 1263 9.54 65.81 -69.18
CA THR C 1263 8.44 66.19 -68.30
C THR C 1263 7.12 66.08 -69.05
N VAL C 1264 6.03 66.38 -68.35
CA VAL C 1264 4.70 66.40 -68.97
C VAL C 1264 4.60 67.51 -70.02
N ASP C 1265 5.29 68.63 -69.81
CA ASP C 1265 5.22 69.77 -70.71
C ASP C 1265 6.41 69.90 -71.64
N THR C 1266 7.54 69.27 -71.32
CA THR C 1266 8.74 69.43 -72.12
C THR C 1266 9.26 68.08 -72.59
N PRO C 1267 9.85 68.03 -73.79
CA PRO C 1267 10.55 66.81 -74.22
C PRO C 1267 11.83 66.62 -73.44
N PRO C 1268 12.40 65.40 -73.42
CA PRO C 1268 13.69 65.21 -72.73
C PRO C 1268 14.81 66.04 -73.33
N CYS C 1269 15.73 66.45 -72.47
CA CYS C 1269 16.76 67.41 -72.82
C CYS C 1269 18.15 66.86 -72.55
N LEU C 1270 19.08 67.27 -73.41
CA LEU C 1270 20.51 67.04 -73.24
C LEU C 1270 21.11 68.40 -72.91
N ARG C 1271 21.76 68.52 -71.77
CA ARG C 1271 22.19 69.82 -71.28
C ARG C 1271 23.70 69.84 -71.14
N LEU C 1272 24.31 70.98 -71.46
CA LEU C 1272 25.74 71.14 -71.27
C LEU C 1272 26.03 72.36 -70.41
N ALA C 1273 26.95 72.19 -69.47
CA ALA C 1273 27.37 73.29 -68.62
C ALA C 1273 28.83 73.08 -68.25
N HIS C 1274 29.48 74.16 -67.85
CA HIS C 1274 30.88 74.12 -67.46
C HIS C 1274 30.96 73.85 -65.96
N ARG C 1275 31.76 72.84 -65.58
CA ARG C 1275 31.85 72.45 -64.18
C ARG C 1275 32.47 73.53 -63.31
N THR C 1276 33.53 74.18 -63.79
CA THR C 1276 34.28 75.14 -62.99
C THR C 1276 34.38 76.53 -63.64
N TRP C 1277 33.35 76.95 -64.37
CA TRP C 1277 33.34 78.27 -65.03
C TRP C 1277 33.47 79.40 -64.01
N GLY C 1278 34.24 80.43 -64.38
CA GLY C 1278 34.40 81.59 -63.54
C GLY C 1278 35.33 81.39 -62.37
N SER C 1279 35.96 80.23 -62.24
CA SER C 1279 36.87 79.94 -61.15
C SER C 1279 38.31 80.02 -61.65
N GLN C 1280 39.24 79.63 -60.80
CA GLN C 1280 40.64 79.61 -61.18
C GLN C 1280 40.91 78.46 -62.15
N ASN C 1281 41.68 78.76 -63.21
CA ASN C 1281 42.13 77.80 -64.22
C ASN C 1281 40.97 77.06 -64.90
N SER C 1282 39.89 77.79 -65.17
CA SER C 1282 38.79 77.21 -65.93
C SER C 1282 39.16 77.18 -67.41
N LEU C 1283 39.33 75.99 -67.95
CA LEU C 1283 39.73 75.82 -69.35
C LEU C 1283 38.50 76.06 -70.22
N VAL C 1284 38.51 77.16 -70.96
CA VAL C 1284 37.44 77.51 -71.89
C VAL C 1284 38.05 77.75 -73.26
N GLU C 1285 37.52 77.07 -74.28
CA GLU C 1285 38.01 77.21 -75.65
C GLU C 1285 36.88 76.85 -76.59
N MET C 1286 37.15 76.97 -77.89
CA MET C 1286 36.17 76.67 -78.93
C MET C 1286 35.89 75.17 -78.92
N LEU C 1287 34.65 74.79 -78.59
CA LEU C 1287 34.25 73.41 -78.43
C LEU C 1287 33.26 73.03 -79.52
N PHE C 1288 33.54 71.93 -80.21
CA PHE C 1288 32.67 71.43 -81.26
C PHE C 1288 32.04 70.13 -80.79
N LEU C 1289 30.70 70.07 -80.79
CA LEU C 1289 30.07 68.86 -80.32
C LEU C 1289 28.96 68.44 -81.28
N ARG C 1290 28.67 67.15 -81.26
CA ARG C 1290 27.64 66.57 -82.11
C ARG C 1290 26.96 65.42 -81.38
N LEU C 1291 25.75 65.13 -81.79
CA LEU C 1291 25.02 63.96 -81.34
C LEU C 1291 25.64 62.72 -81.94
N SER C 1292 25.41 61.58 -81.30
CA SER C 1292 26.13 60.36 -81.64
C SER C 1292 25.38 59.50 -82.64
N LEU C 1293 24.27 59.99 -83.20
CA LEU C 1293 23.54 59.18 -84.15
C LEU C 1293 23.30 59.95 -85.46
N PRO C 1294 23.35 59.25 -86.60
CA PRO C 1294 23.11 59.90 -87.89
C PRO C 1294 21.66 59.77 -88.33
N VAL C 1295 21.33 60.55 -89.38
CA VAL C 1295 20.05 60.40 -90.08
C VAL C 1295 20.36 60.44 -91.57
N GLN C 1296 19.72 59.54 -92.31
CA GLN C 1296 20.04 59.33 -93.72
C GLN C 1296 18.86 59.74 -94.58
N PHE C 1297 19.14 60.53 -95.61
CA PHE C 1297 18.10 60.93 -96.56
C PHE C 1297 17.64 59.72 -97.37
N HIS C 1298 16.34 59.72 -97.71
CA HIS C 1298 15.72 58.57 -98.36
C HIS C 1298 16.33 58.31 -99.74
N GLN C 1299 16.29 57.02 -100.13
CA GLN C 1299 16.98 56.54 -101.31
C GLN C 1299 16.49 57.21 -102.59
N HIS C 1300 15.18 57.34 -102.75
CA HIS C 1300 14.59 57.98 -103.91
C HIS C 1300 13.81 59.19 -103.41
N PHE C 1301 14.32 60.39 -103.69
CA PHE C 1301 13.60 61.60 -103.37
C PHE C 1301 12.29 61.66 -104.14
N ARG C 1302 11.23 62.11 -103.45
CA ARG C 1302 9.89 62.17 -104.04
C ARG C 1302 9.89 63.06 -105.27
N CYS C 1303 9.13 62.64 -106.30
CA CYS C 1303 9.03 63.37 -107.56
C CYS C 1303 8.57 64.81 -107.33
N THR C 1304 9.27 65.76 -107.96
CA THR C 1304 9.08 67.21 -107.81
C THR C 1304 9.18 67.65 -106.36
N ASP C 1419 -3.90 73.87 -78.38
CA ASP C 1419 -3.56 73.83 -79.79
C ASP C 1419 -2.64 72.62 -80.02
N ASN C 1420 -2.19 72.46 -81.27
CA ASN C 1420 -1.23 71.44 -81.70
C ASN C 1420 -1.74 70.02 -81.44
N ARG C 1421 -2.94 69.73 -81.95
CA ARG C 1421 -3.37 68.35 -82.09
C ARG C 1421 -3.06 67.94 -83.53
N ASP C 1422 -2.11 67.01 -83.67
CA ASP C 1422 -1.67 66.61 -85.00
C ASP C 1422 -2.73 65.82 -85.74
N ASP C 1423 -2.77 65.99 -87.04
CA ASP C 1423 -3.60 65.15 -87.89
C ASP C 1423 -2.92 63.79 -87.95
N PRO C 1424 -3.56 62.70 -87.52
CA PRO C 1424 -2.91 61.37 -87.53
C PRO C 1424 -2.38 60.92 -88.89
N GLU C 1425 -3.12 61.22 -89.96
CA GLU C 1425 -2.68 60.85 -91.30
C GLU C 1425 -1.45 61.67 -91.69
N ILE C 1426 -1.48 62.98 -91.43
CA ILE C 1426 -0.39 63.85 -91.84
C ILE C 1426 0.87 63.51 -91.05
N ILE C 1427 0.75 63.30 -89.73
CA ILE C 1427 1.92 62.98 -88.92
C ILE C 1427 2.48 61.60 -89.31
N LEU C 1428 1.61 60.65 -89.68
CA LEU C 1428 2.09 59.34 -90.12
C LEU C 1428 2.55 59.30 -91.57
N ASN C 1429 2.37 60.38 -92.34
CA ASN C 1429 2.92 60.41 -93.69
C ASN C 1429 4.00 61.45 -93.94
N THR C 1430 4.17 62.42 -93.04
CA THR C 1430 5.19 63.45 -93.19
C THR C 1430 6.59 62.85 -93.09
N THR C 1431 7.50 63.44 -93.85
CA THR C 1431 8.90 63.04 -93.86
C THR C 1431 9.79 64.11 -93.25
N THR C 1432 9.20 65.04 -92.51
CA THR C 1432 9.91 66.17 -91.94
C THR C 1432 10.10 65.93 -90.45
N TYR C 1433 11.25 66.37 -89.94
CA TYR C 1433 11.66 66.19 -88.55
C TYR C 1433 12.24 67.49 -88.03
N TYR C 1434 12.21 67.63 -86.71
CA TYR C 1434 12.51 68.88 -86.03
C TYR C 1434 13.39 68.62 -84.82
N TYR C 1435 14.33 69.53 -84.55
CA TYR C 1435 14.87 69.60 -83.21
C TYR C 1435 15.04 71.07 -82.87
N SER C 1436 15.30 71.33 -81.59
CA SER C 1436 15.59 72.68 -81.14
C SER C 1436 16.69 72.62 -80.09
N VAL C 1437 17.49 73.68 -80.09
CA VAL C 1437 18.53 73.91 -79.10
C VAL C 1437 18.30 75.27 -78.49
N ARG C 1438 18.43 75.35 -77.18
CA ARG C 1438 18.18 76.55 -76.42
C ARG C 1438 19.51 77.03 -75.87
N VAL C 1439 20.02 78.09 -76.47
CA VAL C 1439 21.23 78.74 -75.99
C VAL C 1439 20.87 79.46 -74.70
N PHE C 1440 21.56 79.11 -73.61
CA PHE C 1440 21.20 79.63 -72.29
C PHE C 1440 21.49 81.12 -72.16
N ALA C 1441 20.72 81.77 -71.29
CA ALA C 1441 20.93 83.18 -70.99
C ALA C 1441 22.30 83.38 -70.37
N GLY C 1442 23.00 84.41 -70.82
CA GLY C 1442 24.38 84.63 -70.44
C GLY C 1442 25.38 83.98 -71.36
N GLN C 1443 24.94 83.07 -72.22
CA GLN C 1443 25.81 82.48 -73.24
C GLN C 1443 25.61 83.26 -74.53
N GLU C 1444 26.69 83.79 -75.07
CA GLU C 1444 26.65 84.68 -76.23
C GLU C 1444 26.12 83.95 -77.46
N PRO C 1445 25.03 84.42 -78.08
CA PRO C 1445 24.59 83.83 -79.36
C PRO C 1445 25.61 83.97 -80.48
N SER C 1446 26.45 85.01 -80.45
CA SER C 1446 27.50 85.13 -81.45
C SER C 1446 28.58 84.07 -81.31
N CYS C 1447 28.71 83.44 -80.14
CA CYS C 1447 29.67 82.37 -79.92
C CYS C 1447 29.07 80.99 -80.12
N VAL C 1448 27.98 80.88 -80.90
CA VAL C 1448 27.29 79.61 -81.12
C VAL C 1448 27.04 79.47 -82.62
N TRP C 1449 27.21 78.24 -83.12
CA TRP C 1449 26.85 77.88 -84.49
C TRP C 1449 26.09 76.56 -84.44
N VAL C 1450 24.95 76.50 -85.13
CA VAL C 1450 23.98 75.42 -84.98
C VAL C 1450 23.62 74.86 -86.35
N GLY C 1451 23.51 73.53 -86.44
CA GLY C 1451 23.01 72.89 -87.64
C GLY C 1451 23.28 71.40 -87.72
N TRP C 1452 23.83 70.96 -88.85
CA TRP C 1452 24.17 69.55 -89.02
C TRP C 1452 25.54 69.43 -89.65
N VAL C 1453 26.18 68.28 -89.41
CA VAL C 1453 27.48 67.97 -89.98
C VAL C 1453 27.44 66.58 -90.59
N THR C 1454 28.41 66.32 -91.43
CA THR C 1454 28.65 65.06 -92.11
C THR C 1454 29.77 64.30 -91.39
N PRO C 1455 29.84 62.97 -91.53
CA PRO C 1455 30.87 62.21 -90.78
C PRO C 1455 32.31 62.39 -91.24
N ASP C 1456 32.60 63.34 -92.14
CA ASP C 1456 33.97 63.65 -92.54
C ASP C 1456 34.42 65.03 -92.06
N TYR C 1457 33.80 65.54 -91.00
CA TYR C 1457 34.13 66.86 -90.46
C TYR C 1457 35.19 66.70 -89.38
N HIS C 1458 36.41 67.16 -89.67
CA HIS C 1458 37.54 67.02 -88.76
C HIS C 1458 38.36 68.29 -88.67
N GLN C 1459 37.70 69.43 -88.56
CA GLN C 1459 38.36 70.74 -88.58
C GLN C 1459 38.21 71.37 -87.20
N HIS C 1460 39.23 71.17 -86.35
CA HIS C 1460 39.21 71.65 -84.97
C HIS C 1460 39.97 72.96 -84.91
N ASP C 1461 39.34 74.03 -85.38
CA ASP C 1461 39.94 75.37 -85.39
C ASP C 1461 39.40 76.20 -84.23
N MET C 1462 40.29 76.69 -83.36
CA MET C 1462 39.83 77.52 -82.25
C MET C 1462 39.25 78.85 -82.73
N ASN C 1463 39.72 79.34 -83.87
CA ASN C 1463 39.24 80.58 -84.45
C ASN C 1463 38.21 80.32 -85.53
N PHE C 1464 37.37 79.29 -85.33
CA PHE C 1464 36.39 78.88 -86.31
C PHE C 1464 35.37 79.98 -86.58
N ASP C 1465 35.03 80.15 -87.85
CA ASP C 1465 33.91 80.96 -88.29
C ASP C 1465 33.30 80.27 -89.50
N LEU C 1466 32.19 80.83 -90.00
CA LEU C 1466 31.51 80.27 -91.17
C LEU C 1466 32.37 80.31 -92.44
N SER C 1467 33.45 81.08 -92.46
CA SER C 1467 34.35 81.07 -93.62
C SER C 1467 35.12 79.75 -93.71
N LYS C 1468 35.49 79.18 -92.56
CA LYS C 1468 36.29 77.96 -92.53
C LYS C 1468 35.55 76.72 -93.04
N VAL C 1469 34.24 76.81 -93.23
CA VAL C 1469 33.42 75.68 -93.67
C VAL C 1469 33.90 75.22 -95.04
N ARG C 1470 34.35 73.98 -95.14
CA ARG C 1470 34.71 73.41 -96.42
C ARG C 1470 33.47 73.19 -97.26
N ALA C 1471 33.49 73.71 -98.49
CA ALA C 1471 32.37 73.61 -99.40
C ALA C 1471 32.88 73.64 -100.83
N VAL C 1472 32.07 73.11 -101.75
CA VAL C 1472 32.41 73.10 -103.17
C VAL C 1472 31.12 72.91 -103.96
N THR C 1473 31.03 73.59 -105.10
CA THR C 1473 29.91 73.46 -106.02
C THR C 1473 30.41 72.73 -107.25
N VAL C 1474 29.71 71.67 -107.63
CA VAL C 1474 30.09 70.85 -108.78
C VAL C 1474 29.16 71.19 -109.93
N THR C 1475 29.73 71.51 -111.10
CA THR C 1475 28.93 71.93 -112.24
C THR C 1475 28.96 70.90 -113.37
N MET C 1476 27.79 70.37 -113.72
CA MET C 1476 27.59 69.48 -114.83
C MET C 1476 26.98 70.25 -116.00
N GLY C 1477 27.75 70.35 -117.08
CA GLY C 1477 27.31 70.84 -118.37
C GLY C 1477 27.62 69.80 -119.43
N ASP C 1478 26.97 69.86 -120.60
CA ASP C 1478 27.24 68.88 -121.66
C ASP C 1478 28.61 69.18 -122.30
N GLU C 1479 28.88 68.53 -123.45
CA GLU C 1479 30.16 68.67 -124.16
C GLU C 1479 30.51 70.12 -124.49
N GLN C 1480 29.52 70.95 -124.80
CA GLN C 1480 29.73 72.36 -125.16
C GLN C 1480 29.02 73.22 -124.12
N GLY C 1481 29.70 73.47 -123.00
CA GLY C 1481 29.21 74.31 -121.91
C GLY C 1481 27.85 73.83 -121.43
N ASN C 1482 26.85 74.74 -121.45
CA ASN C 1482 25.44 74.45 -121.18
C ASN C 1482 25.23 73.80 -119.81
N VAL C 1483 25.49 74.61 -118.78
CA VAL C 1483 25.31 74.21 -117.38
C VAL C 1483 23.87 73.76 -117.15
N HIS C 1484 23.68 72.45 -116.95
CA HIS C 1484 22.35 71.89 -116.78
C HIS C 1484 22.08 71.39 -115.39
N SER C 1485 23.11 71.19 -114.56
CA SER C 1485 22.89 70.84 -113.15
C SER C 1485 24.16 71.10 -112.37
N SER C 1486 24.06 71.87 -111.29
CA SER C 1486 25.22 72.17 -110.48
C SER C 1486 24.80 72.18 -109.02
N LEU C 1487 25.39 71.30 -108.23
CA LEU C 1487 24.99 71.14 -106.84
C LEU C 1487 26.08 71.63 -105.90
N LYS C 1488 25.75 71.62 -104.60
CA LYS C 1488 26.67 72.00 -103.54
C LYS C 1488 26.98 70.80 -102.65
N CYS C 1489 28.20 70.77 -102.11
CA CYS C 1489 28.65 69.73 -101.20
C CYS C 1489 29.48 70.37 -100.11
N SER C 1490 29.23 69.98 -98.86
CA SER C 1490 29.94 70.57 -97.73
C SER C 1490 29.91 69.58 -96.58
N ASN C 1491 30.94 69.69 -95.72
CA ASN C 1491 31.07 68.81 -94.57
C ASN C 1491 30.30 69.31 -93.36
N CYS C 1492 29.77 70.52 -93.44
CA CYS C 1492 29.16 71.16 -92.29
C CYS C 1492 28.11 72.14 -92.79
N TYR C 1493 27.05 72.31 -92.00
CA TYR C 1493 25.96 73.22 -92.35
C TYR C 1493 25.50 73.91 -91.07
N MET C 1494 26.13 75.03 -90.74
CA MET C 1494 25.77 75.78 -89.55
C MET C 1494 25.00 77.03 -89.93
N VAL C 1495 24.30 77.59 -88.95
CA VAL C 1495 23.72 78.92 -89.03
C VAL C 1495 24.11 79.69 -87.77
N TRP C 1496 24.61 80.90 -87.94
CA TRP C 1496 25.25 81.62 -86.87
C TRP C 1496 24.19 82.19 -85.93
N GLY C 1497 24.30 81.84 -84.64
CA GLY C 1497 23.38 82.32 -83.63
C GLY C 1497 23.40 83.81 -83.40
N GLY C 1498 24.51 84.47 -83.72
CA GLY C 1498 24.61 85.91 -83.61
C GLY C 1498 23.77 86.68 -84.60
N ASP C 1499 23.20 86.01 -85.60
CA ASP C 1499 22.37 86.65 -86.60
C ASP C 1499 20.88 86.45 -86.34
N PHE C 1500 20.51 85.95 -85.16
CA PHE C 1500 19.12 85.66 -84.83
C PHE C 1500 18.63 86.53 -83.69
N VAL C 1501 19.24 87.69 -83.51
CA VAL C 1501 18.94 88.59 -82.40
C VAL C 1501 18.71 89.99 -82.95
N SER C 1502 18.00 90.79 -82.18
CA SER C 1502 17.76 92.17 -82.59
C SER C 1502 19.04 92.98 -82.42
N PRO C 1503 19.32 93.92 -83.34
CA PRO C 1503 20.55 94.72 -83.22
C PRO C 1503 20.40 95.88 -82.25
N GLY C 1504 20.58 95.59 -80.97
CA GLY C 1504 20.52 96.61 -79.95
C GLY C 1504 21.89 97.17 -79.60
N GLN C 1505 21.87 98.38 -79.02
CA GLN C 1505 23.09 99.00 -78.52
C GLN C 1505 23.74 98.14 -77.44
N GLN C 1506 22.93 97.64 -76.52
CA GLN C 1506 23.40 96.79 -75.44
C GLN C 1506 22.27 95.83 -75.10
N GLY C 1507 22.49 95.02 -74.07
CA GLY C 1507 21.49 94.03 -73.70
C GLY C 1507 21.53 92.82 -74.59
N ARG C 1508 22.71 92.50 -75.14
CA ARG C 1508 22.93 91.25 -75.86
C ARG C 1508 22.91 90.05 -74.93
N ILE C 1509 23.02 90.26 -73.62
CA ILE C 1509 22.89 89.21 -72.62
C ILE C 1509 21.41 89.22 -72.21
N SER C 1510 20.60 88.50 -72.99
CA SER C 1510 19.16 88.57 -72.83
C SER C 1510 18.69 87.83 -71.58
N HIS C 1511 17.40 87.98 -71.28
CA HIS C 1511 16.76 87.30 -70.18
C HIS C 1511 15.96 86.08 -70.64
N THR C 1512 16.10 85.68 -71.90
CA THR C 1512 15.42 84.51 -72.43
C THR C 1512 16.43 83.66 -73.19
N ASP C 1513 16.36 82.35 -73.00
CA ASP C 1513 17.22 81.43 -73.75
C ASP C 1513 16.81 81.42 -75.21
N LEU C 1514 17.81 81.61 -76.10
CA LEU C 1514 17.56 81.61 -77.54
C LEU C 1514 17.06 80.25 -78.01
N VAL C 1515 16.01 80.26 -78.83
CA VAL C 1515 15.37 79.04 -79.30
C VAL C 1515 15.65 78.83 -80.78
N ILE C 1516 16.68 78.08 -81.11
CA ILE C 1516 17.04 77.81 -82.50
C ILE C 1516 16.52 76.43 -82.86
N GLY C 1517 15.66 76.36 -83.88
CA GLY C 1517 15.16 75.05 -84.26
C GLY C 1517 15.41 74.69 -85.70
N CYS C 1518 15.98 73.52 -85.94
CA CYS C 1518 16.22 73.07 -87.31
C CYS C 1518 15.15 72.08 -87.75
N LEU C 1519 14.75 72.21 -89.01
CA LEU C 1519 13.84 71.29 -89.67
C LEU C 1519 14.54 70.63 -90.83
N VAL C 1520 14.29 69.33 -91.01
CA VAL C 1520 14.89 68.54 -92.08
C VAL C 1520 13.81 67.68 -92.72
N ASP C 1521 13.85 67.59 -94.04
CA ASP C 1521 13.06 66.61 -94.76
C ASP C 1521 14.04 65.64 -95.38
N LEU C 1522 13.83 64.35 -95.14
CA LEU C 1522 14.68 63.34 -95.74
C LEU C 1522 14.15 62.81 -97.07
N ALA C 1523 12.96 63.24 -97.48
CA ALA C 1523 12.41 62.86 -98.78
C ALA C 1523 12.73 63.86 -99.88
N THR C 1524 13.40 64.96 -99.55
CA THR C 1524 13.78 65.98 -100.54
C THR C 1524 15.22 66.43 -100.44
N GLY C 1525 15.88 66.29 -99.29
CA GLY C 1525 17.21 66.83 -99.13
C GLY C 1525 17.26 68.28 -98.73
N LEU C 1526 16.10 68.94 -98.63
CA LEU C 1526 16.00 70.36 -98.32
C LEU C 1526 15.72 70.51 -96.83
N MET C 1527 16.53 71.33 -96.17
CA MET C 1527 16.37 71.58 -94.75
C MET C 1527 16.40 73.08 -94.47
N THR C 1528 15.66 73.48 -93.44
CA THR C 1528 15.61 74.89 -93.07
C THR C 1528 15.86 75.10 -91.57
N PHE C 1529 15.66 76.34 -91.12
CA PHE C 1529 15.96 76.75 -89.77
C PHE C 1529 14.93 77.78 -89.31
N THR C 1530 14.74 77.84 -87.99
CA THR C 1530 13.88 78.82 -87.35
C THR C 1530 14.70 79.54 -86.27
N ALA C 1531 14.84 80.86 -86.45
CA ALA C 1531 15.67 81.66 -85.56
C ALA C 1531 15.04 81.79 -84.18
N ASN C 1532 13.75 82.14 -84.11
CA ASN C 1532 13.01 82.20 -82.85
C ASN C 1532 11.61 81.65 -83.06
N GLY C 1533 11.51 80.55 -83.80
CA GLY C 1533 10.24 80.07 -84.29
C GLY C 1533 9.79 80.71 -85.59
N LYS C 1534 10.51 81.73 -86.06
CA LYS C 1534 10.28 82.35 -87.36
C LYS C 1534 11.35 81.86 -88.31
N GLU C 1535 10.94 81.58 -89.55
CA GLU C 1535 11.85 80.99 -90.52
C GLU C 1535 12.96 81.97 -90.91
N SER C 1536 14.09 81.41 -91.31
CA SER C 1536 15.22 82.17 -91.83
C SER C 1536 15.36 81.93 -93.33
N ASN C 1537 15.82 82.96 -94.03
CA ASN C 1537 16.02 82.91 -95.48
C ASN C 1537 16.99 81.80 -95.90
N THR C 1538 17.91 81.43 -95.02
CA THR C 1538 18.85 80.35 -95.29
C THR C 1538 18.15 79.00 -95.28
N PHE C 1539 18.78 78.05 -95.96
CA PHE C 1539 18.25 76.72 -96.25
C PHE C 1539 19.40 75.95 -96.90
N PHE C 1540 19.24 74.63 -97.00
CA PHE C 1540 20.27 73.83 -97.63
C PHE C 1540 19.65 72.61 -98.29
N GLN C 1541 20.23 72.19 -99.41
CA GLN C 1541 19.78 71.02 -100.16
C GLN C 1541 20.99 70.15 -100.45
N VAL C 1542 20.88 68.84 -100.18
CA VAL C 1542 21.96 67.91 -100.49
C VAL C 1542 21.42 66.67 -101.19
N GLU C 1543 22.37 65.90 -101.74
CA GLU C 1543 22.08 64.67 -102.46
C GLU C 1543 21.60 63.57 -101.51
N PRO C 1544 20.79 62.63 -102.00
CA PRO C 1544 20.22 61.60 -101.10
C PRO C 1544 21.27 60.64 -100.57
N ASN C 1545 20.80 59.78 -99.66
CA ASN C 1545 21.61 58.77 -98.95
C ASN C 1545 22.78 59.40 -98.20
N THR C 1546 22.55 60.60 -97.68
CA THR C 1546 23.55 61.31 -96.91
C THR C 1546 23.17 61.24 -95.43
N LYS C 1547 24.18 61.10 -94.58
CA LYS C 1547 24.00 60.99 -93.15
C LYS C 1547 24.40 62.31 -92.52
N LEU C 1548 23.52 62.83 -91.66
CA LEU C 1548 23.75 64.09 -90.98
C LEU C 1548 23.58 63.89 -89.47
N PHE C 1549 24.56 64.38 -88.71
CA PHE C 1549 24.57 64.39 -87.27
C PHE C 1549 24.18 65.78 -86.77
N PRO C 1550 23.23 65.88 -85.83
CA PRO C 1550 22.95 67.18 -85.17
C PRO C 1550 24.17 67.71 -84.45
N ALA C 1551 24.58 68.92 -84.78
CA ALA C 1551 25.82 69.44 -84.20
C ALA C 1551 25.65 70.88 -83.78
N VAL C 1552 26.41 71.26 -82.74
CA VAL C 1552 26.49 72.64 -82.26
C VAL C 1552 27.95 72.95 -81.95
N PHE C 1553 28.42 74.08 -82.47
CA PHE C 1553 29.78 74.55 -82.21
C PHE C 1553 29.66 75.79 -81.34
N VAL C 1554 30.27 75.76 -80.16
CA VAL C 1554 30.05 76.82 -79.18
C VAL C 1554 31.38 77.21 -78.54
N LEU C 1555 31.55 78.50 -78.30
CA LEU C 1555 32.58 78.98 -77.39
C LEU C 1555 31.89 79.40 -76.11
N PRO C 1556 32.10 78.69 -74.99
CA PRO C 1556 31.34 78.98 -73.76
C PRO C 1556 31.64 80.38 -73.22
N THR C 1557 30.61 81.02 -72.67
CA THR C 1557 30.77 82.33 -72.02
C THR C 1557 29.97 82.44 -70.72
N HIS C 1558 29.67 81.32 -70.05
CA HIS C 1558 28.73 81.33 -68.95
C HIS C 1558 28.84 79.98 -68.24
N GLN C 1559 28.25 79.89 -67.04
CA GLN C 1559 28.07 78.59 -66.39
C GLN C 1559 27.13 77.70 -67.17
N ASN C 1560 26.06 78.28 -67.71
CA ASN C 1560 25.06 77.56 -68.49
C ASN C 1560 25.30 77.83 -69.97
N VAL C 1561 25.27 76.79 -70.80
CA VAL C 1561 25.65 77.00 -72.19
C VAL C 1561 24.53 76.65 -73.17
N ILE C 1562 24.17 75.36 -73.28
CA ILE C 1562 23.23 74.92 -74.31
C ILE C 1562 22.34 73.81 -73.79
N GLN C 1563 21.27 73.56 -74.54
CA GLN C 1563 20.34 72.49 -74.22
C GLN C 1563 19.63 72.01 -75.49
N PHE C 1564 19.68 70.72 -75.74
CA PHE C 1564 19.00 70.06 -76.84
C PHE C 1564 17.67 69.49 -76.36
N GLU C 1565 16.60 69.78 -77.07
CA GLU C 1565 15.29 69.26 -76.71
C GLU C 1565 14.85 68.29 -77.80
N LEU C 1566 14.38 67.11 -77.40
CA LEU C 1566 13.93 66.11 -78.37
C LEU C 1566 12.46 66.30 -78.73
N GLY C 1567 12.13 67.52 -79.15
CA GLY C 1567 10.76 67.93 -79.37
C GLY C 1567 10.25 67.67 -80.76
N LYS C 1568 9.14 68.33 -81.07
CA LYS C 1568 8.44 68.21 -82.33
C LYS C 1568 7.57 69.45 -82.49
N GLN C 1569 7.07 69.65 -83.69
CA GLN C 1569 6.12 70.70 -83.98
C GLN C 1569 4.86 70.04 -84.55
N LYS C 1570 3.89 70.88 -84.96
CA LYS C 1570 2.63 70.36 -85.43
C LYS C 1570 2.81 69.63 -86.75
N ASN C 1571 2.39 68.36 -86.77
CA ASN C 1571 2.50 67.45 -87.92
C ASN C 1571 3.95 67.30 -88.40
N ILE C 1572 4.90 67.41 -87.48
CA ILE C 1572 6.32 67.19 -87.76
C ILE C 1572 6.81 66.14 -86.78
N MET C 1573 7.58 65.19 -87.29
CA MET C 1573 7.80 63.92 -86.61
C MET C 1573 8.99 64.04 -85.66
N PRO C 1574 8.95 63.43 -84.47
CA PRO C 1574 10.09 63.53 -83.53
C PRO C 1574 11.35 62.84 -84.01
N LEU C 1575 12.46 63.20 -83.35
CA LEU C 1575 13.80 62.80 -83.76
C LEU C 1575 13.99 61.30 -83.74
N SER C 1576 13.62 60.65 -82.62
CA SER C 1576 13.91 59.23 -82.44
C SER C 1576 13.25 58.37 -83.49
N ALA C 1577 12.17 58.86 -84.12
CA ALA C 1577 11.62 58.16 -85.29
C ALA C 1577 12.62 58.16 -86.42
N ALA C 1578 13.33 59.29 -86.60
CA ALA C 1578 14.30 59.38 -87.69
C ALA C 1578 15.47 58.45 -87.42
N MET C 1579 16.00 58.47 -86.17
CA MET C 1579 17.22 57.69 -85.93
C MET C 1579 16.92 56.19 -85.87
N PHE C 1580 15.86 55.79 -85.17
CA PHE C 1580 15.62 54.39 -84.87
C PHE C 1580 14.57 53.82 -85.83
N LEU C 1581 14.96 52.77 -86.57
CA LEU C 1581 14.08 52.21 -87.59
C LEU C 1581 12.91 51.45 -87.00
N SER C 1582 13.03 50.97 -85.76
CA SER C 1582 11.90 50.34 -85.10
C SER C 1582 10.90 51.35 -84.57
N GLU C 1583 11.24 52.64 -84.58
CA GLU C 1583 10.45 53.67 -83.92
C GLU C 1583 9.85 54.69 -84.89
N ARG C 1584 9.72 54.35 -86.18
CA ARG C 1584 9.18 55.28 -87.17
C ARG C 1584 7.75 55.71 -86.86
N LYS C 1585 6.98 54.85 -86.20
CA LYS C 1585 5.56 55.09 -85.96
C LYS C 1585 5.30 55.42 -84.49
N ASN C 1586 6.22 56.18 -83.88
CA ASN C 1586 6.12 56.55 -82.47
C ASN C 1586 6.21 58.07 -82.35
N PRO C 1587 5.09 58.77 -82.50
CA PRO C 1587 5.10 60.24 -82.33
C PRO C 1587 5.47 60.71 -80.93
N ALA C 1588 5.40 59.85 -79.92
CA ALA C 1588 5.84 60.21 -78.59
C ALA C 1588 7.36 60.19 -78.53
N PRO C 1589 8.01 61.28 -78.13
CA PRO C 1589 9.48 61.29 -78.07
C PRO C 1589 10.00 60.40 -76.95
N GLN C 1590 11.26 59.99 -77.09
CA GLN C 1590 11.93 59.15 -76.10
C GLN C 1590 13.43 59.28 -76.32
N CYS C 1591 14.20 59.00 -75.26
CA CYS C 1591 15.65 59.18 -75.24
C CYS C 1591 16.35 57.88 -74.87
N PRO C 1592 16.61 57.01 -75.83
CA PRO C 1592 17.31 55.75 -75.56
C PRO C 1592 18.76 55.99 -75.18
N PRO C 1593 19.40 55.01 -74.50
CA PRO C 1593 20.81 55.20 -74.08
C PRO C 1593 21.79 55.46 -75.19
N ARG C 1594 21.59 54.88 -76.39
CA ARG C 1594 22.54 55.08 -77.48
C ARG C 1594 22.64 56.54 -77.90
N LEU C 1595 21.60 57.33 -77.63
CA LEU C 1595 21.72 58.77 -77.82
C LEU C 1595 22.65 59.30 -76.74
N GLU C 1596 23.66 60.05 -77.16
CA GLU C 1596 24.63 60.69 -76.29
C GLU C 1596 25.40 61.70 -77.14
N VAL C 1597 26.29 62.44 -76.50
CA VAL C 1597 26.92 63.58 -77.15
C VAL C 1597 28.42 63.34 -77.28
N GLN C 1598 28.94 63.67 -78.45
CA GLN C 1598 30.35 63.47 -78.75
C GLN C 1598 31.01 64.83 -78.85
N MET C 1599 32.28 64.88 -78.48
CA MET C 1599 33.10 66.06 -78.61
C MET C 1599 34.22 65.79 -79.59
N LEU C 1600 34.71 66.86 -80.21
CA LEU C 1600 35.73 66.73 -81.25
C LEU C 1600 37.07 66.61 -80.54
N MET C 1601 37.42 65.38 -80.23
CA MET C 1601 38.74 65.05 -79.72
C MET C 1601 39.79 65.38 -80.78
N PRO C 1602 40.81 66.14 -80.44
CA PRO C 1602 41.78 66.55 -81.46
C PRO C 1602 42.78 65.49 -81.89
N VAL C 1603 43.29 64.70 -80.95
CA VAL C 1603 44.36 63.74 -81.21
C VAL C 1603 43.89 62.38 -80.68
N SER C 1604 44.15 61.33 -81.45
CA SER C 1604 43.82 59.97 -81.06
C SER C 1604 44.97 59.07 -81.47
N TRP C 1605 45.08 57.94 -80.78
CA TRP C 1605 46.13 56.99 -81.10
C TRP C 1605 45.84 56.29 -82.43
N SER C 1606 46.90 55.75 -83.05
CA SER C 1606 46.73 54.97 -84.27
C SER C 1606 47.95 54.07 -84.41
N ARG C 1607 47.85 53.11 -85.33
CA ARG C 1607 48.79 52.01 -85.42
C ARG C 1607 49.55 52.02 -86.75
N MET C 1608 50.87 51.87 -86.69
CA MET C 1608 51.64 51.71 -87.93
C MET C 1608 51.45 50.30 -88.47
N PRO C 1609 51.00 50.13 -89.71
CA PRO C 1609 51.03 48.81 -90.34
C PRO C 1609 52.46 48.30 -90.44
N ASN C 1610 52.63 46.99 -90.29
CA ASN C 1610 53.97 46.41 -90.35
C ASN C 1610 54.58 46.44 -91.75
N HIS C 1611 53.82 46.76 -92.79
CA HIS C 1611 54.34 46.89 -94.14
C HIS C 1611 53.78 48.14 -94.79
N PHE C 1612 54.52 48.68 -95.75
CA PHE C 1612 54.10 49.87 -96.48
C PHE C 1612 54.37 49.67 -97.96
N LEU C 1613 53.68 50.45 -98.78
CA LEU C 1613 53.81 50.36 -100.23
C LEU C 1613 55.19 50.81 -100.69
N GLN C 1614 55.76 50.06 -101.63
CA GLN C 1614 57.08 50.34 -102.17
C GLN C 1614 56.91 51.14 -103.46
N VAL C 1615 57.28 52.42 -103.40
CA VAL C 1615 57.07 53.38 -104.48
C VAL C 1615 58.42 53.91 -104.91
N GLU C 1616 58.68 53.93 -106.22
CA GLU C 1616 59.94 54.45 -106.74
C GLU C 1616 59.69 55.54 -107.77
N THR C 1617 60.24 56.73 -107.52
CA THR C 1617 60.16 57.86 -108.45
C THR C 1617 61.56 58.15 -108.99
N ARG C 1618 61.68 58.21 -110.31
CA ARG C 1618 62.96 58.49 -110.94
C ARG C 1618 62.72 59.23 -112.25
N ARG C 1619 63.76 59.88 -112.76
CA ARG C 1619 63.65 60.64 -114.00
C ARG C 1619 64.28 59.86 -115.14
N ALA C 1620 63.42 59.23 -115.95
CA ALA C 1620 63.90 58.50 -117.12
C ALA C 1620 64.46 59.43 -118.19
N GLY C 1621 63.79 60.54 -118.45
CA GLY C 1621 64.24 61.48 -119.46
C GLY C 1621 63.58 62.83 -119.28
N GLU C 1622 64.24 63.85 -119.84
CA GLU C 1622 63.73 65.22 -119.74
C GLU C 1622 62.38 65.36 -120.45
N ARG C 1623 62.27 64.79 -121.65
CA ARG C 1623 60.99 64.76 -122.37
C ARG C 1623 59.97 63.88 -121.68
N LEU C 1624 60.43 62.80 -121.03
CA LEU C 1624 59.55 61.88 -120.36
C LEU C 1624 59.15 62.36 -118.97
N GLY C 1625 59.79 63.41 -118.46
CA GLY C 1625 59.48 63.88 -117.12
C GLY C 1625 59.88 62.87 -116.07
N TRP C 1626 59.04 62.75 -115.06
CA TRP C 1626 59.32 61.85 -113.93
C TRP C 1626 58.42 60.63 -113.97
N ALA C 1627 59.00 59.44 -113.81
CA ALA C 1627 58.26 58.19 -113.86
C ALA C 1627 58.23 57.57 -112.46
N VAL C 1628 57.07 57.02 -112.11
CA VAL C 1628 56.80 56.40 -110.83
C VAL C 1628 56.38 54.97 -111.10
N GLN C 1629 56.89 54.06 -110.28
CA GLN C 1629 56.68 52.63 -110.42
C GLN C 1629 56.36 52.00 -109.07
N CYS C 1630 55.40 51.06 -109.08
CA CYS C 1630 55.01 50.35 -107.86
C CYS C 1630 54.24 49.10 -108.26
N GLN C 1631 54.67 47.95 -107.76
CA GLN C 1631 54.00 46.72 -108.19
C GLN C 1631 53.51 45.84 -107.05
N ASP C 1632 54.24 45.78 -105.94
CA ASP C 1632 53.95 44.86 -104.84
C ASP C 1632 52.61 45.21 -104.20
N PRO C 1633 51.65 44.29 -104.16
CA PRO C 1633 50.37 44.61 -103.52
C PRO C 1633 50.32 44.29 -102.04
N LEU C 1634 49.67 45.18 -101.31
CA LEU C 1634 49.40 45.01 -99.89
C LEU C 1634 47.91 45.20 -99.66
N THR C 1635 47.29 44.27 -98.96
CA THR C 1635 45.88 44.34 -98.65
C THR C 1635 45.70 44.21 -97.15
N MET C 1636 44.67 44.85 -96.62
CA MET C 1636 44.48 44.89 -95.17
C MET C 1636 43.00 44.84 -94.84
N MET C 1637 42.72 44.21 -93.69
CA MET C 1637 41.37 44.05 -93.20
C MET C 1637 40.74 45.39 -92.86
N ALA C 1638 39.50 45.59 -93.31
CA ALA C 1638 38.81 46.86 -93.13
C ALA C 1638 37.56 46.58 -92.30
N LEU C 1639 37.55 47.07 -91.07
CA LEU C 1639 36.39 46.96 -90.18
C LEU C 1639 35.66 48.29 -90.27
N HIS C 1640 34.56 48.32 -91.00
CA HIS C 1640 33.84 49.55 -91.23
C HIS C 1640 32.67 49.69 -90.26
N ILE C 1641 32.71 50.74 -89.45
CA ILE C 1641 31.57 51.04 -88.58
C ILE C 1641 30.47 51.64 -89.44
N PRO C 1642 29.23 51.14 -89.37
CA PRO C 1642 28.17 51.66 -90.24
C PRO C 1642 27.77 53.11 -89.96
N GLU C 1643 27.39 53.39 -88.72
CA GLU C 1643 26.78 54.67 -88.39
C GLU C 1643 27.76 55.83 -88.57
N GLU C 1644 29.00 55.67 -88.13
CA GLU C 1644 30.02 56.69 -88.30
C GLU C 1644 30.81 56.54 -89.60
N ASN C 1645 30.49 55.54 -90.43
CA ASN C 1645 30.95 55.36 -91.80
C ASN C 1645 32.48 55.25 -91.94
N ARG C 1646 33.21 55.16 -90.83
CA ARG C 1646 34.67 55.10 -90.83
C ARG C 1646 35.16 53.69 -90.57
N CYS C 1647 36.04 53.22 -91.44
CA CYS C 1647 36.65 51.92 -91.27
C CYS C 1647 37.95 52.06 -90.50
N MET C 1648 38.34 50.96 -89.84
CA MET C 1648 39.54 50.92 -89.03
C MET C 1648 40.19 49.56 -89.22
N ASP C 1649 41.50 49.52 -88.98
CA ASP C 1649 42.26 48.28 -89.09
C ASP C 1649 41.79 47.32 -88.00
N ILE C 1650 41.56 46.07 -88.38
CA ILE C 1650 41.15 45.05 -87.41
C ILE C 1650 42.27 44.77 -86.41
N LEU C 1651 43.53 45.00 -86.79
CA LEU C 1651 44.63 44.76 -85.86
C LEU C 1651 44.62 45.74 -84.68
N GLU C 1652 43.93 46.87 -84.82
CA GLU C 1652 43.76 47.80 -83.71
C GLU C 1652 42.86 47.22 -82.61
N LEU C 1653 42.05 46.21 -82.93
CA LEU C 1653 41.19 45.57 -81.93
C LEU C 1653 41.98 44.88 -80.83
N SER C 1654 43.27 44.58 -81.07
CA SER C 1654 44.17 44.13 -80.01
C SER C 1654 44.39 45.19 -78.94
N GLU C 1655 44.01 46.43 -79.22
CA GLU C 1655 44.06 47.56 -78.32
C GLU C 1655 42.67 48.03 -77.93
N ARG C 1656 41.73 48.07 -78.87
CA ARG C 1656 40.36 48.48 -78.62
C ARG C 1656 39.58 47.28 -78.08
N LEU C 1657 39.81 46.95 -76.81
CA LEU C 1657 39.21 45.77 -76.18
C LEU C 1657 37.68 45.86 -76.12
N ASP C 1658 37.16 47.04 -75.78
CA ASP C 1658 35.72 47.25 -75.65
C ASP C 1658 34.92 46.91 -76.91
N LEU C 1659 35.50 47.12 -78.08
CA LEU C 1659 34.91 46.61 -79.31
C LEU C 1659 35.32 45.18 -79.59
N GLN C 1660 36.49 44.77 -79.09
CA GLN C 1660 37.02 43.44 -79.39
C GLN C 1660 36.09 42.36 -78.85
N ARG C 1661 35.60 42.56 -77.62
CA ARG C 1661 34.65 41.62 -77.02
C ARG C 1661 33.38 41.53 -77.86
N PHE C 1662 32.85 42.69 -78.25
CA PHE C 1662 31.60 42.76 -79.01
C PHE C 1662 31.72 42.03 -80.34
N HIS C 1663 32.78 42.32 -81.10
CA HIS C 1663 32.97 41.65 -82.39
C HIS C 1663 33.27 40.16 -82.23
N SER C 1664 34.03 39.79 -81.19
CA SER C 1664 34.25 38.37 -80.91
C SER C 1664 32.92 37.67 -80.61
N HIS C 1665 32.02 38.35 -79.89
CA HIS C 1665 30.67 37.85 -79.70
C HIS C 1665 29.92 37.79 -81.04
N THR C 1666 30.17 38.76 -81.93
CA THR C 1666 29.48 38.82 -83.21
C THR C 1666 29.76 37.56 -84.02
N LEU C 1667 31.03 37.15 -84.02
CA LEU C 1667 31.40 35.92 -84.73
C LEU C 1667 30.69 34.72 -84.11
N ARG C 1668 30.55 34.74 -82.78
CA ARG C 1668 29.86 33.68 -82.07
C ARG C 1668 28.42 33.59 -82.52
N LEU C 1669 27.76 34.74 -82.64
CA LEU C 1669 26.40 34.80 -83.16
C LEU C 1669 26.29 34.27 -84.57
N TYR C 1670 27.30 34.55 -85.41
CA TYR C 1670 27.35 33.98 -86.76
C TYR C 1670 27.42 32.46 -86.72
N ARG C 1671 28.24 31.92 -85.81
CA ARG C 1671 28.29 30.47 -85.61
C ARG C 1671 26.97 29.95 -85.10
N ALA C 1672 26.33 30.69 -84.20
CA ALA C 1672 25.09 30.23 -83.58
C ALA C 1672 23.97 30.15 -84.60
N VAL C 1673 23.84 31.18 -85.45
CA VAL C 1673 22.76 31.17 -86.45
C VAL C 1673 23.01 30.09 -87.49
N CYS C 1674 24.28 29.84 -87.85
CA CYS C 1674 24.55 28.79 -88.82
C CYS C 1674 24.80 27.42 -88.18
N ALA C 1675 24.64 27.31 -86.86
CA ALA C 1675 24.90 26.08 -86.13
C ALA C 1675 23.91 24.98 -86.48
N LEU C 1676 24.42 23.74 -86.45
CA LEU C 1676 23.63 22.50 -86.64
C LEU C 1676 23.05 22.42 -88.05
N GLY C 1677 23.90 22.68 -89.03
CA GLY C 1677 23.62 22.37 -90.42
C GLY C 1677 22.52 23.14 -91.09
N ASN C 1678 22.17 24.33 -90.59
CA ASN C 1678 21.20 25.20 -91.23
C ASN C 1678 21.79 25.80 -92.51
N ASN C 1679 22.06 24.95 -93.51
CA ASN C 1679 22.85 25.34 -94.69
C ASN C 1679 22.23 26.49 -95.47
N ARG C 1680 20.89 26.61 -95.42
CA ARG C 1680 20.19 27.73 -96.05
C ARG C 1680 20.69 29.05 -95.45
N VAL C 1681 20.87 29.09 -94.13
CA VAL C 1681 21.46 30.25 -93.50
C VAL C 1681 22.94 30.33 -93.84
N ALA C 1682 23.63 29.17 -93.82
CA ALA C 1682 25.08 29.15 -94.01
C ALA C 1682 25.50 29.77 -95.34
N HIS C 1683 24.68 29.60 -96.39
CA HIS C 1683 24.95 30.29 -97.64
C HIS C 1683 24.78 31.80 -97.46
N ALA C 1684 23.73 32.21 -96.74
CA ALA C 1684 23.43 33.63 -96.53
C ALA C 1684 24.55 34.35 -95.79
N LEU C 1685 25.28 33.63 -94.95
CA LEU C 1685 26.43 34.22 -94.25
C LEU C 1685 27.53 34.62 -95.21
N CYS C 1686 27.71 33.88 -96.30
CA CYS C 1686 28.81 34.08 -97.24
C CYS C 1686 28.80 35.46 -97.89
N SER C 1687 27.67 36.17 -97.88
CA SER C 1687 27.68 37.58 -98.26
C SER C 1687 28.45 38.40 -97.24
N HIS C 1688 28.11 38.26 -95.96
CA HIS C 1688 28.69 39.11 -94.93
C HIS C 1688 30.14 38.78 -94.65
N VAL C 1689 30.53 37.52 -94.78
CA VAL C 1689 31.94 37.13 -94.69
C VAL C 1689 32.32 36.37 -95.95
N ASP C 1690 33.39 36.80 -96.59
CA ASP C 1690 33.78 36.28 -97.89
C ASP C 1690 34.98 35.37 -97.79
N GLN C 1691 35.05 34.44 -98.76
CA GLN C 1691 36.08 33.39 -98.79
C GLN C 1691 37.48 33.99 -98.73
N ALA C 1692 37.68 35.10 -99.45
CA ALA C 1692 38.96 35.80 -99.43
C ALA C 1692 39.26 36.30 -98.01
N GLN C 1693 38.24 36.87 -97.35
CA GLN C 1693 38.40 37.39 -96.00
C GLN C 1693 38.81 36.29 -95.03
N LEU C 1694 38.16 35.13 -95.13
CA LEU C 1694 38.50 34.00 -94.26
C LEU C 1694 39.93 33.51 -94.52
N LEU C 1695 40.27 33.26 -95.80
CA LEU C 1695 41.59 32.75 -96.15
C LEU C 1695 42.68 33.74 -95.76
N HIS C 1696 42.43 35.03 -95.95
CA HIS C 1696 43.38 36.06 -95.52
C HIS C 1696 43.53 36.02 -94.01
N ALA C 1697 42.40 35.94 -93.28
CA ALA C 1697 42.43 35.99 -91.83
C ALA C 1697 43.10 34.78 -91.21
N LEU C 1698 43.30 33.70 -91.99
CA LEU C 1698 43.94 32.51 -91.44
C LEU C 1698 45.38 32.79 -91.04
N GLU C 1699 46.12 33.50 -91.90
CA GLU C 1699 47.56 33.66 -91.72
C GLU C 1699 47.95 34.94 -90.99
N ASP C 1700 46.98 35.77 -90.60
CA ASP C 1700 47.27 37.07 -89.99
C ASP C 1700 47.85 36.81 -88.60
N ALA C 1701 49.18 36.84 -88.51
CA ALA C 1701 49.87 36.57 -87.25
C ALA C 1701 49.53 37.58 -86.17
N HIS C 1702 49.47 38.87 -86.53
CA HIS C 1702 49.23 39.90 -85.53
C HIS C 1702 47.79 39.96 -85.04
N LEU C 1703 46.90 39.12 -85.55
CA LEU C 1703 45.49 39.19 -85.22
C LEU C 1703 45.28 38.78 -83.76
N PRO C 1704 44.32 39.42 -83.07
CA PRO C 1704 44.06 39.05 -81.67
C PRO C 1704 43.59 37.61 -81.53
N GLY C 1705 43.98 37.01 -80.40
CA GLY C 1705 43.68 35.63 -80.04
C GLY C 1705 42.23 35.18 -80.18
N PRO C 1706 41.33 35.80 -79.39
CA PRO C 1706 39.91 35.41 -79.45
C PRO C 1706 39.31 35.54 -80.83
N LEU C 1707 39.71 36.57 -81.59
CA LEU C 1707 39.16 36.73 -82.92
C LEU C 1707 39.76 35.73 -83.88
N ARG C 1708 40.99 35.30 -83.62
CA ARG C 1708 41.64 34.29 -84.46
C ARG C 1708 40.91 32.97 -84.33
N ALA C 1709 40.66 32.56 -83.08
CA ALA C 1709 39.92 31.33 -82.84
C ALA C 1709 38.48 31.44 -83.33
N GLY C 1710 37.87 32.62 -83.13
CA GLY C 1710 36.51 32.83 -83.57
C GLY C 1710 36.38 32.71 -85.07
N TYR C 1711 37.34 33.29 -85.81
CA TYR C 1711 37.27 33.25 -87.26
C TYR C 1711 37.51 31.85 -87.80
N TYR C 1712 38.46 31.12 -87.21
CA TYR C 1712 38.68 29.74 -87.64
C TYR C 1712 37.45 28.88 -87.43
N ASP C 1713 36.84 28.98 -86.23
CA ASP C 1713 35.62 28.25 -85.94
C ASP C 1713 34.49 28.68 -86.87
N LEU C 1714 34.39 29.98 -87.16
CA LEU C 1714 33.39 30.50 -88.08
C LEU C 1714 33.56 29.88 -89.47
N LEU C 1715 34.81 29.72 -89.92
CA LEU C 1715 35.08 29.04 -91.19
C LEU C 1715 34.54 27.62 -91.14
N ILE C 1716 34.87 26.89 -90.06
CA ILE C 1716 34.51 25.49 -89.96
C ILE C 1716 32.99 25.35 -89.97
N SER C 1717 32.31 26.22 -89.21
CA SER C 1717 30.86 26.19 -89.11
C SER C 1717 30.22 26.48 -90.46
N ILE C 1718 30.73 27.49 -91.18
CA ILE C 1718 30.08 27.88 -92.43
C ILE C 1718 30.27 26.79 -93.49
N HIS C 1719 31.41 26.11 -93.49
CA HIS C 1719 31.71 25.23 -94.60
C HIS C 1719 31.83 23.74 -94.26
N LEU C 1720 32.23 23.39 -93.04
CA LEU C 1720 32.73 22.04 -92.80
C LEU C 1720 31.90 21.19 -91.85
N GLU C 1721 31.12 21.79 -90.95
CA GLU C 1721 30.42 21.00 -89.92
C GLU C 1721 29.40 20.02 -90.49
N SER C 1722 28.57 20.45 -91.45
CA SER C 1722 27.46 19.61 -91.89
C SER C 1722 27.94 18.29 -92.51
N ALA C 1723 28.95 18.40 -93.37
CA ALA C 1723 29.56 17.23 -93.96
C ALA C 1723 30.43 16.49 -92.98
N CYS C 1724 31.03 17.23 -92.02
CA CYS C 1724 31.84 16.59 -90.99
C CYS C 1724 30.97 15.72 -90.11
N ARG C 1725 29.88 16.28 -89.60
CA ARG C 1725 29.02 15.59 -88.64
C ARG C 1725 28.37 14.39 -89.30
N SER C 1726 27.89 14.55 -90.55
CA SER C 1726 27.33 13.43 -91.28
C SER C 1726 28.34 12.32 -91.52
N ARG C 1727 29.56 12.68 -91.95
CA ARG C 1727 30.62 11.69 -92.13
C ARG C 1727 30.97 11.04 -90.79
N ARG C 1728 30.96 11.84 -89.72
CA ARG C 1728 31.33 11.39 -88.39
C ARG C 1728 30.38 10.28 -87.95
N SER C 1729 29.08 10.50 -88.17
CA SER C 1729 28.11 9.47 -87.84
C SER C 1729 28.33 8.23 -88.70
N MET C 1730 28.60 8.43 -90.00
CA MET C 1730 28.84 7.29 -90.87
C MET C 1730 30.15 6.55 -90.57
N LEU C 1731 31.03 7.12 -89.75
CA LEU C 1731 32.25 6.41 -89.35
C LEU C 1731 31.98 5.22 -88.45
N SER C 1732 30.83 5.18 -87.78
CA SER C 1732 30.56 4.08 -86.87
C SER C 1732 30.13 2.82 -87.59
N GLU C 1733 29.72 2.93 -88.85
CA GLU C 1733 29.32 1.76 -89.63
C GLU C 1733 30.48 1.31 -90.50
N TYR C 1734 30.45 0.04 -90.89
CA TYR C 1734 31.49 -0.54 -91.76
C TYR C 1734 30.80 -1.47 -92.75
N ILE C 1735 30.41 -0.92 -93.89
CA ILE C 1735 29.84 -1.70 -94.98
C ILE C 1735 30.95 -1.92 -95.99
N VAL C 1736 31.17 -3.17 -96.36
CA VAL C 1736 32.27 -3.49 -97.26
C VAL C 1736 31.79 -4.15 -98.55
N PRO C 1737 32.33 -3.76 -99.71
CA PRO C 1737 31.97 -4.42 -100.96
C PRO C 1737 32.88 -5.59 -101.29
N LEU C 1738 32.33 -6.52 -102.08
CA LEU C 1738 33.07 -7.70 -102.53
C LEU C 1738 33.78 -7.35 -103.83
N THR C 1739 34.88 -6.60 -103.68
CA THR C 1739 35.63 -6.05 -104.79
C THR C 1739 37.11 -6.39 -104.65
N PRO C 1740 37.86 -6.47 -105.76
CA PRO C 1740 39.31 -6.77 -105.66
C PRO C 1740 40.10 -5.78 -104.84
N GLU C 1741 39.72 -4.50 -104.82
CA GLU C 1741 40.40 -3.56 -103.94
C GLU C 1741 40.17 -3.91 -102.48
N THR C 1742 38.99 -4.45 -102.14
CA THR C 1742 38.81 -5.00 -100.81
C THR C 1742 39.72 -6.21 -100.60
N ARG C 1743 39.88 -7.03 -101.64
CA ARG C 1743 40.66 -8.27 -101.52
CA ARG C 1743 40.66 -8.26 -101.50
C ARG C 1743 42.13 -7.96 -101.21
N ALA C 1744 42.67 -6.91 -101.84
CA ALA C 1744 44.07 -6.56 -101.66
C ALA C 1744 44.41 -6.11 -100.23
N ILE C 1745 43.41 -5.77 -99.43
CA ILE C 1745 43.64 -5.27 -98.07
C ILE C 1745 44.21 -6.39 -97.21
N THR C 1746 45.29 -6.08 -96.49
CA THR C 1746 45.98 -7.04 -95.63
C THR C 1746 46.23 -6.39 -94.28
N LEU C 1747 46.26 -7.21 -93.23
CA LEU C 1747 46.50 -6.73 -91.88
C LEU C 1747 47.86 -6.07 -91.74
N PHE C 1748 48.89 -6.71 -92.29
CA PHE C 1748 50.21 -6.14 -92.24
C PHE C 1748 50.70 -5.86 -93.65
N PRO C 1749 51.37 -4.73 -93.87
CA PRO C 1749 52.02 -4.50 -95.15
C PRO C 1749 53.10 -5.54 -95.38
N PRO C 1750 53.35 -5.92 -96.64
CA PRO C 1750 54.39 -6.92 -96.93
C PRO C 1750 55.77 -6.48 -96.44
N GLY C 1751 56.50 -7.44 -95.89
CA GLY C 1751 57.78 -7.11 -95.31
C GLY C 1751 58.51 -8.35 -94.86
N ARG C 1752 59.62 -8.12 -94.15
CA ARG C 1752 60.50 -9.18 -93.69
C ARG C 1752 60.98 -8.95 -92.26
N LYS C 1753 60.27 -8.15 -91.47
CA LYS C 1753 60.69 -7.87 -90.10
C LYS C 1753 60.58 -9.10 -89.21
N GLY C 1754 59.38 -9.64 -89.06
CA GLY C 1754 59.17 -10.77 -88.18
C GLY C 1754 58.08 -11.68 -88.70
N GLY C 1755 58.15 -12.94 -88.27
CA GLY C 1755 57.19 -13.94 -88.73
C GLY C 1755 55.76 -13.65 -88.29
N ASN C 1756 55.59 -13.34 -87.00
CA ASN C 1756 54.24 -13.11 -86.48
C ASN C 1756 53.72 -11.74 -86.89
N ALA C 1757 54.59 -10.73 -86.87
CA ALA C 1757 54.14 -9.35 -87.08
C ALA C 1757 55.28 -8.53 -87.66
N ARG C 1758 55.11 -8.06 -88.90
CA ARG C 1758 56.02 -7.09 -89.48
C ARG C 1758 55.78 -5.71 -88.87
N ARG C 1759 56.47 -4.70 -89.39
CA ARG C 1759 56.26 -3.33 -88.94
C ARG C 1759 54.84 -2.88 -89.25
N HIS C 1760 54.18 -2.31 -88.24
CA HIS C 1760 52.77 -1.98 -88.34
C HIS C 1760 52.52 -0.95 -89.44
N GLY C 1761 51.39 -1.11 -90.13
CA GLY C 1761 51.01 -0.12 -91.12
C GLY C 1761 50.75 1.25 -90.49
N LEU C 1762 51.19 2.28 -91.20
CA LEU C 1762 51.02 3.65 -90.72
C LEU C 1762 49.54 4.00 -90.72
N PRO C 1763 49.03 4.60 -89.64
CA PRO C 1763 47.59 4.91 -89.55
C PRO C 1763 47.15 5.84 -90.68
N GLY C 1764 45.94 5.62 -91.17
CA GLY C 1764 45.38 6.39 -92.27
C GLY C 1764 46.07 6.26 -93.63
N VAL C 1765 47.23 5.62 -93.69
CA VAL C 1765 48.00 5.45 -94.92
C VAL C 1765 47.61 4.12 -95.53
N GLY C 1766 46.92 4.16 -96.66
CA GLY C 1766 46.45 2.97 -97.31
C GLY C 1766 45.11 3.22 -97.94
N VAL C 1767 44.42 2.13 -98.24
CA VAL C 1767 43.16 2.18 -98.98
C VAL C 1767 42.04 1.74 -98.03
N THR C 1768 40.92 2.46 -98.07
CA THR C 1768 39.75 2.16 -97.26
C THR C 1768 38.58 1.98 -98.21
N THR C 1769 38.08 0.76 -98.32
CA THR C 1769 36.99 0.47 -99.23
C THR C 1769 35.62 0.61 -98.58
N SER C 1770 35.58 0.97 -97.30
CA SER C 1770 34.32 1.07 -96.57
C SER C 1770 33.42 2.14 -97.18
N LEU C 1771 32.12 1.90 -97.11
CA LEU C 1771 31.17 2.80 -97.73
C LEU C 1771 31.10 4.12 -96.96
N ARG C 1772 31.25 5.21 -97.68
CA ARG C 1772 31.05 6.56 -97.15
C ARG C 1772 30.48 7.40 -98.27
N PRO C 1773 29.28 7.97 -98.10
CA PRO C 1773 28.59 8.66 -99.20
C PRO C 1773 29.34 9.90 -99.66
N PRO C 1774 29.13 10.34 -100.90
CA PRO C 1774 29.85 11.54 -101.39
C PRO C 1774 29.44 12.78 -100.63
N HIS C 1775 30.39 13.69 -100.47
CA HIS C 1775 30.07 15.00 -99.93
C HIS C 1775 29.22 15.78 -100.93
N HIS C 1776 28.47 16.74 -100.40
CA HIS C 1776 27.62 17.60 -101.22
C HIS C 1776 28.03 19.04 -101.01
N PHE C 1777 28.19 19.77 -102.11
CA PHE C 1777 28.58 21.17 -102.06
C PHE C 1777 27.89 21.96 -103.15
N SER C 1778 27.71 23.25 -102.89
CA SER C 1778 27.11 24.18 -103.83
C SER C 1778 28.02 25.39 -103.97
N PRO C 1779 28.15 25.94 -105.18
CA PRO C 1779 28.91 27.17 -105.35
C PRO C 1779 28.10 28.36 -104.86
N PRO C 1780 28.60 29.10 -103.86
CA PRO C 1780 27.85 30.25 -103.35
C PRO C 1780 27.80 31.39 -104.37
N CYS C 1781 26.65 31.54 -105.02
CA CYS C 1781 26.45 32.58 -106.02
C CYS C 1781 25.03 33.10 -105.87
N PHE C 1782 24.92 34.38 -105.51
CA PHE C 1782 23.67 34.93 -104.99
C PHE C 1782 22.87 35.68 -106.04
N VAL C 1783 23.40 35.84 -107.25
CA VAL C 1783 22.64 36.49 -108.32
C VAL C 1783 21.70 35.54 -109.01
N ALA C 1784 21.70 34.26 -108.64
CA ALA C 1784 20.81 33.28 -109.25
C ALA C 1784 19.36 33.66 -108.99
N ALA C 1785 18.51 33.36 -109.98
CA ALA C 1785 17.09 33.65 -109.88
C ALA C 1785 16.47 32.90 -108.71
N LEU C 1786 15.50 33.56 -108.06
CA LEU C 1786 14.78 32.95 -106.95
C LEU C 1786 14.01 31.75 -107.47
N PRO C 1787 14.24 30.55 -106.93
CA PRO C 1787 13.55 29.36 -107.44
C PRO C 1787 12.05 29.46 -107.28
N ALA C 1788 11.33 29.01 -108.32
CA ALA C 1788 9.87 29.07 -108.33
C ALA C 1788 9.25 28.15 -107.28
N ALA C 1789 10.01 27.18 -106.78
CA ALA C 1789 9.55 26.31 -105.71
C ALA C 1789 9.38 27.14 -104.45
N GLY C 1790 8.23 27.00 -103.79
CA GLY C 1790 7.95 27.74 -102.58
C GLY C 1790 8.67 27.17 -101.37
N VAL C 1791 8.35 27.74 -100.21
CA VAL C 1791 8.95 27.31 -98.96
C VAL C 1791 8.49 25.88 -98.65
N ALA C 1792 9.34 25.15 -97.91
CA ALA C 1792 9.13 23.78 -97.43
C ALA C 1792 9.02 22.75 -98.54
N GLU C 1793 9.23 23.12 -99.80
CA GLU C 1793 9.09 22.20 -100.92
C GLU C 1793 10.35 22.09 -101.76
N ALA C 1794 11.16 23.14 -101.86
CA ALA C 1794 12.42 23.06 -102.57
C ALA C 1794 13.41 22.18 -101.81
N PRO C 1795 14.25 21.41 -102.53
CA PRO C 1795 15.27 20.58 -101.85
C PRO C 1795 16.29 21.42 -101.12
N ALA C 1796 16.83 20.83 -100.05
CA ALA C 1796 17.71 21.54 -99.11
C ALA C 1796 18.99 22.02 -99.79
N ARG C 1797 19.42 23.22 -99.43
CA ARG C 1797 20.69 23.75 -99.91
C ARG C 1797 21.85 22.94 -99.35
N LEU C 1798 22.84 22.68 -100.20
CA LEU C 1798 24.03 21.97 -99.77
C LEU C 1798 24.98 22.93 -99.05
N SER C 1799 26.07 22.38 -98.53
CA SER C 1799 27.11 23.19 -97.90
C SER C 1799 27.76 24.11 -98.93
N PRO C 1800 27.97 25.39 -98.62
CA PRO C 1800 28.70 26.27 -99.53
C PRO C 1800 30.11 25.76 -99.82
N ALA C 1801 30.51 25.85 -101.09
CA ALA C 1801 31.77 25.26 -101.49
C ALA C 1801 32.93 26.18 -101.11
N ILE C 1802 34.13 25.61 -101.16
CA ILE C 1802 35.40 26.28 -100.86
C ILE C 1802 36.52 25.37 -101.33
N PRO C 1803 37.60 25.90 -101.95
CA PRO C 1803 38.68 25.03 -102.45
C PRO C 1803 39.41 24.28 -101.34
N LEU C 1804 39.23 22.96 -101.34
CA LEU C 1804 39.72 22.16 -100.24
C LEU C 1804 41.14 21.68 -100.45
N GLU C 1805 41.51 21.28 -101.68
CA GLU C 1805 42.88 20.86 -101.92
C GLU C 1805 43.87 22.01 -101.68
N ALA C 1806 43.47 23.23 -102.04
CA ALA C 1806 44.28 24.40 -101.69
C ALA C 1806 44.20 24.70 -100.21
N LEU C 1807 43.02 24.49 -99.61
CA LEU C 1807 42.87 24.74 -98.18
C LEU C 1807 43.77 23.80 -97.38
N ARG C 1808 43.74 22.50 -97.68
CA ARG C 1808 44.58 21.55 -96.96
C ARG C 1808 46.06 21.83 -97.17
N ASP C 1809 46.46 22.32 -98.36
CA ASP C 1809 47.86 22.74 -98.53
C ASP C 1809 48.22 23.91 -97.62
N LYS C 1810 47.33 24.91 -97.55
CA LYS C 1810 47.55 26.05 -96.64
C LYS C 1810 47.60 25.60 -95.18
N ALA C 1811 46.68 24.72 -94.79
CA ALA C 1811 46.65 24.19 -93.42
C ALA C 1811 47.91 23.40 -93.08
N LEU C 1812 48.37 22.55 -94.01
CA LEU C 1812 49.60 21.81 -93.84
C LEU C 1812 50.79 22.73 -93.66
N ARG C 1813 50.87 23.78 -94.50
CA ARG C 1813 51.96 24.74 -94.39
C ARG C 1813 51.87 25.49 -93.06
N MET C 1814 50.64 25.83 -92.64
CA MET C 1814 50.42 26.53 -91.38
C MET C 1814 50.91 25.70 -90.22
N LEU C 1815 50.65 24.39 -90.29
CA LEU C 1815 51.07 23.48 -89.24
C LEU C 1815 52.58 23.46 -89.16
N GLY C 1816 53.24 23.36 -90.33
CA GLY C 1816 54.70 23.36 -90.35
C GLY C 1816 55.30 24.63 -89.76
N GLU C 1817 54.64 25.76 -90.02
CA GLU C 1817 55.02 27.04 -89.41
C GLU C 1817 54.90 27.00 -87.91
N ALA C 1818 53.79 26.45 -87.41
CA ALA C 1818 53.58 26.37 -85.96
C ALA C 1818 54.59 25.43 -85.33
N VAL C 1819 54.85 24.29 -85.97
CA VAL C 1819 55.74 23.26 -85.40
C VAL C 1819 57.14 23.83 -85.27
N ARG C 1820 57.66 24.43 -86.34
CA ARG C 1820 59.00 25.00 -86.28
C ARG C 1820 59.05 26.20 -85.35
N ASP C 1821 58.00 27.03 -85.32
CA ASP C 1821 57.96 28.20 -84.44
C ASP C 1821 58.02 27.81 -82.97
N GLY C 1822 57.28 26.76 -82.59
CA GLY C 1822 57.17 26.36 -81.19
C GLY C 1822 58.50 26.00 -80.54
N GLY C 1823 59.35 25.29 -81.28
CA GLY C 1823 60.67 24.93 -80.78
C GLY C 1823 61.59 26.11 -80.51
N GLN C 1824 61.36 27.24 -81.17
CA GLN C 1824 62.21 28.42 -80.98
C GLN C 1824 62.03 29.08 -79.61
N HIS C 1825 60.95 28.76 -78.88
CA HIS C 1825 60.66 29.31 -77.55
C HIS C 1825 60.63 30.84 -77.56
N ALA C 1826 60.03 31.39 -78.61
CA ALA C 1826 59.87 32.83 -78.74
C ALA C 1826 58.87 33.36 -77.71
N ARG C 1827 59.07 34.60 -77.32
CA ARG C 1827 58.24 35.25 -76.30
C ARG C 1827 56.95 35.82 -76.87
N ASP C 1828 56.72 35.72 -78.18
CA ASP C 1828 55.55 36.32 -78.82
C ASP C 1828 54.82 35.30 -79.70
N PRO C 1829 54.06 34.41 -79.08
CA PRO C 1829 53.30 33.41 -79.86
C PRO C 1829 52.24 34.07 -80.72
N VAL C 1830 51.93 33.40 -81.84
CA VAL C 1830 50.96 33.92 -82.81
C VAL C 1830 49.60 34.05 -82.16
N GLY C 1831 49.02 35.25 -82.25
CA GLY C 1831 47.73 35.53 -81.67
C GLY C 1831 47.78 36.00 -80.23
N GLY C 1832 48.90 35.81 -79.55
CA GLY C 1832 49.06 36.29 -78.19
C GLY C 1832 49.44 35.20 -77.21
N SER C 1833 48.85 34.02 -77.37
CA SER C 1833 49.07 32.92 -76.44
C SER C 1833 49.29 31.64 -77.24
N VAL C 1834 50.01 30.71 -76.61
CA VAL C 1834 50.31 29.42 -77.22
C VAL C 1834 49.04 28.66 -77.54
N GLU C 1835 48.07 28.67 -76.62
CA GLU C 1835 46.80 28.00 -76.87
C GLU C 1835 46.03 28.65 -78.03
N PHE C 1836 46.05 29.99 -78.12
CA PHE C 1836 45.43 30.67 -79.26
C PHE C 1836 46.19 30.45 -80.55
N GLN C 1837 47.44 30.01 -80.45
CA GLN C 1837 48.23 29.72 -81.64
C GLN C 1837 47.91 28.32 -82.13
N PHE C 1838 48.17 27.32 -81.29
CA PHE C 1838 48.06 25.93 -81.71
C PHE C 1838 46.62 25.45 -81.85
N VAL C 1839 45.73 25.80 -80.91
CA VAL C 1839 44.39 25.19 -80.82
C VAL C 1839 43.54 25.38 -82.08
N PRO C 1840 43.25 26.61 -82.58
CA PRO C 1840 42.34 26.74 -83.74
C PRO C 1840 42.85 26.05 -85.00
N VAL C 1841 44.17 26.05 -85.19
CA VAL C 1841 44.78 25.34 -86.31
C VAL C 1841 44.58 23.85 -86.15
N LEU C 1842 44.86 23.31 -84.95
CA LEU C 1842 44.68 21.89 -84.71
C LEU C 1842 43.23 21.47 -84.90
N LYS C 1843 42.29 22.37 -84.58
CA LYS C 1843 40.88 22.11 -84.81
C LYS C 1843 40.60 21.98 -86.30
N LEU C 1844 41.22 22.85 -87.10
CA LEU C 1844 41.04 22.79 -88.55
C LEU C 1844 41.62 21.50 -89.11
N VAL C 1845 42.79 21.09 -88.61
CA VAL C 1845 43.45 19.88 -89.10
C VAL C 1845 42.59 18.67 -88.75
N SER C 1846 42.05 18.65 -87.53
CA SER C 1846 41.19 17.55 -87.10
C SER C 1846 39.96 17.45 -87.98
N THR C 1847 39.34 18.61 -88.27
CA THR C 1847 38.13 18.63 -89.10
C THR C 1847 38.43 18.10 -90.50
N LEU C 1848 39.59 18.47 -91.07
CA LEU C 1848 39.97 17.95 -92.37
C LEU C 1848 40.25 16.45 -92.32
N LEU C 1849 40.86 15.99 -91.22
CA LEU C 1849 41.14 14.56 -91.03
C LEU C 1849 39.85 13.76 -91.04
N VAL C 1850 38.83 14.25 -90.34
CA VAL C 1850 37.51 13.64 -90.38
C VAL C 1850 36.95 13.71 -91.79
N MET C 1851 37.09 14.85 -92.46
CA MET C 1851 36.64 15.04 -93.83
C MET C 1851 37.27 14.08 -94.83
N GLY C 1852 38.46 13.56 -94.54
CA GLY C 1852 39.14 12.72 -95.50
C GLY C 1852 39.74 13.44 -96.69
N ILE C 1853 39.86 14.76 -96.61
CA ILE C 1853 40.42 15.55 -97.72
C ILE C 1853 41.87 15.17 -97.97
N PHE C 1854 42.62 14.88 -96.90
CA PHE C 1854 44.05 14.62 -96.99
C PHE C 1854 44.32 13.35 -97.77
N GLY C 1855 45.31 13.43 -98.66
CA GLY C 1855 45.87 12.26 -99.30
C GLY C 1855 46.92 11.61 -98.43
N ASP C 1856 47.45 10.49 -98.95
CA ASP C 1856 48.35 9.65 -98.18
C ASP C 1856 49.62 10.40 -97.76
N GLU C 1857 50.26 11.09 -98.72
CA GLU C 1857 51.48 11.84 -98.42
C GLU C 1857 51.21 12.96 -97.43
N ASP C 1858 50.02 13.58 -97.53
CA ASP C 1858 49.57 14.56 -96.56
C ASP C 1858 49.51 13.95 -95.18
N VAL C 1859 48.97 12.74 -95.08
CA VAL C 1859 48.88 12.05 -93.79
C VAL C 1859 50.28 11.77 -93.27
N LYS C 1860 51.18 11.33 -94.16
CA LYS C 1860 52.57 11.03 -93.79
C LYS C 1860 53.22 12.24 -93.15
N GLN C 1861 53.01 13.42 -93.77
CA GLN C 1861 53.56 14.65 -93.21
C GLN C 1861 52.92 14.96 -91.86
N ILE C 1862 51.60 14.77 -91.73
CA ILE C 1862 50.91 15.01 -90.46
C ILE C 1862 51.54 14.19 -89.34
N LEU C 1863 51.78 12.90 -89.62
CA LEU C 1863 52.46 12.01 -88.68
C LEU C 1863 53.89 12.47 -88.42
N LYS C 1864 54.53 13.10 -89.40
CA LYS C 1864 55.88 13.60 -89.19
C LYS C 1864 55.88 14.82 -88.28
N MET C 1865 54.97 15.78 -88.51
CA MET C 1865 54.92 16.95 -87.64
C MET C 1865 54.55 16.58 -86.22
N ILE C 1866 53.58 15.68 -86.02
CA ILE C 1866 53.23 15.31 -84.64
C ILE C 1866 54.38 14.54 -83.98
N GLU C 1867 54.94 13.54 -84.65
CA GLU C 1867 56.06 12.82 -84.08
C GLU C 1867 56.88 12.17 -85.18
N PRO C 1868 58.00 12.79 -85.58
CA PRO C 1868 58.72 12.31 -86.77
C PRO C 1868 59.37 10.95 -86.62
N GLU C 1869 60.19 10.76 -85.58
CA GLU C 1869 61.07 9.60 -85.50
C GLU C 1869 60.33 8.28 -85.33
N VAL C 1870 59.21 8.28 -84.60
CA VAL C 1870 58.44 7.06 -84.41
C VAL C 1870 57.79 6.62 -85.73
N PHE C 1871 57.34 7.59 -86.51
CA PHE C 1871 56.60 7.34 -87.74
C PHE C 1871 57.47 7.45 -88.98
N THR C 1872 58.75 7.10 -88.85
CA THR C 1872 59.64 6.99 -90.00
C THR C 1872 59.57 5.58 -90.56
N GLU C 1873 59.39 5.48 -91.86
CA GLU C 1873 59.23 4.20 -92.54
C GLU C 1873 60.49 3.84 -93.30
N GLU C 1874 60.89 2.57 -93.16
CA GLU C 1874 62.04 1.99 -93.86
C GLU C 1874 62.02 0.48 -93.71
N LEU C 1922 64.41 23.44 -85.77
CA LEU C 1922 64.25 22.45 -84.72
C LEU C 1922 63.15 21.44 -85.07
N GLU C 1923 63.56 20.29 -85.62
CA GLU C 1923 62.60 19.30 -86.13
C GLU C 1923 62.04 18.40 -85.01
N GLU C 1924 61.58 19.02 -83.93
CA GLU C 1924 61.03 18.33 -82.79
C GLU C 1924 59.51 18.43 -82.84
N GLY C 1925 58.83 17.30 -82.66
CA GLY C 1925 57.41 17.22 -82.88
C GLY C 1925 56.58 17.87 -81.78
N LEU C 1926 55.26 17.71 -81.93
CA LEU C 1926 54.31 18.29 -80.97
C LEU C 1926 54.46 17.69 -79.59
N LEU C 1927 54.64 16.37 -79.51
CA LEU C 1927 54.39 15.60 -78.30
C LEU C 1927 55.32 15.88 -77.13
N GLN C 1928 56.26 16.83 -77.22
CA GLN C 1928 57.11 17.11 -76.07
C GLN C 1928 57.34 18.61 -75.82
N MET C 1929 56.57 19.50 -76.46
CA MET C 1929 56.73 20.93 -76.22
C MET C 1929 55.93 21.44 -75.02
N LYS C 1930 55.60 20.56 -74.07
CA LYS C 1930 54.87 20.82 -72.80
C LYS C 1930 53.71 21.80 -72.99
N LEU C 1931 52.81 21.41 -73.90
CA LEU C 1931 51.68 22.24 -74.28
C LEU C 1931 50.70 22.43 -73.12
N PRO C 1932 49.97 23.54 -73.10
CA PRO C 1932 48.89 23.70 -72.12
C PRO C 1932 47.77 22.69 -72.34
N GLU C 1933 46.92 22.57 -71.31
CA GLU C 1933 45.89 21.53 -71.25
C GLU C 1933 44.90 21.63 -72.41
N SER C 1934 44.49 22.84 -72.79
CA SER C 1934 43.48 23.00 -73.84
C SER C 1934 43.96 22.46 -75.18
N VAL C 1935 45.26 22.64 -75.47
CA VAL C 1935 45.86 22.07 -76.68
C VAL C 1935 45.81 20.56 -76.65
N LYS C 1936 46.04 19.96 -75.47
CA LYS C 1936 46.02 18.52 -75.30
C LYS C 1936 44.68 17.89 -75.68
N LEU C 1937 43.58 18.64 -75.53
CA LEU C 1937 42.26 18.15 -75.93
C LEU C 1937 42.19 17.89 -77.43
N GLN C 1938 42.61 18.89 -78.22
CA GLN C 1938 42.69 18.73 -79.67
C GLN C 1938 43.70 17.65 -80.03
N MET C 1939 44.78 17.56 -79.26
CA MET C 1939 45.83 16.59 -79.53
C MET C 1939 45.26 15.18 -79.42
N CYS C 1940 44.45 14.96 -78.37
CA CYS C 1940 43.78 13.68 -78.18
C CYS C 1940 42.82 13.40 -79.31
N ASN C 1941 42.12 14.45 -79.79
CA ASN C 1941 41.20 14.28 -80.91
C ASN C 1941 41.94 13.79 -82.15
N LEU C 1942 43.12 14.36 -82.38
CA LEU C 1942 43.97 13.95 -83.49
C LEU C 1942 44.37 12.49 -83.33
N LEU C 1943 44.76 12.10 -82.11
CA LEU C 1943 45.21 10.73 -81.89
C LEU C 1943 44.08 9.74 -82.11
N GLU C 1944 42.91 10.01 -81.49
CA GLU C 1944 41.80 9.05 -81.57
C GLU C 1944 41.32 8.87 -83.00
N TYR C 1945 41.45 9.93 -83.84
CA TYR C 1945 41.08 9.78 -85.24
C TYR C 1945 41.90 8.68 -85.90
N PHE C 1946 43.22 8.68 -85.64
CA PHE C 1946 44.07 7.62 -86.16
C PHE C 1946 43.75 6.29 -85.50
N CYS C 1947 43.38 6.33 -84.21
CA CYS C 1947 43.04 5.11 -83.48
C CYS C 1947 41.84 4.41 -84.11
N ASP C 1948 40.96 5.18 -84.76
CA ASP C 1948 39.84 4.56 -85.46
C ASP C 1948 40.30 3.89 -86.75
N GLN C 1949 41.38 4.41 -87.36
CA GLN C 1949 41.82 3.95 -88.68
C GLN C 1949 42.27 2.50 -88.65
N GLU C 1950 43.12 2.15 -87.67
CA GLU C 1950 43.55 0.75 -87.50
C GLU C 1950 42.38 -0.19 -87.26
N LEU C 1951 41.40 0.23 -86.46
CA LEU C 1951 40.17 -0.54 -86.26
C LEU C 1951 39.42 -0.79 -87.57
N GLN C 1952 39.19 0.28 -88.35
CA GLN C 1952 38.56 0.13 -89.66
C GLN C 1952 39.41 -0.71 -90.61
N HIS C 1953 40.73 -0.59 -90.51
CA HIS C 1953 41.66 -1.42 -91.25
C HIS C 1953 41.48 -2.88 -90.89
N ARG C 1954 41.36 -3.17 -89.58
CA ARG C 1954 41.20 -4.54 -89.12
C ARG C 1954 39.91 -5.12 -89.65
N VAL C 1955 38.83 -4.33 -89.57
CA VAL C 1955 37.51 -4.76 -90.01
C VAL C 1955 37.54 -5.14 -91.50
N GLU C 1956 38.11 -4.25 -92.33
CA GLU C 1956 38.24 -4.54 -93.75
C GLU C 1956 39.17 -5.72 -94.01
N SER C 1957 40.28 -5.82 -93.28
CA SER C 1957 41.21 -6.94 -93.46
C SER C 1957 40.54 -8.26 -93.12
N LEU C 1958 39.69 -8.26 -92.09
CA LEU C 1958 38.88 -9.42 -91.75
C LEU C 1958 37.92 -9.74 -92.88
N ALA C 1959 37.31 -8.71 -93.47
CA ALA C 1959 36.39 -8.93 -94.58
C ALA C 1959 37.10 -9.55 -95.78
N ALA C 1960 38.31 -9.07 -96.06
CA ALA C 1960 39.16 -9.64 -97.11
C ALA C 1960 39.50 -11.10 -96.85
N PHE C 1961 39.86 -11.41 -95.60
CA PHE C 1961 40.05 -12.79 -95.19
C PHE C 1961 38.79 -13.61 -95.35
N ALA C 1962 37.64 -13.05 -94.97
CA ALA C 1962 36.37 -13.73 -95.14
C ALA C 1962 36.10 -14.05 -96.60
N GLU C 1963 36.44 -13.10 -97.48
CA GLU C 1963 36.24 -13.25 -98.92
C GLU C 1963 37.08 -14.40 -99.45
N ARG C 1964 38.37 -14.43 -99.08
CA ARG C 1964 39.23 -15.48 -99.62
C ARG C 1964 38.92 -16.83 -98.98
N TYR C 1965 38.72 -16.83 -97.66
CA TYR C 1965 38.58 -18.07 -96.91
C TYR C 1965 37.28 -18.80 -97.23
N VAL C 1966 36.15 -18.06 -97.27
CA VAL C 1966 34.83 -18.67 -97.46
C VAL C 1966 34.75 -19.40 -98.79
N ASP C 1967 35.39 -18.85 -99.83
CA ASP C 1967 35.43 -19.51 -101.13
C ASP C 1967 36.11 -20.89 -101.05
N LYS C 1968 37.20 -20.97 -100.28
CA LYS C 1968 37.83 -22.27 -100.01
C LYS C 1968 36.91 -23.20 -99.25
N LEU C 1969 36.16 -22.65 -98.28
CA LEU C 1969 35.23 -23.46 -97.49
C LEU C 1969 34.14 -24.06 -98.37
N GLN C 1970 33.52 -23.21 -99.20
CA GLN C 1970 32.46 -23.68 -100.08
C GLN C 1970 32.99 -24.66 -101.12
N ALA C 1971 34.23 -24.45 -101.59
CA ALA C 1971 34.85 -25.36 -102.57
C ALA C 1971 35.08 -26.74 -101.96
N ASN C 1972 35.73 -26.77 -100.78
CA ASN C 1972 36.01 -28.03 -100.10
C ASN C 1972 34.73 -28.74 -99.71
N GLN C 1973 33.75 -28.00 -99.18
CA GLN C 1973 32.46 -28.58 -98.81
C GLN C 1973 31.72 -29.13 -100.03
N ARG C 1974 31.94 -28.54 -101.20
CA ARG C 1974 31.32 -29.05 -102.42
C ARG C 1974 31.96 -30.36 -102.83
N SER C 1975 33.30 -30.39 -102.81
CA SER C 1975 34.00 -31.61 -103.21
C SER C 1975 33.70 -32.75 -102.24
N ARG C 1976 33.59 -32.42 -100.94
CA ARG C 1976 33.23 -33.43 -99.94
C ARG C 1976 31.82 -33.93 -100.18
N TYR C 1977 30.94 -33.08 -100.72
CA TYR C 1977 29.57 -33.51 -100.99
C TYR C 1977 29.58 -34.55 -102.11
N ALA C 1978 30.29 -34.23 -103.20
CA ALA C 1978 30.38 -35.13 -104.33
C ALA C 1978 31.03 -36.46 -103.93
N LEU C 1979 32.09 -36.40 -103.12
CA LEU C 1979 32.72 -37.62 -102.63
C LEU C 1979 31.79 -38.41 -101.72
N LEU C 1980 31.03 -37.72 -100.85
CA LEU C 1980 30.13 -38.37 -99.92
C LEU C 1980 28.99 -39.09 -100.63
N MET C 1981 28.53 -38.55 -101.78
CA MET C 1981 27.45 -39.22 -102.51
C MET C 1981 27.88 -40.59 -103.04
N ARG C 1982 29.17 -40.77 -103.34
CA ARG C 1982 29.69 -42.07 -103.75
C ARG C 1982 30.40 -42.80 -102.62
N ALA C 1983 30.29 -42.31 -101.38
CA ALA C 1983 30.85 -43.02 -100.24
C ALA C 1983 30.03 -44.25 -99.83
N PHE C 1984 28.86 -44.49 -100.43
CA PHE C 1984 28.01 -45.63 -100.08
C PHE C 1984 28.70 -46.97 -100.36
N THR C 1985 29.64 -47.00 -101.31
CA THR C 1985 30.30 -48.23 -101.74
C THR C 1985 31.14 -48.88 -100.64
N MET C 1986 31.58 -48.11 -99.64
CA MET C 1986 32.40 -48.61 -98.55
C MET C 1986 31.84 -48.27 -97.18
N SER C 1987 30.66 -47.67 -97.10
CA SER C 1987 30.13 -47.23 -95.82
C SER C 1987 28.71 -47.74 -95.55
N ALA C 1988 28.11 -47.24 -94.49
CA ALA C 1988 26.81 -47.67 -94.00
C ALA C 1988 26.13 -46.47 -93.36
N ALA C 1989 25.13 -46.73 -92.51
CA ALA C 1989 24.33 -45.70 -91.83
C ALA C 1989 25.12 -44.66 -91.02
N GLU C 1990 26.42 -44.86 -90.79
CA GLU C 1990 27.28 -43.79 -90.24
C GLU C 1990 27.36 -42.59 -91.19
N THR C 1991 27.03 -42.79 -92.47
CA THR C 1991 26.87 -41.68 -93.39
C THR C 1991 25.81 -40.70 -92.95
N ALA C 1992 24.83 -41.13 -92.13
CA ALA C 1992 23.81 -40.20 -91.63
C ALA C 1992 24.46 -39.12 -90.77
N ARG C 1993 25.39 -39.52 -89.90
CA ARG C 1993 26.24 -38.59 -89.17
C ARG C 1993 27.07 -37.73 -90.11
N ARG C 1994 27.66 -38.34 -91.14
CA ARG C 1994 28.47 -37.58 -92.10
C ARG C 1994 27.67 -36.54 -92.88
N THR C 1995 26.47 -36.90 -93.35
CA THR C 1995 25.61 -35.99 -94.10
C THR C 1995 24.65 -35.21 -93.20
N ARG C 1996 24.76 -35.36 -91.88
CA ARG C 1996 24.04 -34.48 -90.95
C ARG C 1996 24.42 -33.03 -91.17
N GLU C 1997 25.72 -32.78 -91.43
CA GLU C 1997 26.19 -31.44 -91.78
C GLU C 1997 25.44 -30.91 -93.00
N PHE C 1998 25.27 -31.75 -94.01
CA PHE C 1998 24.56 -31.33 -95.21
C PHE C 1998 23.04 -31.34 -95.02
N ARG C 1999 22.57 -31.93 -93.93
CA ARG C 1999 21.17 -31.89 -93.53
C ARG C 1999 20.99 -30.98 -92.32
N SER C 2000 21.87 -29.99 -92.19
CA SER C 2000 21.73 -28.99 -91.16
C SER C 2000 21.87 -27.61 -91.78
N PRO C 2001 21.14 -26.63 -91.27
CA PRO C 2001 21.26 -25.26 -91.79
C PRO C 2001 22.66 -24.72 -91.68
N PRO C 2002 23.03 -23.76 -92.56
CA PRO C 2002 24.44 -23.36 -92.69
C PRO C 2002 25.05 -22.78 -91.44
N GLN C 2003 24.24 -22.19 -90.54
CA GLN C 2003 24.78 -21.53 -89.36
C GLN C 2003 25.53 -22.52 -88.50
N GLU C 2004 24.91 -23.67 -88.24
CA GLU C 2004 25.61 -24.71 -87.51
C GLU C 2004 26.62 -25.41 -88.39
N GLN C 2005 26.42 -25.44 -89.72
CA GLN C 2005 27.46 -26.03 -90.58
C GLN C 2005 28.78 -25.28 -90.42
N ILE C 2006 28.77 -23.96 -90.59
CA ILE C 2006 29.98 -23.16 -90.44
C ILE C 2006 30.49 -23.22 -89.00
N ASN C 2007 29.58 -23.21 -88.01
CA ASN C 2007 30.01 -23.32 -86.61
C ASN C 2007 30.79 -24.61 -86.36
N MET C 2008 30.28 -25.74 -86.85
CA MET C 2008 31.04 -26.99 -86.74
C MET C 2008 32.29 -26.99 -87.62
N LEU C 2009 32.27 -26.26 -88.73
CA LEU C 2009 33.47 -26.07 -89.54
C LEU C 2009 34.56 -25.33 -88.77
N LEU C 2010 34.17 -24.30 -88.02
CA LEU C 2010 35.11 -23.52 -87.22
C LEU C 2010 35.41 -24.16 -85.89
N HIS C 2011 34.69 -25.21 -85.51
CA HIS C 2011 34.75 -25.78 -84.17
C HIS C 2011 35.93 -26.73 -84.02
N PHE C 2012 37.13 -26.18 -84.21
CA PHE C 2012 38.37 -26.96 -84.08
C PHE C 2012 39.47 -26.15 -83.40
N LYS C 2013 39.10 -25.07 -82.70
CA LYS C 2013 40.08 -24.13 -82.16
C LYS C 2013 40.96 -24.76 -81.09
N ASP C 2014 40.37 -25.54 -80.19
CA ASP C 2014 41.03 -25.89 -78.93
C ASP C 2014 41.70 -27.26 -78.97
N GLU C 2015 41.84 -27.87 -80.16
CA GLU C 2015 42.48 -29.17 -80.40
C GLU C 2015 41.77 -30.35 -79.74
N ALA C 2016 40.65 -30.12 -79.06
CA ALA C 2016 39.84 -31.15 -78.44
C ALA C 2016 38.47 -31.30 -79.10
N ASP C 2017 38.28 -30.66 -80.26
CA ASP C 2017 37.01 -30.69 -80.97
C ASP C 2017 37.16 -30.92 -82.46
N GLU C 2018 38.36 -31.27 -82.93
CA GLU C 2018 38.68 -31.44 -84.34
C GLU C 2018 37.99 -32.64 -85.00
N GLU C 2019 37.38 -33.53 -84.20
CA GLU C 2019 36.75 -34.74 -84.72
C GLU C 2019 35.62 -34.42 -85.68
N ASP C 2020 34.85 -33.37 -85.41
CA ASP C 2020 33.75 -33.00 -86.29
C ASP C 2020 34.19 -32.07 -87.41
N CYS C 2021 35.42 -31.57 -87.35
CA CYS C 2021 35.91 -30.67 -88.39
C CYS C 2021 36.37 -31.49 -89.59
N PRO C 2022 35.79 -31.28 -90.77
CA PRO C 2022 36.23 -32.00 -91.97
C PRO C 2022 37.34 -31.31 -92.76
N LEU C 2023 37.80 -30.16 -92.29
CA LEU C 2023 38.74 -29.35 -93.08
C LEU C 2023 40.13 -29.97 -93.10
N PRO C 2024 40.79 -30.00 -94.26
CA PRO C 2024 42.20 -30.40 -94.31
C PRO C 2024 43.08 -29.43 -93.55
N GLU C 2025 44.21 -29.97 -93.07
CA GLU C 2025 45.05 -29.28 -92.10
C GLU C 2025 45.61 -27.96 -92.62
N ASP C 2026 45.82 -27.85 -93.93
CA ASP C 2026 46.31 -26.59 -94.50
C ASP C 2026 45.31 -25.45 -94.27
N ILE C 2027 44.02 -25.73 -94.53
CA ILE C 2027 42.96 -24.78 -94.24
C ILE C 2027 42.88 -24.52 -92.74
N ARG C 2028 42.97 -25.60 -91.93
CA ARG C 2028 42.91 -25.45 -90.48
C ARG C 2028 44.05 -24.57 -89.96
N GLN C 2029 45.22 -24.68 -90.59
CA GLN C 2029 46.38 -23.86 -90.23
C GLN C 2029 46.16 -22.40 -90.58
N ASP C 2030 45.52 -22.16 -91.75
CA ASP C 2030 45.37 -20.80 -92.27
C ASP C 2030 44.58 -19.91 -91.32
N LEU C 2031 43.49 -20.44 -90.75
CA LEU C 2031 42.68 -19.70 -89.79
C LEU C 2031 43.48 -19.34 -88.54
N GLN C 2032 44.22 -20.30 -87.99
CA GLN C 2032 45.05 -20.05 -86.82
C GLN C 2032 46.17 -19.05 -87.11
N ASP C 2033 46.76 -19.14 -88.29
CA ASP C 2033 47.75 -18.16 -88.74
C ASP C 2033 47.16 -16.75 -88.79
N PHE C 2034 45.98 -16.62 -89.42
CA PHE C 2034 45.30 -15.32 -89.48
C PHE C 2034 44.89 -14.85 -88.10
N HIS C 2035 44.65 -15.78 -87.16
CA HIS C 2035 44.34 -15.38 -85.80
C HIS C 2035 45.59 -14.84 -85.13
N GLN C 2036 46.75 -15.46 -85.41
CA GLN C 2036 47.99 -15.10 -84.75
C GLN C 2036 48.40 -13.69 -85.14
N ASP C 2037 48.48 -13.41 -86.45
CA ASP C 2037 48.92 -12.08 -86.82
C ASP C 2037 47.83 -11.06 -86.51
N LEU C 2038 46.55 -11.49 -86.49
CA LEU C 2038 45.47 -10.58 -86.15
C LEU C 2038 45.62 -10.06 -84.72
N LEU C 2039 45.78 -10.97 -83.75
CA LEU C 2039 46.02 -10.54 -82.38
C LEU C 2039 47.34 -9.80 -82.21
N ALA C 2040 48.34 -10.15 -83.04
CA ALA C 2040 49.56 -9.35 -83.05
C ALA C 2040 49.30 -7.92 -83.50
N HIS C 2041 48.46 -7.74 -84.53
CA HIS C 2041 48.02 -6.40 -84.91
C HIS C 2041 47.11 -5.79 -83.85
N CYS C 2042 46.57 -6.59 -82.94
CA CYS C 2042 45.84 -6.09 -81.80
C CYS C 2042 46.76 -5.82 -80.62
N GLY C 2043 48.06 -5.99 -80.81
CA GLY C 2043 49.02 -5.76 -79.73
C GLY C 2043 48.88 -6.69 -78.55
N ILE C 2044 48.57 -7.96 -78.79
CA ILE C 2044 48.33 -8.88 -77.69
C ILE C 2044 49.61 -9.65 -77.38
N GLN C 2045 50.13 -10.38 -78.37
CA GLN C 2045 51.25 -11.26 -78.15
C GLN C 2045 52.34 -10.97 -79.16
N LEU C 2046 53.58 -11.21 -78.76
CA LEU C 2046 54.74 -11.03 -79.62
C LEU C 2046 55.59 -12.30 -79.61
N GLU C 2088 64.50 -0.53 -76.30
CA GLU C 2088 63.05 -0.59 -76.11
C GLU C 2088 62.47 0.79 -75.83
N LYS C 2089 63.36 1.77 -75.65
CA LYS C 2089 62.93 3.16 -75.51
C LYS C 2089 62.36 3.75 -76.79
N LYS C 2090 62.54 3.09 -77.93
CA LYS C 2090 61.89 3.52 -79.16
C LYS C 2090 60.43 3.05 -79.13
N PRO C 2091 59.47 3.97 -79.20
CA PRO C 2091 58.04 3.56 -79.17
C PRO C 2091 57.62 2.63 -80.31
N GLN C 2092 58.13 2.84 -81.52
CA GLN C 2092 58.04 1.92 -82.66
C GLN C 2092 56.64 1.72 -83.24
N SER C 2093 55.59 2.14 -82.54
CA SER C 2093 54.23 1.86 -82.98
C SER C 2093 53.26 2.77 -82.24
N LEU C 2094 52.06 2.88 -82.83
CA LEU C 2094 51.05 3.82 -82.38
C LEU C 2094 50.54 3.47 -80.98
N GLN C 2095 50.13 2.21 -80.77
CA GLN C 2095 49.44 1.80 -79.56
C GLN C 2095 50.31 2.02 -78.31
N GLU C 2096 51.50 1.44 -78.32
CA GLU C 2096 52.34 1.56 -77.15
C GLU C 2096 52.89 2.97 -77.01
N LEU C 2097 53.07 3.69 -78.15
CA LEU C 2097 53.43 5.11 -78.07
C LEU C 2097 52.38 5.92 -77.33
N VAL C 2098 51.12 5.82 -77.74
CA VAL C 2098 50.07 6.63 -77.11
C VAL C 2098 49.85 6.20 -75.65
N SER C 2099 49.98 4.90 -75.34
CA SER C 2099 49.90 4.46 -73.95
C SER C 2099 50.98 5.14 -73.09
N HIS C 2100 52.20 5.21 -73.64
CA HIS C 2100 53.28 5.94 -72.97
CA HIS C 2100 53.28 5.94 -72.97
C HIS C 2100 52.93 7.41 -72.84
N MET C 2101 52.32 7.97 -73.89
CA MET C 2101 51.97 9.38 -73.96
C MET C 2101 51.00 9.71 -72.84
N VAL C 2102 49.93 8.92 -72.74
CA VAL C 2102 48.86 9.16 -71.79
C VAL C 2102 49.40 9.08 -70.37
N VAL C 2103 50.18 8.03 -70.08
CA VAL C 2103 50.75 7.87 -68.74
C VAL C 2103 51.69 9.04 -68.42
N ARG C 2104 52.51 9.45 -69.40
CA ARG C 2104 53.43 10.58 -69.23
C ARG C 2104 52.70 11.87 -68.89
N TRP C 2105 51.61 12.15 -69.63
CA TRP C 2105 50.78 13.33 -69.35
C TRP C 2105 50.22 13.26 -67.95
N ALA C 2106 49.69 12.10 -67.58
CA ALA C 2106 49.00 11.97 -66.30
C ALA C 2106 49.99 12.21 -65.16
N GLN C 2107 51.19 11.63 -65.27
CA GLN C 2107 52.16 11.80 -64.22
C GLN C 2107 52.87 13.15 -64.25
N GLU C 2108 52.68 13.96 -65.29
CA GLU C 2108 53.31 15.28 -65.23
C GLU C 2108 52.58 16.24 -64.28
N ASP C 2109 51.25 16.14 -64.16
CA ASP C 2109 50.49 17.08 -63.34
C ASP C 2109 49.06 16.58 -63.17
N TYR C 2110 48.38 17.11 -62.15
CA TYR C 2110 46.96 16.89 -61.99
C TYR C 2110 46.23 17.62 -63.11
N VAL C 2111 45.66 16.87 -64.04
CA VAL C 2111 44.94 17.46 -65.15
C VAL C 2111 43.67 18.13 -64.64
N GLN C 2112 43.44 19.38 -65.05
CA GLN C 2112 42.33 20.14 -64.51
C GLN C 2112 41.12 20.20 -65.44
N SER C 2113 41.25 19.73 -66.67
CA SER C 2113 40.11 19.70 -67.57
C SER C 2113 39.41 18.35 -67.49
N PRO C 2114 38.17 18.29 -66.98
CA PRO C 2114 37.44 17.01 -66.90
C PRO C 2114 37.25 16.32 -68.24
N GLU C 2115 36.97 17.10 -69.29
CA GLU C 2115 36.81 16.53 -70.62
C GLU C 2115 38.12 15.93 -71.12
N LEU C 2116 39.24 16.64 -70.88
CA LEU C 2116 40.55 16.12 -71.27
C LEU C 2116 40.84 14.82 -70.54
N VAL C 2117 40.46 14.74 -69.27
CA VAL C 2117 40.69 13.53 -68.46
C VAL C 2117 39.88 12.38 -69.05
N ARG C 2118 38.59 12.63 -69.30
CA ARG C 2118 37.67 11.63 -69.82
C ARG C 2118 38.15 11.08 -71.16
N ALA C 2119 38.51 11.99 -72.08
CA ALA C 2119 39.01 11.58 -73.39
C ALA C 2119 40.32 10.82 -73.27
N MET C 2120 41.23 11.29 -72.41
CA MET C 2120 42.55 10.69 -72.29
C MET C 2120 42.45 9.25 -71.77
N PHE C 2121 41.63 9.03 -70.74
CA PHE C 2121 41.45 7.66 -70.28
C PHE C 2121 40.61 6.84 -71.27
N SER C 2122 39.76 7.51 -72.07
CA SER C 2122 38.99 6.81 -73.10
C SER C 2122 39.95 6.16 -74.08
N LEU C 2123 40.94 6.94 -74.52
CA LEU C 2123 41.98 6.44 -75.42
C LEU C 2123 42.75 5.32 -74.76
N LEU C 2124 43.11 5.51 -73.48
CA LEU C 2124 44.01 4.57 -72.82
C LEU C 2124 43.37 3.19 -72.75
N HIS C 2125 42.06 3.16 -72.43
CA HIS C 2125 41.32 1.90 -72.47
C HIS C 2125 41.28 1.33 -73.89
N ARG C 2126 41.06 2.20 -74.89
CA ARG C 2126 40.96 1.69 -76.27
C ARG C 2126 42.27 1.03 -76.70
N GLN C 2127 43.40 1.54 -76.26
CA GLN C 2127 44.66 0.91 -76.64
C GLN C 2127 44.86 -0.39 -75.87
N TYR C 2128 44.53 -0.39 -74.58
CA TYR C 2128 44.83 -1.59 -73.80
C TYR C 2128 43.90 -2.74 -74.11
N ASP C 2129 42.76 -2.48 -74.76
CA ASP C 2129 41.84 -3.55 -75.12
C ASP C 2129 41.62 -3.46 -76.63
N GLY C 2130 42.54 -4.05 -77.39
CA GLY C 2130 42.42 -4.09 -78.83
C GLY C 2130 41.28 -5.00 -79.29
N LEU C 2131 41.14 -6.15 -78.65
CA LEU C 2131 40.14 -7.13 -79.06
C LEU C 2131 38.73 -6.68 -78.69
N GLY C 2132 38.57 -6.07 -77.51
CA GLY C 2132 37.24 -5.70 -77.04
C GLY C 2132 36.57 -4.65 -77.89
N GLU C 2133 37.31 -3.59 -78.25
CA GLU C 2133 36.79 -2.60 -79.18
C GLU C 2133 36.44 -3.19 -80.55
N LEU C 2134 37.25 -4.16 -81.02
CA LEU C 2134 36.91 -4.84 -82.26
C LEU C 2134 35.61 -5.62 -82.10
N LEU C 2135 35.45 -6.31 -80.96
CA LEU C 2135 34.23 -7.05 -80.70
C LEU C 2135 33.04 -6.10 -80.60
N ARG C 2136 33.30 -4.86 -80.17
CA ARG C 2136 32.25 -3.85 -80.08
C ARG C 2136 32.00 -3.21 -81.44
N ALA C 2137 32.81 -3.54 -82.44
CA ALA C 2137 32.65 -2.97 -83.76
C ALA C 2137 32.01 -3.92 -84.75
N LEU C 2138 32.28 -5.23 -84.62
CA LEU C 2138 31.71 -6.23 -85.54
C LEU C 2138 30.18 -6.20 -85.69
N PRO C 2139 29.32 -6.00 -84.62
CA PRO C 2139 27.86 -5.90 -84.85
C PRO C 2139 27.37 -4.86 -85.85
N ARG C 2140 28.25 -3.96 -86.32
CA ARG C 2140 27.91 -3.00 -87.36
C ARG C 2140 28.66 -3.26 -88.66
N ALA C 2141 29.24 -4.46 -88.81
CA ALA C 2141 29.99 -4.82 -89.99
C ALA C 2141 29.11 -5.69 -90.89
N TYR C 2142 29.05 -5.34 -92.17
CA TYR C 2142 28.23 -6.06 -93.13
C TYR C 2142 28.96 -6.13 -94.47
N THR C 2143 28.84 -7.27 -95.13
CA THR C 2143 29.46 -7.49 -96.44
C THR C 2143 28.38 -7.50 -97.50
N ILE C 2144 28.57 -6.71 -98.55
CA ILE C 2144 27.59 -6.60 -99.63
C ILE C 2144 28.27 -6.86 -100.97
N SER C 2145 27.49 -7.41 -101.90
CA SER C 2145 27.93 -7.60 -103.26
C SER C 2145 28.09 -6.24 -103.95
N PRO C 2146 29.08 -6.11 -104.85
CA PRO C 2146 29.31 -4.81 -105.51
C PRO C 2146 28.18 -4.33 -106.41
N SER C 2147 27.18 -5.17 -106.70
CA SER C 2147 26.10 -4.82 -107.62
C SER C 2147 25.28 -3.64 -107.14
N SER C 2148 24.96 -3.60 -105.84
CA SER C 2148 23.97 -2.69 -105.29
C SER C 2148 24.58 -1.58 -104.44
N VAL C 2149 25.87 -1.29 -104.63
CA VAL C 2149 26.53 -0.25 -103.85
C VAL C 2149 25.87 1.13 -104.06
N GLU C 2150 25.54 1.47 -105.31
CA GLU C 2150 24.82 2.72 -105.57
C GLU C 2150 23.45 2.76 -104.89
N ASP C 2151 22.79 1.60 -104.77
CA ASP C 2151 21.53 1.52 -104.05
C ASP C 2151 21.73 1.81 -102.57
N THR C 2152 22.81 1.27 -102.01
CA THR C 2152 23.18 1.59 -100.64
C THR C 2152 23.52 3.07 -100.47
N MET C 2153 24.23 3.65 -101.43
CA MET C 2153 24.50 5.09 -101.43
C MET C 2153 23.22 5.92 -101.38
N SER C 2154 22.23 5.53 -102.20
CA SER C 2154 20.92 6.15 -102.20
C SER C 2154 20.26 6.02 -100.84
N LEU C 2155 20.42 4.86 -100.21
CA LEU C 2155 19.83 4.64 -98.89
C LEU C 2155 20.53 5.49 -97.85
N LEU C 2156 21.87 5.51 -97.91
CA LEU C 2156 22.69 6.20 -96.92
C LEU C 2156 22.42 7.69 -96.90
N GLU C 2157 22.20 8.30 -98.07
CA GLU C 2157 21.93 9.74 -98.07
C GLU C 2157 20.63 10.08 -97.35
N CYS C 2158 19.61 9.20 -97.45
CA CYS C 2158 18.42 9.32 -96.62
C CYS C 2158 18.73 9.05 -95.16
N LEU C 2159 19.65 8.11 -94.90
CA LEU C 2159 20.05 7.84 -93.53
C LEU C 2159 20.73 9.07 -92.94
N GLY C 2160 21.45 9.81 -93.78
CA GLY C 2160 22.06 11.05 -93.35
C GLY C 2160 21.01 12.06 -92.97
N GLN C 2161 19.91 12.12 -93.75
CA GLN C 2161 18.84 13.07 -93.45
C GLN C 2161 18.20 12.77 -92.09
N ILE C 2162 17.80 11.51 -91.89
CA ILE C 2162 17.12 11.16 -90.64
C ILE C 2162 18.05 11.37 -89.46
N ARG C 2163 19.33 10.93 -89.58
CA ARG C 2163 20.29 11.15 -88.51
C ARG C 2163 20.49 12.64 -88.24
N SER C 2164 20.46 13.48 -89.29
CA SER C 2164 20.59 14.92 -89.09
C SER C 2164 19.38 15.52 -88.38
N LEU C 2165 18.25 14.80 -88.37
CA LEU C 2165 17.05 15.38 -87.78
C LEU C 2165 16.84 15.03 -86.32
N LEU C 2166 17.75 14.28 -85.68
CA LEU C 2166 17.66 14.10 -84.23
C LEU C 2166 17.89 15.40 -83.47
N ILE C 2167 18.69 16.30 -84.00
CA ILE C 2167 19.29 17.38 -83.21
C ILE C 2167 18.67 18.73 -83.56
N VAL C 2168 17.49 18.73 -84.17
CA VAL C 2168 16.85 19.96 -84.61
C VAL C 2168 15.34 19.81 -84.42
N GLN C 2169 14.70 20.88 -83.96
CA GLN C 2169 13.25 20.90 -83.83
C GLN C 2169 12.60 20.81 -85.20
N MET C 2170 11.56 19.99 -85.28
CA MET C 2170 10.88 19.71 -86.54
C MET C 2170 10.15 20.93 -87.07
N GLY C 2171 10.25 21.15 -88.39
CA GLY C 2171 9.55 22.20 -89.07
C GLY C 2171 8.96 21.71 -90.37
N PRO C 2172 8.13 22.54 -91.01
CA PRO C 2172 7.45 22.12 -92.25
C PRO C 2172 8.37 21.71 -93.40
N GLN C 2173 9.53 22.36 -93.52
CA GLN C 2173 10.52 21.95 -94.52
C GLN C 2173 11.05 20.57 -94.23
N GLU C 2174 11.44 20.34 -92.97
CA GLU C 2174 12.01 19.07 -92.54
C GLU C 2174 11.00 17.96 -92.67
N GLU C 2175 9.72 18.27 -92.43
CA GLU C 2175 8.66 17.27 -92.52
C GLU C 2175 8.65 16.63 -93.91
N ASN C 2176 8.71 17.49 -94.94
CA ASN C 2176 8.73 17.02 -96.32
C ASN C 2176 10.02 16.28 -96.61
N LEU C 2177 11.10 16.68 -95.92
CA LEU C 2177 12.38 16.01 -96.12
C LEU C 2177 12.28 14.57 -95.65
N MET C 2178 11.71 14.38 -94.46
CA MET C 2178 11.55 13.04 -93.90
C MET C 2178 10.61 12.21 -94.76
N ILE C 2179 9.54 12.82 -95.26
CA ILE C 2179 8.54 12.10 -96.04
C ILE C 2179 9.17 11.53 -97.31
N GLN C 2180 9.96 12.33 -98.01
CA GLN C 2180 10.68 11.76 -99.16
C GLN C 2180 11.86 10.89 -98.75
N SER C 2181 12.45 11.15 -97.57
CA SER C 2181 13.56 10.35 -97.07
C SER C 2181 13.15 8.90 -96.88
N ILE C 2182 11.97 8.68 -96.30
CA ILE C 2182 11.48 7.31 -96.16
C ILE C 2182 10.87 6.84 -97.47
N GLY C 2183 10.39 7.77 -98.30
CA GLY C 2183 9.81 7.40 -99.59
C GLY C 2183 10.83 6.66 -100.44
N ASN C 2184 12.07 7.16 -100.43
CA ASN C 2184 13.13 6.46 -101.16
C ASN C 2184 13.48 5.13 -100.50
N ILE C 2185 13.36 5.04 -99.17
CA ILE C 2185 13.71 3.81 -98.47
C ILE C 2185 12.79 2.69 -98.90
N MET C 2186 11.48 2.96 -98.90
CA MET C 2186 10.51 1.97 -99.38
C MET C 2186 10.72 1.60 -100.85
N ASN C 2187 11.33 2.48 -101.64
CA ASN C 2187 11.62 2.17 -103.03
C ASN C 2187 12.98 1.49 -103.20
N ASN C 2188 13.78 1.43 -102.14
CA ASN C 2188 15.07 0.76 -102.23
C ASN C 2188 14.88 -0.73 -102.00
N LYS C 2189 15.37 -1.54 -102.93
CA LYS C 2189 15.24 -2.99 -102.82
C LYS C 2189 16.18 -3.60 -101.77
N VAL C 2190 17.37 -3.02 -101.57
CA VAL C 2190 18.31 -3.48 -100.54
C VAL C 2190 17.71 -3.36 -99.16
N PHE C 2191 16.84 -2.36 -98.95
CA PHE C 2191 16.06 -2.21 -97.71
C PHE C 2191 15.23 -3.46 -97.42
N TYR C 2192 14.82 -4.19 -98.46
CA TYR C 2192 14.20 -5.50 -98.31
C TYR C 2192 15.18 -6.65 -98.49
N GLN C 2193 16.18 -6.48 -99.35
CA GLN C 2193 17.06 -7.59 -99.71
C GLN C 2193 18.05 -7.96 -98.62
N HIS C 2194 18.45 -6.99 -97.80
CA HIS C 2194 19.40 -7.22 -96.70
C HIS C 2194 18.86 -6.66 -95.40
N PRO C 2195 17.74 -7.19 -94.89
CA PRO C 2195 17.10 -6.60 -93.70
C PRO C 2195 17.95 -6.63 -92.43
N ASN C 2196 18.85 -7.61 -92.29
CA ASN C 2196 19.76 -7.66 -91.16
C ASN C 2196 20.64 -6.42 -91.09
N LEU C 2197 21.06 -5.93 -92.26
CA LEU C 2197 21.83 -4.68 -92.34
C LEU C 2197 21.03 -3.51 -91.80
N MET C 2198 19.74 -3.41 -92.17
CA MET C 2198 18.91 -2.29 -91.75
C MET C 2198 18.73 -2.28 -90.24
N ARG C 2199 18.55 -3.47 -89.66
CA ARG C 2199 18.45 -3.59 -88.22
C ARG C 2199 19.77 -3.21 -87.57
N ALA C 2200 20.89 -3.63 -88.20
CA ALA C 2200 22.21 -3.33 -87.65
C ALA C 2200 22.44 -1.82 -87.60
N LEU C 2201 21.98 -1.10 -88.65
CA LEU C 2201 22.04 0.36 -88.63
C LEU C 2201 21.10 0.97 -87.62
N GLY C 2202 20.07 0.22 -87.19
CA GLY C 2202 19.10 0.77 -86.24
C GLY C 2202 18.30 1.96 -86.73
N MET C 2203 17.99 1.99 -88.03
CA MET C 2203 17.22 3.10 -88.58
C MET C 2203 15.84 3.20 -87.95
N HIS C 2204 15.25 2.07 -87.55
CA HIS C 2204 13.95 2.08 -86.91
C HIS C 2204 14.02 2.85 -85.60
N GLU C 2205 15.07 2.60 -84.80
CA GLU C 2205 15.31 3.36 -83.58
C GLU C 2205 15.40 4.84 -83.87
N THR C 2206 16.17 5.19 -84.92
CA THR C 2206 16.37 6.61 -85.26
C THR C 2206 15.06 7.29 -85.59
N VAL C 2207 14.19 6.61 -86.36
CA VAL C 2207 12.85 7.14 -86.65
C VAL C 2207 12.06 7.33 -85.35
N MET C 2208 12.11 6.30 -84.47
CA MET C 2208 11.34 6.32 -83.23
C MET C 2208 11.67 7.56 -82.41
N GLU C 2209 12.97 7.89 -82.26
CA GLU C 2209 13.35 9.07 -81.49
C GLU C 2209 12.68 10.33 -82.03
N VAL C 2210 12.55 10.40 -83.37
CA VAL C 2210 11.95 11.55 -84.03
C VAL C 2210 10.50 11.69 -83.58
N MET C 2211 9.74 10.59 -83.66
CA MET C 2211 8.34 10.67 -83.19
C MET C 2211 8.27 10.97 -81.70
N VAL C 2212 9.19 10.39 -80.91
CA VAL C 2212 9.24 10.66 -79.47
C VAL C 2212 9.33 12.16 -79.20
N ASN C 2213 10.23 12.84 -79.91
CA ASN C 2213 10.33 14.29 -79.80
C ASN C 2213 9.09 15.02 -80.29
N VAL C 2214 8.50 14.57 -81.42
CA VAL C 2214 7.29 15.20 -81.95
C VAL C 2214 6.11 15.05 -80.99
N LEU C 2215 5.92 13.86 -80.42
CA LEU C 2215 4.86 13.64 -79.45
C LEU C 2215 5.11 14.39 -78.15
N GLY C 2216 6.33 14.28 -77.59
CA GLY C 2216 6.64 14.96 -76.35
C GLY C 2216 6.54 16.47 -76.45
N GLY C 2217 6.89 17.04 -77.60
CA GLY C 2217 6.62 18.44 -77.83
C GLY C 2217 5.13 18.58 -77.98
N GLY C 2218 4.49 19.29 -77.06
CA GLY C 2218 3.06 19.51 -77.14
C GLY C 2218 2.22 18.26 -77.05
N GLU C 2219 2.66 17.26 -76.27
CA GLU C 2219 1.85 16.05 -76.09
C GLU C 2219 0.58 16.35 -75.32
N THR C 2220 0.64 17.30 -74.39
CA THR C 2220 -0.51 17.67 -73.57
C THR C 2220 -1.66 18.22 -74.39
N LYS C 2221 -1.37 19.03 -75.40
CA LYS C 2221 -2.43 19.73 -76.14
C LYS C 2221 -2.88 18.99 -77.40
N GLU C 2222 -1.98 18.80 -78.38
CA GLU C 2222 -2.28 18.24 -79.69
C GLU C 2222 -0.98 18.19 -80.45
N ILE C 2223 -0.94 17.35 -81.49
CA ILE C 2223 0.27 17.12 -82.27
C ILE C 2223 0.15 17.85 -83.60
N ARG C 2224 0.92 18.93 -83.75
CA ARG C 2224 1.12 19.53 -85.05
C ARG C 2224 2.09 18.68 -85.86
N PHE C 2225 2.12 18.96 -87.18
CA PHE C 2225 2.80 18.13 -88.18
C PHE C 2225 2.44 16.64 -88.12
N PRO C 2226 1.14 16.29 -88.13
CA PRO C 2226 0.79 14.86 -88.01
C PRO C 2226 1.04 14.03 -89.26
N LYS C 2227 1.18 14.68 -90.43
CA LYS C 2227 1.34 13.96 -91.69
C LYS C 2227 2.61 13.11 -91.69
N MET C 2228 3.71 13.68 -91.19
CA MET C 2228 4.92 12.88 -91.11
C MET C 2228 4.82 11.82 -90.03
N VAL C 2229 4.09 12.12 -88.94
CA VAL C 2229 3.91 11.15 -87.85
C VAL C 2229 3.24 9.89 -88.37
N THR C 2230 2.12 10.06 -89.08
CA THR C 2230 1.44 8.89 -89.64
C THR C 2230 2.22 8.28 -90.80
N SER C 2231 3.04 9.06 -91.52
CA SER C 2231 3.90 8.48 -92.56
C SER C 2231 4.93 7.54 -91.97
N CYS C 2232 5.61 7.97 -90.91
CA CYS C 2232 6.56 7.12 -90.21
C CYS C 2232 5.88 5.93 -89.55
N CYS C 2233 4.72 6.16 -88.92
CA CYS C 2233 4.00 5.03 -88.32
C CYS C 2233 3.54 4.02 -89.38
N ARG C 2234 3.28 4.46 -90.60
CA ARG C 2234 3.09 3.53 -91.72
C ARG C 2234 4.37 2.79 -92.03
N PHE C 2235 5.50 3.51 -91.96
CA PHE C 2235 6.80 2.95 -92.31
C PHE C 2235 7.18 1.85 -91.34
N LEU C 2236 7.01 2.13 -90.04
CA LEU C 2236 7.44 1.19 -89.01
C LEU C 2236 6.67 -0.12 -89.15
N CYS C 2237 5.35 -0.04 -89.37
CA CYS C 2237 4.53 -1.23 -89.60
C CYS C 2237 5.02 -2.02 -90.80
N TYR C 2238 5.45 -1.31 -91.85
CA TYR C 2238 6.10 -1.97 -92.97
C TYR C 2238 7.38 -2.66 -92.52
N PHE C 2239 8.15 -2.00 -91.66
CA PHE C 2239 9.42 -2.56 -91.19
C PHE C 2239 9.17 -3.83 -90.37
N CYS C 2240 8.06 -3.84 -89.62
CA CYS C 2240 7.69 -5.01 -88.83
C CYS C 2240 7.41 -6.18 -89.75
N ARG C 2241 6.71 -5.93 -90.86
CA ARG C 2241 6.32 -7.04 -91.71
C ARG C 2241 7.47 -7.68 -92.48
N ILE C 2242 8.67 -7.07 -92.49
CA ILE C 2242 9.79 -7.59 -93.27
C ILE C 2242 10.24 -8.96 -92.79
N SER C 2243 10.39 -9.12 -91.47
CA SER C 2243 10.81 -10.39 -90.90
C SER C 2243 10.52 -10.40 -89.41
N ARG C 2244 10.55 -11.61 -88.84
CA ARG C 2244 10.27 -11.79 -87.41
C ARG C 2244 11.31 -11.07 -86.55
N GLN C 2245 12.60 -11.25 -86.87
CA GLN C 2245 13.68 -10.64 -86.09
C GLN C 2245 13.60 -9.12 -86.09
N ASN C 2246 13.31 -8.55 -87.26
CA ASN C 2246 13.08 -7.11 -87.36
C ASN C 2246 11.90 -6.68 -86.51
N GLN C 2247 10.83 -7.48 -86.55
CA GLN C 2247 9.68 -7.23 -85.68
C GLN C 2247 10.08 -7.39 -84.22
N ARG C 2248 10.90 -8.39 -83.90
CA ARG C 2248 11.27 -8.67 -82.51
C ARG C 2248 12.06 -7.52 -81.90
N SER C 2249 13.07 -7.06 -82.64
CA SER C 2249 13.85 -5.91 -82.20
C SER C 2249 13.00 -4.66 -82.11
N MET C 2250 12.08 -4.46 -83.07
CA MET C 2250 11.15 -3.35 -82.97
C MET C 2250 10.27 -3.51 -81.73
N PHE C 2251 9.86 -4.75 -81.43
CA PHE C 2251 9.03 -5.08 -80.27
C PHE C 2251 9.68 -4.65 -78.96
N ASP C 2252 10.99 -4.85 -78.84
CA ASP C 2252 11.68 -4.63 -77.56
C ASP C 2252 11.56 -3.19 -77.01
N HIS C 2253 11.01 -2.25 -77.77
CA HIS C 2253 10.70 -0.89 -77.37
C HIS C 2253 9.20 -0.66 -77.20
N LEU C 2254 8.42 -1.74 -77.03
CA LEU C 2254 6.95 -1.64 -77.00
C LEU C 2254 6.46 -0.75 -75.88
N SER C 2255 6.93 -0.99 -74.65
CA SER C 2255 6.53 -0.21 -73.48
C SER C 2255 6.81 1.27 -73.69
N TYR C 2256 7.95 1.57 -74.32
CA TYR C 2256 8.39 2.94 -74.59
C TYR C 2256 7.41 3.68 -75.49
N LEU C 2257 6.65 2.95 -76.32
CA LEU C 2257 5.68 3.56 -77.23
C LEU C 2257 4.42 4.01 -76.49
N LEU C 2258 4.03 3.25 -75.46
CA LEU C 2258 2.67 3.32 -74.93
C LEU C 2258 2.38 4.69 -74.32
N GLU C 2259 3.33 5.24 -73.56
CA GLU C 2259 3.08 6.54 -72.92
C GLU C 2259 2.95 7.63 -73.99
N ASN C 2260 3.76 7.54 -75.06
CA ASN C 2260 3.65 8.51 -76.13
C ASN C 2260 2.37 8.35 -76.91
N SER C 2261 1.72 7.19 -76.82
CA SER C 2261 0.50 7.00 -77.59
C SER C 2261 -0.72 7.51 -76.86
N GLY C 2262 -0.54 8.11 -75.68
CA GLY C 2262 -1.63 8.62 -74.88
C GLY C 2262 -2.41 9.76 -75.49
N ILE C 2263 -1.87 10.42 -76.52
CA ILE C 2263 -2.57 11.49 -77.20
C ILE C 2263 -2.64 11.29 -78.71
N GLY C 2264 -2.05 10.20 -79.24
CA GLY C 2264 -2.10 9.89 -80.66
C GLY C 2264 -3.47 9.54 -81.19
N LEU C 2265 -4.47 9.37 -80.30
CA LEU C 2265 -5.84 9.08 -80.71
C LEU C 2265 -6.46 10.18 -81.55
N GLY C 2266 -6.00 11.43 -81.36
CA GLY C 2266 -6.56 12.56 -82.09
C GLY C 2266 -6.37 12.46 -83.59
N MET C 2267 -5.21 11.98 -84.01
CA MET C 2267 -4.92 11.80 -85.43
C MET C 2267 -5.27 10.40 -85.87
N GLN C 2268 -5.81 10.30 -87.08
CA GLN C 2268 -6.17 9.04 -87.70
CA GLN C 2268 -6.17 9.04 -87.70
C GLN C 2268 -5.03 8.55 -88.58
N GLY C 2269 -5.30 7.56 -89.42
CA GLY C 2269 -4.29 7.05 -90.33
C GLY C 2269 -3.45 5.97 -89.69
N SER C 2270 -2.28 6.33 -89.20
CA SER C 2270 -1.42 5.39 -88.48
C SER C 2270 -0.92 6.08 -87.23
N THR C 2271 -0.85 5.34 -86.14
CA THR C 2271 -0.52 5.83 -84.81
C THR C 2271 0.54 4.94 -84.17
N PRO C 2272 1.22 5.43 -83.10
CA PRO C 2272 2.11 4.52 -82.36
C PRO C 2272 1.40 3.27 -81.84
N LEU C 2273 0.14 3.39 -81.40
CA LEU C 2273 -0.64 2.23 -81.02
C LEU C 2273 -0.78 1.24 -82.18
N ASP C 2274 -1.00 1.75 -83.40
CA ASP C 2274 -1.03 0.93 -84.60
C ASP C 2274 0.30 0.21 -84.82
N VAL C 2275 1.41 0.94 -84.63
CA VAL C 2275 2.74 0.34 -84.69
C VAL C 2275 2.89 -0.73 -83.61
N ALA C 2276 2.41 -0.45 -82.40
CA ALA C 2276 2.45 -1.42 -81.30
C ALA C 2276 1.71 -2.69 -81.67
N ALA C 2277 0.54 -2.56 -82.29
CA ALA C 2277 -0.24 -3.71 -82.70
C ALA C 2277 0.50 -4.54 -83.75
N ALA C 2278 0.95 -3.87 -84.83
CA ALA C 2278 1.70 -4.59 -85.84
C ALA C 2278 3.06 -5.09 -85.35
N SER C 2279 3.54 -4.57 -84.22
CA SER C 2279 4.76 -5.02 -83.59
C SER C 2279 4.63 -6.41 -82.99
N VAL C 2280 3.40 -6.89 -82.83
CA VAL C 2280 3.15 -8.15 -82.13
C VAL C 2280 2.21 -9.07 -82.90
N ILE C 2281 1.69 -8.62 -84.06
CA ILE C 2281 0.61 -9.34 -84.76
C ILE C 2281 1.09 -10.74 -85.18
N ASP C 2282 0.28 -11.75 -84.84
CA ASP C 2282 0.45 -13.15 -85.27
C ASP C 2282 1.80 -13.73 -84.85
N ASN C 2283 2.24 -13.41 -83.65
CA ASN C 2283 3.48 -13.94 -83.08
C ASN C 2283 3.12 -14.65 -81.79
N ASN C 2284 2.96 -15.97 -81.85
CA ASN C 2284 2.60 -16.75 -80.67
C ASN C 2284 3.64 -16.67 -79.57
N GLU C 2285 4.93 -16.55 -79.92
CA GLU C 2285 5.96 -16.36 -78.91
C GLU C 2285 5.83 -15.01 -78.22
N LEU C 2286 5.33 -14.02 -78.95
CA LEU C 2286 5.45 -12.65 -78.48
C LEU C 2286 4.25 -12.31 -77.64
N ALA C 2287 3.04 -12.69 -78.10
CA ALA C 2287 1.86 -12.51 -77.27
C ALA C 2287 2.00 -13.24 -75.94
N LEU C 2288 2.70 -14.39 -75.93
CA LEU C 2288 3.03 -15.06 -74.68
C LEU C 2288 4.01 -14.22 -73.85
N ALA C 2289 4.98 -13.58 -74.50
CA ALA C 2289 5.97 -12.80 -73.76
C ALA C 2289 5.50 -11.38 -73.47
N LEU C 2290 4.29 -11.01 -73.90
CA LEU C 2290 3.72 -9.69 -73.70
C LEU C 2290 3.45 -9.46 -72.21
N GLN C 2291 4.27 -8.60 -71.60
CA GLN C 2291 4.31 -8.47 -70.14
C GLN C 2291 3.05 -7.85 -69.54
N GLU C 2292 2.81 -8.24 -68.27
CA GLU C 2292 1.68 -7.80 -67.46
C GLU C 2292 1.62 -6.28 -67.41
N GLN C 2293 2.74 -5.65 -67.03
CA GLN C 2293 2.82 -4.21 -66.83
C GLN C 2293 2.35 -3.47 -68.07
N ASP C 2294 2.71 -4.01 -69.26
CA ASP C 2294 2.31 -3.44 -70.53
C ASP C 2294 0.80 -3.49 -70.68
N LEU C 2295 0.21 -4.65 -70.34
CA LEU C 2295 -1.24 -4.80 -70.48
C LEU C 2295 -1.99 -3.88 -69.52
N GLU C 2296 -1.61 -3.91 -68.24
CA GLU C 2296 -2.30 -3.07 -67.27
C GLU C 2296 -2.13 -1.59 -67.58
N LYS C 2297 -1.01 -1.21 -68.22
CA LYS C 2297 -0.82 0.17 -68.60
C LYS C 2297 -1.82 0.56 -69.70
N VAL C 2298 -2.05 -0.37 -70.62
CA VAL C 2298 -3.00 -0.11 -71.70
C VAL C 2298 -4.42 0.01 -71.15
N VAL C 2299 -4.83 -0.95 -70.31
CA VAL C 2299 -6.21 -0.91 -69.81
C VAL C 2299 -6.43 0.32 -68.93
N SER C 2300 -5.39 0.75 -68.17
CA SER C 2300 -5.48 2.00 -67.41
C SER C 2300 -5.76 3.19 -68.33
N TYR C 2301 -5.06 3.24 -69.47
CA TYR C 2301 -5.38 4.25 -70.49
C TYR C 2301 -6.82 4.11 -70.96
N LEU C 2302 -7.25 2.88 -71.22
CA LEU C 2302 -8.61 2.66 -71.72
C LEU C 2302 -9.65 3.11 -70.68
N ALA C 2303 -9.31 2.94 -69.40
CA ALA C 2303 -10.12 3.45 -68.29
C ALA C 2303 -10.27 4.96 -68.37
N GLY C 2304 -9.15 5.64 -68.61
CA GLY C 2304 -9.20 7.09 -68.79
C GLY C 2304 -10.05 7.52 -69.97
N CYS C 2305 -9.92 6.80 -71.10
CA CYS C 2305 -10.76 7.07 -72.26
C CYS C 2305 -12.23 6.77 -71.97
N GLY C 2306 -12.49 5.72 -71.20
CA GLY C 2306 -13.83 5.34 -70.83
C GLY C 2306 -14.42 6.17 -69.73
N LEU C 2307 -13.64 7.09 -69.17
CA LEU C 2307 -14.12 7.91 -68.08
C LEU C 2307 -14.13 9.39 -68.43
N GLN C 2308 -13.47 9.80 -69.51
CA GLN C 2308 -13.39 11.23 -69.85
C GLN C 2308 -13.72 11.41 -71.32
N SER C 2309 -14.23 12.59 -71.65
CA SER C 2309 -14.51 12.94 -73.04
C SER C 2309 -13.22 13.14 -73.84
N CYS C 2310 -13.39 13.47 -75.11
CA CYS C 2310 -12.29 13.82 -75.99
C CYS C 2310 -12.23 15.34 -76.10
N PRO C 2311 -11.24 16.01 -75.49
CA PRO C 2311 -11.22 17.49 -75.53
C PRO C 2311 -11.15 18.10 -76.93
N MET C 2312 -10.41 17.48 -77.85
CA MET C 2312 -10.34 17.98 -79.23
C MET C 2312 -11.70 17.92 -79.92
N LEU C 2313 -12.43 16.81 -79.74
CA LEU C 2313 -13.77 16.72 -80.30
C LEU C 2313 -14.71 17.69 -79.60
N LEU C 2314 -14.52 17.87 -78.29
CA LEU C 2314 -15.36 18.80 -77.54
C LEU C 2314 -15.19 20.21 -78.07
N ALA C 2315 -13.94 20.58 -78.38
CA ALA C 2315 -13.66 21.90 -78.90
C ALA C 2315 -14.22 22.08 -80.30
N LYS C 2316 -14.31 20.98 -81.09
CA LYS C 2316 -14.74 21.13 -82.48
C LYS C 2316 -16.27 21.21 -82.66
N GLY C 2317 -17.02 21.58 -81.62
CA GLY C 2317 -18.46 21.71 -81.73
C GLY C 2317 -19.27 20.47 -81.41
N TYR C 2318 -18.63 19.33 -81.20
CA TYR C 2318 -19.34 18.09 -80.94
C TYR C 2318 -19.99 18.12 -79.55
N PRO C 2319 -21.13 17.47 -79.38
CA PRO C 2319 -21.72 17.35 -78.03
C PRO C 2319 -20.87 16.43 -77.15
N ASP C 2320 -21.15 16.51 -75.85
CA ASP C 2320 -20.33 15.86 -74.83
C ASP C 2320 -20.97 14.59 -74.29
N ILE C 2321 -20.16 13.55 -74.17
CA ILE C 2321 -20.51 12.35 -73.43
C ILE C 2321 -19.33 12.03 -72.51
N GLY C 2322 -19.62 11.34 -71.41
CA GLY C 2322 -18.64 11.10 -70.37
C GLY C 2322 -17.56 10.06 -70.64
N TRP C 2323 -17.27 9.78 -71.91
CA TRP C 2323 -16.27 8.79 -72.30
C TRP C 2323 -15.86 9.01 -73.74
N ASN C 2324 -14.82 8.27 -74.17
CA ASN C 2324 -14.29 8.40 -75.52
C ASN C 2324 -14.48 7.09 -76.27
N PRO C 2325 -15.51 7.00 -77.12
CA PRO C 2325 -15.69 5.81 -77.97
C PRO C 2325 -14.56 5.55 -78.94
N CYS C 2326 -13.97 6.60 -79.52
CA CYS C 2326 -12.93 6.41 -80.53
C CYS C 2326 -11.66 5.91 -79.87
N GLY C 2327 -11.27 6.56 -78.77
CA GLY C 2327 -10.00 6.26 -78.14
C GLY C 2327 -10.04 4.87 -77.56
N GLY C 2328 -11.12 4.57 -76.83
CA GLY C 2328 -11.24 3.24 -76.27
C GLY C 2328 -11.30 2.18 -77.36
N GLU C 2329 -11.97 2.50 -78.49
CA GLU C 2329 -12.08 1.56 -79.60
C GLU C 2329 -10.70 1.22 -80.18
N ARG C 2330 -9.83 2.23 -80.29
CA ARG C 2330 -8.45 2.02 -80.72
C ARG C 2330 -7.69 1.10 -79.76
N TYR C 2331 -7.89 1.32 -78.45
CA TYR C 2331 -7.28 0.41 -77.47
C TYR C 2331 -7.83 -1.00 -77.61
N LEU C 2332 -9.14 -1.14 -77.84
CA LEU C 2332 -9.75 -2.45 -78.01
C LEU C 2332 -9.18 -3.16 -79.22
N ASP C 2333 -9.02 -2.45 -80.33
CA ASP C 2333 -8.40 -3.03 -81.53
C ASP C 2333 -7.00 -3.54 -81.24
N PHE C 2334 -6.25 -2.78 -80.42
CA PHE C 2334 -4.93 -3.23 -79.98
C PHE C 2334 -5.04 -4.52 -79.18
N LEU C 2335 -5.96 -4.56 -78.21
CA LEU C 2335 -6.10 -5.74 -77.36
C LEU C 2335 -6.55 -6.94 -78.19
N ARG C 2336 -7.40 -6.69 -79.20
CA ARG C 2336 -7.86 -7.72 -80.12
C ARG C 2336 -6.68 -8.35 -80.83
N PHE C 2337 -5.65 -7.54 -81.15
CA PHE C 2337 -4.46 -8.18 -81.69
C PHE C 2337 -3.56 -8.72 -80.60
N ALA C 2338 -3.75 -8.27 -79.36
CA ALA C 2338 -2.86 -8.63 -78.26
C ALA C 2338 -3.13 -10.01 -77.75
N VAL C 2339 -4.36 -10.50 -77.91
CA VAL C 2339 -4.73 -11.78 -77.32
C VAL C 2339 -5.04 -12.86 -78.36
N PHE C 2340 -5.41 -12.50 -79.58
CA PHE C 2340 -5.81 -13.49 -80.58
C PHE C 2340 -4.67 -13.67 -81.58
N VAL C 2341 -4.18 -14.90 -81.71
CA VAL C 2341 -3.00 -15.19 -82.53
C VAL C 2341 -3.34 -16.32 -83.49
N ASN C 2342 -3.16 -16.06 -84.79
CA ASN C 2342 -3.19 -17.08 -85.86
C ASN C 2342 -4.49 -17.88 -85.90
N GLY C 2343 -5.59 -17.28 -85.46
CA GLY C 2343 -6.86 -17.97 -85.50
C GLY C 2343 -7.26 -18.68 -84.23
N GLU C 2344 -6.45 -18.61 -83.18
CA GLU C 2344 -6.79 -19.24 -81.91
C GLU C 2344 -6.45 -18.31 -80.76
N SER C 2345 -7.25 -18.39 -79.70
CA SER C 2345 -7.05 -17.55 -78.54
C SER C 2345 -5.82 -18.00 -77.76
N VAL C 2346 -5.27 -17.07 -76.98
CA VAL C 2346 -4.19 -17.36 -76.06
C VAL C 2346 -4.75 -17.16 -74.67
N GLU C 2347 -4.80 -18.25 -73.90
CA GLU C 2347 -5.48 -18.24 -72.60
C GLU C 2347 -4.81 -17.31 -71.60
N GLU C 2348 -3.47 -17.25 -71.61
CA GLU C 2348 -2.72 -16.43 -70.67
C GLU C 2348 -3.09 -14.96 -70.75
N ASN C 2349 -3.01 -14.42 -71.97
CA ASN C 2349 -3.41 -13.04 -72.22
C ASN C 2349 -4.90 -12.86 -72.02
N ALA C 2350 -5.69 -13.84 -72.45
CA ALA C 2350 -7.16 -13.73 -72.40
C ALA C 2350 -7.62 -13.58 -70.95
N ASN C 2351 -7.12 -14.45 -70.06
CA ASN C 2351 -7.57 -14.42 -68.68
C ASN C 2351 -7.01 -13.20 -67.98
N VAL C 2352 -5.79 -12.76 -68.35
CA VAL C 2352 -5.22 -11.60 -67.67
C VAL C 2352 -6.04 -10.35 -68.02
N VAL C 2353 -6.32 -10.15 -69.32
CA VAL C 2353 -7.02 -8.94 -69.75
C VAL C 2353 -8.42 -8.90 -69.14
N VAL C 2354 -9.17 -10.03 -69.18
CA VAL C 2354 -10.51 -10.01 -68.59
C VAL C 2354 -10.41 -9.75 -67.08
N ARG C 2355 -9.37 -10.27 -66.42
CA ARG C 2355 -9.17 -9.97 -65.00
C ARG C 2355 -8.95 -8.48 -64.75
N LEU C 2356 -8.28 -7.78 -65.67
CA LEU C 2356 -8.20 -6.33 -65.50
C LEU C 2356 -9.49 -5.60 -65.86
N LEU C 2357 -10.23 -6.10 -66.85
CA LEU C 2357 -11.54 -5.52 -67.13
C LEU C 2357 -12.51 -5.69 -65.96
N ILE C 2358 -12.51 -6.87 -65.33
CA ILE C 2358 -13.45 -7.07 -64.23
C ILE C 2358 -13.04 -6.22 -63.03
N ARG C 2359 -11.73 -6.15 -62.72
CA ARG C 2359 -11.29 -5.32 -61.60
C ARG C 2359 -11.57 -3.84 -61.86
N LYS C 2360 -11.63 -3.43 -63.13
CA LYS C 2360 -11.86 -2.05 -63.53
C LYS C 2360 -13.16 -1.98 -64.34
N PRO C 2361 -14.33 -2.08 -63.68
CA PRO C 2361 -15.61 -2.15 -64.43
C PRO C 2361 -15.93 -0.92 -65.26
N GLU C 2362 -15.28 0.22 -65.00
CA GLU C 2362 -15.48 1.43 -65.80
C GLU C 2362 -15.02 1.27 -67.25
N CYS C 2363 -14.14 0.29 -67.53
CA CYS C 2363 -13.76 -0.04 -68.89
C CYS C 2363 -14.95 -0.39 -69.77
N PHE C 2364 -15.97 -1.02 -69.19
CA PHE C 2364 -17.16 -1.42 -69.94
C PHE C 2364 -18.00 -0.23 -70.39
N GLY C 2365 -17.80 0.95 -69.81
CA GLY C 2365 -18.52 2.12 -70.24
C GLY C 2365 -19.78 2.30 -69.43
N PRO C 2366 -20.61 3.29 -69.79
CA PRO C 2366 -21.85 3.55 -69.04
C PRO C 2366 -22.81 2.36 -69.01
N ALA C 2367 -22.91 1.62 -70.12
CA ALA C 2367 -23.63 0.36 -70.11
C ALA C 2367 -22.74 -0.73 -69.55
N LEU C 2368 -23.39 -1.72 -68.91
CA LEU C 2368 -22.72 -2.87 -68.28
C LEU C 2368 -21.67 -2.41 -67.27
N ARG C 2369 -22.00 -1.36 -66.53
CA ARG C 2369 -21.11 -0.76 -65.55
CA ARG C 2369 -21.11 -0.75 -65.55
C ARG C 2369 -21.26 -1.37 -64.16
N GLY C 2370 -22.44 -1.86 -63.83
CA GLY C 2370 -22.70 -2.33 -62.49
C GLY C 2370 -23.89 -1.58 -61.94
N GLU C 2371 -23.73 -0.92 -60.79
CA GLU C 2371 -24.82 -0.24 -60.09
C GLU C 2371 -25.42 0.89 -60.93
N GLY C 2372 -26.65 0.68 -61.38
CA GLY C 2372 -27.38 1.66 -62.14
C GLY C 2372 -27.05 1.67 -63.62
N GLY C 2373 -26.17 0.79 -64.07
CA GLY C 2373 -25.77 0.74 -65.47
C GLY C 2373 -26.76 0.01 -66.34
N SER C 2374 -27.37 0.71 -67.28
CA SER C 2374 -28.35 0.15 -68.19
C SER C 2374 -27.71 -0.90 -69.09
N GLY C 2375 -28.54 -1.80 -69.63
CA GLY C 2375 -28.03 -2.89 -70.42
C GLY C 2375 -27.46 -2.42 -71.75
N LEU C 2376 -26.58 -3.25 -72.31
CA LEU C 2376 -26.04 -3.00 -73.64
C LEU C 2376 -27.15 -3.00 -74.69
N LEU C 2377 -28.12 -3.92 -74.54
CA LEU C 2377 -29.31 -3.94 -75.39
C LEU C 2377 -29.99 -2.58 -75.42
N ALA C 2378 -30.30 -2.06 -74.22
CA ALA C 2378 -30.86 -0.71 -74.11
C ALA C 2378 -29.90 0.34 -74.69
N ALA C 2379 -28.59 0.12 -74.55
CA ALA C 2379 -27.59 1.09 -74.96
C ALA C 2379 -27.55 1.30 -76.46
N ILE C 2380 -27.83 0.25 -77.24
CA ILE C 2380 -27.58 0.33 -78.69
C ILE C 2380 -28.58 1.24 -79.39
N GLU C 2381 -29.87 1.20 -78.99
CA GLU C 2381 -30.93 1.82 -79.79
C GLU C 2381 -30.75 3.33 -79.90
N GLU C 2382 -30.50 4.01 -78.77
CA GLU C 2382 -30.34 5.45 -78.84
C GLU C 2382 -29.08 5.84 -79.60
N ALA C 2383 -28.00 5.05 -79.49
CA ALA C 2383 -26.82 5.25 -80.32
C ALA C 2383 -27.14 5.18 -81.82
N ILE C 2384 -28.01 4.24 -82.19
CA ILE C 2384 -28.54 4.16 -83.56
C ILE C 2384 -29.32 5.42 -83.90
N ARG C 2385 -30.18 5.87 -82.98
CA ARG C 2385 -30.97 7.08 -83.22
C ARG C 2385 -30.08 8.31 -83.31
N ILE C 2386 -29.04 8.39 -82.47
CA ILE C 2386 -28.10 9.50 -82.47
C ILE C 2386 -27.39 9.59 -83.82
N SER C 2387 -26.93 8.45 -84.34
CA SER C 2387 -26.32 8.44 -85.67
C SER C 2387 -27.32 8.79 -86.77
N GLU C 2388 -28.55 8.29 -86.68
CA GLU C 2388 -29.57 8.56 -87.70
C GLU C 2388 -30.01 10.03 -87.71
N ASP C 2389 -30.24 10.61 -86.53
CA ASP C 2389 -30.69 11.99 -86.37
C ASP C 2389 -29.52 12.96 -86.29
N PRO C 2390 -29.39 13.93 -87.22
CA PRO C 2390 -28.26 14.87 -87.14
C PRO C 2390 -28.33 15.83 -85.96
N ALA C 2391 -27.36 16.78 -85.92
CA ALA C 2391 -27.19 17.85 -84.93
C ALA C 2391 -26.68 17.33 -83.59
N ARG C 2392 -26.63 16.01 -83.41
CA ARG C 2392 -26.01 15.37 -82.26
C ARG C 2392 -25.06 14.26 -82.64
N ASP C 2393 -25.18 13.68 -83.84
CA ASP C 2393 -24.20 12.73 -84.33
C ASP C 2393 -22.85 13.41 -84.53
N GLY C 2394 -22.87 14.64 -85.03
CA GLY C 2394 -21.67 15.40 -85.26
C GLY C 2394 -21.76 16.75 -84.59
N PRO C 2395 -20.89 17.69 -85.00
CA PRO C 2395 -20.83 19.00 -84.34
C PRO C 2395 -22.12 19.83 -84.46
N GLY C 2396 -22.86 19.69 -85.55
CA GLY C 2396 -23.94 20.62 -85.81
C GLY C 2396 -23.48 22.02 -86.12
N VAL C 2397 -22.41 22.14 -86.90
CA VAL C 2397 -21.87 23.45 -87.26
C VAL C 2397 -22.48 23.92 -88.57
N PRO C 2410 -15.96 12.59 -95.88
CA PRO C 2410 -16.46 13.54 -94.89
C PRO C 2410 -15.85 14.94 -95.09
N PRO C 2411 -16.42 15.99 -94.47
CA PRO C 2411 -15.82 17.33 -94.60
C PRO C 2411 -14.38 17.46 -94.13
N GLU C 2412 -14.00 16.79 -93.04
CA GLU C 2412 -12.61 16.63 -92.65
C GLU C 2412 -11.98 15.35 -93.23
N GLU C 2413 -12.76 14.57 -93.99
CA GLU C 2413 -12.50 13.24 -94.56
C GLU C 2413 -12.49 12.15 -93.49
N ASN C 2414 -12.56 12.54 -92.21
CA ASN C 2414 -12.70 11.62 -91.10
C ASN C 2414 -13.58 12.22 -90.00
N ARG C 2415 -14.60 13.00 -90.40
CA ARG C 2415 -15.57 13.57 -89.48
C ARG C 2415 -16.17 12.48 -88.60
N VAL C 2416 -16.12 12.71 -87.30
CA VAL C 2416 -16.55 11.71 -86.33
C VAL C 2416 -18.07 11.68 -86.25
N HIS C 2417 -18.62 10.48 -86.10
CA HIS C 2417 -20.05 10.23 -85.95
C HIS C 2417 -20.19 9.50 -84.62
N LEU C 2418 -20.78 10.18 -83.62
CA LEU C 2418 -20.83 9.68 -82.24
C LEU C 2418 -21.52 8.33 -82.12
N GLY C 2419 -22.74 8.20 -82.64
CA GLY C 2419 -23.47 6.94 -82.56
C GLY C 2419 -22.72 5.76 -83.18
N HIS C 2420 -22.09 6.01 -84.34
CA HIS C 2420 -21.24 5.02 -84.98
C HIS C 2420 -20.03 4.68 -84.12
N ALA C 2421 -19.40 5.69 -83.51
CA ALA C 2421 -18.25 5.45 -82.65
C ALA C 2421 -18.63 4.64 -81.41
N ILE C 2422 -19.77 4.98 -80.80
CA ILE C 2422 -20.26 4.33 -79.59
C ILE C 2422 -20.51 2.84 -79.85
N MET C 2423 -21.26 2.57 -80.92
CA MET C 2423 -21.54 1.19 -81.29
C MET C 2423 -20.27 0.46 -81.76
N SER C 2424 -19.35 1.16 -82.43
CA SER C 2424 -18.08 0.55 -82.83
C SER C 2424 -17.26 0.14 -81.62
N PHE C 2425 -17.26 0.99 -80.57
CA PHE C 2425 -16.60 0.64 -79.32
C PHE C 2425 -17.24 -0.59 -78.70
N TYR C 2426 -18.58 -0.65 -78.73
CA TYR C 2426 -19.27 -1.78 -78.12
C TYR C 2426 -18.93 -3.06 -78.88
N ALA C 2427 -18.90 -2.95 -80.21
CA ALA C 2427 -18.62 -4.07 -81.09
C ALA C 2427 -17.23 -4.64 -80.84
N ALA C 2428 -16.23 -3.76 -80.80
CA ALA C 2428 -14.87 -4.20 -80.49
C ALA C 2428 -14.75 -4.75 -79.08
N LEU C 2429 -15.53 -4.21 -78.12
CA LEU C 2429 -15.55 -4.76 -76.76
C LEU C 2429 -16.06 -6.21 -76.74
N ILE C 2430 -17.17 -6.44 -77.45
CA ILE C 2430 -17.71 -7.79 -77.58
C ILE C 2430 -16.73 -8.69 -78.32
N ASP C 2431 -16.14 -8.18 -79.42
CA ASP C 2431 -15.24 -8.98 -80.24
C ASP C 2431 -14.01 -9.38 -79.43
N LEU C 2432 -13.53 -8.45 -78.59
CA LEU C 2432 -12.44 -8.72 -77.66
C LEU C 2432 -12.77 -9.86 -76.71
N LEU C 2433 -13.93 -9.77 -76.05
CA LEU C 2433 -14.33 -10.85 -75.15
C LEU C 2433 -14.51 -12.17 -75.89
N GLY C 2434 -15.12 -12.12 -77.08
CA GLY C 2434 -15.30 -13.31 -77.90
C GLY C 2434 -13.98 -13.97 -78.27
N ARG C 2435 -12.98 -13.17 -78.57
CA ARG C 2435 -11.67 -13.75 -78.85
C ARG C 2435 -10.96 -14.14 -77.56
N CYS C 2436 -11.42 -13.63 -76.42
CA CYS C 2436 -10.85 -14.01 -75.13
C CYS C 2436 -11.43 -15.31 -74.61
N ALA C 2437 -12.48 -15.81 -75.25
CA ALA C 2437 -13.15 -17.03 -74.79
C ALA C 2437 -12.22 -18.23 -74.89
N PRO C 2438 -12.30 -19.17 -73.93
CA PRO C 2438 -11.46 -20.37 -73.98
C PRO C 2438 -11.78 -21.26 -75.17
N GLU C 2439 -10.76 -21.96 -75.64
CA GLU C 2439 -10.93 -22.92 -76.72
C GLU C 2439 -11.75 -24.14 -76.30
N MET C 2440 -12.43 -24.71 -77.30
CA MET C 2440 -13.43 -25.73 -77.02
C MET C 2440 -12.82 -27.01 -76.48
N HIS C 2441 -11.58 -27.35 -76.87
CA HIS C 2441 -10.98 -28.58 -76.34
C HIS C 2441 -10.71 -28.44 -74.85
N LEU C 2442 -10.48 -27.21 -74.41
CA LEU C 2442 -10.33 -26.90 -72.99
C LEU C 2442 -11.68 -26.99 -72.29
N ILE C 2443 -12.72 -26.42 -72.89
CA ILE C 2443 -14.04 -26.46 -72.26
C ILE C 2443 -14.56 -27.90 -72.19
N GLN C 2444 -14.39 -28.67 -73.26
CA GLN C 2444 -14.75 -30.09 -73.28
C GLN C 2444 -13.96 -30.90 -72.25
N ALA C 2445 -12.65 -30.62 -72.11
CA ALA C 2445 -11.90 -31.22 -71.00
C ALA C 2445 -12.31 -30.68 -69.64
N GLY C 2446 -13.04 -29.56 -69.60
CA GLY C 2446 -13.53 -28.97 -68.37
C GLY C 2446 -12.47 -28.52 -67.40
N LYS C 2447 -11.41 -27.88 -67.91
CA LYS C 2447 -10.31 -27.40 -67.07
C LYS C 2447 -10.84 -26.40 -66.05
N GLY C 2448 -10.37 -26.53 -64.81
CA GLY C 2448 -10.88 -25.85 -63.62
C GLY C 2448 -11.13 -24.37 -63.74
N GLU C 2449 -10.07 -23.59 -63.88
CA GLU C 2449 -10.21 -22.14 -63.97
C GLU C 2449 -10.77 -21.74 -65.33
N ALA C 2450 -10.54 -22.58 -66.35
CA ALA C 2450 -11.02 -22.27 -67.70
C ALA C 2450 -12.53 -22.15 -67.71
N LEU C 2451 -13.22 -23.06 -66.99
CA LEU C 2451 -14.67 -22.94 -66.87
C LEU C 2451 -15.07 -21.63 -66.18
N ARG C 2452 -14.23 -21.16 -65.24
CA ARG C 2452 -14.53 -19.93 -64.51
C ARG C 2452 -14.60 -18.74 -65.44
N ILE C 2453 -13.65 -18.63 -66.39
CA ILE C 2453 -13.68 -17.47 -67.30
C ILE C 2453 -14.96 -17.45 -68.13
N ARG C 2454 -15.28 -18.57 -68.79
CA ARG C 2454 -16.50 -18.67 -69.59
C ARG C 2454 -17.75 -18.40 -68.75
N ALA C 2455 -17.75 -18.84 -67.48
CA ALA C 2455 -18.81 -18.47 -66.55
C ALA C 2455 -18.89 -16.96 -66.35
N ILE C 2456 -17.73 -16.31 -66.18
CA ILE C 2456 -17.70 -14.87 -65.95
C ILE C 2456 -18.29 -14.14 -67.15
N LEU C 2457 -17.79 -14.46 -68.35
CA LEU C 2457 -18.25 -13.75 -69.56
C LEU C 2457 -19.74 -13.96 -69.76
N ARG C 2458 -20.23 -15.19 -69.52
CA ARG C 2458 -21.67 -15.42 -69.64
C ARG C 2458 -22.45 -14.63 -68.59
N SER C 2459 -21.86 -14.38 -67.41
CA SER C 2459 -22.53 -13.53 -66.43
C SER C 2459 -22.64 -12.10 -66.93
N LEU C 2460 -21.57 -11.59 -67.56
CA LEU C 2460 -21.60 -10.21 -68.05
C LEU C 2460 -22.56 -10.04 -69.23
N VAL C 2461 -22.47 -10.92 -70.21
CA VAL C 2461 -23.21 -10.75 -71.46
C VAL C 2461 -24.40 -11.69 -71.47
N PRO C 2462 -25.63 -11.17 -71.48
CA PRO C 2462 -26.84 -12.00 -71.62
C PRO C 2462 -27.22 -12.29 -73.06
N LEU C 2463 -27.85 -13.47 -73.24
CA LEU C 2463 -28.20 -13.98 -74.56
C LEU C 2463 -29.20 -13.10 -75.30
N ASP C 2464 -30.23 -12.60 -74.59
CA ASP C 2464 -31.29 -11.79 -75.22
C ASP C 2464 -30.72 -10.55 -75.91
N ASP C 2465 -29.67 -9.97 -75.34
CA ASP C 2465 -28.93 -8.89 -75.99
C ASP C 2465 -28.28 -9.38 -77.27
N LEU C 2466 -27.66 -10.56 -77.22
CA LEU C 2466 -26.93 -11.08 -78.36
C LEU C 2466 -27.86 -11.34 -79.54
N VAL C 2467 -29.01 -11.98 -79.27
CA VAL C 2467 -29.95 -12.28 -80.35
C VAL C 2467 -30.59 -10.99 -80.86
N GLY C 2468 -30.93 -10.06 -79.95
CA GLY C 2468 -31.68 -8.89 -80.34
C GLY C 2468 -30.87 -8.00 -81.27
N ILE C 2469 -29.63 -7.68 -80.85
CA ILE C 2469 -28.80 -6.82 -81.69
C ILE C 2469 -28.40 -7.55 -82.97
N ILE C 2470 -28.14 -8.87 -82.89
CA ILE C 2470 -27.86 -9.66 -84.09
C ILE C 2470 -29.07 -9.64 -85.04
N SER C 2471 -30.28 -9.51 -84.50
CA SER C 2471 -31.49 -9.47 -85.30
C SER C 2471 -31.94 -8.05 -85.63
N LEU C 2472 -31.14 -7.03 -85.32
CA LEU C 2472 -31.51 -5.66 -85.64
C LEU C 2472 -31.53 -5.44 -87.16
N PRO C 2473 -32.31 -4.49 -87.67
CA PRO C 2473 -32.38 -4.27 -89.12
C PRO C 2473 -31.14 -3.55 -89.66
N LEU C 2474 -31.06 -3.51 -90.98
CA LEU C 2474 -29.97 -2.84 -91.69
C LEU C 2474 -30.51 -1.96 -92.81
N GLN C 2475 -29.84 -0.82 -93.02
CA GLN C 2475 -30.12 0.00 -94.19
C GLN C 2475 -29.77 -0.75 -95.47
N ILE C 2476 -30.65 -0.63 -96.47
CA ILE C 2476 -30.59 -1.42 -97.69
C ILE C 2476 -30.44 -0.48 -98.88
N PRO C 2477 -29.50 -0.71 -99.79
CA PRO C 2477 -29.44 0.08 -101.03
C PRO C 2477 -30.65 -0.18 -101.91
N THR C 2478 -31.14 0.88 -102.54
CA THR C 2478 -32.30 0.79 -103.42
C THR C 2478 -32.07 1.60 -104.69
N LEU C 2479 -32.78 1.21 -105.75
CA LEU C 2479 -32.73 1.90 -107.03
C LEU C 2479 -34.00 2.72 -107.21
N GLY C 2480 -33.83 3.98 -107.59
CA GLY C 2480 -34.95 4.88 -107.77
C GLY C 2480 -34.45 6.30 -107.77
N LYS C 2481 -35.42 7.23 -107.82
CA LYS C 2481 -35.20 8.69 -107.79
C LYS C 2481 -34.24 9.11 -108.90
N ASP C 2482 -34.72 8.91 -110.13
CA ASP C 2482 -33.93 9.06 -111.36
C ASP C 2482 -32.74 8.09 -111.34
N GLY C 2483 -32.96 6.91 -110.76
CA GLY C 2483 -31.91 5.92 -110.68
C GLY C 2483 -30.82 6.21 -109.67
N ALA C 2484 -31.06 7.07 -108.69
CA ALA C 2484 -30.06 7.36 -107.67
C ALA C 2484 -29.95 6.16 -106.74
N LEU C 2485 -28.85 5.44 -106.83
CA LEU C 2485 -28.62 4.27 -105.98
C LEU C 2485 -28.35 4.75 -104.56
N VAL C 2486 -29.37 4.67 -103.72
CA VAL C 2486 -29.29 5.23 -102.36
C VAL C 2486 -28.38 4.34 -101.52
N GLN C 2487 -27.16 4.77 -101.32
CA GLN C 2487 -26.25 3.91 -100.58
C GLN C 2487 -25.95 4.53 -99.23
N PRO C 2488 -25.82 3.73 -98.17
CA PRO C 2488 -25.49 4.28 -96.87
C PRO C 2488 -24.02 4.65 -96.77
N LYS C 2489 -23.73 5.57 -95.87
CA LYS C 2489 -22.36 5.99 -95.58
C LYS C 2489 -21.84 5.06 -94.51
N MET C 2490 -20.85 4.23 -94.87
CA MET C 2490 -20.29 3.23 -93.96
C MET C 2490 -19.68 3.85 -92.70
N SER C 2491 -19.30 5.12 -92.76
CA SER C 2491 -18.77 5.79 -91.58
C SER C 2491 -19.88 6.33 -90.68
N ALA C 2492 -21.12 6.40 -91.18
CA ALA C 2492 -22.22 6.97 -90.41
C ALA C 2492 -23.48 6.13 -90.54
N SER C 2493 -23.35 4.81 -90.46
CA SER C 2493 -24.50 3.92 -90.59
C SER C 2493 -24.16 2.61 -89.91
N PHE C 2494 -25.18 1.79 -89.68
CA PHE C 2494 -24.97 0.50 -89.06
C PHE C 2494 -24.27 -0.44 -90.05
N VAL C 2495 -23.36 -1.26 -89.54
CA VAL C 2495 -22.48 -2.06 -90.40
C VAL C 2495 -22.61 -3.54 -90.06
N PRO C 2496 -22.41 -4.44 -91.04
CA PRO C 2496 -22.41 -5.89 -90.75
C PRO C 2496 -21.31 -6.35 -89.80
N ASP C 2497 -20.18 -5.64 -89.74
CA ASP C 2497 -19.02 -6.08 -88.98
C ASP C 2497 -19.34 -6.17 -87.50
N HIS C 2498 -20.13 -5.21 -87.01
CA HIS C 2498 -20.46 -5.17 -85.59
C HIS C 2498 -21.29 -6.39 -85.21
N LYS C 2499 -22.18 -6.82 -86.11
CA LYS C 2499 -22.91 -8.07 -85.89
C LYS C 2499 -21.96 -9.27 -85.91
N ALA C 2500 -20.98 -9.24 -86.83
CA ALA C 2500 -20.03 -10.35 -86.95
C ALA C 2500 -19.21 -10.54 -85.68
N SER C 2501 -18.95 -9.43 -84.98
CA SER C 2501 -18.23 -9.49 -83.71
C SER C 2501 -19.00 -10.31 -82.69
N MET C 2502 -20.30 -10.06 -82.59
CA MET C 2502 -21.13 -10.79 -81.65
C MET C 2502 -21.34 -12.23 -82.08
N VAL C 2503 -21.41 -12.48 -83.39
CA VAL C 2503 -21.47 -13.87 -83.88
C VAL C 2503 -20.24 -14.64 -83.44
N LEU C 2504 -19.05 -14.03 -83.58
CA LEU C 2504 -17.82 -14.63 -83.07
C LEU C 2504 -17.86 -14.82 -81.55
N PHE C 2505 -18.50 -13.89 -80.85
CA PHE C 2505 -18.69 -14.01 -79.40
C PHE C 2505 -19.53 -15.23 -79.08
N LEU C 2506 -20.71 -15.33 -79.71
CA LEU C 2506 -21.65 -16.41 -79.40
C LEU C 2506 -21.03 -17.75 -79.70
N ASP C 2507 -20.35 -17.85 -80.85
CA ASP C 2507 -19.69 -19.10 -81.26
C ASP C 2507 -18.64 -19.52 -80.24
N ARG C 2508 -17.80 -18.58 -79.79
CA ARG C 2508 -16.72 -18.97 -78.89
C ARG C 2508 -17.16 -19.09 -77.43
N VAL C 2509 -18.25 -18.44 -77.04
CA VAL C 2509 -18.63 -18.38 -75.63
C VAL C 2509 -19.80 -19.34 -75.39
N TYR C 2510 -20.92 -19.11 -76.06
CA TYR C 2510 -22.10 -19.94 -75.85
C TYR C 2510 -22.18 -21.09 -76.84
N GLY C 2511 -21.89 -20.82 -78.10
CA GLY C 2511 -21.90 -21.84 -79.13
C GLY C 2511 -23.33 -22.21 -79.48
N ILE C 2512 -23.44 -23.26 -80.28
CA ILE C 2512 -24.73 -23.78 -80.71
C ILE C 2512 -24.84 -25.20 -80.19
N GLU C 2513 -25.87 -25.47 -79.39
CA GLU C 2513 -26.05 -26.77 -78.77
C GLU C 2513 -27.30 -27.48 -79.29
N ASN C 2514 -28.45 -26.84 -79.17
CA ASN C 2514 -29.71 -27.43 -79.58
C ASN C 2514 -30.25 -26.87 -80.90
N GLN C 2515 -31.02 -27.73 -81.58
CA GLN C 2515 -31.60 -27.42 -82.88
C GLN C 2515 -32.57 -26.25 -82.80
N ASP C 2516 -33.45 -26.26 -81.79
CA ASP C 2516 -34.51 -25.25 -81.71
C ASP C 2516 -33.92 -23.85 -81.57
N PHE C 2517 -32.99 -23.68 -80.63
CA PHE C 2517 -32.33 -22.39 -80.43
C PHE C 2517 -31.50 -22.00 -81.66
N LEU C 2518 -30.91 -22.99 -82.34
CA LEU C 2518 -30.25 -22.73 -83.63
C LEU C 2518 -31.22 -22.10 -84.63
N LEU C 2519 -32.37 -22.74 -84.84
CA LEU C 2519 -33.37 -22.18 -85.76
C LEU C 2519 -33.91 -20.84 -85.28
N HIS C 2520 -34.12 -20.68 -83.96
CA HIS C 2520 -34.54 -19.42 -83.38
C HIS C 2520 -33.51 -18.31 -83.55
N VAL C 2521 -32.25 -18.66 -83.82
CA VAL C 2521 -31.26 -17.66 -84.21
C VAL C 2521 -31.29 -17.44 -85.72
N LEU C 2522 -31.45 -18.52 -86.47
CA LEU C 2522 -31.44 -18.48 -87.94
C LEU C 2522 -32.56 -17.61 -88.49
N ASP C 2523 -33.80 -17.83 -88.04
CA ASP C 2523 -34.99 -17.20 -88.63
C ASP C 2523 -34.95 -15.68 -88.48
N VAL C 2524 -34.66 -15.19 -87.28
CA VAL C 2524 -34.76 -13.77 -86.99
C VAL C 2524 -33.43 -13.03 -87.11
N GLY C 2525 -32.30 -13.73 -87.01
CA GLY C 2525 -31.00 -13.10 -87.07
C GLY C 2525 -30.27 -13.30 -88.37
N PHE C 2526 -30.30 -14.52 -88.91
CA PHE C 2526 -29.53 -14.86 -90.09
C PHE C 2526 -30.38 -14.80 -91.36
N LEU C 2527 -31.58 -15.40 -91.34
CA LEU C 2527 -32.43 -15.46 -92.53
C LEU C 2527 -32.68 -14.10 -93.20
N PRO C 2528 -32.97 -12.98 -92.48
CA PRO C 2528 -33.02 -11.68 -93.19
C PRO C 2528 -31.72 -11.33 -93.89
N ASP C 2529 -30.58 -11.78 -93.36
CA ASP C 2529 -29.30 -11.46 -93.97
C ASP C 2529 -29.14 -12.22 -95.27
N MET C 2530 -29.45 -13.54 -95.26
CA MET C 2530 -29.27 -14.29 -96.51
C MET C 2530 -30.26 -13.85 -97.58
N ARG C 2531 -31.54 -13.63 -97.21
CA ARG C 2531 -32.51 -13.19 -98.22
C ARG C 2531 -32.14 -11.81 -98.77
N ALA C 2532 -31.67 -10.89 -97.89
CA ALA C 2532 -31.22 -9.59 -98.33
C ALA C 2532 -30.03 -9.68 -99.28
N ALA C 2533 -29.01 -10.46 -98.91
CA ALA C 2533 -27.83 -10.63 -99.76
C ALA C 2533 -28.18 -11.25 -101.10
N ALA C 2534 -29.01 -12.30 -101.09
CA ALA C 2534 -29.47 -12.94 -102.32
C ALA C 2534 -30.28 -12.00 -103.21
N SER C 2535 -31.15 -11.19 -102.61
CA SER C 2535 -31.86 -10.16 -103.37
C SER C 2535 -30.91 -9.10 -103.92
N LEU C 2536 -29.99 -8.61 -103.09
CA LEU C 2536 -29.03 -7.59 -103.49
C LEU C 2536 -27.98 -8.10 -104.47
N ASP C 2537 -27.89 -9.42 -104.69
CA ASP C 2537 -26.92 -9.98 -105.63
C ASP C 2537 -27.38 -9.66 -107.06
N THR C 2538 -27.18 -8.41 -107.45
CA THR C 2538 -27.50 -7.90 -108.77
C THR C 2538 -26.35 -7.03 -109.24
N ALA C 2539 -26.16 -6.98 -110.57
CA ALA C 2539 -25.09 -6.18 -111.17
C ALA C 2539 -25.18 -4.69 -110.83
N THR C 2540 -26.38 -4.20 -110.50
CA THR C 2540 -26.51 -2.80 -110.09
C THR C 2540 -25.98 -2.57 -108.68
N PHE C 2541 -26.11 -3.56 -107.79
CA PHE C 2541 -25.78 -3.36 -106.39
C PHE C 2541 -24.65 -4.23 -105.83
N SER C 2542 -24.32 -5.38 -106.46
CA SER C 2542 -23.34 -6.32 -105.89
C SER C 2542 -21.96 -5.71 -105.70
N THR C 2543 -21.61 -4.69 -106.48
CA THR C 2543 -20.32 -4.03 -106.35
C THR C 2543 -20.34 -2.88 -105.36
N THR C 2544 -21.46 -2.60 -104.71
CA THR C 2544 -21.49 -1.51 -103.74
C THR C 2544 -20.78 -1.91 -102.44
N GLU C 2545 -20.52 -0.88 -101.63
CA GLU C 2545 -19.83 -1.07 -100.35
C GLU C 2545 -20.64 -1.95 -99.40
N MET C 2546 -21.96 -1.77 -99.36
CA MET C 2546 -22.77 -2.51 -98.41
C MET C 2546 -22.87 -3.96 -98.84
N ALA C 2547 -23.01 -4.20 -100.15
CA ALA C 2547 -23.10 -5.56 -100.65
C ALA C 2547 -21.81 -6.32 -100.36
N LEU C 2548 -20.65 -5.70 -100.62
CA LEU C 2548 -19.39 -6.39 -100.34
C LEU C 2548 -19.18 -6.57 -98.84
N ALA C 2549 -19.74 -5.65 -98.03
CA ALA C 2549 -19.70 -5.79 -96.57
C ALA C 2549 -20.46 -7.04 -96.15
N LEU C 2550 -21.65 -7.25 -96.71
CA LEU C 2550 -22.40 -8.47 -96.41
C LEU C 2550 -21.67 -9.71 -96.93
N ASN C 2551 -21.09 -9.64 -98.13
CA ASN C 2551 -20.38 -10.79 -98.69
C ASN C 2551 -19.26 -11.28 -97.76
N ARG C 2552 -18.46 -10.34 -97.25
CA ARG C 2552 -17.48 -10.68 -96.23
C ARG C 2552 -18.14 -11.10 -94.92
N TYR C 2553 -19.27 -10.48 -94.56
CA TYR C 2553 -19.92 -10.77 -93.30
C TYR C 2553 -20.45 -12.19 -93.26
N LEU C 2554 -21.13 -12.59 -94.33
CA LEU C 2554 -21.73 -13.91 -94.36
C LEU C 2554 -20.64 -14.97 -94.46
N CYS C 2555 -19.69 -14.78 -95.41
CA CYS C 2555 -18.69 -15.81 -95.66
C CYS C 2555 -17.64 -15.92 -94.57
N LEU C 2556 -17.60 -14.98 -93.62
CA LEU C 2556 -16.60 -15.02 -92.57
C LEU C 2556 -17.21 -15.32 -91.21
N ALA C 2557 -18.47 -14.95 -90.98
CA ALA C 2557 -19.11 -15.15 -89.70
C ALA C 2557 -20.27 -16.15 -89.76
N VAL C 2558 -21.27 -15.90 -90.62
CA VAL C 2558 -22.47 -16.73 -90.58
C VAL C 2558 -22.21 -18.12 -91.14
N LEU C 2559 -21.82 -18.19 -92.41
CA LEU C 2559 -21.57 -19.46 -93.11
C LEU C 2559 -20.57 -20.39 -92.42
N PRO C 2560 -19.39 -19.96 -91.93
CA PRO C 2560 -18.55 -20.89 -91.16
C PRO C 2560 -19.23 -21.42 -89.90
N LEU C 2561 -20.06 -20.59 -89.26
CA LEU C 2561 -20.81 -21.07 -88.09
C LEU C 2561 -21.84 -22.11 -88.48
N ILE C 2562 -22.59 -21.87 -89.57
CA ILE C 2562 -23.65 -22.78 -89.99
C ILE C 2562 -23.06 -24.11 -90.45
N THR C 2563 -21.94 -24.06 -91.19
CA THR C 2563 -21.36 -25.24 -91.80
C THR C 2563 -20.95 -26.26 -90.74
N LYS C 2564 -20.34 -25.80 -89.66
CA LYS C 2564 -19.89 -26.74 -88.64
C LYS C 2564 -21.03 -27.23 -87.76
N CYS C 2565 -22.19 -26.55 -87.75
CA CYS C 2565 -23.32 -27.02 -86.97
C CYS C 2565 -24.38 -27.67 -87.85
N ALA C 2566 -24.02 -28.00 -89.08
CA ALA C 2566 -24.94 -28.65 -90.01
C ALA C 2566 -25.60 -29.95 -89.50
N PRO C 2567 -24.92 -30.89 -88.80
CA PRO C 2567 -25.62 -32.12 -88.34
C PRO C 2567 -26.85 -31.89 -87.46
N LEU C 2568 -26.96 -30.74 -86.79
CA LEU C 2568 -28.16 -30.40 -86.03
C LEU C 2568 -29.41 -30.24 -86.90
N PHE C 2569 -29.25 -30.10 -88.22
CA PHE C 2569 -30.36 -29.94 -89.14
C PHE C 2569 -31.01 -31.26 -89.57
N ALA C 2570 -30.87 -32.33 -88.78
CA ALA C 2570 -31.45 -33.62 -89.13
C ALA C 2570 -32.96 -33.67 -88.91
N GLY C 2571 -33.47 -33.03 -87.87
CA GLY C 2571 -34.88 -33.13 -87.54
C GLY C 2571 -35.72 -31.91 -87.83
N THR C 2572 -35.47 -31.27 -88.98
CA THR C 2572 -36.09 -30.01 -89.36
C THR C 2572 -37.48 -30.15 -89.96
N GLU C 2573 -38.13 -31.32 -89.85
CA GLU C 2573 -39.37 -31.58 -90.57
C GLU C 2573 -40.51 -30.67 -90.11
N HIS C 2574 -40.54 -30.33 -88.81
CA HIS C 2574 -41.66 -29.61 -88.22
C HIS C 2574 -41.81 -28.19 -88.78
N ARG C 2575 -40.71 -27.55 -89.18
CA ARG C 2575 -40.76 -26.15 -89.61
C ARG C 2575 -39.90 -26.03 -90.88
N ALA C 2576 -40.11 -26.98 -91.81
CA ALA C 2576 -39.18 -27.20 -92.90
C ALA C 2576 -39.26 -26.16 -94.02
N ILE C 2577 -40.37 -25.41 -94.09
CA ILE C 2577 -40.57 -24.47 -95.20
C ILE C 2577 -39.52 -23.37 -95.19
N MET C 2578 -39.23 -22.80 -94.02
CA MET C 2578 -38.19 -21.78 -93.97
C MET C 2578 -36.81 -22.38 -94.24
N VAL C 2579 -36.61 -23.65 -93.87
CA VAL C 2579 -35.35 -24.33 -94.16
C VAL C 2579 -35.14 -24.40 -95.67
N ASP C 2580 -36.22 -24.72 -96.40
CA ASP C 2580 -36.15 -24.69 -97.86
C ASP C 2580 -35.90 -23.28 -98.38
N SER C 2581 -36.48 -22.28 -97.72
CA SER C 2581 -36.30 -20.89 -98.17
C SER C 2581 -34.84 -20.47 -98.03
N MET C 2582 -34.24 -20.77 -96.86
CA MET C 2582 -32.86 -20.37 -96.59
C MET C 2582 -31.89 -21.08 -97.53
N LEU C 2583 -32.10 -22.38 -97.78
CA LEU C 2583 -31.19 -23.07 -98.70
C LEU C 2583 -31.35 -22.55 -100.12
N HIS C 2584 -32.58 -22.20 -100.53
CA HIS C 2584 -32.78 -21.61 -101.85
CA HIS C 2584 -32.79 -21.61 -101.84
C HIS C 2584 -32.09 -20.26 -101.97
N THR C 2585 -32.18 -19.43 -100.92
CA THR C 2585 -31.54 -18.11 -100.94
C THR C 2585 -30.03 -18.24 -101.01
N VAL C 2586 -29.45 -19.13 -100.20
CA VAL C 2586 -27.98 -19.29 -100.23
C VAL C 2586 -27.54 -19.92 -101.56
N TYR C 2587 -28.34 -20.78 -102.18
CA TYR C 2587 -28.03 -21.26 -103.54
C TYR C 2587 -28.06 -20.12 -104.57
N ARG C 2588 -29.03 -19.21 -104.44
CA ARG C 2588 -29.00 -17.98 -105.22
C ARG C 2588 -27.73 -17.18 -104.96
N LEU C 2589 -27.30 -17.09 -103.70
CA LEU C 2589 -26.03 -16.46 -103.41
C LEU C 2589 -24.85 -17.25 -103.98
N SER C 2590 -24.99 -18.58 -104.10
CA SER C 2590 -23.93 -19.40 -104.69
C SER C 2590 -23.71 -19.00 -106.14
N ARG C 2591 -24.82 -18.76 -106.86
CA ARG C 2591 -24.71 -18.17 -108.21
C ARG C 2591 -24.62 -16.65 -108.05
N GLY C 2592 -23.54 -16.21 -107.44
CA GLY C 2592 -23.36 -14.82 -107.03
C GLY C 2592 -22.17 -14.17 -107.72
N ARG C 2593 -22.34 -12.89 -108.06
CA ARG C 2593 -21.25 -12.12 -108.65
C ARG C 2593 -20.67 -11.21 -107.58
N SER C 2594 -19.56 -10.54 -107.93
CA SER C 2594 -18.77 -9.69 -107.02
C SER C 2594 -18.33 -10.46 -105.77
N LEU C 2595 -18.09 -11.75 -105.91
CA LEU C 2595 -17.68 -12.63 -104.83
C LEU C 2595 -16.37 -13.30 -105.19
N THR C 2596 -15.46 -13.36 -104.22
CA THR C 2596 -14.18 -14.01 -104.44
C THR C 2596 -14.37 -15.51 -104.62
N LYS C 2597 -13.33 -16.15 -105.19
CA LYS C 2597 -13.26 -17.59 -105.23
C LYS C 2597 -13.36 -18.21 -103.84
N ALA C 2598 -12.70 -17.60 -102.85
CA ALA C 2598 -12.80 -18.05 -101.47
C ALA C 2598 -14.22 -17.93 -100.92
N GLN C 2599 -14.88 -16.80 -101.18
CA GLN C 2599 -16.26 -16.61 -100.74
C GLN C 2599 -17.17 -17.64 -101.40
N ARG C 2600 -16.89 -17.93 -102.68
CA ARG C 2600 -17.72 -18.84 -103.45
C ARG C 2600 -17.61 -20.24 -102.87
N ASP C 2601 -16.37 -20.73 -102.66
CA ASP C 2601 -16.22 -22.08 -102.14
C ASP C 2601 -16.72 -22.19 -100.70
N VAL C 2602 -16.68 -21.10 -99.93
CA VAL C 2602 -17.33 -21.09 -98.62
C VAL C 2602 -18.82 -21.40 -98.75
N ILE C 2603 -19.49 -20.72 -99.70
CA ILE C 2603 -20.90 -21.01 -99.97
C ILE C 2603 -21.09 -22.45 -100.44
N GLU C 2604 -20.19 -22.93 -101.30
CA GLU C 2604 -20.24 -24.31 -101.78
C GLU C 2604 -20.15 -25.30 -100.62
N ASP C 2605 -19.11 -25.18 -99.78
CA ASP C 2605 -18.92 -26.11 -98.68
C ASP C 2605 -20.06 -26.03 -97.68
N CYS C 2606 -20.72 -24.86 -97.58
CA CYS C 2606 -21.95 -24.75 -96.79
C CYS C 2606 -23.04 -25.62 -97.40
N LEU C 2607 -23.11 -25.65 -98.73
CA LEU C 2607 -24.20 -26.38 -99.37
C LEU C 2607 -23.98 -27.88 -99.26
N MET C 2608 -22.75 -28.33 -99.53
CA MET C 2608 -22.43 -29.75 -99.41
C MET C 2608 -22.59 -30.24 -97.98
N ALA C 2609 -22.18 -29.43 -97.00
CA ALA C 2609 -22.39 -29.80 -95.61
C ALA C 2609 -23.88 -29.87 -95.26
N LEU C 2610 -24.67 -28.92 -95.74
CA LEU C 2610 -26.10 -28.88 -95.43
C LEU C 2610 -26.82 -30.11 -95.99
N CYS C 2611 -26.65 -30.35 -97.31
CA CYS C 2611 -27.42 -31.37 -98.02
C CYS C 2611 -27.21 -32.75 -97.42
N ARG C 2612 -26.05 -32.99 -96.81
CA ARG C 2612 -25.77 -34.28 -96.20
CA ARG C 2612 -25.79 -34.29 -96.21
C ARG C 2612 -26.70 -34.53 -95.02
N TYR C 2613 -26.93 -33.49 -94.20
CA TYR C 2613 -27.78 -33.62 -93.03
C TYR C 2613 -29.20 -33.13 -93.27
N ILE C 2614 -29.63 -33.06 -94.53
CA ILE C 2614 -31.01 -32.73 -94.86
C ILE C 2614 -31.64 -33.93 -95.56
N ARG C 2615 -32.86 -34.29 -95.15
CA ARG C 2615 -33.63 -35.36 -95.76
C ARG C 2615 -33.98 -34.97 -97.20
N PRO C 2616 -34.10 -35.95 -98.11
CA PRO C 2616 -34.47 -35.62 -99.50
C PRO C 2616 -35.83 -34.95 -99.67
N SER C 2617 -36.72 -35.08 -98.66
CA SER C 2617 -38.04 -34.46 -98.70
C SER C 2617 -37.94 -32.97 -98.91
N MET C 2618 -37.15 -32.28 -98.09
CA MET C 2618 -36.97 -30.86 -98.30
C MET C 2618 -36.03 -30.59 -99.46
N LEU C 2619 -35.22 -31.58 -99.84
CA LEU C 2619 -34.31 -31.41 -100.97
C LEU C 2619 -35.03 -31.42 -102.31
N GLN C 2620 -36.32 -31.74 -102.33
CA GLN C 2620 -37.08 -31.78 -103.58
C GLN C 2620 -37.08 -30.43 -104.29
N HIS C 2621 -37.31 -29.35 -103.53
CA HIS C 2621 -37.38 -28.03 -104.15
C HIS C 2621 -35.99 -27.57 -104.60
N LEU C 2622 -34.96 -28.06 -103.91
CA LEU C 2622 -33.60 -27.79 -104.35
C LEU C 2622 -33.37 -28.52 -105.66
N LEU C 2623 -33.83 -29.78 -105.75
CA LEU C 2623 -33.64 -30.57 -106.95
C LEU C 2623 -34.33 -29.95 -108.16
N ARG C 2624 -35.56 -29.45 -107.99
CA ARG C 2624 -36.25 -28.80 -109.13
C ARG C 2624 -35.52 -27.53 -109.59
N ARG C 2625 -34.97 -26.76 -108.63
CA ARG C 2625 -34.08 -25.66 -108.99
C ARG C 2625 -32.83 -26.17 -109.73
N LEU C 2626 -32.27 -27.28 -109.26
CA LEU C 2626 -31.14 -27.90 -109.96
C LEU C 2626 -31.56 -28.39 -111.34
N VAL C 2627 -32.78 -28.92 -111.48
CA VAL C 2627 -33.29 -29.33 -112.78
C VAL C 2627 -33.30 -28.11 -113.72
N PHE C 2628 -33.53 -26.92 -113.16
CA PHE C 2628 -33.48 -25.74 -114.01
C PHE C 2628 -32.06 -25.23 -114.22
N ASP C 2629 -31.06 -25.70 -113.48
CA ASP C 2629 -29.74 -25.08 -113.60
C ASP C 2629 -28.62 -26.03 -114.01
N VAL C 2630 -28.65 -27.28 -113.53
CA VAL C 2630 -27.61 -28.27 -113.88
C VAL C 2630 -27.45 -28.55 -115.38
N PRO C 2631 -28.53 -28.75 -116.19
CA PRO C 2631 -28.31 -29.04 -117.63
C PRO C 2631 -27.58 -27.94 -118.41
N ILE C 2632 -27.57 -26.71 -117.91
CA ILE C 2632 -26.92 -25.59 -118.59
C ILE C 2632 -25.42 -25.86 -118.76
N LEU C 2633 -24.81 -26.52 -117.75
CA LEU C 2633 -23.43 -27.03 -117.80
C LEU C 2633 -22.40 -25.92 -118.05
N ASN C 2634 -22.59 -24.78 -117.41
CA ASN C 2634 -21.67 -23.67 -117.50
C ASN C 2634 -20.58 -23.80 -116.43
N GLU C 2635 -19.76 -22.76 -116.27
CA GLU C 2635 -18.67 -22.78 -115.29
C GLU C 2635 -19.16 -22.87 -113.85
N PHE C 2636 -20.41 -22.50 -113.57
CA PHE C 2636 -20.97 -22.60 -112.24
C PHE C 2636 -21.49 -23.98 -111.90
N ALA C 2637 -21.46 -24.92 -112.87
CA ALA C 2637 -21.98 -26.27 -112.67
C ALA C 2637 -21.06 -27.17 -111.84
N LYS C 2638 -19.86 -26.70 -111.49
CA LYS C 2638 -18.94 -27.52 -110.69
C LYS C 2638 -19.50 -27.83 -109.31
N MET C 2639 -20.24 -26.90 -108.73
CA MET C 2639 -20.85 -27.13 -107.42
C MET C 2639 -22.07 -28.07 -107.51
N PRO C 2640 -23.15 -27.77 -108.28
CA PRO C 2640 -24.33 -28.65 -108.25
C PRO C 2640 -24.09 -30.09 -108.67
N LEU C 2641 -23.19 -30.35 -109.63
CA LEU C 2641 -22.97 -31.71 -110.08
C LEU C 2641 -22.43 -32.61 -108.96
N LYS C 2642 -21.46 -32.11 -108.20
CA LYS C 2642 -21.01 -32.82 -107.00
C LYS C 2642 -22.08 -32.81 -105.91
N LEU C 2643 -22.89 -31.75 -105.85
CA LEU C 2643 -23.97 -31.66 -104.87
C LEU C 2643 -24.99 -32.76 -105.08
N LEU C 2644 -25.36 -33.03 -106.33
CA LEU C 2644 -26.26 -34.16 -106.55
C LEU C 2644 -25.52 -35.48 -106.45
N THR C 2645 -24.20 -35.48 -106.75
CA THR C 2645 -23.41 -36.70 -106.76
C THR C 2645 -23.36 -37.33 -105.38
N ASN C 2646 -22.96 -36.55 -104.37
CA ASN C 2646 -22.80 -37.11 -103.03
C ASN C 2646 -24.16 -37.52 -102.46
N HIS C 2647 -25.18 -36.68 -102.67
CA HIS C 2647 -26.51 -36.95 -102.13
C HIS C 2647 -27.08 -38.25 -102.69
N TYR C 2648 -27.02 -38.42 -104.01
CA TYR C 2648 -27.49 -39.66 -104.62
C TYR C 2648 -26.66 -40.87 -104.20
N GLU C 2649 -25.33 -40.70 -104.08
CA GLU C 2649 -24.47 -41.74 -103.51
C GLU C 2649 -24.79 -42.05 -102.06
N ARG C 2650 -25.44 -41.13 -101.35
CA ARG C 2650 -25.84 -41.36 -99.98
C ARG C 2650 -27.20 -42.04 -99.93
N CYS C 2651 -28.17 -41.54 -100.68
CA CYS C 2651 -29.57 -41.96 -100.58
C CYS C 2651 -30.04 -42.62 -101.87
N TRP C 2652 -29.20 -43.47 -102.47
CA TRP C 2652 -29.60 -44.14 -103.71
C TRP C 2652 -30.74 -45.14 -103.47
N LYS C 2653 -30.71 -45.87 -102.35
CA LYS C 2653 -31.77 -46.82 -102.03
C LYS C 2653 -33.12 -46.15 -101.81
N TYR C 2654 -33.11 -44.85 -101.47
CA TYR C 2654 -34.36 -44.11 -101.29
C TYR C 2654 -35.14 -44.06 -102.59
N TYR C 2655 -34.44 -43.79 -103.69
CA TYR C 2655 -35.09 -43.67 -104.98
C TYR C 2655 -35.17 -44.99 -105.71
N CYS C 2656 -34.35 -45.98 -105.33
CA CYS C 2656 -34.29 -47.24 -106.05
C CYS C 2656 -35.21 -48.30 -105.46
N LEU C 2657 -35.12 -48.53 -104.15
CA LEU C 2657 -35.92 -49.58 -103.53
C LEU C 2657 -37.40 -49.22 -103.57
N PRO C 2658 -38.27 -50.17 -103.90
CA PRO C 2658 -39.72 -49.92 -103.76
C PRO C 2658 -40.16 -49.59 -102.36
N THR C 2659 -39.47 -50.12 -101.34
CA THR C 2659 -39.72 -49.74 -99.96
C THR C 2659 -39.07 -48.41 -99.58
N GLY C 2660 -38.28 -47.82 -100.49
CA GLY C 2660 -37.61 -46.56 -100.23
C GLY C 2660 -36.50 -46.72 -99.21
N TRP C 2661 -36.02 -45.58 -98.73
CA TRP C 2661 -35.01 -45.59 -97.69
C TRP C 2661 -35.60 -46.05 -96.36
N ALA C 2662 -34.78 -46.75 -95.58
CA ALA C 2662 -35.20 -47.31 -94.29
C ALA C 2662 -35.67 -46.19 -93.38
N ASN C 2663 -36.96 -46.21 -93.03
CA ASN C 2663 -37.68 -45.27 -92.14
C ASN C 2663 -37.51 -43.79 -92.53
N PHE C 2664 -37.12 -43.51 -93.78
CA PHE C 2664 -37.02 -42.15 -94.31
C PHE C 2664 -37.96 -41.96 -95.49
N GLY C 2665 -39.08 -42.66 -95.50
CA GLY C 2665 -40.08 -42.52 -96.54
C GLY C 2665 -39.63 -43.11 -97.87
N VAL C 2666 -40.42 -42.79 -98.90
CA VAL C 2666 -40.17 -43.24 -100.26
C VAL C 2666 -40.22 -42.01 -101.16
N THR C 2667 -39.81 -42.21 -102.42
CA THR C 2667 -39.83 -41.13 -103.39
C THR C 2667 -41.26 -40.70 -103.70
N SER C 2668 -41.39 -39.46 -104.15
CA SER C 2668 -42.69 -38.83 -104.36
C SER C 2668 -43.25 -39.02 -105.76
N GLU C 2669 -42.57 -39.80 -106.62
CA GLU C 2669 -42.87 -40.12 -108.03
C GLU C 2669 -42.67 -38.90 -108.94
N GLU C 2670 -42.43 -37.73 -108.36
CA GLU C 2670 -42.06 -36.52 -109.07
C GLU C 2670 -40.58 -36.24 -108.96
N GLU C 2671 -39.97 -36.58 -107.82
CA GLU C 2671 -38.52 -36.56 -107.69
C GLU C 2671 -37.85 -37.42 -108.75
N LEU C 2672 -38.38 -38.61 -109.00
CA LEU C 2672 -37.89 -39.47 -110.07
C LEU C 2672 -38.06 -38.85 -111.46
N HIS C 2673 -39.22 -38.21 -111.71
CA HIS C 2673 -39.44 -37.39 -112.90
C HIS C 2673 -38.34 -36.35 -113.10
N LEU C 2674 -38.02 -35.62 -112.04
CA LEU C 2674 -36.91 -34.66 -112.06
C LEU C 2674 -35.58 -35.35 -112.32
N THR C 2675 -35.37 -36.51 -111.70
CA THR C 2675 -34.13 -37.27 -111.85
C THR C 2675 -33.93 -37.70 -113.30
N ARG C 2676 -35.01 -38.18 -113.93
CA ARG C 2676 -34.94 -38.59 -115.33
C ARG C 2676 -34.74 -37.39 -116.24
N LYS C 2677 -35.34 -36.24 -115.88
CA LYS C 2677 -35.17 -35.01 -116.65
C LYS C 2677 -33.71 -34.59 -116.65
N LEU C 2678 -33.08 -34.62 -115.47
CA LEU C 2678 -31.65 -34.35 -115.38
C LEU C 2678 -30.87 -35.37 -116.17
N PHE C 2679 -31.25 -36.65 -116.08
CA PHE C 2679 -30.47 -37.72 -116.69
C PHE C 2679 -30.39 -37.55 -118.20
N TRP C 2680 -31.54 -37.24 -118.82
CA TRP C 2680 -31.54 -36.99 -120.26
C TRP C 2680 -30.90 -35.66 -120.61
N GLY C 2681 -31.20 -34.58 -119.86
CA GLY C 2681 -30.63 -33.28 -120.18
C GLY C 2681 -29.11 -33.25 -120.10
N ILE C 2682 -28.56 -33.86 -119.06
CA ILE C 2682 -27.12 -34.00 -118.90
C ILE C 2682 -26.55 -34.88 -120.00
N PHE C 2683 -27.19 -36.03 -120.27
CA PHE C 2683 -26.65 -36.99 -121.24
C PHE C 2683 -26.61 -36.38 -122.64
N ASP C 2684 -27.66 -35.66 -123.03
CA ASP C 2684 -27.69 -35.03 -124.35
C ASP C 2684 -26.73 -33.84 -124.41
N SER C 2685 -26.83 -32.92 -123.43
CA SER C 2685 -26.03 -31.69 -123.47
C SER C 2685 -24.55 -31.97 -123.33
N LEU C 2686 -24.16 -33.06 -122.65
CA LEU C 2686 -22.76 -33.44 -122.56
C LEU C 2686 -22.20 -33.77 -123.93
N ALA C 2687 -23.00 -34.46 -124.75
CA ALA C 2687 -22.64 -34.71 -126.15
C ALA C 2687 -22.61 -33.41 -126.94
N HIS C 2688 -23.56 -32.51 -126.67
CA HIS C 2688 -23.64 -31.24 -127.38
C HIS C 2688 -22.42 -30.36 -127.12
N LYS C 2689 -21.96 -30.32 -125.87
CA LYS C 2689 -20.81 -29.51 -125.50
C LYS C 2689 -19.52 -30.08 -126.08
N LYS C 2690 -18.59 -29.18 -126.39
CA LYS C 2690 -17.26 -29.59 -126.85
C LYS C 2690 -16.58 -30.33 -125.71
N TYR C 2691 -15.73 -31.31 -126.06
CA TYR C 2691 -15.05 -32.18 -125.09
C TYR C 2691 -14.24 -31.41 -124.05
N ASP C 2692 -14.73 -31.44 -122.81
CA ASP C 2692 -14.15 -30.72 -121.69
C ASP C 2692 -13.77 -31.77 -120.66
N GLN C 2693 -12.48 -32.17 -120.66
CA GLN C 2693 -12.01 -33.33 -119.91
C GLN C 2693 -12.31 -33.23 -118.41
N GLU C 2694 -12.09 -32.04 -117.83
CA GLU C 2694 -12.36 -31.81 -116.42
C GLU C 2694 -13.86 -31.93 -116.14
N LEU C 2695 -14.70 -31.55 -117.10
CA LEU C 2695 -16.14 -31.61 -116.85
C LEU C 2695 -16.61 -33.04 -116.87
N TYR C 2696 -16.11 -33.85 -117.83
CA TYR C 2696 -16.46 -35.27 -117.89
C TYR C 2696 -16.02 -36.03 -116.65
N ARG C 2697 -14.79 -35.79 -116.18
CA ARG C 2697 -14.27 -36.55 -115.03
C ARG C 2697 -15.03 -36.29 -113.73
N MET C 2698 -15.83 -35.22 -113.66
CA MET C 2698 -16.63 -34.95 -112.46
C MET C 2698 -18.13 -35.05 -112.69
N ALA C 2699 -18.58 -35.01 -113.95
CA ALA C 2699 -19.98 -35.21 -114.24
C ALA C 2699 -20.34 -36.67 -114.42
N MET C 2700 -19.39 -37.50 -114.84
CA MET C 2700 -19.60 -38.95 -114.90
C MET C 2700 -20.03 -39.55 -113.54
N PRO C 2701 -19.43 -39.20 -112.37
CA PRO C 2701 -19.99 -39.72 -111.10
C PRO C 2701 -21.45 -39.34 -110.89
N CYS C 2702 -21.84 -38.16 -111.37
CA CYS C 2702 -23.23 -37.71 -111.23
C CYS C 2702 -24.14 -38.64 -112.03
N LEU C 2703 -23.70 -39.01 -113.23
CA LEU C 2703 -24.47 -39.87 -114.11
C LEU C 2703 -24.66 -41.25 -113.47
N CYS C 2704 -23.57 -41.84 -112.96
CA CYS C 2704 -23.68 -43.14 -112.27
C CYS C 2704 -24.56 -43.04 -111.02
N ALA C 2705 -24.42 -41.95 -110.26
CA ALA C 2705 -25.27 -41.71 -109.09
C ALA C 2705 -26.76 -41.62 -109.46
N ILE C 2706 -27.08 -40.93 -110.56
CA ILE C 2706 -28.45 -40.88 -111.06
C ILE C 2706 -28.89 -42.27 -111.49
N ALA C 2707 -28.00 -43.01 -112.16
CA ALA C 2707 -28.32 -44.33 -112.70
C ALA C 2707 -28.71 -45.26 -111.57
N GLY C 2708 -27.88 -45.30 -110.52
CA GLY C 2708 -28.15 -46.14 -109.37
C GLY C 2708 -29.40 -45.71 -108.63
N ALA C 2709 -29.66 -44.39 -108.60
CA ALA C 2709 -30.85 -43.88 -107.90
C ALA C 2709 -32.12 -44.30 -108.59
N LEU C 2710 -32.21 -44.08 -109.90
CA LEU C 2710 -33.43 -44.36 -110.65
C LEU C 2710 -33.55 -45.86 -110.91
N PRO C 2711 -34.64 -46.52 -110.49
CA PRO C 2711 -34.79 -47.94 -110.77
C PRO C 2711 -34.96 -48.15 -112.27
N PRO C 2712 -34.53 -49.31 -112.78
CA PRO C 2712 -34.59 -49.54 -114.24
C PRO C 2712 -36.00 -49.52 -114.83
N ASP C 2713 -37.01 -49.99 -114.09
CA ASP C 2713 -38.37 -50.08 -114.60
C ASP C 2713 -39.23 -48.88 -114.23
N TYR C 2714 -38.62 -47.73 -113.95
CA TYR C 2714 -39.38 -46.55 -113.59
C TYR C 2714 -40.14 -46.02 -114.80
N VAL C 2715 -41.37 -45.56 -114.57
CA VAL C 2715 -42.19 -44.94 -115.59
C VAL C 2715 -42.65 -43.58 -115.07
N ASP C 2716 -42.44 -42.54 -115.87
CA ASP C 2716 -42.86 -41.19 -115.51
C ASP C 2716 -44.37 -41.08 -115.51
N ALA C 2717 -44.88 -40.21 -114.62
CA ALA C 2717 -46.31 -39.99 -114.51
C ALA C 2717 -46.88 -39.35 -115.77
N SER C 2718 -46.19 -38.35 -116.32
CA SER C 2718 -46.62 -37.65 -117.53
C SER C 2718 -45.58 -37.87 -118.61
N TYR C 2719 -45.97 -38.55 -119.69
CA TYR C 2719 -45.07 -38.83 -120.80
C TYR C 2719 -45.18 -37.74 -121.87
N SER C 2720 -44.94 -36.49 -121.45
CA SER C 2720 -44.96 -35.38 -122.38
C SER C 2720 -44.01 -34.30 -121.89
N SER C 2721 -43.52 -33.49 -122.83
CA SER C 2721 -42.60 -32.41 -122.52
C SER C 2721 -42.72 -31.33 -123.58
N LYS C 2722 -42.28 -30.12 -123.21
CA LYS C 2722 -42.38 -28.97 -124.11
C LYS C 2722 -41.38 -29.04 -125.25
N ALA C 2723 -40.29 -29.81 -125.07
CA ALA C 2723 -39.15 -29.91 -126.00
C ALA C 2723 -38.52 -28.54 -126.22
N GLU C 2724 -38.01 -27.98 -125.13
CA GLU C 2724 -37.24 -26.73 -125.16
C GLU C 2724 -35.89 -26.96 -124.50
N LYS C 2725 -34.86 -26.30 -125.05
CA LYS C 2725 -33.48 -26.30 -124.56
C LYS C 2725 -32.88 -27.69 -124.36
N ASN C 2734 -31.98 -16.61 -116.80
CA ASN C 2734 -32.75 -17.50 -115.93
C ASN C 2734 -34.03 -17.99 -116.61
N PHE C 2735 -35.14 -17.96 -115.88
CA PHE C 2735 -36.43 -18.42 -116.42
C PHE C 2735 -36.97 -17.37 -117.36
N ASP C 2736 -36.92 -17.66 -118.66
CA ASP C 2736 -37.41 -16.76 -119.70
C ASP C 2736 -38.39 -17.49 -120.62
N PRO C 2737 -39.60 -17.74 -120.14
CA PRO C 2737 -40.58 -18.49 -120.95
C PRO C 2737 -41.05 -17.68 -122.16
N ARG C 2738 -41.47 -18.41 -123.20
CA ARG C 2738 -42.00 -17.74 -124.37
C ARG C 2738 -43.52 -17.87 -124.33
N PRO C 2739 -44.25 -16.79 -124.04
CA PRO C 2739 -45.72 -16.85 -124.10
C PRO C 2739 -46.20 -17.07 -125.52
N VAL C 2740 -47.23 -17.88 -125.66
CA VAL C 2740 -47.74 -18.26 -126.97
C VAL C 2740 -48.58 -17.10 -127.51
N GLU C 2741 -48.27 -16.68 -128.74
CA GLU C 2741 -48.97 -15.58 -129.39
C GLU C 2741 -50.44 -15.92 -129.60
N THR C 2742 -51.30 -14.92 -129.41
CA THR C 2742 -52.74 -15.08 -129.60
C THR C 2742 -53.31 -14.12 -130.64
N LEU C 2743 -52.88 -12.86 -130.60
CA LEU C 2743 -53.45 -11.84 -131.47
C LEU C 2743 -52.73 -11.73 -132.80
N ASN C 2744 -51.46 -12.17 -132.84
CA ASN C 2744 -50.67 -12.11 -134.07
C ASN C 2744 -51.27 -12.98 -135.17
N VAL C 2745 -51.71 -14.18 -134.82
CA VAL C 2745 -52.49 -15.01 -135.75
C VAL C 2745 -53.98 -14.74 -135.49
N ILE C 2746 -54.76 -14.73 -136.57
CA ILE C 2746 -56.16 -14.33 -136.47
C ILE C 2746 -57.00 -15.49 -135.97
N ILE C 2747 -57.86 -15.23 -135.00
CA ILE C 2747 -58.86 -16.21 -134.57
C ILE C 2747 -60.00 -16.25 -135.60
N PRO C 2748 -60.33 -17.40 -136.14
CA PRO C 2748 -61.53 -17.48 -136.98
C PRO C 2748 -62.77 -17.33 -136.10
N GLU C 2749 -63.49 -16.23 -136.22
CA GLU C 2749 -64.69 -15.99 -135.40
C GLU C 2749 -65.93 -16.78 -135.86
N LYS C 2750 -65.73 -17.83 -136.69
CA LYS C 2750 -66.80 -18.72 -137.12
C LYS C 2750 -67.53 -19.37 -135.94
N LEU C 2751 -66.81 -19.69 -134.86
CA LEU C 2751 -67.39 -20.28 -133.67
C LEU C 2751 -67.80 -19.25 -132.62
N ASP C 2752 -68.22 -18.05 -133.05
CA ASP C 2752 -68.75 -17.04 -132.14
C ASP C 2752 -69.99 -17.52 -131.36
N SER C 2753 -70.70 -18.53 -131.90
CA SER C 2753 -71.72 -19.26 -131.15
C SER C 2753 -71.14 -19.92 -129.91
N PHE C 2754 -69.86 -20.29 -129.96
CA PHE C 2754 -69.23 -20.96 -128.83
C PHE C 2754 -68.51 -19.95 -127.96
N ILE C 2755 -67.97 -18.88 -128.57
CA ILE C 2755 -67.26 -17.85 -127.81
C ILE C 2755 -68.21 -17.12 -126.87
N ASN C 2756 -69.36 -16.66 -127.38
CA ASN C 2756 -70.27 -15.92 -126.50
C ASN C 2756 -70.93 -16.85 -125.46
N LYS C 2757 -71.18 -18.11 -125.84
CA LYS C 2757 -71.72 -19.10 -124.91
C LYS C 2757 -70.74 -19.35 -123.77
N PHE C 2758 -69.47 -19.62 -124.09
CA PHE C 2758 -68.45 -19.86 -123.07
C PHE C 2758 -68.23 -18.61 -122.24
N ALA C 2759 -68.26 -17.44 -122.88
CA ALA C 2759 -68.05 -16.18 -122.17
C ALA C 2759 -69.15 -15.93 -121.13
N GLU C 2760 -70.41 -16.14 -121.51
CA GLU C 2760 -71.52 -16.00 -120.59
C GLU C 2760 -71.72 -17.22 -119.69
N TYR C 2761 -70.96 -18.29 -119.90
CA TYR C 2761 -70.98 -19.43 -118.99
C TYR C 2761 -69.80 -19.52 -118.03
N THR C 2762 -68.65 -18.92 -118.34
CA THR C 2762 -67.58 -18.79 -117.35
C THR C 2762 -68.04 -18.06 -116.10
N HIS C 2763 -68.63 -16.88 -116.29
CA HIS C 2763 -69.24 -16.13 -115.18
C HIS C 2763 -70.37 -16.90 -114.51
N GLU C 2764 -71.15 -17.64 -115.30
CA GLU C 2764 -72.18 -18.53 -114.77
C GLU C 2764 -71.59 -19.65 -113.92
N LYS C 2765 -70.49 -20.25 -114.37
CA LYS C 2765 -69.77 -21.26 -113.59
C LYS C 2765 -69.21 -20.69 -112.30
N TRP C 2766 -68.62 -19.49 -112.36
CA TRP C 2766 -68.05 -18.90 -111.15
C TRP C 2766 -69.15 -18.54 -110.15
N ALA C 2767 -70.29 -18.08 -110.66
CA ALA C 2767 -71.48 -17.88 -109.82
C ALA C 2767 -71.95 -19.19 -109.21
N PHE C 2768 -71.91 -20.27 -110.00
CA PHE C 2768 -72.29 -21.58 -109.47
C PHE C 2768 -71.32 -22.05 -108.40
N ASP C 2769 -70.03 -21.73 -108.54
CA ASP C 2769 -69.06 -22.04 -107.49
C ASP C 2769 -69.38 -21.26 -106.22
N LYS C 2770 -69.78 -19.99 -106.38
CA LYS C 2770 -70.13 -19.17 -105.22
C LYS C 2770 -71.36 -19.74 -104.50
N ILE C 2771 -72.38 -20.16 -105.25
CA ILE C 2771 -73.54 -20.74 -104.58
C ILE C 2771 -73.21 -22.15 -104.05
N GLN C 2772 -72.19 -22.82 -104.60
CA GLN C 2772 -71.67 -24.04 -103.99
C GLN C 2772 -71.02 -23.76 -102.65
N ASN C 2773 -70.47 -22.54 -102.47
CA ASN C 2773 -69.83 -22.16 -101.21
C ASN C 2773 -70.87 -21.88 -100.03
N ASN C 2774 -72.16 -22.15 -100.27
CA ASN C 2774 -73.33 -21.97 -99.39
C ASN C 2774 -73.67 -20.50 -99.10
N TRP C 2775 -72.97 -19.55 -99.71
CA TRP C 2775 -73.28 -18.13 -99.55
C TRP C 2775 -73.74 -17.58 -100.90
N SER C 2776 -74.86 -16.86 -100.89
CA SER C 2776 -75.46 -16.34 -102.12
C SER C 2776 -74.73 -15.10 -102.60
N TYR C 2777 -75.35 -14.37 -103.53
CA TYR C 2777 -74.81 -13.14 -104.08
C TYR C 2777 -75.39 -11.91 -103.38
N GLY C 2778 -74.88 -10.75 -103.77
CA GLY C 2778 -75.37 -9.49 -103.25
C GLY C 2778 -75.26 -8.42 -104.32
N GLU C 2779 -76.17 -7.44 -104.24
CA GLU C 2779 -76.15 -6.36 -105.23
C GLU C 2779 -75.15 -5.27 -104.86
N ASN C 2780 -75.02 -4.95 -103.57
CA ASN C 2780 -74.10 -3.89 -103.16
C ASN C 2780 -72.65 -4.38 -103.20
N VAL C 2781 -71.75 -3.41 -103.31
CA VAL C 2781 -70.31 -3.69 -103.39
C VAL C 2781 -69.75 -3.71 -101.98
N ASP C 2782 -69.43 -4.91 -101.49
CA ASP C 2782 -68.88 -5.10 -100.14
C ASP C 2782 -68.26 -6.49 -100.04
N GLU C 2783 -67.22 -6.59 -99.22
CA GLU C 2783 -66.53 -7.85 -98.99
C GLU C 2783 -67.03 -8.60 -97.77
N GLU C 2784 -68.10 -8.12 -97.13
CA GLU C 2784 -68.68 -8.81 -95.97
C GLU C 2784 -69.20 -10.20 -96.33
N LEU C 2785 -69.56 -10.42 -97.58
CA LEU C 2785 -70.10 -11.69 -98.06
C LEU C 2785 -69.00 -12.69 -98.40
N LYS C 2786 -67.71 -12.27 -98.30
CA LYS C 2786 -66.48 -13.08 -98.55
C LYS C 2786 -66.53 -13.93 -99.82
N THR C 2787 -67.28 -13.46 -100.81
CA THR C 2787 -67.44 -14.10 -102.12
C THR C 2787 -67.43 -12.99 -103.16
N HIS C 2788 -67.88 -13.34 -104.38
CA HIS C 2788 -68.06 -12.43 -105.51
C HIS C 2788 -68.99 -11.30 -105.08
N PRO C 2789 -68.47 -10.08 -104.90
CA PRO C 2789 -69.28 -9.03 -104.24
C PRO C 2789 -70.41 -8.48 -105.09
N MET C 2790 -70.16 -8.17 -106.36
CA MET C 2790 -71.15 -7.54 -107.23
C MET C 2790 -71.85 -8.53 -108.14
N LEU C 2791 -71.92 -9.80 -107.75
CA LEU C 2791 -72.68 -10.79 -108.50
C LEU C 2791 -74.18 -10.48 -108.41
N ARG C 2792 -74.84 -10.42 -109.57
CA ARG C 2792 -76.26 -10.14 -109.65
C ARG C 2792 -76.90 -11.05 -110.69
N PRO C 2793 -78.20 -11.34 -110.58
CA PRO C 2793 -78.84 -12.19 -111.59
C PRO C 2793 -78.91 -11.49 -112.94
N TYR C 2794 -78.96 -12.31 -114.00
CA TYR C 2794 -78.89 -11.84 -115.39
C TYR C 2794 -79.96 -10.82 -115.75
N LYS C 2795 -81.10 -10.85 -115.04
CA LYS C 2795 -82.13 -9.83 -115.23
C LYS C 2795 -81.63 -8.45 -114.81
N THR C 2796 -80.86 -8.38 -113.72
CA THR C 2796 -80.35 -7.12 -113.20
C THR C 2796 -78.83 -7.10 -113.09
N PHE C 2797 -78.13 -7.84 -113.95
CA PHE C 2797 -76.67 -7.82 -113.98
C PHE C 2797 -76.20 -6.97 -115.15
N SER C 2798 -75.23 -6.10 -114.87
CA SER C 2798 -74.69 -5.19 -115.88
C SER C 2798 -74.01 -5.97 -117.00
N GLU C 2799 -74.37 -5.64 -118.24
CA GLU C 2799 -73.67 -6.20 -119.40
C GLU C 2799 -72.51 -5.33 -119.86
N LYS C 2800 -72.32 -4.17 -119.22
CA LYS C 2800 -71.16 -3.33 -119.51
C LYS C 2800 -69.86 -4.06 -119.16
N ASP C 2801 -69.84 -4.76 -118.03
CA ASP C 2801 -68.64 -5.53 -117.70
C ASP C 2801 -68.77 -6.99 -118.13
N LYS C 2802 -69.92 -7.38 -118.70
CA LYS C 2802 -69.96 -8.63 -119.46
C LYS C 2802 -69.25 -8.44 -120.79
N GLU C 2803 -69.14 -7.20 -121.27
CA GLU C 2803 -68.38 -6.96 -122.49
C GLU C 2803 -66.87 -6.90 -122.23
N ILE C 2804 -66.42 -6.97 -120.98
CA ILE C 2804 -65.00 -6.95 -120.68
C ILE C 2804 -64.53 -8.25 -120.04
N TYR C 2805 -65.42 -9.05 -119.45
CA TYR C 2805 -65.01 -10.32 -118.84
C TYR C 2805 -64.58 -11.38 -119.85
N ARG C 2806 -64.87 -11.20 -121.13
CA ARG C 2806 -64.57 -12.24 -122.12
C ARG C 2806 -63.20 -12.10 -122.78
N TRP C 2807 -62.32 -11.23 -122.25
CA TRP C 2807 -60.92 -11.23 -122.69
C TRP C 2807 -60.22 -12.58 -122.51
N PRO C 2808 -60.30 -13.29 -121.35
CA PRO C 2808 -59.74 -14.65 -121.30
C PRO C 2808 -60.43 -15.60 -122.26
N ILE C 2809 -61.76 -15.48 -122.40
CA ILE C 2809 -62.52 -16.39 -123.24
C ILE C 2809 -62.19 -16.14 -124.70
N LYS C 2810 -62.05 -14.86 -125.09
CA LYS C 2810 -61.62 -14.53 -126.45
C LYS C 2810 -60.23 -15.08 -126.76
N GLU C 2811 -59.29 -14.94 -125.82
CA GLU C 2811 -57.91 -15.34 -126.12
C GLU C 2811 -57.62 -16.82 -125.88
N SER C 2812 -58.46 -17.53 -125.13
CA SER C 2812 -58.26 -18.95 -124.90
C SER C 2812 -58.39 -19.76 -126.19
N LEU C 2813 -59.39 -19.47 -127.01
CA LEU C 2813 -59.49 -20.16 -128.28
C LEU C 2813 -58.48 -19.64 -129.29
N LYS C 2814 -58.00 -18.40 -129.09
CA LYS C 2814 -56.93 -17.83 -129.92
C LYS C 2814 -55.67 -18.65 -129.77
N ALA C 2815 -55.28 -18.88 -128.51
CA ALA C 2815 -54.05 -19.62 -128.25
C ALA C 2815 -54.23 -21.10 -128.53
N MET C 2816 -55.44 -21.63 -128.32
CA MET C 2816 -55.71 -23.05 -128.61
C MET C 2816 -55.53 -23.33 -130.10
N ILE C 2817 -56.02 -22.43 -130.95
CA ILE C 2817 -55.89 -22.59 -132.40
C ILE C 2817 -54.58 -22.03 -132.95
N ALA C 2818 -53.81 -21.29 -132.15
CA ALA C 2818 -52.56 -20.73 -132.64
C ALA C 2818 -51.52 -21.81 -132.90
N TRP C 2819 -51.38 -22.78 -131.99
CA TRP C 2819 -50.36 -23.82 -132.13
C TRP C 2819 -50.84 -24.96 -133.03
N GLU C 2820 -51.11 -24.62 -134.31
CA GLU C 2820 -51.48 -25.50 -135.43
C GLU C 2820 -52.48 -26.60 -135.07
N TRP C 2821 -53.45 -26.29 -134.20
CA TRP C 2821 -54.48 -27.22 -133.77
C TRP C 2821 -55.85 -26.59 -134.03
N THR C 2822 -56.35 -26.75 -135.25
CA THR C 2822 -57.61 -26.12 -135.64
C THR C 2822 -58.78 -26.82 -134.97
N ILE C 2823 -59.87 -26.06 -134.80
CA ILE C 2823 -61.09 -26.54 -134.17
C ILE C 2823 -62.18 -26.62 -135.23
N GLU C 2824 -62.91 -27.74 -135.25
CA GLU C 2824 -64.00 -27.92 -136.21
C GLU C 2824 -65.24 -28.38 -135.47
N LYS C 2825 -66.39 -27.84 -135.88
CA LYS C 2825 -67.68 -28.13 -135.26
C LYS C 2825 -68.18 -29.47 -135.78
N ALA C 2826 -67.86 -30.54 -135.04
CA ALA C 2826 -68.35 -31.87 -135.40
C ALA C 2826 -69.87 -31.94 -135.32
N ARG C 2827 -70.44 -31.37 -134.26
CA ARG C 2827 -71.89 -31.26 -134.12
C ARG C 2827 -72.39 -30.03 -134.85
N GLU C 2828 -73.71 -29.97 -135.06
CA GLU C 2828 -74.35 -28.86 -135.76
C GLU C 2828 -75.57 -28.46 -134.93
N GLY C 2829 -75.37 -27.54 -134.00
CA GLY C 2829 -76.44 -27.16 -133.10
C GLY C 2829 -76.07 -25.93 -132.30
N GLU C 2830 -76.90 -25.64 -131.30
CA GLU C 2830 -76.81 -24.48 -130.40
C GLU C 2830 -76.75 -23.15 -131.15
N TYR C 2855 -80.88 -17.40 -114.75
CA TYR C 2855 -79.50 -17.25 -114.28
C TYR C 2855 -79.13 -18.41 -113.36
N ASN C 2856 -79.11 -19.61 -113.93
CA ASN C 2856 -78.65 -20.79 -113.18
C ASN C 2856 -78.17 -21.87 -114.14
N PRO C 2857 -76.91 -22.27 -114.04
CA PRO C 2857 -76.39 -23.34 -114.91
C PRO C 2857 -76.84 -24.73 -114.47
N GLN C 2858 -78.03 -25.13 -114.95
CA GLN C 2858 -78.64 -26.40 -114.54
C GLN C 2858 -77.75 -27.62 -114.80
N PRO C 2859 -77.13 -27.84 -115.97
CA PRO C 2859 -76.16 -28.94 -116.09
C PRO C 2859 -74.79 -28.50 -115.62
N PRO C 2860 -74.24 -29.08 -114.56
CA PRO C 2860 -72.86 -28.77 -114.19
C PRO C 2860 -71.88 -29.31 -115.21
N ASP C 2861 -70.77 -28.61 -115.37
CA ASP C 2861 -69.71 -29.01 -116.29
C ASP C 2861 -68.48 -29.42 -115.47
N LEU C 2862 -68.46 -30.68 -115.05
CA LEU C 2862 -67.37 -31.22 -114.26
C LEU C 2862 -66.43 -32.02 -115.15
N SER C 2863 -65.16 -32.08 -114.77
CA SER C 2863 -64.13 -32.64 -115.63
C SER C 2863 -63.35 -33.75 -114.95
N GLY C 2864 -64.05 -34.70 -114.34
CA GLY C 2864 -63.40 -35.80 -113.65
C GLY C 2864 -63.23 -37.07 -114.46
N VAL C 2865 -63.88 -37.16 -115.63
CA VAL C 2865 -63.79 -38.37 -116.43
C VAL C 2865 -62.43 -38.46 -117.11
N THR C 2866 -62.03 -39.68 -117.48
CA THR C 2866 -60.76 -39.88 -118.17
C THR C 2866 -60.86 -39.41 -119.62
N LEU C 2867 -59.68 -39.07 -120.17
CA LEU C 2867 -59.57 -38.55 -121.53
C LEU C 2867 -58.59 -39.39 -122.34
N SER C 2868 -58.80 -39.37 -123.66
CA SER C 2868 -57.87 -40.02 -124.57
C SER C 2868 -56.51 -39.32 -124.52
N ARG C 2869 -55.46 -40.11 -124.74
CA ARG C 2869 -54.07 -39.71 -124.49
C ARG C 2869 -53.67 -38.45 -125.25
N GLU C 2870 -54.00 -38.39 -126.54
CA GLU C 2870 -53.66 -37.22 -127.36
C GLU C 2870 -54.43 -35.98 -126.92
N LEU C 2871 -55.72 -36.15 -126.59
CA LEU C 2871 -56.58 -35.04 -126.21
C LEU C 2871 -56.11 -34.41 -124.90
N GLN C 2872 -55.88 -35.24 -123.87
CA GLN C 2872 -55.39 -34.74 -122.59
C GLN C 2872 -54.00 -34.15 -122.71
N ALA C 2873 -53.16 -34.68 -123.60
CA ALA C 2873 -51.84 -34.08 -123.83
C ALA C 2873 -51.97 -32.68 -124.39
N MET C 2874 -52.90 -32.48 -125.33
CA MET C 2874 -53.21 -31.14 -125.83
C MET C 2874 -53.71 -30.23 -124.70
N ALA C 2875 -54.50 -30.79 -123.77
CA ALA C 2875 -54.93 -30.03 -122.59
C ALA C 2875 -53.74 -29.63 -121.72
N GLU C 2876 -52.80 -30.56 -121.52
CA GLU C 2876 -51.61 -30.27 -120.75
C GLU C 2876 -50.76 -29.19 -121.42
N GLN C 2877 -50.66 -29.24 -122.74
CA GLN C 2877 -50.00 -28.19 -123.52
C GLN C 2877 -50.68 -26.83 -123.33
N LEU C 2878 -52.02 -26.83 -123.33
CA LEU C 2878 -52.77 -25.59 -123.07
C LEU C 2878 -52.54 -25.06 -121.65
N ALA C 2879 -52.53 -25.95 -120.65
CA ALA C 2879 -52.18 -25.55 -119.28
C ALA C 2879 -50.74 -25.04 -119.18
N GLU C 2880 -49.81 -25.70 -119.88
CA GLU C 2880 -48.44 -25.23 -119.99
C GLU C 2880 -48.36 -23.84 -120.61
N ASN C 2881 -49.17 -23.59 -121.63
CA ASN C 2881 -49.29 -22.25 -122.20
C ASN C 2881 -49.80 -21.26 -121.17
N TYR C 2882 -50.81 -21.68 -120.37
CA TYR C 2882 -51.40 -20.78 -119.38
C TYR C 2882 -50.36 -20.42 -118.32
N HIS C 2883 -49.52 -21.39 -117.98
CA HIS C 2883 -48.53 -21.17 -116.94
C HIS C 2883 -47.39 -20.31 -117.47
N ASN C 2884 -46.93 -20.55 -118.71
CA ASN C 2884 -45.80 -19.77 -119.20
C ASN C 2884 -46.22 -18.33 -119.50
N THR C 2885 -47.47 -18.10 -119.94
CA THR C 2885 -47.99 -16.73 -120.05
C THR C 2885 -48.07 -16.04 -118.69
N TRP C 2886 -48.53 -16.77 -117.66
CA TRP C 2886 -48.58 -16.20 -116.31
C TRP C 2886 -47.18 -15.91 -115.78
N GLY C 2887 -46.25 -16.83 -115.99
CA GLY C 2887 -44.89 -16.65 -115.51
C GLY C 2887 -44.21 -15.49 -116.19
N ARG C 2888 -44.33 -15.40 -117.53
CA ARG C 2888 -43.70 -14.32 -118.27
C ARG C 2888 -44.26 -12.96 -117.84
N LYS C 2889 -45.60 -12.86 -117.69
CA LYS C 2889 -46.18 -11.59 -117.26
C LYS C 2889 -45.75 -11.25 -115.83
N LYS C 2890 -45.52 -12.26 -114.99
CA LYS C 2890 -44.99 -12.02 -113.66
C LYS C 2890 -43.55 -11.51 -113.72
N LYS C 2891 -42.72 -12.16 -114.55
CA LYS C 2891 -41.33 -11.77 -114.61
C LYS C 2891 -41.10 -10.43 -115.31
N GLN C 2892 -42.13 -9.90 -115.99
CA GLN C 2892 -42.03 -8.54 -116.54
C GLN C 2892 -41.81 -7.52 -115.44
N GLU C 2893 -42.52 -7.68 -114.33
CA GLU C 2893 -42.29 -6.80 -113.18
C GLU C 2893 -41.25 -7.37 -112.23
N LEU C 2894 -40.93 -8.66 -112.34
CA LEU C 2894 -39.92 -9.23 -111.46
C LEU C 2894 -38.51 -8.81 -111.87
N GLU C 2895 -38.30 -8.48 -113.16
CA GLU C 2895 -36.96 -8.18 -113.67
C GLU C 2895 -36.48 -6.76 -113.35
N ALA C 2896 -37.06 -6.08 -112.37
CA ALA C 2896 -36.69 -4.70 -112.04
C ALA C 2896 -35.69 -4.61 -110.90
N LYS C 2897 -35.22 -5.73 -110.37
CA LYS C 2897 -34.29 -5.69 -109.24
C LYS C 2897 -33.02 -6.48 -109.49
N GLY C 2898 -33.07 -7.60 -110.20
CA GLY C 2898 -31.91 -8.41 -110.48
C GLY C 2898 -31.55 -9.44 -109.43
N GLY C 2899 -32.41 -9.66 -108.44
CA GLY C 2899 -32.15 -10.68 -107.44
C GLY C 2899 -33.41 -11.23 -106.79
N GLY C 2900 -33.55 -12.55 -106.82
CA GLY C 2900 -34.73 -13.20 -106.30
C GLY C 2900 -35.69 -13.61 -107.40
N THR C 2901 -36.40 -14.71 -107.19
CA THR C 2901 -37.32 -15.23 -108.17
C THR C 2901 -38.57 -15.77 -107.49
N HIS C 2902 -39.65 -15.82 -108.26
CA HIS C 2902 -40.96 -16.26 -107.79
C HIS C 2902 -41.01 -17.80 -107.78
N PRO C 2903 -41.66 -18.41 -106.78
CA PRO C 2903 -41.77 -19.88 -106.77
C PRO C 2903 -42.51 -20.47 -107.95
N LEU C 2904 -43.47 -19.74 -108.52
CA LEU C 2904 -44.23 -20.22 -109.67
C LEU C 2904 -43.49 -20.03 -110.99
N LEU C 2905 -42.29 -19.43 -110.98
CA LEU C 2905 -41.49 -19.25 -112.19
C LEU C 2905 -40.76 -20.55 -112.56
N VAL C 2906 -41.54 -21.59 -112.83
CA VAL C 2906 -41.03 -22.94 -113.06
C VAL C 2906 -41.73 -23.47 -114.32
N PRO C 2907 -41.06 -24.24 -115.18
CA PRO C 2907 -41.75 -24.89 -116.30
C PRO C 2907 -42.82 -25.85 -115.83
N TYR C 2908 -43.84 -26.03 -116.68
CA TYR C 2908 -45.02 -26.84 -116.34
C TYR C 2908 -44.68 -28.29 -116.03
N ASP C 2909 -43.66 -28.85 -116.68
CA ASP C 2909 -43.38 -30.28 -116.56
C ASP C 2909 -42.90 -30.65 -115.14
N THR C 2910 -41.91 -29.92 -114.63
CA THR C 2910 -41.26 -30.31 -113.38
C THR C 2910 -42.12 -30.01 -112.15
N LEU C 2911 -42.95 -28.97 -112.21
CA LEU C 2911 -43.74 -28.55 -111.06
C LEU C 2911 -44.74 -29.64 -110.66
N THR C 2912 -44.96 -29.78 -109.36
CA THR C 2912 -45.86 -30.80 -108.84
C THR C 2912 -47.31 -30.36 -108.97
N ALA C 2913 -48.23 -31.22 -108.53
CA ALA C 2913 -49.66 -31.02 -108.73
C ALA C 2913 -50.34 -30.15 -107.68
N LYS C 2914 -49.62 -29.68 -106.66
CA LYS C 2914 -50.26 -28.87 -105.62
C LYS C 2914 -50.77 -27.54 -106.18
N GLU C 2915 -50.02 -26.95 -107.12
CA GLU C 2915 -50.42 -25.75 -107.84
C GLU C 2915 -50.68 -26.00 -109.32
N LYS C 2916 -50.40 -27.20 -109.82
CA LYS C 2916 -50.76 -27.57 -111.19
C LYS C 2916 -52.25 -27.85 -111.33
N ALA C 2917 -52.89 -28.32 -110.26
CA ALA C 2917 -54.28 -28.76 -110.31
C ALA C 2917 -55.25 -27.65 -110.72
N ARG C 2918 -55.03 -26.42 -110.23
CA ARG C 2918 -55.89 -25.30 -110.60
C ARG C 2918 -55.85 -25.00 -112.11
N ASP C 2919 -54.65 -24.96 -112.70
CA ASP C 2919 -54.53 -24.75 -114.14
C ASP C 2919 -55.00 -25.97 -114.94
N ARG C 2920 -54.74 -27.18 -114.43
CA ARG C 2920 -55.26 -28.39 -115.06
C ARG C 2920 -56.77 -28.41 -115.04
N GLU C 2921 -57.37 -27.93 -113.95
CA GLU C 2921 -58.82 -27.80 -113.84
C GLU C 2921 -59.37 -26.77 -114.82
N LYS C 2922 -58.64 -25.66 -115.03
CA LYS C 2922 -59.07 -24.67 -116.03
C LYS C 2922 -59.03 -25.24 -117.45
N ALA C 2923 -57.94 -25.94 -117.78
CA ALA C 2923 -57.80 -26.55 -119.11
C ALA C 2923 -58.81 -27.68 -119.30
N GLN C 2924 -59.09 -28.43 -118.23
CA GLN C 2924 -60.04 -29.52 -118.34
C GLN C 2924 -61.46 -28.99 -118.40
N GLU C 2925 -61.73 -27.82 -117.77
CA GLU C 2925 -63.03 -27.19 -117.92
C GLU C 2925 -63.26 -26.80 -119.37
N LEU C 2926 -62.24 -26.20 -120.00
CA LEU C 2926 -62.35 -25.81 -121.41
C LEU C 2926 -62.56 -27.04 -122.30
N LEU C 2927 -61.74 -28.08 -122.10
CA LEU C 2927 -61.83 -29.27 -122.96
C LEU C 2927 -63.12 -30.05 -122.72
N LYS C 2928 -63.55 -30.18 -121.46
CA LYS C 2928 -64.85 -30.79 -121.17
C LYS C 2928 -65.98 -29.97 -121.76
N PHE C 2929 -65.90 -28.63 -121.68
CA PHE C 2929 -66.89 -27.77 -122.31
C PHE C 2929 -66.83 -27.86 -123.83
N LEU C 2930 -65.77 -28.44 -124.40
CA LEU C 2930 -65.73 -28.72 -125.83
C LEU C 2930 -66.39 -30.07 -126.16
N GLN C 2931 -65.94 -31.15 -125.50
CA GLN C 2931 -66.51 -32.48 -125.79
C GLN C 2931 -67.96 -32.62 -125.36
N MET C 2932 -68.33 -32.03 -124.21
CA MET C 2932 -69.73 -32.01 -123.79
C MET C 2932 -70.61 -31.25 -124.78
N ASN C 2933 -70.07 -30.19 -125.38
CA ASN C 2933 -70.76 -29.54 -126.50
C ASN C 2933 -70.64 -30.35 -127.78
N GLY C 2934 -69.72 -31.30 -127.85
CA GLY C 2934 -69.54 -32.14 -129.01
C GLY C 2934 -68.38 -31.77 -129.92
N TYR C 2935 -67.36 -31.08 -129.40
CA TYR C 2935 -66.26 -30.60 -130.23
C TYR C 2935 -65.15 -31.64 -130.24
N ALA C 2936 -64.61 -31.90 -131.43
CA ALA C 2936 -63.46 -32.77 -131.60
C ALA C 2936 -62.33 -31.95 -132.20
N VAL C 2937 -61.18 -31.95 -131.52
CA VAL C 2937 -59.97 -31.28 -132.01
C VAL C 2937 -58.90 -32.33 -132.19
N THR C 2938 -58.34 -32.40 -133.39
CA THR C 2938 -57.30 -33.37 -133.73
C THR C 2938 -56.12 -32.63 -134.34
N ARG C 2939 -54.92 -32.93 -133.83
CA ARG C 2939 -53.69 -32.27 -134.25
C ARG C 2939 -53.36 -32.53 -135.72
N LEU C 2946 -46.02 -42.21 -131.49
CA LEU C 2946 -47.31 -42.11 -130.82
C LEU C 2946 -47.74 -43.49 -130.29
N ASP C 2947 -48.54 -43.46 -129.23
CA ASP C 2947 -49.06 -44.63 -128.50
C ASP C 2947 -47.89 -45.47 -127.94
N THR C 2948 -47.18 -44.85 -127.00
CA THR C 2948 -46.12 -45.55 -126.30
C THR C 2948 -46.68 -46.65 -125.39
N SER C 2949 -45.93 -47.74 -125.28
CA SER C 2949 -46.32 -48.91 -124.52
C SER C 2949 -45.70 -48.84 -123.13
N SER C 2950 -46.32 -49.57 -122.20
CA SER C 2950 -45.83 -49.62 -120.82
C SER C 2950 -44.40 -50.16 -120.74
N ILE C 2951 -44.06 -51.08 -121.65
CA ILE C 2951 -42.68 -51.55 -121.78
C ILE C 2951 -41.77 -50.41 -122.24
N GLU C 2952 -42.23 -49.61 -123.21
CA GLU C 2952 -41.46 -48.48 -123.73
C GLU C 2952 -41.22 -47.41 -122.68
N LYS C 2953 -42.24 -47.13 -121.85
CA LYS C 2953 -42.16 -46.09 -120.83
C LYS C 2953 -41.15 -46.38 -119.73
N ARG C 2954 -40.64 -47.61 -119.62
CA ARG C 2954 -39.66 -47.98 -118.61
C ARG C 2954 -38.38 -47.17 -118.79
N PHE C 2955 -37.74 -46.85 -117.66
CA PHE C 2955 -36.50 -46.09 -117.68
C PHE C 2955 -35.40 -46.85 -118.43
N ALA C 2956 -35.16 -48.11 -118.05
CA ALA C 2956 -34.11 -48.89 -118.69
C ALA C 2956 -34.36 -49.11 -120.17
N PHE C 2957 -35.64 -49.15 -120.58
CA PHE C 2957 -35.95 -49.23 -122.01
C PHE C 2957 -35.46 -47.98 -122.74
N GLY C 2958 -35.75 -46.80 -122.16
CA GLY C 2958 -35.28 -45.56 -122.76
C GLY C 2958 -33.77 -45.45 -122.80
N PHE C 2959 -33.12 -45.86 -121.71
CA PHE C 2959 -31.66 -45.89 -121.64
C PHE C 2959 -31.06 -46.83 -122.67
N LEU C 2960 -31.57 -48.05 -122.75
CA LEU C 2960 -31.09 -49.01 -123.75
C LEU C 2960 -31.38 -48.53 -125.17
N GLN C 2961 -32.52 -47.86 -125.38
CA GLN C 2961 -32.84 -47.26 -126.68
C GLN C 2961 -31.77 -46.26 -127.10
N GLN C 2962 -31.36 -45.41 -126.15
CA GLN C 2962 -30.28 -44.47 -126.44
C GLN C 2962 -28.97 -45.20 -126.65
N LEU C 2963 -28.75 -46.30 -125.92
CA LEU C 2963 -27.52 -47.08 -126.08
C LEU C 2963 -27.44 -47.66 -127.49
N LEU C 2964 -28.55 -48.21 -128.00
CA LEU C 2964 -28.58 -48.73 -129.37
C LEU C 2964 -28.33 -47.63 -130.39
N ARG C 2965 -29.02 -46.48 -130.21
CA ARG C 2965 -28.87 -45.35 -131.12
C ARG C 2965 -27.44 -44.81 -131.12
N TRP C 2966 -26.80 -44.80 -129.96
CA TRP C 2966 -25.39 -44.42 -129.89
C TRP C 2966 -24.48 -45.56 -130.33
N MET C 2967 -24.97 -46.80 -130.26
CA MET C 2967 -24.19 -47.97 -130.63
C MET C 2967 -23.95 -48.02 -132.13
N ASP C 2968 -24.98 -47.69 -132.92
CA ASP C 2968 -24.76 -47.62 -134.37
C ASP C 2968 -23.74 -46.53 -134.72
N ILE C 2969 -23.78 -45.39 -134.01
CA ILE C 2969 -22.76 -44.35 -134.16
C ILE C 2969 -21.38 -44.89 -133.75
N SER C 2970 -21.34 -45.76 -132.73
CA SER C 2970 -20.08 -46.38 -132.34
C SER C 2970 -19.54 -47.25 -133.47
N GLN C 2971 -20.41 -48.00 -134.13
CA GLN C 2971 -19.96 -48.74 -135.31
C GLN C 2971 -19.73 -47.82 -136.51
N GLU C 2972 -20.15 -46.57 -136.42
CA GLU C 2972 -19.85 -45.61 -137.48
C GLU C 2972 -18.42 -45.10 -137.34
N PHE C 2973 -17.97 -44.90 -136.09
CA PHE C 2973 -16.62 -44.31 -135.95
C PHE C 2973 -15.53 -45.37 -135.91
N ILE C 2974 -15.83 -46.61 -135.48
CA ILE C 2974 -14.78 -47.63 -135.52
C ILE C 2974 -14.35 -47.93 -136.96
N ALA C 2975 -15.27 -47.85 -137.92
CA ALA C 2975 -14.90 -47.96 -139.33
C ALA C 2975 -13.94 -46.85 -139.74
N HIS C 2976 -14.16 -45.64 -139.23
CA HIS C 2976 -13.22 -44.53 -139.46
C HIS C 2976 -11.86 -44.84 -138.86
N LEU C 2977 -11.84 -45.40 -137.64
CA LEU C 2977 -10.57 -45.71 -136.98
C LEU C 2977 -9.82 -46.78 -137.76
N GLU C 2978 -10.51 -47.83 -138.20
CA GLU C 2978 -9.89 -48.91 -138.97
C GLU C 2978 -9.33 -48.38 -140.27
N ALA C 2979 -10.05 -47.43 -140.90
CA ALA C 2979 -9.58 -46.87 -142.15
C ALA C 2979 -8.33 -46.02 -141.94
N VAL C 2980 -8.28 -45.24 -140.85
CA VAL C 2980 -7.18 -44.30 -140.68
C VAL C 2980 -5.94 -44.88 -140.01
N VAL C 2981 -6.04 -46.04 -139.33
CA VAL C 2981 -4.85 -46.58 -138.69
C VAL C 2981 -4.17 -47.67 -139.53
N SER C 2982 -4.97 -48.41 -140.33
CA SER C 2982 -4.38 -49.42 -141.21
C SER C 2982 -3.50 -48.78 -142.28
N SER C 2983 -3.94 -47.66 -142.85
CA SER C 2983 -3.17 -46.92 -143.85
C SER C 2983 -3.73 -45.51 -143.91
N GLY C 2984 -3.04 -44.66 -144.67
CA GLY C 2984 -3.45 -43.27 -144.82
C GLY C 2984 -3.44 -42.51 -143.51
N ARG C 2985 -2.24 -42.27 -142.95
CA ARG C 2985 -2.05 -41.64 -141.65
C ARG C 2985 -2.69 -40.26 -141.58
N VAL C 2986 -3.76 -40.14 -140.79
CA VAL C 2986 -4.44 -38.87 -140.55
C VAL C 2986 -5.08 -38.94 -139.17
N GLU C 2987 -4.98 -37.84 -138.43
CA GLU C 2987 -5.47 -37.77 -137.05
C GLU C 2987 -6.40 -36.57 -136.83
N LYS C 2988 -7.00 -36.03 -137.90
CA LYS C 2988 -7.88 -34.87 -137.76
C LYS C 2988 -9.09 -35.20 -136.87
N SER C 2989 -9.71 -36.38 -137.07
CA SER C 2989 -10.82 -36.96 -136.30
C SER C 2989 -11.95 -35.99 -135.95
N PRO C 2990 -12.75 -35.54 -136.92
CA PRO C 2990 -13.86 -34.62 -136.60
C PRO C 2990 -14.94 -35.22 -135.69
N HIS C 2991 -14.97 -36.54 -135.56
CA HIS C 2991 -15.88 -37.27 -134.69
C HIS C 2991 -15.27 -37.57 -133.31
N GLU C 2992 -14.18 -36.87 -132.95
CA GLU C 2992 -13.57 -37.05 -131.64
C GLU C 2992 -14.52 -36.63 -130.51
N GLN C 2993 -15.53 -35.78 -130.82
CA GLN C 2993 -16.56 -35.40 -129.86
C GLN C 2993 -17.27 -36.63 -129.31
N GLU C 2994 -17.45 -37.63 -130.16
CA GLU C 2994 -18.16 -38.83 -129.75
C GLU C 2994 -17.21 -39.94 -129.40
N ILE C 2995 -15.97 -39.89 -129.91
CA ILE C 2995 -14.94 -40.81 -129.42
C ILE C 2995 -14.67 -40.55 -127.95
N LYS C 2996 -14.52 -39.27 -127.59
CA LYS C 2996 -14.32 -38.90 -126.19
C LYS C 2996 -15.60 -39.05 -125.37
N PHE C 2997 -16.78 -38.80 -125.96
CA PHE C 2997 -18.04 -39.05 -125.24
C PHE C 2997 -18.16 -40.52 -124.85
N PHE C 2998 -17.76 -41.41 -125.75
CA PHE C 2998 -17.82 -42.83 -125.48
C PHE C 2998 -16.77 -43.20 -124.45
N ALA C 2999 -15.49 -42.94 -124.75
CA ALA C 2999 -14.39 -43.44 -123.93
C ALA C 2999 -14.33 -42.81 -122.55
N LYS C 3000 -15.05 -41.70 -122.31
CA LYS C 3000 -15.08 -41.07 -121.01
C LYS C 3000 -16.41 -41.23 -120.27
N ILE C 3001 -17.50 -41.62 -120.95
CA ILE C 3001 -18.81 -41.73 -120.32
C ILE C 3001 -19.37 -43.14 -120.41
N LEU C 3002 -19.41 -43.72 -121.63
CA LEU C 3002 -20.13 -44.96 -121.86
C LEU C 3002 -19.54 -46.15 -121.11
N LEU C 3003 -18.20 -46.24 -121.06
CA LEU C 3003 -17.56 -47.37 -120.38
C LEU C 3003 -17.86 -47.44 -118.87
N PRO C 3004 -17.63 -46.40 -118.05
CA PRO C 3004 -17.99 -46.54 -116.62
C PRO C 3004 -19.51 -46.67 -116.40
N LEU C 3005 -20.32 -46.02 -117.24
CA LEU C 3005 -21.76 -46.05 -117.09
C LEU C 3005 -22.28 -47.48 -117.19
N ILE C 3006 -21.88 -48.19 -118.26
CA ILE C 3006 -22.24 -49.60 -118.40
C ILE C 3006 -21.59 -50.40 -117.28
N ASN C 3007 -20.38 -50.00 -116.87
CA ASN C 3007 -19.60 -50.74 -115.89
C ASN C 3007 -20.28 -50.75 -114.51
N GLN C 3008 -21.04 -49.70 -114.18
CA GLN C 3008 -21.69 -49.62 -112.88
C GLN C 3008 -23.20 -49.83 -112.91
N TYR C 3009 -23.87 -49.38 -113.98
CA TYR C 3009 -25.32 -49.49 -114.09
C TYR C 3009 -25.75 -50.94 -114.04
N PHE C 3010 -25.06 -51.79 -114.80
CA PHE C 3010 -25.38 -53.20 -114.77
C PHE C 3010 -24.84 -53.86 -113.51
N THR C 3011 -23.86 -53.24 -112.85
CA THR C 3011 -23.32 -53.81 -111.62
C THR C 3011 -24.39 -53.81 -110.55
N ASN C 3012 -25.06 -52.67 -110.39
CA ASN C 3012 -26.14 -52.60 -109.41
C ASN C 3012 -27.47 -53.13 -109.94
N HIS C 3013 -27.62 -53.29 -111.26
CA HIS C 3013 -28.87 -53.77 -111.85
C HIS C 3013 -28.70 -55.13 -112.51
N CYS C 3014 -27.69 -55.90 -112.09
CA CYS C 3014 -27.47 -57.25 -112.62
C CYS C 3014 -28.62 -58.19 -112.27
N LEU C 3015 -29.13 -58.11 -111.06
CA LEU C 3015 -30.21 -59.01 -110.64
C LEU C 3015 -31.51 -58.68 -111.37
N TYR C 3016 -31.73 -57.39 -111.67
CA TYR C 3016 -32.94 -56.97 -112.37
C TYR C 3016 -33.01 -57.59 -113.76
N PHE C 3017 -31.87 -57.60 -114.47
CA PHE C 3017 -31.85 -58.17 -115.81
C PHE C 3017 -31.81 -59.69 -115.81
N LEU C 3018 -31.45 -60.31 -114.69
CA LEU C 3018 -31.68 -61.73 -114.53
C LEU C 3018 -33.03 -62.04 -113.91
N SER C 3019 -33.79 -61.02 -113.51
CA SER C 3019 -35.10 -61.24 -112.93
C SER C 3019 -36.09 -61.62 -114.02
N THR C 3020 -36.84 -62.68 -113.77
CA THR C 3020 -37.87 -63.22 -114.64
C THR C 3020 -39.15 -63.32 -113.83
N PRO C 3021 -40.32 -63.20 -114.46
CA PRO C 3021 -41.59 -63.32 -113.69
C PRO C 3021 -41.76 -64.65 -112.98
N ALA C 3022 -41.19 -65.74 -113.51
CA ALA C 3022 -41.26 -67.03 -112.85
C ALA C 3022 -40.45 -67.04 -111.54
N LYS C 3023 -39.34 -66.31 -111.49
CA LYS C 3023 -38.49 -66.29 -110.29
C LYS C 3023 -37.81 -64.92 -110.24
N VAL C 3024 -38.34 -64.03 -109.40
CA VAL C 3024 -37.78 -62.69 -109.25
C VAL C 3024 -36.68 -62.75 -108.20
N LEU C 3025 -35.47 -62.38 -108.59
CA LEU C 3025 -34.32 -62.40 -107.69
C LEU C 3025 -34.00 -61.03 -107.11
N GLY C 3026 -34.24 -59.96 -107.88
CA GLY C 3026 -34.07 -58.61 -107.37
C GLY C 3026 -35.11 -58.26 -106.33
N SER C 3027 -34.84 -57.17 -105.60
CA SER C 3027 -35.75 -56.68 -104.58
C SER C 3027 -37.11 -56.31 -105.17
N GLY C 3028 -37.10 -55.63 -106.31
CA GLY C 3028 -38.33 -55.29 -107.00
C GLY C 3028 -38.06 -55.03 -108.46
N GLY C 3029 -39.00 -55.43 -109.32
CA GLY C 3029 -38.85 -55.19 -110.74
C GLY C 3029 -38.19 -56.32 -111.50
N HIS C 3030 -38.83 -56.75 -112.59
CA HIS C 3030 -38.29 -57.76 -113.49
C HIS C 3030 -38.05 -57.11 -114.85
N ALA C 3031 -36.88 -57.40 -115.44
CA ALA C 3031 -36.58 -56.89 -116.77
C ALA C 3031 -37.61 -57.39 -117.78
N SER C 3032 -38.14 -56.45 -118.56
CA SER C 3032 -39.18 -56.80 -119.51
C SER C 3032 -38.63 -57.73 -120.60
N ASN C 3033 -39.59 -58.32 -121.33
CA ASN C 3033 -39.27 -59.30 -122.35
C ASN C 3033 -38.44 -58.66 -123.46
N LYS C 3034 -38.79 -57.42 -123.86
CA LYS C 3034 -38.03 -56.71 -124.88
C LYS C 3034 -36.62 -56.37 -124.39
N GLU C 3035 -36.51 -55.92 -123.13
CA GLU C 3035 -35.23 -55.51 -122.59
C GLU C 3035 -34.24 -56.67 -122.53
N LYS C 3036 -34.75 -57.91 -122.48
CA LYS C 3036 -33.83 -59.04 -122.49
C LYS C 3036 -33.15 -59.19 -123.86
N GLU C 3037 -33.84 -58.80 -124.95
CA GLU C 3037 -33.15 -58.81 -126.22
C GLU C 3037 -32.21 -57.63 -126.33
N MET C 3038 -32.63 -56.44 -125.87
CA MET C 3038 -31.69 -55.31 -126.01
C MET C 3038 -30.40 -55.54 -125.22
N ILE C 3039 -30.47 -56.07 -123.99
CA ILE C 3039 -29.24 -56.41 -123.28
C ILE C 3039 -28.43 -57.50 -123.99
N THR C 3040 -29.09 -58.48 -124.60
CA THR C 3040 -28.35 -59.52 -125.34
C THR C 3040 -27.77 -58.99 -126.65
N SER C 3041 -28.56 -58.22 -127.39
CA SER C 3041 -28.13 -57.66 -128.67
C SER C 3041 -27.00 -56.68 -128.46
N LEU C 3042 -27.13 -55.78 -127.49
CA LEU C 3042 -26.10 -54.79 -127.21
C LEU C 3042 -24.80 -55.47 -126.77
N PHE C 3043 -24.92 -56.52 -125.94
CA PHE C 3043 -23.74 -57.27 -125.52
C PHE C 3043 -23.01 -57.86 -126.73
N CYS C 3044 -23.77 -58.43 -127.67
CA CYS C 3044 -23.14 -58.96 -128.89
C CYS C 3044 -22.52 -57.85 -129.74
N LYS C 3045 -23.23 -56.71 -129.86
CA LYS C 3045 -22.75 -55.62 -130.70
C LYS C 3045 -21.43 -55.05 -130.18
N LEU C 3046 -21.28 -54.91 -128.86
CA LEU C 3046 -20.06 -54.32 -128.32
C LEU C 3046 -18.84 -55.19 -128.65
N ALA C 3047 -19.02 -56.51 -128.57
CA ALA C 3047 -17.95 -57.42 -128.95
C ALA C 3047 -17.62 -57.30 -130.44
N ALA C 3048 -18.65 -57.25 -131.28
CA ALA C 3048 -18.42 -57.01 -132.72
C ALA C 3048 -17.80 -55.64 -132.98
N LEU C 3049 -18.07 -54.66 -132.12
CA LEU C 3049 -17.42 -53.36 -132.18
C LEU C 3049 -15.93 -53.48 -131.92
N VAL C 3050 -15.56 -54.32 -130.97
CA VAL C 3050 -14.17 -54.39 -130.52
C VAL C 3050 -13.41 -55.55 -131.15
N ARG C 3051 -14.04 -56.28 -132.09
CA ARG C 3051 -13.44 -57.46 -132.71
C ARG C 3051 -12.20 -57.03 -133.48
N HIS C 3052 -11.02 -57.34 -132.90
CA HIS C 3052 -9.66 -56.94 -133.31
C HIS C 3052 -9.41 -55.45 -133.13
N ARG C 3053 -10.39 -54.67 -132.65
CA ARG C 3053 -10.25 -53.23 -132.54
C ARG C 3053 -9.81 -52.78 -131.15
N VAL C 3054 -9.49 -53.73 -130.27
CA VAL C 3054 -9.05 -53.38 -128.92
C VAL C 3054 -7.69 -52.69 -128.97
N SER C 3055 -6.78 -53.18 -129.84
CA SER C 3055 -5.50 -52.52 -130.01
C SER C 3055 -5.65 -51.18 -130.70
N LEU C 3056 -6.76 -50.96 -131.40
CA LEU C 3056 -7.03 -49.65 -131.99
C LEU C 3056 -7.44 -48.67 -130.91
N PHE C 3057 -8.25 -49.11 -129.94
CA PHE C 3057 -8.74 -48.16 -128.93
C PHE C 3057 -7.64 -47.75 -127.95
N GLY C 3058 -6.74 -48.65 -127.62
CA GLY C 3058 -5.66 -48.31 -126.68
C GLY C 3058 -6.03 -48.60 -125.23
N THR C 3059 -6.31 -47.53 -124.48
CA THR C 3059 -6.58 -47.61 -123.05
C THR C 3059 -7.99 -48.06 -122.69
N ASP C 3060 -8.93 -48.05 -123.64
CA ASP C 3060 -10.31 -48.37 -123.32
C ASP C 3060 -10.57 -49.86 -123.13
N ALA C 3061 -9.63 -50.71 -123.58
CA ALA C 3061 -9.84 -52.17 -123.59
C ALA C 3061 -10.12 -52.79 -122.22
N PRO C 3062 -9.36 -52.48 -121.12
CA PRO C 3062 -9.76 -53.03 -119.82
C PRO C 3062 -11.15 -52.58 -119.37
N ALA C 3063 -11.62 -51.41 -119.82
CA ALA C 3063 -12.95 -50.98 -119.44
C ALA C 3063 -13.99 -51.78 -120.21
N VAL C 3064 -13.71 -52.04 -121.50
CA VAL C 3064 -14.65 -52.77 -122.36
C VAL C 3064 -14.82 -54.19 -121.85
N VAL C 3065 -13.70 -54.86 -121.48
CA VAL C 3065 -13.77 -56.27 -121.09
C VAL C 3065 -14.63 -56.43 -119.83
N ASN C 3066 -14.46 -55.53 -118.85
CA ASN C 3066 -15.27 -55.57 -117.64
C ASN C 3066 -16.74 -55.29 -117.92
N CYS C 3067 -17.02 -54.34 -118.83
CA CYS C 3067 -18.40 -54.09 -119.28
C CYS C 3067 -19.01 -55.37 -119.84
N LEU C 3068 -18.26 -56.07 -120.69
CA LEU C 3068 -18.71 -57.34 -121.24
C LEU C 3068 -18.92 -58.37 -120.13
N HIS C 3069 -18.01 -58.41 -119.15
CA HIS C 3069 -18.07 -59.41 -118.08
C HIS C 3069 -19.36 -59.28 -117.27
N ILE C 3070 -19.71 -58.03 -116.92
CA ILE C 3070 -20.97 -57.75 -116.23
C ILE C 3070 -22.19 -58.02 -117.12
N LEU C 3071 -22.11 -57.70 -118.42
CA LEU C 3071 -23.22 -58.04 -119.31
C LEU C 3071 -23.42 -59.56 -119.40
N ALA C 3072 -22.31 -60.30 -119.47
CA ALA C 3072 -22.33 -61.76 -119.50
C ALA C 3072 -22.95 -62.30 -118.22
N ARG C 3073 -22.58 -61.75 -117.08
CA ARG C 3073 -23.21 -62.22 -115.85
C ARG C 3073 -24.64 -61.71 -115.72
N SER C 3074 -25.08 -60.76 -116.56
CA SER C 3074 -26.46 -60.30 -116.55
C SER C 3074 -27.21 -60.80 -117.79
N LEU C 3075 -26.79 -61.93 -118.35
CA LEU C 3075 -27.38 -62.49 -119.58
C LEU C 3075 -28.33 -63.62 -119.20
N ASP C 3076 -29.62 -63.33 -119.20
CA ASP C 3076 -30.65 -64.38 -119.10
C ASP C 3076 -31.02 -64.89 -120.50
N ALA C 3077 -30.00 -65.45 -121.17
CA ALA C 3077 -30.09 -65.93 -122.55
C ALA C 3077 -31.05 -67.11 -122.73
N ARG C 3078 -31.45 -67.79 -121.65
CA ARG C 3078 -32.37 -68.92 -121.74
C ARG C 3078 -33.71 -68.52 -122.35
N THR C 3079 -34.35 -67.46 -121.85
CA THR C 3079 -35.65 -67.06 -122.36
C THR C 3079 -35.56 -66.28 -123.67
N VAL C 3080 -34.36 -65.88 -124.08
CA VAL C 3080 -34.20 -65.08 -125.29
C VAL C 3080 -34.54 -65.91 -126.53
N MET C 3081 -34.01 -67.13 -126.63
CA MET C 3081 -34.30 -67.89 -127.84
C MET C 3081 -35.72 -68.43 -127.82
N LYS C 3082 -36.28 -68.64 -126.62
CA LYS C 3082 -37.67 -69.08 -126.52
C LYS C 3082 -38.62 -68.00 -127.02
N SER C 3083 -38.32 -66.74 -126.72
CA SER C 3083 -39.17 -65.63 -127.12
C SER C 3083 -38.27 -64.48 -127.55
N GLY C 3084 -38.21 -64.23 -128.85
CA GLY C 3084 -37.41 -63.15 -129.37
C GLY C 3084 -37.32 -63.11 -130.88
N PRO C 3085 -36.91 -61.95 -131.41
CA PRO C 3085 -36.68 -61.85 -132.86
C PRO C 3085 -35.51 -62.66 -133.36
N GLU C 3086 -35.65 -63.10 -134.63
CA GLU C 3086 -34.60 -63.86 -135.29
C GLU C 3086 -33.34 -63.04 -135.44
N ILE C 3087 -33.47 -61.72 -135.63
CA ILE C 3087 -32.33 -60.87 -135.94
C ILE C 3087 -31.30 -60.90 -134.80
N VAL C 3088 -31.78 -60.76 -133.56
CA VAL C 3088 -30.93 -60.90 -132.38
C VAL C 3088 -30.51 -62.36 -132.17
N LYS C 3089 -31.44 -63.31 -132.39
CA LYS C 3089 -31.08 -64.72 -132.19
C LYS C 3089 -29.96 -65.14 -133.14
N ALA C 3090 -30.04 -64.74 -134.41
CA ALA C 3090 -28.95 -64.97 -135.34
C ALA C 3090 -27.73 -64.16 -134.95
N GLY C 3091 -27.93 -63.00 -134.31
CA GLY C 3091 -26.80 -62.19 -133.92
C GLY C 3091 -25.91 -62.91 -132.91
N LEU C 3092 -26.52 -63.49 -131.88
CA LEU C 3092 -25.78 -64.31 -130.92
C LEU C 3092 -25.21 -65.58 -131.56
N ARG C 3093 -25.96 -66.20 -132.48
CA ARG C 3093 -25.42 -67.35 -133.21
C ARG C 3093 -24.18 -66.99 -134.03
N SER C 3094 -24.22 -65.84 -134.72
CA SER C 3094 -23.06 -65.32 -135.43
C SER C 3094 -21.92 -65.01 -134.46
N PHE C 3095 -22.25 -64.50 -133.28
CA PHE C 3095 -21.26 -64.20 -132.26
C PHE C 3095 -20.48 -65.47 -131.90
N PHE C 3096 -21.22 -66.53 -131.54
CA PHE C 3096 -20.56 -67.76 -131.11
C PHE C 3096 -19.78 -68.42 -132.24
N GLU C 3097 -20.31 -68.42 -133.47
CA GLU C 3097 -19.53 -68.91 -134.60
C GLU C 3097 -18.29 -68.06 -134.87
N SER C 3098 -18.41 -66.74 -134.71
CA SER C 3098 -17.28 -65.81 -134.85
C SER C 3098 -16.18 -66.14 -133.84
N ALA C 3099 -16.59 -66.39 -132.59
CA ALA C 3099 -15.63 -66.73 -131.56
C ALA C 3099 -14.98 -68.08 -131.87
N SER C 3100 -15.78 -69.05 -132.32
CA SER C 3100 -15.26 -70.39 -132.58
C SER C 3100 -14.20 -70.35 -133.68
N GLU C 3101 -14.43 -69.54 -134.73
CA GLU C 3101 -13.41 -69.30 -135.74
C GLU C 3101 -12.17 -68.67 -135.14
N ASP C 3102 -12.33 -67.67 -134.27
CA ASP C 3102 -11.15 -67.02 -133.69
C ASP C 3102 -10.36 -67.98 -132.81
N ILE C 3103 -11.06 -68.87 -132.09
CA ILE C 3103 -10.41 -69.90 -131.27
C ILE C 3103 -9.59 -70.83 -132.15
N GLU C 3104 -10.18 -71.27 -133.27
CA GLU C 3104 -9.39 -72.11 -134.17
C GLU C 3104 -8.25 -71.34 -134.83
N LYS C 3105 -8.37 -70.01 -134.96
CA LYS C 3105 -7.24 -69.20 -135.40
C LYS C 3105 -6.12 -69.24 -134.38
N MET C 3106 -6.47 -69.24 -133.09
CA MET C 3106 -5.47 -69.38 -132.03
C MET C 3106 -4.76 -70.71 -132.13
N VAL C 3107 -5.53 -71.78 -132.31
CA VAL C 3107 -4.91 -73.10 -132.24
C VAL C 3107 -4.03 -73.34 -133.47
N GLU C 3108 -4.39 -72.79 -134.64
CA GLU C 3108 -3.47 -72.91 -135.78
C GLU C 3108 -2.26 -72.00 -135.61
N ASN C 3109 -2.42 -70.83 -134.98
CA ASN C 3109 -1.28 -69.97 -134.70
C ASN C 3109 -0.31 -70.65 -133.74
N LEU C 3110 -0.83 -71.28 -132.69
CA LEU C 3110 0.02 -71.93 -131.69
C LEU C 3110 0.44 -73.33 -132.09
N ARG C 3111 -0.03 -73.83 -133.24
CA ARG C 3111 0.39 -75.12 -133.78
C ARG C 3111 1.67 -74.99 -134.62
N LEU C 3112 2.49 -73.97 -134.33
CA LEU C 3112 3.71 -73.59 -135.06
C LEU C 3112 3.47 -73.22 -136.52
N GLY C 3113 2.21 -73.06 -136.93
CA GLY C 3113 1.93 -72.43 -138.21
C GLY C 3113 2.35 -70.98 -138.27
N LYS C 3114 2.23 -70.27 -137.15
CA LYS C 3114 2.78 -68.92 -137.04
C LYS C 3114 3.67 -68.88 -135.80
N VAL C 3115 4.89 -68.36 -135.97
CA VAL C 3115 5.85 -68.27 -134.87
C VAL C 3115 5.34 -67.36 -133.76
N SER C 3116 4.74 -66.22 -134.13
CA SER C 3116 4.08 -65.26 -133.24
C SER C 3116 5.04 -64.63 -132.24
N LYS C 3123 2.53 -58.13 -136.81
CA LYS C 3123 1.79 -58.12 -138.06
C LYS C 3123 0.31 -58.40 -137.84
N GLY C 3124 -0.34 -58.90 -138.90
CA GLY C 3124 -1.79 -59.13 -138.86
C GLY C 3124 -2.23 -60.11 -137.80
N VAL C 3125 -1.41 -61.15 -137.55
CA VAL C 3125 -1.73 -62.14 -136.53
C VAL C 3125 -1.68 -61.53 -135.12
N GLY C 3126 -0.77 -60.57 -134.90
CA GLY C 3126 -0.56 -60.01 -133.56
C GLY C 3126 -1.78 -59.33 -132.98
N GLN C 3127 -2.51 -58.59 -133.82
CA GLN C 3127 -3.68 -57.83 -133.39
C GLN C 3127 -4.79 -58.77 -132.94
N ASN C 3128 -5.08 -59.78 -133.77
CA ASN C 3128 -6.11 -60.75 -133.40
C ASN C 3128 -5.67 -61.55 -132.18
N LEU C 3129 -4.36 -61.85 -132.10
CA LEU C 3129 -3.84 -62.67 -131.02
C LEU C 3129 -4.02 -61.99 -129.66
N THR C 3130 -3.72 -60.69 -129.59
CA THR C 3130 -3.96 -59.98 -128.34
C THR C 3130 -5.44 -59.68 -128.15
N TYR C 3131 -6.22 -59.53 -129.23
CA TYR C 3131 -7.65 -59.33 -129.09
C TYR C 3131 -8.30 -60.55 -128.47
N THR C 3132 -7.90 -61.74 -128.91
CA THR C 3132 -8.51 -62.95 -128.40
C THR C 3132 -8.09 -63.18 -126.96
N THR C 3133 -6.79 -63.07 -126.67
CA THR C 3133 -6.30 -63.41 -125.33
C THR C 3133 -6.71 -62.38 -124.28
N VAL C 3134 -7.12 -61.18 -124.69
CA VAL C 3134 -7.44 -60.11 -123.77
C VAL C 3134 -8.94 -59.88 -123.69
N ALA C 3135 -9.60 -59.72 -124.84
CA ALA C 3135 -11.01 -59.39 -124.89
C ALA C 3135 -11.94 -60.56 -125.13
N LEU C 3136 -11.52 -61.67 -125.75
CA LEU C 3136 -12.46 -62.71 -126.13
C LEU C 3136 -12.54 -63.85 -125.13
N LEU C 3137 -11.41 -64.53 -124.88
CA LEU C 3137 -11.41 -65.68 -123.99
C LEU C 3137 -11.87 -65.38 -122.55
N PRO C 3138 -11.38 -64.33 -121.84
CA PRO C 3138 -11.93 -64.10 -120.48
C PRO C 3138 -13.44 -63.85 -120.44
N VAL C 3139 -13.95 -63.13 -121.44
CA VAL C 3139 -15.39 -62.86 -121.52
C VAL C 3139 -16.15 -64.15 -121.84
N LEU C 3140 -15.60 -64.98 -122.72
CA LEU C 3140 -16.20 -66.28 -123.02
C LEU C 3140 -16.23 -67.17 -121.78
N THR C 3141 -15.11 -67.21 -121.04
CA THR C 3141 -15.04 -67.96 -119.79
C THR C 3141 -16.05 -67.43 -118.77
N THR C 3142 -16.28 -66.11 -118.78
CA THR C 3142 -17.35 -65.52 -117.97
C THR C 3142 -18.71 -66.05 -118.41
N LEU C 3143 -18.91 -66.18 -119.74
CA LEU C 3143 -20.19 -66.64 -120.27
C LEU C 3143 -20.47 -68.04 -119.79
N PHE C 3144 -19.48 -68.94 -119.95
CA PHE C 3144 -19.63 -70.33 -119.56
C PHE C 3144 -19.85 -70.49 -118.06
N GLN C 3145 -19.12 -69.71 -117.24
CA GLN C 3145 -19.40 -69.67 -115.80
C GLN C 3145 -20.81 -69.19 -115.46
N HIS C 3146 -21.29 -68.14 -116.13
CA HIS C 3146 -22.66 -67.68 -115.96
C HIS C 3146 -23.69 -68.73 -116.37
N ILE C 3147 -23.41 -69.44 -117.47
CA ILE C 3147 -24.28 -70.51 -117.94
C ILE C 3147 -24.30 -71.67 -116.94
N ALA C 3148 -23.12 -72.11 -116.48
CA ALA C 3148 -23.06 -73.22 -115.54
C ALA C 3148 -23.63 -72.84 -114.18
N GLN C 3149 -23.61 -71.54 -113.84
CA GLN C 3149 -24.16 -71.05 -112.59
C GLN C 3149 -25.68 -70.99 -112.63
N HIS C 3150 -26.26 -70.63 -113.78
CA HIS C 3150 -27.70 -70.51 -113.90
C HIS C 3150 -28.34 -71.67 -114.64
N GLN C 3151 -27.59 -72.77 -114.84
CA GLN C 3151 -28.04 -73.98 -115.54
C GLN C 3151 -28.58 -73.68 -116.93
N PHE C 3152 -27.88 -72.78 -117.63
CA PHE C 3152 -28.30 -72.32 -118.95
C PHE C 3152 -27.83 -73.24 -120.07
N GLY C 3153 -27.08 -74.30 -119.75
CA GLY C 3153 -26.58 -75.19 -120.79
C GLY C 3153 -27.69 -75.92 -121.53
N ASP C 3154 -28.65 -76.46 -120.79
CA ASP C 3154 -29.71 -77.26 -121.38
C ASP C 3154 -30.73 -76.43 -122.14
N ASP C 3155 -30.67 -75.10 -122.06
CA ASP C 3155 -31.65 -74.21 -122.66
C ASP C 3155 -31.09 -73.27 -123.71
N VAL C 3156 -29.81 -72.94 -123.66
CA VAL C 3156 -29.20 -72.02 -124.61
C VAL C 3156 -28.46 -72.76 -125.72
N ILE C 3157 -27.58 -73.68 -125.34
CA ILE C 3157 -26.76 -74.42 -126.30
C ILE C 3157 -27.62 -75.52 -126.91
N LEU C 3158 -28.30 -75.22 -128.01
CA LEU C 3158 -29.31 -76.15 -128.54
C LEU C 3158 -29.03 -76.60 -129.97
N ASP C 3159 -28.89 -75.67 -130.93
CA ASP C 3159 -28.98 -76.02 -132.34
C ASP C 3159 -27.68 -75.83 -133.11
N ASP C 3160 -27.16 -74.62 -133.15
CA ASP C 3160 -25.90 -74.30 -133.81
C ASP C 3160 -24.86 -73.79 -132.83
N VAL C 3161 -25.28 -73.37 -131.63
CA VAL C 3161 -24.34 -73.05 -130.55
C VAL C 3161 -23.55 -74.31 -130.20
N GLN C 3162 -24.22 -75.48 -130.27
CA GLN C 3162 -23.53 -76.76 -130.16
C GLN C 3162 -22.44 -76.91 -131.23
N VAL C 3163 -22.75 -76.55 -132.48
CA VAL C 3163 -21.75 -76.59 -133.54
C VAL C 3163 -20.63 -75.57 -133.28
N SER C 3164 -20.97 -74.46 -132.62
CA SER C 3164 -19.99 -73.45 -132.25
C SER C 3164 -18.98 -74.01 -131.26
N CYS C 3165 -19.46 -74.80 -130.31
CA CYS C 3165 -18.58 -75.27 -129.24
C CYS C 3165 -17.87 -76.57 -129.57
N TYR C 3166 -18.45 -77.45 -130.41
CA TYR C 3166 -17.81 -78.73 -130.78
C TYR C 3166 -16.42 -78.52 -131.40
N ARG C 3167 -16.35 -77.65 -132.41
CA ARG C 3167 -15.09 -77.29 -133.04
C ARG C 3167 -14.11 -76.67 -132.04
N THR C 3168 -14.64 -75.83 -131.15
CA THR C 3168 -13.83 -75.27 -130.08
C THR C 3168 -13.28 -76.37 -129.17
N LEU C 3169 -14.12 -77.35 -128.83
CA LEU C 3169 -13.74 -78.41 -127.91
C LEU C 3169 -12.67 -79.31 -128.50
N CYS C 3170 -12.71 -79.53 -129.82
CA CYS C 3170 -11.58 -80.17 -130.49
C CYS C 3170 -10.32 -79.32 -130.43
N SER C 3171 -10.48 -78.01 -130.69
CA SER C 3171 -9.32 -77.12 -130.81
C SER C 3171 -8.58 -76.98 -129.49
N ILE C 3172 -9.32 -76.91 -128.38
CA ILE C 3172 -8.70 -76.68 -127.08
C ILE C 3172 -7.86 -77.90 -126.68
N TYR C 3173 -8.42 -79.11 -126.83
CA TYR C 3173 -7.69 -80.32 -126.47
C TYR C 3173 -6.52 -80.58 -127.42
N SER C 3174 -6.55 -79.97 -128.62
CA SER C 3174 -5.47 -80.16 -129.58
C SER C 3174 -4.12 -79.62 -129.10
N LEU C 3175 -4.10 -78.75 -128.08
CA LEU C 3175 -2.88 -78.12 -127.58
C LEU C 3175 -2.09 -79.02 -126.65
N GLY C 3176 -2.64 -80.17 -126.25
CA GLY C 3176 -1.92 -81.07 -125.36
C GLY C 3176 -0.66 -81.65 -125.96
N THR C 3177 -0.64 -81.86 -127.27
CA THR C 3177 0.50 -82.44 -127.93
C THR C 3177 1.56 -81.41 -128.32
N THR C 3178 1.27 -80.12 -128.20
CA THR C 3178 2.17 -79.06 -128.62
C THR C 3178 2.61 -78.24 -127.42
N LYS C 3179 3.91 -77.96 -127.34
CA LYS C 3179 4.49 -77.15 -126.26
C LYS C 3179 5.20 -75.95 -126.89
N ASN C 3180 4.82 -74.74 -126.44
CA ASN C 3180 5.45 -73.51 -126.91
C ASN C 3180 5.35 -72.46 -125.82
N THR C 3181 5.91 -71.28 -126.11
CA THR C 3181 5.96 -70.19 -125.15
C THR C 3181 4.56 -69.64 -124.86
N TYR C 3182 3.81 -69.32 -125.93
CA TYR C 3182 2.46 -68.80 -125.72
C TYR C 3182 1.54 -69.87 -125.15
N VAL C 3183 1.72 -71.13 -125.55
CA VAL C 3183 0.94 -72.22 -124.96
C VAL C 3183 1.18 -72.29 -123.45
N GLU C 3184 2.45 -72.09 -123.05
CA GLU C 3184 2.83 -72.07 -121.65
C GLU C 3184 2.15 -70.93 -120.92
N LYS C 3185 2.17 -69.73 -121.50
CA LYS C 3185 1.59 -68.60 -120.80
C LYS C 3185 0.06 -68.66 -120.80
N LEU C 3186 -0.53 -69.37 -121.75
CA LEU C 3186 -1.98 -69.49 -121.82
C LEU C 3186 -2.54 -70.68 -121.06
N ARG C 3187 -1.69 -71.57 -120.53
CA ARG C 3187 -2.13 -72.79 -119.84
C ARG C 3187 -3.19 -72.60 -118.76
N PRO C 3188 -3.09 -71.61 -117.79
CA PRO C 3188 -4.22 -71.41 -116.88
C PRO C 3188 -5.47 -70.92 -117.58
N ALA C 3189 -5.34 -69.81 -118.35
CA ALA C 3189 -6.49 -69.14 -118.97
C ALA C 3189 -7.27 -70.09 -119.87
N LEU C 3190 -6.57 -71.00 -120.55
CA LEU C 3190 -7.28 -72.03 -121.27
C LEU C 3190 -7.85 -73.03 -120.29
N GLY C 3191 -7.16 -73.26 -119.16
CA GLY C 3191 -7.56 -74.30 -118.22
C GLY C 3191 -8.96 -74.02 -117.67
N GLU C 3192 -9.18 -72.79 -117.23
CA GLU C 3192 -10.53 -72.43 -116.82
C GLU C 3192 -11.47 -72.24 -118.00
N CYS C 3193 -10.99 -71.76 -119.16
CA CYS C 3193 -11.87 -71.62 -120.32
C CYS C 3193 -12.48 -72.95 -120.74
N LEU C 3194 -11.69 -74.03 -120.71
CA LEU C 3194 -12.19 -75.38 -120.92
C LEU C 3194 -13.02 -75.92 -119.74
N ALA C 3195 -12.62 -75.64 -118.49
CA ALA C 3195 -13.38 -76.15 -117.35
C ALA C 3195 -14.80 -75.57 -117.32
N ARG C 3196 -14.90 -74.23 -117.45
CA ARG C 3196 -16.19 -73.56 -117.47
C ARG C 3196 -17.07 -74.09 -118.60
N LEU C 3197 -16.42 -74.50 -119.71
CA LEU C 3197 -17.14 -75.08 -120.84
C LEU C 3197 -17.72 -76.42 -120.43
N ALA C 3198 -16.91 -77.24 -119.78
CA ALA C 3198 -17.30 -78.61 -119.47
C ALA C 3198 -18.49 -78.61 -118.52
N ALA C 3199 -18.47 -77.70 -117.53
CA ALA C 3199 -19.64 -77.52 -116.67
C ALA C 3199 -20.82 -76.89 -117.39
N ALA C 3200 -20.58 -76.05 -118.40
CA ALA C 3200 -21.66 -75.40 -119.12
C ALA C 3200 -22.22 -76.20 -120.30
N MET C 3201 -21.59 -77.30 -120.68
CA MET C 3201 -22.04 -78.06 -121.84
C MET C 3201 -23.23 -78.95 -121.50
N PRO C 3202 -24.26 -78.99 -122.34
CA PRO C 3202 -25.40 -79.88 -122.10
C PRO C 3202 -25.29 -81.28 -122.70
N VAL C 3203 -24.12 -81.73 -123.16
CA VAL C 3203 -24.00 -83.07 -123.73
C VAL C 3203 -22.98 -83.85 -122.93
N ALA C 3204 -23.15 -85.17 -122.93
CA ALA C 3204 -22.19 -86.10 -122.33
C ALA C 3204 -21.09 -86.38 -123.35
N PHE C 3205 -20.29 -85.35 -123.61
CA PHE C 3205 -19.22 -85.40 -124.62
C PHE C 3205 -18.18 -86.47 -124.26
N LEU C 3206 -17.91 -86.65 -122.97
CA LEU C 3206 -16.97 -87.67 -122.51
C LEU C 3206 -17.53 -89.08 -122.65
N GLU C 3207 -18.82 -89.21 -122.97
CA GLU C 3207 -19.46 -90.51 -123.21
C GLU C 3207 -20.27 -90.47 -124.51
N PRO C 3208 -19.58 -90.35 -125.68
CA PRO C 3208 -20.33 -90.44 -126.94
C PRO C 3208 -20.92 -91.81 -127.18
N GLN C 3209 -20.38 -92.85 -126.54
CA GLN C 3209 -20.98 -94.18 -126.60
C GLN C 3209 -22.35 -94.21 -125.95
N LEU C 3210 -22.64 -93.29 -125.02
CA LEU C 3210 -23.97 -93.13 -124.46
C LEU C 3210 -24.64 -91.84 -124.88
N ASN C 3211 -24.10 -91.14 -125.90
CA ASN C 3211 -24.69 -89.88 -126.35
C ASN C 3211 -26.09 -90.04 -126.95
N GLU C 3212 -26.47 -91.25 -127.37
CA GLU C 3212 -27.78 -91.50 -127.98
C GLU C 3212 -28.96 -91.24 -127.05
N TYR C 3213 -28.74 -91.21 -125.74
CA TYR C 3213 -29.80 -90.90 -124.79
C TYR C 3213 -29.81 -89.44 -124.36
N ASN C 3214 -28.83 -88.65 -124.80
CA ASN C 3214 -28.76 -87.22 -124.47
C ASN C 3214 -29.92 -86.49 -125.13
N ALA C 3215 -30.89 -86.06 -124.31
CA ALA C 3215 -32.04 -85.34 -124.82
C ALA C 3215 -31.65 -84.02 -125.47
N CYS C 3216 -30.70 -83.28 -124.89
CA CYS C 3216 -30.23 -82.04 -125.50
C CYS C 3216 -28.97 -82.33 -126.32
N SER C 3217 -29.18 -83.01 -127.45
CA SER C 3217 -28.08 -83.36 -128.35
C SER C 3217 -28.51 -83.11 -129.78
N VAL C 3218 -27.51 -82.82 -130.62
CA VAL C 3218 -27.76 -82.70 -132.05
C VAL C 3218 -28.09 -84.06 -132.66
N TYR C 3219 -27.41 -85.13 -132.22
CA TYR C 3219 -27.52 -86.42 -132.85
C TYR C 3219 -28.74 -87.19 -132.34
N THR C 3220 -29.49 -86.60 -131.41
CA THR C 3220 -30.71 -87.19 -130.91
C THR C 3220 -31.92 -86.33 -131.26
N THR C 3221 -31.74 -85.03 -131.48
CA THR C 3221 -32.86 -84.18 -131.85
C THR C 3221 -32.96 -84.01 -133.36
N LYS C 3222 -31.93 -83.42 -133.99
CA LYS C 3222 -32.01 -83.13 -135.42
C LYS C 3222 -32.05 -84.40 -136.26
N SER C 3223 -32.95 -84.40 -137.24
CA SER C 3223 -33.19 -85.53 -138.11
C SER C 3223 -31.98 -85.77 -139.03
N PRO C 3224 -31.78 -87.01 -139.49
CA PRO C 3224 -30.61 -87.29 -140.35
C PRO C 3224 -30.60 -86.57 -141.71
N ARG C 3225 -31.71 -85.99 -142.18
CA ARG C 3225 -31.61 -85.28 -143.45
C ARG C 3225 -31.00 -83.89 -143.29
N GLU C 3226 -30.94 -83.37 -142.07
CA GLU C 3226 -29.98 -82.33 -141.70
C GLU C 3226 -28.81 -83.01 -140.99
N ARG C 3227 -27.83 -82.21 -140.55
CA ARG C 3227 -26.56 -82.61 -139.91
C ARG C 3227 -25.61 -83.35 -140.86
N ALA C 3228 -26.04 -83.61 -142.09
CA ALA C 3228 -25.20 -84.15 -143.13
C ALA C 3228 -25.06 -83.20 -144.31
N ILE C 3229 -26.04 -82.33 -144.54
CA ILE C 3229 -25.92 -81.30 -145.57
C ILE C 3229 -24.82 -80.30 -145.20
N LEU C 3230 -24.75 -79.87 -143.95
CA LEU C 3230 -23.71 -78.99 -143.47
C LEU C 3230 -22.62 -79.81 -142.79
N GLY C 3231 -21.43 -79.20 -142.68
CA GLY C 3231 -20.24 -79.88 -142.19
C GLY C 3231 -20.33 -80.47 -140.80
N LEU C 3232 -20.45 -81.80 -140.74
CA LEU C 3232 -20.47 -82.60 -139.52
C LEU C 3232 -20.04 -84.00 -139.89
N PRO C 3233 -19.19 -84.66 -139.09
CA PRO C 3233 -18.75 -86.03 -139.45
C PRO C 3233 -19.81 -87.11 -139.26
N ASN C 3234 -21.05 -86.72 -138.95
CA ASN C 3234 -22.23 -87.59 -138.81
C ASN C 3234 -22.05 -88.67 -137.75
N SER C 3235 -21.14 -88.48 -136.80
CA SER C 3235 -21.02 -89.40 -135.67
C SER C 3235 -20.46 -88.65 -134.47
N VAL C 3236 -21.10 -88.88 -133.32
CA VAL C 3236 -20.64 -88.25 -132.09
C VAL C 3236 -19.26 -88.78 -131.71
N GLU C 3237 -18.97 -90.05 -132.02
CA GLU C 3237 -17.62 -90.56 -131.75
C GLU C 3237 -16.59 -89.86 -132.63
N GLU C 3238 -17.00 -89.36 -133.79
CA GLU C 3238 -16.12 -88.62 -134.70
C GLU C 3238 -16.21 -87.12 -134.50
N MET C 3239 -16.97 -86.65 -133.51
CA MET C 3239 -17.08 -85.24 -133.16
C MET C 3239 -15.70 -84.64 -132.87
N CYS C 3240 -15.07 -85.10 -131.79
CA CYS C 3240 -13.67 -84.80 -131.49
C CYS C 3240 -13.01 -86.14 -131.19
N PRO C 3241 -12.52 -86.85 -132.23
CA PRO C 3241 -11.92 -88.18 -132.02
C PRO C 3241 -10.72 -88.20 -131.11
N ASP C 3242 -9.96 -87.09 -131.02
CA ASP C 3242 -8.83 -87.00 -130.11
C ASP C 3242 -9.23 -87.02 -128.64
N ILE C 3243 -10.49 -86.70 -128.32
CA ILE C 3243 -10.96 -86.66 -126.93
C ILE C 3243 -11.04 -88.09 -126.39
N PRO C 3244 -10.31 -88.41 -125.32
CA PRO C 3244 -10.42 -89.74 -124.73
C PRO C 3244 -11.74 -89.90 -123.98
N VAL C 3245 -12.18 -91.14 -123.85
CA VAL C 3245 -13.33 -91.41 -123.01
C VAL C 3245 -12.89 -91.50 -121.56
N LEU C 3246 -13.86 -91.47 -120.63
CA LEU C 3246 -13.57 -91.49 -119.21
C LEU C 3246 -12.89 -92.79 -118.79
N ASP C 3247 -13.19 -93.90 -119.48
CA ASP C 3247 -12.71 -95.22 -119.10
C ASP C 3247 -11.19 -95.28 -119.19
N ARG C 3248 -10.64 -94.92 -120.35
CA ARG C 3248 -9.20 -94.92 -120.48
C ARG C 3248 -8.59 -93.71 -119.79
N LEU C 3249 -9.38 -92.63 -119.65
CA LEU C 3249 -8.86 -91.38 -119.07
C LEU C 3249 -8.50 -91.56 -117.60
N MET C 3250 -9.35 -92.27 -116.84
CA MET C 3250 -9.06 -92.44 -115.42
C MET C 3250 -7.88 -93.39 -115.24
N ALA C 3251 -7.77 -94.42 -116.08
CA ALA C 3251 -6.66 -95.37 -115.98
C ALA C 3251 -5.32 -94.68 -116.28
N ASP C 3252 -5.29 -93.80 -117.30
CA ASP C 3252 -4.09 -93.01 -117.58
C ASP C 3252 -3.72 -92.08 -116.42
N ILE C 3253 -4.71 -91.39 -115.85
CA ILE C 3253 -4.43 -90.52 -114.70
C ILE C 3253 -3.99 -91.36 -113.50
N GLY C 3254 -4.66 -92.50 -113.28
CA GLY C 3254 -4.33 -93.37 -112.16
C GLY C 3254 -2.90 -93.87 -112.24
N GLY C 3255 -2.46 -94.25 -113.45
CA GLY C 3255 -1.08 -94.68 -113.62
C GLY C 3255 -0.10 -93.53 -113.37
N LEU C 3256 -0.47 -92.32 -113.80
CA LEU C 3256 0.39 -91.16 -113.61
C LEU C 3256 0.60 -90.91 -112.12
N ALA C 3257 -0.48 -91.00 -111.36
CA ALA C 3257 -0.46 -90.70 -109.93
C ALA C 3257 0.33 -91.76 -109.16
N GLU C 3258 0.07 -93.06 -109.43
CA GLU C 3258 0.84 -94.10 -108.73
C GLU C 3258 2.31 -94.09 -109.12
N SER C 3259 2.62 -93.65 -110.35
CA SER C 3259 4.03 -93.50 -110.71
C SER C 3259 4.65 -92.31 -109.98
N GLY C 3260 3.94 -91.20 -109.90
CA GLY C 3260 4.48 -89.99 -109.29
C GLY C 3260 5.09 -89.07 -110.32
N ALA C 3261 4.37 -88.86 -111.42
CA ALA C 3261 4.86 -87.99 -112.49
C ALA C 3261 4.79 -86.53 -112.08
N ARG C 3262 5.90 -85.82 -112.25
CA ARG C 3262 5.95 -84.40 -111.98
C ARG C 3262 5.14 -83.63 -113.02
N TYR C 3263 4.71 -82.42 -112.64
CA TYR C 3263 3.95 -81.56 -113.55
C TYR C 3263 4.76 -81.21 -114.80
N THR C 3264 6.10 -81.22 -114.67
CA THR C 3264 6.97 -80.92 -115.80
C THR C 3264 6.73 -81.93 -116.93
N GLU C 3265 6.59 -83.21 -116.56
CA GLU C 3265 6.30 -84.22 -117.57
C GLU C 3265 4.80 -84.45 -117.73
N MET C 3266 3.95 -83.71 -117.00
CA MET C 3266 2.52 -83.87 -117.27
C MET C 3266 1.75 -82.54 -117.37
N PRO C 3267 2.25 -81.50 -118.07
CA PRO C 3267 1.56 -80.20 -118.04
C PRO C 3267 0.18 -80.20 -118.68
N HIS C 3268 -0.05 -81.05 -119.69
CA HIS C 3268 -1.33 -81.09 -120.36
C HIS C 3268 -2.40 -81.76 -119.51
N VAL C 3269 -2.00 -82.72 -118.67
CA VAL C 3269 -2.96 -83.47 -117.86
C VAL C 3269 -3.56 -82.57 -116.79
N ILE C 3270 -2.70 -81.84 -116.05
CA ILE C 3270 -3.18 -81.03 -114.94
C ILE C 3270 -3.94 -79.81 -115.44
N GLU C 3271 -3.44 -79.18 -116.50
CA GLU C 3271 -4.06 -77.95 -116.99
C GLU C 3271 -5.34 -78.23 -117.77
N ILE C 3272 -5.45 -79.41 -118.40
CA ILE C 3272 -6.55 -79.68 -119.34
C ILE C 3272 -7.41 -80.85 -118.90
N THR C 3273 -6.78 -82.03 -118.70
CA THR C 3273 -7.52 -83.26 -118.48
C THR C 3273 -8.23 -83.25 -117.13
N LEU C 3274 -7.51 -82.89 -116.06
CA LEU C 3274 -8.11 -82.83 -114.73
C LEU C 3274 -9.30 -81.86 -114.63
N PRO C 3275 -9.27 -80.62 -115.20
CA PRO C 3275 -10.50 -79.81 -115.19
C PRO C 3275 -11.70 -80.48 -115.87
N MET C 3276 -11.50 -81.25 -116.95
CA MET C 3276 -12.60 -82.03 -117.54
C MET C 3276 -13.27 -82.92 -116.51
N LEU C 3277 -12.48 -83.70 -115.77
CA LEU C 3277 -13.02 -84.58 -114.75
C LEU C 3277 -13.70 -83.81 -113.63
N CYS C 3278 -13.08 -82.73 -113.15
CA CYS C 3278 -13.65 -81.90 -112.09
C CYS C 3278 -14.92 -81.18 -112.54
N SER C 3279 -14.99 -80.81 -113.81
CA SER C 3279 -16.08 -80.04 -114.37
C SER C 3279 -17.08 -80.90 -115.13
N TYR C 3280 -16.92 -82.20 -115.10
CA TYR C 3280 -17.87 -83.13 -115.70
C TYR C 3280 -18.48 -84.10 -114.70
N LEU C 3281 -17.66 -84.75 -113.85
CA LEU C 3281 -18.16 -85.78 -112.96
C LEU C 3281 -19.27 -85.31 -112.00
N PRO C 3282 -19.12 -84.23 -111.20
CA PRO C 3282 -20.26 -83.79 -110.38
C PRO C 3282 -21.47 -83.35 -111.19
N ARG C 3283 -21.24 -82.75 -112.36
CA ARG C 3283 -22.32 -82.20 -113.17
C ARG C 3283 -23.24 -83.31 -113.67
N TRP C 3284 -22.67 -84.43 -114.08
CA TRP C 3284 -23.44 -85.51 -114.68
C TRP C 3284 -23.64 -86.68 -113.72
N TRP C 3285 -23.04 -86.63 -112.53
CA TRP C 3285 -23.27 -87.66 -111.52
C TRP C 3285 -24.73 -87.72 -111.11
N GLU C 3286 -25.35 -86.55 -110.91
CA GLU C 3286 -26.72 -86.45 -110.45
C GLU C 3286 -27.74 -86.66 -111.56
N ARG C 3287 -27.32 -86.85 -112.81
CA ARG C 3287 -28.22 -87.14 -113.91
C ARG C 3287 -28.12 -88.59 -114.39
N GLY C 3288 -27.42 -89.46 -113.65
CA GLY C 3288 -27.25 -90.82 -114.09
C GLY C 3288 -27.22 -91.82 -112.95
N PRO C 3289 -26.20 -92.68 -112.93
CA PRO C 3289 -26.10 -93.71 -111.89
C PRO C 3289 -25.82 -93.09 -110.53
N GLU C 3290 -26.27 -93.80 -109.48
CA GLU C 3290 -26.12 -93.47 -108.06
C GLU C 3290 -26.85 -92.18 -107.64
N ALA C 3291 -27.51 -91.51 -108.58
CA ALA C 3291 -28.17 -90.25 -108.32
C ALA C 3291 -29.43 -90.48 -107.48
N PRO C 3292 -29.89 -89.45 -106.78
CA PRO C 3292 -31.23 -89.46 -106.16
C PRO C 3292 -32.27 -88.94 -107.13
N PRO C 3293 -32.79 -89.77 -108.04
CA PRO C 3293 -33.60 -89.23 -109.15
C PRO C 3293 -35.00 -88.87 -108.73
N PRO C 3294 -35.44 -87.61 -108.95
CA PRO C 3294 -36.85 -87.25 -108.83
C PRO C 3294 -37.65 -87.59 -110.08
N ALA C 3295 -37.54 -88.84 -110.54
CA ALA C 3295 -38.01 -89.22 -111.86
C ALA C 3295 -39.08 -90.30 -111.81
N LEU C 3296 -40.09 -90.12 -110.94
CA LEU C 3296 -41.21 -91.05 -110.94
C LEU C 3296 -42.14 -90.94 -112.15
N PRO C 3297 -42.46 -89.73 -112.74
CA PRO C 3297 -43.29 -89.77 -113.96
C PRO C 3297 -42.46 -90.06 -115.20
N ALA C 3298 -41.22 -89.58 -115.22
CA ALA C 3298 -40.38 -89.65 -116.41
C ALA C 3298 -39.15 -90.53 -116.17
N GLY C 3299 -39.37 -91.71 -115.58
CA GLY C 3299 -38.32 -92.70 -115.43
C GLY C 3299 -37.98 -93.46 -116.70
N ALA C 3300 -38.79 -93.30 -117.75
CA ALA C 3300 -38.54 -93.99 -119.02
C ALA C 3300 -37.21 -93.63 -119.70
N PRO C 3301 -36.77 -92.35 -119.82
CA PRO C 3301 -35.45 -92.09 -120.47
C PRO C 3301 -34.31 -92.78 -119.75
N PRO C 3302 -33.46 -93.49 -120.48
CA PRO C 3302 -32.32 -94.18 -119.86
C PRO C 3302 -31.21 -93.20 -119.54
N PRO C 3303 -30.27 -93.55 -118.65
CA PRO C 3303 -29.18 -92.62 -118.33
C PRO C 3303 -28.23 -92.40 -119.51
N CYS C 3304 -28.19 -91.16 -120.00
CA CYS C 3304 -27.26 -90.74 -121.03
C CYS C 3304 -25.83 -90.64 -120.54
N THR C 3305 -25.60 -90.72 -119.23
CA THR C 3305 -24.28 -90.65 -118.64
C THR C 3305 -24.11 -91.76 -117.63
N ALA C 3306 -22.85 -92.12 -117.37
CA ALA C 3306 -22.52 -93.25 -116.50
C ALA C 3306 -21.38 -92.86 -115.56
N VAL C 3307 -21.54 -91.72 -114.89
CA VAL C 3307 -20.56 -91.25 -113.91
C VAL C 3307 -21.03 -91.64 -112.52
N THR C 3308 -20.19 -92.36 -111.79
CA THR C 3308 -20.45 -92.75 -110.41
C THR C 3308 -19.46 -92.11 -109.44
N SER C 3309 -19.85 -92.13 -108.17
CA SER C 3309 -19.00 -91.56 -107.13
C SER C 3309 -17.70 -92.36 -107.00
N ASP C 3310 -17.70 -93.63 -107.42
CA ASP C 3310 -16.46 -94.39 -107.48
C ASP C 3310 -15.51 -93.79 -108.52
N HIS C 3311 -16.07 -93.30 -109.64
CA HIS C 3311 -15.26 -92.59 -110.61
C HIS C 3311 -14.67 -91.33 -109.99
N LEU C 3312 -15.47 -90.59 -109.20
CA LEU C 3312 -14.87 -89.43 -108.53
C LEU C 3312 -13.87 -89.81 -107.43
N ASN C 3313 -14.01 -91.03 -106.88
CA ASN C 3313 -13.26 -91.47 -105.71
C ASN C 3313 -11.78 -91.56 -106.05
N SER C 3314 -11.48 -92.32 -107.11
CA SER C 3314 -10.11 -92.52 -107.51
C SER C 3314 -9.51 -91.21 -107.97
N LEU C 3315 -10.30 -90.40 -108.68
CA LEU C 3315 -9.88 -89.08 -109.17
C LEU C 3315 -9.34 -88.20 -108.03
N LEU C 3316 -10.10 -88.15 -106.93
CA LEU C 3316 -9.65 -87.44 -105.73
C LEU C 3316 -8.37 -88.02 -105.15
N GLY C 3317 -8.29 -89.36 -105.08
CA GLY C 3317 -7.04 -89.99 -104.67
C GLY C 3317 -5.87 -89.72 -105.60
N ASN C 3318 -6.12 -89.66 -106.91
CA ASN C 3318 -5.09 -89.36 -107.88
C ASN C 3318 -4.58 -87.93 -107.73
N ILE C 3319 -5.50 -86.97 -107.61
CA ILE C 3319 -5.13 -85.56 -107.50
C ILE C 3319 -4.30 -85.34 -106.25
N LEU C 3320 -4.72 -85.98 -105.14
CA LEU C 3320 -3.97 -85.87 -103.89
C LEU C 3320 -2.57 -86.46 -104.08
N ARG C 3321 -2.47 -87.62 -104.73
CA ARG C 3321 -1.17 -88.26 -104.90
C ARG C 3321 -0.26 -87.41 -105.79
N ILE C 3322 -0.84 -86.74 -106.79
CA ILE C 3322 -0.07 -85.86 -107.67
C ILE C 3322 0.56 -84.74 -106.87
N ILE C 3323 -0.23 -84.07 -106.04
CA ILE C 3323 0.28 -82.92 -105.28
C ILE C 3323 1.32 -83.36 -104.27
N VAL C 3324 1.04 -84.43 -103.51
CA VAL C 3324 2.01 -84.90 -102.51
C VAL C 3324 3.28 -85.46 -103.17
N ASN C 3325 3.19 -85.99 -104.39
CA ASN C 3325 4.41 -86.35 -105.09
C ASN C 3325 5.18 -85.09 -105.52
N ASN C 3326 4.47 -84.03 -105.89
CA ASN C 3326 5.11 -82.75 -106.18
C ASN C 3326 5.33 -81.89 -104.94
N LEU C 3327 5.35 -82.51 -103.76
CA LEU C 3327 5.51 -81.76 -102.51
C LEU C 3327 6.86 -81.05 -102.45
N GLY C 3328 7.93 -81.76 -102.80
CA GLY C 3328 9.29 -81.27 -102.61
C GLY C 3328 9.78 -80.23 -103.59
N ILE C 3329 9.05 -80.00 -104.69
CA ILE C 3329 9.52 -79.02 -105.68
C ILE C 3329 9.36 -77.60 -105.16
N ASP C 3330 10.16 -76.69 -105.73
CA ASP C 3330 10.28 -75.35 -105.18
C ASP C 3330 9.25 -74.36 -105.73
N GLU C 3331 9.26 -74.13 -107.04
CA GLU C 3331 8.38 -73.15 -107.66
C GLU C 3331 7.30 -73.91 -108.42
N ALA C 3332 6.03 -73.65 -108.07
CA ALA C 3332 4.90 -74.31 -108.69
C ALA C 3332 3.64 -73.50 -108.41
N THR C 3333 3.04 -72.91 -109.44
CA THR C 3333 1.83 -72.12 -109.25
C THR C 3333 0.58 -72.81 -109.74
N TRP C 3334 0.61 -74.13 -109.96
CA TRP C 3334 -0.50 -74.83 -110.59
C TRP C 3334 -1.44 -75.50 -109.58
N MET C 3335 -0.92 -75.94 -108.43
CA MET C 3335 -1.77 -76.62 -107.48
C MET C 3335 -2.78 -75.69 -106.82
N LYS C 3336 -2.53 -74.38 -106.76
CA LYS C 3336 -3.53 -73.48 -106.21
C LYS C 3336 -4.81 -73.52 -107.04
N ARG C 3337 -4.67 -73.46 -108.37
CA ARG C 3337 -5.82 -73.63 -109.25
C ARG C 3337 -6.37 -75.05 -109.22
N LEU C 3338 -5.49 -76.05 -109.06
CA LEU C 3338 -5.96 -77.41 -108.88
C LEU C 3338 -6.80 -77.54 -107.61
N ALA C 3339 -6.36 -76.91 -106.51
CA ALA C 3339 -7.08 -76.96 -105.25
C ALA C 3339 -8.42 -76.27 -105.35
N VAL C 3340 -8.45 -75.08 -105.98
CA VAL C 3340 -9.72 -74.33 -106.09
C VAL C 3340 -10.70 -75.05 -107.02
N PHE C 3341 -10.21 -75.92 -107.91
CA PHE C 3341 -11.14 -76.63 -108.79
C PHE C 3341 -11.46 -78.04 -108.30
N ALA C 3342 -10.58 -78.63 -107.47
CA ALA C 3342 -10.87 -79.89 -106.81
C ALA C 3342 -11.68 -79.72 -105.53
N GLN C 3343 -11.76 -78.50 -105.00
CA GLN C 3343 -12.63 -78.25 -103.84
C GLN C 3343 -14.11 -78.54 -104.12
N PRO C 3344 -14.73 -78.12 -105.24
CA PRO C 3344 -16.16 -78.47 -105.44
C PRO C 3344 -16.44 -79.97 -105.52
N ILE C 3345 -15.50 -80.78 -106.03
CA ILE C 3345 -15.80 -82.18 -106.27
C ILE C 3345 -15.62 -83.03 -105.02
N VAL C 3346 -14.83 -82.58 -104.03
CA VAL C 3346 -14.50 -83.38 -102.85
C VAL C 3346 -15.65 -83.39 -101.84
N SER C 3347 -16.72 -82.65 -102.11
CA SER C 3347 -17.90 -82.66 -101.24
C SER C 3347 -18.57 -84.02 -101.16
N ARG C 3348 -18.40 -84.86 -102.18
CA ARG C 3348 -19.04 -86.17 -102.20
C ARG C 3348 -18.06 -87.29 -101.79
N ALA C 3349 -16.91 -86.93 -101.25
CA ALA C 3349 -15.85 -87.89 -100.92
C ALA C 3349 -16.27 -88.84 -99.81
N ARG C 3350 -15.69 -90.05 -99.85
CA ARG C 3350 -16.00 -91.15 -98.94
C ARG C 3350 -15.10 -91.10 -97.71
N PRO C 3351 -15.55 -91.68 -96.58
CA PRO C 3351 -14.71 -91.72 -95.37
C PRO C 3351 -13.39 -92.46 -95.53
N GLU C 3352 -13.34 -93.46 -96.41
CA GLU C 3352 -12.14 -94.29 -96.57
C GLU C 3352 -10.93 -93.49 -97.05
N LEU C 3353 -11.16 -92.38 -97.77
CA LEU C 3353 -10.07 -91.54 -98.26
C LEU C 3353 -9.24 -90.96 -97.12
N LEU C 3354 -9.86 -90.80 -95.94
CA LEU C 3354 -9.16 -90.30 -94.76
C LEU C 3354 -8.03 -91.22 -94.37
N HIS C 3355 -8.34 -92.50 -94.20
CA HIS C 3355 -7.36 -93.45 -93.69
C HIS C 3355 -6.39 -93.82 -94.79
N SER C 3356 -6.88 -93.88 -96.03
CA SER C 3356 -6.02 -94.31 -97.13
C SER C 3356 -4.96 -93.26 -97.43
N HIS C 3357 -5.37 -91.99 -97.57
CA HIS C 3357 -4.45 -90.97 -98.05
C HIS C 3357 -4.24 -89.79 -97.09
N PHE C 3358 -5.29 -89.29 -96.43
CA PHE C 3358 -5.21 -88.04 -95.68
C PHE C 3358 -4.23 -88.11 -94.50
N ILE C 3359 -4.37 -89.12 -93.64
CA ILE C 3359 -3.48 -89.23 -92.47
C ILE C 3359 -2.00 -89.38 -92.81
N PRO C 3360 -1.56 -90.20 -93.81
CA PRO C 3360 -0.13 -90.18 -94.18
C PRO C 3360 0.38 -88.81 -94.60
N THR C 3361 -0.43 -88.04 -95.32
CA THR C 3361 0.02 -86.74 -95.83
C THR C 3361 0.23 -85.76 -94.69
N ILE C 3362 -0.71 -85.72 -93.74
CA ILE C 3362 -0.58 -84.81 -92.62
C ILE C 3362 0.63 -85.20 -91.78
N GLY C 3363 0.83 -86.52 -91.56
CA GLY C 3363 2.03 -86.97 -90.87
C GLY C 3363 3.33 -86.55 -91.55
N ARG C 3364 3.36 -86.62 -92.89
CA ARG C 3364 4.48 -86.08 -93.68
C ARG C 3364 4.66 -84.59 -93.48
N LEU C 3365 3.56 -83.84 -93.45
CA LEU C 3365 3.65 -82.39 -93.26
C LEU C 3365 4.09 -82.08 -91.84
N ARG C 3366 3.72 -82.94 -90.88
CA ARG C 3366 4.11 -82.76 -89.49
C ARG C 3366 5.62 -82.92 -89.35
N LYS C 3367 6.16 -84.03 -89.88
CA LYS C 3367 7.59 -84.29 -89.71
C LYS C 3367 8.42 -83.24 -90.45
N ARG C 3368 7.95 -82.80 -91.63
CA ARG C 3368 8.60 -81.72 -92.36
C ARG C 3368 8.62 -80.43 -91.55
N ALA C 3369 7.44 -80.01 -91.05
CA ALA C 3369 7.32 -78.75 -90.31
C ALA C 3369 8.13 -78.78 -89.03
N GLY C 3370 8.10 -79.91 -88.32
CA GLY C 3370 8.89 -80.05 -87.10
C GLY C 3370 10.38 -80.00 -87.33
N LYS C 3371 10.86 -80.62 -88.42
CA LYS C 3371 12.29 -80.54 -88.70
C LYS C 3371 12.69 -79.14 -89.15
N VAL C 3372 11.83 -78.48 -89.93
CA VAL C 3372 12.11 -77.12 -90.39
C VAL C 3372 12.21 -76.16 -89.21
N VAL C 3373 11.25 -76.24 -88.29
CA VAL C 3373 11.32 -75.38 -87.12
C VAL C 3373 12.42 -75.84 -86.16
N ALA C 3374 12.84 -77.11 -86.22
CA ALA C 3374 14.03 -77.55 -85.47
C ALA C 3374 15.28 -76.84 -85.95
N GLU C 3375 15.43 -76.68 -87.27
CA GLU C 3375 16.50 -75.83 -87.81
C GLU C 3375 16.31 -74.37 -87.42
N GLU C 3376 15.06 -73.88 -87.47
CA GLU C 3376 14.79 -72.49 -87.10
C GLU C 3376 15.13 -72.20 -85.64
N GLU C 3377 14.76 -73.12 -84.73
CA GLU C 3377 15.15 -72.94 -83.34
C GLU C 3377 16.64 -73.15 -83.13
N GLN C 3378 17.28 -73.95 -84.00
CA GLN C 3378 18.73 -74.12 -83.96
C GLN C 3378 19.42 -72.79 -84.22
N LEU C 3379 18.89 -72.02 -85.18
CA LEU C 3379 19.54 -70.75 -85.49
C LEU C 3379 19.11 -69.64 -84.53
N ARG C 3380 17.90 -69.74 -83.93
CA ARG C 3380 17.51 -68.65 -83.03
C ARG C 3380 18.21 -68.79 -81.69
N LEU C 3381 18.50 -70.03 -81.24
CA LEU C 3381 19.18 -70.19 -79.94
C LEU C 3381 20.56 -69.58 -80.02
N GLU C 3382 21.25 -69.76 -81.16
CA GLU C 3382 22.48 -69.04 -81.43
C GLU C 3382 22.23 -68.20 -82.70
N ALA C 3383 21.68 -67.01 -82.48
CA ALA C 3383 21.27 -66.11 -83.54
C ALA C 3383 22.38 -65.08 -83.77
N LYS C 3384 23.48 -65.55 -84.35
CA LYS C 3384 24.60 -64.69 -84.72
C LYS C 3384 24.28 -63.99 -86.03
N ALA C 3385 25.28 -63.28 -86.60
CA ALA C 3385 25.12 -62.79 -87.97
C ALA C 3385 25.05 -63.94 -88.97
N GLU C 3386 25.58 -65.12 -88.60
CA GLU C 3386 25.50 -66.32 -89.42
C GLU C 3386 24.08 -66.84 -89.54
N ALA C 3387 23.18 -66.42 -88.64
CA ALA C 3387 21.78 -66.86 -88.67
C ALA C 3387 21.08 -66.43 -89.95
N GLU C 3388 21.32 -65.19 -90.41
CA GLU C 3388 20.73 -64.73 -91.67
C GLU C 3388 21.16 -65.60 -92.84
N GLU C 3389 22.44 -65.98 -92.86
CA GLU C 3389 22.97 -66.93 -93.84
C GLU C 3389 22.48 -68.33 -93.46
N GLY C 3390 21.24 -68.62 -93.83
CA GLY C 3390 20.60 -69.85 -93.41
C GLY C 3390 19.17 -69.60 -93.01
N GLU C 3391 18.87 -68.36 -92.62
CA GLU C 3391 17.48 -67.97 -92.40
C GLU C 3391 16.70 -68.01 -93.70
N LEU C 3392 17.33 -67.68 -94.83
CA LEU C 3392 16.64 -67.76 -96.11
C LEU C 3392 16.25 -69.20 -96.45
N LEU C 3393 16.96 -70.18 -95.89
CA LEU C 3393 16.61 -71.59 -96.09
C LEU C 3393 15.28 -71.91 -95.43
N VAL C 3394 15.11 -71.55 -94.14
CA VAL C 3394 13.83 -71.77 -93.49
C VAL C 3394 12.75 -70.84 -94.05
N ARG C 3395 13.12 -69.67 -94.60
CA ARG C 3395 12.15 -68.87 -95.37
C ARG C 3395 11.62 -69.61 -96.60
N ASP C 3396 12.51 -70.29 -97.33
CA ASP C 3396 12.10 -71.11 -98.46
C ASP C 3396 11.28 -72.31 -98.00
N GLU C 3397 11.71 -72.95 -96.91
CA GLU C 3397 10.99 -74.09 -96.35
C GLU C 3397 9.59 -73.68 -95.90
N PHE C 3398 9.47 -72.51 -95.26
CA PHE C 3398 8.17 -71.99 -94.88
C PHE C 3398 7.33 -71.67 -96.10
N SER C 3399 7.96 -71.14 -97.17
CA SER C 3399 7.22 -70.80 -98.38
C SER C 3399 6.60 -72.03 -99.03
N VAL C 3400 7.40 -73.09 -99.20
CA VAL C 3400 6.87 -74.33 -99.77
C VAL C 3400 5.88 -74.99 -98.81
N LEU C 3401 6.13 -74.93 -97.50
CA LEU C 3401 5.18 -75.44 -96.51
C LEU C 3401 3.84 -74.72 -96.57
N CYS C 3402 3.87 -73.38 -96.67
CA CYS C 3402 2.66 -72.59 -96.88
C CYS C 3402 1.96 -72.95 -98.17
N ARG C 3403 2.72 -73.18 -99.25
CA ARG C 3403 2.14 -73.55 -100.52
C ARG C 3403 1.39 -74.88 -100.43
N ASP C 3404 2.03 -75.87 -99.80
CA ASP C 3404 1.41 -77.18 -99.68
C ASP C 3404 0.22 -77.15 -98.74
N LEU C 3405 0.32 -76.39 -97.63
CA LEU C 3405 -0.82 -76.28 -96.72
C LEU C 3405 -1.97 -75.55 -97.40
N TYR C 3406 -1.66 -74.49 -98.15
CA TYR C 3406 -2.68 -73.67 -98.79
C TYR C 3406 -3.31 -74.37 -99.99
N ALA C 3407 -2.75 -75.51 -100.40
CA ALA C 3407 -3.38 -76.34 -101.41
C ALA C 3407 -4.10 -77.53 -100.81
N LEU C 3408 -3.56 -78.07 -99.71
CA LEU C 3408 -4.18 -79.20 -99.04
C LEU C 3408 -5.47 -78.79 -98.35
N TYR C 3409 -5.50 -77.58 -97.78
CA TYR C 3409 -6.62 -77.17 -96.93
C TYR C 3409 -7.98 -77.07 -97.61
N PRO C 3410 -8.18 -76.39 -98.77
CA PRO C 3410 -9.55 -76.28 -99.32
C PRO C 3410 -10.25 -77.62 -99.58
N LEU C 3411 -9.51 -78.62 -100.02
CA LEU C 3411 -10.05 -79.96 -100.18
C LEU C 3411 -10.23 -80.69 -98.85
N LEU C 3412 -9.34 -80.45 -97.89
CA LEU C 3412 -9.48 -81.04 -96.56
C LEU C 3412 -10.70 -80.51 -95.82
N ILE C 3413 -10.96 -79.20 -95.91
CA ILE C 3413 -12.06 -78.57 -95.18
C ILE C 3413 -13.41 -79.14 -95.59
N ARG C 3414 -13.63 -79.25 -96.91
CA ARG C 3414 -14.85 -79.88 -97.42
C ARG C 3414 -14.92 -81.35 -97.00
N TYR C 3415 -13.76 -82.03 -97.02
CA TYR C 3415 -13.69 -83.43 -96.58
C TYR C 3415 -14.08 -83.56 -95.13
N VAL C 3416 -13.59 -82.65 -94.28
CA VAL C 3416 -13.94 -82.65 -92.87
C VAL C 3416 -15.41 -82.29 -92.68
N ASP C 3417 -15.88 -81.24 -93.40
CA ASP C 3417 -17.20 -80.64 -93.15
C ASP C 3417 -18.34 -81.62 -93.34
N ASN C 3418 -18.31 -82.41 -94.42
CA ASN C 3418 -19.36 -83.39 -94.63
C ASN C 3418 -19.31 -84.50 -93.58
N ASN C 3419 -18.12 -84.87 -93.14
CA ASN C 3419 -17.91 -85.88 -92.11
C ASN C 3419 -17.99 -85.34 -90.68
N ARG C 3420 -18.24 -84.03 -90.51
CA ARG C 3420 -18.31 -83.44 -89.16
C ARG C 3420 -19.39 -84.08 -88.32
N ALA C 3421 -20.61 -84.16 -88.88
CA ALA C 3421 -21.73 -84.82 -88.20
C ALA C 3421 -21.43 -86.29 -87.95
N HIS C 3422 -20.64 -86.90 -88.83
CA HIS C 3422 -20.30 -88.31 -88.67
CA HIS C 3422 -20.29 -88.32 -88.68
C HIS C 3422 -19.37 -88.52 -87.48
N TRP C 3423 -18.31 -87.70 -87.40
CA TRP C 3423 -17.30 -87.88 -86.38
C TRP C 3423 -17.84 -87.49 -85.00
N LEU C 3424 -18.80 -86.56 -84.95
CA LEU C 3424 -19.44 -86.34 -83.67
C LEU C 3424 -20.47 -87.43 -83.34
N THR C 3425 -21.14 -88.00 -84.36
CA THR C 3425 -22.12 -89.05 -84.15
C THR C 3425 -21.47 -90.29 -83.54
N GLU C 3426 -20.30 -90.67 -84.04
CA GLU C 3426 -19.57 -91.75 -83.42
C GLU C 3426 -18.10 -91.34 -83.37
N PRO C 3427 -17.44 -91.54 -82.23
CA PRO C 3427 -16.02 -91.19 -82.13
C PRO C 3427 -15.16 -91.96 -83.13
N ASN C 3428 -14.20 -91.25 -83.70
CA ASN C 3428 -13.36 -91.80 -84.76
C ASN C 3428 -11.90 -91.56 -84.34
N ALA C 3429 -11.16 -92.65 -84.12
CA ALA C 3429 -9.75 -92.53 -83.78
C ALA C 3429 -8.95 -91.88 -84.90
N ASN C 3430 -9.34 -92.11 -86.16
CA ASN C 3430 -8.75 -91.41 -87.30
C ASN C 3430 -8.94 -89.90 -87.21
N ALA C 3431 -10.14 -89.47 -86.81
CA ALA C 3431 -10.37 -88.05 -86.52
C ALA C 3431 -9.55 -87.58 -85.33
N GLU C 3432 -9.45 -88.39 -84.27
CA GLU C 3432 -8.69 -88.00 -83.09
C GLU C 3432 -7.21 -87.76 -83.42
N GLU C 3433 -6.61 -88.67 -84.19
CA GLU C 3433 -5.22 -88.49 -84.59
C GLU C 3433 -5.08 -87.34 -85.58
N LEU C 3434 -6.07 -87.13 -86.45
CA LEU C 3434 -6.08 -85.95 -87.32
C LEU C 3434 -6.01 -84.68 -86.48
N PHE C 3435 -6.85 -84.60 -85.45
CA PHE C 3435 -6.90 -83.42 -84.60
C PHE C 3435 -5.59 -83.23 -83.87
N ARG C 3436 -4.93 -84.34 -83.50
CA ARG C 3436 -3.61 -84.24 -82.88
C ARG C 3436 -2.60 -83.63 -83.85
N MET C 3437 -2.60 -84.11 -85.10
CA MET C 3437 -1.59 -83.67 -86.06
C MET C 3437 -1.80 -82.21 -86.42
N VAL C 3438 -3.05 -81.83 -86.74
CA VAL C 3438 -3.34 -80.46 -87.16
C VAL C 3438 -3.13 -79.51 -85.99
N GLY C 3439 -3.48 -79.96 -84.77
CA GLY C 3439 -3.32 -79.12 -83.60
C GLY C 3439 -1.85 -78.85 -83.33
N GLU C 3440 -1.01 -79.89 -83.40
CA GLU C 3440 0.44 -79.70 -83.22
C GLU C 3440 1.00 -78.80 -84.31
N ILE C 3441 0.52 -78.93 -85.55
CA ILE C 3441 0.92 -78.04 -86.65
C ILE C 3441 0.63 -76.58 -86.29
N PHE C 3442 -0.57 -76.32 -85.79
CA PHE C 3442 -0.93 -74.99 -85.30
C PHE C 3442 -0.06 -74.57 -84.11
N ILE C 3443 0.26 -75.51 -83.21
CA ILE C 3443 1.15 -75.24 -82.08
C ILE C 3443 2.52 -74.74 -82.53
N TYR C 3444 3.14 -75.46 -83.47
CA TYR C 3444 4.40 -74.97 -84.05
C TYR C 3444 4.22 -73.68 -84.82
N TRP C 3445 3.06 -73.48 -85.47
CA TRP C 3445 2.77 -72.20 -86.11
C TRP C 3445 2.76 -71.06 -85.10
N SER C 3446 2.16 -71.28 -83.93
CA SER C 3446 2.25 -70.32 -82.84
C SER C 3446 3.67 -70.16 -82.31
N LYS C 3447 4.45 -71.25 -82.34
CA LYS C 3447 5.81 -71.21 -81.80
C LYS C 3447 6.76 -70.44 -82.71
N SER C 3448 6.53 -70.50 -84.01
CA SER C 3448 7.41 -69.89 -85.00
C SER C 3448 6.77 -68.60 -85.52
N HIS C 3449 7.41 -67.48 -85.20
CA HIS C 3449 6.97 -66.18 -85.70
C HIS C 3449 7.33 -65.97 -87.16
N ASN C 3450 8.45 -66.53 -87.61
CA ASN C 3450 8.82 -66.46 -89.01
C ASN C 3450 7.81 -67.18 -89.89
N PHE C 3451 7.36 -68.37 -89.47
CA PHE C 3451 6.31 -69.07 -90.20
C PHE C 3451 5.01 -68.27 -90.23
N LYS C 3452 4.74 -67.49 -89.17
CA LYS C 3452 3.58 -66.60 -89.16
C LYS C 3452 3.74 -65.53 -90.22
N ARG C 3453 4.89 -64.84 -90.23
CA ARG C 3453 5.01 -63.64 -91.06
C ARG C 3453 5.08 -64.02 -92.53
N GLU C 3454 5.83 -65.08 -92.87
CA GLU C 3454 5.80 -65.54 -94.25
C GLU C 3454 4.49 -66.19 -94.64
N GLU C 3455 3.64 -66.57 -93.67
CA GLU C 3455 2.31 -67.07 -94.02
C GLU C 3455 1.49 -65.97 -94.70
N GLN C 3456 1.42 -64.78 -94.08
CA GLN C 3456 0.71 -63.70 -94.76
C GLN C 3456 1.51 -63.15 -95.94
N ASN C 3457 2.85 -63.25 -95.90
CA ASN C 3457 3.62 -62.83 -97.07
C ASN C 3457 3.29 -63.68 -98.29
N PHE C 3458 3.16 -64.99 -98.10
CA PHE C 3458 2.67 -65.88 -99.15
C PHE C 3458 1.25 -65.52 -99.54
N VAL C 3459 0.43 -65.13 -98.56
CA VAL C 3459 -0.97 -64.78 -98.83
C VAL C 3459 -1.05 -63.56 -99.75
N VAL C 3460 -0.34 -62.49 -99.38
CA VAL C 3460 -0.43 -61.25 -100.15
C VAL C 3460 0.24 -61.40 -101.52
N GLN C 3461 1.36 -62.14 -101.59
CA GLN C 3461 2.03 -62.37 -102.87
C GLN C 3461 1.19 -63.21 -103.83
N ASN C 3462 0.48 -64.22 -103.32
CA ASN C 3462 -0.38 -65.04 -104.15
C ASN C 3462 -1.83 -64.55 -104.20
N GLU C 3463 -2.12 -63.43 -103.54
CA GLU C 3463 -3.43 -62.76 -103.55
C GLU C 3463 -4.55 -63.71 -103.12
N ILE C 3464 -4.32 -64.40 -102.01
CA ILE C 3464 -5.26 -65.38 -101.47
C ILE C 3464 -6.49 -64.66 -100.95
N ASN C 3465 -7.64 -64.94 -101.57
CA ASN C 3465 -8.90 -64.31 -101.20
C ASN C 3465 -9.49 -64.88 -99.91
N ASN C 3466 -9.22 -66.16 -99.62
CA ASN C 3466 -9.61 -66.89 -98.41
C ASN C 3466 -11.13 -67.04 -98.23
N MET C 3467 -11.94 -66.61 -99.19
CA MET C 3467 -13.39 -66.67 -99.08
C MET C 3467 -14.00 -67.86 -99.80
N SER C 3468 -13.55 -68.15 -101.03
CA SER C 3468 -13.95 -69.36 -101.73
C SER C 3468 -13.37 -70.61 -101.09
N PHE C 3469 -12.24 -70.49 -100.38
CA PHE C 3469 -11.69 -71.62 -99.64
C PHE C 3469 -12.65 -72.11 -98.57
N LEU C 3470 -13.28 -71.19 -97.84
CA LEU C 3470 -14.06 -71.53 -96.66
C LEU C 3470 -15.56 -71.58 -96.90
N THR C 3471 -16.08 -70.75 -97.80
CA THR C 3471 -17.51 -70.59 -98.00
C THR C 3471 -18.04 -71.42 -99.17
N ALA C 3472 -17.23 -72.35 -99.69
CA ALA C 3472 -17.60 -73.11 -100.89
C ALA C 3472 -18.88 -73.93 -100.69
N ASP C 3473 -19.01 -74.58 -99.53
CA ASP C 3473 -20.24 -75.31 -99.22
C ASP C 3473 -21.42 -74.35 -99.12
N SER C 3474 -21.21 -73.19 -98.50
CA SER C 3474 -22.26 -72.17 -98.42
C SER C 3474 -22.64 -71.67 -99.80
N LYS C 3475 -21.66 -71.45 -100.67
CA LYS C 3475 -21.94 -71.03 -102.05
C LYS C 3475 -22.72 -72.11 -102.79
N SER C 3476 -22.34 -73.38 -102.58
CA SER C 3476 -22.96 -74.48 -103.32
C SER C 3476 -24.37 -74.78 -102.85
N LYS C 3477 -24.72 -74.43 -101.61
CA LYS C 3477 -26.05 -74.71 -101.08
C LYS C 3477 -26.97 -73.50 -101.11
N MET C 3478 -26.79 -72.63 -102.12
CA MET C 3478 -27.65 -71.47 -102.41
C MET C 3478 -27.71 -70.53 -101.20
N ALA C 3479 -26.56 -69.91 -100.94
CA ALA C 3479 -26.38 -68.96 -99.83
C ALA C 3479 -27.40 -67.82 -99.85
N ARG C 3498 -12.04 -55.61 -99.22
CA ARG C 3498 -12.09 -54.60 -98.18
C ARG C 3498 -11.00 -54.85 -97.13
N ARG C 3499 -11.41 -55.27 -95.94
CA ARG C 3499 -10.45 -55.53 -94.86
C ARG C 3499 -9.70 -56.83 -95.08
N GLY C 3500 -10.44 -57.93 -95.25
CA GLY C 3500 -9.83 -59.23 -95.37
C GLY C 3500 -9.44 -59.61 -96.78
N ASP C 3501 -9.54 -58.67 -97.73
CA ASP C 3501 -9.12 -58.92 -99.11
C ASP C 3501 -7.63 -59.24 -99.17
N ARG C 3502 -6.81 -58.48 -98.44
CA ARG C 3502 -5.38 -58.71 -98.46
C ARG C 3502 -4.99 -59.80 -97.47
N TYR C 3503 -5.23 -59.58 -96.18
CA TYR C 3503 -4.97 -60.58 -95.16
C TYR C 3503 -5.72 -60.19 -93.89
N SER C 3504 -6.09 -61.20 -93.11
CA SER C 3504 -6.68 -61.04 -91.78
C SER C 3504 -6.45 -62.34 -91.04
N VAL C 3505 -5.93 -62.24 -89.80
CA VAL C 3505 -5.57 -63.41 -88.99
C VAL C 3505 -6.79 -64.28 -88.71
N GLN C 3506 -7.98 -63.68 -88.61
CA GLN C 3506 -9.22 -64.44 -88.46
C GLN C 3506 -9.51 -65.35 -89.65
N THR C 3507 -8.94 -65.06 -90.81
CA THR C 3507 -9.13 -65.88 -92.01
C THR C 3507 -7.93 -66.76 -92.33
N SER C 3508 -6.95 -66.83 -91.43
CA SER C 3508 -5.81 -67.73 -91.60
C SER C 3508 -6.31 -69.17 -91.67
N LEU C 3509 -5.90 -69.90 -92.70
CA LEU C 3509 -6.44 -71.24 -92.91
C LEU C 3509 -6.00 -72.25 -91.85
N ILE C 3510 -4.80 -72.11 -91.29
CA ILE C 3510 -4.34 -73.06 -90.26
C ILE C 3510 -5.21 -72.99 -89.01
N VAL C 3511 -5.48 -71.76 -88.55
CA VAL C 3511 -6.38 -71.56 -87.42
C VAL C 3511 -7.81 -71.87 -87.81
N ALA C 3512 -8.23 -71.54 -89.04
CA ALA C 3512 -9.60 -71.82 -89.45
C ALA C 3512 -9.86 -73.33 -89.49
N THR C 3513 -8.92 -74.08 -90.08
CA THR C 3513 -9.03 -75.53 -90.16
C THR C 3513 -9.13 -76.13 -88.77
N LEU C 3514 -8.34 -75.58 -87.83
CA LEU C 3514 -8.44 -75.99 -86.44
C LEU C 3514 -9.81 -75.66 -85.85
N LYS C 3515 -10.34 -74.45 -86.13
CA LYS C 3515 -11.61 -74.03 -85.52
C LYS C 3515 -12.76 -74.90 -85.99
N LYS C 3516 -12.82 -75.15 -87.31
CA LYS C 3516 -13.88 -76.00 -87.86
C LYS C 3516 -13.76 -77.43 -87.37
N MET C 3517 -12.54 -77.95 -87.23
CA MET C 3517 -12.43 -79.32 -86.77
C MET C 3517 -12.53 -79.46 -85.25
N LEU C 3518 -12.40 -78.34 -84.52
CA LEU C 3518 -12.24 -78.29 -83.06
C LEU C 3518 -13.28 -79.08 -82.23
N PRO C 3519 -14.61 -78.97 -82.43
CA PRO C 3519 -15.53 -79.73 -81.56
C PRO C 3519 -15.33 -81.24 -81.62
N ILE C 3520 -14.92 -81.78 -82.77
CA ILE C 3520 -14.52 -83.18 -82.84
C ILE C 3520 -13.33 -83.41 -81.93
N GLY C 3521 -12.36 -82.48 -81.94
CA GLY C 3521 -11.24 -82.59 -81.03
C GLY C 3521 -11.60 -82.41 -79.57
N LEU C 3522 -12.79 -81.85 -79.29
CA LEU C 3522 -13.30 -81.74 -77.94
C LEU C 3522 -14.25 -82.88 -77.59
N ASN C 3523 -14.53 -83.77 -78.55
CA ASN C 3523 -15.57 -84.77 -78.36
C ASN C 3523 -15.16 -85.84 -77.36
N MET C 3524 -13.93 -86.36 -77.47
CA MET C 3524 -13.56 -87.53 -76.68
C MET C 3524 -13.39 -87.22 -75.20
N CYS C 3525 -13.03 -85.97 -74.87
CA CYS C 3525 -12.73 -85.61 -73.50
C CYS C 3525 -13.97 -85.63 -72.61
N ALA C 3526 -13.85 -86.27 -71.46
CA ALA C 3526 -14.96 -86.36 -70.52
C ALA C 3526 -15.20 -85.01 -69.85
N PRO C 3527 -16.45 -84.70 -69.51
CA PRO C 3527 -16.73 -83.45 -68.76
C PRO C 3527 -16.00 -83.34 -67.42
N THR C 3528 -15.80 -84.46 -66.69
CA THR C 3528 -15.00 -84.40 -65.47
C THR C 3528 -13.55 -84.00 -65.72
N ASP C 3529 -13.04 -84.20 -66.92
CA ASP C 3529 -11.70 -83.76 -67.28
C ASP C 3529 -11.57 -82.25 -67.40
N GLN C 3530 -12.67 -81.49 -67.38
CA GLN C 3530 -12.62 -80.04 -67.57
C GLN C 3530 -11.76 -79.35 -66.53
N ASP C 3531 -11.91 -79.73 -65.25
CA ASP C 3531 -11.02 -79.19 -64.21
C ASP C 3531 -9.55 -79.48 -64.51
N LEU C 3532 -9.25 -80.68 -65.01
CA LEU C 3532 -7.89 -81.00 -65.47
C LEU C 3532 -7.50 -80.10 -66.65
N ILE C 3533 -8.48 -79.72 -67.47
CA ILE C 3533 -8.22 -78.91 -68.64
C ILE C 3533 -7.77 -77.52 -68.20
N MET C 3534 -8.63 -76.84 -67.41
CA MET C 3534 -8.30 -75.50 -66.93
C MET C 3534 -7.00 -75.48 -66.11
N LEU C 3535 -6.76 -76.51 -65.29
CA LEU C 3535 -5.48 -76.59 -64.57
C LEU C 3535 -4.29 -76.68 -65.53
N ALA C 3536 -4.36 -77.57 -66.53
CA ALA C 3536 -3.31 -77.63 -67.54
C ALA C 3536 -3.21 -76.33 -68.34
N LYS C 3537 -4.32 -75.63 -68.55
CA LYS C 3537 -4.31 -74.31 -69.15
C LYS C 3537 -3.50 -73.34 -68.32
N THR C 3538 -3.71 -73.35 -67.00
CA THR C 3538 -2.92 -72.50 -66.11
C THR C 3538 -1.44 -72.83 -66.17
N ARG C 3539 -1.08 -74.12 -66.20
CA ARG C 3539 0.32 -74.52 -66.38
C ARG C 3539 0.92 -74.06 -67.72
N TYR C 3540 0.14 -74.18 -68.79
CA TYR C 3540 0.55 -73.62 -70.08
C TYR C 3540 0.64 -72.10 -70.06
N ALA C 3541 -0.20 -71.44 -69.27
CA ALA C 3541 -0.06 -69.99 -69.13
C ALA C 3541 1.17 -69.67 -68.30
N LEU C 3542 1.51 -70.55 -67.34
CA LEU C 3542 2.73 -70.43 -66.54
C LEU C 3542 3.97 -70.93 -67.27
N LYS C 3543 3.85 -71.14 -68.59
CA LYS C 3543 4.96 -71.49 -69.49
C LYS C 3543 5.63 -72.82 -69.13
N ASP C 3544 4.86 -73.89 -69.19
CA ASP C 3544 5.36 -75.22 -68.90
C ASP C 3544 5.28 -76.06 -70.17
N THR C 3545 6.27 -76.91 -70.36
CA THR C 3545 6.38 -77.72 -71.57
C THR C 3545 5.43 -78.91 -71.49
N ASP C 3546 5.35 -79.63 -72.62
CA ASP C 3546 4.41 -80.75 -72.73
C ASP C 3546 4.72 -81.87 -71.75
N GLU C 3547 5.99 -82.23 -71.57
CA GLU C 3547 6.34 -83.27 -70.60
C GLU C 3547 6.07 -82.79 -69.17
N GLU C 3548 6.34 -81.51 -68.91
CA GLU C 3548 6.10 -80.96 -67.58
C GLU C 3548 4.62 -80.96 -67.24
N VAL C 3549 3.76 -80.52 -68.17
CA VAL C 3549 2.32 -80.55 -67.91
C VAL C 3549 1.83 -82.00 -67.81
N ARG C 3550 2.49 -82.94 -68.52
CA ARG C 3550 2.15 -84.36 -68.42
C ARG C 3550 2.35 -84.88 -67.00
N GLU C 3551 3.55 -84.66 -66.45
CA GLU C 3551 3.79 -85.06 -65.06
C GLU C 3551 2.98 -84.23 -64.06
N PHE C 3552 2.69 -82.95 -64.37
CA PHE C 3552 1.75 -82.18 -63.55
C PHE C 3552 0.37 -82.84 -63.46
N LEU C 3553 -0.15 -83.32 -64.60
CA LEU C 3553 -1.39 -84.09 -64.62
C LEU C 3553 -1.26 -85.38 -63.81
N GLN C 3554 -0.13 -86.09 -63.98
CA GLN C 3554 0.02 -87.38 -63.31
C GLN C 3554 0.13 -87.19 -61.80
N ASN C 3555 0.85 -86.16 -61.34
CA ASN C 3555 0.84 -85.86 -59.92
C ASN C 3555 -0.49 -85.28 -59.47
N ASN C 3556 -1.33 -84.80 -60.39
CA ASN C 3556 -2.61 -84.22 -60.03
C ASN C 3556 -3.75 -85.02 -60.63
N LEU C 3557 -3.67 -86.35 -60.54
CA LEU C 3557 -4.71 -87.22 -61.08
C LEU C 3557 -6.03 -87.12 -60.32
N HIS C 3558 -6.01 -86.64 -59.08
CA HIS C 3558 -7.21 -86.52 -58.25
C HIS C 3558 -7.79 -85.11 -58.26
N LEU C 3559 -7.61 -84.38 -59.37
CA LEU C 3559 -8.12 -83.03 -59.50
C LEU C 3559 -9.21 -82.91 -60.57
N GLN C 3560 -9.82 -84.03 -60.94
CA GLN C 3560 -10.85 -84.05 -61.98
C GLN C 3560 -12.14 -83.42 -61.48
N GLY C 3561 -13.16 -83.44 -62.34
CA GLY C 3561 -14.48 -83.01 -61.94
C GLY C 3561 -15.24 -84.07 -61.16
N LYS C 3562 -16.24 -83.60 -60.43
CA LYS C 3562 -17.10 -84.44 -59.60
C LYS C 3562 -18.53 -84.29 -60.09
N VAL C 3563 -19.17 -85.41 -60.44
CA VAL C 3563 -20.54 -85.39 -60.93
C VAL C 3563 -21.51 -84.91 -59.85
N GLU C 3564 -21.26 -85.30 -58.59
CA GLU C 3564 -22.13 -84.88 -57.49
C GLU C 3564 -22.01 -83.38 -57.23
N GLY C 3565 -20.86 -82.78 -57.54
CA GLY C 3565 -20.63 -81.37 -57.30
C GLY C 3565 -21.31 -80.43 -58.27
N SER C 3566 -21.90 -80.95 -59.34
CA SER C 3566 -22.58 -80.12 -60.31
C SER C 3566 -23.74 -80.88 -60.95
N PRO C 3567 -24.98 -80.39 -60.78
CA PRO C 3567 -26.15 -81.07 -61.37
C PRO C 3567 -26.12 -81.16 -62.88
N SER C 3568 -25.47 -80.20 -63.56
CA SER C 3568 -25.35 -80.23 -65.01
C SER C 3568 -24.59 -81.46 -65.49
N LEU C 3569 -23.54 -81.86 -64.74
CA LEU C 3569 -22.76 -83.04 -65.11
C LEU C 3569 -23.57 -84.33 -65.09
N ARG C 3570 -24.68 -84.35 -64.34
CA ARG C 3570 -25.52 -85.55 -64.28
C ARG C 3570 -26.10 -85.88 -65.66
N TRP C 3571 -26.70 -84.88 -66.32
CA TRP C 3571 -27.21 -85.14 -67.66
C TRP C 3571 -26.09 -85.19 -68.67
N GLN C 3572 -24.99 -84.46 -68.40
CA GLN C 3572 -23.86 -84.49 -69.32
C GLN C 3572 -23.31 -85.91 -69.42
N MET C 3573 -23.00 -86.53 -68.28
CA MET C 3573 -22.52 -87.91 -68.28
C MET C 3573 -23.54 -88.90 -68.82
N ALA C 3574 -24.84 -88.67 -68.57
CA ALA C 3574 -25.85 -89.52 -69.18
C ALA C 3574 -25.82 -89.50 -70.71
N LEU C 3575 -25.69 -88.31 -71.30
CA LEU C 3575 -25.51 -88.23 -72.75
C LEU C 3575 -24.10 -88.63 -73.19
N TYR C 3576 -23.10 -88.40 -72.34
CA TYR C 3576 -21.73 -88.76 -72.66
C TYR C 3576 -21.58 -90.27 -72.75
N ARG C 3577 -22.05 -91.00 -71.74
CA ARG C 3577 -21.98 -92.45 -71.77
C ARG C 3577 -22.98 -93.04 -72.76
N GLY C 3578 -23.99 -92.26 -73.19
CA GLY C 3578 -24.88 -92.72 -74.23
C GLY C 3578 -24.21 -92.93 -75.59
N LEU C 3579 -22.99 -92.43 -75.78
CA LEU C 3579 -22.25 -92.62 -77.02
C LEU C 3579 -21.81 -94.08 -77.16
N PRO C 3580 -21.87 -94.65 -78.37
CA PRO C 3580 -21.40 -96.03 -78.58
C PRO C 3580 -19.91 -96.23 -78.30
N GLY C 3581 -19.08 -95.24 -78.61
CA GLY C 3581 -17.64 -95.38 -78.55
C GLY C 3581 -17.01 -95.18 -77.19
N ARG C 3582 -17.81 -94.95 -76.15
CA ARG C 3582 -17.28 -94.77 -74.79
C ARG C 3582 -16.88 -96.13 -74.22
N GLU C 3583 -15.66 -96.55 -74.55
CA GLU C 3583 -15.09 -97.73 -73.95
C GLU C 3583 -14.84 -97.48 -72.47
N GLU C 3584 -15.23 -98.42 -71.62
CA GLU C 3584 -15.14 -98.23 -70.18
C GLU C 3584 -13.80 -98.65 -69.62
N ASP C 3585 -12.90 -99.17 -70.46
CA ASP C 3585 -11.55 -99.50 -70.04
C ASP C 3585 -10.48 -98.55 -70.59
N ALA C 3586 -10.78 -97.84 -71.69
CA ALA C 3586 -9.84 -96.94 -72.32
C ALA C 3586 -9.66 -95.64 -71.56
N ASP C 3587 -10.43 -95.40 -70.50
CA ASP C 3587 -10.26 -94.21 -69.68
C ASP C 3587 -9.14 -94.38 -68.65
N ASP C 3588 -7.98 -94.86 -69.10
CA ASP C 3588 -6.85 -95.01 -68.20
C ASP C 3588 -6.28 -93.63 -67.86
N PRO C 3589 -5.58 -93.52 -66.70
CA PRO C 3589 -4.98 -92.23 -66.32
C PRO C 3589 -4.04 -91.64 -67.35
N GLU C 3590 -3.24 -92.47 -68.02
CA GLU C 3590 -2.29 -91.93 -68.98
C GLU C 3590 -2.98 -91.54 -70.26
N LYS C 3591 -4.00 -92.30 -70.67
CA LYS C 3591 -4.70 -92.01 -71.91
C LYS C 3591 -5.46 -90.69 -71.79
N ILE C 3592 -6.13 -90.51 -70.63
CA ILE C 3592 -6.93 -89.31 -70.47
C ILE C 3592 -6.01 -88.09 -70.33
N VAL C 3593 -4.86 -88.24 -69.62
CA VAL C 3593 -4.02 -87.06 -69.44
C VAL C 3593 -3.40 -86.66 -70.76
N ARG C 3594 -3.03 -87.63 -71.62
CA ARG C 3594 -2.44 -87.28 -72.91
C ARG C 3594 -3.43 -86.53 -73.81
N ARG C 3595 -4.67 -87.06 -73.92
CA ARG C 3595 -5.68 -86.34 -74.73
C ARG C 3595 -6.03 -84.97 -74.14
N VAL C 3596 -6.13 -84.88 -72.80
CA VAL C 3596 -6.39 -83.62 -72.13
C VAL C 3596 -5.24 -82.62 -72.36
N GLN C 3597 -4.00 -83.09 -72.26
CA GLN C 3597 -2.83 -82.26 -72.53
C GLN C 3597 -2.83 -81.72 -73.96
N GLU C 3598 -3.18 -82.58 -74.93
CA GLU C 3598 -3.26 -82.16 -76.32
C GLU C 3598 -4.30 -81.07 -76.53
N VAL C 3599 -5.50 -81.25 -75.98
CA VAL C 3599 -6.50 -80.18 -76.13
C VAL C 3599 -6.18 -78.97 -75.25
N SER C 3600 -5.39 -79.17 -74.17
CA SER C 3600 -4.94 -78.05 -73.34
C SER C 3600 -4.02 -77.14 -74.13
N ALA C 3601 -3.00 -77.72 -74.76
CA ALA C 3601 -2.06 -76.93 -75.55
C ALA C 3601 -2.77 -76.28 -76.73
N VAL C 3602 -3.66 -77.04 -77.40
CA VAL C 3602 -4.32 -76.55 -78.61
C VAL C 3602 -5.19 -75.35 -78.28
N LEU C 3603 -6.04 -75.47 -77.25
CA LEU C 3603 -6.97 -74.40 -76.94
C LEU C 3603 -6.27 -73.23 -76.25
N TYR C 3604 -5.20 -73.51 -75.48
CA TYR C 3604 -4.42 -72.43 -74.88
C TYR C 3604 -3.81 -71.54 -75.97
N HIS C 3605 -3.11 -72.16 -76.94
CA HIS C 3605 -2.56 -71.39 -78.06
C HIS C 3605 -3.67 -70.74 -78.88
N LEU C 3606 -4.84 -71.38 -78.92
CA LEU C 3606 -5.97 -70.85 -79.66
C LEU C 3606 -6.43 -69.53 -79.06
N GLU C 3607 -6.69 -69.50 -77.74
CA GLU C 3607 -7.12 -68.24 -77.14
C GLU C 3607 -6.00 -67.20 -77.15
N GLN C 3608 -4.72 -67.64 -77.08
CA GLN C 3608 -3.59 -66.72 -77.22
C GLN C 3608 -3.53 -66.09 -78.59
N THR C 3609 -4.13 -66.73 -79.59
CA THR C 3609 -4.04 -66.24 -80.97
C THR C 3609 -5.29 -65.45 -81.33
N GLU C 3610 -6.49 -65.98 -81.07
CA GLU C 3610 -7.71 -65.20 -81.25
C GLU C 3610 -7.81 -63.99 -80.31
N HIS C 3611 -6.95 -63.86 -79.29
CA HIS C 3611 -6.91 -62.68 -78.41
C HIS C 3611 -5.47 -62.40 -77.99
N PRO C 3612 -4.64 -61.91 -78.92
CA PRO C 3612 -3.25 -61.57 -78.54
C PRO C 3612 -3.10 -60.44 -77.53
N TYR C 3613 -3.86 -59.33 -77.66
CA TYR C 3613 -3.88 -58.17 -76.74
C TYR C 3613 -2.48 -57.57 -76.55
N LYS C 3614 -1.72 -57.53 -77.65
CA LYS C 3614 -0.34 -57.03 -77.63
C LYS C 3614 -0.24 -55.55 -77.28
N SER C 3615 -1.18 -54.72 -77.78
CA SER C 3615 -1.22 -53.25 -77.75
C SER C 3615 -0.79 -52.54 -76.45
N LYS C 3616 -0.60 -51.20 -76.54
CA LYS C 3616 -0.28 -50.21 -75.49
C LYS C 3616 1.22 -50.15 -75.28
N LYS C 3617 1.99 -50.54 -76.30
CA LYS C 3617 3.44 -50.41 -76.29
C LYS C 3617 3.99 -49.53 -77.40
N ALA C 3618 3.41 -49.58 -78.59
CA ALA C 3618 3.79 -48.67 -79.67
C ALA C 3618 2.54 -47.85 -80.03
N VAL C 3619 2.37 -46.74 -79.34
CA VAL C 3619 1.19 -45.89 -79.46
C VAL C 3619 1.60 -44.59 -80.14
N TRP C 3620 0.69 -44.04 -80.95
CA TRP C 3620 0.86 -42.73 -81.60
C TRP C 3620 1.04 -41.67 -80.52
N HIS C 3621 2.25 -41.09 -80.44
CA HIS C 3621 2.62 -40.26 -79.31
C HIS C 3621 2.92 -38.81 -79.67
N LYS C 3622 3.22 -38.52 -80.94
CA LYS C 3622 3.53 -37.19 -81.50
C LYS C 3622 4.47 -36.36 -80.62
N LEU C 3623 5.67 -36.93 -80.43
CA LEU C 3623 6.74 -36.30 -79.66
C LEU C 3623 7.09 -34.91 -80.19
N LEU C 3624 7.52 -34.84 -81.45
CA LEU C 3624 7.84 -33.57 -82.07
C LEU C 3624 7.38 -33.45 -83.52
N SER C 3625 6.71 -34.46 -84.08
CA SER C 3625 6.39 -34.48 -85.50
C SER C 3625 5.44 -33.35 -85.89
N LYS C 3626 4.38 -33.13 -85.10
CA LYS C 3626 3.38 -32.12 -85.42
C LYS C 3626 3.94 -30.70 -85.39
N GLN C 3627 5.04 -30.46 -84.70
CA GLN C 3627 5.63 -29.14 -84.54
C GLN C 3627 6.96 -28.97 -85.26
N ARG C 3628 7.61 -30.05 -85.70
CA ARG C 3628 8.95 -29.96 -86.28
C ARG C 3628 9.06 -30.66 -87.64
N ARG C 3629 7.95 -30.83 -88.37
CA ARG C 3629 8.05 -31.47 -89.67
C ARG C 3629 8.40 -30.49 -90.78
N ARG C 3630 8.33 -29.19 -90.50
CA ARG C 3630 8.77 -28.20 -91.47
C ARG C 3630 10.27 -28.31 -91.71
N ALA C 3631 11.02 -28.45 -90.62
CA ALA C 3631 12.47 -28.39 -90.69
C ALA C 3631 13.06 -29.66 -91.26
N VAL C 3632 12.48 -30.82 -90.96
CA VAL C 3632 13.10 -32.09 -91.38
C VAL C 3632 13.11 -32.18 -92.92
N VAL C 3633 11.97 -31.84 -93.54
CA VAL C 3633 11.86 -31.81 -95.00
C VAL C 3633 12.67 -30.66 -95.56
N ALA C 3634 12.70 -29.51 -94.86
CA ALA C 3634 13.56 -28.41 -95.31
C ALA C 3634 15.03 -28.81 -95.28
N CYS C 3635 15.47 -29.47 -94.21
CA CYS C 3635 16.84 -29.98 -94.13
C CYS C 3635 17.17 -30.99 -95.22
N PHE C 3636 16.18 -31.80 -95.64
CA PHE C 3636 16.38 -32.62 -96.85
C PHE C 3636 16.47 -31.79 -98.14
N ARG C 3637 15.78 -30.65 -98.23
CA ARG C 3637 15.57 -30.00 -99.52
C ARG C 3637 15.92 -28.52 -99.53
N MET C 3638 16.82 -28.09 -98.66
CA MET C 3638 17.23 -26.70 -98.61
C MET C 3638 18.39 -26.43 -99.57
N THR C 3639 18.97 -25.25 -99.45
CA THR C 3639 20.14 -24.90 -100.23
C THR C 3639 21.39 -25.46 -99.56
N PRO C 3640 22.21 -26.24 -100.27
CA PRO C 3640 23.52 -26.62 -99.74
C PRO C 3640 24.40 -25.40 -99.61
N LEU C 3641 25.30 -25.45 -98.62
CA LEU C 3641 26.06 -24.28 -98.18
C LEU C 3641 26.87 -23.69 -99.33
N TYR C 3642 27.46 -24.54 -100.18
CA TYR C 3642 28.28 -24.05 -101.28
C TYR C 3642 27.48 -23.31 -102.33
N ASN C 3643 26.15 -23.38 -102.32
CA ASN C 3643 25.34 -22.66 -103.29
C ASN C 3643 24.83 -21.32 -102.74
N LEU C 3644 25.27 -20.92 -101.55
CA LEU C 3644 24.91 -19.63 -100.97
C LEU C 3644 25.71 -18.50 -101.61
N PRO C 3645 25.12 -17.29 -101.69
CA PRO C 3645 25.89 -16.14 -102.16
C PRO C 3645 27.03 -15.80 -101.22
N THR C 3646 28.08 -15.20 -101.80
CA THR C 3646 29.33 -14.96 -101.09
C THR C 3646 29.13 -13.97 -99.94
N HIS C 3647 28.42 -12.87 -100.20
CA HIS C 3647 28.24 -11.83 -99.18
C HIS C 3647 27.44 -12.35 -97.99
N ARG C 3648 26.38 -13.12 -98.25
CA ARG C 3648 25.60 -13.75 -97.18
C ARG C 3648 26.47 -14.72 -96.39
N ALA C 3649 27.22 -15.57 -97.11
CA ALA C 3649 28.06 -16.58 -96.47
C ALA C 3649 29.10 -15.92 -95.57
N CYS C 3650 29.75 -14.86 -96.05
CA CYS C 3650 30.72 -14.15 -95.24
C CYS C 3650 30.06 -13.46 -94.05
N ASN C 3651 28.81 -13.01 -94.24
CA ASN C 3651 28.07 -12.37 -93.14
C ASN C 3651 27.86 -13.34 -92.00
N MET C 3652 27.33 -14.54 -92.30
CA MET C 3652 27.22 -15.51 -91.21
C MET C 3652 28.59 -16.00 -90.74
N PHE C 3653 29.61 -15.94 -91.60
CA PHE C 3653 30.95 -16.40 -91.26
C PHE C 3653 31.52 -15.59 -90.12
N LEU C 3654 31.39 -14.26 -90.20
CA LEU C 3654 32.01 -13.40 -89.21
C LEU C 3654 31.32 -13.55 -87.86
N GLU C 3655 29.98 -13.54 -87.85
CA GLU C 3655 29.24 -13.63 -86.60
C GLU C 3655 29.45 -14.98 -85.93
N SER C 3656 29.66 -16.04 -86.72
CA SER C 3656 30.06 -17.31 -86.13
C SER C 3656 31.49 -17.24 -85.60
N TYR C 3657 32.39 -16.60 -86.36
CA TYR C 3657 33.81 -16.57 -86.02
C TYR C 3657 34.06 -15.85 -84.70
N LYS C 3658 33.40 -14.71 -84.49
CA LYS C 3658 33.56 -13.99 -83.23
C LYS C 3658 33.13 -14.83 -82.03
N ALA C 3659 32.00 -15.52 -82.15
CA ALA C 3659 31.54 -16.43 -81.10
C ALA C 3659 32.48 -17.61 -80.92
N ALA C 3660 33.22 -17.99 -81.96
CA ALA C 3660 34.09 -19.16 -81.86
C ALA C 3660 35.50 -18.84 -81.40
N TRP C 3661 36.05 -17.71 -81.79
CA TRP C 3661 37.44 -17.36 -81.48
C TRP C 3661 37.60 -16.07 -80.70
N ILE C 3662 36.85 -15.02 -81.05
CA ILE C 3662 37.03 -13.73 -80.40
C ILE C 3662 36.45 -13.77 -78.99
N LEU C 3663 35.17 -14.16 -78.87
CA LEU C 3663 34.52 -14.22 -77.57
C LEU C 3663 35.19 -15.24 -76.65
N THR C 3664 35.58 -16.39 -77.20
CA THR C 3664 36.25 -17.42 -76.42
C THR C 3664 37.65 -17.02 -75.97
N GLU C 3665 38.25 -16.01 -76.60
CA GLU C 3665 39.62 -15.62 -76.31
C GLU C 3665 39.77 -15.08 -74.89
N ASP C 3666 40.88 -15.41 -74.25
CA ASP C 3666 41.19 -14.96 -72.91
C ASP C 3666 42.41 -14.06 -72.97
N HIS C 3667 42.32 -12.90 -72.33
CA HIS C 3667 43.40 -11.92 -72.34
C HIS C 3667 43.29 -11.08 -71.06
N SER C 3668 44.12 -11.38 -70.08
CA SER C 3668 44.13 -10.64 -68.83
C SER C 3668 45.17 -9.52 -68.91
N PHE C 3669 44.73 -8.30 -68.67
CA PHE C 3669 45.59 -7.13 -68.71
C PHE C 3669 45.30 -6.17 -67.56
N GLU C 3670 44.41 -6.54 -66.65
CA GLU C 3670 43.97 -5.65 -65.58
C GLU C 3670 45.12 -5.28 -64.66
N ASP C 3671 45.96 -6.27 -64.35
CA ASP C 3671 47.09 -6.04 -63.47
C ASP C 3671 48.09 -5.10 -64.11
N ARG C 3672 48.42 -5.31 -65.39
CA ARG C 3672 49.36 -4.41 -66.04
C ARG C 3672 48.78 -3.02 -66.26
N MET C 3673 47.45 -2.90 -66.45
CA MET C 3673 46.71 -1.63 -66.39
C MET C 3673 47.07 -0.86 -65.14
N ILE C 3674 46.70 -1.43 -63.98
CA ILE C 3674 46.86 -0.69 -62.74
C ILE C 3674 48.34 -0.49 -62.43
N ASP C 3675 49.18 -1.52 -62.65
CA ASP C 3675 50.62 -1.38 -62.40
C ASP C 3675 51.27 -0.30 -63.25
N ASP C 3676 50.70 0.01 -64.43
CA ASP C 3676 51.17 1.19 -65.15
C ASP C 3676 50.64 2.47 -64.54
N LEU C 3677 49.36 2.49 -64.15
CA LEU C 3677 48.77 3.74 -63.69
C LEU C 3677 49.05 4.05 -62.23
N SER C 3678 49.75 3.19 -61.52
CA SER C 3678 49.96 3.33 -60.09
C SER C 3678 51.33 3.88 -59.72
N LYS C 3679 52.11 4.33 -60.69
CA LYS C 3679 53.49 4.75 -60.44
C LYS C 3679 53.64 6.25 -60.63
N ALA C 3680 54.57 6.83 -59.87
CA ALA C 3680 54.94 8.23 -60.01
C ALA C 3680 56.26 8.27 -60.79
N GLY C 3681 56.14 8.41 -62.11
CA GLY C 3681 57.29 8.28 -62.99
C GLY C 3681 58.07 9.56 -63.19
N GLU C 3682 59.25 9.65 -62.57
CA GLU C 3682 60.23 10.73 -62.74
C GLU C 3682 59.64 12.10 -62.40
N GLN C 3683 59.30 12.27 -61.12
CA GLN C 3683 58.97 13.58 -60.57
C GLN C 3683 59.84 13.95 -59.39
N GLU C 3684 60.80 13.09 -59.02
CA GLU C 3684 61.72 13.37 -57.93
C GLU C 3684 62.66 14.53 -58.22
N GLU C 3685 62.83 14.89 -59.49
CA GLU C 3685 63.79 15.93 -59.86
C GLU C 3685 63.34 17.32 -59.41
N GLU C 3686 62.05 17.63 -59.50
CA GLU C 3686 61.58 18.95 -59.11
C GLU C 3686 61.59 19.15 -57.60
N GLU C 3687 61.11 18.15 -56.85
CA GLU C 3687 61.09 18.10 -55.37
C GLU C 3687 60.54 19.38 -54.75
N GLU C 3688 59.23 19.56 -54.94
CA GLU C 3688 58.52 20.70 -54.36
C GLU C 3688 58.46 20.54 -52.83
N GLU C 3689 58.23 21.66 -52.13
CA GLU C 3689 58.21 21.69 -50.67
C GLU C 3689 57.10 20.81 -50.09
N VAL C 3690 55.91 20.81 -50.71
CA VAL C 3690 54.76 20.08 -50.17
C VAL C 3690 55.09 18.58 -50.21
N GLU C 3691 54.69 17.88 -49.15
CA GLU C 3691 54.81 16.42 -49.15
C GLU C 3691 53.94 15.77 -50.23
N GLU C 3692 52.69 16.26 -50.43
CA GLU C 3692 51.63 15.84 -51.36
C GLU C 3692 52.15 15.09 -52.58
N LYS C 3693 52.03 13.76 -52.58
CA LYS C 3693 52.47 12.94 -53.70
C LYS C 3693 51.74 13.37 -54.96
N LYS C 3694 52.40 14.25 -55.73
CA LYS C 3694 51.73 15.01 -56.78
C LYS C 3694 51.18 14.15 -57.92
N PRO C 3695 51.93 13.23 -58.56
CA PRO C 3695 51.28 12.51 -59.66
C PRO C 3695 50.58 11.24 -59.23
N ASP C 3696 49.35 11.06 -59.72
CA ASP C 3696 48.63 9.82 -59.46
C ASP C 3696 47.53 9.57 -60.50
N PRO C 3697 47.85 8.88 -61.60
CA PRO C 3697 46.87 8.65 -62.68
C PRO C 3697 45.57 7.98 -62.26
N LEU C 3698 45.65 6.97 -61.39
CA LEU C 3698 44.45 6.31 -60.90
C LEU C 3698 43.63 7.29 -60.09
N HIS C 3699 44.30 8.03 -59.18
CA HIS C 3699 43.60 8.88 -58.24
C HIS C 3699 42.86 9.97 -59.00
N GLN C 3700 43.48 10.51 -60.05
CA GLN C 3700 42.78 11.47 -60.91
C GLN C 3700 41.59 10.83 -61.60
N LEU C 3701 41.74 9.59 -62.08
CA LEU C 3701 40.65 8.88 -62.74
C LEU C 3701 39.44 8.72 -61.80
N VAL C 3702 39.71 8.22 -60.59
CA VAL C 3702 38.71 8.05 -59.56
C VAL C 3702 38.09 9.39 -59.17
N LEU C 3703 38.93 10.43 -59.00
CA LEU C 3703 38.45 11.77 -58.68
C LEU C 3703 37.51 12.28 -59.76
N HIS C 3704 37.87 12.07 -61.02
CA HIS C 3704 37.05 12.48 -62.17
C HIS C 3704 35.71 11.79 -62.14
N PHE C 3705 35.72 10.47 -61.88
CA PHE C 3705 34.46 9.74 -61.76
C PHE C 3705 33.62 10.24 -60.59
N SER C 3706 34.26 10.55 -59.46
CA SER C 3706 33.53 11.16 -58.35
C SER C 3706 32.97 12.52 -58.75
N ARG C 3707 33.72 13.27 -59.58
CA ARG C 3707 33.31 14.59 -60.01
C ARG C 3707 32.01 14.49 -60.81
N THR C 3708 32.00 13.62 -61.83
CA THR C 3708 30.77 13.46 -62.59
C THR C 3708 29.68 12.81 -61.73
N ALA C 3709 30.06 12.03 -60.72
CA ALA C 3709 29.07 11.43 -59.82
C ALA C 3709 28.35 12.47 -58.97
N LEU C 3710 28.96 13.62 -58.74
CA LEU C 3710 28.41 14.63 -57.85
C LEU C 3710 27.55 15.68 -58.54
N THR C 3711 27.33 15.57 -59.85
CA THR C 3711 26.58 16.62 -60.55
C THR C 3711 25.11 16.61 -60.12
N GLU C 3712 24.46 17.76 -60.32
CA GLU C 3712 23.06 17.92 -59.92
C GLU C 3712 22.15 17.51 -61.07
N LYS C 3713 22.12 16.21 -61.31
CA LYS C 3713 21.45 15.65 -62.47
C LYS C 3713 20.33 14.75 -62.00
N SER C 3714 19.16 14.88 -62.62
CA SER C 3714 17.99 14.10 -62.23
C SER C 3714 18.19 12.61 -62.48
N LYS C 3715 18.62 12.24 -63.68
CA LYS C 3715 18.83 10.85 -64.04
C LYS C 3715 20.31 10.58 -64.18
N LEU C 3716 20.70 9.33 -63.92
CA LEU C 3716 22.10 8.92 -63.99
C LEU C 3716 22.33 8.14 -65.28
N ASP C 3717 23.06 8.75 -66.21
CA ASP C 3717 23.28 8.21 -67.55
C ASP C 3717 24.21 6.99 -67.51
N GLU C 3718 24.60 6.54 -68.71
CA GLU C 3718 25.49 5.41 -68.87
C GLU C 3718 26.81 5.87 -69.46
N ASP C 3719 27.92 5.34 -68.92
CA ASP C 3719 29.26 5.63 -69.43
C ASP C 3719 30.02 4.34 -69.71
N TYR C 3720 30.31 4.10 -70.99
CA TYR C 3720 30.98 2.87 -71.40
C TYR C 3720 32.38 2.79 -70.80
N LEU C 3721 33.07 3.93 -70.71
CA LEU C 3721 34.38 3.96 -70.06
C LEU C 3721 34.25 3.60 -68.58
N TYR C 3722 33.17 4.05 -67.94
CA TYR C 3722 32.94 3.66 -66.55
C TYR C 3722 32.74 2.16 -66.40
N MET C 3723 31.96 1.56 -67.32
CA MET C 3723 31.90 0.10 -67.44
C MET C 3723 33.28 -0.54 -67.55
N ALA C 3724 34.08 -0.04 -68.48
CA ALA C 3724 35.38 -0.65 -68.77
C ALA C 3724 36.30 -0.55 -67.56
N TYR C 3725 36.47 0.67 -67.04
CA TYR C 3725 37.46 0.91 -66.00
C TYR C 3725 37.03 0.25 -64.70
N ALA C 3726 35.75 0.42 -64.34
CA ALA C 3726 35.20 -0.15 -63.11
C ALA C 3726 35.30 -1.67 -63.13
N ASP C 3727 35.02 -2.29 -64.29
CA ASP C 3727 35.22 -3.73 -64.42
C ASP C 3727 36.69 -4.11 -64.31
N ILE C 3728 37.57 -3.32 -64.92
CA ILE C 3728 39.01 -3.63 -64.90
C ILE C 3728 39.54 -3.64 -63.48
N MET C 3729 39.26 -2.58 -62.73
CA MET C 3729 39.67 -2.53 -61.34
C MET C 3729 38.91 -3.53 -60.47
N ALA C 3730 37.70 -3.93 -60.86
CA ALA C 3730 37.02 -5.00 -60.13
C ALA C 3730 37.73 -6.33 -60.33
N LYS C 3731 38.10 -6.64 -61.58
CA LYS C 3731 38.77 -7.89 -61.91
C LYS C 3731 40.20 -7.94 -61.39
N SER C 3732 40.77 -6.80 -61.04
CA SER C 3732 42.19 -6.77 -60.72
C SER C 3732 42.52 -7.22 -59.31
N CYS C 3733 41.53 -7.31 -58.42
CA CYS C 3733 41.85 -7.58 -57.02
C CYS C 3733 41.85 -9.06 -56.68
N HIS C 3734 40.82 -9.81 -57.09
CA HIS C 3734 40.68 -11.21 -56.69
C HIS C 3734 41.86 -12.07 -57.21
N LEU C 3735 42.05 -12.14 -58.53
CA LEU C 3735 43.09 -12.93 -59.21
C LEU C 3735 43.15 -14.37 -58.72
N GLU C 3736 41.97 -14.96 -58.49
CA GLU C 3736 41.87 -16.30 -57.94
C GLU C 3736 40.55 -16.96 -58.35
N VAL C 3749 46.46 -31.82 -52.61
CA VAL C 3749 45.35 -30.89 -52.81
C VAL C 3749 45.08 -30.11 -51.52
N GLU C 3750 45.79 -30.45 -50.46
CA GLU C 3750 45.75 -29.69 -49.22
C GLU C 3750 46.95 -28.76 -49.18
N VAL C 3751 46.69 -27.48 -48.98
CA VAL C 3751 47.70 -26.43 -49.03
C VAL C 3751 47.74 -25.71 -47.69
N SER C 3752 48.94 -25.51 -47.16
CA SER C 3752 49.05 -25.17 -45.74
C SER C 3752 48.87 -23.66 -45.49
N PHE C 3753 48.77 -23.36 -44.20
CA PHE C 3753 48.41 -22.03 -43.70
C PHE C 3753 49.50 -21.01 -44.01
N GLU C 3754 50.78 -21.44 -43.90
CA GLU C 3754 51.90 -20.50 -43.99
C GLU C 3754 51.97 -19.89 -45.38
N GLU C 3755 51.54 -20.62 -46.40
CA GLU C 3755 51.50 -20.05 -47.74
C GLU C 3755 50.12 -19.53 -48.08
N LYS C 3756 49.08 -19.90 -47.30
CA LYS C 3756 47.75 -19.30 -47.51
C LYS C 3756 47.79 -17.81 -47.21
N GLU C 3757 48.38 -17.46 -46.06
CA GLU C 3757 48.46 -16.05 -45.66
C GLU C 3757 49.21 -15.20 -46.68
N MET C 3758 50.10 -15.79 -47.49
CA MET C 3758 50.80 -15.04 -48.52
C MET C 3758 49.83 -14.53 -49.58
N GLU C 3759 48.89 -15.38 -50.01
CA GLU C 3759 47.95 -14.94 -51.03
C GLU C 3759 46.96 -13.94 -50.45
N LYS C 3760 46.48 -14.17 -49.22
CA LYS C 3760 45.61 -13.16 -48.63
C LYS C 3760 46.32 -11.83 -48.41
N GLN C 3761 47.57 -11.82 -47.90
CA GLN C 3761 48.26 -10.56 -47.67
C GLN C 3761 48.51 -9.82 -48.98
N ARG C 3762 48.70 -10.54 -50.10
CA ARG C 3762 48.81 -9.83 -51.36
C ARG C 3762 47.45 -9.32 -51.83
N LEU C 3763 46.38 -10.06 -51.54
CA LEU C 3763 45.04 -9.62 -51.94
C LEU C 3763 44.70 -8.30 -51.24
N LEU C 3764 45.07 -8.20 -49.95
CA LEU C 3764 44.90 -6.95 -49.21
C LEU C 3764 45.70 -5.85 -49.89
N TYR C 3765 46.93 -6.16 -50.30
CA TYR C 3765 47.82 -5.18 -50.89
C TYR C 3765 47.21 -4.54 -52.13
N GLN C 3766 46.64 -5.37 -53.01
CA GLN C 3766 45.93 -4.88 -54.19
C GLN C 3766 44.70 -4.06 -53.83
N GLN C 3767 43.93 -4.54 -52.84
CA GLN C 3767 42.80 -3.76 -52.35
C GLN C 3767 43.26 -2.43 -51.76
N SER C 3768 44.39 -2.43 -51.04
CA SER C 3768 44.95 -1.18 -50.54
C SER C 3768 45.35 -0.27 -51.68
N ARG C 3769 45.89 -0.86 -52.77
CA ARG C 3769 46.36 -0.14 -53.95
C ARG C 3769 45.20 0.59 -54.62
N LEU C 3770 43.97 0.17 -54.32
CA LEU C 3770 42.80 0.80 -54.91
C LEU C 3770 42.14 1.74 -53.91
N HIS C 3771 41.78 1.24 -52.72
CA HIS C 3771 41.00 2.05 -51.77
C HIS C 3771 41.78 3.26 -51.26
N THR C 3772 43.12 3.20 -51.21
CA THR C 3772 43.87 4.38 -50.78
C THR C 3772 43.79 5.53 -51.77
N ARG C 3773 43.26 5.31 -52.97
CA ARG C 3773 43.13 6.36 -53.97
C ARG C 3773 41.68 6.79 -54.16
N GLY C 3774 40.86 6.66 -53.11
CA GLY C 3774 39.49 7.14 -53.15
C GLY C 3774 38.46 6.27 -53.84
N ALA C 3775 38.84 5.10 -54.39
CA ALA C 3775 37.88 4.23 -55.05
C ALA C 3775 36.78 3.77 -54.09
N ALA C 3776 37.11 3.67 -52.80
CA ALA C 3776 36.15 3.27 -51.79
C ALA C 3776 35.01 4.28 -51.73
N GLU C 3777 35.36 5.56 -51.63
CA GLU C 3777 34.34 6.60 -51.62
C GLU C 3777 33.62 6.65 -52.96
N MET C 3778 34.37 6.44 -54.06
CA MET C 3778 33.82 6.56 -55.41
C MET C 3778 32.62 5.65 -55.60
N VAL C 3779 32.75 4.41 -55.10
CA VAL C 3779 31.64 3.45 -55.14
C VAL C 3779 30.46 4.01 -54.37
N LEU C 3780 30.74 4.66 -53.23
CA LEU C 3780 29.70 5.12 -52.32
C LEU C 3780 28.86 6.20 -52.98
N GLN C 3781 29.53 7.19 -53.60
CA GLN C 3781 28.77 8.25 -54.25
C GLN C 3781 27.97 7.69 -55.40
N MET C 3782 28.54 6.76 -56.18
CA MET C 3782 27.79 6.21 -57.31
C MET C 3782 26.53 5.48 -56.86
N ILE C 3783 26.60 4.75 -55.74
CA ILE C 3783 25.40 4.14 -55.14
C ILE C 3783 24.41 5.22 -54.71
N SER C 3784 24.91 6.31 -54.13
CA SER C 3784 24.00 7.41 -53.79
C SER C 3784 23.37 8.01 -55.04
N ALA C 3785 24.14 8.13 -56.11
CA ALA C 3785 23.68 8.80 -57.32
C ALA C 3785 22.73 7.97 -58.15
N CYS C 3786 22.73 6.64 -58.02
CA CYS C 3786 21.87 5.83 -58.88
C CYS C 3786 20.38 6.00 -58.58
N LYS C 3787 20.03 6.60 -57.43
CA LYS C 3787 18.66 6.90 -57.01
C LYS C 3787 17.75 5.67 -56.99
N GLY C 3788 18.32 4.50 -56.72
CA GLY C 3788 17.54 3.29 -56.67
C GLY C 3788 17.08 2.79 -58.02
N GLU C 3789 17.74 3.19 -59.09
CA GLU C 3789 17.42 2.75 -60.43
C GLU C 3789 18.38 1.62 -60.81
N THR C 3790 17.82 0.45 -61.09
CA THR C 3790 18.63 -0.71 -61.45
C THR C 3790 19.30 -0.48 -62.81
N GLY C 3791 20.47 -1.09 -62.98
CA GLY C 3791 21.17 -0.96 -64.23
C GLY C 3791 22.48 -1.71 -64.23
N ALA C 3792 23.12 -1.66 -65.41
CA ALA C 3792 24.41 -2.31 -65.57
C ALA C 3792 25.51 -1.57 -64.82
N MET C 3793 25.49 -0.22 -64.87
CA MET C 3793 26.57 0.54 -64.26
C MET C 3793 26.57 0.41 -62.74
N VAL C 3794 25.39 0.46 -62.11
CA VAL C 3794 25.29 0.19 -60.68
C VAL C 3794 25.64 -1.26 -60.37
N SER C 3795 25.28 -2.19 -61.27
CA SER C 3795 25.69 -3.58 -61.07
C SER C 3795 27.21 -3.74 -61.09
N SER C 3796 27.89 -3.04 -62.00
CA SER C 3796 29.35 -3.02 -61.99
C SER C 3796 29.89 -2.31 -60.76
N THR C 3797 29.14 -1.32 -60.26
CA THR C 3797 29.58 -0.55 -59.09
C THR C 3797 29.66 -1.47 -57.88
N LEU C 3798 28.58 -2.22 -57.64
CA LEU C 3798 28.61 -3.19 -56.54
C LEU C 3798 29.66 -4.26 -56.78
N LYS C 3799 29.82 -4.70 -58.04
CA LYS C 3799 30.84 -5.70 -58.38
C LYS C 3799 32.24 -5.22 -57.96
N LEU C 3800 32.49 -3.92 -58.11
CA LEU C 3800 33.71 -3.31 -57.61
C LEU C 3800 33.71 -3.28 -56.09
N GLY C 3801 32.58 -2.89 -55.48
CA GLY C 3801 32.52 -2.76 -54.04
C GLY C 3801 32.86 -4.08 -53.36
N ILE C 3802 32.33 -5.17 -53.91
CA ILE C 3802 32.65 -6.50 -53.42
C ILE C 3802 34.11 -6.81 -53.69
N SER C 3803 34.63 -6.36 -54.85
CA SER C 3803 36.02 -6.65 -55.20
C SER C 3803 37.00 -6.03 -54.22
N ILE C 3804 36.63 -4.90 -53.62
CA ILE C 3804 37.48 -4.30 -52.58
C ILE C 3804 37.10 -4.73 -51.15
N LEU C 3805 35.85 -5.12 -50.92
CA LEU C 3805 35.40 -5.61 -49.62
C LEU C 3805 35.63 -7.09 -49.39
N ASN C 3806 36.08 -7.82 -50.40
CA ASN C 3806 36.33 -9.25 -50.28
C ASN C 3806 37.39 -9.53 -49.22
N GLY C 3807 37.14 -10.57 -48.42
CA GLY C 3807 37.95 -10.89 -47.28
C GLY C 3807 37.62 -10.12 -46.03
N GLY C 3808 36.56 -9.31 -46.06
CA GLY C 3808 36.10 -8.55 -44.91
C GLY C 3808 37.11 -7.53 -44.44
N ASN C 3809 37.41 -6.56 -45.32
CA ASN C 3809 38.42 -5.55 -45.01
C ASN C 3809 37.90 -4.58 -43.95
N ALA C 3810 38.53 -4.62 -42.78
CA ALA C 3810 38.09 -3.84 -41.62
C ALA C 3810 38.27 -2.36 -41.87
N GLU C 3811 39.47 -1.95 -42.29
CA GLU C 3811 39.74 -0.53 -42.47
C GLU C 3811 38.94 0.05 -43.62
N VAL C 3812 38.66 -0.75 -44.67
CA VAL C 3812 37.75 -0.30 -45.73
C VAL C 3812 36.36 -0.05 -45.16
N GLN C 3813 35.87 -0.96 -44.30
CA GLN C 3813 34.62 -0.75 -43.60
C GLN C 3813 34.65 0.54 -42.76
N GLN C 3814 35.77 0.79 -42.10
CA GLN C 3814 35.96 2.01 -41.32
C GLN C 3814 35.88 3.26 -42.20
N LYS C 3815 36.55 3.23 -43.35
CA LYS C 3815 36.48 4.35 -44.29
C LYS C 3815 35.07 4.58 -44.80
N MET C 3816 34.35 3.48 -45.10
CA MET C 3816 32.95 3.53 -45.49
C MET C 3816 32.12 4.25 -44.42
N LEU C 3817 32.27 3.80 -43.17
CA LEU C 3817 31.52 4.35 -42.05
C LEU C 3817 31.84 5.81 -41.86
N ASP C 3818 33.12 6.17 -41.92
CA ASP C 3818 33.54 7.55 -41.70
C ASP C 3818 32.97 8.46 -42.77
N TYR C 3819 32.95 7.98 -44.03
CA TYR C 3819 32.44 8.79 -45.12
C TYR C 3819 30.96 9.07 -44.94
N LEU C 3820 30.20 8.03 -44.56
CA LEU C 3820 28.77 8.26 -44.31
C LEU C 3820 28.59 9.19 -43.12
N LYS C 3821 29.36 8.98 -42.06
CA LYS C 3821 29.18 9.71 -40.81
C LYS C 3821 29.40 11.20 -41.01
N ASP C 3822 30.47 11.59 -41.73
CA ASP C 3822 30.69 13.02 -41.91
C ASP C 3822 29.93 13.60 -43.10
N LYS C 3823 29.44 12.79 -44.04
CA LYS C 3823 28.62 13.36 -45.09
C LYS C 3823 27.15 13.51 -44.72
N LYS C 3824 26.63 12.57 -43.94
CA LYS C 3824 25.24 12.49 -43.50
C LYS C 3824 24.30 12.55 -44.71
N GLU C 3825 24.54 11.63 -45.63
CA GLU C 3825 23.75 11.51 -46.84
C GLU C 3825 22.55 10.60 -46.57
N VAL C 3826 21.40 10.97 -47.13
CA VAL C 3826 20.15 10.23 -46.95
C VAL C 3826 19.89 9.27 -48.10
N GLY C 3827 20.15 9.73 -49.33
CA GLY C 3827 19.75 9.00 -50.51
C GLY C 3827 20.47 7.70 -50.68
N PHE C 3828 21.65 7.52 -50.06
CA PHE C 3828 22.40 6.27 -50.21
C PHE C 3828 21.55 5.10 -49.73
N PHE C 3829 21.05 5.20 -48.50
CA PHE C 3829 20.13 4.19 -47.99
C PHE C 3829 18.78 4.24 -48.68
N GLN C 3830 18.34 5.43 -49.11
CA GLN C 3830 17.09 5.49 -49.89
C GLN C 3830 17.20 4.67 -51.17
N SER C 3831 18.33 4.81 -51.86
CA SER C 3831 18.62 4.04 -53.07
C SER C 3831 18.75 2.57 -52.76
N ILE C 3832 19.42 2.22 -51.66
CA ILE C 3832 19.61 0.82 -51.28
C ILE C 3832 18.25 0.15 -51.05
N GLN C 3833 17.38 0.84 -50.30
CA GLN C 3833 16.02 0.40 -50.08
C GLN C 3833 15.24 0.23 -51.38
N ALA C 3834 15.31 1.22 -52.27
CA ALA C 3834 14.62 1.14 -53.55
C ALA C 3834 15.14 0.00 -54.43
N LEU C 3835 16.47 -0.16 -54.46
CA LEU C 3835 17.09 -1.21 -55.25
C LEU C 3835 16.66 -2.58 -54.74
N MET C 3836 16.59 -2.73 -53.43
CA MET C 3836 16.25 -4.04 -52.90
C MET C 3836 14.76 -4.31 -53.09
N GLN C 3837 13.92 -3.25 -53.01
CA GLN C 3837 12.49 -3.42 -53.25
C GLN C 3837 12.20 -3.80 -54.70
N THR C 3838 13.05 -3.37 -55.63
CA THR C 3838 12.80 -3.66 -57.03
C THR C 3838 13.33 -5.04 -57.45
N CYS C 3839 14.05 -5.73 -56.57
CA CYS C 3839 14.57 -7.06 -56.89
C CYS C 3839 13.43 -8.04 -57.09
N SER C 3840 13.59 -8.93 -58.07
CA SER C 3840 12.48 -9.75 -58.50
C SER C 3840 12.33 -10.97 -57.60
N VAL C 3841 11.22 -11.68 -57.79
CA VAL C 3841 10.91 -12.92 -57.08
C VAL C 3841 10.32 -13.89 -58.10
N LEU C 3842 10.29 -15.17 -57.71
CA LEU C 3842 9.74 -16.23 -58.56
C LEU C 3842 8.28 -15.98 -58.91
N ASP C 3843 7.93 -16.25 -60.16
CA ASP C 3843 6.59 -16.01 -60.68
C ASP C 3843 6.15 -17.22 -61.49
N LEU C 3844 4.85 -17.49 -61.44
CA LEU C 3844 4.29 -18.64 -62.14
C LEU C 3844 4.00 -18.33 -63.60
N ASN C 3845 3.36 -17.17 -63.83
CA ASN C 3845 2.89 -16.78 -65.16
C ASN C 3845 4.02 -16.74 -66.18
N ALA C 3846 5.13 -16.09 -65.83
CA ALA C 3846 6.29 -16.02 -66.72
C ALA C 3846 6.87 -17.39 -66.97
N PHE C 3847 6.91 -18.23 -65.93
CA PHE C 3847 7.52 -19.56 -66.06
C PHE C 3847 6.72 -20.42 -67.03
N GLU C 3848 5.39 -20.47 -66.85
CA GLU C 3848 4.57 -21.29 -67.75
C GLU C 3848 4.57 -20.72 -69.16
N ARG C 3849 4.59 -19.39 -69.29
CA ARG C 3849 4.66 -18.77 -70.61
C ARG C 3849 5.95 -19.17 -71.32
N GLN C 3850 7.06 -19.20 -70.58
CA GLN C 3850 8.33 -19.67 -71.13
C GLN C 3850 8.25 -21.13 -71.51
N ASN C 3851 7.56 -21.94 -70.68
CA ASN C 3851 7.43 -23.37 -70.97
C ASN C 3851 6.69 -23.59 -72.28
N LYS C 3852 5.62 -22.83 -72.49
CA LYS C 3852 4.88 -22.92 -73.75
C LYS C 3852 5.74 -22.45 -74.91
N ALA C 3853 6.53 -21.38 -74.71
CA ALA C 3853 7.39 -20.88 -75.77
C ALA C 3853 8.40 -21.93 -76.20
N GLU C 3854 9.00 -22.64 -75.23
CA GLU C 3854 9.85 -23.77 -75.57
C GLU C 3854 9.05 -24.89 -76.22
N GLY C 3855 7.75 -24.99 -75.87
CA GLY C 3855 6.87 -25.97 -76.47
C GLY C 3855 6.68 -25.77 -77.95
N LEU C 3856 6.70 -24.51 -78.40
CA LEU C 3856 6.60 -24.23 -79.83
C LEU C 3856 7.79 -24.78 -80.60
N GLY C 3857 9.01 -24.60 -80.08
CA GLY C 3857 10.21 -25.06 -80.77
C GLY C 3857 10.43 -24.40 -82.11
N MET C 3858 10.51 -23.07 -82.09
CA MET C 3858 10.48 -22.26 -83.31
C MET C 3858 11.78 -22.39 -84.10
N VAL C 3859 11.72 -21.87 -85.34
CA VAL C 3859 12.88 -21.67 -86.17
C VAL C 3859 12.83 -20.24 -86.71
N ASN C 3860 14.00 -19.71 -87.03
CA ASN C 3860 14.11 -18.41 -87.67
C ASN C 3860 14.17 -18.61 -89.19
N GLU C 3861 14.45 -17.53 -89.92
CA GLU C 3861 14.53 -17.60 -91.38
C GLU C 3861 15.96 -17.72 -91.87
N ASP C 3862 16.92 -17.17 -91.14
CA ASP C 3862 18.34 -17.26 -91.49
C ASP C 3862 18.90 -18.53 -90.86
N GLY C 3863 18.55 -19.67 -91.46
CA GLY C 3863 18.94 -20.96 -90.94
C GLY C 3863 18.05 -21.43 -89.81
N THR C 3864 18.65 -22.01 -88.77
CA THR C 3864 17.95 -22.55 -87.62
C THR C 3864 18.97 -22.67 -86.48
N VAL C 3865 18.55 -22.29 -85.27
CA VAL C 3865 19.33 -22.50 -84.06
C VAL C 3865 18.58 -23.49 -83.18
N ILE C 3866 19.30 -24.50 -82.68
CA ILE C 3866 18.70 -25.57 -81.89
C ILE C 3866 18.74 -25.16 -80.42
N ASN C 3867 17.55 -24.99 -79.82
CA ASN C 3867 17.35 -24.68 -78.41
C ASN C 3867 18.11 -23.41 -78.00
N ARG C 3868 17.72 -22.29 -78.62
CA ARG C 3868 18.35 -21.02 -78.32
C ARG C 3868 18.01 -20.58 -76.90
N GLN C 3869 18.91 -19.81 -76.31
CA GLN C 3869 18.77 -19.32 -74.94
C GLN C 3869 18.36 -17.85 -74.95
N ASN C 3870 17.42 -17.50 -75.86
CA ASN C 3870 16.85 -16.16 -75.97
C ASN C 3870 16.28 -15.66 -74.63
N GLY C 3871 16.06 -14.33 -74.52
CA GLY C 3871 15.81 -13.60 -73.27
C GLY C 3871 15.01 -14.28 -72.17
N GLU C 3872 15.63 -14.39 -71.01
CA GLU C 3872 15.04 -15.10 -69.88
C GLU C 3872 14.31 -14.14 -68.96
N LYS C 3873 13.02 -14.41 -68.71
CA LYS C 3873 12.19 -13.51 -67.94
C LYS C 3873 12.04 -13.94 -66.49
N VAL C 3874 12.70 -15.02 -66.09
CA VAL C 3874 12.67 -15.52 -64.72
C VAL C 3874 14.08 -15.46 -64.17
N MET C 3875 14.26 -14.71 -63.07
CA MET C 3875 15.56 -14.50 -62.42
C MET C 3875 16.61 -13.91 -63.37
N ALA C 3876 16.17 -12.96 -64.20
CA ALA C 3876 17.11 -12.26 -65.08
C ALA C 3876 18.14 -11.50 -64.25
N ASP C 3877 17.67 -10.87 -63.17
CA ASP C 3877 18.46 -10.01 -62.30
C ASP C 3877 19.01 -10.77 -61.10
N ASP C 3878 19.09 -12.10 -61.22
CA ASP C 3878 19.44 -12.93 -60.07
C ASP C 3878 20.83 -12.59 -59.54
N GLU C 3879 21.83 -12.47 -60.42
CA GLU C 3879 23.18 -12.14 -59.97
C GLU C 3879 23.25 -10.75 -59.32
N PHE C 3880 22.37 -9.84 -59.73
CA PHE C 3880 22.19 -8.55 -59.07
C PHE C 3880 21.70 -8.76 -57.64
N THR C 3881 20.77 -9.69 -57.46
CA THR C 3881 20.32 -9.92 -56.09
C THR C 3881 21.37 -10.70 -55.30
N GLN C 3882 22.11 -11.60 -55.97
CA GLN C 3882 23.21 -12.34 -55.35
C GLN C 3882 24.24 -11.39 -54.76
N ASP C 3883 24.72 -10.47 -55.59
CA ASP C 3883 25.84 -9.67 -55.15
C ASP C 3883 25.39 -8.50 -54.28
N LEU C 3884 24.12 -8.09 -54.33
CA LEU C 3884 23.67 -7.00 -53.46
C LEU C 3884 23.82 -7.40 -52.00
N PHE C 3885 23.27 -8.56 -51.66
CA PHE C 3885 23.42 -9.08 -50.32
C PHE C 3885 24.85 -9.53 -50.03
N ARG C 3886 25.58 -10.04 -51.04
CA ARG C 3886 27.01 -10.31 -50.82
C ARG C 3886 27.79 -9.06 -50.44
N PHE C 3887 27.40 -7.92 -50.99
CA PHE C 3887 27.95 -6.62 -50.63
C PHE C 3887 27.61 -6.25 -49.20
N LEU C 3888 26.33 -6.39 -48.84
CA LEU C 3888 25.93 -6.03 -47.47
C LEU C 3888 26.60 -6.95 -46.44
N GLN C 3889 26.72 -8.23 -46.77
CA GLN C 3889 27.38 -9.19 -45.89
C GLN C 3889 28.85 -8.80 -45.70
N LEU C 3890 29.51 -8.38 -46.80
CA LEU C 3890 30.91 -8.02 -46.71
C LEU C 3890 31.08 -6.78 -45.85
N LEU C 3891 30.22 -5.76 -46.05
CA LEU C 3891 30.34 -4.53 -45.27
C LEU C 3891 29.96 -4.74 -43.80
N CYS C 3892 29.39 -5.89 -43.44
CA CYS C 3892 29.20 -6.20 -42.03
C CYS C 3892 30.09 -7.34 -41.55
N GLU C 3893 30.99 -7.83 -42.41
CA GLU C 3893 31.88 -8.92 -42.04
C GLU C 3893 32.85 -8.47 -40.95
N GLY C 3894 33.40 -9.44 -40.22
CA GLY C 3894 34.30 -9.14 -39.12
C GLY C 3894 33.63 -8.69 -37.85
N HIS C 3895 32.30 -8.85 -37.74
CA HIS C 3895 31.49 -8.43 -36.58
C HIS C 3895 31.69 -6.95 -36.30
N ASN C 3896 31.28 -6.13 -37.27
CA ASN C 3896 31.39 -4.68 -37.15
C ASN C 3896 30.17 -4.11 -36.44
N ASN C 3897 30.18 -4.23 -35.11
CA ASN C 3897 29.10 -3.69 -34.26
C ASN C 3897 28.88 -2.20 -34.49
N ASP C 3898 29.95 -1.48 -34.85
CA ASP C 3898 29.86 -0.08 -35.23
C ASP C 3898 28.96 0.09 -36.44
N PHE C 3899 29.01 -0.83 -37.38
CA PHE C 3899 28.33 -0.64 -38.64
C PHE C 3899 26.91 -1.21 -38.59
N GLN C 3900 26.74 -2.34 -37.88
CA GLN C 3900 25.43 -2.99 -37.80
C GLN C 3900 24.41 -2.07 -37.15
N ASN C 3901 24.80 -1.43 -36.03
CA ASN C 3901 23.90 -0.49 -35.38
C ASN C 3901 23.62 0.71 -36.28
N TYR C 3902 24.59 1.06 -37.13
CA TYR C 3902 24.39 2.19 -38.03
C TYR C 3902 23.39 1.81 -39.11
N LEU C 3903 23.35 0.53 -39.46
CA LEU C 3903 22.36 0.05 -40.42
C LEU C 3903 20.97 0.06 -39.81
N ARG C 3904 20.85 -0.46 -38.59
CA ARG C 3904 19.54 -0.53 -37.94
C ARG C 3904 18.99 0.87 -37.67
N THR C 3905 19.85 1.82 -37.32
CA THR C 3905 19.42 3.19 -37.16
C THR C 3905 20.54 4.11 -37.58
N GLN C 3906 20.17 5.22 -38.22
CA GLN C 3906 21.11 6.23 -38.65
C GLN C 3906 21.08 7.41 -37.69
N THR C 3907 22.14 7.51 -36.87
CA THR C 3907 22.20 8.53 -35.84
C THR C 3907 22.25 9.93 -36.43
N GLY C 3908 23.19 10.16 -37.35
CA GLY C 3908 23.39 11.50 -37.89
C GLY C 3908 22.25 11.96 -38.78
N ASN C 3909 21.74 11.07 -39.63
CA ASN C 3909 20.84 11.43 -40.72
C ASN C 3909 19.50 11.97 -40.19
N THR C 3910 18.88 12.82 -41.00
CA THR C 3910 17.59 13.41 -40.64
C THR C 3910 16.50 12.35 -40.57
N THR C 3911 16.46 11.45 -41.55
CA THR C 3911 15.47 10.39 -41.62
C THR C 3911 16.17 9.05 -41.58
N THR C 3912 15.70 8.17 -40.71
CA THR C 3912 16.33 6.88 -40.48
C THR C 3912 15.61 5.80 -41.29
N ILE C 3913 16.37 4.98 -42.00
CA ILE C 3913 15.84 3.86 -42.77
C ILE C 3913 16.38 2.57 -42.19
N ASN C 3914 15.49 1.65 -41.85
CA ASN C 3914 15.90 0.40 -41.21
C ASN C 3914 16.08 -0.68 -42.27
N ILE C 3915 17.34 -0.98 -42.54
CA ILE C 3915 17.74 -1.96 -43.53
C ILE C 3915 17.27 -3.34 -43.11
N ILE C 3916 17.38 -3.64 -41.81
CA ILE C 3916 17.14 -4.99 -41.31
C ILE C 3916 15.71 -5.43 -41.60
N ILE C 3917 14.74 -4.61 -41.17
CA ILE C 3917 13.32 -4.90 -41.40
C ILE C 3917 13.02 -4.93 -42.90
N CYS C 3918 13.64 -4.02 -43.69
CA CYS C 3918 13.43 -4.06 -45.13
C CYS C 3918 13.95 -5.36 -45.75
N THR C 3919 15.12 -5.82 -45.28
CA THR C 3919 15.70 -7.09 -45.74
C THR C 3919 14.78 -8.26 -45.41
N VAL C 3920 14.18 -8.23 -44.21
CA VAL C 3920 13.21 -9.25 -43.83
C VAL C 3920 12.02 -9.21 -44.79
N ASP C 3921 11.53 -8.01 -45.11
CA ASP C 3921 10.37 -7.89 -45.98
C ASP C 3921 10.66 -8.47 -47.37
N TYR C 3922 11.90 -8.26 -47.85
CA TYR C 3922 12.31 -8.88 -49.10
C TYR C 3922 12.32 -10.40 -48.98
N LEU C 3923 12.83 -10.90 -47.84
CA LEU C 3923 12.86 -12.35 -47.63
C LEU C 3923 11.44 -12.91 -47.62
N LEU C 3924 10.50 -12.16 -47.07
CA LEU C 3924 9.09 -12.54 -47.06
C LEU C 3924 8.55 -12.68 -48.48
N ARG C 3925 8.87 -11.71 -49.36
CA ARG C 3925 8.46 -11.79 -50.76
C ARG C 3925 9.09 -13.00 -51.44
N LEU C 3926 10.36 -13.27 -51.12
CA LEU C 3926 11.06 -14.43 -51.64
C LEU C 3926 10.36 -15.70 -51.17
N GLN C 3927 10.00 -15.73 -49.89
CA GLN C 3927 9.43 -16.91 -49.27
C GLN C 3927 8.13 -17.28 -49.95
N GLU C 3928 7.26 -16.28 -50.16
CA GLU C 3928 6.02 -16.51 -50.91
C GLU C 3928 6.31 -17.04 -52.30
N SER C 3929 7.31 -16.46 -52.97
CA SER C 3929 7.62 -16.84 -54.35
C SER C 3929 8.05 -18.30 -54.47
N ILE C 3930 9.06 -18.70 -53.68
CA ILE C 3930 9.56 -20.06 -53.69
C ILE C 3930 8.51 -21.03 -53.18
N SER C 3931 7.75 -20.59 -52.16
CA SER C 3931 6.64 -21.37 -51.63
C SER C 3931 5.63 -21.68 -52.72
N ASP C 3932 5.12 -20.64 -53.39
CA ASP C 3932 4.07 -20.79 -54.41
C ASP C 3932 4.60 -21.66 -55.57
N PHE C 3933 5.91 -21.56 -55.87
CA PHE C 3933 6.48 -22.44 -56.87
C PHE C 3933 6.39 -23.89 -56.44
N TYR C 3934 6.65 -24.17 -55.15
CA TYR C 3934 6.30 -25.50 -54.65
C TYR C 3934 4.78 -25.73 -54.68
N TRP C 3935 3.98 -24.67 -54.50
CA TRP C 3935 2.51 -24.79 -54.57
C TRP C 3935 1.99 -24.92 -56.01
N TYR C 3936 2.89 -25.24 -56.92
CA TYR C 3936 2.60 -25.51 -58.33
C TYR C 3936 2.96 -26.96 -58.69
N TYR C 3937 3.45 -27.74 -57.73
CA TYR C 3937 4.07 -29.04 -57.99
C TYR C 3937 3.49 -30.15 -57.12
N SER C 3938 2.16 -30.30 -57.12
CA SER C 3938 1.55 -31.50 -56.56
C SER C 3938 1.05 -32.46 -57.63
N GLY C 3939 0.23 -31.96 -58.56
CA GLY C 3939 -0.18 -32.77 -59.70
C GLY C 3939 0.97 -33.29 -60.52
N LYS C 3940 1.96 -32.44 -60.78
CA LYS C 3940 3.20 -32.88 -61.39
C LYS C 3940 4.08 -33.55 -60.34
N ASP C 3941 4.33 -34.85 -60.52
CA ASP C 3941 5.07 -35.67 -59.57
C ASP C 3941 6.55 -35.75 -59.87
N VAL C 3942 6.99 -35.16 -60.98
CA VAL C 3942 8.39 -35.15 -61.39
C VAL C 3942 8.76 -33.72 -61.73
N ILE C 3943 10.03 -33.37 -61.59
CA ILE C 3943 10.52 -32.02 -61.84
C ILE C 3943 11.43 -32.07 -63.05
N GLU C 3944 11.07 -31.30 -64.08
CA GLU C 3944 11.86 -31.17 -65.28
C GLU C 3944 13.05 -30.22 -65.12
N GLU C 3945 13.66 -29.88 -66.27
CA GLU C 3945 14.91 -29.13 -66.28
C GLU C 3945 14.69 -27.69 -65.83
N GLN C 3946 13.72 -26.99 -66.43
CA GLN C 3946 13.52 -25.58 -66.13
C GLN C 3946 13.14 -25.39 -64.66
N GLY C 3947 12.27 -26.26 -64.14
CA GLY C 3947 11.97 -26.27 -62.71
C GLY C 3947 13.19 -26.48 -61.83
N LYS C 3948 14.09 -27.38 -62.25
CA LYS C 3948 15.33 -27.59 -61.49
C LYS C 3948 16.25 -26.38 -61.57
N ARG C 3949 16.45 -25.85 -62.79
CA ARG C 3949 17.37 -24.73 -62.96
C ARG C 3949 16.84 -23.49 -62.27
N ASN C 3950 15.51 -23.34 -62.23
CA ASN C 3950 14.86 -22.29 -61.49
C ASN C 3950 15.19 -22.40 -60.01
N PHE C 3951 14.99 -23.60 -59.42
CA PHE C 3951 15.26 -23.74 -58.00
C PHE C 3951 16.74 -23.54 -57.69
N SER C 3952 17.62 -24.00 -58.60
CA SER C 3952 19.06 -23.87 -58.44
C SER C 3952 19.49 -22.41 -58.30
N LYS C 3953 19.02 -21.55 -59.21
CA LYS C 3953 19.38 -20.14 -59.05
C LYS C 3953 18.57 -19.46 -57.95
N ALA C 3954 17.29 -19.79 -57.83
CA ALA C 3954 16.38 -19.14 -56.89
C ALA C 3954 16.82 -19.33 -55.44
N MET C 3955 17.24 -20.54 -55.08
CA MET C 3955 17.61 -20.80 -53.70
C MET C 3955 18.94 -20.16 -53.31
N SER C 3956 19.84 -19.94 -54.28
CA SER C 3956 21.10 -19.27 -53.98
C SER C 3956 20.88 -17.86 -53.45
N VAL C 3957 19.75 -17.25 -53.81
CA VAL C 3957 19.34 -15.97 -53.24
C VAL C 3957 19.09 -16.13 -51.75
N ALA C 3958 18.28 -17.12 -51.38
CA ALA C 3958 17.93 -17.37 -49.98
C ALA C 3958 19.18 -17.70 -49.18
N LYS C 3959 20.08 -18.49 -49.76
CA LYS C 3959 21.36 -18.82 -49.12
C LYS C 3959 22.19 -17.57 -48.86
N GLN C 3960 22.25 -16.66 -49.83
CA GLN C 3960 23.00 -15.42 -49.66
C GLN C 3960 22.35 -14.52 -48.62
N VAL C 3961 21.02 -14.41 -48.67
CA VAL C 3961 20.29 -13.57 -47.72
C VAL C 3961 20.50 -14.10 -46.31
N PHE C 3962 20.40 -15.42 -46.15
CA PHE C 3962 20.58 -16.02 -44.82
C PHE C 3962 21.98 -15.77 -44.29
N ASN C 3963 23.01 -15.92 -45.16
CA ASN C 3963 24.38 -15.56 -44.77
C ASN C 3963 24.49 -14.08 -44.40
N SER C 3964 23.69 -13.24 -45.05
CA SER C 3964 23.72 -11.81 -44.77
C SER C 3964 23.17 -11.57 -43.38
N LEU C 3965 22.00 -12.18 -43.08
CA LEU C 3965 21.37 -12.00 -41.77
C LEU C 3965 22.27 -12.50 -40.66
N THR C 3966 23.01 -13.60 -40.92
CA THR C 3966 23.96 -14.10 -39.94
C THR C 3966 25.00 -13.04 -39.65
N GLU C 3967 25.51 -12.41 -40.72
CA GLU C 3967 26.49 -11.36 -40.50
C GLU C 3967 25.88 -10.15 -39.81
N TYR C 3968 24.56 -9.92 -39.94
CA TYR C 3968 23.97 -8.80 -39.23
C TYR C 3968 23.81 -9.09 -37.75
N ILE C 3969 23.80 -10.37 -37.36
CA ILE C 3969 23.36 -10.74 -36.03
C ILE C 3969 24.53 -11.22 -35.17
N GLN C 3970 25.52 -11.89 -35.74
CA GLN C 3970 26.63 -12.42 -34.97
C GLN C 3970 27.43 -11.29 -34.32
N GLY C 3971 28.00 -11.58 -33.15
CA GLY C 3971 28.80 -10.62 -32.42
C GLY C 3971 28.52 -10.45 -30.93
N PRO C 3972 27.25 -10.39 -30.47
CA PRO C 3972 25.97 -10.13 -31.15
C PRO C 3972 25.49 -8.69 -31.02
N CYS C 3973 24.65 -8.23 -31.94
CA CYS C 3973 24.06 -6.89 -31.87
C CYS C 3973 22.65 -7.05 -31.32
N THR C 3974 22.48 -6.67 -30.04
CA THR C 3974 21.21 -6.86 -29.34
C THR C 3974 20.09 -6.06 -30.01
N GLY C 3975 20.38 -4.83 -30.43
CA GLY C 3975 19.36 -3.99 -31.07
C GLY C 3975 18.79 -4.64 -32.32
N ASN C 3976 19.66 -5.24 -33.14
CA ASN C 3976 19.20 -5.99 -34.29
C ASN C 3976 18.39 -7.20 -33.85
N GLN C 3977 18.86 -7.90 -32.80
CA GLN C 3977 18.16 -9.10 -32.35
C GLN C 3977 16.73 -8.76 -31.95
N GLN C 3978 16.56 -7.62 -31.26
CA GLN C 3978 15.23 -7.15 -30.88
C GLN C 3978 14.40 -6.80 -32.11
N SER C 3979 15.06 -6.23 -33.14
CA SER C 3979 14.33 -5.86 -34.35
C SER C 3979 13.78 -7.09 -35.04
N LEU C 3980 14.60 -8.15 -35.15
CA LEU C 3980 14.12 -9.39 -35.74
C LEU C 3980 13.06 -10.04 -34.86
N ALA C 3981 13.19 -9.89 -33.53
CA ALA C 3981 12.17 -10.39 -32.61
C ALA C 3981 10.82 -9.76 -32.92
N HIS C 3982 10.81 -8.49 -33.33
CA HIS C 3982 9.57 -7.83 -33.67
C HIS C 3982 9.30 -7.80 -35.17
N SER C 3983 10.10 -8.50 -35.96
CA SER C 3983 9.95 -8.53 -37.41
C SER C 3983 8.90 -9.56 -37.84
N ARG C 3984 8.80 -9.79 -39.15
CA ARG C 3984 7.97 -10.83 -39.76
C ARG C 3984 8.78 -12.08 -40.10
N LEU C 3985 9.99 -12.17 -39.54
CA LEU C 3985 10.91 -13.24 -39.85
C LEU C 3985 10.35 -14.59 -39.47
N TRP C 3986 9.66 -14.66 -38.31
CA TRP C 3986 9.12 -15.92 -37.79
C TRP C 3986 8.16 -16.55 -38.80
N ASP C 3987 7.22 -15.76 -39.30
CA ASP C 3987 6.25 -16.24 -40.28
C ASP C 3987 6.95 -16.68 -41.58
N ALA C 3988 7.98 -15.94 -41.99
CA ALA C 3988 8.78 -16.38 -43.12
C ALA C 3988 9.50 -17.70 -42.84
N VAL C 3989 9.95 -17.88 -41.60
CA VAL C 3989 10.61 -19.11 -41.18
C VAL C 3989 9.63 -20.27 -41.28
N VAL C 3990 8.38 -20.05 -40.85
CA VAL C 3990 7.34 -21.08 -40.89
C VAL C 3990 7.16 -21.53 -42.34
N GLY C 3991 7.00 -20.55 -43.25
CA GLY C 3991 6.71 -20.87 -44.64
C GLY C 3991 7.84 -21.70 -45.24
N PHE C 3992 9.09 -21.31 -44.93
CA PHE C 3992 10.26 -22.07 -45.39
C PHE C 3992 10.26 -23.49 -44.85
N LEU C 3993 9.93 -23.64 -43.56
CA LEU C 3993 9.89 -24.97 -42.94
C LEU C 3993 8.91 -25.88 -43.65
N HIS C 3994 7.66 -25.41 -43.84
CA HIS C 3994 6.65 -26.22 -44.53
C HIS C 3994 7.06 -26.58 -45.96
N VAL C 3995 7.69 -25.64 -46.67
CA VAL C 3995 8.22 -25.93 -48.00
C VAL C 3995 9.31 -27.00 -47.95
N PHE C 3996 10.28 -26.84 -47.05
CA PHE C 3996 11.32 -27.86 -46.86
C PHE C 3996 10.74 -29.17 -46.40
N ALA C 3997 9.61 -29.13 -45.68
CA ALA C 3997 8.97 -30.27 -45.08
C ALA C 3997 8.55 -31.18 -46.21
N HIS C 3998 7.55 -30.75 -46.97
CA HIS C 3998 7.00 -31.68 -47.94
C HIS C 3998 7.89 -31.82 -49.18
N MET C 3999 8.75 -30.81 -49.43
CA MET C 3999 9.56 -30.80 -50.63
C MET C 3999 10.58 -31.94 -50.59
N MET C 4000 11.24 -32.14 -49.46
CA MET C 4000 12.31 -33.13 -49.45
C MET C 4000 11.77 -34.55 -49.39
N MET C 4001 10.51 -34.75 -48.95
CA MET C 4001 9.81 -35.98 -49.29
C MET C 4001 9.75 -36.16 -50.80
N LYS C 4002 9.27 -35.13 -51.51
CA LYS C 4002 9.07 -35.24 -52.95
C LYS C 4002 10.40 -35.54 -53.66
N LEU C 4003 11.47 -34.90 -53.21
CA LEU C 4003 12.80 -35.15 -53.74
C LEU C 4003 13.35 -36.50 -53.28
N ALA C 4004 12.90 -36.99 -52.13
CA ALA C 4004 13.33 -38.30 -51.64
C ALA C 4004 12.65 -39.45 -52.37
N GLN C 4005 11.56 -39.17 -53.08
CA GLN C 4005 10.89 -40.24 -53.82
C GLN C 4005 11.69 -40.75 -55.01
N ASP C 4006 12.77 -40.08 -55.40
CA ASP C 4006 13.52 -40.43 -56.60
C ASP C 4006 14.97 -39.99 -56.45
N SER C 4007 15.84 -40.60 -57.25
CA SER C 4007 17.24 -40.22 -57.29
C SER C 4007 17.54 -39.21 -58.38
N SER C 4008 16.54 -38.81 -59.16
CA SER C 4008 16.76 -37.81 -60.20
C SER C 4008 17.10 -36.43 -59.65
N GLN C 4009 16.73 -36.13 -58.41
CA GLN C 4009 16.94 -34.81 -57.83
C GLN C 4009 17.82 -34.86 -56.60
N ILE C 4010 18.86 -35.71 -56.66
CA ILE C 4010 19.84 -35.79 -55.58
C ILE C 4010 20.60 -34.48 -55.44
N GLU C 4011 20.88 -33.82 -56.57
CA GLU C 4011 21.60 -32.55 -56.62
C GLU C 4011 20.79 -31.53 -55.84
N LEU C 4012 19.62 -31.17 -56.39
CA LEU C 4012 18.79 -30.11 -55.82
C LEU C 4012 18.45 -30.39 -54.36
N LEU C 4013 18.28 -31.68 -54.00
CA LEU C 4013 18.10 -32.03 -52.59
C LEU C 4013 19.33 -31.69 -51.76
N LYS C 4014 20.54 -31.97 -52.29
CA LYS C 4014 21.73 -31.71 -51.49
C LYS C 4014 21.97 -30.21 -51.32
N GLU C 4015 21.54 -29.39 -52.30
CA GLU C 4015 21.56 -27.95 -52.04
C GLU C 4015 20.51 -27.56 -51.00
N LEU C 4016 19.31 -28.15 -51.06
CA LEU C 4016 18.24 -27.79 -50.11
C LEU C 4016 18.67 -28.07 -48.68
N LEU C 4017 19.34 -29.21 -48.49
CA LEU C 4017 19.89 -29.59 -47.19
C LEU C 4017 20.78 -28.48 -46.62
N ASP C 4018 21.73 -27.98 -47.42
CA ASP C 4018 22.58 -26.93 -46.87
C ASP C 4018 21.88 -25.59 -46.82
N LEU C 4019 20.73 -25.46 -47.49
CA LEU C 4019 19.94 -24.24 -47.39
C LEU C 4019 19.39 -24.13 -45.98
N GLN C 4020 18.52 -25.07 -45.58
CA GLN C 4020 18.08 -24.98 -44.18
C GLN C 4020 19.20 -25.19 -43.15
N LYS C 4021 20.35 -25.79 -43.53
CA LYS C 4021 21.53 -25.74 -42.66
C LYS C 4021 21.95 -24.31 -42.36
N ASP C 4022 22.00 -23.46 -43.39
CA ASP C 4022 22.33 -22.06 -43.13
C ASP C 4022 21.20 -21.34 -42.43
N MET C 4023 19.97 -21.79 -42.67
CA MET C 4023 18.81 -21.18 -42.01
C MET C 4023 18.87 -21.37 -40.50
N VAL C 4024 19.09 -22.62 -40.06
CA VAL C 4024 19.18 -22.87 -38.63
C VAL C 4024 20.43 -22.21 -38.05
N VAL C 4025 21.52 -22.15 -38.82
CA VAL C 4025 22.73 -21.43 -38.37
C VAL C 4025 22.40 -19.98 -38.03
N MET C 4026 21.57 -19.35 -38.89
CA MET C 4026 21.02 -18.03 -38.57
C MET C 4026 20.18 -18.07 -37.30
N LEU C 4027 19.34 -19.10 -37.15
CA LEU C 4027 18.45 -19.18 -35.98
C LEU C 4027 19.26 -19.24 -34.68
N LEU C 4028 20.32 -20.06 -34.67
CA LEU C 4028 21.23 -20.11 -33.52
C LEU C 4028 21.90 -18.76 -33.29
N SER C 4029 22.37 -18.11 -34.36
CA SER C 4029 22.99 -16.79 -34.20
C SER C 4029 22.00 -15.78 -33.62
N LEU C 4030 20.73 -15.89 -34.00
CA LEU C 4030 19.67 -15.11 -33.38
C LEU C 4030 19.48 -15.47 -31.92
N LEU C 4031 19.77 -16.71 -31.56
CA LEU C 4031 19.55 -17.17 -30.20
C LEU C 4031 20.76 -16.93 -29.31
N GLU C 4032 21.89 -16.51 -29.90
CA GLU C 4032 23.17 -16.35 -29.21
C GLU C 4032 23.06 -15.42 -28.01
N GLY C 4033 23.59 -15.87 -26.88
CA GLY C 4033 23.72 -15.07 -25.66
C GLY C 4033 22.42 -14.54 -25.11
N ASN C 4034 21.37 -15.34 -25.14
CA ASN C 4034 20.09 -14.95 -24.59
C ASN C 4034 20.00 -15.23 -23.10
N VAL C 4035 18.96 -14.70 -22.48
CA VAL C 4035 18.67 -14.93 -21.08
C VAL C 4035 17.46 -15.86 -20.99
N VAL C 4036 17.32 -16.50 -19.81
CA VAL C 4036 16.19 -17.39 -19.59
C VAL C 4036 14.88 -16.63 -19.68
N ASN C 4037 13.87 -17.29 -20.25
CA ASN C 4037 12.53 -16.73 -20.47
C ASN C 4037 12.57 -15.48 -21.34
N GLY C 4038 13.60 -15.38 -22.18
CA GLY C 4038 13.76 -14.23 -23.05
C GLY C 4038 12.64 -14.16 -24.06
N MET C 4039 12.23 -12.91 -24.37
CA MET C 4039 11.12 -12.68 -25.29
C MET C 4039 11.44 -13.24 -26.68
N ILE C 4040 12.68 -13.07 -27.14
CA ILE C 4040 13.10 -13.60 -28.44
C ILE C 4040 13.00 -15.12 -28.46
N ALA C 4041 13.44 -15.79 -27.38
CA ALA C 4041 13.31 -17.24 -27.28
C ALA C 4041 11.85 -17.64 -27.27
N ARG C 4042 11.01 -16.87 -26.56
CA ARG C 4042 9.58 -17.13 -26.48
C ARG C 4042 8.95 -17.08 -27.86
N GLN C 4043 9.34 -16.08 -28.66
CA GLN C 4043 8.84 -15.95 -30.02
C GLN C 4043 9.28 -17.14 -30.87
N MET C 4044 10.53 -17.60 -30.69
CA MET C 4044 10.98 -18.78 -31.41
C MET C 4044 10.18 -20.02 -31.01
N VAL C 4045 9.80 -20.12 -29.73
CA VAL C 4045 8.94 -21.21 -29.27
C VAL C 4045 7.57 -21.12 -29.93
N ASP C 4046 6.98 -19.92 -29.94
CA ASP C 4046 5.68 -19.75 -30.58
C ASP C 4046 5.75 -19.95 -32.08
N MET C 4047 6.92 -19.72 -32.69
CA MET C 4047 7.14 -20.10 -34.08
C MET C 4047 7.04 -21.61 -34.22
N LEU C 4048 7.67 -22.33 -33.28
CA LEU C 4048 7.72 -23.78 -33.39
C LEU C 4048 6.34 -24.39 -33.18
N VAL C 4049 5.50 -23.74 -32.38
CA VAL C 4049 4.16 -24.28 -32.09
C VAL C 4049 3.34 -24.39 -33.38
N GLU C 4050 3.35 -23.33 -34.19
CA GLU C 4050 2.69 -23.38 -35.49
C GLU C 4050 3.41 -24.30 -36.47
N SER C 4051 4.76 -24.32 -36.42
CA SER C 4051 5.51 -25.21 -37.32
C SER C 4051 5.64 -26.64 -36.80
N SER C 4052 4.88 -27.00 -35.77
CA SER C 4052 4.97 -28.32 -35.14
C SER C 4052 4.71 -29.45 -36.13
N SER C 4053 3.67 -29.32 -36.95
CA SER C 4053 3.28 -30.36 -37.90
C SER C 4053 4.39 -30.63 -38.89
N ASN C 4054 5.00 -29.56 -39.41
CA ASN C 4054 6.09 -29.70 -40.37
C ASN C 4054 7.35 -30.27 -39.74
N VAL C 4055 7.76 -29.71 -38.59
CA VAL C 4055 9.06 -30.04 -37.99
C VAL C 4055 9.12 -31.49 -37.52
N GLU C 4056 7.98 -32.07 -37.13
CA GLU C 4056 7.93 -33.46 -36.70
C GLU C 4056 8.37 -34.38 -37.82
N MET C 4057 7.78 -34.24 -39.00
CA MET C 4057 8.18 -35.02 -40.15
C MET C 4057 9.50 -34.54 -40.76
N ILE C 4058 9.95 -33.31 -40.44
CA ILE C 4058 11.30 -32.87 -40.80
C ILE C 4058 12.31 -33.78 -40.12
N LEU C 4059 12.17 -33.94 -38.81
CA LEU C 4059 13.12 -34.75 -38.07
C LEU C 4059 12.90 -36.22 -38.36
N LYS C 4060 11.63 -36.61 -38.53
CA LYS C 4060 11.28 -37.97 -38.91
C LYS C 4060 11.94 -38.38 -40.23
N PHE C 4061 12.25 -37.41 -41.11
CA PHE C 4061 13.01 -37.75 -42.32
C PHE C 4061 14.49 -37.98 -42.01
N PHE C 4062 15.00 -37.33 -40.96
CA PHE C 4062 16.41 -37.45 -40.59
C PHE C 4062 16.71 -38.77 -39.89
N ASP C 4063 16.01 -39.01 -38.78
CA ASP C 4063 16.30 -40.20 -37.96
C ASP C 4063 16.12 -41.49 -38.74
N MET C 4064 15.21 -41.53 -39.72
CA MET C 4064 15.04 -42.78 -40.47
C MET C 4064 16.28 -43.12 -41.31
N PHE C 4065 17.05 -42.10 -41.72
CA PHE C 4065 18.39 -42.36 -42.26
C PHE C 4065 19.37 -42.74 -41.18
N LEU C 4066 19.38 -42.00 -40.06
CA LEU C 4066 20.35 -42.29 -39.01
C LEU C 4066 20.15 -43.70 -38.43
N LYS C 4067 18.90 -44.03 -38.12
CA LYS C 4067 18.52 -45.32 -37.55
C LYS C 4067 18.63 -46.47 -38.55
N LEU C 4068 18.54 -46.18 -39.86
CA LEU C 4068 18.73 -47.26 -40.83
C LEU C 4068 20.15 -47.33 -41.38
N LYS C 4069 21.01 -46.39 -41.03
CA LYS C 4069 22.45 -46.52 -41.29
C LYS C 4069 23.03 -47.73 -40.56
N ASP C 4070 22.49 -48.06 -39.39
CA ASP C 4070 22.98 -49.18 -38.59
C ASP C 4070 22.28 -50.49 -38.92
N ILE C 4071 20.99 -50.45 -39.25
CA ILE C 4071 20.15 -51.65 -39.37
C ILE C 4071 20.63 -52.59 -40.48
N VAL C 4072 21.38 -52.07 -41.47
CA VAL C 4072 22.05 -52.90 -42.47
C VAL C 4072 23.02 -53.89 -41.82
N GLY C 4073 23.58 -53.55 -40.65
CA GLY C 4073 24.35 -54.51 -39.87
C GLY C 4073 23.59 -55.16 -38.74
N SER C 4074 22.34 -54.76 -38.50
CA SER C 4074 21.51 -55.35 -37.45
C SER C 4074 21.25 -56.81 -37.75
N GLU C 4075 21.33 -57.66 -36.72
CA GLU C 4075 21.08 -59.09 -36.89
C GLU C 4075 19.66 -59.38 -37.35
N ALA C 4076 18.67 -58.66 -36.79
CA ALA C 4076 17.27 -58.79 -37.18
C ALA C 4076 16.99 -58.47 -38.65
N PHE C 4077 17.87 -57.74 -39.31
CA PHE C 4077 17.78 -57.53 -40.75
C PHE C 4077 18.77 -58.38 -41.53
N GLN C 4078 19.94 -58.64 -40.94
CA GLN C 4078 21.00 -59.43 -41.57
C GLN C 4078 20.57 -60.87 -41.80
N ASP C 4079 19.70 -61.41 -40.93
CA ASP C 4079 19.15 -62.74 -41.15
C ASP C 4079 18.35 -62.79 -42.45
N TYR C 4080 17.55 -61.75 -42.71
CA TYR C 4080 16.84 -61.66 -43.97
C TYR C 4080 17.76 -61.31 -45.13
N VAL C 4081 18.90 -60.69 -44.84
CA VAL C 4081 19.90 -60.41 -45.87
C VAL C 4081 20.48 -61.74 -46.34
N THR C 4082 20.11 -62.16 -47.56
CA THR C 4082 20.43 -63.49 -48.04
C THR C 4082 21.19 -63.49 -49.36
N ASP C 4083 21.28 -62.37 -50.05
CA ASP C 4083 21.93 -62.37 -51.36
C ASP C 4083 23.43 -62.13 -51.18
N PRO C 4084 24.27 -63.02 -51.72
CA PRO C 4084 25.73 -62.78 -51.65
C PRO C 4084 26.19 -61.54 -52.40
N ARG C 4085 25.46 -61.09 -53.42
CA ARG C 4085 25.77 -59.82 -54.09
C ARG C 4085 25.65 -58.62 -53.14
N GLY C 4086 24.92 -58.75 -52.03
CA GLY C 4086 24.65 -57.59 -51.22
C GLY C 4086 23.36 -56.88 -51.58
N LEU C 4087 22.30 -57.64 -51.87
CA LEU C 4087 21.05 -57.03 -52.25
C LEU C 4087 19.96 -57.61 -51.35
N ILE C 4088 18.77 -57.01 -51.38
CA ILE C 4088 17.61 -57.55 -50.67
C ILE C 4088 16.33 -57.04 -51.33
N SER C 4089 15.40 -57.96 -51.58
CA SER C 4089 14.17 -57.65 -52.31
C SER C 4089 13.27 -56.73 -51.50
N LYS C 4090 12.37 -56.02 -52.20
CA LYS C 4090 11.48 -55.03 -51.59
C LYS C 4090 10.64 -55.65 -50.46
N LYS C 4091 9.97 -56.77 -50.76
CA LYS C 4091 9.17 -57.44 -49.74
C LYS C 4091 10.06 -57.99 -48.63
N ASP C 4092 11.33 -58.25 -48.93
CA ASP C 4092 12.21 -58.74 -47.89
C ASP C 4092 12.71 -57.59 -47.02
N PHE C 4093 12.66 -56.34 -47.48
CA PHE C 4093 12.62 -55.22 -46.51
C PHE C 4093 11.37 -55.29 -45.66
N GLN C 4094 10.23 -55.56 -46.34
CA GLN C 4094 8.90 -55.40 -45.75
C GLN C 4094 8.72 -56.30 -44.55
N LYS C 4095 9.14 -57.57 -44.65
CA LYS C 4095 8.95 -58.49 -43.53
C LYS C 4095 10.11 -58.48 -42.54
N ALA C 4096 11.14 -57.67 -42.79
CA ALA C 4096 12.36 -57.67 -41.98
C ALA C 4096 12.42 -56.51 -41.00
N MET C 4097 12.20 -55.30 -41.50
CA MET C 4097 12.36 -54.13 -40.64
C MET C 4097 11.14 -53.81 -39.80
N ASP C 4098 9.94 -54.29 -40.15
CA ASP C 4098 8.84 -54.11 -39.22
C ASP C 4098 8.93 -55.04 -38.01
N SER C 4099 9.84 -56.02 -38.03
CA SER C 4099 10.08 -56.89 -36.89
C SER C 4099 10.62 -56.16 -35.66
N GLN C 4100 11.15 -54.95 -35.82
CA GLN C 4100 11.55 -54.15 -34.66
C GLN C 4100 10.38 -53.63 -33.85
N LYS C 4101 9.14 -53.78 -34.36
CA LYS C 4101 7.89 -53.30 -33.75
C LYS C 4101 7.94 -51.80 -33.48
N GLN C 4102 8.54 -51.04 -34.39
CA GLN C 4102 8.71 -49.60 -34.19
C GLN C 4102 8.43 -48.75 -35.41
N PHE C 4103 8.44 -49.29 -36.62
CA PHE C 4103 8.25 -48.48 -37.81
C PHE C 4103 6.80 -48.53 -38.24
N THR C 4104 6.19 -47.36 -38.39
CA THR C 4104 4.80 -47.28 -38.81
C THR C 4104 4.68 -47.68 -40.27
N GLY C 4105 3.45 -48.08 -40.64
CA GLY C 4105 3.08 -48.52 -41.97
C GLY C 4105 3.55 -47.60 -43.08
N PRO C 4106 3.04 -46.34 -43.10
CA PRO C 4106 3.49 -45.39 -44.13
C PRO C 4106 5.00 -45.20 -44.14
N GLU C 4107 5.65 -45.18 -42.96
CA GLU C 4107 7.10 -45.04 -42.90
C GLU C 4107 7.79 -46.18 -43.64
N ILE C 4108 7.25 -47.41 -43.50
CA ILE C 4108 7.73 -48.53 -44.30
C ILE C 4108 7.58 -48.24 -45.78
N GLN C 4109 6.41 -47.72 -46.18
CA GLN C 4109 6.15 -47.46 -47.60
C GLN C 4109 7.11 -46.40 -48.15
N PHE C 4110 7.30 -45.30 -47.40
CA PHE C 4110 8.23 -44.26 -47.83
C PHE C 4110 9.66 -44.77 -47.91
N LEU C 4111 10.12 -45.56 -46.92
CA LEU C 4111 11.47 -46.11 -47.01
C LEU C 4111 11.62 -47.06 -48.20
N LEU C 4112 10.57 -47.81 -48.52
CA LEU C 4112 10.54 -48.64 -49.73
C LEU C 4112 10.68 -47.82 -51.00
N SER C 4113 9.95 -46.72 -51.10
CA SER C 4113 10.08 -45.85 -52.27
C SER C 4113 11.40 -45.09 -52.29
N CYS C 4114 11.84 -44.57 -51.14
CA CYS C 4114 13.13 -43.88 -51.02
C CYS C 4114 14.30 -44.77 -51.40
N SER C 4115 14.21 -46.06 -51.12
CA SER C 4115 15.21 -46.99 -51.61
C SER C 4115 15.16 -47.05 -53.13
N GLU C 4116 16.33 -47.00 -53.75
CA GLU C 4116 16.43 -47.00 -55.20
C GLU C 4116 16.39 -48.45 -55.67
N ALA C 4117 15.18 -48.95 -55.85
CA ALA C 4117 14.97 -50.30 -56.34
C ALA C 4117 15.49 -50.44 -57.76
N ASP C 4118 16.19 -51.54 -58.01
CA ASP C 4118 16.72 -51.84 -59.34
C ASP C 4118 15.60 -52.39 -60.23
N GLU C 4119 15.96 -52.82 -61.45
CA GLU C 4119 14.96 -53.41 -62.34
C GLU C 4119 14.45 -54.77 -61.86
N ASN C 4120 15.12 -55.41 -60.90
CA ASN C 4120 14.69 -56.69 -60.37
C ASN C 4120 13.88 -56.56 -59.09
N GLU C 4121 13.62 -55.32 -58.65
CA GLU C 4121 13.09 -55.00 -57.30
C GLU C 4121 13.95 -55.63 -56.21
N MET C 4122 15.25 -55.67 -56.44
CA MET C 4122 16.22 -56.36 -55.59
C MET C 4122 17.18 -55.26 -55.13
N ILE C 4123 16.79 -54.58 -54.05
CA ILE C 4123 17.30 -53.24 -53.71
C ILE C 4123 18.78 -53.27 -53.35
N ASN C 4124 19.53 -52.28 -53.83
CA ASN C 4124 20.96 -52.13 -53.55
C ASN C 4124 21.10 -51.22 -52.33
N PHE C 4125 21.10 -51.83 -51.17
CA PHE C 4125 21.25 -51.15 -49.89
C PHE C 4125 22.70 -50.94 -49.48
N GLU C 4126 23.65 -51.30 -50.34
CA GLU C 4126 25.06 -51.04 -50.09
C GLU C 4126 25.35 -49.54 -49.99
N GLU C 4127 24.80 -48.73 -50.89
CA GLU C 4127 25.03 -47.29 -50.84
C GLU C 4127 23.78 -46.51 -50.45
N PHE C 4128 22.66 -47.20 -50.18
CA PHE C 4128 21.42 -46.54 -49.81
C PHE C 4128 21.59 -45.78 -48.50
N ALA C 4129 22.13 -46.43 -47.48
CA ALA C 4129 22.31 -45.75 -46.19
C ALA C 4129 23.38 -44.67 -46.32
N ASN C 4130 24.49 -44.98 -46.99
CA ASN C 4130 25.62 -44.04 -47.13
C ASN C 4130 25.31 -42.86 -48.13
N ARG C 4131 24.09 -42.80 -48.68
CA ARG C 4131 23.73 -41.71 -49.58
C ARG C 4131 23.81 -40.36 -48.88
N PHE C 4132 23.15 -40.22 -47.73
CA PHE C 4132 22.90 -38.92 -47.10
C PHE C 4132 23.42 -38.80 -45.68
N GLN C 4133 24.05 -39.84 -45.12
CA GLN C 4133 24.46 -39.83 -43.71
C GLN C 4133 25.44 -38.71 -43.39
N GLU C 4134 26.42 -38.48 -44.26
CA GLU C 4134 27.36 -37.38 -44.04
C GLU C 4134 26.63 -36.03 -44.10
N PRO C 4135 25.97 -35.63 -45.21
CA PRO C 4135 25.37 -34.28 -45.24
C PRO C 4135 24.27 -34.05 -44.20
N ALA C 4136 23.45 -35.06 -43.87
CA ALA C 4136 22.38 -34.86 -42.90
C ALA C 4136 22.86 -34.77 -41.45
N ARG C 4137 24.15 -35.05 -41.20
CA ARG C 4137 24.65 -35.06 -39.84
C ARG C 4137 24.69 -33.66 -39.24
N ASP C 4138 25.22 -32.68 -39.99
CA ASP C 4138 25.39 -31.33 -39.45
C ASP C 4138 24.04 -30.69 -39.15
N ILE C 4139 23.11 -30.76 -40.11
CA ILE C 4139 21.77 -30.22 -39.92
C ILE C 4139 21.06 -30.88 -38.74
N GLY C 4140 21.21 -32.21 -38.59
CA GLY C 4140 20.66 -32.88 -37.42
C GLY C 4140 21.27 -32.38 -36.12
N PHE C 4141 22.58 -32.15 -36.14
CA PHE C 4141 23.25 -31.60 -34.96
C PHE C 4141 22.75 -30.20 -34.63
N ASN C 4142 22.62 -29.34 -35.65
CA ASN C 4142 22.23 -27.96 -35.41
C ASN C 4142 20.80 -27.87 -34.90
N VAL C 4143 19.89 -28.70 -35.45
CA VAL C 4143 18.51 -28.66 -34.97
C VAL C 4143 18.47 -29.18 -33.54
N ALA C 4144 19.34 -30.17 -33.21
CA ALA C 4144 19.43 -30.64 -31.83
C ALA C 4144 19.89 -29.52 -30.91
N VAL C 4145 20.88 -28.74 -31.35
CA VAL C 4145 21.42 -27.63 -30.56
C VAL C 4145 20.34 -26.60 -30.26
N LEU C 4146 19.55 -26.26 -31.29
CA LEU C 4146 18.42 -25.36 -31.11
C LEU C 4146 17.42 -25.92 -30.11
N LEU C 4147 17.10 -27.21 -30.22
CA LEU C 4147 16.12 -27.84 -29.32
C LEU C 4147 16.60 -27.80 -27.87
N THR C 4148 17.84 -28.27 -27.62
CA THR C 4148 18.33 -28.28 -26.25
C THR C 4148 18.46 -26.86 -25.70
N ASN C 4149 18.79 -25.89 -26.56
CA ASN C 4149 18.98 -24.52 -26.09
C ASN C 4149 17.66 -23.95 -25.62
N LEU C 4150 16.61 -24.14 -26.42
CA LEU C 4150 15.29 -23.64 -26.04
C LEU C 4150 14.76 -24.34 -24.80
N SER C 4151 14.89 -25.67 -24.72
CA SER C 4151 14.48 -26.38 -23.50
C SER C 4151 15.28 -25.94 -22.28
N GLU C 4152 16.53 -25.50 -22.49
CA GLU C 4152 17.35 -25.02 -21.39
C GLU C 4152 16.88 -23.66 -20.90
N HIS C 4153 16.62 -22.73 -21.83
CA HIS C 4153 16.32 -21.37 -21.43
C HIS C 4153 14.84 -21.08 -21.22
N VAL C 4154 13.94 -21.94 -21.69
CA VAL C 4154 12.51 -21.75 -21.45
C VAL C 4154 12.05 -23.07 -20.84
N PRO C 4155 12.16 -23.24 -19.53
CA PRO C 4155 11.97 -24.57 -18.92
C PRO C 4155 10.58 -24.84 -18.34
N HIS C 4156 9.64 -23.90 -18.40
CA HIS C 4156 8.31 -24.11 -17.83
C HIS C 4156 7.21 -23.89 -18.86
N ASP C 4157 7.48 -24.24 -20.12
CA ASP C 4157 6.44 -24.28 -21.13
C ASP C 4157 6.14 -25.71 -21.53
N PRO C 4158 4.96 -26.25 -21.17
CA PRO C 4158 4.61 -27.65 -21.51
C PRO C 4158 4.63 -27.97 -23.00
N ARG C 4159 4.25 -26.98 -23.82
CA ARG C 4159 4.17 -27.18 -25.26
C ARG C 4159 5.52 -27.56 -25.84
N LEU C 4160 6.61 -27.10 -25.22
CA LEU C 4160 7.94 -27.40 -25.75
C LEU C 4160 8.27 -28.87 -25.51
N ARG C 4161 8.01 -29.37 -24.27
CA ARG C 4161 8.22 -30.78 -23.99
C ARG C 4161 7.38 -31.66 -24.91
N ASN C 4162 6.20 -31.15 -25.33
CA ASN C 4162 5.42 -31.86 -26.35
C ASN C 4162 6.25 -32.11 -27.61
N PHE C 4163 7.08 -31.13 -28.03
CA PHE C 4163 8.00 -31.40 -29.14
C PHE C 4163 9.03 -32.43 -28.73
N LEU C 4164 9.43 -32.39 -27.45
CA LEU C 4164 10.53 -33.25 -27.00
C LEU C 4164 10.13 -34.72 -27.15
N GLU C 4165 8.91 -35.08 -26.72
CA GLU C 4165 8.50 -36.47 -26.95
C GLU C 4165 8.31 -36.78 -28.43
N LEU C 4166 8.19 -35.77 -29.28
CA LEU C 4166 8.09 -35.94 -30.72
C LEU C 4166 9.47 -35.97 -31.35
N ALA C 4167 10.51 -35.78 -30.54
CA ALA C 4167 11.83 -35.45 -31.06
C ALA C 4167 13.00 -36.17 -30.41
N GLU C 4168 12.79 -37.13 -29.49
CA GLU C 4168 13.90 -37.80 -28.78
C GLU C 4168 14.95 -38.36 -29.73
N SER C 4169 14.53 -39.06 -30.79
CA SER C 4169 15.33 -39.87 -31.74
C SER C 4169 16.65 -39.24 -32.17
N ILE C 4170 16.72 -37.92 -32.19
CA ILE C 4170 17.98 -37.24 -32.48
C ILE C 4170 18.76 -36.94 -31.20
N LEU C 4171 18.07 -36.68 -30.08
CA LEU C 4171 18.66 -36.18 -28.84
C LEU C 4171 19.71 -37.15 -28.32
N GLU C 4172 19.30 -38.35 -27.89
CA GLU C 4172 20.30 -39.29 -27.38
C GLU C 4172 21.29 -39.75 -28.44
N TYR C 4173 20.94 -39.70 -29.73
CA TYR C 4173 21.90 -40.05 -30.77
C TYR C 4173 23.05 -39.05 -30.83
N PHE C 4174 22.75 -37.77 -30.84
CA PHE C 4174 23.81 -36.76 -30.87
C PHE C 4174 24.32 -36.39 -29.49
N ARG C 4175 23.63 -36.83 -28.44
CA ARG C 4175 23.97 -36.45 -27.06
C ARG C 4175 25.41 -36.74 -26.65
N PRO C 4176 26.07 -37.86 -27.01
CA PRO C 4176 27.48 -37.97 -26.64
C PRO C 4176 28.42 -37.04 -27.39
N TYR C 4177 27.93 -36.15 -28.27
CA TYR C 4177 28.85 -35.44 -29.12
C TYR C 4177 28.48 -33.97 -29.11
N LEU C 4178 27.97 -33.49 -27.98
CA LEU C 4178 27.59 -32.11 -27.82
C LEU C 4178 28.28 -31.56 -26.59
N GLY C 4179 28.82 -30.36 -26.68
CA GLY C 4179 29.55 -29.76 -25.57
C GLY C 4179 28.80 -28.56 -25.04
N ARG C 4180 28.83 -28.40 -23.71
CA ARG C 4180 28.25 -27.26 -23.03
C ARG C 4180 29.34 -26.60 -22.21
N ILE C 4181 29.55 -25.30 -22.42
CA ILE C 4181 30.49 -24.56 -21.60
C ILE C 4181 29.78 -23.30 -21.11
N GLU C 4182 30.27 -22.74 -20.02
CA GLU C 4182 29.74 -21.48 -19.52
C GLU C 4182 30.85 -20.45 -19.50
N ILE C 4183 30.58 -19.27 -20.07
CA ILE C 4183 31.57 -18.20 -20.16
C ILE C 4183 31.03 -16.91 -19.58
N MET C 4184 31.93 -16.07 -19.09
CA MET C 4184 31.56 -14.72 -18.65
C MET C 4184 31.62 -13.83 -19.88
N GLY C 4185 30.46 -13.56 -20.48
CA GLY C 4185 30.40 -12.86 -21.74
C GLY C 4185 30.65 -11.36 -21.63
N ALA C 4186 30.39 -10.68 -22.76
CA ALA C 4186 30.49 -9.23 -22.82
C ALA C 4186 29.49 -8.58 -21.87
N SER C 4187 28.30 -9.18 -21.76
CA SER C 4187 27.23 -8.70 -20.89
C SER C 4187 27.61 -8.78 -19.42
N ARG C 4188 28.64 -9.59 -19.10
CA ARG C 4188 29.21 -9.91 -17.80
C ARG C 4188 28.36 -10.92 -17.07
N ARG C 4189 27.45 -11.56 -17.80
CA ARG C 4189 26.59 -12.60 -17.27
C ARG C 4189 26.97 -13.91 -17.92
N ILE C 4190 26.95 -14.99 -17.13
CA ILE C 4190 27.39 -16.29 -17.60
C ILE C 4190 26.47 -16.79 -18.72
N GLU C 4191 27.07 -17.20 -19.82
CA GLU C 4191 26.35 -17.62 -21.01
C GLU C 4191 26.76 -19.04 -21.38
N ARG C 4192 25.77 -19.90 -21.62
CA ARG C 4192 26.07 -21.25 -22.07
C ARG C 4192 26.31 -21.26 -23.57
N ILE C 4193 27.40 -21.89 -24.00
CA ILE C 4193 27.69 -22.09 -25.41
C ILE C 4193 27.74 -23.58 -25.70
N TYR C 4194 27.13 -23.99 -26.80
CA TYR C 4194 27.06 -25.39 -27.19
C TYR C 4194 27.96 -25.60 -28.40
N PHE C 4195 28.39 -26.83 -28.62
CA PHE C 4195 29.34 -27.08 -29.72
C PHE C 4195 29.34 -28.56 -30.04
N GLU C 4196 30.11 -28.93 -31.07
CA GLU C 4196 30.24 -30.32 -31.51
C GLU C 4196 31.53 -30.94 -31.02
N ILE C 4197 31.43 -32.12 -30.43
CA ILE C 4197 32.57 -32.89 -29.95
C ILE C 4197 32.85 -34.02 -30.92
N SER C 4198 34.06 -34.06 -31.45
CA SER C 4198 34.39 -35.04 -32.46
C SER C 4198 34.63 -36.40 -31.82
N GLU C 4199 34.31 -37.46 -32.57
CA GLU C 4199 34.46 -38.83 -32.08
C GLU C 4199 35.91 -39.17 -31.82
N THR C 4200 36.82 -38.75 -32.71
CA THR C 4200 38.23 -39.08 -32.57
C THR C 4200 38.81 -38.46 -31.30
N ASN C 4201 38.47 -37.19 -31.05
CA ASN C 4201 38.91 -36.51 -29.84
C ASN C 4201 38.29 -37.15 -28.61
N ARG C 4202 37.00 -37.51 -28.70
CA ARG C 4202 36.32 -38.10 -27.56
C ARG C 4202 36.96 -39.43 -27.19
N ALA C 4203 37.30 -40.23 -28.20
CA ALA C 4203 37.97 -41.51 -27.99
C ALA C 4203 39.34 -41.27 -27.36
N GLN C 4204 40.04 -40.23 -27.83
CA GLN C 4204 41.36 -39.92 -27.30
C GLN C 4204 41.22 -39.58 -25.83
N TRP C 4205 40.16 -38.84 -25.48
CA TRP C 4205 39.93 -38.44 -24.10
C TRP C 4205 39.72 -39.68 -23.23
N GLU C 4206 38.99 -40.67 -23.76
CA GLU C 4206 38.76 -41.87 -22.97
C GLU C 4206 40.00 -42.73 -22.84
N MET C 4207 40.98 -42.55 -23.74
CA MET C 4207 42.17 -43.40 -23.76
C MET C 4207 42.92 -43.32 -22.42
N PRO C 4208 43.46 -44.43 -21.90
CA PRO C 4208 43.96 -44.44 -20.52
C PRO C 4208 45.19 -43.59 -20.27
N GLN C 4209 46.04 -43.40 -21.29
CA GLN C 4209 47.22 -42.54 -21.13
C GLN C 4209 46.79 -41.11 -20.85
N VAL C 4210 45.78 -40.63 -21.60
CA VAL C 4210 45.29 -39.27 -21.44
C VAL C 4210 44.68 -39.12 -20.06
N LYS C 4211 43.96 -40.15 -19.62
CA LYS C 4211 43.32 -40.13 -18.30
C LYS C 4211 44.38 -40.01 -17.21
N GLU C 4212 45.49 -40.73 -17.38
CA GLU C 4212 46.57 -40.71 -16.39
C GLU C 4212 47.19 -39.32 -16.33
N SER C 4213 47.39 -38.70 -17.50
CA SER C 4213 47.91 -37.34 -17.56
C SER C 4213 46.95 -36.39 -16.86
N LYS C 4214 45.64 -36.58 -17.08
CA LYS C 4214 44.63 -35.72 -16.48
C LYS C 4214 44.69 -35.82 -14.96
N ARG C 4215 44.81 -37.05 -14.44
CA ARG C 4215 44.83 -37.26 -12.99
C ARG C 4215 46.04 -36.59 -12.39
N GLN C 4216 47.20 -36.73 -13.07
CA GLN C 4216 48.43 -36.15 -12.56
C GLN C 4216 48.31 -34.63 -12.55
N PHE C 4217 47.71 -34.07 -13.61
CA PHE C 4217 47.55 -32.64 -13.72
C PHE C 4217 46.68 -32.11 -12.59
N ILE C 4218 45.56 -32.82 -12.32
CA ILE C 4218 44.60 -32.39 -11.29
C ILE C 4218 45.27 -32.39 -9.94
N PHE C 4219 46.05 -33.45 -9.66
CA PHE C 4219 46.73 -33.57 -8.37
C PHE C 4219 47.75 -32.45 -8.20
N ASP C 4220 48.52 -32.16 -9.27
CA ASP C 4220 49.55 -31.15 -9.20
C ASP C 4220 48.95 -29.76 -8.98
N VAL C 4221 47.91 -29.41 -9.76
CA VAL C 4221 47.35 -28.07 -9.65
C VAL C 4221 46.66 -27.87 -8.31
N VAL C 4222 45.93 -28.89 -7.82
CA VAL C 4222 45.19 -28.71 -6.58
C VAL C 4222 46.16 -28.65 -5.39
N ASN C 4223 47.12 -29.58 -5.32
CA ASN C 4223 47.98 -29.64 -4.15
C ASN C 4223 48.98 -28.49 -4.06
N GLU C 4224 49.66 -28.15 -5.15
CA GLU C 4224 50.72 -27.15 -5.06
C GLU C 4224 50.49 -25.92 -5.93
N GLY C 4225 49.25 -25.63 -6.30
CA GLY C 4225 48.97 -24.53 -7.21
C GLY C 4225 47.94 -23.58 -6.64
N GLY C 4226 48.21 -22.29 -6.80
CA GLY C 4226 47.26 -21.28 -6.38
C GLY C 4226 46.10 -21.13 -7.36
N GLU C 4227 44.98 -20.64 -6.82
CA GLU C 4227 43.77 -20.47 -7.61
C GLU C 4227 43.97 -19.45 -8.72
N ALA C 4228 44.76 -18.40 -8.43
CA ALA C 4228 44.97 -17.32 -9.40
C ALA C 4228 45.65 -17.84 -10.66
N GLU C 4229 46.65 -18.70 -10.49
CA GLU C 4229 47.40 -19.25 -11.61
C GLU C 4229 46.78 -20.55 -12.11
N LYS C 4230 45.73 -21.04 -11.43
CA LYS C 4230 45.12 -22.33 -11.74
C LYS C 4230 44.60 -22.35 -13.17
N MET C 4231 43.95 -21.26 -13.59
CA MET C 4231 43.34 -21.20 -14.91
C MET C 4231 44.42 -21.29 -15.98
N GLU C 4232 45.55 -20.62 -15.74
CA GLU C 4232 46.68 -20.65 -16.67
C GLU C 4232 47.23 -22.06 -16.79
N LEU C 4233 47.39 -22.73 -15.64
CA LEU C 4233 47.92 -24.10 -15.65
C LEU C 4233 46.98 -25.05 -16.38
N PHE C 4234 45.67 -24.84 -16.18
CA PHE C 4234 44.65 -25.62 -16.85
C PHE C 4234 44.72 -25.42 -18.36
N VAL C 4235 44.84 -24.17 -18.80
CA VAL C 4235 44.87 -23.85 -20.23
C VAL C 4235 46.12 -24.46 -20.87
N SER C 4236 47.24 -24.40 -20.15
CA SER C 4236 48.50 -24.99 -20.61
C SER C 4236 48.36 -26.50 -20.78
N PHE C 4237 47.71 -27.15 -19.80
CA PHE C 4237 47.47 -28.59 -19.88
C PHE C 4237 46.59 -28.91 -21.07
N CYS C 4238 45.56 -28.09 -21.30
CA CYS C 4238 44.64 -28.34 -22.41
C CYS C 4238 45.38 -28.25 -23.74
N GLU C 4239 46.29 -27.28 -23.86
CA GLU C 4239 47.08 -27.13 -25.07
C GLU C 4239 47.97 -28.35 -25.29
N ASP C 4240 48.62 -28.82 -24.21
CA ASP C 4240 49.51 -29.96 -24.32
C ASP C 4240 48.73 -31.20 -24.75
N THR C 4241 47.56 -31.40 -24.13
CA THR C 4241 46.71 -32.55 -24.42
C THR C 4241 46.22 -32.50 -25.86
N ILE C 4242 45.89 -31.31 -26.35
CA ILE C 4242 45.47 -31.14 -27.75
C ILE C 4242 46.59 -31.55 -28.68
N PHE C 4243 47.83 -31.17 -28.32
CA PHE C 4243 48.98 -31.51 -29.17
C PHE C 4243 49.19 -33.02 -29.16
N GLU C 4244 48.99 -33.65 -28.00
CA GLU C 4244 49.16 -35.09 -27.86
C GLU C 4244 48.13 -35.82 -28.72
N MET C 4245 46.90 -35.33 -28.72
CA MET C 4245 45.83 -35.94 -29.51
C MET C 4245 46.14 -35.82 -31.00
N GLN C 4246 46.66 -34.67 -31.42
CA GLN C 4246 47.05 -34.49 -32.81
C GLN C 4246 48.17 -35.45 -33.20
N ILE C 4247 49.15 -35.64 -32.30
CA ILE C 4247 50.23 -36.59 -32.54
C ILE C 4247 49.66 -38.00 -32.68
N ALA C 4248 48.68 -38.33 -31.82
CA ALA C 4248 48.09 -39.66 -31.82
C ALA C 4248 47.39 -39.90 -33.15
N ALA C 4249 46.71 -38.85 -33.65
CA ALA C 4249 45.99 -38.97 -34.90
C ALA C 4249 46.95 -39.25 -36.04
N GLN C 4250 48.08 -38.54 -36.07
CA GLN C 4250 49.04 -38.72 -37.16
C GLN C 4250 49.64 -40.12 -37.12
N ILE C 4251 50.07 -40.57 -35.93
CA ILE C 4251 50.78 -41.84 -35.81
C ILE C 4251 49.85 -43.02 -36.15
N SER C 4252 48.59 -42.97 -35.71
CA SER C 4252 47.70 -44.10 -35.90
C SER C 4252 47.31 -44.29 -37.36
N GLU C 4253 47.21 -45.56 -37.76
CA GLU C 4253 46.82 -45.97 -39.09
C GLU C 4253 45.51 -46.75 -39.05
N PRO C 4254 44.50 -46.35 -39.84
CA PRO C 4254 43.20 -47.00 -39.83
C PRO C 4254 43.04 -48.05 -40.92
N PHE C 4540 61.70 -45.14 -56.47
CA PHE C 4540 61.93 -45.97 -55.29
C PHE C 4540 61.84 -45.13 -54.01
N TRP C 4541 62.08 -43.82 -54.16
CA TRP C 4541 62.08 -42.92 -53.00
C TRP C 4541 60.72 -42.89 -52.32
N GLY C 4542 59.64 -42.87 -53.11
CA GLY C 4542 58.31 -42.80 -52.54
C GLY C 4542 57.96 -44.03 -51.72
N GLU C 4543 58.29 -45.21 -52.24
CA GLU C 4543 58.07 -46.46 -51.51
C GLU C 4543 58.93 -46.53 -50.26
N LEU C 4544 60.20 -46.11 -50.38
CA LEU C 4544 61.09 -46.11 -49.23
C LEU C 4544 60.57 -45.15 -48.15
N GLU C 4545 60.09 -43.97 -48.57
CA GLU C 4545 59.58 -42.98 -47.64
C GLU C 4545 58.33 -43.49 -46.94
N VAL C 4546 57.44 -44.15 -47.68
CA VAL C 4546 56.21 -44.71 -47.12
C VAL C 4546 56.54 -45.80 -46.10
N GLN C 4547 57.51 -46.67 -46.43
CA GLN C 4547 57.92 -47.70 -45.49
C GLN C 4547 58.55 -47.08 -44.24
N ARG C 4548 59.39 -46.05 -44.43
CA ARG C 4548 60.07 -45.43 -43.30
C ARG C 4548 59.06 -44.78 -42.36
N VAL C 4549 58.09 -44.03 -42.91
CA VAL C 4549 57.11 -43.34 -42.07
C VAL C 4549 56.26 -44.36 -41.34
N LYS C 4550 55.82 -45.42 -42.05
CA LYS C 4550 54.97 -46.45 -41.46
C LYS C 4550 55.70 -47.10 -40.29
N PHE C 4551 56.98 -47.42 -40.51
CA PHE C 4551 57.81 -48.08 -39.50
C PHE C 4551 57.96 -47.17 -38.28
N LEU C 4552 58.23 -45.88 -38.53
CA LEU C 4552 58.43 -44.91 -37.47
C LEU C 4552 57.17 -44.78 -36.63
N ASN C 4553 56.02 -44.72 -37.31
CA ASN C 4553 54.73 -44.58 -36.64
C ASN C 4553 54.45 -45.81 -35.79
N TYR C 4554 54.77 -47.00 -36.33
CA TYR C 4554 54.53 -48.25 -35.62
C TYR C 4554 55.37 -48.27 -34.36
N LEU C 4555 56.63 -47.80 -34.46
CA LEU C 4555 57.54 -47.77 -33.31
C LEU C 4555 56.98 -46.86 -32.24
N SER C 4556 56.44 -45.71 -32.67
CA SER C 4556 55.90 -44.72 -31.74
C SER C 4556 54.70 -45.30 -31.01
N ARG C 4557 53.81 -45.97 -31.76
CA ARG C 4557 52.61 -46.53 -31.14
C ARG C 4557 52.99 -47.62 -30.16
N ASN C 4558 54.00 -48.43 -30.50
CA ASN C 4558 54.35 -49.59 -29.72
C ASN C 4558 55.48 -49.33 -28.74
N PHE C 4559 55.76 -48.06 -28.44
CA PHE C 4559 56.87 -47.69 -27.56
C PHE C 4559 56.75 -48.31 -26.17
N TYR C 4560 55.55 -48.29 -25.59
CA TYR C 4560 55.33 -48.84 -24.25
C TYR C 4560 55.57 -50.33 -24.21
N THR C 4561 55.11 -51.01 -25.27
CA THR C 4561 55.23 -52.46 -25.38
C THR C 4561 56.68 -52.87 -25.49
N LEU C 4562 57.47 -52.12 -26.26
CA LEU C 4562 58.90 -52.39 -26.38
C LEU C 4562 59.59 -52.24 -25.03
N ARG C 4563 59.23 -51.19 -24.28
CA ARG C 4563 59.88 -50.92 -23.00
C ARG C 4563 59.60 -52.06 -22.01
N PHE C 4564 58.35 -52.54 -22.02
CA PHE C 4564 57.97 -53.68 -21.17
C PHE C 4564 58.73 -54.93 -21.60
N LEU C 4565 58.89 -55.11 -22.92
CA LEU C 4565 59.63 -56.24 -23.45
C LEU C 4565 61.07 -56.18 -22.99
N ALA C 4566 61.64 -54.97 -22.98
CA ALA C 4566 63.04 -54.79 -22.59
C ALA C 4566 63.23 -55.17 -21.14
N LEU C 4567 62.24 -54.84 -20.30
CA LEU C 4567 62.30 -55.26 -18.90
C LEU C 4567 62.24 -56.78 -18.78
N PHE C 4568 61.39 -57.41 -19.62
CA PHE C 4568 61.33 -58.87 -19.66
C PHE C 4568 62.68 -59.44 -20.10
N LEU C 4569 63.36 -58.76 -21.02
CA LEU C 4569 64.62 -59.23 -21.57
C LEU C 4569 65.70 -59.15 -20.49
N ALA C 4570 65.68 -58.07 -19.71
CA ALA C 4570 66.64 -57.89 -18.62
C ALA C 4570 66.45 -58.97 -17.57
N PHE C 4571 65.19 -59.31 -17.26
CA PHE C 4571 64.91 -60.42 -16.34
C PHE C 4571 65.40 -61.73 -16.91
N ALA C 4572 65.22 -61.93 -18.21
CA ALA C 4572 65.64 -63.15 -18.91
C ALA C 4572 67.16 -63.33 -18.81
N ILE C 4573 67.90 -62.29 -19.23
CA ILE C 4573 69.36 -62.30 -19.19
C ILE C 4573 69.84 -62.52 -17.76
N ASN C 4574 69.19 -61.88 -16.78
CA ASN C 4574 69.64 -61.99 -15.39
C ASN C 4574 69.45 -63.44 -14.89
N PHE C 4575 68.34 -64.06 -15.31
CA PHE C 4575 68.08 -65.47 -14.99
C PHE C 4575 69.18 -66.34 -15.58
N ILE C 4576 69.59 -66.05 -16.82
CA ILE C 4576 70.71 -66.77 -17.43
C ILE C 4576 71.98 -66.50 -16.62
N LEU C 4577 72.13 -65.25 -16.13
CA LEU C 4577 73.32 -64.77 -15.42
C LEU C 4577 73.51 -65.49 -14.09
N LEU C 4578 72.47 -66.17 -13.61
CA LEU C 4578 72.54 -66.86 -12.32
C LEU C 4578 73.24 -68.21 -12.43
N PHE C 4579 73.76 -68.55 -13.60
CA PHE C 4579 74.54 -69.77 -13.78
C PHE C 4579 76.03 -69.50 -14.01
N TYR C 4580 76.50 -68.28 -13.76
CA TYR C 4580 77.92 -67.99 -13.92
C TYR C 4580 78.75 -68.59 -12.80
N LYS C 4581 79.96 -69.01 -13.18
CA LYS C 4581 80.93 -69.61 -12.27
C LYS C 4581 82.32 -69.29 -12.80
N VAL C 4582 83.30 -69.30 -11.90
CA VAL C 4582 84.67 -68.94 -12.24
C VAL C 4582 85.54 -70.15 -11.95
N SER C 4583 86.37 -70.53 -12.92
CA SER C 4583 87.31 -71.62 -12.74
C SER C 4583 88.68 -71.16 -13.20
N ASP C 4584 89.71 -71.48 -12.41
CA ASP C 4584 91.07 -71.14 -12.80
C ASP C 4584 91.47 -71.89 -14.06
N SER C 4585 91.01 -73.13 -14.20
CA SER C 4585 91.22 -73.91 -15.40
C SER C 4585 90.37 -73.36 -16.55
N PRO C 4586 90.89 -73.41 -17.78
CA PRO C 4586 90.09 -73.00 -18.96
C PRO C 4586 88.84 -73.86 -19.10
N PRO C 4587 87.67 -73.25 -19.37
CA PRO C 4587 86.33 -73.87 -19.47
C PRO C 4587 86.25 -75.18 -20.24
N ASN C 4626 97.44 -65.53 -14.49
CA ASN C 4626 96.71 -66.12 -13.38
C ASN C 4626 95.23 -65.77 -13.47
N MET C 4627 94.88 -65.05 -14.54
CA MET C 4627 93.52 -64.55 -14.73
C MET C 4627 92.54 -65.71 -14.91
N VAL C 4628 91.43 -65.65 -14.19
CA VAL C 4628 90.43 -66.69 -14.29
C VAL C 4628 89.59 -66.46 -15.53
N TYR C 4629 89.15 -67.55 -16.16
CA TYR C 4629 88.37 -67.48 -17.38
C TYR C 4629 86.91 -67.74 -17.05
N TYR C 4630 86.10 -66.68 -17.13
CA TYR C 4630 84.70 -66.76 -16.74
C TYR C 4630 83.93 -67.65 -17.71
N PHE C 4631 83.10 -68.53 -17.17
CA PHE C 4631 82.38 -69.49 -17.99
C PHE C 4631 80.98 -69.67 -17.43
N LEU C 4632 80.03 -69.93 -18.32
CA LEU C 4632 78.64 -70.12 -17.93
C LEU C 4632 78.40 -71.61 -17.85
N GLU C 4633 77.87 -72.08 -16.72
CA GLU C 4633 77.71 -73.51 -16.49
C GLU C 4633 76.24 -73.89 -16.48
N GLU C 4634 75.83 -74.62 -17.52
CA GLU C 4634 74.48 -75.17 -17.58
C GLU C 4634 74.59 -76.51 -18.29
N SER C 4635 73.81 -77.50 -17.82
CA SER C 4635 73.89 -78.85 -18.37
C SER C 4635 73.46 -78.87 -19.83
N THR C 4636 72.36 -78.17 -20.16
CA THR C 4636 71.78 -78.21 -21.49
C THR C 4636 72.71 -77.62 -22.56
N GLY C 4637 73.37 -76.50 -22.26
CA GLY C 4637 74.19 -75.80 -23.22
C GLY C 4637 73.41 -74.86 -24.11
N TYR C 4638 72.08 -74.89 -24.04
CA TYR C 4638 71.23 -74.04 -24.87
C TYR C 4638 71.31 -72.57 -24.49
N MET C 4639 71.46 -72.27 -23.18
CA MET C 4639 71.39 -70.89 -22.70
C MET C 4639 72.47 -69.98 -23.26
N GLU C 4640 73.67 -70.51 -23.56
CA GLU C 4640 74.73 -69.62 -24.06
C GLU C 4640 74.38 -69.08 -25.46
N PRO C 4641 74.00 -69.91 -26.48
CA PRO C 4641 73.54 -69.31 -27.75
C PRO C 4641 72.33 -68.41 -27.53
N ALA C 4642 71.45 -68.84 -26.62
CA ALA C 4642 70.28 -68.06 -26.25
C ALA C 4642 70.71 -66.71 -25.72
N LEU C 4643 71.77 -66.70 -24.90
CA LEU C 4643 72.23 -65.45 -24.31
C LEU C 4643 72.73 -64.51 -25.39
N TRP C 4644 73.48 -65.04 -26.37
CA TRP C 4644 74.02 -64.19 -27.44
C TRP C 4644 72.89 -63.58 -28.26
N CYS C 4645 71.90 -64.41 -28.63
CA CYS C 4645 70.76 -63.93 -29.40
C CYS C 4645 69.94 -62.93 -28.59
N LEU C 4646 69.70 -63.24 -27.32
CA LEU C 4646 68.88 -62.39 -26.45
C LEU C 4646 69.55 -61.04 -26.24
N SER C 4647 70.89 -61.02 -26.11
CA SER C 4647 71.61 -59.77 -26.00
C SER C 4647 71.43 -58.94 -27.27
N LEU C 4648 71.52 -59.61 -28.43
CA LEU C 4648 71.38 -58.90 -29.71
C LEU C 4648 69.98 -58.33 -29.82
N LEU C 4649 69.00 -59.12 -29.38
CA LEU C 4649 67.60 -58.71 -29.36
C LEU C 4649 67.42 -57.52 -28.44
N HIS C 4650 68.08 -57.54 -27.27
CA HIS C 4650 67.91 -56.48 -26.28
C HIS C 4650 68.42 -55.17 -26.84
N THR C 4651 69.59 -55.22 -27.49
CA THR C 4651 70.20 -54.02 -28.06
C THR C 4651 69.28 -53.46 -29.14
N LEU C 4652 68.68 -54.36 -29.94
CA LEU C 4652 67.76 -53.95 -30.99
C LEU C 4652 66.55 -53.24 -30.39
N VAL C 4653 65.98 -53.83 -29.33
CA VAL C 4653 64.78 -53.30 -28.68
C VAL C 4653 65.09 -51.93 -28.10
N ALA C 4654 66.30 -51.77 -27.54
CA ALA C 4654 66.70 -50.51 -26.94
C ALA C 4654 66.74 -49.43 -28.00
N PHE C 4655 67.28 -49.77 -29.18
CA PHE C 4655 67.39 -48.80 -30.27
C PHE C 4655 65.99 -48.40 -30.70
N LEU C 4656 65.08 -49.38 -30.77
CA LEU C 4656 63.70 -49.13 -31.17
C LEU C 4656 63.02 -48.21 -30.17
N CYS C 4657 63.33 -48.39 -28.88
CA CYS C 4657 62.77 -47.54 -27.83
C CYS C 4657 63.24 -46.11 -28.01
N ILE C 4658 64.53 -45.92 -28.36
CA ILE C 4658 65.08 -44.58 -28.52
C ILE C 4658 64.39 -43.86 -29.69
N ILE C 4659 64.21 -44.57 -30.81
CA ILE C 4659 63.48 -44.00 -31.94
C ILE C 4659 62.01 -43.74 -31.58
N GLY C 4660 61.40 -44.65 -30.81
CA GLY C 4660 60.04 -44.43 -30.34
C GLY C 4660 59.93 -43.15 -29.54
N TYR C 4661 60.85 -42.94 -28.60
CA TYR C 4661 60.79 -41.78 -27.72
C TYR C 4661 60.96 -40.51 -28.53
N ASN C 4662 61.97 -40.47 -29.41
CA ASN C 4662 62.22 -39.21 -30.11
C ASN C 4662 61.18 -38.94 -31.19
N CYS C 4663 60.36 -39.93 -31.55
CA CYS C 4663 59.26 -39.70 -32.48
C CYS C 4663 57.92 -39.57 -31.78
N LEU C 4664 57.85 -39.79 -30.47
CA LEU C 4664 56.59 -39.73 -29.75
C LEU C 4664 56.51 -38.66 -28.66
N LYS C 4665 57.53 -38.55 -27.81
CA LYS C 4665 57.48 -37.65 -26.67
C LYS C 4665 58.22 -36.35 -26.89
N VAL C 4666 59.31 -36.39 -27.68
CA VAL C 4666 60.08 -35.18 -27.96
C VAL C 4666 59.27 -34.05 -28.59
N PRO C 4667 58.38 -34.28 -29.62
CA PRO C 4667 57.61 -33.15 -30.17
C PRO C 4667 56.79 -32.36 -29.15
N LEU C 4668 56.23 -33.04 -28.14
CA LEU C 4668 55.52 -32.32 -27.08
C LEU C 4668 56.47 -31.43 -26.28
N VAL C 4669 57.68 -31.92 -25.99
CA VAL C 4669 58.67 -31.17 -25.24
C VAL C 4669 59.08 -29.92 -26.01
N ILE C 4670 59.31 -30.08 -27.32
CA ILE C 4670 59.66 -28.96 -28.18
C ILE C 4670 58.50 -27.98 -28.28
N PHE C 4671 57.27 -28.50 -28.34
CA PHE C 4671 56.08 -27.67 -28.40
C PHE C 4671 55.98 -26.80 -27.15
N LYS C 4672 56.19 -27.40 -25.97
CA LYS C 4672 56.11 -26.67 -24.72
C LYS C 4672 57.20 -25.62 -24.62
N ARG C 4673 58.40 -25.93 -25.11
CA ARG C 4673 59.49 -24.96 -25.06
C ARG C 4673 59.27 -23.80 -26.02
N GLU C 4674 58.83 -24.09 -27.25
CA GLU C 4674 58.50 -23.02 -28.18
C GLU C 4674 57.35 -22.17 -27.65
N LYS C 4675 56.34 -22.81 -27.06
CA LYS C 4675 55.18 -22.08 -26.56
C LYS C 4675 55.61 -21.11 -25.47
N GLU C 4676 56.43 -21.60 -24.52
CA GLU C 4676 56.86 -20.79 -23.40
C GLU C 4676 57.74 -19.63 -23.88
N LEU C 4677 58.56 -19.90 -24.91
CA LEU C 4677 59.38 -18.84 -25.49
C LEU C 4677 58.49 -17.78 -26.12
N ALA C 4678 57.44 -18.22 -26.81
CA ALA C 4678 56.55 -17.27 -27.50
C ALA C 4678 55.85 -16.38 -26.47
N ARG C 4679 55.43 -16.96 -25.34
CA ARG C 4679 54.82 -16.16 -24.28
C ARG C 4679 55.81 -15.16 -23.71
N LYS C 4680 57.04 -15.60 -23.45
CA LYS C 4680 58.05 -14.72 -22.89
C LYS C 4680 58.40 -13.60 -23.86
N LEU C 4681 58.51 -13.92 -25.15
CA LEU C 4681 58.81 -12.94 -26.18
C LEU C 4681 57.70 -11.90 -26.34
N GLU C 4682 56.44 -12.34 -26.34
CA GLU C 4682 55.37 -11.40 -26.65
C GLU C 4682 54.80 -10.73 -25.41
N PHE C 4683 54.37 -11.51 -24.43
CA PHE C 4683 53.69 -10.94 -23.28
C PHE C 4683 54.64 -10.48 -22.20
N ASP C 4684 55.91 -10.88 -22.26
CA ASP C 4684 56.88 -10.38 -21.30
C ASP C 4684 58.04 -9.61 -21.91
N GLY C 4685 58.26 -9.71 -23.22
CA GLY C 4685 59.41 -9.06 -23.85
C GLY C 4685 60.75 -9.43 -23.28
N LEU C 4686 60.99 -10.71 -23.00
CA LEU C 4686 62.20 -11.14 -22.29
C LEU C 4686 63.48 -10.80 -23.06
N TYR C 4687 63.54 -11.15 -24.34
CA TYR C 4687 64.77 -10.90 -25.09
C TYR C 4687 64.85 -9.48 -25.60
N ILE C 4688 63.69 -8.86 -25.85
CA ILE C 4688 63.66 -7.49 -26.32
C ILE C 4688 64.14 -6.52 -25.25
N THR C 4689 63.69 -6.68 -24.01
CA THR C 4689 63.98 -5.67 -22.99
C THR C 4689 64.86 -6.15 -21.83
N GLU C 4690 64.36 -7.02 -20.95
CA GLU C 4690 65.07 -7.34 -19.71
C GLU C 4690 66.41 -8.04 -19.93
N GLN C 4691 66.45 -9.10 -20.79
CA GLN C 4691 67.59 -9.98 -21.07
C GLN C 4691 67.99 -10.82 -19.85
N PRO C 4692 67.90 -12.15 -19.94
CA PRO C 4692 68.14 -13.02 -18.76
C PRO C 4692 69.53 -12.86 -18.16
N GLY C 4693 69.58 -12.97 -16.83
CA GLY C 4693 70.78 -12.72 -16.06
C GLY C 4693 71.90 -13.74 -16.06
N ASP C 4694 72.13 -14.42 -17.20
CA ASP C 4694 73.15 -15.45 -17.42
C ASP C 4694 73.15 -16.65 -16.44
N ASP C 4695 72.27 -16.66 -15.44
CA ASP C 4695 72.17 -17.78 -14.52
C ASP C 4695 71.10 -18.77 -14.94
N ASP C 4696 70.37 -18.48 -16.01
CA ASP C 4696 69.34 -19.36 -16.54
C ASP C 4696 69.86 -19.92 -17.86
N VAL C 4697 70.54 -21.08 -17.78
CA VAL C 4697 71.23 -21.73 -18.89
C VAL C 4697 70.29 -21.88 -20.09
N LYS C 4698 69.02 -22.23 -19.80
CA LYS C 4698 68.03 -22.51 -20.83
C LYS C 4698 67.80 -21.26 -21.67
N GLY C 4699 67.80 -20.08 -21.03
CA GLY C 4699 67.51 -18.83 -21.73
C GLY C 4699 68.56 -18.58 -22.79
N GLN C 4700 69.83 -18.77 -22.41
CA GLN C 4700 70.94 -18.53 -23.31
C GLN C 4700 70.85 -19.51 -24.47
N TRP C 4701 70.46 -20.77 -24.17
CA TRP C 4701 70.30 -21.75 -25.23
C TRP C 4701 69.19 -21.31 -26.18
N ASP C 4702 68.10 -20.76 -25.61
CA ASP C 4702 66.96 -20.32 -26.40
C ASP C 4702 67.29 -19.12 -27.27
N ARG C 4703 68.36 -18.38 -26.93
CA ARG C 4703 68.69 -17.18 -27.70
C ARG C 4703 68.96 -17.53 -29.16
N LEU C 4704 69.55 -18.71 -29.40
CA LEU C 4704 69.94 -19.15 -30.73
C LEU C 4704 68.74 -19.31 -31.66
N VAL C 4705 67.65 -19.88 -31.17
CA VAL C 4705 66.51 -20.21 -32.03
C VAL C 4705 65.73 -18.98 -32.47
N LEU C 4706 65.97 -17.82 -31.85
CA LEU C 4706 65.22 -16.60 -32.11
C LEU C 4706 65.31 -16.17 -33.57
N ASN C 4707 66.50 -16.21 -34.15
CA ASN C 4707 66.68 -15.73 -35.51
C ASN C 4707 66.36 -16.78 -36.57
N THR C 4708 66.20 -18.04 -36.17
CA THR C 4708 66.00 -19.13 -37.13
C THR C 4708 64.66 -18.97 -37.82
N PRO C 4709 64.59 -19.12 -39.16
CA PRO C 4709 63.32 -19.06 -39.90
C PRO C 4709 62.13 -19.81 -39.31
N SER C 4710 62.23 -21.14 -39.17
CA SER C 4710 61.10 -21.93 -38.71
C SER C 4710 61.08 -22.02 -37.18
N PHE C 4711 60.94 -20.87 -36.52
CA PHE C 4711 60.76 -20.88 -35.07
C PHE C 4711 59.45 -21.53 -34.62
N PRO C 4712 58.25 -21.25 -35.24
CA PRO C 4712 57.05 -22.02 -34.79
C PRO C 4712 56.85 -23.30 -35.58
N SER C 4713 57.78 -24.25 -35.38
CA SER C 4713 57.69 -25.52 -36.11
C SER C 4713 56.48 -26.34 -35.67
N ASN C 4714 56.25 -26.46 -34.37
CA ASN C 4714 55.14 -27.27 -33.90
C ASN C 4714 54.01 -26.45 -33.31
N TYR C 4715 54.34 -25.34 -32.65
CA TYR C 4715 53.35 -24.47 -32.04
C TYR C 4715 52.44 -23.88 -33.11
N TRP C 4716 51.14 -23.82 -32.84
CA TRP C 4716 50.17 -23.33 -33.82
C TRP C 4716 50.27 -21.83 -34.09
N ASP C 4717 50.86 -21.05 -33.20
CA ASP C 4717 50.91 -19.59 -33.36
C ASP C 4717 52.05 -19.21 -34.29
N LYS C 4718 51.75 -19.17 -35.58
CA LYS C 4718 52.72 -18.80 -36.61
C LYS C 4718 53.01 -17.31 -36.64
N PHE C 4719 52.21 -16.49 -35.96
CA PHE C 4719 52.33 -15.04 -36.00
C PHE C 4719 53.06 -14.47 -34.81
N VAL C 4720 53.88 -15.28 -34.13
CA VAL C 4720 54.61 -14.79 -32.95
C VAL C 4720 55.55 -13.65 -33.35
N LYS C 4721 56.22 -13.81 -34.50
CA LYS C 4721 57.17 -12.80 -34.99
C LYS C 4721 56.45 -11.48 -35.27
N ARG C 4722 55.31 -11.57 -35.97
CA ARG C 4722 54.53 -10.39 -36.31
C ARG C 4722 53.96 -9.72 -35.05
N LYS C 4723 53.48 -10.53 -34.11
CA LYS C 4723 52.89 -9.99 -32.88
C LYS C 4723 53.95 -9.26 -32.06
N VAL C 4724 55.15 -9.86 -31.96
CA VAL C 4724 56.24 -9.25 -31.21
C VAL C 4724 56.65 -7.95 -31.89
N LEU C 4725 56.71 -7.98 -33.23
CA LEU C 4725 57.13 -6.80 -34.00
C LEU C 4725 56.15 -5.66 -33.77
N ASP C 4726 54.85 -5.97 -33.81
CA ASP C 4726 53.83 -4.95 -33.61
C ASP C 4726 53.87 -4.40 -32.19
N LYS C 4727 53.99 -5.28 -31.19
CA LYS C 4727 53.97 -4.88 -29.79
C LYS C 4727 55.21 -4.10 -29.36
N HIS C 4728 56.40 -4.51 -29.80
CA HIS C 4728 57.63 -3.92 -29.28
C HIS C 4728 58.43 -3.12 -30.30
N GLY C 4729 58.06 -3.16 -31.59
CA GLY C 4729 58.71 -2.35 -32.62
C GLY C 4729 58.80 -0.87 -32.32
N ASP C 4730 57.87 -0.35 -31.52
CA ASP C 4730 57.80 1.08 -31.23
C ASP C 4730 59.04 1.55 -30.49
N ILE C 4731 59.49 0.78 -29.49
CA ILE C 4731 60.61 1.17 -28.67
C ILE C 4731 61.91 0.54 -29.17
N PHE C 4732 61.91 -0.77 -29.41
CA PHE C 4732 63.12 -1.46 -29.83
C PHE C 4732 63.58 -1.01 -31.22
N GLY C 4733 62.62 -0.83 -32.13
CA GLY C 4733 62.97 -0.48 -33.51
C GLY C 4733 62.53 -1.62 -34.41
N ARG C 4734 61.83 -1.27 -35.48
CA ARG C 4734 61.29 -2.28 -36.41
C ARG C 4734 62.43 -3.05 -37.07
N GLU C 4735 63.48 -2.34 -37.47
CA GLU C 4735 64.65 -2.94 -38.09
C GLU C 4735 65.35 -3.88 -37.11
N ARG C 4736 65.47 -3.47 -35.84
CA ARG C 4736 66.12 -4.29 -34.83
C ARG C 4736 65.32 -5.56 -34.55
N ILE C 4737 63.98 -5.43 -34.46
CA ILE C 4737 63.16 -6.60 -34.16
C ILE C 4737 63.24 -7.59 -35.32
N ALA C 4738 63.16 -7.08 -36.55
CA ALA C 4738 63.25 -7.92 -37.74
C ALA C 4738 64.62 -8.58 -37.82
N GLU C 4739 65.66 -7.85 -37.41
CA GLU C 4739 67.01 -8.40 -37.39
C GLU C 4739 67.12 -9.53 -36.38
N LEU C 4740 66.65 -9.29 -35.16
CA LEU C 4740 66.77 -10.25 -34.07
C LEU C 4740 66.01 -11.54 -34.40
N LEU C 4741 64.80 -11.41 -34.93
CA LEU C 4741 63.97 -12.58 -35.20
C LEU C 4741 64.22 -13.15 -36.58
N GLY C 4742 65.02 -12.47 -37.40
CA GLY C 4742 65.37 -12.91 -38.73
C GLY C 4742 64.31 -12.64 -39.77
N MET C 4743 63.30 -11.84 -39.45
CA MET C 4743 62.24 -11.54 -40.39
C MET C 4743 62.73 -10.58 -41.47
N ASP C 4744 62.13 -10.68 -42.66
CA ASP C 4744 62.40 -9.75 -43.74
C ASP C 4744 61.42 -8.59 -43.63
N LEU C 4745 61.89 -7.46 -43.09
CA LEU C 4745 61.02 -6.31 -42.87
C LEU C 4745 60.50 -5.74 -44.18
N ALA C 4746 61.37 -5.69 -45.19
CA ALA C 4746 61.03 -5.10 -46.49
C ALA C 4746 59.89 -5.85 -47.18
N SER C 4747 59.87 -7.17 -47.05
CA SER C 4747 58.91 -7.99 -47.77
C SER C 4747 57.60 -8.16 -47.02
N LEU C 4748 57.43 -7.52 -45.87
CA LEU C 4748 56.24 -7.66 -45.04
C LEU C 4748 54.98 -7.14 -45.73
N ASP C 4772 67.29 -26.05 -42.33
CA ASP C 4772 67.59 -25.17 -41.20
C ASP C 4772 68.54 -25.84 -40.22
N VAL C 4773 69.83 -25.81 -40.56
CA VAL C 4773 70.87 -26.51 -39.81
C VAL C 4773 70.95 -25.96 -38.39
N LYS C 4774 70.93 -24.62 -38.27
CA LYS C 4774 71.10 -23.95 -36.99
C LYS C 4774 69.94 -24.35 -36.07
N TYR C 4775 68.73 -24.40 -36.66
CA TYR C 4775 67.52 -24.76 -35.92
C TYR C 4775 67.65 -26.18 -35.40
N GLN C 4776 68.14 -27.08 -36.27
CA GLN C 4776 68.28 -28.49 -35.92
C GLN C 4776 69.26 -28.64 -34.77
N ILE C 4777 70.34 -27.82 -34.79
CA ILE C 4777 71.32 -27.82 -33.71
C ILE C 4777 70.65 -27.44 -32.41
N TRP C 4778 69.79 -26.42 -32.45
CA TRP C 4778 69.11 -25.94 -31.24
C TRP C 4778 68.21 -27.05 -30.70
N LYS C 4779 67.45 -27.68 -31.61
CA LYS C 4779 66.48 -28.71 -31.23
C LYS C 4779 67.21 -29.87 -30.61
N PHE C 4780 68.34 -30.26 -31.22
CA PHE C 4780 69.13 -31.41 -30.81
C PHE C 4780 69.65 -31.16 -29.41
N GLY C 4781 70.09 -29.92 -29.15
CA GLY C 4781 70.58 -29.55 -27.82
C GLY C 4781 69.47 -29.71 -26.79
N VAL C 4782 68.24 -29.31 -27.15
CA VAL C 4782 67.11 -29.38 -26.22
C VAL C 4782 66.84 -30.84 -25.87
N ILE C 4783 66.84 -31.71 -26.90
CA ILE C 4783 66.59 -33.14 -26.70
C ILE C 4783 67.69 -33.73 -25.83
N PHE C 4784 68.93 -33.33 -26.12
CA PHE C 4784 70.09 -33.88 -25.42
C PHE C 4784 70.03 -33.50 -23.94
N THR C 4785 69.59 -32.27 -23.65
CA THR C 4785 69.43 -31.89 -22.26
C THR C 4785 68.28 -32.61 -21.57
N ASP C 4786 67.26 -33.07 -22.32
CA ASP C 4786 66.08 -33.68 -21.71
C ASP C 4786 66.45 -34.90 -20.86
N ASN C 4787 65.86 -35.02 -19.67
CA ASN C 4787 66.19 -36.09 -18.74
C ASN C 4787 65.84 -37.49 -19.28
N SER C 4788 64.63 -37.65 -19.82
CA SER C 4788 64.18 -38.98 -20.23
C SER C 4788 65.02 -39.51 -21.37
N PHE C 4789 65.39 -38.64 -22.32
CA PHE C 4789 66.19 -39.06 -23.46
C PHE C 4789 67.55 -39.55 -22.96
N LEU C 4790 68.02 -38.96 -21.86
CA LEU C 4790 69.32 -39.32 -21.32
C LEU C 4790 69.25 -40.68 -20.66
N TYR C 4791 68.16 -40.91 -19.91
CA TYR C 4791 67.97 -42.23 -19.33
C TYR C 4791 67.86 -43.31 -20.41
N LEU C 4792 67.17 -43.00 -21.51
CA LEU C 4792 67.08 -43.94 -22.63
C LEU C 4792 68.46 -44.17 -23.26
N GLY C 4793 69.25 -43.10 -23.35
CA GLY C 4793 70.61 -43.21 -23.84
C GLY C 4793 71.47 -44.06 -22.93
N TRP C 4794 71.29 -43.90 -21.61
CA TRP C 4794 72.05 -44.68 -20.65
C TRP C 4794 71.67 -46.16 -20.75
N TYR C 4795 70.38 -46.44 -20.97
CA TYR C 4795 69.92 -47.80 -21.17
C TYR C 4795 70.56 -48.43 -22.40
N MET C 4796 70.59 -47.69 -23.50
CA MET C 4796 71.18 -48.22 -24.72
C MET C 4796 72.70 -48.34 -24.57
N VAL C 4797 73.34 -47.36 -23.93
CA VAL C 4797 74.79 -47.33 -23.80
C VAL C 4797 75.26 -48.50 -22.94
N MET C 4798 74.54 -48.76 -21.84
CA MET C 4798 74.83 -49.92 -20.99
C MET C 4798 74.56 -51.22 -21.74
N SER C 4799 73.51 -51.25 -22.58
CA SER C 4799 73.23 -52.43 -23.39
C SER C 4799 74.37 -52.68 -24.38
N LEU C 4800 74.92 -51.60 -24.93
CA LEU C 4800 76.07 -51.72 -25.82
C LEU C 4800 77.27 -52.27 -25.08
N LEU C 4801 77.57 -51.70 -23.89
CA LEU C 4801 78.75 -52.11 -23.13
C LEU C 4801 78.63 -53.56 -22.67
N GLY C 4802 77.39 -54.02 -22.47
CA GLY C 4802 77.16 -55.36 -21.99
C GLY C 4802 77.65 -56.41 -22.96
N HIS C 4803 77.73 -56.07 -24.25
CA HIS C 4803 78.30 -56.97 -25.24
C HIS C 4803 79.77 -57.25 -24.92
N TYR C 4804 80.51 -56.20 -24.56
CA TYR C 4804 81.90 -56.29 -24.11
C TYR C 4804 81.93 -57.14 -22.86
N ASN C 4805 81.51 -56.61 -21.71
CA ASN C 4805 81.46 -57.40 -20.49
C ASN C 4805 80.02 -57.85 -20.28
N ASN C 4806 79.79 -59.17 -20.20
CA ASN C 4806 78.43 -59.70 -20.15
C ASN C 4806 77.68 -59.20 -18.91
N PHE C 4807 78.37 -59.11 -17.78
CA PHE C 4807 77.75 -58.76 -16.50
C PHE C 4807 77.14 -57.36 -16.50
N PHE C 4808 77.61 -56.48 -17.39
CA PHE C 4808 77.12 -55.10 -17.46
C PHE C 4808 75.63 -55.06 -17.74
N PHE C 4809 75.11 -56.08 -18.45
CA PHE C 4809 73.71 -56.16 -18.85
C PHE C 4809 72.76 -56.26 -17.66
N ALA C 4810 73.29 -56.46 -16.46
CA ALA C 4810 72.49 -56.66 -15.26
C ALA C 4810 72.24 -55.36 -14.54
N ALA C 4811 72.70 -54.24 -15.07
CA ALA C 4811 72.50 -52.95 -14.43
C ALA C 4811 71.21 -52.31 -14.89
N HIS C 4812 70.53 -52.97 -15.82
CA HIS C 4812 69.30 -52.48 -16.43
C HIS C 4812 68.09 -52.83 -15.59
N LEU C 4813 68.30 -53.60 -14.52
CA LEU C 4813 67.22 -54.11 -13.69
C LEU C 4813 66.51 -53.01 -12.92
N LEU C 4814 67.12 -51.84 -12.73
CA LEU C 4814 66.50 -50.79 -11.95
C LEU C 4814 65.54 -49.96 -12.77
N ASP C 4815 65.28 -50.37 -14.02
CA ASP C 4815 64.23 -49.75 -14.80
C ASP C 4815 62.84 -50.05 -14.24
N ILE C 4816 62.71 -51.10 -13.41
CA ILE C 4816 61.46 -51.43 -12.73
C ILE C 4816 60.98 -50.29 -11.82
N ALA C 4817 61.91 -49.45 -11.37
CA ALA C 4817 61.62 -48.26 -10.57
C ALA C 4817 60.74 -47.28 -11.34
N MET C 4818 61.01 -47.12 -12.63
CA MET C 4818 60.16 -46.27 -13.45
C MET C 4818 59.09 -47.08 -14.14
N GLY C 4819 59.29 -48.40 -14.25
CA GLY C 4819 58.38 -49.24 -14.99
C GLY C 4819 57.07 -49.43 -14.27
N VAL C 4820 57.11 -49.71 -12.96
CA VAL C 4820 55.88 -50.03 -12.24
C VAL C 4820 55.48 -48.83 -11.39
N LYS C 4821 54.20 -48.43 -11.51
CA LYS C 4821 53.69 -47.26 -10.81
C LYS C 4821 53.77 -47.42 -9.29
N THR C 4822 53.46 -48.64 -8.79
CA THR C 4822 53.47 -48.87 -7.34
C THR C 4822 54.89 -48.70 -6.81
N LEU C 4823 55.87 -49.23 -7.55
CA LEU C 4823 57.24 -49.18 -7.11
C LEU C 4823 57.66 -47.72 -7.06
N ARG C 4824 57.22 -46.96 -8.07
CA ARG C 4824 57.61 -45.57 -8.20
C ARG C 4824 57.09 -44.79 -7.00
N THR C 4825 55.86 -45.11 -6.55
CA THR C 4825 55.27 -44.47 -5.39
C THR C 4825 56.05 -44.81 -4.12
N ILE C 4826 56.46 -46.08 -4.00
CA ILE C 4826 57.23 -46.51 -2.85
C ILE C 4826 58.58 -45.81 -2.82
N LEU C 4827 59.25 -45.72 -3.97
CA LEU C 4827 60.54 -45.02 -4.02
C LEU C 4827 60.36 -43.51 -3.84
N SER C 4828 59.20 -42.96 -4.22
CA SER C 4828 58.94 -41.56 -3.95
C SER C 4828 58.84 -41.31 -2.45
N SER C 4829 58.41 -42.33 -1.71
CA SER C 4829 58.41 -42.22 -0.25
C SER C 4829 59.82 -42.20 0.33
N VAL C 4830 60.85 -42.55 -0.45
CA VAL C 4830 62.22 -42.44 -0.01
C VAL C 4830 62.85 -41.15 -0.50
N THR C 4831 62.58 -40.78 -1.76
CA THR C 4831 63.14 -39.57 -2.34
C THR C 4831 62.43 -38.30 -1.90
N HIS C 4832 61.25 -38.41 -1.28
CA HIS C 4832 60.51 -37.24 -0.83
C HIS C 4832 61.27 -36.47 0.24
N ASN C 4833 61.86 -37.16 1.20
CA ASN C 4833 62.67 -36.54 2.24
C ASN C 4833 64.16 -36.87 2.09
N GLY C 4834 64.62 -36.93 0.84
CA GLY C 4834 66.02 -37.29 0.57
C GLY C 4834 67.01 -36.29 1.15
N LYS C 4835 66.70 -34.99 1.04
CA LYS C 4835 67.57 -33.95 1.60
C LYS C 4835 67.68 -34.09 3.11
N GLN C 4836 66.56 -34.38 3.78
CA GLN C 4836 66.58 -34.62 5.22
C GLN C 4836 67.38 -35.86 5.56
N LEU C 4837 67.30 -36.90 4.71
CA LEU C 4837 68.08 -38.11 4.92
C LEU C 4837 69.57 -37.80 4.82
N VAL C 4838 69.94 -36.92 3.89
CA VAL C 4838 71.34 -36.51 3.75
C VAL C 4838 71.76 -35.75 5.01
N MET C 4839 70.89 -34.87 5.52
CA MET C 4839 71.26 -34.09 6.70
C MET C 4839 71.43 -34.98 7.92
N THR C 4840 70.54 -35.96 8.11
CA THR C 4840 70.72 -36.82 9.29
C THR C 4840 71.92 -37.75 9.13
N VAL C 4841 72.28 -38.14 7.90
CA VAL C 4841 73.55 -38.86 7.72
C VAL C 4841 74.75 -37.94 7.95
N GLY C 4842 74.56 -36.62 7.81
CA GLY C 4842 75.63 -35.73 8.22
C GLY C 4842 75.67 -35.54 9.71
N LEU C 4843 74.53 -35.76 10.36
CA LEU C 4843 74.52 -35.78 11.82
C LEU C 4843 75.21 -37.03 12.33
N LEU C 4844 75.07 -38.14 11.60
CA LEU C 4844 75.81 -39.35 11.93
C LEU C 4844 77.31 -39.12 11.78
N ALA C 4845 77.71 -38.44 10.71
CA ALA C 4845 79.11 -38.15 10.44
C ALA C 4845 79.74 -37.27 11.53
N VAL C 4846 78.98 -36.25 11.96
CA VAL C 4846 79.43 -35.37 13.04
C VAL C 4846 79.49 -36.07 14.39
N VAL C 4847 78.45 -36.81 14.78
CA VAL C 4847 78.49 -37.40 16.12
C VAL C 4847 79.46 -38.58 16.18
N VAL C 4848 79.56 -39.38 15.11
CA VAL C 4848 80.53 -40.47 15.06
C VAL C 4848 81.94 -39.90 15.16
N TYR C 4849 82.16 -38.75 14.51
CA TYR C 4849 83.45 -38.09 14.60
C TYR C 4849 83.73 -37.58 16.01
N LEU C 4850 82.73 -36.96 16.64
CA LEU C 4850 82.93 -36.38 17.97
C LEU C 4850 83.27 -37.45 19.00
N TYR C 4851 82.61 -38.61 18.88
CA TYR C 4851 82.98 -39.76 19.71
C TYR C 4851 84.39 -40.25 19.37
N THR C 4852 84.75 -40.27 18.08
CA THR C 4852 86.08 -40.75 17.71
C THR C 4852 87.16 -39.90 18.36
N VAL C 4853 86.98 -38.56 18.32
CA VAL C 4853 87.90 -37.63 18.98
C VAL C 4853 87.95 -37.89 20.49
N VAL C 4854 86.80 -38.21 21.07
CA VAL C 4854 86.70 -38.40 22.51
C VAL C 4854 87.39 -39.68 22.94
N ALA C 4855 87.21 -40.76 22.19
CA ALA C 4855 87.88 -42.00 22.51
C ALA C 4855 89.37 -41.91 22.20
N PHE C 4856 89.74 -41.24 21.11
CA PHE C 4856 91.13 -41.19 20.66
C PHE C 4856 91.98 -40.51 21.73
N ASN C 4857 91.44 -39.46 22.34
CA ASN C 4857 92.19 -38.74 23.38
C ASN C 4857 92.37 -39.58 24.64
N PHE C 4858 91.38 -40.39 25.02
CA PHE C 4858 91.42 -41.06 26.32
C PHE C 4858 91.24 -42.58 26.34
N PHE C 4859 90.92 -43.24 25.24
CA PHE C 4859 90.57 -44.66 25.31
C PHE C 4859 91.33 -45.47 24.27
N ARG C 4860 92.60 -45.13 24.05
CA ARG C 4860 93.40 -45.74 23.00
C ARG C 4860 93.66 -47.22 23.23
N LYS C 4861 93.92 -47.61 24.48
CA LYS C 4861 94.30 -48.99 24.80
C LYS C 4861 93.21 -49.98 24.47
N PHE C 4862 91.96 -49.61 24.77
CA PHE C 4862 90.82 -50.52 24.69
C PHE C 4862 90.61 -51.08 23.28
N TYR C 4863 90.78 -50.25 22.26
CA TYR C 4863 90.44 -50.68 20.91
C TYR C 4863 91.60 -51.48 20.30
N ASN C 4864 91.82 -52.67 20.86
CA ASN C 4864 92.81 -53.59 20.33
C ASN C 4864 92.07 -54.73 19.66
N LYS C 4865 92.30 -54.91 18.36
CA LYS C 4865 91.54 -55.90 17.62
C LYS C 4865 92.31 -57.18 17.35
N SER C 4866 93.53 -57.31 17.87
CA SER C 4866 94.36 -58.47 17.56
C SER C 4866 94.64 -59.24 18.84
N GLU C 4867 94.33 -60.54 18.81
CA GLU C 4867 94.60 -61.41 19.95
C GLU C 4867 96.10 -61.59 20.17
N ASP C 4868 96.87 -61.70 19.09
CA ASP C 4868 98.30 -61.99 19.18
C ASP C 4868 99.07 -60.87 19.88
N GLU C 4869 99.80 -61.26 20.93
CA GLU C 4869 100.59 -60.31 21.71
C GLU C 4869 101.76 -59.73 20.92
N ASP C 4870 102.37 -60.51 20.03
CA ASP C 4870 103.57 -60.06 19.34
C ASP C 4870 103.29 -58.95 18.34
N GLU C 4871 102.15 -59.00 17.67
CA GLU C 4871 101.74 -57.93 16.76
C GLU C 4871 100.33 -57.46 17.08
N PRO C 4872 100.14 -56.74 18.19
CA PRO C 4872 98.78 -56.31 18.53
C PRO C 4872 98.38 -55.19 17.59
N ASP C 4873 97.10 -55.13 17.27
CA ASP C 4873 96.61 -54.06 16.42
C ASP C 4873 95.71 -53.14 17.20
N MET C 4874 96.17 -51.91 17.38
CA MET C 4874 95.39 -50.88 18.02
C MET C 4874 94.80 -50.06 16.88
N LYS C 4875 93.49 -49.92 16.84
CA LYS C 4875 92.89 -49.24 15.71
C LYS C 4875 92.42 -47.83 16.07
N CYS C 4876 92.97 -47.25 17.13
CA CYS C 4876 92.64 -45.87 17.45
C CYS C 4876 93.81 -44.89 17.39
N ASP C 4877 95.05 -45.35 17.11
CA ASP C 4877 96.19 -44.44 17.15
C ASP C 4877 96.08 -43.38 16.05
N ASP C 4878 95.66 -43.79 14.87
CA ASP C 4878 95.58 -42.91 13.71
C ASP C 4878 94.15 -42.42 13.66
N MET C 4879 93.97 -41.10 13.51
CA MET C 4879 92.63 -40.52 13.55
C MET C 4879 91.77 -41.07 12.43
N MET C 4880 92.36 -41.23 11.23
CA MET C 4880 91.62 -41.74 10.09
C MET C 4880 91.11 -43.15 10.36
N THR C 4881 91.96 -43.96 11.02
CA THR C 4881 91.59 -45.34 11.30
C THR C 4881 90.55 -45.41 12.40
N CYS C 4882 90.69 -44.64 13.48
CA CYS C 4882 89.68 -44.68 14.55
C CYS C 4882 88.34 -44.19 14.05
N TYR C 4883 88.32 -43.13 13.23
CA TYR C 4883 87.08 -42.68 12.61
C TYR C 4883 86.51 -43.79 11.73
N LEU C 4884 87.37 -44.40 10.89
CA LEU C 4884 86.93 -45.45 9.97
C LEU C 4884 86.39 -46.65 10.74
N PHE C 4885 87.04 -46.96 11.87
CA PHE C 4885 86.60 -48.04 12.74
C PHE C 4885 85.26 -47.70 13.34
N HIS C 4886 85.08 -46.45 13.76
CA HIS C 4886 83.85 -46.07 14.45
C HIS C 4886 82.69 -46.15 13.48
N MET C 4887 82.91 -45.67 12.26
CA MET C 4887 81.86 -45.64 11.25
C MET C 4887 81.56 -47.04 10.71
N TYR C 4888 82.60 -47.83 10.40
CA TYR C 4888 82.37 -49.18 9.91
C TYR C 4888 81.83 -50.15 10.97
N VAL C 4889 82.37 -50.20 12.19
CA VAL C 4889 81.90 -51.24 13.11
C VAL C 4889 81.13 -50.73 14.32
N GLY C 4890 81.15 -49.43 14.63
CA GLY C 4890 80.33 -48.96 15.72
C GLY C 4890 78.87 -48.85 15.35
N VAL C 4891 78.57 -48.02 14.34
CA VAL C 4891 77.19 -47.83 13.91
C VAL C 4891 76.61 -49.14 13.39
N ARG C 4892 77.40 -49.90 12.63
CA ARG C 4892 76.88 -51.12 12.02
C ARG C 4892 76.63 -52.21 13.04
N ALA C 4893 77.09 -52.06 14.28
CA ALA C 4893 76.85 -53.02 15.32
C ALA C 4893 75.46 -52.79 15.89
N GLY C 4894 74.91 -53.81 16.54
CA GLY C 4894 73.63 -53.59 17.16
C GLY C 4894 73.74 -53.35 18.64
N GLY C 4895 74.94 -53.46 19.20
CA GLY C 4895 75.12 -53.29 20.63
C GLY C 4895 76.09 -52.18 20.97
N GLY C 4896 76.35 -51.30 20.03
CA GLY C 4896 77.20 -50.17 20.27
C GLY C 4896 78.66 -50.54 20.13
N ILE C 4897 79.51 -49.53 20.31
CA ILE C 4897 80.94 -49.71 20.13
C ILE C 4897 81.53 -50.59 21.26
N GLY C 4898 81.04 -50.42 22.50
CA GLY C 4898 81.63 -51.08 23.65
C GLY C 4898 81.61 -52.60 23.57
N ASP C 4899 80.54 -53.18 23.02
CA ASP C 4899 80.51 -54.63 22.82
C ASP C 4899 81.56 -55.06 21.81
N GLU C 4900 81.74 -54.27 20.76
CA GLU C 4900 82.74 -54.58 19.74
C GLU C 4900 84.16 -54.54 20.29
N ILE C 4901 84.42 -53.58 21.18
CA ILE C 4901 85.77 -53.38 21.70
C ILE C 4901 85.98 -54.11 23.03
N GLU C 4902 87.02 -53.73 23.79
CA GLU C 4902 87.41 -54.39 25.03
C GLU C 4902 86.48 -54.08 26.20
N ASP C 4903 86.64 -54.88 27.26
CA ASP C 4903 85.84 -54.79 28.46
C ASP C 4903 86.20 -53.52 29.24
N PRO C 4904 85.20 -52.81 29.80
CA PRO C 4904 85.50 -51.64 30.62
C PRO C 4904 85.82 -51.88 32.08
N ALA C 4905 85.60 -53.08 32.61
CA ALA C 4905 85.79 -53.30 34.04
C ALA C 4905 87.27 -53.32 34.40
N GLY C 4906 87.55 -53.19 35.70
CA GLY C 4906 88.90 -53.24 36.22
C GLY C 4906 89.85 -52.18 35.71
N ASP C 4907 89.41 -50.93 35.66
CA ASP C 4907 90.30 -49.84 35.26
C ASP C 4907 89.91 -48.59 36.05
N GLU C 4908 90.82 -47.61 36.11
CA GLU C 4908 90.54 -46.34 36.78
C GLU C 4908 89.44 -45.54 36.08
N TYR C 4909 89.49 -45.44 34.75
CA TYR C 4909 88.56 -44.60 34.01
C TYR C 4909 87.13 -45.14 34.08
N GLU C 4910 87.00 -46.48 33.99
CA GLU C 4910 85.79 -47.32 33.97
C GLU C 4910 84.45 -46.61 33.81
N LEU C 4911 84.06 -45.84 34.84
CA LEU C 4911 82.76 -45.17 34.82
C LEU C 4911 82.65 -44.25 33.60
N TYR C 4912 83.77 -43.60 33.25
CA TYR C 4912 83.81 -42.69 32.12
C TYR C 4912 83.47 -43.46 30.85
N ARG C 4913 84.06 -44.66 30.73
CA ARG C 4913 83.86 -45.45 29.54
C ARG C 4913 82.45 -46.03 29.46
N VAL C 4914 81.86 -46.49 30.57
CA VAL C 4914 80.47 -46.97 30.49
C VAL C 4914 79.55 -45.84 30.05
N VAL C 4915 79.75 -44.62 30.56
CA VAL C 4915 78.95 -43.48 30.12
C VAL C 4915 79.15 -43.23 28.62
N PHE C 4916 80.39 -43.45 28.16
CA PHE C 4916 80.75 -43.34 26.74
C PHE C 4916 79.99 -44.35 25.87
N ASP C 4917 79.92 -45.61 26.30
CA ASP C 4917 79.17 -46.59 25.50
C ASP C 4917 77.66 -46.37 25.58
N ILE C 4918 77.09 -46.12 26.78
CA ILE C 4918 75.63 -45.99 26.87
C ILE C 4918 75.15 -44.81 26.04
N THR C 4919 75.96 -43.73 26.00
CA THR C 4919 75.60 -42.59 25.14
C THR C 4919 75.61 -43.03 23.68
N PHE C 4920 76.58 -43.87 23.30
CA PHE C 4920 76.72 -44.28 21.91
C PHE C 4920 75.56 -45.20 21.53
N PHE C 4921 75.07 -45.94 22.51
CA PHE C 4921 73.90 -46.80 22.33
C PHE C 4921 72.67 -45.94 22.07
N PHE C 4922 72.47 -44.90 22.88
CA PHE C 4922 71.21 -44.16 22.74
C PHE C 4922 71.29 -43.17 21.60
N PHE C 4923 72.20 -42.21 21.72
CA PHE C 4923 72.30 -41.07 20.82
C PHE C 4923 72.72 -41.47 19.42
N VAL C 4924 73.64 -42.42 19.29
CA VAL C 4924 74.21 -42.77 18.00
C VAL C 4924 73.69 -44.08 17.45
N ILE C 4925 72.85 -44.79 18.18
CA ILE C 4925 72.26 -46.00 17.61
C ILE C 4925 70.75 -45.87 17.66
N VAL C 4926 70.19 -45.78 18.88
CA VAL C 4926 68.75 -45.80 19.05
C VAL C 4926 68.12 -44.55 18.41
N ILE C 4927 68.64 -43.37 18.71
CA ILE C 4927 68.01 -42.15 18.23
C ILE C 4927 68.24 -41.96 16.73
N LEU C 4928 69.46 -42.22 16.26
CA LEU C 4928 69.81 -41.86 14.89
C LEU C 4928 69.42 -42.90 13.87
N LEU C 4929 68.83 -44.03 14.30
CA LEU C 4929 68.26 -44.98 13.37
C LEU C 4929 66.76 -45.03 13.53
N ALA C 4930 66.20 -44.01 14.19
CA ALA C 4930 64.79 -43.82 14.40
C ALA C 4930 64.28 -42.62 13.65
N ILE C 4931 65.16 -41.66 13.39
CA ILE C 4931 64.85 -40.50 12.58
C ILE C 4931 64.63 -40.91 11.13
N ILE C 4932 65.41 -41.88 10.65
CA ILE C 4932 65.22 -42.43 9.31
C ILE C 4932 63.86 -43.14 9.19
N GLN C 4933 63.48 -43.88 10.23
CA GLN C 4933 62.17 -44.53 10.25
C GLN C 4933 61.06 -43.49 10.32
N GLY C 4934 61.29 -42.42 11.08
CA GLY C 4934 60.32 -41.34 11.15
C GLY C 4934 60.13 -40.68 9.81
N LEU C 4935 61.24 -40.41 9.11
CA LEU C 4935 61.19 -39.71 7.83
C LEU C 4935 60.44 -40.52 6.78
N ILE C 4936 60.66 -41.84 6.75
CA ILE C 4936 59.91 -42.72 5.84
C ILE C 4936 58.43 -42.76 6.21
N ILE C 4937 58.12 -42.96 7.51
CA ILE C 4937 56.73 -43.05 7.96
C ILE C 4937 56.02 -41.74 7.70
N ASP C 4938 56.70 -40.62 7.92
CA ASP C 4938 56.18 -39.30 7.59
C ASP C 4938 55.91 -39.17 6.11
N ALA C 4939 56.80 -39.74 5.27
CA ALA C 4939 56.66 -39.62 3.83
C ALA C 4939 55.38 -40.29 3.35
N PHE C 4940 55.09 -41.49 3.89
CA PHE C 4940 53.90 -42.25 3.47
C PHE C 4940 52.65 -41.46 3.81
N GLY C 4941 52.69 -40.78 4.95
CA GLY C 4941 51.58 -39.94 5.37
C GLY C 4941 51.42 -38.78 4.42
N GLU C 4942 52.53 -38.15 4.04
CA GLU C 4942 52.47 -36.97 3.18
C GLU C 4942 51.91 -37.30 1.81
N LEU C 4943 52.31 -38.43 1.25
CA LEU C 4943 51.82 -38.82 -0.06
C LEU C 4943 50.33 -39.16 0.05
N ARG C 4944 49.97 -39.81 1.16
CA ARG C 4944 48.57 -40.14 1.42
C ARG C 4944 47.73 -38.88 1.58
N ASP C 4945 48.26 -37.91 2.34
CA ASP C 4945 47.52 -36.70 2.65
C ASP C 4945 47.27 -35.93 1.37
N GLN C 4946 48.27 -35.92 0.49
CA GLN C 4946 48.17 -35.19 -0.76
C GLN C 4946 47.02 -35.77 -1.60
N GLN C 4947 46.98 -37.11 -1.71
CA GLN C 4947 45.91 -37.74 -2.47
C GLN C 4947 44.53 -37.56 -1.82
N GLU C 4948 44.49 -37.65 -0.49
CA GLU C 4948 43.24 -37.44 0.23
C GLU C 4948 42.73 -36.02 0.08
N GLN C 4949 43.62 -35.03 0.16
CA GLN C 4949 43.22 -33.64 -0.02
C GLN C 4949 42.70 -33.41 -1.42
N VAL C 4950 43.35 -34.04 -2.42
CA VAL C 4950 42.95 -33.91 -3.81
C VAL C 4950 41.54 -34.46 -3.98
N LYS C 4951 41.28 -35.63 -3.36
CA LYS C 4951 40.00 -36.31 -3.48
C LYS C 4951 38.90 -35.48 -2.84
N GLU C 4952 39.14 -35.05 -1.59
CA GLU C 4952 38.14 -34.31 -0.83
C GLU C 4952 37.81 -32.98 -1.52
N ASP C 4953 38.83 -32.29 -2.04
CA ASP C 4953 38.61 -30.99 -2.66
C ASP C 4953 37.78 -31.15 -3.93
N MET C 4954 38.08 -32.20 -4.73
CA MET C 4954 37.26 -32.45 -5.92
C MET C 4954 35.84 -32.80 -5.55
N GLU C 4955 35.65 -33.63 -4.51
CA GLU C 4955 34.30 -34.06 -4.14
C GLU C 4955 33.48 -32.88 -3.61
N THR C 4956 34.09 -31.99 -2.85
CA THR C 4956 33.32 -30.93 -2.20
C THR C 4956 33.29 -29.63 -2.99
N LYS C 4957 34.02 -29.53 -4.09
CA LYS C 4957 34.07 -28.26 -4.80
C LYS C 4957 34.06 -28.50 -6.30
N CYS C 4958 33.57 -27.51 -7.02
CA CYS C 4958 33.60 -27.56 -8.48
C CYS C 4958 34.93 -26.98 -8.90
N PHE C 4959 35.66 -27.72 -9.74
CA PHE C 4959 37.03 -27.34 -10.10
C PHE C 4959 37.05 -26.03 -10.88
N ILE C 4960 36.21 -25.92 -11.91
CA ILE C 4960 36.24 -24.75 -12.77
C ILE C 4960 35.75 -23.50 -12.04
N CYS C 4961 34.66 -23.61 -11.29
CA CYS C 4961 34.09 -22.39 -10.72
C CYS C 4961 34.59 -22.11 -9.31
N GLY C 4962 34.69 -23.12 -8.45
CA GLY C 4962 35.10 -22.93 -7.07
C GLY C 4962 33.98 -22.87 -6.06
N ILE C 4963 32.72 -22.84 -6.50
CA ILE C 4963 31.57 -22.85 -5.61
C ILE C 4963 31.52 -24.21 -4.89
N GLY C 4964 30.91 -24.24 -3.71
CA GLY C 4964 30.92 -25.44 -2.92
C GLY C 4964 29.89 -26.43 -3.39
N SER C 4965 29.95 -27.62 -2.80
CA SER C 4965 29.02 -28.69 -3.13
C SER C 4965 27.58 -28.38 -2.72
N ASP C 4966 27.37 -27.63 -1.63
CA ASP C 4966 26.04 -27.43 -1.06
C ASP C 4966 25.06 -26.78 -2.03
N TYR C 4967 25.51 -25.70 -2.71
CA TYR C 4967 24.62 -24.98 -3.62
C TYR C 4967 24.14 -25.88 -4.74
N PHE C 4968 25.05 -26.66 -5.32
CA PHE C 4968 24.63 -27.52 -6.40
C PHE C 4968 23.78 -28.64 -5.84
N ASP C 4969 24.10 -29.08 -4.62
CA ASP C 4969 23.50 -30.23 -3.98
C ASP C 4969 22.09 -29.99 -3.49
N THR C 4970 21.60 -28.73 -3.54
CA THR C 4970 20.26 -28.46 -3.03
C THR C 4970 19.23 -29.29 -3.80
N THR C 4971 19.39 -29.37 -5.12
CA THR C 4971 18.60 -30.25 -5.97
C THR C 4971 19.18 -31.66 -5.87
N PRO C 4972 18.40 -32.71 -6.14
CA PRO C 4972 18.97 -34.07 -6.12
C PRO C 4972 20.03 -34.27 -7.21
N HIS C 4973 21.17 -34.86 -6.81
CA HIS C 4973 22.34 -35.15 -7.66
C HIS C 4973 22.84 -33.88 -8.36
N GLY C 4974 22.74 -32.77 -7.65
CA GLY C 4974 23.08 -31.47 -8.24
C GLY C 4974 24.54 -31.33 -8.54
N PHE C 4975 25.40 -31.75 -7.59
CA PHE C 4975 26.83 -31.59 -7.77
C PHE C 4975 27.27 -32.40 -8.98
N GLU C 4976 26.71 -33.61 -9.12
CA GLU C 4976 27.07 -34.50 -10.21
C GLU C 4976 26.72 -33.82 -11.54
N THR C 4977 25.53 -33.19 -11.58
CA THR C 4977 25.11 -32.53 -12.81
C THR C 4977 26.03 -31.36 -13.13
N HIS C 4978 26.39 -30.58 -12.10
CA HIS C 4978 27.24 -29.41 -12.34
C HIS C 4978 28.61 -29.83 -12.83
N THR C 4979 29.17 -30.88 -12.23
CA THR C 4979 30.51 -31.30 -12.60
C THR C 4979 30.51 -32.31 -13.73
N LEU C 4980 29.37 -32.46 -14.42
CA LEU C 4980 29.34 -33.33 -15.58
C LEU C 4980 28.46 -32.77 -16.70
N GLU C 4981 28.01 -31.52 -16.59
CA GLU C 4981 27.30 -30.88 -17.68
C GLU C 4981 27.68 -29.42 -17.88
N GLU C 4982 27.32 -28.60 -16.89
CA GLU C 4982 27.50 -27.15 -16.98
C GLU C 4982 28.96 -26.72 -16.96
N HIS C 4983 29.78 -27.30 -16.07
CA HIS C 4983 31.13 -26.78 -15.92
C HIS C 4983 32.20 -27.85 -16.08
N ASN C 4984 31.95 -28.84 -16.92
CA ASN C 4984 32.88 -29.97 -17.02
C ASN C 4984 34.22 -29.52 -17.61
N LEU C 4985 35.31 -30.02 -17.00
CA LEU C 4985 36.66 -29.64 -17.40
C LEU C 4985 36.91 -30.12 -18.82
N ALA C 4986 36.43 -31.33 -19.13
CA ALA C 4986 36.67 -31.91 -20.44
C ALA C 4986 35.97 -31.04 -21.47
N ASN C 4987 34.76 -30.56 -21.14
CA ASN C 4987 33.99 -29.74 -22.08
C ASN C 4987 34.74 -28.47 -22.41
N TYR C 4988 35.42 -27.89 -21.40
CA TYR C 4988 36.25 -26.72 -21.69
C TYR C 4988 37.38 -27.09 -22.65
N MET C 4989 38.02 -28.25 -22.43
CA MET C 4989 39.14 -28.60 -23.31
C MET C 4989 38.62 -28.77 -24.74
N PHE C 4990 37.42 -29.40 -24.90
CA PHE C 4990 36.88 -29.62 -26.23
C PHE C 4990 36.56 -28.29 -26.89
N PHE C 4991 36.15 -27.30 -26.07
CA PHE C 4991 35.90 -25.96 -26.61
C PHE C 4991 37.16 -25.37 -27.18
N LEU C 4992 38.25 -25.40 -26.39
CA LEU C 4992 39.49 -24.76 -26.85
C LEU C 4992 40.04 -25.52 -28.07
N MET C 4993 39.78 -26.83 -28.13
CA MET C 4993 40.12 -27.62 -29.30
C MET C 4993 39.32 -27.14 -30.50
N TYR C 4994 38.02 -26.89 -30.28
CA TYR C 4994 37.11 -26.48 -31.35
C TYR C 4994 37.55 -25.14 -31.91
N LEU C 4995 37.88 -24.21 -31.01
CA LEU C 4995 38.28 -22.87 -31.42
C LEU C 4995 39.59 -22.89 -32.21
N ILE C 4996 40.55 -23.73 -31.78
CA ILE C 4996 41.79 -23.86 -32.53
C ILE C 4996 41.54 -24.50 -33.89
N ASN C 4997 40.73 -25.55 -33.95
CA ASN C 4997 40.52 -26.27 -35.21
C ASN C 4997 39.72 -25.43 -36.20
N LYS C 4998 38.63 -24.81 -35.74
CA LYS C 4998 37.75 -24.06 -36.61
C LYS C 4998 38.45 -22.88 -37.25
N ASP C 4999 38.22 -22.70 -38.55
CA ASP C 4999 38.81 -21.61 -39.30
C ASP C 4999 38.29 -20.26 -38.82
N GLU C 5000 39.21 -19.30 -38.67
CA GLU C 5000 38.82 -17.92 -38.37
C GLU C 5000 38.01 -17.38 -39.53
N THR C 5001 37.08 -16.44 -39.22
CA THR C 5001 36.06 -15.75 -40.03
C THR C 5001 34.77 -16.55 -40.11
N GLU C 5002 34.75 -17.76 -39.57
CA GLU C 5002 33.53 -18.54 -39.45
C GLU C 5002 33.11 -18.62 -37.99
N HIS C 5003 33.90 -18.00 -37.11
CA HIS C 5003 33.67 -17.99 -35.69
C HIS C 5003 32.43 -17.17 -35.38
N THR C 5004 31.58 -17.68 -34.50
CA THR C 5004 30.44 -16.88 -34.07
C THR C 5004 30.93 -15.85 -33.07
N GLY C 5005 30.06 -14.90 -32.70
CA GLY C 5005 30.48 -13.78 -31.87
C GLY C 5005 31.06 -14.20 -30.53
N GLN C 5006 30.42 -15.17 -29.88
CA GLN C 5006 30.90 -15.65 -28.59
C GLN C 5006 32.25 -16.32 -28.78
N GLU C 5007 32.39 -17.07 -29.89
CA GLU C 5007 33.63 -17.78 -30.18
C GLU C 5007 34.75 -16.80 -30.45
N SER C 5008 34.44 -15.70 -31.14
CA SER C 5008 35.42 -14.64 -31.38
C SER C 5008 35.87 -14.04 -30.06
N TYR C 5009 34.93 -13.83 -29.15
CA TYR C 5009 35.22 -13.21 -27.86
C TYR C 5009 36.21 -14.06 -27.07
N VAL C 5010 35.93 -15.37 -27.02
CA VAL C 5010 36.81 -16.32 -26.35
C VAL C 5010 38.15 -16.40 -27.08
N TRP C 5011 38.12 -16.40 -28.41
CA TRP C 5011 39.34 -16.52 -29.20
C TRP C 5011 40.25 -15.34 -28.89
N LYS C 5012 39.67 -14.13 -28.82
CA LYS C 5012 40.44 -12.93 -28.58
C LYS C 5012 41.09 -13.01 -27.21
N MET C 5013 40.31 -13.49 -26.21
CA MET C 5013 40.86 -13.58 -24.84
C MET C 5013 41.99 -14.58 -24.83
N TYR C 5014 41.84 -15.69 -25.55
CA TYR C 5014 42.87 -16.72 -25.55
C TYR C 5014 44.14 -16.17 -26.15
N GLN C 5015 44.00 -15.48 -27.30
CA GLN C 5015 45.14 -14.92 -28.01
C GLN C 5015 45.86 -13.86 -27.18
N GLU C 5016 45.14 -13.23 -26.24
CA GLU C 5016 45.71 -12.16 -25.44
C GLU C 5016 45.91 -12.57 -23.98
N ARG C 5017 45.72 -13.86 -23.67
CA ARG C 5017 45.95 -14.45 -22.34
C ARG C 5017 45.19 -13.72 -21.22
N CYS C 5018 43.88 -13.55 -21.40
CA CYS C 5018 43.02 -13.05 -20.34
C CYS C 5018 42.03 -14.15 -19.96
N TRP C 5019 42.04 -14.52 -18.68
CA TRP C 5019 41.24 -15.65 -18.20
C TRP C 5019 39.98 -15.18 -17.51
N ASP C 5020 39.50 -13.99 -17.86
CA ASP C 5020 38.26 -13.45 -17.28
C ASP C 5020 37.04 -14.28 -17.64
N PHE C 5021 37.00 -14.83 -18.86
CA PHE C 5021 35.81 -15.55 -19.36
C PHE C 5021 35.41 -16.71 -18.45
N PHE C 5022 36.38 -17.43 -17.87
CA PHE C 5022 36.08 -18.60 -17.05
C PHE C 5022 35.23 -18.19 -15.85
N PRO C 5023 34.14 -18.91 -15.56
CA PRO C 5023 33.24 -18.52 -14.45
C PRO C 5023 33.94 -18.70 -13.11
N ALA C 5024 34.16 -17.61 -12.39
CA ALA C 5024 34.74 -17.69 -11.06
C ALA C 5024 33.73 -17.15 -10.06
N GLY C 5025 33.40 -17.95 -9.05
CA GLY C 5025 32.46 -17.53 -8.05
C GLY C 5025 31.02 -17.44 -8.52
N ASP C 5026 30.69 -18.00 -9.68
CA ASP C 5026 29.34 -17.85 -10.21
C ASP C 5026 29.03 -19.00 -11.15
N CYS C 5027 27.74 -19.17 -11.41
CA CYS C 5027 27.24 -20.20 -12.29
C CYS C 5027 25.86 -19.75 -12.77
N PHE C 5028 25.38 -20.42 -13.81
CA PHE C 5028 24.11 -20.07 -14.43
C PHE C 5028 22.95 -20.20 -13.43
N ARG C 5029 22.99 -21.26 -12.61
CA ARG C 5029 21.91 -21.54 -11.67
C ARG C 5029 21.81 -20.44 -10.62
N LYS C 5030 22.98 -20.04 -10.08
CA LYS C 5030 23.05 -18.96 -9.11
C LYS C 5030 22.59 -17.65 -9.74
N GLN C 5031 22.99 -17.43 -10.99
CA GLN C 5031 22.66 -16.19 -11.67
C GLN C 5031 21.16 -16.05 -11.82
N TYR C 5032 20.49 -17.15 -12.17
CA TYR C 5032 19.07 -17.06 -12.47
C TYR C 5032 18.21 -17.89 -11.50
N GLU C 5033 18.54 -17.84 -10.19
CA GLU C 5033 17.76 -18.57 -9.17
C GLU C 5033 16.30 -18.14 -9.17
N ASP C 5034 16.05 -16.85 -9.45
CA ASP C 5034 14.72 -16.28 -9.42
C ASP C 5034 13.77 -16.94 -10.41
N GLN C 5035 14.25 -17.19 -11.64
CA GLN C 5035 13.39 -17.72 -12.69
C GLN C 5035 13.52 -19.21 -12.90
N LEU C 5036 14.71 -19.79 -12.69
CA LEU C 5036 14.92 -21.22 -12.95
C LEU C 5036 14.04 -22.08 -12.05
N SER C 5037 13.91 -21.68 -10.78
CA SER C 5037 13.07 -22.34 -9.77
C SER C 5037 11.63 -22.58 -10.20
N VAL D 11 -2.98 -8.10 -29.84
CA VAL D 11 -2.71 -9.26 -30.69
C VAL D 11 -4.09 -9.84 -31.06
N GLN D 12 -4.49 -10.91 -30.37
CA GLN D 12 -5.70 -11.68 -30.61
C GLN D 12 -5.85 -12.05 -32.08
N PHE D 13 -4.93 -12.91 -32.49
CA PHE D 13 -4.93 -13.46 -33.84
C PHE D 13 -6.11 -14.40 -34.04
N LEU D 14 -6.57 -14.48 -35.28
CA LEU D 14 -7.65 -15.39 -35.60
C LEU D 14 -7.10 -16.73 -36.10
N ARG D 15 -7.92 -17.77 -35.94
CA ARG D 15 -7.47 -19.13 -36.14
C ARG D 15 -8.67 -19.95 -36.64
N THR D 16 -8.42 -21.21 -36.96
CA THR D 16 -9.49 -22.13 -37.32
C THR D 16 -10.39 -22.38 -36.11
N ASP D 17 -11.67 -22.65 -36.40
CA ASP D 17 -12.76 -22.99 -35.48
C ASP D 17 -13.20 -21.83 -34.60
N ASP D 18 -12.59 -20.65 -34.72
CA ASP D 18 -13.05 -19.48 -33.98
C ASP D 18 -14.43 -19.05 -34.47
N GLU D 19 -15.22 -18.52 -33.56
CA GLU D 19 -16.54 -18.00 -33.89
C GLU D 19 -16.48 -16.47 -34.01
N VAL D 20 -16.93 -15.96 -35.15
CA VAL D 20 -16.81 -14.55 -35.50
C VAL D 20 -18.14 -14.06 -36.04
N VAL D 21 -18.22 -12.75 -36.28
CA VAL D 21 -19.30 -12.15 -37.05
C VAL D 21 -18.69 -11.15 -38.01
N LEU D 22 -19.46 -10.78 -39.02
CA LEU D 22 -19.02 -9.81 -40.01
C LEU D 22 -19.78 -8.52 -39.78
N GLN D 23 -19.19 -7.40 -40.22
CA GLN D 23 -19.67 -6.10 -39.76
C GLN D 23 -19.21 -5.00 -40.71
N CYS D 24 -20.17 -4.23 -41.24
CA CYS D 24 -19.86 -3.05 -42.03
C CYS D 24 -19.92 -1.80 -41.16
N SER D 25 -19.93 -0.63 -41.80
CA SER D 25 -20.23 0.64 -41.13
C SER D 25 -20.96 1.51 -42.14
N ALA D 26 -22.29 1.47 -42.10
CA ALA D 26 -23.05 2.27 -43.05
C ALA D 26 -23.18 3.70 -42.54
N THR D 27 -23.66 4.58 -43.44
CA THR D 27 -23.93 5.96 -43.06
C THR D 27 -25.13 6.46 -43.87
N VAL D 28 -26.30 6.35 -43.26
CA VAL D 28 -27.55 6.88 -43.80
C VAL D 28 -27.99 8.00 -42.86
N LEU D 29 -28.62 9.02 -43.46
CA LEU D 29 -29.09 10.24 -42.79
C LEU D 29 -27.98 10.97 -42.02
N LYS D 30 -26.73 10.73 -42.45
CA LYS D 30 -25.50 11.26 -41.88
C LYS D 30 -25.30 10.74 -40.47
N GLU D 31 -25.23 9.41 -40.31
CA GLU D 31 -24.78 8.87 -39.02
C GLU D 31 -24.21 7.48 -39.24
N GLN D 32 -23.14 7.18 -38.50
CA GLN D 32 -22.40 5.91 -38.56
C GLN D 32 -23.22 4.82 -37.90
N LEU D 33 -24.12 4.20 -38.66
CA LEU D 33 -24.90 3.10 -38.12
C LEU D 33 -24.22 1.78 -38.45
N LYS D 34 -24.07 0.95 -37.42
CA LYS D 34 -23.36 -0.29 -37.55
C LYS D 34 -24.29 -1.34 -38.16
N LEU D 35 -23.71 -2.31 -38.88
CA LEU D 35 -24.52 -3.40 -39.42
C LEU D 35 -23.74 -4.70 -39.37
N CYS D 36 -24.50 -5.80 -39.39
CA CYS D 36 -23.91 -7.14 -39.39
C CYS D 36 -24.73 -8.07 -40.26
N LEU D 37 -24.08 -9.10 -40.80
CA LEU D 37 -24.76 -10.08 -41.64
C LEU D 37 -25.77 -10.88 -40.83
N ALA D 38 -26.87 -11.25 -41.49
CA ALA D 38 -27.89 -12.05 -40.83
C ALA D 38 -28.68 -12.79 -41.90
N ALA D 39 -29.05 -14.04 -41.58
CA ALA D 39 -29.81 -14.87 -42.50
C ALA D 39 -30.43 -16.03 -41.73
N GLU D 40 -31.75 -16.18 -41.86
CA GLU D 40 -32.46 -17.27 -41.20
C GLU D 40 -32.02 -18.62 -41.76
N GLY D 41 -31.81 -18.69 -43.07
CA GLY D 41 -31.36 -19.91 -43.72
C GLY D 41 -32.51 -20.80 -44.13
N PHE D 42 -33.12 -21.49 -43.16
CA PHE D 42 -34.23 -22.39 -43.42
C PHE D 42 -35.43 -21.62 -43.92
N GLY D 43 -35.82 -21.85 -45.17
CA GLY D 43 -36.93 -21.16 -45.78
C GLY D 43 -36.56 -19.91 -46.53
N ASN D 44 -35.37 -19.37 -46.29
CA ASN D 44 -34.88 -18.22 -47.04
C ASN D 44 -33.36 -18.27 -47.02
N ARG D 45 -32.77 -18.79 -48.11
CA ARG D 45 -31.33 -18.90 -48.19
C ARG D 45 -30.64 -17.55 -48.37
N LEU D 46 -31.36 -16.56 -48.90
CA LEU D 46 -30.78 -15.24 -49.12
C LEU D 46 -30.46 -14.55 -47.80
N CYS D 47 -29.47 -13.67 -47.83
CA CYS D 47 -29.00 -12.97 -46.66
C CYS D 47 -29.62 -11.58 -46.58
N PHE D 48 -29.30 -10.89 -45.48
CA PHE D 48 -29.69 -9.49 -45.27
C PHE D 48 -28.81 -8.93 -44.17
N LEU D 49 -29.09 -7.68 -43.80
CA LEU D 49 -28.28 -6.96 -42.83
C LEU D 49 -29.10 -6.56 -41.61
N GLU D 50 -28.58 -6.88 -40.43
CA GLU D 50 -29.22 -6.58 -39.18
C GLU D 50 -28.55 -5.37 -38.55
N PRO D 51 -29.28 -4.26 -38.38
CA PRO D 51 -28.70 -3.07 -37.75
C PRO D 51 -28.27 -3.39 -36.33
N THR D 52 -27.13 -2.83 -35.92
CA THR D 52 -26.66 -3.11 -34.57
C THR D 52 -26.07 -1.88 -33.87
N SER D 53 -26.22 -0.68 -34.44
CA SER D 53 -25.75 0.53 -33.76
C SER D 53 -26.63 0.85 -32.55
N ASN D 54 -27.94 0.79 -32.72
CA ASN D 54 -28.89 1.07 -31.65
C ASN D 54 -29.01 -0.14 -30.70
N ALA D 55 -27.87 -0.50 -30.10
CA ALA D 55 -27.68 -1.72 -29.33
C ALA D 55 -28.32 -1.69 -27.96
N GLN D 56 -29.02 -0.62 -27.59
CA GLN D 56 -29.62 -0.54 -26.26
C GLN D 56 -31.13 -0.36 -26.31
N ASN D 57 -31.62 0.54 -27.17
CA ASN D 57 -33.07 0.75 -27.29
C ASN D 57 -33.77 -0.50 -27.81
N VAL D 58 -33.17 -1.18 -28.79
CA VAL D 58 -33.63 -2.48 -29.26
C VAL D 58 -32.43 -3.43 -29.36
N PRO D 59 -32.42 -4.52 -28.59
CA PRO D 59 -31.28 -5.45 -28.67
C PRO D 59 -31.23 -6.14 -30.01
N PRO D 60 -30.03 -6.57 -30.45
CA PRO D 60 -29.92 -7.21 -31.77
C PRO D 60 -30.44 -8.64 -31.79
N ASP D 61 -30.18 -9.36 -32.87
CA ASP D 61 -30.54 -10.78 -32.98
C ASP D 61 -29.28 -11.58 -33.32
N LEU D 62 -28.62 -12.11 -32.30
CA LEU D 62 -27.41 -12.91 -32.52
C LEU D 62 -27.71 -14.37 -32.84
N ALA D 63 -28.98 -14.74 -32.99
CA ALA D 63 -29.30 -16.11 -33.33
C ALA D 63 -28.90 -16.47 -34.76
N ILE D 64 -28.85 -15.48 -35.64
CA ILE D 64 -28.65 -15.72 -37.06
C ILE D 64 -27.41 -15.03 -37.61
N CYS D 65 -26.70 -14.25 -36.79
CA CYS D 65 -25.52 -13.52 -37.25
C CYS D 65 -24.23 -14.31 -37.08
N CYS D 66 -24.29 -15.46 -36.40
CA CYS D 66 -23.09 -16.21 -36.06
C CYS D 66 -22.43 -16.80 -37.32
N PHE D 67 -21.10 -16.99 -37.24
CA PHE D 67 -20.32 -17.52 -38.34
C PHE D 67 -19.01 -18.09 -37.82
N THR D 68 -18.63 -19.26 -38.32
CA THR D 68 -17.45 -19.97 -37.82
C THR D 68 -16.44 -20.13 -38.96
N LEU D 69 -15.17 -20.24 -38.59
CA LEU D 69 -14.04 -20.26 -39.50
C LEU D 69 -13.39 -21.64 -39.35
N GLU D 70 -13.87 -22.61 -40.12
CA GLU D 70 -13.44 -23.99 -39.91
C GLU D 70 -12.28 -24.43 -40.80
N GLN D 71 -12.20 -23.96 -42.04
CA GLN D 71 -11.08 -24.29 -42.92
C GLN D 71 -10.50 -23.05 -43.57
N SER D 72 -9.19 -22.91 -43.50
CA SER D 72 -8.45 -21.88 -44.22
C SER D 72 -7.39 -22.56 -45.06
N LEU D 73 -7.40 -22.27 -46.37
CA LEU D 73 -6.52 -22.98 -47.29
C LEU D 73 -5.88 -22.02 -48.28
N SER D 74 -4.71 -22.41 -48.77
CA SER D 74 -4.03 -21.68 -49.84
C SER D 74 -4.70 -21.96 -51.18
N VAL D 75 -4.34 -21.14 -52.18
CA VAL D 75 -5.00 -21.15 -53.48
C VAL D 75 -4.79 -22.49 -54.19
N ARG D 76 -3.62 -23.11 -54.00
CA ARG D 76 -3.36 -24.45 -54.53
C ARG D 76 -4.34 -25.40 -53.91
N ALA D 77 -4.20 -25.63 -52.59
CA ALA D 77 -4.99 -26.63 -51.90
C ALA D 77 -6.49 -26.45 -52.14
N LEU D 78 -6.93 -25.21 -52.37
CA LEU D 78 -8.26 -24.91 -52.91
C LEU D 78 -8.51 -25.63 -54.23
N GLN D 79 -7.56 -25.50 -55.18
CA GLN D 79 -7.74 -26.09 -56.50
C GLN D 79 -7.71 -27.61 -56.38
N GLU D 80 -6.74 -28.11 -55.63
CA GLU D 80 -6.45 -29.54 -55.58
C GLU D 80 -7.59 -30.31 -54.90
N MET D 81 -8.11 -29.80 -53.76
CA MET D 81 -9.30 -30.45 -53.18
C MET D 81 -10.50 -30.36 -54.11
N LEU D 82 -10.66 -29.23 -54.82
CA LEU D 82 -11.69 -29.18 -55.86
C LEU D 82 -11.47 -30.19 -56.98
N ALA D 83 -10.23 -30.39 -57.39
CA ALA D 83 -9.89 -31.43 -58.38
C ALA D 83 -10.17 -32.82 -57.85
N ASN D 84 -9.84 -33.06 -56.58
CA ASN D 84 -10.04 -34.37 -55.97
C ASN D 84 -11.30 -34.38 -55.11
N HIS D 98 -5.19 -26.61 -34.99
CA HIS D 98 -5.51 -25.19 -35.17
C HIS D 98 -4.45 -24.41 -35.93
N ARG D 99 -4.84 -23.94 -37.11
CA ARG D 99 -3.98 -23.13 -37.97
C ARG D 99 -4.56 -21.72 -38.05
N THR D 100 -3.69 -20.72 -37.95
CA THR D 100 -4.17 -19.35 -37.93
C THR D 100 -4.58 -18.89 -39.33
N LEU D 101 -5.34 -17.81 -39.36
CA LEU D 101 -5.78 -17.23 -40.62
C LEU D 101 -4.62 -16.54 -41.29
N LEU D 102 -4.69 -16.42 -42.62
CA LEU D 102 -3.65 -15.75 -43.40
C LEU D 102 -4.28 -15.01 -44.57
N TYR D 103 -3.81 -13.78 -44.79
CA TYR D 103 -4.18 -13.00 -45.96
C TYR D 103 -3.86 -13.73 -47.26
N GLY D 104 -4.76 -13.60 -48.22
CA GLY D 104 -4.62 -14.26 -49.51
C GLY D 104 -5.03 -15.71 -49.53
N HIS D 105 -5.27 -16.32 -48.36
CA HIS D 105 -5.76 -17.68 -48.30
C HIS D 105 -7.24 -17.72 -48.62
N ALA D 106 -7.76 -18.92 -48.78
CA ALA D 106 -9.18 -19.14 -48.99
C ALA D 106 -9.80 -19.66 -47.70
N ILE D 107 -10.94 -19.11 -47.33
CA ILE D 107 -11.64 -19.51 -46.12
C ILE D 107 -13.02 -20.02 -46.52
N LEU D 108 -13.44 -21.11 -45.87
CA LEU D 108 -14.78 -21.64 -46.03
C LEU D 108 -15.60 -21.14 -44.84
N LEU D 109 -16.66 -20.39 -45.13
CA LEU D 109 -17.37 -19.64 -44.11
C LEU D 109 -18.72 -20.31 -43.88
N ARG D 110 -18.97 -20.77 -42.66
CA ARG D 110 -20.15 -21.56 -42.32
C ARG D 110 -21.04 -20.82 -41.33
N HIS D 111 -22.32 -20.71 -41.64
CA HIS D 111 -23.30 -20.28 -40.65
C HIS D 111 -23.37 -21.36 -39.58
N ALA D 112 -23.12 -20.97 -38.33
CA ALA D 112 -23.05 -21.97 -37.26
C ALA D 112 -24.41 -22.48 -36.85
N HIS D 113 -25.47 -21.70 -37.04
CA HIS D 113 -26.80 -22.20 -36.72
C HIS D 113 -27.38 -23.11 -37.79
N SER D 114 -27.68 -22.56 -38.96
CA SER D 114 -28.37 -23.29 -40.00
C SER D 114 -27.52 -24.37 -40.65
N ARG D 115 -26.21 -24.38 -40.37
CA ARG D 115 -25.24 -25.42 -40.75
C ARG D 115 -24.96 -25.52 -42.25
N MET D 116 -25.67 -24.76 -43.08
CA MET D 116 -25.34 -24.73 -44.49
C MET D 116 -24.33 -23.63 -44.70
N TYR D 117 -23.37 -23.89 -45.58
CA TYR D 117 -22.27 -22.96 -45.77
C TYR D 117 -22.72 -21.72 -46.54
N LEU D 118 -22.01 -20.62 -46.32
CA LEU D 118 -22.23 -19.40 -47.08
C LEU D 118 -21.55 -19.48 -48.43
N SER D 119 -22.23 -18.99 -49.47
CA SER D 119 -21.72 -19.16 -50.83
C SER D 119 -22.22 -18.04 -51.72
N CYS D 120 -21.52 -17.85 -52.84
CA CYS D 120 -21.95 -16.95 -53.90
C CYS D 120 -22.88 -17.72 -54.82
N LEU D 121 -24.16 -17.40 -54.78
CA LEU D 121 -25.14 -18.08 -55.61
C LEU D 121 -24.99 -17.69 -57.08
N THR D 122 -25.35 -18.63 -57.95
CA THR D 122 -25.31 -18.38 -59.40
C THR D 122 -26.28 -17.29 -59.80
N THR D 123 -27.46 -17.26 -59.17
CA THR D 123 -28.51 -16.32 -59.52
C THR D 123 -28.15 -14.89 -59.09
N SER D 124 -29.08 -13.97 -59.30
CA SER D 124 -28.93 -12.59 -58.87
C SER D 124 -30.31 -11.96 -58.80
N ARG D 125 -30.62 -11.35 -57.66
CA ARG D 125 -31.97 -10.85 -57.42
C ARG D 125 -32.08 -9.33 -57.47
N SER D 126 -30.98 -8.60 -57.25
CA SER D 126 -30.98 -7.15 -57.24
C SER D 126 -31.36 -6.58 -58.59
N MET D 127 -32.60 -6.06 -58.70
CA MET D 127 -33.11 -5.49 -59.94
C MET D 127 -32.30 -4.29 -60.41
N THR D 128 -31.65 -3.58 -59.49
CA THR D 128 -30.98 -2.33 -59.80
C THR D 128 -29.76 -2.48 -60.70
N ASP D 129 -29.23 -3.69 -60.84
CA ASP D 129 -28.01 -3.90 -61.62
C ASP D 129 -27.88 -5.35 -62.04
N LYS D 130 -26.92 -5.59 -62.92
CA LYS D 130 -26.49 -6.94 -63.24
C LYS D 130 -25.21 -7.19 -62.45
N LEU D 131 -24.53 -8.32 -62.74
CA LEU D 131 -23.21 -8.71 -62.21
C LEU D 131 -23.10 -8.64 -60.67
N ALA D 132 -24.21 -8.60 -59.96
CA ALA D 132 -24.26 -8.64 -58.50
C ALA D 132 -24.99 -9.90 -58.09
N PHE D 133 -24.26 -11.00 -58.06
CA PHE D 133 -24.83 -12.30 -57.72
C PHE D 133 -25.13 -12.33 -56.23
N ASP D 134 -26.42 -12.39 -55.89
CA ASP D 134 -26.88 -12.34 -54.51
C ASP D 134 -26.30 -13.49 -53.69
N VAL D 135 -25.78 -13.17 -52.53
CA VAL D 135 -25.14 -14.18 -51.70
C VAL D 135 -26.24 -14.98 -50.99
N GLY D 136 -25.94 -16.25 -50.71
CA GLY D 136 -26.91 -17.09 -50.05
C GLY D 136 -26.22 -18.26 -49.40
N LEU D 137 -27.03 -19.18 -48.91
CA LEU D 137 -26.51 -20.31 -48.14
C LEU D 137 -26.57 -21.58 -48.98
N GLN D 138 -25.44 -22.25 -49.10
CA GLN D 138 -25.35 -23.49 -49.86
C GLN D 138 -25.35 -24.67 -48.90
N GLU D 139 -26.14 -25.69 -49.24
CA GLU D 139 -26.35 -26.86 -48.39
C GLU D 139 -25.05 -27.60 -48.09
N ASP D 140 -24.17 -27.71 -49.08
CA ASP D 140 -22.95 -28.49 -48.94
C ASP D 140 -21.73 -27.61 -49.21
N ALA D 141 -20.56 -28.18 -48.98
CA ALA D 141 -19.30 -27.49 -49.18
C ALA D 141 -18.71 -27.74 -50.56
N THR D 142 -19.39 -28.53 -51.40
CA THR D 142 -18.90 -28.85 -52.73
C THR D 142 -18.89 -27.62 -53.62
N GLY D 143 -17.98 -27.61 -54.59
CA GLY D 143 -17.84 -26.48 -55.47
C GLY D 143 -16.95 -25.41 -54.89
N GLU D 144 -16.71 -24.38 -55.70
CA GLU D 144 -15.90 -23.25 -55.30
C GLU D 144 -16.72 -22.04 -54.85
N ALA D 145 -18.04 -22.08 -55.03
CA ALA D 145 -18.89 -20.96 -54.64
C ALA D 145 -18.87 -20.73 -53.13
N CYS D 146 -18.67 -21.79 -52.35
CA CYS D 146 -18.67 -21.68 -50.90
C CYS D 146 -17.47 -20.90 -50.39
N TRP D 147 -16.36 -20.95 -51.11
CA TRP D 147 -15.11 -20.42 -50.57
C TRP D 147 -15.00 -18.92 -50.79
N TRP D 148 -14.23 -18.27 -49.91
CA TRP D 148 -13.94 -16.85 -50.03
C TRP D 148 -12.47 -16.63 -49.69
N THR D 149 -11.87 -15.63 -50.31
CA THR D 149 -10.51 -15.23 -50.01
C THR D 149 -10.52 -13.80 -49.48
N MET D 150 -9.57 -13.47 -48.62
CA MET D 150 -9.62 -12.20 -47.91
C MET D 150 -8.29 -11.46 -48.08
N HIS D 151 -8.38 -10.14 -48.16
CA HIS D 151 -7.23 -9.33 -48.50
C HIS D 151 -7.17 -8.11 -47.59
N PRO D 152 -5.98 -7.51 -47.42
CA PRO D 152 -5.87 -6.21 -46.76
C PRO D 152 -6.62 -5.12 -47.50
N ALA D 153 -7.25 -4.23 -46.74
CA ALA D 153 -7.91 -3.08 -47.34
C ALA D 153 -6.90 -2.11 -47.92
N SER D 154 -5.87 -1.79 -47.14
CA SER D 154 -4.83 -0.87 -47.57
C SER D 154 -3.48 -1.50 -47.24
N LYS D 155 -2.43 -0.86 -47.74
CA LYS D 155 -1.07 -1.41 -47.74
C LYS D 155 -0.42 -1.43 -46.35
N GLN D 156 -1.09 -0.92 -45.31
CA GLN D 156 -0.58 -1.03 -43.93
C GLN D 156 -0.30 -2.48 -43.53
N ARG D 157 -1.04 -3.43 -44.10
CA ARG D 157 -0.75 -4.84 -43.99
C ARG D 157 -0.28 -5.34 -45.35
N SER D 158 0.14 -6.60 -45.38
CA SER D 158 0.59 -7.22 -46.61
C SER D 158 -0.03 -8.61 -46.73
N GLU D 159 -0.09 -9.11 -47.96
CA GLU D 159 -0.64 -10.44 -48.22
C GLU D 159 0.20 -11.51 -47.53
N GLY D 160 -0.47 -12.58 -47.13
CA GLY D 160 0.20 -13.74 -46.57
C GLY D 160 0.48 -13.63 -45.09
N GLU D 161 -0.05 -12.62 -44.41
CA GLU D 161 0.19 -12.45 -42.98
C GLU D 161 -1.10 -12.51 -42.18
N LYS D 162 -0.96 -13.01 -40.95
CA LYS D 162 -2.08 -13.31 -40.08
C LYS D 162 -2.85 -12.06 -39.70
N VAL D 163 -4.18 -12.19 -39.73
CA VAL D 163 -5.07 -11.07 -39.41
C VAL D 163 -5.13 -10.86 -37.90
N ARG D 164 -4.87 -9.63 -37.47
CA ARG D 164 -5.03 -9.28 -36.06
C ARG D 164 -6.51 -9.02 -35.78
N VAL D 165 -6.83 -8.86 -34.50
CA VAL D 165 -8.20 -8.56 -34.12
C VAL D 165 -8.61 -7.19 -34.68
N GLY D 166 -9.89 -7.05 -35.02
CA GLY D 166 -10.44 -5.77 -35.44
C GLY D 166 -9.91 -5.20 -36.74
N ASP D 167 -9.14 -5.97 -37.50
CA ASP D 167 -8.62 -5.48 -38.78
C ASP D 167 -9.73 -5.26 -39.78
N ASP D 168 -9.46 -4.38 -40.73
CA ASP D 168 -10.40 -4.05 -41.79
C ASP D 168 -10.02 -4.81 -43.06
N LEU D 169 -10.97 -5.57 -43.62
CA LEU D 169 -10.67 -6.57 -44.64
C LEU D 169 -11.55 -6.38 -45.86
N ILE D 170 -11.10 -6.94 -46.98
CA ILE D 170 -11.89 -6.95 -48.22
C ILE D 170 -12.04 -8.40 -48.67
N LEU D 171 -13.28 -8.78 -49.03
CA LEU D 171 -13.63 -10.16 -49.31
C LEU D 171 -13.80 -10.39 -50.80
N VAL D 172 -13.11 -11.40 -51.32
CA VAL D 172 -13.01 -11.72 -52.73
C VAL D 172 -13.69 -13.06 -52.95
N SER D 173 -14.71 -13.09 -53.81
CA SER D 173 -15.33 -14.35 -54.20
C SER D 173 -14.35 -15.18 -55.02
N VAL D 174 -14.52 -16.49 -54.95
CA VAL D 174 -13.65 -17.41 -55.67
C VAL D 174 -14.31 -17.79 -56.98
N SER D 175 -15.53 -18.33 -56.90
CA SER D 175 -16.21 -18.79 -58.11
C SER D 175 -16.56 -17.62 -59.02
N SER D 176 -17.22 -16.60 -58.49
CA SER D 176 -17.62 -15.47 -59.31
C SER D 176 -16.57 -14.36 -59.40
N GLU D 177 -15.51 -14.42 -58.58
CA GLU D 177 -14.40 -13.46 -58.55
C GLU D 177 -14.94 -12.03 -58.43
N ARG D 178 -15.61 -11.78 -57.30
CA ARG D 178 -16.27 -10.50 -57.06
C ARG D 178 -16.08 -10.09 -55.61
N TYR D 179 -15.93 -8.78 -55.40
CA TYR D 179 -15.89 -8.23 -54.06
C TYR D 179 -17.25 -8.39 -53.38
N LEU D 180 -17.22 -8.56 -52.06
CA LEU D 180 -18.46 -8.78 -51.32
C LEU D 180 -19.05 -7.40 -51.02
N HIS D 181 -19.81 -6.88 -51.99
CA HIS D 181 -20.38 -5.55 -51.97
C HIS D 181 -21.55 -5.49 -50.96
N LEU D 182 -22.10 -4.29 -50.77
CA LEU D 182 -23.42 -4.12 -50.18
C LEU D 182 -24.17 -3.12 -51.04
N SER D 183 -25.42 -3.43 -51.37
CA SER D 183 -26.18 -2.62 -52.31
C SER D 183 -26.88 -1.50 -51.55
N THR D 184 -26.09 -0.48 -51.21
CA THR D 184 -26.62 0.66 -50.47
C THR D 184 -27.55 1.50 -51.35
N ALA D 185 -27.29 1.51 -52.66
CA ALA D 185 -28.05 2.37 -53.60
C ALA D 185 -29.52 1.98 -53.70
N SER D 186 -29.90 0.79 -53.26
CA SER D 186 -31.29 0.36 -53.26
C SER D 186 -32.08 1.16 -52.22
N GLY D 187 -33.41 1.02 -52.29
CA GLY D 187 -34.26 1.65 -51.28
C GLY D 187 -33.94 1.21 -49.86
N GLU D 188 -33.64 -0.06 -49.68
CA GLU D 188 -33.16 -0.60 -48.42
C GLU D 188 -31.76 -1.20 -48.64
N LEU D 189 -31.19 -1.79 -47.60
CA LEU D 189 -29.78 -2.17 -47.60
C LEU D 189 -29.63 -3.67 -47.72
N GLN D 190 -28.87 -4.12 -48.73
CA GLN D 190 -28.66 -5.54 -48.98
C GLN D 190 -27.16 -5.82 -49.06
N VAL D 191 -26.83 -7.08 -49.32
CA VAL D 191 -25.46 -7.52 -49.54
C VAL D 191 -25.42 -8.26 -50.87
N ASP D 192 -24.47 -7.87 -51.74
CA ASP D 192 -24.35 -8.49 -53.06
C ASP D 192 -22.88 -8.74 -53.35
N ALA D 193 -22.60 -9.45 -54.44
CA ALA D 193 -21.23 -9.75 -54.81
C ALA D 193 -20.98 -9.16 -56.19
N SER D 194 -20.23 -8.06 -56.26
CA SER D 194 -19.93 -7.40 -57.52
C SER D 194 -18.46 -6.99 -57.50
N PHE D 195 -18.07 -6.15 -58.46
CA PHE D 195 -16.71 -5.64 -58.50
C PHE D 195 -16.50 -4.41 -57.64
N MET D 196 -17.57 -3.79 -57.16
CA MET D 196 -17.48 -2.60 -56.31
C MET D 196 -17.23 -3.03 -54.88
N GLN D 197 -16.08 -2.66 -54.33
CA GLN D 197 -15.63 -3.19 -53.05
C GLN D 197 -16.49 -2.69 -51.88
N THR D 198 -16.33 -3.37 -50.76
CA THR D 198 -16.94 -2.99 -49.49
C THR D 198 -16.01 -3.39 -48.36
N LEU D 199 -15.70 -2.43 -47.50
CA LEU D 199 -14.86 -2.70 -46.35
C LEU D 199 -15.63 -3.46 -45.28
N TRP D 200 -15.08 -4.61 -44.87
CA TRP D 200 -15.73 -5.47 -43.91
C TRP D 200 -14.86 -5.65 -42.68
N ASN D 201 -15.45 -5.48 -41.51
CA ASN D 201 -14.79 -5.70 -40.23
C ASN D 201 -15.30 -7.01 -39.65
N MET D 202 -14.40 -7.84 -39.17
CA MET D 202 -14.81 -9.14 -38.64
C MET D 202 -14.57 -9.20 -37.13
N ASN D 203 -15.65 -9.02 -36.37
CA ASN D 203 -15.56 -9.05 -34.91
C ASN D 203 -15.56 -10.48 -34.42
N PRO D 204 -14.55 -10.91 -33.66
CA PRO D 204 -14.62 -12.24 -33.05
C PRO D 204 -15.64 -12.27 -31.92
N ILE D 205 -16.46 -13.32 -31.93
CA ILE D 205 -17.41 -13.54 -30.84
C ILE D 205 -16.80 -14.39 -29.74
N CYS D 206 -16.16 -15.50 -30.14
CA CYS D 206 -15.52 -16.38 -29.21
C CYS D 206 -14.39 -17.14 -29.90
N SER D 207 -13.51 -17.69 -29.08
CA SER D 207 -12.45 -18.57 -29.57
C SER D 207 -12.62 -19.99 -29.07
N CYS D 208 -12.67 -20.19 -27.75
CA CYS D 208 -12.68 -21.53 -27.17
C CYS D 208 -13.37 -21.45 -25.82
N CYS D 209 -14.57 -22.02 -25.72
CA CYS D 209 -15.21 -22.22 -24.42
C CYS D 209 -14.76 -23.58 -23.93
N GLU D 210 -13.83 -23.59 -22.98
CA GLU D 210 -13.23 -24.85 -22.53
C GLU D 210 -14.23 -25.60 -21.64
N GLU D 211 -13.73 -26.65 -20.98
CA GLU D 211 -14.54 -27.75 -20.43
C GLU D 211 -15.66 -27.31 -19.48
N GLY D 212 -16.90 -27.42 -19.96
CA GLY D 212 -18.13 -27.29 -19.19
C GLY D 212 -18.28 -26.00 -18.41
N TYR D 213 -18.12 -24.87 -19.08
CA TYR D 213 -18.17 -23.54 -18.47
C TYR D 213 -19.25 -22.71 -19.15
N VAL D 214 -19.82 -21.79 -18.41
CA VAL D 214 -20.98 -21.04 -18.89
C VAL D 214 -20.49 -19.73 -19.50
N THR D 215 -20.90 -19.48 -20.74
CA THR D 215 -20.53 -18.28 -21.48
C THR D 215 -21.78 -17.63 -22.04
N GLY D 216 -21.69 -16.31 -22.25
CA GLY D 216 -22.77 -15.59 -22.89
C GLY D 216 -23.03 -16.11 -24.30
N GLY D 217 -24.30 -16.13 -24.67
CA GLY D 217 -24.72 -16.57 -25.99
C GLY D 217 -25.29 -17.97 -26.03
N HIS D 218 -24.98 -18.80 -25.04
CA HIS D 218 -25.54 -20.14 -25.00
C HIS D 218 -27.04 -20.16 -24.77
N VAL D 219 -27.66 -21.20 -25.31
CA VAL D 219 -29.02 -21.63 -25.01
C VAL D 219 -28.89 -22.74 -23.97
N LEU D 220 -29.54 -22.57 -22.83
CA LEU D 220 -29.36 -23.46 -21.69
C LEU D 220 -30.55 -23.30 -20.75
N ARG D 221 -30.85 -24.36 -20.01
CA ARG D 221 -32.01 -24.30 -19.14
C ARG D 221 -31.59 -23.87 -17.73
N LEU D 222 -32.57 -23.41 -16.97
CA LEU D 222 -32.40 -22.89 -15.61
C LEU D 222 -33.14 -23.78 -14.62
N PHE D 223 -32.39 -24.66 -13.96
CA PHE D 223 -33.00 -25.48 -12.92
C PHE D 223 -33.16 -24.68 -11.64
N HIS D 224 -33.81 -25.28 -10.67
CA HIS D 224 -33.88 -24.77 -9.31
C HIS D 224 -33.03 -25.71 -8.46
N GLY D 225 -32.78 -25.34 -7.19
CA GLY D 225 -31.99 -26.16 -6.29
C GLY D 225 -32.56 -27.53 -5.98
N HIS D 226 -33.84 -27.75 -6.28
CA HIS D 226 -34.52 -29.01 -6.05
C HIS D 226 -34.41 -29.95 -7.26
N MET D 227 -33.79 -29.49 -8.36
CA MET D 227 -33.47 -30.22 -9.59
C MET D 227 -34.76 -30.51 -10.40
N ASP D 228 -35.94 -30.12 -9.91
CA ASP D 228 -37.20 -30.33 -10.61
C ASP D 228 -37.82 -29.03 -11.08
N GLU D 229 -38.04 -28.06 -10.18
CA GLU D 229 -38.55 -26.76 -10.58
C GLU D 229 -37.60 -26.08 -11.56
N CYS D 230 -38.19 -25.37 -12.51
CA CYS D 230 -37.54 -25.15 -13.78
C CYS D 230 -38.20 -23.97 -14.47
N LEU D 231 -37.39 -22.97 -14.84
CA LEU D 231 -37.90 -21.71 -15.34
C LEU D 231 -38.53 -21.91 -16.72
N THR D 232 -39.83 -21.63 -16.86
CA THR D 232 -40.49 -21.72 -18.15
C THR D 232 -41.48 -20.56 -18.27
N ILE D 233 -41.80 -20.22 -19.51
CA ILE D 233 -42.98 -19.39 -19.79
C ILE D 233 -44.19 -20.30 -19.86
N SER D 234 -45.38 -19.70 -19.93
CA SER D 234 -46.64 -20.43 -20.06
C SER D 234 -46.65 -21.29 -21.32
N ALA D 235 -47.48 -22.33 -21.29
CA ALA D 235 -47.60 -23.25 -22.42
C ALA D 235 -48.21 -22.57 -23.64
N ALA D 236 -48.06 -23.22 -24.79
CA ALA D 236 -48.55 -22.68 -26.05
C ALA D 236 -50.06 -22.50 -26.02
N ASP D 237 -50.52 -21.38 -26.58
CA ASP D 237 -51.93 -20.96 -26.61
C ASP D 237 -52.50 -20.87 -25.19
N SER D 238 -51.95 -19.96 -24.41
CA SER D 238 -52.38 -19.71 -23.04
C SER D 238 -52.97 -18.32 -22.92
N ASP D 239 -53.94 -18.19 -22.01
CA ASP D 239 -54.60 -16.92 -21.73
C ASP D 239 -53.64 -15.86 -21.18
N ASP D 240 -52.52 -16.28 -20.58
CA ASP D 240 -51.45 -15.38 -20.18
C ASP D 240 -50.73 -14.75 -21.37
N GLN D 241 -50.95 -15.26 -22.59
CA GLN D 241 -50.18 -14.95 -23.81
C GLN D 241 -48.70 -15.25 -23.62
N ARG D 242 -48.42 -16.25 -22.76
CA ARG D 242 -47.06 -16.73 -22.46
C ARG D 242 -46.16 -15.61 -21.93
N ARG D 243 -46.73 -14.73 -21.11
CA ARG D 243 -46.06 -13.53 -20.66
C ARG D 243 -45.81 -13.52 -19.15
N LEU D 244 -45.69 -14.69 -18.53
CA LEU D 244 -45.39 -14.77 -17.11
C LEU D 244 -44.53 -15.99 -16.84
N VAL D 245 -43.35 -15.77 -16.27
CA VAL D 245 -42.45 -16.85 -15.93
C VAL D 245 -43.04 -17.67 -14.78
N TYR D 246 -42.90 -18.98 -14.87
CA TYR D 246 -43.32 -19.90 -13.82
C TYR D 246 -42.20 -20.90 -13.58
N TYR D 247 -41.94 -21.18 -12.31
CA TYR D 247 -41.25 -22.42 -11.96
C TYR D 247 -42.16 -23.58 -12.35
N GLU D 248 -41.56 -24.72 -12.70
CA GLU D 248 -42.38 -25.89 -13.02
C GLU D 248 -41.51 -27.13 -12.85
N GLY D 249 -42.13 -28.25 -12.51
CA GLY D 249 -41.40 -29.49 -12.32
C GLY D 249 -41.98 -30.65 -13.10
N GLY D 250 -41.10 -31.52 -13.55
CA GLY D 250 -41.49 -32.72 -14.26
C GLY D 250 -41.06 -32.76 -15.72
N ALA D 251 -41.92 -33.28 -16.59
CA ALA D 251 -41.62 -33.43 -18.00
C ALA D 251 -41.91 -32.19 -18.83
N VAL D 252 -42.46 -31.14 -18.23
CA VAL D 252 -42.78 -29.93 -18.97
C VAL D 252 -41.53 -29.24 -19.50
N CYS D 253 -40.49 -29.15 -18.68
CA CYS D 253 -39.36 -28.31 -19.05
C CYS D 253 -38.23 -29.09 -19.73
N THR D 254 -38.48 -30.34 -20.12
CA THR D 254 -37.64 -30.98 -21.12
C THR D 254 -38.10 -30.64 -22.54
N HIS D 255 -39.15 -29.85 -22.67
CA HIS D 255 -39.69 -29.43 -23.94
C HIS D 255 -38.97 -28.17 -24.40
N ALA D 256 -39.49 -27.51 -25.44
CA ALA D 256 -38.85 -26.34 -26.00
C ALA D 256 -39.14 -25.06 -25.22
N ARG D 257 -40.16 -25.04 -24.36
CA ARG D 257 -40.55 -23.80 -23.68
C ARG D 257 -39.68 -23.48 -22.46
N SER D 258 -38.47 -24.03 -22.34
CA SER D 258 -37.66 -23.86 -21.14
C SER D 258 -36.24 -23.46 -21.46
N LEU D 259 -35.99 -22.84 -22.60
CA LEU D 259 -34.63 -22.66 -23.10
C LEU D 259 -34.27 -21.18 -23.05
N TRP D 260 -33.26 -20.83 -22.28
CA TRP D 260 -32.88 -19.44 -22.10
C TRP D 260 -31.58 -19.19 -22.84
N ARG D 261 -31.50 -18.05 -23.52
CA ARG D 261 -30.27 -17.63 -24.17
C ARG D 261 -29.73 -16.42 -23.44
N LEU D 262 -28.45 -16.49 -23.09
CA LEU D 262 -27.78 -15.46 -22.30
C LEU D 262 -27.15 -14.45 -23.24
N GLU D 263 -27.79 -13.29 -23.44
CA GLU D 263 -27.29 -12.33 -24.41
C GLU D 263 -26.68 -11.11 -23.76
N PRO D 264 -25.35 -10.96 -23.74
CA PRO D 264 -24.76 -9.75 -23.13
C PRO D 264 -24.98 -8.48 -23.95
N LEU D 265 -24.41 -7.37 -23.49
CA LEU D 265 -24.63 -6.08 -24.10
C LEU D 265 -23.53 -5.68 -25.07
N ARG D 266 -22.44 -6.45 -25.14
CA ARG D 266 -21.30 -6.14 -25.98
C ARG D 266 -21.38 -6.95 -27.27
N ILE D 267 -21.41 -6.24 -28.40
CA ILE D 267 -21.47 -6.92 -29.71
C ILE D 267 -20.21 -7.73 -29.93
N SER D 268 -19.06 -7.10 -29.74
CA SER D 268 -17.78 -7.81 -29.82
C SER D 268 -17.61 -8.67 -28.59
N TRP D 269 -17.02 -9.86 -28.78
CA TRP D 269 -16.63 -10.78 -27.70
C TRP D 269 -17.79 -11.17 -26.80
N SER D 270 -19.01 -11.20 -27.35
CA SER D 270 -20.18 -11.66 -26.60
C SER D 270 -20.06 -13.12 -26.16
N GLY D 271 -19.21 -13.91 -26.81
CA GLY D 271 -19.02 -15.30 -26.44
C GLY D 271 -17.93 -15.49 -25.41
N SER D 272 -17.53 -14.40 -24.74
CA SER D 272 -16.59 -14.49 -23.64
C SER D 272 -17.24 -15.20 -22.46
N HIS D 273 -16.41 -15.60 -21.49
CA HIS D 273 -16.92 -16.18 -20.26
C HIS D 273 -17.78 -15.19 -19.48
N LEU D 274 -18.43 -15.69 -18.44
CA LEU D 274 -19.36 -14.89 -17.68
C LEU D 274 -18.76 -14.41 -16.37
N ARG D 275 -19.06 -13.16 -16.03
CA ARG D 275 -18.68 -12.54 -14.78
C ARG D 275 -19.92 -12.35 -13.93
N TRP D 276 -19.84 -12.74 -12.66
CA TRP D 276 -20.93 -12.42 -11.75
C TRP D 276 -21.05 -10.91 -11.65
N GLY D 277 -22.28 -10.42 -11.57
CA GLY D 277 -22.51 -8.98 -11.52
C GLY D 277 -22.18 -8.20 -12.77
N GLN D 278 -22.48 -8.75 -13.94
CA GLN D 278 -22.25 -8.01 -15.17
C GLN D 278 -23.53 -8.03 -16.00
N PRO D 279 -23.86 -6.93 -16.68
CA PRO D 279 -25.17 -6.83 -17.35
C PRO D 279 -25.28 -7.78 -18.53
N LEU D 280 -26.39 -8.51 -18.60
CA LEU D 280 -26.66 -9.43 -19.70
C LEU D 280 -28.14 -9.77 -19.72
N ARG D 281 -28.73 -9.70 -20.91
CA ARG D 281 -30.16 -9.91 -21.07
C ARG D 281 -30.46 -11.41 -21.04
N ILE D 282 -31.75 -11.71 -20.91
CA ILE D 282 -32.27 -13.07 -20.89
C ILE D 282 -33.32 -13.18 -21.99
N ARG D 283 -33.19 -14.18 -22.87
CA ARG D 283 -34.13 -14.29 -23.97
C ARG D 283 -34.65 -15.70 -24.11
N HIS D 284 -35.97 -15.86 -24.19
CA HIS D 284 -36.55 -17.15 -24.51
C HIS D 284 -36.54 -17.33 -26.02
N VAL D 285 -35.99 -18.47 -26.47
CA VAL D 285 -35.72 -18.68 -27.89
C VAL D 285 -37.00 -18.75 -28.71
N THR D 286 -38.01 -19.47 -28.21
CA THR D 286 -39.22 -19.71 -29.00
C THR D 286 -40.03 -18.44 -29.18
N THR D 287 -40.12 -17.61 -28.14
CA THR D 287 -40.83 -16.35 -28.28
C THR D 287 -39.97 -15.24 -28.85
N GLY D 288 -38.67 -15.28 -28.59
CA GLY D 288 -37.84 -14.13 -28.94
C GLY D 288 -38.23 -12.92 -28.14
N ARG D 289 -38.53 -13.10 -26.86
CA ARG D 289 -38.87 -12.02 -25.96
C ARG D 289 -37.87 -11.97 -24.81
N TYR D 290 -37.89 -10.89 -24.04
CA TYR D 290 -36.89 -10.62 -23.02
C TYR D 290 -37.53 -10.42 -21.65
N LEU D 291 -36.87 -10.91 -20.60
CA LEU D 291 -37.31 -10.66 -19.23
C LEU D 291 -37.30 -9.18 -18.92
N ALA D 292 -38.36 -8.68 -18.29
CA ALA D 292 -38.45 -7.26 -17.97
C ALA D 292 -39.35 -6.99 -16.77
N LEU D 293 -38.95 -5.99 -15.98
CA LEU D 293 -39.77 -5.45 -14.90
C LEU D 293 -40.76 -4.49 -15.54
N THR D 294 -41.99 -4.95 -15.77
CA THR D 294 -43.01 -4.08 -16.32
C THR D 294 -43.63 -3.26 -15.18
N GLU D 295 -44.64 -2.46 -15.50
CA GLU D 295 -45.24 -1.57 -14.53
C GLU D 295 -46.55 -2.10 -13.96
N ASP D 296 -47.36 -2.81 -14.74
CA ASP D 296 -48.65 -3.25 -14.26
C ASP D 296 -48.70 -4.73 -13.88
N GLN D 297 -47.83 -5.56 -14.45
CA GLN D 297 -47.81 -7.00 -14.18
C GLN D 297 -46.48 -7.49 -13.61
N GLY D 298 -45.68 -6.60 -13.02
CA GLY D 298 -44.46 -7.00 -12.32
C GLY D 298 -43.34 -7.52 -13.22
N LEU D 299 -43.05 -8.82 -13.14
CA LEU D 299 -42.01 -9.45 -13.93
C LEU D 299 -42.62 -10.23 -15.08
N VAL D 300 -42.42 -9.76 -16.31
CA VAL D 300 -43.00 -10.38 -17.50
C VAL D 300 -41.94 -10.51 -18.59
N VAL D 301 -42.34 -10.96 -19.78
CA VAL D 301 -41.49 -10.90 -20.97
C VAL D 301 -42.05 -9.80 -21.87
N VAL D 302 -41.14 -9.01 -22.41
CA VAL D 302 -41.50 -7.89 -23.27
C VAL D 302 -40.90 -8.17 -24.65
N ASP D 303 -41.51 -7.60 -25.67
CA ASP D 303 -40.98 -7.66 -27.02
C ASP D 303 -39.64 -6.93 -27.11
N ALA D 304 -38.80 -7.40 -28.03
CA ALA D 304 -37.49 -6.79 -28.23
C ALA D 304 -37.56 -5.33 -28.69
N CYS D 305 -38.71 -4.91 -29.24
CA CYS D 305 -38.90 -3.51 -29.61
C CYS D 305 -38.86 -2.57 -28.40
N LYS D 306 -39.16 -3.08 -27.20
CA LYS D 306 -39.24 -2.26 -26.00
C LYS D 306 -38.30 -2.76 -24.91
N ALA D 307 -37.25 -3.51 -25.27
CA ALA D 307 -36.25 -3.95 -24.31
C ALA D 307 -35.24 -2.83 -24.14
N HIS D 308 -35.62 -1.86 -23.31
CA HIS D 308 -34.94 -0.58 -23.14
C HIS D 308 -33.71 -0.63 -22.24
N THR D 309 -33.15 -1.83 -21.97
CA THR D 309 -31.89 -2.08 -21.26
C THR D 309 -31.97 -1.78 -19.76
N LYS D 310 -33.06 -1.17 -19.32
CA LYS D 310 -33.25 -0.82 -17.92
C LYS D 310 -33.97 -1.95 -17.20
N ALA D 311 -35.20 -2.24 -17.62
CA ALA D 311 -35.90 -3.39 -17.05
C ALA D 311 -35.37 -4.71 -17.57
N THR D 312 -34.59 -4.71 -18.65
CA THR D 312 -34.19 -5.94 -19.33
C THR D 312 -32.74 -6.33 -19.07
N SER D 313 -32.15 -5.87 -17.97
CA SER D 313 -30.79 -6.23 -17.64
C SER D 313 -30.76 -7.03 -16.34
N PHE D 314 -29.80 -7.96 -16.24
CA PHE D 314 -29.66 -8.81 -15.06
C PHE D 314 -28.19 -9.07 -14.81
N CYS D 315 -27.89 -9.55 -13.60
CA CYS D 315 -26.52 -9.77 -13.16
C CYS D 315 -26.44 -11.00 -12.28
N PHE D 316 -25.43 -11.83 -12.49
CA PHE D 316 -25.26 -13.02 -11.68
C PHE D 316 -24.53 -12.68 -10.37
N ARG D 317 -24.67 -13.56 -9.38
CA ARG D 317 -23.97 -13.38 -8.11
C ARG D 317 -23.94 -14.72 -7.37
N VAL D 318 -23.03 -14.83 -6.41
CA VAL D 318 -22.91 -16.01 -5.56
C VAL D 318 -23.57 -15.78 -4.19
N SER D 319 -23.93 -14.55 -3.86
CA SER D 319 -24.56 -14.25 -2.58
C SER D 319 -25.62 -13.18 -2.79
N LYS D 320 -26.09 -12.60 -1.69
CA LYS D 320 -27.12 -11.57 -1.72
C LYS D 320 -26.63 -10.24 -1.13
N GLU D 321 -25.34 -10.10 -0.87
CA GLU D 321 -24.79 -8.93 -0.22
C GLU D 321 -24.52 -7.82 -1.24
N LYS D 322 -24.73 -6.57 -0.82
CA LYS D 322 -24.50 -5.42 -1.68
C LYS D 322 -23.02 -5.19 -1.93
N LEU D 323 -22.65 -5.01 -3.20
CA LEU D 323 -21.26 -4.75 -3.55
C LEU D 323 -20.94 -3.26 -3.40
N PRO D 327 -18.93 -2.83 -11.42
CA PRO D 327 -18.42 -4.08 -12.01
C PRO D 327 -17.05 -3.89 -12.64
N LYS D 328 -16.51 -4.97 -13.22
CA LYS D 328 -15.22 -4.88 -13.91
C LYS D 328 -15.45 -4.53 -15.37
N ARG D 329 -14.44 -3.91 -15.97
CA ARG D 329 -14.54 -3.45 -17.34
C ARG D 329 -14.45 -4.63 -18.31
N ASP D 330 -15.16 -4.50 -19.44
CA ASP D 330 -15.17 -5.55 -20.45
C ASP D 330 -13.79 -5.73 -21.08
N VAL D 331 -13.38 -6.99 -21.21
CA VAL D 331 -12.13 -7.34 -21.88
C VAL D 331 -12.43 -7.88 -23.27
N GLU D 332 -11.65 -7.44 -24.25
CA GLU D 332 -11.77 -7.95 -25.61
C GLU D 332 -11.04 -9.28 -25.77
N GLY D 333 -11.32 -10.24 -24.89
CA GLY D 333 -10.72 -11.55 -24.92
C GLY D 333 -11.65 -12.57 -24.29
N MET D 334 -11.14 -13.81 -24.19
CA MET D 334 -11.92 -14.94 -23.70
C MET D 334 -12.39 -14.74 -22.27
N GLY D 335 -11.50 -14.26 -21.41
CA GLY D 335 -11.84 -13.97 -20.03
C GLY D 335 -11.50 -15.11 -19.10
N PRO D 336 -11.75 -14.92 -17.81
CA PRO D 336 -11.39 -15.97 -16.84
C PRO D 336 -12.55 -16.90 -16.55
N PRO D 337 -12.28 -18.18 -16.32
CA PRO D 337 -13.36 -19.16 -16.13
C PRO D 337 -13.96 -19.04 -14.73
N GLU D 338 -15.26 -18.75 -14.66
CA GLU D 338 -15.96 -18.62 -13.38
C GLU D 338 -17.02 -19.69 -13.14
N ILE D 339 -18.05 -19.75 -13.96
CA ILE D 339 -19.27 -20.48 -13.62
C ILE D 339 -19.14 -21.93 -14.09
N LYS D 340 -19.72 -22.85 -13.31
CA LYS D 340 -19.74 -24.28 -13.61
C LYS D 340 -21.06 -24.66 -14.28
N TYR D 341 -21.08 -25.85 -14.85
CA TYR D 341 -22.30 -26.48 -15.34
C TYR D 341 -22.63 -27.65 -14.43
N GLY D 342 -23.84 -27.63 -13.87
CA GLY D 342 -24.24 -28.65 -12.91
C GLY D 342 -23.80 -28.39 -11.49
N GLU D 343 -23.10 -27.29 -11.24
CA GLU D 343 -22.71 -26.88 -9.90
C GLU D 343 -22.86 -25.37 -9.84
N SER D 344 -22.26 -24.75 -8.82
CA SER D 344 -22.03 -23.30 -8.72
C SER D 344 -23.35 -22.52 -8.79
N LEU D 345 -24.16 -22.72 -7.75
CA LEU D 345 -25.49 -22.13 -7.65
C LEU D 345 -25.42 -20.61 -7.78
N CYS D 346 -26.27 -20.07 -8.65
CA CYS D 346 -26.25 -18.65 -8.98
C CYS D 346 -27.47 -17.92 -8.42
N PHE D 347 -27.34 -16.60 -8.36
CA PHE D 347 -28.39 -15.73 -7.84
C PHE D 347 -28.49 -14.53 -8.76
N VAL D 348 -29.51 -14.54 -9.61
CA VAL D 348 -29.71 -13.50 -10.61
C VAL D 348 -30.30 -12.29 -9.90
N GLN D 349 -29.80 -11.10 -10.21
CA GLN D 349 -30.35 -9.85 -9.68
C GLN D 349 -30.62 -8.87 -10.79
N HIS D 350 -31.84 -8.35 -10.83
CA HIS D 350 -32.21 -7.23 -11.69
C HIS D 350 -31.47 -6.01 -11.15
N VAL D 351 -30.30 -5.73 -11.72
CA VAL D 351 -29.36 -4.77 -11.13
C VAL D 351 -29.93 -3.35 -11.13
N ALA D 352 -30.70 -2.98 -12.17
CA ALA D 352 -31.28 -1.65 -12.24
C ALA D 352 -32.28 -1.40 -11.12
N SER D 353 -33.11 -2.39 -10.83
CA SER D 353 -34.08 -2.27 -9.74
C SER D 353 -33.56 -2.83 -8.42
N GLY D 354 -32.50 -3.63 -8.45
CA GLY D 354 -31.92 -4.19 -7.25
C GLY D 354 -32.70 -5.33 -6.62
N LEU D 355 -33.85 -5.70 -7.17
CA LEU D 355 -34.70 -6.72 -6.57
C LEU D 355 -34.12 -8.12 -6.81
N TRP D 356 -34.87 -9.16 -6.43
CA TRP D 356 -34.43 -10.53 -6.64
C TRP D 356 -35.60 -11.40 -7.09
N LEU D 357 -35.37 -12.26 -8.07
CA LEU D 357 -36.44 -13.14 -8.55
C LEU D 357 -36.68 -14.23 -7.50
N THR D 358 -37.95 -14.48 -7.19
CA THR D 358 -38.33 -15.46 -6.17
C THR D 358 -39.79 -15.84 -6.39
N TYR D 359 -40.10 -17.10 -6.11
CA TYR D 359 -41.46 -17.60 -6.29
C TYR D 359 -42.41 -16.94 -5.30
N ALA D 360 -43.63 -16.67 -5.76
CA ALA D 360 -44.66 -16.11 -4.89
C ALA D 360 -45.19 -17.21 -3.99
N ALA D 361 -45.08 -17.00 -2.67
CA ALA D 361 -45.48 -18.01 -1.70
C ALA D 361 -46.95 -18.43 -1.73
N PRO D 362 -47.98 -17.52 -1.79
CA PRO D 362 -49.37 -17.98 -1.65
C PRO D 362 -49.81 -18.96 -2.73
N ASP D 363 -50.71 -19.87 -2.35
CA ASP D 363 -51.23 -20.88 -3.27
C ASP D 363 -52.75 -20.91 -3.20
N PRO D 364 -53.45 -20.39 -4.22
CA PRO D 364 -54.92 -20.49 -4.28
C PRO D 364 -55.49 -21.90 -4.38
N LYS D 365 -56.82 -21.96 -4.54
CA LYS D 365 -57.51 -23.24 -4.66
C LYS D 365 -57.09 -23.97 -5.93
N ALA D 366 -56.78 -23.22 -7.01
CA ALA D 366 -56.33 -23.84 -8.25
C ALA D 366 -55.04 -24.65 -8.05
N LEU D 367 -54.17 -24.17 -7.16
CA LEU D 367 -52.93 -24.86 -6.82
C LEU D 367 -53.03 -25.62 -5.51
N ARG D 368 -54.24 -25.77 -4.95
CA ARG D 368 -54.43 -26.59 -3.76
C ARG D 368 -54.08 -28.05 -4.01
N LEU D 369 -54.50 -28.58 -5.17
CA LEU D 369 -54.24 -29.97 -5.53
C LEU D 369 -53.65 -30.14 -6.92
N GLY D 370 -53.84 -29.19 -7.84
CA GLY D 370 -53.40 -29.29 -9.22
C GLY D 370 -51.90 -29.23 -9.44
N VAL D 371 -51.49 -28.87 -10.66
CA VAL D 371 -50.07 -28.78 -11.00
C VAL D 371 -49.41 -27.72 -10.13
N LEU D 372 -48.17 -27.99 -9.72
CA LEU D 372 -47.43 -27.08 -8.84
C LEU D 372 -46.50 -26.23 -9.69
N LYS D 373 -47.04 -25.11 -10.17
CA LYS D 373 -46.27 -24.10 -10.87
C LYS D 373 -46.21 -22.84 -10.00
N LYS D 374 -45.00 -22.37 -9.75
CA LYS D 374 -44.77 -21.26 -8.83
C LYS D 374 -44.54 -20.00 -9.64
N LYS D 375 -45.44 -19.02 -9.47
CA LYS D 375 -45.34 -17.76 -10.20
C LYS D 375 -44.20 -16.94 -9.60
N ALA D 376 -43.01 -17.04 -10.20
CA ALA D 376 -41.88 -16.27 -9.73
C ALA D 376 -42.12 -14.78 -9.90
N ILE D 377 -41.75 -14.01 -8.90
CA ILE D 377 -41.95 -12.56 -8.92
C ILE D 377 -40.66 -11.90 -8.47
N LEU D 378 -40.36 -10.76 -9.08
CA LEU D 378 -39.14 -10.06 -8.74
C LEU D 378 -39.27 -9.43 -7.34
N HIS D 379 -38.83 -10.14 -6.31
CA HIS D 379 -39.05 -9.74 -4.93
C HIS D 379 -37.96 -8.78 -4.46
N GLN D 380 -38.33 -7.91 -3.52
CA GLN D 380 -37.42 -6.91 -3.01
C GLN D 380 -36.26 -7.51 -2.22
N GLU D 381 -36.48 -8.64 -1.57
CA GLU D 381 -35.39 -9.29 -0.84
C GLU D 381 -35.33 -10.78 -1.14
N GLY D 382 -36.48 -11.39 -1.45
CA GLY D 382 -36.53 -12.78 -1.82
C GLY D 382 -36.31 -13.77 -0.70
N HIS D 383 -36.46 -15.06 -1.00
CA HIS D 383 -36.28 -16.13 -0.02
C HIS D 383 -34.85 -16.64 -0.10
N MET D 384 -34.59 -17.80 0.51
CA MET D 384 -33.25 -18.34 0.62
C MET D 384 -32.95 -19.44 -0.38
N ASP D 385 -33.92 -20.32 -0.66
CA ASP D 385 -33.68 -21.50 -1.49
C ASP D 385 -33.93 -21.28 -2.97
N ASP D 386 -33.87 -20.03 -3.45
CA ASP D 386 -34.06 -19.75 -4.87
C ASP D 386 -32.74 -19.66 -5.64
N ALA D 387 -31.72 -20.38 -5.18
CA ALA D 387 -30.54 -20.63 -5.98
C ALA D 387 -30.86 -21.52 -7.17
N LEU D 388 -30.16 -21.31 -8.28
CA LEU D 388 -30.51 -21.94 -9.54
C LEU D 388 -29.33 -22.72 -10.11
N PHE D 389 -29.62 -23.87 -10.73
CA PHE D 389 -28.62 -24.59 -11.51
C PHE D 389 -28.65 -24.11 -12.95
N LEU D 390 -27.60 -24.45 -13.68
CA LEU D 390 -27.48 -24.19 -15.11
C LEU D 390 -27.20 -25.50 -15.82
N THR D 391 -28.05 -25.87 -16.77
CA THR D 391 -27.88 -27.15 -17.46
C THR D 391 -27.83 -26.91 -18.96
N ARG D 392 -26.96 -27.66 -19.62
CA ARG D 392 -26.77 -27.56 -21.07
C ARG D 392 -27.74 -28.45 -21.81
N CYS D 393 -28.50 -27.85 -22.72
CA CYS D 393 -29.25 -28.60 -23.70
C CYS D 393 -28.31 -28.94 -24.85
N GLN D 394 -28.59 -30.05 -25.51
CA GLN D 394 -27.77 -30.46 -26.65
C GLN D 394 -27.98 -29.47 -27.80
N GLN D 395 -26.91 -29.34 -28.61
CA GLN D 395 -26.87 -28.47 -29.78
C GLN D 395 -28.06 -28.69 -30.69
N GLU D 396 -28.48 -29.95 -30.86
CA GLU D 396 -29.47 -30.29 -31.88
C GLU D 396 -30.81 -29.63 -31.58
N GLU D 397 -31.33 -29.82 -30.36
CA GLU D 397 -32.59 -29.18 -29.98
C GLU D 397 -32.45 -27.66 -29.85
N SER D 398 -31.29 -27.18 -29.37
CA SER D 398 -31.04 -25.73 -29.38
C SER D 398 -31.15 -25.14 -30.79
N GLN D 399 -30.52 -25.77 -31.77
CA GLN D 399 -30.71 -25.46 -33.18
C GLN D 399 -32.17 -25.59 -33.60
N ALA D 400 -32.83 -26.67 -33.17
CA ALA D 400 -34.23 -26.95 -33.52
C ALA D 400 -35.15 -25.82 -33.09
N ALA D 401 -34.98 -25.33 -31.86
CA ALA D 401 -35.88 -24.36 -31.24
C ALA D 401 -36.08 -23.12 -32.10
N ARG D 402 -34.98 -22.60 -32.67
CA ARG D 402 -35.01 -21.34 -33.41
C ARG D 402 -35.92 -21.43 -34.63
N MET D 403 -35.97 -22.60 -35.28
CA MET D 403 -36.87 -22.76 -36.41
C MET D 403 -38.31 -22.54 -36.02
N ILE D 404 -38.74 -23.03 -34.85
CA ILE D 404 -40.13 -22.84 -34.43
C ILE D 404 -40.49 -21.36 -34.42
N HIS D 405 -39.63 -20.54 -33.81
CA HIS D 405 -39.82 -19.09 -33.78
C HIS D 405 -39.79 -18.46 -35.16
N SER D 406 -38.86 -18.89 -36.02
CA SER D 406 -38.83 -18.35 -37.38
C SER D 406 -40.04 -18.79 -38.21
N THR D 407 -40.35 -20.08 -38.15
CA THR D 407 -41.35 -20.73 -38.99
C THR D 407 -42.75 -20.23 -38.64
N ALA D 408 -43.05 -20.18 -37.33
CA ALA D 408 -44.41 -19.88 -36.87
C ALA D 408 -44.83 -18.49 -37.32
N GLY D 409 -43.92 -17.50 -37.19
CA GLY D 409 -44.26 -16.15 -37.63
C GLY D 409 -44.57 -16.10 -39.11
N LEU D 410 -43.86 -16.94 -39.90
CA LEU D 410 -44.08 -17.05 -41.33
C LEU D 410 -45.51 -17.48 -41.62
N TYR D 411 -45.95 -18.56 -40.96
CA TYR D 411 -47.34 -18.96 -41.16
C TYR D 411 -48.33 -17.98 -40.54
N ASN D 412 -48.00 -17.35 -39.42
CA ASN D 412 -48.82 -16.28 -38.86
C ASN D 412 -49.13 -15.19 -39.89
N GLN D 413 -48.09 -14.78 -40.62
CA GLN D 413 -48.24 -13.91 -41.78
C GLN D 413 -49.06 -14.57 -42.88
N PHE D 414 -48.83 -15.87 -43.11
CA PHE D 414 -49.51 -16.56 -44.19
C PHE D 414 -51.01 -16.62 -43.92
N ILE D 415 -51.40 -17.05 -42.71
CA ILE D 415 -52.80 -17.17 -42.30
C ILE D 415 -53.47 -15.80 -42.36
N LYS D 416 -52.78 -14.77 -41.84
CA LYS D 416 -53.32 -13.40 -41.92
C LYS D 416 -53.57 -13.01 -43.39
N GLY D 417 -52.70 -13.45 -44.30
CA GLY D 417 -52.97 -13.22 -45.71
C GLY D 417 -54.19 -13.99 -46.16
N LEU D 418 -54.32 -15.25 -45.73
CA LEU D 418 -55.38 -16.14 -46.22
C LEU D 418 -56.74 -15.59 -45.83
N ASP D 419 -56.94 -15.32 -44.54
CA ASP D 419 -58.25 -14.83 -44.14
C ASP D 419 -58.48 -13.40 -44.63
N SER D 420 -57.41 -12.66 -44.97
CA SER D 420 -57.59 -11.32 -45.52
C SER D 420 -58.37 -11.38 -46.84
N PHE D 421 -58.03 -12.34 -47.71
CA PHE D 421 -58.77 -12.53 -48.95
C PHE D 421 -59.72 -13.72 -48.90
N SER D 422 -60.10 -14.17 -47.70
CA SER D 422 -61.03 -15.29 -47.55
C SER D 422 -62.34 -15.04 -48.30
N GLY D 423 -62.93 -13.87 -48.10
CA GLY D 423 -63.99 -13.39 -48.96
C GLY D 423 -63.42 -12.48 -50.03
N LYS D 424 -64.22 -11.48 -50.44
CA LYS D 424 -63.82 -10.39 -51.34
C LYS D 424 -63.21 -10.91 -52.64
N PRO D 425 -64.01 -11.45 -53.57
CA PRO D 425 -63.46 -11.91 -54.86
C PRO D 425 -62.75 -10.79 -55.61
N ARG D 426 -61.53 -11.11 -56.06
CA ARG D 426 -60.74 -10.15 -56.84
C ARG D 426 -61.40 -9.86 -58.18
N GLY D 427 -61.99 -10.87 -58.81
CA GLY D 427 -62.57 -10.70 -60.11
C GLY D 427 -61.49 -10.64 -61.16
N SER D 428 -61.29 -9.45 -61.73
CA SER D 428 -60.21 -9.20 -62.67
C SER D 428 -59.25 -8.11 -62.20
N GLY D 429 -59.41 -7.61 -60.97
CA GLY D 429 -58.65 -6.48 -60.50
C GLY D 429 -57.43 -6.87 -59.68
N PRO D 430 -57.09 -6.04 -58.71
CA PRO D 430 -55.86 -6.27 -57.93
C PRO D 430 -56.13 -7.15 -56.72
N PRO D 431 -55.08 -7.74 -56.13
CA PRO D 431 -55.26 -8.54 -54.90
C PRO D 431 -55.78 -7.73 -53.72
N ALA D 432 -56.05 -8.47 -52.64
CA ALA D 432 -56.59 -7.87 -51.41
C ALA D 432 -55.60 -6.86 -50.80
N GLY D 433 -54.44 -7.34 -50.39
CA GLY D 433 -53.47 -6.47 -49.76
C GLY D 433 -52.03 -6.85 -50.08
N PRO D 434 -51.18 -6.92 -49.05
CA PRO D 434 -49.77 -7.28 -49.26
C PRO D 434 -49.63 -8.71 -49.75
N ALA D 435 -48.59 -8.93 -50.56
CA ALA D 435 -48.36 -10.26 -51.11
C ALA D 435 -47.89 -11.21 -50.03
N LEU D 436 -48.23 -12.48 -50.22
CA LEU D 436 -47.90 -13.53 -49.26
C LEU D 436 -46.54 -14.15 -49.58
N PRO D 437 -45.71 -14.41 -48.56
CA PRO D 437 -44.40 -15.03 -48.81
C PRO D 437 -44.50 -16.48 -49.25
N ILE D 438 -45.07 -16.69 -50.44
CA ILE D 438 -45.33 -18.03 -50.96
C ILE D 438 -44.04 -18.80 -51.18
N GLU D 439 -43.08 -18.16 -51.86
CA GLU D 439 -41.84 -18.85 -52.24
C GLU D 439 -41.03 -19.23 -51.00
N ALA D 440 -40.95 -18.30 -50.04
CA ALA D 440 -40.32 -18.57 -48.76
C ALA D 440 -41.01 -19.71 -48.01
N VAL D 441 -42.34 -19.73 -48.02
CA VAL D 441 -43.10 -20.83 -47.43
C VAL D 441 -42.79 -22.15 -48.13
N ILE D 442 -42.77 -22.14 -49.47
CA ILE D 442 -42.42 -23.32 -50.28
C ILE D 442 -41.04 -23.85 -49.91
N LEU D 443 -40.08 -22.94 -49.77
CA LEU D 443 -38.72 -23.32 -49.35
C LEU D 443 -38.75 -23.88 -47.94
N SER D 444 -39.54 -23.27 -47.05
CA SER D 444 -39.60 -23.67 -45.65
C SER D 444 -40.10 -25.11 -45.54
N LEU D 445 -41.23 -25.39 -46.18
CA LEU D 445 -41.82 -26.73 -46.17
C LEU D 445 -40.86 -27.75 -46.73
N GLN D 446 -40.25 -27.46 -47.89
CA GLN D 446 -39.23 -28.36 -48.46
C GLN D 446 -38.06 -28.59 -47.50
N ASP D 447 -37.68 -27.58 -46.72
CA ASP D 447 -36.66 -27.78 -45.69
C ASP D 447 -37.14 -28.69 -44.56
N LEU D 448 -38.35 -28.45 -44.05
CA LEU D 448 -38.86 -29.24 -42.93
C LEU D 448 -39.08 -30.70 -43.30
N ILE D 449 -39.62 -30.97 -44.49
CA ILE D 449 -39.89 -32.35 -44.91
C ILE D 449 -38.61 -33.18 -44.89
N GLY D 450 -37.53 -32.61 -45.46
CA GLY D 450 -36.24 -33.24 -45.35
C GLY D 450 -35.76 -33.31 -43.92
N TYR D 451 -36.08 -32.27 -43.14
CA TYR D 451 -35.66 -32.24 -41.74
C TYR D 451 -36.37 -33.32 -40.92
N PHE D 452 -37.48 -33.86 -41.44
CA PHE D 452 -38.24 -34.89 -40.76
C PHE D 452 -38.22 -36.23 -41.50
N GLU D 453 -37.31 -36.42 -42.46
CA GLU D 453 -37.31 -37.66 -43.24
C GLU D 453 -36.87 -38.83 -42.36
N PRO D 454 -37.65 -39.91 -42.30
CA PRO D 454 -37.25 -41.06 -41.51
C PRO D 454 -35.98 -41.68 -42.04
N PRO D 455 -35.16 -42.28 -41.18
CA PRO D 455 -33.89 -42.85 -41.63
C PRO D 455 -34.08 -44.05 -42.55
N SER D 456 -33.11 -44.25 -43.43
CA SER D 456 -33.17 -45.31 -44.41
C SER D 456 -32.81 -46.66 -43.79
N GLU D 457 -33.45 -47.71 -44.29
CA GLU D 457 -33.33 -49.03 -43.70
C GLU D 457 -31.96 -49.66 -43.91
N GLU D 458 -31.21 -49.21 -44.93
CA GLU D 458 -29.88 -49.75 -45.21
C GLU D 458 -28.88 -49.50 -44.10
N LEU D 459 -29.14 -48.51 -43.24
CA LEU D 459 -28.26 -48.14 -42.16
C LEU D 459 -28.13 -49.27 -41.14
N GLN D 460 -27.06 -49.20 -40.35
CA GLN D 460 -26.88 -50.12 -39.24
C GLN D 460 -28.01 -49.91 -38.22
N HIS D 461 -28.34 -50.98 -37.48
CA HIS D 461 -29.46 -50.99 -36.54
C HIS D 461 -29.39 -49.87 -35.52
N GLU D 462 -28.37 -49.89 -34.65
CA GLU D 462 -28.16 -48.89 -33.60
C GLU D 462 -28.17 -47.45 -34.14
N GLU D 463 -27.58 -47.26 -35.32
CA GLU D 463 -27.61 -45.96 -35.97
C GLU D 463 -29.04 -45.53 -36.30
N LYS D 464 -29.82 -46.46 -36.87
CA LYS D 464 -31.24 -46.18 -37.11
C LYS D 464 -31.96 -45.84 -35.82
N GLN D 465 -31.69 -46.60 -34.75
CA GLN D 465 -32.36 -46.37 -33.47
C GLN D 465 -32.04 -44.98 -32.96
N SER D 466 -30.78 -44.56 -33.10
CA SER D 466 -30.36 -43.23 -32.65
C SER D 466 -31.11 -42.15 -33.42
N LYS D 467 -31.26 -42.36 -34.73
CA LYS D 467 -31.95 -41.34 -35.52
C LYS D 467 -33.41 -41.29 -35.13
N LEU D 468 -33.99 -42.44 -34.74
CA LEU D 468 -35.34 -42.41 -34.18
C LEU D 468 -35.38 -41.60 -32.89
N ARG D 469 -34.37 -41.75 -32.02
CA ARG D 469 -34.31 -41.02 -30.74
C ARG D 469 -34.43 -39.51 -30.97
N SER D 470 -33.64 -39.02 -31.92
CA SER D 470 -33.73 -37.62 -32.32
C SER D 470 -35.09 -37.30 -32.95
N LEU D 471 -35.54 -38.12 -33.90
CA LEU D 471 -36.78 -37.84 -34.64
C LEU D 471 -38.00 -37.78 -33.72
N ARG D 472 -38.09 -38.73 -32.77
CA ARG D 472 -39.11 -38.74 -31.74
C ARG D 472 -39.05 -37.47 -30.90
N ASN D 473 -37.83 -37.06 -30.51
CA ASN D 473 -37.71 -35.86 -29.69
C ASN D 473 -38.19 -34.63 -30.47
N ARG D 474 -37.81 -34.55 -31.76
CA ARG D 474 -38.13 -33.40 -32.61
C ARG D 474 -39.63 -33.23 -32.75
N GLN D 475 -40.33 -34.33 -33.07
CA GLN D 475 -41.75 -34.24 -33.41
C GLN D 475 -42.53 -33.76 -32.19
N SER D 476 -42.22 -34.35 -31.02
CA SER D 476 -42.90 -33.97 -29.79
C SER D 476 -42.64 -32.50 -29.48
N LEU D 477 -41.41 -32.03 -29.72
CA LEU D 477 -41.10 -30.61 -29.47
C LEU D 477 -41.96 -29.69 -30.34
N PHE D 478 -42.11 -30.03 -31.62
CA PHE D 478 -42.91 -29.22 -32.52
C PHE D 478 -44.39 -29.22 -32.13
N GLN D 479 -44.91 -30.39 -31.73
CA GLN D 479 -46.27 -30.45 -31.23
C GLN D 479 -46.44 -29.63 -29.96
N GLU D 480 -45.49 -29.76 -29.03
CA GLU D 480 -45.55 -29.04 -27.77
C GLU D 480 -45.41 -27.54 -27.98
N GLU D 481 -44.85 -27.12 -29.12
CA GLU D 481 -44.87 -25.74 -29.53
C GLU D 481 -46.07 -25.42 -30.41
N GLY D 482 -46.97 -26.36 -30.61
CA GLY D 482 -48.18 -26.08 -31.36
C GLY D 482 -48.07 -26.01 -32.87
N MET D 483 -46.98 -26.53 -33.44
CA MET D 483 -46.81 -26.51 -34.89
C MET D 483 -47.89 -27.32 -35.60
N LEU D 484 -48.29 -28.44 -35.00
CA LEU D 484 -49.43 -29.19 -35.51
C LEU D 484 -50.72 -28.36 -35.53
N SER D 485 -50.98 -27.60 -34.47
CA SER D 485 -52.11 -26.68 -34.47
C SER D 485 -52.00 -25.65 -35.59
N LEU D 486 -50.77 -25.19 -35.86
CA LEU D 486 -50.54 -24.23 -36.93
C LEU D 486 -50.85 -24.86 -38.29
N VAL D 487 -50.29 -26.04 -38.55
CA VAL D 487 -50.42 -26.62 -39.88
C VAL D 487 -51.87 -27.00 -40.13
N LEU D 488 -52.56 -27.54 -39.10
CA LEU D 488 -53.99 -27.80 -39.23
C LEU D 488 -54.77 -26.54 -39.58
N ASN D 489 -54.36 -25.38 -39.03
CA ASN D 489 -54.99 -24.13 -39.46
C ASN D 489 -54.66 -23.84 -40.92
N CYS D 490 -53.45 -24.21 -41.35
CA CYS D 490 -53.04 -23.94 -42.73
C CYS D 490 -53.93 -24.72 -43.69
N ILE D 491 -54.09 -26.03 -43.46
CA ILE D 491 -54.93 -26.83 -44.36
C ILE D 491 -56.37 -26.33 -44.30
N ASP D 492 -56.84 -25.93 -43.10
CA ASP D 492 -58.21 -25.46 -42.96
C ASP D 492 -58.47 -24.24 -43.85
N ARG D 493 -57.59 -23.23 -43.77
CA ARG D 493 -57.72 -22.04 -44.60
C ARG D 493 -57.53 -22.33 -46.08
N LEU D 494 -56.60 -23.22 -46.42
CA LEU D 494 -56.41 -23.60 -47.82
C LEU D 494 -57.59 -24.38 -48.41
N ASN D 495 -58.32 -25.13 -47.58
CA ASN D 495 -59.33 -26.05 -48.11
C ASN D 495 -60.58 -25.37 -48.63
N VAL D 496 -60.78 -24.08 -48.36
CA VAL D 496 -62.03 -23.40 -48.71
C VAL D 496 -62.16 -23.17 -50.21
N TYR D 497 -61.14 -23.56 -50.99
CA TYR D 497 -61.15 -23.47 -52.43
C TYR D 497 -61.16 -24.88 -53.00
N THR D 498 -62.17 -25.17 -53.84
CA THR D 498 -62.25 -26.47 -54.47
C THR D 498 -61.25 -26.64 -55.60
N THR D 499 -61.08 -25.63 -56.44
CA THR D 499 -60.19 -25.71 -57.58
C THR D 499 -59.32 -24.47 -57.61
N ALA D 500 -58.21 -24.59 -58.35
CA ALA D 500 -57.19 -23.55 -58.40
C ALA D 500 -57.73 -22.23 -58.96
N ALA D 501 -58.50 -22.29 -60.04
CA ALA D 501 -59.12 -21.07 -60.59
C ALA D 501 -60.06 -20.39 -59.58
N HIS D 502 -60.83 -21.19 -58.84
CA HIS D 502 -61.64 -20.68 -57.74
C HIS D 502 -60.76 -20.02 -56.68
N PHE D 503 -59.62 -20.63 -56.37
CA PHE D 503 -58.68 -20.01 -55.43
C PHE D 503 -58.18 -18.68 -56.00
N ALA D 504 -57.85 -18.68 -57.29
CA ALA D 504 -57.29 -17.51 -57.96
C ALA D 504 -58.24 -16.34 -57.96
N GLU D 505 -59.56 -16.61 -57.86
CA GLU D 505 -60.55 -15.53 -57.89
C GLU D 505 -60.44 -14.60 -56.70
N TYR D 506 -59.75 -15.00 -55.63
CA TYR D 506 -59.70 -14.24 -54.39
C TYR D 506 -58.29 -13.81 -54.01
N ALA D 507 -57.27 -14.60 -54.38
CA ALA D 507 -55.88 -14.23 -54.11
C ALA D 507 -55.20 -13.63 -55.33
N GLY D 508 -55.15 -14.38 -56.41
CA GLY D 508 -54.48 -13.91 -57.61
C GLY D 508 -53.98 -15.05 -58.49
N GLU D 509 -53.90 -14.74 -59.79
CA GLU D 509 -53.50 -15.73 -60.79
C GLU D 509 -52.07 -16.18 -60.53
N GLU D 510 -51.19 -15.23 -60.20
CA GLU D 510 -49.78 -15.53 -59.96
C GLU D 510 -49.61 -16.45 -58.76
N ALA D 511 -50.53 -16.38 -57.78
CA ALA D 511 -50.50 -17.24 -56.62
C ALA D 511 -51.23 -18.56 -56.84
N ALA D 512 -51.97 -18.69 -57.94
CA ALA D 512 -52.80 -19.88 -58.15
C ALA D 512 -51.99 -21.15 -58.39
N GLU D 513 -50.83 -21.04 -59.04
CA GLU D 513 -50.05 -22.23 -59.42
C GLU D 513 -49.55 -23.01 -58.22
N SER D 514 -49.06 -22.30 -57.20
CA SER D 514 -48.47 -22.93 -56.01
C SER D 514 -49.46 -23.68 -55.14
N TRP D 515 -50.77 -23.53 -55.36
CA TRP D 515 -51.80 -24.04 -54.45
C TRP D 515 -51.76 -25.56 -54.28
N LYS D 516 -51.66 -26.29 -55.40
CA LYS D 516 -51.60 -27.74 -55.31
C LYS D 516 -50.28 -28.19 -54.70
N GLU D 517 -49.20 -27.44 -54.98
CA GLU D 517 -47.89 -27.80 -54.45
C GLU D 517 -47.91 -27.68 -52.94
N ILE D 518 -48.40 -26.54 -52.43
CA ILE D 518 -48.32 -26.27 -51.00
C ILE D 518 -49.19 -27.26 -50.24
N VAL D 519 -50.40 -27.58 -50.75
CA VAL D 519 -51.23 -28.53 -50.01
C VAL D 519 -50.59 -29.94 -50.00
N ASN D 520 -49.92 -30.33 -51.10
CA ASN D 520 -49.16 -31.58 -51.08
C ASN D 520 -48.04 -31.55 -50.06
N LEU D 521 -47.34 -30.40 -49.96
CA LEU D 521 -46.27 -30.28 -48.96
C LEU D 521 -46.85 -30.39 -47.56
N LEU D 522 -48.00 -29.74 -47.32
CA LEU D 522 -48.58 -29.70 -45.98
C LEU D 522 -48.92 -31.10 -45.51
N TYR D 523 -49.63 -31.87 -46.34
CA TYR D 523 -49.94 -33.26 -45.97
C TYR D 523 -48.68 -34.11 -45.80
N GLU D 524 -47.68 -33.92 -46.67
CA GLU D 524 -46.41 -34.64 -46.51
C GLU D 524 -45.72 -34.30 -45.18
N LEU D 525 -45.70 -33.01 -44.82
CA LEU D 525 -45.15 -32.56 -43.55
C LEU D 525 -45.92 -33.16 -42.38
N LEU D 526 -47.24 -33.13 -42.46
CA LEU D 526 -48.07 -33.71 -41.40
C LEU D 526 -47.80 -35.20 -41.24
N ALA D 527 -47.68 -35.93 -42.36
CA ALA D 527 -47.39 -37.37 -42.31
C ALA D 527 -46.06 -37.62 -41.61
N SER D 528 -45.06 -36.81 -41.95
CA SER D 528 -43.77 -36.90 -41.27
C SER D 528 -43.92 -36.56 -39.78
N LEU D 529 -44.78 -35.59 -39.47
CA LEU D 529 -44.96 -35.12 -38.10
C LEU D 529 -45.56 -36.21 -37.22
N ILE D 530 -46.54 -36.94 -37.75
CA ILE D 530 -47.26 -37.90 -36.93
C ILE D 530 -46.54 -39.23 -36.89
N ARG D 531 -45.79 -39.55 -37.96
CA ARG D 531 -45.18 -40.87 -38.16
C ARG D 531 -44.29 -41.33 -37.00
N GLY D 532 -44.73 -42.36 -36.29
CA GLY D 532 -43.93 -43.04 -35.30
C GLY D 532 -44.23 -42.68 -33.86
N ASN D 533 -44.90 -41.56 -33.61
CA ASN D 533 -45.17 -41.10 -32.26
C ASN D 533 -46.60 -41.44 -31.84
N ARG D 534 -46.71 -42.30 -30.83
CA ARG D 534 -48.01 -42.64 -30.25
C ARG D 534 -48.68 -41.41 -29.66
N ALA D 535 -47.93 -40.62 -28.89
CA ALA D 535 -48.50 -39.48 -28.18
C ALA D 535 -48.96 -38.39 -29.16
N ASN D 536 -48.11 -38.03 -30.12
CA ASN D 536 -48.51 -37.09 -31.17
C ASN D 536 -49.67 -37.66 -31.99
N CYS D 537 -49.64 -38.97 -32.20
CA CYS D 537 -50.66 -39.67 -32.98
C CYS D 537 -52.03 -39.57 -32.33
N ALA D 538 -52.07 -39.66 -31.00
CA ALA D 538 -53.32 -39.72 -30.24
C ALA D 538 -54.18 -38.47 -30.40
N LEU D 539 -53.59 -37.35 -30.81
CA LEU D 539 -54.27 -36.06 -30.86
C LEU D 539 -55.45 -36.02 -31.82
N PHE D 540 -55.52 -36.96 -32.77
CA PHE D 540 -56.57 -36.93 -33.77
C PHE D 540 -57.85 -37.59 -33.31
N SER D 541 -57.88 -38.16 -32.09
CA SER D 541 -59.10 -38.76 -31.57
C SER D 541 -60.20 -37.72 -31.38
N THR D 542 -59.81 -36.48 -31.05
CA THR D 542 -60.79 -35.43 -30.82
C THR D 542 -61.41 -34.93 -32.13
N ASN D 543 -60.67 -34.99 -33.23
CA ASN D 543 -61.08 -34.41 -34.49
C ASN D 543 -60.85 -35.37 -35.66
N LEU D 544 -61.19 -36.64 -35.43
CA LEU D 544 -61.02 -37.67 -36.47
C LEU D 544 -61.89 -37.36 -37.68
N ASP D 545 -63.10 -36.85 -37.45
CA ASP D 545 -64.03 -36.49 -38.51
C ASP D 545 -63.44 -35.48 -39.49
N TRP D 546 -62.53 -34.62 -39.02
CA TRP D 546 -61.95 -33.55 -39.82
C TRP D 546 -61.21 -34.09 -41.06
N VAL D 547 -60.32 -35.06 -40.86
CA VAL D 547 -59.60 -35.67 -41.99
C VAL D 547 -60.56 -36.46 -42.89
N VAL D 548 -61.56 -37.12 -42.29
CA VAL D 548 -62.56 -37.83 -43.06
C VAL D 548 -63.35 -36.86 -43.92
N SER D 549 -63.59 -35.64 -43.42
CA SER D 549 -64.27 -34.64 -44.24
C SER D 549 -63.45 -34.25 -45.47
N LYS D 550 -62.13 -34.51 -45.47
CA LYS D 550 -61.28 -34.10 -46.56
C LYS D 550 -60.79 -35.25 -47.43
N LEU D 551 -61.13 -36.50 -47.07
CA LEU D 551 -60.70 -37.63 -47.89
C LEU D 551 -61.27 -37.60 -49.31
N ASP D 552 -62.39 -36.92 -49.51
CA ASP D 552 -63.03 -36.80 -50.82
C ASP D 552 -62.31 -35.85 -51.76
N ARG D 553 -61.42 -35.00 -51.24
CA ARG D 553 -60.73 -34.03 -52.07
C ARG D 553 -59.74 -34.72 -53.02
N LEU D 554 -59.57 -34.12 -54.19
CA LEU D 554 -58.78 -34.72 -55.26
C LEU D 554 -57.37 -34.18 -55.42
N GLU D 555 -57.16 -32.89 -55.15
CA GLU D 555 -55.89 -32.23 -55.47
C GLU D 555 -54.71 -32.85 -54.71
N ALA D 556 -54.90 -33.15 -53.42
CA ALA D 556 -53.89 -33.81 -52.59
C ALA D 556 -54.60 -34.96 -51.87
N SER D 557 -54.72 -36.11 -52.53
CA SER D 557 -55.37 -37.28 -51.96
C SER D 557 -54.42 -38.40 -51.55
N SER D 558 -53.35 -38.60 -52.33
CA SER D 558 -52.34 -39.60 -51.98
C SER D 558 -51.68 -39.29 -50.65
N GLY D 559 -51.35 -38.02 -50.43
CA GLY D 559 -50.71 -37.65 -49.18
C GLY D 559 -51.64 -37.84 -47.99
N ILE D 560 -52.89 -37.39 -48.12
CA ILE D 560 -53.81 -37.43 -46.98
C ILE D 560 -54.12 -38.89 -46.63
N LEU D 561 -54.22 -39.75 -47.67
CA LEU D 561 -54.40 -41.18 -47.43
C LEU D 561 -53.21 -41.76 -46.70
N GLU D 562 -51.99 -41.34 -47.06
CA GLU D 562 -50.80 -41.73 -46.29
C GLU D 562 -50.87 -41.24 -44.84
N VAL D 563 -51.37 -40.02 -44.63
CA VAL D 563 -51.56 -39.46 -43.28
C VAL D 563 -52.50 -40.35 -42.48
N LEU D 564 -53.64 -40.72 -43.08
CA LEU D 564 -54.59 -41.59 -42.42
C LEU D 564 -53.98 -42.95 -42.13
N TYR D 565 -53.19 -43.47 -43.08
CA TYR D 565 -52.49 -44.74 -42.87
C TYR D 565 -51.60 -44.65 -41.63
N CYS D 566 -50.87 -43.53 -41.50
CA CYS D 566 -49.94 -43.36 -40.39
C CYS D 566 -50.68 -43.26 -39.06
N VAL D 567 -51.83 -42.56 -39.03
CA VAL D 567 -52.51 -42.40 -37.75
C VAL D 567 -53.17 -43.72 -37.32
N LEU D 568 -53.80 -44.44 -38.27
CA LEU D 568 -54.44 -45.70 -37.94
C LEU D 568 -53.44 -46.80 -37.62
N ILE D 569 -52.26 -46.82 -38.26
CA ILE D 569 -51.32 -47.92 -38.03
C ILE D 569 -50.71 -47.84 -36.63
N GLU D 570 -50.95 -46.75 -35.91
CA GLU D 570 -50.30 -46.45 -34.65
C GLU D 570 -51.25 -46.34 -33.48
N SER D 571 -52.35 -45.57 -33.59
CA SER D 571 -53.16 -45.30 -32.41
C SER D 571 -54.41 -46.17 -32.34
N PRO D 572 -54.47 -47.17 -31.44
CA PRO D 572 -55.65 -48.05 -31.36
C PRO D 572 -56.95 -47.34 -30.99
N GLU D 573 -56.86 -46.31 -30.15
CA GLU D 573 -58.06 -45.63 -29.69
C GLU D 573 -58.80 -44.94 -30.83
N VAL D 574 -58.08 -44.54 -31.89
CA VAL D 574 -58.73 -43.97 -33.06
C VAL D 574 -59.66 -45.00 -33.69
N LEU D 575 -59.23 -46.27 -33.69
CA LEU D 575 -60.08 -47.36 -34.14
C LEU D 575 -61.29 -47.44 -33.22
N ASN D 576 -61.08 -47.27 -31.91
CA ASN D 576 -62.23 -47.25 -31.00
C ASN D 576 -63.15 -46.05 -31.23
N ILE D 577 -62.68 -45.01 -31.93
CA ILE D 577 -63.53 -43.86 -32.25
C ILE D 577 -64.24 -44.07 -33.59
N ILE D 578 -63.80 -45.05 -34.40
CA ILE D 578 -64.36 -45.24 -35.74
C ILE D 578 -65.85 -45.62 -35.66
N GLN D 579 -66.65 -44.98 -36.52
CA GLN D 579 -68.08 -45.22 -36.65
C GLN D 579 -68.37 -45.47 -38.12
N GLU D 580 -69.55 -46.01 -38.41
CA GLU D 580 -69.94 -46.52 -39.73
C GLU D 580 -69.75 -45.52 -40.87
N ASN D 581 -69.98 -44.22 -40.62
CA ASN D 581 -69.84 -43.19 -41.65
C ASN D 581 -68.41 -43.16 -42.21
N HIS D 582 -67.43 -43.36 -41.32
CA HIS D 582 -66.03 -43.44 -41.71
C HIS D 582 -65.83 -44.56 -42.71
N ILE D 583 -66.28 -45.77 -42.35
CA ILE D 583 -66.06 -46.96 -43.17
C ILE D 583 -66.73 -46.77 -44.52
N LYS D 584 -67.91 -46.13 -44.53
CA LYS D 584 -68.56 -45.76 -45.79
C LYS D 584 -67.72 -44.76 -46.60
N SER D 585 -66.88 -43.98 -45.93
CA SER D 585 -66.06 -43.01 -46.66
C SER D 585 -64.85 -43.70 -47.28
N ILE D 586 -64.16 -44.54 -46.50
CA ILE D 586 -63.02 -45.29 -47.06
C ILE D 586 -63.50 -46.20 -48.19
N ILE D 587 -64.60 -46.94 -48.00
CA ILE D 587 -65.05 -47.84 -49.07
C ILE D 587 -65.42 -47.02 -50.32
N SER D 588 -65.96 -45.78 -50.12
CA SER D 588 -66.26 -44.95 -51.27
C SER D 588 -64.97 -44.59 -51.99
N LEU D 589 -63.87 -44.43 -51.24
CA LEU D 589 -62.58 -44.12 -51.88
C LEU D 589 -62.17 -45.23 -52.83
N LEU D 590 -62.31 -46.48 -52.37
CA LEU D 590 -62.00 -47.64 -53.22
C LEU D 590 -62.88 -47.66 -54.47
N ASP D 591 -64.15 -47.29 -54.32
CA ASP D 591 -65.03 -47.21 -55.49
C ASP D 591 -64.73 -46.02 -56.41
N LYS D 592 -64.14 -44.95 -55.89
CA LYS D 592 -63.89 -43.75 -56.68
C LYS D 592 -62.47 -43.61 -57.21
N HIS D 593 -61.48 -44.20 -56.56
CA HIS D 593 -60.08 -44.02 -56.90
C HIS D 593 -59.45 -45.27 -57.48
N GLY D 594 -60.25 -46.14 -58.09
CA GLY D 594 -59.70 -47.34 -58.67
C GLY D 594 -59.24 -48.35 -57.64
N ARG D 595 -58.51 -49.36 -58.13
CA ARG D 595 -58.05 -50.46 -57.30
C ARG D 595 -56.70 -50.12 -56.65
N ASN D 596 -56.71 -49.03 -55.90
CA ASN D 596 -55.55 -48.54 -55.15
C ASN D 596 -55.33 -49.49 -53.97
N HIS D 597 -54.30 -50.34 -54.08
CA HIS D 597 -54.05 -51.39 -53.09
C HIS D 597 -53.77 -50.85 -51.69
N LYS D 598 -53.34 -49.59 -51.58
CA LYS D 598 -53.07 -48.97 -50.28
C LYS D 598 -54.32 -48.95 -49.40
N VAL D 599 -55.48 -48.70 -50.02
CA VAL D 599 -56.75 -48.62 -49.29
C VAL D 599 -57.02 -49.94 -48.58
N LEU D 600 -56.60 -51.06 -49.18
CA LEU D 600 -56.73 -52.35 -48.53
C LEU D 600 -55.93 -52.37 -47.24
N ASP D 601 -54.70 -51.85 -47.28
CA ASP D 601 -53.85 -51.78 -46.09
C ASP D 601 -54.45 -50.89 -45.02
N VAL D 602 -55.20 -49.86 -45.43
CA VAL D 602 -55.97 -49.04 -44.50
C VAL D 602 -57.03 -49.89 -43.80
N LEU D 603 -57.76 -50.69 -44.58
CA LEU D 603 -58.75 -51.59 -43.99
C LEU D 603 -58.08 -52.62 -43.07
N CYS D 604 -56.94 -53.17 -43.50
CA CYS D 604 -56.22 -54.14 -42.70
C CYS D 604 -55.77 -53.52 -41.39
N SER D 605 -55.42 -52.22 -41.42
CA SER D 605 -55.06 -51.56 -40.18
C SER D 605 -56.30 -51.35 -39.33
N LEU D 606 -57.47 -51.25 -39.97
CA LEU D 606 -58.71 -51.05 -39.22
C LEU D 606 -59.08 -52.30 -38.46
N CYS D 607 -58.72 -53.47 -39.01
CA CYS D 607 -59.11 -54.72 -38.38
C CYS D 607 -58.41 -54.91 -37.04
N VAL D 608 -57.08 -55.04 -37.06
CA VAL D 608 -56.29 -55.30 -35.87
C VAL D 608 -55.29 -54.17 -35.69
N CYS D 609 -55.10 -53.75 -34.43
CA CYS D 609 -54.14 -52.70 -34.10
C CYS D 609 -53.34 -53.16 -32.90
N ASN D 610 -52.02 -53.28 -33.06
CA ASN D 610 -51.08 -53.70 -32.01
C ASN D 610 -51.42 -55.08 -31.43
N GLY D 611 -52.12 -55.91 -32.18
CA GLY D 611 -52.44 -57.26 -31.77
C GLY D 611 -53.75 -57.46 -31.03
N VAL D 612 -54.68 -56.51 -31.09
CA VAL D 612 -55.99 -56.67 -30.47
C VAL D 612 -57.04 -56.55 -31.58
N ALA D 613 -58.00 -57.47 -31.59
CA ALA D 613 -59.08 -57.43 -32.57
C ALA D 613 -60.13 -56.39 -32.20
N VAL D 614 -60.67 -55.72 -33.21
CA VAL D 614 -61.73 -54.74 -33.02
C VAL D 614 -62.97 -55.27 -33.74
N ARG D 615 -63.78 -56.05 -33.01
CA ARG D 615 -64.88 -56.77 -33.63
C ARG D 615 -65.99 -55.82 -34.05
N SER D 616 -66.06 -54.64 -33.41
CA SER D 616 -67.03 -53.62 -33.80
C SER D 616 -66.69 -53.02 -35.16
N ASN D 617 -65.46 -53.16 -35.63
CA ASN D 617 -65.08 -52.61 -36.92
C ASN D 617 -65.01 -53.68 -37.99
N GLN D 618 -64.47 -54.86 -37.63
CA GLN D 618 -64.27 -55.95 -38.58
C GLN D 618 -65.57 -56.32 -39.28
N ASP D 619 -66.66 -56.41 -38.48
CA ASP D 619 -67.97 -56.73 -39.02
C ASP D 619 -68.45 -55.67 -39.99
N LEU D 620 -68.25 -54.39 -39.65
CA LEU D 620 -68.70 -53.31 -40.54
C LEU D 620 -67.97 -53.35 -41.87
N ILE D 621 -66.67 -53.70 -41.84
CA ILE D 621 -65.90 -53.90 -43.07
C ILE D 621 -66.52 -55.01 -43.91
N THR D 622 -66.80 -56.16 -43.28
CA THR D 622 -67.38 -57.29 -44.01
C THR D 622 -68.76 -56.93 -44.54
N GLU D 623 -69.58 -56.28 -43.70
CA GLU D 623 -70.98 -56.06 -44.02
C GLU D 623 -71.12 -55.08 -45.16
N ASN D 624 -70.31 -54.03 -45.16
CA ASN D 624 -70.44 -53.00 -46.18
C ASN D 624 -69.66 -53.33 -47.43
N LEU D 625 -68.79 -54.35 -47.40
CA LEU D 625 -67.95 -54.64 -48.56
C LEU D 625 -68.24 -55.99 -49.18
N LEU D 626 -68.17 -57.07 -48.41
CA LEU D 626 -68.21 -58.42 -48.97
C LEU D 626 -69.51 -58.83 -49.71
N PRO D 627 -70.74 -58.64 -49.16
CA PRO D 627 -71.92 -59.27 -49.81
C PRO D 627 -72.21 -58.81 -51.23
N GLY D 628 -71.94 -57.54 -51.55
CA GLY D 628 -72.24 -57.02 -52.87
C GLY D 628 -71.49 -57.72 -53.98
N ARG D 629 -70.22 -58.07 -53.72
CA ARG D 629 -69.34 -58.77 -54.68
C ARG D 629 -69.15 -58.01 -55.98
N GLU D 630 -68.90 -56.71 -55.90
CA GLU D 630 -68.68 -55.90 -57.08
C GLU D 630 -67.41 -55.08 -57.06
N LEU D 631 -66.79 -54.86 -55.90
CA LEU D 631 -65.54 -54.10 -55.87
C LEU D 631 -64.32 -55.01 -55.92
N LEU D 632 -64.25 -56.00 -55.02
CA LEU D 632 -63.10 -56.89 -55.00
C LEU D 632 -63.26 -58.00 -56.02
N LEU D 633 -62.14 -58.66 -56.33
CA LEU D 633 -62.13 -59.74 -57.29
C LEU D 633 -62.80 -60.99 -56.73
N GLN D 634 -63.24 -61.87 -57.62
CA GLN D 634 -63.88 -63.12 -57.21
C GLN D 634 -63.20 -64.31 -57.86
N THR D 635 -63.05 -65.39 -57.10
CA THR D 635 -62.40 -66.60 -57.56
C THR D 635 -63.40 -67.76 -57.58
N ASN D 636 -63.17 -68.70 -58.49
CA ASN D 636 -64.01 -69.89 -58.64
C ASN D 636 -63.25 -70.91 -59.46
N LEU D 637 -63.76 -72.14 -59.45
CA LEU D 637 -63.20 -73.24 -60.24
C LEU D 637 -64.14 -73.51 -61.40
N ILE D 638 -63.60 -73.46 -62.62
CA ILE D 638 -64.38 -73.60 -63.84
C ILE D 638 -63.71 -74.65 -64.72
N ASN D 639 -64.52 -75.58 -65.25
CA ASN D 639 -64.03 -76.57 -66.21
C ASN D 639 -63.77 -75.94 -67.57
N TYR D 640 -62.89 -76.58 -68.32
CA TYR D 640 -62.60 -76.18 -69.69
C TYR D 640 -63.71 -76.64 -70.61
N VAL D 641 -64.10 -75.78 -71.55
CA VAL D 641 -65.13 -76.07 -72.53
C VAL D 641 -64.52 -75.92 -73.92
N THR D 642 -64.64 -76.96 -74.74
CA THR D 642 -64.13 -76.93 -76.09
C THR D 642 -65.25 -77.30 -77.06
N SER D 643 -65.05 -76.93 -78.32
CA SER D 643 -66.03 -77.16 -79.37
C SER D 643 -65.39 -77.91 -80.52
N ILE D 644 -66.20 -78.73 -81.20
CA ILE D 644 -65.78 -79.49 -82.36
C ILE D 644 -66.82 -79.26 -83.46
N ARG D 645 -66.35 -79.04 -84.69
CA ARG D 645 -67.25 -78.80 -85.80
C ARG D 645 -66.94 -79.71 -86.98
N PRO D 646 -67.94 -80.05 -87.77
CA PRO D 646 -67.67 -80.66 -89.08
C PRO D 646 -67.52 -79.56 -90.12
N ASN D 647 -66.60 -79.77 -91.07
CA ASN D 647 -66.19 -78.71 -91.99
C ASN D 647 -67.23 -78.49 -93.09
N ILE D 648 -68.43 -78.07 -92.68
CA ILE D 648 -69.52 -77.76 -93.60
C ILE D 648 -69.89 -76.30 -93.36
N PHE D 649 -69.63 -75.45 -94.35
CA PHE D 649 -69.66 -74.00 -94.20
C PHE D 649 -70.70 -73.43 -95.15
N VAL D 650 -71.77 -72.86 -94.60
CA VAL D 650 -72.90 -72.39 -95.39
C VAL D 650 -73.12 -70.91 -95.07
N GLY D 651 -73.44 -70.13 -96.11
CA GLY D 651 -73.70 -68.72 -95.91
C GLY D 651 -74.39 -68.12 -97.11
N ARG D 652 -75.16 -67.06 -96.87
CA ARG D 652 -75.91 -66.40 -97.92
C ARG D 652 -75.08 -65.29 -98.55
N ALA D 653 -75.18 -65.19 -99.88
CA ALA D 653 -74.42 -64.22 -100.64
C ALA D 653 -75.20 -63.90 -101.91
N GLU D 654 -74.88 -62.76 -102.52
CA GLU D 654 -75.52 -62.36 -103.77
C GLU D 654 -75.16 -63.36 -104.87
N GLY D 655 -76.16 -64.03 -105.43
CA GLY D 655 -75.91 -65.10 -106.38
C GLY D 655 -75.12 -66.27 -105.81
N SER D 656 -75.39 -66.62 -104.56
CA SER D 656 -74.71 -67.72 -103.89
C SER D 656 -75.05 -69.06 -104.53
N THR D 657 -74.04 -69.89 -104.79
CA THR D 657 -74.22 -71.22 -105.35
C THR D 657 -74.53 -72.27 -104.29
N GLN D 658 -75.04 -71.87 -103.12
CA GLN D 658 -75.40 -72.79 -102.06
C GLN D 658 -76.80 -72.45 -101.55
N TYR D 659 -77.62 -73.47 -101.36
CA TYR D 659 -79.00 -73.24 -100.95
C TYR D 659 -79.06 -72.96 -99.45
N GLY D 660 -79.84 -71.94 -99.09
CA GLY D 660 -79.95 -71.52 -97.71
C GLY D 660 -80.95 -72.26 -96.85
N LYS D 661 -80.85 -73.59 -96.80
CA LYS D 661 -81.71 -74.42 -95.96
C LYS D 661 -80.94 -75.70 -95.66
N TRP D 662 -80.52 -75.89 -94.41
CA TRP D 662 -79.73 -77.07 -94.09
C TRP D 662 -80.13 -77.64 -92.74
N TYR D 663 -80.12 -78.97 -92.65
CA TYR D 663 -80.67 -79.67 -91.50
C TYR D 663 -79.72 -80.78 -91.06
N PHE D 664 -79.33 -80.76 -89.78
CA PHE D 664 -78.42 -81.74 -89.20
C PHE D 664 -78.94 -82.14 -87.83
N GLU D 665 -78.46 -83.30 -87.37
CA GLU D 665 -78.88 -83.80 -86.07
C GLU D 665 -77.70 -84.27 -85.24
N VAL D 666 -77.82 -84.09 -83.93
CA VAL D 666 -76.81 -84.56 -82.99
C VAL D 666 -77.47 -85.50 -81.99
N MET D 667 -76.90 -86.68 -81.84
CA MET D 667 -77.37 -87.71 -80.94
C MET D 667 -76.61 -87.61 -79.62
N VAL D 668 -77.31 -87.82 -78.53
CA VAL D 668 -76.72 -87.83 -77.19
C VAL D 668 -76.47 -89.28 -76.81
N ASP D 669 -75.25 -89.64 -76.39
CA ASP D 669 -75.04 -91.00 -75.95
C ASP D 669 -75.19 -91.11 -74.43
N GLU D 670 -74.31 -90.45 -73.68
CA GLU D 670 -74.36 -90.42 -72.22
C GLU D 670 -74.03 -89.02 -71.74
N VAL D 671 -74.59 -88.65 -70.60
CA VAL D 671 -74.38 -87.34 -70.00
C VAL D 671 -74.14 -87.53 -68.51
N VAL D 672 -72.88 -87.42 -68.11
CA VAL D 672 -72.59 -87.48 -66.67
C VAL D 672 -73.15 -86.20 -66.04
N PRO D 673 -73.96 -86.32 -64.97
CA PRO D 673 -74.60 -85.12 -64.40
C PRO D 673 -73.62 -84.10 -63.85
N PHE D 674 -72.73 -84.52 -62.95
CA PHE D 674 -71.71 -83.62 -62.38
C PHE D 674 -70.43 -84.42 -62.23
N LEU D 675 -69.58 -84.38 -63.27
CA LEU D 675 -68.25 -84.95 -63.14
C LEU D 675 -67.42 -84.16 -62.15
N THR D 676 -67.56 -82.84 -62.18
CA THR D 676 -66.98 -81.90 -61.23
C THR D 676 -68.11 -81.17 -60.51
N ALA D 677 -67.72 -80.23 -59.64
CA ALA D 677 -68.71 -79.42 -58.93
C ALA D 677 -69.52 -78.57 -59.91
N GLN D 678 -68.87 -78.01 -60.92
CA GLN D 678 -69.55 -77.27 -61.97
C GLN D 678 -70.52 -78.18 -62.73
N ALA D 679 -71.67 -77.64 -63.11
CA ALA D 679 -72.63 -78.37 -63.91
C ALA D 679 -72.05 -78.71 -65.27
N THR D 680 -72.43 -79.87 -65.80
CA THR D 680 -71.99 -80.30 -67.11
C THR D 680 -72.55 -79.38 -68.18
N HIS D 681 -71.66 -78.80 -68.98
CA HIS D 681 -72.04 -77.94 -70.09
C HIS D 681 -72.25 -78.79 -71.34
N LEU D 682 -73.38 -78.58 -72.01
CA LEU D 682 -73.68 -79.31 -73.24
C LEU D 682 -74.69 -78.50 -74.04
N ARG D 683 -74.25 -77.89 -75.13
CA ARG D 683 -75.11 -77.14 -76.02
C ARG D 683 -74.77 -77.47 -77.46
N VAL D 684 -75.79 -77.42 -78.32
CA VAL D 684 -75.62 -77.68 -79.75
C VAL D 684 -76.17 -76.48 -80.51
N GLY D 685 -75.44 -76.01 -81.51
CA GLY D 685 -75.96 -74.91 -82.28
C GLY D 685 -75.11 -74.59 -83.48
N TRP D 686 -75.41 -73.45 -84.08
CA TRP D 686 -74.64 -72.97 -85.21
C TRP D 686 -73.60 -71.98 -84.71
N ALA D 687 -72.70 -71.59 -85.59
CA ALA D 687 -71.70 -70.58 -85.25
C ALA D 687 -71.21 -69.93 -86.53
N LEU D 688 -70.57 -68.78 -86.38
CA LEU D 688 -70.21 -67.91 -87.49
C LEU D 688 -68.68 -67.79 -87.57
N THR D 689 -68.18 -67.29 -88.70
CA THR D 689 -66.76 -67.40 -89.05
C THR D 689 -65.93 -66.14 -88.81
N GLU D 690 -66.53 -65.01 -88.42
CA GLU D 690 -65.79 -63.76 -88.28
C GLU D 690 -65.99 -63.18 -86.87
N GLY D 691 -65.67 -64.01 -85.88
CA GLY D 691 -65.86 -63.60 -84.49
C GLY D 691 -66.13 -64.72 -83.51
N TYR D 692 -66.29 -65.95 -83.99
CA TYR D 692 -66.43 -67.11 -83.11
C TYR D 692 -65.16 -67.95 -83.22
N SER D 693 -64.19 -67.67 -82.37
CA SER D 693 -62.98 -68.48 -82.25
C SER D 693 -62.72 -68.71 -80.76
N PRO D 694 -63.47 -69.61 -80.12
CA PRO D 694 -63.44 -69.70 -78.66
C PRO D 694 -62.20 -70.40 -78.11
N TYR D 695 -61.15 -69.61 -77.86
CA TYR D 695 -59.94 -70.14 -77.25
C TYR D 695 -60.27 -70.72 -75.87
N PRO D 696 -59.68 -71.86 -75.51
CA PRO D 696 -59.98 -72.46 -74.20
C PRO D 696 -59.48 -71.62 -73.04
N GLY D 697 -60.21 -71.69 -71.94
CA GLY D 697 -59.82 -70.99 -70.74
C GLY D 697 -60.78 -69.89 -70.33
N GLY D 698 -60.27 -68.89 -69.63
CA GLY D 698 -61.08 -67.79 -69.20
C GLY D 698 -61.38 -66.81 -70.32
N GLY D 699 -62.36 -65.95 -70.06
CA GLY D 699 -62.79 -64.99 -71.05
C GLY D 699 -64.05 -64.28 -70.63
N GLU D 700 -65.03 -64.20 -71.54
CA GLU D 700 -66.29 -63.55 -71.22
C GLU D 700 -67.09 -64.32 -70.18
N GLY D 701 -67.73 -63.58 -69.29
CA GLY D 701 -68.53 -64.16 -68.23
C GLY D 701 -67.66 -64.89 -67.24
N TRP D 702 -68.25 -65.88 -66.57
CA TRP D 702 -67.51 -66.72 -65.63
C TRP D 702 -66.66 -67.79 -66.31
N GLY D 703 -66.45 -67.71 -67.62
CA GLY D 703 -65.64 -68.67 -68.34
C GLY D 703 -66.40 -69.86 -68.84
N GLY D 704 -65.63 -70.79 -69.41
CA GLY D 704 -66.19 -71.98 -70.02
C GLY D 704 -67.10 -71.65 -71.18
N ASN D 705 -66.71 -70.66 -71.98
CA ASN D 705 -67.55 -70.20 -73.07
C ASN D 705 -67.57 -71.22 -74.21
N GLY D 706 -68.75 -71.39 -74.78
CA GLY D 706 -68.96 -72.25 -75.94
C GLY D 706 -69.90 -71.60 -76.93
N VAL D 707 -70.93 -72.33 -77.32
CA VAL D 707 -71.91 -71.85 -78.29
C VAL D 707 -72.98 -71.07 -77.55
N GLY D 708 -73.25 -69.86 -78.02
CA GLY D 708 -74.27 -69.00 -77.46
C GLY D 708 -73.77 -67.98 -76.45
N ASP D 709 -72.50 -68.02 -76.09
CA ASP D 709 -71.96 -67.08 -75.12
C ASP D 709 -71.73 -65.69 -75.70
N ASP D 710 -71.84 -65.53 -77.02
CA ASP D 710 -71.62 -64.25 -77.66
C ASP D 710 -72.52 -64.17 -78.87
N LEU D 711 -72.45 -63.05 -79.58
CA LEU D 711 -73.28 -62.82 -80.76
C LEU D 711 -72.71 -63.43 -82.03
N TYR D 712 -71.88 -64.46 -81.91
CA TYR D 712 -71.37 -65.19 -83.07
C TYR D 712 -71.76 -66.66 -83.02
N SER D 713 -72.65 -67.04 -82.10
CA SER D 713 -73.13 -68.41 -81.98
C SER D 713 -74.52 -68.38 -81.36
N TYR D 714 -75.27 -69.47 -81.59
CA TYR D 714 -76.69 -69.55 -81.21
C TYR D 714 -76.94 -70.94 -80.60
N GLY D 715 -76.83 -71.02 -79.27
CA GLY D 715 -76.83 -72.29 -78.59
C GLY D 715 -78.18 -72.70 -78.02
N PHE D 716 -78.32 -74.01 -77.81
CA PHE D 716 -79.50 -74.57 -77.18
C PHE D 716 -79.09 -75.77 -76.33
N ASP D 717 -79.81 -76.01 -75.24
CA ASP D 717 -79.39 -77.01 -74.27
C ASP D 717 -80.55 -77.86 -73.76
N GLY D 718 -81.68 -77.87 -74.46
CA GLY D 718 -82.88 -78.50 -73.97
C GLY D 718 -83.82 -77.58 -73.23
N LEU D 719 -83.34 -76.44 -72.74
CA LEU D 719 -84.20 -75.49 -72.04
C LEU D 719 -83.98 -74.03 -72.41
N HIS D 720 -82.84 -73.65 -72.96
CA HIS D 720 -82.52 -72.24 -73.14
C HIS D 720 -81.96 -72.00 -74.53
N LEU D 721 -82.31 -70.85 -75.11
CA LEU D 721 -81.72 -70.41 -76.38
C LEU D 721 -80.67 -69.38 -76.05
N TRP D 722 -79.40 -69.81 -76.11
CA TRP D 722 -78.29 -68.99 -75.66
C TRP D 722 -77.82 -68.06 -76.77
N THR D 723 -77.77 -66.76 -76.45
CA THR D 723 -77.21 -65.75 -77.34
C THR D 723 -76.76 -64.58 -76.47
N GLY D 724 -75.58 -64.06 -76.77
CA GLY D 724 -74.98 -63.00 -75.97
C GLY D 724 -74.78 -63.33 -74.52
N HIS D 725 -74.44 -64.59 -74.21
CA HIS D 725 -74.32 -65.14 -72.85
C HIS D 725 -75.58 -64.87 -72.02
N VAL D 726 -76.74 -65.11 -72.63
CA VAL D 726 -78.03 -64.96 -71.97
C VAL D 726 -78.85 -66.21 -72.24
N ALA D 727 -79.47 -66.76 -71.21
CA ALA D 727 -80.34 -67.92 -71.32
C ALA D 727 -81.79 -67.47 -71.30
N ARG D 728 -82.62 -68.10 -72.14
CA ARG D 728 -84.04 -67.76 -72.21
C ARG D 728 -84.88 -69.02 -72.16
N PRO D 729 -85.74 -69.18 -71.15
CA PRO D 729 -86.53 -70.41 -71.02
C PRO D 729 -87.55 -70.57 -72.13
N VAL D 730 -87.78 -71.82 -72.53
CA VAL D 730 -88.76 -72.17 -73.54
C VAL D 730 -89.55 -73.40 -73.07
N THR D 731 -90.86 -73.36 -73.31
CA THR D 731 -91.70 -74.50 -73.02
C THR D 731 -91.47 -75.54 -74.11
N SER D 732 -91.21 -76.78 -73.71
CA SER D 732 -90.93 -77.83 -74.65
C SER D 732 -91.80 -79.04 -74.31
N PRO D 733 -92.08 -79.90 -75.28
CA PRO D 733 -92.85 -81.12 -74.98
C PRO D 733 -92.03 -82.11 -74.17
N GLY D 734 -91.99 -81.90 -72.86
CA GLY D 734 -91.14 -82.67 -71.98
C GLY D 734 -89.83 -81.97 -71.73
N GLN D 735 -89.92 -80.71 -71.31
CA GLN D 735 -88.74 -79.87 -71.15
C GLN D 735 -87.79 -80.40 -70.08
N HIS D 736 -86.51 -80.49 -70.43
CA HIS D 736 -85.41 -80.87 -69.55
C HIS D 736 -84.11 -80.60 -70.31
N LEU D 737 -82.98 -80.84 -69.66
CA LEU D 737 -81.69 -80.74 -70.31
C LEU D 737 -81.50 -81.88 -71.31
N LEU D 738 -80.36 -81.89 -71.99
CA LEU D 738 -80.10 -82.96 -72.93
C LEU D 738 -79.77 -84.23 -72.16
N ALA D 739 -80.80 -85.03 -71.90
CA ALA D 739 -80.65 -86.32 -71.25
C ALA D 739 -79.99 -87.32 -72.22
N PRO D 740 -79.36 -88.37 -71.69
CA PRO D 740 -78.77 -89.40 -72.58
C PRO D 740 -79.83 -90.05 -73.47
N GLU D 741 -79.38 -90.42 -74.67
CA GLU D 741 -80.21 -91.02 -75.73
C GLU D 741 -81.34 -90.05 -76.13
N ASP D 742 -80.92 -88.90 -76.65
CA ASP D 742 -81.84 -87.88 -77.11
C ASP D 742 -81.42 -87.35 -78.47
N VAL D 743 -82.40 -86.84 -79.19
CA VAL D 743 -82.27 -86.43 -80.58
C VAL D 743 -82.54 -84.94 -80.70
N VAL D 744 -81.63 -84.21 -81.33
CA VAL D 744 -81.75 -82.76 -81.52
C VAL D 744 -81.81 -82.50 -83.01
N SER D 745 -82.87 -81.87 -83.47
CA SER D 745 -83.06 -81.56 -84.88
C SER D 745 -82.81 -80.06 -85.09
N CYS D 746 -81.96 -79.72 -86.07
CA CYS D 746 -81.55 -78.34 -86.26
C CYS D 746 -81.97 -77.86 -87.64
N CYS D 747 -82.73 -76.77 -87.68
CA CYS D 747 -83.16 -76.12 -88.91
C CYS D 747 -82.52 -74.75 -89.02
N LEU D 748 -81.90 -74.48 -90.16
CA LEU D 748 -81.29 -73.20 -90.49
C LEU D 748 -81.76 -72.79 -91.87
N ASP D 749 -82.49 -71.67 -91.93
CA ASP D 749 -82.87 -71.04 -93.19
C ASP D 749 -82.08 -69.75 -93.33
N LEU D 750 -81.43 -69.59 -94.49
CA LEU D 750 -80.76 -68.33 -94.82
C LEU D 750 -81.60 -67.39 -95.67
N SER D 751 -82.55 -67.93 -96.46
CA SER D 751 -83.43 -67.10 -97.28
C SER D 751 -84.22 -66.11 -96.42
N VAL D 752 -84.75 -66.58 -95.30
CA VAL D 752 -85.28 -65.73 -94.26
C VAL D 752 -84.44 -66.01 -93.01
N PRO D 753 -83.97 -64.99 -92.29
CA PRO D 753 -83.12 -65.26 -91.12
C PRO D 753 -83.89 -65.95 -90.01
N SER D 754 -83.64 -67.24 -89.83
CA SER D 754 -84.43 -68.04 -88.90
C SER D 754 -83.71 -69.34 -88.60
N ILE D 755 -83.78 -69.74 -87.33
CA ILE D 755 -83.25 -71.02 -86.85
C ILE D 755 -84.34 -71.67 -86.00
N SER D 756 -84.70 -72.90 -86.33
CA SER D 756 -85.76 -73.62 -85.63
C SER D 756 -85.22 -74.95 -85.14
N PHE D 757 -85.59 -75.34 -83.92
CA PHE D 757 -85.04 -76.52 -83.28
C PHE D 757 -86.16 -77.46 -82.84
N ARG D 758 -85.83 -78.75 -82.80
CA ARG D 758 -86.77 -79.76 -82.33
C ARG D 758 -86.05 -80.75 -81.42
N ILE D 759 -86.73 -81.21 -80.37
CA ILE D 759 -86.17 -82.18 -79.44
C ILE D 759 -86.90 -83.50 -79.66
N ASN D 760 -86.14 -84.53 -80.06
CA ASN D 760 -86.61 -85.92 -80.19
C ASN D 760 -87.86 -85.99 -81.08
N GLY D 761 -87.84 -85.21 -82.17
CA GLY D 761 -88.98 -85.03 -83.03
C GLY D 761 -89.99 -83.99 -82.58
N CYS D 762 -90.05 -83.69 -81.28
CA CYS D 762 -90.97 -82.68 -80.77
C CYS D 762 -90.37 -81.29 -80.98
N PRO D 763 -91.07 -80.38 -81.67
CA PRO D 763 -90.53 -79.05 -81.93
C PRO D 763 -90.27 -78.22 -80.67
N VAL D 764 -89.23 -77.39 -80.74
CA VAL D 764 -88.93 -76.38 -79.72
C VAL D 764 -89.29 -75.01 -80.28
N GLN D 765 -90.12 -74.29 -79.54
CA GLN D 765 -90.78 -73.09 -80.06
C GLN D 765 -89.98 -71.85 -79.69
N GLY D 766 -88.95 -71.58 -80.48
CA GLY D 766 -88.15 -70.38 -80.35
C GLY D 766 -87.35 -70.20 -81.63
N VAL D 767 -87.37 -69.00 -82.20
CA VAL D 767 -86.66 -68.71 -83.45
C VAL D 767 -85.99 -67.34 -83.33
N PHE D 768 -84.71 -67.29 -83.74
CA PHE D 768 -84.02 -66.03 -83.88
C PHE D 768 -84.35 -65.37 -85.20
N GLU D 769 -84.34 -64.04 -85.21
CA GLU D 769 -84.68 -63.23 -86.37
C GLU D 769 -83.73 -62.05 -86.43
N ALA D 770 -83.59 -61.48 -87.63
CA ALA D 770 -82.85 -60.24 -87.89
C ALA D 770 -81.41 -60.28 -87.37
N PHE D 771 -80.72 -61.37 -87.66
CA PHE D 771 -79.32 -61.50 -87.29
C PHE D 771 -78.46 -61.35 -88.53
N ASN D 772 -77.21 -60.95 -88.31
CA ASN D 772 -76.28 -60.66 -89.39
C ASN D 772 -76.01 -61.92 -90.21
N LEU D 773 -76.35 -61.86 -91.50
CA LEU D 773 -76.26 -63.02 -92.38
C LEU D 773 -74.90 -63.16 -93.05
N ASP D 774 -74.03 -62.17 -92.93
CA ASP D 774 -72.75 -62.18 -93.61
C ASP D 774 -71.85 -63.29 -93.07
N GLY D 775 -70.90 -63.69 -93.89
CA GLY D 775 -69.99 -64.76 -93.50
C GLY D 775 -70.64 -66.12 -93.67
N LEU D 776 -70.03 -67.10 -93.02
CA LEU D 776 -70.43 -68.50 -93.17
C LEU D 776 -70.90 -69.05 -91.83
N PHE D 777 -71.84 -69.97 -91.89
CA PHE D 777 -72.34 -70.65 -90.71
C PHE D 777 -71.88 -72.10 -90.74
N PHE D 778 -71.83 -72.72 -89.56
CA PHE D 778 -71.37 -74.10 -89.50
C PHE D 778 -71.92 -74.78 -88.26
N PRO D 779 -72.27 -76.06 -88.34
CA PRO D 779 -72.74 -76.79 -87.15
C PRO D 779 -71.62 -76.99 -86.16
N VAL D 780 -71.98 -77.02 -84.87
CA VAL D 780 -70.98 -77.13 -83.81
C VAL D 780 -71.67 -77.52 -82.50
N VAL D 781 -70.93 -78.17 -81.61
CA VAL D 781 -71.39 -78.55 -80.28
C VAL D 781 -70.38 -78.01 -79.27
N SER D 782 -70.87 -77.39 -78.21
CA SER D 782 -70.06 -76.95 -77.09
C SER D 782 -70.28 -77.91 -75.93
N PHE D 783 -69.20 -78.42 -75.37
CA PHE D 783 -69.35 -79.45 -74.37
C PHE D 783 -68.27 -79.33 -73.31
N SER D 784 -68.58 -79.89 -72.14
CA SER D 784 -67.63 -80.07 -71.07
C SER D 784 -67.02 -81.46 -71.21
N ALA D 785 -66.10 -81.80 -70.32
CA ALA D 785 -65.55 -83.14 -70.33
C ALA D 785 -66.59 -84.17 -69.88
N GLY D 786 -66.35 -85.42 -70.28
CA GLY D 786 -67.22 -86.51 -69.90
C GLY D 786 -68.49 -86.67 -70.73
N VAL D 787 -68.40 -86.54 -72.05
CA VAL D 787 -69.55 -86.65 -72.93
C VAL D 787 -69.17 -87.49 -74.14
N LYS D 788 -70.16 -88.16 -74.71
CA LYS D 788 -70.06 -88.85 -75.99
C LYS D 788 -71.29 -88.49 -76.82
N VAL D 789 -71.05 -87.92 -78.00
CA VAL D 789 -72.14 -87.42 -78.84
C VAL D 789 -71.90 -87.87 -80.26
N ARG D 790 -72.95 -87.77 -81.07
CA ARG D 790 -72.88 -88.21 -82.45
C ARG D 790 -73.43 -87.16 -83.39
N PHE D 791 -72.77 -86.96 -84.52
CA PHE D 791 -73.32 -86.18 -85.61
C PHE D 791 -73.98 -87.13 -86.60
N LEU D 792 -75.21 -86.79 -86.98
CA LEU D 792 -76.00 -87.49 -87.99
C LEU D 792 -76.28 -86.46 -89.07
N LEU D 793 -75.51 -86.56 -90.15
CA LEU D 793 -75.51 -85.60 -91.24
C LEU D 793 -76.30 -86.09 -92.44
N GLY D 794 -76.93 -87.25 -92.34
CA GLY D 794 -77.79 -87.76 -93.38
C GLY D 794 -77.03 -88.46 -94.48
N GLY D 795 -77.79 -89.16 -95.32
CA GLY D 795 -77.21 -89.96 -96.40
C GLY D 795 -76.30 -91.04 -95.86
N ARG D 796 -75.04 -91.02 -96.28
CA ARG D 796 -74.07 -91.97 -95.76
C ARG D 796 -73.50 -91.55 -94.42
N HIS D 797 -73.82 -90.35 -93.94
CA HIS D 797 -73.32 -89.82 -92.68
C HIS D 797 -74.42 -89.74 -91.62
N GLY D 798 -75.28 -90.75 -91.57
CA GLY D 798 -76.39 -90.81 -90.64
C GLY D 798 -77.70 -91.04 -91.35
N GLU D 799 -78.77 -91.11 -90.55
CA GLU D 799 -80.10 -91.40 -91.06
C GLU D 799 -81.14 -90.34 -90.76
N PHE D 800 -80.84 -89.39 -89.86
CA PHE D 800 -81.69 -88.30 -89.35
C PHE D 800 -82.82 -88.76 -88.44
N LYS D 801 -83.15 -90.07 -88.42
CA LYS D 801 -84.10 -90.70 -87.51
C LYS D 801 -85.49 -90.06 -87.40
N PHE D 802 -85.77 -89.08 -88.27
CA PHE D 802 -86.87 -88.12 -88.24
C PHE D 802 -86.81 -87.36 -89.55
N LEU D 803 -87.97 -87.01 -90.09
CA LEU D 803 -88.02 -86.36 -91.40
C LEU D 803 -87.40 -84.97 -91.33
N PRO D 804 -86.51 -84.63 -92.26
CA PRO D 804 -86.11 -83.23 -92.40
C PRO D 804 -87.29 -82.37 -92.78
N PRO D 805 -87.31 -81.11 -92.32
CA PRO D 805 -88.35 -80.20 -92.75
C PRO D 805 -88.27 -79.96 -94.25
N PRO D 806 -89.40 -79.64 -94.90
CA PRO D 806 -89.42 -79.50 -96.37
C PRO D 806 -88.44 -78.44 -96.88
N GLY D 807 -87.72 -78.80 -97.95
CA GLY D 807 -86.78 -77.90 -98.55
C GLY D 807 -85.43 -77.81 -97.87
N TYR D 808 -85.22 -78.54 -96.77
CA TYR D 808 -83.97 -78.47 -96.02
C TYR D 808 -83.06 -79.60 -96.46
N ALA D 809 -81.98 -79.24 -97.14
CA ALA D 809 -81.03 -80.23 -97.62
C ALA D 809 -80.27 -80.88 -96.46
N PRO D 810 -80.00 -82.17 -96.53
CA PRO D 810 -79.09 -82.81 -95.56
C PRO D 810 -77.73 -82.13 -95.56
N CYS D 811 -77.21 -81.86 -94.35
CA CYS D 811 -76.00 -81.04 -94.21
C CYS D 811 -74.75 -81.69 -94.78
N HIS D 812 -74.76 -83.01 -95.00
CA HIS D 812 -73.62 -83.68 -95.62
C HIS D 812 -73.52 -83.42 -97.13
N GLU D 813 -74.41 -82.63 -97.71
CA GLU D 813 -74.43 -82.36 -99.14
C GLU D 813 -73.65 -81.11 -99.53
N ALA D 814 -73.06 -80.42 -98.55
CA ALA D 814 -72.36 -79.17 -98.79
C ALA D 814 -70.84 -79.32 -98.75
N VAL D 815 -70.34 -80.56 -98.78
CA VAL D 815 -68.90 -80.77 -98.66
C VAL D 815 -68.21 -80.37 -99.96
N LEU D 816 -66.98 -79.89 -99.82
CA LEU D 816 -66.19 -79.41 -100.94
C LEU D 816 -65.53 -80.58 -101.68
N PRO D 817 -65.17 -80.41 -102.99
CA PRO D 817 -64.67 -81.55 -103.78
C PRO D 817 -63.35 -82.13 -103.29
N ARG D 818 -62.31 -81.29 -103.16
CA ARG D 818 -60.96 -81.79 -102.90
C ARG D 818 -60.80 -82.42 -101.52
N GLU D 819 -61.74 -82.19 -100.61
CA GLU D 819 -61.62 -82.69 -99.24
C GLU D 819 -62.62 -83.81 -99.00
N ARG D 820 -62.38 -84.53 -97.91
CA ARG D 820 -63.28 -85.55 -97.41
C ARG D 820 -63.78 -85.11 -96.04
N LEU D 821 -65.03 -85.45 -95.75
CA LEU D 821 -65.72 -84.96 -94.56
C LEU D 821 -65.00 -85.38 -93.29
N ARG D 822 -64.88 -84.45 -92.35
CA ARG D 822 -64.10 -84.66 -91.14
C ARG D 822 -64.64 -83.75 -90.05
N LEU D 823 -64.12 -83.95 -88.84
CA LEU D 823 -64.52 -83.17 -87.69
C LEU D 823 -63.31 -82.42 -87.16
N GLU D 824 -63.47 -81.11 -87.01
CA GLU D 824 -62.36 -80.26 -86.64
C GLU D 824 -62.75 -79.36 -85.48
N PRO D 825 -61.80 -79.02 -84.63
CA PRO D 825 -62.01 -77.92 -83.69
C PRO D 825 -61.95 -76.59 -84.41
N ILE D 826 -62.45 -75.56 -83.72
CA ILE D 826 -62.43 -74.18 -84.20
C ILE D 826 -60.95 -73.74 -84.13
N LYS D 827 -60.62 -72.57 -84.70
CA LYS D 827 -59.26 -72.02 -84.76
C LYS D 827 -58.56 -72.08 -83.41
N GLU D 828 -57.45 -72.80 -83.37
CA GLU D 828 -56.70 -73.07 -82.16
C GLU D 828 -55.26 -72.62 -82.33
N TYR D 829 -54.43 -73.02 -81.39
CA TYR D 829 -53.01 -72.71 -81.45
C TYR D 829 -52.10 -73.92 -81.29
N ARG D 830 -52.60 -75.06 -80.85
CA ARG D 830 -51.73 -76.19 -80.59
C ARG D 830 -52.51 -77.45 -80.91
N ARG D 831 -51.79 -78.46 -81.42
CA ARG D 831 -52.38 -79.78 -81.56
C ARG D 831 -51.31 -80.81 -81.23
N GLU D 832 -51.76 -82.02 -80.93
CA GLU D 832 -50.83 -83.08 -80.57
C GLU D 832 -49.96 -83.46 -81.77
N GLY D 833 -48.77 -83.97 -81.48
CA GLY D 833 -47.88 -84.47 -82.50
C GLY D 833 -47.07 -85.64 -82.00
N PRO D 834 -46.40 -86.34 -82.93
CA PRO D 834 -45.62 -87.52 -82.54
C PRO D 834 -44.45 -87.19 -81.61
N ARG D 835 -43.67 -86.16 -81.94
CA ARG D 835 -42.53 -85.78 -81.12
C ARG D 835 -42.86 -84.74 -80.05
N GLY D 836 -44.11 -84.27 -79.99
CA GLY D 836 -44.52 -83.28 -79.02
C GLY D 836 -45.58 -82.36 -79.58
N PRO D 837 -45.96 -81.33 -78.84
CA PRO D 837 -46.97 -80.38 -79.34
C PRO D 837 -46.51 -79.64 -80.58
N HIS D 838 -47.47 -79.35 -81.46
CA HIS D 838 -47.24 -78.54 -82.64
C HIS D 838 -48.04 -77.25 -82.53
N LEU D 839 -47.33 -76.13 -82.53
CA LEU D 839 -48.01 -74.84 -82.60
C LEU D 839 -48.58 -74.70 -84.00
N VAL D 840 -49.77 -74.12 -84.07
CA VAL D 840 -50.54 -74.02 -85.31
C VAL D 840 -50.79 -72.57 -85.68
N GLY D 841 -50.43 -72.21 -86.90
CA GLY D 841 -50.70 -70.93 -87.53
C GLY D 841 -52.15 -70.78 -87.92
N PRO D 842 -52.64 -69.54 -88.08
CA PRO D 842 -54.09 -69.33 -88.34
C PRO D 842 -54.58 -70.02 -89.62
N SER D 843 -55.71 -70.70 -89.49
CA SER D 843 -56.28 -71.49 -90.58
C SER D 843 -56.82 -70.59 -91.68
N ARG D 844 -56.75 -71.06 -92.94
CA ARG D 844 -57.43 -70.26 -93.95
C ARG D 844 -58.89 -70.57 -93.77
N CYS D 845 -59.74 -69.61 -94.08
CA CYS D 845 -61.15 -69.81 -93.85
C CYS D 845 -61.83 -69.41 -95.14
N LEU D 846 -62.75 -70.25 -95.55
CA LEU D 846 -63.53 -70.00 -96.75
C LEU D 846 -64.51 -68.86 -96.48
N SER D 847 -64.90 -68.18 -97.54
CA SER D 847 -65.78 -67.02 -97.46
C SER D 847 -66.95 -67.23 -98.39
N HIS D 848 -68.07 -66.57 -98.06
CA HIS D 848 -69.24 -66.63 -98.93
C HIS D 848 -68.93 -66.05 -100.30
N THR D 849 -68.16 -64.95 -100.33
CA THR D 849 -67.67 -64.35 -101.57
C THR D 849 -66.85 -65.33 -102.42
N ASP D 850 -66.31 -66.39 -101.82
CA ASP D 850 -65.58 -67.39 -102.58
C ASP D 850 -66.48 -68.46 -103.18
N PHE D 851 -67.81 -68.39 -103.00
CA PHE D 851 -68.68 -69.33 -103.69
C PHE D 851 -69.44 -68.66 -104.82
N VAL D 852 -69.32 -67.36 -104.97
CA VAL D 852 -69.96 -66.70 -106.10
C VAL D 852 -68.97 -66.63 -107.26
N PRO D 853 -69.34 -67.13 -108.44
CA PRO D 853 -68.42 -67.02 -109.58
C PRO D 853 -68.55 -65.65 -110.23
N CYS D 854 -67.46 -64.89 -110.19
CA CYS D 854 -67.42 -63.52 -110.71
C CYS D 854 -66.45 -63.45 -111.89
N PRO D 855 -66.93 -63.65 -113.10
CA PRO D 855 -66.05 -63.63 -114.27
C PRO D 855 -65.85 -62.20 -114.76
N VAL D 856 -65.10 -62.07 -115.85
CA VAL D 856 -64.98 -60.79 -116.55
C VAL D 856 -66.01 -60.74 -117.67
N ASP D 857 -66.76 -59.64 -117.71
CA ASP D 857 -67.84 -59.49 -118.70
C ASP D 857 -67.27 -59.52 -120.11
N THR D 858 -67.88 -60.34 -120.96
CA THR D 858 -67.43 -60.52 -122.33
C THR D 858 -68.48 -60.04 -123.33
N VAL D 859 -69.07 -58.88 -123.07
CA VAL D 859 -70.09 -58.31 -123.95
C VAL D 859 -69.57 -57.07 -124.66
N GLN D 860 -69.05 -56.09 -123.91
CA GLN D 860 -68.61 -54.82 -124.50
C GLN D 860 -67.20 -54.97 -125.10
N ILE D 861 -67.13 -55.79 -126.15
CA ILE D 861 -65.90 -56.07 -126.88
C ILE D 861 -66.24 -56.08 -128.37
N VAL D 862 -65.81 -55.05 -129.10
CA VAL D 862 -65.95 -55.06 -130.55
C VAL D 862 -64.95 -56.06 -131.13
N LEU D 863 -65.44 -56.94 -132.00
CA LEU D 863 -64.66 -58.06 -132.48
C LEU D 863 -63.68 -57.58 -133.55
N PRO D 864 -62.38 -57.85 -133.41
CA PRO D 864 -61.36 -57.26 -134.30
C PRO D 864 -61.30 -57.94 -135.66
N PRO D 865 -60.70 -57.25 -136.67
CA PRO D 865 -60.55 -57.88 -137.99
C PRO D 865 -59.65 -59.10 -137.99
N HIS D 866 -58.55 -59.09 -137.22
CA HIS D 866 -57.63 -60.22 -137.24
C HIS D 866 -58.26 -61.44 -136.57
N LEU D 867 -59.27 -61.22 -135.72
CA LEU D 867 -59.99 -62.32 -135.10
C LEU D 867 -61.07 -62.86 -136.01
N GLU D 868 -61.89 -61.99 -136.65
CA GLU D 868 -62.85 -62.51 -137.63
C GLU D 868 -62.15 -63.19 -138.80
N ARG D 869 -60.92 -62.78 -139.10
CA ARG D 869 -60.11 -63.45 -140.11
C ARG D 869 -59.77 -64.89 -139.70
N ILE D 870 -59.67 -65.17 -138.40
CA ILE D 870 -59.37 -66.54 -137.97
C ILE D 870 -60.57 -67.11 -137.20
N ARG D 871 -61.76 -66.56 -137.48
CA ARG D 871 -63.00 -66.95 -136.81
C ARG D 871 -63.40 -68.39 -137.14
N GLU D 872 -62.86 -68.97 -138.21
CA GLU D 872 -63.37 -70.22 -138.74
C GLU D 872 -62.56 -71.43 -138.29
N LYS D 873 -61.23 -71.41 -138.50
CA LYS D 873 -60.40 -72.58 -138.19
C LYS D 873 -60.42 -72.92 -136.70
N LEU D 874 -60.34 -71.90 -135.83
CA LEU D 874 -60.48 -72.09 -134.39
C LEU D 874 -61.85 -72.58 -133.95
N ALA D 875 -62.87 -72.50 -134.81
CA ALA D 875 -64.16 -73.11 -134.53
C ALA D 875 -64.23 -74.52 -135.10
N GLU D 876 -63.70 -74.70 -136.32
CA GLU D 876 -63.66 -76.00 -136.98
C GLU D 876 -62.86 -76.98 -136.15
N ASN D 877 -61.85 -76.48 -135.42
CA ASN D 877 -61.02 -77.37 -134.63
C ASN D 877 -61.65 -77.67 -133.28
N ILE D 878 -62.77 -77.01 -132.93
CA ILE D 878 -63.45 -77.31 -131.68
C ILE D 878 -64.90 -77.71 -131.93
N HIS D 879 -65.21 -78.15 -133.15
CA HIS D 879 -66.55 -78.63 -133.43
C HIS D 879 -66.75 -80.10 -133.10
N GLU D 880 -65.69 -80.93 -133.20
CA GLU D 880 -65.78 -82.32 -132.78
C GLU D 880 -64.54 -82.78 -132.01
N LEU D 881 -63.82 -81.83 -131.39
CA LEU D 881 -62.64 -82.20 -130.64
C LEU D 881 -63.01 -83.09 -129.45
N TRP D 882 -64.13 -82.79 -128.80
CA TRP D 882 -64.65 -83.68 -127.75
C TRP D 882 -65.09 -85.03 -128.33
N ALA D 883 -65.34 -85.09 -129.64
CA ALA D 883 -65.79 -86.30 -130.29
C ALA D 883 -64.64 -87.19 -130.73
N LEU D 884 -63.43 -86.65 -130.81
CA LEU D 884 -62.29 -87.41 -131.36
C LEU D 884 -61.87 -88.57 -130.46
N THR D 885 -62.00 -88.39 -129.14
CA THR D 885 -61.47 -89.35 -128.16
C THR D 885 -62.14 -90.71 -128.27
N ARG D 886 -63.46 -90.73 -128.47
CA ARG D 886 -64.27 -91.93 -128.33
C ARG D 886 -64.57 -92.67 -129.62
N ILE D 887 -64.02 -92.24 -130.76
CA ILE D 887 -64.22 -92.97 -132.01
C ILE D 887 -63.43 -94.27 -131.94
N GLU D 888 -63.92 -95.31 -132.65
CA GLU D 888 -63.40 -96.68 -132.65
C GLU D 888 -63.48 -97.33 -131.26
N GLN D 889 -64.47 -96.92 -130.47
CA GLN D 889 -64.75 -97.52 -129.17
C GLN D 889 -66.21 -97.94 -129.12
N GLY D 890 -66.73 -98.25 -127.92
CA GLY D 890 -68.16 -98.50 -127.77
C GLY D 890 -69.04 -97.33 -128.18
N TRP D 891 -68.51 -96.11 -128.07
CA TRP D 891 -69.21 -94.91 -128.54
C TRP D 891 -68.72 -94.54 -129.94
N THR D 892 -68.99 -95.43 -130.89
CA THR D 892 -68.61 -95.24 -132.29
C THR D 892 -69.86 -94.90 -133.09
N TYR D 893 -69.76 -93.84 -133.88
CA TYR D 893 -70.88 -93.22 -134.58
C TYR D 893 -71.55 -94.17 -135.57
N GLY D 894 -72.77 -93.81 -135.97
CA GLY D 894 -73.54 -94.51 -136.97
C GLY D 894 -74.34 -93.48 -137.76
N PRO D 895 -74.50 -93.74 -139.06
CA PRO D 895 -75.22 -92.80 -139.94
C PRO D 895 -76.69 -92.54 -139.56
N VAL D 896 -77.35 -93.51 -138.93
CA VAL D 896 -78.77 -93.36 -138.61
C VAL D 896 -79.01 -92.30 -137.54
N ARG D 897 -78.11 -92.18 -136.56
CA ARG D 897 -78.31 -91.29 -135.42
C ARG D 897 -77.32 -90.13 -135.47
N ASP D 898 -77.33 -89.34 -134.41
CA ASP D 898 -76.51 -88.13 -134.31
C ASP D 898 -75.96 -88.08 -132.89
N ASP D 899 -75.51 -86.90 -132.48
CA ASP D 899 -74.94 -86.68 -131.15
C ASP D 899 -75.94 -87.04 -130.04
N ASN D 900 -75.37 -87.28 -128.85
CA ASN D 900 -76.08 -87.54 -127.59
C ASN D 900 -76.86 -88.84 -127.58
N LYS D 901 -76.56 -89.76 -128.51
CA LYS D 901 -77.28 -91.03 -128.63
C LYS D 901 -76.39 -92.23 -128.34
N ARG D 902 -75.43 -92.09 -127.42
CA ARG D 902 -74.43 -93.10 -127.00
C ARG D 902 -73.52 -93.57 -128.13
N LEU D 903 -73.61 -92.95 -129.31
CA LEU D 903 -72.78 -93.18 -130.49
C LEU D 903 -72.46 -91.82 -131.11
N HIS D 904 -72.08 -90.88 -130.23
CA HIS D 904 -72.05 -89.46 -130.54
C HIS D 904 -71.24 -88.97 -131.75
N PRO D 905 -69.92 -89.42 -132.03
CA PRO D 905 -68.94 -88.57 -132.77
C PRO D 905 -69.33 -87.68 -133.93
N CYS D 906 -69.88 -88.26 -135.01
CA CYS D 906 -70.26 -87.57 -136.26
C CYS D 906 -69.14 -86.64 -136.74
N LEU D 907 -68.01 -87.25 -137.09
CA LEU D 907 -66.80 -86.54 -137.45
C LEU D 907 -66.87 -85.83 -138.81
N VAL D 908 -67.95 -86.01 -139.57
CA VAL D 908 -68.03 -85.58 -140.97
C VAL D 908 -67.80 -84.08 -141.07
N ASN D 909 -68.71 -83.29 -140.49
CA ASN D 909 -68.68 -81.84 -140.51
C ASN D 909 -69.80 -81.34 -139.61
N PHE D 910 -69.77 -80.05 -139.33
CA PHE D 910 -70.82 -79.38 -138.57
C PHE D 910 -71.99 -78.95 -139.45
N HIS D 911 -71.84 -79.02 -140.78
CA HIS D 911 -72.98 -78.79 -141.66
C HIS D 911 -74.01 -79.89 -141.50
N SER D 912 -73.55 -81.14 -141.37
CA SER D 912 -74.45 -82.25 -141.06
C SER D 912 -75.07 -82.06 -139.67
N LEU D 913 -74.32 -81.46 -138.75
CA LEU D 913 -74.81 -81.21 -137.42
C LEU D 913 -75.78 -80.03 -137.46
N PRO D 914 -76.69 -79.92 -136.46
CA PRO D 914 -77.70 -78.85 -136.48
C PRO D 914 -77.10 -77.44 -136.51
N GLU D 915 -77.73 -76.57 -137.31
CA GLU D 915 -77.26 -75.20 -137.53
C GLU D 915 -77.17 -74.32 -136.26
N PRO D 916 -78.18 -74.27 -135.35
CA PRO D 916 -78.05 -73.36 -134.19
C PRO D 916 -76.85 -73.67 -133.30
N GLU D 917 -76.68 -74.93 -132.88
CA GLU D 917 -75.49 -75.29 -132.10
C GLU D 917 -74.21 -75.14 -132.93
N ARG D 918 -74.31 -75.25 -134.26
CA ARG D 918 -73.16 -75.04 -135.15
C ARG D 918 -72.62 -73.61 -135.04
N ASN D 919 -73.44 -72.62 -135.45
CA ASN D 919 -72.98 -71.23 -135.34
C ASN D 919 -72.81 -70.79 -133.88
N TYR D 920 -73.49 -71.47 -132.95
CA TYR D 920 -73.22 -71.31 -131.53
C TYR D 920 -71.78 -71.70 -131.20
N ASN D 921 -71.30 -72.80 -131.78
CA ASN D 921 -69.91 -73.23 -131.56
C ASN D 921 -68.93 -72.25 -132.19
N LEU D 922 -69.26 -71.72 -133.38
CA LEU D 922 -68.47 -70.64 -133.99
C LEU D 922 -68.35 -69.44 -133.05
N GLN D 923 -69.48 -68.96 -132.55
CA GLN D 923 -69.44 -67.78 -131.70
C GLN D 923 -69.00 -68.11 -130.26
N MET D 924 -68.93 -69.38 -129.88
CA MET D 924 -68.20 -69.77 -128.67
C MET D 924 -66.70 -69.71 -128.86
N SER D 925 -66.20 -70.10 -130.05
CA SER D 925 -64.79 -69.84 -130.36
C SER D 925 -64.48 -68.35 -130.36
N GLY D 926 -65.38 -67.56 -130.95
CA GLY D 926 -65.30 -66.10 -130.85
C GLY D 926 -65.37 -65.60 -129.42
N GLU D 927 -66.19 -66.27 -128.59
CA GLU D 927 -66.35 -65.90 -127.18
C GLU D 927 -65.07 -66.15 -126.40
N THR D 928 -64.39 -67.27 -126.68
CA THR D 928 -63.07 -67.52 -126.10
C THR D 928 -62.06 -66.48 -126.54
N LEU D 929 -62.07 -66.10 -127.83
CA LEU D 929 -61.21 -64.99 -128.26
C LEU D 929 -61.57 -63.66 -127.60
N LYS D 930 -62.86 -63.45 -127.29
CA LYS D 930 -63.26 -62.23 -126.61
C LYS D 930 -62.79 -62.23 -125.15
N THR D 931 -62.81 -63.41 -124.52
CA THR D 931 -62.19 -63.57 -123.22
C THR D 931 -60.69 -63.30 -123.28
N LEU D 932 -60.03 -63.74 -124.36
CA LEU D 932 -58.60 -63.44 -124.54
C LEU D 932 -58.36 -61.94 -124.63
N LEU D 933 -59.24 -61.23 -125.33
CA LEU D 933 -59.16 -59.78 -125.43
C LEU D 933 -59.34 -59.13 -124.06
N ALA D 934 -60.41 -59.49 -123.35
CA ALA D 934 -60.70 -58.88 -122.05
C ALA D 934 -59.61 -59.21 -121.04
N LEU D 935 -58.97 -60.36 -121.18
CA LEU D 935 -57.86 -60.73 -120.31
C LEU D 935 -56.62 -59.91 -120.65
N GLY D 936 -56.43 -59.61 -121.94
CA GLY D 936 -55.23 -58.92 -122.39
C GLY D 936 -54.36 -59.68 -123.35
N CYS D 937 -54.96 -60.52 -124.19
CA CYS D 937 -54.23 -61.27 -125.22
C CYS D 937 -54.49 -60.65 -126.58
N HIS D 938 -53.40 -60.40 -127.32
CA HIS D 938 -53.45 -59.84 -128.66
C HIS D 938 -52.54 -60.65 -129.57
N VAL D 939 -52.84 -60.63 -130.87
CA VAL D 939 -52.23 -61.56 -131.81
C VAL D 939 -51.38 -60.79 -132.82
N GLY D 940 -50.32 -61.45 -133.27
CA GLY D 940 -49.45 -60.92 -134.32
C GLY D 940 -48.85 -62.03 -135.16
N MET D 941 -48.78 -61.82 -136.47
CA MET D 941 -48.38 -62.85 -137.43
C MET D 941 -46.97 -62.57 -137.91
N ALA D 942 -46.08 -63.56 -137.75
CA ALA D 942 -44.71 -63.42 -138.23
C ALA D 942 -44.34 -64.48 -139.27
N ASP D 943 -44.44 -65.77 -138.94
CA ASP D 943 -43.70 -66.79 -139.66
C ASP D 943 -44.55 -67.38 -140.78
N GLU D 944 -44.09 -68.49 -141.36
CA GLU D 944 -44.80 -69.22 -142.42
C GLU D 944 -46.20 -69.65 -142.01
N LYS D 945 -47.15 -69.51 -142.94
CA LYS D 945 -48.54 -69.83 -142.67
C LYS D 945 -48.67 -71.33 -142.41
N ALA D 946 -49.19 -71.69 -141.22
CA ALA D 946 -49.35 -73.08 -140.83
C ALA D 946 -50.27 -73.86 -141.77
N GLU D 947 -51.19 -73.16 -142.46
CA GLU D 947 -52.10 -73.77 -143.43
C GLU D 947 -51.35 -74.59 -144.48
N ASP D 948 -50.17 -74.10 -144.90
CA ASP D 948 -49.37 -74.81 -145.88
C ASP D 948 -48.79 -76.08 -145.29
N ASN D 949 -48.17 -75.96 -144.11
CA ASN D 949 -47.37 -77.04 -143.53
C ASN D 949 -48.20 -77.88 -142.56
N LEU D 950 -49.52 -77.74 -142.63
CA LEU D 950 -50.45 -78.59 -141.91
C LEU D 950 -51.16 -79.50 -142.90
N LYS D 951 -51.52 -80.69 -142.44
CA LYS D 951 -52.23 -81.65 -143.28
C LYS D 951 -53.23 -82.42 -142.41
N LYS D 952 -54.21 -83.01 -143.09
CA LYS D 952 -55.20 -83.86 -142.44
C LYS D 952 -54.78 -85.31 -142.60
N THR D 953 -54.85 -86.08 -141.51
CA THR D 953 -54.34 -87.44 -141.46
C THR D 953 -55.52 -88.39 -141.31
N LYS D 954 -55.84 -89.13 -142.37
CA LYS D 954 -56.84 -90.18 -142.29
C LYS D 954 -56.20 -91.37 -141.61
N LEU D 955 -56.25 -91.35 -140.28
CA LEU D 955 -55.65 -92.41 -139.47
C LEU D 955 -56.43 -93.71 -139.64
N PRO D 956 -55.78 -94.86 -139.42
CA PRO D 956 -56.56 -96.12 -139.33
C PRO D 956 -57.60 -96.08 -138.22
N LYS D 957 -57.27 -95.50 -137.07
CA LYS D 957 -58.28 -95.16 -136.10
C LYS D 957 -59.10 -93.99 -136.58
N THR D 958 -60.31 -93.86 -136.03
CA THR D 958 -61.33 -92.85 -136.37
C THR D 958 -61.80 -92.98 -137.82
N TYR D 959 -61.62 -94.15 -138.43
CA TYR D 959 -62.16 -94.40 -139.76
C TYR D 959 -63.66 -94.66 -139.65
N MET D 960 -64.43 -94.01 -140.50
CA MET D 960 -65.88 -94.14 -140.49
C MET D 960 -66.41 -94.30 -141.91
N MET D 961 -67.59 -94.90 -141.98
CA MET D 961 -68.27 -95.18 -143.25
C MET D 961 -69.20 -94.05 -143.67
N SER D 962 -69.57 -93.16 -142.73
CA SER D 962 -70.50 -92.09 -143.00
C SER D 962 -69.74 -90.91 -143.61
N ASN D 963 -69.84 -90.79 -144.94
CA ASN D 963 -69.32 -89.67 -145.75
C ASN D 963 -67.82 -89.45 -145.51
N GLY D 964 -67.06 -90.53 -145.69
CA GLY D 964 -65.61 -90.46 -145.60
C GLY D 964 -65.12 -90.36 -144.17
N TYR D 965 -63.80 -90.51 -144.02
CA TYR D 965 -63.17 -90.48 -142.72
C TYR D 965 -62.15 -89.35 -142.65
N LYS D 966 -62.09 -88.72 -141.48
CA LYS D 966 -61.20 -87.59 -141.22
C LYS D 966 -61.04 -87.47 -139.71
N PRO D 967 -60.00 -86.77 -139.23
CA PRO D 967 -59.97 -86.42 -137.81
C PRO D 967 -61.21 -85.60 -137.45
N ALA D 968 -61.79 -85.90 -136.30
CA ALA D 968 -63.01 -85.22 -135.86
C ALA D 968 -62.81 -83.71 -135.68
N PRO D 969 -61.77 -83.19 -134.97
CA PRO D 969 -61.47 -81.76 -135.10
C PRO D 969 -60.61 -81.52 -136.32
N LEU D 970 -60.17 -80.29 -136.54
CA LEU D 970 -59.25 -80.02 -137.63
C LEU D 970 -57.85 -80.44 -137.17
N ASP D 971 -57.12 -81.14 -138.05
CA ASP D 971 -55.85 -81.73 -137.67
C ASP D 971 -54.78 -80.66 -137.45
N LEU D 972 -53.72 -81.05 -136.73
CA LEU D 972 -52.63 -80.14 -136.43
C LEU D 972 -51.35 -80.96 -136.27
N SER D 973 -50.22 -80.38 -136.65
CA SER D 973 -48.93 -81.02 -136.56
C SER D 973 -48.24 -80.60 -135.25
N HIS D 974 -46.95 -80.93 -135.13
CA HIS D 974 -46.11 -80.55 -134.00
C HIS D 974 -46.11 -79.06 -133.67
N VAL D 975 -46.64 -78.71 -132.49
CA VAL D 975 -46.79 -77.34 -131.99
C VAL D 975 -46.62 -77.42 -130.47
N ARG D 976 -45.98 -76.42 -129.86
CA ARG D 976 -45.70 -76.44 -128.43
C ARG D 976 -46.29 -75.19 -127.78
N LEU D 977 -46.20 -75.11 -126.45
CA LEU D 977 -46.80 -74.02 -125.70
C LEU D 977 -45.93 -73.65 -124.52
N THR D 978 -45.69 -72.35 -124.33
CA THR D 978 -44.87 -71.84 -123.25
C THR D 978 -45.70 -71.69 -121.95
N PRO D 979 -45.04 -71.58 -120.78
CA PRO D 979 -45.80 -71.44 -119.52
C PRO D 979 -46.76 -70.26 -119.46
N ALA D 980 -46.44 -69.12 -120.10
CA ALA D 980 -47.39 -68.01 -120.19
C ALA D 980 -48.72 -68.47 -120.78
N GLN D 981 -48.65 -69.27 -121.85
CA GLN D 981 -49.85 -69.85 -122.45
C GLN D 981 -50.53 -70.84 -121.50
N THR D 982 -49.75 -71.56 -120.70
CA THR D 982 -50.36 -72.49 -119.74
C THR D 982 -51.19 -71.75 -118.69
N THR D 983 -50.62 -70.70 -118.09
CA THR D 983 -51.36 -69.89 -117.13
C THR D 983 -52.56 -69.22 -117.79
N LEU D 984 -52.39 -68.71 -119.02
CA LEU D 984 -53.46 -68.03 -119.71
C LEU D 984 -54.62 -68.97 -120.03
N VAL D 985 -54.32 -70.21 -120.45
CA VAL D 985 -55.41 -71.15 -120.74
C VAL D 985 -56.05 -71.60 -119.43
N ASP D 986 -55.28 -71.64 -118.33
CA ASP D 986 -55.85 -71.94 -117.01
C ASP D 986 -56.91 -70.92 -116.63
N ARG D 987 -56.57 -69.63 -116.68
CA ARG D 987 -57.57 -68.62 -116.32
C ARG D 987 -58.66 -68.49 -117.38
N LEU D 988 -58.37 -68.87 -118.63
CA LEU D 988 -59.39 -68.92 -119.66
C LEU D 988 -60.45 -69.98 -119.34
N ALA D 989 -59.99 -71.13 -118.85
CA ALA D 989 -60.92 -72.17 -118.40
C ALA D 989 -61.65 -71.73 -117.15
N GLU D 990 -60.97 -70.99 -116.27
CA GLU D 990 -61.62 -70.39 -115.11
C GLU D 990 -62.78 -69.48 -115.53
N ASN D 991 -62.54 -68.62 -116.52
CA ASN D 991 -63.58 -67.70 -116.94
C ASN D 991 -64.65 -68.41 -117.77
N GLY D 992 -64.40 -69.64 -118.20
CA GLY D 992 -65.46 -70.41 -118.85
C GLY D 992 -66.35 -71.03 -117.80
N HIS D 993 -65.69 -71.65 -116.80
CA HIS D 993 -66.41 -72.28 -115.70
C HIS D 993 -67.26 -71.29 -114.94
N ASN D 994 -66.73 -70.08 -114.68
CA ASN D 994 -67.46 -69.13 -113.86
C ASN D 994 -68.63 -68.50 -114.61
N VAL D 995 -68.58 -68.48 -115.94
CA VAL D 995 -69.72 -68.01 -116.72
C VAL D 995 -70.79 -69.09 -116.76
N TRP D 996 -70.36 -70.35 -116.91
CA TRP D 996 -71.29 -71.48 -116.90
C TRP D 996 -72.02 -71.56 -115.56
N ALA D 997 -71.28 -71.42 -114.46
CA ALA D 997 -71.85 -71.47 -113.12
C ALA D 997 -72.79 -70.30 -112.88
N ARG D 998 -72.40 -69.10 -113.36
CA ARG D 998 -73.26 -67.92 -113.26
C ARG D 998 -74.58 -68.14 -113.98
N ASP D 999 -74.52 -68.72 -115.18
CA ASP D 999 -75.72 -68.99 -115.96
C ASP D 999 -76.62 -69.98 -115.24
N ARG D 1000 -76.03 -71.08 -114.72
CA ARG D 1000 -76.81 -72.09 -114.01
C ARG D 1000 -77.50 -71.49 -112.79
N VAL D 1001 -76.79 -70.63 -112.04
CA VAL D 1001 -77.36 -69.94 -110.90
C VAL D 1001 -78.52 -69.07 -111.36
N ALA D 1002 -78.33 -68.34 -112.47
CA ALA D 1002 -79.42 -67.55 -113.02
C ALA D 1002 -80.60 -68.41 -113.46
N GLN D 1003 -80.39 -69.70 -113.73
CA GLN D 1003 -81.52 -70.62 -113.90
C GLN D 1003 -81.89 -71.32 -112.59
N GLY D 1004 -81.37 -70.86 -111.46
CA GLY D 1004 -81.82 -71.33 -110.16
C GLY D 1004 -80.97 -72.40 -109.51
N TRP D 1005 -80.12 -73.10 -110.28
CA TRP D 1005 -79.33 -74.22 -109.79
C TRP D 1005 -78.40 -73.85 -108.64
N SER D 1006 -77.93 -74.89 -107.93
CA SER D 1006 -77.00 -74.72 -106.81
C SER D 1006 -76.13 -75.96 -106.68
N TYR D 1007 -75.25 -75.96 -105.67
CA TYR D 1007 -74.28 -77.03 -105.47
C TYR D 1007 -74.84 -78.10 -104.55
N SER D 1008 -74.47 -79.35 -104.81
CA SER D 1008 -74.73 -80.48 -103.93
C SER D 1008 -73.76 -81.57 -104.31
N ALA D 1009 -73.07 -82.16 -103.31
CA ALA D 1009 -72.08 -83.21 -103.57
C ALA D 1009 -72.65 -84.46 -104.24
N VAL D 1010 -73.97 -84.65 -104.17
CA VAL D 1010 -74.66 -85.70 -104.89
C VAL D 1010 -75.54 -85.03 -105.93
N GLN D 1011 -75.50 -85.53 -107.17
CA GLN D 1011 -76.17 -84.86 -108.26
C GLN D 1011 -77.67 -85.15 -108.22
N ASP D 1012 -78.47 -84.08 -108.33
CA ASP D 1012 -79.92 -84.16 -108.38
C ASP D 1012 -80.41 -83.27 -109.52
N ILE D 1013 -80.62 -83.87 -110.69
CA ILE D 1013 -81.09 -83.15 -111.86
C ILE D 1013 -82.52 -82.61 -111.66
N PRO D 1014 -83.56 -83.40 -111.27
CA PRO D 1014 -84.88 -82.78 -111.07
C PRO D 1014 -84.92 -81.73 -109.98
N ALA D 1015 -84.08 -81.86 -108.96
CA ALA D 1015 -83.93 -80.82 -107.95
C ALA D 1015 -82.96 -79.72 -108.37
N ARG D 1016 -82.34 -79.87 -109.56
CA ARG D 1016 -81.52 -78.84 -110.20
C ARG D 1016 -80.29 -78.50 -109.35
N ARG D 1017 -79.55 -79.53 -108.95
CA ARG D 1017 -78.32 -79.36 -108.19
C ARG D 1017 -77.24 -80.23 -108.79
N ASN D 1018 -76.00 -79.74 -108.74
CA ASN D 1018 -74.87 -80.33 -109.44
C ASN D 1018 -73.68 -80.39 -108.48
N PRO D 1019 -72.80 -81.38 -108.63
CA PRO D 1019 -71.56 -81.40 -107.85
C PRO D 1019 -70.46 -80.52 -108.38
N ARG D 1020 -70.69 -79.78 -109.47
CA ARG D 1020 -69.65 -78.96 -110.05
C ARG D 1020 -70.02 -77.49 -110.06
N LEU D 1021 -71.16 -77.11 -109.49
CA LEU D 1021 -71.51 -75.70 -109.31
C LEU D 1021 -70.76 -75.09 -108.13
N VAL D 1022 -69.45 -74.99 -108.29
CA VAL D 1022 -68.59 -74.21 -107.41
C VAL D 1022 -67.68 -73.42 -108.33
N PRO D 1023 -67.15 -72.28 -107.89
CA PRO D 1023 -66.14 -71.56 -108.68
C PRO D 1023 -64.91 -72.43 -108.94
N TYR D 1024 -64.24 -72.13 -110.07
CA TYR D 1024 -63.12 -72.91 -110.57
C TYR D 1024 -62.06 -73.12 -109.49
N ARG D 1025 -61.82 -72.09 -108.67
CA ARG D 1025 -60.83 -72.15 -107.61
C ARG D 1025 -61.18 -73.23 -106.59
N LEU D 1026 -62.47 -73.57 -106.48
CA LEU D 1026 -62.96 -74.59 -105.55
C LEU D 1026 -63.24 -75.90 -106.25
N LEU D 1027 -63.18 -75.93 -107.57
CA LEU D 1027 -63.41 -77.16 -108.34
C LEU D 1027 -62.34 -78.21 -108.03
N ASP D 1028 -62.59 -79.43 -108.51
CA ASP D 1028 -61.66 -80.54 -108.32
C ASP D 1028 -60.66 -80.60 -109.48
N GLU D 1029 -59.52 -81.25 -109.23
CA GLU D 1029 -58.43 -81.30 -110.19
C GLU D 1029 -58.80 -82.07 -111.45
N ALA D 1030 -59.66 -83.09 -111.33
CA ALA D 1030 -60.14 -83.86 -112.47
C ALA D 1030 -60.90 -82.96 -113.45
N THR D 1031 -61.86 -82.20 -112.92
CA THR D 1031 -62.65 -81.31 -113.78
C THR D 1031 -61.81 -80.15 -114.29
N LYS D 1032 -60.89 -79.63 -113.47
CA LYS D 1032 -59.95 -78.60 -113.92
C LYS D 1032 -59.18 -79.05 -115.15
N ARG D 1033 -58.62 -80.27 -115.09
CA ARG D 1033 -57.85 -80.80 -116.21
C ARG D 1033 -58.75 -81.04 -117.42
N SER D 1034 -59.97 -81.55 -117.18
CA SER D 1034 -60.90 -81.82 -118.28
C SER D 1034 -61.31 -80.55 -119.01
N ASN D 1035 -61.59 -79.47 -118.27
CA ASN D 1035 -61.84 -78.18 -118.92
C ASN D 1035 -60.61 -77.64 -119.63
N ARG D 1036 -59.45 -77.70 -118.97
CA ARG D 1036 -58.24 -77.12 -119.53
C ARG D 1036 -57.75 -77.82 -120.78
N ASP D 1037 -58.04 -79.12 -120.94
CA ASP D 1037 -57.55 -79.89 -122.08
C ASP D 1037 -58.08 -79.37 -123.41
N SER D 1038 -59.39 -79.10 -123.49
CA SER D 1038 -60.02 -78.66 -124.73
C SER D 1038 -59.49 -77.30 -125.17
N LEU D 1039 -59.50 -76.34 -124.26
CA LEU D 1039 -59.02 -75.00 -124.58
C LEU D 1039 -57.51 -74.97 -124.72
N CYS D 1040 -56.78 -75.91 -124.11
CA CYS D 1040 -55.36 -76.05 -124.35
C CYS D 1040 -55.11 -76.46 -125.79
N GLN D 1041 -55.91 -77.40 -126.31
CA GLN D 1041 -55.84 -77.75 -127.72
C GLN D 1041 -56.17 -76.55 -128.59
N ALA D 1042 -57.19 -75.77 -128.19
CA ALA D 1042 -57.60 -74.59 -128.95
C ALA D 1042 -56.46 -73.56 -129.03
N VAL D 1043 -55.86 -73.22 -127.88
CA VAL D 1043 -54.79 -72.22 -127.87
C VAL D 1043 -53.56 -72.80 -128.58
N ARG D 1044 -53.37 -74.12 -128.56
CA ARG D 1044 -52.30 -74.76 -129.32
C ARG D 1044 -52.51 -74.56 -130.82
N THR D 1045 -53.74 -74.76 -131.28
CA THR D 1045 -54.09 -74.54 -132.69
C THR D 1045 -53.90 -73.08 -133.08
N LEU D 1046 -54.21 -72.17 -132.16
CA LEU D 1046 -53.96 -70.75 -132.39
C LEU D 1046 -52.47 -70.49 -132.52
N LEU D 1047 -51.66 -71.10 -131.65
CA LEU D 1047 -50.21 -70.91 -131.64
C LEU D 1047 -49.58 -71.46 -132.90
N GLY D 1048 -50.14 -72.56 -133.43
CA GLY D 1048 -49.62 -73.16 -134.65
C GLY D 1048 -49.59 -72.20 -135.83
N TYR D 1049 -50.63 -71.38 -135.95
CA TYR D 1049 -50.71 -70.35 -137.00
C TYR D 1049 -49.78 -69.17 -136.75
N GLY D 1050 -48.95 -69.21 -135.71
CA GLY D 1050 -47.92 -68.24 -135.46
C GLY D 1050 -48.39 -66.97 -134.80
N TYR D 1051 -49.68 -66.87 -134.50
CA TYR D 1051 -50.21 -65.66 -133.88
C TYR D 1051 -49.86 -65.66 -132.40
N ASN D 1052 -49.20 -64.58 -131.97
CA ASN D 1052 -48.65 -64.50 -130.63
C ASN D 1052 -49.74 -64.50 -129.57
N ILE D 1053 -49.47 -65.19 -128.47
CA ILE D 1053 -50.32 -65.13 -127.29
C ILE D 1053 -49.63 -64.18 -126.33
N GLU D 1054 -50.13 -62.94 -126.26
CA GLU D 1054 -49.44 -61.90 -125.51
C GLU D 1054 -49.92 -61.91 -124.08
N PRO D 1055 -49.05 -62.13 -123.10
CA PRO D 1055 -49.47 -61.99 -121.71
C PRO D 1055 -49.86 -60.55 -121.40
N PRO D 1056 -50.84 -60.35 -120.55
CA PRO D 1056 -51.20 -59.00 -120.10
C PRO D 1056 -50.23 -58.51 -119.04
N ASP D 1057 -50.46 -57.28 -118.58
CA ASP D 1057 -49.68 -56.73 -117.48
C ASP D 1057 -49.95 -57.48 -116.19
N GLN D 1058 -48.98 -57.44 -115.28
CA GLN D 1058 -49.05 -58.14 -114.00
C GLN D 1058 -49.40 -57.17 -112.88
N GLU D 1059 -50.46 -57.48 -112.13
CA GLU D 1059 -50.89 -56.67 -111.00
C GLU D 1059 -50.91 -57.55 -109.75
N PRO D 1060 -50.06 -57.27 -108.76
CA PRO D 1060 -50.07 -58.06 -107.52
C PRO D 1060 -51.25 -57.72 -106.63
N SER D 1061 -51.98 -58.75 -106.21
CA SER D 1061 -53.18 -58.57 -105.40
C SER D 1061 -53.17 -59.53 -104.22
N GLN D 1062 -53.80 -59.08 -103.13
CA GLN D 1062 -53.96 -59.84 -101.90
C GLN D 1062 -55.44 -60.13 -101.70
N VAL D 1063 -55.77 -61.39 -101.40
CA VAL D 1063 -57.17 -61.80 -101.28
C VAL D 1063 -57.83 -61.13 -100.08
N GLU D 1064 -57.17 -61.16 -98.93
CA GLU D 1064 -57.69 -60.53 -97.72
C GLU D 1064 -56.66 -59.53 -97.22
N ASN D 1065 -57.10 -58.29 -97.00
CA ASN D 1065 -56.21 -57.21 -96.59
C ASN D 1065 -56.61 -56.57 -95.27
N GLN D 1066 -57.91 -56.48 -94.98
CA GLN D 1066 -58.40 -55.77 -93.80
C GLN D 1066 -57.84 -56.35 -92.50
N SER D 1067 -57.94 -57.66 -92.34
CA SER D 1067 -57.48 -58.27 -91.09
C SER D 1067 -55.98 -58.53 -91.20
N ARG D 1068 -55.22 -57.43 -91.13
CA ARG D 1068 -53.76 -57.51 -91.12
C ARG D 1068 -53.21 -58.07 -89.82
N TRP D 1069 -53.98 -57.98 -88.73
CA TRP D 1069 -53.55 -58.32 -87.37
C TRP D 1069 -52.84 -59.67 -87.32
N ASP D 1070 -53.61 -60.74 -87.14
CA ASP D 1070 -52.95 -62.02 -86.94
C ASP D 1070 -52.60 -62.69 -88.28
N ARG D 1071 -51.73 -62.03 -89.04
CA ARG D 1071 -51.11 -62.71 -90.18
C ARG D 1071 -50.24 -63.79 -89.62
N VAL D 1072 -49.56 -63.48 -88.53
CA VAL D 1072 -48.76 -64.46 -87.85
C VAL D 1072 -48.94 -64.28 -86.35
N ARG D 1073 -48.86 -65.40 -85.62
CA ARG D 1073 -48.96 -65.29 -84.17
C ARG D 1073 -47.60 -65.38 -83.49
N ILE D 1074 -47.49 -64.67 -82.38
CA ILE D 1074 -46.25 -64.58 -81.63
C ILE D 1074 -46.30 -65.55 -80.45
N PHE D 1075 -45.36 -66.49 -80.38
CA PHE D 1075 -45.30 -67.51 -79.34
C PHE D 1075 -44.00 -67.26 -78.57
N ARG D 1076 -44.11 -67.08 -77.25
CA ARG D 1076 -42.90 -66.78 -76.48
C ARG D 1076 -43.03 -67.31 -75.06
N ALA D 1077 -41.90 -67.44 -74.39
CA ALA D 1077 -41.95 -67.89 -73.01
C ALA D 1077 -42.41 -66.77 -72.09
N GLU D 1078 -42.89 -67.16 -70.92
CA GLU D 1078 -43.32 -66.20 -69.91
C GLU D 1078 -42.09 -65.51 -69.32
N LYS D 1079 -42.25 -64.23 -68.94
CA LYS D 1079 -41.11 -63.41 -68.52
C LYS D 1079 -40.40 -63.94 -67.28
N SER D 1080 -41.05 -64.77 -66.47
CA SER D 1080 -40.36 -65.38 -65.32
C SER D 1080 -39.22 -66.31 -65.73
N TYR D 1081 -39.21 -66.77 -66.99
CA TYR D 1081 -38.21 -67.70 -67.48
C TYR D 1081 -37.02 -67.00 -68.13
N THR D 1082 -36.96 -65.66 -68.02
CA THR D 1082 -35.94 -64.87 -68.71
C THR D 1082 -34.53 -65.22 -68.22
N VAL D 1083 -33.58 -65.25 -69.16
CA VAL D 1083 -32.20 -65.60 -68.90
C VAL D 1083 -31.33 -64.38 -69.15
N GLN D 1084 -30.26 -64.26 -68.37
CA GLN D 1084 -29.35 -63.13 -68.48
C GLN D 1084 -27.93 -63.49 -68.89
N SER D 1085 -27.50 -64.73 -68.70
CA SER D 1085 -26.11 -65.09 -68.95
C SER D 1085 -26.02 -66.57 -69.29
N GLY D 1086 -24.80 -67.11 -69.26
CA GLY D 1086 -24.58 -68.47 -69.68
C GLY D 1086 -24.58 -68.59 -71.20
N ARG D 1087 -24.93 -69.77 -71.68
CA ARG D 1087 -25.12 -70.01 -73.11
C ARG D 1087 -26.36 -70.86 -73.28
N TRP D 1088 -27.14 -70.58 -74.32
CA TRP D 1088 -28.43 -71.22 -74.48
C TRP D 1088 -28.63 -71.74 -75.90
N TYR D 1089 -29.30 -72.89 -75.98
CA TYR D 1089 -29.71 -73.50 -77.24
C TYR D 1089 -31.14 -73.99 -77.15
N PHE D 1090 -31.84 -73.98 -78.30
CA PHE D 1090 -33.18 -74.56 -78.39
C PHE D 1090 -33.53 -74.81 -79.85
N GLU D 1091 -34.04 -76.02 -80.11
CA GLU D 1091 -34.49 -76.46 -81.42
C GLU D 1091 -35.82 -75.82 -81.78
N PHE D 1092 -36.17 -75.94 -83.07
CA PHE D 1092 -37.50 -75.62 -83.59
C PHE D 1092 -37.66 -76.34 -84.92
N GLU D 1093 -38.82 -76.95 -85.14
CA GLU D 1093 -39.09 -77.70 -86.36
C GLU D 1093 -40.13 -76.95 -87.18
N ALA D 1094 -39.89 -76.87 -88.49
CA ALA D 1094 -40.84 -76.28 -89.42
C ALA D 1094 -41.48 -77.39 -90.25
N VAL D 1095 -42.69 -77.81 -89.84
CA VAL D 1095 -43.41 -78.84 -90.58
C VAL D 1095 -43.75 -78.36 -91.98
N THR D 1096 -44.33 -77.16 -92.06
CA THR D 1096 -44.62 -76.54 -93.35
C THR D 1096 -43.41 -75.71 -93.79
N THR D 1097 -43.60 -74.87 -94.81
CA THR D 1097 -42.52 -74.11 -95.41
C THR D 1097 -42.85 -72.63 -95.53
N GLY D 1098 -43.82 -72.14 -94.78
CA GLY D 1098 -44.30 -70.78 -94.94
C GLY D 1098 -43.56 -69.78 -94.09
N GLU D 1099 -44.24 -68.67 -93.81
CA GLU D 1099 -43.73 -67.58 -92.99
C GLU D 1099 -43.54 -68.05 -91.55
N MET D 1100 -42.31 -68.28 -91.14
CA MET D 1100 -42.05 -68.54 -89.74
C MET D 1100 -40.79 -67.81 -89.36
N ARG D 1101 -40.72 -67.39 -88.10
CA ARG D 1101 -39.55 -66.67 -87.62
C ARG D 1101 -39.19 -67.21 -86.26
N VAL D 1102 -37.90 -67.44 -86.01
CA VAL D 1102 -37.45 -67.99 -84.73
C VAL D 1102 -36.25 -67.19 -84.25
N GLY D 1103 -36.16 -66.98 -82.95
CA GLY D 1103 -35.03 -66.23 -82.43
C GLY D 1103 -35.21 -65.84 -80.97
N TRP D 1104 -34.64 -64.70 -80.61
CA TRP D 1104 -34.75 -64.20 -79.24
C TRP D 1104 -35.37 -62.82 -79.22
N ALA D 1105 -36.28 -62.62 -78.27
CA ALA D 1105 -36.98 -61.35 -78.11
C ALA D 1105 -36.79 -60.83 -76.69
N ARG D 1106 -36.65 -59.51 -76.57
CA ARG D 1106 -36.57 -58.88 -75.27
C ARG D 1106 -37.92 -59.01 -74.57
N PRO D 1107 -37.91 -59.07 -73.22
CA PRO D 1107 -39.16 -59.34 -72.48
C PRO D 1107 -40.29 -58.35 -72.67
N GLU D 1108 -40.04 -57.17 -73.25
CA GLU D 1108 -41.08 -56.17 -73.44
C GLU D 1108 -41.57 -56.19 -74.90
N LEU D 1109 -41.62 -57.39 -75.48
CA LEU D 1109 -42.07 -57.53 -76.86
C LEU D 1109 -43.56 -57.23 -76.97
N ARG D 1110 -43.91 -56.37 -77.92
CA ARG D 1110 -45.30 -56.05 -78.17
C ARG D 1110 -46.00 -57.22 -78.86
N PRO D 1111 -47.33 -57.34 -78.70
CA PRO D 1111 -48.03 -58.46 -79.34
C PRO D 1111 -48.54 -58.12 -80.74
N ASP D 1112 -48.58 -56.83 -81.07
CA ASP D 1112 -49.20 -56.38 -82.32
C ASP D 1112 -48.19 -55.82 -83.32
N VAL D 1113 -46.92 -56.14 -83.17
CA VAL D 1113 -45.88 -55.68 -84.08
C VAL D 1113 -45.15 -56.91 -84.60
N GLU D 1114 -44.92 -56.93 -85.91
CA GLU D 1114 -44.22 -58.05 -86.54
C GLU D 1114 -42.79 -58.17 -86.01
N LEU D 1115 -42.31 -59.40 -85.98
CA LEU D 1115 -40.98 -59.67 -85.44
C LEU D 1115 -39.89 -59.07 -86.32
N GLY D 1116 -38.89 -58.49 -85.67
CA GLY D 1116 -37.73 -57.98 -86.35
C GLY D 1116 -37.88 -56.58 -86.89
N ALA D 1117 -39.11 -56.04 -86.94
CA ALA D 1117 -39.32 -54.68 -87.43
C ALA D 1117 -38.77 -53.64 -86.47
N ASP D 1118 -38.52 -54.01 -85.23
CA ASP D 1118 -38.15 -53.10 -84.16
C ASP D 1118 -36.83 -53.53 -83.52
N GLU D 1119 -36.50 -52.90 -82.40
CA GLU D 1119 -35.29 -53.19 -81.65
C GLU D 1119 -35.53 -54.19 -80.53
N LEU D 1120 -36.76 -54.62 -80.32
CA LEU D 1120 -37.09 -55.51 -79.20
C LEU D 1120 -37.05 -56.98 -79.59
N ALA D 1121 -36.65 -57.32 -80.82
CA ALA D 1121 -36.62 -58.71 -81.22
C ALA D 1121 -35.53 -58.93 -82.26
N TYR D 1122 -34.67 -59.91 -82.01
CA TYR D 1122 -33.65 -60.33 -82.96
C TYR D 1122 -34.10 -61.70 -83.46
N VAL D 1123 -34.59 -61.76 -84.69
CA VAL D 1123 -35.24 -62.97 -85.15
C VAL D 1123 -34.68 -63.33 -86.52
N PHE D 1124 -34.77 -64.61 -86.87
CA PHE D 1124 -34.38 -65.11 -88.18
C PHE D 1124 -35.64 -65.57 -88.90
N ASN D 1125 -35.70 -65.28 -90.20
CA ASN D 1125 -36.79 -65.70 -91.08
C ASN D 1125 -36.18 -66.57 -92.16
N GLY D 1126 -36.68 -67.78 -92.30
CA GLY D 1126 -36.16 -68.65 -93.33
C GLY D 1126 -37.21 -69.13 -94.30
N HIS D 1127 -38.25 -68.32 -94.49
CA HIS D 1127 -39.03 -68.48 -95.71
C HIS D 1127 -38.20 -68.05 -96.91
N ARG D 1128 -37.23 -67.15 -96.71
CA ARG D 1128 -36.37 -66.71 -97.79
C ARG D 1128 -34.93 -66.46 -97.36
N GLY D 1129 -34.53 -66.85 -96.15
CA GLY D 1129 -33.16 -66.68 -95.71
C GLY D 1129 -32.74 -65.26 -95.36
N GLN D 1130 -33.34 -64.67 -94.33
CA GLN D 1130 -33.04 -63.31 -93.90
C GLN D 1130 -32.95 -63.24 -92.39
N ARG D 1131 -32.23 -62.25 -91.90
CA ARG D 1131 -32.21 -61.90 -90.47
C ARG D 1131 -32.97 -60.59 -90.28
N TRP D 1132 -33.89 -60.57 -89.31
CA TRP D 1132 -34.78 -59.46 -89.06
C TRP D 1132 -34.50 -58.85 -87.69
N HIS D 1133 -33.91 -57.65 -87.71
CA HIS D 1133 -33.84 -56.81 -86.51
C HIS D 1133 -33.70 -55.37 -86.99
N LEU D 1134 -34.73 -54.55 -86.71
CA LEU D 1134 -34.84 -53.16 -87.21
C LEU D 1134 -34.70 -53.09 -88.72
N GLY D 1135 -35.23 -54.08 -89.41
CA GLY D 1135 -35.04 -54.24 -90.83
C GLY D 1135 -34.53 -55.63 -91.16
N SER D 1136 -34.48 -55.91 -92.45
CA SER D 1136 -34.13 -57.24 -92.92
C SER D 1136 -33.04 -57.18 -93.97
N GLU D 1137 -32.09 -58.11 -93.86
CA GLU D 1137 -31.03 -58.31 -94.83
C GLU D 1137 -30.80 -59.81 -94.97
N PRO D 1138 -30.32 -60.28 -96.13
CA PRO D 1138 -30.17 -61.73 -96.36
C PRO D 1138 -29.21 -62.40 -95.39
N PHE D 1139 -29.54 -63.65 -95.03
CA PHE D 1139 -28.71 -64.44 -94.12
C PHE D 1139 -29.08 -65.90 -94.31
N GLY D 1140 -28.13 -66.70 -94.79
CA GLY D 1140 -28.34 -68.12 -94.95
C GLY D 1140 -29.32 -68.45 -96.06
N ARG D 1141 -29.92 -69.63 -95.95
CA ARG D 1141 -30.80 -70.14 -96.98
C ARG D 1141 -32.16 -70.47 -96.42
N PRO D 1142 -33.23 -70.30 -97.20
CA PRO D 1142 -34.55 -70.73 -96.75
C PRO D 1142 -34.63 -72.22 -96.54
N TRP D 1143 -35.43 -72.62 -95.56
CA TRP D 1143 -35.59 -74.04 -95.24
C TRP D 1143 -36.52 -74.75 -96.21
N GLN D 1144 -36.88 -75.97 -95.84
CA GLN D 1144 -37.91 -76.77 -96.48
C GLN D 1144 -38.63 -77.50 -95.37
N SER D 1145 -39.53 -78.41 -95.74
CA SER D 1145 -40.28 -79.17 -94.73
C SER D 1145 -39.36 -80.09 -93.94
N GLY D 1146 -39.69 -80.25 -92.67
CA GLY D 1146 -38.96 -81.14 -91.78
C GLY D 1146 -37.67 -80.58 -91.24
N ASP D 1147 -37.32 -79.33 -91.57
CA ASP D 1147 -36.08 -78.75 -91.09
C ASP D 1147 -36.20 -78.32 -89.63
N VAL D 1148 -35.23 -78.76 -88.83
CA VAL D 1148 -35.13 -78.41 -87.41
C VAL D 1148 -33.93 -77.49 -87.23
N VAL D 1149 -34.22 -76.24 -86.84
CA VAL D 1149 -33.24 -75.17 -86.73
C VAL D 1149 -33.03 -74.92 -85.25
N GLY D 1150 -31.78 -74.75 -84.85
CA GLY D 1150 -31.45 -74.47 -83.46
C GLY D 1150 -30.72 -73.16 -83.29
N CYS D 1151 -30.97 -72.47 -82.18
CA CYS D 1151 -30.40 -71.15 -82.01
C CYS D 1151 -29.38 -71.12 -80.87
N MET D 1152 -28.18 -70.65 -81.18
CA MET D 1152 -27.20 -70.27 -80.18
C MET D 1152 -27.55 -68.89 -79.62
N ILE D 1153 -27.18 -68.68 -78.35
CA ILE D 1153 -27.05 -67.34 -77.80
C ILE D 1153 -26.01 -67.38 -76.67
N ASP D 1154 -25.00 -66.51 -76.81
CA ASP D 1154 -23.88 -66.43 -75.88
C ASP D 1154 -23.84 -64.99 -75.35
N LEU D 1155 -24.45 -64.81 -74.18
CA LEU D 1155 -24.50 -63.52 -73.50
C LEU D 1155 -23.14 -63.04 -72.99
N THR D 1156 -22.14 -63.94 -72.92
CA THR D 1156 -20.81 -63.55 -72.46
C THR D 1156 -20.15 -62.57 -73.41
N GLU D 1157 -20.34 -62.75 -74.73
CA GLU D 1157 -19.75 -61.86 -75.71
C GLU D 1157 -20.79 -61.30 -76.66
N ASN D 1158 -22.08 -61.47 -76.34
CA ASN D 1158 -23.22 -60.90 -77.06
C ASN D 1158 -23.28 -61.40 -78.50
N THR D 1159 -23.43 -62.72 -78.66
CA THR D 1159 -23.48 -63.32 -79.98
C THR D 1159 -24.70 -64.22 -80.14
N ILE D 1160 -25.43 -64.04 -81.24
CA ILE D 1160 -26.62 -64.80 -81.59
C ILE D 1160 -26.30 -65.54 -82.87
N ILE D 1161 -26.53 -66.85 -82.90
CA ILE D 1161 -26.21 -67.64 -84.09
C ILE D 1161 -27.37 -68.58 -84.38
N PHE D 1162 -27.76 -68.70 -85.65
CA PHE D 1162 -28.80 -69.64 -86.02
C PHE D 1162 -28.18 -70.78 -86.82
N THR D 1163 -28.68 -72.00 -86.59
CA THR D 1163 -28.19 -73.21 -87.24
C THR D 1163 -29.35 -73.92 -87.92
N LEU D 1164 -29.09 -74.47 -89.11
CA LEU D 1164 -30.06 -75.21 -89.90
C LEU D 1164 -29.62 -76.68 -89.97
N ASN D 1165 -30.40 -77.53 -89.29
CA ASN D 1165 -30.25 -79.00 -89.27
C ASN D 1165 -28.82 -79.44 -88.98
N GLY D 1166 -28.27 -78.87 -87.92
CA GLY D 1166 -26.92 -79.20 -87.50
C GLY D 1166 -25.82 -78.47 -88.26
N GLU D 1167 -26.19 -77.54 -89.14
CA GLU D 1167 -25.21 -76.78 -89.90
C GLU D 1167 -25.44 -75.29 -89.65
N VAL D 1168 -24.34 -74.57 -89.41
CA VAL D 1168 -24.43 -73.15 -89.10
C VAL D 1168 -24.82 -72.38 -90.34
N LEU D 1169 -25.81 -71.50 -90.21
CA LEU D 1169 -26.11 -70.57 -91.28
C LEU D 1169 -25.06 -69.47 -91.33
N MET D 1170 -25.06 -68.73 -92.44
CA MET D 1170 -23.97 -67.80 -92.69
C MET D 1170 -24.55 -66.53 -93.29
N SER D 1171 -23.85 -65.41 -93.08
CA SER D 1171 -24.26 -64.12 -93.63
C SER D 1171 -23.51 -63.84 -94.92
N ASP D 1172 -23.75 -62.65 -95.47
CA ASP D 1172 -23.05 -62.20 -96.67
C ASP D 1172 -21.71 -61.54 -96.33
N SER D 1173 -20.89 -62.26 -95.56
CA SER D 1173 -19.63 -61.75 -95.03
C SER D 1173 -18.80 -62.93 -94.58
N GLY D 1174 -17.75 -62.66 -93.80
CA GLY D 1174 -16.97 -63.69 -93.15
C GLY D 1174 -17.30 -63.91 -91.69
N SER D 1175 -18.19 -63.12 -91.11
CA SER D 1175 -18.59 -63.27 -89.72
C SER D 1175 -19.65 -64.35 -89.57
N GLU D 1176 -19.35 -65.38 -88.77
CA GLU D 1176 -20.29 -66.48 -88.57
C GLU D 1176 -21.53 -66.06 -87.78
N THR D 1177 -21.45 -64.96 -87.03
CA THR D 1177 -22.52 -64.53 -86.15
C THR D 1177 -23.47 -63.62 -86.90
N ALA D 1178 -24.77 -63.94 -86.84
CA ALA D 1178 -25.77 -63.06 -87.44
C ALA D 1178 -25.82 -61.70 -86.76
N PHE D 1179 -25.67 -61.68 -85.43
CA PHE D 1179 -25.69 -60.43 -84.69
C PHE D 1179 -24.58 -60.44 -83.65
N ARG D 1180 -24.10 -59.24 -83.31
CA ARG D 1180 -23.01 -59.11 -82.36
C ARG D 1180 -23.12 -57.72 -81.74
N GLU D 1181 -22.43 -57.53 -80.61
CA GLU D 1181 -22.50 -56.35 -79.73
C GLU D 1181 -23.96 -55.94 -79.48
N ILE D 1182 -24.71 -56.85 -78.87
CA ILE D 1182 -26.06 -56.59 -78.42
C ILE D 1182 -26.09 -56.43 -76.91
N GLU D 1183 -26.64 -55.31 -76.44
CA GLU D 1183 -26.68 -55.02 -75.01
C GLU D 1183 -27.50 -56.07 -74.27
N ILE D 1184 -27.10 -56.35 -73.02
CA ILE D 1184 -27.81 -57.32 -72.19
C ILE D 1184 -29.27 -56.93 -72.02
N GLY D 1185 -29.52 -55.68 -71.64
CA GLY D 1185 -30.87 -55.18 -71.46
C GLY D 1185 -31.60 -55.91 -70.35
N ASP D 1186 -32.92 -56.00 -70.51
CA ASP D 1186 -33.76 -56.74 -69.58
C ASP D 1186 -33.42 -58.22 -69.60
N GLY D 1187 -33.22 -58.77 -70.78
CA GLY D 1187 -32.99 -60.19 -70.94
C GLY D 1187 -33.46 -60.63 -72.31
N PHE D 1188 -33.47 -61.94 -72.50
CA PHE D 1188 -33.84 -62.52 -73.78
C PHE D 1188 -34.63 -63.80 -73.57
N LEU D 1189 -35.68 -63.95 -74.35
CA LEU D 1189 -36.60 -65.06 -74.29
C LEU D 1189 -36.64 -65.72 -75.66
N PRO D 1190 -36.56 -67.05 -75.73
CA PRO D 1190 -36.77 -67.71 -77.02
C PRO D 1190 -38.18 -67.43 -77.52
N VAL D 1191 -38.29 -67.27 -78.84
CA VAL D 1191 -39.54 -66.82 -79.42
C VAL D 1191 -39.65 -67.38 -80.83
N CYS D 1192 -40.88 -67.57 -81.28
CA CYS D 1192 -41.13 -67.96 -82.65
C CYS D 1192 -42.46 -67.37 -83.05
N SER D 1193 -42.63 -67.20 -84.35
CA SER D 1193 -43.87 -66.67 -84.88
C SER D 1193 -44.28 -67.57 -86.04
N LEU D 1194 -45.58 -67.80 -86.20
CA LEU D 1194 -46.08 -68.72 -87.21
C LEU D 1194 -47.10 -68.02 -88.10
N GLY D 1195 -46.91 -68.16 -89.44
CA GLY D 1195 -47.77 -67.58 -90.43
C GLY D 1195 -49.09 -68.28 -90.53
N PRO D 1196 -49.93 -67.85 -91.48
CA PRO D 1196 -51.25 -68.47 -91.61
C PRO D 1196 -51.17 -69.90 -92.12
N GLY D 1197 -51.79 -70.82 -91.37
CA GLY D 1197 -51.79 -72.21 -91.75
C GLY D 1197 -50.43 -72.90 -91.79
N GLN D 1198 -49.65 -72.72 -90.74
CA GLN D 1198 -48.32 -73.29 -90.65
C GLN D 1198 -48.28 -74.17 -89.42
N VAL D 1199 -47.41 -75.16 -89.44
CA VAL D 1199 -47.31 -76.11 -88.34
C VAL D 1199 -45.85 -76.17 -87.95
N GLY D 1200 -45.59 -76.10 -86.66
CA GLY D 1200 -44.21 -76.19 -86.21
C GLY D 1200 -44.11 -76.80 -84.83
N HIS D 1201 -43.02 -77.50 -84.60
CA HIS D 1201 -42.75 -78.11 -83.32
C HIS D 1201 -41.75 -77.25 -82.56
N LEU D 1202 -42.11 -76.83 -81.36
CA LEU D 1202 -41.23 -76.01 -80.56
C LEU D 1202 -40.78 -76.86 -79.39
N ASN D 1203 -39.52 -77.29 -79.42
CA ASN D 1203 -38.93 -78.10 -78.38
C ASN D 1203 -37.98 -77.20 -77.60
N LEU D 1204 -38.27 -77.03 -76.31
CA LEU D 1204 -37.46 -76.21 -75.44
C LEU D 1204 -36.37 -77.00 -74.75
N GLY D 1205 -36.24 -78.28 -75.10
CA GLY D 1205 -35.17 -79.12 -74.61
C GLY D 1205 -35.24 -79.46 -73.15
N GLN D 1206 -36.45 -79.74 -72.65
CA GLN D 1206 -36.57 -80.33 -71.32
C GLN D 1206 -35.88 -81.69 -71.24
N ASP D 1207 -36.06 -82.51 -72.28
CA ASP D 1207 -35.35 -83.77 -72.41
C ASP D 1207 -34.18 -83.52 -73.35
N VAL D 1208 -32.96 -83.57 -72.82
CA VAL D 1208 -31.77 -83.37 -73.64
C VAL D 1208 -31.59 -84.53 -74.62
N SER D 1209 -31.94 -85.75 -74.22
CA SER D 1209 -31.83 -86.91 -75.10
C SER D 1209 -32.82 -86.84 -76.26
N SER D 1210 -33.95 -86.16 -76.07
CA SER D 1210 -34.96 -86.01 -77.13
C SER D 1210 -34.47 -85.18 -78.31
N LEU D 1211 -33.39 -84.42 -78.15
CA LEU D 1211 -32.99 -83.49 -79.18
C LEU D 1211 -32.20 -84.20 -80.27
N ARG D 1212 -32.23 -83.60 -81.46
CA ARG D 1212 -31.65 -84.19 -82.65
C ARG D 1212 -30.44 -83.44 -83.19
N PHE D 1213 -30.15 -82.24 -82.68
CA PHE D 1213 -29.02 -81.49 -83.19
C PHE D 1213 -28.18 -80.79 -82.13
N PHE D 1214 -28.56 -80.84 -80.84
CA PHE D 1214 -27.77 -80.16 -79.81
C PHE D 1214 -26.38 -80.77 -79.68
N ALA D 1215 -26.30 -82.11 -79.70
CA ALA D 1215 -25.00 -82.77 -79.77
C ALA D 1215 -24.27 -82.42 -81.06
N ILE D 1216 -25.02 -82.20 -82.15
CA ILE D 1216 -24.40 -81.88 -83.43
C ILE D 1216 -23.79 -80.49 -83.41
N CYS D 1217 -24.45 -79.53 -82.77
CA CYS D 1217 -23.91 -78.19 -82.66
C CYS D 1217 -24.32 -77.60 -81.32
N GLY D 1218 -23.34 -77.06 -80.61
CA GLY D 1218 -23.60 -76.41 -79.34
C GLY D 1218 -23.08 -77.18 -78.14
N LEU D 1219 -23.24 -78.50 -78.12
CA LEU D 1219 -22.84 -79.29 -76.94
C LEU D 1219 -21.34 -79.20 -76.72
N GLN D 1220 -20.55 -79.51 -77.76
CA GLN D 1220 -19.10 -79.46 -77.62
C GLN D 1220 -18.58 -78.04 -77.44
N GLU D 1221 -19.40 -77.03 -77.78
CA GLU D 1221 -19.01 -75.64 -77.67
C GLU D 1221 -19.13 -75.10 -76.26
N GLY D 1222 -19.72 -75.87 -75.35
CA GLY D 1222 -20.10 -75.37 -74.05
C GLY D 1222 -21.50 -74.79 -73.96
N PHE D 1223 -22.22 -74.67 -75.08
CA PHE D 1223 -23.60 -74.23 -75.04
C PHE D 1223 -24.48 -75.27 -74.34
N GLU D 1224 -25.73 -74.88 -74.08
CA GLU D 1224 -26.40 -75.70 -73.08
C GLU D 1224 -27.89 -75.45 -73.25
N PRO D 1225 -28.76 -76.46 -73.09
CA PRO D 1225 -30.19 -76.28 -73.42
C PRO D 1225 -30.88 -75.21 -72.58
N PHE D 1226 -31.92 -74.60 -73.18
CA PHE D 1226 -32.64 -73.51 -72.50
C PHE D 1226 -33.37 -73.96 -71.25
N ALA D 1227 -34.00 -75.13 -71.27
CA ALA D 1227 -34.89 -75.55 -70.19
C ALA D 1227 -34.49 -76.91 -69.64
N ILE D 1228 -33.21 -77.00 -69.26
CA ILE D 1228 -32.55 -78.28 -69.02
C ILE D 1228 -33.16 -79.05 -67.83
N ASN D 1229 -33.29 -78.40 -66.69
CA ASN D 1229 -33.72 -79.04 -65.45
C ASN D 1229 -34.98 -78.28 -65.06
N MET D 1230 -36.10 -78.71 -65.62
CA MET D 1230 -37.38 -78.04 -65.41
C MET D 1230 -38.41 -79.15 -65.36
N GLN D 1231 -38.86 -79.48 -64.14
CA GLN D 1231 -39.82 -80.56 -63.96
CA GLN D 1231 -39.82 -80.56 -63.96
C GLN D 1231 -41.13 -80.25 -64.70
N ARG D 1232 -41.59 -79.04 -64.62
CA ARG D 1232 -42.79 -78.74 -65.36
C ARG D 1232 -42.41 -78.25 -66.76
N PRO D 1233 -43.29 -78.42 -67.75
CA PRO D 1233 -43.05 -77.81 -69.06
C PRO D 1233 -43.09 -76.29 -68.96
N VAL D 1234 -42.34 -75.64 -69.85
CA VAL D 1234 -42.24 -74.17 -69.83
C VAL D 1234 -43.60 -73.63 -70.23
N THR D 1235 -44.29 -73.02 -69.27
CA THR D 1235 -45.53 -72.31 -69.57
C THR D 1235 -45.25 -71.14 -70.49
N THR D 1236 -45.87 -71.14 -71.66
CA THR D 1236 -45.60 -70.15 -72.66
C THR D 1236 -46.86 -69.32 -72.94
N TRP D 1237 -46.68 -68.27 -73.73
CA TRP D 1237 -47.70 -67.29 -74.03
C TRP D 1237 -47.79 -67.10 -75.54
N PHE D 1238 -48.95 -66.63 -75.99
CA PHE D 1238 -49.16 -66.32 -77.40
C PHE D 1238 -49.87 -64.98 -77.48
N SER D 1239 -49.77 -64.35 -78.64
CA SER D 1239 -50.45 -63.08 -78.85
C SER D 1239 -51.85 -63.37 -79.36
N LYS D 1240 -52.84 -63.16 -78.51
CA LYS D 1240 -54.25 -63.29 -78.87
C LYS D 1240 -54.73 -62.03 -79.57
N SER D 1241 -55.07 -62.15 -80.86
CA SER D 1241 -55.57 -61.00 -81.59
C SER D 1241 -57.05 -60.73 -81.32
N LEU D 1242 -57.45 -60.68 -80.05
CA LEU D 1242 -58.84 -60.45 -79.70
C LEU D 1242 -58.98 -59.04 -79.18
N PRO D 1243 -59.76 -58.19 -79.85
CA PRO D 1243 -59.97 -56.81 -79.38
C PRO D 1243 -60.54 -56.76 -77.98
N GLN D 1244 -59.95 -55.89 -77.16
CA GLN D 1244 -60.37 -55.68 -75.79
C GLN D 1244 -60.17 -54.21 -75.47
N PHE D 1245 -60.87 -53.71 -74.47
CA PHE D 1245 -60.77 -52.29 -74.13
C PHE D 1245 -59.82 -52.12 -72.96
N GLU D 1246 -58.74 -51.38 -73.18
CA GLU D 1246 -57.76 -51.10 -72.15
C GLU D 1246 -57.47 -49.60 -72.16
N PRO D 1247 -57.02 -49.03 -71.03
CA PRO D 1247 -56.76 -47.59 -70.98
C PRO D 1247 -55.69 -47.15 -71.97
N VAL D 1248 -55.86 -45.94 -72.50
CA VAL D 1248 -54.88 -45.33 -73.40
C VAL D 1248 -53.61 -44.97 -72.64
N PRO D 1249 -52.45 -45.47 -73.07
CA PRO D 1249 -51.19 -45.12 -72.42
C PRO D 1249 -50.89 -43.64 -72.55
N PRO D 1250 -50.35 -43.01 -71.50
CA PRO D 1250 -50.05 -41.56 -71.57
C PRO D 1250 -49.00 -41.19 -72.59
N GLU D 1251 -48.18 -42.14 -73.05
CA GLU D 1251 -47.07 -41.85 -73.95
C GLU D 1251 -47.39 -42.14 -75.41
N HIS D 1252 -48.65 -42.44 -75.73
CA HIS D 1252 -49.03 -42.81 -77.09
C HIS D 1252 -48.81 -41.64 -78.05
N PRO D 1253 -47.99 -41.80 -79.09
CA PRO D 1253 -47.53 -40.65 -79.89
C PRO D 1253 -48.63 -39.87 -80.60
N HIS D 1254 -49.70 -40.52 -81.04
CA HIS D 1254 -50.69 -39.84 -81.84
C HIS D 1254 -51.91 -39.37 -81.05
N TYR D 1255 -52.32 -40.10 -80.02
CA TYR D 1255 -53.56 -39.85 -79.31
C TYR D 1255 -53.29 -39.38 -77.89
N GLU D 1256 -53.98 -38.32 -77.48
CA GLU D 1256 -53.87 -37.80 -76.11
C GLU D 1256 -55.27 -37.53 -75.59
N VAL D 1257 -55.41 -37.61 -74.28
CA VAL D 1257 -56.69 -37.41 -73.61
C VAL D 1257 -56.54 -36.30 -72.59
N ALA D 1258 -57.41 -35.30 -72.67
CA ALA D 1258 -57.35 -34.13 -71.82
C ALA D 1258 -58.44 -34.23 -70.76
N ARG D 1259 -58.08 -33.93 -69.52
CA ARG D 1259 -59.02 -33.87 -68.41
C ARG D 1259 -59.15 -32.42 -67.97
N MET D 1260 -60.38 -31.92 -67.94
CA MET D 1260 -60.65 -30.53 -67.61
C MET D 1260 -61.62 -30.48 -66.43
N ASP D 1261 -61.30 -29.61 -65.46
CA ASP D 1261 -62.09 -29.52 -64.24
C ASP D 1261 -63.46 -28.93 -64.55
N GLY D 1262 -64.40 -29.16 -63.64
CA GLY D 1262 -65.73 -28.60 -63.78
C GLY D 1262 -65.75 -27.12 -63.45
N THR D 1263 -66.06 -26.29 -64.44
CA THR D 1263 -66.15 -24.86 -64.22
C THR D 1263 -67.46 -24.52 -63.51
N VAL D 1264 -67.65 -23.24 -63.22
CA VAL D 1264 -68.90 -22.77 -62.62
C VAL D 1264 -70.08 -22.97 -63.57
N ASP D 1265 -69.85 -22.85 -64.88
CA ASP D 1265 -70.91 -22.96 -65.87
C ASP D 1265 -70.95 -24.30 -66.59
N THR D 1266 -69.86 -25.06 -66.57
CA THR D 1266 -69.82 -26.31 -67.32
C THR D 1266 -69.47 -27.47 -66.40
N PRO D 1267 -70.01 -28.66 -66.68
CA PRO D 1267 -69.57 -29.86 -65.96
C PRO D 1267 -68.17 -30.26 -66.39
N PRO D 1268 -67.46 -31.08 -65.60
CA PRO D 1268 -66.14 -31.55 -66.03
C PRO D 1268 -66.18 -32.35 -67.31
N CYS D 1269 -65.11 -32.23 -68.09
CA CYS D 1269 -65.06 -32.77 -69.44
C CYS D 1269 -63.88 -33.71 -69.61
N LEU D 1270 -64.10 -34.73 -70.45
CA LEU D 1270 -63.07 -35.63 -70.93
C LEU D 1270 -62.87 -35.29 -72.40
N ARG D 1271 -61.66 -34.92 -72.78
CA ARG D 1271 -61.43 -34.38 -74.12
C ARG D 1271 -60.44 -35.27 -74.85
N LEU D 1272 -60.66 -35.44 -76.15
CA LEU D 1272 -59.73 -36.18 -76.98
C LEU D 1272 -59.27 -35.34 -78.16
N ALA D 1273 -57.96 -35.39 -78.42
CA ALA D 1273 -57.41 -34.69 -79.56
C ALA D 1273 -56.21 -35.48 -80.07
N HIS D 1274 -55.84 -35.23 -81.32
CA HIS D 1274 -54.71 -35.90 -81.95
C HIS D 1274 -53.46 -35.08 -81.70
N ARG D 1275 -52.41 -35.74 -81.19
CA ARG D 1275 -51.18 -35.03 -80.84
C ARG D 1275 -50.48 -34.45 -82.06
N THR D 1276 -50.41 -35.21 -83.15
CA THR D 1276 -49.65 -34.81 -84.33
C THR D 1276 -50.49 -34.76 -85.62
N TRP D 1277 -51.77 -34.41 -85.51
CA TRP D 1277 -52.66 -34.33 -86.68
C TRP D 1277 -52.15 -33.31 -87.70
N GLY D 1278 -52.28 -33.66 -88.98
CA GLY D 1278 -51.89 -32.78 -90.05
C GLY D 1278 -50.40 -32.69 -90.29
N SER D 1279 -49.60 -33.46 -89.57
CA SER D 1279 -48.16 -33.45 -89.72
C SER D 1279 -47.72 -34.69 -90.51
N GLN D 1280 -46.42 -34.89 -90.58
CA GLN D 1280 -45.87 -36.06 -91.25
C GLN D 1280 -46.11 -37.31 -90.41
N ASN D 1281 -46.55 -38.39 -91.07
CA ASN D 1281 -46.77 -39.71 -90.48
C ASN D 1281 -47.74 -39.68 -89.30
N SER D 1282 -48.80 -38.88 -89.42
CA SER D 1282 -49.85 -38.88 -88.41
C SER D 1282 -50.73 -40.10 -88.61
N LEU D 1283 -50.69 -41.02 -87.66
CA LEU D 1283 -51.47 -42.26 -87.75
C LEU D 1283 -52.91 -41.94 -87.40
N VAL D 1284 -53.79 -42.00 -88.39
CA VAL D 1284 -55.22 -41.78 -88.21
C VAL D 1284 -55.97 -42.98 -88.76
N GLU D 1285 -56.85 -43.57 -87.94
CA GLU D 1285 -57.64 -44.73 -88.35
C GLU D 1285 -58.91 -44.75 -87.52
N MET D 1286 -59.76 -45.73 -87.80
CA MET D 1286 -61.04 -45.89 -87.09
C MET D 1286 -60.76 -46.27 -85.64
N LEU D 1287 -61.12 -45.39 -84.71
CA LEU D 1287 -60.82 -45.55 -83.30
C LEU D 1287 -62.11 -45.76 -82.52
N PHE D 1288 -62.15 -46.82 -81.71
CA PHE D 1288 -63.30 -47.13 -80.89
C PHE D 1288 -62.93 -46.90 -79.44
N LEU D 1289 -63.70 -46.06 -78.73
CA LEU D 1289 -63.37 -45.80 -77.36
C LEU D 1289 -64.61 -45.87 -76.49
N ARG D 1290 -64.39 -46.16 -75.22
CA ARG D 1290 -65.46 -46.26 -74.24
C ARG D 1290 -64.96 -45.79 -72.88
N LEU D 1291 -65.91 -45.37 -72.05
CA LEU D 1291 -65.64 -45.05 -70.66
C LEU D 1291 -65.36 -46.33 -69.89
N SER D 1292 -64.68 -46.19 -68.77
CA SER D 1292 -64.16 -47.35 -68.06
C SER D 1292 -65.11 -47.85 -66.97
N LEU D 1293 -66.32 -47.30 -66.89
CA LEU D 1293 -67.24 -47.75 -65.86
C LEU D 1293 -68.58 -48.16 -66.46
N PRO D 1294 -69.21 -49.20 -65.91
CA PRO D 1294 -70.52 -49.65 -66.40
C PRO D 1294 -71.66 -49.04 -65.60
N VAL D 1295 -72.87 -49.21 -66.16
CA VAL D 1295 -74.10 -48.89 -65.44
C VAL D 1295 -75.07 -50.05 -65.67
N GLN D 1296 -75.73 -50.47 -64.60
CA GLN D 1296 -76.55 -51.68 -64.61
C GLN D 1296 -78.01 -51.31 -64.42
N PHE D 1297 -78.86 -51.86 -65.28
CA PHE D 1297 -80.30 -51.66 -65.17
C PHE D 1297 -80.82 -52.34 -63.91
N HIS D 1298 -81.85 -51.72 -63.30
CA HIS D 1298 -82.36 -52.19 -62.01
C HIS D 1298 -82.96 -53.58 -62.12
N GLN D 1299 -82.92 -54.30 -60.99
CA GLN D 1299 -83.25 -55.71 -60.93
C GLN D 1299 -84.71 -55.98 -61.32
N HIS D 1300 -85.63 -55.18 -60.81
CA HIS D 1300 -87.04 -55.30 -61.13
C HIS D 1300 -87.47 -54.01 -61.80
N PHE D 1301 -87.73 -54.06 -63.10
CA PHE D 1301 -88.28 -52.92 -63.80
C PHE D 1301 -89.65 -52.54 -63.25
N ARG D 1302 -89.88 -51.23 -63.11
CA ARG D 1302 -91.12 -50.72 -62.53
C ARG D 1302 -92.31 -51.18 -63.35
N CYS D 1303 -93.41 -51.53 -62.65
CA CYS D 1303 -94.64 -52.00 -63.29
C CYS D 1303 -95.16 -51.00 -64.31
N THR D 1304 -95.50 -51.51 -65.50
CA THR D 1304 -95.93 -50.73 -66.68
C THR D 1304 -94.91 -49.67 -67.07
N ASP D 1419 -83.24 -20.46 -65.31
CA ASP D 1419 -84.10 -21.62 -65.49
C ASP D 1419 -83.38 -22.84 -64.88
N ASN D 1420 -84.02 -24.01 -65.01
CA ASN D 1420 -83.48 -25.30 -64.58
C ASN D 1420 -83.16 -25.34 -63.08
N ARG D 1421 -84.17 -25.00 -62.27
CA ARG D 1421 -84.12 -25.34 -60.86
C ARG D 1421 -84.90 -26.65 -60.69
N ASP D 1422 -84.18 -27.71 -60.34
CA ASP D 1422 -84.81 -29.02 -60.25
C ASP D 1422 -85.75 -29.11 -59.07
N ASP D 1423 -86.81 -29.88 -59.24
CA ASP D 1423 -87.69 -30.21 -58.13
C ASP D 1423 -86.94 -31.22 -57.27
N PRO D 1424 -86.67 -30.93 -55.99
CA PRO D 1424 -85.90 -31.87 -55.14
C PRO D 1424 -86.48 -33.28 -55.05
N GLU D 1425 -87.82 -33.39 -54.98
CA GLU D 1425 -88.46 -34.69 -54.92
C GLU D 1425 -88.28 -35.44 -56.24
N ILE D 1426 -88.48 -34.74 -57.36
CA ILE D 1426 -88.41 -35.38 -58.66
C ILE D 1426 -86.98 -35.83 -58.94
N ILE D 1427 -85.99 -34.96 -58.67
CA ILE D 1427 -84.60 -35.32 -58.92
C ILE D 1427 -84.16 -36.47 -57.99
N LEU D 1428 -84.67 -36.51 -56.75
CA LEU D 1428 -84.33 -37.61 -55.85
C LEU D 1428 -85.16 -38.87 -56.09
N ASN D 1429 -86.15 -38.84 -56.98
CA ASN D 1429 -86.86 -40.08 -57.30
C ASN D 1429 -86.73 -40.54 -58.75
N THR D 1430 -86.23 -39.70 -59.65
CA THR D 1430 -86.05 -40.07 -61.04
C THR D 1430 -84.98 -41.14 -61.19
N THR D 1431 -85.20 -42.01 -62.17
CA THR D 1431 -84.27 -43.09 -62.49
C THR D 1431 -83.60 -42.86 -63.84
N THR D 1432 -83.66 -41.62 -64.35
CA THR D 1432 -83.14 -41.28 -65.66
C THR D 1432 -81.83 -40.53 -65.50
N TYR D 1433 -80.90 -40.77 -66.42
CA TYR D 1433 -79.57 -40.20 -66.41
C TYR D 1433 -79.22 -39.74 -67.81
N TYR D 1434 -78.28 -38.80 -67.89
CA TYR D 1434 -77.96 -38.08 -69.10
C TYR D 1434 -76.45 -37.96 -69.26
N TYR D 1435 -75.97 -38.05 -70.49
CA TYR D 1435 -74.66 -37.50 -70.77
C TYR D 1435 -74.74 -36.82 -72.14
N SER D 1436 -73.69 -36.05 -72.44
CA SER D 1436 -73.58 -35.43 -73.75
C SER D 1436 -72.13 -35.48 -74.20
N VAL D 1437 -71.97 -35.60 -75.51
CA VAL D 1437 -70.68 -35.54 -76.18
C VAL D 1437 -70.75 -34.47 -77.25
N ARG D 1438 -69.71 -33.67 -77.33
CA ARG D 1438 -69.63 -32.55 -78.24
C ARG D 1438 -68.58 -32.88 -79.28
N VAL D 1439 -69.05 -33.19 -80.48
CA VAL D 1439 -68.16 -33.42 -81.61
C VAL D 1439 -67.61 -32.07 -82.02
N PHE D 1440 -66.29 -31.93 -82.02
CA PHE D 1440 -65.66 -30.64 -82.26
C PHE D 1440 -65.82 -30.18 -83.70
N ALA D 1441 -65.81 -28.86 -83.87
CA ALA D 1441 -65.87 -28.25 -85.20
C ALA D 1441 -64.66 -28.67 -86.01
N GLY D 1442 -64.90 -29.02 -87.27
CA GLY D 1442 -63.87 -29.59 -88.11
C GLY D 1442 -63.79 -31.09 -88.05
N GLN D 1443 -64.42 -31.72 -87.07
CA GLN D 1443 -64.52 -33.17 -87.01
C GLN D 1443 -65.84 -33.59 -87.63
N GLU D 1444 -65.77 -34.45 -88.63
CA GLU D 1444 -66.93 -34.84 -89.43
C GLU D 1444 -67.95 -35.58 -88.58
N PRO D 1445 -69.20 -35.09 -88.48
CA PRO D 1445 -70.25 -35.87 -87.80
C PRO D 1445 -70.53 -37.21 -88.44
N SER D 1446 -70.33 -37.35 -89.76
CA SER D 1446 -70.51 -38.64 -90.40
C SER D 1446 -69.46 -39.66 -89.99
N CYS D 1447 -68.32 -39.21 -89.46
CA CYS D 1447 -67.27 -40.11 -88.98
C CYS D 1447 -67.37 -40.38 -87.49
N VAL D 1448 -68.55 -40.22 -86.89
CA VAL D 1448 -68.76 -40.39 -85.46
C VAL D 1448 -70.00 -41.27 -85.26
N TRP D 1449 -69.91 -42.18 -84.29
CA TRP D 1449 -71.06 -42.98 -83.84
C TRP D 1449 -71.07 -42.96 -82.32
N VAL D 1450 -72.24 -42.69 -81.73
CA VAL D 1450 -72.38 -42.36 -80.32
C VAL D 1450 -73.45 -43.24 -79.70
N GLY D 1451 -73.20 -43.74 -78.48
CA GLY D 1451 -74.21 -44.44 -77.72
C GLY D 1451 -73.68 -45.24 -76.55
N TRP D 1452 -74.07 -46.51 -76.46
CA TRP D 1452 -73.59 -47.39 -75.40
C TRP D 1452 -73.23 -48.74 -75.97
N VAL D 1453 -72.33 -49.43 -75.26
CA VAL D 1453 -71.91 -50.78 -75.64
C VAL D 1453 -71.98 -51.68 -74.42
N THR D 1454 -71.98 -52.96 -74.69
CA THR D 1454 -71.98 -54.04 -73.73
C THR D 1454 -70.56 -54.59 -73.58
N PRO D 1455 -70.23 -55.24 -72.45
CA PRO D 1455 -68.84 -55.71 -72.25
C PRO D 1455 -68.39 -56.88 -73.12
N ASP D 1456 -69.19 -57.30 -74.12
CA ASP D 1456 -68.78 -58.33 -75.07
C ASP D 1456 -68.56 -57.79 -76.47
N TYR D 1457 -68.27 -56.49 -76.59
CA TYR D 1457 -68.06 -55.85 -77.89
C TYR D 1457 -66.57 -55.90 -78.22
N HIS D 1458 -66.22 -56.70 -79.22
CA HIS D 1458 -64.82 -56.90 -79.61
C HIS D 1458 -64.66 -56.89 -81.12
N GLN D 1459 -65.29 -55.95 -81.80
CA GLN D 1459 -65.30 -55.90 -83.26
C GLN D 1459 -64.53 -54.65 -83.69
N HIS D 1460 -63.24 -54.84 -83.99
CA HIS D 1460 -62.34 -53.74 -84.35
C HIS D 1460 -62.24 -53.69 -85.87
N ASP D 1461 -63.28 -53.18 -86.52
CA ASP D 1461 -63.33 -53.07 -87.97
C ASP D 1461 -63.02 -51.64 -88.41
N MET D 1462 -61.98 -51.46 -89.23
CA MET D 1462 -61.65 -50.12 -89.71
C MET D 1462 -62.75 -49.55 -90.60
N ASN D 1463 -63.48 -50.41 -91.30
CA ASN D 1463 -64.57 -50.00 -92.17
C ASN D 1463 -65.91 -50.13 -91.48
N PHE D 1464 -65.94 -49.85 -90.17
CA PHE D 1464 -67.14 -50.01 -89.37
C PHE D 1464 -68.26 -49.10 -89.85
N ASP D 1465 -69.47 -49.64 -89.87
CA ASP D 1465 -70.70 -48.89 -90.05
C ASP D 1465 -71.77 -49.54 -89.20
N LEU D 1466 -72.96 -48.94 -89.18
CA LEU D 1466 -74.07 -49.47 -88.39
C LEU D 1466 -74.54 -50.85 -88.88
N SER D 1467 -74.15 -51.27 -90.08
CA SER D 1467 -74.50 -52.61 -90.54
C SER D 1467 -73.73 -53.68 -89.76
N LYS D 1468 -72.48 -53.40 -89.40
CA LYS D 1468 -71.62 -54.37 -88.71
C LYS D 1468 -72.08 -54.69 -87.29
N VAL D 1469 -73.02 -53.92 -86.74
CA VAL D 1469 -73.50 -54.11 -85.37
C VAL D 1469 -74.12 -55.50 -85.25
N ARG D 1470 -73.56 -56.33 -84.38
CA ARG D 1470 -74.15 -57.63 -84.09
C ARG D 1470 -75.45 -57.44 -83.33
N ALA D 1471 -76.52 -58.07 -83.83
CA ALA D 1471 -77.83 -57.97 -83.23
C ALA D 1471 -78.62 -59.22 -83.55
N VAL D 1472 -79.63 -59.50 -82.73
CA VAL D 1472 -80.50 -60.65 -82.93
C VAL D 1472 -81.80 -60.40 -82.17
N THR D 1473 -82.91 -60.83 -82.75
CA THR D 1473 -84.22 -60.75 -82.13
C THR D 1473 -84.65 -62.16 -81.77
N VAL D 1474 -85.04 -62.36 -80.52
CA VAL D 1474 -85.44 -63.68 -80.02
C VAL D 1474 -86.95 -63.69 -79.91
N THR D 1475 -87.59 -64.71 -80.50
CA THR D 1475 -89.05 -64.77 -80.52
C THR D 1475 -89.58 -65.92 -79.67
N MET D 1476 -90.37 -65.59 -78.65
CA MET D 1476 -91.07 -66.53 -77.81
C MET D 1476 -92.53 -66.60 -78.23
N GLY D 1477 -92.93 -67.77 -78.72
CA GLY D 1477 -94.31 -68.14 -78.98
C GLY D 1477 -94.62 -69.43 -78.25
N ASP D 1478 -95.90 -69.75 -78.03
CA ASP D 1478 -96.26 -71.00 -77.34
C ASP D 1478 -96.03 -72.20 -78.28
N GLU D 1479 -96.55 -73.37 -77.87
CA GLU D 1479 -96.37 -74.62 -78.64
C GLU D 1479 -96.84 -74.51 -80.09
N GLN D 1480 -97.91 -73.75 -80.35
CA GLN D 1480 -98.47 -73.58 -81.69
C GLN D 1480 -98.35 -72.11 -82.07
N GLY D 1481 -97.18 -71.72 -82.59
CA GLY D 1481 -96.90 -70.37 -83.05
C GLY D 1481 -97.19 -69.34 -81.96
N ASN D 1482 -98.06 -68.36 -82.27
CA ASN D 1482 -98.59 -67.37 -81.33
C ASN D 1482 -97.48 -66.59 -80.62
N VAL D 1483 -96.79 -65.77 -81.42
CA VAL D 1483 -95.73 -64.90 -80.93
C VAL D 1483 -96.26 -63.98 -79.84
N HIS D 1484 -95.83 -64.22 -78.60
CA HIS D 1484 -96.32 -63.46 -77.46
C HIS D 1484 -95.28 -62.56 -76.84
N SER D 1485 -93.99 -62.77 -77.14
CA SER D 1485 -92.95 -61.84 -76.69
C SER D 1485 -91.70 -62.06 -77.50
N SER D 1486 -91.17 -60.99 -78.09
CA SER D 1486 -89.96 -61.10 -78.89
C SER D 1486 -89.11 -59.87 -78.64
N LEU D 1487 -87.91 -60.08 -78.13
CA LEU D 1487 -87.04 -58.96 -77.76
C LEU D 1487 -85.84 -58.87 -78.68
N LYS D 1488 -85.04 -57.81 -78.47
CA LYS D 1488 -83.82 -57.58 -79.21
C LYS D 1488 -82.61 -57.66 -78.28
N CYS D 1489 -81.49 -58.11 -78.83
CA CYS D 1489 -80.23 -58.20 -78.11
C CYS D 1489 -79.10 -57.79 -79.03
N SER D 1490 -78.19 -56.95 -78.53
CA SER D 1490 -77.10 -56.45 -79.34
C SER D 1490 -75.95 -56.06 -78.43
N ASN D 1491 -74.73 -56.13 -79.00
CA ASN D 1491 -73.53 -55.80 -78.25
C ASN D 1491 -73.21 -54.32 -78.28
N CYS D 1492 -73.94 -53.55 -79.08
CA CYS D 1492 -73.62 -52.16 -79.32
C CYS D 1492 -74.90 -51.43 -79.68
N TYR D 1493 -74.97 -50.15 -79.29
CA TYR D 1493 -76.14 -49.32 -79.58
C TYR D 1493 -75.65 -47.92 -79.92
N MET D 1494 -75.35 -47.69 -81.19
CA MET D 1494 -74.89 -46.39 -81.64
C MET D 1494 -76.00 -45.66 -82.38
N VAL D 1495 -75.82 -44.35 -82.50
CA VAL D 1495 -76.62 -43.51 -83.39
C VAL D 1495 -75.67 -42.64 -84.20
N TRP D 1496 -75.86 -42.62 -85.51
CA TRP D 1496 -74.88 -42.06 -86.42
C TRP D 1496 -74.96 -40.53 -86.38
N GLY D 1497 -73.82 -39.90 -86.08
CA GLY D 1497 -73.73 -38.45 -86.02
C GLY D 1497 -73.99 -37.74 -87.33
N GLY D 1498 -73.77 -38.43 -88.46
CA GLY D 1498 -74.06 -37.87 -89.77
C GLY D 1498 -75.53 -37.67 -90.06
N ASP D 1499 -76.42 -38.21 -89.23
CA ASP D 1499 -77.86 -38.08 -89.43
C ASP D 1499 -78.47 -37.01 -88.53
N PHE D 1500 -77.64 -36.19 -87.88
CA PHE D 1500 -78.12 -35.18 -86.94
C PHE D 1500 -77.80 -33.78 -87.42
N VAL D 1501 -77.65 -33.62 -88.73
CA VAL D 1501 -77.26 -32.35 -89.33
C VAL D 1501 -78.22 -32.03 -90.47
N SER D 1502 -78.28 -30.75 -90.80
CA SER D 1502 -79.14 -30.33 -91.91
C SER D 1502 -78.50 -30.75 -93.23
N PRO D 1503 -79.30 -31.17 -94.22
CA PRO D 1503 -78.74 -31.59 -95.51
C PRO D 1503 -78.43 -30.41 -96.42
N GLY D 1504 -77.27 -29.80 -96.21
CA GLY D 1504 -76.84 -28.71 -97.05
C GLY D 1504 -75.94 -29.16 -98.19
N GLN D 1505 -75.87 -28.31 -99.21
CA GLN D 1505 -74.95 -28.53 -100.34
C GLN D 1505 -73.51 -28.58 -99.86
N GLN D 1506 -73.13 -27.64 -99.00
CA GLN D 1506 -71.79 -27.57 -98.44
C GLN D 1506 -71.91 -26.98 -97.05
N GLY D 1507 -70.77 -26.75 -96.41
CA GLY D 1507 -70.79 -26.24 -95.05
C GLY D 1507 -71.07 -27.31 -94.04
N ARG D 1508 -70.71 -28.56 -94.35
CA ARG D 1508 -70.75 -29.66 -93.39
C ARG D 1508 -69.71 -29.49 -92.29
N ILE D 1509 -68.73 -28.62 -92.49
CA ILE D 1509 -67.73 -28.29 -91.47
C ILE D 1509 -68.29 -27.06 -90.75
N SER D 1510 -69.14 -27.31 -89.76
CA SER D 1510 -69.89 -26.24 -89.12
C SER D 1510 -69.00 -25.40 -88.21
N HIS D 1511 -69.57 -24.30 -87.71
CA HIS D 1511 -68.91 -23.42 -86.76
C HIS D 1511 -69.37 -23.68 -85.33
N THR D 1512 -70.12 -24.74 -85.09
CA THR D 1512 -70.58 -25.10 -83.75
C THR D 1512 -70.31 -26.58 -83.52
N ASP D 1513 -69.82 -26.91 -82.33
CA ASP D 1513 -69.62 -28.31 -81.97
C ASP D 1513 -70.95 -29.01 -81.80
N LEU D 1514 -71.10 -30.16 -82.48
CA LEU D 1514 -72.33 -30.94 -82.41
C LEU D 1514 -72.58 -31.45 -80.99
N VAL D 1515 -73.82 -31.29 -80.52
CA VAL D 1515 -74.19 -31.65 -79.15
C VAL D 1515 -75.09 -32.88 -79.16
N ILE D 1516 -74.50 -34.06 -79.01
CA ILE D 1516 -75.27 -35.30 -78.99
C ILE D 1516 -75.44 -35.73 -77.54
N GLY D 1517 -76.69 -35.87 -77.10
CA GLY D 1517 -76.88 -36.29 -75.72
C GLY D 1517 -77.72 -37.53 -75.57
N CYS D 1518 -77.22 -38.51 -74.83
CA CYS D 1518 -77.99 -39.72 -74.60
C CYS D 1518 -78.65 -39.70 -73.23
N LEU D 1519 -79.88 -40.22 -73.19
CA LEU D 1519 -80.64 -40.40 -71.97
C LEU D 1519 -80.91 -41.87 -71.76
N VAL D 1520 -80.81 -42.33 -70.51
CA VAL D 1520 -81.03 -43.72 -70.14
C VAL D 1520 -81.90 -43.77 -68.89
N ASP D 1521 -82.84 -44.69 -68.87
CA ASP D 1521 -83.56 -45.01 -67.65
C ASP D 1521 -83.17 -46.44 -67.30
N LEU D 1522 -82.74 -46.64 -66.06
CA LEU D 1522 -82.39 -47.97 -65.60
C LEU D 1522 -83.55 -48.69 -64.93
N ALA D 1523 -84.69 -48.02 -64.74
CA ALA D 1523 -85.88 -48.65 -64.19
C ALA D 1523 -86.82 -49.20 -65.25
N THR D 1524 -86.50 -49.00 -66.53
CA THR D 1524 -87.32 -49.51 -67.63
C THR D 1524 -86.53 -50.21 -68.72
N GLY D 1525 -85.25 -49.94 -68.88
CA GLY D 1525 -84.50 -50.50 -69.98
C GLY D 1525 -84.59 -49.71 -71.26
N LEU D 1526 -85.39 -48.64 -71.28
CA LEU D 1526 -85.64 -47.83 -72.46
C LEU D 1526 -84.72 -46.61 -72.42
N MET D 1527 -83.99 -46.39 -73.50
CA MET D 1527 -83.08 -45.26 -73.60
C MET D 1527 -83.29 -44.53 -74.92
N THR D 1528 -83.06 -43.22 -74.88
CA THR D 1528 -83.23 -42.40 -76.08
C THR D 1528 -82.01 -41.51 -76.33
N PHE D 1529 -82.16 -40.61 -77.31
CA PHE D 1529 -81.08 -39.76 -77.77
C PHE D 1529 -81.63 -38.40 -78.16
N THR D 1530 -80.77 -37.38 -78.09
CA THR D 1530 -81.07 -36.03 -78.51
C THR D 1530 -80.00 -35.58 -79.49
N ALA D 1531 -80.44 -35.28 -80.72
CA ALA D 1531 -79.51 -34.93 -81.80
C ALA D 1531 -78.87 -33.58 -81.56
N ASN D 1532 -79.68 -32.56 -81.24
CA ASN D 1532 -79.18 -31.23 -80.90
C ASN D 1532 -80.00 -30.66 -79.76
N GLY D 1533 -80.29 -31.50 -78.77
CA GLY D 1533 -81.26 -31.18 -77.74
C GLY D 1533 -82.70 -31.49 -78.13
N LYS D 1534 -82.93 -31.87 -79.39
CA LYS D 1534 -84.23 -32.34 -79.87
C LYS D 1534 -84.18 -33.85 -79.97
N GLU D 1535 -85.27 -34.50 -79.57
CA GLU D 1535 -85.30 -35.95 -79.53
C GLU D 1535 -85.23 -36.55 -80.93
N SER D 1536 -84.71 -37.77 -81.00
CA SER D 1536 -84.66 -38.55 -82.22
C SER D 1536 -85.64 -39.72 -82.13
N ASN D 1537 -86.21 -40.08 -83.28
CA ASN D 1537 -87.17 -41.18 -83.38
C ASN D 1537 -86.60 -42.51 -82.89
N THR D 1538 -85.29 -42.68 -82.98
CA THR D 1538 -84.62 -43.88 -82.50
C THR D 1538 -84.63 -43.93 -80.97
N PHE D 1539 -84.49 -45.15 -80.47
CA PHE D 1539 -84.63 -45.51 -79.06
C PHE D 1539 -84.21 -46.98 -78.96
N PHE D 1540 -84.00 -47.44 -77.73
CA PHE D 1540 -83.63 -48.84 -77.54
C PHE D 1540 -84.14 -49.33 -76.19
N GLN D 1541 -84.52 -50.60 -76.15
CA GLN D 1541 -85.00 -51.24 -74.93
C GLN D 1541 -84.26 -52.56 -74.76
N VAL D 1542 -83.74 -52.81 -73.55
CA VAL D 1542 -83.07 -54.07 -73.27
C VAL D 1542 -83.54 -54.65 -71.94
N GLU D 1543 -83.18 -55.93 -71.74
CA GLU D 1543 -83.53 -56.68 -70.55
C GLU D 1543 -82.78 -56.16 -69.33
N PRO D 1544 -83.34 -56.31 -68.12
CA PRO D 1544 -82.69 -55.75 -66.92
C PRO D 1544 -81.39 -56.45 -66.57
N ASN D 1545 -80.72 -55.88 -65.56
CA ASN D 1545 -79.42 -56.34 -65.04
C ASN D 1545 -78.35 -56.36 -66.13
N THR D 1546 -78.44 -55.42 -67.06
CA THR D 1546 -77.49 -55.29 -68.13
C THR D 1546 -76.58 -54.10 -67.84
N LYS D 1547 -75.30 -54.26 -68.18
CA LYS D 1547 -74.29 -53.25 -67.95
C LYS D 1547 -73.96 -52.59 -69.28
N LEU D 1548 -73.98 -51.26 -69.28
CA LEU D 1548 -73.71 -50.47 -70.48
C LEU D 1548 -72.61 -49.46 -70.17
N PHE D 1549 -71.61 -49.42 -71.05
CA PHE D 1549 -70.51 -48.47 -71.01
C PHE D 1549 -70.77 -47.36 -72.03
N PRO D 1550 -70.65 -46.08 -71.63
CA PRO D 1550 -70.70 -44.98 -72.61
C PRO D 1550 -69.60 -45.09 -73.64
N ALA D 1551 -69.96 -45.12 -74.91
CA ALA D 1551 -68.95 -45.34 -75.94
C ALA D 1551 -69.16 -44.40 -77.11
N VAL D 1552 -68.03 -44.08 -77.78
CA VAL D 1552 -68.04 -43.29 -79.00
C VAL D 1552 -67.04 -43.92 -79.97
N PHE D 1553 -67.49 -44.14 -81.20
CA PHE D 1553 -66.64 -44.67 -82.26
C PHE D 1553 -66.41 -43.55 -83.26
N VAL D 1554 -65.15 -43.18 -83.49
CA VAL D 1554 -64.85 -42.00 -84.28
C VAL D 1554 -63.71 -42.30 -85.24
N LEU D 1555 -63.81 -41.76 -86.45
CA LEU D 1555 -62.65 -41.65 -87.34
C LEU D 1555 -62.22 -40.20 -87.33
N PRO D 1556 -61.03 -39.87 -86.77
CA PRO D 1556 -60.64 -38.47 -86.63
C PRO D 1556 -60.46 -37.77 -87.97
N THR D 1557 -60.84 -36.49 -88.02
CA THR D 1557 -60.65 -35.67 -89.22
C THR D 1557 -60.17 -34.26 -88.89
N HIS D 1558 -59.51 -34.05 -87.75
CA HIS D 1558 -59.22 -32.71 -87.27
C HIS D 1558 -58.22 -32.84 -86.12
N GLN D 1559 -57.64 -31.70 -85.72
CA GLN D 1559 -56.87 -31.65 -84.47
C GLN D 1559 -57.75 -31.90 -83.26
N ASN D 1560 -58.95 -31.33 -83.27
CA ASN D 1560 -59.91 -31.47 -82.18
C ASN D 1560 -60.97 -32.48 -82.58
N VAL D 1561 -61.31 -33.40 -81.68
CA VAL D 1561 -62.20 -34.48 -82.10
C VAL D 1561 -63.49 -34.53 -81.28
N ILE D 1562 -63.41 -34.85 -79.99
CA ILE D 1562 -64.61 -35.09 -79.18
C ILE D 1562 -64.41 -34.60 -77.76
N GLN D 1563 -65.52 -34.48 -77.05
CA GLN D 1563 -65.51 -34.08 -75.65
C GLN D 1563 -66.75 -34.62 -74.93
N PHE D 1564 -66.52 -35.32 -73.83
CA PHE D 1564 -67.56 -35.85 -72.96
C PHE D 1564 -67.81 -34.88 -71.81
N GLU D 1565 -69.06 -34.54 -71.57
CA GLU D 1565 -69.40 -33.65 -70.47
C GLU D 1565 -70.19 -34.45 -69.44
N LEU D 1566 -69.82 -34.33 -68.17
CA LEU D 1566 -70.52 -35.05 -67.11
C LEU D 1566 -71.71 -34.26 -66.58
N GLY D 1567 -72.58 -33.85 -67.51
CA GLY D 1567 -73.67 -32.94 -67.21
C GLY D 1567 -74.94 -33.62 -66.77
N LYS D 1568 -76.01 -32.84 -66.84
CA LYS D 1568 -77.34 -33.26 -66.43
C LYS D 1568 -78.34 -32.32 -67.10
N GLN D 1569 -79.60 -32.71 -67.08
CA GLN D 1569 -80.68 -31.87 -67.54
C GLN D 1569 -81.66 -31.67 -66.38
N LYS D 1570 -82.78 -30.99 -66.67
CA LYS D 1570 -83.72 -30.67 -65.61
C LYS D 1570 -84.40 -31.93 -65.10
N ASN D 1571 -84.28 -32.16 -63.79
CA ASN D 1571 -84.82 -33.33 -63.08
C ASN D 1571 -84.29 -34.65 -63.66
N ILE D 1572 -83.07 -34.62 -64.19
CA ILE D 1572 -82.39 -35.81 -64.69
C ILE D 1572 -81.05 -35.90 -63.98
N MET D 1573 -80.70 -37.10 -63.53
CA MET D 1573 -79.69 -37.28 -62.50
C MET D 1573 -78.31 -37.40 -63.15
N PRO D 1574 -77.26 -36.83 -62.56
CA PRO D 1574 -75.91 -36.91 -63.16
C PRO D 1574 -75.33 -38.31 -63.18
N LEU D 1575 -74.29 -38.46 -64.01
CA LEU D 1575 -73.70 -39.76 -64.33
C LEU D 1575 -73.13 -40.44 -63.10
N SER D 1576 -72.30 -39.72 -62.32
CA SER D 1576 -71.58 -40.33 -61.21
C SER D 1576 -72.51 -40.92 -60.16
N ALA D 1577 -73.76 -40.45 -60.09
CA ALA D 1577 -74.76 -41.12 -59.26
C ALA D 1577 -75.04 -42.51 -59.78
N ALA D 1578 -75.08 -42.66 -61.11
CA ALA D 1578 -75.36 -43.97 -61.70
C ALA D 1578 -74.20 -44.91 -61.44
N MET D 1579 -72.96 -44.43 -61.67
CA MET D 1579 -71.83 -45.37 -61.56
C MET D 1579 -71.52 -45.70 -60.10
N PHE D 1580 -71.50 -44.71 -59.22
CA PHE D 1580 -71.00 -44.90 -57.87
C PHE D 1580 -72.16 -45.05 -56.90
N LEU D 1581 -72.19 -46.19 -56.19
CA LEU D 1581 -73.31 -46.50 -55.30
C LEU D 1581 -73.33 -45.64 -54.06
N SER D 1582 -72.18 -45.10 -53.66
CA SER D 1582 -72.15 -44.17 -52.54
C SER D 1582 -72.64 -42.78 -52.92
N GLU D 1583 -72.82 -42.52 -54.22
CA GLU D 1583 -73.09 -41.17 -54.71
C GLU D 1583 -74.47 -41.03 -55.35
N ARG D 1584 -75.42 -41.92 -55.03
CA ARG D 1584 -76.77 -41.86 -55.61
C ARG D 1584 -77.49 -40.56 -55.30
N LYS D 1585 -77.19 -39.95 -54.15
CA LYS D 1585 -77.91 -38.78 -53.67
C LYS D 1585 -77.05 -37.53 -53.79
N ASN D 1586 -76.27 -37.43 -54.87
CA ASN D 1586 -75.37 -36.30 -55.10
C ASN D 1586 -75.68 -35.70 -56.48
N PRO D 1587 -76.65 -34.80 -56.56
CA PRO D 1587 -76.95 -34.13 -57.84
C PRO D 1587 -75.82 -33.28 -58.39
N ALA D 1588 -74.84 -32.90 -57.57
CA ALA D 1588 -73.68 -32.17 -58.05
C ALA D 1588 -72.74 -33.14 -58.77
N PRO D 1589 -72.38 -32.88 -60.03
CA PRO D 1589 -71.48 -33.80 -60.74
C PRO D 1589 -70.07 -33.75 -60.17
N GLN D 1590 -69.32 -34.81 -60.42
CA GLN D 1590 -67.93 -34.93 -59.98
C GLN D 1590 -67.25 -36.00 -60.82
N CYS D 1591 -65.92 -35.92 -60.92
CA CYS D 1591 -65.11 -36.78 -61.77
C CYS D 1591 -64.04 -37.49 -60.96
N PRO D 1592 -64.36 -38.62 -60.35
CA PRO D 1592 -63.37 -39.39 -59.57
C PRO D 1592 -62.30 -39.99 -60.47
N PRO D 1593 -61.13 -40.34 -59.91
CA PRO D 1593 -60.04 -40.91 -60.73
C PRO D 1593 -60.38 -42.18 -61.48
N ARG D 1594 -61.24 -43.05 -60.91
CA ARG D 1594 -61.56 -44.31 -61.57
C ARG D 1594 -62.26 -44.09 -62.91
N LEU D 1595 -62.89 -42.93 -63.10
CA LEU D 1595 -63.38 -42.58 -64.42
C LEU D 1595 -62.19 -42.28 -65.30
N GLU D 1596 -62.13 -42.93 -66.46
CA GLU D 1596 -61.09 -42.74 -67.45
C GLU D 1596 -61.58 -43.41 -68.73
N VAL D 1597 -60.79 -43.29 -69.79
CA VAL D 1597 -61.25 -43.69 -71.12
C VAL D 1597 -60.41 -44.85 -71.63
N GLN D 1598 -61.08 -45.83 -72.21
CA GLN D 1598 -60.42 -47.01 -72.72
C GLN D 1598 -60.51 -47.00 -74.24
N MET D 1599 -59.50 -47.56 -74.87
CA MET D 1599 -59.47 -47.73 -76.31
C MET D 1599 -59.48 -49.21 -76.64
N LEU D 1600 -59.98 -49.52 -77.84
CA LEU D 1600 -60.13 -50.92 -78.25
C LEU D 1600 -58.77 -51.37 -78.77
N MET D 1601 -57.97 -51.87 -77.85
CA MET D 1601 -56.71 -52.52 -78.18
C MET D 1601 -57.00 -53.77 -79.00
N PRO D 1602 -56.37 -53.93 -80.15
CA PRO D 1602 -56.69 -55.08 -81.02
C PRO D 1602 -56.12 -56.40 -80.58
N VAL D 1603 -54.87 -56.43 -80.10
CA VAL D 1603 -54.17 -57.66 -79.79
C VAL D 1603 -53.64 -57.53 -78.36
N SER D 1604 -53.76 -58.61 -77.59
CA SER D 1604 -53.26 -58.66 -76.23
C SER D 1604 -52.62 -60.02 -76.00
N TRP D 1605 -51.71 -60.07 -75.04
CA TRP D 1605 -51.06 -61.34 -74.72
C TRP D 1605 -52.02 -62.28 -74.02
N SER D 1606 -51.71 -63.58 -74.07
CA SER D 1606 -52.50 -64.57 -73.35
C SER D 1606 -51.64 -65.80 -73.15
N ARG D 1607 -52.10 -66.70 -72.29
CA ARG D 1607 -51.29 -67.80 -71.79
C ARG D 1607 -51.87 -69.16 -72.20
N MET D 1608 -51.00 -70.04 -72.71
CA MET D 1608 -51.44 -71.41 -72.98
C MET D 1608 -51.55 -72.18 -71.67
N PRO D 1609 -52.70 -72.76 -71.34
CA PRO D 1609 -52.76 -73.70 -70.22
C PRO D 1609 -51.86 -74.90 -70.47
N ASN D 1610 -51.25 -75.41 -69.39
CA ASN D 1610 -50.35 -76.55 -69.53
C ASN D 1610 -51.05 -77.85 -69.90
N HIS D 1611 -52.38 -77.91 -69.85
CA HIS D 1611 -53.13 -79.08 -70.26
C HIS D 1611 -54.32 -78.66 -71.10
N PHE D 1612 -54.77 -79.57 -71.96
CA PHE D 1612 -55.92 -79.31 -72.82
C PHE D 1612 -56.82 -80.54 -72.83
N LEU D 1613 -58.07 -80.32 -73.21
CA LEU D 1613 -59.06 -81.39 -73.24
C LEU D 1613 -58.74 -82.42 -74.31
N GLN D 1614 -58.90 -83.69 -73.96
CA GLN D 1614 -58.61 -84.81 -74.85
C GLN D 1614 -59.92 -85.23 -75.51
N VAL D 1615 -60.04 -84.94 -76.81
CA VAL D 1615 -61.26 -85.15 -77.58
C VAL D 1615 -60.95 -86.10 -78.71
N GLU D 1616 -61.80 -87.12 -78.90
CA GLU D 1616 -61.60 -88.09 -79.98
C GLU D 1616 -62.85 -88.17 -80.84
N THR D 1617 -62.69 -87.92 -82.14
CA THR D 1617 -63.76 -88.05 -83.12
C THR D 1617 -63.44 -89.20 -84.06
N ARG D 1618 -64.38 -90.12 -84.22
CA ARG D 1618 -64.20 -91.26 -85.10
C ARG D 1618 -65.55 -91.67 -85.68
N ARG D 1619 -65.51 -92.44 -86.76
CA ARG D 1619 -66.74 -92.88 -87.42
C ARG D 1619 -67.00 -94.34 -87.07
N ALA D 1620 -67.93 -94.56 -86.14
CA ALA D 1620 -68.32 -95.91 -85.76
C ALA D 1620 -69.07 -96.62 -86.89
N GLY D 1621 -69.99 -95.93 -87.54
CA GLY D 1621 -70.76 -96.52 -88.61
C GLY D 1621 -71.41 -95.46 -89.47
N GLU D 1622 -71.75 -95.86 -90.70
CA GLU D 1622 -72.38 -94.94 -91.65
C GLU D 1622 -73.74 -94.48 -91.14
N ARG D 1623 -74.55 -95.40 -90.63
CA ARG D 1623 -75.83 -95.05 -90.01
C ARG D 1623 -75.64 -94.27 -88.73
N LEU D 1624 -74.57 -94.56 -87.98
CA LEU D 1624 -74.31 -93.89 -86.73
C LEU D 1624 -73.63 -92.54 -86.91
N GLY D 1625 -73.18 -92.23 -88.12
CA GLY D 1625 -72.49 -90.97 -88.35
C GLY D 1625 -71.16 -90.93 -87.62
N TRP D 1626 -70.86 -89.76 -87.07
CA TRP D 1626 -69.58 -89.55 -86.39
C TRP D 1626 -69.77 -89.46 -84.88
N ALA D 1627 -68.96 -90.19 -84.12
CA ALA D 1627 -69.06 -90.22 -82.68
C ALA D 1627 -67.85 -89.52 -82.06
N VAL D 1628 -68.10 -88.74 -81.02
CA VAL D 1628 -67.10 -87.96 -80.30
C VAL D 1628 -67.13 -88.42 -78.86
N GLN D 1629 -65.94 -88.56 -78.28
CA GLN D 1629 -65.75 -89.06 -76.93
C GLN D 1629 -64.74 -88.21 -76.18
N CYS D 1630 -65.03 -87.95 -74.90
CA CYS D 1630 -64.13 -87.18 -74.04
C CYS D 1630 -64.51 -87.41 -72.60
N GLN D 1631 -63.54 -87.80 -71.77
CA GLN D 1631 -63.90 -88.12 -70.39
C GLN D 1631 -63.07 -87.38 -69.35
N ASP D 1632 -61.78 -87.17 -69.61
CA ASP D 1632 -60.85 -86.60 -68.64
C ASP D 1632 -61.25 -85.18 -68.27
N PRO D 1633 -61.51 -84.88 -67.00
CA PRO D 1633 -61.88 -83.50 -66.65
C PRO D 1633 -60.69 -82.63 -66.30
N LEU D 1634 -60.78 -81.38 -66.74
CA LEU D 1634 -59.81 -80.35 -66.41
C LEU D 1634 -60.57 -79.15 -65.86
N THR D 1635 -60.13 -78.64 -64.72
CA THR D 1635 -60.74 -77.49 -64.09
C THR D 1635 -59.67 -76.44 -63.84
N MET D 1636 -60.06 -75.18 -63.89
CA MET D 1636 -59.10 -74.09 -63.78
C MET D 1636 -59.69 -72.93 -63.02
N MET D 1637 -58.80 -72.24 -62.30
CA MET D 1637 -59.18 -71.10 -61.49
C MET D 1637 -59.68 -69.94 -62.35
N ALA D 1638 -60.81 -69.36 -61.94
CA ALA D 1638 -61.45 -68.30 -62.71
C ALA D 1638 -61.47 -67.06 -61.84
N LEU D 1639 -60.69 -66.06 -62.22
CA LEU D 1639 -60.66 -64.77 -61.54
C LEU D 1639 -61.55 -63.83 -62.36
N HIS D 1640 -62.75 -63.58 -61.88
CA HIS D 1640 -63.72 -62.79 -62.62
C HIS D 1640 -63.71 -61.35 -62.14
N ILE D 1641 -63.38 -60.44 -63.05
CA ILE D 1641 -63.48 -59.01 -62.74
C ILE D 1641 -64.95 -58.62 -62.76
N PRO D 1642 -65.47 -57.96 -61.72
CA PRO D 1642 -66.91 -57.64 -61.70
C PRO D 1642 -67.35 -56.65 -62.77
N GLU D 1643 -66.72 -55.47 -62.79
CA GLU D 1643 -67.21 -54.36 -63.61
C GLU D 1643 -67.11 -54.68 -65.10
N GLU D 1644 -66.01 -55.27 -65.54
CA GLU D 1644 -65.84 -55.65 -66.93
C GLU D 1644 -66.32 -57.07 -67.22
N ASN D 1645 -66.83 -57.79 -66.22
CA ASN D 1645 -67.54 -59.06 -66.33
C ASN D 1645 -66.72 -60.19 -66.97
N ARG D 1646 -65.43 -59.97 -67.21
CA ARG D 1646 -64.57 -60.94 -67.86
C ARG D 1646 -63.66 -61.63 -66.86
N CYS D 1647 -63.66 -62.96 -66.90
CA CYS D 1647 -62.80 -63.74 -66.04
C CYS D 1647 -61.49 -64.04 -66.77
N MET D 1648 -60.44 -64.27 -65.98
CA MET D 1648 -59.12 -64.55 -66.49
C MET D 1648 -58.48 -65.61 -65.62
N ASP D 1649 -57.53 -66.32 -66.21
CA ASP D 1649 -56.80 -67.36 -65.49
C ASP D 1649 -55.97 -66.71 -64.39
N ILE D 1650 -56.02 -67.29 -63.19
CA ILE D 1650 -55.22 -66.78 -62.07
C ILE D 1650 -53.73 -66.96 -62.34
N LEU D 1651 -53.34 -67.95 -63.16
CA LEU D 1651 -51.93 -68.15 -63.45
C LEU D 1651 -51.34 -67.00 -64.27
N GLU D 1652 -52.18 -66.20 -64.93
CA GLU D 1652 -51.71 -65.01 -65.62
C GLU D 1652 -51.24 -63.93 -64.64
N LEU D 1653 -51.65 -64.00 -63.38
CA LEU D 1653 -51.22 -63.02 -62.37
C LEU D 1653 -49.72 -63.09 -62.11
N SER D 1654 -49.05 -64.19 -62.48
CA SER D 1654 -47.60 -64.27 -62.48
C SER D 1654 -46.97 -63.30 -63.48
N GLU D 1655 -47.77 -62.76 -64.40
CA GLU D 1655 -47.40 -61.77 -65.38
C GLU D 1655 -48.05 -60.43 -65.12
N ARG D 1656 -49.32 -60.42 -64.73
CA ARG D 1656 -50.05 -59.20 -64.41
C ARG D 1656 -49.75 -58.80 -62.97
N LEU D 1657 -48.56 -58.24 -62.76
CA LEU D 1657 -48.09 -57.89 -61.41
C LEU D 1657 -48.96 -56.83 -60.75
N ASP D 1658 -49.36 -55.81 -61.53
CA ASP D 1658 -50.16 -54.70 -61.01
C ASP D 1658 -51.48 -55.14 -60.36
N LEU D 1659 -52.09 -56.20 -60.87
CA LEU D 1659 -53.22 -56.81 -60.18
C LEU D 1659 -52.77 -57.82 -59.13
N GLN D 1660 -51.58 -58.41 -59.32
CA GLN D 1660 -51.10 -59.46 -58.42
C GLN D 1660 -50.92 -58.91 -57.01
N ARG D 1661 -50.34 -57.71 -56.90
CA ARG D 1661 -50.17 -57.06 -55.60
C ARG D 1661 -51.52 -56.82 -54.94
N PHE D 1662 -52.47 -56.27 -55.71
CA PHE D 1662 -53.79 -55.93 -55.19
C PHE D 1662 -54.52 -57.16 -54.66
N HIS D 1663 -54.55 -58.24 -55.44
CA HIS D 1663 -55.21 -59.46 -55.00
C HIS D 1663 -54.48 -60.13 -53.82
N SER D 1664 -53.14 -60.09 -53.84
CA SER D 1664 -52.39 -60.58 -52.69
C SER D 1664 -52.73 -59.79 -51.42
N HIS D 1665 -52.91 -58.47 -51.56
CA HIS D 1665 -53.42 -57.66 -50.47
C HIS D 1665 -54.85 -58.06 -50.10
N THR D 1666 -55.65 -58.44 -51.10
CA THR D 1666 -57.05 -58.80 -50.86
C THR D 1666 -57.12 -60.00 -49.92
N LEU D 1667 -56.26 -60.99 -50.17
CA LEU D 1667 -56.22 -62.16 -49.30
C LEU D 1667 -55.81 -61.75 -47.88
N ARG D 1668 -54.90 -60.78 -47.79
CA ARG D 1668 -54.45 -60.27 -46.50
C ARG D 1668 -55.61 -59.67 -45.74
N LEU D 1669 -56.43 -58.88 -46.44
CA LEU D 1669 -57.63 -58.30 -45.86
C LEU D 1669 -58.61 -59.36 -45.39
N TYR D 1670 -58.73 -60.46 -46.14
CA TYR D 1670 -59.55 -61.59 -45.71
C TYR D 1670 -59.03 -62.19 -44.41
N ARG D 1671 -57.71 -62.34 -44.30
CA ARG D 1671 -57.10 -62.80 -43.05
C ARG D 1671 -57.33 -61.80 -41.94
N ALA D 1672 -57.25 -60.51 -42.26
CA ALA D 1672 -57.37 -59.47 -41.24
C ALA D 1672 -58.77 -59.44 -40.66
N VAL D 1673 -59.79 -59.51 -41.52
CA VAL D 1673 -61.18 -59.47 -41.03
C VAL D 1673 -61.49 -60.73 -40.24
N CYS D 1674 -60.95 -61.89 -40.65
CA CYS D 1674 -61.22 -63.10 -39.88
C CYS D 1674 -60.18 -63.36 -38.78
N ALA D 1675 -59.25 -62.45 -38.57
CA ALA D 1675 -58.18 -62.61 -37.59
C ALA D 1675 -58.71 -62.62 -36.16
N LEU D 1676 -58.02 -63.40 -35.32
CA LEU D 1676 -58.26 -63.48 -33.86
C LEU D 1676 -59.64 -64.05 -33.56
N GLY D 1677 -59.96 -65.16 -34.22
CA GLY D 1677 -61.08 -66.00 -33.86
C GLY D 1677 -62.46 -65.42 -34.02
N ASN D 1678 -62.63 -64.42 -34.88
CA ASN D 1678 -63.94 -63.87 -35.20
C ASN D 1678 -64.74 -64.86 -36.05
N ASN D 1679 -65.09 -66.02 -35.47
CA ASN D 1679 -65.63 -67.15 -36.23
C ASN D 1679 -66.92 -66.82 -36.96
N ARG D 1680 -67.71 -65.87 -36.41
CA ARG D 1680 -68.92 -65.39 -37.09
C ARG D 1680 -68.57 -64.82 -38.46
N VAL D 1681 -67.47 -64.06 -38.54
CA VAL D 1681 -66.99 -63.59 -39.82
C VAL D 1681 -66.41 -64.75 -40.61
N ALA D 1682 -65.65 -65.63 -39.93
CA ALA D 1682 -64.93 -66.71 -40.62
C ALA D 1682 -65.87 -67.61 -41.40
N HIS D 1683 -67.10 -67.83 -40.89
CA HIS D 1683 -68.09 -68.55 -41.67
C HIS D 1683 -68.50 -67.75 -42.91
N ALA D 1684 -68.69 -66.43 -42.73
CA ALA D 1684 -69.12 -65.56 -43.82
C ALA D 1684 -68.13 -65.53 -44.97
N LEU D 1685 -66.84 -65.73 -44.67
CA LEU D 1685 -65.82 -65.80 -45.71
C LEU D 1685 -66.02 -66.99 -46.63
N CYS D 1686 -66.52 -68.11 -46.10
CA CYS D 1686 -66.65 -69.36 -46.83
C CYS D 1686 -67.55 -69.25 -48.06
N SER D 1687 -68.41 -68.24 -48.13
CA SER D 1687 -69.10 -67.95 -49.38
C SER D 1687 -68.13 -67.48 -50.45
N HIS D 1688 -67.31 -66.47 -50.12
CA HIS D 1688 -66.45 -65.85 -51.11
C HIS D 1688 -65.29 -66.74 -51.51
N VAL D 1689 -64.79 -67.56 -50.59
CA VAL D 1689 -63.79 -68.57 -50.93
C VAL D 1689 -64.29 -69.93 -50.49
N ASP D 1690 -64.27 -70.89 -51.41
CA ASP D 1690 -64.88 -72.18 -51.18
C ASP D 1690 -63.83 -73.26 -50.96
N GLN D 1691 -64.25 -74.29 -50.21
CA GLN D 1691 -63.36 -75.38 -49.78
C GLN D 1691 -62.67 -76.03 -50.98
N ALA D 1692 -63.43 -76.21 -52.07
CA ALA D 1692 -62.86 -76.75 -53.30
C ALA D 1692 -61.77 -75.83 -53.84
N GLN D 1693 -62.03 -74.52 -53.83
CA GLN D 1693 -61.07 -73.54 -54.32
C GLN D 1693 -59.77 -73.59 -53.52
N LEU D 1694 -59.89 -73.68 -52.19
CA LEU D 1694 -58.69 -73.76 -51.34
C LEU D 1694 -57.91 -75.05 -51.61
N LEU D 1695 -58.61 -76.20 -51.59
CA LEU D 1695 -57.95 -77.49 -51.80
C LEU D 1695 -57.31 -77.57 -53.17
N HIS D 1696 -57.98 -77.04 -54.19
CA HIS D 1696 -57.40 -76.98 -55.53
C HIS D 1696 -56.16 -76.11 -55.52
N ALA D 1697 -56.25 -74.93 -54.89
CA ALA D 1697 -55.15 -73.98 -54.89
C ALA D 1697 -53.93 -74.47 -54.14
N LEU D 1698 -54.08 -75.52 -53.32
CA LEU D 1698 -52.95 -76.03 -52.56
C LEU D 1698 -51.88 -76.61 -53.49
N GLU D 1699 -52.31 -77.38 -54.49
CA GLU D 1699 -51.38 -78.14 -55.32
C GLU D 1699 -50.97 -77.43 -56.61
N ASP D 1700 -51.49 -76.23 -56.86
CA ASP D 1700 -51.24 -75.51 -58.11
C ASP D 1700 -49.78 -75.08 -58.12
N ALA D 1701 -48.94 -75.88 -58.79
CA ALA D 1701 -47.50 -75.61 -58.84
C ALA D 1701 -47.18 -74.29 -59.53
N HIS D 1702 -47.87 -74.00 -60.64
CA HIS D 1702 -47.56 -72.79 -61.40
C HIS D 1702 -48.05 -71.51 -60.74
N LEU D 1703 -48.71 -71.59 -59.59
CA LEU D 1703 -49.31 -70.42 -58.96
C LEU D 1703 -48.21 -69.49 -58.46
N PRO D 1704 -48.43 -68.16 -58.53
CA PRO D 1704 -47.42 -67.22 -58.04
C PRO D 1704 -47.16 -67.37 -56.54
N GLY D 1705 -45.90 -67.12 -56.17
CA GLY D 1705 -45.40 -67.22 -54.81
C GLY D 1705 -46.22 -66.53 -53.72
N PRO D 1706 -46.33 -65.19 -53.80
CA PRO D 1706 -47.10 -64.45 -52.78
C PRO D 1706 -48.53 -64.92 -52.65
N LEU D 1707 -49.17 -65.28 -53.77
CA LEU D 1707 -50.55 -65.73 -53.69
C LEU D 1707 -50.63 -67.13 -53.13
N ARG D 1708 -49.59 -67.93 -53.34
CA ARG D 1708 -49.54 -69.29 -52.79
C ARG D 1708 -49.48 -69.24 -51.28
N ALA D 1709 -48.56 -68.41 -50.76
CA ALA D 1709 -48.45 -68.24 -49.32
C ALA D 1709 -49.70 -67.58 -48.74
N GLY D 1710 -50.25 -66.60 -49.47
CA GLY D 1710 -51.44 -65.92 -49.01
C GLY D 1710 -52.62 -66.87 -48.89
N TYR D 1711 -52.79 -67.75 -49.88
CA TYR D 1711 -53.91 -68.67 -49.87
C TYR D 1711 -53.77 -69.71 -48.77
N TYR D 1712 -52.55 -70.23 -48.57
CA TYR D 1712 -52.34 -71.19 -47.48
C TYR D 1712 -52.65 -70.57 -46.13
N ASP D 1713 -52.13 -69.35 -45.89
CA ASP D 1713 -52.41 -68.65 -44.65
C ASP D 1713 -53.90 -68.35 -44.51
N LEU D 1714 -54.55 -67.98 -45.62
CA LEU D 1714 -55.99 -67.73 -45.61
C LEU D 1714 -56.76 -68.98 -45.20
N LEU D 1715 -56.32 -70.16 -45.67
CA LEU D 1715 -56.92 -71.42 -45.25
C LEU D 1715 -56.79 -71.58 -43.74
N ILE D 1716 -55.56 -71.37 -43.23
CA ILE D 1716 -55.28 -71.60 -41.82
C ILE D 1716 -56.14 -70.68 -40.97
N SER D 1717 -56.21 -69.40 -41.39
CA SER D 1717 -56.98 -68.41 -40.65
C SER D 1717 -58.46 -68.75 -40.64
N ILE D 1718 -59.00 -69.17 -41.80
CA ILE D 1718 -60.44 -69.42 -41.86
C ILE D 1718 -60.81 -70.65 -41.03
N HIS D 1719 -59.94 -71.65 -40.99
CA HIS D 1719 -60.35 -72.92 -40.40
C HIS D 1719 -59.58 -73.34 -39.14
N LEU D 1720 -58.33 -72.94 -38.99
CA LEU D 1720 -57.46 -73.63 -38.04
C LEU D 1720 -56.97 -72.79 -36.86
N GLU D 1721 -56.92 -71.46 -36.98
CA GLU D 1721 -56.32 -70.63 -35.92
C GLU D 1721 -57.06 -70.71 -34.59
N SER D 1722 -58.39 -70.64 -34.59
CA SER D 1722 -59.13 -70.52 -33.34
C SER D 1722 -58.93 -71.74 -32.43
N ALA D 1723 -59.02 -72.92 -33.05
CA ALA D 1723 -58.77 -74.16 -32.33
C ALA D 1723 -57.29 -74.36 -32.08
N CYS D 1724 -56.44 -73.85 -32.98
CA CYS D 1724 -55.00 -73.95 -32.78
C CYS D 1724 -54.59 -73.14 -31.58
N ARG D 1725 -55.01 -71.88 -31.52
CA ARG D 1725 -54.59 -70.95 -30.48
C ARG D 1725 -55.11 -71.42 -29.12
N SER D 1726 -56.38 -71.86 -29.07
CA SER D 1726 -56.93 -72.40 -27.84
C SER D 1726 -56.19 -73.64 -27.38
N ARG D 1727 -55.91 -74.58 -28.29
CA ARG D 1727 -55.13 -75.77 -27.94
C ARG D 1727 -53.73 -75.37 -27.49
N ARG D 1728 -53.16 -74.36 -28.15
CA ARG D 1728 -51.80 -73.90 -27.89
C ARG D 1728 -51.70 -73.42 -26.46
N SER D 1729 -52.70 -72.63 -26.02
CA SER D 1729 -52.71 -72.17 -24.65
C SER D 1729 -52.87 -73.36 -23.70
N MET D 1730 -53.75 -74.30 -24.04
CA MET D 1730 -53.93 -75.47 -23.19
C MET D 1730 -52.72 -76.41 -23.16
N LEU D 1731 -51.75 -76.23 -24.06
CA LEU D 1731 -50.53 -77.04 -24.01
C LEU D 1731 -49.66 -76.73 -22.81
N SER D 1732 -49.81 -75.55 -22.20
CA SER D 1732 -48.95 -75.21 -21.07
C SER D 1732 -49.38 -75.88 -19.79
N GLU D 1733 -50.60 -76.39 -19.73
CA GLU D 1733 -51.08 -77.09 -18.54
C GLU D 1733 -50.93 -78.59 -18.73
N TYR D 1734 -50.87 -79.31 -17.61
CA TYR D 1734 -50.74 -80.78 -17.64
C TYR D 1734 -51.62 -81.33 -16.52
N ILE D 1735 -52.88 -81.62 -16.85
CA ILE D 1735 -53.80 -82.25 -15.93
C ILE D 1735 -53.85 -83.72 -16.30
N VAL D 1736 -53.64 -84.59 -15.32
CA VAL D 1736 -53.57 -86.01 -15.61
C VAL D 1736 -54.63 -86.80 -14.84
N PRO D 1737 -55.31 -87.76 -15.47
CA PRO D 1737 -56.28 -88.60 -14.77
C PRO D 1737 -55.65 -89.85 -14.19
N LEU D 1738 -56.29 -90.37 -13.14
CA LEU D 1738 -55.85 -91.59 -12.46
C LEU D 1738 -56.51 -92.77 -13.17
N THR D 1739 -55.99 -93.11 -14.34
CA THR D 1739 -56.54 -94.11 -15.22
C THR D 1739 -55.47 -95.12 -15.63
N PRO D 1740 -55.85 -96.37 -15.96
CA PRO D 1740 -54.84 -97.36 -16.39
C PRO D 1740 -54.05 -96.96 -17.62
N GLU D 1741 -54.63 -96.21 -18.55
CA GLU D 1741 -53.85 -95.71 -19.68
C GLU D 1741 -52.77 -94.74 -19.21
N THR D 1742 -53.05 -93.96 -18.16
CA THR D 1742 -51.99 -93.18 -17.54
C THR D 1742 -50.94 -94.09 -16.92
N ARG D 1743 -51.39 -95.20 -16.31
CA ARG D 1743 -50.48 -96.10 -15.60
CA ARG D 1743 -50.46 -96.08 -15.60
C ARG D 1743 -49.48 -96.74 -16.56
N ALA D 1744 -49.94 -97.10 -17.76
CA ALA D 1744 -49.09 -97.76 -18.75
C ALA D 1744 -47.95 -96.88 -19.26
N ILE D 1745 -48.03 -95.57 -19.05
CA ILE D 1745 -47.01 -94.64 -19.55
C ILE D 1745 -45.69 -94.88 -18.82
N THR D 1746 -44.61 -94.99 -19.58
CA THR D 1746 -43.28 -95.24 -19.04
C THR D 1746 -42.30 -94.29 -19.70
N LEU D 1747 -41.26 -93.93 -18.96
CA LEU D 1747 -40.23 -93.01 -19.45
C LEU D 1747 -39.53 -93.56 -20.68
N PHE D 1748 -39.15 -94.83 -20.63
CA PHE D 1748 -38.51 -95.45 -21.77
C PHE D 1748 -39.37 -96.58 -22.29
N PRO D 1749 -39.48 -96.73 -23.61
CA PRO D 1749 -40.13 -97.90 -24.17
C PRO D 1749 -39.36 -99.16 -23.78
N PRO D 1750 -40.06 -100.29 -23.62
CA PRO D 1750 -39.37 -101.54 -23.25
C PRO D 1750 -38.33 -101.95 -24.27
N GLY D 1751 -37.20 -102.43 -23.78
CA GLY D 1751 -36.11 -102.76 -24.67
C GLY D 1751 -34.97 -103.42 -23.91
N ARG D 1752 -33.86 -103.59 -24.63
CA ARG D 1752 -32.68 -104.26 -24.10
C ARG D 1752 -31.39 -103.56 -24.49
N LYS D 1753 -31.44 -102.27 -24.83
CA LYS D 1753 -30.25 -101.53 -25.24
C LYS D 1753 -29.27 -101.36 -24.07
N GLY D 1754 -29.70 -100.68 -23.01
CA GLY D 1754 -28.82 -100.41 -21.90
C GLY D 1754 -29.60 -100.38 -20.60
N GLY D 1755 -28.86 -100.63 -19.51
CA GLY D 1755 -29.47 -100.68 -18.19
C GLY D 1755 -30.06 -99.36 -17.74
N ASN D 1756 -29.28 -98.29 -17.88
CA ASN D 1756 -29.74 -96.97 -17.42
C ASN D 1756 -30.76 -96.38 -18.39
N ALA D 1757 -30.54 -96.55 -19.69
CA ALA D 1757 -31.36 -95.87 -20.69
C ALA D 1757 -31.37 -96.67 -21.97
N ARG D 1758 -32.54 -97.18 -22.35
CA ARG D 1758 -32.74 -97.79 -23.65
C ARG D 1758 -32.82 -96.71 -24.72
N ARG D 1759 -33.11 -97.11 -25.95
CA ARG D 1759 -33.30 -96.16 -27.04
C ARG D 1759 -34.50 -95.26 -26.75
N HIS D 1760 -34.29 -93.95 -26.91
CA HIS D 1760 -35.28 -92.96 -26.51
C HIS D 1760 -36.56 -93.13 -27.33
N GLY D 1761 -37.70 -92.91 -26.67
CA GLY D 1761 -38.96 -92.93 -27.39
C GLY D 1761 -39.04 -91.83 -28.44
N LEU D 1762 -39.62 -92.18 -29.57
CA LEU D 1762 -39.76 -91.24 -30.68
C LEU D 1762 -40.73 -90.13 -30.27
N PRO D 1763 -40.39 -88.86 -30.52
CA PRO D 1763 -41.26 -87.75 -30.10
C PRO D 1763 -42.64 -87.85 -30.73
N GLY D 1764 -43.66 -87.46 -29.98
CA GLY D 1764 -45.04 -87.52 -30.41
C GLY D 1764 -45.63 -88.91 -30.68
N VAL D 1765 -44.80 -89.95 -30.67
CA VAL D 1765 -45.24 -91.31 -30.94
C VAL D 1765 -45.54 -91.97 -29.61
N GLY D 1766 -46.80 -92.25 -29.34
CA GLY D 1766 -47.22 -92.83 -28.10
C GLY D 1766 -48.55 -92.27 -27.69
N VAL D 1767 -48.86 -92.43 -26.41
CA VAL D 1767 -50.17 -92.07 -25.87
C VAL D 1767 -49.98 -90.89 -24.92
N THR D 1768 -50.88 -89.91 -25.01
CA THR D 1768 -50.86 -88.74 -24.16
C THR D 1768 -52.21 -88.65 -23.47
N THR D 1769 -52.23 -88.87 -22.16
CA THR D 1769 -53.47 -88.87 -21.41
C THR D 1769 -53.82 -87.50 -20.85
N SER D 1770 -52.98 -86.49 -21.11
CA SER D 1770 -53.20 -85.15 -20.56
C SER D 1770 -54.50 -84.55 -21.09
N LEU D 1771 -55.14 -83.76 -20.24
CA LEU D 1771 -56.43 -83.20 -20.60
C LEU D 1771 -56.28 -82.14 -21.69
N ARG D 1772 -57.05 -82.29 -22.75
CA ARG D 1772 -57.17 -81.30 -23.81
C ARG D 1772 -58.60 -81.34 -24.31
N PRO D 1773 -59.33 -80.22 -24.22
CA PRO D 1773 -60.77 -80.23 -24.53
C PRO D 1773 -61.04 -80.55 -25.99
N PRO D 1774 -62.23 -81.05 -26.32
CA PRO D 1774 -62.54 -81.38 -27.72
C PRO D 1774 -62.57 -80.14 -28.60
N HIS D 1775 -62.16 -80.32 -29.84
CA HIS D 1775 -62.32 -79.25 -30.82
C HIS D 1775 -63.80 -79.05 -31.13
N HIS D 1776 -64.13 -77.85 -31.59
CA HIS D 1776 -65.49 -77.50 -31.96
C HIS D 1776 -65.53 -77.08 -33.41
N PHE D 1777 -66.47 -77.63 -34.17
CA PHE D 1777 -66.62 -77.31 -35.57
C PHE D 1777 -68.08 -77.27 -35.97
N SER D 1778 -68.37 -76.49 -37.01
CA SER D 1778 -69.70 -76.36 -37.56
C SER D 1778 -69.64 -76.58 -39.06
N PRO D 1779 -70.63 -77.24 -39.65
CA PRO D 1779 -70.68 -77.38 -41.10
C PRO D 1779 -71.14 -76.07 -41.73
N PRO D 1780 -70.30 -75.47 -42.59
CA PRO D 1780 -70.71 -74.20 -43.22
C PRO D 1780 -71.83 -74.39 -44.23
N CYS D 1781 -73.04 -74.02 -43.82
CA CYS D 1781 -74.22 -74.14 -44.67
C CYS D 1781 -75.09 -72.91 -44.43
N PHE D 1782 -75.27 -72.12 -45.49
CA PHE D 1782 -75.76 -70.76 -45.35
C PHE D 1782 -77.24 -70.62 -45.65
N VAL D 1783 -77.89 -71.71 -46.09
CA VAL D 1783 -79.34 -71.67 -46.33
C VAL D 1783 -80.13 -71.87 -45.06
N ALA D 1784 -79.47 -72.11 -43.93
CA ALA D 1784 -80.16 -72.31 -42.66
C ALA D 1784 -80.93 -71.05 -42.29
N ALA D 1785 -82.08 -71.25 -41.65
CA ALA D 1785 -82.93 -70.15 -41.21
C ALA D 1785 -82.18 -69.27 -40.22
N LEU D 1786 -82.45 -67.96 -40.31
CA LEU D 1786 -81.86 -67.00 -39.40
C LEU D 1786 -82.35 -67.30 -37.99
N PRO D 1787 -81.46 -67.55 -37.03
CA PRO D 1787 -81.88 -67.89 -35.68
C PRO D 1787 -82.68 -66.77 -35.03
N ALA D 1788 -83.76 -67.15 -34.33
CA ALA D 1788 -84.63 -66.19 -33.68
C ALA D 1788 -83.93 -65.44 -32.54
N ALA D 1789 -82.83 -65.99 -32.04
CA ALA D 1789 -82.03 -65.32 -31.03
C ALA D 1789 -81.42 -64.06 -31.63
N GLY D 1790 -81.55 -62.94 -30.93
CA GLY D 1790 -81.02 -61.68 -31.41
C GLY D 1790 -79.52 -61.58 -31.21
N VAL D 1791 -79.00 -60.39 -31.52
CA VAL D 1791 -77.57 -60.12 -31.39
C VAL D 1791 -77.19 -60.17 -29.91
N ALA D 1792 -75.92 -60.52 -29.66
CA ALA D 1792 -75.27 -60.60 -28.34
C ALA D 1792 -75.87 -61.64 -27.42
N GLU D 1793 -76.81 -62.46 -27.88
CA GLU D 1793 -77.46 -63.46 -27.05
C GLU D 1793 -77.34 -64.87 -27.58
N ALA D 1794 -77.25 -65.06 -28.90
CA ALA D 1794 -77.02 -66.38 -29.46
C ALA D 1794 -75.61 -66.87 -29.14
N PRO D 1795 -75.43 -68.18 -28.89
CA PRO D 1795 -74.08 -68.72 -28.63
C PRO D 1795 -73.18 -68.58 -29.84
N ALA D 1796 -71.88 -68.46 -29.55
CA ALA D 1796 -70.87 -68.15 -30.56
C ALA D 1796 -70.76 -69.25 -31.62
N ARG D 1797 -70.60 -68.83 -32.87
CA ARG D 1797 -70.38 -69.77 -33.96
C ARG D 1797 -69.03 -70.47 -33.79
N LEU D 1798 -69.02 -71.77 -34.07
CA LEU D 1798 -67.78 -72.54 -34.01
C LEU D 1798 -66.97 -72.32 -35.28
N SER D 1799 -65.78 -72.91 -35.31
CA SER D 1799 -64.93 -72.86 -36.50
C SER D 1799 -65.60 -73.61 -37.65
N PRO D 1800 -65.62 -73.05 -38.86
CA PRO D 1800 -66.14 -73.78 -40.02
C PRO D 1800 -65.39 -75.08 -40.26
N ALA D 1801 -66.14 -76.14 -40.57
CA ALA D 1801 -65.53 -77.45 -40.68
C ALA D 1801 -64.83 -77.61 -42.02
N ILE D 1802 -64.00 -78.64 -42.11
CA ILE D 1802 -63.23 -79.01 -43.30
C ILE D 1802 -62.66 -80.40 -43.06
N PRO D 1803 -62.64 -81.31 -44.06
CA PRO D 1803 -62.14 -82.67 -43.84
C PRO D 1803 -60.65 -82.71 -43.50
N LEU D 1804 -60.37 -83.10 -42.25
CA LEU D 1804 -59.02 -83.01 -41.75
C LEU D 1804 -58.21 -84.25 -42.02
N GLU D 1805 -58.80 -85.45 -41.89
CA GLU D 1805 -58.05 -86.66 -42.19
C GLU D 1805 -57.64 -86.71 -43.67
N ALA D 1806 -58.50 -86.22 -44.56
CA ALA D 1806 -58.11 -86.07 -45.95
C ALA D 1806 -57.12 -84.94 -46.13
N LEU D 1807 -57.30 -83.86 -45.36
CA LEU D 1807 -56.38 -82.73 -45.46
C LEU D 1807 -54.97 -83.14 -45.05
N ARG D 1808 -54.83 -83.83 -43.90
CA ARG D 1808 -53.52 -84.27 -43.45
C ARG D 1808 -52.89 -85.26 -44.42
N ASP D 1809 -53.70 -86.11 -45.08
CA ASP D 1809 -53.13 -86.97 -46.12
C ASP D 1809 -52.58 -86.16 -47.29
N LYS D 1810 -53.34 -85.16 -47.74
CA LYS D 1810 -52.87 -84.27 -48.81
C LYS D 1810 -51.60 -83.52 -48.39
N ALA D 1811 -51.58 -83.00 -47.17
CA ALA D 1811 -50.42 -82.28 -46.65
C ALA D 1811 -49.19 -83.19 -46.55
N LEU D 1812 -49.37 -84.42 -46.06
CA LEU D 1812 -48.29 -85.40 -46.00
C LEU D 1812 -47.73 -85.70 -47.38
N ARG D 1813 -48.63 -85.90 -48.35
CA ARG D 1813 -48.19 -86.17 -49.72
C ARG D 1813 -47.47 -84.96 -50.29
N MET D 1814 -47.96 -83.75 -49.98
CA MET D 1814 -47.35 -82.52 -50.45
C MET D 1814 -45.94 -82.40 -49.92
N LEU D 1815 -45.76 -82.78 -48.65
CA LEU D 1815 -44.45 -82.71 -48.02
C LEU D 1815 -43.50 -83.64 -48.73
N GLY D 1816 -43.97 -84.88 -49.00
CA GLY D 1816 -43.14 -85.85 -49.70
C GLY D 1816 -42.71 -85.36 -51.08
N GLU D 1817 -43.63 -84.67 -51.77
CA GLU D 1817 -43.32 -84.04 -53.05
C GLU D 1817 -42.24 -82.99 -52.91
N ALA D 1818 -42.35 -82.15 -51.88
CA ALA D 1818 -41.36 -81.09 -51.66
C ALA D 1818 -40.01 -81.70 -51.30
N VAL D 1819 -40.00 -82.72 -50.45
CA VAL D 1819 -38.76 -83.32 -49.96
C VAL D 1819 -38.00 -83.93 -51.12
N ARG D 1820 -38.69 -84.74 -51.93
CA ARG D 1820 -38.03 -85.36 -53.08
C ARG D 1820 -37.64 -84.32 -54.13
N ASP D 1821 -38.48 -83.31 -54.35
CA ASP D 1821 -38.19 -82.26 -55.32
C ASP D 1821 -36.92 -81.48 -54.96
N GLY D 1822 -36.76 -81.15 -53.67
CA GLY D 1822 -35.64 -80.32 -53.22
C GLY D 1822 -34.28 -80.90 -53.53
N GLY D 1823 -34.13 -82.21 -53.34
CA GLY D 1823 -32.87 -82.87 -53.65
C GLY D 1823 -32.47 -82.85 -55.12
N GLN D 1824 -33.44 -82.70 -56.01
CA GLN D 1824 -33.15 -82.67 -57.45
C GLN D 1824 -32.41 -81.41 -57.90
N HIS D 1825 -32.39 -80.35 -57.07
CA HIS D 1825 -31.72 -79.08 -57.37
C HIS D 1825 -32.20 -78.48 -58.69
N ALA D 1826 -33.51 -78.57 -58.93
CA ALA D 1826 -34.13 -77.99 -60.11
C ALA D 1826 -34.08 -76.47 -60.06
N ARG D 1827 -34.03 -75.86 -61.24
CA ARG D 1827 -33.95 -74.42 -61.37
C ARG D 1827 -35.29 -73.73 -61.27
N ASP D 1828 -36.39 -74.47 -61.11
CA ASP D 1828 -37.73 -73.90 -61.09
C ASP D 1828 -38.53 -74.38 -59.88
N PRO D 1829 -38.24 -73.82 -58.71
CA PRO D 1829 -38.98 -74.22 -57.49
C PRO D 1829 -40.45 -73.85 -57.58
N VAL D 1830 -41.28 -74.62 -56.89
CA VAL D 1830 -42.73 -74.43 -56.91
C VAL D 1830 -43.08 -73.07 -56.34
N GLY D 1831 -43.84 -72.29 -57.11
CA GLY D 1831 -44.24 -70.96 -56.73
C GLY D 1831 -43.25 -69.87 -57.12
N GLY D 1832 -42.03 -70.24 -57.46
CA GLY D 1832 -41.06 -69.26 -57.92
C GLY D 1832 -39.77 -69.28 -57.11
N SER D 1833 -39.89 -69.45 -55.80
CA SER D 1833 -38.73 -69.42 -54.92
C SER D 1833 -38.83 -70.57 -53.93
N VAL D 1834 -37.65 -70.98 -53.44
CA VAL D 1834 -37.56 -72.08 -52.47
C VAL D 1834 -38.32 -71.75 -51.20
N GLU D 1835 -38.20 -70.50 -50.72
CA GLU D 1835 -38.93 -70.09 -49.53
C GLU D 1835 -40.46 -70.11 -49.76
N PHE D 1836 -40.91 -69.66 -50.94
CA PHE D 1836 -42.33 -69.74 -51.29
C PHE D 1836 -42.79 -71.17 -51.50
N GLN D 1837 -41.86 -72.08 -51.71
CA GLN D 1837 -42.21 -73.49 -51.87
C GLN D 1837 -42.36 -74.14 -50.51
N PHE D 1838 -41.27 -74.14 -49.73
CA PHE D 1838 -41.24 -74.88 -48.47
C PHE D 1838 -42.05 -74.21 -47.36
N VAL D 1839 -41.97 -72.88 -47.21
CA VAL D 1839 -42.50 -72.19 -46.03
C VAL D 1839 -44.01 -72.38 -45.83
N PRO D 1840 -44.92 -72.05 -46.78
CA PRO D 1840 -46.36 -72.17 -46.50
C PRO D 1840 -46.82 -73.59 -46.17
N VAL D 1841 -46.19 -74.58 -46.82
CA VAL D 1841 -46.47 -75.97 -46.53
C VAL D 1841 -46.03 -76.31 -45.12
N LEU D 1842 -44.80 -75.92 -44.74
CA LEU D 1842 -44.29 -76.18 -43.40
C LEU D 1842 -45.17 -75.52 -42.35
N LYS D 1843 -45.74 -74.35 -42.67
CA LYS D 1843 -46.67 -73.68 -41.77
C LYS D 1843 -47.92 -74.52 -41.57
N LEU D 1844 -48.41 -75.13 -42.66
CA LEU D 1844 -49.59 -75.98 -42.57
C LEU D 1844 -49.30 -77.22 -41.73
N VAL D 1845 -48.12 -77.81 -41.92
CA VAL D 1845 -47.75 -79.02 -41.19
C VAL D 1845 -47.63 -78.70 -39.71
N SER D 1846 -47.02 -77.55 -39.39
CA SER D 1846 -46.87 -77.13 -38.00
C SER D 1846 -48.23 -76.94 -37.35
N THR D 1847 -49.15 -76.28 -38.07
CA THR D 1847 -50.49 -76.03 -37.54
C THR D 1847 -51.21 -77.35 -37.26
N LEU D 1848 -51.08 -78.33 -38.16
CA LEU D 1848 -51.69 -79.63 -37.93
C LEU D 1848 -51.05 -80.36 -36.75
N LEU D 1849 -49.72 -80.21 -36.61
CA LEU D 1849 -48.99 -80.82 -35.49
C LEU D 1849 -49.52 -80.29 -34.16
N VAL D 1850 -49.73 -78.97 -34.08
CA VAL D 1850 -50.35 -78.37 -32.91
C VAL D 1850 -51.77 -78.91 -32.74
N MET D 1851 -52.52 -79.00 -33.84
CA MET D 1851 -53.88 -79.53 -33.83
C MET D 1851 -53.98 -80.96 -33.33
N GLY D 1852 -52.92 -81.75 -33.43
CA GLY D 1852 -53.00 -83.14 -33.05
C GLY D 1852 -53.76 -84.03 -34.00
N ILE D 1853 -54.02 -83.56 -35.23
CA ILE D 1853 -54.76 -84.34 -36.22
C ILE D 1853 -53.99 -85.59 -36.59
N PHE D 1854 -52.66 -85.49 -36.67
CA PHE D 1854 -51.81 -86.59 -37.13
C PHE D 1854 -51.86 -87.76 -36.17
N GLY D 1855 -51.99 -88.96 -36.75
CA GLY D 1855 -51.80 -90.19 -36.01
C GLY D 1855 -50.34 -90.55 -35.93
N ASP D 1856 -50.08 -91.67 -35.21
CA ASP D 1856 -48.73 -92.08 -34.89
C ASP D 1856 -47.89 -92.35 -36.15
N GLU D 1857 -48.44 -93.12 -37.09
CA GLU D 1857 -47.73 -93.43 -38.32
C GLU D 1857 -47.46 -92.18 -39.14
N ASP D 1858 -48.42 -91.24 -39.12
CA ASP D 1858 -48.24 -89.93 -39.72
C ASP D 1858 -47.05 -89.22 -39.12
N VAL D 1859 -46.94 -89.27 -37.79
CA VAL D 1859 -45.81 -88.63 -37.10
C VAL D 1859 -44.51 -89.31 -37.52
N LYS D 1860 -44.53 -90.65 -37.60
CA LYS D 1860 -43.35 -91.43 -37.99
C LYS D 1860 -42.84 -90.97 -39.34
N GLN D 1861 -43.78 -90.78 -40.29
CA GLN D 1861 -43.39 -90.31 -41.61
C GLN D 1861 -42.84 -88.89 -41.54
N ILE D 1862 -43.46 -88.02 -40.73
CA ILE D 1862 -42.97 -86.64 -40.57
C ILE D 1862 -41.52 -86.64 -40.12
N LEU D 1863 -41.21 -87.47 -39.11
CA LEU D 1863 -39.84 -87.64 -38.63
C LEU D 1863 -38.94 -88.22 -39.71
N LYS D 1864 -39.49 -89.04 -40.60
CA LYS D 1864 -38.69 -89.59 -41.69
C LYS D 1864 -38.36 -88.53 -42.73
N MET D 1865 -39.35 -87.72 -43.14
CA MET D 1865 -39.07 -86.67 -44.11
C MET D 1865 -38.10 -85.64 -43.56
N ILE D 1866 -38.26 -85.22 -42.30
CA ILE D 1866 -37.31 -84.23 -41.76
C ILE D 1866 -35.91 -84.84 -41.62
N GLU D 1867 -35.80 -86.03 -41.04
CA GLU D 1867 -34.49 -86.67 -40.93
C GLU D 1867 -34.65 -88.17 -40.79
N PRO D 1868 -34.48 -88.92 -41.88
CA PRO D 1868 -34.83 -90.36 -41.85
C PRO D 1868 -33.93 -91.20 -40.97
N GLU D 1869 -32.61 -91.13 -41.16
CA GLU D 1869 -31.69 -92.10 -40.57
C GLU D 1869 -31.61 -92.01 -39.05
N VAL D 1870 -31.71 -90.80 -38.48
CA VAL D 1870 -31.66 -90.64 -37.04
C VAL D 1870 -32.90 -91.24 -36.40
N PHE D 1871 -34.05 -91.09 -37.04
CA PHE D 1871 -35.33 -91.52 -36.50
C PHE D 1871 -35.79 -92.84 -37.06
N THR D 1872 -34.84 -93.73 -37.37
CA THR D 1872 -35.16 -95.10 -37.74
C THR D 1872 -35.21 -95.96 -36.49
N GLU D 1873 -36.27 -96.74 -36.35
CA GLU D 1873 -36.49 -97.56 -35.17
C GLU D 1873 -36.23 -99.02 -35.49
N GLU D 1874 -35.51 -99.68 -34.57
CA GLU D 1874 -35.20 -101.11 -34.63
C GLU D 1874 -34.65 -101.58 -33.30
N LEU D 1922 -34.01 -89.15 -54.31
CA LEU D 1922 -33.02 -88.74 -53.32
C LEU D 1922 -33.63 -88.64 -51.93
N GLU D 1923 -33.48 -89.70 -51.13
CA GLU D 1923 -34.13 -89.79 -49.82
C GLU D 1923 -33.34 -89.04 -48.73
N GLU D 1924 -32.98 -87.80 -49.01
CA GLU D 1924 -32.23 -86.95 -48.11
C GLU D 1924 -33.19 -85.96 -47.46
N GLY D 1925 -33.12 -85.83 -46.14
CA GLY D 1925 -34.10 -85.08 -45.39
C GLY D 1925 -33.94 -83.57 -45.53
N LEU D 1926 -34.78 -82.86 -44.76
CA LEU D 1926 -34.78 -81.40 -44.77
C LEU D 1926 -33.47 -80.82 -44.27
N LEU D 1927 -32.92 -81.39 -43.21
CA LEU D 1927 -31.93 -80.73 -42.37
C LEU D 1927 -30.58 -80.46 -43.03
N GLN D 1928 -30.37 -80.77 -44.31
CA GLN D 1928 -29.09 -80.47 -44.93
C GLN D 1928 -29.21 -79.88 -46.34
N MET D 1929 -30.40 -79.46 -46.78
CA MET D 1929 -30.55 -78.85 -48.10
C MET D 1929 -30.27 -77.35 -48.12
N LYS D 1930 -29.48 -76.86 -47.16
CA LYS D 1930 -29.02 -75.45 -47.00
C LYS D 1930 -30.13 -74.44 -47.30
N LEU D 1931 -31.23 -74.60 -46.56
CA LEU D 1931 -32.43 -73.79 -46.76
C LEU D 1931 -32.18 -72.32 -46.41
N PRO D 1932 -32.93 -71.40 -47.03
CA PRO D 1932 -32.86 -70.00 -46.62
C PRO D 1932 -33.38 -69.80 -45.20
N GLU D 1933 -33.07 -68.62 -44.65
CA GLU D 1933 -33.32 -68.30 -43.25
C GLU D 1933 -34.80 -68.38 -42.89
N SER D 1934 -35.68 -67.90 -43.76
CA SER D 1934 -37.11 -67.86 -43.45
C SER D 1934 -37.69 -69.26 -43.26
N VAL D 1935 -37.20 -70.23 -44.04
CA VAL D 1935 -37.60 -71.63 -43.88
C VAL D 1935 -37.16 -72.16 -42.53
N LYS D 1936 -35.96 -71.76 -42.08
CA LYS D 1936 -35.42 -72.19 -40.80
C LYS D 1936 -36.30 -71.81 -39.61
N LEU D 1937 -37.05 -70.70 -39.73
CA LEU D 1937 -37.98 -70.29 -38.69
C LEU D 1937 -39.08 -71.33 -38.47
N GLN D 1938 -39.73 -71.74 -39.58
CA GLN D 1938 -40.73 -72.79 -39.52
C GLN D 1938 -40.10 -74.10 -39.07
N MET D 1939 -38.85 -74.34 -39.49
CA MET D 1939 -38.16 -75.57 -39.15
C MET D 1939 -37.99 -75.67 -37.64
N CYS D 1940 -37.61 -74.54 -37.03
CA CYS D 1940 -37.48 -74.47 -35.57
C CYS D 1940 -38.81 -74.69 -34.90
N ASN D 1941 -39.89 -74.14 -35.50
CA ASN D 1941 -41.23 -74.34 -34.94
C ASN D 1941 -41.59 -75.82 -34.90
N LEU D 1942 -41.24 -76.53 -35.99
CA LEU D 1942 -41.45 -77.97 -36.07
C LEU D 1942 -40.68 -78.68 -34.98
N LEU D 1943 -39.41 -78.28 -34.78
CA LEU D 1943 -38.57 -78.95 -33.80
C LEU D 1943 -39.11 -78.74 -32.40
N GLU D 1944 -39.41 -77.47 -32.04
CA GLU D 1944 -39.83 -77.16 -30.68
C GLU D 1944 -41.15 -77.85 -30.33
N TYR D 1945 -42.02 -78.09 -31.35
CA TYR D 1945 -43.25 -78.82 -31.08
C TYR D 1945 -42.94 -80.21 -30.54
N PHE D 1946 -41.98 -80.90 -31.16
CA PHE D 1946 -41.55 -82.20 -30.67
C PHE D 1946 -40.85 -82.06 -29.33
N CYS D 1947 -40.11 -80.97 -29.14
CA CYS D 1947 -39.40 -80.73 -27.88
C CYS D 1947 -40.36 -80.63 -26.71
N ASP D 1948 -41.60 -80.18 -26.98
CA ASP D 1948 -42.60 -80.15 -25.93
C ASP D 1948 -43.11 -81.55 -25.60
N GLN D 1949 -43.09 -82.46 -26.59
CA GLN D 1949 -43.69 -83.79 -26.44
C GLN D 1949 -42.98 -84.62 -25.39
N GLU D 1950 -41.64 -84.66 -25.46
CA GLU D 1950 -40.85 -85.36 -24.43
C GLU D 1950 -41.08 -84.81 -23.04
N LEU D 1951 -41.17 -83.48 -22.92
CA LEU D 1951 -41.51 -82.84 -21.64
C LEU D 1951 -42.87 -83.30 -21.11
N GLN D 1952 -43.90 -83.26 -21.94
CA GLN D 1952 -45.22 -83.76 -21.57
C GLN D 1952 -45.19 -85.25 -21.26
N HIS D 1953 -44.38 -86.01 -22.00
CA HIS D 1953 -44.15 -87.42 -21.75
C HIS D 1953 -43.55 -87.63 -20.37
N ARG D 1954 -42.55 -86.80 -20.02
CA ARG D 1954 -41.89 -86.91 -18.73
C ARG D 1954 -42.88 -86.64 -17.61
N VAL D 1955 -43.68 -85.58 -17.79
CA VAL D 1955 -44.66 -85.18 -16.78
C VAL D 1955 -45.65 -86.31 -16.51
N GLU D 1956 -46.21 -86.89 -17.60
CA GLU D 1956 -47.12 -88.01 -17.45
C GLU D 1956 -46.43 -89.24 -16.87
N SER D 1957 -45.20 -89.53 -17.30
CA SER D 1957 -44.46 -90.68 -16.77
C SER D 1957 -44.20 -90.53 -15.28
N LEU D 1958 -43.93 -89.30 -14.84
CA LEU D 1958 -43.80 -88.99 -13.42
C LEU D 1958 -45.12 -89.23 -12.72
N ALA D 1959 -46.23 -88.82 -13.34
CA ALA D 1959 -47.55 -89.03 -12.74
C ALA D 1959 -47.84 -90.51 -12.57
N ALA D 1960 -47.49 -91.31 -13.59
CA ALA D 1960 -47.62 -92.77 -13.54
C ALA D 1960 -46.79 -93.37 -12.41
N PHE D 1961 -45.55 -92.91 -12.27
CA PHE D 1961 -44.72 -93.30 -11.14
C PHE D 1961 -45.34 -92.89 -9.82
N ALA D 1962 -45.89 -91.68 -9.75
CA ALA D 1962 -46.56 -91.22 -8.54
C ALA D 1962 -47.73 -92.13 -8.18
N GLU D 1963 -48.48 -92.56 -9.20
CA GLU D 1963 -49.63 -93.43 -9.02
C GLU D 1963 -49.20 -94.76 -8.44
N ARG D 1964 -48.16 -95.37 -9.01
CA ARG D 1964 -47.76 -96.69 -8.53
C ARG D 1964 -47.06 -96.59 -7.18
N TYR D 1965 -46.18 -95.60 -7.04
CA TYR D 1965 -45.33 -95.48 -5.86
C TYR D 1965 -46.11 -95.12 -4.61
N VAL D 1966 -47.02 -94.12 -4.72
CA VAL D 1966 -47.76 -93.62 -3.55
C VAL D 1966 -48.60 -94.72 -2.92
N ASP D 1967 -49.17 -95.61 -3.73
CA ASP D 1967 -49.93 -96.74 -3.22
C ASP D 1967 -49.07 -97.66 -2.34
N LYS D 1968 -47.82 -97.90 -2.77
CA LYS D 1968 -46.87 -98.63 -1.93
C LYS D 1968 -46.56 -97.89 -0.64
N LEU D 1969 -46.43 -96.56 -0.73
CA LEU D 1969 -46.14 -95.74 0.45
C LEU D 1969 -47.26 -95.83 1.47
N GLN D 1970 -48.50 -95.64 1.01
CA GLN D 1970 -49.66 -95.71 1.90
C GLN D 1970 -49.84 -97.12 2.46
N ALA D 1971 -49.53 -98.15 1.67
CA ALA D 1971 -49.64 -99.53 2.14
C ALA D 1971 -48.64 -99.82 3.25
N ASN D 1972 -47.36 -99.49 3.01
CA ASN D 1972 -46.31 -99.71 3.99
C ASN D 1972 -46.55 -98.89 5.24
N GLN D 1973 -46.95 -97.62 5.08
CA GLN D 1973 -47.25 -96.76 6.22
C GLN D 1973 -48.44 -97.28 7.03
N ARG D 1974 -49.37 -97.97 6.36
CA ARG D 1974 -50.51 -98.56 7.07
C ARG D 1974 -50.05 -99.74 7.90
N SER D 1975 -49.25 -100.62 7.28
CA SER D 1975 -48.78 -101.80 8.00
C SER D 1975 -47.89 -101.40 9.17
N ARG D 1976 -47.07 -100.36 8.97
CA ARG D 1976 -46.23 -99.86 10.06
C ARG D 1976 -47.08 -99.29 11.18
N TYR D 1977 -48.26 -98.74 10.84
CA TYR D 1977 -49.14 -98.19 11.86
C TYR D 1977 -49.67 -99.32 12.73
N ALA D 1978 -50.17 -100.37 12.08
CA ALA D 1978 -50.71 -101.52 12.79
C ALA D 1978 -49.64 -102.19 13.65
N LEU D 1979 -48.43 -102.33 13.12
CA LEU D 1979 -47.32 -102.89 13.90
C LEU D 1979 -46.95 -101.99 15.07
N LEU D 1980 -46.94 -100.66 14.86
CA LEU D 1980 -46.57 -99.71 15.89
C LEU D 1980 -47.57 -99.71 17.04
N MET D 1981 -48.86 -99.95 16.76
CA MET D 1981 -49.84 -99.98 17.84
C MET D 1981 -49.60 -101.14 18.81
N ARG D 1982 -49.01 -102.24 18.34
CA ARG D 1982 -48.64 -103.34 19.22
C ARG D 1982 -47.15 -103.35 19.55
N ALA D 1983 -46.42 -102.28 19.21
CA ALA D 1983 -45.02 -102.17 19.60
C ALA D 1983 -44.83 -101.85 21.09
N PHE D 1984 -45.90 -101.56 21.84
CA PHE D 1984 -45.79 -101.21 23.26
C PHE D 1984 -45.21 -102.35 24.09
N THR D 1985 -45.37 -103.60 23.63
CA THR D 1985 -44.95 -104.79 24.38
C THR D 1985 -43.43 -104.86 24.58
N MET D 1986 -42.65 -104.20 23.73
CA MET D 1986 -41.20 -104.21 23.81
C MET D 1986 -40.58 -102.82 23.81
N SER D 1987 -41.39 -101.77 23.86
CA SER D 1987 -40.87 -100.42 23.78
C SER D 1987 -41.34 -99.52 24.91
N ALA D 1988 -41.04 -98.23 24.80
CA ALA D 1988 -41.30 -97.23 25.82
C ALA D 1988 -41.57 -95.91 25.12
N ALA D 1989 -41.43 -94.80 25.85
CA ALA D 1989 -41.70 -93.44 25.36
C ALA D 1989 -40.93 -93.03 24.10
N GLU D 1990 -39.93 -93.81 23.65
CA GLU D 1990 -39.33 -93.59 22.32
C GLU D 1990 -40.35 -93.80 21.20
N THR D 1991 -41.46 -94.50 21.49
CA THR D 1991 -42.57 -94.58 20.56
C THR D 1991 -43.15 -93.22 20.23
N ALA D 1992 -42.98 -92.21 21.10
CA ALA D 1992 -43.47 -90.87 20.80
C ALA D 1992 -42.76 -90.31 19.57
N ARG D 1993 -41.43 -90.51 19.50
CA ARG D 1993 -40.66 -90.22 18.29
C ARG D 1993 -41.14 -91.05 17.11
N ARG D 1994 -41.39 -92.35 17.33
CA ARG D 1994 -41.87 -93.21 16.25
C ARG D 1994 -43.23 -92.80 15.69
N THR D 1995 -44.18 -92.46 16.57
CA THR D 1995 -45.51 -92.04 16.16
C THR D 1995 -45.63 -90.53 15.97
N ARG D 1996 -44.53 -89.79 16.09
CA ARG D 1996 -44.50 -88.38 15.70
C ARG D 1996 -44.87 -88.22 14.24
N GLU D 1997 -44.38 -89.13 13.39
CA GLU D 1997 -44.77 -89.16 11.98
C GLU D 1997 -46.28 -89.27 11.84
N PHE D 1998 -46.90 -90.14 12.62
CA PHE D 1998 -48.35 -90.30 12.56
C PHE D 1998 -49.08 -89.19 13.30
N ARG D 1999 -48.37 -88.40 14.09
CA ARG D 1999 -48.89 -87.21 14.74
C ARG D 1999 -48.36 -85.95 14.06
N SER D 2000 -48.03 -86.06 12.78
CA SER D 2000 -47.63 -84.91 12.00
C SER D 2000 -48.42 -84.88 10.70
N PRO D 2001 -48.75 -83.69 10.21
CA PRO D 2001 -49.48 -83.58 8.94
C PRO D 2001 -48.74 -84.22 7.80
N PRO D 2002 -49.47 -84.67 6.74
CA PRO D 2002 -48.86 -85.53 5.71
C PRO D 2002 -47.73 -84.88 4.95
N GLN D 2003 -47.69 -83.54 4.85
CA GLN D 2003 -46.68 -82.86 4.05
C GLN D 2003 -45.29 -83.17 4.59
N GLU D 2004 -45.13 -83.04 5.91
CA GLU D 2004 -43.86 -83.42 6.50
C GLU D 2004 -43.73 -84.92 6.60
N GLN D 2005 -44.85 -85.67 6.67
CA GLN D 2005 -44.71 -87.13 6.67
C GLN D 2005 -44.03 -87.61 5.38
N ILE D 2006 -44.56 -87.20 4.22
CA ILE D 2006 -43.97 -87.59 2.94
C ILE D 2006 -42.57 -87.00 2.79
N ASN D 2007 -42.36 -85.76 3.26
CA ASN D 2007 -41.02 -85.16 3.20
C ASN D 2007 -39.99 -86.00 3.95
N MET D 2008 -40.32 -86.42 5.17
CA MET D 2008 -39.43 -87.33 5.90
C MET D 2008 -39.37 -88.71 5.27
N LEU D 2009 -40.43 -89.15 4.61
CA LEU D 2009 -40.40 -90.39 3.84
C LEU D 2009 -39.39 -90.31 2.69
N LEU D 2010 -39.36 -89.17 2.00
CA LEU D 2010 -38.43 -88.97 0.89
C LEU D 2010 -37.06 -88.54 1.35
N HIS D 2011 -36.89 -88.22 2.63
CA HIS D 2011 -35.68 -87.59 3.15
C HIS D 2011 -34.59 -88.64 3.41
N PHE D 2012 -34.19 -89.33 2.34
CA PHE D 2012 -33.15 -90.35 2.43
C PHE D 2012 -32.22 -90.32 1.22
N LYS D 2013 -32.23 -89.21 0.47
CA LYS D 2013 -31.52 -89.13 -0.81
C LYS D 2013 -30.01 -89.24 -0.65
N ASP D 2014 -29.45 -88.57 0.35
CA ASP D 2014 -28.01 -88.31 0.38
C ASP D 2014 -27.24 -89.29 1.26
N GLU D 2015 -27.88 -90.40 1.68
CA GLU D 2015 -27.30 -91.47 2.50
C GLU D 2015 -26.88 -91.03 3.90
N ALA D 2016 -27.09 -89.77 4.26
CA ALA D 2016 -26.78 -89.22 5.58
C ALA D 2016 -28.04 -88.83 6.34
N ASP D 2017 -29.22 -89.21 5.84
CA ASP D 2017 -30.49 -88.86 6.46
C ASP D 2017 -31.46 -90.02 6.54
N GLU D 2018 -31.01 -91.25 6.24
CA GLU D 2018 -31.84 -92.45 6.20
C GLU D 2018 -32.39 -92.88 7.56
N GLU D 2019 -31.87 -92.30 8.65
CA GLU D 2019 -32.27 -92.69 10.01
C GLU D 2019 -33.76 -92.46 10.24
N ASP D 2020 -34.32 -91.39 9.69
CA ASP D 2020 -35.74 -91.10 9.88
C ASP D 2020 -36.60 -91.76 8.82
N CYS D 2021 -35.98 -92.33 7.78
CA CYS D 2021 -36.74 -92.99 6.73
C CYS D 2021 -37.14 -94.39 7.18
N PRO D 2022 -38.43 -94.70 7.24
CA PRO D 2022 -38.86 -96.05 7.62
C PRO D 2022 -39.02 -97.03 6.46
N LEU D 2023 -38.73 -96.58 5.24
CA LEU D 2023 -39.02 -97.40 4.06
C LEU D 2023 -38.04 -98.55 3.93
N PRO D 2024 -38.53 -99.76 3.60
CA PRO D 2024 -37.62 -100.86 3.27
C PRO D 2024 -36.81 -100.57 2.03
N GLU D 2025 -35.62 -101.20 1.97
CA GLU D 2025 -34.60 -100.85 0.99
C GLU D 2025 -35.06 -101.04 -0.45
N ASP D 2026 -35.96 -102.00 -0.70
CA ASP D 2026 -36.47 -102.21 -2.05
C ASP D 2026 -37.22 -100.97 -2.56
N ILE D 2027 -38.09 -100.41 -1.70
CA ILE D 2027 -38.77 -99.16 -2.02
C ILE D 2027 -37.76 -98.03 -2.15
N ARG D 2028 -36.78 -97.98 -1.22
CA ARG D 2028 -35.76 -96.93 -1.29
C ARG D 2028 -34.97 -96.98 -2.59
N GLN D 2029 -34.72 -98.20 -3.07
CA GLN D 2029 -34.01 -98.41 -4.34
C GLN D 2029 -34.84 -97.95 -5.52
N ASP D 2030 -36.16 -98.19 -5.46
CA ASP D 2030 -37.05 -97.92 -6.60
C ASP D 2030 -37.05 -96.44 -6.97
N LEU D 2031 -37.10 -95.56 -5.96
CA LEU D 2031 -37.06 -94.11 -6.19
C LEU D 2031 -35.76 -93.69 -6.85
N GLN D 2032 -34.63 -94.18 -6.35
CA GLN D 2032 -33.33 -93.86 -6.93
C GLN D 2032 -33.19 -94.39 -8.35
N ASP D 2033 -33.72 -95.59 -8.60
CA ASP D 2033 -33.76 -96.15 -9.95
C ASP D 2033 -34.56 -95.26 -10.89
N PHE D 2034 -35.76 -94.85 -10.47
CA PHE D 2034 -36.59 -93.96 -11.27
C PHE D 2034 -35.92 -92.59 -11.44
N HIS D 2035 -35.08 -92.19 -10.48
CA HIS D 2035 -34.35 -90.94 -10.64
C HIS D 2035 -33.28 -91.11 -11.69
N GLN D 2036 -32.63 -92.29 -11.72
CA GLN D 2036 -31.50 -92.53 -12.61
C GLN D 2036 -31.98 -92.51 -14.06
N ASP D 2037 -33.01 -93.31 -14.38
CA ASP D 2037 -33.41 -93.33 -15.77
C ASP D 2037 -34.12 -92.03 -16.13
N LEU D 2038 -34.72 -91.34 -15.13
CA LEU D 2038 -35.37 -90.07 -15.40
C LEU D 2038 -34.36 -89.03 -15.88
N LEU D 2039 -33.26 -88.85 -15.14
CA LEU D 2039 -32.21 -87.94 -15.58
C LEU D 2039 -31.53 -88.41 -16.86
N ALA D 2040 -31.46 -89.74 -17.06
CA ALA D 2040 -30.99 -90.24 -18.35
C ALA D 2040 -31.91 -89.82 -19.49
N HIS D 2041 -33.23 -89.87 -19.28
CA HIS D 2041 -34.17 -89.32 -20.25
C HIS D 2041 -34.09 -87.80 -20.31
N CYS D 2042 -33.47 -87.16 -19.32
CA CYS D 2042 -33.19 -85.74 -19.37
C CYS D 2042 -31.84 -85.47 -20.01
N GLY D 2043 -31.17 -86.51 -20.50
CA GLY D 2043 -29.87 -86.34 -21.13
C GLY D 2043 -28.78 -85.83 -20.21
N ILE D 2044 -28.76 -86.27 -18.96
CA ILE D 2044 -27.81 -85.75 -18.00
C ILE D 2044 -26.60 -86.68 -17.93
N GLN D 2045 -26.82 -87.94 -17.57
CA GLN D 2045 -25.74 -88.87 -17.33
C GLN D 2045 -25.95 -90.13 -18.15
N LEU D 2046 -24.85 -90.76 -18.52
CA LEU D 2046 -24.88 -92.01 -19.26
C LEU D 2046 -24.00 -93.05 -18.56
N GLU D 2088 -19.75 -92.19 -33.05
CA GLU D 2088 -20.43 -91.14 -32.30
C GLU D 2088 -20.97 -90.06 -33.22
N LYS D 2089 -20.61 -90.14 -34.50
CA LYS D 2089 -21.16 -89.23 -35.50
C LYS D 2089 -22.63 -89.47 -35.79
N LYS D 2090 -23.19 -90.59 -35.33
CA LYS D 2090 -24.63 -90.81 -35.43
C LYS D 2090 -25.33 -90.02 -34.32
N PRO D 2091 -26.21 -89.08 -34.66
CA PRO D 2091 -26.90 -88.29 -33.62
C PRO D 2091 -27.73 -89.11 -32.64
N GLN D 2092 -28.42 -90.16 -33.10
CA GLN D 2092 -29.05 -91.20 -32.29
C GLN D 2092 -30.25 -90.74 -31.46
N SER D 2093 -30.46 -89.44 -31.30
CA SER D 2093 -31.51 -88.94 -30.42
C SER D 2093 -31.79 -87.48 -30.72
N LEU D 2094 -32.97 -87.05 -30.26
CA LEU D 2094 -33.49 -85.73 -30.58
C LEU D 2094 -32.64 -84.62 -29.98
N GLN D 2095 -32.34 -84.70 -28.67
CA GLN D 2095 -31.71 -83.61 -27.94
C GLN D 2095 -30.33 -83.28 -28.51
N GLU D 2096 -29.46 -84.28 -28.58
CA GLU D 2096 -28.12 -84.02 -29.05
C GLU D 2096 -28.11 -83.75 -30.55
N LEU D 2097 -29.08 -84.33 -31.30
CA LEU D 2097 -29.23 -83.97 -32.71
C LEU D 2097 -29.52 -82.49 -32.89
N VAL D 2098 -30.53 -81.97 -32.21
CA VAL D 2098 -30.91 -80.56 -32.40
C VAL D 2098 -29.81 -79.64 -31.87
N SER D 2099 -29.12 -80.02 -30.78
CA SER D 2099 -27.98 -79.22 -30.32
C SER D 2099 -26.91 -79.11 -31.40
N HIS D 2100 -26.63 -80.23 -32.07
CA HIS D 2100 -25.71 -80.21 -33.21
CA HIS D 2100 -25.71 -80.21 -33.21
C HIS D 2100 -26.24 -79.34 -34.33
N MET D 2101 -27.55 -79.41 -34.56
CA MET D 2101 -28.23 -78.70 -35.62
C MET D 2101 -28.05 -77.20 -35.41
N VAL D 2102 -28.37 -76.74 -34.20
CA VAL D 2102 -28.35 -75.33 -33.86
C VAL D 2102 -26.93 -74.78 -34.00
N VAL D 2103 -25.95 -75.51 -33.45
CA VAL D 2103 -24.56 -75.06 -33.55
C VAL D 2103 -24.10 -75.02 -35.01
N ARG D 2104 -24.49 -76.04 -35.80
CA ARG D 2104 -24.16 -76.10 -37.22
C ARG D 2104 -24.71 -74.90 -37.98
N TRP D 2105 -25.98 -74.56 -37.73
CA TRP D 2105 -26.61 -73.39 -38.36
C TRP D 2105 -25.86 -72.13 -37.98
N ALA D 2106 -25.55 -71.99 -36.69
CA ALA D 2106 -24.94 -70.75 -36.21
C ALA D 2106 -23.58 -70.56 -36.86
N GLN D 2107 -22.79 -71.63 -36.94
CA GLN D 2107 -21.46 -71.51 -37.52
C GLN D 2107 -21.48 -71.48 -39.04
N GLU D 2108 -22.61 -71.73 -39.69
CA GLU D 2108 -22.59 -71.59 -41.16
C GLU D 2108 -22.58 -70.13 -41.61
N ASP D 2109 -23.23 -69.22 -40.88
CA ASP D 2109 -23.34 -67.83 -41.30
C ASP D 2109 -23.90 -66.98 -40.18
N TYR D 2110 -23.69 -65.67 -40.29
CA TYR D 2110 -24.33 -64.72 -39.40
C TYR D 2110 -25.81 -64.69 -39.73
N VAL D 2111 -26.63 -65.22 -38.82
CA VAL D 2111 -28.07 -65.25 -39.03
C VAL D 2111 -28.62 -63.83 -38.99
N GLN D 2112 -29.43 -63.47 -39.98
CA GLN D 2112 -29.90 -62.11 -40.09
C GLN D 2112 -31.32 -61.90 -39.59
N SER D 2113 -32.04 -62.98 -39.28
CA SER D 2113 -33.39 -62.83 -38.73
C SER D 2113 -33.33 -62.83 -37.22
N PRO D 2114 -33.65 -61.72 -36.55
CA PRO D 2114 -33.64 -61.68 -35.07
C PRO D 2114 -34.57 -62.69 -34.42
N GLU D 2115 -35.75 -62.90 -35.01
CA GLU D 2115 -36.69 -63.88 -34.47
C GLU D 2115 -36.12 -65.29 -34.59
N LEU D 2116 -35.49 -65.60 -35.75
CA LEU D 2116 -34.86 -66.90 -35.94
C LEU D 2116 -33.76 -67.12 -34.91
N VAL D 2117 -33.00 -66.06 -34.62
CA VAL D 2117 -31.90 -66.15 -33.64
C VAL D 2117 -32.48 -66.45 -32.27
N ARG D 2118 -33.50 -65.67 -31.87
CA ARG D 2118 -34.13 -65.80 -30.57
C ARG D 2118 -34.70 -67.19 -30.36
N ALA D 2119 -35.46 -67.68 -31.36
CA ALA D 2119 -36.03 -69.02 -31.28
C ALA D 2119 -34.95 -70.09 -31.25
N MET D 2120 -33.91 -69.94 -32.07
CA MET D 2120 -32.86 -70.95 -32.17
C MET D 2120 -32.12 -71.10 -30.85
N PHE D 2121 -31.74 -69.98 -30.23
CA PHE D 2121 -31.10 -70.08 -28.93
C PHE D 2121 -32.10 -70.49 -27.84
N SER D 2122 -33.40 -70.21 -28.03
CA SER D 2122 -34.42 -70.65 -27.09
C SER D 2122 -34.41 -72.16 -27.01
N LEU D 2123 -34.39 -72.80 -28.19
CA LEU D 2123 -34.32 -74.26 -28.28
C LEU D 2123 -33.05 -74.75 -27.65
N LEU D 2124 -31.92 -74.09 -27.95
CA LEU D 2124 -30.61 -74.60 -27.54
C LEU D 2124 -30.53 -74.66 -26.02
N HIS D 2125 -31.04 -73.62 -25.35
CA HIS D 2125 -31.14 -73.63 -23.89
C HIS D 2125 -32.06 -74.75 -23.41
N ARG D 2126 -33.21 -74.94 -24.10
CA ARG D 2126 -34.15 -75.97 -23.66
C ARG D 2126 -33.52 -77.36 -23.72
N GLN D 2127 -32.67 -77.61 -24.70
CA GLN D 2127 -32.03 -78.92 -24.76
C GLN D 2127 -30.96 -79.05 -23.70
N TYR D 2128 -30.17 -77.98 -23.50
CA TYR D 2128 -29.06 -78.13 -22.57
C TYR D 2128 -29.50 -78.17 -21.12
N ASP D 2129 -30.74 -77.75 -20.82
CA ASP D 2129 -31.23 -77.79 -19.45
C ASP D 2129 -32.53 -78.60 -19.47
N GLY D 2130 -32.38 -79.93 -19.43
CA GLY D 2130 -33.54 -80.81 -19.37
C GLY D 2130 -34.28 -80.71 -18.05
N LEU D 2131 -33.54 -80.64 -16.96
CA LEU D 2131 -34.15 -80.64 -15.63
C LEU D 2131 -34.82 -79.30 -15.33
N GLY D 2132 -34.21 -78.19 -15.74
CA GLY D 2132 -34.74 -76.88 -15.41
C GLY D 2132 -36.08 -76.59 -16.04
N GLU D 2133 -36.24 -76.91 -17.34
CA GLU D 2133 -37.53 -76.79 -17.98
C GLU D 2133 -38.59 -77.69 -17.34
N LEU D 2134 -38.19 -78.89 -16.90
CA LEU D 2134 -39.13 -79.74 -16.18
C LEU D 2134 -39.54 -79.09 -14.86
N LEU D 2135 -38.57 -78.50 -14.15
CA LEU D 2135 -38.87 -77.82 -12.90
C LEU D 2135 -39.76 -76.62 -13.15
N ARG D 2136 -39.66 -76.03 -14.35
CA ARG D 2136 -40.50 -74.90 -14.73
C ARG D 2136 -41.86 -75.38 -15.21
N ALA D 2137 -42.05 -76.68 -15.35
CA ALA D 2137 -43.31 -77.23 -15.81
C ALA D 2137 -44.15 -77.83 -14.70
N LEU D 2138 -43.50 -78.42 -13.68
CA LEU D 2138 -44.24 -79.03 -12.56
C LEU D 2138 -45.26 -78.13 -11.85
N PRO D 2139 -45.01 -76.78 -11.58
CA PRO D 2139 -46.07 -75.95 -10.97
C PRO D 2139 -47.42 -75.88 -11.68
N ARG D 2140 -47.53 -76.41 -12.91
CA ARG D 2140 -48.79 -76.50 -13.61
C ARG D 2140 -49.25 -77.95 -13.79
N ALA D 2141 -48.68 -78.88 -13.02
CA ALA D 2141 -49.03 -80.28 -13.11
C ALA D 2141 -49.97 -80.63 -11.96
N TYR D 2142 -51.07 -81.29 -12.27
CA TYR D 2142 -52.06 -81.66 -11.28
C TYR D 2142 -52.63 -83.04 -11.60
N THR D 2143 -52.86 -83.84 -10.57
CA THR D 2143 -53.42 -85.17 -10.73
C THR D 2143 -54.85 -85.17 -10.23
N ILE D 2144 -55.77 -85.68 -11.04
CA ILE D 2144 -57.19 -85.71 -10.70
C ILE D 2144 -57.73 -87.12 -10.84
N SER D 2145 -58.72 -87.43 -10.01
CA SER D 2145 -59.44 -88.68 -10.11
C SER D 2145 -60.26 -88.72 -11.40
N PRO D 2146 -60.41 -89.90 -12.01
CA PRO D 2146 -61.15 -89.99 -13.28
C PRO D 2146 -62.64 -89.65 -13.19
N SER D 2147 -63.19 -89.52 -11.98
CA SER D 2147 -64.62 -89.28 -11.80
C SER D 2147 -65.08 -87.98 -12.42
N SER D 2148 -64.31 -86.90 -12.26
CA SER D 2148 -64.73 -85.55 -12.56
C SER D 2148 -64.06 -84.96 -13.80
N VAL D 2149 -63.54 -85.82 -14.68
CA VAL D 2149 -62.87 -85.34 -15.89
C VAL D 2149 -63.82 -84.52 -16.78
N GLU D 2150 -65.06 -84.99 -16.96
CA GLU D 2150 -66.04 -84.21 -17.72
C GLU D 2150 -66.34 -82.86 -17.07
N ASP D 2151 -66.30 -82.79 -15.73
CA ASP D 2151 -66.46 -81.53 -15.03
C ASP D 2151 -65.32 -80.59 -15.34
N THR D 2152 -64.10 -81.13 -15.37
CA THR D 2152 -62.94 -80.35 -15.78
C THR D 2152 -63.05 -79.89 -17.23
N MET D 2153 -63.54 -80.77 -18.12
CA MET D 2153 -63.80 -80.39 -19.51
C MET D 2153 -64.76 -79.21 -19.61
N SER D 2154 -65.83 -79.25 -18.82
CA SER D 2154 -66.79 -78.16 -18.74
C SER D 2154 -66.10 -76.88 -18.26
N LEU D 2155 -65.20 -77.02 -17.30
CA LEU D 2155 -64.48 -75.86 -16.78
C LEU D 2155 -63.54 -75.31 -17.83
N LEU D 2156 -62.80 -76.21 -18.50
CA LEU D 2156 -61.77 -75.84 -19.46
C LEU D 2156 -62.36 -75.07 -20.64
N GLU D 2157 -63.55 -75.46 -21.10
CA GLU D 2157 -64.13 -74.74 -22.23
C GLU D 2157 -64.45 -73.28 -21.88
N CYS D 2158 -64.87 -73.03 -20.63
CA CYS D 2158 -64.97 -71.65 -20.13
C CYS D 2158 -63.60 -71.01 -20.00
N LEU D 2159 -62.59 -71.80 -19.60
CA LEU D 2159 -61.24 -71.26 -19.52
C LEU D 2159 -60.77 -70.85 -20.90
N GLY D 2160 -61.20 -71.59 -21.93
CA GLY D 2160 -60.88 -71.23 -23.30
C GLY D 2160 -61.51 -69.91 -23.66
N GLN D 2161 -62.75 -69.68 -23.20
CA GLN D 2161 -63.43 -68.43 -23.52
C GLN D 2161 -62.69 -67.23 -22.90
N ILE D 2162 -62.40 -67.32 -21.59
CA ILE D 2162 -61.76 -66.20 -20.92
C ILE D 2162 -60.37 -65.95 -21.51
N ARG D 2163 -59.59 -67.03 -21.75
CA ARG D 2163 -58.29 -66.87 -22.38
C ARG D 2163 -58.41 -66.26 -23.77
N SER D 2164 -59.46 -66.60 -24.52
CA SER D 2164 -59.65 -66.01 -25.83
C SER D 2164 -60.01 -64.53 -25.75
N LEU D 2165 -60.44 -64.05 -24.59
CA LEU D 2165 -60.88 -62.67 -24.49
C LEU D 2165 -59.78 -61.70 -24.03
N LEU D 2166 -58.55 -62.17 -23.80
CA LEU D 2166 -57.46 -61.23 -23.55
C LEU D 2166 -57.13 -60.38 -24.77
N ILE D 2167 -57.33 -60.91 -25.97
CA ILE D 2167 -56.70 -60.37 -27.17
C ILE D 2167 -57.72 -59.67 -28.06
N VAL D 2168 -58.87 -59.30 -27.52
CA VAL D 2168 -59.95 -58.71 -28.30
C VAL D 2168 -60.64 -57.66 -27.44
N GLN D 2169 -60.98 -56.52 -28.05
CA GLN D 2169 -61.74 -55.49 -27.37
C GLN D 2169 -63.13 -55.99 -27.02
N MET D 2170 -63.56 -55.68 -25.80
CA MET D 2170 -64.82 -56.17 -25.28
C MET D 2170 -66.01 -55.57 -26.01
N GLY D 2171 -67.01 -56.42 -26.28
CA GLY D 2171 -68.24 -56.00 -26.89
C GLY D 2171 -69.43 -56.66 -26.22
N PRO D 2172 -70.64 -56.22 -26.56
CA PRO D 2172 -71.86 -56.75 -25.91
C PRO D 2172 -72.06 -58.26 -26.03
N GLN D 2173 -71.67 -58.84 -27.17
CA GLN D 2173 -71.72 -60.30 -27.32
C GLN D 2173 -70.78 -60.99 -26.35
N GLU D 2174 -69.54 -60.50 -26.30
CA GLU D 2174 -68.50 -61.08 -25.45
C GLU D 2174 -68.87 -60.93 -23.99
N GLU D 2175 -69.53 -59.82 -23.64
CA GLU D 2175 -69.92 -59.56 -22.25
C GLU D 2175 -70.79 -60.71 -21.74
N ASN D 2176 -71.79 -61.10 -22.55
CA ASN D 2176 -72.68 -62.19 -22.19
C ASN D 2176 -71.93 -63.51 -22.18
N LEU D 2177 -70.89 -63.61 -23.02
CA LEU D 2177 -70.10 -64.83 -23.06
C LEU D 2177 -69.37 -65.01 -21.74
N MET D 2178 -68.76 -63.93 -21.26
CA MET D 2178 -68.03 -63.97 -19.99
C MET D 2178 -68.98 -64.24 -18.83
N ILE D 2179 -70.17 -63.64 -18.87
CA ILE D 2179 -71.13 -63.78 -17.79
C ILE D 2179 -71.55 -65.23 -17.62
N GLN D 2180 -71.86 -65.90 -18.74
CA GLN D 2180 -72.13 -67.34 -18.62
C GLN D 2180 -70.88 -68.17 -18.41
N SER D 2181 -69.72 -67.68 -18.88
CA SER D 2181 -68.46 -68.39 -18.70
C SER D 2181 -68.13 -68.55 -17.23
N ILE D 2182 -68.31 -67.48 -16.45
CA ILE D 2182 -68.09 -67.60 -15.01
C ILE D 2182 -69.30 -68.24 -14.34
N GLY D 2183 -70.48 -68.12 -14.95
CA GLY D 2183 -71.68 -68.72 -14.38
C GLY D 2183 -71.51 -70.23 -14.27
N ASN D 2184 -70.93 -70.84 -15.30
CA ASN D 2184 -70.66 -72.27 -15.22
C ASN D 2184 -69.56 -72.58 -14.20
N ILE D 2185 -68.60 -71.66 -14.03
CA ILE D 2185 -67.50 -71.91 -13.09
C ILE D 2185 -68.03 -72.01 -11.68
N MET D 2186 -68.88 -71.06 -11.29
CA MET D 2186 -69.52 -71.12 -9.97
C MET D 2186 -70.40 -72.36 -9.80
N ASN D 2187 -70.90 -72.94 -10.88
CA ASN D 2187 -71.69 -74.16 -10.80
C ASN D 2187 -70.82 -75.41 -10.86
N ASN D 2188 -69.53 -75.27 -11.16
CA ASN D 2188 -68.65 -76.42 -11.20
C ASN D 2188 -68.14 -76.71 -9.79
N LYS D 2189 -68.32 -77.95 -9.34
CA LYS D 2189 -67.89 -78.36 -8.02
C LYS D 2189 -66.37 -78.51 -7.90
N VAL D 2190 -65.69 -78.94 -8.97
CA VAL D 2190 -64.22 -79.05 -8.99
C VAL D 2190 -63.57 -77.71 -8.76
N PHE D 2191 -64.22 -76.62 -9.21
CA PHE D 2191 -63.78 -75.25 -8.93
C PHE D 2191 -63.68 -75.00 -7.43
N TYR D 2192 -64.48 -75.68 -6.62
CA TYR D 2192 -64.35 -75.68 -5.17
C TYR D 2192 -63.58 -76.88 -4.64
N GLN D 2193 -63.69 -78.04 -5.30
CA GLN D 2193 -63.13 -79.27 -4.76
C GLN D 2193 -61.61 -79.34 -4.89
N HIS D 2194 -61.04 -78.70 -5.90
CA HIS D 2194 -59.59 -78.68 -6.12
C HIS D 2194 -59.09 -77.26 -6.31
N PRO D 2195 -59.20 -76.41 -5.29
CA PRO D 2195 -58.84 -74.98 -5.46
C PRO D 2195 -57.38 -74.71 -5.80
N ASN D 2196 -56.46 -75.59 -5.37
CA ASN D 2196 -55.06 -75.46 -5.73
C ASN D 2196 -54.86 -75.52 -7.24
N LEU D 2197 -55.64 -76.37 -7.91
CA LEU D 2197 -55.62 -76.44 -9.37
C LEU D 2197 -56.02 -75.12 -10.00
N MET D 2198 -57.08 -74.48 -9.47
CA MET D 2198 -57.59 -73.24 -10.04
C MET D 2198 -56.55 -72.13 -9.91
N ARG D 2199 -55.87 -72.09 -8.76
CA ARG D 2199 -54.80 -71.12 -8.57
C ARG D 2199 -53.65 -71.42 -9.52
N ALA D 2200 -53.35 -72.71 -9.71
CA ALA D 2200 -52.25 -73.10 -10.59
C ALA D 2200 -52.53 -72.64 -12.02
N LEU D 2201 -53.79 -72.75 -12.46
CA LEU D 2201 -54.17 -72.23 -13.77
C LEU D 2201 -54.14 -70.71 -13.82
N GLY D 2202 -54.20 -70.05 -12.65
CA GLY D 2202 -54.21 -68.59 -12.64
C GLY D 2202 -55.40 -67.93 -13.31
N MET D 2203 -56.58 -68.56 -13.23
CA MET D 2203 -57.77 -68.00 -13.85
C MET D 2203 -58.12 -66.65 -13.25
N HIS D 2204 -57.83 -66.44 -11.96
CA HIS D 2204 -58.12 -65.15 -11.32
C HIS D 2204 -57.31 -64.05 -11.99
N GLU D 2205 -56.02 -64.31 -12.25
CA GLU D 2205 -55.17 -63.38 -12.99
C GLU D 2205 -55.78 -63.07 -14.34
N THR D 2206 -56.23 -64.12 -15.05
CA THR D 2206 -56.78 -63.93 -16.41
C THR D 2206 -58.01 -63.03 -16.38
N VAL D 2207 -58.89 -63.22 -15.39
CA VAL D 2207 -60.05 -62.34 -15.21
C VAL D 2207 -59.59 -60.90 -14.96
N MET D 2208 -58.59 -60.75 -14.05
CA MET D 2208 -58.11 -59.43 -13.66
C MET D 2208 -57.66 -58.63 -14.88
N GLU D 2209 -56.89 -59.26 -15.79
CA GLU D 2209 -56.42 -58.55 -16.99
C GLU D 2209 -57.60 -57.98 -17.78
N VAL D 2210 -58.70 -58.75 -17.82
CA VAL D 2210 -59.89 -58.35 -18.56
C VAL D 2210 -60.45 -57.05 -17.97
N MET D 2211 -60.64 -57.03 -16.64
CA MET D 2211 -61.12 -55.78 -16.03
C MET D 2211 -60.12 -54.65 -16.21
N VAL D 2212 -58.81 -54.95 -16.12
CA VAL D 2212 -57.78 -53.94 -16.32
C VAL D 2212 -57.96 -53.25 -17.67
N ASN D 2213 -58.17 -54.03 -18.73
CA ASN D 2213 -58.45 -53.48 -20.05
C ASN D 2213 -59.77 -52.71 -20.10
N VAL D 2214 -60.83 -53.24 -19.46
CA VAL D 2214 -62.13 -52.55 -19.44
C VAL D 2214 -62.04 -51.21 -18.72
N LEU D 2215 -61.38 -51.17 -17.56
CA LEU D 2215 -61.20 -49.92 -16.82
C LEU D 2215 -60.29 -48.95 -17.57
N GLY D 2216 -59.12 -49.42 -18.04
CA GLY D 2216 -58.20 -48.56 -18.75
C GLY D 2216 -58.78 -47.97 -20.02
N GLY D 2217 -59.62 -48.74 -20.72
CA GLY D 2217 -60.36 -48.18 -21.83
C GLY D 2217 -61.39 -47.25 -21.24
N GLY D 2218 -61.27 -45.96 -21.52
CA GLY D 2218 -62.24 -44.99 -21.03
C GLY D 2218 -62.29 -44.86 -19.52
N GLU D 2219 -61.15 -45.03 -18.83
CA GLU D 2219 -61.13 -44.85 -17.38
C GLU D 2219 -61.38 -43.40 -17.00
N THR D 2220 -60.93 -42.46 -17.84
CA THR D 2220 -61.09 -41.03 -17.58
C THR D 2220 -62.55 -40.61 -17.53
N LYS D 2221 -63.38 -41.15 -18.42
CA LYS D 2221 -64.76 -40.68 -18.54
C LYS D 2221 -65.75 -41.49 -17.72
N GLU D 2222 -65.93 -42.78 -18.02
CA GLU D 2222 -66.92 -43.67 -17.42
C GLU D 2222 -66.71 -45.04 -18.03
N ILE D 2223 -67.23 -46.05 -17.35
CA ILE D 2223 -67.04 -47.45 -17.75
C ILE D 2223 -68.33 -47.96 -18.38
N ARG D 2224 -68.31 -48.15 -19.70
CA ARG D 2224 -69.35 -48.89 -20.36
C ARG D 2224 -69.16 -50.38 -20.11
N PHE D 2225 -70.21 -51.15 -20.41
CA PHE D 2225 -70.32 -52.57 -20.05
C PHE D 2225 -70.05 -52.87 -18.56
N PRO D 2226 -70.72 -52.17 -17.63
CA PRO D 2226 -70.41 -52.41 -16.20
C PRO D 2226 -70.96 -53.70 -15.65
N LYS D 2227 -71.95 -54.31 -16.32
CA LYS D 2227 -72.60 -55.52 -15.81
C LYS D 2227 -71.62 -56.67 -15.67
N MET D 2228 -70.76 -56.84 -16.69
CA MET D 2228 -69.75 -57.89 -16.57
C MET D 2228 -68.68 -57.52 -15.55
N VAL D 2229 -68.38 -56.21 -15.43
CA VAL D 2229 -67.37 -55.76 -14.46
C VAL D 2229 -67.79 -56.14 -13.05
N THR D 2230 -69.02 -55.81 -12.68
CA THR D 2230 -69.50 -56.18 -11.35
C THR D 2230 -69.75 -57.68 -11.23
N SER D 2231 -70.04 -58.39 -12.33
CA SER D 2231 -70.15 -59.85 -12.27
C SER D 2231 -68.83 -60.51 -11.92
N CYS D 2232 -67.75 -60.08 -12.59
CA CYS D 2232 -66.42 -60.57 -12.28
C CYS D 2232 -65.97 -60.15 -10.89
N CYS D 2233 -66.23 -58.90 -10.51
CA CYS D 2233 -65.87 -58.46 -9.16
C CYS D 2233 -66.64 -59.25 -8.09
N ARG D 2234 -67.85 -59.70 -8.39
CA ARG D 2234 -68.54 -60.67 -7.52
C ARG D 2234 -67.80 -62.00 -7.49
N PHE D 2235 -67.29 -62.41 -8.67
CA PHE D 2235 -66.64 -63.70 -8.81
C PHE D 2235 -65.36 -63.73 -8.00
N LEU D 2236 -64.56 -62.66 -8.12
CA LEU D 2236 -63.26 -62.63 -7.48
C LEU D 2236 -63.42 -62.72 -5.96
N CYS D 2237 -64.39 -61.98 -5.40
CA CYS D 2237 -64.69 -62.04 -3.98
C CYS D 2237 -65.07 -63.45 -3.55
N TYR D 2238 -65.83 -64.15 -4.42
CA TYR D 2238 -66.09 -65.56 -4.19
C TYR D 2238 -64.80 -66.36 -4.18
N PHE D 2239 -63.90 -66.05 -5.11
CA PHE D 2239 -62.64 -66.78 -5.21
C PHE D 2239 -61.79 -66.57 -3.96
N CYS D 2240 -61.87 -65.36 -3.39
CA CYS D 2240 -61.14 -65.05 -2.16
C CYS D 2240 -61.66 -65.92 -1.03
N ARG D 2241 -62.98 -66.09 -0.95
CA ARG D 2241 -63.52 -66.82 0.19
C ARG D 2241 -63.24 -68.32 0.17
N ILE D 2242 -62.73 -68.87 -0.95
CA ILE D 2242 -62.51 -70.31 -1.06
C ILE D 2242 -61.48 -70.82 -0.06
N SER D 2243 -60.35 -70.11 0.05
CA SER D 2243 -59.29 -70.49 0.98
C SER D 2243 -58.34 -69.34 1.18
N ARG D 2244 -57.54 -69.44 2.24
CA ARG D 2244 -56.57 -68.40 2.58
C ARG D 2244 -55.53 -68.23 1.48
N GLN D 2245 -54.96 -69.36 1.00
CA GLN D 2245 -53.91 -69.32 -0.02
C GLN D 2245 -54.40 -68.68 -1.32
N ASN D 2246 -55.63 -69.04 -1.72
CA ASN D 2246 -56.26 -68.41 -2.88
C ASN D 2246 -56.44 -66.91 -2.65
N GLN D 2247 -56.86 -66.55 -1.44
CA GLN D 2247 -56.94 -65.14 -1.07
C GLN D 2247 -55.56 -64.50 -1.08
N ARG D 2248 -54.54 -65.22 -0.59
CA ARG D 2248 -53.20 -64.65 -0.47
C ARG D 2248 -52.61 -64.33 -1.85
N SER D 2249 -52.71 -65.29 -2.76
CA SER D 2249 -52.27 -65.08 -4.13
C SER D 2249 -53.06 -63.98 -4.81
N MET D 2250 -54.38 -63.94 -4.57
CA MET D 2250 -55.18 -62.83 -5.09
C MET D 2250 -54.71 -61.51 -4.49
N PHE D 2251 -54.36 -61.52 -3.20
CA PHE D 2251 -53.88 -60.35 -2.47
C PHE D 2251 -52.63 -59.75 -3.11
N ASP D 2252 -51.71 -60.60 -3.57
CA ASP D 2252 -50.40 -60.13 -4.05
C ASP D 2252 -50.48 -59.15 -5.24
N HIS D 2253 -51.66 -58.93 -5.82
CA HIS D 2253 -51.94 -57.94 -6.85
C HIS D 2253 -52.75 -56.76 -6.33
N LEU D 2254 -52.76 -56.55 -5.00
CA LEU D 2254 -53.63 -55.54 -4.38
C LEU D 2254 -53.34 -54.14 -4.88
N SER D 2255 -52.05 -53.74 -4.86
CA SER D 2255 -51.63 -52.42 -5.31
C SER D 2255 -52.06 -52.17 -6.75
N TYR D 2256 -51.96 -53.21 -7.58
CA TYR D 2256 -52.31 -53.14 -8.99
C TYR D 2256 -53.79 -52.81 -9.20
N LEU D 2257 -54.65 -53.14 -8.23
CA LEU D 2257 -56.08 -52.86 -8.32
C LEU D 2257 -56.39 -51.39 -8.09
N LEU D 2258 -55.61 -50.75 -7.20
CA LEU D 2258 -56.03 -49.49 -6.59
C LEU D 2258 -56.14 -48.38 -7.63
N GLU D 2259 -55.17 -48.29 -8.55
CA GLU D 2259 -55.22 -47.21 -9.54
C GLU D 2259 -56.42 -47.41 -10.47
N ASN D 2260 -56.73 -48.67 -10.81
CA ASN D 2260 -57.89 -48.93 -11.65
C ASN D 2260 -59.19 -48.67 -10.92
N SER D 2261 -59.15 -48.63 -9.59
CA SER D 2261 -60.39 -48.42 -8.85
C SER D 2261 -60.70 -46.94 -8.68
N GLY D 2262 -59.88 -46.06 -9.26
CA GLY D 2262 -60.07 -44.62 -9.16
C GLY D 2262 -61.32 -44.08 -9.80
N ILE D 2263 -61.98 -44.86 -10.67
CA ILE D 2263 -63.22 -44.43 -11.29
C ILE D 2263 -64.34 -45.45 -11.13
N GLY D 2264 -64.07 -46.60 -10.48
CA GLY D 2264 -65.08 -47.61 -10.23
C GLY D 2264 -66.19 -47.20 -9.28
N LEU D 2265 -66.05 -46.03 -8.62
CA LEU D 2265 -67.07 -45.52 -7.72
C LEU D 2265 -68.39 -45.24 -8.41
N GLY D 2266 -68.35 -44.94 -9.72
CA GLY D 2266 -69.56 -44.62 -10.46
C GLY D 2266 -70.55 -45.76 -10.51
N MET D 2267 -70.05 -46.98 -10.67
CA MET D 2267 -70.89 -48.16 -10.70
C MET D 2267 -71.02 -48.76 -9.31
N GLN D 2268 -72.23 -49.24 -9.01
CA GLN D 2268 -72.54 -49.89 -7.74
CA GLN D 2268 -72.53 -49.89 -7.75
C GLN D 2268 -72.39 -51.40 -7.90
N GLY D 2269 -72.89 -52.15 -6.93
CA GLY D 2269 -72.84 -53.60 -6.99
C GLY D 2269 -71.55 -54.14 -6.44
N SER D 2270 -70.59 -54.45 -7.30
CA SER D 2270 -69.27 -54.90 -6.87
C SER D 2270 -68.23 -54.13 -7.68
N THR D 2271 -67.15 -53.76 -7.02
CA THR D 2271 -66.10 -52.92 -7.57
C THR D 2271 -64.74 -53.53 -7.28
N PRO D 2272 -63.68 -53.08 -8.00
CA PRO D 2272 -62.32 -53.53 -7.61
C PRO D 2272 -61.98 -53.21 -6.16
N LEU D 2273 -62.42 -52.05 -5.65
CA LEU D 2273 -62.25 -51.74 -4.24
C LEU D 2273 -62.92 -52.79 -3.34
N ASP D 2274 -64.11 -53.24 -3.73
CA ASP D 2274 -64.80 -54.33 -3.03
C ASP D 2274 -63.98 -55.61 -3.04
N VAL D 2275 -63.39 -55.92 -4.21
CA VAL D 2275 -62.48 -57.06 -4.32
C VAL D 2275 -61.27 -56.87 -3.43
N ALA D 2276 -60.72 -55.65 -3.41
CA ALA D 2276 -59.58 -55.33 -2.54
C ALA D 2276 -59.91 -55.58 -1.08
N ALA D 2277 -61.11 -55.17 -0.65
CA ALA D 2277 -61.54 -55.37 0.72
C ALA D 2277 -61.65 -56.86 1.06
N ALA D 2278 -62.40 -57.60 0.22
CA ALA D 2278 -62.51 -59.03 0.45
C ALA D 2278 -61.20 -59.78 0.25
N SER D 2279 -60.22 -59.16 -0.40
CA SER D 2279 -58.89 -59.71 -0.57
C SER D 2279 -58.11 -59.76 0.73
N VAL D 2280 -58.57 -59.04 1.75
CA VAL D 2280 -57.82 -58.91 2.99
C VAL D 2280 -58.67 -59.16 4.23
N ILE D 2281 -59.99 -59.39 4.05
CA ILE D 2281 -60.94 -59.43 5.18
C ILE D 2281 -60.57 -60.55 6.15
N ASP D 2282 -60.48 -60.18 7.44
CA ASP D 2282 -60.29 -61.11 8.57
C ASP D 2282 -59.02 -61.95 8.44
N ASN D 2283 -57.94 -61.32 7.98
CA ASN D 2283 -56.63 -61.96 7.87
C ASN D 2283 -55.66 -61.15 8.71
N ASN D 2284 -55.41 -61.60 9.94
CA ASN D 2284 -54.50 -60.88 10.83
C ASN D 2284 -53.08 -60.81 10.30
N GLU D 2285 -52.63 -61.84 9.56
CA GLU D 2285 -51.32 -61.78 8.93
C GLU D 2285 -51.27 -60.72 7.83
N LEU D 2286 -52.40 -60.48 7.19
CA LEU D 2286 -52.39 -59.74 5.94
C LEU D 2286 -52.55 -58.27 6.25
N ALA D 2287 -53.49 -57.93 7.15
CA ALA D 2287 -53.61 -56.55 7.58
C ALA D 2287 -52.31 -56.05 8.20
N LEU D 2288 -51.56 -56.95 8.87
CA LEU D 2288 -50.22 -56.60 9.33
C LEU D 2288 -49.27 -56.38 8.16
N ALA D 2289 -49.38 -57.19 7.11
CA ALA D 2289 -48.47 -57.05 5.97
C ALA D 2289 -48.95 -56.00 4.97
N LEU D 2290 -50.08 -55.36 5.21
CA LEU D 2290 -50.66 -54.35 4.34
C LEU D 2290 -49.76 -53.12 4.31
N GLN D 2291 -49.07 -52.92 3.18
CA GLN D 2291 -47.98 -51.95 3.10
C GLN D 2291 -48.45 -50.48 3.18
N GLU D 2292 -47.51 -49.65 3.68
CA GLU D 2292 -47.70 -48.21 3.87
C GLU D 2292 -48.14 -47.56 2.57
N GLN D 2293 -47.38 -47.81 1.49
CA GLN D 2293 -47.61 -47.17 0.19
C GLN D 2293 -49.04 -47.40 -0.28
N ASP D 2294 -49.56 -48.61 -0.01
CA ASP D 2294 -50.92 -48.96 -0.36
C ASP D 2294 -51.91 -48.10 0.41
N LEU D 2295 -51.65 -47.93 1.72
CA LEU D 2295 -52.57 -47.14 2.55
C LEU D 2295 -52.55 -45.68 2.13
N GLU D 2296 -51.35 -45.09 2.02
CA GLU D 2296 -51.27 -43.68 1.65
C GLU D 2296 -51.84 -43.43 0.26
N LYS D 2297 -51.78 -44.43 -0.63
CA LYS D 2297 -52.37 -44.28 -1.95
C LYS D 2297 -53.89 -44.20 -1.84
N VAL D 2298 -54.45 -45.01 -0.94
CA VAL D 2298 -55.90 -45.00 -0.75
C VAL D 2298 -56.35 -43.66 -0.15
N VAL D 2299 -55.67 -43.21 0.92
CA VAL D 2299 -56.11 -41.97 1.56
C VAL D 2299 -55.93 -40.78 0.61
N SER D 2300 -54.88 -40.79 -0.24
CA SER D 2300 -54.73 -39.76 -1.27
C SER D 2300 -55.94 -39.73 -2.21
N TYR D 2301 -56.41 -40.91 -2.62
CA TYR D 2301 -57.66 -40.98 -3.38
C TYR D 2301 -58.82 -40.40 -2.58
N LEU D 2302 -58.91 -40.76 -1.31
CA LEU D 2302 -60.01 -40.28 -0.48
C LEU D 2302 -59.96 -38.76 -0.33
N ALA D 2303 -58.75 -38.21 -0.31
CA ALA D 2303 -58.54 -36.76 -0.33
C ALA D 2303 -59.13 -36.13 -1.59
N GLY D 2304 -58.86 -36.76 -2.73
CA GLY D 2304 -59.45 -36.29 -3.98
C GLY D 2304 -60.96 -36.35 -3.98
N CYS D 2305 -61.53 -37.44 -3.45
CA CYS D 2305 -62.98 -37.55 -3.32
C CYS D 2305 -63.53 -36.52 -2.34
N GLY D 2306 -62.79 -36.24 -1.27
CA GLY D 2306 -63.18 -35.27 -0.28
C GLY D 2306 -62.94 -33.85 -0.68
N LEU D 2307 -62.33 -33.64 -1.85
CA LEU D 2307 -62.03 -32.30 -2.31
C LEU D 2307 -62.74 -31.96 -3.61
N GLN D 2308 -63.29 -32.94 -4.32
CA GLN D 2308 -63.92 -32.67 -5.61
C GLN D 2308 -65.28 -33.34 -5.66
N SER D 2309 -66.17 -32.78 -6.46
CA SER D 2309 -67.49 -33.37 -6.68
C SER D 2309 -67.40 -34.65 -7.50
N CYS D 2310 -68.56 -35.25 -7.75
CA CYS D 2310 -68.67 -36.41 -8.62
C CYS D 2310 -69.17 -35.93 -9.98
N PRO D 2311 -68.33 -35.93 -11.02
CA PRO D 2311 -68.78 -35.40 -12.33
C PRO D 2311 -69.97 -36.12 -12.94
N MET D 2312 -70.06 -37.45 -12.78
CA MET D 2312 -71.20 -38.21 -13.30
C MET D 2312 -72.51 -37.79 -12.61
N LEU D 2313 -72.47 -37.63 -11.28
CA LEU D 2313 -73.65 -37.15 -10.57
C LEU D 2313 -73.96 -35.71 -10.95
N LEU D 2314 -72.91 -34.90 -11.16
CA LEU D 2314 -73.11 -33.51 -11.54
C LEU D 2314 -73.83 -33.43 -12.88
N ALA D 2315 -73.43 -34.31 -13.81
CA ALA D 2315 -74.05 -34.33 -15.12
C ALA D 2315 -75.49 -34.81 -15.05
N LYS D 2316 -75.82 -35.68 -14.07
CA LYS D 2316 -77.16 -36.26 -14.04
C LYS D 2316 -78.22 -35.35 -13.38
N GLY D 2317 -77.99 -34.03 -13.30
CA GLY D 2317 -78.95 -33.12 -12.73
C GLY D 2317 -78.82 -32.85 -11.24
N TYR D 2318 -77.94 -33.57 -10.55
CA TYR D 2318 -77.80 -33.42 -9.11
C TYR D 2318 -77.14 -32.07 -8.78
N PRO D 2319 -77.48 -31.46 -7.65
CA PRO D 2319 -76.77 -30.25 -7.22
C PRO D 2319 -75.34 -30.57 -6.80
N ASP D 2320 -74.55 -29.51 -6.70
CA ASP D 2320 -73.11 -29.62 -6.49
C ASP D 2320 -72.71 -29.33 -5.05
N ILE D 2321 -71.83 -30.19 -4.52
CA ILE D 2321 -71.12 -29.93 -3.28
C ILE D 2321 -69.64 -30.22 -3.54
N GLY D 2322 -68.77 -29.58 -2.76
CA GLY D 2322 -67.34 -29.63 -2.99
C GLY D 2322 -66.61 -30.91 -2.61
N TRP D 2323 -67.32 -32.04 -2.55
CA TRP D 2323 -66.73 -33.32 -2.17
C TRP D 2323 -67.65 -34.45 -2.61
N ASN D 2324 -67.15 -35.69 -2.47
CA ASN D 2324 -67.89 -36.88 -2.89
C ASN D 2324 -68.19 -37.74 -1.67
N PRO D 2325 -69.41 -37.66 -1.12
CA PRO D 2325 -69.80 -38.55 -0.02
C PRO D 2325 -69.80 -40.02 -0.37
N CYS D 2326 -70.20 -40.39 -1.59
CA CYS D 2326 -70.30 -41.80 -1.95
C CYS D 2326 -68.91 -42.39 -2.11
N GLY D 2327 -68.05 -41.67 -2.83
CA GLY D 2327 -66.74 -42.20 -3.17
C GLY D 2327 -65.91 -42.33 -1.91
N GLY D 2328 -65.90 -41.27 -1.10
CA GLY D 2328 -65.16 -41.33 0.14
C GLY D 2328 -65.71 -42.41 1.06
N GLU D 2329 -67.04 -42.58 1.07
CA GLU D 2329 -67.67 -43.60 1.91
C GLU D 2329 -67.20 -45.01 1.52
N ARG D 2330 -67.08 -45.27 0.21
CA ARG D 2330 -66.53 -46.52 -0.28
C ARG D 2330 -65.09 -46.74 0.19
N TYR D 2331 -64.28 -45.68 0.14
CA TYR D 2331 -62.92 -45.78 0.67
C TYR D 2331 -62.93 -46.05 2.17
N LEU D 2332 -63.83 -45.40 2.91
CA LEU D 2332 -63.93 -45.61 4.35
C LEU D 2332 -64.29 -47.05 4.66
N ASP D 2333 -65.25 -47.61 3.92
CA ASP D 2333 -65.63 -49.03 4.09
C ASP D 2333 -64.44 -49.94 3.87
N PHE D 2334 -63.60 -49.60 2.87
CA PHE D 2334 -62.37 -50.35 2.64
C PHE D 2334 -61.44 -50.24 3.86
N LEU D 2335 -61.24 -49.02 4.36
CA LEU D 2335 -60.33 -48.83 5.49
C LEU D 2335 -60.87 -49.54 6.73
N ARG D 2336 -62.20 -49.54 6.90
CA ARG D 2336 -62.87 -50.24 7.98
C ARG D 2336 -62.53 -51.72 7.94
N PHE D 2337 -62.40 -52.29 6.73
CA PHE D 2337 -61.93 -53.67 6.70
C PHE D 2337 -60.41 -53.75 6.77
N ALA D 2338 -59.73 -52.64 6.51
CA ALA D 2338 -58.27 -52.63 6.42
C ALA D 2338 -57.63 -52.66 7.79
N VAL D 2339 -58.32 -52.15 8.80
CA VAL D 2339 -57.72 -52.01 10.13
C VAL D 2339 -58.37 -52.90 11.19
N PHE D 2340 -59.61 -53.33 11.01
CA PHE D 2340 -60.31 -54.09 12.03
C PHE D 2340 -60.35 -55.56 11.61
N VAL D 2341 -59.80 -56.44 12.45
CA VAL D 2341 -59.64 -57.85 12.11
C VAL D 2341 -60.24 -58.69 13.23
N ASN D 2342 -61.18 -59.56 12.87
CA ASN D 2342 -61.72 -60.63 13.74
C ASN D 2342 -62.27 -60.12 15.07
N GLY D 2343 -62.76 -58.88 15.09
CA GLY D 2343 -63.33 -58.34 16.31
C GLY D 2343 -62.39 -57.52 17.16
N GLU D 2344 -61.15 -57.33 16.74
CA GLU D 2344 -60.20 -56.53 17.50
C GLU D 2344 -59.41 -55.64 16.56
N SER D 2345 -59.05 -54.46 17.05
CA SER D 2345 -58.30 -53.50 16.26
C SER D 2345 -56.86 -53.97 16.08
N VAL D 2346 -56.23 -53.46 15.03
CA VAL D 2346 -54.81 -53.67 14.79
C VAL D 2346 -54.15 -52.32 14.93
N GLU D 2347 -53.27 -52.20 15.93
CA GLU D 2347 -52.69 -50.90 16.29
C GLU D 2347 -51.82 -50.33 15.18
N GLU D 2348 -51.06 -51.19 14.48
CA GLU D 2348 -50.15 -50.75 13.43
C GLU D 2348 -50.86 -50.00 12.32
N ASN D 2349 -51.90 -50.63 11.77
CA ASN D 2349 -52.72 -50.02 10.75
C ASN D 2349 -53.50 -48.85 11.32
N ALA D 2350 -54.00 -48.98 12.55
CA ALA D 2350 -54.85 -47.95 13.15
C ALA D 2350 -54.07 -46.64 13.29
N ASN D 2351 -52.85 -46.72 13.84
CA ASN D 2351 -52.08 -45.52 14.08
C ASN D 2351 -51.58 -44.96 12.76
N VAL D 2352 -51.27 -45.82 11.77
CA VAL D 2352 -50.77 -45.31 10.51
C VAL D 2352 -51.88 -44.53 9.80
N VAL D 2353 -53.09 -45.12 9.71
CA VAL D 2353 -54.18 -44.48 8.98
C VAL D 2353 -54.55 -43.15 9.64
N VAL D 2354 -54.68 -43.12 10.98
CA VAL D 2354 -55.03 -41.85 11.64
C VAL D 2354 -53.91 -40.83 11.41
N ARG D 2355 -52.65 -41.28 11.38
CA ARG D 2355 -51.55 -40.36 11.07
C ARG D 2355 -51.67 -39.77 9.66
N LEU D 2356 -52.18 -40.54 8.70
CA LEU D 2356 -52.43 -39.93 7.39
C LEU D 2356 -53.66 -39.04 7.37
N LEU D 2357 -54.70 -39.39 8.13
CA LEU D 2357 -55.85 -38.50 8.25
C LEU D 2357 -55.48 -37.18 8.90
N ILE D 2358 -54.66 -37.21 9.95
CA ILE D 2358 -54.32 -35.96 10.62
C ILE D 2358 -53.43 -35.11 9.72
N ARG D 2359 -52.44 -35.74 9.03
CA ARG D 2359 -51.59 -34.97 8.13
C ARG D 2359 -52.38 -34.39 6.96
N LYS D 2360 -53.49 -35.03 6.59
CA LYS D 2360 -54.34 -34.61 5.48
C LYS D 2360 -55.73 -34.27 6.01
N PRO D 2361 -55.89 -33.12 6.69
CA PRO D 2361 -57.18 -32.79 7.34
C PRO D 2361 -58.36 -32.65 6.39
N GLU D 2362 -58.12 -32.47 5.09
CA GLU D 2362 -59.20 -32.41 4.11
C GLU D 2362 -59.97 -33.71 3.98
N CYS D 2363 -59.38 -34.85 4.40
CA CYS D 2363 -60.09 -36.11 4.46
C CYS D 2363 -61.35 -36.05 5.32
N PHE D 2364 -61.32 -35.24 6.38
CA PHE D 2364 -62.47 -35.11 7.28
C PHE D 2364 -63.65 -34.39 6.62
N GLY D 2365 -63.45 -33.70 5.51
CA GLY D 2365 -64.53 -33.06 4.82
C GLY D 2365 -64.71 -31.64 5.30
N PRO D 2366 -65.76 -30.96 4.82
CA PRO D 2366 -66.00 -29.56 5.21
C PRO D 2366 -66.19 -29.37 6.72
N ALA D 2367 -66.86 -30.30 7.37
CA ALA D 2367 -66.91 -30.32 8.83
C ALA D 2367 -65.64 -30.95 9.37
N LEU D 2368 -65.25 -30.49 10.57
CA LEU D 2368 -64.04 -30.95 11.28
C LEU D 2368 -62.80 -30.80 10.40
N ARG D 2369 -62.75 -29.70 9.66
CA ARG D 2369 -61.66 -29.41 8.74
CA ARG D 2369 -61.66 -29.40 8.73
C ARG D 2369 -60.52 -28.64 9.39
N GLY D 2370 -60.81 -27.83 10.40
CA GLY D 2370 -59.81 -26.96 10.98
C GLY D 2370 -60.31 -25.55 10.91
N GLU D 2371 -59.54 -24.64 10.30
CA GLU D 2371 -59.85 -23.21 10.24
C GLU D 2371 -61.17 -22.94 9.52
N GLY D 2372 -62.17 -22.52 10.28
CA GLY D 2372 -63.47 -22.16 9.75
C GLY D 2372 -64.39 -23.34 9.53
N GLY D 2373 -63.96 -24.55 9.87
CA GLY D 2373 -64.77 -25.74 9.67
C GLY D 2373 -65.79 -25.95 10.77
N SER D 2374 -67.06 -25.89 10.41
CA SER D 2374 -68.16 -26.07 11.35
C SER D 2374 -68.15 -27.47 11.93
N GLY D 2375 -68.78 -27.63 13.10
CA GLY D 2375 -68.76 -28.90 13.78
C GLY D 2375 -69.57 -29.96 13.06
N LEU D 2376 -69.23 -31.22 13.34
CA LEU D 2376 -70.00 -32.35 12.82
C LEU D 2376 -71.44 -32.31 13.32
N LEU D 2377 -71.62 -31.92 14.59
CA LEU D 2377 -72.96 -31.71 15.16
C LEU D 2377 -73.77 -30.77 14.30
N ALA D 2378 -73.21 -29.58 14.03
CA ALA D 2378 -73.85 -28.63 13.12
C ALA D 2378 -74.03 -29.23 11.72
N ALA D 2379 -73.10 -30.08 11.29
CA ALA D 2379 -73.10 -30.63 9.94
C ALA D 2379 -74.28 -31.56 9.69
N ILE D 2380 -74.72 -32.29 10.72
CA ILE D 2380 -75.69 -33.37 10.48
C ILE D 2380 -77.07 -32.82 10.14
N GLU D 2381 -77.52 -31.74 10.81
CA GLU D 2381 -78.93 -31.33 10.76
C GLU D 2381 -79.34 -30.94 9.34
N GLU D 2382 -78.55 -30.11 8.67
CA GLU D 2382 -78.94 -29.70 7.32
C GLU D 2382 -78.88 -30.88 6.35
N ALA D 2383 -77.93 -31.81 6.53
CA ALA D 2383 -77.93 -33.05 5.75
C ALA D 2383 -79.23 -33.84 5.92
N ILE D 2384 -79.74 -33.88 7.15
CA ILE D 2384 -81.06 -34.46 7.43
C ILE D 2384 -82.15 -33.69 6.70
N ARG D 2385 -82.09 -32.36 6.74
CA ARG D 2385 -83.09 -31.53 6.06
C ARG D 2385 -82.99 -31.70 4.55
N ILE D 2386 -81.78 -31.80 4.01
CA ILE D 2386 -81.55 -31.99 2.58
C ILE D 2386 -82.19 -33.30 2.12
N SER D 2387 -81.97 -34.38 2.88
CA SER D 2387 -82.62 -35.65 2.55
C SER D 2387 -84.13 -35.59 2.69
N GLU D 2388 -84.64 -34.91 3.73
CA GLU D 2388 -86.09 -34.81 3.94
C GLU D 2388 -86.78 -33.97 2.87
N ASP D 2389 -86.20 -32.83 2.51
CA ASP D 2389 -86.75 -31.90 1.52
C ASP D 2389 -86.29 -32.24 0.11
N PRO D 2390 -87.20 -32.56 -0.82
CA PRO D 2390 -86.75 -32.89 -2.19
C PRO D 2390 -86.19 -31.70 -2.97
N ALA D 2391 -85.87 -31.94 -4.26
CA ALA D 2391 -85.34 -31.00 -5.25
C ALA D 2391 -83.87 -30.65 -5.00
N ARG D 2392 -83.32 -31.07 -3.86
CA ARG D 2392 -81.90 -30.96 -3.56
C ARG D 2392 -81.30 -32.26 -3.05
N ASP D 2393 -82.11 -33.19 -2.52
CA ASP D 2393 -81.63 -34.52 -2.18
C ASP D 2393 -81.18 -35.27 -3.44
N GLY D 2394 -81.94 -35.11 -4.52
CA GLY D 2394 -81.63 -35.75 -5.77
C GLY D 2394 -81.58 -34.74 -6.89
N PRO D 2395 -81.66 -35.21 -8.15
CA PRO D 2395 -81.51 -34.32 -9.30
C PRO D 2395 -82.59 -33.24 -9.41
N GLY D 2396 -83.81 -33.52 -8.97
CA GLY D 2396 -84.92 -32.63 -9.26
C GLY D 2396 -85.30 -32.60 -10.73
N VAL D 2397 -85.29 -33.76 -11.37
CA VAL D 2397 -85.63 -33.85 -12.79
C VAL D 2397 -87.13 -34.12 -12.95
N PRO D 2410 -85.50 -47.50 -6.40
CA PRO D 2410 -85.31 -46.16 -6.96
C PRO D 2410 -85.52 -46.16 -8.49
N PRO D 2411 -85.69 -44.98 -9.11
CA PRO D 2411 -85.84 -44.94 -10.58
C PRO D 2411 -84.68 -45.52 -11.37
N GLU D 2412 -83.44 -45.31 -10.93
CA GLU D 2412 -82.28 -46.02 -11.45
C GLU D 2412 -81.97 -47.30 -10.66
N GLU D 2413 -82.77 -47.59 -9.62
CA GLU D 2413 -82.66 -48.64 -8.60
C GLU D 2413 -81.52 -48.37 -7.61
N ASN D 2414 -80.72 -47.34 -7.88
CA ASN D 2414 -79.69 -46.87 -6.97
C ASN D 2414 -79.55 -45.34 -7.04
N ARG D 2415 -80.67 -44.64 -7.24
CA ARG D 2415 -80.72 -43.19 -7.24
C ARG D 2415 -80.09 -42.64 -5.97
N VAL D 2416 -79.14 -41.73 -6.15
CA VAL D 2416 -78.36 -41.20 -5.04
C VAL D 2416 -79.19 -40.17 -4.28
N HIS D 2417 -79.04 -40.17 -2.96
CA HIS D 2417 -79.68 -39.23 -2.05
C HIS D 2417 -78.55 -38.56 -1.30
N LEU D 2418 -78.34 -37.26 -1.57
CA LEU D 2418 -77.18 -36.52 -1.07
C LEU D 2418 -77.09 -36.50 0.45
N GLY D 2419 -78.16 -36.10 1.13
CA GLY D 2419 -78.16 -36.05 2.59
C GLY D 2419 -77.84 -37.40 3.24
N HIS D 2420 -78.42 -38.47 2.68
CA HIS D 2420 -78.11 -39.82 3.12
C HIS D 2420 -76.65 -40.18 2.86
N ALA D 2421 -76.12 -39.80 1.69
CA ALA D 2421 -74.73 -40.09 1.38
C ALA D 2421 -73.78 -39.34 2.31
N ILE D 2422 -74.09 -38.06 2.58
CA ILE D 2422 -73.26 -37.20 3.42
C ILE D 2422 -73.17 -37.78 4.84
N MET D 2423 -74.33 -38.09 5.41
CA MET D 2423 -74.37 -38.68 6.73
C MET D 2423 -73.77 -40.09 6.75
N SER D 2424 -73.95 -40.87 5.67
CA SER D 2424 -73.33 -42.19 5.58
C SER D 2424 -71.81 -42.08 5.58
N PHE D 2425 -71.27 -41.08 4.87
CA PHE D 2425 -69.84 -40.82 4.90
C PHE D 2425 -69.38 -40.47 6.31
N TYR D 2426 -70.17 -39.64 7.00
CA TYR D 2426 -69.78 -39.22 8.35
C TYR D 2426 -69.78 -40.43 9.28
N ALA D 2427 -70.80 -41.28 9.12
CA ALA D 2427 -70.97 -42.46 9.94
C ALA D 2427 -69.80 -43.42 9.78
N ALA D 2428 -69.44 -43.72 8.52
CA ALA D 2428 -68.28 -44.57 8.26
C ALA D 2428 -66.99 -43.93 8.74
N LEU D 2429 -66.87 -42.60 8.67
CA LEU D 2429 -65.70 -41.90 9.21
C LEU D 2429 -65.56 -42.11 10.72
N ILE D 2430 -66.67 -41.94 11.44
CA ILE D 2430 -66.69 -42.19 12.88
C ILE D 2430 -66.41 -43.65 13.17
N ASP D 2431 -67.05 -44.56 12.40
CA ASP D 2431 -66.90 -45.99 12.64
C ASP D 2431 -65.46 -46.42 12.42
N LEU D 2432 -64.81 -45.82 11.40
CA LEU D 2432 -63.39 -46.03 11.14
C LEU D 2432 -62.53 -45.63 12.33
N LEU D 2433 -62.74 -44.41 12.84
CA LEU D 2433 -61.97 -43.97 14.01
C LEU D 2433 -62.25 -44.85 15.22
N GLY D 2434 -63.52 -45.21 15.43
CA GLY D 2434 -63.89 -46.08 16.54
C GLY D 2434 -63.21 -47.43 16.47
N ARG D 2435 -63.08 -47.98 15.27
CA ARG D 2435 -62.35 -49.24 15.14
C ARG D 2435 -60.86 -49.01 15.18
N CYS D 2436 -60.41 -47.77 15.00
CA CYS D 2436 -58.99 -47.44 15.09
C CYS D 2436 -58.55 -47.22 16.53
N ALA D 2437 -59.50 -47.14 17.45
CA ALA D 2437 -59.19 -46.87 18.85
C ALA D 2437 -58.37 -48.00 19.46
N PRO D 2438 -57.42 -47.68 20.35
CA PRO D 2438 -56.61 -48.73 20.99
C PRO D 2438 -57.43 -49.64 21.89
N GLU D 2439 -56.99 -50.88 22.00
CA GLU D 2439 -57.62 -51.84 22.88
C GLU D 2439 -57.42 -51.50 24.36
N MET D 2440 -58.41 -51.92 25.15
CA MET D 2440 -58.48 -51.48 26.54
C MET D 2440 -57.33 -52.01 27.38
N HIS D 2441 -56.80 -53.21 27.07
CA HIS D 2441 -55.70 -53.71 27.88
C HIS D 2441 -54.45 -52.87 27.67
N LEU D 2442 -54.34 -52.26 26.49
CA LEU D 2442 -53.27 -51.31 26.20
C LEU D 2442 -53.51 -50.01 26.95
N ILE D 2443 -54.74 -49.50 26.93
CA ILE D 2443 -55.02 -48.25 27.63
C ILE D 2443 -54.86 -48.41 29.14
N GLN D 2444 -55.34 -49.52 29.70
CA GLN D 2444 -55.14 -49.84 31.11
C GLN D 2444 -53.66 -49.99 31.47
N ALA D 2445 -52.87 -50.64 30.60
CA ALA D 2445 -51.43 -50.64 30.80
C ALA D 2445 -50.79 -49.27 30.57
N GLY D 2446 -51.51 -48.34 29.94
CA GLY D 2446 -51.04 -46.99 29.70
C GLY D 2446 -49.82 -46.88 28.83
N LYS D 2447 -49.78 -47.66 27.74
CA LYS D 2447 -48.65 -47.64 26.82
C LYS D 2447 -48.48 -46.25 26.23
N GLY D 2448 -47.23 -45.79 26.16
CA GLY D 2448 -46.83 -44.42 25.85
C GLY D 2448 -47.51 -43.77 24.66
N GLU D 2449 -47.21 -44.25 23.46
CA GLU D 2449 -47.79 -43.66 22.27
C GLU D 2449 -49.27 -44.04 22.14
N ALA D 2450 -49.65 -45.17 22.73
CA ALA D 2450 -51.04 -45.62 22.64
C ALA D 2450 -51.97 -44.60 23.27
N LEU D 2451 -51.57 -44.03 24.42
CA LEU D 2451 -52.36 -42.96 25.02
C LEU D 2451 -52.46 -41.75 24.09
N ARG D 2452 -51.39 -41.50 23.30
CA ARG D 2452 -51.38 -40.35 22.39
C ARG D 2452 -52.47 -40.46 21.35
N ILE D 2453 -52.67 -41.66 20.77
CA ILE D 2453 -53.71 -41.79 19.74
C ILE D 2453 -55.09 -41.49 20.30
N ARG D 2454 -55.45 -42.15 21.42
CA ARG D 2454 -56.74 -41.91 22.07
C ARG D 2454 -56.92 -40.44 22.45
N ALA D 2455 -55.83 -39.78 22.89
CA ALA D 2455 -55.85 -38.34 23.11
C ALA D 2455 -56.20 -37.58 21.83
N ILE D 2456 -55.58 -37.98 20.71
CA ILE D 2456 -55.81 -37.30 19.44
C ILE D 2456 -57.27 -37.41 19.04
N LEU D 2457 -57.80 -38.65 19.05
CA LEU D 2457 -59.19 -38.87 18.61
C LEU D 2457 -60.15 -38.11 19.50
N ARG D 2458 -59.90 -38.10 20.82
CA ARG D 2458 -60.76 -37.33 21.72
C ARG D 2458 -60.66 -35.83 21.43
N SER D 2459 -59.50 -35.35 20.97
CA SER D 2459 -59.39 -33.95 20.58
C SER D 2459 -60.26 -33.66 19.36
N LEU D 2460 -60.26 -34.57 18.38
CA LEU D 2460 -61.05 -34.34 17.17
C LEU D 2460 -62.55 -34.42 17.45
N VAL D 2461 -62.99 -35.46 18.15
CA VAL D 2461 -64.41 -35.73 18.31
C VAL D 2461 -64.84 -35.32 19.71
N PRO D 2462 -65.72 -34.32 19.85
CA PRO D 2462 -66.28 -33.94 21.15
C PRO D 2462 -67.51 -34.75 21.54
N LEU D 2463 -67.67 -34.90 22.87
CA LEU D 2463 -68.73 -35.74 23.44
C LEU D 2463 -70.13 -35.23 23.13
N ASP D 2464 -70.34 -33.91 23.22
CA ASP D 2464 -71.67 -33.32 22.99
C ASP D 2464 -72.23 -33.66 21.61
N ASP D 2465 -71.35 -33.75 20.62
CA ASP D 2465 -71.73 -34.25 19.29
C ASP D 2465 -72.17 -35.70 19.36
N LEU D 2466 -71.43 -36.52 20.10
CA LEU D 2466 -71.71 -37.94 20.17
C LEU D 2466 -73.06 -38.21 20.81
N VAL D 2467 -73.35 -37.52 21.93
CA VAL D 2467 -74.62 -37.74 22.61
C VAL D 2467 -75.76 -37.16 21.78
N GLY D 2468 -75.54 -35.99 21.16
CA GLY D 2468 -76.62 -35.30 20.48
C GLY D 2468 -77.11 -36.10 19.28
N ILE D 2469 -76.17 -36.51 18.41
CA ILE D 2469 -76.57 -37.28 17.24
C ILE D 2469 -77.09 -38.65 17.64
N ILE D 2470 -76.48 -39.27 18.67
CA ILE D 2470 -77.00 -40.54 19.19
C ILE D 2470 -78.43 -40.37 19.73
N SER D 2471 -78.77 -39.18 20.22
CA SER D 2471 -80.09 -38.89 20.74
C SER D 2471 -81.02 -38.27 19.70
N LEU D 2472 -80.62 -38.20 18.43
CA LEU D 2472 -81.48 -37.64 17.40
C LEU D 2472 -82.71 -38.55 17.16
N PRO D 2473 -83.83 -38.00 16.69
CA PRO D 2473 -85.03 -38.82 16.49
C PRO D 2473 -84.92 -39.70 15.25
N LEU D 2474 -85.89 -40.61 15.13
CA LEU D 2474 -85.98 -41.53 13.99
C LEU D 2474 -87.40 -41.58 13.45
N GLN D 2475 -87.51 -41.71 12.12
CA GLN D 2475 -88.80 -41.98 11.50
C GLN D 2475 -89.34 -43.33 11.94
N ILE D 2476 -90.64 -43.36 12.23
CA ILE D 2476 -91.30 -44.50 12.86
C ILE D 2476 -92.38 -45.01 11.92
N PRO D 2477 -92.44 -46.32 11.64
CA PRO D 2477 -93.58 -46.86 10.88
C PRO D 2477 -94.88 -46.75 11.67
N THR D 2478 -95.96 -46.44 10.95
CA THR D 2478 -97.28 -46.29 11.56
C THR D 2478 -98.34 -46.96 10.70
N LEU D 2479 -99.44 -47.34 11.35
CA LEU D 2479 -100.59 -47.95 10.68
C LEU D 2479 -101.71 -46.93 10.56
N GLY D 2480 -102.26 -46.81 9.37
CA GLY D 2480 -103.31 -45.84 9.11
C GLY D 2480 -103.44 -45.62 7.63
N LYS D 2481 -104.32 -44.68 7.29
CA LYS D 2481 -104.59 -44.24 5.90
C LYS D 2481 -105.00 -45.42 5.03
N ASP D 2482 -106.15 -46.00 5.40
CA ASP D 2482 -106.66 -47.26 4.85
C ASP D 2482 -105.67 -48.39 5.13
N GLY D 2483 -105.01 -48.32 6.29
CA GLY D 2483 -104.04 -49.33 6.65
C GLY D 2483 -102.72 -49.27 5.91
N ALA D 2484 -102.38 -48.14 5.30
CA ALA D 2484 -101.11 -48.02 4.59
C ALA D 2484 -99.99 -47.94 5.62
N LEU D 2485 -99.20 -48.99 5.72
CA LEU D 2485 -98.08 -49.04 6.66
C LEU D 2485 -96.99 -48.10 6.15
N VAL D 2486 -96.92 -46.91 6.73
CA VAL D 2486 -96.02 -45.86 6.26
C VAL D 2486 -94.59 -46.25 6.62
N GLN D 2487 -93.85 -46.75 5.66
CA GLN D 2487 -92.51 -47.19 6.00
C GLN D 2487 -91.49 -46.26 5.36
N PRO D 2488 -90.39 -45.96 6.04
CA PRO D 2488 -89.36 -45.11 5.43
C PRO D 2488 -88.54 -45.87 4.41
N LYS D 2489 -87.97 -45.11 3.49
CA LYS D 2489 -87.07 -45.65 2.47
C LYS D 2489 -85.68 -45.65 3.07
N MET D 2490 -85.12 -46.85 3.31
CA MET D 2490 -83.81 -47.00 3.94
C MET D 2490 -82.69 -46.33 3.14
N SER D 2491 -82.88 -46.14 1.84
CA SER D 2491 -81.88 -45.46 1.04
C SER D 2491 -82.01 -43.94 1.14
N ALA D 2492 -83.13 -43.43 1.66
CA ALA D 2492 -83.37 -41.99 1.71
C ALA D 2492 -83.96 -41.57 3.05
N SER D 2493 -83.43 -42.11 4.15
CA SER D 2493 -83.94 -41.79 5.47
C SER D 2493 -82.83 -42.07 6.48
N PHE D 2494 -83.02 -41.56 7.69
CA PHE D 2494 -82.06 -41.79 8.75
C PHE D 2494 -82.11 -43.25 9.20
N VAL D 2495 -80.95 -43.83 9.49
CA VAL D 2495 -80.85 -45.27 9.74
C VAL D 2495 -80.23 -45.53 11.11
N PRO D 2496 -80.60 -46.64 11.77
CA PRO D 2496 -79.95 -47.01 13.05
C PRO D 2496 -78.45 -47.28 12.96
N ASP D 2497 -77.96 -47.71 11.79
CA ASP D 2497 -76.57 -48.14 11.64
C ASP D 2497 -75.61 -46.99 11.92
N HIS D 2498 -75.99 -45.78 11.48
CA HIS D 2498 -75.12 -44.63 11.65
C HIS D 2498 -74.96 -44.31 13.12
N LYS D 2499 -76.04 -44.48 13.91
CA LYS D 2499 -75.93 -44.34 15.36
C LYS D 2499 -75.03 -45.43 15.95
N ALA D 2500 -75.16 -46.66 15.43
CA ALA D 2500 -74.37 -47.79 15.93
C ALA D 2500 -72.88 -47.56 15.74
N SER D 2501 -72.52 -46.85 14.67
CA SER D 2501 -71.12 -46.51 14.41
C SER D 2501 -70.56 -45.65 15.53
N MET D 2502 -71.33 -44.64 15.95
CA MET D 2502 -70.89 -43.76 17.02
C MET D 2502 -70.91 -44.46 18.37
N VAL D 2503 -71.87 -45.37 18.58
CA VAL D 2503 -71.86 -46.18 19.80
C VAL D 2503 -70.58 -46.99 19.91
N LEU D 2504 -70.17 -47.62 18.79
CA LEU D 2504 -68.89 -48.32 18.74
C LEU D 2504 -67.71 -47.38 18.98
N PHE D 2505 -67.82 -46.14 18.49
CA PHE D 2505 -66.81 -45.12 18.74
C PHE D 2505 -66.70 -44.83 20.22
N LEU D 2506 -67.83 -44.51 20.86
CA LEU D 2506 -67.83 -44.11 22.26
C LEU D 2506 -67.30 -45.22 23.13
N ASP D 2507 -67.74 -46.46 22.85
CA ASP D 2507 -67.30 -47.63 23.61
C ASP D 2507 -65.79 -47.81 23.50
N ARG D 2508 -65.24 -47.71 22.30
CA ARG D 2508 -63.81 -47.97 22.15
C ARG D 2508 -62.93 -46.78 22.51
N VAL D 2509 -63.46 -45.56 22.47
CA VAL D 2509 -62.64 -44.36 22.65
C VAL D 2509 -62.85 -43.81 24.06
N TYR D 2510 -64.09 -43.43 24.38
CA TYR D 2510 -64.37 -42.84 25.68
C TYR D 2510 -64.83 -43.88 26.69
N GLY D 2511 -65.69 -44.79 26.28
CA GLY D 2511 -66.17 -45.85 27.14
C GLY D 2511 -67.17 -45.28 28.14
N ILE D 2512 -67.53 -46.13 29.09
CA ILE D 2512 -68.45 -45.77 30.16
C ILE D 2512 -67.71 -45.91 31.47
N GLU D 2513 -67.63 -44.82 32.23
CA GLU D 2513 -66.88 -44.80 33.47
C GLU D 2513 -67.79 -44.59 34.68
N ASN D 2514 -68.57 -43.51 34.68
CA ASN D 2514 -69.44 -43.18 35.79
C ASN D 2514 -70.91 -43.48 35.52
N GLN D 2515 -71.62 -43.75 36.62
CA GLN D 2515 -73.04 -44.11 36.58
C GLN D 2515 -73.89 -42.98 36.03
N ASP D 2516 -73.64 -41.75 36.49
CA ASP D 2516 -74.50 -40.62 36.12
C ASP D 2516 -74.46 -40.37 34.62
N PHE D 2517 -73.26 -40.29 34.05
CA PHE D 2517 -73.09 -40.10 32.61
C PHE D 2517 -73.66 -41.29 31.83
N LEU D 2518 -73.54 -42.51 32.39
CA LEU D 2518 -74.20 -43.68 31.80
C LEU D 2518 -75.71 -43.47 31.69
N LEU D 2519 -76.35 -43.09 32.79
CA LEU D 2519 -77.79 -42.83 32.76
C LEU D 2519 -78.14 -41.65 31.86
N HIS D 2520 -77.32 -40.59 31.87
CA HIS D 2520 -77.49 -39.45 30.98
C HIS D 2520 -77.35 -39.81 29.51
N VAL D 2521 -76.71 -40.94 29.20
CA VAL D 2521 -76.73 -41.47 27.84
C VAL D 2521 -77.95 -42.34 27.61
N LEU D 2522 -78.29 -43.16 28.61
CA LEU D 2522 -79.40 -44.09 28.52
C LEU D 2522 -80.73 -43.40 28.28
N ASP D 2523 -81.05 -42.38 29.08
CA ASP D 2523 -82.37 -41.75 29.09
C ASP D 2523 -82.69 -41.09 27.74
N VAL D 2524 -81.76 -40.30 27.21
CA VAL D 2524 -82.01 -39.51 26.02
C VAL D 2524 -81.55 -40.18 24.73
N GLY D 2525 -80.60 -41.12 24.80
CA GLY D 2525 -80.07 -41.76 23.62
C GLY D 2525 -80.57 -43.16 23.41
N PHE D 2526 -80.64 -43.96 24.47
CA PHE D 2526 -80.98 -45.37 24.36
C PHE D 2526 -82.45 -45.62 24.67
N LEU D 2527 -82.96 -45.05 25.78
CA LEU D 2527 -84.34 -45.31 26.20
C LEU D 2527 -85.39 -45.06 25.11
N PRO D 2528 -85.35 -43.97 24.29
CA PRO D 2528 -86.30 -43.90 23.16
C PRO D 2528 -86.17 -45.08 22.20
N ASP D 2529 -84.97 -45.65 22.06
CA ASP D 2529 -84.77 -46.76 21.14
C ASP D 2529 -85.44 -48.00 21.69
N MET D 2530 -85.22 -48.30 22.99
CA MET D 2530 -85.84 -49.52 23.53
C MET D 2530 -87.36 -49.41 23.59
N ARG D 2531 -87.89 -48.25 24.02
CA ARG D 2531 -89.35 -48.10 24.07
C ARG D 2531 -89.96 -48.17 22.67
N ALA D 2532 -89.29 -47.56 21.67
CA ALA D 2532 -89.74 -47.64 20.29
C ALA D 2532 -89.74 -49.07 19.77
N ALA D 2533 -88.63 -49.79 19.98
CA ALA D 2533 -88.53 -51.18 19.52
C ALA D 2533 -89.57 -52.07 20.19
N ALA D 2534 -89.73 -51.92 21.51
CA ALA D 2534 -90.75 -52.68 22.26
C ALA D 2534 -92.17 -52.37 21.79
N SER D 2535 -92.47 -51.10 21.52
CA SER D 2535 -93.76 -50.75 20.94
C SER D 2535 -93.93 -51.31 19.53
N LEU D 2536 -92.90 -51.18 18.69
CA LEU D 2536 -92.95 -51.68 17.32
C LEU D 2536 -92.93 -53.20 17.23
N ASP D 2537 -92.65 -53.91 18.33
CA ASP D 2537 -92.63 -55.37 18.33
C ASP D 2537 -94.07 -55.88 18.23
N THR D 2538 -94.62 -55.79 17.02
CA THR D 2538 -95.95 -56.26 16.69
C THR D 2538 -95.89 -56.98 15.35
N ALA D 2539 -96.80 -57.95 15.17
CA ALA D 2539 -96.86 -58.74 13.95
C ALA D 2539 -97.09 -57.89 12.69
N THR D 2540 -97.69 -56.70 12.85
CA THR D 2540 -97.87 -55.81 11.71
C THR D 2540 -96.56 -55.15 11.29
N PHE D 2541 -95.68 -54.86 12.25
CA PHE D 2541 -94.48 -54.08 11.95
C PHE D 2541 -93.15 -54.78 12.19
N SER D 2542 -93.09 -55.84 13.02
CA SER D 2542 -91.81 -56.47 13.39
C SER D 2542 -91.03 -57.02 12.19
N THR D 2543 -91.72 -57.36 11.11
CA THR D 2543 -91.06 -57.87 9.92
C THR D 2543 -90.66 -56.77 8.95
N THR D 2544 -90.91 -55.50 9.27
CA THR D 2544 -90.52 -54.43 8.36
C THR D 2544 -89.00 -54.20 8.41
N GLU D 2545 -88.54 -53.45 7.41
CA GLU D 2545 -87.11 -53.13 7.28
C GLU D 2545 -86.61 -52.32 8.47
N MET D 2546 -87.40 -51.37 8.95
CA MET D 2546 -86.94 -50.50 10.02
C MET D 2546 -86.90 -51.27 11.32
N ALA D 2547 -87.90 -52.12 11.56
CA ALA D 2547 -87.93 -52.92 12.78
C ALA D 2547 -86.74 -53.85 12.83
N LEU D 2548 -86.44 -54.54 11.72
CA LEU D 2548 -85.28 -55.44 11.73
C LEU D 2548 -83.97 -54.66 11.83
N ALA D 2549 -83.96 -53.42 11.32
CA ALA D 2549 -82.79 -52.55 11.47
C ALA D 2549 -82.55 -52.26 12.95
N LEU D 2550 -83.60 -51.93 13.69
CA LEU D 2550 -83.46 -51.71 15.12
C LEU D 2550 -83.06 -52.99 15.84
N ASN D 2551 -83.65 -54.13 15.47
CA ASN D 2551 -83.31 -55.41 16.11
C ASN D 2551 -81.82 -55.72 16.03
N ARG D 2552 -81.24 -55.54 14.84
CA ARG D 2552 -79.79 -55.64 14.69
C ARG D 2552 -79.07 -54.52 15.42
N TYR D 2553 -79.64 -53.31 15.44
CA TYR D 2553 -78.97 -52.16 16.03
C TYR D 2553 -78.84 -52.34 17.54
N LEU D 2554 -79.93 -52.76 18.19
CA LEU D 2554 -79.91 -52.89 19.63
C LEU D 2554 -79.04 -54.07 20.03
N CYS D 2555 -79.26 -55.24 19.38
CA CYS D 2555 -78.56 -56.45 19.79
C CYS D 2555 -77.09 -56.46 19.41
N LEU D 2556 -76.63 -55.51 18.60
CA LEU D 2556 -75.23 -55.48 18.19
C LEU D 2556 -74.48 -54.31 18.79
N ALA D 2557 -75.15 -53.20 19.08
CA ALA D 2557 -74.50 -52.02 19.60
C ALA D 2557 -74.93 -51.69 21.04
N VAL D 2558 -76.23 -51.50 21.28
CA VAL D 2558 -76.67 -51.00 22.58
C VAL D 2558 -76.53 -52.08 23.65
N LEU D 2559 -77.24 -53.19 23.48
CA LEU D 2559 -77.25 -54.29 24.45
C LEU D 2559 -75.87 -54.85 24.81
N PRO D 2560 -74.93 -55.14 23.88
CA PRO D 2560 -73.59 -55.54 24.32
C PRO D 2560 -72.88 -54.47 25.15
N LEU D 2561 -73.12 -53.19 24.85
CA LEU D 2561 -72.54 -52.12 25.66
C LEU D 2561 -73.13 -52.11 27.05
N ILE D 2562 -74.46 -52.24 27.17
CA ILE D 2562 -75.13 -52.17 28.46
C ILE D 2562 -74.74 -53.36 29.33
N THR D 2563 -74.66 -54.55 28.72
CA THR D 2563 -74.43 -55.79 29.46
C THR D 2563 -73.10 -55.76 30.19
N LYS D 2564 -72.05 -55.27 29.52
CA LYS D 2564 -70.75 -55.25 30.16
C LYS D 2564 -70.60 -54.12 31.17
N CYS D 2565 -71.47 -53.10 31.14
CA CYS D 2565 -71.41 -52.03 32.11
C CYS D 2565 -72.49 -52.15 33.17
N ALA D 2566 -73.12 -53.33 33.24
CA ALA D 2566 -74.17 -53.59 34.23
C ALA D 2566 -73.79 -53.32 35.70
N PRO D 2567 -72.58 -53.67 36.21
CA PRO D 2567 -72.29 -53.37 37.64
C PRO D 2567 -72.41 -51.92 38.07
N LEU D 2568 -72.31 -50.96 37.13
CA LEU D 2568 -72.53 -49.55 37.44
C LEU D 2568 -73.97 -49.25 37.86
N PHE D 2569 -74.91 -50.16 37.63
CA PHE D 2569 -76.30 -49.98 38.00
C PHE D 2569 -76.62 -50.34 39.45
N ALA D 2570 -75.63 -50.32 40.34
CA ALA D 2570 -75.86 -50.67 41.74
C ALA D 2570 -76.55 -49.56 42.52
N GLY D 2571 -76.26 -48.30 42.24
CA GLY D 2571 -76.80 -47.20 43.01
C GLY D 2571 -77.87 -46.38 42.34
N THR D 2572 -78.78 -47.05 41.63
CA THR D 2572 -79.80 -46.41 40.81
C THR D 2572 -81.03 -45.95 41.58
N GLU D 2573 -80.98 -45.90 42.92
CA GLU D 2573 -82.18 -45.66 43.73
C GLU D 2573 -82.76 -44.27 43.49
N HIS D 2574 -81.90 -43.27 43.25
CA HIS D 2574 -82.32 -41.88 43.17
C HIS D 2574 -83.25 -41.60 41.98
N ARG D 2575 -83.09 -42.33 40.89
CA ARG D 2575 -83.86 -42.05 39.67
C ARG D 2575 -84.35 -43.40 39.11
N ALA D 2576 -84.90 -44.23 40.01
CA ALA D 2576 -85.12 -45.64 39.73
C ALA D 2576 -86.32 -45.91 38.82
N ILE D 2577 -87.24 -44.95 38.69
CA ILE D 2577 -88.47 -45.19 37.93
C ILE D 2577 -88.18 -45.45 36.46
N MET D 2578 -87.29 -44.65 35.86
CA MET D 2578 -86.94 -44.91 34.46
C MET D 2578 -86.16 -46.21 34.32
N VAL D 2579 -85.39 -46.59 35.34
CA VAL D 2579 -84.67 -47.86 35.33
C VAL D 2579 -85.67 -49.01 35.24
N ASP D 2580 -86.76 -48.91 36.01
CA ASP D 2580 -87.83 -49.90 35.91
C ASP D 2580 -88.49 -49.86 34.54
N SER D 2581 -88.62 -48.66 33.96
CA SER D 2581 -89.26 -48.55 32.64
C SER D 2581 -88.43 -49.25 31.58
N MET D 2582 -87.11 -48.99 31.59
CA MET D 2582 -86.21 -49.56 30.58
C MET D 2582 -86.15 -51.08 30.70
N LEU D 2583 -86.08 -51.60 31.95
CA LEU D 2583 -86.04 -53.06 32.07
C LEU D 2583 -87.36 -53.69 31.65
N HIS D 2584 -88.49 -53.02 31.92
CA HIS D 2584 -89.78 -53.53 31.46
CA HIS D 2584 -89.77 -53.51 31.46
C HIS D 2584 -89.86 -53.54 29.94
N THR D 2585 -89.37 -52.47 29.29
CA THR D 2585 -89.39 -52.40 27.83
C THR D 2585 -88.52 -53.48 27.21
N VAL D 2586 -87.31 -53.67 27.73
CA VAL D 2586 -86.43 -54.71 27.17
C VAL D 2586 -86.99 -56.11 27.46
N TYR D 2587 -87.67 -56.32 28.59
CA TYR D 2587 -88.38 -57.59 28.81
C TYR D 2587 -89.51 -57.81 27.79
N ARG D 2588 -90.24 -56.75 27.47
CA ARG D 2588 -91.18 -56.81 26.35
C ARG D 2588 -90.48 -57.16 25.04
N LEU D 2589 -89.30 -56.58 24.81
CA LEU D 2589 -88.52 -56.98 23.65
C LEU D 2589 -88.03 -58.42 23.75
N SER D 2590 -87.81 -58.92 24.98
CA SER D 2590 -87.40 -60.31 25.17
C SER D 2590 -88.48 -61.24 24.66
N ARG D 2591 -89.74 -60.91 24.96
CA ARG D 2591 -90.87 -61.64 24.36
C ARG D 2591 -91.15 -61.01 22.98
N GLY D 2592 -90.18 -61.15 22.10
CA GLY D 2592 -90.18 -60.47 20.81
C GLY D 2592 -90.19 -61.44 19.65
N ARG D 2593 -90.93 -61.07 18.59
CA ARG D 2593 -90.96 -61.86 17.38
C ARG D 2593 -90.08 -61.19 16.33
N SER D 2594 -89.89 -61.89 15.20
CA SER D 2594 -88.99 -61.48 14.11
C SER D 2594 -87.56 -61.24 14.60
N LEU D 2595 -87.15 -61.99 15.62
CA LEU D 2595 -85.84 -61.89 16.23
C LEU D 2595 -85.15 -63.24 16.17
N THR D 2596 -83.86 -63.22 15.82
CA THR D 2596 -83.09 -64.44 15.76
C THR D 2596 -82.90 -65.01 17.16
N LYS D 2597 -82.52 -66.31 17.20
CA LYS D 2597 -82.09 -66.93 18.43
C LYS D 2597 -80.92 -66.19 19.06
N ALA D 2598 -79.96 -65.75 18.24
CA ALA D 2598 -78.84 -64.95 18.72
C ALA D 2598 -79.30 -63.62 19.32
N GLN D 2599 -80.22 -62.92 18.64
CA GLN D 2599 -80.74 -61.66 19.15
C GLN D 2599 -81.47 -61.89 20.47
N ARG D 2600 -82.19 -63.03 20.56
CA ARG D 2600 -82.99 -63.34 21.73
C ARG D 2600 -82.07 -63.56 22.92
N ASP D 2601 -81.05 -64.42 22.75
CA ASP D 2601 -80.16 -64.70 23.88
C ASP D 2601 -79.34 -63.48 24.27
N VAL D 2602 -79.06 -62.58 23.31
CA VAL D 2602 -78.46 -61.28 23.66
C VAL D 2602 -79.33 -60.52 24.65
N ILE D 2603 -80.63 -60.45 24.35
CA ILE D 2603 -81.58 -59.82 25.27
C ILE D 2603 -81.63 -60.55 26.61
N GLU D 2604 -81.61 -61.88 26.57
CA GLU D 2604 -81.59 -62.69 27.79
C GLU D 2604 -80.37 -62.37 28.65
N ASP D 2605 -79.17 -62.45 28.07
CA ASP D 2605 -77.95 -62.21 28.82
C ASP D 2605 -77.88 -60.78 29.34
N CYS D 2606 -78.54 -59.85 28.63
CA CYS D 2606 -78.69 -58.49 29.15
C CYS D 2606 -79.53 -58.50 30.41
N LEU D 2607 -80.57 -59.33 30.44
CA LEU D 2607 -81.48 -59.32 31.58
C LEU D 2607 -80.83 -59.97 32.79
N MET D 2608 -80.18 -61.12 32.59
CA MET D 2608 -79.48 -61.80 33.68
C MET D 2608 -78.35 -60.94 34.23
N ALA D 2609 -77.61 -60.26 33.35
CA ALA D 2609 -76.57 -59.35 33.83
C ALA D 2609 -77.15 -58.18 34.62
N LEU D 2610 -78.26 -57.61 34.14
CA LEU D 2610 -78.88 -56.46 34.81
C LEU D 2610 -79.36 -56.83 36.21
N CYS D 2611 -80.18 -57.90 36.30
CA CYS D 2611 -80.87 -58.25 37.54
C CYS D 2611 -79.89 -58.52 38.67
N ARG D 2612 -78.68 -58.97 38.34
CA ARG D 2612 -77.67 -59.25 39.35
CA ARG D 2612 -77.68 -59.24 39.37
C ARG D 2612 -77.26 -57.97 40.06
N TYR D 2613 -77.08 -56.89 39.29
CA TYR D 2613 -76.65 -55.61 39.85
C TYR D 2613 -77.81 -54.66 40.10
N ILE D 2614 -79.03 -55.18 40.20
CA ILE D 2614 -80.19 -54.36 40.57
C ILE D 2614 -80.73 -54.88 41.90
N ARG D 2615 -81.03 -53.94 42.82
CA ARG D 2615 -81.62 -54.25 44.11
C ARG D 2615 -83.03 -54.82 43.88
N PRO D 2616 -83.50 -55.71 44.77
CA PRO D 2616 -84.87 -56.25 44.62
C PRO D 2616 -85.99 -55.22 44.68
N SER D 2617 -85.71 -54.03 45.25
CA SER D 2617 -86.69 -52.96 45.35
C SER D 2617 -87.24 -52.58 43.99
N MET D 2618 -86.35 -52.30 43.03
CA MET D 2618 -86.82 -52.01 41.70
C MET D 2618 -87.23 -53.28 40.96
N LEU D 2619 -86.75 -54.44 41.43
CA LEU D 2619 -87.12 -55.70 40.81
C LEU D 2619 -88.55 -56.11 41.11
N GLN D 2620 -89.23 -55.41 42.02
CA GLN D 2620 -90.61 -55.75 42.38
C GLN D 2620 -91.53 -55.69 41.17
N HIS D 2621 -91.42 -54.63 40.36
CA HIS D 2621 -92.32 -54.49 39.22
C HIS D 2621 -91.98 -55.51 38.14
N LEU D 2622 -90.71 -55.92 38.09
CA LEU D 2622 -90.33 -57.00 37.19
C LEU D 2622 -90.97 -58.28 37.67
N LEU D 2623 -90.93 -58.52 38.99
CA LEU D 2623 -91.50 -59.74 39.55
C LEU D 2623 -92.99 -59.83 39.30
N ARG D 2624 -93.74 -58.73 39.47
CA ARG D 2624 -95.19 -58.78 39.19
C ARG D 2624 -95.48 -59.06 37.71
N ARG D 2625 -94.66 -58.51 36.81
CA ARG D 2625 -94.74 -58.90 35.40
C ARG D 2625 -94.42 -60.39 35.23
N LEU D 2626 -93.41 -60.88 35.95
CA LEU D 2626 -93.09 -62.31 35.91
C LEU D 2626 -94.23 -63.13 36.50
N VAL D 2627 -94.90 -62.63 37.55
CA VAL D 2627 -96.06 -63.30 38.11
C VAL D 2627 -97.14 -63.44 37.02
N PHE D 2628 -97.20 -62.48 36.11
CA PHE D 2628 -98.16 -62.60 35.03
C PHE D 2628 -97.64 -63.48 33.88
N ASP D 2629 -96.36 -63.82 33.84
CA ASP D 2629 -95.85 -64.53 32.65
C ASP D 2629 -95.23 -65.89 32.94
N VAL D 2630 -94.52 -66.03 34.06
CA VAL D 2630 -93.88 -67.32 34.41
C VAL D 2630 -94.85 -68.51 34.53
N PRO D 2631 -96.02 -68.41 35.20
CA PRO D 2631 -96.90 -69.61 35.31
C PRO D 2631 -97.38 -70.18 33.97
N ILE D 2632 -97.37 -69.38 32.90
CA ILE D 2632 -97.82 -69.82 31.59
C ILE D 2632 -96.99 -71.01 31.10
N LEU D 2633 -95.68 -71.01 31.41
CA LEU D 2633 -94.76 -72.13 31.18
C LEU D 2633 -94.67 -72.55 29.71
N ASN D 2634 -94.64 -71.57 28.83
CA ASN D 2634 -94.50 -71.80 27.40
C ASN D 2634 -93.00 -71.86 27.04
N GLU D 2635 -92.71 -71.89 25.73
CA GLU D 2635 -91.33 -71.97 25.25
C GLU D 2635 -90.50 -70.75 25.62
N PHE D 2636 -91.14 -69.60 25.90
CA PHE D 2636 -90.43 -68.40 26.30
C PHE D 2636 -90.07 -68.37 27.77
N ALA D 2637 -90.50 -69.38 28.55
CA ALA D 2637 -90.26 -69.44 29.99
C ALA D 2637 -88.83 -69.83 30.36
N LYS D 2638 -88.00 -70.21 29.38
CA LYS D 2638 -86.62 -70.60 29.68
C LYS D 2638 -85.81 -69.45 30.27
N MET D 2639 -86.08 -68.23 29.82
CA MET D 2639 -85.38 -67.07 30.37
C MET D 2639 -85.88 -66.69 31.78
N PRO D 2640 -87.18 -66.38 32.01
CA PRO D 2640 -87.60 -65.92 33.34
C PRO D 2640 -87.35 -66.90 34.48
N LEU D 2641 -87.47 -68.21 34.24
CA LEU D 2641 -87.28 -69.18 35.31
C LEU D 2641 -85.86 -69.14 35.88
N LYS D 2642 -84.85 -69.08 34.99
CA LYS D 2642 -83.48 -68.86 35.44
C LYS D 2642 -83.28 -67.45 35.98
N LEU D 2643 -84.03 -66.48 35.44
CA LEU D 2643 -83.95 -65.09 35.92
C LEU D 2643 -84.38 -64.99 37.37
N LEU D 2644 -85.46 -65.67 37.75
CA LEU D 2644 -85.81 -65.66 39.15
C LEU D 2644 -84.92 -66.58 39.96
N THR D 2645 -84.38 -67.63 39.31
CA THR D 2645 -83.56 -68.62 40.00
C THR D 2645 -82.31 -68.00 40.58
N ASN D 2646 -81.54 -67.29 39.73
CA ASN D 2646 -80.27 -66.74 40.19
C ASN D 2646 -80.51 -65.64 41.22
N HIS D 2647 -81.51 -64.79 40.97
CA HIS D 2647 -81.80 -63.67 41.86
C HIS D 2647 -82.18 -64.16 43.26
N TYR D 2648 -83.09 -65.14 43.34
CA TYR D 2648 -83.46 -65.70 44.63
C TYR D 2648 -82.30 -66.43 45.30
N GLU D 2649 -81.48 -67.16 44.51
CA GLU D 2649 -80.25 -67.74 45.03
C GLU D 2649 -79.24 -66.70 45.50
N ARG D 2650 -79.36 -65.46 45.03
CA ARG D 2650 -78.49 -64.39 45.47
C ARG D 2650 -79.04 -63.72 46.73
N CYS D 2651 -80.33 -63.39 46.73
CA CYS D 2651 -80.95 -62.58 47.77
C CYS D 2651 -82.00 -63.37 48.54
N TRP D 2652 -81.72 -64.64 48.86
CA TRP D 2652 -82.69 -65.44 49.60
C TRP D 2652 -82.88 -64.93 51.03
N LYS D 2653 -81.80 -64.49 51.68
CA LYS D 2653 -81.90 -63.95 53.04
C LYS D 2653 -82.71 -62.67 53.11
N TYR D 2654 -82.84 -61.96 51.98
CA TYR D 2654 -83.66 -60.74 51.94
C TYR D 2654 -85.11 -61.07 52.23
N TYR D 2655 -85.61 -62.14 51.63
CA TYR D 2655 -86.99 -62.51 51.78
C TYR D 2655 -87.21 -63.44 52.96
N CYS D 2656 -86.15 -64.11 53.44
CA CYS D 2656 -86.29 -65.10 54.49
C CYS D 2656 -86.07 -64.52 55.89
N LEU D 2657 -84.96 -63.81 56.09
CA LEU D 2657 -84.65 -63.29 57.41
C LEU D 2657 -85.65 -62.21 57.81
N PRO D 2658 -86.13 -62.22 59.05
CA PRO D 2658 -86.95 -61.09 59.53
C PRO D 2658 -86.24 -59.75 59.49
N THR D 2659 -84.91 -59.74 59.67
CA THR D 2659 -84.13 -58.53 59.49
C THR D 2659 -83.86 -58.20 58.03
N GLY D 2660 -84.25 -59.08 57.11
CA GLY D 2660 -84.03 -58.87 55.69
C GLY D 2660 -82.57 -58.99 55.32
N TRP D 2661 -82.26 -58.55 54.11
CA TRP D 2661 -80.88 -58.53 53.67
C TRP D 2661 -80.09 -57.45 54.39
N ALA D 2662 -78.81 -57.74 54.64
CA ALA D 2662 -77.92 -56.84 55.37
C ALA D 2662 -77.83 -55.51 54.64
N ASN D 2663 -78.32 -54.45 55.30
CA ASN D 2663 -78.35 -53.03 54.85
C ASN D 2663 -78.97 -52.83 53.46
N PHE D 2664 -79.77 -53.80 52.99
CA PHE D 2664 -80.52 -53.69 51.73
C PHE D 2664 -82.02 -53.78 51.97
N GLY D 2665 -82.47 -53.32 53.13
CA GLY D 2665 -83.88 -53.30 53.45
C GLY D 2665 -84.45 -54.68 53.72
N VAL D 2666 -85.78 -54.72 53.78
CA VAL D 2666 -86.54 -55.95 54.01
C VAL D 2666 -87.61 -56.03 52.93
N THR D 2667 -88.26 -57.19 52.86
CA THR D 2667 -89.32 -57.41 51.90
C THR D 2667 -90.52 -56.51 52.20
N SER D 2668 -91.30 -56.25 51.16
CA SER D 2668 -92.40 -55.29 51.22
C SER D 2668 -93.73 -55.92 51.63
N GLU D 2669 -93.75 -57.23 51.95
CA GLU D 2669 -94.91 -58.07 52.33
C GLU D 2669 -95.83 -58.34 51.13
N GLU D 2670 -95.60 -57.66 50.02
CA GLU D 2670 -96.28 -57.91 48.76
C GLU D 2670 -95.41 -58.70 47.79
N GLU D 2671 -94.09 -58.47 47.84
CA GLU D 2671 -93.15 -59.33 47.13
C GLU D 2671 -93.31 -60.79 47.52
N LEU D 2672 -93.46 -61.06 48.82
CA LEU D 2672 -93.72 -62.41 49.30
C LEU D 2672 -95.06 -62.97 48.79
N HIS D 2673 -96.10 -62.13 48.78
CA HIS D 2673 -97.38 -62.46 48.13
C HIS D 2673 -97.19 -62.90 46.69
N LEU D 2674 -96.42 -62.14 45.92
CA LEU D 2674 -96.07 -62.50 44.55
C LEU D 2674 -95.28 -63.81 44.50
N THR D 2675 -94.35 -63.98 45.44
CA THR D 2675 -93.52 -65.18 45.50
C THR D 2675 -94.37 -66.43 45.73
N ARG D 2676 -95.34 -66.32 46.65
CA ARG D 2676 -96.23 -67.44 46.94
C ARG D 2676 -97.16 -67.70 45.76
N LYS D 2677 -97.57 -66.63 45.06
CA LYS D 2677 -98.41 -66.78 43.87
C LYS D 2677 -97.68 -67.57 42.80
N LEU D 2678 -96.41 -67.22 42.56
CA LEU D 2678 -95.59 -67.99 41.64
C LEU D 2678 -95.43 -69.41 42.12
N PHE D 2679 -95.20 -69.59 43.43
CA PHE D 2679 -94.89 -70.91 43.98
C PHE D 2679 -96.04 -71.88 43.74
N TRP D 2680 -97.27 -71.42 44.00
CA TRP D 2680 -98.43 -72.27 43.74
C TRP D 2680 -98.72 -72.41 42.25
N GLY D 2681 -98.64 -71.31 41.48
CA GLY D 2681 -98.94 -71.39 40.05
C GLY D 2681 -98.00 -72.31 39.30
N ILE D 2682 -96.70 -72.23 39.60
CA ILE D 2682 -95.70 -73.12 39.03
C ILE D 2682 -95.94 -74.55 39.50
N PHE D 2683 -96.18 -74.75 40.81
CA PHE D 2683 -96.31 -76.09 41.35
C PHE D 2683 -97.53 -76.81 40.75
N ASP D 2684 -98.64 -76.10 40.62
CA ASP D 2684 -99.84 -76.70 40.04
C ASP D 2684 -99.69 -76.91 38.53
N SER D 2685 -99.27 -75.85 37.80
CA SER D 2685 -99.19 -75.93 36.35
C SER D 2685 -98.14 -76.91 35.87
N LEU D 2686 -97.08 -77.14 36.67
CA LEU D 2686 -96.08 -78.14 36.33
C LEU D 2686 -96.69 -79.53 36.30
N ALA D 2687 -97.58 -79.81 37.27
CA ALA D 2687 -98.34 -81.05 37.26
C ALA D 2687 -99.31 -81.09 36.09
N HIS D 2688 -99.93 -79.95 35.77
CA HIS D 2688 -100.89 -79.88 34.67
C HIS D 2688 -100.23 -80.17 33.32
N LYS D 2689 -99.03 -79.64 33.10
CA LYS D 2689 -98.31 -79.83 31.85
C LYS D 2689 -97.84 -81.27 31.71
N LYS D 2690 -97.78 -81.74 30.47
CA LYS D 2690 -97.24 -83.06 30.16
C LYS D 2690 -95.75 -83.04 30.53
N TYR D 2691 -95.24 -84.20 30.97
CA TYR D 2691 -93.85 -84.34 31.42
C TYR D 2691 -92.82 -83.89 30.40
N ASP D 2692 -92.16 -82.77 30.70
CA ASP D 2692 -91.19 -82.14 29.82
C ASP D 2692 -89.87 -82.12 30.60
N GLN D 2693 -89.00 -83.11 30.32
CA GLN D 2693 -87.81 -83.37 31.13
C GLN D 2693 -86.89 -82.16 31.24
N GLU D 2694 -86.68 -81.47 30.11
CA GLU D 2694 -85.84 -80.28 30.09
C GLU D 2694 -86.46 -79.16 30.92
N LEU D 2695 -87.79 -79.10 30.96
CA LEU D 2695 -88.43 -78.02 31.71
C LEU D 2695 -88.30 -78.28 33.20
N TYR D 2696 -88.50 -79.54 33.63
CA TYR D 2696 -88.33 -79.89 35.05
C TYR D 2696 -86.91 -79.66 35.53
N ARG D 2697 -85.90 -80.06 34.74
CA ARG D 2697 -84.51 -79.94 35.20
C ARG D 2697 -84.05 -78.49 35.38
N MET D 2698 -84.77 -77.51 34.83
CA MET D 2698 -84.42 -76.11 35.02
C MET D 2698 -85.44 -75.32 35.82
N ALA D 2699 -86.66 -75.83 35.97
CA ALA D 2699 -87.65 -75.18 36.80
C ALA D 2699 -87.56 -75.63 38.25
N MET D 2700 -87.08 -76.85 38.50
CA MET D 2700 -86.82 -77.29 39.88
C MET D 2700 -85.87 -76.36 40.65
N PRO D 2701 -84.73 -75.85 40.10
CA PRO D 2701 -83.95 -74.85 40.86
C PRO D 2701 -84.75 -73.62 41.23
N CYS D 2702 -85.69 -73.22 40.37
CA CYS D 2702 -86.53 -72.06 40.66
C CYS D 2702 -87.40 -72.34 41.88
N LEU D 2703 -87.94 -73.55 41.95
CA LEU D 2703 -88.80 -73.95 43.06
C LEU D 2703 -88.03 -73.95 44.37
N CYS D 2704 -86.83 -74.55 44.38
CA CYS D 2704 -85.99 -74.52 45.59
C CYS D 2704 -85.58 -73.09 45.97
N ALA D 2705 -85.25 -72.27 44.98
CA ALA D 2705 -84.94 -70.86 45.21
C ALA D 2705 -86.11 -70.09 45.84
N ILE D 2706 -87.34 -70.33 45.35
CA ILE D 2706 -88.53 -69.75 45.95
C ILE D 2706 -88.71 -70.28 47.37
N ALA D 2707 -88.47 -71.58 47.56
CA ALA D 2707 -88.68 -72.23 48.86
C ALA D 2707 -87.77 -71.60 49.90
N GLY D 2708 -86.49 -71.46 49.56
CA GLY D 2708 -85.53 -70.86 50.46
C GLY D 2708 -85.83 -69.39 50.71
N ALA D 2709 -86.34 -68.69 49.69
CA ALA D 2709 -86.66 -67.27 49.83
C ALA D 2709 -87.81 -67.05 50.80
N LEU D 2710 -88.92 -67.76 50.60
CA LEU D 2710 -90.11 -67.56 51.42
C LEU D 2710 -89.94 -68.24 52.77
N PRO D 2711 -90.06 -67.50 53.89
CA PRO D 2711 -89.95 -68.13 55.20
C PRO D 2711 -91.11 -69.08 55.42
N PRO D 2712 -90.91 -70.14 56.21
CA PRO D 2712 -91.97 -71.14 56.40
C PRO D 2712 -93.25 -70.60 57.04
N ASP D 2713 -93.15 -69.64 57.96
CA ASP D 2713 -94.30 -69.12 58.68
C ASP D 2713 -94.88 -67.86 58.05
N TYR D 2714 -94.64 -67.63 56.76
CA TYR D 2714 -95.16 -66.45 56.10
C TYR D 2714 -96.69 -66.54 55.97
N VAL D 2715 -97.36 -65.41 56.16
CA VAL D 2715 -98.80 -65.31 55.98
C VAL D 2715 -99.08 -64.15 55.03
N ASP D 2716 -99.86 -64.41 54.00
CA ASP D 2716 -100.23 -63.39 53.02
C ASP D 2716 -101.15 -62.35 53.66
N ALA D 2717 -101.02 -61.11 53.17
CA ALA D 2717 -101.85 -60.02 53.67
C ALA D 2717 -103.33 -60.22 53.34
N SER D 2718 -103.63 -60.66 52.11
CA SER D 2718 -105.00 -60.90 51.67
C SER D 2718 -105.14 -62.37 51.33
N TYR D 2719 -105.98 -63.08 52.08
CA TYR D 2719 -106.22 -64.50 51.85
C TYR D 2719 -107.41 -64.72 50.92
N SER D 2720 -107.32 -64.12 49.72
CA SER D 2720 -108.37 -64.28 48.73
C SER D 2720 -107.75 -64.17 47.34
N SER D 2721 -108.42 -64.80 46.37
CA SER D 2721 -107.96 -64.78 44.99
C SER D 2721 -109.15 -64.98 44.06
N LYS D 2722 -108.97 -64.56 42.80
CA LYS D 2722 -110.05 -64.64 41.82
C LYS D 2722 -110.30 -66.08 41.36
N ALA D 2723 -109.30 -66.96 41.51
CA ALA D 2723 -109.31 -68.35 41.03
C ALA D 2723 -109.51 -68.38 39.51
N GLU D 2724 -108.55 -67.78 38.81
CA GLU D 2724 -108.49 -67.82 37.35
C GLU D 2724 -107.14 -68.36 36.92
N LYS D 2725 -107.15 -69.14 35.82
CA LYS D 2725 -105.97 -69.73 35.18
C LYS D 2725 -105.05 -70.52 36.11
N ASN D 2734 -102.08 -61.92 26.21
CA ASN D 2734 -101.60 -61.19 27.39
C ASN D 2734 -102.73 -60.98 28.42
N PHE D 2735 -102.84 -59.77 28.95
CA PHE D 2735 -103.86 -59.46 29.96
C PHE D 2735 -105.20 -59.31 29.26
N ASP D 2736 -106.06 -60.31 29.46
CA ASP D 2736 -107.40 -60.33 28.87
C ASP D 2736 -108.46 -60.58 29.95
N PRO D 2737 -108.73 -59.56 30.77
CA PRO D 2737 -109.69 -59.74 31.87
C PRO D 2737 -111.12 -59.92 31.35
N ARG D 2738 -111.93 -60.60 32.15
CA ARG D 2738 -113.33 -60.76 31.80
C ARG D 2738 -114.15 -59.80 32.64
N PRO D 2739 -114.67 -58.72 32.05
CA PRO D 2739 -115.56 -57.82 32.81
C PRO D 2739 -116.86 -58.52 33.19
N VAL D 2740 -117.32 -58.24 34.39
CA VAL D 2740 -118.50 -58.92 34.93
C VAL D 2740 -119.73 -58.28 34.30
N GLU D 2741 -120.60 -59.13 33.74
CA GLU D 2741 -121.84 -58.67 33.10
C GLU D 2741 -122.76 -57.99 34.10
N THR D 2742 -123.41 -56.92 33.65
CA THR D 2742 -124.35 -56.17 34.47
C THR D 2742 -125.74 -56.10 33.86
N LEU D 2743 -125.84 -55.88 32.56
CA LEU D 2743 -127.13 -55.68 31.92
C LEU D 2743 -127.74 -56.99 31.43
N ASN D 2744 -126.90 -58.01 31.19
CA ASN D 2744 -127.39 -59.31 30.72
C ASN D 2744 -128.31 -59.96 31.75
N VAL D 2745 -127.96 -59.91 33.02
CA VAL D 2745 -128.87 -60.32 34.09
C VAL D 2745 -129.62 -59.08 34.58
N ILE D 2746 -130.90 -59.27 34.91
CA ILE D 2746 -131.76 -58.14 35.24
C ILE D 2746 -131.53 -57.71 36.67
N ILE D 2747 -131.38 -56.41 36.89
CA ILE D 2747 -131.35 -55.86 38.24
C ILE D 2747 -132.78 -55.80 38.79
N PRO D 2748 -133.05 -56.38 39.95
CA PRO D 2748 -134.36 -56.17 40.57
C PRO D 2748 -134.46 -54.74 41.07
N GLU D 2749 -135.31 -53.91 40.44
CA GLU D 2749 -135.46 -52.51 40.84
C GLU D 2749 -136.29 -52.31 42.11
N LYS D 2750 -136.49 -53.38 42.91
CA LYS D 2750 -137.19 -53.31 44.19
C LYS D 2750 -136.53 -52.31 45.15
N LEU D 2751 -135.20 -52.19 45.11
CA LEU D 2751 -134.46 -51.27 45.95
C LEU D 2751 -134.22 -49.91 45.29
N ASP D 2752 -135.14 -49.46 44.42
CA ASP D 2752 -135.06 -48.13 43.82
C ASP D 2752 -135.05 -47.00 44.86
N SER D 2753 -135.58 -47.28 46.07
CA SER D 2753 -135.40 -46.40 47.23
C SER D 2753 -133.93 -46.22 47.56
N PHE D 2754 -133.10 -47.22 47.27
CA PHE D 2754 -131.69 -47.16 47.58
C PHE D 2754 -130.91 -46.66 46.38
N ILE D 2755 -131.36 -47.01 45.17
CA ILE D 2755 -130.68 -46.59 43.94
C ILE D 2755 -130.74 -45.07 43.80
N ASN D 2756 -131.93 -44.47 43.93
CA ASN D 2756 -132.01 -43.02 43.76
C ASN D 2756 -131.35 -42.27 44.91
N LYS D 2757 -131.41 -42.83 46.12
CA LYS D 2757 -130.73 -42.26 47.28
C LYS D 2757 -129.22 -42.24 47.07
N PHE D 2758 -128.64 -43.38 46.69
CA PHE D 2758 -127.20 -43.47 46.44
C PHE D 2758 -126.81 -42.60 45.26
N ALA D 2759 -127.66 -42.54 44.22
CA ALA D 2759 -127.36 -41.73 43.05
C ALA D 2759 -127.30 -40.24 43.39
N GLU D 2760 -128.26 -39.75 44.17
CA GLU D 2760 -128.26 -38.37 44.61
C GLU D 2760 -127.34 -38.12 45.80
N TYR D 2761 -126.73 -39.17 46.37
CA TYR D 2761 -125.73 -38.99 47.41
C TYR D 2761 -124.28 -39.17 46.95
N THR D 2762 -124.02 -39.89 45.86
CA THR D 2762 -122.68 -39.89 45.26
C THR D 2762 -122.22 -38.49 44.88
N HIS D 2763 -123.06 -37.78 44.13
CA HIS D 2763 -122.80 -36.37 43.80
C HIS D 2763 -122.73 -35.49 45.04
N GLU D 2764 -123.57 -35.78 46.04
CA GLU D 2764 -123.50 -35.10 47.33
C GLU D 2764 -122.18 -35.36 48.06
N LYS D 2765 -121.70 -36.60 48.03
CA LYS D 2765 -120.40 -36.95 48.60
C LYS D 2765 -119.26 -36.25 47.87
N TRP D 2766 -119.31 -36.22 46.53
CA TRP D 2766 -118.24 -35.57 45.78
C TRP D 2766 -118.23 -34.06 46.02
N ALA D 2767 -119.42 -33.47 46.16
CA ALA D 2767 -119.54 -32.07 46.58
C ALA D 2767 -118.97 -31.87 47.97
N PHE D 2768 -119.22 -32.82 48.88
CA PHE D 2768 -118.66 -32.73 50.22
C PHE D 2768 -117.15 -32.85 50.20
N ASP D 2769 -116.59 -33.65 49.29
CA ASP D 2769 -115.14 -33.72 49.13
C ASP D 2769 -114.59 -32.37 48.64
N LYS D 2770 -115.33 -31.74 47.73
CA LYS D 2770 -114.90 -30.43 47.21
C LYS D 2770 -114.90 -29.38 48.33
N ILE D 2771 -115.95 -29.37 49.16
CA ILE D 2771 -115.95 -28.39 50.25
C ILE D 2771 -114.94 -28.80 51.34
N GLN D 2772 -114.57 -30.08 51.42
CA GLN D 2772 -113.44 -30.50 52.26
C GLN D 2772 -112.13 -29.93 51.74
N ASN D 2773 -112.03 -29.70 50.42
CA ASN D 2773 -110.82 -29.16 49.82
C ASN D 2773 -110.61 -27.59 50.11
N ASN D 2774 -111.47 -27.01 50.96
CA ASN D 2774 -111.54 -25.60 51.39
C ASN D 2774 -111.96 -24.63 50.27
N TRP D 2775 -112.29 -25.12 49.08
CA TRP D 2775 -112.77 -24.27 48.00
C TRP D 2775 -114.21 -24.65 47.69
N SER D 2776 -115.08 -23.64 47.60
CA SER D 2776 -116.51 -23.85 47.40
C SER D 2776 -116.81 -24.16 45.94
N TYR D 2777 -118.09 -24.08 45.58
CA TYR D 2777 -118.55 -24.33 44.22
C TYR D 2777 -118.72 -23.02 43.45
N GLY D 2778 -119.06 -23.17 42.17
CA GLY D 2778 -119.33 -22.03 41.32
C GLY D 2778 -120.38 -22.38 40.30
N GLU D 2779 -121.15 -21.37 39.88
CA GLU D 2779 -122.20 -21.61 38.89
C GLU D 2779 -121.65 -21.61 37.47
N ASN D 2780 -120.70 -20.73 37.16
CA ASN D 2780 -120.16 -20.65 35.81
C ASN D 2780 -119.21 -21.81 35.54
N VAL D 2781 -119.04 -22.10 34.25
CA VAL D 2781 -118.18 -23.19 33.80
C VAL D 2781 -116.78 -22.65 33.59
N ASP D 2782 -115.87 -22.99 34.50
CA ASP D 2782 -114.47 -22.54 34.45
C ASP D 2782 -113.63 -23.41 35.37
N GLU D 2783 -112.36 -23.59 34.98
CA GLU D 2783 -111.42 -24.38 35.76
C GLU D 2783 -110.56 -23.54 36.70
N GLU D 2784 -110.85 -22.24 36.82
CA GLU D 2784 -110.12 -21.36 37.73
C GLU D 2784 -110.27 -21.79 39.19
N LEU D 2785 -111.37 -22.46 39.52
CA LEU D 2785 -111.67 -22.91 40.87
C LEU D 2785 -110.99 -24.24 41.21
N LYS D 2786 -110.29 -24.85 40.23
CA LYS D 2786 -109.51 -26.11 40.34
C LYS D 2786 -110.25 -27.24 41.06
N THR D 2787 -111.58 -27.23 40.97
CA THR D 2787 -112.47 -28.22 41.57
C THR D 2787 -113.59 -28.48 40.57
N HIS D 2788 -114.66 -29.13 41.05
CA HIS D 2788 -115.89 -29.39 40.30
C HIS D 2788 -116.45 -28.08 39.78
N PRO D 2789 -116.36 -27.83 38.46
CA PRO D 2789 -116.64 -26.47 37.95
C PRO D 2789 -118.11 -26.07 37.99
N MET D 2790 -119.02 -26.95 37.55
CA MET D 2790 -120.43 -26.63 37.45
C MET D 2790 -121.25 -27.15 38.63
N LEU D 2791 -120.62 -27.33 39.79
CA LEU D 2791 -121.34 -27.70 40.99
C LEU D 2791 -122.24 -26.56 41.45
N ARG D 2792 -123.51 -26.86 41.68
CA ARG D 2792 -124.50 -25.88 42.12
C ARG D 2792 -125.38 -26.49 43.18
N PRO D 2793 -125.97 -25.69 44.07
CA PRO D 2793 -126.86 -26.25 45.09
C PRO D 2793 -128.13 -26.82 44.47
N TYR D 2794 -128.72 -27.80 45.18
CA TYR D 2794 -129.86 -28.57 44.69
C TYR D 2794 -131.06 -27.71 44.30
N LYS D 2795 -131.19 -26.52 44.89
CA LYS D 2795 -132.24 -25.58 44.49
C LYS D 2795 -132.03 -25.11 43.06
N THR D 2796 -130.78 -24.87 42.66
CA THR D 2796 -130.45 -24.37 41.33
C THR D 2796 -129.49 -25.29 40.58
N PHE D 2797 -129.51 -26.59 40.86
CA PHE D 2797 -128.69 -27.56 40.15
C PHE D 2797 -129.54 -28.31 39.13
N SER D 2798 -129.02 -28.42 37.91
CA SER D 2798 -129.73 -29.09 36.82
C SER D 2798 -129.95 -30.56 37.14
N GLU D 2799 -131.20 -31.01 36.99
CA GLU D 2799 -131.50 -32.44 37.10
C GLU D 2799 -131.43 -33.17 35.77
N LYS D 2800 -131.18 -32.43 34.68
CA LYS D 2800 -130.96 -33.05 33.38
C LYS D 2800 -129.72 -33.94 33.40
N ASP D 2801 -128.65 -33.49 34.04
CA ASP D 2801 -127.47 -34.35 34.15
C ASP D 2801 -127.44 -35.11 35.47
N LYS D 2802 -128.43 -34.89 36.35
CA LYS D 2802 -128.67 -35.83 37.44
C LYS D 2802 -129.31 -37.09 36.89
N GLU D 2803 -129.97 -37.00 35.74
CA GLU D 2803 -130.51 -38.20 35.12
C GLU D 2803 -129.46 -38.99 34.35
N ILE D 2804 -128.22 -38.49 34.23
CA ILE D 2804 -127.17 -39.22 33.54
C ILE D 2804 -126.03 -39.61 34.47
N TYR D 2805 -125.87 -38.95 35.63
CA TYR D 2805 -124.80 -39.30 36.56
C TYR D 2805 -125.00 -40.65 37.24
N ARG D 2806 -126.19 -41.23 37.18
CA ARG D 2806 -126.46 -42.47 37.92
C ARG D 2806 -126.19 -43.74 37.12
N TRP D 2807 -125.53 -43.64 35.95
CA TRP D 2807 -125.04 -44.83 35.25
C TRP D 2807 -124.11 -45.69 36.11
N PRO D 2808 -123.06 -45.15 36.80
CA PRO D 2808 -122.29 -46.00 37.73
C PRO D 2808 -123.15 -46.54 38.86
N ILE D 2809 -124.06 -45.72 39.39
CA ILE D 2809 -124.88 -46.13 40.53
C ILE D 2809 -125.87 -47.20 40.11
N LYS D 2810 -126.45 -47.05 38.91
CA LYS D 2810 -127.33 -48.10 38.37
C LYS D 2810 -126.58 -49.42 38.17
N GLU D 2811 -125.37 -49.36 37.62
CA GLU D 2811 -124.67 -50.61 37.30
C GLU D 2811 -123.88 -51.21 38.46
N SER D 2812 -123.59 -50.44 39.52
CA SER D 2812 -122.88 -50.97 40.67
C SER D 2812 -123.70 -52.04 41.40
N LEU D 2813 -124.99 -51.81 41.60
CA LEU D 2813 -125.80 -52.84 42.21
C LEU D 2813 -126.13 -53.96 41.23
N LYS D 2814 -126.06 -53.67 39.93
CA LYS D 2814 -126.23 -54.69 38.89
C LYS D 2814 -125.14 -55.73 39.00
N ALA D 2815 -123.89 -55.25 39.06
CA ALA D 2815 -122.76 -56.16 39.12
C ALA D 2815 -122.64 -56.80 40.49
N MET D 2816 -123.03 -56.08 41.54
CA MET D 2816 -122.98 -56.62 42.90
C MET D 2816 -123.93 -57.83 43.02
N ILE D 2817 -125.12 -57.72 42.44
CA ILE D 2817 -126.09 -58.81 42.48
C ILE D 2817 -125.91 -59.82 41.33
N ALA D 2818 -125.07 -59.51 40.34
CA ALA D 2818 -124.88 -60.43 39.23
C ALA D 2818 -124.15 -61.70 39.67
N TRP D 2819 -123.09 -61.56 40.48
CA TRP D 2819 -122.29 -62.72 40.89
C TRP D 2819 -122.91 -63.43 42.10
N GLU D 2820 -124.14 -63.96 41.89
CA GLU D 2820 -124.95 -64.79 42.80
C GLU D 2820 -124.94 -64.32 44.26
N TRP D 2821 -124.94 -63.00 44.48
CA TRP D 2821 -124.94 -62.41 45.81
C TRP D 2821 -126.13 -61.44 45.90
N THR D 2822 -127.29 -61.97 46.25
CA THR D 2822 -128.51 -61.17 46.29
C THR D 2822 -128.49 -60.23 47.49
N ILE D 2823 -129.22 -59.12 47.36
CA ILE D 2823 -129.31 -58.10 48.38
C ILE D 2823 -130.73 -58.11 48.94
N GLU D 2824 -130.85 -58.07 50.27
CA GLU D 2824 -132.15 -58.06 50.92
C GLU D 2824 -132.18 -56.94 51.95
N LYS D 2825 -133.33 -56.26 52.02
CA LYS D 2825 -133.52 -55.12 52.92
C LYS D 2825 -133.82 -55.65 54.31
N ALA D 2826 -132.75 -55.78 55.12
CA ALA D 2826 -132.92 -56.20 56.51
C ALA D 2826 -133.73 -55.19 57.31
N ARG D 2827 -133.43 -53.91 57.12
CA ARG D 2827 -134.20 -52.83 57.72
C ARG D 2827 -135.41 -52.50 56.86
N GLU D 2828 -136.36 -51.76 57.43
CA GLU D 2828 -137.59 -51.37 56.75
C GLU D 2828 -137.80 -49.88 57.02
N GLY D 2829 -137.25 -49.05 56.15
CA GLY D 2829 -137.31 -47.62 56.35
C GLY D 2829 -136.84 -46.87 55.13
N GLU D 2830 -136.66 -45.56 55.31
CA GLU D 2830 -136.27 -44.59 54.27
C GLU D 2830 -137.19 -44.61 53.06
N TYR D 2855 -128.91 -28.98 50.54
CA TYR D 2855 -127.80 -29.52 49.75
C TYR D 2855 -126.54 -29.60 50.62
N ASN D 2856 -126.60 -30.45 51.64
CA ASN D 2856 -125.42 -30.70 52.48
C ASN D 2856 -125.56 -32.06 53.16
N PRO D 2857 -124.62 -32.98 52.91
CA PRO D 2857 -124.66 -34.29 53.56
C PRO D 2857 -124.18 -34.23 55.01
N GLN D 2858 -125.12 -33.93 55.93
CA GLN D 2858 -124.79 -33.75 57.35
C GLN D 2858 -124.11 -34.97 57.98
N PRO D 2859 -124.56 -36.22 57.83
CA PRO D 2859 -123.77 -37.36 58.32
C PRO D 2859 -122.74 -37.78 57.29
N PRO D 2860 -121.44 -37.66 57.57
CA PRO D 2860 -120.45 -38.20 56.64
C PRO D 2860 -120.49 -39.71 56.61
N ASP D 2861 -120.16 -40.27 55.46
CA ASP D 2861 -120.12 -41.72 55.27
C ASP D 2861 -118.66 -42.14 55.06
N LEU D 2862 -117.96 -42.36 56.16
CA LEU D 2862 -116.57 -42.76 56.14
C LEU D 2862 -116.45 -44.26 56.37
N SER D 2863 -115.41 -44.86 55.81
CA SER D 2863 -115.29 -46.31 55.78
C SER D 2863 -113.99 -46.81 56.40
N GLY D 2864 -113.66 -46.32 57.59
CA GLY D 2864 -112.44 -46.71 58.26
C GLY D 2864 -112.58 -47.83 59.27
N VAL D 2865 -113.81 -48.21 59.62
CA VAL D 2865 -114.00 -49.26 60.61
C VAL D 2865 -113.70 -50.62 60.01
N THR D 2866 -113.39 -51.59 60.87
CA THR D 2866 -113.11 -52.94 60.41
C THR D 2866 -114.39 -53.65 60.00
N LEU D 2867 -114.23 -54.65 59.12
CA LEU D 2867 -115.34 -55.41 58.57
C LEU D 2867 -115.14 -56.90 58.81
N SER D 2868 -116.25 -57.62 58.85
CA SER D 2868 -116.21 -59.08 58.94
C SER D 2868 -115.58 -59.66 57.67
N ARG D 2869 -114.90 -60.80 57.85
CA ARG D 2869 -114.01 -61.38 56.84
C ARG D 2869 -114.73 -61.66 55.52
N GLU D 2870 -115.91 -62.27 55.59
CA GLU D 2870 -116.68 -62.58 54.37
C GLU D 2870 -117.16 -61.31 53.67
N LEU D 2871 -117.61 -60.32 54.46
CA LEU D 2871 -118.16 -59.08 53.90
C LEU D 2871 -117.08 -58.29 53.17
N GLN D 2872 -115.92 -58.09 53.82
CA GLN D 2872 -114.81 -57.37 53.19
C GLN D 2872 -114.26 -58.13 51.99
N ALA D 2873 -114.29 -59.47 52.03
CA ALA D 2873 -113.87 -60.25 50.86
C ALA D 2873 -114.78 -60.00 49.67
N MET D 2874 -116.09 -59.92 49.92
CA MET D 2874 -117.04 -59.54 48.88
C MET D 2874 -116.76 -58.13 48.36
N ALA D 2875 -116.35 -57.22 49.26
CA ALA D 2875 -115.93 -55.87 48.84
C ALA D 2875 -114.70 -55.92 47.95
N GLU D 2876 -113.72 -56.76 48.32
CA GLU D 2876 -112.52 -56.92 47.51
C GLU D 2876 -112.85 -57.50 46.14
N GLN D 2877 -113.78 -58.45 46.09
CA GLN D 2877 -114.29 -58.99 44.82
C GLN D 2877 -114.94 -57.90 43.97
N LEU D 2878 -115.73 -57.03 44.61
CA LEU D 2878 -116.34 -55.89 43.90
C LEU D 2878 -115.29 -54.91 43.37
N ALA D 2879 -114.26 -54.61 44.17
CA ALA D 2879 -113.15 -53.78 43.70
C ALA D 2879 -112.37 -54.47 42.56
N GLU D 2880 -112.17 -55.78 42.67
CA GLU D 2880 -111.59 -56.57 41.60
C GLU D 2880 -112.41 -56.49 40.32
N ASN D 2881 -113.73 -56.53 40.45
CA ASN D 2881 -114.63 -56.32 39.32
C ASN D 2881 -114.44 -54.93 38.74
N TYR D 2882 -114.30 -53.91 39.61
CA TYR D 2882 -114.17 -52.53 39.14
C TYR D 2882 -112.87 -52.38 38.36
N HIS D 2883 -111.82 -53.07 38.82
CA HIS D 2883 -110.52 -52.96 38.18
C HIS D 2883 -110.51 -53.72 36.86
N ASN D 2884 -111.11 -54.92 36.81
CA ASN D 2884 -111.05 -55.68 35.56
C ASN D 2884 -111.94 -55.05 34.49
N THR D 2885 -113.07 -54.43 34.88
CA THR D 2885 -113.86 -53.65 33.93
C THR D 2885 -113.09 -52.44 33.41
N TRP D 2886 -112.36 -51.75 34.30
CA TRP D 2886 -111.54 -50.61 33.87
C TRP D 2886 -110.41 -51.07 32.95
N GLY D 2887 -109.75 -52.16 33.31
CA GLY D 2887 -108.64 -52.66 32.51
C GLY D 2887 -109.11 -53.11 31.14
N ARG D 2888 -110.22 -53.87 31.09
CA ARG D 2888 -110.73 -54.36 29.81
C ARG D 2888 -111.12 -53.19 28.90
N LYS D 2889 -111.82 -52.18 29.47
CA LYS D 2889 -112.21 -51.04 28.64
C LYS D 2889 -110.98 -50.25 28.19
N LYS D 2890 -109.91 -50.24 28.99
CA LYS D 2890 -108.67 -49.62 28.57
C LYS D 2890 -108.04 -50.40 27.42
N LYS D 2891 -107.97 -51.73 27.56
CA LYS D 2891 -107.32 -52.54 26.55
C LYS D 2891 -108.11 -52.63 25.25
N GLN D 2892 -109.38 -52.20 25.26
CA GLN D 2892 -110.14 -52.11 24.00
C GLN D 2892 -109.48 -51.14 23.04
N GLU D 2893 -109.01 -50.00 23.55
CA GLU D 2893 -108.26 -49.07 22.71
C GLU D 2893 -106.77 -49.34 22.74
N LEU D 2894 -106.29 -50.12 23.71
CA LEU D 2894 -104.86 -50.42 23.75
C LEU D 2894 -104.47 -51.44 22.69
N GLU D 2895 -105.42 -52.30 22.26
CA GLU D 2895 -105.10 -53.39 21.33
C GLU D 2895 -105.01 -52.96 19.87
N ALA D 2896 -104.80 -51.67 19.58
CA ALA D 2896 -104.74 -51.17 18.21
C ALA D 2896 -103.32 -51.04 17.68
N LYS D 2897 -102.32 -51.43 18.45
CA LYS D 2897 -100.93 -51.28 18.01
C LYS D 2897 -100.14 -52.58 18.08
N GLY D 2898 -100.38 -53.44 19.07
CA GLY D 2898 -99.68 -54.69 19.20
C GLY D 2898 -98.37 -54.63 19.97
N GLY D 2899 -98.06 -53.51 20.61
CA GLY D 2899 -96.85 -53.41 21.40
C GLY D 2899 -96.93 -52.38 22.52
N GLY D 2900 -96.65 -52.80 23.73
CA GLY D 2900 -96.76 -51.94 24.90
C GLY D 2900 -98.03 -52.20 25.67
N THR D 2901 -97.95 -52.02 26.99
CA THR D 2901 -99.09 -52.26 27.86
C THR D 2901 -99.14 -51.21 28.96
N HIS D 2902 -100.35 -51.02 29.50
CA HIS D 2902 -100.63 -50.03 30.53
C HIS D 2902 -100.20 -50.58 31.90
N PRO D 2903 -99.64 -49.73 32.78
CA PRO D 2903 -99.26 -50.22 34.12
C PRO D 2903 -100.41 -50.74 34.96
N LEU D 2904 -101.62 -50.21 34.76
CA LEU D 2904 -102.79 -50.64 35.51
C LEU D 2904 -103.42 -51.92 34.94
N LEU D 2905 -102.89 -52.47 33.84
CA LEU D 2905 -103.39 -53.71 33.26
C LEU D 2905 -102.85 -54.93 34.03
N VAL D 2906 -103.20 -54.99 35.30
CA VAL D 2906 -102.69 -55.99 36.24
C VAL D 2906 -103.89 -56.56 37.00
N PRO D 2907 -103.91 -57.85 37.33
CA PRO D 2907 -104.98 -58.39 38.19
C PRO D 2907 -104.96 -57.74 39.56
N TYR D 2908 -106.15 -57.71 40.19
CA TYR D 2908 -106.34 -57.02 41.47
C TYR D 2908 -105.49 -57.60 42.59
N ASP D 2909 -105.22 -58.90 42.57
CA ASP D 2909 -104.54 -59.55 43.68
C ASP D 2909 -103.08 -59.08 43.83
N THR D 2910 -102.33 -59.12 42.72
CA THR D 2910 -100.88 -58.86 42.79
C THR D 2910 -100.55 -57.39 42.98
N LEU D 2911 -101.39 -56.49 42.47
CA LEU D 2911 -101.11 -55.06 42.52
C LEU D 2911 -101.07 -54.56 43.97
N THR D 2912 -100.18 -53.62 44.24
CA THR D 2912 -100.00 -53.09 45.58
C THR D 2912 -101.08 -52.06 45.89
N ALA D 2913 -101.03 -51.50 47.10
CA ALA D 2913 -102.08 -50.62 47.61
C ALA D 2913 -101.95 -49.16 47.21
N LYS D 2914 -100.89 -48.78 46.49
CA LYS D 2914 -100.72 -47.37 46.12
C LYS D 2914 -101.83 -46.90 45.18
N GLU D 2915 -102.28 -47.78 44.27
CA GLU D 2915 -103.41 -47.52 43.39
C GLU D 2915 -104.61 -48.42 43.69
N LYS D 2916 -104.47 -49.39 44.59
CA LYS D 2916 -105.60 -50.19 45.05
C LYS D 2916 -106.50 -49.42 46.00
N ALA D 2917 -105.92 -48.48 46.75
CA ALA D 2917 -106.64 -47.77 47.81
C ALA D 2917 -107.85 -46.98 47.29
N ARG D 2918 -107.71 -46.33 46.13
CA ARG D 2918 -108.83 -45.59 45.54
C ARG D 2918 -110.03 -46.49 45.21
N ASP D 2919 -109.79 -47.64 44.58
CA ASP D 2919 -110.87 -48.58 44.30
C ASP D 2919 -111.39 -49.26 45.56
N ARG D 2920 -110.50 -49.57 46.51
CA ARG D 2920 -110.92 -50.10 47.80
C ARG D 2920 -111.78 -49.11 48.55
N GLU D 2921 -111.45 -47.82 48.46
CA GLU D 2921 -112.26 -46.76 49.04
C GLU D 2921 -113.62 -46.65 48.37
N LYS D 2922 -113.68 -46.83 47.04
CA LYS D 2922 -114.97 -46.82 46.35
C LYS D 2922 -115.86 -48.00 46.79
N ALA D 2923 -115.26 -49.19 46.87
CA ALA D 2923 -116.01 -50.39 47.29
C ALA D 2923 -116.40 -50.29 48.75
N GLN D 2924 -115.54 -49.69 49.58
CA GLN D 2924 -115.87 -49.56 50.99
C GLN D 2924 -116.90 -48.47 51.21
N GLU D 2925 -116.92 -47.44 50.34
CA GLU D 2925 -117.98 -46.44 50.41
C GLU D 2925 -119.32 -47.10 50.13
N LEU D 2926 -119.38 -47.94 49.09
CA LEU D 2926 -120.62 -48.65 48.76
C LEU D 2926 -121.06 -49.57 49.91
N LEU D 2927 -120.12 -50.36 50.43
CA LEU D 2927 -120.47 -51.32 51.49
C LEU D 2927 -120.82 -50.63 52.80
N LYS D 2928 -120.08 -49.57 53.16
CA LYS D 2928 -120.44 -48.77 54.33
C LYS D 2928 -121.79 -48.10 54.14
N PHE D 2929 -122.07 -47.59 52.93
CA PHE D 2929 -123.38 -47.03 52.63
C PHE D 2929 -124.48 -48.09 52.63
N LEU D 2930 -124.11 -49.38 52.62
CA LEU D 2930 -125.08 -50.45 52.79
C LEU D 2930 -125.32 -50.75 54.28
N GLN D 2931 -124.25 -51.03 55.04
CA GLN D 2931 -124.40 -51.35 56.46
C GLN D 2931 -124.89 -50.18 57.29
N MET D 2932 -124.41 -48.96 57.00
CA MET D 2932 -124.92 -47.76 57.67
C MET D 2932 -126.40 -47.54 57.39
N ASN D 2933 -126.85 -47.89 56.19
CA ASN D 2933 -128.29 -47.92 55.91
C ASN D 2933 -128.96 -49.15 56.52
N GLY D 2934 -128.19 -50.15 56.92
CA GLY D 2934 -128.71 -51.35 57.52
C GLY D 2934 -128.83 -52.56 56.61
N TYR D 2935 -128.05 -52.62 55.53
CA TYR D 2935 -128.16 -53.70 54.55
C TYR D 2935 -127.22 -54.83 54.93
N ALA D 2936 -127.73 -56.06 54.86
CA ALA D 2936 -126.92 -57.25 55.06
C ALA D 2936 -126.95 -58.07 53.78
N VAL D 2937 -125.77 -58.37 53.24
CA VAL D 2937 -125.63 -59.22 52.07
C VAL D 2937 -124.83 -60.44 52.46
N THR D 2938 -125.39 -61.63 52.21
CA THR D 2938 -124.75 -62.89 52.55
C THR D 2938 -124.74 -63.78 51.31
N ARG D 2939 -123.57 -64.34 51.02
CA ARG D 2939 -123.36 -65.17 49.83
C ARG D 2939 -124.20 -66.45 49.85
N LEU D 2946 -113.86 -72.17 54.93
CA LEU D 2946 -114.14 -70.85 55.49
C LEU D 2946 -113.58 -70.75 56.92
N ASP D 2947 -113.25 -69.52 57.31
CA ASP D 2947 -112.66 -69.16 58.61
C ASP D 2947 -111.31 -69.87 58.80
N THR D 2948 -110.37 -69.49 57.95
CA THR D 2948 -109.01 -69.99 58.07
C THR D 2948 -108.33 -69.45 59.33
N SER D 2949 -107.49 -70.28 59.92
CA SER D 2949 -106.80 -69.98 61.16
C SER D 2949 -105.40 -69.45 60.84
N SER D 2950 -104.84 -68.71 61.81
CA SER D 2950 -103.50 -68.15 61.66
C SER D 2950 -102.45 -69.24 61.46
N ILE D 2951 -102.66 -70.40 62.07
CA ILE D 2951 -101.82 -71.57 61.81
C ILE D 2951 -101.97 -72.03 60.35
N GLU D 2952 -103.21 -72.06 59.85
CA GLU D 2952 -103.48 -72.47 58.47
C GLU D 2952 -102.86 -71.52 57.45
N LYS D 2953 -102.91 -70.21 57.72
CA LYS D 2953 -102.40 -69.20 56.81
C LYS D 2953 -100.89 -69.24 56.61
N ARG D 2954 -100.15 -69.98 57.45
CA ARG D 2954 -98.70 -70.10 57.33
C ARG D 2954 -98.34 -70.74 55.99
N PHE D 2955 -97.19 -70.29 55.45
CA PHE D 2955 -96.71 -70.83 54.18
C PHE D 2955 -96.41 -72.33 54.29
N ALA D 2956 -95.61 -72.72 55.29
CA ALA D 2956 -95.25 -74.12 55.45
C ALA D 2956 -96.45 -75.00 55.71
N PHE D 2957 -97.50 -74.46 56.35
CA PHE D 2957 -98.74 -75.22 56.53
C PHE D 2957 -99.37 -75.53 55.17
N GLY D 2958 -99.44 -74.52 54.30
CA GLY D 2958 -99.99 -74.75 52.96
C GLY D 2958 -99.17 -75.71 52.14
N PHE D 2959 -97.84 -75.58 52.22
CA PHE D 2959 -96.93 -76.49 51.54
C PHE D 2959 -97.08 -77.92 52.05
N LEU D 2960 -97.08 -78.11 53.37
CA LEU D 2960 -97.27 -79.44 53.94
C LEU D 2960 -98.65 -80.00 53.61
N GLN D 2961 -99.68 -79.15 53.57
CA GLN D 2961 -101.02 -79.55 53.15
C GLN D 2961 -101.01 -80.14 51.75
N GLN D 2962 -100.30 -79.47 50.83
CA GLN D 2962 -100.17 -79.99 49.48
C GLN D 2962 -99.34 -81.27 49.49
N LEU D 2963 -98.34 -81.36 50.36
CA LEU D 2963 -97.51 -82.56 50.45
C LEU D 2963 -98.36 -83.75 50.88
N LEU D 2964 -99.23 -83.58 51.87
CA LEU D 2964 -100.13 -84.66 52.31
C LEU D 2964 -101.08 -85.06 51.19
N ARG D 2965 -101.68 -84.06 50.52
CA ARG D 2965 -102.62 -84.31 49.43
C ARG D 2965 -101.94 -85.04 48.28
N TRP D 2966 -100.69 -84.69 47.98
CA TRP D 2966 -99.92 -85.43 46.98
C TRP D 2966 -99.39 -86.75 47.52
N MET D 2967 -99.26 -86.85 48.84
CA MET D 2967 -98.73 -88.05 49.48
C MET D 2967 -99.72 -89.20 49.36
N ASP D 2968 -101.02 -88.93 49.55
CA ASP D 2968 -102.00 -89.99 49.33
C ASP D 2968 -101.98 -90.47 47.87
N ILE D 2969 -101.81 -89.54 46.92
CA ILE D 2969 -101.64 -89.91 45.51
C ILE D 2969 -100.36 -90.74 45.33
N SER D 2970 -99.31 -90.43 46.10
CA SER D 2970 -98.10 -91.24 46.05
C SER D 2970 -98.38 -92.67 46.52
N GLN D 2971 -99.16 -92.82 47.58
CA GLN D 2971 -99.57 -94.17 47.97
C GLN D 2971 -100.61 -94.75 47.01
N GLU D 2972 -101.16 -93.93 46.12
CA GLU D 2972 -102.07 -94.46 45.11
C GLU D 2972 -101.28 -95.10 43.97
N PHE D 2973 -100.13 -94.51 43.62
CA PHE D 2973 -99.41 -95.07 42.46
C PHE D 2973 -98.42 -96.16 42.86
N ILE D 2974 -97.91 -96.15 44.11
CA ILE D 2974 -97.02 -97.25 44.50
C ILE D 2974 -97.76 -98.59 44.50
N ALA D 2975 -99.06 -98.59 44.85
CA ALA D 2975 -99.88 -99.80 44.71
C ALA D 2975 -99.96 -100.26 43.27
N HIS D 2976 -100.05 -99.33 42.33
CA HIS D 2976 -100.00 -99.66 40.90
C HIS D 2976 -98.66 -100.28 40.54
N LEU D 2977 -97.56 -99.71 41.05
CA LEU D 2977 -96.23 -100.22 40.74
C LEU D 2977 -96.07 -101.63 41.29
N GLU D 2978 -96.49 -101.87 42.53
CA GLU D 2978 -96.39 -103.19 43.15
C GLU D 2978 -97.21 -104.21 42.37
N ALA D 2979 -98.38 -103.78 41.87
CA ALA D 2979 -99.22 -104.70 41.11
C ALA D 2979 -98.57 -105.04 39.77
N VAL D 2980 -97.95 -104.07 39.10
CA VAL D 2980 -97.46 -104.31 37.75
C VAL D 2980 -96.06 -104.91 37.68
N VAL D 2981 -95.26 -104.84 38.76
CA VAL D 2981 -93.92 -105.41 38.68
C VAL D 2981 -93.84 -106.81 39.30
N SER D 2982 -94.69 -107.10 40.29
CA SER D 2982 -94.72 -108.44 40.87
C SER D 2982 -95.20 -109.48 39.85
N SER D 2983 -96.21 -109.13 39.06
CA SER D 2983 -96.74 -110.00 38.01
C SER D 2983 -97.52 -109.14 37.05
N GLY D 2984 -97.95 -109.76 35.94
CA GLY D 2984 -98.70 -109.06 34.92
C GLY D 2984 -97.93 -107.92 34.29
N ARG D 2985 -96.88 -108.25 33.52
CA ARG D 2985 -95.98 -107.28 32.92
C ARG D 2985 -96.70 -106.28 32.02
N VAL D 2986 -96.77 -105.02 32.46
CA VAL D 2986 -97.36 -103.94 31.68
C VAL D 2986 -96.67 -102.65 32.10
N GLU D 2987 -96.37 -101.80 31.10
CA GLU D 2987 -95.64 -100.56 31.33
C GLU D 2987 -96.36 -99.35 30.73
N LYS D 2988 -97.68 -99.45 30.51
CA LYS D 2988 -98.44 -98.33 29.93
C LYS D 2988 -98.37 -97.09 30.82
N SER D 2989 -98.54 -97.27 32.15
CA SER D 2989 -98.43 -96.26 33.21
C SER D 2989 -99.12 -94.93 32.92
N PRO D 2990 -100.46 -94.87 32.88
CA PRO D 2990 -101.13 -93.58 32.62
C PRO D 2990 -100.90 -92.51 33.69
N HIS D 2991 -100.43 -92.91 34.87
CA HIS D 2991 -100.09 -92.03 35.97
C HIS D 2991 -98.60 -91.64 35.99
N GLU D 2992 -97.90 -91.85 34.86
CA GLU D 2992 -96.50 -91.45 34.77
C GLU D 2992 -96.33 -89.94 34.89
N GLN D 2993 -97.40 -89.16 34.63
CA GLN D 2993 -97.38 -87.71 34.83
C GLN D 2993 -97.03 -87.36 36.26
N GLU D 2994 -97.48 -88.18 37.20
CA GLU D 2994 -97.24 -87.91 38.60
C GLU D 2994 -96.09 -88.72 39.13
N ILE D 2995 -95.76 -89.85 38.47
CA ILE D 2995 -94.52 -90.55 38.80
C ILE D 2995 -93.32 -89.66 38.48
N LYS D 2996 -93.34 -89.04 37.30
CA LYS D 2996 -92.28 -88.11 36.93
C LYS D 2996 -92.36 -86.80 37.70
N PHE D 2997 -93.57 -86.32 38.03
CA PHE D 2997 -93.69 -85.12 38.88
C PHE D 2997 -93.04 -85.35 40.23
N PHE D 2998 -93.22 -86.54 40.79
CA PHE D 2998 -92.63 -86.87 42.08
C PHE D 2998 -91.13 -87.02 41.92
N ALA D 2999 -90.69 -87.95 41.07
CA ALA D 2999 -89.28 -88.33 41.01
C ALA D 2999 -88.38 -87.21 40.47
N LYS D 3000 -88.95 -86.17 39.85
CA LYS D 3000 -88.17 -85.05 39.36
C LYS D 3000 -88.34 -83.77 40.16
N ILE D 3001 -89.38 -83.65 41.01
CA ILE D 3001 -89.64 -82.43 41.76
C ILE D 3001 -89.62 -82.66 43.26
N LEU D 3002 -90.39 -83.64 43.74
CA LEU D 3002 -90.63 -83.80 45.17
C LEU D 3002 -89.36 -84.16 45.95
N LEU D 3003 -88.51 -85.03 45.39
CA LEU D 3003 -87.29 -85.43 46.09
C LEU D 3003 -86.30 -84.28 46.35
N PRO D 3004 -85.85 -83.50 45.35
CA PRO D 3004 -84.95 -82.38 45.69
C PRO D 3004 -85.62 -81.29 46.53
N LEU D 3005 -86.93 -81.07 46.33
CA LEU D 3005 -87.65 -80.04 47.07
C LEU D 3005 -87.61 -80.32 48.56
N ILE D 3006 -87.97 -81.55 48.96
CA ILE D 3006 -87.87 -81.95 50.36
C ILE D 3006 -86.41 -81.94 50.78
N ASN D 3007 -85.51 -82.31 49.86
CA ASN D 3007 -84.10 -82.46 50.17
C ASN D 3007 -83.45 -81.12 50.54
N GLN D 3008 -83.96 -80.00 50.01
CA GLN D 3008 -83.38 -78.70 50.29
C GLN D 3008 -84.22 -77.82 51.20
N TYR D 3009 -85.56 -77.90 51.09
CA TYR D 3009 -86.46 -77.07 51.88
C TYR D 3009 -86.24 -77.32 53.37
N PHE D 3010 -86.16 -78.59 53.75
CA PHE D 3010 -85.91 -78.89 55.15
C PHE D 3010 -84.45 -78.68 55.50
N THR D 3011 -83.56 -78.64 54.50
CA THR D 3011 -82.15 -78.42 54.78
C THR D 3011 -81.97 -77.02 55.34
N ASN D 3012 -82.57 -76.04 54.66
CA ASN D 3012 -82.48 -74.67 55.15
C ASN D 3012 -83.50 -74.35 56.24
N HIS D 3013 -84.54 -75.18 56.41
CA HIS D 3013 -85.57 -74.93 57.42
C HIS D 3013 -85.57 -75.99 58.51
N CYS D 3014 -84.44 -76.67 58.71
CA CYS D 3014 -84.32 -77.68 59.77
C CYS D 3014 -84.45 -77.06 61.15
N LEU D 3015 -83.86 -75.90 61.37
CA LEU D 3015 -83.91 -75.27 62.69
C LEU D 3015 -85.32 -74.77 63.00
N TYR D 3016 -86.05 -74.33 61.97
CA TYR D 3016 -87.41 -73.84 62.17
C TYR D 3016 -88.32 -74.94 62.69
N PHE D 3017 -88.19 -76.16 62.13
CA PHE D 3017 -89.02 -77.26 62.58
C PHE D 3017 -88.55 -77.87 63.89
N LEU D 3018 -87.31 -77.61 64.29
CA LEU D 3018 -86.91 -77.90 65.65
C LEU D 3018 -87.14 -76.73 66.59
N SER D 3019 -87.58 -75.58 66.08
CA SER D 3019 -87.84 -74.43 66.93
C SER D 3019 -89.13 -74.64 67.70
N THR D 3020 -89.07 -74.40 69.00
CA THR D 3020 -90.17 -74.51 69.94
C THR D 3020 -90.27 -73.18 70.67
N PRO D 3021 -91.48 -72.77 71.11
CA PRO D 3021 -91.60 -71.50 71.85
C PRO D 3021 -90.77 -71.43 73.12
N ALA D 3022 -90.52 -72.56 73.78
CA ALA D 3022 -89.67 -72.57 74.96
C ALA D 3022 -88.22 -72.25 74.63
N LYS D 3023 -87.74 -72.66 73.45
CA LYS D 3023 -86.35 -72.43 73.06
C LYS D 3023 -86.31 -72.31 71.54
N VAL D 3024 -86.25 -71.08 71.05
CA VAL D 3024 -86.20 -70.84 69.61
C VAL D 3024 -84.75 -70.88 69.16
N LEU D 3025 -84.45 -71.79 68.24
CA LEU D 3025 -83.09 -71.96 67.73
C LEU D 3025 -82.86 -71.26 66.39
N GLY D 3026 -83.90 -71.20 65.55
CA GLY D 3026 -83.81 -70.46 64.31
C GLY D 3026 -83.74 -68.97 64.53
N SER D 3027 -83.35 -68.25 63.47
CA SER D 3027 -83.26 -66.79 63.51
C SER D 3027 -84.60 -66.15 63.83
N GLY D 3028 -85.66 -66.65 63.19
CA GLY D 3028 -87.00 -66.17 63.46
C GLY D 3028 -88.03 -67.20 63.06
N GLY D 3029 -89.11 -67.29 63.83
CA GLY D 3029 -90.16 -68.24 63.51
C GLY D 3029 -90.02 -69.60 64.16
N HIS D 3030 -91.08 -70.06 64.80
CA HIS D 3030 -91.16 -71.38 65.40
C HIS D 3030 -92.23 -72.18 64.67
N ALA D 3031 -91.92 -73.44 64.33
CA ALA D 3031 -92.89 -74.32 63.71
C ALA D 3031 -94.10 -74.49 64.60
N SER D 3032 -95.29 -74.30 64.01
CA SER D 3032 -96.51 -74.38 64.79
C SER D 3032 -96.74 -75.81 65.30
N ASN D 3033 -97.68 -75.88 66.26
CA ASN D 3033 -97.97 -77.14 66.93
C ASN D 3033 -98.51 -78.15 65.94
N LYS D 3034 -99.38 -77.72 65.01
CA LYS D 3034 -99.91 -78.61 63.99
C LYS D 3034 -98.82 -79.07 63.02
N GLU D 3035 -97.94 -78.14 62.62
CA GLU D 3035 -96.90 -78.48 61.66
C GLU D 3035 -95.94 -79.53 62.20
N LYS D 3036 -95.83 -79.64 63.54
CA LYS D 3036 -94.97 -80.68 64.08
C LYS D 3036 -95.56 -82.08 63.84
N GLU D 3037 -96.91 -82.18 63.80
CA GLU D 3037 -97.46 -83.47 63.43
C GLU D 3037 -97.34 -83.70 61.94
N MET D 3038 -97.59 -82.67 61.11
CA MET D 3038 -97.48 -82.95 59.67
C MET D 3038 -96.06 -83.36 59.27
N ILE D 3039 -95.01 -82.71 59.81
CA ILE D 3039 -93.65 -83.17 59.53
C ILE D 3039 -93.39 -84.59 60.08
N THR D 3040 -93.96 -84.93 61.24
CA THR D 3040 -93.77 -86.30 61.77
C THR D 3040 -94.58 -87.33 60.98
N SER D 3041 -95.83 -87.00 60.66
CA SER D 3041 -96.71 -87.91 59.93
C SER D 3041 -96.17 -88.13 58.53
N LEU D 3042 -95.78 -87.06 57.83
CA LEU D 3042 -95.26 -87.18 56.48
C LEU D 3042 -93.97 -88.00 56.47
N PHE D 3043 -93.11 -87.78 57.47
CA PHE D 3043 -91.88 -88.56 57.57
C PHE D 3043 -92.19 -90.06 57.70
N CYS D 3044 -93.18 -90.39 58.54
CA CYS D 3044 -93.58 -91.80 58.66
C CYS D 3044 -94.18 -92.34 57.36
N LYS D 3045 -95.02 -91.52 56.70
CA LYS D 3045 -95.70 -91.97 55.48
C LYS D 3045 -94.70 -92.27 54.37
N LEU D 3046 -93.66 -91.44 54.22
CA LEU D 3046 -92.70 -91.66 53.13
C LEU D 3046 -91.98 -93.00 53.29
N ALA D 3047 -91.64 -93.35 54.54
CA ALA D 3047 -91.03 -94.64 54.81
C ALA D 3047 -92.00 -95.78 54.49
N ALA D 3048 -93.26 -95.64 54.91
CA ALA D 3048 -94.28 -96.64 54.55
C ALA D 3048 -94.52 -96.69 53.05
N LEU D 3049 -94.32 -95.58 52.35
CA LEU D 3049 -94.36 -95.54 50.89
C LEU D 3049 -93.26 -96.38 50.28
N VAL D 3050 -92.07 -96.33 50.87
CA VAL D 3050 -90.90 -96.96 50.28
C VAL D 3050 -90.59 -98.32 50.91
N ARG D 3051 -91.45 -98.80 51.82
CA ARG D 3051 -91.22 -100.05 52.55
C ARG D 3051 -91.20 -101.20 51.55
N HIS D 3052 -89.99 -101.71 51.27
CA HIS D 3052 -89.62 -102.71 50.25
C HIS D 3052 -89.78 -102.18 48.83
N ARG D 3053 -90.21 -100.94 48.63
CA ARG D 3053 -90.48 -100.40 47.31
C ARG D 3053 -89.30 -99.61 46.75
N VAL D 3054 -88.16 -99.60 47.45
CA VAL D 3054 -86.99 -98.87 46.98
C VAL D 3054 -86.44 -99.54 45.72
N SER D 3055 -86.42 -100.88 45.68
CA SER D 3055 -85.99 -101.57 44.48
C SER D 3055 -86.99 -101.41 43.35
N LEU D 3056 -88.24 -101.06 43.68
CA LEU D 3056 -89.23 -100.77 42.64
C LEU D 3056 -88.94 -99.42 42.01
N PHE D 3057 -88.55 -98.43 42.82
CA PHE D 3057 -88.35 -97.08 42.26
C PHE D 3057 -87.09 -97.00 41.41
N GLY D 3058 -86.05 -97.72 41.77
CA GLY D 3058 -84.81 -97.68 40.98
C GLY D 3058 -83.85 -96.59 41.46
N THR D 3059 -83.76 -95.52 40.68
CA THR D 3059 -82.81 -94.44 40.92
C THR D 3059 -83.23 -93.46 42.01
N ASP D 3060 -84.50 -93.46 42.42
CA ASP D 3060 -84.97 -92.47 43.38
C ASP D 3060 -84.54 -92.75 44.81
N ALA D 3061 -84.09 -93.98 45.09
CA ALA D 3061 -83.79 -94.41 46.47
C ALA D 3061 -82.72 -93.56 47.18
N PRO D 3062 -81.55 -93.23 46.59
CA PRO D 3062 -80.63 -92.32 47.32
C PRO D 3062 -81.23 -90.94 47.59
N ALA D 3063 -82.20 -90.49 46.79
CA ALA D 3063 -82.82 -89.21 47.06
C ALA D 3063 -83.77 -89.34 48.24
N VAL D 3064 -84.50 -90.47 48.29
CA VAL D 3064 -85.49 -90.70 49.35
C VAL D 3064 -84.79 -90.80 50.70
N VAL D 3065 -83.65 -91.53 50.76
CA VAL D 3065 -82.98 -91.78 52.03
C VAL D 3065 -82.49 -90.46 52.63
N ASN D 3066 -81.91 -89.58 51.79
CA ASN D 3066 -81.45 -88.27 52.26
C ASN D 3066 -82.62 -87.40 52.71
N CYS D 3067 -83.75 -87.44 51.98
CA CYS D 3067 -84.97 -86.74 52.42
C CYS D 3067 -85.37 -87.20 53.81
N LEU D 3068 -85.38 -88.51 54.04
CA LEU D 3068 -85.67 -89.07 55.35
C LEU D 3068 -84.66 -88.59 56.39
N HIS D 3069 -83.37 -88.57 56.01
CA HIS D 3069 -82.31 -88.21 56.95
C HIS D 3069 -82.48 -86.79 57.48
N ILE D 3070 -82.80 -85.85 56.57
CA ILE D 3070 -83.09 -84.47 56.96
C ILE D 3070 -84.40 -84.36 57.75
N LEU D 3071 -85.43 -85.14 57.39
CA LEU D 3071 -86.65 -85.14 58.20
C LEU D 3071 -86.39 -85.64 59.62
N ALA D 3072 -85.57 -86.69 59.73
CA ALA D 3072 -85.18 -87.25 61.02
C ALA D 3072 -84.42 -86.23 61.83
N ARG D 3073 -83.50 -85.51 61.20
CA ARG D 3073 -82.80 -84.48 61.96
C ARG D 3073 -83.69 -83.26 62.21
N SER D 3074 -84.86 -83.16 61.56
CA SER D 3074 -85.80 -82.08 61.82
C SER D 3074 -87.03 -82.59 62.58
N LEU D 3075 -86.87 -83.66 63.36
CA LEU D 3075 -87.98 -84.30 64.08
C LEU D 3075 -87.92 -83.86 65.54
N ASP D 3076 -88.76 -82.90 65.92
CA ASP D 3076 -88.98 -82.57 67.34
C ASP D 3076 -90.09 -83.44 67.92
N ALA D 3077 -89.84 -84.76 67.89
CA ALA D 3077 -90.80 -85.78 68.31
C ALA D 3077 -91.15 -85.73 69.80
N ARG D 3078 -90.36 -85.03 70.63
CA ARG D 3078 -90.64 -84.91 72.06
C ARG D 3078 -92.01 -84.29 72.33
N THR D 3079 -92.31 -83.14 71.72
CA THR D 3079 -93.57 -82.47 71.98
C THR D 3079 -94.74 -83.08 71.22
N VAL D 3080 -94.47 -83.99 70.28
CA VAL D 3080 -95.53 -84.58 69.46
C VAL D 3080 -96.41 -85.48 70.31
N MET D 3081 -95.82 -86.35 71.13
CA MET D 3081 -96.68 -87.25 71.89
C MET D 3081 -97.34 -86.52 73.04
N LYS D 3082 -96.70 -85.45 73.54
CA LYS D 3082 -97.31 -84.65 74.59
C LYS D 3082 -98.56 -83.95 74.09
N SER D 3083 -98.53 -83.46 72.85
CA SER D 3083 -99.66 -82.74 72.28
C SER D 3083 -99.79 -83.17 70.82
N GLY D 3084 -100.81 -83.96 70.53
CA GLY D 3084 -101.05 -84.41 69.18
C GLY D 3084 -102.16 -85.44 69.06
N PRO D 3085 -102.66 -85.62 67.83
CA PRO D 3085 -103.65 -86.67 67.58
C PRO D 3085 -103.10 -88.08 67.71
N GLU D 3086 -104.01 -88.98 68.12
CA GLU D 3086 -103.67 -90.39 68.26
C GLU D 3086 -103.29 -91.00 66.93
N ILE D 3087 -103.90 -90.53 65.84
CA ILE D 3087 -103.71 -91.15 64.53
C ILE D 3087 -102.24 -91.09 64.10
N VAL D 3088 -101.63 -89.91 64.24
CA VAL D 3088 -100.20 -89.75 63.99
C VAL D 3088 -99.36 -90.44 65.07
N LYS D 3089 -99.79 -90.34 66.35
CA LYS D 3089 -99.02 -90.99 67.42
C LYS D 3089 -98.96 -92.50 67.22
N ALA D 3090 -100.08 -93.12 66.87
CA ALA D 3090 -100.08 -94.54 66.52
C ALA D 3090 -99.31 -94.77 65.23
N GLY D 3091 -99.28 -93.77 64.33
CA GLY D 3091 -98.56 -93.94 63.08
C GLY D 3091 -97.07 -94.14 63.32
N LEU D 3092 -96.47 -93.28 64.15
CA LEU D 3092 -95.08 -93.46 64.54
C LEU D 3092 -94.86 -94.73 65.36
N ARG D 3093 -95.81 -95.08 66.24
CA ARG D 3093 -95.70 -96.36 66.96
C ARG D 3093 -95.70 -97.56 66.02
N SER D 3094 -96.58 -97.55 65.02
CA SER D 3094 -96.59 -98.57 63.98
C SER D 3094 -95.29 -98.56 63.19
N PHE D 3095 -94.74 -97.37 62.94
CA PHE D 3095 -93.47 -97.24 62.23
C PHE D 3095 -92.38 -98.00 62.98
N PHE D 3096 -92.23 -97.69 64.27
CA PHE D 3096 -91.15 -98.30 65.05
C PHE D 3096 -91.35 -99.81 65.21
N GLU D 3097 -92.59 -100.27 65.43
CA GLU D 3097 -92.85 -101.70 65.45
C GLU D 3097 -92.57 -102.36 64.09
N SER D 3098 -92.91 -101.67 63.00
CA SER D 3098 -92.63 -102.15 61.64
C SER D 3098 -91.13 -102.33 61.43
N ALA D 3099 -90.35 -101.34 61.89
CA ALA D 3099 -88.91 -101.42 61.75
C ALA D 3099 -88.37 -102.56 62.61
N SER D 3100 -88.89 -102.71 63.84
CA SER D 3100 -88.39 -103.73 64.75
C SER D 3100 -88.61 -105.13 64.17
N GLU D 3101 -89.78 -105.35 63.53
CA GLU D 3101 -90.02 -106.59 62.80
C GLU D 3101 -89.02 -106.77 61.67
N ASP D 3102 -88.75 -105.71 60.90
CA ASP D 3102 -87.81 -105.85 59.78
C ASP D 3102 -86.40 -106.16 60.27
N ILE D 3103 -86.00 -105.57 61.41
CA ILE D 3103 -84.70 -105.85 62.02
C ILE D 3103 -84.61 -107.32 62.42
N GLU D 3104 -85.67 -107.83 63.06
CA GLU D 3104 -85.64 -109.25 63.37
C GLU D 3104 -85.70 -110.14 62.13
N LYS D 3105 -86.26 -109.64 61.03
CA LYS D 3105 -86.18 -110.35 59.75
C LYS D 3105 -84.73 -110.43 59.29
N MET D 3106 -83.96 -109.35 59.49
CA MET D 3106 -82.54 -109.37 59.16
C MET D 3106 -81.81 -110.40 59.99
N VAL D 3107 -82.08 -110.43 61.29
CA VAL D 3107 -81.27 -111.30 62.15
C VAL D 3107 -81.62 -112.77 61.89
N GLU D 3108 -82.88 -113.09 61.55
CA GLU D 3108 -83.16 -114.48 61.18
C GLU D 3108 -82.59 -114.81 59.80
N ASN D 3109 -82.56 -113.84 58.87
CA ASN D 3109 -81.93 -114.08 57.58
C ASN D 3109 -80.44 -114.34 57.73
N LEU D 3110 -79.76 -113.56 58.57
CA LEU D 3110 -78.32 -113.71 58.76
C LEU D 3110 -77.96 -114.78 59.77
N ARG D 3111 -78.96 -115.41 60.40
CA ARG D 3111 -78.75 -116.54 61.31
C ARG D 3111 -78.67 -117.87 60.56
N LEU D 3112 -78.27 -117.82 59.28
CA LEU D 3112 -78.21 -118.95 58.33
C LEU D 3112 -79.57 -119.60 58.08
N GLY D 3113 -80.66 -118.99 58.53
CA GLY D 3113 -81.99 -119.41 58.07
C GLY D 3113 -82.21 -119.17 56.60
N LYS D 3114 -81.64 -118.09 56.07
CA LYS D 3114 -81.63 -117.85 54.63
C LYS D 3114 -80.19 -117.61 54.21
N VAL D 3115 -79.75 -118.31 53.15
CA VAL D 3115 -78.39 -118.19 52.65
C VAL D 3115 -78.11 -116.78 52.13
N SER D 3116 -79.08 -116.19 51.41
CA SER D 3116 -79.08 -114.81 50.92
C SER D 3116 -77.94 -114.55 49.94
N LYS D 3123 -84.78 -113.41 45.30
CA LYS D 3123 -86.16 -113.74 45.61
C LYS D 3123 -86.78 -112.74 46.58
N GLY D 3124 -87.82 -113.20 47.30
CA GLY D 3124 -88.56 -112.32 48.20
C GLY D 3124 -87.73 -111.71 49.30
N VAL D 3125 -86.75 -112.48 49.82
CA VAL D 3125 -85.88 -111.98 50.88
C VAL D 3125 -84.97 -110.86 50.37
N GLY D 3126 -84.55 -110.94 49.09
CA GLY D 3126 -83.58 -109.99 48.55
C GLY D 3126 -84.05 -108.55 48.55
N GLN D 3127 -85.34 -108.34 48.23
CA GLN D 3127 -85.92 -107.01 48.14
C GLN D 3127 -85.95 -106.35 49.52
N ASN D 3128 -86.45 -107.09 50.52
CA ASN D 3128 -86.49 -106.55 51.88
C ASN D 3128 -85.07 -106.34 52.40
N LEU D 3129 -84.16 -107.26 52.04
CA LEU D 3129 -82.80 -107.20 52.53
C LEU D 3129 -82.08 -105.93 52.07
N THR D 3130 -82.23 -105.59 50.79
CA THR D 3130 -81.64 -104.34 50.33
C THR D 3130 -82.44 -103.13 50.79
N TYR D 3131 -83.76 -103.28 51.00
CA TYR D 3131 -84.55 -102.17 51.51
C TYR D 3131 -84.11 -101.81 52.91
N THR D 3132 -83.85 -102.82 53.75
CA THR D 3132 -83.47 -102.55 55.11
C THR D 3132 -82.06 -101.96 55.17
N THR D 3133 -81.12 -102.59 54.45
CA THR D 3133 -79.72 -102.15 54.56
C THR D 3133 -79.47 -100.82 53.88
N VAL D 3134 -80.37 -100.35 53.02
CA VAL D 3134 -80.18 -99.13 52.26
C VAL D 3134 -81.07 -98.02 52.79
N ALA D 3135 -82.37 -98.28 52.92
CA ALA D 3135 -83.33 -97.26 53.32
C ALA D 3135 -83.70 -97.25 54.79
N LEU D 3136 -83.60 -98.36 55.52
CA LEU D 3136 -84.14 -98.40 56.88
C LEU D 3136 -83.09 -98.13 57.95
N LEU D 3137 -82.04 -98.96 58.01
CA LEU D 3137 -81.03 -98.82 59.05
C LEU D 3137 -80.30 -97.47 59.05
N PRO D 3138 -79.79 -96.92 57.92
CA PRO D 3138 -79.15 -95.58 58.02
C PRO D 3138 -80.07 -94.48 58.53
N VAL D 3139 -81.34 -94.51 58.12
CA VAL D 3139 -82.33 -93.53 58.57
C VAL D 3139 -82.63 -93.73 60.05
N LEU D 3140 -82.72 -94.99 60.49
CA LEU D 3140 -82.92 -95.29 61.91
C LEU D 3140 -81.74 -94.80 62.74
N THR D 3141 -80.52 -95.06 62.26
CA THR D 3141 -79.31 -94.58 62.92
C THR D 3141 -79.28 -93.05 62.98
N THR D 3142 -79.81 -92.39 61.94
CA THR D 3142 -80.00 -90.94 61.97
C THR D 3142 -80.98 -90.55 63.07
N LEU D 3143 -82.06 -91.33 63.23
CA LEU D 3143 -83.07 -91.02 64.23
C LEU D 3143 -82.46 -91.07 65.62
N PHE D 3144 -81.74 -92.16 65.91
CA PHE D 3144 -81.12 -92.34 67.22
C PHE D 3144 -80.07 -91.28 67.51
N GLN D 3145 -79.26 -90.92 66.50
CA GLN D 3145 -78.34 -89.78 66.65
C GLN D 3145 -79.05 -88.46 66.92
N HIS D 3146 -80.15 -88.18 66.21
CA HIS D 3146 -80.95 -86.99 66.48
C HIS D 3146 -81.57 -86.99 67.87
N ILE D 3147 -82.02 -88.17 68.33
CA ILE D 3147 -82.56 -88.32 69.67
C ILE D 3147 -81.49 -88.09 70.72
N ALA D 3148 -80.32 -88.73 70.55
CA ALA D 3148 -79.25 -88.58 71.53
C ALA D 3148 -78.66 -87.17 71.51
N GLN D 3149 -78.78 -86.47 70.38
CA GLN D 3149 -78.30 -85.11 70.26
C GLN D 3149 -79.24 -84.11 70.94
N HIS D 3150 -80.54 -84.35 70.86
CA HIS D 3150 -81.51 -83.44 71.44
C HIS D 3150 -82.11 -83.95 72.75
N GLN D 3151 -81.49 -85.00 73.34
CA GLN D 3151 -81.93 -85.62 74.60
C GLN D 3151 -83.38 -86.06 74.55
N PHE D 3152 -83.78 -86.64 73.41
CA PHE D 3152 -85.15 -87.04 73.16
C PHE D 3152 -85.45 -88.44 73.70
N GLY D 3153 -84.46 -89.12 74.28
CA GLY D 3153 -84.69 -90.47 74.78
C GLY D 3153 -85.68 -90.51 75.93
N ASP D 3154 -85.53 -89.61 76.89
CA ASP D 3154 -86.36 -89.60 78.09
C ASP D 3154 -87.78 -89.13 77.82
N ASP D 3155 -88.07 -88.60 76.64
CA ASP D 3155 -89.36 -88.01 76.31
C ASP D 3155 -90.10 -88.70 75.19
N VAL D 3156 -89.40 -89.38 74.28
CA VAL D 3156 -90.04 -90.05 73.15
C VAL D 3156 -90.23 -91.54 73.41
N ILE D 3157 -89.16 -92.22 73.80
CA ILE D 3157 -89.18 -93.66 74.02
C ILE D 3157 -89.82 -93.93 75.38
N LEU D 3158 -91.14 -94.08 75.41
CA LEU D 3158 -91.86 -94.13 76.69
C LEU D 3158 -92.64 -95.42 76.90
N ASP D 3159 -93.56 -95.78 76.00
CA ASP D 3159 -94.58 -96.77 76.30
C ASP D 3159 -94.45 -98.06 75.48
N ASP D 3160 -94.54 -97.96 74.16
CA ASP D 3160 -94.39 -99.09 73.26
C ASP D 3160 -93.19 -98.93 72.34
N VAL D 3161 -92.65 -97.72 72.21
CA VAL D 3161 -91.38 -97.49 71.53
C VAL D 3161 -90.28 -98.26 72.26
N GLN D 3162 -90.39 -98.33 73.59
CA GLN D 3162 -89.52 -99.19 74.39
C GLN D 3162 -89.65 -100.66 73.96
N VAL D 3163 -90.88 -101.14 73.76
CA VAL D 3163 -91.08 -102.50 73.27
C VAL D 3163 -90.53 -102.67 71.85
N SER D 3164 -90.56 -101.59 71.06
CA SER D 3164 -90.01 -101.60 69.72
C SER D 3164 -88.50 -101.83 69.76
N CYS D 3165 -87.83 -101.19 70.72
CA CYS D 3165 -86.36 -101.25 70.73
C CYS D 3165 -85.82 -102.43 71.51
N TYR D 3166 -86.53 -102.93 72.54
CA TYR D 3166 -86.06 -104.08 73.34
C TYR D 3166 -85.78 -105.31 72.47
N ARG D 3167 -86.75 -105.69 71.63
CA ARG D 3167 -86.60 -106.79 70.69
C ARG D 3167 -85.46 -106.53 69.71
N THR D 3168 -85.34 -105.28 69.26
CA THR D 3168 -84.22 -104.89 68.41
C THR D 3168 -82.89 -105.08 69.14
N LEU D 3169 -82.84 -104.69 70.42
CA LEU D 3169 -81.60 -104.73 71.19
C LEU D 3169 -81.16 -106.17 71.44
N CYS D 3170 -82.12 -107.09 71.61
CA CYS D 3170 -81.77 -108.50 71.61
C CYS D 3170 -81.24 -108.97 70.26
N SER D 3171 -81.92 -108.53 69.18
CA SER D 3171 -81.59 -109.02 67.84
C SER D 3171 -80.20 -108.59 67.40
N ILE D 3172 -79.82 -107.35 67.73
CA ILE D 3172 -78.53 -106.82 67.27
C ILE D 3172 -77.39 -107.57 67.95
N TYR D 3173 -77.47 -107.77 69.27
CA TYR D 3173 -76.41 -108.47 69.99
C TYR D 3173 -76.38 -109.95 69.63
N SER D 3174 -77.47 -110.49 69.06
CA SER D 3174 -77.52 -111.90 68.69
C SER D 3174 -76.52 -112.26 67.58
N LEU D 3175 -76.00 -111.27 66.84
CA LEU D 3175 -75.09 -111.49 65.72
C LEU D 3175 -73.66 -111.75 66.15
N GLY D 3176 -73.34 -111.57 67.44
CA GLY D 3176 -71.98 -111.79 67.90
C GLY D 3176 -71.52 -113.22 67.78
N THR D 3177 -72.44 -114.18 67.92
CA THR D 3177 -72.10 -115.58 67.86
C THR D 3177 -72.08 -116.13 66.44
N THR D 3178 -72.54 -115.37 65.44
CA THR D 3178 -72.64 -115.83 64.07
C THR D 3178 -71.72 -115.02 63.17
N LYS D 3179 -70.98 -115.71 62.31
CA LYS D 3179 -70.07 -115.07 61.35
C LYS D 3179 -70.48 -115.48 59.94
N ASN D 3180 -70.72 -114.48 59.08
CA ASN D 3180 -71.06 -114.73 57.69
C ASN D 3180 -70.60 -113.54 56.85
N THR D 3181 -70.84 -113.65 55.54
CA THR D 3181 -70.41 -112.63 54.59
C THR D 3181 -71.18 -111.32 54.79
N TYR D 3182 -72.51 -111.41 54.84
CA TYR D 3182 -73.30 -110.19 55.04
C TYR D 3182 -73.09 -109.63 56.44
N VAL D 3183 -72.92 -110.49 57.44
CA VAL D 3183 -72.60 -110.00 58.80
C VAL D 3183 -71.31 -109.21 58.78
N GLU D 3184 -70.32 -109.70 58.01
CA GLU D 3184 -69.04 -109.03 57.86
C GLU D 3184 -69.23 -107.66 57.21
N LYS D 3185 -70.01 -107.60 56.13
CA LYS D 3185 -70.15 -106.33 55.43
C LYS D 3185 -71.03 -105.36 56.23
N LEU D 3186 -71.89 -105.86 57.10
CA LEU D 3186 -72.75 -105.01 57.91
C LEU D 3186 -72.15 -104.59 59.24
N ARG D 3187 -70.99 -105.15 59.63
CA ARG D 3187 -70.37 -104.88 60.94
C ARG D 3187 -70.23 -103.40 61.31
N PRO D 3188 -69.73 -102.46 60.43
CA PRO D 3188 -69.76 -101.05 60.83
C PRO D 3188 -71.17 -100.51 60.97
N ALA D 3189 -72.00 -100.67 59.92
CA ALA D 3189 -73.34 -100.07 59.87
C ALA D 3189 -74.19 -100.51 61.05
N LEU D 3190 -74.03 -101.77 61.48
CA LEU D 3190 -74.69 -102.16 62.71
C LEU D 3190 -73.99 -101.53 63.89
N GLY D 3191 -72.66 -101.33 63.79
CA GLY D 3191 -71.88 -100.85 64.92
C GLY D 3191 -72.36 -99.48 65.37
N GLU D 3192 -72.53 -98.57 64.41
CA GLU D 3192 -73.11 -97.28 64.76
C GLU D 3192 -74.61 -97.37 65.01
N CYS D 3193 -75.34 -98.26 64.32
CA CYS D 3193 -76.77 -98.39 64.58
C CYS D 3193 -77.06 -98.78 66.03
N LEU D 3194 -76.25 -99.69 66.59
CA LEU D 3194 -76.31 -100.01 68.02
C LEU D 3194 -75.75 -98.91 68.92
N ALA D 3195 -74.65 -98.24 68.53
CA ALA D 3195 -74.08 -97.20 69.38
C ALA D 3195 -75.06 -96.03 69.55
N ARG D 3196 -75.61 -95.53 68.43
CA ARG D 3196 -76.58 -94.45 68.45
C ARG D 3196 -77.79 -94.82 69.31
N LEU D 3197 -78.13 -96.13 69.32
CA LEU D 3197 -79.24 -96.62 70.14
C LEU D 3197 -78.87 -96.48 71.60
N ALA D 3198 -77.66 -96.91 71.95
CA ALA D 3198 -77.26 -96.97 73.35
C ALA D 3198 -77.23 -95.57 73.96
N ALA D 3199 -76.74 -94.59 73.18
CA ALA D 3199 -76.83 -93.20 73.61
C ALA D 3199 -78.25 -92.66 73.61
N ALA D 3200 -79.12 -93.15 72.73
CA ALA D 3200 -80.49 -92.66 72.65
C ALA D 3200 -81.47 -93.38 73.58
N MET D 3201 -81.06 -94.45 74.23
CA MET D 3201 -81.98 -95.22 75.07
C MET D 3201 -82.16 -94.56 76.44
N PRO D 3202 -83.38 -94.46 76.94
CA PRO D 3202 -83.61 -93.90 78.29
C PRO D 3202 -83.59 -94.89 79.44
N VAL D 3203 -83.12 -96.13 79.25
CA VAL D 3203 -83.08 -97.09 80.34
C VAL D 3203 -81.65 -97.53 80.57
N ALA D 3204 -81.36 -97.93 81.80
CA ALA D 3204 -80.08 -98.52 82.18
C ALA D 3204 -80.11 -100.01 81.86
N PHE D 3205 -80.15 -100.31 80.56
CA PHE D 3205 -80.27 -101.68 80.07
C PHE D 3205 -79.08 -102.54 80.50
N LEU D 3206 -77.89 -101.94 80.57
CA LEU D 3206 -76.69 -102.64 81.03
C LEU D 3206 -76.71 -102.90 82.52
N GLU D 3207 -77.67 -102.33 83.25
CA GLU D 3207 -77.84 -102.56 84.69
C GLU D 3207 -79.31 -102.88 85.01
N PRO D 3208 -79.82 -104.03 84.55
CA PRO D 3208 -81.19 -104.41 84.93
C PRO D 3208 -81.31 -104.71 86.41
N GLN D 3209 -80.21 -105.04 87.08
CA GLN D 3209 -80.22 -105.20 88.53
C GLN D 3209 -80.52 -103.89 89.24
N LEU D 3210 -80.25 -102.74 88.60
CA LEU D 3210 -80.65 -101.44 89.13
C LEU D 3210 -81.75 -100.79 88.30
N ASN D 3211 -82.40 -101.53 87.39
CA ASN D 3211 -83.46 -100.97 86.56
C ASN D 3211 -84.69 -100.51 87.36
N GLU D 3212 -84.86 -101.00 88.59
CA GLU D 3212 -86.02 -100.64 89.42
C GLU D 3212 -86.09 -99.16 89.78
N TYR D 3213 -84.98 -98.43 89.70
CA TYR D 3213 -84.97 -97.00 89.97
C TYR D 3213 -85.08 -96.16 88.70
N ASN D 3214 -85.07 -96.78 87.53
CA ASN D 3214 -85.20 -96.07 86.25
C ASN D 3214 -86.60 -95.46 86.15
N ALA D 3215 -86.67 -94.13 86.26
CA ALA D 3215 -87.94 -93.43 86.17
C ALA D 3215 -88.59 -93.61 84.81
N CYS D 3216 -87.82 -93.56 83.73
CA CYS D 3216 -88.36 -93.80 82.39
C CYS D 3216 -88.16 -95.26 82.01
N SER D 3217 -88.94 -96.13 82.67
CA SER D 3217 -88.88 -97.56 82.42
C SER D 3217 -90.28 -98.13 82.36
N VAL D 3218 -90.42 -99.22 81.60
CA VAL D 3218 -91.68 -99.95 81.57
C VAL D 3218 -91.93 -100.65 82.90
N TYR D 3219 -90.89 -101.21 83.51
CA TYR D 3219 -91.05 -102.05 84.69
C TYR D 3219 -91.14 -101.22 85.96
N THR D 3220 -91.06 -99.89 85.84
CA THR D 3220 -91.22 -98.99 86.96
C THR D 3220 -92.44 -98.10 86.78
N THR D 3221 -92.89 -97.87 85.55
CA THR D 3221 -94.07 -97.05 85.33
C THR D 3221 -95.33 -97.92 85.18
N LYS D 3222 -95.37 -98.77 84.14
CA LYS D 3222 -96.58 -99.54 83.89
C LYS D 3222 -96.87 -100.55 84.99
N SER D 3223 -98.13 -100.60 85.39
CA SER D 3223 -98.60 -101.45 86.47
C SER D 3223 -98.52 -102.93 86.07
N PRO D 3224 -98.38 -103.84 87.05
CA PRO D 3224 -98.27 -105.27 86.69
C PRO D 3224 -99.50 -105.89 86.02
N ARG D 3225 -100.67 -105.25 86.03
CA ARG D 3225 -101.79 -105.87 85.32
C ARG D 3225 -101.71 -105.64 83.81
N GLU D 3226 -100.91 -104.68 83.36
CA GLU D 3226 -100.37 -104.67 82.01
C GLU D 3226 -98.95 -105.23 82.06
N ARG D 3227 -98.29 -105.27 80.90
CA ARG D 3227 -96.94 -105.84 80.66
C ARG D 3227 -96.88 -107.36 80.82
N ALA D 3228 -97.98 -107.98 81.21
CA ALA D 3228 -98.13 -109.42 81.25
C ALA D 3228 -99.22 -109.92 80.32
N ILE D 3229 -100.21 -109.09 80.02
CA ILE D 3229 -101.23 -109.45 79.02
C ILE D 3229 -100.60 -109.55 77.63
N LEU D 3230 -99.74 -108.60 77.26
CA LEU D 3230 -99.03 -108.64 76.00
C LEU D 3230 -97.64 -109.22 76.22
N GLY D 3231 -97.04 -109.68 75.11
CA GLY D 3231 -95.77 -110.40 75.15
C GLY D 3231 -94.59 -109.66 75.75
N LEU D 3232 -94.23 -110.05 76.98
CA LEU D 3232 -93.08 -109.55 77.73
C LEU D 3232 -92.70 -110.61 78.74
N PRO D 3233 -91.41 -110.89 78.93
CA PRO D 3233 -91.01 -111.94 79.90
C PRO D 3233 -91.17 -111.53 81.37
N ASN D 3234 -91.78 -110.37 81.64
CA ASN D 3234 -92.11 -109.84 82.97
C ASN D 3234 -90.89 -109.68 83.87
N SER D 3235 -89.69 -109.58 83.29
CA SER D 3235 -88.50 -109.27 84.07
C SER D 3235 -87.49 -108.57 83.19
N VAL D 3236 -86.92 -107.48 83.73
CA VAL D 3236 -85.91 -106.74 82.99
C VAL D 3236 -84.66 -107.59 82.81
N GLU D 3237 -84.35 -108.48 83.77
CA GLU D 3237 -83.21 -109.37 83.57
C GLU D 3237 -83.47 -110.35 82.44
N GLU D 3238 -84.73 -110.65 82.16
CA GLU D 3238 -85.13 -111.54 81.06
C GLU D 3238 -85.47 -110.77 79.79
N MET D 3239 -85.30 -109.45 79.78
CA MET D 3239 -85.52 -108.61 78.61
C MET D 3239 -84.67 -109.09 77.43
N CYS D 3240 -83.35 -108.97 77.56
CA CYS D 3240 -82.39 -109.57 76.64
C CYS D 3240 -81.38 -110.32 77.50
N PRO D 3241 -81.67 -111.58 77.85
CA PRO D 3241 -80.77 -112.35 78.74
C PRO D 3241 -79.37 -112.55 78.20
N ASP D 3242 -79.19 -112.56 76.87
CA ASP D 3242 -77.86 -112.67 76.28
C ASP D 3242 -76.98 -111.45 76.54
N ILE D 3243 -77.57 -110.30 76.87
CA ILE D 3243 -76.81 -109.07 77.11
C ILE D 3243 -76.03 -109.21 78.41
N PRO D 3244 -74.70 -109.10 78.38
CA PRO D 3244 -73.92 -109.16 79.61
C PRO D 3244 -74.09 -107.87 80.41
N VAL D 3245 -73.88 -107.97 81.72
CA VAL D 3245 -73.84 -106.77 82.53
C VAL D 3245 -72.46 -106.15 82.45
N LEU D 3246 -72.34 -104.90 82.92
CA LEU D 3246 -71.08 -104.16 82.84
C LEU D 3246 -69.99 -104.83 83.66
N ASP D 3247 -70.36 -105.51 84.75
CA ASP D 3247 -69.39 -106.08 85.69
C ASP D 3247 -68.56 -107.15 85.02
N ARG D 3248 -69.22 -108.13 84.40
CA ARG D 3248 -68.48 -109.16 83.70
C ARG D 3248 -67.95 -108.64 82.36
N LEU D 3249 -68.63 -107.62 81.80
CA LEU D 3249 -68.26 -107.10 80.48
C LEU D 3249 -66.88 -106.44 80.51
N MET D 3250 -66.59 -105.67 81.57
CA MET D 3250 -65.30 -104.99 81.62
C MET D 3250 -64.20 -106.01 81.89
N ALA D 3251 -64.46 -107.02 82.73
CA ALA D 3251 -63.46 -108.04 83.01
C ALA D 3251 -63.10 -108.84 81.75
N ASP D 3252 -64.11 -109.20 80.93
CA ASP D 3252 -63.85 -109.86 79.65
C ASP D 3252 -63.04 -108.99 78.71
N ILE D 3253 -63.38 -107.70 78.59
CA ILE D 3253 -62.61 -106.80 77.73
C ILE D 3253 -61.20 -106.62 78.29
N GLY D 3254 -61.09 -106.48 79.62
CA GLY D 3254 -59.80 -106.30 80.26
C GLY D 3254 -58.87 -107.47 80.01
N GLY D 3255 -59.41 -108.70 80.09
CA GLY D 3255 -58.61 -109.88 79.79
C GLY D 3255 -58.19 -109.90 78.33
N LEU D 3256 -59.09 -109.48 77.43
CA LEU D 3256 -58.78 -109.48 76.00
C LEU D 3256 -57.60 -108.54 75.73
N ALA D 3257 -57.65 -107.37 76.35
CA ALA D 3257 -56.63 -106.34 76.13
C ALA D 3257 -55.28 -106.76 76.70
N GLU D 3258 -55.25 -107.26 77.96
CA GLU D 3258 -53.96 -107.69 78.52
C GLU D 3258 -53.41 -108.91 77.79
N SER D 3259 -54.28 -109.75 77.21
CA SER D 3259 -53.77 -110.85 76.39
C SER D 3259 -53.20 -110.32 75.07
N GLY D 3260 -53.89 -109.38 74.44
CA GLY D 3260 -53.46 -108.87 73.16
C GLY D 3260 -54.16 -109.59 72.02
N ALA D 3261 -55.47 -109.75 72.14
CA ALA D 3261 -56.25 -110.45 71.11
C ALA D 3261 -56.41 -109.57 69.88
N ARG D 3262 -56.10 -110.14 68.72
CA ARG D 3262 -56.28 -109.45 67.46
C ARG D 3262 -57.77 -109.31 67.15
N TYR D 3263 -58.09 -108.31 66.30
CA TYR D 3263 -59.47 -108.08 65.88
C TYR D 3263 -60.05 -109.29 65.15
N THR D 3264 -59.17 -110.09 64.51
CA THR D 3264 -59.60 -111.28 63.80
C THR D 3264 -60.29 -112.25 64.76
N GLU D 3265 -59.73 -112.41 65.96
CA GLU D 3265 -60.35 -113.27 66.95
C GLU D 3265 -61.29 -112.48 67.87
N MET D 3266 -61.45 -111.17 67.66
CA MET D 3266 -62.45 -110.47 68.48
C MET D 3266 -63.36 -109.52 67.68
N PRO D 3267 -63.90 -109.92 66.51
CA PRO D 3267 -64.67 -108.94 65.70
C PRO D 3267 -65.96 -108.47 66.34
N HIS D 3268 -66.60 -109.30 67.17
CA HIS D 3268 -67.85 -108.92 67.80
C HIS D 3268 -67.64 -107.92 68.92
N VAL D 3269 -66.49 -108.00 69.60
CA VAL D 3269 -66.22 -107.13 70.75
C VAL D 3269 -66.02 -105.69 70.28
N ILE D 3270 -65.17 -105.48 69.27
CA ILE D 3270 -64.86 -104.14 68.81
C ILE D 3270 -66.04 -103.51 68.09
N GLU D 3271 -66.73 -104.29 67.26
CA GLU D 3271 -67.82 -103.73 66.48
C GLU D 3271 -69.08 -103.51 67.31
N ILE D 3272 -69.28 -104.30 68.38
CA ILE D 3272 -70.55 -104.31 69.11
C ILE D 3272 -70.37 -103.91 70.57
N THR D 3273 -69.51 -104.64 71.30
CA THR D 3273 -69.41 -104.48 72.74
C THR D 3273 -68.81 -103.13 73.12
N LEU D 3274 -67.69 -102.77 72.49
CA LEU D 3274 -67.05 -101.47 72.78
C LEU D 3274 -67.96 -100.27 72.50
N PRO D 3275 -68.74 -100.18 71.38
CA PRO D 3275 -69.69 -99.06 71.26
C PRO D 3275 -70.70 -98.98 72.40
N MET D 3276 -71.18 -100.11 72.95
CA MET D 3276 -72.04 -100.08 74.14
C MET D 3276 -71.39 -99.31 75.28
N LEU D 3277 -70.14 -99.64 75.60
CA LEU D 3277 -69.42 -98.96 76.67
C LEU D 3277 -69.20 -97.49 76.36
N CYS D 3278 -68.80 -97.17 75.13
CA CYS D 3278 -68.58 -95.78 74.71
C CYS D 3278 -69.87 -94.97 74.68
N SER D 3279 -70.98 -95.61 74.35
CA SER D 3279 -72.27 -94.97 74.17
C SER D 3279 -73.17 -95.15 75.39
N TYR D 3280 -72.67 -95.74 76.45
CA TYR D 3280 -73.41 -95.87 77.70
C TYR D 3280 -72.72 -95.18 78.88
N LEU D 3281 -71.41 -95.41 79.07
CA LEU D 3281 -70.72 -94.89 80.26
C LEU D 3281 -70.79 -93.37 80.41
N PRO D 3282 -70.42 -92.53 79.41
CA PRO D 3282 -70.59 -91.08 79.61
C PRO D 3282 -72.04 -90.65 79.78
N ARG D 3283 -72.97 -91.33 79.10
CA ARG D 3283 -74.38 -90.95 79.11
C ARG D 3283 -74.97 -91.10 80.51
N TRP D 3284 -74.61 -92.17 81.21
CA TRP D 3284 -75.20 -92.47 82.50
C TRP D 3284 -74.25 -92.16 83.66
N TRP D 3285 -73.01 -91.75 83.36
CA TRP D 3285 -72.08 -91.34 84.41
C TRP D 3285 -72.60 -90.14 85.17
N GLU D 3286 -73.16 -89.16 84.45
CA GLU D 3286 -73.64 -87.93 85.04
C GLU D 3286 -75.02 -88.06 85.68
N ARG D 3287 -75.66 -89.23 85.60
CA ARG D 3287 -76.93 -89.47 86.26
C ARG D 3287 -76.81 -90.41 87.46
N GLY D 3288 -75.59 -90.71 87.91
CA GLY D 3288 -75.42 -91.64 89.01
C GLY D 3288 -74.24 -91.29 89.91
N PRO D 3289 -73.38 -92.27 90.17
CA PRO D 3289 -72.24 -92.04 91.06
C PRO D 3289 -71.23 -91.11 90.42
N GLU D 3290 -70.48 -90.40 91.29
CA GLU D 3290 -69.42 -89.44 90.98
C GLU D 3290 -69.91 -88.20 90.22
N ALA D 3291 -71.21 -88.12 89.91
CA ALA D 3291 -71.77 -87.04 89.14
C ALA D 3291 -71.80 -85.76 89.97
N PRO D 3292 -71.83 -84.60 89.31
CA PRO D 3292 -72.16 -83.33 89.99
C PRO D 3292 -73.65 -83.09 90.01
N PRO D 3293 -74.40 -83.66 90.95
CA PRO D 3293 -75.87 -83.65 90.83
C PRO D 3293 -76.48 -82.32 91.21
N PRO D 3294 -77.27 -81.70 90.31
CA PRO D 3294 -78.12 -80.56 90.68
C PRO D 3294 -79.43 -80.99 91.33
N ALA D 3295 -79.33 -81.84 92.35
CA ALA D 3295 -80.50 -82.55 92.87
C ALA D 3295 -80.77 -82.22 94.33
N LEU D 3296 -80.75 -80.93 94.68
CA LEU D 3296 -81.13 -80.56 96.04
C LEU D 3296 -82.63 -80.70 96.35
N PRO D 3297 -83.62 -80.41 95.43
CA PRO D 3297 -85.01 -80.69 95.82
C PRO D 3297 -85.38 -82.14 95.65
N ALA D 3298 -84.82 -82.79 94.62
CA ALA D 3298 -85.19 -84.14 94.24
C ALA D 3298 -84.04 -85.12 94.42
N GLY D 3299 -83.37 -85.04 95.58
CA GLY D 3299 -82.36 -86.01 95.95
C GLY D 3299 -82.89 -87.36 96.41
N ALA D 3300 -84.21 -87.45 96.63
CA ALA D 3300 -84.81 -88.71 97.06
C ALA D 3300 -84.66 -89.88 96.09
N PRO D 3301 -84.86 -89.76 94.76
CA PRO D 3301 -84.66 -90.94 93.87
C PRO D 3301 -83.24 -91.48 93.94
N PRO D 3302 -83.09 -92.79 94.14
CA PRO D 3302 -81.75 -93.39 94.21
C PRO D 3302 -81.15 -93.52 92.83
N PRO D 3303 -79.83 -93.70 92.71
CA PRO D 3303 -79.22 -93.84 91.38
C PRO D 3303 -79.61 -95.14 90.69
N CYS D 3304 -80.34 -95.02 89.57
CA CYS D 3304 -80.69 -96.14 88.72
C CYS D 3304 -79.51 -96.71 87.96
N THR D 3305 -78.36 -96.04 87.96
CA THR D 3305 -77.17 -96.49 87.28
C THR D 3305 -75.97 -96.36 88.21
N ALA D 3306 -74.94 -97.15 87.93
CA ALA D 3306 -73.76 -97.23 88.78
C ALA D 3306 -72.50 -97.20 87.92
N VAL D 3307 -72.42 -96.23 87.02
CA VAL D 3307 -71.24 -96.05 86.17
C VAL D 3307 -70.35 -94.98 86.78
N THR D 3308 -69.10 -95.32 87.03
CA THR D 3308 -68.09 -94.40 87.54
C THR D 3308 -66.97 -94.17 86.54
N SER D 3309 -66.23 -93.09 86.78
CA SER D 3309 -65.12 -92.75 85.91
C SER D 3309 -64.02 -93.81 85.98
N ASP D 3310 -63.97 -94.57 87.08
CA ASP D 3310 -63.06 -95.71 87.15
C ASP D 3310 -63.47 -96.78 86.13
N HIS D 3311 -64.78 -96.96 85.94
CA HIS D 3311 -65.26 -97.85 84.89
C HIS D 3311 -64.81 -97.35 83.52
N LEU D 3312 -64.90 -96.03 83.29
CA LEU D 3312 -64.38 -95.54 82.01
C LEU D 3312 -62.85 -95.62 81.89
N ASN D 3313 -62.17 -95.63 83.04
CA ASN D 3313 -60.71 -95.53 83.10
C ASN D 3313 -60.07 -96.75 82.47
N SER D 3314 -60.47 -97.93 82.95
CA SER D 3314 -59.91 -99.16 82.45
C SER D 3314 -60.29 -99.35 81.00
N LEU D 3315 -61.54 -98.99 80.64
CA LEU D 3315 -62.04 -99.08 79.27
C LEU D 3315 -61.13 -98.35 78.28
N LEU D 3316 -60.76 -97.12 78.64
CA LEU D 3316 -59.79 -96.35 77.84
C LEU D 3316 -58.44 -97.03 77.75
N GLY D 3317 -57.94 -97.54 78.88
CA GLY D 3317 -56.72 -98.33 78.85
C GLY D 3317 -56.81 -99.60 78.01
N ASN D 3318 -57.97 -100.27 78.05
CA ASN D 3318 -58.19 -101.47 77.25
C ASN D 3318 -58.19 -101.15 75.76
N ILE D 3319 -58.93 -100.11 75.36
CA ILE D 3319 -59.04 -99.73 73.96
C ILE D 3319 -57.67 -99.38 73.40
N LEU D 3320 -56.89 -98.62 74.20
CA LEU D 3320 -55.54 -98.25 73.79
C LEU D 3320 -54.69 -99.51 73.61
N ARG D 3321 -54.79 -100.45 74.57
CA ARG D 3321 -53.96 -101.65 74.50
C ARG D 3321 -54.35 -102.50 73.28
N ILE D 3322 -55.65 -102.52 72.94
CA ILE D 3322 -56.12 -103.26 71.78
C ILE D 3322 -55.48 -102.72 70.51
N ILE D 3323 -55.51 -101.40 70.34
CA ILE D 3323 -54.98 -100.80 69.11
C ILE D 3323 -53.47 -100.99 69.03
N VAL D 3324 -52.75 -100.72 70.13
CA VAL D 3324 -51.29 -100.88 70.09
C VAL D 3324 -50.88 -102.35 69.96
N ASN D 3325 -51.70 -103.29 70.42
CA ASN D 3325 -51.41 -104.69 70.12
C ASN D 3325 -51.65 -104.99 68.64
N ASN D 3326 -52.66 -104.36 68.04
CA ASN D 3326 -52.88 -104.48 66.60
C ASN D 3326 -52.07 -103.47 65.79
N LEU D 3327 -50.98 -102.95 66.35
CA LEU D 3327 -50.17 -101.95 65.66
C LEU D 3327 -49.53 -102.52 64.40
N GLY D 3328 -48.96 -103.73 64.49
CA GLY D 3328 -48.17 -104.30 63.41
C GLY D 3328 -48.93 -104.86 62.23
N ILE D 3329 -50.25 -105.01 62.34
CA ILE D 3329 -51.02 -105.60 61.23
C ILE D 3329 -51.14 -104.61 60.08
N ASP D 3330 -51.36 -105.15 58.88
CA ASP D 3330 -51.28 -104.36 57.66
C ASP D 3330 -52.59 -103.67 57.27
N GLU D 3331 -53.64 -104.44 57.03
CA GLU D 3331 -54.91 -103.90 56.57
C GLU D 3331 -55.90 -103.98 57.74
N ALA D 3332 -56.44 -102.83 58.12
CA ALA D 3332 -57.39 -102.75 59.23
C ALA D 3332 -58.15 -101.44 59.14
N THR D 3333 -59.45 -101.49 58.87
CA THR D 3333 -60.24 -100.27 58.78
C THR D 3333 -61.15 -100.05 59.97
N TRP D 3334 -60.91 -100.71 61.10
CA TRP D 3334 -61.82 -100.67 62.23
C TRP D 3334 -61.42 -99.66 63.30
N MET D 3335 -60.11 -99.41 63.47
CA MET D 3335 -59.69 -98.49 64.51
C MET D 3335 -60.05 -97.05 64.20
N LYS D 3336 -60.25 -96.67 62.93
CA LYS D 3336 -60.69 -95.31 62.64
C LYS D 3336 -62.05 -95.03 63.28
N ARG D 3337 -62.99 -95.97 63.12
CA ARG D 3337 -64.28 -95.87 63.78
C ARG D 3337 -64.17 -96.03 65.29
N LEU D 3338 -63.23 -96.88 65.75
CA LEU D 3338 -62.97 -96.98 67.18
C LEU D 3338 -62.46 -95.64 67.73
N ALA D 3339 -61.56 -94.98 67.00
CA ALA D 3339 -61.01 -93.70 67.44
C ALA D 3339 -62.08 -92.63 67.47
N VAL D 3340 -62.92 -92.56 66.43
CA VAL D 3340 -63.96 -91.52 66.38
C VAL D 3340 -65.03 -91.77 67.45
N PHE D 3341 -65.16 -93.00 67.95
CA PHE D 3341 -66.16 -93.24 68.99
C PHE D 3341 -65.56 -93.25 70.39
N ALA D 3342 -64.25 -93.51 70.52
CA ALA D 3342 -63.55 -93.37 71.78
C ALA D 3342 -63.11 -91.94 72.06
N GLN D 3343 -63.11 -91.07 71.05
CA GLN D 3343 -62.82 -89.66 71.28
C GLN D 3343 -63.81 -88.98 72.24
N PRO D 3344 -65.15 -89.15 72.14
CA PRO D 3344 -66.03 -88.48 73.13
C PRO D 3344 -65.81 -88.93 74.57
N ILE D 3345 -65.41 -90.18 74.81
CA ILE D 3345 -65.35 -90.68 76.18
C ILE D 3345 -64.05 -90.30 76.88
N VAL D 3346 -62.98 -90.00 76.13
CA VAL D 3346 -61.66 -89.75 76.71
C VAL D 3346 -61.56 -88.35 77.30
N SER D 3347 -62.61 -87.54 77.16
CA SER D 3347 -62.64 -86.20 77.77
C SER D 3347 -62.56 -86.24 79.29
N ARG D 3348 -63.00 -87.33 79.91
CA ARG D 3348 -63.00 -87.43 81.36
C ARG D 3348 -61.79 -88.23 81.89
N ALA D 3349 -60.80 -88.49 81.03
CA ALA D 3349 -59.66 -89.33 81.37
C ALA D 3349 -58.78 -88.70 82.44
N ARG D 3350 -58.12 -89.56 83.22
CA ARG D 3350 -57.29 -89.19 84.36
C ARG D 3350 -55.84 -88.95 83.92
N PRO D 3351 -55.09 -88.14 84.69
CA PRO D 3351 -53.67 -87.91 84.36
C PRO D 3351 -52.80 -89.16 84.36
N GLU D 3352 -53.14 -90.16 85.19
CA GLU D 3352 -52.32 -91.36 85.33
C GLU D 3352 -52.21 -92.15 84.03
N LEU D 3353 -53.21 -92.04 83.14
CA LEU D 3353 -53.18 -92.75 81.87
C LEU D 3353 -52.01 -92.34 81.00
N LEU D 3354 -51.53 -91.10 81.19
CA LEU D 3354 -50.38 -90.59 80.45
C LEU D 3354 -49.15 -91.42 80.73
N HIS D 3355 -48.83 -91.59 82.01
CA HIS D 3355 -47.59 -92.27 82.38
C HIS D 3355 -47.75 -93.76 82.20
N SER D 3356 -48.95 -94.28 82.45
CA SER D 3356 -49.16 -95.72 82.38
C SER D 3356 -49.07 -96.21 80.93
N HIS D 3357 -49.78 -95.54 80.02
CA HIS D 3357 -49.91 -96.06 78.67
C HIS D 3357 -49.41 -95.13 77.57
N PHE D 3358 -49.68 -93.82 77.66
CA PHE D 3358 -49.43 -92.90 76.55
C PHE D 3358 -47.95 -92.79 76.17
N ILE D 3359 -47.07 -92.53 77.15
CA ILE D 3359 -45.64 -92.39 76.86
C ILE D 3359 -44.99 -93.63 76.26
N PRO D 3360 -45.25 -94.88 76.74
CA PRO D 3360 -44.69 -96.05 76.01
C PRO D 3360 -45.11 -96.14 74.56
N THR D 3361 -46.36 -95.78 74.25
CA THR D 3361 -46.87 -95.91 72.88
C THR D 3361 -46.17 -94.93 71.96
N ILE D 3362 -46.01 -93.68 72.41
CA ILE D 3362 -45.36 -92.68 71.59
C ILE D 3362 -43.90 -93.07 71.37
N GLY D 3363 -43.23 -93.56 72.43
CA GLY D 3363 -41.87 -94.07 72.27
C GLY D 3363 -41.75 -95.19 71.26
N ARG D 3364 -42.72 -96.12 71.26
CA ARG D 3364 -42.82 -97.16 70.23
C ARG D 3364 -43.00 -96.57 68.84
N LEU D 3365 -43.85 -95.55 68.72
CA LEU D 3365 -44.08 -94.93 67.41
C LEU D 3365 -42.84 -94.18 66.97
N ARG D 3366 -42.08 -93.64 67.93
CA ARG D 3366 -40.85 -92.91 67.63
C ARG D 3366 -39.82 -93.86 67.05
N LYS D 3367 -39.57 -94.99 67.74
CA LYS D 3367 -38.53 -95.91 67.28
C LYS D 3367 -38.91 -96.53 65.94
N ARG D 3368 -40.21 -96.83 65.75
CA ARG D 3368 -40.70 -97.32 64.46
C ARG D 3368 -40.46 -96.30 63.35
N ALA D 3369 -40.89 -95.05 63.56
CA ALA D 3369 -40.78 -94.01 62.55
C ALA D 3369 -39.32 -93.71 62.22
N GLY D 3370 -38.47 -93.65 63.25
CA GLY D 3370 -37.05 -93.41 63.04
C GLY D 3370 -36.37 -94.52 62.26
N LYS D 3371 -36.72 -95.79 62.53
CA LYS D 3371 -36.12 -96.88 61.77
C LYS D 3371 -36.64 -96.90 60.34
N VAL D 3372 -37.92 -96.59 60.14
CA VAL D 3372 -38.51 -96.56 58.81
C VAL D 3372 -37.85 -95.48 57.95
N VAL D 3373 -37.69 -94.28 58.52
CA VAL D 3373 -37.01 -93.23 57.77
C VAL D 3373 -35.50 -93.51 57.67
N ALA D 3374 -34.93 -94.30 58.58
CA ALA D 3374 -33.55 -94.75 58.42
C ALA D 3374 -33.38 -95.61 57.17
N GLU D 3375 -34.34 -96.51 56.93
CA GLU D 3375 -34.37 -97.23 55.65
C GLU D 3375 -34.62 -96.29 54.47
N GLU D 3376 -35.53 -95.33 54.64
CA GLU D 3376 -35.82 -94.38 53.57
C GLU D 3376 -34.60 -93.54 53.20
N GLU D 3377 -33.86 -93.06 54.21
CA GLU D 3377 -32.63 -92.32 53.90
C GLU D 3377 -31.54 -93.24 53.38
N GLN D 3378 -31.59 -94.53 53.74
CA GLN D 3378 -30.66 -95.51 53.19
C GLN D 3378 -30.84 -95.63 51.69
N LEU D 3379 -32.10 -95.62 51.24
CA LEU D 3379 -32.34 -95.76 49.81
C LEU D 3379 -32.18 -94.42 49.07
N ARG D 3380 -32.41 -93.28 49.76
CA ARG D 3380 -32.28 -92.03 49.02
C ARG D 3380 -30.82 -91.65 48.85
N LEU D 3381 -29.94 -92.02 49.82
CA LEU D 3381 -28.53 -91.67 49.67
C LEU D 3381 -27.95 -92.40 48.47
N GLU D 3382 -28.35 -93.66 48.25
CA GLU D 3382 -28.05 -94.37 47.02
C GLU D 3382 -29.40 -94.71 46.37
N ALA D 3383 -29.91 -93.75 45.60
CA ALA D 3383 -31.22 -93.83 44.97
C ALA D 3383 -31.05 -94.32 43.52
N LYS D 3384 -30.70 -95.59 43.40
CA LYS D 3384 -30.58 -96.23 42.09
C LYS D 3384 -31.96 -96.62 41.58
N ALA D 3385 -32.01 -97.37 40.47
CA ALA D 3385 -33.28 -97.97 40.07
C ALA D 3385 -33.75 -99.02 41.08
N GLU D 3386 -32.81 -99.58 41.87
CA GLU D 3386 -33.12 -100.52 42.93
C GLU D 3386 -33.89 -99.87 44.07
N ALA D 3387 -33.86 -98.53 44.16
CA ALA D 3387 -34.57 -97.81 45.22
C ALA D 3387 -36.07 -98.03 45.14
N GLU D 3388 -36.65 -98.01 43.92
CA GLU D 3388 -38.08 -98.27 43.76
C GLU D 3388 -38.45 -99.65 44.27
N GLU D 3389 -37.61 -100.65 44.00
CA GLU D 3389 -37.76 -102.00 44.54
C GLU D 3389 -37.35 -101.97 46.01
N GLY D 3390 -38.27 -101.50 46.86
CA GLY D 3390 -37.96 -101.29 48.25
C GLY D 3390 -38.57 -99.99 48.73
N GLU D 3391 -38.82 -99.07 47.80
CA GLU D 3391 -39.58 -97.87 48.14
C GLU D 3391 -41.02 -98.22 48.51
N LEU D 3392 -41.59 -99.25 47.88
CA LEU D 3392 -42.94 -99.67 48.25
C LEU D 3392 -43.00 -100.19 49.68
N LEU D 3393 -41.86 -100.66 50.22
CA LEU D 3393 -41.81 -101.10 51.61
C LEU D 3393 -42.00 -99.92 52.56
N VAL D 3394 -41.23 -98.84 52.36
CA VAL D 3394 -41.43 -97.66 53.19
C VAL D 3394 -42.75 -96.96 52.88
N ARG D 3395 -43.30 -97.12 51.67
CA ARG D 3395 -44.67 -96.68 51.40
C ARG D 3395 -45.70 -97.42 52.26
N ASP D 3396 -45.53 -98.74 52.41
CA ASP D 3396 -46.38 -99.53 53.29
C ASP D 3396 -46.16 -99.15 54.75
N GLU D 3397 -44.90 -98.97 55.14
CA GLU D 3397 -44.56 -98.56 56.50
C GLU D 3397 -45.16 -97.20 56.83
N PHE D 3398 -45.09 -96.26 55.88
CA PHE D 3398 -45.72 -94.96 56.07
C PHE D 3398 -47.23 -95.09 56.16
N SER D 3399 -47.82 -95.99 55.35
CA SER D 3399 -49.27 -96.17 55.37
C SER D 3399 -49.76 -96.67 56.73
N VAL D 3400 -49.10 -97.70 57.27
CA VAL D 3400 -49.48 -98.21 58.59
C VAL D 3400 -49.15 -97.19 59.68
N LEU D 3401 -48.02 -96.47 59.54
CA LEU D 3401 -47.68 -95.40 60.48
C LEU D 3401 -48.73 -94.29 60.49
N CYS D 3402 -49.18 -93.86 59.30
CA CYS D 3402 -50.27 -92.90 59.18
C CYS D 3402 -51.55 -93.44 59.80
N ARG D 3403 -51.85 -94.72 59.59
CA ARG D 3403 -53.05 -95.31 60.16
C ARG D 3403 -53.03 -95.28 61.69
N ASP D 3404 -51.89 -95.66 62.27
CA ASP D 3404 -51.78 -95.68 63.72
C ASP D 3404 -51.77 -94.27 64.29
N LEU D 3405 -51.09 -93.33 63.62
CA LEU D 3405 -51.10 -91.94 64.10
C LEU D 3405 -52.51 -91.36 63.99
N TYR D 3406 -53.21 -91.64 62.89
CA TYR D 3406 -54.53 -91.09 62.64
C TYR D 3406 -55.59 -91.73 63.52
N ALA D 3407 -55.24 -92.80 64.23
CA ALA D 3407 -56.13 -93.37 65.23
C ALA D 3407 -55.75 -92.96 66.64
N LEU D 3408 -54.44 -92.80 66.89
CA LEU D 3408 -53.97 -92.39 68.20
C LEU D 3408 -54.32 -90.94 68.48
N TYR D 3409 -54.26 -90.08 67.45
CA TYR D 3409 -54.39 -88.64 67.67
C TYR D 3409 -55.73 -88.15 68.21
N PRO D 3410 -56.93 -88.53 67.67
CA PRO D 3410 -58.18 -87.96 68.22
C PRO D 3410 -58.40 -88.17 69.72
N LEU D 3411 -58.00 -89.33 70.23
CA LEU D 3411 -58.04 -89.59 71.66
C LEU D 3411 -56.92 -88.89 72.42
N LEU D 3412 -55.75 -88.74 71.81
CA LEU D 3412 -54.65 -88.02 72.44
C LEU D 3412 -54.96 -86.53 72.59
N ILE D 3413 -55.57 -85.92 71.57
CA ILE D 3413 -55.84 -84.47 71.57
C ILE D 3413 -56.78 -84.09 72.70
N ARG D 3414 -57.87 -84.85 72.87
CA ARG D 3414 -58.78 -84.63 73.99
C ARG D 3414 -58.07 -84.87 75.32
N TYR D 3415 -57.21 -85.90 75.36
CA TYR D 3415 -56.43 -86.19 76.56
C TYR D 3415 -55.51 -85.04 76.92
N VAL D 3416 -54.86 -84.46 75.91
CA VAL D 3416 -54.00 -83.30 76.13
C VAL D 3416 -54.83 -82.08 76.51
N ASP D 3417 -55.95 -81.84 75.80
CA ASP D 3417 -56.70 -80.59 75.92
C ASP D 3417 -57.24 -80.35 77.32
N ASN D 3418 -57.80 -81.37 77.97
CA ASN D 3418 -58.28 -81.21 79.33
C ASN D 3418 -57.14 -80.98 80.30
N ASN D 3419 -55.99 -81.60 80.07
CA ASN D 3419 -54.80 -81.45 80.88
C ASN D 3419 -53.92 -80.26 80.50
N ARG D 3420 -54.32 -79.48 79.48
CA ARG D 3420 -53.52 -78.33 79.03
C ARG D 3420 -53.33 -77.32 80.15
N ALA D 3421 -54.44 -76.92 80.78
CA ALA D 3421 -54.39 -76.00 81.92
C ALA D 3421 -53.60 -76.59 83.07
N HIS D 3422 -53.62 -77.92 83.20
CA HIS D 3422 -52.88 -78.58 84.28
CA HIS D 3422 -52.88 -78.59 84.28
C HIS D 3422 -51.38 -78.48 84.05
N TRP D 3423 -50.94 -78.81 82.83
CA TRP D 3423 -49.51 -78.86 82.53
C TRP D 3423 -48.91 -77.47 82.49
N LEU D 3424 -49.71 -76.45 82.14
CA LEU D 3424 -49.18 -75.10 82.30
C LEU D 3424 -49.21 -74.64 83.76
N THR D 3425 -50.21 -75.09 84.55
CA THR D 3425 -50.31 -74.71 85.95
C THR D 3425 -49.11 -75.22 86.74
N GLU D 3426 -48.69 -76.45 86.49
CA GLU D 3426 -47.47 -76.94 87.11
C GLU D 3426 -46.70 -77.69 86.04
N PRO D 3427 -45.39 -77.46 85.93
CA PRO D 3427 -44.58 -78.19 84.94
C PRO D 3427 -44.61 -79.70 85.17
N ASN D 3428 -44.69 -80.43 84.07
CA ASN D 3428 -44.83 -81.88 84.11
C ASN D 3428 -43.74 -82.46 83.22
N ALA D 3429 -42.82 -83.22 83.82
CA ALA D 3429 -41.77 -83.88 83.05
C ALA D 3429 -42.35 -84.88 82.05
N ASN D 3430 -43.46 -85.53 82.40
CA ASN D 3430 -44.18 -86.40 81.47
C ASN D 3430 -44.67 -85.63 80.24
N ALA D 3431 -45.19 -84.43 80.45
CA ALA D 3431 -45.52 -83.54 79.34
C ALA D 3431 -44.28 -83.12 78.56
N GLU D 3432 -43.19 -82.81 79.26
CA GLU D 3432 -41.96 -82.38 78.59
C GLU D 3432 -41.42 -83.47 77.66
N GLU D 3433 -41.38 -84.71 78.14
CA GLU D 3433 -40.92 -85.81 77.30
C GLU D 3433 -41.93 -86.12 76.19
N LEU D 3434 -43.23 -85.95 76.46
CA LEU D 3434 -44.24 -86.07 75.40
C LEU D 3434 -43.93 -85.08 74.28
N PHE D 3435 -43.67 -83.82 74.65
CA PHE D 3435 -43.41 -82.78 73.67
C PHE D 3435 -42.14 -83.08 72.89
N ARG D 3436 -41.15 -83.70 73.56
CA ARG D 3436 -39.94 -84.12 72.86
C ARG D 3436 -40.26 -85.17 71.82
N MET D 3437 -41.06 -86.18 72.18
CA MET D 3437 -41.33 -87.30 71.28
C MET D 3437 -42.15 -86.83 70.10
N VAL D 3438 -43.24 -86.08 70.35
CA VAL D 3438 -44.13 -85.65 69.28
C VAL D 3438 -43.40 -84.65 68.38
N GLY D 3439 -42.55 -83.80 68.98
CA GLY D 3439 -41.82 -82.82 68.20
C GLY D 3439 -40.83 -83.49 67.27
N GLU D 3440 -40.09 -84.49 67.77
CA GLU D 3440 -39.17 -85.24 66.91
C GLU D 3440 -39.92 -85.98 65.82
N ILE D 3441 -41.10 -86.52 66.13
CA ILE D 3441 -41.96 -87.16 65.13
C ILE D 3441 -42.29 -86.18 63.99
N PHE D 3442 -42.69 -84.97 64.36
CA PHE D 3442 -42.92 -83.91 63.38
C PHE D 3442 -41.64 -83.53 62.64
N ILE D 3443 -40.49 -83.52 63.34
CA ILE D 3443 -39.20 -83.25 62.71
C ILE D 3443 -38.88 -84.25 61.60
N TYR D 3444 -39.02 -85.54 61.89
CA TYR D 3444 -38.86 -86.56 60.85
C TYR D 3444 -39.94 -86.45 59.77
N TRP D 3445 -41.15 -86.04 60.13
CA TRP D 3445 -42.19 -85.78 59.13
C TRP D 3445 -41.76 -84.68 58.18
N SER D 3446 -41.17 -83.60 58.69
CA SER D 3446 -40.57 -82.58 57.83
C SER D 3446 -39.39 -83.10 57.04
N LYS D 3447 -38.64 -84.05 57.61
CA LYS D 3447 -37.44 -84.56 56.94
C LYS D 3447 -37.81 -85.49 55.79
N SER D 3448 -38.91 -86.21 55.90
CA SER D 3448 -39.32 -87.20 54.91
C SER D 3448 -40.46 -86.63 54.08
N HIS D 3449 -40.18 -86.41 52.79
CA HIS D 3449 -41.19 -85.95 51.86
C HIS D 3449 -42.15 -87.06 51.45
N ASN D 3450 -41.67 -88.30 51.39
CA ASN D 3450 -42.53 -89.43 51.10
C ASN D 3450 -43.58 -89.62 52.19
N PHE D 3451 -43.17 -89.51 53.46
CA PHE D 3451 -44.13 -89.56 54.57
C PHE D 3451 -45.14 -88.44 54.48
N LYS D 3452 -44.73 -87.27 53.97
CA LYS D 3452 -45.67 -86.16 53.75
C LYS D 3452 -46.68 -86.54 52.69
N ARG D 3453 -46.23 -87.04 51.54
CA ARG D 3453 -47.14 -87.20 50.41
C ARG D 3453 -48.09 -88.36 50.65
N GLU D 3454 -47.60 -89.48 51.21
CA GLU D 3454 -48.53 -90.54 51.58
C GLU D 3454 -49.39 -90.18 52.77
N GLU D 3455 -49.05 -89.14 53.54
CA GLU D 3455 -49.95 -88.70 54.61
C GLU D 3455 -51.26 -88.18 54.02
N GLN D 3456 -51.18 -87.27 53.04
CA GLN D 3456 -52.43 -86.85 52.41
C GLN D 3456 -53.02 -87.93 51.50
N ASN D 3457 -52.18 -88.81 50.94
CA ASN D 3457 -52.73 -89.92 50.17
C ASN D 3457 -53.59 -90.83 51.03
N PHE D 3458 -53.14 -91.12 52.25
CA PHE D 3458 -53.96 -91.83 53.23
C PHE D 3458 -55.20 -91.02 53.59
N VAL D 3459 -55.05 -89.69 53.67
CA VAL D 3459 -56.17 -88.82 54.03
C VAL D 3459 -57.27 -88.90 52.98
N VAL D 3460 -56.89 -88.72 51.71
CA VAL D 3460 -57.90 -88.69 50.64
C VAL D 3460 -58.50 -90.08 50.41
N GLN D 3461 -57.68 -91.14 50.51
CA GLN D 3461 -58.18 -92.50 50.34
C GLN D 3461 -59.15 -92.91 51.46
N ASN D 3462 -58.88 -92.49 52.70
CA ASN D 3462 -59.77 -92.79 53.81
C ASN D 3462 -60.80 -91.69 54.07
N GLU D 3463 -60.80 -90.63 53.25
CA GLU D 3463 -61.77 -89.53 53.30
C GLU D 3463 -61.83 -88.88 54.69
N ILE D 3464 -60.64 -88.57 55.21
CA ILE D 3464 -60.50 -87.99 56.54
C ILE D 3464 -61.04 -86.55 56.52
N ASN D 3465 -62.10 -86.33 57.30
CA ASN D 3465 -62.74 -85.02 57.37
C ASN D 3465 -61.95 -84.01 58.20
N ASN D 3466 -61.20 -84.49 59.19
CA ASN D 3466 -60.29 -83.72 60.06
C ASN D 3466 -61.00 -82.67 60.93
N MET D 3467 -62.32 -82.61 60.91
CA MET D 3467 -63.08 -81.61 61.66
C MET D 3467 -63.62 -82.14 62.98
N SER D 3468 -64.20 -83.35 62.97
CA SER D 3468 -64.61 -84.01 64.20
C SER D 3468 -63.42 -84.45 65.04
N PHE D 3469 -62.26 -84.67 64.41
CA PHE D 3469 -61.04 -84.98 65.16
C PHE D 3469 -60.65 -83.84 66.09
N LEU D 3470 -60.74 -82.60 65.61
CA LEU D 3470 -60.21 -81.45 66.32
C LEU D 3470 -61.26 -80.65 67.08
N THR D 3471 -62.48 -80.58 66.57
CA THR D 3471 -63.52 -79.71 67.12
C THR D 3471 -64.46 -80.45 68.06
N ALA D 3472 -64.11 -81.68 68.47
CA ALA D 3472 -65.00 -82.51 69.28
C ALA D 3472 -65.36 -81.85 70.60
N ASP D 3473 -64.37 -81.26 71.28
CA ASP D 3473 -64.65 -80.54 72.52
C ASP D 3473 -65.55 -79.33 72.25
N SER D 3474 -65.29 -78.62 71.16
CA SER D 3474 -66.15 -77.50 70.77
C SER D 3474 -67.56 -77.96 70.48
N LYS D 3475 -67.71 -79.09 69.78
CA LYS D 3475 -69.04 -79.64 69.51
C LYS D 3475 -69.74 -80.04 70.80
N SER D 3476 -68.99 -80.63 71.74
CA SER D 3476 -69.57 -81.13 72.98
C SER D 3476 -69.96 -80.02 73.93
N LYS D 3477 -69.33 -78.85 73.84
CA LYS D 3477 -69.62 -77.74 74.74
C LYS D 3477 -70.55 -76.70 74.13
N MET D 3478 -71.45 -77.14 73.24
CA MET D 3478 -72.52 -76.33 72.62
C MET D 3478 -71.92 -75.13 71.88
N ALA D 3479 -71.23 -75.48 70.79
CA ALA D 3479 -70.57 -74.51 69.90
C ALA D 3479 -71.51 -73.41 69.39
N ARG D 3498 -65.64 -78.35 51.32
CA ARG D 3498 -65.18 -77.24 50.49
C ARG D 3498 -63.68 -77.37 50.22
N ARG D 3499 -62.90 -76.48 50.83
CA ARG D 3499 -61.45 -76.50 50.62
C ARG D 3499 -60.79 -77.63 51.40
N GLY D 3500 -61.02 -77.68 52.71
CA GLY D 3500 -60.38 -78.66 53.55
C GLY D 3500 -61.10 -79.98 53.65
N ASP D 3501 -62.16 -80.18 52.85
CA ASP D 3501 -62.88 -81.45 52.82
C ASP D 3501 -61.95 -82.58 52.38
N ARG D 3502 -61.16 -82.35 51.34
CA ARG D 3502 -60.26 -83.38 50.85
C ARG D 3502 -58.96 -83.41 51.66
N TYR D 3503 -58.20 -82.32 51.61
CA TYR D 3503 -56.98 -82.21 52.40
C TYR D 3503 -56.57 -80.73 52.46
N SER D 3504 -55.90 -80.37 53.55
CA SER D 3504 -55.29 -79.05 53.74
C SER D 3504 -54.21 -79.21 54.78
N VAL D 3505 -53.00 -78.71 54.48
CA VAL D 3505 -51.84 -78.86 55.36
C VAL D 3505 -52.08 -78.21 56.73
N GLN D 3506 -52.87 -77.14 56.77
CA GLN D 3506 -53.27 -76.52 58.04
C GLN D 3506 -54.07 -77.45 58.94
N THR D 3507 -54.70 -78.48 58.38
CA THR D 3507 -55.47 -79.46 59.14
C THR D 3507 -54.75 -80.78 59.33
N SER D 3508 -53.48 -80.87 58.94
CA SER D 3508 -52.68 -82.07 59.18
C SER D 3508 -52.60 -82.33 60.68
N LEU D 3509 -52.92 -83.55 61.09
CA LEU D 3509 -53.00 -83.85 62.52
C LEU D 3509 -51.64 -83.83 63.21
N ILE D 3510 -50.55 -84.20 62.54
CA ILE D 3510 -49.24 -84.19 63.18
C ILE D 3510 -48.82 -82.77 63.58
N VAL D 3511 -48.99 -81.83 62.65
CA VAL D 3511 -48.72 -80.43 62.94
C VAL D 3511 -49.76 -79.87 63.89
N ALA D 3512 -51.04 -80.27 63.77
CA ALA D 3512 -52.07 -79.75 64.66
C ALA D 3512 -51.80 -80.18 66.10
N THR D 3513 -51.48 -81.46 66.28
CA THR D 3513 -51.18 -82.01 67.61
C THR D 3513 -50.01 -81.27 68.23
N LEU D 3514 -49.00 -80.95 67.39
CA LEU D 3514 -47.88 -80.14 67.85
C LEU D 3514 -48.34 -78.73 68.23
N LYS D 3515 -49.21 -78.10 67.42
CA LYS D 3515 -49.62 -76.72 67.69
C LYS D 3515 -50.39 -76.61 68.99
N LYS D 3516 -51.35 -77.52 69.20
CA LYS D 3516 -52.14 -77.52 70.43
C LYS D 3516 -51.28 -77.82 71.64
N MET D 3517 -50.31 -78.73 71.51
CA MET D 3517 -49.49 -79.03 72.68
C MET D 3517 -48.35 -78.01 72.89
N LEU D 3518 -48.05 -77.19 71.87
CA LEU D 3518 -46.88 -76.32 71.80
C LEU D 3518 -46.62 -75.40 73.01
N PRO D 3519 -47.59 -74.63 73.55
CA PRO D 3519 -47.25 -73.75 74.69
C PRO D 3519 -46.72 -74.49 75.91
N ILE D 3520 -47.20 -75.72 76.15
CA ILE D 3520 -46.61 -76.56 77.19
C ILE D 3520 -45.15 -76.84 76.84
N GLY D 3521 -44.87 -77.12 75.57
CA GLY D 3521 -43.49 -77.30 75.15
C GLY D 3521 -42.66 -76.04 75.21
N LEU D 3522 -43.30 -74.87 75.30
CA LEU D 3522 -42.61 -73.60 75.50
C LEU D 3522 -42.57 -73.19 76.97
N ASN D 3523 -43.19 -73.98 77.85
CA ASN D 3523 -43.37 -73.56 79.23
C ASN D 3523 -42.06 -73.59 80.00
N MET D 3524 -41.26 -74.65 79.85
CA MET D 3524 -40.11 -74.83 80.73
C MET D 3524 -38.99 -73.85 80.42
N CYS D 3525 -38.89 -73.39 79.16
CA CYS D 3525 -37.78 -72.56 78.75
C CYS D 3525 -37.83 -71.18 79.39
N ALA D 3526 -36.70 -70.74 79.94
CA ALA D 3526 -36.61 -69.44 80.58
C ALA D 3526 -36.65 -68.33 79.53
N PRO D 3527 -37.22 -67.17 79.87
CA PRO D 3527 -37.18 -66.02 78.94
C PRO D 3527 -35.77 -65.58 78.53
N THR D 3528 -34.78 -65.66 79.44
CA THR D 3528 -33.40 -65.36 79.04
C THR D 3528 -32.85 -66.30 77.98
N ASP D 3529 -33.41 -67.51 77.87
CA ASP D 3529 -33.03 -68.45 76.83
C ASP D 3529 -33.49 -68.03 75.44
N GLN D 3530 -34.34 -67.01 75.31
CA GLN D 3530 -34.88 -66.61 74.01
C GLN D 3530 -33.79 -66.23 73.02
N ASP D 3531 -32.80 -65.44 73.47
CA ASP D 3531 -31.66 -65.13 72.60
C ASP D 3531 -30.95 -66.39 72.14
N LEU D 3532 -30.78 -67.39 73.03
CA LEU D 3532 -30.25 -68.68 72.64
C LEU D 3532 -31.17 -69.37 71.63
N ILE D 3533 -32.47 -69.12 71.74
CA ILE D 3533 -33.45 -69.76 70.86
C ILE D 3533 -33.26 -69.23 69.45
N MET D 3534 -33.36 -67.89 69.29
CA MET D 3534 -33.21 -67.27 67.97
C MET D 3534 -31.83 -67.58 67.36
N LEU D 3535 -30.77 -67.59 68.17
CA LEU D 3535 -29.45 -67.99 67.65
C LEU D 3535 -29.45 -69.43 67.11
N ALA D 3536 -29.99 -70.37 67.90
CA ALA D 3536 -30.12 -71.74 67.42
C ALA D 3536 -31.05 -71.84 66.20
N LYS D 3537 -32.06 -70.97 66.13
CA LYS D 3537 -32.90 -70.87 64.94
C LYS D 3537 -32.08 -70.49 63.72
N THR D 3538 -31.20 -69.49 63.88
CA THR D 3538 -30.32 -69.10 62.78
C THR D 3538 -29.40 -70.23 62.35
N ARG D 3539 -28.83 -70.97 63.31
CA ARG D 3539 -28.03 -72.16 62.98
C ARG D 3539 -28.83 -73.24 62.25
N TYR D 3540 -30.06 -73.49 62.69
CA TYR D 3540 -30.96 -74.39 61.97
C TYR D 3540 -31.34 -73.85 60.59
N ALA D 3541 -31.42 -72.53 60.44
CA ALA D 3541 -31.66 -71.98 59.11
C ALA D 3541 -30.41 -72.12 58.26
N LEU D 3542 -29.23 -72.05 58.90
CA LEU D 3542 -27.95 -72.27 58.23
C LEU D 3542 -27.63 -73.75 58.05
N LYS D 3543 -28.64 -74.62 58.25
CA LYS D 3543 -28.56 -76.06 58.00
C LYS D 3543 -27.50 -76.77 58.84
N ASP D 3544 -27.68 -76.72 60.15
CA ASP D 3544 -26.78 -77.37 61.08
C ASP D 3544 -27.53 -78.46 61.82
N THR D 3545 -26.86 -79.57 62.08
CA THR D 3545 -27.46 -80.73 62.70
C THR D 3545 -27.61 -80.52 64.20
N ASP D 3546 -28.30 -81.48 64.83
CA ASP D 3546 -28.60 -81.37 66.26
C ASP D 3546 -27.35 -81.35 67.13
N GLU D 3547 -26.37 -82.21 66.83
CA GLU D 3547 -25.12 -82.19 67.60
C GLU D 3547 -24.34 -80.91 67.36
N GLU D 3548 -24.36 -80.42 66.12
CA GLU D 3548 -23.66 -79.18 65.80
C GLU D 3548 -24.27 -78.00 66.53
N VAL D 3549 -25.61 -77.87 66.52
CA VAL D 3549 -26.24 -76.77 67.25
C VAL D 3549 -26.03 -76.95 68.76
N ARG D 3550 -25.90 -78.20 69.24
CA ARG D 3550 -25.61 -78.45 70.65
C ARG D 3550 -24.27 -77.86 71.05
N GLU D 3551 -23.21 -78.19 70.30
CA GLU D 3551 -21.91 -77.59 70.58
C GLU D 3551 -21.86 -76.10 70.28
N PHE D 3552 -22.64 -75.62 69.29
CA PHE D 3552 -22.81 -74.18 69.09
C PHE D 3552 -23.35 -73.47 70.34
N LEU D 3553 -24.38 -74.06 70.97
CA LEU D 3553 -24.89 -73.56 72.24
C LEU D 3553 -23.82 -73.61 73.33
N GLN D 3554 -23.08 -74.72 73.41
CA GLN D 3554 -22.10 -74.88 74.48
C GLN D 3554 -20.96 -73.89 74.31
N ASN D 3555 -20.49 -73.67 73.08
CA ASN D 3555 -19.51 -72.61 72.87
C ASN D 3555 -20.12 -71.22 73.01
N ASN D 3556 -21.45 -71.11 72.97
CA ASN D 3556 -22.09 -69.81 73.09
C ASN D 3556 -22.98 -69.76 74.32
N LEU D 3557 -22.47 -70.27 75.44
CA LEU D 3557 -23.24 -70.27 76.69
C LEU D 3557 -23.46 -68.88 77.27
N HIS D 3558 -22.65 -67.89 76.89
CA HIS D 3558 -22.76 -66.53 77.37
C HIS D 3558 -23.53 -65.61 76.42
N LEU D 3559 -24.47 -66.17 75.67
CA LEU D 3559 -25.28 -65.41 74.72
C LEU D 3559 -26.75 -65.35 75.11
N GLN D 3560 -27.06 -65.63 76.37
CA GLN D 3560 -28.44 -65.65 76.84
C GLN D 3560 -29.00 -64.23 76.93
N GLY D 3561 -30.24 -64.14 77.41
CA GLY D 3561 -30.84 -62.86 77.69
C GLY D 3561 -30.39 -62.26 79.00
N LYS D 3562 -30.56 -60.94 79.10
CA LYS D 3562 -30.18 -60.17 80.28
C LYS D 3562 -31.44 -59.49 80.82
N VAL D 3563 -31.74 -59.73 82.10
CA VAL D 3563 -32.93 -59.15 82.72
C VAL D 3563 -32.82 -57.63 82.81
N GLU D 3564 -31.61 -57.11 83.06
CA GLU D 3564 -31.40 -55.67 83.15
C GLU D 3564 -31.58 -55.00 81.79
N GLY D 3565 -31.31 -55.72 80.70
CA GLY D 3565 -31.41 -55.18 79.36
C GLY D 3565 -32.82 -55.01 78.84
N SER D 3566 -33.82 -55.52 79.55
CA SER D 3566 -35.20 -55.40 79.11
C SER D 3566 -36.14 -55.35 80.32
N PRO D 3567 -36.88 -54.24 80.49
CA PRO D 3567 -37.81 -54.12 81.63
C PRO D 3567 -38.91 -55.17 81.65
N SER D 3568 -39.32 -55.67 80.48
CA SER D 3568 -40.34 -56.71 80.39
C SER D 3568 -39.90 -57.99 81.09
N LEU D 3569 -38.60 -58.34 80.95
CA LEU D 3569 -38.07 -59.54 81.60
C LEU D 3569 -38.15 -59.48 83.11
N ARG D 3570 -38.23 -58.28 83.71
CA ARG D 3570 -38.33 -58.16 85.16
C ARG D 3570 -39.60 -58.81 85.68
N TRP D 3571 -40.75 -58.47 85.07
CA TRP D 3571 -41.98 -59.11 85.50
C TRP D 3571 -42.08 -60.52 84.97
N GLN D 3572 -41.44 -60.78 83.81
CA GLN D 3572 -41.47 -62.14 83.27
C GLN D 3572 -40.80 -63.10 84.24
N MET D 3573 -39.58 -62.79 84.68
CA MET D 3573 -38.90 -63.63 85.65
C MET D 3573 -39.60 -63.70 86.99
N ALA D 3574 -40.24 -62.60 87.43
CA ALA D 3574 -41.05 -62.66 88.64
C ALA D 3574 -42.19 -63.68 88.56
N LEU D 3575 -42.90 -63.69 87.44
CA LEU D 3575 -43.92 -64.73 87.23
C LEU D 3575 -43.31 -66.09 86.87
N TYR D 3576 -42.15 -66.10 86.23
CA TYR D 3576 -41.49 -67.34 85.88
C TYR D 3576 -41.03 -68.08 87.12
N ARG D 3577 -40.32 -67.39 88.02
CA ARG D 3577 -39.88 -68.01 89.25
C ARG D 3577 -41.04 -68.23 90.22
N GLY D 3578 -42.18 -67.55 90.01
CA GLY D 3578 -43.35 -67.83 90.81
C GLY D 3578 -43.93 -69.24 90.62
N LEU D 3579 -43.50 -69.96 89.60
CA LEU D 3579 -43.95 -71.33 89.37
C LEU D 3579 -43.37 -72.26 90.42
N PRO D 3580 -44.16 -73.24 90.91
CA PRO D 3580 -43.63 -74.21 91.89
C PRO D 3580 -42.49 -75.07 91.35
N GLY D 3581 -42.53 -75.44 90.08
CA GLY D 3581 -41.60 -76.39 89.51
C GLY D 3581 -40.26 -75.84 89.08
N ARG D 3582 -40.00 -74.55 89.29
CA ARG D 3582 -38.73 -73.93 88.93
C ARG D 3582 -37.66 -74.35 89.94
N GLU D 3583 -37.08 -75.52 89.70
CA GLU D 3583 -35.94 -75.95 90.49
C GLU D 3583 -34.74 -75.05 90.19
N GLU D 3584 -34.06 -74.60 91.23
CA GLU D 3584 -32.97 -73.64 91.07
C GLU D 3584 -31.64 -74.31 90.81
N ASP D 3585 -31.59 -75.64 90.80
CA ASP D 3585 -30.39 -76.38 90.45
C ASP D 3585 -30.47 -77.07 89.09
N ALA D 3586 -31.67 -77.32 88.59
CA ALA D 3586 -31.87 -78.01 87.32
C ALA D 3586 -31.57 -77.13 86.12
N ASP D 3587 -31.29 -75.84 86.31
CA ASP D 3587 -30.92 -74.96 85.21
C ASP D 3587 -29.44 -75.08 84.85
N ASP D 3588 -28.96 -76.31 84.70
CA ASP D 3588 -27.57 -76.52 84.32
C ASP D 3588 -27.39 -76.14 82.85
N PRO D 3589 -26.14 -75.79 82.45
CA PRO D 3589 -25.88 -75.44 81.04
C PRO D 3589 -26.28 -76.51 80.04
N GLU D 3590 -26.07 -77.78 80.36
CA GLU D 3590 -26.40 -78.82 79.40
C GLU D 3590 -27.89 -79.06 79.35
N LYS D 3591 -28.57 -78.95 80.49
CA LYS D 3591 -30.00 -79.20 80.54
C LYS D 3591 -30.74 -78.13 79.75
N ILE D 3592 -30.31 -76.86 79.95
CA ILE D 3592 -31.01 -75.77 79.29
C ILE D 3592 -30.72 -75.81 77.79
N VAL D 3593 -29.48 -76.15 77.38
CA VAL D 3593 -29.19 -76.13 75.96
C VAL D 3593 -29.95 -77.25 75.26
N ARG D 3594 -30.10 -78.42 75.91
CA ARG D 3594 -30.83 -79.52 75.27
C ARG D 3594 -32.30 -79.16 75.06
N ARG D 3595 -32.97 -78.64 76.12
CA ARG D 3595 -34.37 -78.23 75.95
C ARG D 3595 -34.53 -77.10 74.94
N VAL D 3596 -33.60 -76.12 74.95
CA VAL D 3596 -33.62 -75.03 73.99
C VAL D 3596 -33.42 -75.55 72.56
N GLN D 3597 -32.48 -76.47 72.38
CA GLN D 3597 -32.25 -77.10 71.08
C GLN D 3597 -33.49 -77.83 70.56
N GLU D 3598 -34.17 -78.56 71.45
CA GLU D 3598 -35.39 -79.26 71.08
C GLU D 3598 -36.47 -78.29 70.61
N VAL D 3599 -36.71 -77.22 71.37
CA VAL D 3599 -37.73 -76.26 70.91
C VAL D 3599 -37.22 -75.43 69.72
N SER D 3600 -35.89 -75.31 69.55
CA SER D 3600 -35.34 -74.64 68.38
C SER D 3600 -35.66 -75.40 67.11
N ALA D 3601 -35.37 -76.70 67.11
CA ALA D 3601 -35.64 -77.53 65.94
C ALA D 3601 -37.14 -77.58 65.69
N VAL D 3602 -37.95 -77.74 66.75
CA VAL D 3602 -39.39 -77.91 66.61
C VAL D 3602 -40.00 -76.67 65.97
N LEU D 3603 -39.69 -75.49 66.52
CA LEU D 3603 -40.31 -74.27 66.04
C LEU D 3603 -39.73 -73.82 64.71
N TYR D 3604 -38.44 -74.13 64.46
CA TYR D 3604 -37.85 -73.83 63.16
C TYR D 3604 -38.58 -74.60 62.06
N HIS D 3605 -38.71 -75.93 62.23
CA HIS D 3605 -39.47 -76.73 61.25
C HIS D 3605 -40.93 -76.29 61.19
N LEU D 3606 -41.45 -75.80 62.32
CA LEU D 3606 -42.83 -75.34 62.38
C LEU D 3606 -43.03 -74.14 61.46
N GLU D 3607 -42.20 -73.10 61.59
CA GLU D 3607 -42.36 -71.95 60.72
C GLU D 3607 -42.02 -72.28 59.27
N GLN D 3608 -41.09 -73.24 59.05
CA GLN D 3608 -40.81 -73.72 57.68
C GLN D 3608 -42.00 -74.41 57.06
N THR D 3609 -42.91 -74.92 57.88
CA THR D 3609 -44.04 -75.69 57.36
C THR D 3609 -45.28 -74.81 57.26
N GLU D 3610 -45.63 -74.06 58.31
CA GLU D 3610 -46.71 -73.08 58.21
C GLU D 3610 -46.42 -71.94 57.23
N HIS D 3611 -45.18 -71.78 56.73
CA HIS D 3611 -44.84 -70.78 55.71
C HIS D 3611 -43.77 -71.34 54.78
N PRO D 3612 -44.12 -72.31 53.92
CA PRO D 3612 -43.12 -72.83 52.97
C PRO D 3612 -42.60 -71.83 51.94
N TYR D 3613 -43.47 -71.00 51.33
CA TYR D 3613 -43.13 -69.94 50.36
C TYR D 3613 -42.35 -70.50 49.16
N LYS D 3614 -42.74 -71.70 48.72
CA LYS D 3614 -42.07 -72.40 47.62
C LYS D 3614 -42.18 -71.67 46.28
N SER D 3615 -43.35 -71.06 46.00
CA SER D 3615 -43.78 -70.45 44.73
C SER D 3615 -42.76 -69.61 43.94
N LYS D 3616 -43.11 -69.28 42.68
CA LYS D 3616 -42.42 -68.42 41.69
C LYS D 3616 -41.40 -69.25 40.92
N LYS D 3617 -41.61 -70.56 40.86
CA LYS D 3617 -40.79 -71.46 40.05
C LYS D 3617 -41.56 -72.20 38.98
N ALA D 3618 -42.79 -72.62 39.25
CA ALA D 3618 -43.66 -73.23 38.24
C ALA D 3618 -44.90 -72.34 38.12
N VAL D 3619 -44.80 -71.33 37.26
CA VAL D 3619 -45.84 -70.33 37.07
C VAL D 3619 -46.49 -70.54 35.71
N TRP D 3620 -47.80 -70.27 35.64
CA TRP D 3620 -48.57 -70.30 34.40
C TRP D 3620 -47.96 -69.31 33.41
N HIS D 3621 -47.36 -69.82 32.33
CA HIS D 3621 -46.54 -69.01 31.46
C HIS D 3621 -47.06 -68.88 30.03
N LYS D 3622 -47.93 -69.80 29.59
CA LYS D 3622 -48.57 -69.86 28.26
C LYS D 3622 -47.59 -69.58 27.10
N LEU D 3623 -46.58 -70.45 27.03
CA LEU D 3623 -45.56 -70.41 25.99
C LEU D 3623 -46.17 -70.45 24.59
N LEU D 3624 -46.89 -71.53 24.28
CA LEU D 3624 -47.54 -71.66 22.99
C LEU D 3624 -48.94 -72.26 23.06
N SER D 3625 -49.46 -72.58 24.26
CA SER D 3625 -50.72 -73.31 24.38
C SER D 3625 -51.90 -72.51 23.83
N LYS D 3626 -51.98 -71.21 24.18
CA LYS D 3626 -53.11 -70.39 23.76
C LYS D 3626 -53.18 -70.18 22.25
N GLN D 3627 -52.08 -70.36 21.54
CA GLN D 3627 -52.01 -70.13 20.10
C GLN D 3627 -51.82 -71.41 19.29
N ARG D 3628 -51.46 -72.54 19.91
CA ARG D 3628 -51.14 -73.75 19.17
C ARG D 3628 -51.90 -74.98 19.68
N ARG D 3629 -53.05 -74.79 20.34
CA ARG D 3629 -53.78 -75.96 20.81
C ARG D 3629 -54.70 -76.55 19.75
N ARG D 3630 -54.91 -75.82 18.65
CA ARG D 3630 -55.69 -76.36 17.54
C ARG D 3630 -54.95 -77.54 16.91
N ALA D 3631 -53.64 -77.37 16.71
CA ALA D 3631 -52.87 -78.33 15.94
C ALA D 3631 -52.58 -79.58 16.76
N VAL D 3632 -52.35 -79.45 18.07
CA VAL D 3632 -51.94 -80.61 18.86
C VAL D 3632 -53.06 -81.66 18.88
N VAL D 3633 -54.30 -81.20 19.12
CA VAL D 3633 -55.48 -82.07 19.10
C VAL D 3633 -55.77 -82.52 17.68
N ALA D 3634 -55.55 -81.64 16.69
CA ALA D 3634 -55.72 -82.07 15.30
C ALA D 3634 -54.72 -83.17 14.93
N CYS D 3635 -53.46 -83.01 15.34
CA CYS D 3635 -52.44 -84.04 15.13
C CYS D 3635 -52.77 -85.35 15.82
N PHE D 3636 -53.43 -85.30 16.99
CA PHE D 3636 -53.99 -86.53 17.57
C PHE D 3636 -55.15 -87.12 16.77
N ARG D 3637 -55.96 -86.29 16.10
CA ARG D 3637 -57.26 -86.75 15.59
C ARG D 3637 -57.49 -86.41 14.12
N MET D 3638 -56.44 -86.27 13.34
CA MET D 3638 -56.58 -85.97 11.92
C MET D 3638 -56.69 -87.25 11.10
N THR D 3639 -56.61 -87.11 9.79
CA THR D 3639 -56.61 -88.24 8.89
C THR D 3639 -55.21 -88.83 8.80
N PRO D 3640 -55.04 -90.13 9.07
CA PRO D 3640 -53.77 -90.78 8.79
C PRO D 3640 -53.51 -90.80 7.30
N LEU D 3641 -52.22 -90.76 6.94
CA LEU D 3641 -51.79 -90.53 5.57
C LEU D 3641 -52.35 -91.58 4.62
N TYR D 3642 -52.40 -92.84 5.05
CA TYR D 3642 -52.89 -93.91 4.20
C TYR D 3642 -54.38 -93.80 3.89
N ASN D 3643 -55.12 -92.95 4.60
CA ASN D 3643 -56.54 -92.78 4.33
C ASN D 3643 -56.82 -91.58 3.41
N LEU D 3644 -55.78 -90.93 2.89
CA LEU D 3644 -55.94 -89.82 1.96
C LEU D 3644 -56.28 -90.32 0.57
N PRO D 3645 -57.04 -89.54 -0.22
CA PRO D 3645 -57.29 -89.90 -1.61
C PRO D 3645 -56.01 -89.91 -2.43
N THR D 3646 -56.01 -90.74 -3.48
CA THR D 3646 -54.81 -90.99 -4.27
C THR D 3646 -54.35 -89.73 -5.00
N HIS D 3647 -55.29 -89.01 -5.63
CA HIS D 3647 -54.93 -87.84 -6.42
C HIS D 3647 -54.35 -86.73 -5.54
N ARG D 3648 -54.94 -86.50 -4.37
CA ARG D 3648 -54.40 -85.54 -3.40
C ARG D 3648 -53.01 -85.97 -2.94
N ALA D 3649 -52.86 -87.25 -2.59
CA ALA D 3649 -51.59 -87.77 -2.09
C ALA D 3649 -50.50 -87.59 -3.13
N CYS D 3650 -50.79 -87.93 -4.40
CA CYS D 3650 -49.82 -87.76 -5.46
C CYS D 3650 -49.51 -86.29 -5.71
N ASN D 3651 -50.52 -85.42 -5.50
CA ASN D 3651 -50.31 -83.98 -5.67
C ASN D 3651 -49.28 -83.46 -4.68
N MET D 3652 -49.47 -83.77 -3.39
CA MET D 3652 -48.42 -83.37 -2.45
C MET D 3652 -47.12 -84.14 -2.66
N PHE D 3653 -47.20 -85.35 -3.23
CA PHE D 3653 -46.02 -86.17 -3.47
C PHE D 3653 -45.05 -85.48 -4.42
N LEU D 3654 -45.59 -84.94 -5.52
CA LEU D 3654 -44.73 -84.37 -6.54
C LEU D 3654 -44.06 -83.09 -6.04
N GLU D 3655 -44.85 -82.21 -5.39
CA GLU D 3655 -44.31 -80.94 -4.92
C GLU D 3655 -43.28 -81.16 -3.82
N SER D 3656 -43.45 -82.22 -3.02
CA SER D 3656 -42.39 -82.58 -2.08
C SER D 3656 -41.17 -83.14 -2.82
N TYR D 3657 -41.41 -83.98 -3.83
CA TYR D 3657 -40.33 -84.67 -4.53
C TYR D 3657 -39.40 -83.69 -5.24
N LYS D 3658 -39.96 -82.69 -5.91
CA LYS D 3658 -39.13 -81.69 -6.58
C LYS D 3658 -38.22 -80.95 -5.61
N ALA D 3659 -38.78 -80.56 -4.46
CA ALA D 3659 -37.99 -79.92 -3.41
C ALA D 3659 -36.95 -80.86 -2.81
N ALA D 3660 -37.18 -82.17 -2.88
CA ALA D 3660 -36.26 -83.12 -2.27
C ALA D 3660 -35.18 -83.63 -3.21
N TRP D 3661 -35.49 -83.80 -4.48
CA TRP D 3661 -34.55 -84.38 -5.44
C TRP D 3661 -34.25 -83.47 -6.62
N ILE D 3662 -35.25 -82.81 -7.19
CA ILE D 3662 -35.04 -82.01 -8.39
C ILE D 3662 -34.30 -80.72 -8.03
N LEU D 3663 -34.84 -79.96 -7.07
CA LEU D 3663 -34.22 -78.70 -6.66
C LEU D 3663 -32.84 -78.93 -6.07
N THR D 3664 -32.69 -79.99 -5.26
CA THR D 3664 -31.40 -80.31 -4.65
C THR D 3664 -30.36 -80.77 -5.67
N GLU D 3665 -30.78 -81.19 -6.86
CA GLU D 3665 -29.87 -81.75 -7.85
C GLU D 3665 -28.87 -80.71 -8.35
N ASP D 3666 -27.64 -81.14 -8.58
CA ASP D 3666 -26.58 -80.29 -9.08
C ASP D 3666 -26.18 -80.78 -10.46
N HIS D 3667 -26.09 -79.86 -11.41
CA HIS D 3667 -25.75 -80.20 -12.79
C HIS D 3667 -25.10 -78.97 -13.43
N SER D 3668 -23.78 -78.98 -13.54
CA SER D 3668 -23.05 -77.89 -14.15
C SER D 3668 -22.83 -78.19 -15.63
N PHE D 3669 -23.27 -77.28 -16.48
CA PHE D 3669 -23.14 -77.42 -17.92
C PHE D 3669 -22.72 -76.11 -18.59
N GLU D 3670 -22.44 -75.07 -17.80
CA GLU D 3670 -22.16 -73.74 -18.34
C GLU D 3670 -20.90 -73.75 -19.18
N ASP D 3671 -19.88 -74.47 -18.71
CA ASP D 3671 -18.62 -74.55 -19.42
C ASP D 3671 -18.80 -75.26 -20.76
N ARG D 3672 -19.51 -76.39 -20.77
CA ARG D 3672 -19.72 -77.09 -22.03
C ARG D 3672 -20.63 -76.32 -22.98
N MET D 3673 -21.58 -75.53 -22.45
CA MET D 3673 -22.35 -74.53 -23.21
C MET D 3673 -21.42 -73.65 -24.01
N ILE D 3674 -20.59 -72.87 -23.30
CA ILE D 3674 -19.78 -71.88 -23.98
C ILE D 3674 -18.74 -72.56 -24.86
N ASP D 3675 -18.10 -73.64 -24.36
CA ASP D 3675 -17.12 -74.37 -25.17
C ASP D 3675 -17.70 -74.93 -26.47
N ASP D 3676 -19.01 -75.22 -26.50
CA ASP D 3676 -19.63 -75.55 -27.78
C ASP D 3676 -19.86 -74.31 -28.63
N LEU D 3677 -20.32 -73.21 -28.01
CA LEU D 3677 -20.68 -72.05 -28.81
C LEU D 3677 -19.51 -71.15 -29.16
N SER D 3678 -18.30 -71.48 -28.73
CA SER D 3678 -17.15 -70.62 -28.91
C SER D 3678 -16.22 -71.06 -30.03
N LYS D 3679 -16.64 -72.04 -30.84
CA LYS D 3679 -15.77 -72.61 -31.86
C LYS D 3679 -16.26 -72.27 -33.25
N ALA D 3680 -15.31 -72.15 -34.19
CA ALA D 3680 -15.61 -71.95 -35.59
C ALA D 3680 -15.45 -73.30 -36.30
N GLY D 3681 -16.55 -74.04 -36.40
CA GLY D 3681 -16.51 -75.41 -36.87
C GLY D 3681 -16.58 -75.56 -38.38
N GLU D 3682 -15.44 -75.89 -38.99
CA GLU D 3682 -15.32 -76.23 -40.42
C GLU D 3682 -15.81 -75.09 -41.33
N GLN D 3683 -15.09 -73.96 -41.27
CA GLN D 3683 -15.25 -72.89 -42.24
C GLN D 3683 -13.96 -72.55 -42.95
N GLU D 3684 -12.87 -73.26 -42.65
CA GLU D 3684 -11.58 -73.03 -43.31
C GLU D 3684 -11.60 -73.39 -44.78
N GLU D 3685 -12.57 -74.20 -45.22
CA GLU D 3685 -12.59 -74.67 -46.60
C GLU D 3685 -12.91 -73.55 -47.59
N GLU D 3686 -13.83 -72.65 -47.24
CA GLU D 3686 -14.21 -71.58 -48.16
C GLU D 3686 -13.11 -70.53 -48.29
N GLU D 3687 -12.54 -70.10 -47.16
CA GLU D 3687 -11.41 -69.15 -47.05
C GLU D 3687 -11.64 -67.88 -47.89
N GLU D 3688 -12.61 -67.09 -47.43
CA GLU D 3688 -12.92 -65.81 -48.06
C GLU D 3688 -11.75 -64.83 -47.84
N GLU D 3689 -11.69 -63.79 -48.69
CA GLU D 3689 -10.61 -62.81 -48.65
C GLU D 3689 -10.56 -62.05 -47.33
N VAL D 3690 -11.72 -61.68 -46.79
CA VAL D 3690 -11.77 -60.86 -45.57
C VAL D 3690 -11.17 -61.67 -44.42
N GLU D 3691 -10.39 -60.98 -43.58
CA GLU D 3691 -9.91 -61.61 -42.36
C GLU D 3691 -11.03 -62.01 -41.40
N GLU D 3692 -12.05 -61.13 -41.24
CA GLU D 3692 -13.26 -61.21 -40.39
C GLU D 3692 -13.65 -62.64 -40.02
N LYS D 3693 -13.33 -63.07 -38.80
CA LYS D 3693 -13.68 -64.40 -38.33
C LYS D 3693 -15.19 -64.59 -38.39
N LYS D 3694 -15.64 -65.18 -39.51
CA LYS D 3694 -17.05 -65.14 -39.89
C LYS D 3694 -17.98 -65.86 -38.91
N PRO D 3695 -17.75 -67.12 -38.48
CA PRO D 3695 -18.75 -67.69 -37.57
C PRO D 3695 -18.46 -67.44 -36.10
N ASP D 3696 -19.50 -67.02 -35.37
CA ASP D 3696 -19.36 -66.85 -33.93
C ASP D 3696 -20.71 -66.92 -33.22
N PRO D 3697 -21.15 -68.11 -32.80
CA PRO D 3697 -22.47 -68.27 -32.16
C PRO D 3697 -22.72 -67.40 -30.94
N LEU D 3698 -21.72 -67.27 -30.06
CA LEU D 3698 -21.86 -66.42 -28.89
C LEU D 3698 -22.02 -64.98 -29.33
N HIS D 3699 -21.15 -64.54 -30.27
CA HIS D 3699 -21.10 -63.14 -30.65
C HIS D 3699 -22.43 -62.73 -31.26
N GLN D 3700 -23.03 -63.62 -32.07
CA GLN D 3700 -24.36 -63.37 -32.60
C GLN D 3700 -25.39 -63.28 -31.49
N LEU D 3701 -25.30 -64.17 -30.49
CA LEU D 3701 -26.23 -64.16 -29.37
C LEU D 3701 -26.18 -62.83 -28.61
N VAL D 3702 -24.96 -62.40 -28.27
CA VAL D 3702 -24.72 -61.13 -27.61
C VAL D 3702 -25.18 -59.96 -28.47
N LEU D 3703 -24.86 -60.00 -29.78
CA LEU D 3703 -25.30 -58.96 -30.71
C LEU D 3703 -26.82 -58.86 -30.74
N HIS D 3704 -27.50 -60.00 -30.77
CA HIS D 3704 -28.96 -60.06 -30.77
C HIS D 3704 -29.53 -59.43 -29.51
N PHE D 3705 -28.93 -59.77 -28.36
CA PHE D 3705 -29.36 -59.15 -27.11
C PHE D 3705 -29.12 -57.65 -27.10
N SER D 3706 -27.98 -57.21 -27.65
CA SER D 3706 -27.76 -55.77 -27.80
C SER D 3706 -28.78 -55.15 -28.73
N ARG D 3707 -29.19 -55.89 -29.77
CA ARG D 3707 -30.15 -55.40 -30.74
C ARG D 3707 -31.48 -55.11 -30.06
N THR D 3708 -31.99 -56.11 -29.33
CA THR D 3708 -33.25 -55.86 -28.61
C THR D 3708 -33.05 -54.84 -27.49
N ALA D 3709 -31.83 -54.72 -26.96
CA ALA D 3709 -31.55 -53.72 -25.93
C ALA D 3709 -31.63 -52.30 -26.46
N LEU D 3710 -31.44 -52.11 -27.76
CA LEU D 3710 -31.39 -50.77 -28.35
C LEU D 3710 -32.72 -50.27 -28.88
N THR D 3711 -33.81 -51.02 -28.72
CA THR D 3711 -35.08 -50.59 -29.29
C THR D 3711 -35.62 -49.35 -28.56
N GLU D 3712 -36.49 -48.62 -29.27
CA GLU D 3712 -37.05 -47.38 -28.72
C GLU D 3712 -38.34 -47.70 -27.96
N LYS D 3713 -38.15 -48.34 -26.81
CA LYS D 3713 -39.25 -48.87 -26.04
C LYS D 3713 -39.29 -48.17 -24.69
N SER D 3714 -40.49 -47.77 -24.26
CA SER D 3714 -40.64 -47.05 -23.01
C SER D 3714 -40.28 -47.91 -21.81
N LYS D 3715 -40.82 -49.12 -21.73
CA LYS D 3715 -40.56 -50.03 -20.62
C LYS D 3715 -39.72 -51.19 -21.10
N LEU D 3716 -38.93 -51.74 -20.19
CA LEU D 3716 -38.05 -52.86 -20.51
C LEU D 3716 -38.66 -54.16 -19.98
N ASP D 3717 -39.10 -55.01 -20.89
CA ASP D 3717 -39.83 -56.23 -20.56
C ASP D 3717 -38.90 -57.28 -19.95
N GLU D 3718 -39.45 -58.49 -19.78
CA GLU D 3718 -38.71 -59.61 -19.22
C GLU D 3718 -38.52 -60.68 -20.28
N ASP D 3719 -37.31 -61.26 -20.33
CA ASP D 3719 -37.00 -62.35 -21.25
C ASP D 3719 -36.38 -63.52 -20.50
N TYR D 3720 -37.11 -64.64 -20.47
CA TYR D 3720 -36.67 -65.82 -19.72
C TYR D 3720 -35.37 -66.37 -20.31
N LEU D 3721 -35.23 -66.32 -21.64
CA LEU D 3721 -33.98 -66.74 -22.27
C LEU D 3721 -32.84 -65.83 -21.84
N TYR D 3722 -33.11 -64.53 -21.70
CA TYR D 3722 -32.08 -63.62 -21.21
C TYR D 3722 -31.65 -63.96 -19.79
N MET D 3723 -32.62 -64.30 -18.92
CA MET D 3723 -32.32 -64.89 -17.61
C MET D 3723 -31.41 -66.11 -17.72
N ALA D 3724 -31.79 -67.05 -18.58
CA ALA D 3724 -31.07 -68.32 -18.67
C ALA D 3724 -29.64 -68.09 -19.17
N TYR D 3725 -29.51 -67.39 -20.30
CA TYR D 3725 -28.22 -67.26 -20.95
C TYR D 3725 -27.29 -66.39 -20.13
N ALA D 3726 -27.82 -65.24 -19.66
CA ALA D 3726 -27.04 -64.31 -18.85
C ALA D 3726 -26.55 -64.96 -17.56
N ASP D 3727 -27.41 -65.77 -16.92
CA ASP D 3727 -26.97 -66.55 -15.77
C ASP D 3727 -25.91 -67.58 -16.13
N ILE D 3728 -26.09 -68.25 -17.27
CA ILE D 3728 -25.15 -69.29 -17.69
C ILE D 3728 -23.75 -68.71 -17.89
N MET D 3729 -23.66 -67.63 -18.67
CA MET D 3729 -22.38 -66.98 -18.86
C MET D 3729 -21.88 -66.30 -17.59
N ALA D 3730 -22.77 -65.91 -16.67
CA ALA D 3730 -22.30 -65.40 -15.39
C ALA D 3730 -21.64 -66.50 -14.56
N LYS D 3731 -22.28 -67.68 -14.51
CA LYS D 3731 -21.77 -68.82 -13.76
C LYS D 3731 -20.52 -69.42 -14.38
N SER D 3732 -20.26 -69.13 -15.65
CA SER D 3732 -19.20 -69.84 -16.34
C SER D 3732 -17.81 -69.30 -16.06
N CYS D 3733 -17.69 -68.11 -15.48
CA CYS D 3733 -16.36 -67.50 -15.34
C CYS D 3733 -15.67 -67.85 -14.04
N HIS D 3734 -16.36 -67.73 -12.90
CA HIS D 3734 -15.73 -67.91 -11.59
C HIS D 3734 -15.18 -69.35 -11.43
N LEU D 3735 -16.04 -70.36 -11.50
CA LEU D 3735 -15.71 -71.79 -11.33
C LEU D 3735 -14.89 -72.06 -10.08
N GLU D 3736 -15.23 -71.37 -8.99
CA GLU D 3736 -14.48 -71.45 -7.75
C GLU D 3736 -15.37 -71.11 -6.55
N VAL D 3749 -3.20 -76.90 3.80
CA VAL D 3749 -4.27 -75.95 3.51
C VAL D 3749 -3.69 -74.63 3.00
N GLU D 3750 -2.37 -74.54 2.99
CA GLU D 3750 -1.68 -73.41 2.38
C GLU D 3750 -1.22 -73.81 0.99
N VAL D 3751 -1.60 -73.02 0.00
CA VAL D 3751 -1.35 -73.31 -1.41
C VAL D 3751 -0.53 -72.18 -2.01
N SER D 3752 0.52 -72.53 -2.75
CA SER D 3752 1.55 -71.56 -3.05
C SER D 3752 1.19 -70.69 -4.28
N PHE D 3753 2.02 -69.66 -4.45
CA PHE D 3753 1.79 -68.60 -5.43
C PHE D 3753 1.90 -69.12 -6.86
N GLU D 3754 2.85 -70.05 -7.10
CA GLU D 3754 3.17 -70.47 -8.46
C GLU D 3754 1.98 -71.20 -9.08
N GLU D 3755 1.17 -71.87 -8.26
CA GLU D 3755 -0.03 -72.50 -8.78
C GLU D 3755 -1.25 -71.62 -8.59
N LYS D 3756 -1.16 -70.57 -7.73
CA LYS D 3756 -2.27 -69.62 -7.62
C LYS D 3756 -2.46 -68.87 -8.93
N GLU D 3757 -1.35 -68.37 -9.49
CA GLU D 3757 -1.41 -67.62 -10.76
C GLU D 3757 -2.00 -68.45 -11.89
N MET D 3758 -1.91 -69.79 -11.83
CA MET D 3758 -2.51 -70.63 -12.86
C MET D 3758 -4.03 -70.49 -12.87
N GLU D 3759 -4.65 -70.49 -11.69
CA GLU D 3759 -6.10 -70.38 -11.65
C GLU D 3759 -6.54 -68.97 -12.03
N LYS D 3760 -5.81 -67.94 -11.56
CA LYS D 3760 -6.18 -66.60 -12.01
C LYS D 3760 -5.99 -66.42 -13.51
N GLN D 3761 -4.87 -66.89 -14.10
CA GLN D 3761 -4.67 -66.71 -15.53
C GLN D 3761 -5.73 -67.44 -16.34
N ARG D 3762 -6.25 -68.57 -15.84
CA ARG D 3762 -7.35 -69.20 -16.55
C ARG D 3762 -8.65 -68.43 -16.36
N LEU D 3763 -8.84 -67.82 -15.18
CA LEU D 3763 -10.05 -67.04 -14.94
C LEU D 3763 -10.11 -65.85 -15.91
N LEU D 3764 -8.95 -65.21 -16.13
CA LEU D 3764 -8.86 -64.14 -17.12
C LEU D 3764 -9.23 -64.68 -18.49
N TYR D 3765 -8.73 -65.88 -18.82
CA TYR D 3765 -8.94 -66.47 -20.14
C TYR D 3765 -10.43 -66.63 -20.43
N GLN D 3766 -11.17 -67.16 -19.46
CA GLN D 3766 -12.63 -67.28 -19.59
C GLN D 3766 -13.32 -65.93 -19.70
N GLN D 3767 -12.88 -64.96 -18.88
CA GLN D 3767 -13.40 -63.60 -19.00
C GLN D 3767 -13.08 -63.01 -20.37
N SER D 3768 -11.88 -63.27 -20.89
CA SER D 3768 -11.54 -62.84 -22.24
C SER D 3768 -12.43 -63.50 -23.26
N ARG D 3769 -12.77 -64.78 -23.04
CA ARG D 3769 -13.60 -65.59 -23.94
C ARG D 3769 -15.00 -64.99 -24.04
N LEU D 3770 -15.36 -64.16 -23.07
CA LEU D 3770 -16.68 -63.53 -23.08
C LEU D 3770 -16.59 -62.08 -23.55
N HIS D 3771 -15.75 -61.27 -22.91
CA HIS D 3771 -15.73 -59.83 -23.20
C HIS D 3771 -15.24 -59.54 -24.62
N THR D 3772 -14.40 -60.40 -25.21
CA THR D 3772 -13.99 -60.16 -26.59
C THR D 3772 -15.12 -60.32 -27.60
N ARG D 3773 -16.27 -60.84 -27.19
CA ARG D 3773 -17.41 -61.00 -28.07
C ARG D 3773 -18.53 -60.02 -27.76
N GLY D 3774 -18.18 -58.84 -27.22
CA GLY D 3774 -19.15 -57.79 -26.98
C GLY D 3774 -20.02 -57.90 -25.74
N ALA D 3775 -19.87 -58.96 -24.92
CA ALA D 3775 -20.67 -59.10 -23.71
C ALA D 3775 -20.46 -57.93 -22.75
N ALA D 3776 -19.26 -57.35 -22.78
CA ALA D 3776 -18.94 -56.20 -21.94
C ALA D 3776 -19.85 -55.04 -22.26
N GLU D 3777 -19.96 -54.72 -23.56
CA GLU D 3777 -20.85 -53.64 -23.98
C GLU D 3777 -22.30 -54.02 -23.72
N MET D 3778 -22.63 -55.32 -23.93
CA MET D 3778 -24.00 -55.80 -23.81
C MET D 3778 -24.58 -55.49 -22.45
N VAL D 3779 -23.77 -55.72 -21.40
CA VAL D 3779 -24.16 -55.39 -20.03
C VAL D 3779 -24.43 -53.90 -19.92
N LEU D 3780 -23.60 -53.09 -20.59
CA LEU D 3780 -23.66 -51.64 -20.46
C LEU D 3780 -24.96 -51.11 -21.03
N GLN D 3781 -25.34 -51.58 -22.24
CA GLN D 3781 -26.58 -51.09 -22.82
C GLN D 3781 -27.75 -51.54 -21.98
N MET D 3782 -27.73 -52.78 -21.47
CA MET D 3782 -28.87 -53.25 -20.66
C MET D 3782 -29.05 -52.40 -19.40
N ILE D 3783 -27.94 -52.00 -18.76
CA ILE D 3783 -28.02 -51.06 -17.63
C ILE D 3783 -28.59 -49.71 -18.08
N SER D 3784 -28.18 -49.24 -19.26
CA SER D 3784 -28.77 -48.01 -19.77
C SER D 3784 -30.27 -48.18 -20.04
N ALA D 3785 -30.67 -49.34 -20.55
CA ALA D 3785 -32.04 -49.57 -20.95
C ALA D 3785 -32.98 -49.82 -19.79
N CYS D 3786 -32.49 -50.24 -18.62
CA CYS D 3786 -33.41 -50.55 -17.53
C CYS D 3786 -34.09 -49.32 -16.94
N LYS D 3787 -33.61 -48.11 -17.27
CA LYS D 3787 -34.20 -46.82 -16.86
C LYS D 3787 -34.34 -46.69 -15.34
N GLY D 3788 -33.46 -47.34 -14.58
CA GLY D 3788 -33.52 -47.26 -13.14
C GLY D 3788 -34.67 -48.03 -12.53
N GLU D 3789 -35.21 -49.01 -13.23
CA GLU D 3789 -36.28 -49.85 -12.73
C GLU D 3789 -35.67 -51.15 -12.22
N THR D 3790 -35.86 -51.42 -10.93
CA THR D 3790 -35.32 -52.63 -10.32
C THR D 3790 -36.02 -53.86 -10.88
N GLY D 3791 -35.29 -54.97 -10.92
CA GLY D 3791 -35.86 -56.19 -11.41
C GLY D 3791 -34.87 -57.34 -11.39
N ALA D 3792 -35.40 -58.51 -11.77
CA ALA D 3792 -34.57 -59.70 -11.84
C ALA D 3792 -33.59 -59.64 -12.99
N MET D 3793 -34.03 -59.16 -14.16
CA MET D 3793 -33.17 -59.17 -15.33
C MET D 3793 -31.97 -58.22 -15.17
N VAL D 3794 -32.20 -57.01 -14.63
CA VAL D 3794 -31.10 -56.12 -14.30
C VAL D 3794 -30.24 -56.70 -13.19
N SER D 3795 -30.85 -57.41 -12.22
CA SER D 3795 -30.05 -58.08 -11.19
C SER D 3795 -29.13 -59.15 -11.79
N SER D 3796 -29.63 -59.91 -12.76
CA SER D 3796 -28.77 -60.86 -13.48
C SER D 3796 -27.74 -60.13 -14.32
N THR D 3797 -28.09 -58.93 -14.81
CA THR D 3797 -27.18 -58.16 -15.66
C THR D 3797 -25.94 -57.78 -14.86
N LEU D 3798 -26.17 -57.20 -13.67
CA LEU D 3798 -25.04 -56.87 -12.79
C LEU D 3798 -24.29 -58.12 -12.38
N LYS D 3799 -25.02 -59.22 -12.11
CA LYS D 3799 -24.38 -60.49 -11.74
C LYS D 3799 -23.39 -60.95 -12.81
N LEU D 3800 -23.74 -60.71 -14.08
CA LEU D 3800 -22.82 -60.94 -15.18
C LEU D 3800 -21.68 -59.94 -15.17
N GLY D 3801 -22.01 -58.65 -14.94
CA GLY D 3801 -20.99 -57.62 -14.98
C GLY D 3801 -19.89 -57.90 -13.97
N ILE D 3802 -20.29 -58.33 -12.77
CA ILE D 3802 -19.34 -58.73 -11.75
C ILE D 3802 -18.60 -59.98 -12.19
N SER D 3803 -19.30 -60.90 -12.87
CA SER D 3803 -18.67 -62.15 -13.30
C SER D 3803 -17.54 -61.91 -14.28
N ILE D 3804 -17.63 -60.84 -15.08
CA ILE D 3804 -16.53 -60.49 -15.97
C ILE D 3804 -15.55 -59.47 -15.37
N LEU D 3805 -15.99 -58.65 -14.42
CA LEU D 3805 -15.12 -57.69 -13.73
C LEU D 3805 -14.38 -58.26 -12.54
N ASN D 3806 -14.67 -59.50 -12.14
CA ASN D 3806 -14.00 -60.13 -11.01
C ASN D 3806 -12.50 -60.23 -11.24
N GLY D 3807 -11.74 -59.95 -10.19
CA GLY D 3807 -10.31 -59.85 -10.26
C GLY D 3807 -9.79 -58.53 -10.73
N GLY D 3808 -10.67 -57.54 -10.93
CA GLY D 3808 -10.29 -56.20 -11.34
C GLY D 3808 -9.65 -56.16 -12.71
N ASN D 3809 -10.42 -56.57 -13.73
CA ASN D 3809 -9.89 -56.63 -15.09
C ASN D 3809 -9.68 -55.23 -15.66
N ALA D 3810 -8.41 -54.89 -15.88
CA ALA D 3810 -8.02 -53.55 -16.32
C ALA D 3810 -8.55 -53.25 -17.71
N GLU D 3811 -8.28 -54.16 -18.66
CA GLU D 3811 -8.68 -53.91 -20.04
C GLU D 3811 -10.19 -53.92 -20.20
N VAL D 3812 -10.91 -54.72 -19.40
CA VAL D 3812 -12.37 -54.65 -19.38
C VAL D 3812 -12.83 -53.28 -18.92
N GLN D 3813 -12.19 -52.75 -17.86
CA GLN D 3813 -12.46 -51.39 -17.42
C GLN D 3813 -12.19 -50.37 -18.53
N GLN D 3814 -11.11 -50.57 -19.28
CA GLN D 3814 -10.77 -49.72 -20.41
C GLN D 3814 -11.84 -49.76 -21.49
N LYS D 3815 -12.32 -50.96 -21.82
CA LYS D 3815 -13.40 -51.11 -22.80
C LYS D 3815 -14.68 -50.43 -22.34
N MET D 3816 -15.00 -50.57 -21.04
CA MET D 3816 -16.12 -49.90 -20.42
C MET D 3816 -16.02 -48.38 -20.62
N LEU D 3817 -14.85 -47.83 -20.25
CA LEU D 3817 -14.61 -46.40 -20.34
C LEU D 3817 -14.71 -45.92 -21.77
N ASP D 3818 -14.11 -46.67 -22.70
CA ASP D 3818 -14.11 -46.27 -24.10
C ASP D 3818 -15.51 -46.25 -24.66
N TYR D 3819 -16.33 -47.24 -24.27
CA TYR D 3819 -17.70 -47.31 -24.77
C TYR D 3819 -18.50 -46.12 -24.29
N LEU D 3820 -18.36 -45.77 -23.00
CA LEU D 3820 -19.07 -44.59 -22.51
C LEU D 3820 -18.56 -43.34 -23.20
N LYS D 3821 -17.24 -43.23 -23.35
CA LYS D 3821 -16.62 -42.02 -23.87
C LYS D 3821 -17.08 -41.72 -25.29
N ASP D 3822 -17.11 -42.74 -26.16
CA ASP D 3822 -17.54 -42.45 -27.53
C ASP D 3822 -19.05 -42.51 -27.71
N LYS D 3823 -19.81 -43.12 -26.79
CA LYS D 3823 -21.25 -43.06 -26.93
C LYS D 3823 -21.87 -41.80 -26.34
N LYS D 3824 -21.32 -41.31 -25.24
CA LYS D 3824 -21.78 -40.14 -24.49
C LYS D 3824 -23.26 -40.29 -24.12
N GLU D 3825 -23.54 -41.40 -23.47
CA GLU D 3825 -24.87 -41.73 -23.02
C GLU D 3825 -25.11 -41.12 -21.63
N VAL D 3826 -26.31 -40.59 -21.42
CA VAL D 3826 -26.70 -39.94 -20.17
C VAL D 3826 -27.44 -40.89 -19.24
N GLY D 3827 -28.34 -41.69 -19.81
CA GLY D 3827 -29.25 -42.48 -19.01
C GLY D 3827 -28.58 -43.56 -18.22
N PHE D 3828 -27.37 -43.99 -18.62
CA PHE D 3828 -26.67 -45.06 -17.89
C PHE D 3828 -26.47 -44.64 -16.44
N PHE D 3829 -25.86 -43.46 -16.25
CA PHE D 3829 -25.71 -42.92 -14.91
C PHE D 3829 -27.04 -42.47 -14.32
N GLN D 3830 -27.97 -42.01 -15.17
CA GLN D 3830 -29.31 -41.68 -14.64
C GLN D 3830 -29.97 -42.90 -14.00
N SER D 3831 -29.88 -44.04 -14.70
CA SER D 3831 -30.39 -45.32 -14.21
C SER D 3831 -29.65 -45.76 -12.97
N ILE D 3832 -28.31 -45.61 -12.96
CA ILE D 3832 -27.51 -46.02 -11.81
C ILE D 3832 -27.93 -45.24 -10.56
N GLN D 3833 -28.09 -43.92 -10.72
CA GLN D 3833 -28.59 -43.06 -9.67
C GLN D 3833 -29.97 -43.47 -9.18
N ALA D 3834 -30.90 -43.72 -10.12
CA ALA D 3834 -32.25 -44.13 -9.75
C ALA D 3834 -32.26 -45.48 -9.04
N LEU D 3835 -31.47 -46.44 -9.54
CA LEU D 3835 -31.38 -47.76 -8.94
C LEU D 3835 -30.86 -47.67 -7.52
N MET D 3836 -29.86 -46.82 -7.31
CA MET D 3836 -29.28 -46.75 -5.98
C MET D 3836 -30.21 -46.00 -5.04
N GLN D 3837 -30.95 -45.00 -5.56
CA GLN D 3837 -31.92 -44.30 -4.73
C GLN D 3837 -33.07 -45.20 -4.30
N THR D 3838 -33.40 -46.19 -5.12
CA THR D 3838 -34.52 -47.06 -4.78
C THR D 3838 -34.13 -48.20 -3.85
N CYS D 3839 -32.83 -48.37 -3.56
CA CYS D 3839 -32.38 -49.42 -2.66
C CYS D 3839 -32.91 -49.19 -1.25
N SER D 3840 -33.30 -50.28 -0.59
CA SER D 3840 -34.03 -50.15 0.66
C SER D 3840 -33.07 -49.92 1.82
N VAL D 3841 -33.67 -49.60 2.97
CA VAL D 3841 -32.95 -49.41 4.23
C VAL D 3841 -33.78 -50.05 5.33
N LEU D 3842 -33.12 -50.28 6.48
CA LEU D 3842 -33.77 -50.88 7.64
C LEU D 3842 -34.96 -50.06 8.12
N ASP D 3843 -36.03 -50.75 8.49
CA ASP D 3843 -37.27 -50.12 8.91
C ASP D 3843 -37.80 -50.83 10.15
N LEU D 3844 -38.43 -50.05 11.02
CA LEU D 3844 -38.96 -50.59 12.27
C LEU D 3844 -40.31 -51.23 12.08
N ASN D 3845 -41.21 -50.53 11.38
CA ASN D 3845 -42.60 -50.94 11.21
C ASN D 3845 -42.73 -52.33 10.61
N ALA D 3846 -42.00 -52.57 9.51
CA ALA D 3846 -42.02 -53.88 8.86
C ALA D 3846 -41.46 -54.96 9.77
N PHE D 3847 -40.40 -54.62 10.53
CA PHE D 3847 -39.75 -55.61 11.40
C PHE D 3847 -40.71 -56.05 12.49
N GLU D 3848 -41.32 -55.09 13.19
CA GLU D 3848 -42.24 -55.46 14.28
C GLU D 3848 -43.48 -56.16 13.73
N ARG D 3849 -43.96 -55.75 12.55
CA ARG D 3849 -45.10 -56.42 11.93
C ARG D 3849 -44.76 -57.88 11.64
N GLN D 3850 -43.54 -58.13 11.15
CA GLN D 3850 -43.08 -59.50 10.93
C GLN D 3850 -42.98 -60.25 12.24
N ASN D 3851 -42.52 -59.57 13.31
CA ASN D 3851 -42.40 -60.22 14.61
C ASN D 3851 -43.75 -60.68 15.12
N LYS D 3852 -44.76 -59.83 14.96
CA LYS D 3852 -46.12 -60.21 15.36
C LYS D 3852 -46.64 -61.34 14.50
N ALA D 3853 -46.34 -61.32 13.19
CA ALA D 3853 -46.78 -62.38 12.30
C ALA D 3853 -46.20 -63.72 12.72
N GLU D 3854 -44.91 -63.75 13.08
CA GLU D 3854 -44.34 -64.97 13.65
C GLU D 3854 -44.97 -65.29 15.00
N GLY D 3855 -45.43 -64.25 15.72
CA GLY D 3855 -46.11 -64.45 16.99
C GLY D 3855 -47.41 -65.22 16.85
N LEU D 3856 -48.09 -65.04 15.72
CA LEU D 3856 -49.32 -65.80 15.49
C LEU D 3856 -49.04 -67.30 15.37
N GLY D 3857 -47.99 -67.68 14.64
CA GLY D 3857 -47.67 -69.09 14.45
C GLY D 3857 -48.75 -69.86 13.71
N MET D 3858 -49.09 -69.39 12.51
CA MET D 3858 -50.26 -69.86 11.78
C MET D 3858 -50.07 -71.28 11.24
N VAL D 3859 -51.19 -71.84 10.78
CA VAL D 3859 -51.19 -73.08 10.01
C VAL D 3859 -52.05 -72.84 8.76
N ASN D 3860 -51.76 -73.61 7.73
CA ASN D 3860 -52.57 -73.60 6.52
C ASN D 3860 -53.62 -74.71 6.61
N GLU D 3861 -54.32 -74.97 5.52
CA GLU D 3861 -55.36 -76.00 5.49
C GLU D 3861 -54.86 -77.30 4.89
N ASP D 3862 -53.90 -77.24 3.97
CA ASP D 3862 -53.32 -78.42 3.35
C ASP D 3862 -52.14 -78.86 4.21
N GLY D 3863 -52.46 -79.47 5.36
CA GLY D 3863 -51.46 -79.87 6.32
C GLY D 3863 -50.99 -78.73 7.20
N THR D 3864 -49.68 -78.67 7.45
CA THR D 3864 -49.06 -77.66 8.30
C THR D 3864 -47.57 -77.62 7.95
N VAL D 3865 -47.01 -76.42 7.86
CA VAL D 3865 -45.58 -76.21 7.70
C VAL D 3865 -45.06 -75.53 8.96
N ILE D 3866 -43.97 -76.06 9.51
CA ILE D 3866 -43.41 -75.56 10.76
C ILE D 3866 -42.39 -74.47 10.43
N ASN D 3867 -42.69 -73.24 10.88
CA ASN D 3867 -41.83 -72.06 10.74
C ASN D 3867 -41.44 -71.80 9.28
N ARG D 3868 -42.47 -71.53 8.47
CA ARG D 3868 -42.26 -71.25 7.06
C ARG D 3868 -41.50 -69.93 6.88
N GLN D 3869 -40.75 -69.84 5.79
CA GLN D 3869 -39.95 -68.67 5.47
C GLN D 3869 -40.64 -67.84 4.39
N ASN D 3870 -41.97 -67.69 4.51
CA ASN D 3870 -42.78 -66.87 3.60
C ASN D 3870 -42.25 -65.44 3.48
N GLY D 3871 -42.69 -64.71 2.43
CA GLY D 3871 -42.10 -63.46 1.95
C GLY D 3871 -41.55 -62.48 2.96
N GLU D 3872 -40.27 -62.16 2.80
CA GLU D 3872 -39.56 -61.31 3.74
C GLU D 3872 -39.57 -59.86 3.28
N LYS D 3873 -40.06 -58.96 4.15
CA LYS D 3873 -40.23 -57.57 3.79
C LYS D 3873 -39.08 -56.69 4.28
N VAL D 3874 -38.08 -57.27 4.92
CA VAL D 3874 -36.92 -56.54 5.42
C VAL D 3874 -35.69 -57.08 4.70
N MET D 3875 -34.98 -56.19 3.99
CA MET D 3875 -33.79 -56.54 3.20
C MET D 3875 -34.07 -57.62 2.15
N ALA D 3876 -35.23 -57.51 1.50
CA ALA D 3876 -35.55 -58.43 0.41
C ALA D 3876 -34.55 -58.27 -0.73
N ASP D 3877 -34.19 -57.01 -1.02
CA ASP D 3877 -33.33 -56.63 -2.12
C ASP D 3877 -31.87 -56.49 -1.68
N ASP D 3878 -31.52 -57.14 -0.56
CA ASP D 3878 -30.20 -56.92 0.04
C ASP D 3878 -29.09 -57.36 -0.91
N GLU D 3879 -29.21 -58.54 -1.54
CA GLU D 3879 -28.18 -59.00 -2.46
C GLU D 3879 -28.05 -58.09 -3.68
N PHE D 3880 -29.14 -57.43 -4.07
CA PHE D 3880 -29.13 -56.39 -5.10
C PHE D 3880 -28.28 -55.22 -4.62
N THR D 3881 -28.41 -54.85 -3.35
CA THR D 3881 -27.57 -53.75 -2.90
C THR D 3881 -26.13 -54.22 -2.70
N GLN D 3882 -25.94 -55.47 -2.29
CA GLN D 3882 -24.61 -56.07 -2.15
C GLN D 3882 -23.84 -56.00 -3.46
N ASP D 3883 -24.45 -56.50 -4.52
CA ASP D 3883 -23.70 -56.63 -5.74
C ASP D 3883 -23.65 -55.33 -6.52
N LEU D 3884 -24.56 -54.37 -6.27
CA LEU D 3884 -24.48 -53.10 -6.99
C LEU D 3884 -23.17 -52.39 -6.66
N PHE D 3885 -22.90 -52.25 -5.37
CA PHE D 3885 -21.64 -51.67 -4.94
C PHE D 3885 -20.46 -52.59 -5.22
N ARG D 3886 -20.63 -53.92 -5.16
CA ARG D 3886 -19.55 -54.81 -5.61
C ARG D 3886 -19.18 -54.59 -7.07
N PHE D 3887 -20.17 -54.26 -7.89
CA PHE D 3887 -19.95 -53.89 -9.29
C PHE D 3887 -19.18 -52.58 -9.40
N LEU D 3888 -19.61 -51.57 -8.65
CA LEU D 3888 -18.92 -50.28 -8.73
C LEU D 3888 -17.48 -50.39 -8.22
N GLN D 3889 -17.28 -51.18 -7.16
CA GLN D 3889 -15.94 -51.40 -6.61
C GLN D 3889 -15.06 -52.08 -7.66
N LEU D 3890 -15.63 -53.07 -8.37
CA LEU D 3890 -14.84 -53.79 -9.36
C LEU D 3890 -14.46 -52.86 -10.51
N LEU D 3891 -15.41 -52.04 -10.98
CA LEU D 3891 -15.12 -51.14 -12.09
C LEU D 3891 -14.17 -50.01 -11.68
N CYS D 3892 -13.89 -49.85 -10.39
CA CYS D 3892 -12.85 -48.91 -9.98
C CYS D 3892 -11.63 -49.62 -9.40
N GLU D 3893 -11.60 -50.96 -9.43
CA GLU D 3893 -10.49 -51.71 -8.89
C GLU D 3893 -9.22 -51.46 -9.72
N GLY D 3894 -8.07 -51.71 -9.11
CA GLY D 3894 -6.80 -51.46 -9.77
C GLY D 3894 -6.36 -50.03 -9.81
N HIS D 3895 -7.01 -49.14 -9.02
CA HIS D 3895 -6.73 -47.70 -8.96
C HIS D 3895 -6.84 -47.07 -10.34
N ASN D 3896 -8.05 -47.13 -10.90
CA ASN D 3896 -8.32 -46.57 -12.22
C ASN D 3896 -8.67 -45.09 -12.10
N ASN D 3897 -7.62 -44.27 -11.96
CA ASN D 3897 -7.77 -42.81 -11.89
C ASN D 3897 -8.51 -42.24 -13.09
N ASP D 3898 -8.37 -42.90 -14.24
CA ASP D 3898 -9.12 -42.55 -15.44
C ASP D 3898 -10.62 -42.69 -15.20
N PHE D 3899 -11.02 -43.70 -14.45
CA PHE D 3899 -12.43 -44.00 -14.32
C PHE D 3899 -13.05 -43.26 -13.14
N GLN D 3900 -12.29 -43.12 -12.05
CA GLN D 3900 -12.79 -42.46 -10.84
C GLN D 3900 -13.17 -41.01 -11.14
N ASN D 3901 -12.30 -40.29 -11.85
CA ASN D 3901 -12.60 -38.92 -12.22
C ASN D 3901 -13.79 -38.87 -13.16
N TYR D 3902 -13.98 -39.93 -13.97
CA TYR D 3902 -15.11 -39.96 -14.88
C TYR D 3902 -16.39 -40.14 -14.11
N LEU D 3903 -16.31 -40.84 -12.97
CA LEU D 3903 -17.47 -41.01 -12.11
C LEU D 3903 -17.82 -39.70 -11.43
N ARG D 3904 -16.82 -39.02 -10.88
CA ARG D 3904 -17.08 -37.76 -10.17
C ARG D 3904 -17.61 -36.69 -11.12
N THR D 3905 -17.12 -36.67 -12.35
CA THR D 3905 -17.66 -35.75 -13.34
C THR D 3905 -17.59 -36.41 -14.70
N GLN D 3906 -18.61 -36.16 -15.51
CA GLN D 3906 -18.68 -36.67 -16.86
C GLN D 3906 -18.32 -35.58 -17.85
N THR D 3907 -17.11 -35.69 -18.42
CA THR D 3907 -16.60 -34.66 -19.31
C THR D 3907 -17.43 -34.55 -20.58
N GLY D 3908 -17.64 -35.67 -21.26
CA GLY D 3908 -18.33 -35.64 -22.55
C GLY D 3908 -19.80 -35.31 -22.43
N ASN D 3909 -20.48 -35.87 -21.43
CA ASN D 3909 -21.93 -35.85 -21.35
C ASN D 3909 -22.48 -34.43 -21.16
N THR D 3910 -23.70 -34.23 -21.63
CA THR D 3910 -24.36 -32.93 -21.52
C THR D 3910 -24.63 -32.58 -20.06
N THR D 3911 -25.13 -33.53 -19.29
CA THR D 3911 -25.46 -33.34 -17.88
C THR D 3911 -24.62 -34.29 -17.04
N THR D 3912 -23.98 -33.74 -16.02
CA THR D 3912 -23.06 -34.50 -15.18
C THR D 3912 -23.77 -34.97 -13.92
N ILE D 3913 -23.62 -36.25 -13.59
CA ILE D 3913 -24.19 -36.83 -12.38
C ILE D 3913 -23.05 -37.30 -11.50
N ASN D 3914 -23.04 -36.85 -10.24
CA ASN D 3914 -21.95 -37.18 -9.33
C ASN D 3914 -22.33 -38.40 -8.50
N ILE D 3915 -21.70 -39.51 -8.86
CA ILE D 3915 -21.93 -40.80 -8.22
C ILE D 3915 -21.48 -40.74 -6.78
N ILE D 3916 -20.36 -40.07 -6.52
CA ILE D 3916 -19.71 -40.12 -5.21
C ILE D 3916 -20.64 -39.54 -4.14
N ILE D 3917 -21.12 -38.31 -4.38
CA ILE D 3917 -22.05 -37.65 -3.45
C ILE D 3917 -23.35 -38.45 -3.33
N CYS D 3918 -23.84 -39.02 -4.45
CA CYS D 3918 -25.04 -39.84 -4.36
C CYS D 3918 -24.83 -41.08 -3.49
N THR D 3919 -23.65 -41.71 -3.63
CA THR D 3919 -23.29 -42.87 -2.82
C THR D 3919 -23.23 -42.51 -1.34
N VAL D 3920 -22.68 -41.32 -1.04
CA VAL D 3920 -22.67 -40.83 0.33
C VAL D 3920 -24.10 -40.67 0.84
N ASP D 3921 -24.98 -40.09 0.02
CA ASP D 3921 -26.35 -39.86 0.44
C ASP D 3921 -27.06 -41.18 0.77
N TYR D 3922 -26.76 -42.22 -0.02
CA TYR D 3922 -27.28 -43.55 0.28
C TYR D 3922 -26.74 -44.06 1.60
N LEU D 3923 -25.43 -43.84 1.84
CA LEU D 3923 -24.82 -44.27 3.09
C LEU D 3923 -25.49 -43.56 4.27
N LEU D 3924 -25.85 -42.29 4.08
CA LEU D 3924 -26.55 -41.52 5.09
C LEU D 3924 -27.90 -42.15 5.43
N ARG D 3925 -28.65 -42.56 4.40
CA ARG D 3925 -29.93 -43.24 4.62
C ARG D 3925 -29.72 -44.56 5.36
N LEU D 3926 -28.65 -45.28 4.99
CA LEU D 3926 -28.30 -46.52 5.65
C LEU D 3926 -27.98 -46.25 7.12
N GLN D 3927 -27.22 -45.18 7.36
CA GLN D 3927 -26.73 -44.86 8.69
C GLN D 3927 -27.90 -44.59 9.62
N GLU D 3928 -28.86 -43.78 9.15
CA GLU D 3928 -30.08 -43.55 9.93
C GLU D 3928 -30.81 -44.86 10.20
N SER D 3929 -30.90 -45.73 9.20
CA SER D 3929 -31.65 -46.98 9.34
C SER D 3929 -31.06 -47.89 10.41
N ILE D 3930 -29.76 -48.19 10.29
CA ILE D 3930 -29.07 -49.04 11.25
C ILE D 3930 -29.01 -48.39 12.62
N SER D 3931 -28.82 -47.06 12.63
CA SER D 3931 -28.83 -46.29 13.87
C SER D 3931 -30.16 -46.47 14.59
N ASP D 3932 -31.27 -46.17 13.91
CA ASP D 3932 -32.61 -46.21 14.51
C ASP D 3932 -32.92 -47.65 14.97
N PHE D 3933 -32.41 -48.66 14.24
CA PHE D 3933 -32.58 -50.02 14.70
C PHE D 3933 -31.87 -50.24 16.04
N TYR D 3934 -30.67 -49.67 16.20
CA TYR D 3934 -30.10 -49.62 17.55
C TYR D 3934 -30.94 -48.74 18.48
N TRP D 3935 -31.59 -47.69 17.94
CA TRP D 3935 -32.46 -46.82 18.75
C TRP D 3935 -33.82 -47.48 19.07
N TYR D 3936 -33.89 -48.79 18.89
CA TYR D 3936 -35.04 -49.62 19.22
C TYR D 3936 -34.68 -50.65 20.30
N TYR D 3937 -33.44 -50.64 20.78
CA TYR D 3937 -32.89 -51.71 21.62
C TYR D 3937 -32.24 -51.18 22.90
N SER D 3938 -32.98 -50.38 23.67
CA SER D 3938 -32.56 -50.07 25.03
C SER D 3938 -33.37 -50.81 26.07
N GLY D 3939 -34.70 -50.69 26.01
CA GLY D 3939 -35.57 -51.48 26.88
C GLY D 3939 -35.36 -52.97 26.75
N LYS D 3940 -35.23 -53.46 25.52
CA LYS D 3940 -34.83 -54.84 25.29
C LYS D 3940 -33.33 -54.98 25.48
N ASP D 3941 -32.94 -55.76 26.49
CA ASP D 3941 -31.55 -55.93 26.89
C ASP D 3941 -30.88 -57.13 26.24
N VAL D 3942 -31.63 -57.91 25.47
CA VAL D 3942 -31.13 -59.09 24.77
C VAL D 3942 -31.60 -59.00 23.33
N ILE D 3943 -30.83 -59.60 22.42
CA ILE D 3943 -31.14 -59.57 21.00
C ILE D 3943 -31.51 -60.98 20.56
N GLU D 3944 -32.72 -61.12 20.03
CA GLU D 3944 -33.21 -62.38 19.49
C GLU D 3944 -32.67 -62.68 18.09
N GLU D 3945 -33.28 -63.70 17.47
CA GLU D 3945 -32.78 -64.23 16.20
C GLU D 3945 -32.99 -63.25 15.07
N GLN D 3946 -34.22 -62.74 14.90
CA GLN D 3946 -34.52 -61.88 13.77
C GLN D 3946 -33.69 -60.59 13.84
N GLY D 3947 -33.55 -60.02 15.03
CA GLY D 3947 -32.64 -58.89 15.23
C GLY D 3947 -31.20 -59.19 14.85
N LYS D 3948 -30.73 -60.40 15.20
CA LYS D 3948 -29.37 -60.79 14.81
C LYS D 3948 -29.25 -60.98 13.31
N ARG D 3949 -30.21 -61.70 12.70
CA ARG D 3949 -30.12 -61.98 11.28
C ARG D 3949 -30.28 -60.71 10.46
N ASN D 3950 -31.07 -59.77 10.98
CA ASN D 3950 -31.21 -58.44 10.39
C ASN D 3950 -29.86 -57.75 10.38
N PHE D 3951 -29.18 -57.69 11.54
CA PHE D 3951 -27.91 -56.99 11.59
C PHE D 3951 -26.87 -57.67 10.70
N SER D 3952 -26.90 -59.01 10.66
CA SER D 3952 -25.97 -59.80 9.85
C SER D 3952 -26.05 -59.43 8.37
N LYS D 3953 -27.26 -59.39 7.81
CA LYS D 3953 -27.34 -58.98 6.41
C LYS D 3953 -27.19 -57.47 6.24
N ALA D 3954 -27.75 -56.69 7.16
CA ALA D 3954 -27.76 -55.23 7.05
C ALA D 3954 -26.36 -54.64 7.05
N MET D 3955 -25.48 -55.14 7.92
CA MET D 3955 -24.14 -54.58 8.01
C MET D 3955 -23.26 -54.95 6.83
N SER D 3956 -23.53 -56.08 6.17
CA SER D 3956 -22.77 -56.45 4.98
C SER D 3956 -22.91 -55.42 3.87
N VAL D 3957 -24.02 -54.69 3.87
CA VAL D 3957 -24.20 -53.56 2.96
C VAL D 3957 -23.18 -52.48 3.27
N ALA D 3958 -23.09 -52.09 4.55
CA ALA D 3958 -22.16 -51.05 4.97
C ALA D 3958 -20.72 -51.46 4.69
N LYS D 3959 -20.41 -52.73 4.92
CA LYS D 3959 -19.08 -53.27 4.62
C LYS D 3959 -18.76 -53.16 3.13
N GLN D 3960 -19.73 -53.49 2.28
CA GLN D 3960 -19.52 -53.40 0.84
C GLN D 3960 -19.38 -51.95 0.39
N VAL D 3961 -20.24 -51.07 0.93
CA VAL D 3961 -20.19 -49.65 0.58
C VAL D 3961 -18.84 -49.07 0.99
N PHE D 3962 -18.39 -49.40 2.20
CA PHE D 3962 -17.11 -48.88 2.68
C PHE D 3962 -15.95 -49.35 1.81
N ASN D 3963 -15.97 -50.64 1.41
CA ASN D 3963 -14.98 -51.14 0.45
C ASN D 3963 -15.07 -50.41 -0.89
N SER D 3964 -16.28 -49.99 -1.26
CA SER D 3964 -16.47 -49.28 -2.52
C SER D 3964 -15.81 -47.92 -2.42
N LEU D 3965 -16.09 -47.19 -1.31
CA LEU D 3965 -15.52 -45.85 -1.12
C LEU D 3965 -14.01 -45.91 -1.08
N THR D 3966 -13.45 -46.99 -0.49
CA THR D 3966 -12.00 -47.16 -0.47
C THR D 3966 -11.49 -47.23 -1.89
N GLU D 3967 -12.19 -48.03 -2.73
CA GLU D 3967 -11.76 -48.12 -4.11
C GLU D 3967 -11.95 -46.81 -4.85
N TYR D 3968 -12.89 -45.95 -4.42
CA TYR D 3968 -13.03 -44.66 -5.10
C TYR D 3968 -11.92 -43.71 -4.71
N ILE D 3969 -11.25 -43.93 -3.58
CA ILE D 3969 -10.39 -42.92 -3.00
C ILE D 3969 -8.92 -43.29 -3.11
N GLN D 3970 -8.57 -44.58 -3.03
CA GLN D 3970 -7.18 -45.00 -3.07
C GLN D 3970 -6.55 -44.67 -4.43
N GLY D 3971 -5.25 -44.38 -4.41
CA GLY D 3971 -4.52 -44.06 -5.62
C GLY D 3971 -3.60 -42.84 -5.58
N PRO D 3972 -4.01 -41.68 -5.00
CA PRO D 3972 -5.35 -41.20 -4.64
C PRO D 3972 -5.97 -40.24 -5.66
N CYS D 3973 -7.29 -40.13 -5.70
CA CYS D 3973 -7.98 -39.18 -6.58
C CYS D 3973 -8.33 -37.96 -5.74
N THR D 3974 -7.58 -36.87 -5.95
CA THR D 3974 -7.75 -35.65 -5.15
C THR D 3974 -9.13 -35.06 -5.33
N GLY D 3975 -9.65 -35.05 -6.56
CA GLY D 3975 -10.97 -34.48 -6.82
C GLY D 3975 -12.06 -35.17 -6.03
N ASN D 3976 -11.99 -36.51 -5.95
CA ASN D 3976 -12.91 -37.25 -5.10
C ASN D 3976 -12.70 -36.89 -3.64
N GLN D 3977 -11.42 -36.78 -3.22
CA GLN D 3977 -11.14 -36.49 -1.82
C GLN D 3977 -11.77 -35.17 -1.41
N GLN D 3978 -11.68 -34.17 -2.30
CA GLN D 3978 -12.31 -32.88 -2.07
C GLN D 3978 -13.83 -33.01 -2.01
N SER D 3979 -14.40 -33.89 -2.86
CA SER D 3979 -15.84 -34.06 -2.88
C SER D 3979 -16.32 -34.63 -1.55
N LEU D 3980 -15.61 -35.64 -1.02
CA LEU D 3980 -15.97 -36.19 0.28
C LEU D 3980 -15.74 -35.16 1.38
N ALA D 3981 -14.70 -34.33 1.24
CA ALA D 3981 -14.46 -33.25 2.19
C ALA D 3981 -15.66 -32.33 2.28
N HIS D 3982 -16.35 -32.10 1.16
CA HIS D 3982 -17.54 -31.26 1.17
C HIS D 3982 -18.83 -32.06 1.23
N SER D 3983 -18.76 -33.37 1.42
CA SER D 3983 -19.93 -34.22 1.48
C SER D 3983 -20.57 -34.22 2.88
N ARG D 3984 -21.55 -35.10 3.08
CA ARG D 3984 -22.19 -35.35 4.37
C ARG D 3984 -21.61 -36.58 5.06
N LEU D 3985 -20.44 -37.03 4.57
CA LEU D 3985 -19.83 -38.26 5.07
C LEU D 3985 -19.47 -38.15 6.53
N TRP D 3986 -18.98 -36.98 6.96
CA TRP D 3986 -18.53 -36.77 8.34
C TRP D 3986 -19.67 -37.04 9.33
N ASP D 3987 -20.83 -36.45 9.06
CA ASP D 3987 -22.00 -36.65 9.92
C ASP D 3987 -22.44 -38.11 9.93
N ALA D 3988 -22.36 -38.77 8.77
CA ALA D 3988 -22.62 -40.20 8.73
C ALA D 3988 -21.60 -40.99 9.56
N VAL D 3989 -20.34 -40.54 9.54
CA VAL D 3989 -19.28 -41.17 10.31
C VAL D 3989 -19.59 -41.04 11.79
N VAL D 3990 -20.06 -39.86 12.21
CA VAL D 3990 -20.40 -39.61 13.62
C VAL D 3990 -21.46 -40.61 14.06
N GLY D 3991 -22.53 -40.73 13.24
CA GLY D 3991 -23.66 -41.58 13.62
C GLY D 3991 -23.20 -43.02 13.78
N PHE D 3992 -22.35 -43.48 12.85
CA PHE D 3992 -21.80 -44.84 12.93
C PHE D 3992 -20.97 -45.02 14.19
N LEU D 3993 -20.14 -44.02 14.53
CA LEU D 3993 -19.31 -44.10 15.73
C LEU D 3993 -20.15 -44.26 16.98
N HIS D 3994 -21.16 -43.41 17.16
CA HIS D 3994 -22.03 -43.51 18.33
C HIS D 3994 -22.77 -44.85 18.41
N VAL D 3995 -23.21 -45.36 17.25
CA VAL D 3995 -23.83 -46.69 17.22
C VAL D 3995 -22.84 -47.77 17.62
N PHE D 3996 -21.63 -47.76 17.04
CA PHE D 3996 -20.58 -48.71 17.45
C PHE D 3996 -20.19 -48.53 18.89
N ALA D 3997 -20.32 -47.31 19.41
CA ALA D 3997 -19.90 -46.93 20.75
C ALA D 3997 -20.74 -47.74 21.71
N HIS D 3998 -22.02 -47.42 21.79
CA HIS D 3998 -22.80 -48.06 22.84
C HIS D 3998 -23.18 -49.50 22.49
N MET D 3999 -23.16 -49.84 21.18
CA MET D 3999 -23.60 -51.15 20.74
C MET D 3999 -22.64 -52.22 21.25
N MET D 4000 -21.33 -51.99 21.14
CA MET D 4000 -20.41 -53.06 21.50
C MET D 4000 -20.26 -53.21 23.00
N MET D 4001 -20.61 -52.18 23.80
CA MET D 4001 -20.92 -52.42 25.21
C MET D 4001 -22.03 -53.43 25.34
N LYS D 4002 -23.16 -53.19 24.65
CA LYS D 4002 -24.32 -54.05 24.80
C LYS D 4002 -24.00 -55.50 24.40
N LEU D 4003 -23.22 -55.65 23.33
CA LEU D 4003 -22.77 -56.96 22.90
C LEU D 4003 -21.70 -57.54 23.82
N ALA D 4004 -20.94 -56.68 24.51
CA ALA D 4004 -19.95 -57.14 25.47
C ALA D 4004 -20.55 -57.61 26.77
N GLN D 4005 -21.81 -57.26 27.04
CA GLN D 4005 -22.45 -57.72 28.27
C GLN D 4005 -22.73 -59.21 28.29
N ASP D 4006 -22.59 -59.92 27.17
CA ASP D 4006 -22.95 -61.32 27.08
C ASP D 4006 -22.12 -62.00 26.00
N SER D 4007 -22.04 -63.33 26.09
CA SER D 4007 -21.36 -64.12 25.08
C SER D 4007 -22.30 -64.65 24.01
N SER D 4008 -23.59 -64.35 24.12
CA SER D 4008 -24.55 -64.79 23.11
C SER D 4008 -24.34 -64.13 21.76
N GLN D 4009 -23.71 -62.96 21.71
CA GLN D 4009 -23.54 -62.21 20.47
C GLN D 4009 -22.07 -61.99 20.13
N ILE D 4010 -21.26 -63.04 20.37
CA ILE D 4010 -19.85 -63.00 20.00
C ILE D 4010 -19.68 -62.91 18.49
N GLU D 4011 -20.57 -63.57 17.75
CA GLU D 4011 -20.56 -63.59 16.29
C GLU D 4011 -20.74 -62.16 15.81
N LEU D 4012 -21.95 -61.62 16.04
CA LEU D 4012 -22.32 -60.30 15.53
C LEU D 4012 -21.33 -59.23 15.98
N LEU D 4013 -20.78 -59.38 17.20
CA LEU D 4013 -19.71 -58.47 17.64
C LEU D 4013 -18.47 -58.60 16.79
N LYS D 4014 -18.07 -59.85 16.43
CA LYS D 4014 -16.85 -60.00 15.66
C LYS D 4014 -17.03 -59.47 14.23
N GLU D 4015 -18.26 -59.51 13.68
CA GLU D 4015 -18.48 -58.80 12.42
C GLU D 4015 -18.42 -57.29 12.62
N LEU D 4016 -19.00 -56.77 13.71
CA LEU D 4016 -19.01 -55.32 13.94
C LEU D 4016 -17.59 -54.77 14.03
N LEU D 4017 -16.72 -55.52 14.72
CA LEU D 4017 -15.31 -55.18 14.82
C LEU D 4017 -14.69 -54.95 13.44
N ASP D 4018 -14.88 -55.91 12.52
CA ASP D 4018 -14.27 -55.70 11.21
C ASP D 4018 -15.04 -54.70 10.37
N LEU D 4019 -16.26 -54.33 10.79
CA LEU D 4019 -17.01 -53.29 10.11
C LEU D 4019 -16.29 -51.96 10.32
N GLN D 4020 -16.22 -51.49 11.57
CA GLN D 4020 -15.45 -50.26 11.75
C GLN D 4020 -13.95 -50.40 11.43
N LYS D 4021 -13.39 -51.62 11.39
CA LYS D 4021 -12.06 -51.81 10.81
C LYS D 4021 -12.00 -51.33 9.36
N ASP D 4022 -13.00 -51.72 8.55
CA ASP D 4022 -13.03 -51.23 7.18
C ASP D 4022 -13.36 -49.75 7.11
N MET D 4023 -14.14 -49.28 8.09
CA MET D 4023 -14.50 -47.86 8.14
C MET D 4023 -13.27 -46.99 8.33
N VAL D 4024 -12.43 -47.32 9.33
CA VAL D 4024 -11.23 -46.54 9.55
C VAL D 4024 -10.26 -46.72 8.39
N VAL D 4025 -10.21 -47.91 7.78
CA VAL D 4025 -9.38 -48.13 6.59
C VAL D 4025 -9.75 -47.14 5.49
N MET D 4026 -11.07 -46.92 5.30
CA MET D 4026 -11.53 -45.84 4.43
C MET D 4026 -11.05 -44.48 4.90
N LEU D 4027 -11.13 -44.23 6.22
CA LEU D 4027 -10.74 -42.91 6.75
C LEU D 4027 -9.27 -42.61 6.47
N LEU D 4028 -8.40 -43.62 6.67
CA LEU D 4028 -6.99 -43.47 6.31
C LEU D 4028 -6.82 -43.24 4.81
N SER D 4029 -7.54 -44.01 3.98
CA SER D 4029 -7.45 -43.79 2.53
C SER D 4029 -7.88 -42.39 2.15
N LEU D 4030 -8.89 -41.85 2.84
CA LEU D 4030 -9.26 -40.45 2.69
C LEU D 4030 -8.16 -39.51 3.14
N LEU D 4031 -7.36 -39.93 4.10
CA LEU D 4031 -6.33 -39.08 4.65
C LEU D 4031 -5.01 -39.19 3.88
N GLU D 4032 -4.92 -40.16 2.95
CA GLU D 4032 -3.70 -40.48 2.22
C GLU D 4032 -3.13 -39.27 1.49
N GLY D 4033 -1.83 -39.04 1.68
CA GLY D 4033 -1.07 -38.03 0.95
C GLY D 4033 -1.58 -36.62 1.13
N ASN D 4034 -1.97 -36.25 2.34
CA ASN D 4034 -2.43 -34.91 2.62
C ASN D 4034 -1.26 -33.99 2.96
N VAL D 4035 -1.56 -32.69 3.02
CA VAL D 4035 -0.60 -31.67 3.40
C VAL D 4035 -0.97 -31.19 4.80
N VAL D 4036 0.02 -30.57 5.47
CA VAL D 4036 -0.20 -30.03 6.80
C VAL D 4036 -1.27 -28.95 6.76
N ASN D 4037 -2.09 -28.91 7.81
CA ASN D 4037 -3.21 -27.97 7.96
C ASN D 4037 -4.21 -28.08 6.82
N GLY D 4038 -4.27 -29.27 6.20
CA GLY D 4038 -5.17 -29.49 5.10
C GLY D 4038 -6.61 -29.40 5.53
N MET D 4039 -7.46 -28.86 4.64
CA MET D 4039 -8.86 -28.65 4.94
C MET D 4039 -9.56 -29.98 5.23
N ILE D 4040 -9.24 -31.03 4.47
CA ILE D 4040 -9.81 -32.36 4.69
C ILE D 4040 -9.44 -32.89 6.07
N ALA D 4041 -8.18 -32.72 6.48
CA ALA D 4041 -7.75 -33.12 7.81
C ALA D 4041 -8.48 -32.32 8.87
N ARG D 4042 -8.65 -31.01 8.62
CA ARG D 4042 -9.36 -30.13 9.54
C ARG D 4042 -10.78 -30.61 9.75
N GLN D 4043 -11.46 -30.99 8.66
CA GLN D 4043 -12.81 -31.51 8.75
C GLN D 4043 -12.84 -32.81 9.56
N MET D 4044 -11.84 -33.68 9.35
CA MET D 4044 -11.78 -34.90 10.15
C MET D 4044 -11.58 -34.59 11.64
N VAL D 4045 -10.80 -33.54 11.94
CA VAL D 4045 -10.64 -33.09 13.33
C VAL D 4045 -11.97 -32.60 13.90
N ASP D 4046 -12.68 -31.76 13.13
CA ASP D 4046 -13.97 -31.27 13.59
C ASP D 4046 -15.00 -32.38 13.68
N MET D 4047 -14.84 -33.45 12.89
CA MET D 4047 -15.65 -34.64 13.08
C MET D 4047 -15.37 -35.25 14.43
N LEU D 4048 -14.08 -35.33 14.80
CA LEU D 4048 -13.71 -35.98 16.04
C LEU D 4048 -14.18 -35.18 17.24
N VAL D 4049 -14.26 -33.85 17.11
CA VAL D 4049 -14.66 -33.00 18.23
C VAL D 4049 -16.09 -33.35 18.68
N GLU D 4050 -17.00 -33.49 17.72
CA GLU D 4050 -18.36 -33.92 18.05
C GLU D 4050 -18.40 -35.39 18.47
N SER D 4051 -17.57 -36.24 17.85
CA SER D 4051 -17.55 -37.66 18.23
C SER D 4051 -16.66 -37.95 19.42
N SER D 4052 -16.22 -36.92 20.15
CA SER D 4052 -15.30 -37.08 21.28
C SER D 4052 -15.87 -37.99 22.37
N SER D 4053 -17.14 -37.78 22.72
CA SER D 4053 -17.78 -38.55 23.79
C SER D 4053 -17.80 -40.03 23.46
N ASN D 4054 -18.15 -40.36 22.21
CA ASN D 4054 -18.20 -41.75 21.79
C ASN D 4054 -16.81 -42.38 21.70
N VAL D 4055 -15.87 -41.68 21.04
CA VAL D 4055 -14.55 -42.26 20.72
C VAL D 4055 -13.74 -42.55 21.98
N GLU D 4056 -13.94 -41.77 23.05
CA GLU D 4056 -13.24 -41.99 24.31
C GLU D 4056 -13.56 -43.37 24.87
N MET D 4057 -14.84 -43.69 24.99
CA MET D 4057 -15.24 -45.01 25.44
C MET D 4057 -15.07 -46.08 24.37
N ILE D 4058 -14.93 -45.70 23.09
CA ILE D 4058 -14.55 -46.64 22.04
C ILE D 4058 -13.17 -47.20 22.37
N LEU D 4059 -12.21 -46.32 22.61
CA LEU D 4059 -10.86 -46.76 22.89
C LEU D 4059 -10.78 -47.37 24.28
N LYS D 4060 -11.53 -46.80 25.22
CA LYS D 4060 -11.62 -47.35 26.57
C LYS D 4060 -12.11 -48.80 26.56
N PHE D 4061 -12.88 -49.21 25.54
CA PHE D 4061 -13.25 -50.62 25.44
C PHE D 4061 -12.08 -51.47 24.93
N PHE D 4062 -11.18 -50.87 24.16
CA PHE D 4062 -10.04 -51.59 23.59
C PHE D 4062 -8.95 -51.84 24.63
N ASP D 4063 -8.45 -50.74 25.21
CA ASP D 4063 -7.31 -50.85 26.13
C ASP D 4063 -7.62 -51.74 27.33
N MET D 4064 -8.89 -51.80 27.77
CA MET D 4064 -9.19 -52.66 28.92
C MET D 4064 -8.99 -54.15 28.60
N PHE D 4065 -9.15 -54.52 27.32
CA PHE D 4065 -8.70 -55.85 26.88
C PHE D 4065 -7.20 -55.93 26.78
N LEU D 4066 -6.57 -54.93 26.17
CA LEU D 4066 -5.12 -54.98 25.98
C LEU D 4066 -4.39 -55.01 27.33
N LYS D 4067 -4.78 -54.12 28.24
CA LYS D 4067 -4.19 -53.99 29.57
C LYS D 4067 -4.55 -55.16 30.48
N LEU D 4068 -5.68 -55.85 30.24
CA LEU D 4068 -5.98 -57.02 31.05
C LEU D 4068 -5.54 -58.33 30.42
N LYS D 4069 -5.05 -58.30 29.18
CA LYS D 4069 -4.37 -59.46 28.60
C LYS D 4069 -3.12 -59.82 29.40
N ASP D 4070 -2.46 -58.84 30.00
CA ASP D 4070 -1.24 -59.06 30.76
C ASP D 4070 -1.50 -59.32 32.24
N ILE D 4071 -2.53 -58.68 32.81
CA ILE D 4071 -2.76 -58.67 34.26
C ILE D 4071 -3.03 -60.07 34.82
N VAL D 4072 -3.49 -61.01 33.97
CA VAL D 4072 -3.61 -62.42 34.35
C VAL D 4072 -2.26 -63.01 34.76
N GLY D 4073 -1.15 -62.48 34.23
CA GLY D 4073 0.16 -62.83 34.72
C GLY D 4073 0.77 -61.84 35.70
N SER D 4074 0.11 -60.71 35.97
CA SER D 4074 0.59 -59.72 36.91
C SER D 4074 0.64 -60.30 38.30
N GLU D 4075 1.71 -60.01 39.04
CA GLU D 4075 1.85 -60.50 40.41
C GLU D 4075 0.76 -59.99 41.33
N ALA D 4076 0.39 -58.70 41.20
CA ALA D 4076 -0.68 -58.09 41.98
C ALA D 4076 -2.05 -58.74 41.78
N PHE D 4077 -2.25 -59.48 40.69
CA PHE D 4077 -3.45 -60.27 40.51
C PHE D 4077 -3.21 -61.76 40.75
N GLN D 4078 -2.00 -62.24 40.43
CA GLN D 4078 -1.63 -63.64 40.59
C GLN D 4078 -1.63 -64.06 42.06
N ASP D 4079 -1.32 -63.14 42.98
CA ASP D 4079 -1.42 -63.43 44.40
C ASP D 4079 -2.85 -63.78 44.79
N TYR D 4080 -3.82 -63.03 44.25
CA TYR D 4080 -5.22 -63.35 44.48
C TYR D 4080 -5.66 -64.58 43.69
N VAL D 4081 -4.96 -64.90 42.60
CA VAL D 4081 -5.23 -66.12 41.84
C VAL D 4081 -4.86 -67.31 42.72
N THR D 4082 -5.86 -68.02 43.22
CA THR D 4082 -5.65 -69.06 44.21
C THR D 4082 -6.20 -70.42 43.81
N ASP D 4083 -7.00 -70.50 42.76
CA ASP D 4083 -7.61 -71.77 42.41
C ASP D 4083 -6.68 -72.55 41.48
N PRO D 4084 -6.33 -73.79 41.83
CA PRO D 4084 -5.49 -74.61 40.92
C PRO D 4084 -6.15 -74.92 39.59
N ARG D 4085 -7.48 -74.94 39.52
CA ARG D 4085 -8.18 -75.09 38.24
C ARG D 4085 -7.89 -73.94 37.28
N GLY D 4086 -7.44 -72.79 37.77
CA GLY D 4086 -7.33 -71.63 36.92
C GLY D 4086 -8.56 -70.75 36.91
N LEU D 4087 -9.17 -70.55 38.07
CA LEU D 4087 -10.38 -69.74 38.13
C LEU D 4087 -10.16 -68.67 39.19
N ILE D 4088 -11.06 -67.67 39.23
CA ILE D 4088 -11.04 -66.67 40.29
C ILE D 4088 -12.43 -66.07 40.44
N SER D 4089 -12.90 -65.98 41.69
CA SER D 4089 -14.26 -65.54 41.98
C SER D 4089 -14.45 -64.06 41.64
N LYS D 4090 -15.71 -63.66 41.43
CA LYS D 4090 -16.06 -62.30 41.01
C LYS D 4090 -15.52 -61.26 41.99
N LYS D 4091 -15.80 -61.44 43.28
CA LYS D 4091 -15.31 -60.51 44.29
C LYS D 4091 -13.79 -60.58 44.38
N ASP D 4092 -13.20 -61.69 43.98
CA ASP D 4092 -11.75 -61.78 44.03
C ASP D 4092 -11.13 -61.09 42.81
N PHE D 4093 -11.88 -60.87 41.71
CA PHE D 4093 -11.50 -59.80 40.79
C PHE D 4093 -11.58 -58.45 41.48
N GLN D 4094 -12.67 -58.26 42.24
CA GLN D 4094 -13.05 -56.94 42.76
C GLN D 4094 -11.98 -56.38 43.68
N LYS D 4095 -11.44 -57.21 44.58
CA LYS D 4095 -10.44 -56.71 45.51
C LYS D 4095 -9.02 -56.81 44.98
N ALA D 4096 -8.83 -57.34 43.77
CA ALA D 4096 -7.51 -57.60 43.20
C ALA D 4096 -7.08 -56.55 42.19
N MET D 4097 -7.94 -56.28 41.22
CA MET D 4097 -7.54 -55.37 40.14
C MET D 4097 -7.71 -53.90 40.48
N ASP D 4098 -8.54 -53.53 41.47
CA ASP D 4098 -8.53 -52.13 41.88
C ASP D 4098 -7.29 -51.75 42.69
N SER D 4099 -6.48 -52.74 43.10
CA SER D 4099 -5.22 -52.48 43.79
C SER D 4099 -4.20 -51.76 42.93
N GLN D 4100 -4.36 -51.74 41.60
CA GLN D 4100 -3.49 -50.94 40.75
C GLN D 4100 -3.72 -49.44 40.88
N LYS D 4101 -4.78 -49.03 41.60
CA LYS D 4101 -5.20 -47.63 41.79
C LYS D 4101 -5.40 -46.91 40.46
N GLN D 4102 -5.97 -47.60 39.48
CA GLN D 4102 -6.13 -47.03 38.15
C GLN D 4102 -7.47 -47.32 37.49
N PHE D 4103 -8.22 -48.33 37.92
CA PHE D 4103 -9.47 -48.68 37.27
C PHE D 4103 -10.63 -48.03 38.00
N THR D 4104 -11.45 -47.28 37.26
CA THR D 4104 -12.59 -46.62 37.85
C THR D 4104 -13.66 -47.65 38.21
N GLY D 4105 -14.54 -47.24 39.14
CA GLY D 4105 -15.63 -48.04 39.66
C GLY D 4105 -16.47 -48.72 38.59
N PRO D 4106 -17.15 -47.91 37.74
CA PRO D 4106 -17.94 -48.53 36.66
C PRO D 4106 -17.12 -49.44 35.76
N GLU D 4107 -15.86 -49.08 35.47
CA GLU D 4107 -15.00 -49.94 34.65
C GLU D 4107 -14.82 -51.31 35.29
N ILE D 4108 -14.67 -51.34 36.63
CA ILE D 4108 -14.66 -52.60 37.36
C ILE D 4108 -15.95 -53.36 37.12
N GLN D 4109 -17.09 -52.65 37.22
CA GLN D 4109 -18.39 -53.32 37.07
C GLN D 4109 -18.56 -53.90 35.67
N PHE D 4110 -18.21 -53.12 34.64
CA PHE D 4110 -18.29 -53.60 33.26
C PHE D 4110 -17.37 -54.78 33.02
N LEU D 4111 -16.12 -54.74 33.52
CA LEU D 4111 -15.24 -55.89 33.35
C LEU D 4111 -15.76 -57.13 34.07
N LEU D 4112 -16.40 -56.94 35.23
CA LEU D 4112 -17.08 -58.03 35.93
C LEU D 4112 -18.21 -58.64 35.10
N SER D 4113 -19.03 -57.80 34.48
CA SER D 4113 -20.10 -58.32 33.62
C SER D 4113 -19.57 -58.91 32.32
N CYS D 4114 -18.60 -58.24 31.69
CA CYS D 4114 -17.96 -58.73 30.47
C CYS D 4114 -17.29 -60.09 30.67
N SER D 4115 -16.75 -60.34 31.86
CA SER D 4115 -16.27 -61.67 32.17
C SER D 4115 -17.42 -62.66 32.20
N GLU D 4116 -17.22 -63.80 31.57
CA GLU D 4116 -18.25 -64.82 31.47
C GLU D 4116 -18.21 -65.66 32.75
N ALA D 4117 -18.91 -65.18 33.77
CA ALA D 4117 -19.00 -65.88 35.04
C ALA D 4117 -19.73 -67.20 34.86
N ASP D 4118 -19.19 -68.24 35.48
CA ASP D 4118 -19.80 -69.57 35.44
C ASP D 4118 -20.96 -69.64 36.43
N GLU D 4119 -21.54 -70.83 36.60
CA GLU D 4119 -22.63 -70.98 37.57
C GLU D 4119 -22.16 -70.86 39.02
N ASN D 4120 -20.86 -70.92 39.29
CA ASN D 4120 -20.33 -70.78 40.64
C ASN D 4120 -19.87 -69.37 40.95
N GLU D 4121 -20.06 -68.43 40.01
CA GLU D 4121 -19.44 -67.08 40.02
C GLU D 4121 -17.93 -67.17 40.20
N MET D 4122 -17.33 -68.18 39.60
CA MET D 4122 -15.92 -68.53 39.76
C MET D 4122 -15.34 -68.42 38.35
N ILE D 4123 -14.94 -67.20 37.97
CA ILE D 4123 -14.79 -66.80 36.57
C ILE D 4123 -13.64 -67.54 35.90
N ASN D 4124 -13.85 -67.97 34.65
CA ASN D 4124 -12.85 -68.66 33.83
C ASN D 4124 -12.12 -67.60 33.01
N PHE D 4125 -11.06 -67.07 33.59
CA PHE D 4125 -10.20 -66.07 32.96
C PHE D 4125 -9.11 -66.67 32.09
N GLU D 4126 -9.10 -67.99 31.92
CA GLU D 4126 -8.16 -68.65 31.02
C GLU D 4126 -8.35 -68.21 29.57
N GLU D 4127 -9.59 -68.12 29.10
CA GLU D 4127 -9.85 -67.69 27.73
C GLU D 4127 -10.50 -66.31 27.65
N PHE D 4128 -10.76 -65.68 28.81
CA PHE D 4128 -11.40 -64.38 28.84
C PHE D 4128 -10.54 -63.34 28.13
N ALA D 4129 -9.25 -63.27 28.48
CA ALA D 4129 -8.38 -62.28 27.83
C ALA D 4129 -8.17 -62.65 26.37
N ASN D 4130 -7.94 -63.93 26.08
CA ASN D 4130 -7.66 -64.39 24.72
C ASN D 4130 -8.94 -64.41 23.80
N ARG D 4131 -10.08 -63.95 24.32
CA ARG D 4131 -11.30 -63.88 23.51
C ARG D 4131 -11.13 -62.96 22.31
N PHE D 4132 -10.68 -61.72 22.54
CA PHE D 4132 -10.73 -60.65 21.55
C PHE D 4132 -9.39 -60.01 21.23
N GLN D 4133 -8.29 -60.46 21.86
CA GLN D 4133 -6.99 -59.80 21.69
C GLN D 4133 -6.51 -59.79 20.25
N GLU D 4134 -6.65 -60.92 19.56
CA GLU D 4134 -6.27 -60.96 18.14
C GLU D 4134 -7.13 -60.01 17.31
N PRO D 4135 -8.48 -60.16 17.24
CA PRO D 4135 -9.24 -59.27 16.35
C PRO D 4135 -9.18 -57.78 16.72
N ALA D 4136 -9.10 -57.42 18.00
CA ALA D 4136 -9.05 -56.01 18.37
C ALA D 4136 -7.71 -55.34 18.10
N ARG D 4137 -6.68 -56.12 17.74
CA ARG D 4137 -5.35 -55.56 17.55
C ARG D 4137 -5.29 -54.66 16.33
N ASP D 4138 -5.84 -55.12 15.19
CA ASP D 4138 -5.72 -54.36 13.94
C ASP D 4138 -6.48 -53.04 14.04
N ILE D 4139 -7.73 -53.09 14.52
CA ILE D 4139 -8.53 -51.88 14.70
C ILE D 4139 -7.86 -50.90 15.66
N GLY D 4140 -7.26 -51.41 16.75
CA GLY D 4140 -6.50 -50.54 17.64
C GLY D 4140 -5.31 -49.90 16.95
N PHE D 4141 -4.62 -50.67 16.11
CA PHE D 4141 -3.51 -50.13 15.35
C PHE D 4141 -3.96 -49.06 14.38
N ASN D 4142 -5.06 -49.31 13.66
CA ASN D 4142 -5.52 -48.37 12.64
C ASN D 4142 -5.99 -47.07 13.27
N VAL D 4143 -6.69 -47.15 14.41
CA VAL D 4143 -7.16 -45.92 15.06
C VAL D 4143 -5.94 -45.16 15.58
N ALA D 4144 -4.90 -45.89 16.04
CA ALA D 4144 -3.66 -45.23 16.45
C ALA D 4144 -3.02 -44.50 15.28
N VAL D 4145 -3.01 -45.13 14.10
CA VAL D 4145 -2.42 -44.54 12.90
C VAL D 4145 -3.13 -43.25 12.53
N LEU D 4146 -4.47 -43.27 12.58
CA LEU D 4146 -5.27 -42.07 12.34
C LEU D 4146 -4.93 -40.98 13.34
N LEU D 4147 -4.81 -41.34 14.63
CA LEU D 4147 -4.53 -40.36 15.68
C LEU D 4147 -3.16 -39.70 15.46
N THR D 4148 -2.11 -40.52 15.28
CA THR D 4148 -0.78 -39.95 15.09
C THR D 4148 -0.71 -39.13 13.81
N ASN D 4149 -1.45 -39.54 12.77
CA ASN D 4149 -1.39 -38.83 11.49
C ASN D 4149 -1.97 -37.44 11.65
N LEU D 4150 -3.14 -37.36 12.30
CA LEU D 4150 -3.77 -36.06 12.51
C LEU D 4150 -2.94 -35.17 13.41
N SER D 4151 -2.41 -35.71 14.52
CA SER D 4151 -1.52 -34.92 15.37
C SER D 4151 -0.26 -34.47 14.64
N GLU D 4152 0.18 -35.25 13.65
CA GLU D 4152 1.35 -34.88 12.87
C GLU D 4152 1.05 -33.74 11.91
N HIS D 4153 -0.07 -33.82 11.21
CA HIS D 4153 -0.36 -32.84 10.17
C HIS D 4153 -1.15 -31.62 10.63
N VAL D 4154 -1.77 -31.67 11.80
CA VAL D 4154 -2.48 -30.52 12.34
C VAL D 4154 -1.90 -30.32 13.73
N PRO D 4155 -0.79 -29.60 13.87
CA PRO D 4155 -0.06 -29.59 15.15
C PRO D 4155 -0.35 -28.41 16.07
N HIS D 4156 -1.23 -27.47 15.69
CA HIS D 4156 -1.51 -26.31 16.54
C HIS D 4156 -3.00 -26.19 16.84
N ASP D 4157 -3.70 -27.31 16.98
CA ASP D 4157 -5.05 -27.31 17.48
C ASP D 4157 -5.10 -27.93 18.87
N PRO D 4158 -5.37 -27.13 19.92
CA PRO D 4158 -5.41 -27.66 21.31
C PRO D 4158 -6.43 -28.77 21.53
N ARG D 4159 -7.57 -28.68 20.82
CA ARG D 4159 -8.65 -29.65 20.99
C ARG D 4159 -8.18 -31.05 20.65
N LEU D 4160 -7.21 -31.19 19.74
CA LEU D 4160 -6.74 -32.51 19.35
C LEU D 4160 -5.94 -33.13 20.48
N ARG D 4161 -5.01 -32.34 21.08
CA ARG D 4161 -4.26 -32.84 22.23
C ARG D 4161 -5.19 -33.23 23.37
N ASN D 4162 -6.34 -32.54 23.48
CA ASN D 4162 -7.36 -32.97 24.44
C ASN D 4162 -7.76 -34.43 24.22
N PHE D 4163 -7.87 -34.87 22.95
CA PHE D 4163 -8.09 -36.30 22.71
C PHE D 4163 -6.88 -37.10 23.13
N LEU D 4164 -5.69 -36.51 22.94
CA LEU D 4164 -4.45 -37.26 23.18
C LEU D 4164 -4.37 -37.66 24.65
N GLU D 4165 -4.64 -36.72 25.58
CA GLU D 4165 -4.65 -37.13 26.98
C GLU D 4165 -5.79 -38.10 27.30
N LEU D 4166 -6.81 -38.18 26.44
CA LEU D 4166 -7.89 -39.13 26.60
C LEU D 4166 -7.55 -40.46 25.93
N ALA D 4167 -6.39 -40.53 25.29
CA ALA D 4167 -6.11 -41.60 24.35
C ALA D 4167 -4.72 -42.22 24.44
N GLU D 4168 -3.87 -41.85 25.41
CA GLU D 4168 -2.49 -42.37 25.48
C GLU D 4168 -2.42 -43.89 25.44
N SER D 4169 -3.27 -44.56 26.22
CA SER D 4169 -3.27 -46.02 26.51
C SER D 4169 -3.01 -46.93 25.31
N ILE D 4170 -3.37 -46.48 24.12
CA ILE D 4170 -3.06 -47.23 22.91
C ILE D 4170 -1.72 -46.78 22.31
N LEU D 4171 -1.36 -45.50 22.45
CA LEU D 4171 -0.22 -44.89 21.77
C LEU D 4171 1.08 -45.59 22.12
N GLU D 4172 1.51 -45.52 23.39
CA GLU D 4172 2.76 -46.19 23.75
C GLU D 4172 2.67 -47.71 23.64
N TYR D 4173 1.48 -48.30 23.72
CA TYR D 4173 1.35 -49.74 23.54
C TYR D 4173 1.69 -50.16 22.11
N PHE D 4174 1.13 -49.47 21.13
CA PHE D 4174 1.43 -49.80 19.74
C PHE D 4174 2.66 -49.09 19.21
N ARG D 4175 3.18 -48.11 19.96
CA ARG D 4175 4.31 -47.29 19.51
C ARG D 4175 5.55 -48.07 19.07
N PRO D 4176 5.99 -49.16 19.73
CA PRO D 4176 7.13 -49.89 19.16
C PRO D 4176 6.84 -50.63 17.87
N TYR D 4177 5.63 -50.55 17.30
CA TYR D 4177 5.31 -51.43 16.20
C TYR D 4177 4.67 -50.62 15.09
N LEU D 4178 5.08 -49.37 14.96
CA LEU D 4178 4.58 -48.48 13.93
C LEU D 4178 5.75 -47.92 13.16
N GLY D 4179 5.64 -47.87 11.85
CA GLY D 4179 6.73 -47.40 11.01
C GLY D 4179 6.34 -46.10 10.34
N ARG D 4180 7.31 -45.19 10.22
CA ARG D 4180 7.15 -43.92 9.53
C ARG D 4180 8.22 -43.84 8.44
N ILE D 4181 7.80 -43.62 7.20
CA ILE D 4181 8.75 -43.41 6.13
C ILE D 4181 8.33 -42.16 5.38
N GLU D 4182 9.28 -41.54 4.68
CA GLU D 4182 8.98 -40.38 3.86
C GLU D 4182 9.34 -40.71 2.42
N ILE D 4183 8.41 -40.44 1.50
CA ILE D 4183 8.60 -40.74 0.08
C ILE D 4183 8.34 -39.52 -0.77
N MET D 4184 9.00 -39.46 -1.93
CA MET D 4184 8.71 -38.42 -2.91
C MET D 4184 7.56 -38.93 -3.76
N GLY D 4185 6.35 -38.46 -3.45
CA GLY D 4185 5.15 -38.98 -4.09
C GLY D 4185 4.93 -38.49 -5.51
N ALA D 4186 3.73 -38.80 -6.02
CA ALA D 4186 3.32 -38.35 -7.34
C ALA D 4186 3.26 -36.83 -7.40
N SER D 4187 2.82 -36.21 -6.29
CA SER D 4187 2.71 -34.76 -6.17
C SER D 4187 4.07 -34.07 -6.23
N ARG D 4188 5.15 -34.85 -6.01
CA ARG D 4188 6.56 -34.49 -5.96
C ARG D 4188 6.91 -33.84 -4.64
N ARG D 4189 6.02 -33.98 -3.67
CA ARG D 4189 6.22 -33.46 -2.33
C ARG D 4189 6.34 -34.64 -1.39
N ILE D 4190 7.24 -34.52 -0.40
CA ILE D 4190 7.53 -35.61 0.51
C ILE D 4190 6.29 -35.93 1.35
N GLU D 4191 5.93 -37.20 1.39
CA GLU D 4191 4.74 -37.67 2.07
C GLU D 4191 5.11 -38.72 3.10
N ARG D 4192 4.61 -38.57 4.32
CA ARG D 4192 4.83 -39.58 5.35
C ARG D 4192 3.85 -40.72 5.19
N ILE D 4193 4.34 -41.94 5.20
CA ILE D 4193 3.51 -43.14 5.19
C ILE D 4193 3.76 -43.93 6.46
N TYR D 4194 2.69 -44.41 7.08
CA TYR D 4194 2.76 -45.16 8.33
C TYR D 4194 2.44 -46.61 8.04
N PHE D 4195 2.89 -47.52 8.90
CA PHE D 4195 2.69 -48.94 8.63
C PHE D 4195 2.88 -49.73 9.92
N GLU D 4196 2.66 -51.04 9.83
CA GLU D 4196 2.81 -51.94 10.97
C GLU D 4196 4.12 -52.70 10.91
N ILE D 4197 4.85 -52.70 12.02
CA ILE D 4197 6.12 -53.42 12.15
C ILE D 4197 5.87 -54.67 12.97
N SER D 4198 6.20 -55.83 12.41
CA SER D 4198 5.91 -57.08 13.08
C SER D 4198 6.94 -57.34 14.17
N GLU D 4199 6.49 -58.02 15.23
CA GLU D 4199 7.35 -58.33 16.37
C GLU D 4199 8.50 -59.23 15.98
N THR D 4200 8.23 -60.24 15.15
CA THR D 4200 9.27 -61.20 14.76
C THR D 4200 10.38 -60.51 13.98
N ASN D 4201 10.00 -59.64 13.04
CA ASN D 4201 10.97 -58.87 12.27
C ASN D 4201 11.72 -57.91 13.17
N ARG D 4202 11.01 -57.27 14.10
CA ARG D 4202 11.64 -56.30 14.99
C ARG D 4202 12.69 -56.98 15.85
N ALA D 4203 12.36 -58.18 16.36
CA ALA D 4203 13.29 -58.97 17.16
C ALA D 4203 14.50 -59.35 16.32
N GLN D 4204 14.25 -59.72 15.05
CA GLN D 4204 15.33 -60.12 14.16
C GLN D 4204 16.26 -58.94 13.98
N TRP D 4205 15.68 -57.73 13.84
CA TRP D 4205 16.48 -56.53 13.65
C TRP D 4205 17.37 -56.29 14.87
N GLU D 4206 16.83 -56.54 16.07
CA GLU D 4206 17.65 -56.33 17.26
C GLU D 4206 18.73 -57.39 17.41
N MET D 4207 18.57 -58.55 16.76
CA MET D 4207 19.50 -59.66 16.93
C MET D 4207 20.93 -59.24 16.53
N PRO D 4208 21.96 -59.68 17.27
CA PRO D 4208 23.30 -59.10 17.09
C PRO D 4208 23.96 -59.42 15.75
N GLN D 4209 23.63 -60.57 15.14
CA GLN D 4209 24.19 -60.91 13.83
C GLN D 4209 23.72 -59.89 12.79
N VAL D 4210 22.43 -59.54 12.83
CA VAL D 4210 21.86 -58.60 11.88
C VAL D 4210 22.50 -57.24 12.09
N LYS D 4211 22.72 -56.87 13.36
CA LYS D 4211 23.34 -55.59 13.69
C LYS D 4211 24.74 -55.51 13.11
N GLU D 4212 25.48 -56.63 13.19
CA GLU D 4212 26.86 -56.68 12.69
C GLU D 4212 26.85 -56.51 11.18
N SER D 4213 25.90 -57.17 10.50
CA SER D 4213 25.76 -57.03 9.06
C SER D 4213 25.44 -55.58 8.70
N LYS D 4214 24.57 -54.94 9.50
CA LYS D 4214 24.18 -53.56 9.25
C LYS D 4214 25.39 -52.65 9.36
N ARG D 4215 26.22 -52.86 10.39
CA ARG D 4215 27.39 -52.00 10.62
C ARG D 4215 28.35 -52.14 9.47
N GLN D 4216 28.55 -53.38 9.01
CA GLN D 4216 29.49 -53.64 7.92
C GLN D 4216 28.98 -52.97 6.65
N PHE D 4217 27.66 -53.06 6.42
CA PHE D 4217 27.07 -52.48 5.23
C PHE D 4217 27.25 -50.97 5.23
N ILE D 4218 27.01 -50.34 6.39
CA ILE D 4218 27.10 -48.88 6.52
C ILE D 4218 28.52 -48.43 6.23
N PHE D 4219 29.50 -49.15 6.80
CA PHE D 4219 30.91 -48.80 6.61
C PHE D 4219 31.29 -48.92 5.15
N ASP D 4220 30.85 -50.02 4.49
CA ASP D 4220 31.22 -50.26 3.11
C ASP D 4220 30.62 -49.19 2.19
N VAL D 4221 29.32 -48.89 2.36
CA VAL D 4221 28.68 -47.94 1.46
C VAL D 4221 29.23 -46.53 1.66
N VAL D 4222 29.48 -46.13 2.92
CA VAL D 4222 29.92 -44.77 3.16
C VAL D 4222 31.37 -44.59 2.67
N ASN D 4223 32.26 -45.54 3.03
CA ASN D 4223 33.67 -45.35 2.71
C ASN D 4223 33.99 -45.51 1.23
N GLU D 4224 33.46 -46.53 0.56
CA GLU D 4224 33.85 -46.78 -0.82
C GLU D 4224 32.70 -46.73 -1.82
N GLY D 4225 31.61 -46.06 -1.48
CA GLY D 4225 30.44 -46.04 -2.34
C GLY D 4225 29.98 -44.64 -2.66
N GLY D 4226 29.63 -44.42 -3.92
CA GLY D 4226 29.09 -43.14 -4.34
C GLY D 4226 27.64 -42.97 -3.95
N GLU D 4227 27.25 -41.70 -3.81
CA GLU D 4227 25.89 -41.36 -3.40
C GLU D 4227 24.87 -41.83 -4.43
N ALA D 4228 25.24 -41.75 -5.72
CA ALA D 4228 24.31 -42.11 -6.80
C ALA D 4228 23.91 -43.57 -6.71
N GLU D 4229 24.88 -44.45 -6.43
CA GLU D 4229 24.63 -45.87 -6.35
C GLU D 4229 24.27 -46.30 -4.93
N LYS D 4230 24.32 -45.35 -3.97
CA LYS D 4230 24.11 -45.66 -2.56
C LYS D 4230 22.73 -46.26 -2.34
N MET D 4231 21.71 -45.69 -2.99
CA MET D 4231 20.34 -46.13 -2.79
C MET D 4231 20.18 -47.58 -3.27
N GLU D 4232 20.84 -47.90 -4.39
CA GLU D 4232 20.80 -49.25 -4.94
C GLU D 4232 21.45 -50.23 -3.97
N LEU D 4233 22.61 -49.85 -3.42
CA LEU D 4233 23.32 -50.72 -2.48
C LEU D 4233 22.48 -50.93 -1.23
N PHE D 4234 21.82 -49.88 -0.77
CA PHE D 4234 20.94 -49.95 0.39
C PHE D 4234 19.78 -50.91 0.13
N VAL D 4235 19.15 -50.80 -1.04
CA VAL D 4235 18.00 -51.63 -1.38
C VAL D 4235 18.42 -53.09 -1.46
N SER D 4236 19.61 -53.33 -2.04
CA SER D 4236 20.16 -54.68 -2.14
C SER D 4236 20.40 -55.28 -0.76
N PHE D 4237 20.95 -54.46 0.15
CA PHE D 4237 21.17 -54.91 1.53
C PHE D 4237 19.86 -55.24 2.20
N CYS D 4238 18.83 -54.41 1.96
CA CYS D 4238 17.53 -54.62 2.59
C CYS D 4238 16.93 -55.94 2.12
N GLU D 4239 17.09 -56.24 0.82
CA GLU D 4239 16.59 -57.49 0.27
C GLU D 4239 17.31 -58.68 0.90
N ASP D 4240 18.64 -58.57 1.04
CA ASP D 4240 19.42 -59.68 1.61
C ASP D 4240 19.00 -59.92 3.06
N THR D 4241 18.84 -58.83 3.81
CA THR D 4241 18.47 -58.90 5.22
C THR D 4241 17.08 -59.51 5.36
N ILE D 4242 16.16 -59.16 4.46
CA ILE D 4242 14.81 -59.73 4.48
C ILE D 4242 14.88 -61.23 4.27
N PHE D 4243 15.77 -61.66 3.35
CA PHE D 4243 15.90 -63.09 3.06
C PHE D 4243 16.47 -63.80 4.29
N GLU D 4244 17.42 -63.15 4.97
CA GLU D 4244 18.04 -63.72 6.15
C GLU D 4244 17.01 -63.89 7.26
N MET D 4245 16.14 -62.90 7.42
CA MET D 4245 15.10 -62.96 8.45
C MET D 4245 14.12 -64.09 8.15
N GLN D 4246 13.77 -64.26 6.88
CA GLN D 4246 12.90 -65.36 6.49
C GLN D 4246 13.54 -66.71 6.77
N ILE D 4247 14.84 -66.82 6.50
CA ILE D 4247 15.58 -68.06 6.80
C ILE D 4247 15.55 -68.32 8.30
N ALA D 4248 15.73 -67.24 9.09
CA ALA D 4248 15.77 -67.36 10.55
C ALA D 4248 14.43 -67.88 11.05
N ALA D 4249 13.35 -67.36 10.44
CA ALA D 4249 12.01 -67.74 10.85
C ALA D 4249 11.80 -69.22 10.60
N GLN D 4250 12.23 -69.71 9.43
CA GLN D 4250 12.02 -71.12 9.09
C GLN D 4250 12.81 -72.02 10.03
N ILE D 4251 14.09 -71.68 10.25
CA ILE D 4251 14.97 -72.56 11.03
C ILE D 4251 14.52 -72.63 12.50
N SER D 4252 14.10 -71.50 13.07
CA SER D 4252 13.77 -71.48 14.49
C SER D 4252 12.50 -72.25 14.80
N GLU D 4253 12.50 -72.93 15.94
CA GLU D 4253 11.39 -73.71 16.44
C GLU D 4253 10.89 -73.12 17.76
N PRO D 4254 9.58 -72.83 17.88
CA PRO D 4254 9.02 -72.22 19.08
C PRO D 4254 8.41 -73.24 20.04
N PHE D 4540 6.73 -94.47 7.99
CA PHE D 4540 7.99 -94.16 8.65
C PHE D 4540 8.66 -92.94 8.00
N TRP D 4541 8.31 -92.70 6.73
CA TRP D 4541 8.92 -91.59 5.98
C TRP D 4541 8.62 -90.25 6.63
N GLY D 4542 7.39 -90.05 7.10
CA GLY D 4542 7.02 -88.79 7.71
C GLY D 4542 7.80 -88.49 8.97
N GLU D 4543 7.95 -89.50 9.83
CA GLU D 4543 8.74 -89.36 11.06
C GLU D 4543 10.20 -89.13 10.74
N LEU D 4544 10.73 -89.87 9.76
CA LEU D 4544 12.13 -89.70 9.36
C LEU D 4544 12.35 -88.29 8.82
N GLU D 4545 11.41 -87.80 8.00
CA GLU D 4545 11.52 -86.48 7.40
C GLU D 4545 11.47 -85.40 8.48
N VAL D 4546 10.58 -85.56 9.46
CA VAL D 4546 10.45 -84.60 10.56
C VAL D 4546 11.74 -84.57 11.39
N GLN D 4547 12.31 -85.75 11.67
CA GLN D 4547 13.57 -85.80 12.41
C GLN D 4547 14.69 -85.15 11.61
N ARG D 4548 14.73 -85.43 10.30
CA ARG D 4548 15.81 -84.90 9.46
C ARG D 4548 15.73 -83.37 9.40
N VAL D 4549 14.53 -82.82 9.20
CA VAL D 4549 14.39 -81.36 9.09
C VAL D 4549 14.74 -80.72 10.41
N LYS D 4550 14.26 -81.31 11.54
CA LYS D 4550 14.52 -80.76 12.86
C LYS D 4550 16.02 -80.72 13.12
N PHE D 4551 16.70 -81.82 12.78
CA PHE D 4551 18.14 -81.95 12.98
C PHE D 4551 18.88 -80.91 12.16
N LEU D 4552 18.46 -80.75 10.89
CA LEU D 4552 19.10 -79.81 9.98
C LEU D 4552 18.96 -78.39 10.50
N ASN D 4553 17.75 -78.07 10.98
CA ASN D 4553 17.47 -76.73 11.50
C ASN D 4553 18.31 -76.46 12.73
N TYR D 4554 18.43 -77.48 13.61
CA TYR D 4554 19.20 -77.34 14.84
C TYR D 4554 20.66 -77.06 14.48
N LEU D 4555 21.17 -77.77 13.47
CA LEU D 4555 22.56 -77.61 13.04
C LEU D 4555 22.78 -76.19 12.56
N SER D 4556 21.80 -75.68 11.79
CA SER D 4556 21.89 -74.34 11.21
C SER D 4556 21.92 -73.30 12.32
N ARG D 4557 21.03 -73.47 13.32
CA ARG D 4557 20.96 -72.50 14.41
C ARG D 4557 22.24 -72.52 15.21
N ASN D 4558 22.81 -73.71 15.42
CA ASN D 4558 23.95 -73.88 16.29
C ASN D 4558 25.27 -73.87 15.55
N PHE D 4559 25.28 -73.36 14.31
CA PHE D 4559 26.50 -73.38 13.48
C PHE D 4559 27.66 -72.63 14.12
N TYR D 4560 27.39 -71.46 14.71
CA TYR D 4560 28.43 -70.64 15.33
C TYR D 4560 29.04 -71.36 16.53
N THR D 4561 28.18 -72.00 17.32
CA THR D 4561 28.58 -72.71 18.52
C THR D 4561 29.47 -73.88 18.17
N LEU D 4562 29.14 -74.61 17.11
CA LEU D 4562 29.96 -75.73 16.66
C LEU D 4562 31.33 -75.23 16.23
N ARG D 4563 31.38 -74.11 15.51
CA ARG D 4563 32.66 -73.60 15.01
C ARG D 4563 33.57 -73.20 16.17
N PHE D 4564 32.97 -72.57 17.20
CA PHE D 4564 33.73 -72.21 18.40
C PHE D 4564 34.21 -73.46 19.11
N LEU D 4565 33.37 -74.50 19.15
CA LEU D 4565 33.73 -75.76 19.77
C LEU D 4565 34.91 -76.38 19.03
N ALA D 4566 34.89 -76.28 17.70
CA ALA D 4566 35.95 -76.87 16.88
C ALA D 4566 37.27 -76.19 17.18
N LEU D 4567 37.23 -74.86 17.38
CA LEU D 4567 38.44 -74.15 17.77
C LEU D 4567 38.94 -74.62 19.14
N PHE D 4568 38.00 -74.85 20.07
CA PHE D 4568 38.36 -75.40 21.37
C PHE D 4568 38.99 -76.79 21.21
N LEU D 4569 38.49 -77.57 20.26
CA LEU D 4569 38.96 -78.93 20.04
C LEU D 4569 40.38 -78.90 19.49
N ALA D 4570 40.63 -77.96 18.58
CA ALA D 4570 41.96 -77.81 18.00
C ALA D 4570 42.96 -77.41 19.07
N PHE D 4571 42.56 -76.51 19.98
CA PHE D 4571 43.42 -76.15 21.11
C PHE D 4571 43.67 -77.35 22.01
N ALA D 4572 42.64 -78.16 22.23
CA ALA D 4572 42.72 -79.36 23.07
C ALA D 4572 43.73 -80.35 22.50
N ILE D 4573 43.54 -80.71 21.22
CA ILE D 4573 44.43 -81.64 20.52
C ILE D 4573 45.86 -81.10 20.53
N ASN D 4574 46.03 -79.79 20.31
CA ASN D 4574 47.37 -79.22 20.25
C ASN D 4574 48.06 -79.32 21.62
N PHE D 4575 47.28 -79.11 22.69
CA PHE D 4575 47.78 -79.27 24.05
C PHE D 4575 48.24 -80.71 24.27
N ILE D 4576 47.46 -81.67 23.78
CA ILE D 4576 47.87 -83.08 23.84
C ILE D 4576 49.14 -83.27 23.02
N LEU D 4577 49.23 -82.57 21.87
CA LEU D 4577 50.32 -82.70 20.90
C LEU D 4577 51.65 -82.23 21.48
N LEU D 4578 51.60 -81.50 22.59
CA LEU D 4578 52.82 -80.97 23.20
C LEU D 4578 53.54 -82.01 24.05
N PHE D 4579 53.06 -83.25 24.06
CA PHE D 4579 53.74 -84.34 24.74
C PHE D 4579 54.35 -85.35 23.78
N TYR D 4580 54.47 -85.04 22.49
CA TYR D 4580 55.09 -85.96 21.55
C TYR D 4580 56.61 -85.99 21.72
N LYS D 4581 57.15 -87.19 21.49
CA LYS D 4581 58.58 -87.45 21.58
C LYS D 4581 58.90 -88.58 20.60
N VAL D 4582 60.16 -88.64 20.17
CA VAL D 4582 60.59 -89.62 19.18
C VAL D 4582 61.68 -90.46 19.84
N SER D 4583 61.54 -91.78 19.74
CA SER D 4583 62.55 -92.69 20.24
C SER D 4583 62.87 -93.71 19.17
N ASP D 4584 64.16 -93.99 18.98
CA ASP D 4584 64.57 -95.00 18.01
C ASP D 4584 64.06 -96.38 18.43
N SER D 4585 64.05 -96.64 19.74
CA SER D 4585 63.50 -97.86 20.28
C SER D 4585 61.97 -97.85 20.17
N PRO D 4586 61.36 -99.01 19.92
CA PRO D 4586 59.89 -99.10 19.92
C PRO D 4586 59.30 -98.71 21.26
N PRO D 4587 58.23 -97.90 21.29
CA PRO D 4587 57.55 -97.32 22.47
C PRO D 4587 57.31 -98.28 23.64
N ASN D 4626 65.37 -98.12 9.97
CA ASN D 4626 65.94 -97.14 10.88
C ASN D 4626 64.91 -96.10 11.28
N MET D 4627 63.68 -96.29 10.78
CA MET D 4627 62.60 -95.34 11.00
C MET D 4627 62.22 -95.26 12.48
N VAL D 4628 62.11 -94.05 12.98
CA VAL D 4628 61.75 -93.85 14.38
C VAL D 4628 60.26 -94.03 14.54
N TYR D 4629 59.84 -94.58 15.68
CA TYR D 4629 58.45 -94.84 15.96
C TYR D 4629 57.91 -93.77 16.90
N TYR D 4630 57.07 -92.89 16.36
CA TYR D 4630 56.56 -91.75 17.12
C TYR D 4630 55.64 -92.22 18.24
N PHE D 4631 55.83 -91.67 19.43
CA PHE D 4631 55.07 -92.10 20.59
C PHE D 4631 54.73 -90.88 21.43
N LEU D 4632 53.58 -90.95 22.09
CA LEU D 4632 53.11 -89.86 22.94
C LEU D 4632 53.47 -90.22 24.37
N GLU D 4633 54.15 -89.32 25.06
CA GLU D 4633 54.65 -89.61 26.40
C GLU D 4633 53.91 -88.80 27.45
N GLU D 4634 53.10 -89.48 28.25
CA GLU D 4634 52.43 -88.86 29.38
C GLU D 4634 52.35 -89.90 30.48
N SER D 4635 52.54 -89.45 31.73
CA SER D 4635 52.57 -90.40 32.86
C SER D 4635 51.22 -91.08 33.04
N THR D 4636 50.13 -90.30 32.94
CA THR D 4636 48.79 -90.81 33.21
C THR D 4636 48.36 -91.89 32.22
N GLY D 4637 48.64 -91.69 30.93
CA GLY D 4637 48.18 -92.59 29.89
C GLY D 4637 46.78 -92.31 29.41
N TYR D 4638 46.06 -91.40 30.08
CA TYR D 4638 44.68 -91.07 29.72
C TYR D 4638 44.59 -90.30 28.41
N MET D 4639 45.57 -89.44 28.12
CA MET D 4639 45.49 -88.55 26.96
C MET D 4639 45.43 -89.27 25.62
N GLU D 4640 46.06 -90.45 25.50
CA GLU D 4640 46.04 -91.13 24.19
C GLU D 4640 44.63 -91.61 23.84
N PRO D 4641 43.88 -92.35 24.72
CA PRO D 4641 42.47 -92.65 24.38
C PRO D 4641 41.66 -91.37 24.18
N ALA D 4642 41.96 -90.36 25.01
CA ALA D 4642 41.32 -89.06 24.90
C ALA D 4642 41.58 -88.48 23.53
N LEU D 4643 42.82 -88.63 23.03
CA LEU D 4643 43.17 -88.07 21.74
C LEU D 4643 42.36 -88.74 20.64
N TRP D 4644 42.22 -90.07 20.71
CA TRP D 4644 41.48 -90.80 19.67
C TRP D 4644 40.02 -90.37 19.65
N CYS D 4645 39.41 -90.28 20.85
CA CYS D 4645 38.01 -89.86 20.96
C CYS D 4645 37.85 -88.41 20.50
N LEU D 4646 38.76 -87.54 20.92
CA LEU D 4646 38.69 -86.11 20.61
C LEU D 4646 38.84 -85.89 19.11
N SER D 4647 39.72 -86.67 18.45
CA SER D 4647 39.85 -86.59 17.01
C SER D 4647 38.55 -86.99 16.33
N LEU D 4648 37.92 -88.06 16.83
CA LEU D 4648 36.67 -88.54 16.23
C LEU D 4648 35.58 -87.48 16.41
N LEU D 4649 35.58 -86.85 17.59
CA LEU D 4649 34.66 -85.77 17.90
C LEU D 4649 34.90 -84.59 16.98
N HIS D 4650 36.17 -84.27 16.72
CA HIS D 4650 36.51 -83.10 15.90
C HIS D 4650 36.00 -83.30 14.49
N THR D 4651 36.21 -84.51 13.95
CA THR D 4651 35.79 -84.82 12.58
C THR D 4651 34.26 -84.71 12.50
N LEU D 4652 33.57 -85.19 13.56
CA LEU D 4652 32.11 -85.12 13.60
C LEU D 4652 31.65 -83.67 13.59
N VAL D 4653 32.30 -82.83 14.42
CA VAL D 4653 31.93 -81.42 14.55
C VAL D 4653 32.14 -80.72 13.21
N ALA D 4654 33.23 -81.08 12.51
CA ALA D 4654 33.55 -80.46 11.23
C ALA D 4654 32.45 -80.77 10.23
N PHE D 4655 31.98 -82.02 10.23
CA PHE D 4655 30.93 -82.44 9.30
C PHE D 4655 29.66 -81.65 9.61
N LEU D 4656 29.37 -81.48 10.90
CA LEU D 4656 28.19 -80.75 11.34
C LEU D 4656 28.27 -79.30 10.89
N CYS D 4657 29.49 -78.73 10.94
CA CYS D 4657 29.70 -77.35 10.50
C CYS D 4657 29.41 -77.22 9.01
N ILE D 4658 29.85 -78.22 8.22
CA ILE D 4658 29.66 -78.17 6.77
C ILE D 4658 28.16 -78.21 6.43
N ILE D 4659 27.42 -79.09 7.11
CA ILE D 4659 25.97 -79.15 6.93
C ILE D 4659 25.30 -77.85 7.42
N GLY D 4660 25.79 -77.30 8.54
CA GLY D 4660 25.29 -76.02 9.01
C GLY D 4660 25.45 -74.93 7.96
N TYR D 4661 26.64 -74.84 7.37
CA TYR D 4661 26.93 -73.77 6.42
C TYR D 4661 26.05 -73.93 5.19
N ASN D 4662 25.96 -75.15 4.64
CA ASN D 4662 25.21 -75.29 3.40
C ASN D 4662 23.70 -75.21 3.63
N CYS D 4663 23.24 -75.29 4.88
CA CYS D 4663 21.83 -75.09 5.17
C CYS D 4663 21.53 -73.71 5.73
N LEU D 4664 22.55 -72.90 6.00
CA LEU D 4664 22.33 -71.58 6.57
C LEU D 4664 22.80 -70.41 5.71
N LYS D 4665 24.00 -70.47 5.15
CA LYS D 4665 24.56 -69.34 4.42
C LYS D 4665 24.45 -69.48 2.92
N VAL D 4666 24.50 -70.72 2.41
CA VAL D 4666 24.39 -70.94 0.97
C VAL D 4666 23.10 -70.40 0.34
N PRO D 4667 21.88 -70.57 0.94
CA PRO D 4667 20.68 -70.00 0.30
C PRO D 4667 20.73 -68.50 0.04
N LEU D 4668 21.37 -67.73 0.94
CA LEU D 4668 21.55 -66.30 0.68
C LEU D 4668 22.44 -66.05 -0.52
N VAL D 4669 23.51 -66.84 -0.67
CA VAL D 4669 24.44 -66.71 -1.78
C VAL D 4669 23.73 -67.00 -3.10
N ILE D 4670 22.92 -68.07 -3.11
CA ILE D 4670 22.14 -68.43 -4.29
C ILE D 4670 21.10 -67.37 -4.59
N PHE D 4671 20.49 -66.80 -3.54
CA PHE D 4671 19.50 -65.74 -3.70
C PHE D 4671 20.13 -64.53 -4.37
N LYS D 4672 21.32 -64.13 -3.91
CA LYS D 4672 22.01 -62.98 -4.46
C LYS D 4672 22.42 -63.22 -5.92
N ARG D 4673 22.83 -64.44 -6.23
CA ARG D 4673 23.23 -64.75 -7.61
C ARG D 4673 22.03 -64.79 -8.54
N GLU D 4674 20.93 -65.42 -8.11
CA GLU D 4674 19.72 -65.40 -8.93
C GLU D 4674 19.19 -63.99 -9.10
N LYS D 4675 19.24 -63.18 -8.03
CA LYS D 4675 18.72 -61.82 -8.10
C LYS D 4675 19.52 -61.01 -9.12
N GLU D 4676 20.86 -61.11 -9.05
CA GLU D 4676 21.71 -60.34 -9.95
C GLU D 4676 21.53 -60.79 -11.39
N LEU D 4677 21.31 -62.10 -11.59
CA LEU D 4677 21.04 -62.62 -12.92
C LEU D 4677 19.73 -62.04 -13.45
N ALA D 4678 18.71 -61.98 -12.58
CA ALA D 4678 17.40 -61.48 -13.00
C ALA D 4678 17.50 -60.02 -13.41
N ARG D 4679 18.28 -59.22 -12.66
CA ARG D 4679 18.50 -57.82 -13.03
C ARG D 4679 19.21 -57.71 -14.37
N LYS D 4680 20.25 -58.52 -14.57
CA LYS D 4680 21.01 -58.47 -15.81
C LYS D 4680 20.16 -58.91 -17.00
N LEU D 4681 19.34 -59.94 -16.80
CA LEU D 4681 18.45 -60.44 -17.84
C LEU D 4681 17.37 -59.42 -18.22
N GLU D 4682 16.76 -58.77 -17.23
CA GLU D 4682 15.62 -57.91 -17.54
C GLU D 4682 16.03 -56.47 -17.82
N PHE D 4683 16.75 -55.85 -16.90
CA PHE D 4683 17.05 -54.44 -17.03
C PHE D 4683 18.29 -54.18 -17.86
N ASP D 4684 19.11 -55.20 -18.12
CA ASP D 4684 20.25 -55.00 -18.99
C ASP D 4684 20.24 -55.87 -20.25
N GLY D 4685 19.41 -56.90 -20.31
CA GLY D 4685 19.41 -57.82 -21.45
C GLY D 4685 20.75 -58.46 -21.77
N LEU D 4686 21.47 -58.93 -20.74
CA LEU D 4686 22.83 -59.41 -20.93
C LEU D 4686 22.90 -60.62 -21.87
N TYR D 4687 22.07 -61.63 -21.63
CA TYR D 4687 22.15 -62.83 -22.46
C TYR D 4687 21.40 -62.67 -23.76
N ILE D 4688 20.35 -61.84 -23.75
CA ILE D 4688 19.56 -61.60 -24.95
C ILE D 4688 20.38 -60.85 -26.00
N THR D 4689 21.10 -59.80 -25.60
CA THR D 4689 21.74 -58.94 -26.60
C THR D 4689 23.27 -58.94 -26.56
N GLU D 4690 23.90 -58.37 -25.53
CA GLU D 4690 25.35 -58.14 -25.55
C GLU D 4690 26.17 -59.43 -25.59
N GLN D 4691 25.86 -60.42 -24.71
CA GLN D 4691 26.57 -61.69 -24.50
C GLN D 4691 27.97 -61.47 -23.91
N PRO D 4692 28.25 -61.98 -22.71
CA PRO D 4692 29.53 -61.70 -22.03
C PRO D 4692 30.75 -62.15 -22.82
N GLY D 4693 31.82 -61.36 -22.70
CA GLY D 4693 33.03 -61.54 -23.48
C GLY D 4693 33.98 -62.67 -23.12
N ASP D 4694 33.46 -63.81 -22.67
CA ASP D 4694 34.19 -65.02 -22.27
C ASP D 4694 35.28 -64.84 -21.19
N ASP D 4695 35.53 -63.62 -20.72
CA ASP D 4695 36.49 -63.37 -19.66
C ASP D 4695 35.85 -63.33 -18.30
N ASP D 4696 34.52 -63.45 -18.23
CA ASP D 4696 33.78 -63.46 -16.98
C ASP D 4696 33.25 -64.88 -16.79
N VAL D 4697 34.05 -65.70 -16.09
CA VAL D 4697 33.80 -67.13 -15.89
C VAL D 4697 32.40 -67.36 -15.35
N LYS D 4698 31.98 -66.48 -14.42
CA LYS D 4698 30.70 -66.61 -13.74
C LYS D 4698 29.56 -66.53 -14.74
N GLY D 4699 29.70 -65.66 -15.76
CA GLY D 4699 28.63 -65.45 -16.73
C GLY D 4699 28.37 -66.74 -17.49
N GLN D 4700 29.46 -67.39 -17.92
CA GLN D 4700 29.35 -68.62 -18.70
C GLN D 4700 28.72 -69.69 -17.83
N TRP D 4701 29.08 -69.71 -16.53
CA TRP D 4701 28.47 -70.68 -15.63
C TRP D 4701 26.99 -70.41 -15.52
N ASP D 4702 26.61 -69.12 -15.45
CA ASP D 4702 25.22 -68.73 -15.31
C ASP D 4702 24.41 -69.05 -16.55
N ARG D 4703 25.07 -69.24 -17.70
CA ARG D 4703 24.32 -69.51 -18.94
C ARG D 4703 23.48 -70.77 -18.81
N LEU D 4704 24.00 -71.76 -18.07
CA LEU D 4704 23.35 -73.05 -17.91
C LEU D 4704 21.98 -72.94 -17.23
N VAL D 4705 21.89 -72.13 -16.18
CA VAL D 4705 20.67 -72.07 -15.37
C VAL D 4705 19.52 -71.38 -16.09
N LEU D 4706 19.79 -70.68 -17.20
CA LEU D 4706 18.79 -69.90 -17.91
C LEU D 4706 17.61 -70.74 -18.38
N ASN D 4707 17.88 -71.92 -18.94
CA ASN D 4707 16.81 -72.74 -19.49
C ASN D 4707 16.14 -73.63 -18.45
N THR D 4708 16.72 -73.75 -17.25
CA THR D 4708 16.20 -74.66 -16.23
C THR D 4708 14.85 -74.17 -15.75
N PRO D 4709 13.84 -75.07 -15.63
CA PRO D 4709 12.52 -74.70 -15.09
C PRO D 4709 12.49 -73.83 -13.84
N SER D 4710 13.04 -74.31 -12.73
CA SER D 4710 12.96 -73.57 -11.47
C SER D 4710 14.13 -72.59 -11.34
N PHE D 4711 14.21 -71.63 -12.25
CA PHE D 4711 15.20 -70.57 -12.11
C PHE D 4711 14.97 -69.66 -10.89
N PRO D 4712 13.72 -69.18 -10.58
CA PRO D 4712 13.59 -68.40 -9.32
C PRO D 4712 13.25 -69.27 -8.12
N SER D 4713 14.22 -70.11 -7.73
CA SER D 4713 13.99 -71.02 -6.60
C SER D 4713 13.85 -70.26 -5.29
N ASN D 4714 14.74 -69.30 -5.03
CA ASN D 4714 14.68 -68.58 -3.77
C ASN D 4714 14.22 -67.15 -3.93
N TYR D 4715 14.58 -66.50 -5.03
CA TYR D 4715 14.22 -65.12 -5.30
C TYR D 4715 12.70 -65.00 -5.41
N TRP D 4716 12.13 -63.95 -4.83
CA TRP D 4716 10.67 -63.78 -4.83
C TRP D 4716 10.08 -63.45 -6.19
N ASP D 4717 10.87 -62.95 -7.13
CA ASP D 4717 10.36 -62.53 -8.44
C ASP D 4717 10.20 -63.73 -9.35
N LYS D 4718 9.04 -64.37 -9.29
CA LYS D 4718 8.73 -65.53 -10.10
C LYS D 4718 8.43 -65.17 -11.55
N PHE D 4719 8.24 -63.89 -11.86
CA PHE D 4719 7.85 -63.44 -13.19
C PHE D 4719 9.01 -62.92 -14.01
N VAL D 4720 10.24 -63.32 -13.67
CA VAL D 4720 11.42 -62.84 -14.41
C VAL D 4720 11.32 -63.28 -15.87
N LYS D 4721 10.90 -64.53 -16.10
CA LYS D 4721 10.79 -65.07 -17.45
C LYS D 4721 9.76 -64.29 -18.28
N ARG D 4722 8.59 -64.04 -17.67
CA ARG D 4722 7.53 -63.29 -18.33
C ARG D 4722 7.96 -61.85 -18.60
N LYS D 4723 8.63 -61.22 -17.63
CA LYS D 4723 9.05 -59.84 -17.78
C LYS D 4723 10.07 -59.71 -18.90
N VAL D 4724 11.03 -60.65 -18.96
CA VAL D 4724 12.06 -60.64 -20.00
C VAL D 4724 11.40 -60.86 -21.35
N LEU D 4725 10.43 -61.78 -21.40
CA LEU D 4725 9.74 -62.10 -22.66
C LEU D 4725 9.01 -60.89 -23.18
N ASP D 4726 8.32 -60.17 -22.29
CA ASP D 4726 7.57 -58.99 -22.67
C ASP D 4726 8.50 -57.88 -23.13
N LYS D 4727 9.58 -57.64 -22.39
CA LYS D 4727 10.50 -56.55 -22.68
C LYS D 4727 11.33 -56.78 -23.95
N HIS D 4728 11.82 -58.01 -24.18
CA HIS D 4728 12.75 -58.25 -25.27
C HIS D 4728 12.21 -59.12 -26.39
N GLY D 4729 11.04 -59.75 -26.21
CA GLY D 4729 10.40 -60.54 -27.27
C GLY D 4729 10.24 -59.83 -28.60
N ASP D 4730 10.15 -58.50 -28.59
CA ASP D 4730 9.91 -57.72 -29.79
C ASP D 4730 11.06 -57.86 -30.78
N ILE D 4731 12.29 -57.79 -30.29
CA ILE D 4731 13.46 -57.84 -31.14
C ILE D 4731 14.03 -59.25 -31.24
N PHE D 4732 14.24 -59.91 -30.10
CA PHE D 4732 14.83 -61.25 -30.09
C PHE D 4732 13.91 -62.27 -30.75
N GLY D 4733 12.62 -62.18 -30.47
CA GLY D 4733 11.67 -63.18 -30.99
C GLY D 4733 11.07 -63.92 -29.81
N ARG D 4734 9.74 -64.03 -29.81
CA ARG D 4734 9.03 -64.67 -28.70
C ARG D 4734 9.42 -66.14 -28.59
N GLU D 4735 9.52 -66.80 -29.74
CA GLU D 4735 9.92 -68.21 -29.79
C GLU D 4735 11.35 -68.39 -29.27
N ARG D 4736 12.25 -67.48 -29.65
CA ARG D 4736 13.64 -67.55 -29.22
C ARG D 4736 13.75 -67.34 -27.71
N ILE D 4737 13.01 -66.36 -27.17
CA ILE D 4737 13.09 -66.07 -25.74
C ILE D 4737 12.56 -67.25 -24.95
N ALA D 4738 11.42 -67.82 -25.40
CA ALA D 4738 10.83 -68.97 -24.74
C ALA D 4738 11.76 -70.18 -24.83
N GLU D 4739 12.47 -70.31 -25.95
CA GLU D 4739 13.44 -71.39 -26.13
C GLU D 4739 14.60 -71.23 -25.16
N LEU D 4740 15.16 -70.02 -25.10
CA LEU D 4740 16.35 -69.76 -24.28
C LEU D 4740 16.04 -69.98 -22.80
N LEU D 4741 14.89 -69.49 -22.35
CA LEU D 4741 14.54 -69.57 -20.93
C LEU D 4741 13.82 -70.85 -20.60
N GLY D 4742 13.46 -71.65 -21.60
CA GLY D 4742 12.79 -72.91 -21.43
C GLY D 4742 11.31 -72.80 -21.19
N MET D 4743 10.72 -71.63 -21.39
CA MET D 4743 9.30 -71.44 -21.17
C MET D 4743 8.49 -72.09 -22.28
N ASP D 4744 7.27 -72.52 -21.94
CA ASP D 4744 6.34 -73.05 -22.92
C ASP D 4744 5.50 -71.89 -23.46
N LEU D 4745 5.86 -71.42 -24.66
CA LEU D 4745 5.18 -70.26 -25.25
C LEU D 4745 3.72 -70.56 -25.53
N ALA D 4746 3.44 -71.77 -26.04
CA ALA D 4746 2.09 -72.17 -26.43
C ALA D 4746 1.12 -72.17 -25.25
N SER D 4747 1.60 -72.57 -24.07
CA SER D 4747 0.73 -72.73 -22.91
C SER D 4747 0.58 -71.45 -22.11
N LEU D 4748 1.17 -70.35 -22.55
CA LEU D 4748 1.14 -69.08 -21.82
C LEU D 4748 -0.27 -68.51 -21.70
N ASP D 4772 15.07 -81.56 -10.96
CA ASP D 4772 15.84 -80.67 -11.84
C ASP D 4772 17.33 -80.91 -11.68
N VAL D 4773 17.82 -81.96 -12.34
CA VAL D 4773 19.20 -82.42 -12.21
C VAL D 4773 20.16 -81.33 -12.68
N LYS D 4774 19.84 -80.72 -13.84
CA LYS D 4774 20.71 -79.74 -14.47
C LYS D 4774 20.84 -78.54 -13.53
N TYR D 4775 19.70 -78.15 -12.92
CA TYR D 4775 19.67 -77.01 -12.01
C TYR D 4775 20.54 -77.30 -10.80
N GLN D 4776 20.45 -78.54 -10.28
CA GLN D 4776 21.20 -78.94 -9.10
C GLN D 4776 22.69 -78.89 -9.40
N ILE D 4777 23.06 -79.29 -10.64
CA ILE D 4777 24.45 -79.22 -11.07
C ILE D 4777 24.93 -77.79 -11.04
N TRP D 4778 24.09 -76.86 -11.53
CA TRP D 4778 24.48 -75.45 -11.58
C TRP D 4778 24.69 -74.92 -10.16
N LYS D 4779 23.74 -75.27 -9.27
CA LYS D 4779 23.76 -74.79 -7.89
C LYS D 4779 25.01 -75.29 -7.21
N PHE D 4780 25.31 -76.58 -7.43
CA PHE D 4780 26.42 -77.26 -6.79
C PHE D 4780 27.71 -76.59 -7.21
N GLY D 4781 27.80 -76.23 -8.50
CA GLY D 4781 28.98 -75.54 -9.02
C GLY D 4781 29.16 -74.21 -8.31
N VAL D 4782 28.04 -73.49 -8.08
CA VAL D 4782 28.11 -72.17 -7.45
C VAL D 4782 28.64 -72.33 -6.02
N ILE D 4783 28.12 -73.33 -5.29
CA ILE D 4783 28.55 -73.58 -3.92
C ILE D 4783 30.02 -73.95 -3.90
N PHE D 4784 30.42 -74.81 -4.86
CA PHE D 4784 31.78 -75.32 -4.92
C PHE D 4784 32.75 -74.16 -5.17
N THR D 4785 32.36 -73.22 -6.03
CA THR D 4785 33.21 -72.05 -6.25
C THR D 4785 33.26 -71.13 -5.03
N ASP D 4786 32.24 -71.13 -4.16
CA ASP D 4786 32.18 -70.19 -3.04
C ASP D 4786 33.39 -70.35 -2.12
N ASN D 4787 33.98 -69.23 -1.69
CA ASN D 4787 35.20 -69.25 -0.88
C ASN D 4787 35.00 -69.90 0.49
N SER D 4788 33.92 -69.53 1.20
CA SER D 4788 33.75 -70.01 2.57
C SER D 4788 33.54 -71.51 2.59
N PHE D 4789 32.77 -72.04 1.62
CA PHE D 4789 32.51 -73.47 1.56
C PHE D 4789 33.82 -74.21 1.36
N LEU D 4790 34.76 -73.58 0.65
CA LEU D 4790 36.03 -74.21 0.35
C LEU D 4790 36.89 -74.25 1.60
N TYR D 4791 36.89 -73.14 2.35
CA TYR D 4791 37.60 -73.14 3.62
C TYR D 4791 37.04 -74.19 4.58
N LEU D 4792 35.71 -74.35 4.60
CA LEU D 4792 35.09 -75.38 5.44
C LEU D 4792 35.49 -76.77 4.95
N GLY D 4793 35.57 -76.94 3.64
CA GLY D 4793 36.03 -78.19 3.05
C GLY D 4793 37.47 -78.48 3.41
N TRP D 4794 38.31 -77.44 3.40
CA TRP D 4794 39.72 -77.59 3.76
C TRP D 4794 39.85 -77.99 5.22
N TYR D 4795 39.02 -77.40 6.09
CA TYR D 4795 38.99 -77.75 7.50
C TYR D 4795 38.62 -79.21 7.70
N MET D 4796 37.59 -79.67 7.00
CA MET D 4796 37.17 -81.06 7.14
C MET D 4796 38.20 -81.99 6.52
N VAL D 4797 38.78 -81.62 5.37
CA VAL D 4797 39.72 -82.47 4.65
C VAL D 4797 40.98 -82.66 5.47
N MET D 4798 41.47 -81.57 6.09
CA MET D 4798 42.62 -81.65 6.99
C MET D 4798 42.29 -82.46 8.24
N SER D 4799 41.05 -82.33 8.74
CA SER D 4799 40.62 -83.13 9.88
C SER D 4799 40.61 -84.62 9.52
N LEU D 4800 40.20 -84.93 8.29
CA LEU D 4800 40.23 -86.31 7.81
C LEU D 4800 41.66 -86.81 7.74
N LEU D 4801 42.56 -86.01 7.14
CA LEU D 4801 43.94 -86.44 6.96
C LEU D 4801 44.65 -86.62 8.30
N GLY D 4802 44.21 -85.85 9.30
CA GLY D 4802 44.83 -85.91 10.60
C GLY D 4802 44.69 -87.26 11.26
N HIS D 4803 43.67 -88.02 10.87
CA HIS D 4803 43.52 -89.39 11.36
C HIS D 4803 44.70 -90.24 10.91
N TYR D 4804 45.10 -90.09 9.63
CA TYR D 4804 46.28 -90.73 9.06
C TYR D 4804 47.50 -90.27 9.83
N ASN D 4805 47.96 -89.04 9.60
CA ASN D 4805 49.09 -88.50 10.36
C ASN D 4805 48.53 -87.60 11.45
N ASN D 4806 48.85 -87.91 12.72
CA ASN D 4806 48.25 -87.19 13.84
C ASN D 4806 48.59 -85.70 13.81
N PHE D 4807 49.83 -85.37 13.43
CA PHE D 4807 50.33 -84.00 13.47
C PHE D 4807 49.56 -83.07 12.54
N PHE D 4808 48.90 -83.62 11.51
CA PHE D 4808 48.16 -82.82 10.54
C PHE D 4808 47.07 -82.01 11.21
N PHE D 4809 46.52 -82.52 12.33
CA PHE D 4809 45.43 -81.90 13.06
C PHE D 4809 45.80 -80.54 13.64
N ALA D 4810 47.07 -80.18 13.61
CA ALA D 4810 47.57 -78.96 14.21
C ALA D 4810 47.58 -77.81 13.21
N ALA D 4811 47.12 -78.04 11.99
CA ALA D 4811 47.11 -76.99 10.98
C ALA D 4811 45.82 -76.21 11.02
N HIS D 4812 44.91 -76.62 11.90
CA HIS D 4812 43.59 -76.03 12.04
C HIS D 4812 43.62 -74.83 12.96
N LEU D 4813 44.77 -74.56 13.56
CA LEU D 4813 44.92 -73.52 14.56
C LEU D 4813 44.76 -72.12 13.97
N LEU D 4814 44.92 -71.95 12.65
CA LEU D 4814 44.84 -70.62 12.05
C LEU D 4814 43.41 -70.23 11.76
N ASP D 4815 42.44 -71.02 12.21
CA ASP D 4815 41.05 -70.61 12.15
C ASP D 4815 40.75 -69.46 13.10
N ILE D 4816 41.61 -69.23 14.10
CA ILE D 4816 41.49 -68.10 15.02
C ILE D 4816 41.56 -66.76 14.28
N ALA D 4817 42.20 -66.75 13.11
CA ALA D 4817 42.27 -65.58 12.24
C ALA D 4817 40.90 -65.13 11.78
N MET D 4818 40.03 -66.09 11.46
CA MET D 4818 38.66 -65.75 11.11
C MET D 4818 37.75 -65.81 12.31
N GLY D 4819 38.18 -66.52 13.36
CA GLY D 4819 37.33 -66.73 14.51
C GLY D 4819 37.17 -65.47 15.33
N VAL D 4820 38.26 -64.76 15.60
CA VAL D 4820 38.18 -63.60 16.49
C VAL D 4820 38.23 -62.33 15.67
N LYS D 4821 37.28 -61.42 15.93
CA LYS D 4821 37.17 -60.18 15.17
C LYS D 4821 38.41 -59.30 15.33
N THR D 4822 38.96 -59.23 16.55
CA THR D 4822 40.13 -58.39 16.80
C THR D 4822 41.31 -58.90 15.99
N LEU D 4823 41.48 -60.22 15.95
CA LEU D 4823 42.61 -60.80 15.26
C LEU D 4823 42.46 -60.49 13.79
N ARG D 4824 41.21 -60.57 13.30
CA ARG D 4824 40.93 -60.38 11.89
C ARG D 4824 41.30 -58.96 11.49
N THR D 4825 41.02 -57.99 12.38
CA THR D 4825 41.36 -56.60 12.14
C THR D 4825 42.88 -56.40 12.10
N ILE D 4826 43.58 -57.07 13.02
CA ILE D 4826 45.03 -57.00 13.07
C ILE D 4826 45.64 -57.59 11.80
N LEU D 4827 45.13 -58.74 11.36
CA LEU D 4827 45.64 -59.34 10.13
C LEU D 4827 45.23 -58.53 8.90
N SER D 4828 44.10 -57.81 8.96
CA SER D 4828 43.74 -56.93 7.87
C SER D 4828 44.74 -55.80 7.75
N SER D 4829 45.36 -55.42 8.87
CA SER D 4829 46.42 -54.42 8.82
C SER D 4829 47.68 -54.96 8.14
N VAL D 4830 47.79 -56.27 7.93
CA VAL D 4830 48.89 -56.83 7.19
C VAL D 4830 48.52 -57.07 5.74
N THR D 4831 47.30 -57.58 5.51
CA THR D 4831 46.83 -57.86 4.15
C THR D 4831 46.37 -56.62 3.40
N HIS D 4832 46.18 -55.49 4.09
CA HIS D 4832 45.75 -54.26 3.43
C HIS D 4832 46.77 -53.76 2.42
N ASN D 4833 48.05 -53.79 2.78
CA ASN D 4833 49.12 -53.40 1.87
C ASN D 4833 49.97 -54.59 1.44
N GLY D 4834 49.32 -55.74 1.23
CA GLY D 4834 50.03 -56.95 0.86
C GLY D 4834 50.76 -56.85 -0.47
N LYS D 4835 50.12 -56.21 -1.46
CA LYS D 4835 50.74 -56.02 -2.77
C LYS D 4835 52.00 -55.15 -2.66
N GLN D 4836 51.93 -54.10 -1.84
CA GLN D 4836 53.10 -53.26 -1.59
C GLN D 4836 54.18 -54.03 -0.88
N LEU D 4837 53.80 -54.94 0.04
CA LEU D 4837 54.77 -55.77 0.73
C LEU D 4837 55.49 -56.69 -0.26
N VAL D 4838 54.74 -57.20 -1.24
CA VAL D 4838 55.33 -58.05 -2.28
C VAL D 4838 56.30 -57.21 -3.10
N MET D 4839 55.92 -55.97 -3.45
CA MET D 4839 56.80 -55.14 -4.27
C MET D 4839 58.08 -54.79 -3.52
N THR D 4840 57.99 -54.46 -2.23
CA THR D 4840 59.23 -54.14 -1.53
C THR D 4840 60.10 -55.38 -1.30
N VAL D 4841 59.49 -56.57 -1.18
CA VAL D 4841 60.31 -57.79 -1.16
C VAL D 4841 60.91 -58.07 -2.54
N GLY D 4842 60.32 -57.53 -3.60
CA GLY D 4842 60.99 -57.62 -4.89
C GLY D 4842 62.08 -56.60 -5.02
N LEU D 4843 61.97 -55.52 -4.26
CA LEU D 4843 63.08 -54.56 -4.19
C LEU D 4843 64.23 -55.16 -3.42
N LEU D 4844 63.92 -55.97 -2.39
CA LEU D 4844 64.96 -56.70 -1.68
C LEU D 4844 65.66 -57.69 -2.61
N ALA D 4845 64.88 -58.39 -3.44
CA ALA D 4845 65.42 -59.37 -4.37
C ALA D 4845 66.35 -58.73 -5.41
N VAL D 4846 65.93 -57.56 -5.92
CA VAL D 4846 66.75 -56.81 -6.88
C VAL D 4846 68.01 -56.23 -6.25
N VAL D 4847 67.91 -55.59 -5.09
CA VAL D 4847 69.12 -54.96 -4.55
C VAL D 4847 70.08 -56.01 -3.98
N VAL D 4848 69.57 -57.08 -3.36
CA VAL D 4848 70.42 -58.16 -2.87
C VAL D 4848 71.15 -58.80 -4.05
N TYR D 4849 70.45 -58.93 -5.18
CA TYR D 4849 71.08 -59.46 -6.38
C TYR D 4849 72.16 -58.52 -6.92
N LEU D 4850 71.87 -57.22 -6.96
CA LEU D 4850 72.82 -56.26 -7.52
C LEU D 4850 74.11 -56.22 -6.72
N TYR D 4851 73.97 -56.31 -5.39
CA TYR D 4851 75.15 -56.45 -4.53
C TYR D 4851 75.86 -57.77 -4.79
N THR D 4852 75.11 -58.86 -4.99
CA THR D 4852 75.75 -60.16 -5.22
C THR D 4852 76.62 -60.11 -6.47
N VAL D 4853 76.09 -59.50 -7.56
CA VAL D 4853 76.86 -59.32 -8.79
C VAL D 4853 78.11 -58.46 -8.54
N VAL D 4854 77.96 -57.45 -7.68
CA VAL D 4854 79.05 -56.52 -7.42
C VAL D 4854 80.16 -57.18 -6.62
N ALA D 4855 79.80 -57.97 -5.61
CA ALA D 4855 80.80 -58.67 -4.84
C ALA D 4855 81.41 -59.81 -5.64
N PHE D 4856 80.61 -60.50 -6.45
CA PHE D 4856 81.06 -61.68 -7.17
C PHE D 4856 82.16 -61.28 -8.14
N ASN D 4857 82.01 -60.13 -8.79
CA ASN D 4857 83.01 -59.66 -9.74
C ASN D 4857 84.32 -59.28 -9.06
N PHE D 4858 84.27 -58.69 -7.85
CA PHE D 4858 85.47 -58.13 -7.24
C PHE D 4858 85.83 -58.57 -5.84
N PHE D 4859 85.00 -59.34 -5.13
CA PHE D 4859 85.27 -59.60 -3.72
C PHE D 4859 85.17 -61.09 -3.40
N ARG D 4860 85.65 -61.93 -4.33
CA ARG D 4860 85.50 -63.38 -4.21
C ARG D 4860 86.26 -63.96 -3.03
N LYS D 4861 87.47 -63.46 -2.77
CA LYS D 4861 88.34 -64.03 -1.74
C LYS D 4861 87.74 -63.91 -0.36
N PHE D 4862 87.13 -62.76 -0.07
CA PHE D 4862 86.67 -62.42 1.28
C PHE D 4862 85.65 -63.41 1.82
N TYR D 4863 84.73 -63.87 0.98
CA TYR D 4863 83.64 -64.71 1.47
C TYR D 4863 84.09 -66.17 1.60
N ASN D 4864 85.00 -66.39 2.55
CA ASN D 4864 85.45 -67.74 2.86
C ASN D 4864 84.84 -68.14 4.19
N LYS D 4865 84.05 -69.20 4.20
CA LYS D 4865 83.33 -69.57 5.41
C LYS D 4865 83.96 -70.75 6.15
N SER D 4866 85.10 -71.25 5.70
CA SER D 4866 85.70 -72.44 6.31
C SER D 4866 87.06 -72.07 6.89
N GLU D 4867 87.24 -72.39 8.16
CA GLU D 4867 88.51 -72.15 8.84
C GLU D 4867 89.61 -73.06 8.28
N ASP D 4868 89.27 -74.31 7.97
CA ASP D 4868 90.25 -75.29 7.53
C ASP D 4868 90.91 -74.91 6.21
N GLU D 4869 92.25 -74.85 6.23
CA GLU D 4869 93.02 -74.49 5.05
C GLU D 4869 92.94 -75.54 3.95
N ASP D 4870 92.84 -76.82 4.31
CA ASP D 4870 92.91 -77.89 3.31
C ASP D 4870 91.66 -77.93 2.45
N GLU D 4871 90.50 -77.65 3.02
CA GLU D 4871 89.26 -77.57 2.25
C GLU D 4871 88.54 -76.26 2.53
N PRO D 4872 89.04 -75.13 2.02
CA PRO D 4872 88.38 -73.86 2.31
C PRO D 4872 87.11 -73.78 1.49
N ASP D 4873 86.09 -73.13 2.05
CA ASP D 4873 84.86 -72.96 1.32
C ASP D 4873 84.65 -71.51 0.98
N MET D 4874 84.69 -71.22 -0.32
CA MET D 4874 84.41 -69.89 -0.83
C MET D 4874 82.96 -69.95 -1.29
N LYS D 4875 82.13 -69.06 -0.79
CA LYS D 4875 80.72 -69.15 -1.13
C LYS D 4875 80.31 -68.08 -2.13
N CYS D 4876 81.25 -67.51 -2.87
CA CYS D 4876 80.90 -66.56 -3.91
C CYS D 4876 81.25 -67.00 -5.33
N ASP D 4877 81.90 -68.16 -5.53
CA ASP D 4877 82.32 -68.53 -6.88
C ASP D 4877 81.12 -68.77 -7.79
N ASP D 4878 80.10 -69.43 -7.27
CA ASP D 4878 78.93 -69.79 -8.04
C ASP D 4878 77.90 -68.70 -7.78
N MET D 4879 77.30 -68.18 -8.85
CA MET D 4879 76.37 -67.06 -8.71
C MET D 4879 75.18 -67.44 -7.85
N MET D 4880 74.67 -68.67 -8.03
CA MET D 4880 73.52 -69.13 -7.27
C MET D 4880 73.85 -69.16 -5.78
N THR D 4881 75.07 -69.59 -5.46
CA THR D 4881 75.48 -69.70 -4.06
C THR D 4881 75.72 -68.33 -3.46
N CYS D 4882 76.40 -67.42 -4.17
CA CYS D 4882 76.63 -66.08 -3.62
C CYS D 4882 75.32 -65.34 -3.41
N TYR D 4883 74.38 -65.45 -4.36
CA TYR D 4883 73.05 -64.89 -4.17
C TYR D 4883 72.37 -65.50 -2.96
N LEU D 4884 72.43 -66.85 -2.86
CA LEU D 4884 71.78 -67.57 -1.76
C LEU D 4884 72.40 -67.18 -0.43
N PHE D 4885 73.73 -66.98 -0.43
CA PHE D 4885 74.45 -66.53 0.75
C PHE D 4885 74.02 -65.13 1.12
N HIS D 4886 73.86 -64.27 0.13
CA HIS D 4886 73.55 -62.87 0.40
C HIS D 4886 72.16 -62.78 1.01
N MET D 4887 71.23 -63.53 0.44
CA MET D 4887 69.84 -63.50 0.89
C MET D 4887 69.67 -64.19 2.24
N TYR D 4888 70.28 -65.38 2.42
CA TYR D 4888 70.17 -66.07 3.70
C TYR D 4888 70.94 -65.39 4.84
N VAL D 4889 72.19 -64.96 4.67
CA VAL D 4889 72.92 -64.46 5.83
C VAL D 4889 73.23 -62.96 5.79
N GLY D 4890 73.10 -62.28 4.66
CA GLY D 4890 73.30 -60.85 4.68
C GLY D 4890 72.13 -60.09 5.27
N VAL D 4891 70.95 -60.24 4.66
CA VAL D 4891 69.75 -59.55 5.14
C VAL D 4891 69.41 -60.02 6.55
N ARG D 4892 69.53 -61.32 6.81
CA ARG D 4892 69.12 -61.85 8.10
C ARG D 4892 70.07 -61.43 9.22
N ALA D 4893 71.23 -60.86 8.90
CA ALA D 4893 72.15 -60.40 9.90
C ALA D 4893 71.70 -59.02 10.38
N GLY D 4894 72.17 -58.63 11.56
CA GLY D 4894 71.83 -57.30 12.00
C GLY D 4894 72.94 -56.32 11.79
N GLY D 4895 74.10 -56.78 11.32
CA GLY D 4895 75.23 -55.89 11.13
C GLY D 4895 75.73 -55.88 9.71
N GLY D 4896 74.91 -56.33 8.78
CA GLY D 4896 75.26 -56.29 7.38
C GLY D 4896 76.12 -57.47 7.00
N ILE D 4897 76.46 -57.52 5.72
CA ILE D 4897 77.22 -58.65 5.18
C ILE D 4897 78.67 -58.63 5.70
N GLY D 4898 79.26 -57.44 5.82
CA GLY D 4898 80.68 -57.32 6.16
C GLY D 4898 81.05 -57.94 7.49
N ASP D 4899 80.18 -57.82 8.50
CA ASP D 4899 80.44 -58.49 9.78
C ASP D 4899 80.42 -60.00 9.62
N GLU D 4900 79.50 -60.51 8.80
CA GLU D 4900 79.39 -61.94 8.57
C GLU D 4900 80.64 -62.49 7.86
N ILE D 4901 81.18 -61.71 6.92
CA ILE D 4901 82.30 -62.18 6.11
C ILE D 4901 83.64 -61.71 6.69
N GLU D 4902 84.71 -61.76 5.89
CA GLU D 4902 86.07 -61.45 6.32
C GLU D 4902 86.32 -59.96 6.53
N ASP D 4903 87.45 -59.68 7.19
CA ASP D 4903 87.87 -58.34 7.53
C ASP D 4903 88.29 -57.58 6.28
N PRO D 4904 87.92 -56.29 6.15
CA PRO D 4904 88.37 -55.50 5.00
C PRO D 4904 89.73 -54.85 5.12
N ALA D 4905 90.36 -54.81 6.29
CA ALA D 4905 91.61 -54.08 6.43
C ALA D 4905 92.76 -54.82 5.75
N GLY D 4906 93.87 -54.10 5.54
CA GLY D 4906 95.07 -54.66 4.95
C GLY D 4906 94.93 -55.21 3.55
N ASP D 4907 94.26 -54.48 2.66
CA ASP D 4907 94.15 -54.91 1.27
C ASP D 4907 94.16 -53.65 0.39
N GLU D 4908 94.44 -53.83 -0.91
CA GLU D 4908 94.41 -52.73 -1.87
C GLU D 4908 93.01 -52.16 -2.06
N TYR D 4909 92.00 -53.03 -2.22
CA TYR D 4909 90.65 -52.58 -2.52
C TYR D 4909 90.03 -51.81 -1.36
N GLU D 4910 90.27 -52.29 -0.13
CA GLU D 4910 89.80 -51.84 1.19
C GLU D 4910 88.69 -50.80 1.21
N LEU D 4911 89.01 -49.58 0.76
CA LEU D 4911 88.04 -48.49 0.80
C LEU D 4911 86.79 -48.86 0.00
N TYR D 4912 86.98 -49.57 -1.12
CA TYR D 4912 85.88 -49.99 -1.96
C TYR D 4912 84.95 -50.89 -1.17
N ARG D 4913 85.56 -51.81 -0.41
CA ARG D 4913 84.78 -52.77 0.34
C ARG D 4913 84.06 -52.12 1.53
N VAL D 4914 84.69 -51.18 2.25
CA VAL D 4914 83.95 -50.52 3.33
C VAL D 4914 82.75 -49.77 2.78
N VAL D 4915 82.90 -49.10 1.63
CA VAL D 4915 81.75 -48.43 1.00
C VAL D 4915 80.67 -49.45 0.64
N PHE D 4916 81.10 -50.64 0.22
CA PHE D 4916 80.22 -51.76 -0.09
C PHE D 4916 79.41 -52.22 1.12
N ASP D 4917 80.07 -52.38 2.28
CA ASP D 4917 79.31 -52.78 3.48
C ASP D 4917 78.42 -51.66 4.01
N ILE D 4918 78.93 -50.41 4.11
CA ILE D 4918 78.10 -49.35 4.70
C ILE D 4918 76.84 -49.13 3.87
N THR D 4919 76.96 -49.27 2.53
CA THR D 4919 75.77 -49.16 1.68
C THR D 4919 74.81 -50.29 2.01
N PHE D 4920 75.33 -51.49 2.27
CA PHE D 4920 74.48 -52.65 2.51
C PHE D 4920 73.80 -52.50 3.86
N PHE D 4921 74.47 -51.82 4.79
CA PHE D 4921 73.89 -51.51 6.09
C PHE D 4921 72.73 -50.54 5.92
N PHE D 4922 72.91 -49.48 5.13
CA PHE D 4922 71.86 -48.47 5.09
C PHE D 4922 70.75 -48.89 4.15
N PHE D 4923 71.09 -49.03 2.87
CA PHE D 4923 70.13 -49.25 1.79
C PHE D 4923 69.44 -50.60 1.90
N VAL D 4924 70.16 -51.65 2.28
CA VAL D 4924 69.62 -53.00 2.27
C VAL D 4924 69.28 -53.52 3.66
N ILE D 4925 69.55 -52.76 4.71
CA ILE D 4925 69.14 -53.22 6.03
C ILE D 4925 68.25 -52.15 6.65
N VAL D 4926 68.82 -50.96 6.88
CA VAL D 4926 68.11 -49.90 7.59
C VAL D 4926 66.89 -49.44 6.78
N ILE D 4927 67.07 -49.13 5.51
CA ILE D 4927 65.98 -48.56 4.73
C ILE D 4927 64.93 -49.63 4.41
N LEU D 4928 65.37 -50.83 4.03
CA LEU D 4928 64.43 -51.80 3.49
C LEU D 4928 63.73 -52.63 4.57
N LEU D 4929 64.05 -52.39 5.84
CA LEU D 4929 63.29 -52.99 6.94
C LEU D 4929 62.54 -51.92 7.70
N ALA D 4930 62.42 -50.74 7.10
CA ALA D 4930 61.70 -49.60 7.63
C ALA D 4930 60.48 -49.30 6.79
N ILE D 4931 60.52 -49.69 5.52
CA ILE D 4931 59.37 -49.56 4.62
C ILE D 4931 58.27 -50.53 5.04
N ILE D 4932 58.65 -51.72 5.51
CA ILE D 4932 57.70 -52.69 6.03
C ILE D 4932 57.02 -52.15 7.31
N GLN D 4933 57.80 -51.50 8.17
CA GLN D 4933 57.23 -50.89 9.37
C GLN D 4933 56.33 -49.71 9.00
N GLY D 4934 56.72 -48.96 7.98
CA GLY D 4934 55.89 -47.87 7.50
C GLY D 4934 54.57 -48.37 6.96
N LEU D 4935 54.62 -49.45 6.17
CA LEU D 4935 53.42 -49.98 5.54
C LEU D 4935 52.42 -50.49 6.59
N ILE D 4936 52.92 -51.17 7.63
CA ILE D 4936 52.05 -51.61 8.73
C ILE D 4936 51.47 -50.41 9.49
N ILE D 4937 52.33 -49.44 9.85
CA ILE D 4937 51.89 -48.27 10.63
C ILE D 4937 50.88 -47.47 9.81
N ASP D 4938 51.12 -47.35 8.51
CA ASP D 4938 50.18 -46.72 7.60
C ASP D 4938 48.87 -47.47 7.56
N ALA D 4939 48.92 -48.81 7.60
CA ALA D 4939 47.71 -49.62 7.52
C ALA D 4939 46.80 -49.35 8.71
N PHE D 4940 47.39 -49.27 9.92
CA PHE D 4940 46.60 -49.06 11.14
C PHE D 4940 45.90 -47.72 11.06
N GLY D 4941 46.58 -46.73 10.48
CA GLY D 4941 46.00 -45.42 10.30
C GLY D 4941 44.85 -45.49 9.33
N GLU D 4942 45.02 -46.22 8.23
CA GLU D 4942 43.99 -46.29 7.20
C GLU D 4942 42.72 -46.95 7.71
N LEU D 4943 42.87 -48.01 8.49
CA LEU D 4943 41.71 -48.69 9.03
C LEU D 4943 41.02 -47.79 10.04
N ARG D 4944 41.83 -47.07 10.83
CA ARG D 4944 41.31 -46.11 11.79
C ARG D 4944 40.57 -44.98 11.10
N ASP D 4945 41.17 -44.45 10.02
CA ASP D 4945 40.61 -43.31 9.32
C ASP D 4945 39.27 -43.68 8.73
N GLN D 4946 39.20 -44.91 8.21
CA GLN D 4946 37.97 -45.38 7.59
C GLN D 4946 36.84 -45.40 8.61
N GLN D 4947 37.13 -45.96 9.81
CA GLN D 4947 36.11 -46.01 10.85
C GLN D 4947 35.74 -44.62 11.38
N GLU D 4948 36.75 -43.75 11.52
CA GLU D 4948 36.50 -42.38 11.96
C GLU D 4948 35.66 -41.60 10.96
N GLN D 4949 35.96 -41.76 9.66
CA GLN D 4949 35.18 -41.07 8.63
C GLN D 4949 33.75 -41.57 8.64
N VAL D 4950 33.56 -42.89 8.85
CA VAL D 4950 32.23 -43.48 8.88
C VAL D 4950 31.45 -42.88 10.03
N LYS D 4951 32.10 -42.76 11.20
CA LYS D 4951 31.46 -42.26 12.41
C LYS D 4951 31.06 -40.81 12.23
N GLU D 4952 32.02 -39.99 11.79
CA GLU D 4952 31.79 -38.55 11.64
C GLU D 4952 30.69 -38.28 10.62
N ASP D 4953 30.69 -39.02 9.50
CA ASP D 4953 29.70 -38.79 8.45
C ASP D 4953 28.31 -39.14 8.95
N MET D 4954 28.19 -40.25 9.70
CA MET D 4954 26.89 -40.59 10.27
C MET D 4954 26.43 -39.56 11.28
N GLU D 4955 27.36 -39.07 12.13
CA GLU D 4955 26.97 -38.12 13.16
C GLU D 4955 26.55 -36.79 12.55
N THR D 4956 27.22 -36.34 11.49
CA THR D 4956 26.94 -35.01 10.97
C THR D 4956 25.94 -35.01 9.82
N LYS D 4957 25.51 -36.17 9.34
CA LYS D 4957 24.63 -36.18 8.18
C LYS D 4957 23.56 -37.25 8.35
N CYS D 4958 22.43 -37.02 7.69
CA CYS D 4958 21.37 -38.01 7.68
C CYS D 4958 21.66 -38.94 6.51
N PHE D 4959 21.67 -40.24 6.79
CA PHE D 4959 22.09 -41.22 5.78
C PHE D 4959 21.12 -41.25 4.60
N ILE D 4960 19.83 -41.32 4.87
CA ILE D 4960 18.85 -41.46 3.80
C ILE D 4960 18.74 -40.19 2.97
N CYS D 4961 18.70 -39.03 3.62
CA CYS D 4961 18.44 -37.81 2.84
C CYS D 4961 19.72 -37.11 2.40
N GLY D 4962 20.72 -37.01 3.26
CA GLY D 4962 21.95 -36.30 2.95
C GLY D 4962 22.04 -34.88 3.47
N ILE D 4963 20.96 -34.34 4.03
CA ILE D 4963 20.96 -33.00 4.63
C ILE D 4963 21.87 -33.02 5.85
N GLY D 4964 22.43 -31.86 6.21
CA GLY D 4964 23.39 -31.81 7.28
C GLY D 4964 22.71 -31.83 8.64
N SER D 4965 23.55 -31.94 9.67
CA SER D 4965 23.07 -31.96 11.04
C SER D 4965 22.44 -30.63 11.48
N ASP D 4966 22.92 -29.50 10.96
CA ASP D 4966 22.51 -28.17 11.45
C ASP D 4966 21.01 -27.92 11.31
N TYR D 4967 20.44 -28.24 10.13
CA TYR D 4967 19.03 -27.99 9.89
C TYR D 4967 18.17 -28.75 10.88
N PHE D 4968 18.49 -30.02 11.11
CA PHE D 4968 17.68 -30.78 12.03
C PHE D 4968 17.93 -30.29 13.44
N ASP D 4969 19.18 -29.87 13.70
CA ASP D 4969 19.65 -29.50 15.02
C ASP D 4969 19.11 -28.17 15.51
N THR D 4970 18.43 -27.41 14.64
CA THR D 4970 17.94 -26.09 15.07
C THR D 4970 17.00 -26.24 16.26
N THR D 4971 16.13 -27.24 16.22
CA THR D 4971 15.27 -27.61 17.34
C THR D 4971 16.11 -28.47 18.29
N PRO D 4972 15.76 -28.53 19.58
CA PRO D 4972 16.50 -29.42 20.50
C PRO D 4972 16.36 -30.90 20.13
N HIS D 4973 17.51 -31.60 20.11
CA HIS D 4973 17.63 -33.03 19.77
C HIS D 4973 17.03 -33.33 18.40
N GLY D 4974 17.17 -32.37 17.49
CA GLY D 4974 16.54 -32.49 16.18
C GLY D 4974 17.13 -33.59 15.34
N PHE D 4975 18.47 -33.68 15.33
CA PHE D 4975 19.13 -34.67 14.49
C PHE D 4975 18.72 -36.06 14.95
N GLU D 4976 18.63 -36.25 16.28
CA GLU D 4976 18.28 -37.54 16.84
C GLU D 4976 16.88 -37.92 16.38
N THR D 4977 15.96 -36.93 16.39
CA THR D 4977 14.59 -37.21 15.98
C THR D 4977 14.54 -37.56 14.50
N HIS D 4978 15.31 -36.83 13.68
CA HIS D 4978 15.28 -37.09 12.23
C HIS D 4978 15.83 -38.47 11.93
N THR D 4979 16.92 -38.85 12.59
CA THR D 4979 17.55 -40.13 12.30
C THR D 4979 16.99 -41.25 13.15
N LEU D 4980 15.85 -41.01 13.81
CA LEU D 4980 15.20 -42.08 14.55
C LEU D 4980 13.69 -42.02 14.45
N GLU D 4981 13.14 -41.19 13.57
CA GLU D 4981 11.71 -41.20 13.33
C GLU D 4981 11.35 -41.01 11.86
N GLU D 4982 11.64 -39.82 11.34
CA GLU D 4982 11.25 -39.43 9.98
C GLU D 4982 12.00 -40.21 8.90
N HIS D 4983 13.32 -40.38 9.04
CA HIS D 4983 14.07 -40.97 7.94
C HIS D 4983 14.89 -42.18 8.36
N ASN D 4984 14.40 -42.95 9.32
CA ASN D 4984 15.20 -44.06 9.86
C ASN D 4984 15.41 -45.14 8.80
N LEU D 4985 16.65 -45.64 8.74
CA LEU D 4985 17.03 -46.64 7.74
C LEU D 4985 16.24 -47.92 7.99
N ALA D 4986 16.09 -48.27 9.28
CA ALA D 4986 15.41 -49.50 9.62
C ALA D 4986 13.96 -49.39 9.17
N ASN D 4987 13.36 -48.20 9.34
CA ASN D 4987 11.97 -47.99 8.97
C ASN D 4987 11.78 -48.21 7.47
N TYR D 4988 12.77 -47.78 6.67
CA TYR D 4988 12.69 -48.06 5.24
C TYR D 4988 12.74 -49.56 4.98
N MET D 4989 13.62 -50.29 5.71
CA MET D 4989 13.71 -51.72 5.44
C MET D 4989 12.37 -52.38 5.79
N PHE D 4990 11.74 -51.95 6.92
CA PHE D 4990 10.48 -52.55 7.33
C PHE D 4990 9.41 -52.27 6.30
N PHE D 4991 9.49 -51.09 5.66
CA PHE D 4991 8.54 -50.76 4.59
C PHE D 4991 8.68 -51.73 3.44
N LEU D 4992 9.92 -51.93 2.97
CA LEU D 4992 10.11 -52.80 1.80
C LEU D 4992 9.73 -54.24 2.16
N MET D 4993 9.92 -54.61 3.43
CA MET D 4993 9.46 -55.91 3.92
C MET D 4993 7.95 -55.99 3.85
N TYR D 4994 7.28 -54.90 4.26
CA TYR D 4994 5.83 -54.85 4.30
C TYR D 4994 5.27 -54.99 2.91
N LEU D 4995 5.86 -54.27 1.96
CA LEU D 4995 5.39 -54.28 0.58
C LEU D 4995 5.57 -55.65 -0.05
N ILE D 4996 6.70 -56.32 0.23
CA ILE D 4996 6.90 -57.67 -0.28
C ILE D 4996 5.92 -58.64 0.35
N ASN D 4997 5.70 -58.56 1.67
CA ASN D 4997 4.85 -59.52 2.35
C ASN D 4997 3.38 -59.32 1.97
N LYS D 4998 2.91 -58.08 1.97
CA LYS D 4998 1.51 -57.78 1.71
C LYS D 4998 1.08 -58.20 0.31
N ASP D 4999 -0.08 -58.83 0.24
CA ASP D 4999 -0.62 -59.29 -1.03
C ASP D 4999 -0.96 -58.12 -1.95
N GLU D 5000 -0.60 -58.26 -3.23
CA GLU D 5000 -1.00 -57.28 -4.23
C GLU D 5000 -2.51 -57.30 -4.36
N THR D 5001 -3.09 -56.14 -4.72
CA THR D 5001 -4.51 -55.73 -4.86
C THR D 5001 -5.09 -55.26 -3.54
N GLU D 5002 -4.33 -55.35 -2.45
CA GLU D 5002 -4.72 -54.77 -1.17
C GLU D 5002 -3.85 -53.58 -0.87
N HIS D 5003 -2.90 -53.28 -1.76
CA HIS D 5003 -1.96 -52.19 -1.61
C HIS D 5003 -2.70 -50.87 -1.72
N THR D 5004 -2.38 -49.93 -0.84
CA THR D 5004 -2.96 -48.60 -0.97
C THR D 5004 -2.22 -47.88 -2.08
N GLY D 5005 -2.73 -46.70 -2.48
CA GLY D 5005 -2.18 -46.00 -3.64
C GLY D 5005 -0.71 -45.67 -3.50
N GLN D 5006 -0.31 -45.20 -2.33
CA GLN D 5006 1.09 -44.85 -2.10
C GLN D 5006 1.93 -46.11 -2.16
N GLU D 5007 1.40 -47.21 -1.61
CA GLU D 5007 2.11 -48.48 -1.60
C GLU D 5007 2.28 -49.02 -3.00
N SER D 5008 1.25 -48.85 -3.84
CA SER D 5008 1.33 -49.23 -5.24
C SER D 5008 2.41 -48.44 -5.95
N TYR D 5009 2.49 -47.14 -5.64
CA TYR D 5009 3.44 -46.25 -6.30
C TYR D 5009 4.87 -46.71 -6.00
N VAL D 5010 5.14 -46.99 -4.71
CA VAL D 5010 6.44 -47.49 -4.29
C VAL D 5010 6.70 -48.88 -4.88
N TRP D 5011 5.67 -49.73 -4.92
CA TRP D 5011 5.82 -51.09 -5.42
C TRP D 5011 6.24 -51.02 -6.88
N LYS D 5012 5.60 -50.14 -7.66
CA LYS D 5012 5.88 -50.02 -9.07
C LYS D 5012 7.32 -49.58 -9.27
N MET D 5013 7.76 -48.60 -8.45
CA MET D 5013 9.14 -48.10 -8.59
C MET D 5013 10.11 -49.21 -8.26
N TYR D 5014 9.80 -50.01 -7.24
CA TYR D 5014 10.71 -51.08 -6.83
C TYR D 5014 10.83 -52.09 -7.95
N GLN D 5015 9.68 -52.48 -8.52
CA GLN D 5015 9.65 -53.48 -9.58
C GLN D 5015 10.38 -52.99 -10.82
N GLU D 5016 10.48 -51.67 -11.00
CA GLU D 5016 11.11 -51.11 -12.19
C GLU D 5016 12.45 -50.44 -11.88
N ARG D 5017 12.96 -50.60 -10.66
CA ARG D 5017 14.27 -50.11 -10.19
C ARG D 5017 14.45 -48.61 -10.44
N CYS D 5018 13.50 -47.81 -9.96
CA CYS D 5018 13.65 -46.36 -9.95
C CYS D 5018 13.68 -45.88 -8.50
N TRP D 5019 14.76 -45.20 -8.13
CA TRP D 5019 14.99 -44.79 -6.75
C TRP D 5019 14.64 -43.34 -6.52
N ASP D 5020 13.74 -42.80 -7.35
CA ASP D 5020 13.30 -41.41 -7.21
C ASP D 5020 12.55 -41.16 -5.90
N PHE D 5021 11.76 -42.15 -5.44
CA PHE D 5021 10.91 -41.97 -4.26
C PHE D 5021 11.70 -41.56 -3.01
N PHE D 5022 12.92 -42.09 -2.84
CA PHE D 5022 13.70 -41.80 -1.64
C PHE D 5022 14.00 -40.31 -1.55
N PRO D 5023 13.79 -39.68 -0.38
CA PRO D 5023 13.99 -38.22 -0.26
C PRO D 5023 15.47 -37.87 -0.39
N ALA D 5024 15.81 -37.13 -1.44
CA ALA D 5024 17.18 -36.66 -1.60
C ALA D 5024 17.19 -35.14 -1.55
N GLY D 5025 17.99 -34.58 -0.66
CA GLY D 5025 18.07 -33.14 -0.54
C GLY D 5025 16.86 -32.48 0.06
N ASP D 5026 15.95 -33.24 0.66
CA ASP D 5026 14.71 -32.65 1.17
C ASP D 5026 14.15 -33.50 2.30
N CYS D 5027 13.26 -32.89 3.05
CA CYS D 5027 12.59 -33.54 4.18
C CYS D 5027 11.30 -32.78 4.43
N PHE D 5028 10.43 -33.41 5.21
CA PHE D 5028 9.12 -32.85 5.50
C PHE D 5028 9.23 -31.49 6.21
N ARG D 5029 10.18 -31.38 7.14
CA ARG D 5029 10.35 -30.17 7.93
C ARG D 5029 10.76 -29.00 7.05
N LYS D 5030 11.73 -29.25 6.16
CA LYS D 5030 12.19 -28.25 5.21
C LYS D 5030 11.06 -27.86 4.26
N GLN D 5031 10.28 -28.85 3.83
CA GLN D 5031 9.21 -28.61 2.88
C GLN D 5031 8.18 -27.68 3.49
N TYR D 5032 7.84 -27.89 4.76
CA TYR D 5032 6.76 -27.12 5.36
C TYR D 5032 7.24 -26.25 6.52
N GLU D 5033 8.39 -25.59 6.37
CA GLU D 5033 8.93 -24.69 7.41
C GLU D 5033 7.95 -23.58 7.74
N ASP D 5034 7.21 -23.10 6.72
CA ASP D 5034 6.28 -21.98 6.86
C ASP D 5034 5.18 -22.28 7.87
N GLN D 5035 4.60 -23.49 7.82
CA GLN D 5035 3.46 -23.82 8.66
C GLN D 5035 3.82 -24.61 9.90
N LEU D 5036 4.85 -25.47 9.84
CA LEU D 5036 5.19 -26.32 10.98
C LEU D 5036 5.61 -25.49 12.18
N SER D 5037 6.37 -24.42 11.94
CA SER D 5037 6.84 -23.47 12.95
C SER D 5037 5.75 -22.90 13.84
N GLY E 244 -74.81 1.40 102.69
CA GLY E 244 -75.37 0.57 101.63
C GLY E 244 -74.94 -0.88 101.74
N VAL E 245 -74.85 -1.39 102.97
CA VAL E 245 -74.42 -2.75 103.22
C VAL E 245 -75.49 -3.43 104.08
N GLU E 246 -75.73 -4.71 103.78
CA GLU E 246 -76.67 -5.51 104.55
C GLU E 246 -76.02 -6.86 104.84
N ILE E 247 -76.34 -7.42 106.01
CA ILE E 247 -75.62 -8.54 106.58
C ILE E 247 -76.61 -9.67 106.87
N GLU E 248 -76.20 -10.90 106.56
CA GLU E 248 -77.04 -12.06 106.90
C GLU E 248 -76.24 -13.07 107.71
N THR E 249 -76.81 -13.50 108.83
CA THR E 249 -76.15 -14.50 109.67
C THR E 249 -76.09 -15.83 108.92
N ILE E 250 -75.00 -16.57 109.09
CA ILE E 250 -74.80 -17.86 108.44
C ILE E 250 -74.55 -18.92 109.50
N SER E 251 -73.44 -18.78 110.24
CA SER E 251 -73.07 -19.71 111.29
C SER E 251 -72.93 -18.96 112.60
N PRO E 252 -73.91 -19.07 113.51
CA PRO E 252 -73.89 -18.27 114.75
C PRO E 252 -72.67 -18.55 115.62
N GLY E 253 -72.13 -17.50 116.21
CA GLY E 253 -70.99 -17.63 117.10
C GLY E 253 -71.29 -17.26 118.53
N ASP E 254 -70.92 -16.04 118.92
CA ASP E 254 -71.22 -15.52 120.25
C ASP E 254 -72.33 -14.47 120.24
N GLY E 255 -72.26 -13.52 119.32
CA GLY E 255 -73.24 -12.45 119.29
C GLY E 255 -73.11 -11.40 120.37
N ARG E 256 -72.05 -11.47 121.18
CA ARG E 256 -71.88 -10.53 122.29
C ARG E 256 -70.62 -9.70 122.17
N THR E 257 -69.47 -10.33 121.91
CA THR E 257 -68.21 -9.61 121.80
C THR E 257 -68.12 -9.03 120.39
N PHE E 258 -68.73 -7.86 120.22
CA PHE E 258 -68.64 -7.16 118.95
C PHE E 258 -67.23 -6.59 118.78
N PRO E 259 -66.75 -6.48 117.54
CA PRO E 259 -65.43 -5.89 117.30
C PRO E 259 -65.46 -4.38 117.45
N LYS E 260 -64.73 -3.89 118.45
CA LYS E 260 -64.56 -2.48 118.73
C LYS E 260 -63.11 -2.10 118.45
N LYS E 261 -62.88 -0.78 118.40
CA LYS E 261 -61.55 -0.26 118.08
C LYS E 261 -60.53 -0.71 119.11
N GLY E 262 -59.37 -1.13 118.63
CA GLY E 262 -58.26 -1.50 119.48
C GLY E 262 -57.67 -2.84 119.10
N GLN E 263 -58.51 -3.80 118.69
CA GLN E 263 -58.05 -5.14 118.35
C GLN E 263 -58.13 -5.36 116.83
N THR E 264 -57.08 -5.93 116.26
CA THR E 264 -57.06 -6.27 114.85
C THR E 264 -58.02 -7.43 114.58
N CYS E 265 -58.81 -7.32 113.51
CA CYS E 265 -59.76 -8.37 113.19
C CYS E 265 -59.10 -9.42 112.29
N VAL E 266 -59.17 -10.67 112.72
CA VAL E 266 -58.65 -11.81 111.97
C VAL E 266 -59.85 -12.55 111.37
N VAL E 267 -59.91 -12.61 110.03
CA VAL E 267 -61.09 -13.15 109.34
C VAL E 267 -60.64 -14.02 108.17
N HIS E 268 -61.42 -15.06 107.88
CA HIS E 268 -61.36 -15.70 106.58
C HIS E 268 -62.58 -15.30 105.78
N TYR E 269 -62.38 -14.79 104.58
CA TYR E 269 -63.50 -14.37 103.75
C TYR E 269 -63.46 -15.09 102.42
N THR E 270 -64.46 -14.81 101.60
CA THR E 270 -64.56 -15.40 100.26
C THR E 270 -65.37 -14.46 99.39
N GLY E 271 -64.68 -13.76 98.50
CA GLY E 271 -65.31 -12.82 97.58
C GLY E 271 -66.23 -13.52 96.59
N MET E 272 -67.03 -12.70 95.90
CA MET E 272 -68.03 -13.19 94.96
C MET E 272 -68.40 -12.06 94.02
N LEU E 273 -68.42 -12.35 92.72
CA LEU E 273 -69.06 -11.41 91.80
C LEU E 273 -70.56 -11.52 91.91
N GLN E 274 -71.23 -10.41 91.63
CA GLN E 274 -72.68 -10.31 91.80
C GLN E 274 -73.41 -11.28 90.88
N ASN E 275 -72.92 -11.42 89.64
CA ASN E 275 -73.44 -12.43 88.72
C ASN E 275 -73.16 -13.86 89.17
N GLY E 276 -72.28 -14.06 90.16
CA GLY E 276 -71.98 -15.37 90.68
C GLY E 276 -70.67 -15.98 90.20
N LYS E 277 -69.61 -15.19 90.16
CA LYS E 277 -68.30 -15.66 89.74
C LYS E 277 -67.32 -15.49 90.89
N LYS E 278 -66.73 -16.59 91.33
CA LYS E 278 -65.83 -16.55 92.48
C LYS E 278 -64.49 -15.97 92.04
N PHE E 279 -63.99 -14.99 92.79
CA PHE E 279 -62.76 -14.33 92.39
C PHE E 279 -61.73 -14.24 93.50
N ASP E 280 -62.17 -14.26 94.76
CA ASP E 280 -61.24 -14.11 95.85
C ASP E 280 -61.72 -14.89 97.07
N SER E 281 -60.75 -15.29 97.89
CA SER E 281 -61.00 -15.99 99.14
C SER E 281 -59.76 -15.88 100.00
N SER E 282 -59.80 -16.51 101.16
CA SER E 282 -58.65 -16.61 102.04
C SER E 282 -58.23 -18.03 102.32
N ARG E 283 -59.16 -18.99 102.30
CA ARG E 283 -58.82 -20.40 102.46
C ARG E 283 -58.00 -20.94 101.29
N ASP E 284 -58.18 -20.36 100.10
CA ASP E 284 -57.33 -20.66 98.95
C ASP E 284 -55.85 -20.39 99.25
N ARG E 285 -55.56 -19.24 99.85
CA ARG E 285 -54.22 -18.95 100.34
C ARG E 285 -53.95 -19.58 101.69
N ASN E 286 -54.96 -20.18 102.33
CA ASN E 286 -54.91 -20.96 103.57
C ASN E 286 -54.63 -20.10 104.80
N LYS E 287 -54.33 -18.82 104.62
CA LYS E 287 -53.94 -18.04 105.76
C LYS E 287 -55.02 -17.02 106.14
N PRO E 288 -55.20 -16.75 107.42
CA PRO E 288 -56.14 -15.72 107.86
C PRO E 288 -55.75 -14.33 107.35
N PHE E 289 -56.75 -13.54 107.01
CA PHE E 289 -56.57 -12.16 106.61
C PHE E 289 -56.86 -11.29 107.82
N LYS E 290 -55.80 -10.73 108.40
CA LYS E 290 -55.91 -9.91 109.59
C LYS E 290 -55.77 -8.45 109.17
N PHE E 291 -56.77 -7.64 109.49
CA PHE E 291 -56.74 -6.23 109.13
C PHE E 291 -56.99 -5.35 110.32
N ARG E 292 -56.21 -4.28 110.40
CA ARG E 292 -56.27 -3.32 111.49
C ARG E 292 -57.41 -2.35 111.24
N ILE E 293 -58.47 -2.43 112.05
CA ILE E 293 -59.66 -1.63 111.82
C ILE E 293 -59.40 -0.17 112.13
N GLY E 294 -60.32 0.70 111.70
CA GLY E 294 -60.22 2.14 111.92
C GLY E 294 -59.16 2.90 111.16
N LYS E 295 -58.17 2.21 110.61
CA LYS E 295 -57.10 2.82 109.84
C LYS E 295 -57.40 2.90 108.35
N GLN E 296 -58.58 2.42 107.94
CA GLN E 296 -59.11 2.53 106.58
C GLN E 296 -58.22 1.79 105.58
N GLU E 297 -57.73 0.62 105.98
CA GLU E 297 -56.93 -0.19 105.06
C GLU E 297 -57.83 -0.89 104.04
N VAL E 298 -59.04 -1.25 104.43
CA VAL E 298 -59.97 -1.95 103.56
C VAL E 298 -61.05 -0.96 103.14
N ILE E 299 -61.90 -1.40 102.20
CA ILE E 299 -63.00 -0.56 101.74
C ILE E 299 -63.99 -0.35 102.87
N LYS E 300 -64.71 0.78 102.80
CA LYS E 300 -65.59 1.19 103.90
C LYS E 300 -66.78 0.24 104.06
N GLY E 301 -67.29 -0.32 102.97
CA GLY E 301 -68.37 -1.29 103.07
C GLY E 301 -67.97 -2.53 103.85
N PHE E 302 -66.79 -3.09 103.53
CA PHE E 302 -66.27 -4.24 104.26
C PHE E 302 -65.97 -3.87 105.70
N GLU E 303 -65.43 -2.66 105.93
CA GLU E 303 -65.16 -2.18 107.28
C GLU E 303 -66.43 -2.11 108.11
N GLU E 304 -67.48 -1.49 107.56
CA GLU E 304 -68.75 -1.36 108.27
C GLU E 304 -69.39 -2.71 108.52
N GLY E 305 -69.34 -3.61 107.53
CA GLY E 305 -69.84 -4.96 107.71
C GLY E 305 -69.13 -5.70 108.84
N ALA E 306 -67.78 -5.61 108.83
CA ALA E 306 -66.95 -6.22 109.86
C ALA E 306 -67.32 -5.66 111.22
N ALA E 307 -67.57 -4.35 111.30
CA ALA E 307 -67.96 -3.73 112.55
C ALA E 307 -69.29 -4.31 113.02
N GLN E 308 -70.26 -4.46 112.07
CA GLN E 308 -71.56 -4.99 112.50
C GLN E 308 -71.52 -6.52 112.75
N MET E 309 -70.37 -7.20 112.68
CA MET E 309 -70.37 -8.64 112.86
C MET E 309 -70.16 -8.95 114.34
N SER E 310 -69.90 -10.22 114.66
CA SER E 310 -69.54 -10.63 116.00
C SER E 310 -68.67 -11.88 115.91
N LEU E 311 -67.95 -12.17 116.99
CA LEU E 311 -66.96 -13.25 117.01
C LEU E 311 -67.60 -14.61 116.77
N GLY E 312 -67.09 -15.32 115.77
CA GLY E 312 -67.58 -16.62 115.39
C GLY E 312 -68.84 -16.60 114.54
N GLN E 313 -69.36 -15.42 114.23
CA GLN E 313 -70.60 -15.29 113.46
C GLN E 313 -70.21 -15.17 111.99
N ARG E 314 -70.39 -16.26 111.24
CA ARG E 314 -70.19 -16.17 109.80
C ARG E 314 -71.31 -15.36 109.20
N ALA E 315 -70.96 -14.47 108.27
CA ALA E 315 -71.94 -13.53 107.76
C ALA E 315 -71.77 -13.32 106.27
N LYS E 316 -72.88 -13.05 105.62
CA LYS E 316 -72.92 -12.75 104.20
C LYS E 316 -73.02 -11.23 104.07
N LEU E 317 -72.01 -10.62 103.47
CA LEU E 317 -71.93 -9.18 103.30
C LEU E 317 -72.43 -8.85 101.90
N THR E 318 -72.70 -7.56 101.70
CA THR E 318 -73.15 -7.05 100.40
C THR E 318 -72.72 -5.60 100.29
N CYS E 319 -71.60 -5.38 99.61
CA CYS E 319 -71.04 -4.04 99.38
C CYS E 319 -71.58 -3.50 98.07
N THR E 320 -72.48 -2.53 98.15
CA THR E 320 -72.91 -1.76 96.99
C THR E 320 -71.70 -0.99 96.44
N PRO E 321 -71.68 -0.67 95.12
CA PRO E 321 -70.52 0.04 94.54
C PRO E 321 -70.12 1.32 95.25
N ASP E 322 -71.10 2.07 95.80
CA ASP E 322 -70.79 3.31 96.51
C ASP E 322 -69.89 3.03 97.72
N VAL E 323 -70.21 1.99 98.49
CA VAL E 323 -69.39 1.59 99.63
C VAL E 323 -68.30 0.63 99.18
N ALA E 324 -68.14 0.47 97.88
CA ALA E 324 -67.15 -0.39 97.27
C ALA E 324 -66.27 0.42 96.32
N TYR E 325 -65.50 -0.28 95.47
CA TYR E 325 -64.57 0.33 94.52
C TYR E 325 -65.24 1.35 93.59
N GLY E 326 -66.51 1.16 93.27
CA GLY E 326 -67.27 2.21 92.61
C GLY E 326 -67.04 2.43 91.14
N ALA E 327 -67.00 3.70 90.74
CA ALA E 327 -66.91 4.08 89.33
C ALA E 327 -65.55 3.78 88.71
N THR E 328 -64.54 3.43 89.50
CA THR E 328 -63.23 3.11 88.96
C THR E 328 -62.91 1.62 88.97
N GLY E 329 -63.39 0.87 89.97
CA GLY E 329 -63.10 -0.55 90.07
C GLY E 329 -61.66 -0.91 90.39
N HIS E 330 -61.43 -2.06 90.98
CA HIS E 330 -60.08 -2.52 91.19
C HIS E 330 -59.52 -2.94 89.85
N PRO E 331 -58.45 -2.30 89.35
CA PRO E 331 -57.95 -2.60 88.00
C PRO E 331 -57.48 -4.03 87.85
N GLY E 332 -57.89 -4.65 86.75
CA GLY E 332 -57.44 -5.99 86.44
C GLY E 332 -58.10 -7.08 87.25
N VAL E 333 -59.00 -6.76 88.17
CA VAL E 333 -59.73 -7.76 88.92
C VAL E 333 -61.24 -7.53 88.81
N ILE E 334 -61.72 -6.38 89.29
CA ILE E 334 -63.15 -6.11 89.42
C ILE E 334 -63.50 -4.95 88.49
N PRO E 335 -64.49 -5.10 87.61
CA PRO E 335 -64.94 -3.99 86.78
C PRO E 335 -65.62 -2.93 87.62
N PRO E 336 -65.73 -1.70 87.14
CA PRO E 336 -66.45 -0.67 87.91
C PRO E 336 -67.95 -0.94 87.95
N ASN E 337 -68.57 -0.41 89.00
CA ASN E 337 -70.03 -0.42 89.22
C ASN E 337 -70.57 -1.84 89.34
N ALA E 338 -70.10 -2.55 90.37
CA ALA E 338 -70.60 -3.89 90.66
C ALA E 338 -70.69 -4.10 92.16
N THR E 339 -71.77 -4.75 92.58
CA THR E 339 -71.99 -5.07 93.99
C THR E 339 -71.21 -6.33 94.33
N LEU E 340 -70.54 -6.31 95.47
CA LEU E 340 -69.68 -7.39 95.92
C LEU E 340 -70.32 -8.14 97.08
N ILE E 341 -70.23 -9.46 97.05
CA ILE E 341 -70.83 -10.33 98.06
C ILE E 341 -69.72 -11.05 98.78
N PHE E 342 -69.74 -11.03 100.11
CA PHE E 342 -68.63 -11.61 100.87
C PHE E 342 -69.09 -12.64 101.89
N ASP E 343 -68.54 -13.85 101.80
CA ASP E 343 -68.76 -14.87 102.82
C ASP E 343 -67.69 -14.76 103.92
N VAL E 344 -67.86 -13.73 104.76
CA VAL E 344 -66.84 -13.43 105.77
C VAL E 344 -67.12 -14.27 107.02
N GLU E 345 -66.07 -14.86 107.58
CA GLU E 345 -66.18 -15.64 108.81
C GLU E 345 -65.10 -15.10 109.75
N LEU E 346 -65.53 -14.28 110.72
CA LEU E 346 -64.62 -13.74 111.70
C LEU E 346 -64.28 -14.85 112.69
N LEU E 347 -63.20 -15.58 112.43
CA LEU E 347 -62.89 -16.73 113.27
C LEU E 347 -62.34 -16.32 114.63
N ASN E 348 -61.58 -15.23 114.70
CA ASN E 348 -60.84 -14.92 115.92
C ASN E 348 -60.60 -13.42 116.00
N LEU E 349 -60.67 -12.89 117.21
CA LEU E 349 -60.09 -11.59 117.54
C LEU E 349 -58.82 -11.90 118.33
N GLU E 350 -57.67 -11.79 117.65
CA GLU E 350 -56.33 -12.04 118.20
C GLU E 350 -56.19 -13.46 118.74
N GLY F 244 33.40 116.52 38.11
CA GLY F 244 32.52 115.87 39.07
C GLY F 244 33.28 115.11 40.14
N VAL F 245 34.41 115.66 40.58
CA VAL F 245 35.26 115.03 41.57
C VAL F 245 35.48 116.02 42.71
N GLU F 246 35.49 115.50 43.93
CA GLU F 246 35.76 116.30 45.12
C GLU F 246 36.75 115.55 46.00
N ILE F 247 37.61 116.31 46.67
CA ILE F 247 38.80 115.78 47.33
C ILE F 247 38.77 116.19 48.80
N GLU F 248 39.14 115.25 49.68
CA GLU F 248 39.24 115.57 51.11
C GLU F 248 40.62 115.19 51.63
N THR F 249 41.26 116.13 52.32
CA THR F 249 42.57 115.87 52.91
C THR F 249 42.43 114.84 54.01
N ILE F 250 43.42 113.95 54.14
CA ILE F 250 43.42 112.91 55.15
C ILE F 250 44.68 113.03 56.00
N SER F 251 45.84 112.84 55.36
CA SER F 251 47.13 112.93 56.04
C SER F 251 47.98 113.98 55.35
N PRO F 252 48.13 115.17 55.95
CA PRO F 252 48.84 116.28 55.28
C PRO F 252 50.30 115.94 54.96
N GLY F 253 50.75 116.38 53.80
CA GLY F 253 52.12 116.17 53.40
C GLY F 253 52.92 117.45 53.26
N ASP F 254 53.08 117.93 52.03
CA ASP F 254 53.75 119.19 51.76
C ASP F 254 52.79 120.30 51.37
N GLY F 255 51.85 120.02 50.48
CA GLY F 255 50.94 121.06 50.02
C GLY F 255 51.53 122.07 49.07
N ARG F 256 52.77 121.89 48.64
CA ARG F 256 53.44 122.86 47.77
C ARG F 256 53.84 122.28 46.44
N THR F 257 54.50 121.12 46.42
CA THR F 257 54.94 120.50 45.18
C THR F 257 53.76 119.74 44.59
N PHE F 258 52.93 120.48 43.85
CA PHE F 258 51.82 119.85 43.15
C PHE F 258 52.34 119.04 41.97
N PRO F 259 51.66 117.96 41.60
CA PRO F 259 52.08 117.17 40.44
C PRO F 259 51.73 117.87 39.13
N LYS F 260 52.76 118.23 38.39
CA LYS F 260 52.66 118.85 37.08
C LYS F 260 53.18 117.86 36.04
N LYS F 261 52.90 118.18 34.77
CA LYS F 261 53.28 117.31 33.66
C LYS F 261 54.79 117.14 33.60
N GLY F 262 55.22 115.90 33.40
CA GLY F 262 56.63 115.59 33.21
C GLY F 262 57.08 114.45 34.09
N GLN F 263 56.56 114.36 35.32
CA GLN F 263 56.97 113.33 36.26
C GLN F 263 55.84 112.31 36.44
N THR F 264 56.19 111.02 36.42
CA THR F 264 55.23 109.96 36.66
C THR F 264 54.81 109.97 38.13
N CYS F 265 53.51 109.82 38.38
CA CYS F 265 53.02 109.83 39.75
C CYS F 265 53.04 108.41 40.32
N VAL F 266 53.69 108.26 41.47
CA VAL F 266 53.77 106.99 42.19
C VAL F 266 52.82 107.10 43.39
N VAL F 267 51.79 106.24 43.44
CA VAL F 267 50.74 106.35 44.45
C VAL F 267 50.37 104.96 44.96
N HIS F 268 50.01 104.88 46.24
CA HIS F 268 49.25 103.74 46.73
C HIS F 268 47.81 104.18 46.94
N TYR F 269 46.87 103.46 46.36
CA TYR F 269 45.47 103.80 46.51
C TYR F 269 44.70 102.62 47.07
N THR F 270 43.40 102.85 47.29
CA THR F 270 42.51 101.82 47.80
C THR F 270 41.10 102.13 47.34
N GLY F 271 40.62 101.36 46.37
CA GLY F 271 39.28 101.53 45.82
C GLY F 271 38.20 101.22 46.85
N MET F 272 36.97 101.60 46.49
CA MET F 272 35.82 101.46 47.38
C MET F 272 34.57 101.51 46.53
N LEU F 273 33.66 100.57 46.75
CA LEU F 273 32.31 100.73 46.21
C LEU F 273 31.55 101.74 47.03
N GLN F 274 30.61 102.43 46.37
CA GLN F 274 29.87 103.52 46.99
C GLN F 274 29.03 103.02 48.16
N ASN F 275 28.42 101.84 48.01
CA ASN F 275 27.71 101.19 49.11
C ASN F 275 28.64 100.76 50.24
N GLY F 276 29.97 100.75 50.02
CA GLY F 276 30.92 100.39 51.04
C GLY F 276 31.50 98.99 50.93
N LYS F 277 31.86 98.58 49.73
CA LYS F 277 32.45 97.27 49.50
C LYS F 277 33.84 97.44 48.91
N LYS F 278 34.85 96.93 49.60
CA LYS F 278 36.23 97.10 49.17
C LYS F 278 36.51 96.17 48.01
N PHE F 279 37.08 96.71 46.93
CA PHE F 279 37.29 95.90 45.75
C PHE F 279 38.72 95.99 45.21
N ASP F 280 39.41 97.09 45.48
CA ASP F 280 40.74 97.26 44.93
C ASP F 280 41.61 98.06 45.89
N SER F 281 42.91 97.82 45.80
CA SER F 281 43.92 98.53 46.57
C SER F 281 45.26 98.33 45.90
N SER F 282 46.30 98.87 46.52
CA SER F 282 47.67 98.66 46.08
C SER F 282 48.54 98.02 47.12
N ARG F 283 48.27 98.25 48.41
CA ARG F 283 49.01 97.60 49.48
C ARG F 283 48.76 96.09 49.52
N ASP F 284 47.58 95.65 49.07
CA ASP F 284 47.30 94.23 48.89
C ASP F 284 48.31 93.56 47.95
N ARG F 285 48.60 94.21 46.82
CA ARG F 285 49.67 93.76 45.93
C ARG F 285 51.03 94.23 46.39
N ASN F 286 51.10 95.08 47.44
CA ASN F 286 52.29 95.56 48.13
C ASN F 286 53.14 96.50 47.28
N LYS F 287 52.80 96.68 46.01
CA LYS F 287 53.66 97.48 45.17
C LYS F 287 53.01 98.82 44.82
N PRO F 288 53.80 99.88 44.71
CA PRO F 288 53.27 101.17 44.27
C PRO F 288 52.71 101.11 42.85
N PHE F 289 51.63 101.85 42.62
CA PHE F 289 51.03 102.00 41.32
C PHE F 289 51.52 103.31 40.74
N LYS F 290 52.41 103.21 39.76
CA LYS F 290 53.01 104.38 39.12
C LYS F 290 52.34 104.57 37.77
N PHE F 291 51.76 105.74 37.55
CA PHE F 291 51.09 106.02 36.29
C PHE F 291 51.58 107.31 35.68
N ARG F 292 51.78 107.26 34.37
CA ARG F 292 52.30 108.38 33.59
C ARG F 292 51.15 109.33 33.29
N ILE F 293 51.17 110.52 33.89
CA ILE F 293 50.06 111.45 33.76
C ILE F 293 50.02 112.04 32.36
N GLY F 294 48.89 112.69 32.02
CA GLY F 294 48.70 113.32 30.73
C GLY F 294 48.52 112.42 29.52
N LYS F 295 48.89 111.15 29.64
CA LYS F 295 48.75 110.19 28.56
C LYS F 295 47.43 109.44 28.59
N GLN F 296 46.57 109.76 29.56
CA GLN F 296 45.20 109.25 29.68
C GLN F 296 45.18 107.74 29.86
N GLU F 297 46.12 107.23 30.67
CA GLU F 297 46.12 105.80 30.96
C GLU F 297 45.03 105.45 31.98
N VAL F 298 44.72 106.36 32.89
CA VAL F 298 43.73 106.12 33.92
C VAL F 298 42.49 106.93 33.56
N ILE F 299 41.41 106.70 34.32
CA ILE F 299 40.17 107.44 34.11
C ILE F 299 40.38 108.91 34.43
N LYS F 300 39.58 109.77 33.80
CA LYS F 300 39.77 111.21 33.89
C LYS F 300 39.47 111.74 35.30
N GLY F 301 38.52 111.13 36.00
CA GLY F 301 38.25 111.54 37.38
C GLY F 301 39.44 111.32 38.29
N PHE F 302 40.05 110.12 38.21
CA PHE F 302 41.24 109.82 38.98
C PHE F 302 42.40 110.71 38.56
N GLU F 303 42.53 110.96 37.25
CA GLU F 303 43.57 111.86 36.74
C GLU F 303 43.43 113.26 37.31
N GLU F 304 42.22 113.81 37.26
CA GLU F 304 41.98 115.16 37.78
C GLU F 304 42.19 115.23 39.28
N GLY F 305 41.73 114.20 40.01
CA GLY F 305 41.98 114.12 41.45
C GLY F 305 43.46 114.12 41.78
N ALA F 306 44.22 113.27 41.06
CA ALA F 306 45.66 113.17 41.23
C ALA F 306 46.32 114.51 40.96
N ALA F 307 45.83 115.23 39.93
CA ALA F 307 46.37 116.54 39.62
C ALA F 307 46.12 117.49 40.78
N GLN F 308 44.88 117.44 41.35
CA GLN F 308 44.60 118.37 42.46
C GLN F 308 45.26 117.92 43.78
N MET F 309 46.07 116.87 43.82
CA MET F 309 46.64 116.43 45.09
C MET F 309 47.98 117.14 45.30
N SER F 310 48.74 116.69 46.30
CA SER F 310 50.09 117.18 46.53
C SER F 310 50.89 116.08 47.21
N LEU F 311 52.22 116.21 47.14
CA LEU F 311 53.12 115.16 47.61
C LEU F 311 52.97 114.90 49.11
N GLY F 312 52.72 113.64 49.45
CA GLY F 312 52.52 113.21 50.82
C GLY F 312 51.15 113.48 51.38
N GLN F 313 50.26 114.08 50.59
CA GLN F 313 48.92 114.43 51.04
C GLN F 313 48.00 113.26 50.70
N ARG F 314 47.65 112.47 51.71
CA ARG F 314 46.65 111.43 51.50
C ARG F 314 45.30 112.08 51.31
N ALA F 315 44.54 111.58 50.33
CA ALA F 315 43.31 112.25 49.96
C ALA F 315 42.23 111.24 49.65
N LYS F 316 41.00 111.64 49.93
CA LYS F 316 39.81 110.86 49.64
C LYS F 316 39.21 111.42 48.35
N LEU F 317 39.17 110.60 47.31
CA LEU F 317 38.66 110.99 46.00
C LEU F 317 37.22 110.53 45.91
N THR F 318 36.52 111.06 44.90
CA THR F 318 35.13 110.70 44.63
C THR F 318 34.87 110.90 43.15
N CYS F 319 34.95 109.81 42.40
CA CYS F 319 34.71 109.81 40.95
C CYS F 319 33.24 109.51 40.70
N THR F 320 32.49 110.53 40.28
CA THR F 320 31.14 110.34 39.78
C THR F 320 31.21 109.49 38.50
N PRO F 321 30.13 108.74 38.17
CA PRO F 321 30.16 107.87 36.97
C PRO F 321 30.55 108.57 35.68
N ASP F 322 30.17 109.85 35.51
CA ASP F 322 30.53 110.58 34.30
C ASP F 322 32.04 110.68 34.15
N VAL F 323 32.75 111.00 35.24
CA VAL F 323 34.21 111.06 35.23
C VAL F 323 34.79 109.68 35.53
N ALA F 324 33.94 108.67 35.55
CA ALA F 324 34.32 107.29 35.82
C ALA F 324 33.88 106.40 34.64
N TYR F 325 33.89 105.08 34.87
CA TYR F 325 33.54 104.09 33.85
C TYR F 325 32.15 104.30 33.25
N GLY F 326 31.21 104.85 34.01
CA GLY F 326 29.96 105.32 33.44
C GLY F 326 28.92 104.28 33.09
N ALA F 327 28.26 104.49 31.95
CA ALA F 327 27.15 103.65 31.53
C ALA F 327 27.56 102.24 31.12
N THR F 328 28.85 101.97 30.96
CA THR F 328 29.30 100.64 30.59
C THR F 328 29.94 99.87 31.75
N GLY F 329 30.63 100.54 32.66
CA GLY F 329 31.30 99.87 33.77
C GLY F 329 32.49 99.01 33.40
N HIS F 330 33.40 98.81 34.32
CA HIS F 330 34.49 97.88 34.08
C HIS F 330 33.93 96.48 34.13
N PRO F 331 33.99 95.70 33.04
CA PRO F 331 33.34 94.38 33.02
C PRO F 331 33.93 93.43 34.04
N GLY F 332 33.04 92.73 34.75
CA GLY F 332 33.46 91.73 35.69
C GLY F 332 34.01 92.27 36.99
N VAL F 333 34.08 93.58 37.17
CA VAL F 333 34.52 94.16 38.43
C VAL F 333 33.48 95.17 38.94
N ILE F 334 33.23 96.23 38.18
CA ILE F 334 32.41 97.35 38.64
C ILE F 334 31.16 97.42 37.77
N PRO F 335 29.96 97.43 38.35
CA PRO F 335 28.74 97.60 37.56
C PRO F 335 28.66 99.01 36.99
N PRO F 336 27.88 99.23 35.95
CA PRO F 336 27.73 100.60 35.43
C PRO F 336 26.97 101.50 36.38
N ASN F 337 27.24 102.80 36.25
CA ASN F 337 26.56 103.89 36.96
C ASN F 337 26.75 103.78 38.48
N ALA F 338 28.01 103.87 38.90
CA ALA F 338 28.33 103.88 40.32
C ALA F 338 29.48 104.84 40.61
N THR F 339 29.35 105.57 41.71
CA THR F 339 30.38 106.51 42.14
C THR F 339 31.47 105.74 42.88
N LEU F 340 32.71 106.06 42.57
CA LEU F 340 33.88 105.38 43.12
C LEU F 340 34.59 106.27 44.12
N ILE F 341 35.02 105.69 45.23
CA ILE F 341 35.69 106.41 46.31
C ILE F 341 37.10 105.87 46.43
N PHE F 342 38.08 106.76 46.47
CA PHE F 342 39.48 106.32 46.46
C PHE F 342 40.28 106.89 47.62
N ASP F 343 40.89 106.01 48.41
CA ASP F 343 41.83 106.43 49.45
C ASP F 343 43.25 106.49 48.87
N VAL F 344 43.49 107.54 48.08
CA VAL F 344 44.75 107.66 47.36
C VAL F 344 45.78 108.33 48.26
N GLU F 345 47.00 107.79 48.30
CA GLU F 345 48.09 108.37 49.07
C GLU F 345 49.27 108.49 48.12
N LEU F 346 49.51 109.71 47.63
CA LEU F 346 50.63 109.97 46.75
C LEU F 346 51.90 109.97 47.59
N LEU F 347 52.55 108.82 47.70
CA LEU F 347 53.71 108.73 48.58
C LEU F 347 54.94 109.41 48.00
N ASN F 348 55.11 109.38 46.69
CA ASN F 348 56.38 109.82 46.10
C ASN F 348 56.14 110.29 44.67
N LEU F 349 56.86 111.32 44.27
CA LEU F 349 57.06 111.65 42.87
C LEU F 349 58.49 111.23 42.55
N GLU F 350 58.62 110.08 41.88
CA GLU F 350 59.89 109.47 41.47
C GLU F 350 60.80 109.19 42.67
N GLY G 244 14.05 47.75 -116.90
CA GLY G 244 14.45 48.71 -115.88
C GLY G 244 15.92 48.63 -115.54
N VAL G 245 16.75 48.38 -116.56
CA VAL G 245 18.18 48.23 -116.38
C VAL G 245 18.88 49.22 -117.32
N GLU G 246 19.97 49.81 -116.83
CA GLU G 246 20.78 50.72 -117.62
C GLU G 246 22.25 50.36 -117.42
N ILE G 247 23.04 50.53 -118.47
CA ILE G 247 24.38 49.98 -118.57
C ILE G 247 25.36 51.12 -118.86
N GLU G 248 26.52 51.10 -118.19
CA GLU G 248 27.56 52.08 -118.47
C GLU G 248 28.88 51.39 -118.79
N THR G 249 29.49 51.77 -119.90
CA THR G 249 30.78 51.21 -120.28
C THR G 249 31.84 51.63 -119.27
N ILE G 250 32.78 50.73 -118.97
CA ILE G 250 33.85 50.98 -118.02
C ILE G 250 35.19 50.76 -118.71
N SER G 251 35.45 49.52 -119.12
CA SER G 251 36.68 49.15 -119.80
C SER G 251 36.36 48.55 -121.16
N PRO G 252 36.54 49.30 -122.25
CA PRO G 252 36.12 48.82 -123.59
C PRO G 252 36.84 47.54 -124.00
N GLY G 253 36.09 46.65 -124.64
CA GLY G 253 36.65 45.41 -125.13
C GLY G 253 36.64 45.29 -126.64
N ASP G 254 35.66 44.57 -127.17
CA ASP G 254 35.48 44.43 -128.61
C ASP G 254 34.30 45.23 -129.14
N GLY G 255 33.16 45.15 -128.47
CA GLY G 255 31.97 45.84 -128.95
C GLY G 255 31.30 45.22 -130.15
N ARG G 256 31.76 44.06 -130.61
CA ARG G 256 31.20 43.43 -131.80
C ARG G 256 30.60 42.07 -131.53
N THR G 257 31.32 41.19 -130.84
CA THR G 257 30.82 39.85 -130.54
C THR G 257 29.91 39.95 -129.33
N PHE G 258 28.65 40.28 -129.60
CA PHE G 258 27.66 40.31 -128.54
C PHE G 258 27.30 38.89 -128.12
N PRO G 259 26.94 38.68 -126.85
CA PRO G 259 26.55 37.35 -126.40
C PRO G 259 25.15 36.98 -126.88
N LYS G 260 25.08 35.96 -127.73
CA LYS G 260 23.86 35.41 -128.26
C LYS G 260 23.66 34.01 -127.68
N LYS G 261 22.45 33.49 -127.86
CA LYS G 261 22.08 32.18 -127.31
C LYS G 261 22.97 31.09 -127.90
N GLY G 262 23.44 30.20 -127.03
CA GLY G 262 24.21 29.05 -127.44
C GLY G 262 25.47 28.89 -126.63
N GLN G 263 26.12 29.99 -126.26
CA GLN G 263 27.38 29.95 -125.53
C GLN G 263 27.16 30.42 -124.08
N THR G 264 27.72 29.68 -123.13
CA THR G 264 27.66 30.05 -121.73
C THR G 264 28.52 31.30 -121.48
N CYS G 265 27.98 32.25 -120.72
CA CYS G 265 28.74 33.47 -120.44
C CYS G 265 29.59 33.29 -119.20
N VAL G 266 30.89 33.56 -119.33
CA VAL G 266 31.85 33.49 -118.24
C VAL G 266 32.18 34.93 -117.85
N VAL G 267 31.86 35.31 -116.60
CA VAL G 267 31.98 36.70 -116.15
C VAL G 267 32.55 36.74 -114.74
N HIS G 268 33.33 37.78 -114.45
CA HIS G 268 33.59 38.17 -113.08
C HIS G 268 32.79 39.41 -112.76
N TYR G 269 32.01 39.37 -111.69
CA TYR G 269 31.20 40.51 -111.31
C TYR G 269 31.52 40.93 -109.89
N THR G 270 30.86 42.00 -109.46
CA THR G 270 31.03 42.52 -108.11
C THR G 270 29.76 43.26 -107.72
N GLY G 271 28.98 42.64 -106.85
CA GLY G 271 27.73 43.23 -106.37
C GLY G 271 27.96 44.48 -105.54
N MET G 272 26.86 45.19 -105.29
CA MET G 272 26.90 46.47 -104.58
C MET G 272 25.50 46.76 -104.05
N LEU G 273 25.42 47.13 -102.78
CA LEU G 273 24.17 47.72 -102.30
C LEU G 273 24.05 49.14 -102.79
N GLN G 274 22.80 49.58 -102.96
CA GLN G 274 22.52 50.89 -103.54
C GLN G 274 23.05 52.01 -102.66
N ASN G 275 22.93 51.86 -101.33
CA ASN G 275 23.54 52.79 -100.39
C ASN G 275 25.07 52.76 -100.42
N GLY G 276 25.68 51.75 -101.06
CA GLY G 276 27.11 51.66 -101.17
C GLY G 276 27.78 50.68 -100.23
N LYS G 277 27.21 49.49 -100.08
CA LYS G 277 27.76 48.45 -99.22
C LYS G 277 28.08 47.23 -100.06
N LYS G 278 29.34 46.83 -100.08
CA LYS G 278 29.77 45.72 -100.91
C LYS G 278 29.34 44.41 -100.27
N PHE G 279 28.70 43.54 -101.05
CA PHE G 279 28.16 42.32 -100.48
C PHE G 279 28.56 41.07 -101.26
N ASP G 280 28.85 41.22 -102.55
CA ASP G 280 29.16 40.06 -103.36
C ASP G 280 30.16 40.42 -104.45
N SER G 281 30.93 39.42 -104.87
CA SER G 281 31.89 39.54 -105.95
C SER G 281 32.23 38.15 -106.44
N SER G 282 33.14 38.08 -107.39
CA SER G 282 33.67 36.82 -107.89
C SER G 282 35.16 36.69 -107.71
N ARG G 283 35.91 37.80 -107.74
CA ARG G 283 37.34 37.77 -107.49
C ARG G 283 37.67 37.38 -106.05
N ASP G 284 36.77 37.69 -105.11
CA ASP G 284 36.88 37.21 -103.73
C ASP G 284 36.96 35.68 -103.67
N ARG G 285 36.09 35.00 -104.41
CA ARG G 285 36.17 33.55 -104.57
C ARG G 285 37.18 33.14 -105.61
N ASN G 286 37.76 34.10 -106.36
CA ASN G 286 38.84 33.97 -107.33
C ASN G 286 38.42 33.22 -108.59
N LYS G 287 37.20 32.68 -108.63
CA LYS G 287 36.84 31.87 -109.77
C LYS G 287 35.80 32.58 -110.63
N PRO G 288 35.87 32.39 -111.95
CA PRO G 288 34.84 32.94 -112.84
C PRO G 288 33.46 32.36 -112.56
N PHE G 289 32.44 33.20 -112.70
CA PHE G 289 31.06 32.80 -112.58
C PHE G 289 30.52 32.60 -113.98
N LYS G 290 30.33 31.34 -114.36
CA LYS G 290 29.86 30.98 -115.69
C LYS G 290 28.39 30.60 -115.58
N PHE G 291 27.54 31.29 -116.33
CA PHE G 291 26.11 31.01 -116.29
C PHE G 291 25.56 30.78 -117.68
N ARG G 292 24.70 29.77 -117.77
CA ARG G 292 24.08 29.35 -119.02
C ARG G 292 22.90 30.27 -119.31
N ILE G 293 23.02 31.11 -120.34
CA ILE G 293 22.00 32.10 -120.63
C ILE G 293 20.74 31.44 -121.17
N GLY G 294 19.64 32.20 -121.21
CA GLY G 294 18.36 31.72 -121.72
C GLY G 294 17.61 30.71 -120.88
N LYS G 295 18.29 30.05 -119.93
CA LYS G 295 17.68 29.07 -119.06
C LYS G 295 17.14 29.67 -117.77
N GLN G 296 17.28 30.99 -117.61
CA GLN G 296 16.72 31.76 -116.49
C GLN G 296 17.30 31.31 -115.15
N GLU G 297 18.60 31.03 -115.14
CA GLU G 297 19.24 30.68 -113.88
C GLU G 297 19.48 31.91 -113.01
N VAL G 298 19.71 33.06 -113.63
CA VAL G 298 19.98 34.29 -112.91
C VAL G 298 18.75 35.18 -113.03
N ILE G 299 18.76 36.29 -112.29
CA ILE G 299 17.65 37.24 -112.34
C ILE G 299 17.59 37.88 -113.72
N LYS G 300 16.39 38.32 -114.11
CA LYS G 300 16.15 38.81 -115.46
C LYS G 300 16.88 40.12 -115.73
N GLY G 301 17.03 40.97 -114.72
CA GLY G 301 17.80 42.20 -114.90
C GLY G 301 19.25 41.94 -115.25
N PHE G 302 19.89 41.03 -114.50
CA PHE G 302 21.27 40.64 -114.79
C PHE G 302 21.37 39.96 -116.14
N GLU G 303 20.38 39.11 -116.47
CA GLU G 303 20.34 38.44 -117.77
C GLU G 303 20.28 39.44 -118.91
N GLU G 304 19.37 40.41 -118.82
CA GLU G 304 19.22 41.42 -119.86
C GLU G 304 20.46 42.29 -119.97
N GLY G 305 21.04 42.67 -118.82
CA GLY G 305 22.29 43.43 -118.83
C GLY G 305 23.42 42.67 -119.53
N ALA G 306 23.56 41.38 -119.18
CA ALA G 306 24.57 40.51 -119.78
C ALA G 306 24.35 40.42 -121.28
N ALA G 307 23.07 40.34 -121.71
CA ALA G 307 22.77 40.28 -123.12
C ALA G 307 23.21 41.58 -123.80
N GLN G 308 22.94 42.74 -123.14
CA GLN G 308 23.34 44.00 -123.78
C GLN G 308 24.86 44.26 -123.66
N MET G 309 25.67 43.35 -123.13
CA MET G 309 27.09 43.65 -122.98
C MET G 309 27.83 43.19 -124.25
N SER G 310 29.16 43.18 -124.19
CA SER G 310 29.98 42.63 -125.26
C SER G 310 31.29 42.13 -124.65
N LEU G 311 31.97 41.27 -125.41
CA LEU G 311 33.17 40.59 -124.91
C LEU G 311 34.29 41.57 -124.57
N GLY G 312 34.77 41.47 -123.33
CA GLY G 312 35.81 42.33 -122.81
C GLY G 312 35.35 43.69 -122.37
N GLN G 313 34.06 43.98 -122.49
CA GLN G 313 33.51 45.29 -122.14
C GLN G 313 33.06 45.22 -120.68
N ARG G 314 33.86 45.81 -119.79
CA ARG G 314 33.41 45.92 -118.40
C ARG G 314 32.29 46.93 -118.32
N ALA G 315 31.25 46.60 -117.56
CA ALA G 315 30.05 47.41 -117.56
C ALA G 315 29.48 47.53 -116.16
N LYS G 316 28.86 48.67 -115.92
CA LYS G 316 28.17 48.94 -114.67
C LYS G 316 26.69 48.72 -114.91
N LEU G 317 26.11 47.74 -114.21
CA LEU G 317 24.72 47.37 -114.34
C LEU G 317 23.94 48.07 -113.25
N THR G 318 22.61 48.07 -113.41
CA THR G 318 21.70 48.67 -112.44
C THR G 318 20.37 47.94 -112.53
N CYS G 319 20.16 46.98 -111.64
CA CYS G 319 18.94 46.19 -111.57
C CYS G 319 17.97 46.86 -110.61
N THR G 320 16.92 47.47 -111.15
CA THR G 320 15.80 47.96 -110.34
C THR G 320 15.13 46.75 -109.68
N PRO G 321 14.47 46.95 -108.51
CA PRO G 321 13.84 45.81 -107.80
C PRO G 321 12.88 44.98 -108.65
N ASP G 322 12.16 45.61 -109.59
CA ASP G 322 11.23 44.86 -110.44
C ASP G 322 11.98 43.82 -111.26
N VAL G 323 13.12 44.19 -111.84
CA VAL G 323 13.95 43.25 -112.60
C VAL G 323 14.92 42.54 -111.67
N ALA G 324 14.74 42.73 -110.37
CA ALA G 324 15.56 42.12 -109.33
C ALA G 324 14.68 41.30 -108.39
N TYR G 325 15.25 40.94 -107.23
CA TYR G 325 14.56 40.12 -106.22
C TYR G 325 13.24 40.72 -105.76
N GLY G 326 13.10 42.03 -105.76
CA GLY G 326 11.80 42.66 -105.59
C GLY G 326 11.23 42.71 -104.19
N ALA G 327 9.92 42.47 -104.09
CA ALA G 327 9.20 42.60 -102.83
C ALA G 327 9.54 41.52 -101.81
N THR G 328 10.26 40.48 -102.20
CA THR G 328 10.64 39.43 -101.26
C THR G 328 12.11 39.48 -100.86
N GLY G 329 13.01 39.88 -101.75
CA GLY G 329 14.44 39.92 -101.45
C GLY G 329 15.10 38.56 -101.28
N HIS G 330 16.40 38.50 -101.52
CA HIS G 330 17.12 37.27 -101.24
C HIS G 330 17.25 37.13 -99.74
N PRO G 331 16.69 36.09 -99.12
CA PRO G 331 16.68 35.98 -97.65
C PRO G 331 18.07 35.91 -97.06
N GLY G 332 18.30 36.68 -96.01
CA GLY G 332 19.55 36.64 -95.30
C GLY G 332 20.70 37.34 -96.00
N VAL G 333 20.48 37.92 -97.18
CA VAL G 333 21.52 38.68 -97.86
C VAL G 333 21.01 40.07 -98.22
N ILE G 334 19.97 40.15 -99.05
CA ILE G 334 19.51 41.41 -99.63
C ILE G 334 18.10 41.68 -99.11
N PRO G 335 17.83 42.85 -98.53
CA PRO G 335 16.47 43.19 -98.11
C PRO G 335 15.59 43.41 -99.32
N PRO G 336 14.27 43.32 -99.18
CA PRO G 336 13.39 43.60 -100.32
C PRO G 336 13.40 45.07 -100.71
N ASN G 337 13.07 45.30 -101.98
CA ASN G 337 12.89 46.63 -102.59
C ASN G 337 14.18 47.45 -102.53
N ALA G 338 15.21 46.95 -103.21
CA ALA G 338 16.47 47.67 -103.32
C ALA G 338 17.08 47.48 -104.71
N THR G 339 17.62 48.56 -105.25
CA THR G 339 18.27 48.53 -106.55
C THR G 339 19.69 48.01 -106.39
N LEU G 340 20.09 47.12 -107.27
CA LEU G 340 21.39 46.46 -107.22
C LEU G 340 22.30 46.98 -108.31
N ILE G 341 23.56 47.21 -107.97
CA ILE G 341 24.56 47.76 -108.89
C ILE G 341 25.63 46.71 -109.10
N PHE G 342 25.97 46.44 -110.35
CA PHE G 342 26.91 45.35 -110.63
C PHE G 342 28.09 45.80 -111.48
N ASP G 343 29.30 45.59 -110.98
CA ASP G 343 30.52 45.81 -111.77
C ASP G 343 30.89 44.53 -112.53
N VAL G 344 30.12 44.26 -113.59
CA VAL G 344 30.28 43.01 -114.32
C VAL G 344 31.37 43.19 -115.38
N GLU G 345 32.27 42.21 -115.49
CA GLU G 345 33.32 42.22 -116.50
C GLU G 345 33.26 40.87 -117.20
N LEU G 346 32.67 40.87 -118.40
CA LEU G 346 32.58 39.66 -119.20
C LEU G 346 33.96 39.38 -119.78
N LEU G 347 34.76 38.59 -119.08
CA LEU G 347 36.13 38.37 -119.53
C LEU G 347 36.22 37.46 -120.74
N ASN G 348 35.33 36.47 -120.84
CA ASN G 348 35.50 35.43 -121.85
C ASN G 348 34.14 34.83 -122.19
N LEU G 349 33.96 34.50 -123.46
CA LEU G 349 32.92 33.57 -123.89
C LEU G 349 33.64 32.27 -124.22
N GLU G 350 33.55 31.31 -123.30
CA GLU G 350 34.16 29.97 -123.39
C GLU G 350 35.68 30.06 -123.54
N GLY H 244 -94.16 -67.37 -52.33
CA GLY H 244 -93.44 -66.60 -53.33
C GLY H 244 -92.30 -67.37 -53.95
N VAL H 245 -92.51 -68.67 -54.17
CA VAL H 245 -91.49 -69.54 -54.72
C VAL H 245 -92.08 -70.23 -55.95
N GLU H 246 -91.25 -70.39 -56.98
CA GLU H 246 -91.64 -71.10 -58.19
C GLU H 246 -90.52 -72.05 -58.57
N ILE H 247 -90.91 -73.20 -59.14
CA ILE H 247 -90.03 -74.34 -59.31
C ILE H 247 -90.01 -74.73 -60.79
N GLU H 248 -88.82 -75.06 -61.30
CA GLU H 248 -88.71 -75.55 -62.68
C GLU H 248 -87.98 -76.88 -62.71
N THR H 249 -88.57 -77.86 -63.38
CA THR H 249 -87.94 -79.17 -63.52
C THR H 249 -86.68 -79.04 -64.37
N ILE H 250 -85.64 -79.79 -64.02
CA ILE H 250 -84.37 -79.78 -64.73
C ILE H 250 -84.04 -81.19 -65.21
N SER H 251 -83.84 -82.10 -64.25
CA SER H 251 -83.52 -83.49 -64.55
C SER H 251 -84.56 -84.39 -63.91
N PRO H 252 -85.50 -84.94 -64.69
CA PRO H 252 -86.61 -85.73 -64.11
C PRO H 252 -86.13 -86.96 -63.35
N GLY H 253 -86.79 -87.22 -62.23
CA GLY H 253 -86.46 -88.38 -61.42
C GLY H 253 -87.57 -89.42 -61.36
N ASP H 254 -88.34 -89.40 -60.28
CA ASP H 254 -89.49 -90.28 -60.12
C ASP H 254 -90.82 -89.54 -60.27
N GLY H 255 -90.95 -88.39 -59.62
CA GLY H 255 -92.21 -87.67 -59.67
C GLY H 255 -93.34 -88.25 -58.85
N ARG H 256 -93.07 -89.30 -58.07
CA ARG H 256 -94.11 -89.96 -57.29
C ARG H 256 -93.86 -89.91 -55.80
N THR H 257 -92.65 -90.26 -55.35
CA THR H 257 -92.33 -90.25 -53.93
C THR H 257 -91.97 -88.83 -53.53
N PHE H 258 -93.01 -88.06 -53.23
CA PHE H 258 -92.80 -86.70 -52.74
C PHE H 258 -92.27 -86.74 -51.31
N PRO H 259 -91.46 -85.76 -50.91
CA PRO H 259 -90.96 -85.71 -49.54
C PRO H 259 -92.04 -85.26 -48.56
N LYS H 260 -92.42 -86.16 -47.67
CA LYS H 260 -93.37 -85.92 -46.60
C LYS H 260 -92.64 -85.95 -45.27
N LYS H 261 -93.33 -85.47 -44.23
CA LYS H 261 -92.74 -85.38 -42.90
C LYS H 261 -92.34 -86.76 -42.39
N GLY H 262 -91.16 -86.84 -41.81
CA GLY H 262 -90.68 -88.05 -41.18
C GLY H 262 -89.28 -88.40 -41.63
N GLN H 263 -88.94 -88.16 -42.89
CA GLN H 263 -87.64 -88.52 -43.44
C GLN H 263 -86.81 -87.25 -43.69
N THR H 264 -85.55 -87.28 -43.28
CA THR H 264 -84.63 -86.17 -43.54
C THR H 264 -84.31 -86.10 -45.03
N CYS H 265 -84.33 -84.88 -45.59
CA CYS H 265 -84.04 -84.73 -47.01
C CYS H 265 -82.54 -84.54 -47.22
N VAL H 266 -81.97 -85.37 -48.08
CA VAL H 266 -80.56 -85.31 -48.46
C VAL H 266 -80.50 -84.71 -49.87
N VAL H 267 -79.85 -83.55 -50.00
CA VAL H 267 -79.85 -82.80 -51.26
C VAL H 267 -78.46 -82.24 -51.53
N HIS H 268 -78.09 -82.16 -52.81
CA HIS H 268 -77.01 -81.28 -53.23
C HIS H 268 -77.61 -80.07 -53.92
N TYR H 269 -77.25 -78.88 -53.47
CA TYR H 269 -77.77 -77.67 -54.07
C TYR H 269 -76.64 -76.79 -54.55
N THR H 270 -77.01 -75.66 -55.15
CA THR H 270 -76.04 -74.69 -55.65
C THR H 270 -76.71 -73.33 -55.67
N GLY H 271 -76.33 -72.48 -54.72
CA GLY H 271 -76.87 -71.13 -54.62
C GLY H 271 -76.48 -70.26 -55.80
N MET H 272 -77.14 -69.10 -55.88
CA MET H 272 -76.96 -68.18 -57.00
C MET H 272 -77.46 -66.81 -56.56
N LEU H 273 -76.66 -65.78 -56.81
CA LEU H 273 -77.19 -64.43 -56.71
C LEU H 273 -78.05 -64.12 -57.91
N GLN H 274 -79.04 -63.25 -57.70
CA GLN H 274 -80.03 -62.95 -58.72
C GLN H 274 -79.39 -62.29 -59.94
N ASN H 275 -78.41 -61.40 -59.71
CA ASN H 275 -77.62 -60.82 -60.78
C ASN H 275 -76.74 -61.85 -61.49
N GLY H 276 -76.56 -63.05 -60.92
CA GLY H 276 -75.78 -64.10 -61.54
C GLY H 276 -74.39 -64.30 -60.97
N LYS H 277 -74.27 -64.28 -59.65
CA LYS H 277 -72.99 -64.47 -58.98
C LYS H 277 -73.08 -65.70 -58.09
N LYS H 278 -72.23 -66.69 -58.35
CA LYS H 278 -72.28 -67.94 -57.61
C LYS H 278 -71.66 -67.73 -56.23
N PHE H 279 -72.37 -68.16 -55.19
CA PHE H 279 -71.90 -67.91 -53.84
C PHE H 279 -71.88 -69.16 -52.97
N ASP H 280 -72.73 -70.13 -53.28
CA ASP H 280 -72.82 -71.31 -52.44
C ASP H 280 -73.17 -72.54 -53.27
N SER H 281 -72.74 -73.69 -52.78
CA SER H 281 -73.03 -74.98 -53.38
C SER H 281 -72.79 -76.05 -52.34
N SER H 282 -72.96 -77.30 -52.75
CA SER H 282 -72.65 -78.45 -51.92
C SER H 282 -71.61 -79.36 -52.52
N ARG H 283 -71.52 -79.44 -53.85
CA ARG H 283 -70.48 -80.22 -54.51
C ARG H 283 -69.09 -79.64 -54.28
N ASP H 284 -68.99 -78.32 -54.08
CA ASP H 284 -67.75 -77.68 -53.67
C ASP H 284 -67.20 -78.28 -52.37
N ARG H 285 -68.07 -78.45 -51.37
CA ARG H 285 -67.72 -79.16 -50.16
C ARG H 285 -67.80 -80.66 -50.32
N ASN H 286 -68.30 -81.16 -51.46
CA ASN H 286 -68.37 -82.55 -51.89
C ASN H 286 -69.35 -83.39 -51.08
N LYS H 287 -69.93 -82.82 -50.01
CA LYS H 287 -70.76 -83.64 -49.17
C LYS H 287 -72.23 -83.26 -49.32
N PRO H 288 -73.13 -84.23 -49.23
CA PRO H 288 -74.57 -83.94 -49.25
C PRO H 288 -75.00 -83.08 -48.06
N PHE H 289 -75.94 -82.19 -48.31
CA PHE H 289 -76.54 -81.35 -47.29
C PHE H 289 -77.86 -82.00 -46.90
N LYS H 290 -77.88 -82.61 -45.72
CA LYS H 290 -79.06 -83.30 -45.22
C LYS H 290 -79.72 -82.42 -44.17
N PHE H 291 -80.99 -82.10 -44.39
CA PHE H 291 -81.71 -81.25 -43.46
C PHE H 291 -83.02 -81.88 -43.03
N ARG H 292 -83.30 -81.77 -41.74
CA ARG H 292 -84.48 -82.34 -41.12
C ARG H 292 -85.66 -81.41 -41.36
N ILE H 293 -86.61 -81.84 -42.18
CA ILE H 293 -87.72 -80.99 -42.57
C ILE H 293 -88.67 -80.77 -41.40
N GLY H 294 -89.57 -79.79 -41.54
CA GLY H 294 -90.56 -79.47 -40.52
C GLY H 294 -90.07 -78.81 -39.24
N LYS H 295 -88.77 -78.89 -38.97
CA LYS H 295 -88.17 -78.30 -37.78
C LYS H 295 -87.69 -76.87 -38.01
N GLN H 296 -87.87 -76.35 -39.22
CA GLN H 296 -87.59 -74.96 -39.60
C GLN H 296 -86.10 -74.63 -39.44
N GLU H 297 -85.25 -75.58 -39.82
CA GLU H 297 -83.81 -75.31 -39.78
C GLU H 297 -83.39 -74.43 -40.95
N VAL H 298 -84.05 -74.54 -42.09
CA VAL H 298 -83.72 -73.78 -43.27
C VAL H 298 -84.79 -72.71 -43.45
N ILE H 299 -84.55 -71.81 -44.41
CA ILE H 299 -85.51 -70.76 -44.71
C ILE H 299 -86.78 -71.38 -45.29
N LYS H 300 -87.90 -70.68 -45.10
CA LYS H 300 -89.21 -71.22 -45.46
C LYS H 300 -89.37 -71.37 -46.97
N GLY H 301 -88.77 -70.48 -47.76
CA GLY H 301 -88.83 -70.63 -49.21
C GLY H 301 -88.16 -71.90 -49.69
N PHE H 302 -86.95 -72.18 -49.18
CA PHE H 302 -86.25 -73.41 -49.51
C PHE H 302 -87.01 -74.62 -49.00
N GLU H 303 -87.59 -74.52 -47.79
CA GLU H 303 -88.40 -75.60 -47.23
C GLU H 303 -89.59 -75.92 -48.11
N GLU H 304 -90.34 -74.90 -48.52
CA GLU H 304 -91.51 -75.09 -49.37
C GLU H 304 -91.13 -75.64 -50.73
N GLY H 305 -90.03 -75.13 -51.31
CA GLY H 305 -89.53 -75.66 -52.57
C GLY H 305 -89.17 -77.14 -52.48
N ALA H 306 -88.44 -77.50 -51.40
CA ALA H 306 -88.05 -78.88 -51.15
C ALA H 306 -89.29 -79.75 -51.01
N ALA H 307 -90.33 -79.23 -50.34
CA ALA H 307 -91.56 -79.98 -50.19
C ALA H 307 -92.19 -80.22 -51.56
N GLN H 308 -92.20 -79.17 -52.42
CA GLN H 308 -92.82 -79.36 -53.74
C GLN H 308 -91.92 -80.18 -54.69
N MET H 309 -90.77 -80.71 -54.27
CA MET H 309 -89.92 -81.42 -55.21
C MET H 309 -90.31 -82.90 -55.21
N SER H 310 -89.48 -83.74 -55.83
CA SER H 310 -89.65 -85.18 -55.79
C SER H 310 -88.28 -85.83 -55.95
N LEU H 311 -88.20 -87.10 -55.56
CA LEU H 311 -86.92 -87.82 -55.52
C LEU H 311 -86.29 -87.95 -56.91
N GLY H 312 -85.04 -87.49 -57.01
CA GLY H 312 -84.30 -87.51 -58.25
C GLY H 312 -84.64 -86.39 -59.21
N GLN H 313 -85.57 -85.51 -58.85
CA GLN H 313 -86.00 -84.43 -59.72
C GLN H 313 -85.14 -83.21 -59.39
N ARG H 314 -84.18 -82.92 -60.26
CA ARG H 314 -83.43 -81.68 -60.10
C ARG H 314 -84.32 -80.51 -60.43
N ALA H 315 -84.25 -79.46 -59.62
CA ALA H 315 -85.20 -78.37 -59.76
C ALA H 315 -84.51 -77.04 -59.54
N LYS H 316 -85.02 -76.03 -60.23
CA LYS H 316 -84.56 -74.66 -60.10
C LYS H 316 -85.55 -73.94 -59.19
N LEU H 317 -85.07 -73.48 -58.04
CA LEU H 317 -85.87 -72.80 -57.05
C LEU H 317 -85.71 -71.30 -57.25
N THR H 318 -86.61 -70.55 -56.62
CA THR H 318 -86.58 -69.09 -56.67
C THR H 318 -87.22 -68.56 -55.40
N CYS H 319 -86.38 -68.21 -54.43
CA CYS H 319 -86.82 -67.66 -53.14
C CYS H 319 -86.85 -66.15 -53.23
N THR H 320 -88.06 -65.58 -53.28
CA THR H 320 -88.24 -64.14 -53.14
C THR H 320 -87.78 -63.73 -51.74
N PRO H 321 -87.34 -62.46 -51.56
CA PRO H 321 -86.84 -62.02 -50.23
C PRO H 321 -87.79 -62.26 -49.07
N ASP H 322 -89.12 -62.17 -49.30
CA ASP H 322 -90.08 -62.41 -48.23
C ASP H 322 -89.96 -63.83 -47.70
N VAL H 323 -89.84 -64.82 -48.60
CA VAL H 323 -89.65 -66.21 -48.20
C VAL H 323 -88.17 -66.51 -48.02
N ALA H 324 -87.34 -65.47 -48.05
CA ALA H 324 -85.90 -65.56 -47.88
C ALA H 324 -85.46 -64.68 -46.71
N TYR H 325 -84.15 -64.43 -46.63
CA TYR H 325 -83.55 -63.64 -45.55
C TYR H 325 -84.15 -62.24 -45.42
N GLY H 326 -84.62 -61.65 -46.51
CA GLY H 326 -85.43 -60.45 -46.42
C GLY H 326 -84.73 -59.14 -46.14
N ALA H 327 -85.34 -58.32 -45.30
CA ALA H 327 -84.85 -56.97 -45.03
C ALA H 327 -83.56 -56.94 -44.22
N THR H 328 -83.13 -58.06 -43.66
CA THR H 328 -81.89 -58.10 -42.90
C THR H 328 -80.74 -58.77 -43.63
N GLY H 329 -81.00 -59.79 -44.45
CA GLY H 329 -79.96 -60.51 -45.16
C GLY H 329 -79.04 -61.35 -44.29
N HIS H 330 -78.44 -62.38 -44.86
CA HIS H 330 -77.45 -63.13 -44.13
C HIS H 330 -76.20 -62.29 -44.02
N PRO H 331 -75.75 -61.92 -42.81
CA PRO H 331 -74.62 -60.99 -42.67
C PRO H 331 -73.33 -61.55 -43.26
N GLY H 332 -72.63 -60.71 -44.01
CA GLY H 332 -71.35 -61.07 -44.56
C GLY H 332 -71.41 -62.01 -45.74
N VAL H 333 -72.60 -62.42 -46.18
CA VAL H 333 -72.73 -63.25 -47.37
C VAL H 333 -73.72 -62.62 -48.35
N ILE H 334 -74.97 -62.46 -47.95
CA ILE H 334 -76.05 -62.04 -48.84
C ILE H 334 -76.57 -60.69 -48.39
N PRO H 335 -76.62 -59.69 -49.27
CA PRO H 335 -77.21 -58.40 -48.90
C PRO H 335 -78.70 -58.53 -48.70
N PRO H 336 -79.34 -57.61 -47.98
CA PRO H 336 -80.80 -57.67 -47.84
C PRO H 336 -81.52 -57.37 -49.14
N ASN H 337 -82.74 -57.91 -49.23
CA ASN H 337 -83.70 -57.68 -50.33
C ASN H 337 -83.14 -58.17 -51.67
N ALA H 338 -82.90 -59.47 -51.74
CA ALA H 338 -82.46 -60.10 -52.99
C ALA H 338 -83.10 -61.47 -53.15
N THR H 339 -83.50 -61.76 -54.38
CA THR H 339 -84.10 -63.05 -54.71
C THR H 339 -82.99 -64.07 -54.93
N LEU H 340 -83.17 -65.25 -54.37
CA LEU H 340 -82.17 -66.31 -54.42
C LEU H 340 -82.61 -67.42 -55.35
N ILE H 341 -81.69 -67.93 -56.15
CA ILE H 341 -81.96 -68.97 -57.14
C ILE H 341 -81.18 -70.21 -56.75
N PHE H 342 -81.84 -71.36 -56.71
CA PHE H 342 -81.19 -72.58 -56.22
C PHE H 342 -81.28 -73.73 -57.21
N ASP H 343 -80.12 -74.27 -57.59
CA ASP H 343 -80.08 -75.49 -58.40
C ASP H 343 -80.05 -76.72 -57.48
N VAL H 344 -81.23 -77.02 -56.90
CA VAL H 344 -81.31 -78.08 -55.91
C VAL H 344 -81.53 -79.42 -56.62
N GLU H 345 -80.80 -80.45 -56.21
CA GLU H 345 -80.95 -81.79 -56.76
C GLU H 345 -81.13 -82.73 -55.56
N LEU H 346 -82.37 -83.13 -55.32
CA LEU H 346 -82.67 -84.06 -54.24
C LEU H 346 -82.22 -85.44 -54.68
N LEU H 347 -80.99 -85.81 -54.35
CA LEU H 347 -80.46 -87.08 -54.84
C LEU H 347 -81.06 -88.28 -54.12
N ASN H 348 -81.36 -88.15 -52.83
CA ASN H 348 -81.72 -89.31 -52.03
C ASN H 348 -82.60 -88.88 -50.86
N LEU H 349 -83.56 -89.71 -50.52
CA LEU H 349 -84.23 -89.67 -49.22
C LEU H 349 -83.67 -90.86 -48.44
N GLU H 350 -82.74 -90.56 -47.53
CA GLU H 350 -82.06 -91.53 -46.65
C GLU H 350 -81.31 -92.59 -47.47
ZN ZN I . 25.65 -21.47 24.83
N9 ADE J . 33.72 -23.50 26.54
C8 ADE J . 32.63 -23.64 25.72
N7 ADE J . 31.51 -23.25 26.28
C5 ADE J . 31.89 -22.84 27.53
C6 ADE J . 31.16 -22.31 28.62
N6 ADE J . 29.84 -22.11 28.59
N1 ADE J . 31.84 -21.99 29.74
C2 ADE J . 33.16 -22.19 29.77
N3 ADE J . 33.96 -22.67 28.82
C4 ADE J . 33.25 -22.98 27.71
ZN ZN K . 40.12 -8.69 7.28
N9 ADE L . 46.73 -13.61 5.23
C8 ADE L . 45.52 -13.49 5.84
N7 ADE L . 45.16 -12.25 6.07
C5 ADE L . 46.21 -11.50 5.56
C6 ADE L . 46.45 -10.12 5.47
N6 ADE L . 45.59 -9.21 5.94
N1 ADE L . 47.60 -9.71 4.90
C2 ADE L . 48.46 -10.63 4.45
N3 ADE L . 48.33 -11.96 4.46
C4 ADE L . 47.19 -12.33 5.04
ZN ZN M . 31.54 -24.73 -11.49
N9 ADE N . 35.30 -32.26 -10.43
C8 ADE N . 35.02 -31.03 -9.93
N7 ADE N . 34.62 -30.17 -10.84
C5 ADE N . 34.63 -30.90 -12.01
C6 ADE N . 34.29 -30.59 -13.34
N6 ADE N . 33.88 -29.38 -13.71
N1 ADE N . 34.43 -31.55 -14.27
C2 ADE N . 34.85 -32.76 -13.89
N3 ADE N . 35.18 -33.18 -12.68
C4 ADE N . 35.06 -32.20 -11.77
ZN ZN O . 17.06 -37.55 6.10
N9 ADE P . 22.28 -42.20 10.91
C8 ADE P . 22.13 -41.21 9.98
N7 ADE P . 20.95 -41.22 9.40
C5 ADE P . 20.29 -42.27 10.00
C6 ADE P . 18.99 -42.80 9.84
N6 ADE P . 18.11 -42.31 8.96
N1 ADE P . 18.65 -43.87 10.59
C2 ADE P . 19.54 -44.36 11.46
N3 ADE P . 20.78 -43.94 11.70
C4 ADE P . 21.10 -42.89 10.93
#